data_8RS0
#
_entry.id   8RS0
#
_cell.length_a   1.00
_cell.length_b   1.00
_cell.length_c   1.00
_cell.angle_alpha   90.00
_cell.angle_beta   90.00
_cell.angle_gamma   90.00
#
_symmetry.space_group_name_H-M   'P 1'
#
loop_
_entity.id
_entity.type
_entity.pdbx_description
1 polymer 'Peptidyl-prolyl cis-trans isomerase FKBP1B'
2 polymer 'Ryanodine receptor 1'
3 polymer 'Nanobody 9657'
4 non-polymer 'ZINC ION'
5 non-polymer "ADENOSINE-5'-TRIPHOSPHATE"
6 non-polymer CAFFEINE
7 non-polymer 'CALCIUM ION'
#
loop_
_entity_poly.entity_id
_entity_poly.type
_entity_poly.pdbx_seq_one_letter_code
_entity_poly.pdbx_strand_id
1 'polypeptide(L)'
;GVEIETISPGDGRTFPKKGQTCVVHYTGMLQNGKKFDSSRDRNKPFKFRIGKQEVIKGFEEGAAQMSLGQRAKLTCTPDV
AYGATGHPGVIPPNATLIFDVELLNLE
;
A,D,H,I
2 'polypeptide(L)'
;VQFLRTDDEVVLQCSATVLKEQLKLCLAAEGFGNRLCFLEPTSNAQNVPPDLAICCFTLEQSLSVRALQEMLANTVEAGV
ESSQGGGHRTLLYGHAILLRHAHSRMYLSCLTTSRSMTDKLAFDVGLQEDATGEACWWTMHPASKQRSEGEKVRVGDDLI
LVSVSSERYLHLSTASGELQVDASFMQTLWNMNPICSCCEEGYVTGGHVLRLFHGHMDECLTISAADSDDQRRLVYYEGG
AVCTHARSLWRLEPLRISWSGSHLRWGQPLRIRHVTTGRYLALTEDQGLVVVDACKAHTKATSFCFRVSKEKLDTAPKRD
VEGMGPPEIKYGESLCFVQHVASGLWLTYAAPDPKALRLGVLKKKAILHQEGHMDDALFLTRCQQEESQAARMIHSTAGL
YNQFIKGLDSFSGKPRGSGPPAGPALPIEAVILSLQDLIGYFEPPSEELQHEEKQSKLRSLRNRQSLFQEEGMLSLVLNC
IDRLNVYTTAAHFAEYAGEEAAESWKEIVNLLYELLASLIRGNRANCALFSTNLDWVVSKLDRLEASSGILEVLYCVLIE
SPEVLNIIQENHIKSIISLLDKHGRNHKVLDVLCSLCVCNGVAVRSNQDLITENLLPGRELLLQTNLINYVTSIRPNIFV
GRAEGSTQYGKWYFEVMVDEVVPFLTAQATHLRVGWALTEGYSPYPGGGEGWGGNGVGDDLYSYGFDGLHLWTGHVARPV
TSPGQHLLAPEDVVSCCLDLSVPSISFRINGCPVQGVFEAFNLDGLFFPVVSFSAGVKVRFLLGGRHGEFKFLPPPGYAP
CHEAVLPRERLRLEPIKEYRREGPRGPHLVGPSRCLSHTDFVPCPVDTVQIVLPPHLERIREKLAENIHELWALTRIEQG
WTYGPVRDDNKRLHPCLVNFHSLPEPERNYNLQMSGETLKTLLALGCHVGMADEKAEDNLKKTKLPKTYMMSNGYKPAPL
DLSHVRLTPAQTTLVDRLAENGHNVWARDRVAQGWSYSAVQDIPARRNPRLVPYRLLDEATKRSNRDSLCQAVRTLLGYG
YNIEPPDQEPSQVENQSRWDRVRIFRAEKSYTVQSGRWYFEFEAVTTGEMRVGWARPELRPDVELGADELAYVFNGHRGQ
RWHLGSEPFGRPWQSGDVVGCMIDLTENTIIFTLNGEVLMSDSGSETAFREIEIGDGFLPVCSLGPGQVGHLNLGQDVSS
LRFFAICGLQEGFEPFAINMQRPVTTWFSKSLPQFEPVPPEHPHYEVARMDGTVDTPPCLRLAHRTWGSQNSLVEMLFLR
LSLPVQFHQHFRCTAGATPLAPPGLQPPAEDEARAAEPDPDYENLRRSAGGWGEAEGGKEGTAKEGTPGGTPQPGVEAQP
VRAENEKDATTEKNKKRGFLFKAKKAAMMTQPPATPALPRLPHDVVPADNRDDPEIILNTTTYYYSVRVFAGQEPSCVWV
GWVTPDYHQHDMNFDLSKVRAVTVTMGDEQGNVHSSLKCSNCYMVWGGDFVSPGQQGRISHTDLVIGCLVDLATGLMTFT
ANGKESNTFFQVEPNTKLFPAVFVLPTHQNVIQFELGKQKNIMPLSAAMFLSERKNPAPQCPPRLEVQMLMPVSWSRMPN
HFLQVETRRAGERLGWAVQCQDPLTMMALHIPEENRCMDILELSERLDLQRFHSHTLRLYRAVCALGNNRVAHALCSHVD
QAQLLHALEDAHLPGPLRAGYYDLLISIHLESACRSRRSMLSEYIVPLTPETRAITLFPPGRKGGNARRHGLPGVGVTTS
LRPPHHFSPPCFVAALPAAGVAEAPARLSPAIPLEALRDKALRMLGEAVRDGGQHARDPVGGSVEFQFVPVLKLVSTLLV
MGIFGDEDVKQILKMIEPEVFTEEEEEEEEEEEEEEEEEEDEEEKEEDEEEEEKEDAEKEEEEAPEGEKEDLEEGLLQMK
LPESVKLQMCNLLEYFCDQELQHRVESLAAFAERYVDKLQANQRSRYALLMRAFTMSAAETARRTREFRSPPQEQINMLL
HFKDEADEEDCPLPEDIRQDLQDFHQDLLAHCGIQLEGEEEEPEEETSLSSRLRSLLETVRLVKKKEEKPEEELPAEEKK
PQSLQELVSHMVVRWAQEDYVQSPELVRAMFSLLHRQYDGLGELLRALPRAYTISPSSVEDTMSLLECLGQIRSLLIVQM
GPQEENLMIQSIGNIMNNKVFYQHPNLMRALGMHETVMEVMVNVLGGGETKEIRFPKMVTSCCRFLCYFCRISRQNQRSM
FDHLSYLLENSGIGLGMQGSTPLDVAAASVIDNNELALALQEQDLEKVVSYLAGCGLQSCPMLLAKGYPDIGWNPCGGER
YLDFLRFAVFVNGESVEENANVVVRLLIRKPECFGPALRGEGGSGLLAAIEEAIRISEDPARDGPGVRRDRRREHFGEEP
PEENRVHLGHAIMSFYAALIDLLGRCAPEMHLIQAGKGEALRIRAILRSLVPLDDLVGIISLPLQIPTLGKDGALVQPKM
SASFVPDHKASMVLFLDRVYGIENQDFLLHVLDVGFLPDMRAAASLDTATFSTTEMALALNRYLCLAVLPLITKCAPLFA
GTEHRAIMVDSMLHTVYRLSRGRSLTKAQRDVIEDCLMALCRYIRPSMLQHLLRRLVFDVPILNEFAKMPLKLLTNHYER
CWKYYCLPTGWANFGVTSEEELHLTRKLFWGIFDSLAHKKYDQELYRMAMPCLCAIAGALPPDYVDASYSSKAEKKATVD
AEGNFDPRPVETLNVIIPEKLDSFINKFAEYTHEKWAFDKIQNNWSYGENVDEELKTHPMLRPYKTFSEKDKEIYRWPIK
ESLKAMIAWEWTIEKAREGEEERTEKKKTRKISQTAQTYDPREGYNPQPPDLSGVTLSRELQAMAEQLAENYHNTWGRKK
KQELEAKGGGTHPLLVPYDTLTAKEKARDREKAQELLKFLQMNGYAVTRGLKDMELDTSSIEKRFAFGFLQQLLRWMDIS
QEFIAHLEAVVSSGRVEKSPHEQEIKFFAKILLPLINQYFTNHCLYFLSTPAKVLGSGGHASNKEKEMITSLFCKLAALV
RHRVSLFGTDAPAVVNCLHILARSLDARTVMKSGPEIVKAGLRSFFESASEDIEKMVENLRLGKVSQARTQVKGVGQNLT
YTTVALLPVLTTLFQHIAQHQFGDDVILDDVQVSCYRTLCSIYSLGTTKNTYVEKLRPALGECLARLAAAMPVAFLEPQL
NEYNACSVYTTKSPRERAILGLPNSVEEMCPDIPVLDRLMADIGGLAESGARYTEMPHVIEITLPMLCSYLPRWWERGPE
APPPALPAGAPPPCTAVTSDHLNSLLGNILRIIVNNLGIDEATWMKRLAVFAQPIVSRARPELLHSHFIPTIGRLRKRAG
KVVAEEEQLRLEAKAEAEEGELLVRDEFSVLCRDLYALYPLLIRYVDNNRAHWLTEPNANAEELFRMVGEIFIYWSKSHN
FKREEQNFVVQNEINNMSFLTADSKSKMAKAGDAQSGGSDQERTKKKRRGDRYSVQTSLIVATLKKMLPIGLNMCAPTDQ
DLIMLAKTRYALKDTDEEVREFLQNNLHLQGKVEGSPSLRWQMALYRGLPGREEDADDPEKIVRRVQEVSAVLYHLEQTE
HPYKSKKAVWHKLLSKQRRRAVVACFRMTPLYNLPTHRACNMFLESYKAAWILTEDHSFEDRMIDDLSKAGEQEEEEEEV
EEKKPDPLHQLVLHFSRTALTEKSKLDEDYLYMAYADIMAKSCHLEEGGENGEAEEEEVEVSFEEKEMEKQRLLYQQSRL
HTRGAAEMVLQMISACKGETGAMVSSTLKLGISILNGGNAEVQQKMLDYLKDKKEVGFFQSIQALMQTCSVLDLNAFERQ
NKAEGLGMVNEDGTVINRQNGEKVMADDEFTQDLFRFLQLLCEGHNNDFQNYLRTQTGNTTTINIIICTVDYLLRLQESI
SDFYWYYSGKDVIEEQGKRNFSKAMSVAKQVFNSLTEYIQGPCTGNQQSLAHSRLWDAVVGFLHVFAHMMMKLAQDSSQI
ELLKELLDLQKDMVVMLLSLLEGNVVNGMIARQMVDMLVESSSNVEMILKFFDMFLKLKDIVGSEAFQDYVTDPRGLISK
KDFQKAMDSQKQFTGPEIQFLLSCSEADENEMINFEEFANRFQEPARDIGFNVAVLLTNLSEHVPHDPRLRNFLELAESI
LEYFRPYLGRIEIMGASRRIERIYFEISETNRAQWEMPQVKESKRQFIFDVVNEGGEAEKMELFVSFCEDTIFEMQIAAQ
ISEPEGEPEADEDEGMGEAAAEGAEEGAAGAEGAAGTVAAGATARLAAAAARALRGLSYRSLRRRVRRLRRLTAREAATA
LAALLWAVVARAGAAGAGAAAGALRLLWGSLFGGGLVEGAKKVTVTELLAGMPDPTSDEVHGEQPAGPGGDADGAGEGEG
EGDAAEGDGDEEVAGHEAGPGGAEGVVAVADGGPFRPEGAGGLGDMGDTTPAEPPTPEGSPILKRKLGVDGEEEELVPEP
EPEPEPEPEKADEENGEKEEVPEAPPEPPKKAPPSPPAKKEEAGGAGMEFWGELEVQRVKFLNYLSRNFYTLRFLALFLA
FAINFILLFYKVSDSPPGEDDMEGSAAGDLAGAGSGGGSGWGSGAGEEAEGDEDENMVYYFLEESTGYMEPALWCLSLLH
TLVAFLCIIGYNCLKVPLVIFKREKELARKLEFDGLYITEQPGDDDVKGQWDRLVLNTPSFPSNYWDKFVKRKVLDKHGD
IFGRERIAELLGMDLASLEITAHNERKPDPPPGLLTWLMSIDVKYQIWKFGVIFTDNSFLYLGWYMVMSLLGHYNNFFFA
AHLLDIAMGVKTLRTILSSVTHNGKQLVMTVGLLAVVVYLYTVVAFNFFRKFYNKSEDEDEPDMKCDDMMTCYLFHMYVG
VRAGGGIGDEIEDPAGDEYELYRVVFDITFFFFVIVILLAIIQGLIIDAFGELRDQQEQVKEDMETKCFICGIGSDYFDT
TPHGFETHTLEEHNLANYMFFLMYLINKDETEHTGQESYVWKMYQERCWDFFPAGDCFRKQYEDQLS
;
B,E,G,J
3 'polypeptide(L)'
;QVQLQESGGGLMQAGGSLRLSCTASGSIFSINSMGWYRQAPGKQRELVATITSGNSINYADSVKGRFTISRDNAKNTVYL
QMNSLKPEDTAVYYCNADRVPNGYNPWGTPNDEYDYWGQGTQVTVSSHHHHHHEPEA
;
C,F,K,M
#
loop_
_chem_comp.id
_chem_comp.type
_chem_comp.name
_chem_comp.formula
ATP non-polymer ADENOSINE-5'-TRIPHOSPHATE 'C10 H16 N5 O13 P3'
CA non-polymer 'CALCIUM ION' 'Ca 2'
CFF non-polymer CAFFEINE 'C8 H10 N4 O2'
ZN non-polymer 'ZINC ION' 'Zn 2'
#
# COMPACT_ATOMS: atom_id res chain seq x y z
N GLY A 1 -42.30 -92.07 -83.37
CA GLY A 1 -43.57 -91.78 -82.73
C GLY A 1 -43.69 -92.38 -81.34
N VAL A 2 -44.74 -93.16 -81.13
CA VAL A 2 -45.01 -93.83 -79.86
C VAL A 2 -44.96 -95.33 -80.07
N GLU A 3 -44.20 -96.02 -79.23
CA GLU A 3 -44.07 -97.48 -79.29
C GLU A 3 -44.99 -98.09 -78.25
N ILE A 4 -45.75 -99.11 -78.66
CA ILE A 4 -46.82 -99.70 -77.87
C ILE A 4 -46.42 -101.14 -77.54
N GLU A 5 -46.17 -101.41 -76.27
CA GLU A 5 -45.89 -102.77 -75.80
C GLU A 5 -47.01 -103.23 -74.88
N THR A 6 -47.62 -104.36 -75.19
CA THR A 6 -48.68 -104.88 -74.34
C THR A 6 -48.10 -105.48 -73.07
N ILE A 7 -48.91 -105.48 -72.00
CA ILE A 7 -48.52 -106.07 -70.74
C ILE A 7 -49.58 -107.07 -70.29
N SER A 8 -50.83 -106.62 -70.26
CA SER A 8 -51.96 -107.47 -69.90
C SER A 8 -53.04 -107.35 -70.96
N PRO A 9 -53.74 -108.44 -71.27
CA PRO A 9 -54.76 -108.38 -72.33
C PRO A 9 -56.01 -107.63 -71.87
N GLY A 10 -56.72 -107.08 -72.85
CA GLY A 10 -57.94 -106.35 -72.58
C GLY A 10 -59.11 -106.84 -73.39
N ASP A 11 -60.14 -106.01 -73.54
CA ASP A 11 -61.30 -106.40 -74.34
C ASP A 11 -60.93 -106.62 -75.80
N GLY A 12 -60.13 -105.71 -76.36
CA GLY A 12 -59.64 -105.85 -77.71
C GLY A 12 -60.62 -105.50 -78.81
N ARG A 13 -61.81 -104.99 -78.48
CA ARG A 13 -62.80 -104.69 -79.50
C ARG A 13 -63.32 -103.26 -79.37
N THR A 14 -63.43 -102.76 -78.15
CA THR A 14 -63.97 -101.41 -77.91
C THR A 14 -62.81 -100.42 -77.89
N PHE A 15 -62.45 -99.93 -79.07
CA PHE A 15 -61.38 -98.95 -79.21
C PHE A 15 -61.92 -97.53 -79.10
N PRO A 16 -61.23 -96.65 -78.41
CA PRO A 16 -61.68 -95.25 -78.31
C PRO A 16 -61.56 -94.56 -79.66
N LYS A 17 -62.44 -93.57 -79.87
CA LYS A 17 -62.52 -92.85 -81.13
C LYS A 17 -62.48 -91.36 -80.78
N LYS A 18 -62.53 -90.49 -81.79
CA LYS A 18 -62.57 -89.06 -81.52
C LYS A 18 -63.82 -88.69 -80.73
N GLY A 19 -63.64 -87.86 -79.71
CA GLY A 19 -64.75 -87.25 -79.00
C GLY A 19 -65.24 -87.96 -77.76
N GLN A 20 -64.50 -88.93 -77.24
CA GLN A 20 -64.90 -89.64 -76.02
C GLN A 20 -63.96 -89.31 -74.87
N THR A 21 -64.32 -89.81 -73.69
CA THR A 21 -63.59 -89.57 -72.46
C THR A 21 -62.86 -90.83 -72.04
N CYS A 22 -61.57 -90.69 -71.71
CA CYS A 22 -60.75 -91.80 -71.26
C CYS A 22 -60.18 -91.48 -69.89
N VAL A 23 -60.38 -92.39 -68.94
CA VAL A 23 -59.78 -92.29 -67.62
C VAL A 23 -58.75 -93.42 -67.49
N VAL A 24 -57.54 -93.08 -67.08
CA VAL A 24 -56.48 -94.08 -67.01
C VAL A 24 -55.46 -93.80 -65.92
N HIS A 25 -55.37 -94.67 -64.92
CA HIS A 25 -54.33 -94.49 -63.92
C HIS A 25 -53.02 -94.80 -64.61
N TYR A 26 -52.06 -93.89 -64.53
CA TYR A 26 -50.81 -94.08 -65.25
C TYR A 26 -49.57 -93.79 -64.45
N THR A 27 -48.43 -94.31 -64.90
CA THR A 27 -47.17 -94.02 -64.23
C THR A 27 -46.20 -93.53 -65.29
N GLY A 28 -45.44 -92.48 -64.98
CA GLY A 28 -44.55 -91.92 -65.98
C GLY A 28 -43.14 -91.80 -65.47
N MET A 29 -42.17 -92.21 -66.30
CA MET A 29 -40.79 -92.31 -65.88
C MET A 29 -39.87 -91.93 -67.02
N LEU A 30 -38.66 -91.52 -66.68
CA LEU A 30 -37.68 -91.09 -67.67
C LEU A 30 -37.01 -92.31 -68.32
N GLN A 31 -36.07 -92.04 -69.22
CA GLN A 31 -35.39 -93.11 -69.93
C GLN A 31 -34.52 -93.94 -69.00
N ASN A 32 -33.91 -93.29 -68.00
CA ASN A 32 -32.97 -93.95 -67.09
C ASN A 32 -33.63 -94.53 -65.85
N GLY A 33 -34.91 -94.90 -65.94
CA GLY A 33 -35.60 -95.50 -64.82
C GLY A 33 -35.84 -94.58 -63.63
N LYS A 34 -36.21 -93.33 -63.90
CA LYS A 34 -36.51 -92.36 -62.86
C LYS A 34 -37.97 -91.98 -62.94
N LYS A 35 -38.73 -92.32 -61.92
CA LYS A 35 -40.16 -92.04 -61.90
C LYS A 35 -40.43 -90.56 -61.62
N PHE A 36 -41.39 -89.99 -62.34
CA PHE A 36 -41.80 -88.62 -62.10
C PHE A 36 -43.31 -88.43 -62.06
N ASP A 37 -44.10 -89.41 -62.49
CA ASP A 37 -45.55 -89.27 -62.50
C ASP A 37 -46.19 -90.55 -61.99
N SER A 38 -47.28 -90.40 -61.23
CA SER A 38 -48.04 -91.56 -60.78
C SER A 38 -49.43 -91.10 -60.36
N SER A 39 -50.46 -91.56 -61.07
CA SER A 39 -51.83 -91.28 -60.67
C SER A 39 -52.28 -92.12 -59.47
N ARG A 40 -51.55 -93.20 -59.17
CA ARG A 40 -51.91 -94.02 -58.02
C ARG A 40 -51.62 -93.29 -56.70
N ASP A 41 -50.59 -92.45 -56.67
CA ASP A 41 -50.31 -91.67 -55.47
C ASP A 41 -51.44 -90.69 -55.18
N ARG A 42 -51.98 -90.04 -56.23
CA ARG A 42 -53.11 -89.14 -56.06
C ARG A 42 -54.42 -89.88 -55.82
N ASN A 43 -54.46 -91.19 -56.06
CA ASN A 43 -55.65 -92.01 -55.86
C ASN A 43 -56.84 -91.47 -56.67
N LYS A 44 -56.56 -91.01 -57.88
CA LYS A 44 -57.59 -90.50 -58.77
C LYS A 44 -57.22 -90.84 -60.20
N PRO A 45 -58.18 -91.24 -61.03
CA PRO A 45 -57.87 -91.51 -62.44
C PRO A 45 -57.70 -90.23 -63.24
N PHE A 46 -56.67 -90.22 -64.07
CA PHE A 46 -56.46 -89.09 -64.97
C PHE A 46 -57.46 -89.14 -66.11
N LYS A 47 -58.12 -88.01 -66.35
CA LYS A 47 -59.20 -87.91 -67.34
C LYS A 47 -58.74 -87.05 -68.51
N PHE A 48 -59.04 -87.52 -69.73
CA PHE A 48 -58.78 -86.70 -70.91
C PHE A 48 -59.74 -87.07 -72.03
N ARG A 49 -60.19 -86.04 -72.77
CA ARG A 49 -60.86 -86.25 -74.05
C ARG A 49 -59.85 -86.57 -75.14
N ILE A 50 -60.35 -87.13 -76.24
CA ILE A 50 -59.55 -87.34 -77.44
C ILE A 50 -60.01 -86.33 -78.49
N GLY A 51 -59.09 -85.48 -78.92
CA GLY A 51 -59.35 -84.50 -79.97
C GLY A 51 -59.11 -83.07 -79.57
N LYS A 52 -59.03 -82.76 -78.29
CA LYS A 52 -58.79 -81.38 -77.84
C LYS A 52 -57.32 -81.04 -77.71
N GLN A 53 -56.42 -82.03 -77.85
CA GLN A 53 -54.97 -81.82 -77.83
C GLN A 53 -54.51 -81.15 -76.54
N GLU A 54 -55.18 -81.44 -75.41
CA GLU A 54 -54.69 -80.95 -74.13
C GLU A 54 -53.50 -81.75 -73.64
N VAL A 55 -53.40 -83.01 -74.03
CA VAL A 55 -52.30 -83.86 -73.66
C VAL A 55 -51.31 -83.94 -74.82
N ILE A 56 -50.11 -84.45 -74.55
CA ILE A 56 -49.12 -84.58 -75.60
C ILE A 56 -49.63 -85.54 -76.68
N LYS A 57 -49.22 -85.30 -77.92
CA LYS A 57 -49.75 -86.07 -79.04
C LYS A 57 -49.39 -87.55 -78.93
N GLY A 58 -48.17 -87.83 -78.51
CA GLY A 58 -47.74 -89.22 -78.37
C GLY A 58 -48.62 -89.95 -77.39
N PHE A 59 -48.90 -89.32 -76.26
CA PHE A 59 -49.75 -89.94 -75.26
C PHE A 59 -51.10 -90.24 -75.87
N GLU A 60 -51.59 -89.33 -76.69
CA GLU A 60 -52.89 -89.54 -77.33
C GLU A 60 -52.85 -90.77 -78.24
N GLU A 61 -51.95 -90.78 -79.21
CA GLU A 61 -51.84 -91.92 -80.11
C GLU A 61 -51.71 -93.23 -79.34
N GLY A 62 -50.94 -93.22 -78.26
CA GLY A 62 -50.81 -94.43 -77.46
C GLY A 62 -52.11 -94.88 -76.85
N ALA A 63 -52.92 -93.93 -76.35
CA ALA A 63 -54.21 -94.27 -75.78
C ALA A 63 -55.18 -94.73 -76.86
N ALA A 64 -55.16 -94.09 -78.03
CA ALA A 64 -56.09 -94.46 -79.09
C ALA A 64 -55.74 -95.80 -79.72
N GLN A 65 -54.48 -96.17 -79.70
CA GLN A 65 -54.05 -97.45 -80.28
C GLN A 65 -54.55 -98.63 -79.46
N MET A 66 -54.54 -98.50 -78.13
CA MET A 66 -54.94 -99.60 -77.27
C MET A 66 -56.46 -99.68 -77.11
N SER A 67 -56.95 -100.79 -76.58
CA SER A 67 -58.38 -100.95 -76.36
C SER A 67 -58.70 -100.84 -74.87
N LEU A 68 -59.97 -101.02 -74.53
CA LEU A 68 -60.38 -100.92 -73.13
C LEU A 68 -59.93 -102.15 -72.36
N GLY A 69 -59.50 -101.95 -71.12
CA GLY A 69 -59.06 -103.07 -70.30
C GLY A 69 -57.66 -103.52 -70.65
N GLN A 70 -57.00 -102.80 -71.55
CA GLN A 70 -55.67 -103.20 -71.99
C GLN A 70 -54.57 -102.41 -71.30
N ARG A 71 -53.62 -103.11 -70.69
CA ARG A 71 -52.49 -102.44 -70.06
C ARG A 71 -51.28 -102.53 -70.98
N ALA A 72 -50.73 -101.38 -71.35
CA ALA A 72 -49.61 -101.38 -72.28
C ALA A 72 -48.59 -100.30 -71.96
N LYS A 73 -47.36 -100.49 -72.43
CA LYS A 73 -46.32 -99.49 -72.19
C LYS A 73 -46.23 -98.53 -73.36
N LEU A 74 -46.02 -97.25 -73.08
CA LEU A 74 -45.94 -96.26 -74.12
C LEU A 74 -44.55 -95.64 -74.18
N THR A 75 -43.84 -95.84 -75.29
CA THR A 75 -42.53 -95.24 -75.44
C THR A 75 -42.68 -93.97 -76.27
N CYS A 76 -42.21 -92.84 -75.75
CA CYS A 76 -42.42 -91.59 -76.46
C CYS A 76 -41.07 -90.90 -76.68
N THR A 77 -40.76 -90.63 -77.94
CA THR A 77 -39.57 -89.86 -78.30
C THR A 77 -39.77 -88.39 -77.93
N PRO A 78 -38.68 -87.65 -77.69
CA PRO A 78 -38.83 -86.22 -77.41
C PRO A 78 -39.46 -85.43 -78.55
N ASP A 79 -39.48 -85.96 -79.77
CA ASP A 79 -40.16 -85.28 -80.87
C ASP A 79 -41.64 -85.13 -80.57
N VAL A 80 -42.30 -86.20 -80.12
CA VAL A 80 -43.71 -86.13 -79.75
C VAL A 80 -43.91 -85.70 -78.30
N ALA A 81 -42.85 -85.72 -77.49
CA ALA A 81 -42.90 -85.28 -76.11
C ALA A 81 -42.62 -83.79 -76.04
N TYR A 82 -42.35 -83.28 -74.83
CA TYR A 82 -42.05 -81.86 -74.67
C TYR A 82 -40.81 -81.47 -75.45
N GLY A 83 -39.79 -82.33 -75.46
CA GLY A 83 -38.59 -82.06 -76.24
C GLY A 83 -37.68 -81.02 -75.62
N ALA A 84 -37.12 -80.15 -76.45
CA ALA A 84 -36.17 -79.14 -75.97
C ALA A 84 -36.83 -78.21 -74.96
N THR A 85 -38.06 -77.78 -75.23
CA THR A 85 -38.80 -76.93 -74.30
C THR A 85 -39.56 -77.78 -73.28
N GLY A 86 -38.80 -78.52 -72.49
CA GLY A 86 -39.35 -79.39 -71.50
C GLY A 86 -39.78 -78.65 -70.24
N HIS A 87 -40.32 -79.41 -69.31
CA HIS A 87 -40.78 -78.85 -68.05
C HIS A 87 -39.60 -78.41 -67.19
N PRO A 88 -39.50 -77.14 -66.82
CA PRO A 88 -38.38 -76.71 -65.96
C PRO A 88 -38.55 -77.26 -64.55
N GLY A 89 -37.52 -77.96 -64.08
CA GLY A 89 -37.56 -78.59 -62.77
C GLY A 89 -38.15 -79.99 -62.75
N VAL A 90 -38.67 -80.48 -63.86
CA VAL A 90 -39.29 -81.81 -63.90
C VAL A 90 -38.64 -82.66 -64.99
N ILE A 91 -38.61 -82.15 -66.21
CA ILE A 91 -38.23 -82.91 -67.39
C ILE A 91 -36.97 -82.28 -67.98
N PRO A 92 -35.93 -83.04 -68.28
CA PRO A 92 -34.71 -82.47 -68.85
C PRO A 92 -34.92 -82.07 -70.30
N PRO A 93 -33.98 -81.33 -70.90
CA PRO A 93 -34.19 -80.84 -72.27
C PRO A 93 -34.27 -81.93 -73.32
N ASN A 94 -33.78 -83.14 -73.04
CA ASN A 94 -33.81 -84.22 -74.02
C ASN A 94 -33.91 -85.54 -73.29
N ALA A 95 -35.09 -86.17 -73.34
CA ALA A 95 -35.30 -87.45 -72.69
C ALA A 95 -36.52 -88.12 -73.29
N THR A 96 -36.45 -89.43 -73.46
CA THR A 96 -37.58 -90.23 -73.91
C THR A 96 -38.39 -90.69 -72.71
N LEU A 97 -39.71 -90.69 -72.85
CA LEU A 97 -40.61 -90.97 -71.73
C LEU A 97 -41.17 -92.39 -71.86
N ILE A 98 -41.25 -93.08 -70.72
CA ILE A 98 -41.82 -94.43 -70.72
C ILE A 98 -43.03 -94.44 -69.81
N PHE A 99 -44.20 -94.72 -70.37
CA PHE A 99 -45.43 -94.69 -69.59
C PHE A 99 -46.19 -96.00 -69.62
N ASP A 100 -46.71 -96.42 -68.48
CA ASP A 100 -47.53 -97.62 -68.46
C ASP A 100 -48.97 -97.22 -68.16
N VAL A 101 -49.84 -97.35 -69.15
CA VAL A 101 -51.22 -96.94 -68.97
C VAL A 101 -52.18 -98.07 -69.28
N GLU A 102 -53.31 -98.12 -68.59
CA GLU A 102 -54.31 -99.14 -68.86
C GLU A 102 -55.65 -98.47 -69.06
N LEU A 103 -56.28 -98.71 -70.20
CA LEU A 103 -57.56 -98.08 -70.50
C LEU A 103 -58.69 -98.71 -69.70
N LEU A 104 -59.59 -97.89 -69.18
CA LEU A 104 -60.73 -98.40 -68.42
C LEU A 104 -61.87 -97.41 -68.45
N ASN A 105 -63.09 -97.89 -68.20
CA ASN A 105 -64.25 -97.01 -68.16
C ASN A 105 -64.20 -95.98 -69.29
N LEU A 106 -64.21 -96.49 -70.52
CA LEU A 106 -64.28 -95.64 -71.69
C LEU A 106 -65.67 -95.01 -71.78
N GLU A 107 -65.71 -93.74 -72.18
CA GLU A 107 -66.99 -93.04 -72.29
C GLU A 107 -67.09 -92.29 -73.62
N GLY B 1 -53.75 85.57 -83.86
CA GLY B 1 -54.26 86.13 -82.63
C GLY B 1 -55.41 85.35 -82.04
N VAL B 2 -56.53 86.03 -81.82
CA VAL B 2 -57.73 85.42 -81.25
C VAL B 2 -58.85 85.52 -82.28
N GLU B 3 -59.51 84.39 -82.55
CA GLU B 3 -60.62 84.33 -83.49
C GLU B 3 -61.93 84.37 -82.71
N ILE B 4 -62.85 85.22 -83.15
CA ILE B 4 -64.08 85.54 -82.44
C ILE B 4 -65.24 85.03 -83.27
N GLU B 5 -65.95 84.02 -82.77
CA GLU B 5 -67.16 83.50 -83.40
C GLU B 5 -68.36 83.78 -82.50
N THR B 6 -69.39 84.42 -83.03
CA THR B 6 -70.57 84.74 -82.23
C THR B 6 -71.51 83.55 -82.11
N ILE B 7 -72.05 83.33 -80.91
CA ILE B 7 -72.99 82.24 -80.71
C ILE B 7 -74.39 82.81 -80.49
N SER B 8 -74.49 83.81 -79.62
CA SER B 8 -75.78 84.44 -79.36
C SER B 8 -75.63 85.96 -79.36
N PRO B 9 -76.70 86.67 -79.73
CA PRO B 9 -76.56 88.13 -79.83
C PRO B 9 -76.60 88.80 -78.47
N GLY B 10 -75.98 89.98 -78.40
CA GLY B 10 -75.95 90.75 -77.18
C GLY B 10 -76.44 92.17 -77.36
N ASP B 11 -76.06 93.06 -76.45
CA ASP B 11 -76.45 94.46 -76.57
C ASP B 11 -75.84 95.10 -77.81
N GLY B 12 -74.55 94.85 -78.06
CA GLY B 12 -73.89 95.32 -79.25
C GLY B 12 -73.48 96.79 -79.23
N ARG B 13 -73.65 97.49 -78.12
CA ARG B 13 -73.32 98.91 -78.07
C ARG B 13 -72.40 99.24 -76.91
N THR B 14 -72.56 98.54 -75.78
CA THR B 14 -71.77 98.80 -74.57
C THR B 14 -70.55 97.90 -74.59
N PHE B 15 -69.48 98.37 -75.24
CA PHE B 15 -68.23 97.64 -75.32
C PHE B 15 -67.32 97.99 -74.16
N PRO B 16 -66.65 97.01 -73.56
CA PRO B 16 -65.72 97.31 -72.47
C PRO B 16 -64.50 98.08 -72.97
N LYS B 17 -63.94 98.89 -72.08
CA LYS B 17 -62.82 99.75 -72.42
C LYS B 17 -61.74 99.50 -71.37
N LYS B 18 -60.60 100.18 -71.49
CA LYS B 18 -59.56 100.04 -70.46
C LYS B 18 -60.07 100.52 -69.10
N GLY B 19 -59.78 99.73 -68.07
CA GLY B 19 -60.01 100.14 -66.69
C GLY B 19 -61.32 99.73 -66.07
N GLN B 20 -62.07 98.81 -66.68
CA GLN B 20 -63.33 98.36 -66.10
C GLN B 20 -63.23 96.90 -65.68
N THR B 21 -64.30 96.43 -65.04
CA THR B 21 -64.37 95.08 -64.50
C THR B 21 -65.33 94.24 -65.34
N CYS B 22 -64.88 93.05 -65.72
CA CYS B 22 -65.69 92.12 -66.50
C CYS B 22 -65.82 90.81 -65.74
N VAL B 23 -67.06 90.35 -65.56
CA VAL B 23 -67.35 89.05 -64.99
C VAL B 23 -67.95 88.18 -66.09
N VAL B 24 -67.42 86.97 -66.25
CA VAL B 24 -67.89 86.09 -67.31
C VAL B 24 -67.75 84.63 -66.93
N HIS B 25 -68.76 83.83 -67.26
CA HIS B 25 -68.65 82.40 -67.02
C HIS B 25 -68.10 81.78 -68.29
N TYR B 26 -66.96 81.13 -68.19
CA TYR B 26 -66.33 80.59 -69.39
C TYR B 26 -66.03 79.11 -69.30
N THR B 27 -65.85 78.46 -70.44
CA THR B 27 -65.49 77.05 -70.44
C THR B 27 -64.27 76.87 -71.33
N GLY B 28 -63.18 76.40 -70.75
CA GLY B 28 -61.95 76.23 -71.52
C GLY B 28 -61.75 74.80 -71.96
N MET B 29 -61.40 74.62 -73.22
CA MET B 29 -61.16 73.28 -73.73
C MET B 29 -60.00 73.30 -74.72
N LEU B 30 -59.36 72.15 -74.89
CA LEU B 30 -58.21 72.02 -75.77
C LEU B 30 -58.67 71.92 -77.23
N GLN B 31 -57.70 71.76 -78.13
CA GLN B 31 -58.02 71.69 -79.55
C GLN B 31 -58.79 70.41 -79.89
N ASN B 32 -58.49 69.32 -79.20
CA ASN B 32 -59.07 68.01 -79.49
C ASN B 32 -60.35 67.74 -78.71
N GLY B 33 -61.08 68.78 -78.31
CA GLY B 33 -62.32 68.59 -77.59
C GLY B 33 -62.17 68.02 -76.20
N LYS B 34 -61.18 68.48 -75.44
CA LYS B 34 -60.95 68.05 -74.08
C LYS B 34 -61.15 69.25 -73.15
N LYS B 35 -62.17 69.18 -72.30
CA LYS B 35 -62.47 70.28 -71.38
C LYS B 35 -61.48 70.30 -70.22
N PHE B 36 -61.05 71.50 -69.85
CA PHE B 36 -60.19 71.67 -68.69
C PHE B 36 -60.60 72.82 -67.77
N ASP B 37 -61.50 73.70 -68.20
CA ASP B 37 -61.92 74.83 -67.38
C ASP B 37 -63.42 74.98 -67.46
N SER B 38 -64.05 75.34 -66.34
CA SER B 38 -65.48 75.65 -66.33
C SER B 38 -65.79 76.45 -65.07
N SER B 39 -66.23 77.70 -65.26
CA SER B 39 -66.69 78.50 -64.13
C SER B 39 -68.06 78.08 -63.63
N ARG B 40 -68.81 77.33 -64.43
CA ARG B 40 -70.13 76.87 -64.00
C ARG B 40 -70.01 75.81 -62.90
N ASP B 41 -68.96 75.00 -62.92
CA ASP B 41 -68.75 74.03 -61.85
C ASP B 41 -68.49 74.73 -60.52
N ARG B 42 -67.70 75.80 -60.53
CA ARG B 42 -67.45 76.56 -59.32
C ARG B 42 -68.64 77.43 -58.91
N ASN B 43 -69.62 77.60 -59.81
CA ASN B 43 -70.82 78.40 -59.53
C ASN B 43 -70.46 79.82 -59.11
N LYS B 44 -69.43 80.38 -59.76
CA LYS B 44 -69.02 81.75 -59.49
C LYS B 44 -68.50 82.37 -60.78
N PRO B 45 -68.82 83.64 -61.05
CA PRO B 45 -68.31 84.30 -62.25
C PRO B 45 -66.84 84.67 -62.11
N PHE B 46 -66.08 84.40 -63.16
CA PHE B 46 -64.68 84.81 -63.19
C PHE B 46 -64.59 86.31 -63.42
N LYS B 47 -63.81 86.99 -62.57
CA LYS B 47 -63.68 88.43 -62.58
C LYS B 47 -62.29 88.84 -63.06
N PHE B 48 -62.24 89.83 -63.95
CA PHE B 48 -60.95 90.39 -64.35
C PHE B 48 -61.10 91.84 -64.78
N ARG B 49 -60.11 92.66 -64.42
CA ARG B 49 -59.95 93.98 -65.00
C ARG B 49 -59.36 93.89 -66.40
N ILE B 50 -59.51 94.97 -67.16
CA ILE B 50 -58.85 95.14 -68.45
C ILE B 50 -57.74 96.15 -68.29
N GLY B 51 -56.51 95.72 -68.55
CA GLY B 51 -55.35 96.59 -68.51
C GLY B 51 -54.25 96.16 -67.57
N LYS B 52 -54.54 95.28 -66.61
CA LYS B 52 -53.53 94.81 -65.66
C LYS B 52 -52.77 93.58 -66.15
N GLN B 53 -53.18 92.99 -67.27
CA GLN B 53 -52.49 91.85 -67.88
C GLN B 53 -52.35 90.67 -66.92
N GLU B 54 -53.34 90.48 -66.04
CA GLU B 54 -53.31 89.29 -65.19
C GLU B 54 -53.75 88.05 -65.96
N VAL B 55 -54.57 88.22 -66.98
CA VAL B 55 -55.03 87.13 -67.81
C VAL B 55 -54.21 87.11 -69.10
N ILE B 56 -54.31 86.02 -69.85
CA ILE B 56 -53.59 85.92 -71.11
C ILE B 56 -54.09 86.99 -72.07
N LYS B 57 -53.18 87.46 -72.93
CA LYS B 57 -53.51 88.58 -73.81
C LYS B 57 -54.63 88.23 -74.77
N GLY B 58 -54.63 87.01 -75.31
CA GLY B 58 -55.67 86.60 -76.23
C GLY B 58 -57.05 86.65 -75.60
N PHE B 59 -57.15 86.22 -74.34
CA PHE B 59 -58.42 86.33 -73.61
C PHE B 59 -58.84 87.78 -73.47
N GLU B 60 -57.88 88.68 -73.21
CA GLU B 60 -58.19 90.09 -73.06
C GLU B 60 -58.74 90.68 -74.36
N GLU B 61 -58.09 90.37 -75.49
CA GLU B 61 -58.58 90.86 -76.77
C GLU B 61 -59.94 90.27 -77.11
N GLY B 62 -60.14 88.98 -76.83
CA GLY B 62 -61.43 88.37 -77.09
C GLY B 62 -62.55 88.99 -76.28
N ALA B 63 -62.28 89.30 -75.01
CA ALA B 63 -63.29 89.93 -74.17
C ALA B 63 -63.54 91.37 -74.61
N ALA B 64 -62.50 92.10 -75.00
CA ALA B 64 -62.66 93.49 -75.39
C ALA B 64 -63.36 93.62 -76.75
N GLN B 65 -63.19 92.63 -77.63
CA GLN B 65 -63.81 92.71 -78.95
C GLN B 65 -65.32 92.54 -78.87
N MET B 66 -65.81 91.79 -77.88
CA MET B 66 -67.23 91.50 -77.74
C MET B 66 -67.92 92.55 -76.87
N SER B 67 -69.24 92.62 -77.00
CA SER B 67 -70.06 93.54 -76.24
C SER B 67 -70.72 92.82 -75.07
N LEU B 68 -71.49 93.57 -74.28
CA LEU B 68 -72.17 93.00 -73.13
C LEU B 68 -73.36 92.16 -73.59
N GLY B 69 -73.57 91.03 -72.92
CA GLY B 69 -74.68 90.15 -73.23
C GLY B 69 -74.46 89.23 -74.41
N GLN B 70 -73.24 89.18 -74.92
CA GLN B 70 -72.94 88.36 -76.08
C GLN B 70 -72.16 87.11 -75.72
N ARG B 71 -72.60 85.96 -76.22
CA ARG B 71 -71.88 84.73 -75.97
C ARG B 71 -71.11 84.38 -77.23
N ALA B 72 -69.79 84.29 -77.12
CA ALA B 72 -68.97 84.04 -78.30
C ALA B 72 -67.86 83.02 -78.06
N LYS B 73 -67.34 82.44 -79.12
CA LYS B 73 -66.26 81.47 -79.00
C LYS B 73 -64.92 82.14 -79.28
N LEU B 74 -63.89 81.76 -78.52
CA LEU B 74 -62.59 82.36 -78.71
C LEU B 74 -61.60 81.26 -79.08
N THR B 75 -60.93 81.42 -80.20
CA THR B 75 -59.88 80.51 -80.64
C THR B 75 -58.54 81.20 -80.44
N CYS B 76 -57.72 80.66 -79.54
CA CYS B 76 -56.45 81.26 -79.16
C CYS B 76 -55.31 80.36 -79.60
N THR B 77 -54.41 80.93 -80.41
CA THR B 77 -53.18 80.24 -80.80
C THR B 77 -52.22 80.17 -79.62
N PRO B 78 -51.32 79.17 -79.61
CA PRO B 78 -50.33 79.11 -78.52
C PRO B 78 -49.41 80.33 -78.45
N ASP B 79 -49.32 81.12 -79.53
CA ASP B 79 -48.51 82.34 -79.48
C ASP B 79 -49.07 83.30 -78.42
N VAL B 80 -50.39 83.52 -78.42
CA VAL B 80 -51.01 84.37 -77.41
C VAL B 80 -51.38 83.59 -76.16
N ALA B 81 -51.37 82.26 -76.21
CA ALA B 81 -51.64 81.43 -75.05
C ALA B 81 -50.35 81.17 -74.29
N TYR B 82 -50.37 80.20 -73.38
CA TYR B 82 -49.18 79.86 -72.61
C TYR B 82 -48.05 79.42 -73.52
N GLY B 83 -48.37 78.63 -74.55
CA GLY B 83 -47.37 78.19 -75.51
C GLY B 83 -46.46 77.10 -74.99
N ALA B 84 -45.16 77.20 -75.30
CA ALA B 84 -44.21 76.17 -74.90
C ALA B 84 -44.15 76.03 -73.39
N THR B 85 -44.12 77.16 -72.67
CA THR B 85 -44.11 77.14 -71.21
C THR B 85 -45.53 77.07 -70.67
N GLY B 86 -46.21 75.97 -71.00
CA GLY B 86 -47.58 75.78 -70.58
C GLY B 86 -47.69 75.31 -69.14
N HIS B 87 -48.93 75.13 -68.70
CA HIS B 87 -49.19 74.70 -67.34
C HIS B 87 -48.78 73.24 -67.17
N PRO B 88 -47.86 72.92 -66.24
CA PRO B 88 -47.48 71.52 -66.03
C PRO B 88 -48.62 70.75 -65.38
N GLY B 89 -49.03 69.66 -66.01
CA GLY B 89 -50.13 68.85 -65.54
C GLY B 89 -51.50 69.28 -66.01
N VAL B 90 -51.61 70.39 -66.74
CA VAL B 90 -52.89 70.90 -67.21
C VAL B 90 -52.87 71.09 -68.71
N ILE B 91 -51.90 71.84 -69.21
CA ILE B 91 -51.85 72.29 -70.59
C ILE B 91 -50.62 71.69 -71.25
N PRO B 92 -50.73 71.08 -72.43
CA PRO B 92 -49.55 70.51 -73.08
C PRO B 92 -48.66 71.59 -73.66
N PRO B 93 -47.44 71.24 -74.10
CA PRO B 93 -46.51 72.27 -74.57
C PRO B 93 -46.96 73.00 -75.83
N ASN B 94 -47.90 72.45 -76.59
CA ASN B 94 -48.35 73.09 -77.83
C ASN B 94 -49.80 72.69 -78.07
N ALA B 95 -50.71 73.63 -77.86
CA ALA B 95 -52.14 73.39 -78.08
C ALA B 95 -52.87 74.72 -78.21
N THR B 96 -53.83 74.76 -79.12
CA THR B 96 -54.70 75.92 -79.26
C THR B 96 -55.92 75.77 -78.36
N LEU B 97 -56.33 76.87 -77.75
CA LEU B 97 -57.45 76.80 -76.80
C LEU B 97 -58.73 77.37 -77.35
N ILE B 98 -59.86 76.75 -76.98
CA ILE B 98 -61.15 77.25 -77.43
C ILE B 98 -61.98 77.62 -76.22
N PHE B 99 -62.48 78.85 -76.18
CA PHE B 99 -63.22 79.31 -75.01
C PHE B 99 -64.59 79.87 -75.37
N ASP B 100 -65.62 79.39 -74.69
CA ASP B 100 -66.95 79.94 -74.91
C ASP B 100 -67.25 80.88 -73.76
N VAL B 101 -67.30 82.18 -74.05
CA VAL B 101 -67.49 83.15 -72.99
C VAL B 101 -68.70 84.04 -73.21
N GLU B 102 -69.43 84.34 -72.14
CA GLU B 102 -70.58 85.22 -72.25
C GLU B 102 -70.36 86.43 -71.35
N LEU B 103 -70.51 87.63 -71.88
CA LEU B 103 -70.25 88.82 -71.10
C LEU B 103 -71.50 89.39 -70.44
N LEU B 104 -71.46 89.55 -69.12
CA LEU B 104 -72.59 90.14 -68.42
C LEU B 104 -72.06 91.01 -67.28
N ASN B 105 -72.88 91.96 -66.87
CA ASN B 105 -72.60 92.84 -65.73
C ASN B 105 -71.25 93.52 -65.88
N LEU B 106 -71.13 94.30 -66.95
CA LEU B 106 -69.93 95.11 -67.15
C LEU B 106 -69.89 96.24 -66.14
N GLU B 107 -68.69 96.54 -65.63
CA GLU B 107 -68.53 97.59 -64.63
C GLU B 107 -67.37 98.50 -64.99
N GLY C 1 98.81 -82.58 24.94
CA GLY C 1 97.78 -83.26 25.71
C GLY C 1 97.47 -82.57 27.04
N VAL C 2 97.58 -83.31 28.13
CA VAL C 2 97.32 -82.79 29.47
C VAL C 2 98.62 -82.88 30.28
N GLU C 3 98.98 -81.77 30.91
CA GLU C 3 100.18 -81.69 31.74
C GLU C 3 99.77 -81.84 33.20
N ILE C 4 100.49 -82.71 33.92
CA ILE C 4 100.14 -83.13 35.27
C ILE C 4 101.21 -82.61 36.21
N GLU C 5 100.86 -81.68 37.09
CA GLU C 5 101.76 -81.18 38.12
C GLU C 5 101.22 -81.56 39.49
N THR C 6 102.03 -82.24 40.29
CA THR C 6 101.59 -82.63 41.63
C THR C 6 101.55 -81.45 42.57
N ILE C 7 100.64 -81.48 43.53
CA ILE C 7 100.55 -80.39 44.51
C ILE C 7 100.69 -80.99 45.90
N SER C 8 100.02 -82.11 46.14
CA SER C 8 100.11 -82.78 47.44
C SER C 8 100.15 -84.27 47.21
N PRO C 9 100.88 -85.00 48.07
CA PRO C 9 101.00 -86.45 47.83
C PRO C 9 99.74 -87.20 48.17
N GLY C 10 99.56 -88.34 47.52
CA GLY C 10 98.41 -89.20 47.76
C GLY C 10 98.79 -90.62 48.10
N ASP C 11 97.84 -91.55 47.91
CA ASP C 11 98.15 -92.96 48.18
C ASP C 11 99.21 -93.49 47.23
N GLY C 12 99.09 -93.16 45.94
CA GLY C 12 100.09 -93.53 44.96
C GLY C 12 100.04 -94.97 44.48
N ARG C 13 99.04 -95.75 44.89
CA ARG C 13 98.98 -97.15 44.50
C ARG C 13 97.63 -97.51 43.89
N THR C 14 96.55 -96.89 44.38
CA THR C 14 95.20 -97.20 43.92
C THR C 14 94.85 -96.24 42.79
N PHE C 15 95.22 -96.62 41.57
CA PHE C 15 94.94 -95.82 40.38
C PHE C 15 93.59 -96.21 39.78
N PRO C 16 92.79 -95.23 39.35
CA PRO C 16 91.51 -95.55 38.72
C PRO C 16 91.72 -96.23 37.37
N LYS C 17 90.75 -97.08 37.00
CA LYS C 17 90.83 -97.86 35.79
C LYS C 17 89.52 -97.63 35.02
N LYS C 18 89.36 -98.25 33.86
CA LYS C 18 88.10 -98.13 33.13
C LYS C 18 86.94 -98.70 33.95
N GLY C 19 85.84 -97.96 33.98
CA GLY C 19 84.59 -98.47 34.53
C GLY C 19 84.31 -98.17 35.98
N GLN C 20 85.04 -97.25 36.61
CA GLN C 20 84.81 -96.89 37.99
C GLN C 20 84.30 -95.46 38.10
N THR C 21 83.93 -95.08 39.32
CA THR C 21 83.37 -93.76 39.62
C THR C 21 84.39 -92.92 40.37
N CYS C 22 84.58 -91.69 39.91
CA CYS C 22 85.50 -90.76 40.54
C CYS C 22 84.75 -89.50 40.94
N VAL C 23 84.87 -89.12 42.21
CA VAL C 23 84.33 -87.86 42.73
C VAL C 23 85.51 -86.96 43.07
N VAL C 24 85.46 -85.72 42.58
CA VAL C 24 86.57 -84.80 42.80
C VAL C 24 86.11 -83.36 42.84
N HIS C 25 86.62 -82.58 43.79
CA HIS C 25 86.29 -81.17 43.82
C HIS C 25 87.33 -80.45 42.97
N TYR C 26 86.89 -79.80 41.91
CA TYR C 26 87.84 -79.18 40.99
C TYR C 26 87.62 -77.68 40.85
N THR C 27 88.67 -76.97 40.45
CA THR C 27 88.54 -75.54 40.20
C THR C 27 89.05 -75.23 38.81
N GLY C 28 88.19 -74.72 37.95
CA GLY C 28 88.59 -74.43 36.59
C GLY C 28 88.90 -72.97 36.37
N MET C 29 90.02 -72.68 35.73
CA MET C 29 90.38 -71.31 35.44
C MET C 29 91.03 -71.22 34.06
N LEU C 30 90.97 -70.03 33.48
CA LEU C 30 91.52 -69.79 32.16
C LEU C 30 93.04 -69.63 32.23
N GLN C 31 93.65 -69.37 31.07
CA GLN C 31 95.10 -69.22 31.00
C GLN C 31 95.56 -67.96 31.74
N ASN C 32 94.76 -66.90 31.70
CA ASN C 32 95.15 -65.61 32.27
C ASN C 32 94.70 -65.44 33.72
N GLY C 33 94.56 -66.53 34.46
CA GLY C 33 94.19 -66.45 35.86
C GLY C 33 92.77 -65.97 36.12
N LYS C 34 91.82 -66.42 35.31
CA LYS C 34 90.40 -66.07 35.47
C LYS C 34 89.62 -67.33 35.83
N LYS C 35 89.06 -67.36 37.03
CA LYS C 35 88.32 -68.52 37.49
C LYS C 35 86.94 -68.57 36.85
N PHE C 36 86.53 -69.77 36.46
CA PHE C 36 85.19 -69.98 35.90
C PHE C 36 84.47 -71.19 36.48
N ASP C 37 85.16 -72.09 37.18
CA ASP C 37 84.53 -73.29 37.73
C ASP C 37 85.01 -73.51 39.15
N SER C 38 84.11 -73.96 40.02
CA SER C 38 84.49 -74.34 41.38
C SER C 38 83.40 -75.23 41.96
N SER C 39 83.75 -76.48 42.26
CA SER C 39 82.82 -77.38 42.94
C SER C 39 82.68 -77.04 44.42
N ARG C 40 83.61 -76.28 44.99
CA ARG C 40 83.51 -75.90 46.39
C ARG C 40 82.38 -74.92 46.63
N ASP C 41 82.08 -74.05 45.65
CA ASP C 41 80.95 -73.14 45.79
C ASP C 41 79.64 -73.91 45.85
N ARG C 42 79.50 -74.94 45.01
CA ARG C 42 78.29 -75.78 45.04
C ARG C 42 78.25 -76.71 46.24
N ASN C 43 79.37 -76.88 46.94
CA ASN C 43 79.46 -77.74 48.12
C ASN C 43 79.04 -79.17 47.79
N LYS C 44 79.42 -79.65 46.60
CA LYS C 44 79.12 -81.01 46.18
C LYS C 44 80.26 -81.52 45.33
N PRO C 45 80.65 -82.78 45.48
CA PRO C 45 81.71 -83.34 44.64
C PRO C 45 81.21 -83.66 43.24
N PHE C 46 82.02 -83.28 42.26
CA PHE C 46 81.69 -83.63 40.87
C PHE C 46 81.96 -85.11 40.63
N LYS C 47 80.98 -85.78 40.05
CA LYS C 47 81.02 -87.23 39.84
C LYS C 47 81.14 -87.54 38.36
N PHE C 48 82.03 -88.48 38.02
CA PHE C 48 82.11 -88.94 36.64
C PHE C 48 82.63 -90.37 36.58
N ARG C 49 82.07 -91.17 35.66
CA ARG C 49 82.65 -92.45 35.29
C ARG C 49 83.85 -92.24 34.36
N ILE C 50 84.66 -93.27 34.24
CA ILE C 50 85.75 -93.32 33.27
C ILE C 50 85.34 -94.29 32.17
N GLY C 51 85.25 -93.80 30.94
CA GLY C 51 84.96 -94.61 29.78
C GLY C 51 83.73 -94.19 28.99
N LYS C 52 82.85 -93.38 29.58
CA LYS C 52 81.65 -92.94 28.87
C LYS C 52 81.86 -91.64 28.09
N GLN C 53 83.02 -91.00 28.24
CA GLN C 53 83.38 -89.79 27.48
C GLN C 53 82.35 -88.67 27.67
N GLU C 54 81.75 -88.57 28.85
CA GLU C 54 80.87 -87.45 29.12
C GLU C 54 81.67 -86.18 29.41
N VAL C 55 82.88 -86.33 29.94
CA VAL C 55 83.75 -85.21 30.23
C VAL C 55 84.77 -85.08 29.11
N ILE C 56 85.46 -83.94 29.08
CA ILE C 56 86.49 -83.72 28.06
C ILE C 56 87.59 -84.76 28.23
N LYS C 57 88.22 -85.13 27.10
CA LYS C 57 89.20 -86.22 27.13
C LYS C 57 90.41 -85.85 27.98
N GLY C 58 90.86 -84.60 27.91
CA GLY C 58 92.00 -84.18 28.71
C GLY C 58 91.76 -84.33 30.19
N PHE C 59 90.55 -83.99 30.65
CA PHE C 59 90.18 -84.20 32.05
C PHE C 59 90.23 -85.68 32.40
N GLU C 60 89.76 -86.54 31.49
CA GLU C 60 89.77 -87.98 31.75
C GLU C 60 91.20 -88.50 31.90
N GLU C 61 92.10 -88.10 31.00
CA GLU C 61 93.49 -88.54 31.11
C GLU C 61 94.15 -87.98 32.37
N GLY C 62 93.85 -86.73 32.72
CA GLY C 62 94.41 -86.16 33.93
C GLY C 62 93.96 -86.89 35.17
N ALA C 63 92.68 -87.25 35.23
CA ALA C 63 92.17 -87.98 36.38
C ALA C 63 92.73 -89.41 36.43
N ALA C 64 92.86 -90.06 35.27
CA ALA C 64 93.36 -91.42 35.25
C ALA C 64 94.84 -91.51 35.56
N GLN C 65 95.60 -90.46 35.23
CA GLN C 65 97.04 -90.47 35.48
C GLN C 65 97.34 -90.38 36.98
N MET C 66 96.49 -89.72 37.74
CA MET C 66 96.71 -89.51 39.17
C MET C 66 96.10 -90.63 39.99
N SER C 67 96.58 -90.77 41.23
CA SER C 67 96.10 -91.76 42.16
C SER C 67 95.11 -91.14 43.13
N LEU C 68 94.59 -91.98 44.03
CA LEU C 68 93.62 -91.52 45.03
C LEU C 68 94.34 -90.70 46.10
N GLY C 69 93.70 -89.63 46.54
CA GLY C 69 94.24 -88.79 47.59
C GLY C 69 95.28 -87.78 47.13
N GLN C 70 95.45 -87.64 45.82
CA GLN C 70 96.46 -86.74 45.29
C GLN C 70 95.87 -85.48 44.70
N ARG C 71 96.43 -84.34 45.07
CA ARG C 71 95.97 -83.07 44.50
C ARG C 71 96.95 -82.67 43.42
N ALA C 72 96.46 -82.46 42.21
CA ALA C 72 97.35 -82.14 41.11
C ALA C 72 96.78 -81.09 40.17
N LYS C 73 97.65 -80.38 39.45
CA LYS C 73 97.19 -79.38 38.51
C LYS C 73 97.15 -79.97 37.11
N LEU C 74 96.13 -79.59 36.34
CA LEU C 74 96.00 -80.12 34.99
C LEU C 74 96.04 -78.95 34.02
N THR C 75 96.97 -79.02 33.06
CA THR C 75 97.06 -78.03 31.99
C THR C 75 96.55 -78.67 30.72
N CYS C 76 95.44 -78.14 30.19
CA CYS C 76 94.77 -78.72 29.03
C CYS C 76 94.85 -77.75 27.87
N THR C 77 95.41 -78.21 26.75
CA THR C 77 95.45 -77.44 25.52
C THR C 77 94.06 -77.40 24.89
N PRO C 78 93.77 -76.37 24.09
CA PRO C 78 92.45 -76.33 23.41
C PRO C 78 92.21 -77.50 22.48
N ASP C 79 93.25 -78.22 22.06
CA ASP C 79 93.06 -79.40 21.23
C ASP C 79 92.23 -80.45 21.97
N VAL C 80 92.60 -80.73 23.23
CA VAL C 80 91.82 -81.67 24.04
C VAL C 80 90.66 -80.99 24.76
N ALA C 81 90.64 -79.66 24.82
CA ALA C 81 89.56 -78.92 25.44
C ALA C 81 88.48 -78.65 24.40
N TYR C 82 87.56 -77.74 24.72
CA TYR C 82 86.48 -77.40 23.79
C TYR C 82 87.06 -76.83 22.49
N GLY C 83 88.09 -76.00 22.59
CA GLY C 83 88.73 -75.46 21.40
C GLY C 83 87.94 -74.37 20.72
N ALA C 84 87.91 -74.39 19.38
CA ALA C 84 87.22 -73.33 18.64
C ALA C 84 85.74 -73.30 18.97
N THR C 85 85.10 -74.45 19.06
CA THR C 85 83.69 -74.53 19.42
C THR C 85 83.53 -74.57 20.95
N GLY C 86 83.97 -73.48 21.57
CA GLY C 86 83.91 -73.37 23.02
C GLY C 86 82.53 -73.01 23.52
N HIS C 87 82.43 -72.90 24.84
CA HIS C 87 81.16 -72.57 25.47
C HIS C 87 80.82 -71.11 25.21
N PRO C 88 79.67 -70.81 24.59
CA PRO C 88 79.30 -69.40 24.35
C PRO C 88 78.94 -68.73 25.67
N GLY C 89 79.60 -67.62 25.96
CA GLY C 89 79.39 -66.90 27.19
C GLY C 89 80.23 -67.36 28.36
N VAL C 90 81.01 -68.43 28.21
CA VAL C 90 81.82 -68.96 29.30
C VAL C 90 83.28 -69.06 28.89
N ILE C 91 83.53 -69.73 27.77
CA ILE C 91 84.88 -70.09 27.35
C ILE C 91 85.16 -69.40 26.02
N PRO C 92 86.29 -68.72 25.86
CA PRO C 92 86.59 -68.05 24.58
C PRO C 92 86.97 -69.06 23.52
N PRO C 93 87.06 -68.62 22.25
CA PRO C 93 87.32 -69.58 21.16
C PRO C 93 88.68 -70.25 21.24
N ASN C 94 89.64 -69.69 21.97
CA ASN C 94 90.98 -70.28 22.05
C ASN C 94 91.57 -69.94 23.40
N ALA C 95 91.65 -70.93 24.30
CA ALA C 95 92.21 -70.73 25.62
C ALA C 95 92.60 -72.08 26.21
N THR C 96 93.74 -72.12 26.91
CA THR C 96 94.16 -73.30 27.63
C THR C 96 93.59 -73.27 29.04
N LEU C 97 93.17 -74.42 29.54
CA LEU C 97 92.54 -74.47 30.86
C LEU C 97 93.44 -75.07 31.92
N ILE C 98 93.35 -74.52 33.14
CA ILE C 98 94.15 -75.04 34.24
C ILE C 98 93.20 -75.55 35.32
N PHE C 99 93.35 -76.80 35.72
CA PHE C 99 92.44 -77.37 36.70
C PHE C 99 93.15 -78.00 37.88
N ASP C 100 92.74 -77.65 39.09
CA ASP C 100 93.32 -78.26 40.27
C ASP C 100 92.33 -79.28 40.80
N VAL C 101 92.69 -80.56 40.74
CA VAL C 101 91.77 -81.60 41.17
C VAL C 101 92.37 -82.55 42.19
N GLU C 102 91.57 -82.93 43.19
CA GLU C 102 92.04 -83.89 44.18
C GLU C 102 91.15 -85.11 44.13
N LEU C 103 91.76 -86.29 44.01
CA LEU C 103 90.97 -87.51 43.89
C LEU C 103 90.69 -88.16 45.23
N LEU C 104 89.42 -88.29 45.59
CA LEU C 104 89.06 -88.98 46.82
C LEU C 104 87.87 -89.89 46.55
N ASN C 105 87.74 -90.90 47.40
CA ASN C 105 86.60 -91.83 47.36
C ASN C 105 86.42 -92.45 45.98
N LEU C 106 87.46 -93.16 45.53
CA LEU C 106 87.38 -93.90 44.28
C LEU C 106 86.44 -95.08 44.44
N GLU C 107 85.66 -95.34 43.40
CA GLU C 107 84.70 -96.45 43.43
C GLU C 107 84.79 -97.29 42.17
N GLY D 1 87.33 94.95 24.37
CA GLY D 1 87.07 94.56 25.73
C GLY D 1 85.73 95.07 26.25
N VAL D 2 85.78 95.80 27.36
CA VAL D 2 84.58 96.37 27.99
C VAL D 2 84.71 97.88 27.96
N GLU D 3 83.67 98.56 27.49
CA GLU D 3 83.61 100.01 27.44
C GLU D 3 82.84 100.53 28.63
N ILE D 4 83.39 101.52 29.32
CA ILE D 4 82.87 102.02 30.59
C ILE D 4 82.39 103.45 30.37
N GLU D 5 81.08 103.67 30.48
CA GLU D 5 80.50 105.01 30.40
C GLU D 5 79.88 105.36 31.75
N THR D 6 80.28 106.48 32.32
CA THR D 6 79.74 106.89 33.62
C THR D 6 78.34 107.48 33.48
N ILE D 7 77.49 107.23 34.45
CA ILE D 7 76.14 107.77 34.43
C ILE D 7 75.95 108.70 35.62
N SER D 8 76.37 108.24 36.80
CA SER D 8 76.26 109.07 38.00
C SER D 8 77.55 108.97 38.79
N PRO D 9 77.93 110.05 39.48
CA PRO D 9 79.22 110.01 40.19
C PRO D 9 79.14 109.17 41.46
N GLY D 10 80.30 108.65 41.86
CA GLY D 10 80.39 107.85 43.06
C GLY D 10 81.46 108.35 44.02
N ASP D 11 81.92 107.47 44.92
CA ASP D 11 82.98 107.87 45.86
C ASP D 11 84.27 108.19 45.12
N GLY D 12 84.65 107.35 44.15
CA GLY D 12 85.82 107.59 43.34
C GLY D 12 87.15 107.27 43.98
N ARG D 13 87.16 106.69 45.18
CA ARG D 13 88.42 106.41 45.85
C ARG D 13 88.51 104.96 46.31
N THR D 14 87.38 104.37 46.70
CA THR D 14 87.35 102.99 47.21
C THR D 14 87.08 102.05 46.04
N PHE D 15 88.13 101.64 45.35
CA PHE D 15 88.05 100.73 44.22
C PHE D 15 88.14 99.28 44.70
N PRO D 16 87.33 98.38 44.16
CA PRO D 16 87.42 96.98 44.53
C PRO D 16 88.72 96.36 44.04
N LYS D 17 89.20 95.36 44.77
CA LYS D 17 90.47 94.72 44.48
C LYS D 17 90.20 93.21 44.44
N LYS D 18 91.22 92.39 44.17
CA LYS D 18 91.04 90.95 44.20
C LYS D 18 90.62 90.48 45.59
N GLY D 19 89.62 89.60 45.64
CA GLY D 19 89.27 88.90 46.85
C GLY D 19 88.17 89.52 47.69
N GLN D 20 87.42 90.48 47.17
CA GLN D 20 86.33 91.10 47.91
C GLN D 20 84.98 90.74 47.29
N THR D 21 83.92 91.15 47.98
CA THR D 21 82.55 90.86 47.58
C THR D 21 81.90 92.14 47.06
N CYS D 22 81.25 92.03 45.89
CA CYS D 22 80.54 93.15 45.29
C CYS D 22 79.09 92.77 45.07
N VAL D 23 78.18 93.60 45.57
CA VAL D 23 76.75 93.46 45.33
C VAL D 23 76.31 94.62 44.44
N VAL D 24 75.58 94.31 43.37
CA VAL D 24 75.16 95.35 42.43
C VAL D 24 73.85 95.01 41.76
N HIS D 25 72.96 95.99 41.64
CA HIS D 25 71.71 95.77 40.92
C HIS D 25 71.98 96.14 39.48
N TYR D 26 71.86 95.19 38.57
CA TYR D 26 72.19 95.47 37.18
C TYR D 26 71.05 95.18 36.22
N THR D 27 71.11 95.77 35.03
CA THR D 27 70.10 95.49 34.02
C THR D 27 70.79 95.11 32.72
N GLY D 28 70.53 93.91 32.22
CA GLY D 28 71.18 93.46 31.01
C GLY D 28 70.29 93.58 29.80
N MET D 29 70.85 94.07 28.69
CA MET D 29 70.06 94.20 27.47
C MET D 29 70.95 93.93 26.28
N LEU D 30 70.32 93.54 25.17
CA LEU D 30 71.03 93.22 23.95
C LEU D 30 71.43 94.51 23.21
N GLN D 31 72.07 94.33 22.04
CA GLN D 31 72.52 95.47 21.26
C GLN D 31 71.34 96.28 20.71
N ASN D 32 70.26 95.60 20.35
CA ASN D 32 69.11 96.25 19.72
C ASN D 32 68.06 96.72 20.72
N GLY D 33 68.47 97.04 21.95
CA GLY D 33 67.53 97.55 22.93
C GLY D 33 66.50 96.54 23.42
N LYS D 34 66.91 95.29 23.64
CA LYS D 34 66.03 94.25 24.14
C LYS D 34 66.52 93.82 25.51
N LYS D 35 65.71 94.06 26.53
CA LYS D 35 66.09 93.72 27.90
C LYS D 35 65.95 92.22 28.14
N PHE D 36 66.92 91.64 28.84
CA PHE D 36 66.87 90.25 29.23
C PHE D 36 67.24 89.99 30.69
N ASP D 37 67.83 90.95 31.39
CA ASP D 37 68.21 90.76 32.78
C ASP D 37 67.83 91.97 33.59
N SER D 38 67.39 91.74 34.84
CA SER D 38 67.11 92.83 35.75
C SER D 38 67.09 92.29 37.17
N SER D 39 68.02 92.75 38.01
CA SER D 39 68.01 92.39 39.42
C SER D 39 66.93 93.12 40.21
N ARG D 40 66.40 94.22 39.65
CA ARG D 40 65.35 94.94 40.34
C ARG D 40 64.04 94.16 40.36
N ASP D 41 63.78 93.36 39.33
CA ASP D 41 62.58 92.51 39.33
C ASP D 41 62.65 91.48 40.45
N ARG D 42 63.83 90.87 40.65
CA ARG D 42 64.00 89.91 41.73
C ARG D 42 64.08 90.58 43.10
N ASN D 43 64.26 91.90 43.15
CA ASN D 43 64.36 92.65 44.40
C ASN D 43 65.46 92.11 45.29
N LYS D 44 66.59 91.74 44.69
CA LYS D 44 67.73 91.24 45.43
C LYS D 44 69.01 91.67 44.71
N PRO D 45 70.04 92.08 45.44
CA PRO D 45 71.30 92.46 44.80
C PRO D 45 72.09 91.24 44.35
N PHE D 46 72.62 91.32 43.13
CA PHE D 46 73.47 90.25 42.63
C PHE D 46 74.84 90.33 43.29
N LYS D 47 75.30 89.19 43.81
CA LYS D 47 76.53 89.10 44.58
C LYS D 47 77.59 88.34 43.79
N PHE D 48 78.82 88.86 43.79
CA PHE D 48 79.92 88.12 43.18
C PHE D 48 81.24 88.51 43.83
N ARG D 49 82.11 87.52 44.01
CA ARG D 49 83.52 87.77 44.34
C ARG D 49 84.28 88.20 43.10
N ILE D 50 85.44 88.81 43.33
CA ILE D 50 86.39 89.12 42.26
C ILE D 50 87.56 88.15 42.37
N GLY D 51 87.78 87.37 41.32
CA GLY D 51 88.90 86.45 41.24
C GLY D 51 88.53 85.00 41.03
N LYS D 52 87.28 84.62 41.27
CA LYS D 52 86.85 83.24 41.08
C LYS D 52 86.35 82.96 39.67
N GLN D 53 86.21 83.99 38.83
CA GLN D 53 85.81 83.84 37.43
C GLN D 53 84.47 83.11 37.28
N GLU D 54 83.56 83.31 38.23
CA GLU D 54 82.22 82.76 38.07
C GLU D 54 81.39 83.58 37.09
N VAL D 55 81.68 84.87 36.97
CA VAL D 55 80.99 85.75 36.06
C VAL D 55 81.85 85.93 34.81
N ILE D 56 81.25 86.48 33.75
CA ILE D 56 82.00 86.71 32.53
C ILE D 56 83.12 87.71 32.79
N LYS D 57 84.23 87.57 32.06
CA LYS D 57 85.41 88.37 32.33
C LYS D 57 85.13 89.87 32.10
N GLY D 58 84.37 90.19 31.04
CA GLY D 58 84.07 91.58 30.77
C GLY D 58 83.32 92.25 31.91
N PHE D 59 82.37 91.53 32.51
CA PHE D 59 81.67 92.05 33.69
C PHE D 59 82.64 92.29 34.83
N GLU D 60 83.60 91.37 35.02
CA GLU D 60 84.57 91.53 36.09
C GLU D 60 85.43 92.77 35.90
N GLU D 61 85.92 92.98 34.67
CA GLU D 61 86.71 94.19 34.40
C GLU D 61 85.88 95.45 34.54
N GLY D 62 84.63 95.41 34.09
CA GLY D 62 83.77 96.57 34.23
C GLY D 62 83.51 96.93 35.68
N ALA D 63 83.29 95.91 36.52
CA ALA D 63 83.06 96.17 37.94
C ALA D 63 84.34 96.65 38.63
N ALA D 64 85.49 96.08 38.25
CA ALA D 64 86.74 96.47 38.90
C ALA D 64 87.19 97.86 38.48
N GLN D 65 86.84 98.28 37.27
CA GLN D 65 87.25 99.61 36.80
C GLN D 65 86.52 100.72 37.54
N MET D 66 85.29 100.47 37.98
CA MET D 66 84.47 101.48 38.63
C MET D 66 84.69 101.45 40.14
N SER D 67 84.32 102.56 40.78
CA SER D 67 84.43 102.71 42.22
C SER D 67 83.07 102.48 42.88
N LEU D 68 83.05 102.58 44.21
CA LEU D 68 81.83 102.36 44.96
C LEU D 68 80.90 103.57 44.80
N GLY D 69 79.61 103.31 44.68
CA GLY D 69 78.63 104.36 44.55
C GLY D 69 78.48 104.94 43.16
N GLN D 70 79.11 104.32 42.17
CA GLN D 70 79.07 104.84 40.82
C GLN D 70 78.16 104.04 39.92
N ARG D 71 77.32 104.72 39.16
CA ARG D 71 76.45 104.03 38.21
C ARG D 71 77.05 104.20 36.83
N ALA D 72 77.33 103.09 36.14
CA ALA D 72 77.98 103.18 34.84
C ALA D 72 77.45 102.17 33.85
N LYS D 73 77.65 102.43 32.57
CA LYS D 73 77.21 101.51 31.53
C LYS D 73 78.38 100.66 31.07
N LEU D 74 78.12 99.38 30.78
CA LEU D 74 79.17 98.49 30.33
C LEU D 74 78.79 97.97 28.96
N THR D 75 79.68 98.16 27.99
CA THR D 75 79.51 97.63 26.64
C THR D 75 80.47 96.46 26.48
N CYS D 76 79.94 95.26 26.30
CA CYS D 76 80.73 94.04 26.24
C CYS D 76 80.62 93.44 24.85
N THR D 77 81.77 93.24 24.21
CA THR D 77 81.83 92.56 22.92
C THR D 77 81.60 91.07 23.13
N PRO D 78 81.12 90.36 22.10
CA PRO D 78 80.95 88.90 22.22
C PRO D 78 82.25 88.15 22.50
N ASP D 79 83.40 88.76 22.23
CA ASP D 79 84.68 88.12 22.56
C ASP D 79 84.78 87.87 24.06
N VAL D 80 84.48 88.89 24.87
CA VAL D 80 84.49 88.74 26.32
C VAL D 80 83.17 88.21 26.86
N ALA D 81 82.11 88.23 26.06
CA ALA D 81 80.82 87.72 26.45
C ALA D 81 80.74 86.23 26.10
N TYR D 82 79.53 85.66 26.14
CA TYR D 82 79.36 84.25 25.80
C TYR D 82 79.81 83.96 24.37
N GLY D 83 79.51 84.85 23.44
CA GLY D 83 79.95 84.70 22.07
C GLY D 83 79.16 83.66 21.29
N ALA D 84 79.86 82.86 20.48
CA ALA D 84 79.19 81.87 19.64
C ALA D 84 78.43 80.86 20.49
N THR D 85 79.04 80.39 21.57
CA THR D 85 78.38 79.44 22.48
C THR D 85 77.56 80.20 23.52
N GLY D 86 76.56 80.93 23.03
CA GLY D 86 75.70 81.72 23.88
C GLY D 86 74.65 80.89 24.59
N HIS D 87 73.84 81.56 25.39
CA HIS D 87 72.78 80.91 26.14
C HIS D 87 71.67 80.47 25.19
N PRO D 88 71.34 79.18 25.12
CA PRO D 88 70.24 78.75 24.25
C PRO D 88 68.91 79.21 24.80
N GLY D 89 68.14 79.93 23.97
CA GLY D 89 66.87 80.48 24.39
C GLY D 89 66.93 81.84 25.05
N VAL D 90 68.12 82.37 25.28
CA VAL D 90 68.26 83.67 25.94
C VAL D 90 69.10 84.62 25.10
N ILE D 91 70.29 84.17 24.71
CA ILE D 91 71.29 85.03 24.08
C ILE D 91 71.55 84.48 22.68
N PRO D 92 71.54 85.31 21.64
CA PRO D 92 71.80 84.82 20.28
C PRO D 92 73.27 84.50 20.09
N PRO D 93 73.62 83.84 18.98
CA PRO D 93 75.02 83.42 18.78
C PRO D 93 76.01 84.58 18.66
N ASN D 94 75.55 85.78 18.33
CA ASN D 94 76.46 86.92 18.15
C ASN D 94 75.72 88.19 18.53
N ALA D 95 76.04 88.77 19.69
CA ALA D 95 75.41 90.00 20.13
C ALA D 95 76.29 90.65 21.19
N THR D 96 76.37 91.98 21.15
CA THR D 96 77.07 92.75 22.18
C THR D 96 76.09 93.10 23.29
N LEU D 97 76.56 93.04 24.54
CA LEU D 97 75.67 93.30 25.66
C LEU D 97 75.90 94.65 26.31
N ILE D 98 74.81 95.31 26.70
CA ILE D 98 74.92 96.59 27.36
C ILE D 98 74.38 96.47 28.77
N PHE D 99 75.20 96.79 29.77
CA PHE D 99 74.79 96.63 31.16
C PHE D 99 74.92 97.89 31.98
N ASP D 100 73.84 98.28 32.65
CA ASP D 100 73.92 99.44 33.55
C ASP D 100 74.06 98.91 34.95
N VAL D 101 75.20 99.16 35.57
CA VAL D 101 75.44 98.63 36.91
C VAL D 101 75.84 99.74 37.88
N GLU D 102 75.38 99.62 39.12
CA GLU D 102 75.75 100.59 40.14
C GLU D 102 76.38 99.85 41.31
N LEU D 103 77.53 100.30 41.76
CA LEU D 103 78.23 99.59 42.84
C LEU D 103 77.92 100.14 44.21
N LEU D 104 77.48 99.27 45.13
CA LEU D 104 77.24 99.69 46.50
C LEU D 104 77.64 98.57 47.44
N ASN D 105 77.93 98.94 48.69
CA ASN D 105 78.23 98.00 49.76
C ASN D 105 79.36 97.05 49.37
N LEU D 106 80.52 97.64 49.07
CA LEU D 106 81.71 96.84 48.80
C LEU D 106 82.20 96.16 50.07
N GLU D 107 82.65 94.92 49.94
CA GLU D 107 83.13 94.16 51.09
C GLU D 107 84.46 93.50 50.79
N VAL E 1 13.42 -32.93 -7.56
CA VAL E 1 13.18 -33.45 -6.22
C VAL E 1 11.89 -34.27 -6.21
N GLN E 2 11.17 -34.27 -7.32
CA GLN E 2 9.94 -35.04 -7.42
C GLN E 2 10.24 -36.53 -7.33
N PHE E 3 9.43 -37.23 -6.54
CA PHE E 3 9.61 -38.67 -6.30
C PHE E 3 8.69 -39.45 -7.23
N LEU E 4 9.26 -40.49 -7.86
CA LEU E 4 8.50 -41.36 -8.75
C LEU E 4 7.39 -42.06 -8.00
N ARG E 5 6.14 -41.76 -8.33
CA ARG E 5 4.98 -42.37 -7.70
C ARG E 5 4.26 -43.28 -8.69
N THR E 6 3.20 -43.92 -8.21
CA THR E 6 2.45 -44.85 -9.04
C THR E 6 1.45 -44.09 -9.93
N ASP E 7 0.91 -44.82 -10.91
CA ASP E 7 -0.07 -44.30 -11.85
C ASP E 7 0.48 -43.10 -12.63
N ASP E 8 1.60 -43.34 -13.31
CA ASP E 8 2.23 -42.31 -14.12
C ASP E 8 2.96 -42.95 -15.29
N GLU E 9 3.19 -42.12 -16.30
CA GLU E 9 3.85 -42.55 -17.54
C GLU E 9 5.37 -42.48 -17.37
N VAL E 10 6.09 -43.32 -18.12
CA VAL E 10 7.54 -43.40 -18.04
C VAL E 10 8.10 -43.63 -19.44
N VAL E 11 9.31 -43.14 -19.67
CA VAL E 11 10.03 -43.33 -20.94
C VAL E 11 11.04 -44.46 -20.84
N LEU E 12 11.58 -44.69 -19.63
CA LEU E 12 12.69 -45.62 -19.41
C LEU E 12 13.90 -45.27 -20.29
N GLN E 13 14.40 -44.06 -20.09
CA GLN E 13 15.49 -43.53 -20.90
C GLN E 13 16.82 -44.17 -20.51
N CYS E 14 17.75 -44.18 -21.46
CA CYS E 14 19.11 -44.65 -21.21
C CYS E 14 20.05 -43.91 -22.14
N SER E 15 21.34 -44.00 -21.83
CA SER E 15 22.39 -43.34 -22.60
C SER E 15 23.29 -44.39 -23.24
N ALA E 16 23.45 -44.28 -24.56
CA ALA E 16 24.32 -45.20 -25.30
C ALA E 16 25.76 -44.70 -25.32
N THR E 17 25.97 -43.43 -25.68
CA THR E 17 27.28 -42.80 -25.70
C THR E 17 28.24 -43.56 -26.60
N VAL E 18 27.80 -43.85 -27.81
CA VAL E 18 28.67 -44.46 -28.82
C VAL E 18 29.35 -43.34 -29.60
N LEU E 19 30.62 -43.56 -29.95
CA LEU E 19 31.45 -42.57 -30.61
C LEU E 19 31.57 -41.28 -29.80
N LYS E 20 31.43 -41.40 -28.47
CA LYS E 20 31.54 -40.27 -27.55
C LYS E 20 30.56 -39.15 -27.92
N GLU E 21 29.32 -39.51 -28.23
CA GLU E 21 28.31 -38.54 -28.63
C GLU E 21 27.17 -38.41 -27.62
N GLN E 22 27.08 -39.29 -26.63
CA GLN E 22 26.08 -39.23 -25.57
C GLN E 22 24.66 -39.24 -26.15
N LEU E 23 24.37 -40.29 -26.91
CA LEU E 23 23.04 -40.46 -27.47
C LEU E 23 22.07 -40.94 -26.40
N LYS E 24 20.84 -40.45 -26.46
CA LYS E 24 19.79 -40.82 -25.53
C LYS E 24 18.74 -41.64 -26.27
N LEU E 25 18.39 -42.80 -25.70
CA LEU E 25 17.46 -43.72 -26.36
C LEU E 25 16.45 -44.22 -25.33
N CYS E 26 15.37 -44.82 -25.84
CA CYS E 26 14.31 -45.37 -25.01
C CYS E 26 13.76 -46.62 -25.65
N LEU E 27 13.13 -47.46 -24.84
CA LEU E 27 12.53 -48.69 -25.35
C LEU E 27 11.29 -48.37 -26.17
N ALA E 28 11.13 -49.09 -27.29
CA ALA E 28 9.98 -48.94 -28.16
C ALA E 28 9.44 -50.32 -28.52
N ALA E 29 8.12 -50.45 -28.50
CA ALA E 29 7.47 -51.72 -28.82
C ALA E 29 6.06 -51.43 -29.31
N GLU E 30 5.76 -51.82 -30.56
CA GLU E 30 4.44 -51.57 -31.11
C GLU E 30 3.39 -52.43 -30.40
N GLY E 31 3.67 -53.73 -30.25
CA GLY E 31 2.82 -54.65 -29.53
C GLY E 31 1.85 -55.45 -30.38
N PHE E 32 1.52 -54.97 -31.57
CA PHE E 32 0.67 -55.70 -32.50
C PHE E 32 1.50 -56.12 -33.70
N GLY E 33 1.59 -57.42 -33.94
CA GLY E 33 2.44 -57.96 -34.97
C GLY E 33 3.89 -58.15 -34.55
N ASN E 34 4.29 -57.62 -33.40
CA ASN E 34 5.66 -57.79 -32.91
C ASN E 34 5.66 -57.44 -31.42
N ARG E 35 6.05 -58.39 -30.58
CA ARG E 35 6.14 -58.16 -29.14
C ARG E 35 7.50 -57.68 -28.69
N LEU E 36 8.54 -57.88 -29.51
CA LEU E 36 9.89 -57.55 -29.09
C LEU E 36 10.10 -56.04 -29.02
N CYS E 37 10.93 -55.62 -28.07
CA CYS E 37 11.27 -54.22 -27.88
C CYS E 37 12.58 -53.90 -28.59
N PHE E 38 12.81 -52.60 -28.80
CA PHE E 38 14.01 -52.14 -29.47
C PHE E 38 14.32 -50.72 -29.01
N LEU E 39 15.54 -50.28 -29.29
CA LEU E 39 16.00 -48.96 -28.86
C LEU E 39 15.80 -47.97 -29.99
N GLU E 40 15.14 -46.85 -29.68
CA GLU E 40 14.95 -45.79 -30.66
C GLU E 40 15.71 -44.53 -30.25
N PRO E 41 16.40 -43.88 -31.20
CA PRO E 41 17.20 -42.70 -30.84
C PRO E 41 16.36 -41.47 -30.56
N THR E 42 16.28 -41.07 -29.29
CA THR E 42 15.58 -39.84 -28.94
C THR E 42 16.41 -38.59 -29.21
N SER E 43 17.71 -38.75 -29.45
CA SER E 43 18.57 -37.62 -29.79
C SER E 43 18.42 -37.29 -31.27
N ASN E 44 19.08 -36.22 -31.70
CA ASN E 44 19.04 -35.74 -33.08
C ASN E 44 17.60 -35.47 -33.52
N ALA E 45 16.80 -34.90 -32.60
CA ALA E 45 15.41 -34.59 -32.90
C ALA E 45 15.28 -33.47 -33.92
N GLN E 46 16.28 -32.61 -34.05
CA GLN E 46 16.21 -31.51 -35.01
C GLN E 46 16.22 -32.03 -36.45
N ASN E 47 17.02 -33.07 -36.72
CA ASN E 47 17.09 -33.60 -38.07
C ASN E 47 15.91 -34.51 -38.39
N VAL E 48 15.68 -35.52 -37.55
CA VAL E 48 14.51 -36.38 -37.68
C VAL E 48 13.77 -36.43 -36.34
N PRO E 49 12.45 -36.30 -36.34
CA PRO E 49 11.70 -36.42 -35.08
C PRO E 49 11.42 -37.87 -34.75
N PRO E 50 11.94 -38.35 -33.62
CA PRO E 50 11.63 -39.73 -33.21
C PRO E 50 10.18 -39.86 -32.77
N ASP E 51 9.67 -41.08 -32.90
CA ASP E 51 8.29 -41.38 -32.52
C ASP E 51 8.24 -41.80 -31.05
N LEU E 52 7.37 -41.16 -30.27
CA LEU E 52 7.19 -41.48 -28.86
C LEU E 52 5.84 -42.12 -28.57
N ALA E 53 5.09 -42.48 -29.61
CA ALA E 53 3.79 -43.13 -29.40
C ALA E 53 3.96 -44.51 -28.78
N ILE E 54 4.99 -45.25 -29.21
CA ILE E 54 5.22 -46.61 -28.72
C ILE E 54 6.31 -46.65 -27.66
N CYS E 55 6.69 -45.50 -27.09
CA CYS E 55 7.75 -45.41 -26.11
C CYS E 55 7.25 -44.96 -24.74
N CYS E 56 5.98 -45.19 -24.43
CA CYS E 56 5.38 -44.76 -23.18
C CYS E 56 4.86 -45.96 -22.41
N PHE E 57 5.30 -46.10 -21.16
CA PHE E 57 4.86 -47.19 -20.30
C PHE E 57 4.28 -46.61 -19.02
N THR E 58 2.99 -46.82 -18.81
CA THR E 58 2.36 -46.44 -17.54
C THR E 58 2.70 -47.49 -16.49
N LEU E 59 3.12 -47.03 -15.33
CA LEU E 59 3.50 -47.94 -14.25
C LEU E 59 2.26 -48.24 -13.41
N GLU E 60 1.95 -49.52 -13.27
CA GLU E 60 0.71 -49.92 -12.58
C GLU E 60 0.83 -49.69 -11.08
N GLN E 61 1.78 -50.37 -10.44
CA GLN E 61 1.92 -50.27 -8.99
C GLN E 61 3.32 -50.72 -8.60
N SER E 62 3.74 -50.27 -7.41
CA SER E 62 4.99 -50.69 -6.80
C SER E 62 4.68 -51.47 -5.53
N LEU E 63 5.28 -52.65 -5.39
CA LEU E 63 4.95 -53.54 -4.29
C LEU E 63 6.22 -54.16 -3.72
N SER E 64 6.13 -54.55 -2.44
CA SER E 64 7.25 -55.20 -1.77
C SER E 64 7.38 -56.64 -2.22
N VAL E 65 8.56 -57.22 -1.97
CA VAL E 65 8.86 -58.56 -2.43
C VAL E 65 7.96 -59.58 -1.75
N ARG E 66 7.78 -59.45 -0.44
CA ARG E 66 6.98 -60.41 0.30
C ARG E 66 5.51 -60.36 -0.13
N ALA E 67 4.97 -59.15 -0.29
CA ALA E 67 3.59 -59.03 -0.74
C ALA E 67 3.42 -59.54 -2.17
N LEU E 68 4.42 -59.31 -3.03
CA LEU E 68 4.39 -59.85 -4.38
C LEU E 68 4.34 -61.37 -4.36
N GLN E 69 5.19 -62.00 -3.52
CA GLN E 69 5.16 -63.45 -3.40
C GLN E 69 3.82 -63.93 -2.86
N GLU E 70 3.26 -63.21 -1.88
CA GLU E 70 1.97 -63.60 -1.32
C GLU E 70 0.88 -63.59 -2.38
N MET E 71 0.79 -62.52 -3.17
CA MET E 71 -0.29 -62.44 -4.15
C MET E 71 -0.03 -63.38 -5.32
N LEU E 72 1.24 -63.69 -5.62
CA LEU E 72 1.52 -64.72 -6.61
C LEU E 72 1.05 -66.08 -6.13
N ALA E 73 1.26 -66.38 -4.84
CA ALA E 73 0.73 -67.62 -4.28
C ALA E 73 -0.79 -67.64 -4.31
N ASN E 74 -1.42 -66.51 -4.00
CA ASN E 74 -2.87 -66.40 -4.03
C ASN E 74 -3.40 -66.40 -5.46
N GLY E 87 -4.20 -47.54 -2.89
CA GLY E 87 -4.09 -47.75 -4.33
C GLY E 87 -2.89 -47.07 -4.94
N HIS E 88 -2.61 -45.85 -4.50
CA HIS E 88 -1.48 -45.06 -4.99
C HIS E 88 -0.35 -45.13 -3.99
N ARG E 89 0.86 -45.42 -4.49
CA ARG E 89 2.03 -45.57 -3.65
C ARG E 89 3.16 -44.69 -4.19
N THR E 90 4.26 -44.64 -3.43
CA THR E 90 5.47 -43.95 -3.83
C THR E 90 6.58 -44.97 -3.99
N LEU E 91 7.24 -44.97 -5.15
CA LEU E 91 8.29 -45.94 -5.42
C LEU E 91 9.49 -45.71 -4.52
N LEU E 92 10.17 -46.81 -4.19
CA LEU E 92 11.38 -46.77 -3.40
C LEU E 92 12.23 -47.99 -3.73
N TYR E 93 13.52 -47.89 -3.43
CA TYR E 93 14.46 -48.94 -3.79
C TYR E 93 14.13 -50.24 -3.06
N GLY E 94 14.40 -51.36 -3.73
CA GLY E 94 14.08 -52.66 -3.17
C GLY E 94 12.65 -53.09 -3.36
N HIS E 95 12.00 -52.61 -4.41
CA HIS E 95 10.60 -52.93 -4.67
C HIS E 95 10.41 -53.28 -6.14
N ALA E 96 9.38 -54.05 -6.42
CA ALA E 96 9.05 -54.50 -7.77
C ALA E 96 7.88 -53.70 -8.32
N ILE E 97 7.92 -53.45 -9.63
CA ILE E 97 6.88 -52.70 -10.32
C ILE E 97 6.42 -53.50 -11.54
N LEU E 98 5.24 -53.11 -12.03
CA LEU E 98 4.67 -53.61 -13.26
C LEU E 98 4.54 -52.46 -14.24
N LEU E 99 4.98 -52.67 -15.48
CA LEU E 99 4.93 -51.67 -16.52
C LEU E 99 3.96 -52.12 -17.62
N ARG E 100 3.11 -51.20 -18.07
CA ARG E 100 2.10 -51.51 -19.08
C ARG E 100 2.20 -50.49 -20.20
N HIS E 101 2.42 -50.97 -21.42
CA HIS E 101 2.55 -50.09 -22.56
C HIS E 101 1.27 -49.28 -22.76
N ALA E 102 1.42 -47.99 -23.07
CA ALA E 102 0.26 -47.12 -23.19
C ALA E 102 -0.61 -47.51 -24.39
N HIS E 103 0.00 -47.82 -25.53
CA HIS E 103 -0.76 -48.09 -26.74
C HIS E 103 -1.33 -49.50 -26.74
N SER E 104 -0.47 -50.51 -26.70
CA SER E 104 -0.91 -51.89 -26.82
C SER E 104 -1.70 -52.38 -25.60
N ARG E 105 -1.58 -51.68 -24.47
CA ARG E 105 -2.27 -51.97 -23.22
C ARG E 105 -1.79 -53.27 -22.58
N MET E 106 -0.68 -53.83 -23.06
CA MET E 106 -0.14 -55.07 -22.52
C MET E 106 1.09 -54.79 -21.66
N TYR E 107 1.41 -55.75 -20.79
CA TYR E 107 2.46 -55.57 -19.80
C TYR E 107 3.81 -55.98 -20.34
N LEU E 108 4.83 -55.18 -20.03
CA LEU E 108 6.20 -55.53 -20.37
C LEU E 108 6.66 -56.71 -19.53
N SER E 109 7.41 -57.62 -20.16
CA SER E 109 7.82 -58.85 -19.50
C SER E 109 9.16 -59.31 -20.06
N CYS E 110 9.72 -60.32 -19.40
CA CYS E 110 10.97 -60.95 -19.84
C CYS E 110 10.64 -62.23 -20.57
N LEU E 111 10.86 -62.24 -21.88
CA LEU E 111 10.54 -63.40 -22.70
C LEU E 111 11.62 -64.49 -22.54
N THR E 112 11.18 -65.74 -22.68
CA THR E 112 12.10 -66.87 -22.61
C THR E 112 12.89 -67.06 -23.91
N THR E 113 12.47 -66.43 -25.00
CA THR E 113 13.21 -66.50 -26.25
C THR E 113 14.52 -65.73 -26.12
N SER E 114 15.48 -66.05 -27.01
CA SER E 114 16.77 -65.36 -27.05
C SER E 114 17.12 -65.09 -28.50
N ARG E 115 16.94 -63.85 -28.95
CA ARG E 115 17.28 -63.49 -30.32
C ARG E 115 18.77 -63.19 -30.49
N SER E 116 19.52 -63.10 -29.40
CA SER E 116 20.92 -62.70 -29.44
C SER E 116 21.80 -63.95 -29.36
N MET E 117 22.36 -64.34 -30.51
CA MET E 117 23.29 -65.46 -30.53
C MET E 117 24.58 -65.15 -29.77
N THR E 118 24.90 -63.86 -29.58
CA THR E 118 26.16 -63.50 -28.94
C THR E 118 26.21 -63.97 -27.49
N ASP E 119 25.13 -63.78 -26.74
CA ASP E 119 25.08 -64.11 -25.32
C ASP E 119 24.02 -65.18 -25.11
N LYS E 120 24.45 -66.35 -24.64
CA LYS E 120 23.50 -67.43 -24.34
C LYS E 120 22.67 -67.11 -23.10
N LEU E 121 23.29 -66.47 -22.10
CA LEU E 121 22.61 -66.14 -20.86
C LEU E 121 21.57 -65.05 -21.01
N ALA E 122 21.55 -64.34 -22.14
CA ALA E 122 20.64 -63.21 -22.33
C ALA E 122 19.33 -63.70 -22.94
N PHE E 123 18.25 -63.56 -22.18
CA PHE E 123 16.91 -63.81 -22.71
C PHE E 123 16.41 -62.53 -23.40
N ASP E 124 15.13 -62.49 -23.72
CA ASP E 124 14.55 -61.36 -24.43
C ASP E 124 13.50 -60.68 -23.55
N VAL E 125 13.19 -59.43 -23.90
CA VAL E 125 12.20 -58.63 -23.19
C VAL E 125 11.17 -58.17 -24.21
N GLY E 126 9.90 -58.31 -23.85
CA GLY E 126 8.81 -57.94 -24.74
C GLY E 126 7.52 -57.75 -23.98
N LEU E 127 6.47 -57.45 -24.73
CA LEU E 127 5.15 -57.20 -24.16
C LEU E 127 4.35 -58.49 -24.14
N GLN E 128 3.75 -58.81 -23.00
CA GLN E 128 2.88 -59.96 -22.86
C GLN E 128 1.46 -59.50 -22.57
N GLU E 129 0.49 -60.29 -23.04
CA GLU E 129 -0.90 -59.84 -23.04
C GLU E 129 -1.48 -59.70 -21.63
N ASP E 130 -0.98 -60.48 -20.67
CA ASP E 130 -1.54 -60.48 -19.34
C ASP E 130 -0.43 -60.42 -18.30
N ALA E 131 -0.77 -59.90 -17.12
CA ALA E 131 0.17 -59.75 -16.02
C ALA E 131 0.36 -61.03 -15.21
N THR E 132 -0.17 -62.16 -15.70
CA THR E 132 0.01 -63.42 -14.99
C THR E 132 1.48 -63.82 -14.97
N GLY E 133 1.92 -64.35 -13.83
CA GLY E 133 3.31 -64.70 -13.64
C GLY E 133 4.15 -63.52 -13.18
N GLU E 134 5.37 -63.84 -12.75
CA GLU E 134 6.30 -62.84 -12.23
C GLU E 134 7.31 -62.37 -13.27
N ALA E 135 7.22 -62.86 -14.51
CA ALA E 135 8.15 -62.42 -15.55
C ALA E 135 7.92 -60.96 -15.91
N CYS E 136 6.70 -60.46 -15.73
CA CYS E 136 6.39 -59.07 -16.03
C CYS E 136 6.90 -58.12 -14.96
N TRP E 137 6.96 -58.56 -13.71
CA TRP E 137 7.42 -57.71 -12.62
C TRP E 137 8.93 -57.48 -12.72
N TRP E 138 9.37 -56.26 -12.39
CA TRP E 138 10.78 -55.92 -12.40
C TRP E 138 11.13 -55.13 -11.15
N THR E 139 12.22 -55.52 -10.48
CA THR E 139 12.61 -54.93 -9.22
C THR E 139 13.67 -53.85 -9.44
N MET E 140 13.56 -52.76 -8.69
CA MET E 140 14.55 -51.68 -8.72
C MET E 140 15.56 -51.86 -7.61
N HIS E 141 16.80 -51.45 -7.88
CA HIS E 141 17.88 -51.41 -6.92
C HIS E 141 18.68 -50.13 -7.12
N PRO E 142 19.29 -49.60 -6.07
CA PRO E 142 20.00 -48.31 -6.18
C PRO E 142 21.29 -48.45 -6.97
N ALA E 143 21.41 -47.66 -8.05
CA ALA E 143 22.62 -47.70 -8.86
C ALA E 143 23.78 -47.02 -8.17
N SER E 144 23.53 -45.89 -7.50
CA SER E 144 24.57 -45.10 -6.87
C SER E 144 24.70 -45.44 -5.39
N LYS E 145 25.90 -45.19 -4.85
CA LYS E 145 26.14 -45.44 -3.43
C LYS E 145 25.36 -44.48 -2.55
N GLN E 146 25.17 -43.24 -3.00
CA GLN E 146 24.43 -42.26 -2.20
C GLN E 146 23.00 -42.73 -1.95
N ARG E 147 22.34 -43.25 -2.97
CA ARG E 147 21.02 -43.84 -2.80
C ARG E 147 21.13 -45.20 -2.12
N SER E 148 20.16 -45.51 -1.27
CA SER E 148 20.17 -46.74 -0.49
C SER E 148 18.79 -47.39 -0.54
N GLU E 149 18.77 -48.69 -0.27
CA GLU E 149 17.52 -49.43 -0.22
C GLU E 149 16.63 -48.87 0.88
N GLY E 150 15.35 -48.65 0.56
CA GLY E 150 14.41 -48.05 1.45
C GLY E 150 14.18 -46.57 1.22
N GLU E 151 15.10 -45.90 0.50
CA GLU E 151 14.92 -44.50 0.15
C GLU E 151 13.96 -44.37 -1.02
N LYS E 152 13.08 -43.37 -0.96
CA LYS E 152 12.16 -43.12 -2.06
C LYS E 152 12.91 -42.65 -3.29
N VAL E 153 12.70 -43.33 -4.41
CA VAL E 153 13.33 -42.92 -5.66
C VAL E 153 12.72 -41.61 -6.13
N ARG E 154 13.50 -40.87 -6.92
CA ARG E 154 13.09 -39.56 -7.39
C ARG E 154 13.41 -39.42 -8.88
N VAL E 155 12.82 -38.39 -9.49
CA VAL E 155 13.02 -38.16 -10.92
C VAL E 155 14.48 -37.86 -11.21
N GLY E 156 14.92 -38.19 -12.42
CA GLY E 156 16.31 -37.97 -12.80
C GLY E 156 17.30 -38.76 -11.98
N ASP E 157 16.98 -40.01 -11.68
CA ASP E 157 17.83 -40.88 -10.90
C ASP E 157 17.98 -42.22 -11.62
N ASP E 158 19.17 -42.81 -11.50
CA ASP E 158 19.46 -44.08 -12.14
C ASP E 158 18.89 -45.22 -11.30
N LEU E 159 18.19 -46.14 -11.96
CA LEU E 159 17.61 -47.30 -11.31
C LEU E 159 18.12 -48.57 -11.98
N ILE E 160 18.48 -49.56 -11.17
CA ILE E 160 18.92 -50.85 -11.67
C ILE E 160 17.72 -51.79 -11.70
N LEU E 161 17.32 -52.21 -12.90
CA LEU E 161 16.13 -53.04 -13.07
C LEU E 161 16.54 -54.49 -13.25
N VAL E 162 16.02 -55.37 -12.41
CA VAL E 162 16.33 -56.80 -12.44
C VAL E 162 15.02 -57.56 -12.59
N SER E 163 15.01 -58.54 -13.50
CA SER E 163 13.83 -59.37 -13.68
C SER E 163 13.55 -60.18 -12.42
N VAL E 164 12.28 -60.27 -12.05
CA VAL E 164 11.90 -61.04 -10.87
C VAL E 164 12.10 -62.53 -11.11
N SER E 165 11.73 -63.01 -12.30
CA SER E 165 11.81 -64.44 -12.60
C SER E 165 13.23 -64.85 -12.96
N SER E 166 13.80 -64.25 -14.01
CA SER E 166 15.09 -64.67 -14.52
C SER E 166 16.26 -64.08 -13.75
N GLU E 167 16.02 -63.08 -12.89
CA GLU E 167 17.07 -62.45 -12.10
C GLU E 167 18.20 -61.92 -12.97
N ARG E 168 17.83 -61.19 -14.03
CA ARG E 168 18.77 -60.60 -14.96
C ARG E 168 18.42 -59.13 -15.18
N TYR E 169 19.45 -58.33 -15.45
CA TYR E 169 19.28 -56.90 -15.65
C TYR E 169 18.87 -56.57 -17.09
N LEU E 170 18.22 -55.43 -17.24
CA LEU E 170 17.95 -54.88 -18.57
C LEU E 170 19.24 -54.27 -19.11
N HIS E 171 19.86 -54.96 -20.06
CA HIS E 171 21.18 -54.61 -20.57
C HIS E 171 21.07 -54.17 -22.03
N LEU E 172 21.89 -53.18 -22.39
CA LEU E 172 21.93 -52.64 -23.76
C LEU E 172 23.14 -53.23 -24.46
N SER E 173 22.95 -54.40 -25.08
CA SER E 173 24.02 -55.02 -25.83
C SER E 173 24.33 -54.19 -27.07
N THR E 174 25.62 -53.93 -27.30
CA THR E 174 26.10 -53.19 -28.45
C THR E 174 27.11 -53.96 -29.28
N ALA E 175 27.42 -55.20 -28.90
CA ALA E 175 28.40 -55.98 -29.65
C ALA E 175 27.91 -56.30 -31.06
N SER E 176 26.60 -56.42 -31.25
CA SER E 176 26.04 -56.69 -32.57
C SER E 176 26.11 -55.49 -33.50
N GLY E 177 26.48 -54.31 -32.99
CA GLY E 177 26.51 -53.10 -33.77
C GLY E 177 25.28 -52.23 -33.63
N GLU E 178 24.21 -52.76 -33.04
CA GLU E 178 22.99 -52.01 -32.80
C GLU E 178 22.56 -52.19 -31.35
N LEU E 179 21.99 -51.15 -30.77
CA LEU E 179 21.55 -51.18 -29.38
C LEU E 179 20.39 -52.16 -29.24
N GLN E 180 20.64 -53.31 -28.62
CA GLN E 180 19.60 -54.31 -28.39
C GLN E 180 19.37 -54.46 -26.89
N VAL E 181 18.12 -54.33 -26.47
CA VAL E 181 17.76 -54.48 -25.06
C VAL E 181 17.49 -55.96 -24.79
N ASP E 182 18.22 -56.51 -23.82
CA ASP E 182 18.05 -57.93 -23.49
C ASP E 182 18.35 -58.13 -22.01
N ALA E 183 17.68 -59.13 -21.43
CA ALA E 183 17.85 -59.45 -20.01
C ALA E 183 19.05 -60.37 -19.87
N SER E 184 20.18 -59.80 -19.45
CA SER E 184 21.43 -60.54 -19.28
C SER E 184 21.97 -60.31 -17.88
N PHE E 185 23.09 -60.97 -17.58
CA PHE E 185 23.67 -60.89 -16.24
C PHE E 185 24.46 -59.61 -16.01
N MET E 186 24.84 -58.90 -17.07
CA MET E 186 25.44 -57.59 -16.91
C MET E 186 24.37 -56.53 -16.71
N GLN E 187 24.75 -55.45 -16.02
CA GLN E 187 23.80 -54.43 -15.60
C GLN E 187 24.07 -53.11 -16.33
N THR E 188 23.01 -52.31 -16.47
CA THR E 188 23.09 -50.99 -17.07
C THR E 188 22.09 -50.08 -16.41
N LEU E 189 22.49 -48.85 -16.14
CA LEU E 189 21.64 -47.89 -15.45
C LEU E 189 20.48 -47.45 -16.35
N TRP E 190 19.40 -47.03 -15.71
CA TRP E 190 18.19 -46.57 -16.39
C TRP E 190 17.70 -45.28 -15.74
N ASN E 191 17.52 -44.23 -16.55
CA ASN E 191 16.97 -42.98 -16.07
C ASN E 191 15.46 -43.02 -16.29
N MET E 192 14.70 -42.99 -15.21
CA MET E 192 13.25 -43.21 -15.27
C MET E 192 12.58 -41.84 -15.24
N ASN E 193 12.17 -41.36 -16.41
CA ASN E 193 11.61 -40.04 -16.58
C ASN E 193 10.16 -40.11 -17.04
N PRO E 194 9.24 -39.41 -16.37
CA PRO E 194 7.85 -39.37 -16.84
C PRO E 194 7.67 -38.38 -17.99
N ILE E 195 6.86 -38.79 -18.97
CA ILE E 195 6.46 -37.86 -20.02
C ILE E 195 5.55 -36.78 -19.45
N CYS E 196 4.53 -37.19 -18.68
CA CYS E 196 3.51 -36.29 -18.16
C CYS E 196 3.27 -36.62 -16.68
N SER E 197 4.03 -35.98 -15.81
CA SER E 197 3.81 -36.14 -14.37
C SER E 197 2.60 -35.34 -13.90
N CYS E 198 2.31 -34.21 -14.55
CA CYS E 198 1.18 -33.37 -14.19
C CYS E 198 0.40 -33.00 -15.45
N CYS E 199 -0.92 -32.97 -15.33
CA CYS E 199 -1.78 -32.62 -16.46
C CYS E 199 -3.04 -31.98 -15.92
N GLU E 200 -3.18 -30.68 -16.11
CA GLU E 200 -4.40 -29.98 -15.72
C GLU E 200 -5.56 -30.41 -16.61
N GLU E 201 -6.67 -30.80 -15.98
CA GLU E 201 -7.81 -31.31 -16.73
C GLU E 201 -8.48 -30.20 -17.52
N GLY E 202 -8.90 -30.53 -18.74
CA GLY E 202 -9.53 -29.58 -19.63
C GLY E 202 -8.58 -28.79 -20.49
N TYR E 203 -7.27 -28.87 -20.24
CA TYR E 203 -6.27 -28.16 -21.01
C TYR E 203 -5.57 -29.13 -21.97
N VAL E 204 -4.96 -28.57 -23.00
CA VAL E 204 -4.31 -29.37 -24.04
C VAL E 204 -2.84 -29.56 -23.66
N THR E 205 -2.39 -30.81 -23.72
CA THR E 205 -1.02 -31.18 -23.40
C THR E 205 -0.42 -31.96 -24.57
N GLY E 206 0.92 -32.03 -24.58
CA GLY E 206 1.60 -32.71 -25.65
C GLY E 206 1.35 -34.22 -25.63
N GLY E 207 1.57 -34.83 -26.79
CA GLY E 207 1.32 -36.25 -26.92
C GLY E 207 -0.13 -36.65 -26.98
N HIS E 208 -1.00 -35.71 -27.34
CA HIS E 208 -2.44 -35.97 -27.41
C HIS E 208 -2.89 -35.89 -28.87
N VAL E 209 -3.64 -36.91 -29.30
CA VAL E 209 -4.22 -36.91 -30.63
C VAL E 209 -5.52 -36.12 -30.59
N LEU E 210 -5.67 -35.18 -31.51
CA LEU E 210 -6.83 -34.28 -31.47
C LEU E 210 -7.22 -33.86 -32.88
N ARG E 211 -8.46 -33.42 -33.01
CA ARG E 211 -9.01 -32.89 -34.25
C ARG E 211 -9.07 -31.38 -34.15
N LEU E 212 -8.61 -30.71 -35.21
CA LEU E 212 -8.59 -29.25 -35.29
C LEU E 212 -9.81 -28.82 -36.12
N PHE E 213 -10.95 -28.69 -35.44
CA PHE E 213 -12.14 -28.20 -36.09
C PHE E 213 -11.98 -26.72 -36.45
N HIS E 214 -12.44 -26.35 -37.63
CA HIS E 214 -12.30 -24.97 -38.08
C HIS E 214 -13.35 -24.10 -37.38
N GLY E 215 -13.25 -22.78 -37.59
CA GLY E 215 -14.08 -21.82 -36.90
C GLY E 215 -15.57 -21.93 -37.20
N HIS E 216 -15.95 -22.73 -38.18
CA HIS E 216 -17.37 -22.93 -38.51
C HIS E 216 -18.02 -24.03 -37.67
N MET E 217 -17.26 -24.78 -36.90
CA MET E 217 -17.71 -25.87 -36.02
C MET E 217 -18.31 -27.04 -36.77
N ASP E 218 -18.34 -27.01 -38.11
CA ASP E 218 -18.83 -28.13 -38.91
C ASP E 218 -17.73 -28.75 -39.75
N GLU E 219 -16.53 -28.18 -39.76
CA GLU E 219 -15.44 -28.68 -40.57
C GLU E 219 -14.17 -28.70 -39.73
N CYS E 220 -13.24 -29.59 -40.12
CA CYS E 220 -12.00 -29.78 -39.37
C CYS E 220 -10.83 -29.87 -40.34
N LEU E 221 -9.63 -29.70 -39.79
CA LEU E 221 -8.40 -29.70 -40.58
C LEU E 221 -8.03 -31.15 -40.89
N THR E 222 -8.22 -31.56 -42.15
CA THR E 222 -8.06 -32.97 -42.51
C THR E 222 -7.13 -33.17 -43.70
N ILE E 223 -7.07 -34.40 -44.20
CA ILE E 223 -6.18 -34.77 -45.29
C ILE E 223 -7.02 -35.40 -46.40
N SER E 224 -6.38 -35.83 -47.48
CA SER E 224 -7.10 -36.45 -48.59
C SER E 224 -7.81 -37.72 -48.14
N ALA E 225 -8.78 -38.16 -48.95
CA ALA E 225 -9.68 -39.23 -48.51
C ALA E 225 -9.02 -40.60 -48.60
N ALA E 226 -8.71 -41.05 -49.82
CA ALA E 226 -8.11 -42.37 -49.99
C ALA E 226 -7.54 -42.55 -51.39
N ASP E 227 -6.28 -42.98 -51.48
CA ASP E 227 -5.62 -43.25 -52.76
C ASP E 227 -5.78 -42.06 -53.72
N SER E 228 -5.62 -40.86 -53.17
CA SER E 228 -5.87 -39.65 -53.93
C SER E 228 -4.70 -39.36 -54.88
N ASP E 229 -4.92 -38.40 -55.78
CA ASP E 229 -3.90 -38.03 -56.75
C ASP E 229 -2.68 -37.41 -56.07
N ASP E 230 -2.89 -36.70 -54.95
CA ASP E 230 -1.79 -36.09 -54.21
C ASP E 230 -1.13 -37.04 -53.23
N GLN E 231 -1.58 -38.30 -53.18
CA GLN E 231 -1.04 -39.30 -52.25
C GLN E 231 -1.15 -38.84 -50.80
N ARG E 232 -2.27 -38.19 -50.48
CA ARG E 232 -2.53 -37.67 -49.14
C ARG E 232 -1.41 -36.74 -48.67
N ARG E 233 -1.23 -35.65 -49.42
CA ARG E 233 -0.20 -34.67 -49.09
C ARG E 233 -0.71 -33.24 -49.07
N LEU E 234 -1.99 -33.01 -49.30
CA LEU E 234 -2.58 -31.67 -49.24
C LEU E 234 -3.60 -31.63 -48.11
N VAL E 235 -3.50 -30.61 -47.27
CA VAL E 235 -4.35 -30.46 -46.10
C VAL E 235 -5.53 -29.56 -46.45
N TYR E 236 -6.69 -29.84 -45.85
CA TYR E 236 -7.93 -29.18 -46.23
C TYR E 236 -8.77 -28.91 -44.99
N TYR E 237 -9.97 -28.37 -45.21
CA TYR E 237 -10.97 -28.11 -44.17
C TYR E 237 -12.32 -28.71 -44.57
N GLU E 238 -12.31 -29.96 -45.04
CA GLU E 238 -13.55 -30.55 -45.55
C GLU E 238 -14.58 -30.78 -44.44
N GLY E 239 -14.16 -31.39 -43.35
CA GLY E 239 -15.07 -31.69 -42.26
C GLY E 239 -16.20 -32.61 -42.70
N GLY E 240 -17.32 -32.50 -42.00
CA GLY E 240 -18.49 -33.28 -42.32
C GLY E 240 -18.37 -34.74 -41.91
N ALA E 241 -18.32 -35.64 -42.91
CA ALA E 241 -18.22 -37.07 -42.62
C ALA E 241 -16.91 -37.41 -41.95
N VAL E 242 -15.81 -36.78 -42.37
CA VAL E 242 -14.49 -37.09 -41.82
C VAL E 242 -14.36 -36.73 -40.36
N CYS E 243 -15.31 -35.98 -39.80
CA CYS E 243 -15.26 -35.65 -38.38
C CYS E 243 -15.26 -36.91 -37.51
N THR E 244 -15.83 -38.00 -38.02
CA THR E 244 -15.74 -39.29 -37.34
C THR E 244 -14.60 -40.16 -37.87
N HIS E 245 -14.13 -39.90 -39.09
CA HIS E 245 -13.04 -40.67 -39.66
C HIS E 245 -11.72 -40.34 -38.95
N ALA E 246 -10.78 -41.28 -39.03
CA ALA E 246 -9.46 -41.11 -38.43
C ALA E 246 -8.57 -40.17 -39.23
N ARG E 247 -8.98 -39.76 -40.44
CA ARG E 247 -8.16 -38.86 -41.24
C ARG E 247 -8.07 -37.48 -40.60
N SER E 248 -9.09 -37.07 -39.86
CA SER E 248 -9.12 -35.78 -39.20
C SER E 248 -8.27 -35.75 -37.92
N LEU E 249 -7.54 -36.81 -37.63
CA LEU E 249 -6.78 -36.91 -36.39
C LEU E 249 -5.37 -36.38 -36.59
N TRP E 250 -4.94 -35.50 -35.67
CA TRP E 250 -3.59 -34.96 -35.67
C TRP E 250 -3.01 -35.06 -34.27
N ARG E 251 -1.70 -35.18 -34.20
CA ARG E 251 -0.96 -35.30 -32.95
C ARG E 251 -0.07 -34.07 -32.79
N LEU E 252 -0.20 -33.41 -31.63
CA LEU E 252 0.56 -32.21 -31.31
C LEU E 252 1.60 -32.57 -30.26
N GLU E 253 2.88 -32.41 -30.61
CA GLU E 253 3.96 -32.77 -29.71
C GLU E 253 4.97 -31.63 -29.60
N PRO E 254 5.30 -31.19 -28.39
CA PRO E 254 6.25 -30.08 -28.26
C PRO E 254 7.63 -30.48 -28.77
N LEU E 255 8.37 -29.48 -29.27
CA LEU E 255 9.72 -29.73 -29.75
C LEU E 255 10.63 -30.20 -28.62
N ARG E 256 10.48 -29.61 -27.43
CA ARG E 256 11.27 -30.02 -26.28
C ARG E 256 10.98 -31.48 -25.92
N ILE E 257 12.02 -32.31 -25.96
CA ILE E 257 11.85 -33.71 -25.60
C ILE E 257 11.54 -33.85 -24.11
N SER E 258 12.14 -33.00 -23.29
CA SER E 258 11.83 -32.98 -21.86
C SER E 258 10.44 -32.40 -21.64
N TRP E 259 9.68 -33.04 -20.74
CA TRP E 259 8.33 -32.62 -20.39
C TRP E 259 7.44 -32.55 -21.63
N SER E 260 7.47 -33.61 -22.42
CA SER E 260 6.65 -33.66 -23.63
C SER E 260 5.17 -33.62 -23.30
N GLY E 261 4.76 -34.25 -22.21
CA GLY E 261 3.39 -34.26 -21.76
C GLY E 261 2.94 -33.02 -21.03
N SER E 262 3.78 -31.99 -20.97
CA SER E 262 3.41 -30.77 -20.27
C SER E 262 2.33 -30.01 -21.03
N HIS E 263 1.77 -29.01 -20.35
CA HIS E 263 0.70 -28.22 -20.93
C HIS E 263 1.23 -27.37 -22.09
N LEU E 264 0.45 -27.28 -23.16
CA LEU E 264 0.83 -26.44 -24.29
C LEU E 264 0.81 -24.97 -23.87
N ARG E 265 1.87 -24.26 -24.19
CA ARG E 265 2.03 -22.85 -23.84
C ARG E 265 1.74 -21.99 -25.06
N TRP E 266 1.07 -20.86 -24.84
CA TRP E 266 0.73 -19.95 -25.92
C TRP E 266 2.00 -19.48 -26.62
N GLY E 267 2.14 -19.85 -27.89
CA GLY E 267 3.33 -19.52 -28.66
C GLY E 267 4.47 -20.51 -28.54
N GLN E 268 4.31 -21.57 -27.75
CA GLN E 268 5.37 -22.57 -27.63
C GLN E 268 5.49 -23.35 -28.93
N PRO E 269 6.69 -23.44 -29.51
CA PRO E 269 6.85 -24.22 -30.74
C PRO E 269 6.49 -25.69 -30.53
N LEU E 270 5.88 -26.28 -31.56
CA LEU E 270 5.44 -27.66 -31.49
C LEU E 270 5.34 -28.23 -32.89
N ARG E 271 5.18 -29.56 -32.96
CA ARG E 271 5.14 -30.30 -34.20
C ARG E 271 3.77 -30.95 -34.36
N ILE E 272 3.26 -30.92 -35.59
CA ILE E 272 1.98 -31.52 -35.94
C ILE E 272 2.26 -32.73 -36.82
N ARG E 273 1.71 -33.89 -36.44
CA ARG E 273 1.96 -35.13 -37.15
C ARG E 273 0.64 -35.82 -37.43
N HIS E 274 0.51 -36.39 -38.63
CA HIS E 274 -0.71 -37.10 -38.98
C HIS E 274 -0.68 -38.52 -38.43
N VAL E 275 -1.71 -38.87 -37.66
CA VAL E 275 -1.71 -40.16 -36.96
C VAL E 275 -1.75 -41.31 -37.95
N THR E 276 -2.61 -41.22 -38.97
CA THR E 276 -2.81 -42.34 -39.88
C THR E 276 -1.68 -42.45 -40.90
N THR E 277 -1.39 -41.36 -41.62
CA THR E 277 -0.37 -41.41 -42.66
C THR E 277 1.04 -41.44 -42.06
N GLY E 278 1.22 -40.88 -40.87
CA GLY E 278 2.53 -40.84 -40.25
C GLY E 278 3.42 -39.71 -40.73
N ARG E 279 2.85 -38.70 -41.38
CA ARG E 279 3.61 -37.59 -41.93
C ARG E 279 3.42 -36.33 -41.08
N TYR E 280 4.40 -35.45 -41.15
CA TYR E 280 4.43 -34.23 -40.35
C TYR E 280 4.06 -33.03 -41.21
N LEU E 281 3.19 -32.17 -40.68
CA LEU E 281 2.86 -30.93 -41.37
C LEU E 281 4.08 -30.01 -41.40
N ALA E 282 4.31 -29.38 -42.55
CA ALA E 282 5.48 -28.53 -42.73
C ALA E 282 5.20 -27.55 -43.87
N LEU E 283 6.05 -26.54 -43.96
CA LEU E 283 5.98 -25.53 -45.02
C LEU E 283 7.22 -25.65 -45.89
N THR E 284 7.01 -25.83 -47.19
CA THR E 284 8.09 -25.89 -48.16
C THR E 284 7.93 -24.78 -49.19
N GLU E 285 9.03 -24.47 -49.88
CA GLU E 285 9.00 -23.39 -50.85
C GLU E 285 8.17 -23.76 -52.08
N ASP E 286 8.39 -24.96 -52.62
CA ASP E 286 7.79 -25.33 -53.90
C ASP E 286 6.31 -25.69 -53.78
N GLN E 287 5.92 -26.40 -52.72
CA GLN E 287 4.53 -26.85 -52.57
C GLN E 287 3.80 -26.12 -51.45
N GLY E 288 4.33 -24.99 -50.96
CA GLY E 288 3.71 -24.31 -49.85
C GLY E 288 3.76 -25.15 -48.58
N LEU E 289 2.60 -25.41 -47.99
CA LEU E 289 2.52 -26.27 -46.81
C LEU E 289 1.93 -27.62 -47.21
N VAL E 290 2.63 -28.69 -46.82
CA VAL E 290 2.23 -30.06 -47.12
C VAL E 290 2.66 -30.94 -45.96
N VAL E 291 2.23 -32.19 -45.99
CA VAL E 291 2.72 -33.19 -45.04
C VAL E 291 3.89 -33.93 -45.68
N VAL E 292 5.00 -34.04 -44.94
CA VAL E 292 6.23 -34.61 -45.45
C VAL E 292 6.64 -35.76 -44.54
N ASP E 293 7.61 -36.54 -45.01
CA ASP E 293 8.08 -37.70 -44.27
C ASP E 293 8.85 -37.26 -43.02
N ALA E 294 9.08 -38.23 -42.13
CA ALA E 294 9.83 -37.95 -40.91
C ALA E 294 11.26 -37.53 -41.23
N CYS E 295 11.87 -38.15 -42.25
CA CYS E 295 13.22 -37.76 -42.64
C CYS E 295 13.27 -36.32 -43.13
N LYS E 296 12.29 -35.91 -43.92
CA LYS E 296 12.22 -34.54 -44.40
C LYS E 296 11.75 -33.55 -43.33
N ALA E 297 11.24 -34.04 -42.21
CA ALA E 297 10.74 -33.14 -41.17
C ALA E 297 11.90 -32.44 -40.47
N HIS E 298 11.79 -31.11 -40.35
CA HIS E 298 12.80 -30.32 -39.69
C HIS E 298 12.11 -29.22 -38.89
N THR E 299 12.83 -28.70 -37.88
CA THR E 299 12.29 -27.62 -37.06
C THR E 299 12.10 -26.33 -37.85
N LYS E 300 12.78 -26.20 -38.98
CA LYS E 300 12.61 -25.01 -39.82
C LYS E 300 11.24 -24.97 -40.49
N ALA E 301 10.60 -26.12 -40.68
CA ALA E 301 9.33 -26.20 -41.39
C ALA E 301 8.21 -26.83 -40.59
N THR E 302 8.50 -27.87 -39.81
CA THR E 302 7.47 -28.61 -39.08
C THR E 302 7.05 -27.95 -37.77
N SER E 303 7.71 -26.86 -37.37
CA SER E 303 7.45 -26.25 -36.08
C SER E 303 6.43 -25.12 -36.23
N PHE E 304 5.36 -25.20 -35.44
CA PHE E 304 4.31 -24.20 -35.41
C PHE E 304 4.05 -23.79 -33.97
N CYS E 305 3.28 -22.72 -33.82
CA CYS E 305 2.93 -22.21 -32.50
C CYS E 305 1.47 -21.77 -32.48
N PHE E 306 0.88 -21.81 -31.29
CA PHE E 306 -0.52 -21.43 -31.08
C PHE E 306 -0.53 -20.04 -30.47
N ARG E 307 -0.51 -19.03 -31.34
CA ARG E 307 -0.54 -17.64 -30.89
C ARG E 307 -1.91 -17.28 -30.34
N VAL E 308 -1.91 -16.37 -29.36
CA VAL E 308 -3.17 -15.92 -28.77
C VAL E 308 -4.01 -15.18 -29.78
N SER E 309 -3.39 -14.28 -30.55
CA SER E 309 -4.11 -13.46 -31.52
C SER E 309 -3.14 -13.05 -32.63
N LYS E 310 -3.67 -12.31 -33.60
CA LYS E 310 -2.88 -11.90 -34.76
C LYS E 310 -1.77 -10.91 -34.42
N GLU E 311 -1.88 -10.19 -33.30
CA GLU E 311 -0.89 -9.19 -32.96
C GLU E 311 0.47 -9.84 -32.72
N LYS E 312 1.51 -9.22 -33.28
CA LYS E 312 2.86 -9.74 -33.14
C LYS E 312 3.45 -9.47 -31.77
N LEU E 313 2.89 -8.52 -31.02
CA LEU E 313 3.40 -8.19 -29.70
C LEU E 313 2.41 -8.58 -28.61
N GLU E 328 -1.31 -24.19 -20.47
CA GLU E 328 -1.84 -22.83 -20.52
C GLU E 328 -3.10 -22.77 -21.39
N ILE E 329 -3.02 -23.38 -22.56
CA ILE E 329 -4.14 -23.38 -23.50
C ILE E 329 -5.13 -24.45 -23.07
N LYS E 330 -6.40 -24.06 -22.92
CA LYS E 330 -7.45 -25.02 -22.64
C LYS E 330 -7.70 -25.88 -23.88
N TYR E 331 -8.03 -27.15 -23.66
CA TYR E 331 -8.18 -28.07 -24.77
C TYR E 331 -9.28 -27.61 -25.72
N GLY E 332 -10.41 -27.17 -25.17
CA GLY E 332 -11.45 -26.53 -25.94
C GLY E 332 -11.50 -25.03 -25.71
N GLU E 333 -12.49 -24.40 -26.34
CA GLU E 333 -12.75 -22.97 -26.17
C GLU E 333 -11.48 -22.14 -26.42
N SER E 334 -10.71 -22.54 -27.43
CA SER E 334 -9.41 -21.95 -27.71
C SER E 334 -9.49 -21.12 -28.98
N LEU E 335 -8.99 -19.88 -28.89
CA LEU E 335 -8.86 -19.01 -30.05
C LEU E 335 -7.44 -19.02 -30.60
N CYS E 336 -6.76 -20.16 -30.50
CA CYS E 336 -5.37 -20.24 -30.93
C CYS E 336 -5.25 -20.09 -32.44
N PHE E 337 -4.21 -19.38 -32.86
CA PHE E 337 -3.89 -19.19 -34.27
C PHE E 337 -2.61 -19.93 -34.59
N VAL E 338 -2.65 -20.77 -35.62
CA VAL E 338 -1.49 -21.59 -35.99
C VAL E 338 -0.55 -20.73 -36.81
N GLN E 339 0.57 -20.32 -36.22
CA GLN E 339 1.59 -19.54 -36.91
C GLN E 339 2.85 -20.39 -37.07
N HIS E 340 3.36 -20.46 -38.30
CA HIS E 340 4.62 -21.15 -38.52
C HIS E 340 5.76 -20.35 -37.93
N VAL E 341 6.70 -21.06 -37.28
CA VAL E 341 7.84 -20.38 -36.69
C VAL E 341 8.76 -19.85 -37.79
N ALA E 342 9.58 -18.86 -37.43
CA ALA E 342 10.50 -18.19 -38.35
C ALA E 342 9.76 -17.58 -39.54
N SER E 343 8.47 -17.26 -39.35
CA SER E 343 7.67 -16.66 -40.40
C SER E 343 6.46 -15.99 -39.76
N GLY E 344 5.93 -14.98 -40.44
CA GLY E 344 4.72 -14.31 -40.03
C GLY E 344 3.46 -14.89 -40.62
N LEU E 345 3.54 -16.04 -41.29
CA LEU E 345 2.40 -16.61 -41.99
C LEU E 345 1.50 -17.36 -41.02
N TRP E 346 0.22 -17.47 -41.40
CA TRP E 346 -0.80 -18.12 -40.61
C TRP E 346 -1.59 -19.07 -41.51
N LEU E 347 -2.17 -20.09 -40.89
CA LEU E 347 -2.98 -21.06 -41.60
C LEU E 347 -4.37 -20.48 -41.88
N THR E 348 -4.74 -20.40 -43.16
CA THR E 348 -6.05 -19.87 -43.52
C THR E 348 -6.49 -20.48 -44.83
N TYR E 349 -7.80 -20.55 -45.02
CA TYR E 349 -8.34 -21.11 -46.25
C TYR E 349 -7.88 -20.30 -47.43
N ALA E 350 -7.49 -20.96 -48.50
CA ALA E 350 -7.08 -20.25 -49.70
C ALA E 350 -8.24 -19.44 -50.21
N ALA E 351 -7.95 -18.37 -50.94
CA ALA E 351 -9.00 -17.52 -51.47
C ALA E 351 -10.08 -18.41 -52.07
N PRO E 352 -11.34 -18.16 -51.70
CA PRO E 352 -12.42 -19.03 -52.19
C PRO E 352 -12.29 -19.30 -53.67
N ASP E 353 -12.27 -20.57 -54.05
CA ASP E 353 -12.15 -20.94 -55.46
C ASP E 353 -13.52 -21.19 -56.05
N PRO E 354 -13.87 -20.42 -57.10
CA PRO E 354 -15.16 -20.64 -57.77
C PRO E 354 -15.25 -22.08 -58.26
N LYS E 355 -14.14 -22.63 -58.74
CA LYS E 355 -14.12 -24.01 -59.17
C LYS E 355 -14.40 -24.91 -57.98
N ALA E 356 -13.76 -24.64 -56.86
CA ALA E 356 -14.01 -25.42 -55.65
C ALA E 356 -15.46 -25.26 -55.26
N LEU E 357 -15.98 -24.05 -55.41
CA LEU E 357 -17.39 -23.81 -55.11
C LEU E 357 -18.25 -24.65 -56.03
N ARG E 358 -17.88 -24.69 -57.30
CA ARG E 358 -18.61 -25.52 -58.25
C ARG E 358 -18.56 -26.95 -57.78
N LEU E 359 -17.39 -27.38 -57.32
CA LEU E 359 -17.26 -28.72 -56.79
C LEU E 359 -18.11 -28.88 -55.54
N GLY E 360 -18.41 -27.77 -54.87
CA GLY E 360 -19.19 -27.81 -53.65
C GLY E 360 -18.50 -28.62 -52.58
N VAL E 361 -17.19 -28.50 -52.50
CA VAL E 361 -16.43 -29.25 -51.51
C VAL E 361 -15.77 -28.31 -50.51
N LEU E 362 -15.65 -28.75 -49.27
CA LEU E 362 -15.03 -27.92 -48.24
C LEU E 362 -13.53 -28.13 -48.23
N LYS E 363 -13.01 -28.74 -49.29
CA LYS E 363 -11.57 -28.96 -49.38
C LYS E 363 -10.87 -27.66 -49.70
N LYS E 364 -10.74 -26.79 -48.71
CA LYS E 364 -10.08 -25.52 -48.91
C LYS E 364 -8.58 -25.73 -48.80
N LYS E 365 -7.87 -25.59 -49.91
CA LYS E 365 -6.43 -25.79 -49.89
C LYS E 365 -5.79 -24.84 -48.90
N ALA E 366 -5.64 -25.29 -47.66
CA ALA E 366 -5.05 -24.45 -46.62
C ALA E 366 -3.77 -23.80 -47.14
N ILE E 367 -3.65 -22.50 -46.90
CA ILE E 367 -2.51 -21.72 -47.35
C ILE E 367 -1.95 -20.94 -46.16
N LEU E 368 -0.65 -20.71 -46.19
CA LEU E 368 0.05 -19.93 -45.17
C LEU E 368 0.21 -18.51 -45.71
N HIS E 369 -0.45 -17.55 -45.07
CA HIS E 369 -0.42 -16.17 -45.50
C HIS E 369 -0.20 -15.25 -44.30
N GLN E 370 0.63 -14.22 -44.49
CA GLN E 370 0.90 -13.31 -43.38
C GLN E 370 -0.33 -12.48 -43.00
N GLU E 371 -1.27 -12.30 -43.92
CA GLU E 371 -2.49 -11.56 -43.60
C GLU E 371 -3.53 -12.48 -42.96
N GLY E 372 -3.69 -13.70 -43.48
CA GLY E 372 -4.66 -14.62 -42.93
C GLY E 372 -6.08 -14.20 -43.23
N HIS E 373 -6.99 -14.67 -42.37
CA HIS E 373 -8.41 -14.36 -42.50
C HIS E 373 -9.01 -14.25 -41.10
N MET E 374 -10.26 -13.78 -41.05
CA MET E 374 -10.96 -13.67 -39.78
C MET E 374 -11.22 -15.03 -39.17
N ASP E 375 -11.55 -16.03 -39.99
CA ASP E 375 -11.82 -17.39 -39.51
C ASP E 375 -10.52 -18.20 -39.54
N ASP E 376 -9.63 -17.85 -38.62
CA ASP E 376 -8.35 -18.52 -38.45
C ASP E 376 -8.26 -19.28 -37.13
N ALA E 377 -8.75 -18.70 -36.04
CA ALA E 377 -8.79 -19.40 -34.77
C ALA E 377 -9.66 -20.64 -34.88
N LEU E 378 -9.18 -21.75 -34.32
CA LEU E 378 -9.80 -23.05 -34.52
C LEU E 378 -9.92 -23.79 -33.19
N PHE E 379 -10.92 -24.67 -33.13
CA PHE E 379 -11.23 -25.45 -31.95
C PHE E 379 -10.45 -26.77 -31.97
N LEU E 380 -10.09 -27.24 -30.78
CA LEU E 380 -9.38 -28.50 -30.63
C LEU E 380 -10.23 -29.46 -29.82
N THR E 381 -10.39 -30.69 -30.31
CA THR E 381 -11.20 -31.71 -29.63
C THR E 381 -10.45 -33.02 -29.61
N ARG E 382 -10.26 -33.58 -28.42
CA ARG E 382 -9.56 -34.85 -28.29
C ARG E 382 -10.47 -36.01 -28.66
N CYS E 383 -9.96 -36.95 -29.45
CA CYS E 383 -10.70 -38.13 -29.82
C CYS E 383 -10.65 -39.16 -28.70
N GLN E 384 -11.41 -40.25 -28.89
CA GLN E 384 -11.44 -41.32 -27.91
C GLN E 384 -10.22 -42.21 -28.04
N GLN E 385 -9.88 -42.88 -26.94
CA GLN E 385 -8.76 -43.80 -26.94
C GLN E 385 -8.97 -44.94 -27.92
N GLU E 386 -10.22 -45.36 -28.11
CA GLU E 386 -10.50 -46.40 -29.11
C GLU E 386 -10.12 -45.92 -30.51
N GLU E 387 -10.50 -44.69 -30.86
CA GLU E 387 -10.17 -44.15 -32.18
C GLU E 387 -8.66 -43.97 -32.33
N SER E 388 -7.99 -43.49 -31.27
CA SER E 388 -6.55 -43.31 -31.35
C SER E 388 -5.83 -44.64 -31.56
N GLN E 389 -6.19 -45.66 -30.78
CA GLN E 389 -5.61 -46.98 -30.95
C GLN E 389 -5.89 -47.53 -32.34
N ALA E 390 -7.13 -47.38 -32.81
CA ALA E 390 -7.48 -47.88 -34.14
C ALA E 390 -6.65 -47.21 -35.22
N ALA E 391 -6.46 -45.89 -35.11
CA ALA E 391 -5.62 -45.20 -36.09
C ALA E 391 -4.19 -45.71 -36.05
N ARG E 392 -3.66 -45.96 -34.85
CA ARG E 392 -2.28 -46.46 -34.77
C ARG E 392 -2.15 -47.83 -35.41
N MET E 393 -3.10 -48.74 -35.15
CA MET E 393 -3.05 -50.04 -35.80
C MET E 393 -3.23 -49.93 -37.31
N ILE E 394 -4.07 -49.00 -37.76
CA ILE E 394 -4.22 -48.78 -39.19
C ILE E 394 -2.89 -48.38 -39.82
N HIS E 395 -2.19 -47.44 -39.19
CA HIS E 395 -0.89 -47.00 -39.71
C HIS E 395 0.10 -48.17 -39.76
N SER E 396 0.26 -48.88 -38.64
CA SER E 396 1.24 -49.96 -38.58
C SER E 396 0.90 -51.08 -39.56
N THR E 397 -0.38 -51.47 -39.63
CA THR E 397 -0.80 -52.54 -40.52
C THR E 397 -0.63 -52.13 -41.98
N ALA E 398 -0.95 -50.89 -42.32
CA ALA E 398 -0.75 -50.43 -43.70
C ALA E 398 0.72 -50.48 -44.07
N GLY E 399 1.60 -50.02 -43.17
CA GLY E 399 3.03 -50.11 -43.46
C GLY E 399 3.50 -51.53 -43.66
N LEU E 400 3.10 -52.43 -42.75
CA LEU E 400 3.54 -53.83 -42.84
C LEU E 400 3.04 -54.49 -44.11
N TYR E 401 1.77 -54.26 -44.46
CA TYR E 401 1.23 -54.91 -45.65
C TYR E 401 1.77 -54.29 -46.94
N ASN E 402 2.09 -53.00 -46.92
CA ASN E 402 2.77 -52.41 -48.08
C ASN E 402 4.15 -53.02 -48.26
N GLN E 403 4.87 -53.25 -47.16
CA GLN E 403 6.15 -53.94 -47.25
C GLN E 403 5.97 -55.36 -47.80
N PHE E 404 4.94 -56.06 -47.34
CA PHE E 404 4.68 -57.41 -47.83
C PHE E 404 4.36 -57.41 -49.32
N ILE E 405 3.56 -56.45 -49.77
CA ILE E 405 3.21 -56.36 -51.18
C ILE E 405 4.44 -56.05 -52.03
N LYS E 406 5.30 -55.15 -51.54
CA LYS E 406 6.54 -54.87 -52.27
C LYS E 406 7.41 -56.12 -52.36
N GLY E 407 7.52 -56.86 -51.26
CA GLY E 407 8.27 -58.11 -51.30
C GLY E 407 7.70 -59.11 -52.28
N LEU E 408 6.38 -59.24 -52.32
CA LEU E 408 5.74 -60.15 -53.27
C LEU E 408 6.00 -59.73 -54.71
N ASP E 409 5.91 -58.42 -54.98
CA ASP E 409 6.13 -57.92 -56.34
C ASP E 409 7.61 -57.97 -56.74
N SER E 410 8.51 -58.08 -55.76
CA SER E 410 9.95 -58.09 -56.08
C SER E 410 10.31 -59.25 -57.00
N PHE E 411 9.85 -60.46 -56.69
CA PHE E 411 10.24 -61.66 -57.43
C PHE E 411 9.22 -62.08 -58.48
N SER E 412 8.20 -61.28 -58.72
CA SER E 412 7.15 -61.65 -59.66
C SER E 412 7.72 -61.69 -61.08
N GLY E 413 7.57 -62.84 -61.75
CA GLY E 413 8.00 -63.00 -63.11
C GLY E 413 9.41 -63.54 -63.30
N LYS E 414 10.23 -63.55 -62.26
CA LYS E 414 11.61 -64.02 -62.35
C LYS E 414 11.76 -65.32 -61.57
N PRO E 415 12.11 -66.42 -62.23
CA PRO E 415 12.27 -67.69 -61.51
C PRO E 415 13.38 -67.60 -60.47
N ARG E 416 13.17 -68.30 -59.35
CA ARG E 416 14.14 -68.27 -58.26
C ARG E 416 15.26 -69.27 -58.48
N GLY E 417 14.95 -70.44 -59.00
CA GLY E 417 15.98 -71.43 -59.24
C GLY E 417 16.56 -71.96 -57.94
N SER E 418 17.88 -71.98 -57.85
CA SER E 418 18.57 -72.48 -56.65
C SER E 418 18.81 -71.38 -55.63
N GLY E 419 19.19 -70.18 -56.08
CA GLY E 419 19.46 -69.09 -55.17
C GLY E 419 18.21 -68.35 -54.77
N PRO E 420 17.99 -68.18 -53.47
CA PRO E 420 16.81 -67.45 -52.99
C PRO E 420 16.81 -66.02 -53.47
N PRO E 421 15.67 -65.34 -53.41
CA PRO E 421 15.61 -63.94 -53.87
C PRO E 421 16.66 -63.07 -53.19
N ALA E 422 17.40 -62.32 -54.00
CA ALA E 422 18.46 -61.45 -53.50
C ALA E 422 17.92 -60.26 -52.72
N GLY E 423 16.63 -59.95 -52.84
CA GLY E 423 16.05 -58.83 -52.14
C GLY E 423 15.76 -59.15 -50.69
N PRO E 424 15.21 -58.16 -49.99
CA PRO E 424 14.87 -58.37 -48.57
C PRO E 424 13.86 -59.48 -48.39
N ALA E 425 14.01 -60.21 -47.29
CA ALA E 425 13.12 -61.32 -46.98
C ALA E 425 11.73 -60.80 -46.61
N LEU E 426 10.73 -61.61 -46.92
CA LEU E 426 9.35 -61.24 -46.62
C LEU E 426 9.09 -61.31 -45.11
N PRO E 427 8.41 -60.32 -44.55
CA PRO E 427 8.07 -60.34 -43.11
C PRO E 427 6.93 -61.30 -42.80
N ILE E 428 7.18 -62.60 -43.02
CA ILE E 428 6.12 -63.60 -42.91
C ILE E 428 5.63 -63.70 -41.46
N GLU E 429 6.56 -63.77 -40.50
CA GLU E 429 6.17 -63.92 -39.11
C GLU E 429 5.36 -62.72 -38.64
N ALA E 430 5.82 -61.50 -38.97
CA ALA E 430 5.09 -60.30 -38.59
C ALA E 430 3.72 -60.25 -39.24
N VAL E 431 3.62 -60.64 -40.51
CA VAL E 431 2.34 -60.63 -41.20
C VAL E 431 1.37 -61.61 -40.54
N ILE E 432 1.85 -62.81 -40.22
CA ILE E 432 0.99 -63.81 -39.60
C ILE E 432 0.52 -63.34 -38.24
N LEU E 433 1.43 -62.79 -37.44
CA LEU E 433 1.07 -62.30 -36.10
C LEU E 433 0.07 -61.16 -36.20
N SER E 434 0.28 -60.23 -37.14
CA SER E 434 -0.66 -59.13 -37.32
C SER E 434 -2.04 -59.62 -37.75
N LEU E 435 -2.07 -60.60 -38.64
CA LEU E 435 -3.37 -61.16 -39.06
C LEU E 435 -4.09 -61.81 -37.89
N GLN E 436 -3.36 -62.58 -37.07
CA GLN E 436 -3.99 -63.20 -35.91
C GLN E 436 -4.51 -62.15 -34.93
N ASP E 437 -3.72 -61.11 -34.68
CA ASP E 437 -4.15 -60.05 -33.78
C ASP E 437 -5.38 -59.33 -34.32
N LEU E 438 -5.41 -59.06 -35.63
CA LEU E 438 -6.56 -58.39 -36.21
C LEU E 438 -7.81 -59.27 -36.15
N ILE E 439 -7.66 -60.57 -36.38
CA ILE E 439 -8.81 -61.48 -36.29
C ILE E 439 -9.36 -61.49 -34.87
N GLY E 440 -8.46 -61.59 -33.87
CA GLY E 440 -8.91 -61.51 -32.50
C GLY E 440 -9.54 -60.18 -32.15
N TYR E 441 -9.03 -59.10 -32.74
CA TYR E 441 -9.56 -57.76 -32.50
C TYR E 441 -10.96 -57.61 -33.08
N PHE E 442 -11.21 -58.21 -34.24
CA PHE E 442 -12.49 -58.10 -34.94
C PHE E 442 -13.43 -59.27 -34.65
N GLU E 443 -13.06 -60.16 -33.73
CA GLU E 443 -13.94 -61.28 -33.39
C GLU E 443 -15.28 -60.76 -32.87
N PRO E 444 -16.39 -61.33 -33.31
CA PRO E 444 -17.71 -60.83 -32.89
C PRO E 444 -17.95 -61.06 -31.41
N PRO E 445 -18.80 -60.25 -30.79
CA PRO E 445 -19.11 -60.46 -29.37
C PRO E 445 -19.88 -61.75 -29.15
N SER E 446 -19.72 -62.31 -27.96
CA SER E 446 -20.41 -63.55 -27.61
C SER E 446 -21.91 -63.31 -27.43
N GLU E 447 -22.70 -64.31 -27.81
CA GLU E 447 -24.14 -64.22 -27.69
C GLU E 447 -24.64 -64.43 -26.26
N GLU E 448 -23.80 -65.00 -25.39
CA GLU E 448 -24.20 -65.24 -24.01
C GLU E 448 -24.31 -63.95 -23.20
N LEU E 449 -23.81 -62.84 -23.72
CA LEU E 449 -23.86 -61.58 -22.99
C LEU E 449 -25.28 -61.04 -22.92
N GLN E 450 -25.48 -60.09 -22.01
CA GLN E 450 -26.78 -59.43 -21.89
C GLN E 450 -27.06 -58.60 -23.14
N HIS E 451 -28.35 -58.30 -23.34
CA HIS E 451 -28.77 -57.65 -24.58
C HIS E 451 -28.16 -56.26 -24.72
N GLU E 452 -28.17 -55.47 -23.65
CA GLU E 452 -27.67 -54.09 -23.73
C GLU E 452 -26.18 -54.05 -23.99
N GLU E 453 -25.41 -54.80 -23.21
CA GLU E 453 -23.95 -54.82 -23.41
C GLU E 453 -23.59 -55.43 -24.75
N LYS E 454 -24.35 -56.43 -25.19
CA LYS E 454 -24.11 -57.01 -26.51
C LYS E 454 -24.36 -55.98 -27.61
N GLN E 455 -25.43 -55.20 -27.49
CA GLN E 455 -25.70 -54.15 -28.47
C GLN E 455 -24.59 -53.09 -28.47
N SER E 456 -24.10 -52.72 -27.29
CA SER E 456 -23.01 -51.75 -27.22
C SER E 456 -21.76 -52.28 -27.88
N LYS E 457 -21.43 -53.56 -27.64
CA LYS E 457 -20.25 -54.14 -28.28
C LYS E 457 -20.43 -54.28 -29.78
N LEU E 458 -21.66 -54.57 -30.24
CA LEU E 458 -21.92 -54.58 -31.67
C LEU E 458 -21.72 -53.21 -32.28
N ARG E 459 -22.18 -52.16 -31.60
CA ARG E 459 -21.95 -50.80 -32.10
C ARG E 459 -20.46 -50.48 -32.18
N SER E 460 -19.71 -50.89 -31.15
CA SER E 460 -18.26 -50.67 -31.16
C SER E 460 -17.62 -51.39 -32.34
N LEU E 461 -18.00 -52.65 -32.56
CA LEU E 461 -17.46 -53.41 -33.68
C LEU E 461 -17.83 -52.77 -35.02
N ARG E 462 -19.07 -52.28 -35.14
CA ARG E 462 -19.51 -51.66 -36.38
C ARG E 462 -18.69 -50.42 -36.69
N ASN E 463 -18.49 -49.55 -35.68
CA ASN E 463 -17.74 -48.32 -35.95
C ASN E 463 -16.26 -48.64 -36.21
N ARG E 464 -15.71 -49.64 -35.53
CA ARG E 464 -14.32 -50.03 -35.80
C ARG E 464 -14.18 -50.55 -37.23
N GLN E 465 -15.10 -51.41 -37.67
CA GLN E 465 -15.08 -51.91 -39.02
C GLN E 465 -15.23 -50.78 -40.03
N SER E 466 -16.10 -49.80 -39.71
CA SER E 466 -16.25 -48.65 -40.58
C SER E 466 -14.96 -47.85 -40.69
N LEU E 467 -14.25 -47.67 -39.58
CA LEU E 467 -13.00 -46.93 -39.60
C LEU E 467 -11.97 -47.64 -40.49
N PHE E 468 -11.80 -48.94 -40.29
CA PHE E 468 -10.85 -49.68 -41.14
C PHE E 468 -11.29 -49.66 -42.60
N GLN E 469 -12.59 -49.77 -42.86
CA GLN E 469 -13.09 -49.75 -44.23
C GLN E 469 -12.79 -48.42 -44.91
N GLU E 470 -13.05 -47.30 -44.22
CA GLU E 470 -12.81 -46.01 -44.82
C GLU E 470 -11.31 -45.73 -44.96
N GLU E 471 -10.49 -46.26 -44.05
CA GLU E 471 -9.05 -46.14 -44.23
C GLU E 471 -8.53 -47.04 -45.34
N GLY E 472 -9.31 -48.04 -45.75
CA GLY E 472 -8.98 -48.82 -46.92
C GLY E 472 -8.21 -50.10 -46.67
N MET E 473 -8.28 -50.66 -45.46
CA MET E 473 -7.60 -51.93 -45.21
C MET E 473 -8.21 -53.07 -46.01
N LEU E 474 -9.51 -52.96 -46.32
CA LEU E 474 -10.16 -54.01 -47.12
C LEU E 474 -9.53 -54.10 -48.51
N SER E 475 -9.30 -52.96 -49.15
CA SER E 475 -8.67 -52.96 -50.47
C SER E 475 -7.24 -53.48 -50.38
N LEU E 476 -6.52 -53.15 -49.30
CA LEU E 476 -5.17 -53.66 -49.11
C LEU E 476 -5.17 -55.18 -48.98
N VAL E 477 -6.11 -55.73 -48.20
CA VAL E 477 -6.21 -57.17 -48.05
C VAL E 477 -6.55 -57.81 -49.39
N LEU E 478 -7.47 -57.20 -50.15
CA LEU E 478 -7.81 -57.74 -51.46
C LEU E 478 -6.60 -57.74 -52.39
N ASN E 479 -5.79 -56.68 -52.35
CA ASN E 479 -4.59 -56.63 -53.16
C ASN E 479 -3.60 -57.72 -52.76
N CYS E 480 -3.44 -57.95 -51.45
CA CYS E 480 -2.57 -59.03 -51.00
C CYS E 480 -3.07 -60.38 -51.47
N ILE E 481 -4.38 -60.61 -51.41
CA ILE E 481 -4.94 -61.88 -51.88
C ILE E 481 -4.71 -62.04 -53.38
N ASP E 482 -4.89 -60.96 -54.14
CA ASP E 482 -4.65 -61.03 -55.59
C ASP E 482 -3.19 -61.33 -55.88
N ARG E 483 -2.27 -60.73 -55.13
CA ARG E 483 -0.85 -61.02 -55.33
C ARG E 483 -0.53 -62.48 -54.99
N LEU E 484 -1.11 -63.00 -53.91
CA LEU E 484 -0.78 -64.36 -53.48
C LEU E 484 -1.45 -65.43 -54.33
N ASN E 485 -2.60 -65.12 -54.94
CA ASN E 485 -3.36 -66.12 -55.68
C ASN E 485 -2.80 -66.40 -57.07
N VAL E 486 -1.77 -65.67 -57.51
CA VAL E 486 -1.17 -65.94 -58.81
C VAL E 486 -0.56 -67.34 -58.84
N TYR E 487 0.15 -67.70 -57.78
CA TYR E 487 0.77 -69.02 -57.69
C TYR E 487 -0.28 -70.07 -57.33
N THR E 488 -0.29 -71.18 -58.08
CA THR E 488 -1.35 -72.17 -57.93
C THR E 488 -1.20 -72.94 -56.62
N THR E 489 0.01 -73.39 -56.29
CA THR E 489 0.22 -74.27 -55.15
C THR E 489 1.46 -73.81 -54.38
N ALA E 490 1.73 -74.49 -53.27
CA ALA E 490 2.88 -74.15 -52.43
C ALA E 490 4.18 -74.37 -53.18
N ALA E 491 4.27 -75.45 -53.98
CA ALA E 491 5.48 -75.68 -54.76
C ALA E 491 5.69 -74.56 -55.79
N HIS E 492 4.62 -74.13 -56.46
CA HIS E 492 4.73 -73.04 -57.41
C HIS E 492 5.14 -71.75 -56.72
N PHE E 493 4.63 -71.52 -55.51
CA PHE E 493 5.05 -70.36 -54.73
C PHE E 493 6.53 -70.46 -54.36
N ALA E 494 6.99 -71.67 -54.04
CA ALA E 494 8.39 -71.86 -53.68
C ALA E 494 9.32 -71.66 -54.88
N GLU E 495 8.83 -71.95 -56.09
CA GLU E 495 9.67 -71.78 -57.28
C GLU E 495 10.07 -70.32 -57.49
N TYR E 496 9.41 -69.37 -56.85
CA TYR E 496 9.75 -67.97 -56.98
C TYR E 496 10.12 -67.29 -55.67
N ALA E 497 9.39 -67.57 -54.59
CA ALA E 497 9.61 -66.89 -53.31
C ALA E 497 10.54 -67.66 -52.38
N GLY E 498 10.86 -68.90 -52.68
CA GLY E 498 11.80 -69.63 -51.85
C GLY E 498 11.12 -70.72 -51.04
N GLU E 499 11.86 -71.81 -50.82
CA GLU E 499 11.34 -72.92 -50.05
C GLU E 499 11.03 -72.51 -48.62
N GLU E 500 11.88 -71.70 -48.01
CA GLU E 500 11.65 -71.25 -46.64
C GLU E 500 10.37 -70.44 -46.53
N ALA E 501 10.06 -69.63 -47.54
CA ALA E 501 8.82 -68.87 -47.57
C ALA E 501 7.63 -69.71 -48.02
N ALA E 502 7.87 -70.90 -48.56
CA ALA E 502 6.77 -71.71 -49.08
C ALA E 502 5.81 -72.17 -47.99
N GLU E 503 6.34 -72.57 -46.82
CA GLU E 503 5.52 -73.26 -45.83
C GLU E 503 4.38 -72.40 -45.28
N SER E 504 4.48 -71.08 -45.38
CA SER E 504 3.49 -70.19 -44.78
C SER E 504 2.45 -69.69 -45.77
N TRP E 505 2.52 -70.11 -47.03
CA TRP E 505 1.63 -69.58 -48.06
C TRP E 505 0.16 -69.91 -47.75
N LYS E 506 -0.12 -71.18 -47.46
CA LYS E 506 -1.48 -71.59 -47.17
C LYS E 506 -2.02 -70.91 -45.92
N GLU E 507 -1.18 -70.82 -44.88
CA GLU E 507 -1.61 -70.17 -43.64
C GLU E 507 -1.93 -68.71 -43.87
N ILE E 508 -1.10 -68.00 -44.62
CA ILE E 508 -1.36 -66.59 -44.90
C ILE E 508 -2.63 -66.43 -45.72
N VAL E 509 -2.85 -67.31 -46.70
CA VAL E 509 -4.06 -67.22 -47.51
C VAL E 509 -5.30 -67.42 -46.65
N ASN E 510 -5.29 -68.45 -45.80
CA ASN E 510 -6.44 -68.71 -44.94
C ASN E 510 -6.68 -67.56 -43.97
N LEU E 511 -5.61 -67.00 -43.40
CA LEU E 511 -5.75 -65.88 -42.49
C LEU E 511 -6.30 -64.65 -43.20
N LEU E 512 -5.88 -64.42 -44.45
CA LEU E 512 -6.40 -63.28 -45.20
C LEU E 512 -7.88 -63.43 -45.48
N TYR E 513 -8.32 -64.62 -45.91
CA TYR E 513 -9.76 -64.82 -46.13
C TYR E 513 -10.54 -64.69 -44.83
N GLU E 514 -10.02 -65.23 -43.73
CA GLU E 514 -10.72 -65.11 -42.46
C GLU E 514 -10.81 -63.66 -42.01
N LEU E 515 -9.75 -62.88 -42.19
CA LEU E 515 -9.77 -61.48 -41.83
C LEU E 515 -10.76 -60.70 -42.68
N LEU E 516 -10.82 -60.99 -43.99
CA LEU E 516 -11.78 -60.33 -44.85
C LEU E 516 -13.21 -60.65 -44.42
N ALA E 517 -13.47 -61.91 -44.09
CA ALA E 517 -14.80 -62.28 -43.60
C ALA E 517 -15.13 -61.56 -42.30
N SER E 518 -14.15 -61.44 -41.39
CA SER E 518 -14.37 -60.73 -40.15
C SER E 518 -14.68 -59.26 -40.39
N LEU E 519 -13.96 -58.64 -41.32
CA LEU E 519 -14.22 -57.23 -41.63
C LEU E 519 -15.62 -57.04 -42.19
N ILE E 520 -16.04 -57.90 -43.13
CA ILE E 520 -17.34 -57.69 -43.77
C ILE E 520 -18.50 -58.21 -42.95
N ARG E 521 -18.25 -59.02 -41.92
CA ARG E 521 -19.34 -59.62 -41.17
C ARG E 521 -20.08 -58.58 -40.36
N GLY E 522 -21.39 -58.51 -40.55
CA GLY E 522 -22.25 -57.61 -39.79
C GLY E 522 -22.31 -56.18 -40.27
N ASN E 523 -21.56 -55.83 -41.32
CA ASN E 523 -21.55 -54.47 -41.85
C ASN E 523 -22.17 -54.50 -43.24
N ARG E 524 -23.40 -53.98 -43.34
CA ARG E 524 -24.12 -54.03 -44.60
C ARG E 524 -23.44 -53.18 -45.67
N ALA E 525 -22.90 -52.02 -45.28
CA ALA E 525 -22.18 -51.19 -46.24
C ALA E 525 -20.92 -51.89 -46.74
N ASN E 526 -20.17 -52.53 -45.84
CA ASN E 526 -18.97 -53.26 -46.25
C ASN E 526 -19.33 -54.40 -47.19
N CYS E 527 -20.41 -55.12 -46.91
CA CYS E 527 -20.85 -56.18 -47.82
C CYS E 527 -21.29 -55.61 -49.17
N ALA E 528 -21.97 -54.46 -49.14
CA ALA E 528 -22.42 -53.83 -50.38
C ALA E 528 -21.25 -53.35 -51.22
N LEU E 529 -20.11 -53.05 -50.59
CA LEU E 529 -18.93 -52.67 -51.35
C LEU E 529 -18.52 -53.77 -52.34
N PHE E 530 -18.88 -55.02 -52.05
CA PHE E 530 -18.60 -56.15 -52.94
C PHE E 530 -19.69 -56.36 -53.98
N SER E 531 -20.43 -55.30 -54.33
CA SER E 531 -21.47 -55.43 -55.35
C SER E 531 -20.86 -55.83 -56.69
N THR E 532 -19.68 -55.29 -57.01
CA THR E 532 -18.97 -55.63 -58.23
C THR E 532 -17.94 -56.73 -58.01
N ASN E 533 -17.84 -57.30 -56.81
CA ASN E 533 -16.88 -58.34 -56.49
C ASN E 533 -17.51 -59.73 -56.47
N LEU E 534 -18.72 -59.87 -57.03
CA LEU E 534 -19.33 -61.20 -57.12
C LEU E 534 -18.47 -62.13 -57.97
N ASP E 535 -17.94 -61.63 -59.07
CA ASP E 535 -16.98 -62.43 -59.85
C ASP E 535 -15.76 -62.75 -59.02
N TRP E 536 -15.28 -61.79 -58.22
CA TRP E 536 -14.08 -62.01 -57.42
C TRP E 536 -14.27 -63.13 -56.41
N VAL E 537 -15.46 -63.25 -55.83
CA VAL E 537 -15.68 -64.33 -54.87
C VAL E 537 -16.01 -65.64 -55.57
N VAL E 538 -16.79 -65.59 -56.66
CA VAL E 538 -17.24 -66.82 -57.30
C VAL E 538 -16.07 -67.51 -58.00
N SER E 539 -15.23 -66.75 -58.71
CA SER E 539 -14.09 -67.34 -59.40
C SER E 539 -13.06 -67.92 -58.43
N LYS E 540 -13.12 -67.54 -57.15
CA LYS E 540 -12.23 -68.10 -56.15
C LYS E 540 -12.91 -69.14 -55.25
N LEU E 541 -14.23 -69.31 -55.40
CA LEU E 541 -14.93 -70.38 -54.67
C LEU E 541 -14.29 -71.74 -54.93
N ASP E 542 -13.78 -71.98 -56.14
CA ASP E 542 -13.24 -73.28 -56.50
C ASP E 542 -11.79 -73.46 -56.08
N ARG E 543 -11.18 -72.46 -55.43
CA ARG E 543 -9.81 -72.60 -54.96
C ARG E 543 -9.71 -73.74 -53.95
N LEU E 544 -8.66 -74.57 -54.11
CA LEU E 544 -8.47 -75.70 -53.22
C LEU E 544 -8.20 -75.24 -51.79
N GLU E 545 -7.39 -74.19 -51.63
CA GLU E 545 -7.09 -73.65 -50.32
C GLU E 545 -8.09 -72.57 -49.94
N ALA E 546 -8.45 -72.52 -48.66
CA ALA E 546 -9.38 -71.53 -48.12
C ALA E 546 -10.73 -71.58 -48.82
N SER E 547 -11.13 -72.77 -49.28
CA SER E 547 -12.45 -72.92 -49.88
C SER E 547 -13.56 -72.62 -48.88
N SER E 548 -13.42 -73.13 -47.65
CA SER E 548 -14.37 -72.81 -46.60
C SER E 548 -14.40 -71.31 -46.32
N GLY E 549 -13.22 -70.68 -46.33
CA GLY E 549 -13.17 -69.25 -46.07
C GLY E 549 -13.89 -68.43 -47.14
N ILE E 550 -13.64 -68.74 -48.41
CA ILE E 550 -14.30 -67.99 -49.48
C ILE E 550 -15.79 -68.28 -49.50
N LEU E 551 -16.18 -69.51 -49.19
CA LEU E 551 -17.61 -69.83 -49.09
C LEU E 551 -18.27 -69.03 -47.97
N GLU E 552 -17.58 -68.90 -46.83
CA GLU E 552 -18.11 -68.11 -45.72
C GLU E 552 -18.22 -66.64 -46.10
N VAL E 553 -17.23 -66.13 -46.84
CA VAL E 553 -17.28 -64.74 -47.32
C VAL E 553 -18.50 -64.52 -48.20
N LEU E 554 -18.71 -65.43 -49.15
CA LEU E 554 -19.88 -65.33 -50.02
C LEU E 554 -21.17 -65.42 -49.23
N TYR E 555 -21.22 -66.31 -48.24
CA TYR E 555 -22.40 -66.44 -47.40
C TYR E 555 -22.71 -65.14 -46.69
N CYS E 556 -21.68 -64.52 -46.09
CA CYS E 556 -21.89 -63.27 -45.38
C CYS E 556 -22.39 -62.18 -46.33
N VAL E 557 -21.77 -62.06 -47.51
CA VAL E 557 -22.17 -61.02 -48.45
C VAL E 557 -23.63 -61.22 -48.88
N LEU E 558 -24.00 -62.45 -49.21
CA LEU E 558 -25.37 -62.72 -49.66
C LEU E 558 -26.38 -62.48 -48.55
N ILE E 559 -26.09 -62.92 -47.32
CA ILE E 559 -27.07 -62.77 -46.25
C ILE E 559 -27.13 -61.33 -45.75
N GLU E 560 -26.13 -60.50 -46.05
CA GLU E 560 -26.16 -59.12 -45.59
C GLU E 560 -26.71 -58.14 -46.61
N SER E 561 -26.38 -58.30 -47.90
CA SER E 561 -26.90 -57.26 -48.78
C SER E 561 -27.84 -57.85 -49.83
N PRO E 562 -28.94 -57.14 -50.13
CA PRO E 562 -29.85 -57.63 -51.19
C PRO E 562 -29.34 -57.40 -52.60
N GLU E 563 -28.62 -56.31 -52.86
CA GLU E 563 -28.21 -56.00 -54.22
C GLU E 563 -27.21 -57.00 -54.77
N VAL E 564 -26.30 -57.49 -53.91
CA VAL E 564 -25.35 -58.51 -54.34
C VAL E 564 -26.10 -59.78 -54.73
N LEU E 565 -27.31 -59.97 -54.21
CA LEU E 565 -28.14 -61.09 -54.61
C LEU E 565 -28.92 -60.78 -55.89
N ASN E 566 -29.36 -59.53 -56.05
CA ASN E 566 -30.06 -59.16 -57.28
C ASN E 566 -29.16 -59.27 -58.50
N ILE E 567 -27.84 -59.03 -58.34
CA ILE E 567 -26.94 -59.11 -59.49
C ILE E 567 -26.61 -60.57 -59.83
N ILE E 568 -26.89 -61.51 -58.94
CA ILE E 568 -26.54 -62.92 -59.15
C ILE E 568 -27.04 -63.40 -60.50
N GLN E 569 -26.16 -64.07 -61.25
CA GLN E 569 -26.42 -64.49 -62.61
C GLN E 569 -26.43 -66.00 -62.74
N GLU E 570 -26.77 -66.45 -63.95
CA GLU E 570 -26.87 -67.88 -64.23
C GLU E 570 -25.52 -68.58 -64.06
N ASN E 571 -24.44 -67.97 -64.55
CA ASN E 571 -23.13 -68.58 -64.41
C ASN E 571 -22.73 -68.66 -62.94
N HIS E 572 -23.08 -67.64 -62.15
CA HIS E 572 -22.81 -67.69 -60.72
C HIS E 572 -23.53 -68.85 -60.06
N ILE E 573 -24.81 -69.04 -60.38
CA ILE E 573 -25.57 -70.14 -59.81
C ILE E 573 -25.00 -71.47 -60.25
N LYS E 574 -24.60 -71.58 -61.51
CA LYS E 574 -24.00 -72.82 -62.00
C LYS E 574 -22.68 -73.12 -61.29
N SER E 575 -21.89 -72.09 -61.00
CA SER E 575 -20.66 -72.31 -60.25
C SER E 575 -20.96 -72.77 -58.82
N ILE E 576 -21.97 -72.19 -58.18
CA ILE E 576 -22.32 -72.62 -56.84
C ILE E 576 -22.80 -74.08 -56.84
N ILE E 577 -23.51 -74.47 -57.88
CA ILE E 577 -23.95 -75.87 -57.99
C ILE E 577 -22.76 -76.79 -58.27
N SER E 578 -21.83 -76.34 -59.11
CA SER E 578 -20.62 -77.11 -59.37
C SER E 578 -19.78 -77.27 -58.12
N LEU E 579 -19.91 -76.36 -57.15
CA LEU E 579 -19.25 -76.56 -55.87
C LEU E 579 -19.72 -77.84 -55.20
N LEU E 580 -21.04 -78.07 -55.18
CA LEU E 580 -21.57 -79.34 -54.68
C LEU E 580 -21.15 -80.49 -55.58
N ASP E 581 -21.16 -80.27 -56.89
CA ASP E 581 -20.86 -81.34 -57.83
C ASP E 581 -19.43 -81.88 -57.64
N LYS E 582 -18.46 -80.99 -57.45
CA LYS E 582 -17.06 -81.37 -57.41
C LYS E 582 -16.52 -81.58 -56.00
N HIS E 583 -16.81 -80.67 -55.08
CA HIS E 583 -16.27 -80.80 -53.72
C HIS E 583 -17.00 -81.86 -52.91
N GLY E 584 -18.32 -81.97 -53.09
CA GLY E 584 -19.12 -82.94 -52.39
C GLY E 584 -20.35 -82.31 -51.77
N ARG E 585 -21.09 -83.09 -51.00
CA ARG E 585 -22.30 -82.63 -50.35
C ARG E 585 -21.95 -81.89 -49.07
N ASN E 586 -22.15 -80.58 -49.06
CA ASN E 586 -21.98 -79.76 -47.88
C ASN E 586 -23.24 -78.91 -47.72
N HIS E 587 -23.83 -78.96 -46.52
CA HIS E 587 -25.09 -78.25 -46.29
C HIS E 587 -24.93 -76.75 -46.32
N LYS E 588 -23.70 -76.23 -46.20
CA LYS E 588 -23.50 -74.79 -46.30
C LYS E 588 -23.82 -74.27 -47.70
N VAL E 589 -23.55 -75.07 -48.73
CA VAL E 589 -23.93 -74.66 -50.08
C VAL E 589 -25.44 -74.61 -50.23
N LEU E 590 -26.15 -75.56 -49.61
CA LEU E 590 -27.60 -75.51 -49.61
C LEU E 590 -28.11 -74.28 -48.87
N ASP E 591 -27.46 -73.92 -47.77
CA ASP E 591 -27.82 -72.68 -47.06
C ASP E 591 -27.58 -71.46 -47.94
N VAL E 592 -26.48 -71.46 -48.70
CA VAL E 592 -26.21 -70.36 -49.63
C VAL E 592 -27.31 -70.26 -50.67
N LEU E 593 -27.75 -71.40 -51.21
CA LEU E 593 -28.84 -71.39 -52.19
C LEU E 593 -30.14 -70.91 -51.57
N CYS E 594 -30.42 -71.31 -50.32
CA CYS E 594 -31.62 -70.83 -49.64
C CYS E 594 -31.58 -69.32 -49.47
N SER E 595 -30.41 -68.77 -49.11
CA SER E 595 -30.26 -67.33 -49.04
C SER E 595 -30.44 -66.69 -50.41
N LEU E 596 -30.00 -67.38 -51.47
CA LEU E 596 -30.19 -66.87 -52.82
C LEU E 596 -31.65 -66.83 -53.21
N CYS E 597 -32.47 -67.71 -52.64
CA CYS E 597 -33.89 -67.75 -53.02
C CYS E 597 -34.61 -66.46 -52.65
N VAL E 598 -34.67 -66.13 -51.37
CA VAL E 598 -35.51 -65.05 -50.87
C VAL E 598 -34.71 -64.14 -49.97
N CYS E 599 -34.98 -62.84 -50.05
CA CYS E 599 -34.33 -61.84 -49.20
C CYS E 599 -35.39 -60.95 -48.55
N ASN E 600 -35.31 -60.82 -47.22
CA ASN E 600 -36.13 -59.92 -46.41
C ASN E 600 -37.57 -59.82 -46.93
N GLY E 601 -38.18 -60.98 -47.18
CA GLY E 601 -39.55 -61.03 -47.64
C GLY E 601 -39.75 -60.68 -49.09
N VAL E 602 -38.70 -60.64 -49.89
CA VAL E 602 -38.78 -60.40 -51.33
C VAL E 602 -38.24 -61.63 -52.04
N ALA E 603 -39.06 -62.20 -52.93
CA ALA E 603 -38.72 -63.41 -53.65
C ALA E 603 -38.13 -63.05 -55.01
N VAL E 604 -36.89 -63.48 -55.26
CA VAL E 604 -36.24 -63.27 -56.55
C VAL E 604 -36.70 -64.41 -57.47
N ARG E 605 -37.67 -64.11 -58.33
CA ARG E 605 -38.25 -65.14 -59.19
C ARG E 605 -37.21 -65.71 -60.15
N SER E 606 -36.35 -64.86 -60.71
CA SER E 606 -35.32 -65.34 -61.62
C SER E 606 -34.37 -66.30 -60.93
N ASN E 607 -33.93 -65.94 -59.72
CA ASN E 607 -33.02 -66.82 -58.98
C ASN E 607 -33.71 -68.14 -58.62
N GLN E 608 -34.96 -68.07 -58.17
CA GLN E 608 -35.68 -69.31 -57.82
C GLN E 608 -35.79 -70.23 -59.04
N ASP E 609 -36.19 -69.67 -60.18
CA ASP E 609 -36.35 -70.47 -61.38
C ASP E 609 -35.00 -71.04 -61.84
N LEU E 610 -33.94 -70.25 -61.76
CA LEU E 610 -32.62 -70.73 -62.19
C LEU E 610 -32.15 -71.87 -61.30
N ILE E 611 -32.29 -71.72 -59.99
CA ILE E 611 -31.88 -72.79 -59.07
C ILE E 611 -32.69 -74.05 -59.33
N THR E 612 -34.01 -73.91 -59.49
CA THR E 612 -34.85 -75.07 -59.76
C THR E 612 -34.41 -75.77 -61.04
N GLU E 613 -34.29 -75.01 -62.14
CA GLU E 613 -33.99 -75.59 -63.43
C GLU E 613 -32.60 -76.23 -63.46
N ASN E 614 -31.64 -75.66 -62.75
CA ASN E 614 -30.28 -76.16 -62.79
C ASN E 614 -29.98 -77.18 -61.70
N LEU E 615 -30.91 -77.44 -60.79
CA LEU E 615 -30.66 -78.44 -59.75
C LEU E 615 -31.60 -79.63 -59.82
N LEU E 616 -32.91 -79.41 -59.95
CA LEU E 616 -33.88 -80.49 -59.78
C LEU E 616 -33.99 -81.45 -60.98
N PRO E 617 -33.99 -80.99 -62.24
CA PRO E 617 -34.18 -81.94 -63.34
C PRO E 617 -33.15 -83.05 -63.39
N GLY E 618 -31.92 -82.80 -62.95
CA GLY E 618 -30.90 -83.84 -62.99
C GLY E 618 -31.23 -85.02 -62.11
N ARG E 619 -31.86 -84.76 -60.96
CA ARG E 619 -32.17 -85.80 -59.97
C ARG E 619 -30.92 -86.59 -59.59
N GLU E 620 -29.81 -85.88 -59.44
CA GLU E 620 -28.53 -86.46 -59.06
C GLU E 620 -27.92 -85.62 -57.94
N LEU E 621 -26.89 -86.17 -57.30
CA LEU E 621 -26.23 -85.61 -56.13
C LEU E 621 -27.24 -85.02 -55.15
N LEU E 622 -28.35 -85.70 -54.95
CA LEU E 622 -29.39 -85.26 -54.03
C LEU E 622 -30.21 -86.46 -53.61
N LEU E 623 -30.56 -86.52 -52.33
CA LEU E 623 -31.30 -87.66 -51.80
C LEU E 623 -32.72 -87.68 -52.33
N GLN E 624 -33.16 -88.85 -52.80
CA GLN E 624 -34.49 -89.02 -53.37
C GLN E 624 -35.27 -90.01 -52.51
N THR E 625 -36.59 -89.80 -52.45
CA THR E 625 -37.48 -90.64 -51.66
C THR E 625 -38.66 -91.10 -52.51
N ASN E 626 -39.15 -92.30 -52.21
CA ASN E 626 -40.28 -92.88 -52.91
C ASN E 626 -40.79 -94.09 -52.14
N LEU E 627 -42.10 -94.23 -52.07
CA LEU E 627 -42.70 -95.40 -51.44
C LEU E 627 -42.47 -96.65 -52.27
N ILE E 628 -42.19 -97.76 -51.60
CA ILE E 628 -42.01 -99.07 -52.23
C ILE E 628 -42.75 -100.11 -51.39
N ASN E 629 -42.71 -101.36 -51.86
CA ASN E 629 -43.39 -102.47 -51.22
C ASN E 629 -42.39 -103.48 -50.68
N TYR E 630 -42.76 -104.11 -49.57
CA TYR E 630 -41.96 -105.20 -49.02
C TYR E 630 -42.11 -106.45 -49.88
N VAL E 631 -41.00 -107.14 -50.11
CA VAL E 631 -40.97 -108.34 -50.93
C VAL E 631 -40.28 -109.44 -50.15
N THR E 632 -40.89 -110.63 -50.13
CA THR E 632 -40.32 -111.78 -49.42
C THR E 632 -40.07 -112.91 -50.41
N SER E 633 -39.38 -113.94 -49.95
CA SER E 633 -39.00 -115.06 -50.80
C SER E 633 -39.08 -116.36 -50.02
N ILE E 634 -39.56 -117.41 -50.67
CA ILE E 634 -39.74 -118.73 -50.08
C ILE E 634 -39.11 -119.77 -51.00
N ARG E 635 -38.38 -120.71 -50.41
CA ARG E 635 -37.73 -121.79 -51.14
C ARG E 635 -38.39 -123.14 -50.85
N PRO E 636 -38.08 -124.15 -51.66
CA PRO E 636 -38.69 -125.49 -51.47
C PRO E 636 -37.85 -126.47 -50.65
N ASN E 637 -36.74 -126.03 -50.05
CA ASN E 637 -35.89 -126.90 -49.23
C ASN E 637 -35.38 -128.10 -50.03
N ILE E 638 -35.06 -127.87 -51.30
CA ILE E 638 -34.48 -128.89 -52.18
C ILE E 638 -33.18 -128.33 -52.72
N PHE E 639 -32.06 -128.92 -52.33
CA PHE E 639 -30.74 -128.42 -52.68
C PHE E 639 -30.08 -129.39 -53.65
N VAL E 640 -29.72 -128.90 -54.83
CA VAL E 640 -29.03 -129.68 -55.84
C VAL E 640 -27.83 -128.89 -56.33
N GLY E 641 -26.86 -129.61 -56.89
CA GLY E 641 -25.66 -128.97 -57.40
C GLY E 641 -24.77 -130.00 -58.08
N ARG E 642 -23.79 -129.49 -58.81
CA ARG E 642 -22.84 -130.32 -59.54
C ARG E 642 -21.45 -130.16 -58.95
N ALA E 643 -20.80 -131.28 -58.65
CA ALA E 643 -19.44 -131.30 -58.16
C ALA E 643 -18.74 -132.54 -58.68
N GLU E 644 -17.41 -132.49 -58.69
CA GLU E 644 -16.61 -133.61 -59.19
C GLU E 644 -16.78 -134.80 -58.26
N GLY E 645 -17.42 -135.85 -58.75
CA GLY E 645 -17.67 -137.02 -57.94
C GLY E 645 -18.85 -136.93 -57.00
N SER E 646 -19.67 -135.89 -57.11
CA SER E 646 -20.81 -135.72 -56.22
C SER E 646 -21.86 -136.79 -56.50
N THR E 647 -22.57 -137.17 -55.44
CA THR E 647 -23.63 -138.18 -55.53
C THR E 647 -24.99 -137.52 -55.73
N GLN E 648 -25.10 -136.75 -56.82
CA GLN E 648 -26.33 -136.04 -57.13
C GLN E 648 -26.57 -136.08 -58.63
N TYR E 649 -27.84 -135.96 -59.01
CA TYR E 649 -28.25 -135.97 -60.41
C TYR E 649 -28.23 -134.54 -60.97
N GLY E 650 -27.93 -134.44 -62.27
CA GLY E 650 -27.79 -133.14 -62.90
C GLY E 650 -29.09 -132.45 -63.23
N LYS E 651 -29.89 -133.04 -64.11
CA LYS E 651 -31.12 -132.39 -64.57
C LYS E 651 -32.18 -132.43 -63.47
N TRP E 652 -32.92 -131.32 -63.36
CA TRP E 652 -34.00 -131.22 -62.38
C TRP E 652 -35.13 -130.39 -62.97
N TYR E 653 -36.33 -130.60 -62.42
CA TYR E 653 -37.54 -130.02 -62.98
C TYR E 653 -38.58 -129.84 -61.89
N PHE E 654 -39.18 -128.65 -61.81
CA PHE E 654 -40.27 -128.39 -60.87
C PHE E 654 -41.27 -127.46 -61.53
N GLU E 655 -42.36 -127.18 -60.81
CA GLU E 655 -43.48 -126.45 -61.39
C GLU E 655 -44.21 -125.67 -60.32
N VAL E 656 -44.69 -124.47 -60.68
CA VAL E 656 -45.43 -123.60 -59.77
C VAL E 656 -46.68 -123.10 -60.47
N MET E 657 -47.83 -123.26 -59.83
CA MET E 657 -49.09 -122.73 -60.34
C MET E 657 -49.49 -121.49 -59.56
N VAL E 658 -50.32 -120.66 -60.17
CA VAL E 658 -50.77 -119.40 -59.57
C VAL E 658 -52.29 -119.45 -59.41
N ASP E 659 -52.76 -119.22 -58.19
CA ASP E 659 -54.19 -119.28 -57.91
C ASP E 659 -54.84 -117.91 -58.00
N GLU E 660 -54.39 -116.96 -57.19
CA GLU E 660 -54.96 -115.61 -57.16
C GLU E 660 -53.86 -114.57 -57.16
N VAL E 661 -54.03 -113.54 -57.98
CA VAL E 661 -53.14 -112.38 -58.02
C VAL E 661 -53.98 -111.12 -57.99
N VAL E 662 -53.66 -110.22 -57.07
CA VAL E 662 -54.37 -108.94 -56.97
C VAL E 662 -53.46 -107.84 -57.48
N PRO E 663 -53.56 -107.48 -58.76
CA PRO E 663 -52.65 -106.46 -59.30
C PRO E 663 -52.96 -105.07 -58.75
N PHE E 664 -51.90 -104.28 -58.65
CA PHE E 664 -51.99 -102.87 -58.25
C PHE E 664 -52.68 -102.70 -56.89
N LEU E 665 -52.39 -103.62 -55.98
CA LEU E 665 -52.78 -103.43 -54.59
C LEU E 665 -51.82 -102.44 -53.92
N THR E 666 -52.35 -101.72 -52.92
CA THR E 666 -51.61 -100.68 -52.19
C THR E 666 -50.89 -99.71 -53.14
N ALA E 667 -51.48 -99.51 -54.32
CA ALA E 667 -50.99 -98.55 -55.32
C ALA E 667 -49.62 -98.92 -55.87
N GLN E 668 -49.32 -100.22 -55.91
CA GLN E 668 -48.09 -100.70 -56.53
C GLN E 668 -48.35 -102.06 -57.16
N ALA E 669 -47.70 -102.32 -58.29
CA ALA E 669 -47.86 -103.60 -58.96
C ALA E 669 -47.32 -104.72 -58.08
N THR E 670 -48.09 -105.80 -57.98
CA THR E 670 -47.68 -106.93 -57.17
C THR E 670 -46.50 -107.65 -57.81
N HIS E 671 -45.45 -107.87 -57.03
CA HIS E 671 -44.23 -108.50 -57.51
C HIS E 671 -44.35 -110.02 -57.37
N LEU E 672 -44.04 -110.73 -58.45
CA LEU E 672 -44.14 -112.19 -58.47
C LEU E 672 -43.12 -112.72 -59.46
N ARG E 673 -42.13 -113.46 -58.96
CA ARG E 673 -41.14 -114.10 -59.81
C ARG E 673 -40.81 -115.48 -59.26
N VAL E 674 -40.52 -116.40 -60.17
CA VAL E 674 -40.21 -117.80 -59.85
C VAL E 674 -38.90 -118.16 -60.54
N GLY E 675 -38.00 -118.83 -59.81
CA GLY E 675 -36.75 -119.24 -60.43
C GLY E 675 -35.91 -120.07 -59.50
N TRP E 676 -34.61 -120.08 -59.76
CA TRP E 676 -33.63 -120.76 -58.94
C TRP E 676 -32.73 -119.74 -58.25
N ALA E 677 -31.97 -120.21 -57.26
CA ALA E 677 -31.09 -119.34 -56.51
C ALA E 677 -29.93 -120.16 -55.96
N LEU E 678 -28.79 -119.49 -55.79
CA LEU E 678 -27.59 -120.12 -55.23
C LEU E 678 -27.57 -119.95 -53.72
N THR E 679 -27.13 -121.00 -53.02
CA THR E 679 -27.11 -120.94 -51.55
C THR E 679 -26.15 -119.89 -51.05
N GLU E 680 -24.95 -119.81 -51.64
CA GLU E 680 -23.92 -118.86 -51.21
C GLU E 680 -23.97 -117.65 -52.12
N GLY E 681 -24.61 -116.58 -51.65
CA GLY E 681 -24.68 -115.34 -52.40
C GLY E 681 -26.05 -114.71 -52.44
N TYR E 682 -27.09 -115.54 -52.44
CA TYR E 682 -28.46 -115.06 -52.45
C TYR E 682 -28.96 -114.96 -51.01
N SER E 683 -29.10 -113.75 -50.51
CA SER E 683 -29.55 -113.51 -49.14
C SER E 683 -30.33 -112.21 -49.09
N PRO E 684 -31.61 -112.25 -49.45
CA PRO E 684 -32.43 -111.05 -49.39
C PRO E 684 -32.73 -110.63 -47.96
N TYR E 685 -32.91 -109.32 -47.78
CA TYR E 685 -33.26 -108.76 -46.48
C TYR E 685 -34.47 -107.85 -46.63
N PRO E 686 -35.33 -107.78 -45.61
CA PRO E 686 -36.51 -106.92 -45.70
C PRO E 686 -36.17 -105.45 -45.90
N GLY E 687 -36.51 -104.92 -47.07
CA GLY E 687 -36.29 -103.52 -47.36
C GLY E 687 -34.84 -103.12 -47.49
N GLY E 688 -34.60 -101.91 -48.02
CA GLY E 688 -33.24 -101.39 -48.11
C GLY E 688 -32.32 -102.20 -49.01
N GLY E 689 -32.83 -102.67 -50.15
CA GLY E 689 -32.03 -103.43 -51.09
C GLY E 689 -31.38 -102.56 -52.13
N GLU E 690 -30.89 -103.22 -53.19
CA GLU E 690 -30.27 -102.51 -54.30
C GLU E 690 -31.33 -101.84 -55.15
N GLY E 691 -30.89 -100.90 -56.00
CA GLY E 691 -31.81 -100.14 -56.81
C GLY E 691 -32.71 -99.26 -55.98
N TRP E 692 -33.99 -99.61 -55.91
CA TRP E 692 -34.96 -98.91 -55.07
C TRP E 692 -35.67 -99.88 -54.13
N GLY E 693 -34.95 -100.89 -53.66
CA GLY E 693 -35.51 -101.86 -52.73
C GLY E 693 -36.39 -102.89 -53.41
N GLY E 694 -37.07 -103.66 -52.57
CA GLY E 694 -37.93 -104.73 -53.06
C GLY E 694 -37.21 -105.80 -53.83
N ASN E 695 -36.07 -106.24 -53.32
CA ASN E 695 -35.26 -107.24 -54.01
C ASN E 695 -35.96 -108.59 -54.02
N GLY E 696 -35.88 -109.28 -55.15
CA GLY E 696 -36.46 -110.61 -55.30
C GLY E 696 -35.59 -111.51 -56.15
N VAL E 697 -36.21 -112.49 -56.80
CA VAL E 697 -35.47 -113.38 -57.69
C VAL E 697 -35.05 -112.61 -58.93
N GLY E 698 -33.77 -112.69 -59.27
CA GLY E 698 -33.24 -112.02 -60.43
C GLY E 698 -32.72 -110.61 -60.20
N ASP E 699 -32.61 -110.18 -58.94
CA ASP E 699 -32.04 -108.88 -58.63
C ASP E 699 -30.58 -108.96 -58.22
N ASP E 700 -29.96 -110.13 -58.37
CA ASP E 700 -28.55 -110.30 -58.11
C ASP E 700 -28.03 -111.41 -59.02
N LEU E 701 -26.70 -111.46 -59.18
CA LEU E 701 -26.11 -112.44 -60.06
C LEU E 701 -26.16 -113.86 -59.51
N TYR E 702 -26.57 -114.04 -58.26
CA TYR E 702 -26.75 -115.37 -57.68
C TYR E 702 -28.16 -115.91 -57.88
N SER E 703 -29.05 -115.15 -58.51
CA SER E 703 -30.44 -115.55 -58.68
C SER E 703 -30.86 -115.33 -60.13
N TYR E 704 -31.75 -116.20 -60.61
CA TYR E 704 -32.28 -116.13 -61.96
C TYR E 704 -33.77 -116.36 -61.92
N GLY E 705 -34.54 -115.48 -62.55
CA GLY E 705 -35.98 -115.56 -62.45
C GLY E 705 -36.76 -115.30 -63.73
N PHE E 706 -38.08 -115.22 -63.60
CA PHE E 706 -38.97 -115.03 -64.75
C PHE E 706 -40.28 -114.46 -64.23
N ASP E 707 -40.66 -113.27 -64.69
CA ASP E 707 -41.84 -112.58 -64.21
C ASP E 707 -43.04 -112.69 -65.14
N GLY E 708 -42.87 -113.32 -66.31
CA GLY E 708 -43.96 -113.43 -67.25
C GLY E 708 -43.63 -112.84 -68.61
N LEU E 709 -42.91 -111.72 -68.61
CA LEU E 709 -42.49 -111.06 -69.85
C LEU E 709 -40.99 -110.82 -69.94
N HIS E 710 -40.25 -110.88 -68.83
CA HIS E 710 -38.83 -110.61 -68.84
C HIS E 710 -38.09 -111.70 -68.06
N LEU E 711 -36.81 -111.86 -68.39
CA LEU E 711 -35.91 -112.75 -67.67
C LEU E 711 -35.05 -111.90 -66.76
N TRP E 712 -35.30 -111.98 -65.45
CA TRP E 712 -34.66 -111.10 -64.48
C TRP E 712 -33.32 -111.69 -64.04
N THR E 713 -32.26 -110.90 -64.20
CA THR E 713 -30.93 -111.27 -63.71
C THR E 713 -30.10 -110.00 -63.60
N GLY E 714 -29.30 -109.91 -62.54
CA GLY E 714 -28.46 -108.74 -62.33
C GLY E 714 -29.22 -107.45 -62.23
N HIS E 715 -30.46 -107.49 -61.74
CA HIS E 715 -31.33 -106.31 -61.64
C HIS E 715 -31.56 -105.66 -63.00
N VAL E 716 -31.51 -106.45 -64.07
CA VAL E 716 -31.76 -105.97 -65.41
C VAL E 716 -32.83 -106.85 -66.04
N ALA E 717 -33.91 -106.23 -66.50
CA ALA E 717 -35.02 -106.94 -67.11
C ALA E 717 -34.88 -106.92 -68.62
N ARG E 718 -34.97 -108.10 -69.24
CA ARG E 718 -34.84 -108.24 -70.68
C ARG E 718 -36.09 -108.92 -71.23
N PRO E 719 -36.89 -108.24 -72.06
CA PRO E 719 -38.14 -108.85 -72.55
C PRO E 719 -37.87 -110.12 -73.34
N VAL E 720 -38.78 -111.07 -73.21
CA VAL E 720 -38.69 -112.36 -73.89
C VAL E 720 -39.98 -112.60 -74.65
N THR E 721 -39.88 -113.35 -75.75
CA THR E 721 -41.01 -113.60 -76.64
C THR E 721 -41.67 -114.91 -76.27
N SER E 722 -42.96 -114.86 -75.98
CA SER E 722 -43.77 -116.03 -75.69
C SER E 722 -45.09 -115.91 -76.45
N PRO E 723 -45.71 -117.03 -76.82
CA PRO E 723 -47.03 -116.99 -77.48
C PRO E 723 -48.03 -116.10 -76.76
N GLY E 724 -48.29 -116.42 -75.49
CA GLY E 724 -49.11 -115.57 -74.66
C GLY E 724 -48.27 -114.69 -73.75
N GLN E 725 -48.09 -113.43 -74.15
CA GLN E 725 -47.23 -112.50 -73.40
C GLN E 725 -48.12 -111.71 -72.44
N HIS E 726 -48.08 -112.09 -71.16
CA HIS E 726 -48.82 -111.37 -70.13
C HIS E 726 -48.16 -111.63 -68.79
N LEU E 727 -48.44 -110.74 -67.85
CA LEU E 727 -47.95 -110.91 -66.48
C LEU E 727 -48.60 -112.15 -65.85
N LEU E 728 -47.93 -112.69 -64.83
CA LEU E 728 -48.41 -113.88 -64.14
C LEU E 728 -49.84 -113.65 -63.64
N ALA E 729 -50.78 -114.40 -64.20
CA ALA E 729 -52.20 -114.23 -63.95
C ALA E 729 -52.76 -115.45 -63.23
N PRO E 730 -53.96 -115.35 -62.65
CA PRO E 730 -54.58 -116.53 -62.05
C PRO E 730 -54.77 -117.65 -63.06
N GLU E 731 -54.65 -118.88 -62.56
CA GLU E 731 -54.87 -120.10 -63.36
C GLU E 731 -53.85 -120.23 -64.48
N ASP E 732 -52.58 -119.97 -64.17
CA ASP E 732 -51.49 -120.28 -65.07
C ASP E 732 -50.37 -120.97 -64.30
N VAL E 733 -49.58 -121.77 -65.01
CA VAL E 733 -48.58 -122.62 -64.40
C VAL E 733 -47.26 -122.45 -65.16
N VAL E 734 -46.16 -122.40 -64.41
CA VAL E 734 -44.82 -122.21 -64.97
C VAL E 734 -43.98 -123.43 -64.60
N SER E 735 -43.36 -124.03 -65.60
CA SER E 735 -42.47 -125.17 -65.41
C SER E 735 -41.03 -124.70 -65.56
N CYS E 736 -40.20 -124.99 -64.56
CA CYS E 736 -38.81 -124.57 -64.55
C CYS E 736 -37.91 -125.80 -64.55
N CYS E 737 -36.94 -125.82 -65.46
CA CYS E 737 -36.00 -126.93 -65.54
C CYS E 737 -34.57 -126.41 -65.49
N LEU E 738 -33.70 -127.16 -64.81
CA LEU E 738 -32.31 -126.81 -64.61
C LEU E 738 -31.43 -127.94 -65.11
N ASP E 739 -30.50 -127.62 -66.01
CA ASP E 739 -29.52 -128.56 -66.51
C ASP E 739 -28.14 -128.13 -66.03
N LEU E 740 -27.49 -129.00 -65.25
CA LEU E 740 -26.17 -128.69 -64.70
C LEU E 740 -25.03 -129.25 -65.53
N SER E 741 -25.30 -130.21 -66.43
CA SER E 741 -24.26 -130.71 -67.32
C SER E 741 -23.63 -129.58 -68.11
N VAL E 742 -24.43 -128.90 -68.92
CA VAL E 742 -24.11 -127.58 -69.45
C VAL E 742 -25.01 -126.57 -68.73
N PRO E 743 -24.44 -125.58 -68.04
CA PRO E 743 -25.26 -124.65 -67.25
C PRO E 743 -26.42 -124.06 -68.02
N SER E 744 -27.65 -124.39 -67.64
CA SER E 744 -28.81 -123.86 -68.34
C SER E 744 -30.03 -123.87 -67.42
N ILE E 745 -30.83 -122.81 -67.50
CA ILE E 745 -32.12 -122.75 -66.82
C ILE E 745 -33.16 -122.35 -67.87
N SER E 746 -34.24 -123.13 -67.95
CA SER E 746 -35.28 -122.88 -68.94
C SER E 746 -36.65 -122.87 -68.29
N PHE E 747 -37.55 -122.09 -68.89
CA PHE E 747 -38.90 -121.89 -68.37
C PHE E 747 -39.91 -122.22 -69.46
N ARG E 748 -41.10 -122.60 -69.03
CA ARG E 748 -42.18 -122.93 -69.96
C ARG E 748 -43.51 -122.53 -69.32
N ILE E 749 -44.21 -121.60 -69.95
CA ILE E 749 -45.46 -121.06 -69.42
C ILE E 749 -46.62 -121.66 -70.17
N ASN E 750 -47.50 -122.37 -69.45
CA ASN E 750 -48.70 -122.97 -70.01
C ASN E 750 -48.38 -123.85 -71.23
N GLY E 751 -47.28 -124.60 -71.13
CA GLY E 751 -46.83 -125.45 -72.20
C GLY E 751 -46.10 -124.75 -73.32
N CYS E 752 -46.32 -123.46 -73.50
CA CYS E 752 -45.62 -122.71 -74.55
C CYS E 752 -44.19 -122.44 -74.09
N PRO E 753 -43.18 -122.85 -74.85
CA PRO E 753 -41.79 -122.62 -74.44
C PRO E 753 -41.46 -121.13 -74.41
N VAL E 754 -40.57 -120.77 -73.50
CA VAL E 754 -40.08 -119.41 -73.38
C VAL E 754 -38.80 -119.28 -74.20
N GLN E 755 -38.81 -118.36 -75.17
CA GLN E 755 -37.72 -118.23 -76.13
C GLN E 755 -36.59 -117.38 -75.52
N GLY E 756 -35.97 -117.94 -74.49
CA GLY E 756 -34.84 -117.31 -73.83
C GLY E 756 -34.35 -118.13 -72.65
N VAL E 757 -33.03 -118.31 -72.55
CA VAL E 757 -32.45 -119.18 -71.53
C VAL E 757 -31.18 -118.56 -70.96
N PHE E 758 -30.97 -118.82 -69.68
CA PHE E 758 -29.71 -118.50 -69.00
C PHE E 758 -28.67 -119.57 -69.33
N GLU E 759 -27.39 -119.20 -69.21
CA GLU E 759 -26.32 -120.11 -69.55
C GLU E 759 -25.03 -119.61 -68.93
N ALA E 760 -24.04 -120.51 -68.86
CA ALA E 760 -22.67 -120.17 -68.47
C ALA E 760 -22.62 -119.47 -67.12
N PHE E 761 -23.48 -119.88 -66.19
CA PHE E 761 -23.47 -119.31 -64.86
C PHE E 761 -22.53 -120.12 -63.96
N ASN E 762 -22.21 -119.54 -62.81
CA ASN E 762 -21.31 -120.19 -61.86
C ASN E 762 -22.00 -121.35 -61.16
N LEU E 763 -21.21 -122.39 -60.90
CA LEU E 763 -21.70 -123.61 -60.26
C LEU E 763 -21.08 -123.81 -58.88
N ASP E 764 -20.72 -122.72 -58.21
CA ASP E 764 -20.06 -122.80 -56.90
C ASP E 764 -21.11 -122.66 -55.80
N GLY E 765 -21.86 -123.73 -55.62
CA GLY E 765 -22.89 -123.76 -54.59
C GLY E 765 -23.99 -124.73 -54.97
N LEU E 766 -25.09 -124.63 -54.24
CA LEU E 766 -26.26 -125.47 -54.44
C LEU E 766 -27.43 -124.63 -54.94
N PHE E 767 -28.13 -125.15 -55.94
CA PHE E 767 -29.28 -124.47 -56.53
C PHE E 767 -30.57 -125.01 -55.92
N PHE E 768 -31.45 -124.10 -55.52
CA PHE E 768 -32.72 -124.46 -54.92
C PHE E 768 -33.83 -123.63 -55.54
N PRO E 769 -35.04 -124.19 -55.66
CA PRO E 769 -36.17 -123.40 -56.16
C PRO E 769 -36.49 -122.25 -55.21
N VAL E 770 -36.99 -121.16 -55.77
CA VAL E 770 -37.29 -119.96 -55.00
C VAL E 770 -38.40 -119.18 -55.70
N VAL E 771 -39.28 -118.60 -54.90
CA VAL E 771 -40.32 -117.70 -55.39
C VAL E 771 -40.26 -116.42 -54.56
N SER E 772 -40.16 -115.29 -55.25
CA SER E 772 -40.21 -113.98 -54.61
C SER E 772 -41.54 -113.33 -54.92
N PHE E 773 -42.18 -112.78 -53.90
CA PHE E 773 -43.52 -112.23 -54.06
C PHE E 773 -43.77 -111.13 -53.06
N SER E 774 -44.75 -110.29 -53.39
CA SER E 774 -45.24 -109.23 -52.53
C SER E 774 -46.61 -109.62 -51.99
N ALA E 775 -47.25 -108.70 -51.28
CA ALA E 775 -48.54 -108.97 -50.68
C ALA E 775 -49.62 -109.13 -51.74
N GLY E 776 -50.63 -109.93 -51.42
CA GLY E 776 -51.77 -110.10 -52.31
C GLY E 776 -51.57 -111.11 -53.42
N VAL E 777 -50.84 -112.19 -53.16
CA VAL E 777 -50.58 -113.22 -54.15
C VAL E 777 -50.78 -114.59 -53.53
N LYS E 778 -51.09 -115.58 -54.36
CA LYS E 778 -51.26 -116.96 -53.94
C LYS E 778 -50.67 -117.88 -54.99
N VAL E 779 -49.63 -118.63 -54.61
CA VAL E 779 -48.97 -119.57 -55.51
C VAL E 779 -49.00 -120.95 -54.88
N ARG E 780 -48.60 -121.95 -55.66
CA ARG E 780 -48.62 -123.33 -55.16
C ARG E 780 -47.52 -124.12 -55.86
N PHE E 781 -46.63 -124.71 -55.08
CA PHE E 781 -45.59 -125.59 -55.60
C PHE E 781 -46.18 -126.97 -55.90
N LEU E 782 -45.88 -127.48 -57.09
CA LEU E 782 -46.15 -128.87 -57.46
C LEU E 782 -44.79 -129.55 -57.52
N LEU E 783 -44.34 -130.06 -56.38
CA LEU E 783 -42.95 -130.52 -56.27
C LEU E 783 -42.73 -131.84 -56.99
N GLY E 784 -43.66 -132.77 -56.88
CA GLY E 784 -43.56 -134.08 -57.52
C GLY E 784 -44.00 -135.21 -56.63
N GLY E 785 -44.56 -136.25 -57.24
CA GLY E 785 -45.01 -137.40 -56.49
C GLY E 785 -46.14 -137.03 -55.54
N ARG E 786 -45.98 -137.41 -54.27
CA ARG E 786 -47.00 -137.09 -53.27
C ARG E 786 -47.10 -135.59 -53.04
N HIS E 787 -46.01 -134.86 -53.19
CA HIS E 787 -46.01 -133.40 -52.99
C HIS E 787 -46.45 -132.73 -54.30
N GLY E 788 -47.69 -133.00 -54.67
CA GLY E 788 -48.26 -132.50 -55.90
C GLY E 788 -47.74 -133.22 -57.13
N GLU E 789 -48.56 -133.34 -58.16
CA GLU E 789 -48.13 -133.95 -59.41
C GLU E 789 -48.17 -132.91 -60.54
N PHE E 790 -47.24 -133.07 -61.48
CA PHE E 790 -47.08 -132.09 -62.55
C PHE E 790 -48.26 -132.16 -63.52
N LYS E 791 -48.76 -130.99 -63.90
CA LYS E 791 -49.80 -130.94 -64.93
C LYS E 791 -49.26 -131.41 -66.28
N PHE E 792 -48.05 -130.99 -66.63
CA PHE E 792 -47.42 -131.34 -67.89
C PHE E 792 -46.24 -132.28 -67.65
N LEU E 793 -46.02 -133.18 -68.60
CA LEU E 793 -44.96 -134.17 -68.46
C LEU E 793 -43.59 -133.49 -68.48
N PRO E 794 -42.67 -133.93 -67.62
CA PRO E 794 -41.33 -133.33 -67.62
C PRO E 794 -40.61 -133.60 -68.91
N PRO E 795 -39.68 -132.74 -69.31
CA PRO E 795 -38.84 -133.05 -70.46
C PRO E 795 -38.02 -134.29 -70.19
N PRO E 796 -37.67 -135.05 -71.23
CA PRO E 796 -36.93 -136.30 -71.03
C PRO E 796 -35.63 -136.07 -70.27
N GLY E 797 -35.36 -136.94 -69.30
CA GLY E 797 -34.15 -136.87 -68.51
C GLY E 797 -34.21 -135.95 -67.31
N TYR E 798 -35.31 -135.22 -67.14
CA TYR E 798 -35.45 -134.26 -66.04
C TYR E 798 -36.28 -134.90 -64.94
N ALA E 799 -35.63 -135.28 -63.84
CA ALA E 799 -36.30 -135.93 -62.73
C ALA E 799 -37.08 -134.92 -61.89
N PRO E 800 -38.18 -135.36 -61.27
CA PRO E 800 -38.91 -134.46 -60.38
C PRO E 800 -38.07 -134.04 -59.19
N CYS E 801 -38.35 -132.83 -58.68
CA CYS E 801 -37.55 -132.28 -57.60
C CYS E 801 -37.79 -132.96 -56.26
N HIS E 802 -38.86 -133.73 -56.11
CA HIS E 802 -39.12 -134.42 -54.85
C HIS E 802 -38.18 -135.58 -54.61
N GLU E 803 -37.38 -135.97 -55.60
CA GLU E 803 -36.44 -137.08 -55.48
C GLU E 803 -35.08 -136.66 -54.95
N ALA E 804 -34.90 -135.38 -54.63
CA ALA E 804 -33.62 -134.87 -54.14
C ALA E 804 -33.64 -134.58 -52.64
N VAL E 805 -34.70 -134.99 -51.93
CA VAL E 805 -34.77 -134.75 -50.49
C VAL E 805 -33.85 -135.73 -49.78
N LEU E 806 -33.06 -135.21 -48.84
CA LEU E 806 -32.11 -136.04 -48.11
C LEU E 806 -32.85 -137.01 -47.19
N PRO E 807 -32.27 -138.18 -46.92
CA PRO E 807 -32.95 -139.16 -46.05
C PRO E 807 -33.23 -138.62 -44.65
N ARG E 808 -32.33 -137.82 -44.09
CA ARG E 808 -32.51 -137.29 -42.74
C ARG E 808 -33.35 -136.03 -42.70
N GLU E 809 -33.73 -135.47 -43.84
CA GLU E 809 -34.53 -134.26 -43.91
C GLU E 809 -35.89 -134.56 -44.51
N ARG E 810 -36.81 -133.61 -44.34
CA ARG E 810 -38.15 -133.72 -44.86
C ARG E 810 -38.43 -132.55 -45.80
N LEU E 811 -39.43 -132.74 -46.66
CA LEU E 811 -39.78 -131.76 -47.68
C LEU E 811 -40.77 -130.77 -47.07
N ARG E 812 -40.35 -129.53 -46.88
CA ARG E 812 -41.17 -128.52 -46.23
C ARG E 812 -40.64 -127.14 -46.59
N LEU E 813 -41.56 -126.23 -46.88
CA LEU E 813 -41.18 -124.87 -47.27
C LEU E 813 -40.66 -124.08 -46.08
N GLU E 814 -39.79 -123.12 -46.36
CA GLU E 814 -39.17 -122.31 -45.31
C GLU E 814 -38.65 -121.03 -45.94
N PRO E 815 -38.49 -119.97 -45.15
CA PRO E 815 -37.85 -118.75 -45.67
C PRO E 815 -36.37 -118.97 -45.92
N ILE E 816 -35.78 -118.06 -46.69
CA ILE E 816 -34.41 -118.20 -47.13
C ILE E 816 -33.45 -118.01 -45.96
N LYS E 817 -33.42 -116.80 -45.40
CA LYS E 817 -32.51 -116.46 -44.31
C LYS E 817 -33.20 -115.43 -43.42
N GLU E 818 -33.75 -115.90 -42.30
CA GLU E 818 -34.43 -115.04 -41.35
C GLU E 818 -33.50 -114.68 -40.20
N TYR E 819 -33.72 -113.49 -39.62
CA TYR E 819 -33.07 -113.09 -38.38
C TYR E 819 -34.06 -112.91 -37.24
N ARG E 820 -35.32 -113.28 -37.45
CA ARG E 820 -36.33 -113.24 -36.41
C ARG E 820 -37.42 -114.23 -36.76
N ARG E 821 -38.17 -114.66 -35.75
CA ARG E 821 -39.21 -115.66 -35.97
C ARG E 821 -40.26 -115.54 -34.88
N GLU E 822 -41.53 -115.63 -35.28
CA GLU E 822 -42.62 -115.55 -34.32
C GLU E 822 -42.71 -116.83 -33.50
N GLY E 823 -43.07 -116.68 -32.22
CA GLY E 823 -43.29 -117.81 -31.35
C GLY E 823 -44.21 -117.45 -30.20
N PRO E 824 -44.52 -118.43 -29.35
CA PRO E 824 -45.46 -118.17 -28.24
C PRO E 824 -45.00 -117.07 -27.31
N ARG E 825 -43.68 -116.97 -27.06
CA ARG E 825 -43.17 -115.89 -26.22
C ARG E 825 -43.05 -114.57 -26.95
N GLY E 826 -43.09 -114.58 -28.28
CA GLY E 826 -42.97 -113.37 -29.06
C GLY E 826 -41.93 -113.50 -30.16
N PRO E 827 -41.27 -112.39 -30.49
CA PRO E 827 -40.18 -112.44 -31.48
C PRO E 827 -38.95 -113.11 -30.89
N HIS E 828 -38.58 -114.25 -31.45
CA HIS E 828 -37.33 -114.93 -31.12
C HIS E 828 -36.28 -114.54 -32.14
N LEU E 829 -35.14 -114.05 -31.65
CA LEU E 829 -34.03 -113.72 -32.52
C LEU E 829 -33.22 -114.98 -32.81
N VAL E 830 -32.98 -115.25 -34.09
CA VAL E 830 -32.25 -116.43 -34.53
C VAL E 830 -30.90 -115.98 -35.07
N GLY E 831 -29.93 -116.89 -35.01
CA GLY E 831 -28.62 -116.61 -35.55
C GLY E 831 -28.47 -117.13 -36.96
N PRO E 832 -27.23 -117.20 -37.44
CA PRO E 832 -26.99 -117.78 -38.76
C PRO E 832 -27.39 -119.25 -38.82
N SER E 833 -27.68 -119.70 -40.03
CA SER E 833 -28.10 -121.08 -40.26
C SER E 833 -26.92 -121.88 -40.82
N ARG E 834 -26.72 -123.08 -40.27
CA ARG E 834 -25.67 -123.97 -40.77
C ARG E 834 -26.02 -124.39 -42.20
N CYS E 835 -25.11 -124.07 -43.13
CA CYS E 835 -25.38 -124.29 -44.54
C CYS E 835 -24.80 -125.64 -44.99
N LEU E 836 -24.95 -125.92 -46.28
CA LEU E 836 -24.43 -127.14 -46.89
C LEU E 836 -23.71 -126.77 -48.18
N SER E 837 -22.74 -127.60 -48.55
CA SER E 837 -21.92 -127.36 -49.74
C SER E 837 -21.94 -128.60 -50.63
N HIS E 838 -21.67 -128.37 -51.92
CA HIS E 838 -21.63 -129.46 -52.87
C HIS E 838 -20.49 -130.43 -52.61
N THR E 839 -19.42 -129.98 -51.94
CA THR E 839 -18.30 -130.86 -51.62
C THR E 839 -18.65 -131.86 -50.52
N ASP E 840 -19.77 -131.68 -49.82
CA ASP E 840 -20.18 -132.66 -48.81
C ASP E 840 -20.77 -133.91 -49.45
N PHE E 841 -21.39 -133.79 -50.62
CA PHE E 841 -22.01 -134.94 -51.26
C PHE E 841 -20.98 -135.87 -51.89
N VAL E 842 -19.86 -135.35 -52.36
CA VAL E 842 -18.80 -136.21 -52.90
C VAL E 842 -18.03 -136.83 -51.75
N PRO E 843 -17.89 -138.16 -51.71
CA PRO E 843 -17.17 -138.80 -50.60
C PRO E 843 -15.67 -138.91 -50.86
N CYS E 844 -14.90 -138.75 -49.79
CA CYS E 844 -13.45 -138.85 -49.83
C CYS E 844 -13.02 -139.91 -48.82
N PRO E 845 -12.85 -141.15 -49.24
CA PRO E 845 -12.50 -142.23 -48.31
C PRO E 845 -11.00 -142.28 -48.06
N VAL E 846 -10.59 -143.26 -47.28
CA VAL E 846 -9.19 -143.49 -46.94
C VAL E 846 -8.69 -144.70 -47.72
N ASP E 847 -7.52 -144.56 -48.34
CA ASP E 847 -6.96 -145.61 -49.18
C ASP E 847 -6.29 -146.66 -48.30
N THR E 848 -7.15 -147.46 -47.64
CA THR E 848 -6.66 -148.48 -46.71
C THR E 848 -6.15 -149.73 -47.40
N VAL E 849 -6.57 -149.99 -48.65
CA VAL E 849 -6.08 -151.17 -49.35
C VAL E 849 -4.59 -151.07 -49.63
N GLN E 850 -4.06 -149.84 -49.71
CA GLN E 850 -2.63 -149.66 -49.95
C GLN E 850 -1.80 -150.06 -48.74
N ILE E 851 -2.39 -149.97 -47.53
CA ILE E 851 -1.65 -150.28 -46.31
C ILE E 851 -1.23 -151.74 -46.32
N VAL E 852 0.05 -151.99 -46.03
CA VAL E 852 0.58 -153.34 -46.02
C VAL E 852 0.02 -154.10 -44.83
N LEU E 853 -0.45 -155.32 -45.07
CA LEU E 853 -1.03 -156.12 -44.01
C LEU E 853 0.06 -156.54 -43.01
N PRO E 854 -0.27 -156.59 -41.73
CA PRO E 854 0.69 -157.07 -40.72
C PRO E 854 0.81 -158.59 -40.79
N PRO E 855 1.79 -159.18 -40.07
CA PRO E 855 1.88 -160.65 -40.03
C PRO E 855 0.71 -161.31 -39.32
N HIS E 856 -0.29 -160.52 -38.94
CA HIS E 856 -1.45 -161.02 -38.23
C HIS E 856 -2.35 -161.91 -39.09
N LEU E 857 -2.09 -161.99 -40.39
CA LEU E 857 -2.99 -162.70 -41.30
C LEU E 857 -3.21 -164.15 -40.87
N GLU E 858 -2.15 -164.85 -40.52
CA GLU E 858 -2.28 -166.22 -40.03
C GLU E 858 -2.39 -166.28 -38.52
N ARG E 859 -1.98 -165.23 -37.81
CA ARG E 859 -2.03 -165.23 -36.35
C ARG E 859 -3.46 -165.10 -35.84
N ILE E 860 -4.13 -164.01 -36.20
CA ILE E 860 -5.45 -163.70 -35.65
C ILE E 860 -6.51 -163.45 -36.72
N ARG E 861 -6.13 -163.07 -37.94
CA ARG E 861 -7.12 -162.86 -39.00
C ARG E 861 -7.90 -164.14 -39.29
N GLU E 862 -7.22 -165.29 -39.25
CA GLU E 862 -7.91 -166.56 -39.43
C GLU E 862 -8.96 -166.78 -38.34
N LYS E 863 -8.61 -166.48 -37.09
CA LYS E 863 -9.57 -166.62 -36.01
C LYS E 863 -10.73 -165.65 -36.16
N LEU E 864 -10.46 -164.43 -36.61
CA LEU E 864 -11.54 -163.47 -36.84
C LEU E 864 -12.50 -163.97 -37.91
N ALA E 865 -11.95 -164.45 -39.03
CA ALA E 865 -12.80 -164.99 -40.08
C ALA E 865 -13.58 -166.20 -39.60
N GLU E 866 -12.96 -167.05 -38.78
CA GLU E 866 -13.65 -168.22 -38.27
C GLU E 866 -14.78 -167.83 -37.31
N ASN E 867 -14.55 -166.83 -36.46
CA ASN E 867 -15.62 -166.34 -35.60
C ASN E 867 -16.76 -165.77 -36.44
N ILE E 868 -16.42 -165.10 -37.54
CA ILE E 868 -17.46 -164.62 -38.43
C ILE E 868 -18.23 -165.79 -39.04
N HIS E 869 -17.55 -166.88 -39.38
CA HIS E 869 -18.27 -168.08 -39.79
C HIS E 869 -19.18 -168.59 -38.68
N GLU E 870 -18.74 -168.49 -37.43
CA GLU E 870 -19.59 -168.87 -36.30
C GLU E 870 -20.87 -168.05 -36.29
N LEU E 871 -20.75 -166.72 -36.32
CA LEU E 871 -21.94 -165.87 -36.33
C LEU E 871 -22.77 -166.11 -37.60
N TRP E 872 -22.12 -166.39 -38.72
CA TRP E 872 -22.83 -166.71 -39.96
C TRP E 872 -23.72 -167.92 -39.78
N ALA E 873 -23.14 -169.01 -39.27
CA ALA E 873 -23.90 -170.23 -39.03
C ALA E 873 -25.01 -169.96 -38.03
N LEU E 874 -24.76 -169.10 -37.05
CA LEU E 874 -25.82 -168.72 -36.12
C LEU E 874 -26.98 -168.05 -36.85
N THR E 875 -26.67 -167.17 -37.80
CA THR E 875 -27.73 -166.55 -38.60
C THR E 875 -28.55 -167.59 -39.34
N ARG E 876 -27.87 -168.55 -39.98
CA ARG E 876 -28.61 -169.59 -40.71
C ARG E 876 -29.48 -170.42 -39.77
N ILE E 877 -28.94 -170.81 -38.62
CA ILE E 877 -29.69 -171.62 -37.67
C ILE E 877 -30.90 -170.83 -37.15
N GLU E 878 -30.69 -169.57 -36.79
CA GLU E 878 -31.77 -168.75 -36.27
C GLU E 878 -32.87 -168.57 -37.30
N GLN E 879 -32.51 -168.32 -38.54
CA GLN E 879 -33.48 -168.29 -39.61
C GLN E 879 -33.96 -169.71 -39.94
N GLY E 880 -34.97 -169.80 -40.80
CA GLY E 880 -35.42 -171.10 -41.26
C GLY E 880 -34.43 -171.76 -42.20
N TRP E 881 -33.22 -171.21 -42.27
CA TRP E 881 -32.21 -171.69 -43.21
C TRP E 881 -31.57 -172.97 -42.67
N THR E 882 -31.24 -173.88 -43.59
CA THR E 882 -30.62 -175.15 -43.26
C THR E 882 -29.34 -175.31 -44.05
N TYR E 883 -28.56 -176.33 -43.69
CA TYR E 883 -27.25 -176.59 -44.32
C TYR E 883 -27.42 -177.72 -45.33
N GLY E 884 -27.87 -177.37 -46.52
CA GLY E 884 -28.00 -178.32 -47.61
C GLY E 884 -26.96 -178.08 -48.68
N PRO E 885 -26.22 -179.13 -49.06
CA PRO E 885 -25.08 -178.94 -49.99
C PRO E 885 -25.47 -178.27 -51.29
N VAL E 886 -26.64 -178.59 -51.84
CA VAL E 886 -27.12 -177.93 -53.04
C VAL E 886 -27.73 -176.60 -52.64
N ARG E 887 -27.19 -175.50 -53.18
CA ARG E 887 -27.66 -174.16 -52.84
C ARG E 887 -29.09 -173.98 -53.34
N ASP E 888 -30.03 -173.83 -52.42
CA ASP E 888 -31.43 -173.61 -52.75
C ASP E 888 -31.97 -172.56 -51.77
N ASP E 889 -32.04 -171.30 -52.23
CA ASP E 889 -32.54 -170.23 -51.37
C ASP E 889 -34.00 -170.47 -50.99
N ASN E 890 -34.80 -170.95 -51.94
CA ASN E 890 -36.21 -171.24 -51.65
C ASN E 890 -36.33 -172.31 -50.58
N LYS E 891 -35.47 -173.33 -50.62
CA LYS E 891 -35.40 -174.33 -49.57
C LYS E 891 -34.47 -173.90 -48.42
N ARG E 892 -33.79 -172.77 -48.58
CA ARG E 892 -32.90 -172.22 -47.55
C ARG E 892 -31.81 -173.21 -47.19
N LEU E 893 -30.96 -173.53 -48.17
CA LEU E 893 -29.88 -174.48 -48.01
C LEU E 893 -28.53 -173.78 -48.12
N HIS E 894 -27.64 -174.06 -47.17
CA HIS E 894 -26.30 -173.49 -47.15
C HIS E 894 -25.36 -174.27 -48.06
N PRO E 895 -24.83 -173.62 -49.12
CA PRO E 895 -23.98 -174.31 -50.09
C PRO E 895 -22.88 -175.18 -49.46
N CYS E 896 -22.05 -174.59 -48.60
CA CYS E 896 -21.00 -175.36 -47.94
C CYS E 896 -21.58 -176.51 -47.13
N LEU E 897 -22.57 -176.21 -46.29
CA LEU E 897 -23.28 -177.22 -45.49
C LEU E 897 -22.34 -178.02 -44.61
N VAL E 898 -21.34 -177.35 -44.03
CA VAL E 898 -20.40 -177.98 -43.11
C VAL E 898 -20.15 -177.02 -41.96
N ASN E 899 -19.97 -177.59 -40.76
CA ASN E 899 -19.63 -176.79 -39.57
C ASN E 899 -18.45 -175.88 -39.86
N PHE E 900 -17.30 -176.46 -40.16
CA PHE E 900 -16.20 -175.70 -40.73
C PHE E 900 -16.63 -175.21 -42.10
N HIS E 901 -16.24 -173.97 -42.46
CA HIS E 901 -16.76 -173.39 -43.69
C HIS E 901 -16.39 -174.24 -44.90
N SER E 902 -15.14 -174.71 -44.96
CA SER E 902 -14.67 -175.59 -46.03
C SER E 902 -15.01 -175.02 -47.41
N LEU E 903 -15.02 -173.70 -47.49
CA LEU E 903 -15.43 -173.00 -48.69
C LEU E 903 -14.34 -173.06 -49.76
N PRO E 904 -14.73 -173.09 -51.04
CA PRO E 904 -13.74 -173.00 -52.12
C PRO E 904 -12.83 -171.78 -51.99
N GLU E 905 -11.72 -171.76 -52.72
CA GLU E 905 -10.73 -170.71 -52.53
C GLU E 905 -11.28 -169.30 -52.73
N PRO E 906 -11.99 -168.97 -53.82
CA PRO E 906 -12.53 -167.61 -53.93
C PRO E 906 -13.47 -167.24 -52.80
N GLU E 907 -14.16 -168.23 -52.22
CA GLU E 907 -15.04 -167.99 -51.08
C GLU E 907 -14.22 -167.74 -49.82
N ARG E 908 -13.35 -168.71 -49.50
CA ARG E 908 -12.46 -168.59 -48.34
C ARG E 908 -11.56 -167.38 -48.45
N ASN E 909 -10.98 -167.16 -49.63
CA ASN E 909 -10.17 -165.96 -49.84
C ASN E 909 -11.00 -164.71 -49.71
N TYR E 910 -12.30 -164.77 -50.04
CA TYR E 910 -13.16 -163.61 -49.85
C TYR E 910 -13.29 -163.26 -48.36
N ASN E 911 -13.59 -164.27 -47.54
CA ASN E 911 -13.68 -164.03 -46.10
C ASN E 911 -12.36 -163.51 -45.55
N LEU E 912 -11.26 -164.16 -45.93
CA LEU E 912 -9.96 -163.78 -45.39
C LEU E 912 -9.54 -162.40 -45.88
N GLN E 913 -9.83 -162.07 -47.14
CA GLN E 913 -9.45 -160.76 -47.66
C GLN E 913 -10.26 -159.66 -46.98
N MET E 914 -11.52 -159.91 -46.65
CA MET E 914 -12.28 -158.85 -45.99
C MET E 914 -11.87 -158.69 -44.53
N SER E 915 -11.51 -159.79 -43.85
CA SER E 915 -10.94 -159.65 -42.51
C SER E 915 -9.62 -158.88 -42.58
N GLY E 916 -8.77 -159.19 -43.57
CA GLY E 916 -7.56 -158.44 -43.78
C GLY E 916 -7.81 -156.98 -44.10
N GLU E 917 -8.91 -156.70 -44.80
CA GLU E 917 -9.29 -155.32 -45.08
C GLU E 917 -9.67 -154.59 -43.80
N THR E 918 -10.37 -155.26 -42.90
CA THR E 918 -10.65 -154.66 -41.60
C THR E 918 -9.35 -154.35 -40.87
N LEU E 919 -8.40 -155.28 -40.88
CA LEU E 919 -7.10 -155.03 -40.26
C LEU E 919 -6.39 -153.86 -40.93
N LYS E 920 -6.46 -153.77 -42.26
CA LYS E 920 -5.84 -152.66 -42.98
C LYS E 920 -6.44 -151.34 -42.56
N THR E 921 -7.77 -151.28 -42.42
CA THR E 921 -8.40 -150.04 -41.99
C THR E 921 -7.96 -149.64 -40.59
N LEU E 922 -7.91 -150.61 -39.67
CA LEU E 922 -7.45 -150.29 -38.31
C LEU E 922 -6.00 -149.81 -38.32
N LEU E 923 -5.15 -150.44 -39.13
CA LEU E 923 -3.75 -150.02 -39.20
C LEU E 923 -3.62 -148.64 -39.84
N ALA E 924 -4.42 -148.36 -40.86
CA ALA E 924 -4.37 -147.05 -41.52
C ALA E 924 -4.81 -145.95 -40.57
N LEU E 925 -5.84 -146.20 -39.75
CA LEU E 925 -6.16 -145.27 -38.69
C LEU E 925 -5.08 -145.30 -37.62
N GLY E 926 -5.22 -144.42 -36.62
CA GLY E 926 -4.21 -144.34 -35.57
C GLY E 926 -4.09 -145.59 -34.72
N CYS E 927 -5.04 -146.51 -34.83
CA CYS E 927 -5.01 -147.73 -34.04
C CYS E 927 -3.90 -148.66 -34.52
N HIS E 928 -3.36 -149.44 -33.59
CA HIS E 928 -2.31 -150.41 -33.86
C HIS E 928 -2.79 -151.80 -33.46
N VAL E 929 -2.69 -152.75 -34.39
CA VAL E 929 -3.13 -154.12 -34.12
C VAL E 929 -2.18 -154.79 -33.15
N GLY E 930 -2.69 -155.76 -32.40
CA GLY E 930 -1.88 -156.49 -31.44
C GLY E 930 -2.53 -157.80 -31.06
N MET E 931 -1.69 -158.76 -30.70
CA MET E 931 -2.15 -160.08 -30.27
C MET E 931 -1.94 -160.33 -28.78
N ALA E 932 -1.58 -159.30 -28.02
CA ALA E 932 -1.29 -159.45 -26.59
C ALA E 932 -2.61 -159.58 -25.83
N ASP E 933 -3.13 -160.81 -25.82
CA ASP E 933 -4.37 -161.13 -25.12
C ASP E 933 -4.14 -161.73 -23.75
N GLU E 934 -2.89 -161.93 -23.35
CA GLU E 934 -2.56 -162.62 -22.09
C GLU E 934 -3.23 -163.99 -22.04
N LYS E 935 -3.15 -164.72 -23.15
CA LYS E 935 -3.73 -166.05 -23.27
C LYS E 935 -5.24 -166.03 -23.04
N ALA E 936 -5.91 -164.99 -23.55
CA ALA E 936 -7.36 -164.91 -23.46
C ALA E 936 -8.05 -165.89 -24.41
N GLU E 937 -7.33 -166.41 -25.41
CA GLU E 937 -7.92 -167.40 -26.30
C GLU E 937 -8.27 -168.68 -25.54
N ASP E 938 -7.46 -169.06 -24.56
CA ASP E 938 -7.78 -170.20 -23.73
C ASP E 938 -9.04 -169.95 -22.90
N ASN E 939 -9.17 -168.74 -22.35
CA ASN E 939 -10.34 -168.43 -21.52
C ASN E 939 -11.61 -168.28 -22.35
N LEU E 940 -11.47 -167.93 -23.63
CA LEU E 940 -12.64 -167.79 -24.50
C LEU E 940 -13.39 -169.12 -24.61
N LYS E 941 -14.71 -169.07 -24.42
CA LYS E 941 -15.51 -170.29 -24.47
C LYS E 941 -15.57 -170.84 -25.89
N LYS E 942 -15.89 -169.97 -26.86
CA LYS E 942 -16.04 -170.37 -28.27
C LYS E 942 -17.04 -171.50 -28.43
N THR E 943 -18.12 -171.44 -27.66
CA THR E 943 -19.18 -172.45 -27.69
C THR E 943 -20.52 -171.76 -27.50
N LYS E 944 -21.37 -171.82 -28.53
CA LYS E 944 -22.73 -171.29 -28.41
C LYS E 944 -23.68 -172.27 -27.74
N LEU E 945 -23.41 -173.57 -27.90
CA LEU E 945 -24.23 -174.69 -27.42
C LEU E 945 -25.71 -174.42 -27.66
N PRO E 946 -26.08 -173.90 -28.83
CA PRO E 946 -27.50 -173.65 -29.09
C PRO E 946 -28.36 -174.91 -29.11
N LYS E 947 -27.78 -176.05 -29.47
CA LYS E 947 -28.47 -177.33 -29.61
C LYS E 947 -29.55 -177.29 -30.68
N THR E 948 -29.59 -176.24 -31.51
CA THR E 948 -30.57 -176.10 -32.58
C THR E 948 -29.92 -176.36 -33.94
N TYR E 949 -28.71 -176.91 -33.96
CA TYR E 949 -28.00 -177.20 -35.21
C TYR E 949 -28.09 -178.70 -35.53
N MET E 950 -29.28 -179.14 -35.94
CA MET E 950 -29.41 -180.54 -36.32
C MET E 950 -28.78 -180.82 -37.68
N MET E 951 -28.66 -179.80 -38.54
CA MET E 951 -28.06 -179.99 -39.85
C MET E 951 -26.54 -180.18 -39.73
N SER E 952 -25.90 -180.38 -40.89
CA SER E 952 -24.47 -180.66 -40.90
C SER E 952 -23.64 -179.51 -40.37
N ASN E 953 -24.13 -178.27 -40.49
CA ASN E 953 -23.42 -177.11 -39.95
C ASN E 953 -23.69 -176.98 -38.45
N GLY E 954 -23.38 -178.05 -37.74
CA GLY E 954 -23.58 -178.13 -36.32
C GLY E 954 -22.45 -177.50 -35.53
N TYR E 955 -22.51 -177.68 -34.22
CA TYR E 955 -21.48 -177.20 -33.29
C TYR E 955 -21.20 -175.72 -33.48
N LYS E 956 -22.26 -174.92 -33.37
CA LYS E 956 -22.13 -173.48 -33.53
C LYS E 956 -21.32 -172.90 -32.39
N PRO E 957 -20.22 -172.18 -32.68
CA PRO E 957 -19.41 -171.60 -31.60
C PRO E 957 -19.78 -170.16 -31.29
N ALA E 958 -19.63 -169.75 -30.03
CA ALA E 958 -19.78 -168.36 -29.63
C ALA E 958 -18.87 -168.07 -28.45
N PRO E 959 -17.95 -167.10 -28.57
CA PRO E 959 -17.00 -166.85 -27.49
C PRO E 959 -17.57 -166.10 -26.30
N LEU E 960 -18.80 -165.62 -26.37
CA LEU E 960 -19.38 -164.77 -25.33
C LEU E 960 -18.48 -163.58 -25.04
N ASP E 961 -17.99 -162.96 -26.13
CA ASP E 961 -16.99 -161.91 -26.01
C ASP E 961 -17.55 -160.66 -25.36
N LEU E 962 -18.83 -160.38 -25.55
CA LEU E 962 -19.44 -159.24 -24.85
C LEU E 962 -19.41 -159.46 -23.34
N SER E 963 -19.70 -160.69 -22.90
CA SER E 963 -19.60 -161.00 -21.47
C SER E 963 -18.15 -160.93 -21.00
N HIS E 964 -17.20 -161.41 -21.83
CA HIS E 964 -15.80 -161.37 -21.43
C HIS E 964 -15.30 -159.94 -21.26
N VAL E 965 -15.66 -159.05 -22.18
CA VAL E 965 -15.22 -157.66 -22.11
C VAL E 965 -16.23 -156.80 -22.86
N ARG E 966 -16.49 -155.62 -22.33
CA ARG E 966 -17.42 -154.66 -22.93
C ARG E 966 -16.66 -153.65 -23.77
N LEU E 967 -17.34 -153.13 -24.79
CA LEU E 967 -16.75 -152.16 -25.70
C LEU E 967 -16.66 -150.80 -25.03
N THR E 968 -15.49 -150.17 -25.11
CA THR E 968 -15.31 -148.83 -24.61
C THR E 968 -15.92 -147.82 -25.57
N PRO E 969 -16.29 -146.62 -25.07
CA PRO E 969 -16.82 -145.59 -25.99
C PRO E 969 -15.85 -145.22 -27.10
N ALA E 970 -14.55 -145.19 -26.81
CA ALA E 970 -13.57 -144.97 -27.86
C ALA E 970 -13.62 -146.08 -28.90
N GLN E 971 -13.79 -147.32 -28.45
CA GLN E 971 -13.93 -148.43 -29.39
C GLN E 971 -15.18 -148.26 -30.25
N THR E 972 -16.30 -147.83 -29.65
CA THR E 972 -17.52 -147.64 -30.41
C THR E 972 -17.36 -146.55 -31.47
N THR E 973 -16.72 -145.43 -31.10
CA THR E 973 -16.43 -144.40 -32.10
C THR E 973 -15.49 -144.94 -33.18
N LEU E 974 -14.59 -145.85 -32.81
CA LEU E 974 -13.73 -146.50 -33.81
C LEU E 974 -14.57 -147.29 -34.80
N VAL E 975 -15.53 -148.06 -34.29
CA VAL E 975 -16.46 -148.79 -35.16
C VAL E 975 -17.17 -147.84 -36.10
N ASP E 976 -17.61 -146.69 -35.57
CA ASP E 976 -18.25 -145.70 -36.43
C ASP E 976 -17.30 -145.22 -37.52
N ARG E 977 -16.03 -145.01 -37.19
CA ARG E 977 -15.05 -144.58 -38.18
C ARG E 977 -14.88 -145.62 -39.28
N LEU E 978 -14.74 -146.90 -38.91
CA LEU E 978 -14.60 -147.92 -39.95
C LEU E 978 -15.85 -148.00 -40.81
N ALA E 979 -17.04 -147.90 -40.21
CA ALA E 979 -18.26 -147.93 -40.99
C ALA E 979 -18.32 -146.77 -41.97
N GLU E 980 -17.93 -145.57 -41.51
CA GLU E 980 -17.91 -144.41 -42.40
C GLU E 980 -16.95 -144.62 -43.55
N ASN E 981 -15.76 -145.17 -43.27
CA ASN E 981 -14.80 -145.40 -44.35
C ASN E 981 -15.31 -146.41 -45.36
N GLY E 982 -15.91 -147.51 -44.88
CA GLY E 982 -16.44 -148.51 -45.79
C GLY E 982 -17.54 -147.95 -46.67
N HIS E 983 -18.44 -147.18 -46.07
CA HIS E 983 -19.48 -146.50 -46.85
C HIS E 983 -18.88 -145.55 -47.87
N ASN E 984 -17.85 -144.81 -47.50
CA ASN E 984 -17.25 -143.86 -48.42
C ASN E 984 -16.64 -144.57 -49.62
N VAL E 985 -15.95 -145.69 -49.39
CA VAL E 985 -15.39 -146.43 -50.53
C VAL E 985 -16.52 -147.01 -51.39
N TRP E 986 -17.59 -147.52 -50.77
CA TRP E 986 -18.68 -148.09 -51.55
C TRP E 986 -19.29 -147.01 -52.45
N ALA E 987 -19.53 -145.83 -51.88
CA ALA E 987 -20.10 -144.70 -52.61
C ALA E 987 -19.18 -144.28 -53.76
N ARG E 988 -17.88 -144.18 -53.50
CA ARG E 988 -16.94 -143.85 -54.56
C ARG E 988 -17.02 -144.86 -55.69
N ASP E 989 -17.16 -146.15 -55.35
CA ASP E 989 -17.33 -147.17 -56.38
C ASP E 989 -18.59 -146.91 -57.20
N ARG E 990 -19.71 -146.64 -56.53
CA ARG E 990 -20.96 -146.37 -57.25
C ARG E 990 -20.84 -145.14 -58.15
N VAL E 991 -20.21 -144.08 -57.65
CA VAL E 991 -20.00 -142.88 -58.47
C VAL E 991 -19.18 -143.22 -59.71
N ALA E 992 -18.10 -143.98 -59.53
CA ALA E 992 -17.31 -144.43 -60.67
C ALA E 992 -18.19 -145.18 -61.67
N GLN E 993 -19.09 -146.02 -61.20
CA GLN E 993 -19.99 -146.73 -62.11
C GLN E 993 -20.96 -145.79 -62.80
N GLY E 994 -21.43 -144.76 -62.10
CA GLY E 994 -22.38 -143.83 -62.68
C GLY E 994 -23.73 -143.80 -61.99
N TRP E 995 -23.75 -144.05 -60.69
CA TRP E 995 -24.98 -144.01 -59.91
C TRP E 995 -25.23 -142.61 -59.37
N SER E 996 -26.50 -142.31 -59.10
CA SER E 996 -26.90 -141.03 -58.53
C SER E 996 -27.93 -141.26 -57.43
N TYR E 997 -27.94 -140.36 -56.45
CA TYR E 997 -28.88 -140.47 -55.34
C TYR E 997 -30.30 -140.12 -55.80
N SER E 998 -31.27 -140.80 -55.20
CA SER E 998 -32.68 -140.54 -55.47
C SER E 998 -33.50 -141.06 -54.30
N ALA E 999 -34.50 -140.27 -53.89
CA ALA E 999 -35.37 -140.70 -52.79
C ALA E 999 -36.14 -141.97 -53.16
N VAL E 1000 -36.42 -142.17 -54.44
CA VAL E 1000 -37.12 -143.36 -54.92
C VAL E 1000 -36.10 -144.22 -55.66
N GLN E 1001 -36.01 -145.50 -55.27
CA GLN E 1001 -35.03 -146.40 -55.85
C GLN E 1001 -35.48 -146.87 -57.23
N ASP E 1002 -34.56 -146.82 -58.19
CA ASP E 1002 -34.81 -147.32 -59.55
C ASP E 1002 -33.51 -147.96 -60.04
N ILE E 1003 -33.41 -149.29 -59.86
CA ILE E 1003 -32.21 -150.00 -60.28
C ILE E 1003 -31.95 -149.87 -61.78
N PRO E 1004 -32.94 -150.03 -62.67
CA PRO E 1004 -32.66 -149.78 -64.09
C PRO E 1004 -32.15 -148.39 -64.38
N ALA E 1005 -32.55 -147.39 -63.59
CA ALA E 1005 -32.12 -146.01 -63.79
C ALA E 1005 -30.84 -145.68 -63.04
N ARG E 1006 -30.19 -146.68 -62.43
CA ARG E 1006 -28.96 -146.48 -61.65
C ARG E 1006 -29.15 -145.47 -60.53
N ARG E 1007 -30.28 -145.59 -59.81
CA ARG E 1007 -30.62 -144.70 -58.71
C ARG E 1007 -30.93 -145.53 -57.47
N ASN E 1008 -30.40 -145.09 -56.33
CA ASN E 1008 -30.64 -145.74 -55.06
C ASN E 1008 -30.79 -144.68 -53.97
N PRO E 1009 -31.49 -145.00 -52.88
CA PRO E 1009 -31.69 -144.02 -51.81
C PRO E 1009 -30.61 -144.03 -50.75
N ARG E 1010 -29.48 -144.70 -51.03
CA ARG E 1010 -28.43 -144.85 -50.04
C ARG E 1010 -27.06 -144.34 -50.51
N LEU E 1011 -26.95 -143.84 -51.74
CA LEU E 1011 -25.67 -143.35 -52.23
C LEU E 1011 -25.18 -142.12 -51.47
N VAL E 1012 -26.04 -141.49 -50.68
CA VAL E 1012 -25.61 -140.33 -49.88
C VAL E 1012 -24.55 -140.77 -48.89
N PRO E 1013 -23.48 -140.00 -48.69
CA PRO E 1013 -22.39 -140.42 -47.80
C PRO E 1013 -22.87 -140.67 -46.37
N TYR E 1014 -21.94 -141.18 -45.56
CA TYR E 1014 -22.30 -141.74 -44.27
C TYR E 1014 -22.82 -140.69 -43.29
N ARG E 1015 -22.24 -139.48 -43.31
CA ARG E 1015 -22.61 -138.49 -42.30
C ARG E 1015 -24.07 -138.07 -42.41
N LEU E 1016 -24.66 -138.15 -43.61
CA LEU E 1016 -26.05 -137.82 -43.81
C LEU E 1016 -26.95 -139.05 -43.88
N LEU E 1017 -26.43 -140.22 -43.47
CA LEU E 1017 -27.20 -141.44 -43.48
C LEU E 1017 -28.30 -141.43 -42.42
N ASP E 1018 -29.23 -142.36 -42.57
CA ASP E 1018 -30.21 -142.64 -41.53
C ASP E 1018 -29.63 -143.61 -40.50
N GLU E 1019 -30.14 -143.49 -39.27
CA GLU E 1019 -29.62 -144.31 -38.17
C GLU E 1019 -29.87 -145.79 -38.39
N ALA E 1020 -30.95 -146.15 -39.09
CA ALA E 1020 -31.21 -147.56 -39.36
C ALA E 1020 -30.12 -148.16 -40.23
N THR E 1021 -29.78 -147.50 -41.33
CA THR E 1021 -28.70 -147.98 -42.18
C THR E 1021 -27.35 -147.92 -41.46
N LYS E 1022 -27.14 -146.90 -40.63
CA LYS E 1022 -25.91 -146.84 -39.84
C LYS E 1022 -25.77 -148.07 -38.94
N ARG E 1023 -26.85 -148.42 -38.23
CA ARG E 1023 -26.81 -149.60 -37.36
C ARG E 1023 -26.63 -150.88 -38.17
N SER E 1024 -27.28 -150.97 -39.32
CA SER E 1024 -27.16 -152.16 -40.16
C SER E 1024 -25.73 -152.33 -40.67
N ASN E 1025 -25.05 -151.22 -40.95
CA ASN E 1025 -23.65 -151.27 -41.36
C ASN E 1025 -22.69 -151.38 -40.18
N ARG E 1026 -23.16 -151.11 -38.97
CA ARG E 1026 -22.30 -151.07 -37.79
C ARG E 1026 -22.32 -152.36 -36.97
N ASP E 1027 -23.38 -153.17 -37.07
CA ASP E 1027 -23.50 -154.35 -36.21
C ASP E 1027 -22.36 -155.34 -36.43
N SER E 1028 -22.07 -155.67 -37.70
CA SER E 1028 -21.00 -156.63 -37.97
C SER E 1028 -19.65 -156.12 -37.51
N LEU E 1029 -19.37 -154.84 -37.74
CA LEU E 1029 -18.10 -154.27 -37.27
C LEU E 1029 -18.03 -154.25 -35.75
N CYS E 1030 -19.16 -154.05 -35.07
CA CYS E 1030 -19.17 -154.14 -33.61
C CYS E 1030 -18.83 -155.55 -33.14
N GLN E 1031 -19.39 -156.56 -33.79
CA GLN E 1031 -19.04 -157.95 -33.44
C GLN E 1031 -17.57 -158.22 -33.71
N ALA E 1032 -17.04 -157.67 -34.82
CA ALA E 1032 -15.62 -157.84 -35.11
C ALA E 1032 -14.74 -157.18 -34.05
N VAL E 1033 -15.14 -156.00 -33.58
CA VAL E 1033 -14.40 -155.31 -32.51
C VAL E 1033 -14.48 -156.10 -31.22
N ARG E 1034 -15.63 -156.72 -30.94
CA ARG E 1034 -15.73 -157.61 -29.78
C ARG E 1034 -14.73 -158.76 -29.91
N THR E 1035 -14.62 -159.34 -31.10
CA THR E 1035 -13.65 -160.41 -31.31
C THR E 1035 -12.22 -159.90 -31.11
N LEU E 1036 -11.94 -158.68 -31.57
CA LEU E 1036 -10.63 -158.08 -31.34
C LEU E 1036 -10.33 -157.93 -29.86
N LEU E 1037 -11.33 -157.46 -29.09
CA LEU E 1037 -11.15 -157.35 -27.65
C LEU E 1037 -10.90 -158.71 -27.01
N GLY E 1038 -11.61 -159.74 -27.48
CA GLY E 1038 -11.39 -161.08 -26.95
C GLY E 1038 -10.00 -161.61 -27.26
N TYR E 1039 -9.49 -161.30 -28.44
CA TYR E 1039 -8.15 -161.71 -28.84
C TYR E 1039 -7.08 -160.69 -28.44
N GLY E 1040 -7.44 -159.68 -27.65
CA GLY E 1040 -6.47 -158.78 -27.07
C GLY E 1040 -5.85 -157.80 -28.05
N TYR E 1041 -6.65 -156.88 -28.55
CA TYR E 1041 -6.18 -155.83 -29.44
C TYR E 1041 -5.93 -154.55 -28.65
N ASN E 1042 -4.73 -153.99 -28.80
CA ASN E 1042 -4.36 -152.73 -28.16
C ASN E 1042 -4.71 -151.52 -29.03
N ILE E 1043 -5.72 -151.64 -29.88
CA ILE E 1043 -6.07 -150.55 -30.79
C ILE E 1043 -6.57 -149.36 -29.99
N GLU E 1044 -6.05 -148.17 -30.34
CA GLU E 1044 -6.43 -146.93 -29.69
C GLU E 1044 -6.81 -145.93 -30.78
N PRO E 1045 -8.01 -145.36 -30.74
CA PRO E 1045 -8.42 -144.39 -31.77
C PRO E 1045 -7.49 -143.18 -31.77
N PRO E 1046 -7.17 -142.65 -32.96
CA PRO E 1046 -6.31 -141.46 -33.09
C PRO E 1046 -6.94 -140.20 -32.53
N ASN E 1055 -12.49 -115.11 -41.07
CA ASN E 1055 -12.78 -113.74 -41.49
C ASN E 1055 -14.18 -113.67 -42.10
N GLN E 1056 -14.25 -113.91 -43.41
CA GLN E 1056 -15.54 -113.89 -44.10
C GLN E 1056 -16.49 -114.94 -43.52
N SER E 1057 -15.96 -116.14 -43.27
CA SER E 1057 -16.76 -117.17 -42.60
C SER E 1057 -17.06 -116.75 -41.16
N ARG E 1058 -16.11 -116.09 -40.50
CA ARG E 1058 -16.32 -115.68 -39.11
C ARG E 1058 -17.50 -114.72 -38.98
N TRP E 1059 -17.65 -113.80 -39.94
CA TRP E 1059 -18.80 -112.90 -39.92
C TRP E 1059 -20.12 -113.66 -40.09
N ASP E 1060 -20.08 -114.86 -40.65
CA ASP E 1060 -21.29 -115.65 -40.88
C ASP E 1060 -21.63 -116.55 -39.70
N ARG E 1061 -20.93 -116.43 -38.57
CA ARG E 1061 -21.24 -117.19 -37.37
C ARG E 1061 -21.79 -116.35 -36.23
N VAL E 1062 -21.56 -115.03 -36.23
CA VAL E 1062 -21.94 -114.16 -35.12
C VAL E 1062 -22.90 -113.10 -35.64
N ARG E 1063 -24.06 -112.98 -35.00
CA ARG E 1063 -25.03 -111.94 -35.29
C ARG E 1063 -25.35 -111.19 -34.01
N ILE E 1064 -25.23 -109.87 -34.06
CA ILE E 1064 -25.37 -109.01 -32.90
C ILE E 1064 -26.70 -108.27 -32.98
N PHE E 1065 -27.44 -108.25 -31.88
CA PHE E 1065 -28.73 -107.57 -31.78
C PHE E 1065 -28.67 -106.60 -30.60
N ARG E 1066 -28.37 -105.34 -30.88
CA ARG E 1066 -28.36 -104.31 -29.85
C ARG E 1066 -29.57 -103.39 -30.02
N ALA E 1067 -29.75 -102.50 -29.05
CA ALA E 1067 -30.78 -101.49 -29.15
C ALA E 1067 -30.25 -100.28 -29.92
N GLU E 1068 -31.16 -99.37 -30.26
CA GLU E 1068 -30.79 -98.16 -30.98
C GLU E 1068 -29.99 -97.24 -30.05
N LYS E 1069 -29.14 -96.41 -30.65
CA LYS E 1069 -28.28 -95.52 -29.90
C LYS E 1069 -29.04 -94.38 -29.22
N SER E 1070 -30.33 -94.22 -29.52
CA SER E 1070 -31.15 -93.21 -28.87
C SER E 1070 -31.75 -93.69 -27.55
N TYR E 1071 -31.51 -94.94 -27.17
CA TYR E 1071 -32.03 -95.51 -25.94
C TYR E 1071 -30.95 -95.67 -24.86
N THR E 1072 -29.82 -94.97 -25.01
CA THR E 1072 -28.74 -95.11 -24.04
C THR E 1072 -29.15 -94.56 -22.68
N VAL E 1073 -28.77 -95.29 -21.64
CA VAL E 1073 -29.08 -94.91 -20.26
C VAL E 1073 -27.77 -94.63 -19.53
N GLN E 1074 -27.70 -93.48 -18.87
CA GLN E 1074 -26.50 -93.08 -18.15
C GLN E 1074 -26.73 -92.99 -16.64
N SER E 1075 -27.91 -93.38 -16.15
CA SER E 1075 -28.19 -93.34 -14.72
C SER E 1075 -29.32 -94.32 -14.41
N GLY E 1076 -29.35 -94.76 -13.16
CA GLY E 1076 -30.45 -95.56 -12.67
C GLY E 1076 -30.16 -97.05 -12.62
N ARG E 1077 -31.22 -97.80 -12.36
CA ARG E 1077 -31.16 -99.24 -12.21
C ARG E 1077 -32.01 -99.87 -13.30
N TRP E 1078 -31.42 -100.77 -14.10
CA TRP E 1078 -32.10 -101.32 -15.25
C TRP E 1078 -32.00 -102.83 -15.27
N TYR E 1079 -32.97 -103.46 -15.94
CA TYR E 1079 -33.12 -104.92 -15.94
C TYR E 1079 -33.71 -105.37 -17.26
N PHE E 1080 -33.19 -106.48 -17.79
CA PHE E 1080 -33.79 -107.08 -18.99
C PHE E 1080 -33.44 -108.56 -19.04
N GLU E 1081 -34.34 -109.35 -19.61
CA GLU E 1081 -34.25 -110.80 -19.56
C GLU E 1081 -33.96 -111.39 -20.94
N PHE E 1082 -33.32 -112.56 -20.94
CA PHE E 1082 -32.98 -113.27 -22.17
C PHE E 1082 -33.17 -114.76 -21.93
N GLU E 1083 -34.08 -115.37 -22.69
CA GLU E 1083 -34.39 -116.78 -22.57
C GLU E 1083 -33.63 -117.56 -23.63
N ALA E 1084 -32.97 -118.64 -23.21
CA ALA E 1084 -32.16 -119.46 -24.11
C ALA E 1084 -33.00 -120.63 -24.59
N VAL E 1085 -33.62 -120.47 -25.76
CA VAL E 1085 -34.36 -121.57 -26.36
C VAL E 1085 -33.40 -122.66 -26.83
N THR E 1086 -32.33 -122.27 -27.49
CA THR E 1086 -31.27 -123.19 -27.91
C THR E 1086 -30.00 -122.87 -27.14
N THR E 1087 -29.42 -123.87 -26.49
CA THR E 1087 -28.27 -123.68 -25.62
C THR E 1087 -26.98 -123.73 -26.43
N GLY E 1088 -26.16 -122.68 -26.30
CA GLY E 1088 -24.85 -122.68 -26.91
C GLY E 1088 -24.49 -121.43 -27.69
N GLU E 1089 -23.27 -120.93 -27.46
CA GLU E 1089 -22.67 -119.85 -28.25
C GLU E 1089 -23.56 -118.60 -28.27
N MET E 1090 -24.06 -118.23 -27.09
CA MET E 1090 -24.89 -117.04 -26.95
C MET E 1090 -24.38 -116.18 -25.81
N ARG E 1091 -24.17 -114.90 -26.08
CA ARG E 1091 -23.64 -113.95 -25.10
C ARG E 1091 -24.62 -112.79 -24.95
N VAL E 1092 -24.90 -112.41 -23.71
CA VAL E 1092 -25.88 -111.37 -23.42
C VAL E 1092 -25.29 -110.40 -22.41
N GLY E 1093 -25.58 -109.11 -22.57
CA GLY E 1093 -25.08 -108.15 -21.60
C GLY E 1093 -25.35 -106.71 -22.01
N TRP E 1094 -24.51 -105.81 -21.50
CA TRP E 1094 -24.60 -104.39 -21.75
C TRP E 1094 -23.35 -103.94 -22.50
N ALA E 1095 -23.54 -103.10 -23.51
CA ALA E 1095 -22.44 -102.63 -24.34
C ALA E 1095 -22.55 -101.14 -24.57
N ARG E 1096 -21.41 -100.51 -24.85
CA ARG E 1096 -21.36 -99.09 -25.14
C ARG E 1096 -21.86 -98.83 -26.57
N PRO E 1097 -22.35 -97.63 -26.84
CA PRO E 1097 -22.92 -97.34 -28.16
C PRO E 1097 -21.94 -97.49 -29.31
N GLU E 1098 -20.64 -97.38 -29.05
CA GLU E 1098 -19.63 -97.47 -30.10
C GLU E 1098 -19.27 -98.95 -30.41
N LEU E 1099 -20.12 -99.88 -29.99
CA LEU E 1099 -19.90 -101.29 -30.23
C LEU E 1099 -19.78 -101.58 -31.73
N ARG E 1100 -18.60 -102.03 -32.14
CA ARG E 1100 -18.37 -102.35 -33.55
C ARG E 1100 -19.10 -103.63 -33.91
N PRO E 1101 -19.52 -103.77 -35.17
CA PRO E 1101 -20.20 -104.99 -35.61
C PRO E 1101 -19.29 -106.13 -36.05
N ASP E 1102 -17.97 -105.91 -36.08
CA ASP E 1102 -17.02 -106.92 -36.48
C ASP E 1102 -16.42 -107.68 -35.29
N VAL E 1103 -15.89 -106.94 -34.31
CA VAL E 1103 -15.24 -107.58 -33.16
C VAL E 1103 -16.27 -108.34 -32.35
N GLU E 1104 -15.90 -109.53 -31.89
CA GLU E 1104 -16.78 -110.34 -31.07
C GLU E 1104 -17.08 -109.65 -29.75
N LEU E 1105 -18.24 -109.96 -29.18
CA LEU E 1105 -18.65 -109.36 -27.92
C LEU E 1105 -17.75 -109.84 -26.80
N GLY E 1106 -17.24 -108.90 -26.01
CA GLY E 1106 -16.36 -109.19 -24.90
C GLY E 1106 -14.88 -109.18 -25.22
N ALA E 1107 -14.51 -109.28 -26.50
CA ALA E 1107 -13.11 -109.19 -26.87
C ALA E 1107 -12.57 -107.78 -26.63
N ASP E 1108 -13.40 -106.77 -26.88
CA ASP E 1108 -13.06 -105.39 -26.62
C ASP E 1108 -13.74 -104.91 -25.34
N GLU E 1109 -13.20 -103.84 -24.76
CA GLU E 1109 -13.72 -103.32 -23.50
C GLU E 1109 -15.11 -102.72 -23.64
N LEU E 1110 -15.60 -102.52 -24.86
CA LEU E 1110 -16.90 -101.88 -25.06
C LEU E 1110 -18.04 -102.74 -24.57
N ALA E 1111 -17.88 -104.07 -24.59
CA ALA E 1111 -18.96 -105.00 -24.31
C ALA E 1111 -18.71 -105.74 -23.00
N TYR E 1112 -19.60 -105.55 -22.04
CA TYR E 1112 -19.53 -106.24 -20.75
C TYR E 1112 -20.48 -107.45 -20.73
N VAL E 1113 -20.24 -108.38 -21.66
CA VAL E 1113 -21.18 -109.46 -21.91
C VAL E 1113 -20.90 -110.65 -20.99
N PHE E 1114 -21.86 -111.58 -20.92
CA PHE E 1114 -21.70 -112.84 -20.23
C PHE E 1114 -22.12 -113.96 -21.18
N ASN E 1115 -21.28 -114.99 -21.28
CA ASN E 1115 -21.57 -116.19 -22.06
C ASN E 1115 -22.05 -117.26 -21.09
N GLY E 1116 -23.34 -117.58 -21.15
CA GLY E 1116 -23.91 -118.62 -20.32
C GLY E 1116 -23.69 -120.03 -20.81
N HIS E 1117 -23.29 -120.19 -22.07
CA HIS E 1117 -22.97 -121.53 -22.57
C HIS E 1117 -21.76 -122.11 -21.85
N ARG E 1118 -20.73 -121.29 -21.63
CA ARG E 1118 -19.53 -121.71 -20.93
C ARG E 1118 -19.45 -121.15 -19.51
N GLY E 1119 -20.39 -120.30 -19.11
CA GLY E 1119 -20.34 -119.71 -17.79
C GLY E 1119 -19.16 -118.79 -17.57
N GLN E 1120 -18.90 -117.90 -18.52
CA GLN E 1120 -17.75 -117.01 -18.45
C GLN E 1120 -18.17 -115.58 -18.80
N ARG E 1121 -17.72 -114.62 -18.01
CA ARG E 1121 -18.02 -113.22 -18.26
C ARG E 1121 -16.89 -112.56 -19.03
N TRP E 1122 -17.24 -111.91 -20.14
CA TRP E 1122 -16.28 -111.29 -21.04
C TRP E 1122 -16.46 -109.78 -21.00
N HIS E 1123 -15.51 -109.08 -20.39
CA HIS E 1123 -15.40 -107.63 -20.52
C HIS E 1123 -14.23 -107.23 -21.39
N LEU E 1124 -13.05 -107.80 -21.13
CA LEU E 1124 -11.90 -107.67 -22.03
C LEU E 1124 -11.23 -109.00 -22.30
N GLY E 1125 -11.40 -110.00 -21.43
CA GLY E 1125 -10.85 -111.32 -21.65
C GLY E 1125 -11.71 -112.36 -20.98
N SER E 1126 -11.40 -113.63 -21.27
CA SER E 1126 -12.17 -114.74 -20.73
C SER E 1126 -11.96 -114.86 -19.22
N GLU E 1127 -13.06 -115.08 -18.50
CA GLU E 1127 -13.00 -115.29 -17.06
C GLU E 1127 -14.22 -116.08 -16.59
N PRO E 1128 -14.03 -117.27 -16.01
CA PRO E 1128 -15.18 -118.07 -15.58
C PRO E 1128 -16.02 -117.35 -14.54
N PHE E 1129 -17.34 -117.54 -14.62
CA PHE E 1129 -18.27 -116.91 -13.69
C PHE E 1129 -19.61 -117.63 -13.76
N GLY E 1130 -20.08 -118.12 -12.61
CA GLY E 1130 -21.37 -118.77 -12.56
C GLY E 1130 -21.35 -120.18 -13.12
N ARG E 1131 -22.52 -120.63 -13.55
CA ARG E 1131 -22.72 -121.97 -14.08
C ARG E 1131 -23.34 -121.90 -15.46
N PRO E 1132 -23.09 -122.91 -16.29
CA PRO E 1132 -23.72 -122.93 -17.63
C PRO E 1132 -25.23 -123.10 -17.53
N TRP E 1133 -25.93 -122.52 -18.51
CA TRP E 1133 -27.38 -122.61 -18.54
C TRP E 1133 -27.82 -123.91 -19.23
N GLN E 1134 -29.12 -124.17 -19.16
CA GLN E 1134 -29.75 -125.29 -19.84
C GLN E 1134 -30.78 -124.75 -20.83
N SER E 1135 -31.53 -125.66 -21.44
CA SER E 1135 -32.55 -125.26 -22.40
C SER E 1135 -33.72 -124.59 -21.66
N GLY E 1136 -34.16 -123.45 -22.18
CA GLY E 1136 -35.25 -122.72 -21.59
C GLY E 1136 -34.88 -121.86 -20.39
N ASP E 1137 -33.61 -121.80 -20.02
CA ASP E 1137 -33.19 -120.98 -18.89
C ASP E 1137 -33.25 -119.50 -19.25
N VAL E 1138 -33.68 -118.69 -18.28
CA VAL E 1138 -33.79 -117.25 -18.46
C VAL E 1138 -32.70 -116.58 -17.64
N VAL E 1139 -31.89 -115.75 -18.29
CA VAL E 1139 -30.85 -114.99 -17.62
C VAL E 1139 -31.28 -113.53 -17.58
N GLY E 1140 -31.31 -112.96 -16.38
CA GLY E 1140 -31.65 -111.57 -16.19
C GLY E 1140 -30.40 -110.75 -15.97
N CYS E 1141 -30.22 -109.73 -16.80
CA CYS E 1141 -29.10 -108.81 -16.70
C CYS E 1141 -29.60 -107.54 -16.02
N MET E 1142 -28.95 -107.15 -14.94
CA MET E 1142 -29.27 -105.96 -14.18
C MET E 1142 -28.04 -105.06 -14.13
N ILE E 1143 -28.24 -103.76 -14.34
CA ILE E 1143 -27.15 -102.81 -14.36
C ILE E 1143 -27.46 -101.69 -13.37
N ASP E 1144 -26.46 -101.36 -12.56
CA ASP E 1144 -26.50 -100.27 -11.58
C ASP E 1144 -25.58 -99.19 -12.14
N LEU E 1145 -26.17 -98.14 -12.73
CA LEU E 1145 -25.37 -97.07 -13.30
C LEU E 1145 -24.77 -96.20 -12.19
N THR E 1146 -25.53 -95.99 -11.10
CA THR E 1146 -25.01 -95.19 -9.99
C THR E 1146 -23.98 -95.97 -9.19
N GLU E 1147 -24.20 -97.25 -8.97
CA GLU E 1147 -23.26 -98.11 -8.26
C GLU E 1147 -22.18 -98.70 -9.16
N ASN E 1148 -22.27 -98.44 -10.48
CA ASN E 1148 -21.23 -98.84 -11.43
C ASN E 1148 -21.00 -100.35 -11.41
N THR E 1149 -22.09 -101.12 -11.47
CA THR E 1149 -21.99 -102.57 -11.40
C THR E 1149 -22.93 -103.23 -12.40
N ILE E 1150 -22.61 -104.49 -12.73
CA ILE E 1150 -23.45 -105.32 -13.59
C ILE E 1150 -23.59 -106.68 -12.92
N ILE E 1151 -24.84 -107.14 -12.76
CA ILE E 1151 -25.14 -108.41 -12.10
C ILE E 1151 -25.92 -109.29 -13.08
N PHE E 1152 -25.55 -110.56 -13.14
CA PHE E 1152 -26.21 -111.54 -13.98
C PHE E 1152 -26.86 -112.59 -13.09
N THR E 1153 -28.15 -112.86 -13.31
CA THR E 1153 -28.88 -113.85 -12.54
C THR E 1153 -29.40 -114.93 -13.47
N LEU E 1154 -29.37 -116.18 -13.01
CA LEU E 1154 -29.84 -117.31 -13.80
C LEU E 1154 -31.03 -117.94 -13.09
N ASN E 1155 -32.22 -117.82 -13.70
CA ASN E 1155 -33.44 -118.40 -13.17
C ASN E 1155 -33.71 -117.93 -11.73
N GLY E 1156 -33.42 -116.66 -11.47
CA GLY E 1156 -33.62 -116.07 -10.17
C GLY E 1156 -32.40 -116.12 -9.27
N GLU E 1157 -31.61 -117.19 -9.35
CA GLU E 1157 -30.42 -117.32 -8.52
C GLU E 1157 -29.31 -116.43 -9.07
N VAL E 1158 -28.70 -115.63 -8.19
CA VAL E 1158 -27.61 -114.75 -8.59
C VAL E 1158 -26.36 -115.58 -8.79
N LEU E 1159 -25.73 -115.42 -9.96
CA LEU E 1159 -24.53 -116.17 -10.27
C LEU E 1159 -23.32 -115.62 -9.51
N MET E 1160 -22.51 -116.52 -8.98
CA MET E 1160 -21.32 -116.16 -8.22
C MET E 1160 -20.07 -116.34 -9.07
N SER E 1161 -19.02 -115.62 -8.70
CA SER E 1161 -17.72 -115.73 -9.37
C SER E 1161 -16.87 -116.77 -8.65
N ASP E 1162 -15.63 -116.93 -9.13
CA ASP E 1162 -14.71 -117.85 -8.48
C ASP E 1162 -14.39 -117.40 -7.06
N SER E 1163 -14.19 -116.10 -6.87
CA SER E 1163 -13.92 -115.55 -5.55
C SER E 1163 -15.18 -115.40 -4.70
N GLY E 1164 -16.36 -115.57 -5.28
CA GLY E 1164 -17.61 -115.47 -4.56
C GLY E 1164 -18.33 -114.15 -4.68
N SER E 1165 -17.85 -113.24 -5.53
CA SER E 1165 -18.49 -111.93 -5.68
C SER E 1165 -19.82 -112.09 -6.41
N GLU E 1166 -20.86 -111.46 -5.87
CA GLU E 1166 -22.17 -111.51 -6.52
C GLU E 1166 -22.17 -110.75 -7.85
N THR E 1167 -21.56 -109.57 -7.87
CA THR E 1167 -21.53 -108.76 -9.08
C THR E 1167 -20.49 -109.31 -10.05
N ALA E 1168 -20.91 -109.50 -11.31
CA ALA E 1168 -19.98 -109.95 -12.33
C ALA E 1168 -18.88 -108.93 -12.58
N PHE E 1169 -19.24 -107.65 -12.65
CA PHE E 1169 -18.30 -106.56 -12.84
C PHE E 1169 -18.58 -105.47 -11.81
N ARG E 1170 -17.68 -104.49 -11.76
CA ARG E 1170 -17.79 -103.39 -10.81
C ARG E 1170 -16.97 -102.22 -11.32
N GLU E 1171 -17.04 -101.10 -10.60
CA GLU E 1171 -16.29 -99.87 -10.86
C GLU E 1171 -16.38 -99.41 -12.32
N ILE E 1172 -17.41 -99.85 -13.04
CA ILE E 1172 -17.53 -99.53 -14.45
C ILE E 1172 -17.85 -98.05 -14.62
N GLU E 1173 -17.07 -97.38 -15.46
CA GLU E 1173 -17.33 -95.97 -15.76
C GLU E 1173 -18.63 -95.82 -16.55
N ILE E 1174 -19.37 -94.76 -16.25
CA ILE E 1174 -20.62 -94.51 -16.97
C ILE E 1174 -20.33 -94.11 -18.41
N GLY E 1175 -19.58 -93.03 -18.60
CA GLY E 1175 -19.19 -92.63 -19.95
C GLY E 1175 -20.39 -92.27 -20.81
N ASP E 1176 -20.39 -92.78 -22.04
CA ASP E 1176 -21.44 -92.44 -23.00
C ASP E 1176 -22.78 -93.03 -22.61
N GLY E 1177 -22.79 -94.24 -22.07
CA GLY E 1177 -24.01 -94.92 -21.69
C GLY E 1177 -23.89 -96.40 -21.93
N PHE E 1178 -25.03 -97.09 -21.80
CA PHE E 1178 -25.07 -98.53 -21.97
C PHE E 1178 -26.35 -98.93 -22.70
N LEU E 1179 -26.28 -100.02 -23.46
CA LEU E 1179 -27.38 -100.53 -24.24
C LEU E 1179 -27.43 -102.05 -24.10
N PRO E 1180 -28.62 -102.63 -24.02
CA PRO E 1180 -28.72 -104.10 -24.04
C PRO E 1180 -28.19 -104.66 -25.36
N VAL E 1181 -27.57 -105.82 -25.28
CA VAL E 1181 -26.95 -106.44 -26.45
C VAL E 1181 -26.96 -107.95 -26.27
N CYS E 1182 -27.17 -108.66 -27.39
CA CYS E 1182 -27.12 -110.11 -27.39
C CYS E 1182 -26.54 -110.58 -28.73
N SER E 1183 -25.71 -111.61 -28.66
CA SER E 1183 -25.07 -112.20 -29.82
C SER E 1183 -25.30 -113.71 -29.81
N LEU E 1184 -25.63 -114.25 -30.98
CA LEU E 1184 -25.98 -115.66 -31.11
C LEU E 1184 -25.12 -116.29 -32.20
N GLY E 1185 -24.74 -117.56 -31.99
CA GLY E 1185 -23.96 -118.28 -32.95
C GLY E 1185 -24.79 -118.93 -34.03
N PRO E 1186 -24.17 -119.78 -34.84
CA PRO E 1186 -24.93 -120.45 -35.92
C PRO E 1186 -25.88 -121.49 -35.35
N GLY E 1187 -27.12 -121.46 -35.83
CA GLY E 1187 -28.11 -122.43 -35.40
C GLY E 1187 -28.66 -122.22 -34.00
N GLN E 1188 -28.41 -121.06 -33.39
CA GLN E 1188 -28.85 -120.76 -32.03
C GLN E 1188 -29.97 -119.73 -32.07
N VAL E 1189 -31.04 -120.00 -31.32
CA VAL E 1189 -32.18 -119.10 -31.24
C VAL E 1189 -32.36 -118.69 -29.78
N GLY E 1190 -32.92 -117.50 -29.57
CA GLY E 1190 -33.14 -117.02 -28.22
C GLY E 1190 -34.14 -115.90 -28.19
N HIS E 1191 -34.84 -115.79 -27.07
CA HIS E 1191 -35.87 -114.76 -26.89
C HIS E 1191 -35.30 -113.62 -26.05
N LEU E 1192 -35.56 -112.39 -26.47
CA LEU E 1192 -35.09 -111.21 -25.76
C LEU E 1192 -36.31 -110.43 -25.26
N ASN E 1193 -36.38 -110.19 -23.95
CA ASN E 1193 -37.46 -109.43 -23.35
C ASN E 1193 -36.83 -108.24 -22.63
N LEU E 1194 -36.87 -107.07 -23.27
CA LEU E 1194 -36.31 -105.88 -22.66
C LEU E 1194 -37.10 -105.44 -21.43
N GLY E 1195 -38.37 -105.81 -21.35
CA GLY E 1195 -39.19 -105.42 -20.22
C GLY E 1195 -40.29 -104.43 -20.58
N GLN E 1196 -40.83 -104.57 -21.79
CA GLN E 1196 -41.90 -103.69 -22.22
C GLN E 1196 -43.14 -103.85 -21.35
N ASP E 1197 -43.38 -105.06 -20.85
CA ASP E 1197 -44.51 -105.31 -19.94
C ASP E 1197 -44.06 -106.25 -18.84
N VAL E 1198 -44.32 -105.84 -17.59
CA VAL E 1198 -43.93 -106.64 -16.44
C VAL E 1198 -44.68 -107.97 -16.41
N SER E 1199 -45.86 -108.02 -17.04
CA SER E 1199 -46.60 -109.27 -17.11
C SER E 1199 -45.83 -110.33 -17.89
N SER E 1200 -45.26 -109.95 -19.03
CA SER E 1200 -44.41 -110.86 -19.78
C SER E 1200 -43.01 -110.99 -19.18
N LEU E 1201 -42.59 -110.01 -18.38
CA LEU E 1201 -41.29 -110.11 -17.72
C LEU E 1201 -41.35 -111.15 -16.61
N ARG E 1202 -40.49 -112.16 -16.70
CA ARG E 1202 -40.44 -113.25 -15.73
C ARG E 1202 -39.26 -113.06 -14.78
N PHE E 1203 -39.39 -113.63 -13.58
CA PHE E 1203 -38.36 -113.60 -12.54
C PHE E 1203 -37.98 -112.17 -12.16
N PHE E 1204 -38.81 -111.18 -12.51
CA PHE E 1204 -38.54 -109.80 -12.15
C PHE E 1204 -38.67 -109.59 -10.64
N ALA E 1205 -39.77 -110.08 -10.06
CA ALA E 1205 -40.03 -109.90 -8.63
C ALA E 1205 -39.03 -110.65 -7.75
N ILE E 1206 -38.27 -111.58 -8.31
CA ILE E 1206 -37.29 -112.32 -7.51
C ILE E 1206 -36.13 -111.42 -7.12
N CYS E 1207 -35.47 -110.83 -8.11
CA CYS E 1207 -34.30 -109.99 -7.86
C CYS E 1207 -34.48 -108.57 -8.39
N GLY E 1208 -34.96 -108.40 -9.61
CA GLY E 1208 -34.96 -107.08 -10.22
C GLY E 1208 -35.88 -106.10 -9.51
N LEU E 1209 -37.09 -106.54 -9.16
CA LEU E 1209 -38.03 -105.65 -8.48
C LEU E 1209 -37.60 -105.35 -7.06
N GLN E 1210 -36.95 -106.31 -6.39
CA GLN E 1210 -36.63 -106.14 -4.98
C GLN E 1210 -35.59 -105.05 -4.76
N GLU E 1211 -34.49 -105.10 -5.51
CA GLU E 1211 -33.45 -104.09 -5.36
C GLU E 1211 -33.93 -102.73 -5.84
N GLY E 1212 -34.65 -102.69 -6.96
CA GLY E 1212 -35.13 -101.44 -7.52
C GLY E 1212 -34.74 -101.28 -8.98
N PHE E 1213 -34.39 -102.38 -9.63
CA PHE E 1213 -34.02 -102.36 -11.05
C PHE E 1213 -35.27 -102.16 -11.88
N GLU E 1214 -35.45 -100.94 -12.38
CA GLU E 1214 -36.57 -100.67 -13.28
C GLU E 1214 -36.37 -101.45 -14.58
N PRO E 1215 -37.39 -102.17 -15.06
CA PRO E 1215 -37.23 -102.88 -16.33
C PRO E 1215 -36.93 -101.91 -17.46
N PHE E 1216 -36.04 -102.32 -18.35
CA PHE E 1216 -35.64 -101.48 -19.46
C PHE E 1216 -36.82 -101.28 -20.40
N ALA E 1217 -37.10 -100.01 -20.75
CA ALA E 1217 -38.16 -99.66 -21.68
C ALA E 1217 -39.52 -100.15 -21.19
N ILE E 1218 -39.91 -99.65 -20.02
CA ILE E 1218 -41.19 -100.04 -19.43
C ILE E 1218 -42.30 -99.06 -19.78
N ASN E 1219 -42.02 -97.76 -19.69
CA ASN E 1219 -43.07 -96.75 -19.87
C ASN E 1219 -43.30 -96.35 -21.32
N MET E 1220 -42.34 -96.62 -22.20
CA MET E 1220 -42.51 -96.22 -23.60
C MET E 1220 -43.60 -97.05 -24.26
N GLN E 1221 -44.46 -96.37 -25.03
CA GLN E 1221 -45.58 -97.06 -25.67
C GLN E 1221 -45.13 -97.92 -26.84
N ARG E 1222 -44.23 -97.40 -27.68
CA ARG E 1222 -43.81 -98.16 -28.84
C ARG E 1222 -42.69 -99.13 -28.48
N PRO E 1223 -42.62 -100.27 -29.17
CA PRO E 1223 -41.53 -101.23 -28.91
C PRO E 1223 -40.19 -100.65 -29.32
N VAL E 1224 -39.14 -101.14 -28.66
CA VAL E 1224 -37.78 -100.66 -28.92
C VAL E 1224 -37.35 -101.12 -30.31
N THR E 1225 -36.84 -100.18 -31.10
CA THR E 1225 -36.31 -100.50 -32.42
C THR E 1225 -34.87 -100.99 -32.25
N THR E 1226 -34.63 -102.25 -32.56
CA THR E 1226 -33.33 -102.86 -32.39
C THR E 1226 -32.57 -102.84 -33.71
N TRP E 1227 -31.24 -102.85 -33.60
CA TRP E 1227 -30.34 -102.85 -34.76
C TRP E 1227 -29.55 -104.14 -34.78
N PHE E 1228 -29.58 -104.83 -35.92
CA PHE E 1228 -28.88 -106.09 -36.07
C PHE E 1228 -27.66 -105.91 -36.97
N SER E 1229 -26.64 -106.73 -36.72
CA SER E 1229 -25.41 -106.69 -37.50
C SER E 1229 -25.60 -107.46 -38.79
N LYS E 1230 -25.54 -106.76 -39.92
CA LYS E 1230 -25.75 -107.35 -41.23
C LYS E 1230 -24.41 -107.61 -41.90
N SER E 1231 -24.19 -108.87 -42.31
CA SER E 1231 -22.93 -109.27 -42.94
C SER E 1231 -23.05 -109.16 -44.46
N LEU E 1232 -23.02 -107.92 -44.94
CA LEU E 1232 -23.07 -107.63 -46.37
C LEU E 1232 -21.87 -106.76 -46.71
N PRO E 1233 -20.93 -107.24 -47.53
CA PRO E 1233 -19.75 -106.43 -47.88
C PRO E 1233 -20.15 -105.17 -48.64
N GLN E 1234 -19.73 -104.02 -48.10
CA GLN E 1234 -20.02 -102.73 -48.72
C GLN E 1234 -18.74 -101.90 -48.76
N PHE E 1235 -18.61 -101.07 -49.79
CA PHE E 1235 -17.46 -100.21 -49.94
C PHE E 1235 -17.63 -98.94 -49.11
N GLU E 1236 -16.67 -98.68 -48.23
CA GLU E 1236 -16.68 -97.50 -47.39
C GLU E 1236 -15.35 -96.78 -47.46
N PRO E 1237 -15.33 -95.47 -47.25
CA PRO E 1237 -14.07 -94.72 -47.32
C PRO E 1237 -13.04 -95.24 -46.32
N VAL E 1238 -11.77 -95.21 -46.74
CA VAL E 1238 -10.68 -95.65 -45.87
C VAL E 1238 -10.48 -94.60 -44.79
N PRO E 1239 -10.60 -94.97 -43.51
CA PRO E 1239 -10.41 -93.98 -42.44
C PRO E 1239 -8.98 -93.50 -42.38
N PRO E 1240 -8.76 -92.22 -42.09
CA PRO E 1240 -7.39 -91.73 -41.93
C PRO E 1240 -6.67 -92.37 -40.75
N GLU E 1241 -7.40 -92.79 -39.73
CA GLU E 1241 -6.82 -93.39 -38.54
C GLU E 1241 -6.61 -94.90 -38.66
N HIS E 1242 -6.57 -95.42 -39.88
CA HIS E 1242 -6.35 -96.85 -40.07
C HIS E 1242 -4.93 -97.20 -39.65
N PRO E 1243 -4.75 -98.14 -38.72
CA PRO E 1243 -3.39 -98.47 -38.25
C PRO E 1243 -2.57 -99.29 -39.23
N HIS E 1244 -3.15 -99.75 -40.32
CA HIS E 1244 -2.45 -100.62 -41.26
C HIS E 1244 -2.25 -100.00 -42.64
N TYR E 1245 -3.22 -99.25 -43.15
CA TYR E 1245 -3.16 -98.71 -44.50
C TYR E 1245 -3.22 -97.19 -44.46
N GLU E 1246 -2.55 -96.56 -45.44
CA GLU E 1246 -2.43 -95.10 -45.44
C GLU E 1246 -2.45 -94.64 -46.89
N VAL E 1247 -3.45 -93.84 -47.26
CA VAL E 1247 -3.63 -93.38 -48.63
C VAL E 1247 -3.30 -91.90 -48.70
N ALA E 1248 -2.28 -91.55 -49.48
CA ALA E 1248 -1.77 -90.19 -49.54
C ALA E 1248 -2.02 -89.58 -50.91
N ARG E 1249 -2.38 -88.30 -50.93
CA ARG E 1249 -2.66 -87.57 -52.16
C ARG E 1249 -1.38 -86.89 -52.64
N MET E 1250 -0.81 -87.40 -53.74
CA MET E 1250 0.32 -86.75 -54.40
C MET E 1250 -0.13 -85.89 -55.57
N ASP E 1251 -1.35 -85.35 -55.50
CA ASP E 1251 -1.90 -84.57 -56.60
C ASP E 1251 -1.14 -83.27 -56.78
N GLY E 1252 -1.22 -82.73 -58.00
CA GLY E 1252 -0.50 -81.51 -58.33
C GLY E 1252 0.97 -81.72 -58.60
N THR E 1253 1.40 -82.95 -58.86
CA THR E 1253 2.81 -83.22 -59.10
C THR E 1253 3.27 -82.59 -60.40
N VAL E 1254 4.52 -82.14 -60.42
CA VAL E 1254 5.10 -81.51 -61.60
C VAL E 1254 5.48 -82.59 -62.60
N ASP E 1255 5.03 -82.42 -63.85
CA ASP E 1255 5.29 -83.37 -64.93
C ASP E 1255 4.80 -84.77 -64.56
N THR E 1256 3.67 -84.82 -63.85
CA THR E 1256 3.07 -86.07 -63.40
C THR E 1256 1.61 -85.82 -63.05
N PRO E 1257 0.68 -86.64 -63.55
CA PRO E 1257 -0.74 -86.42 -63.26
C PRO E 1257 -1.04 -86.63 -61.79
N PRO E 1258 -2.13 -86.06 -61.29
CA PRO E 1258 -2.51 -86.29 -59.88
C PRO E 1258 -2.67 -87.77 -59.59
N CYS E 1259 -2.42 -88.14 -58.34
CA CYS E 1259 -2.41 -89.55 -57.98
C CYS E 1259 -2.66 -89.72 -56.50
N LEU E 1260 -3.11 -90.91 -56.14
CA LEU E 1260 -3.31 -91.34 -54.76
C LEU E 1260 -2.52 -92.62 -54.54
N ARG E 1261 -1.57 -92.59 -53.61
CA ARG E 1261 -0.66 -93.70 -53.39
C ARG E 1261 -1.01 -94.40 -52.09
N LEU E 1262 -1.07 -95.72 -52.13
CA LEU E 1262 -1.38 -96.54 -50.96
C LEU E 1262 -0.08 -97.08 -50.36
N ALA E 1263 0.02 -97.03 -49.03
CA ALA E 1263 1.19 -97.50 -48.32
C ALA E 1263 0.77 -98.28 -47.08
N HIS E 1264 1.65 -99.17 -46.64
CA HIS E 1264 1.43 -99.97 -45.44
C HIS E 1264 2.14 -99.31 -44.28
N ARG E 1265 1.37 -98.88 -43.28
CA ARG E 1265 1.93 -98.18 -42.13
C ARG E 1265 2.86 -99.07 -41.31
N THR E 1266 2.46 -100.32 -41.09
CA THR E 1266 3.17 -101.24 -40.21
C THR E 1266 3.70 -102.45 -40.97
N TRP E 1267 4.25 -102.22 -42.16
CA TRP E 1267 4.80 -103.32 -42.94
C TRP E 1267 6.04 -103.88 -42.27
N GLY E 1268 6.09 -105.21 -42.14
CA GLY E 1268 7.24 -105.86 -41.53
C GLY E 1268 7.46 -105.48 -40.08
N SER E 1269 6.40 -105.39 -39.30
CA SER E 1269 6.51 -105.00 -37.89
C SER E 1269 5.72 -105.95 -36.99
N GLN E 1270 5.60 -105.61 -35.72
CA GLN E 1270 4.84 -106.42 -34.79
C GLN E 1270 3.36 -106.41 -35.14
N ASN E 1271 2.71 -107.54 -34.91
CA ASN E 1271 1.29 -107.79 -35.18
C ASN E 1271 0.82 -107.18 -36.50
N SER E 1272 1.65 -107.30 -37.53
CA SER E 1272 1.30 -106.80 -38.85
C SER E 1272 0.48 -107.86 -39.60
N LEU E 1273 -0.66 -107.44 -40.15
CA LEU E 1273 -1.55 -108.33 -40.87
C LEU E 1273 -1.60 -107.94 -42.33
N VAL E 1274 -1.48 -108.92 -43.21
CA VAL E 1274 -1.63 -108.72 -44.65
C VAL E 1274 -2.77 -109.61 -45.14
N GLU E 1275 -3.62 -109.05 -45.99
CA GLU E 1275 -4.79 -109.76 -46.49
C GLU E 1275 -5.29 -109.04 -47.73
N MET E 1276 -6.28 -109.68 -48.38
CA MET E 1276 -6.84 -109.10 -49.60
C MET E 1276 -7.46 -107.73 -49.31
N LEU E 1277 -7.18 -106.77 -50.19
CA LEU E 1277 -7.69 -105.42 -50.06
C LEU E 1277 -8.43 -105.06 -51.35
N PHE E 1278 -9.69 -104.67 -51.23
CA PHE E 1278 -10.55 -104.33 -52.34
C PHE E 1278 -10.79 -102.82 -52.30
N LEU E 1279 -10.12 -102.08 -53.19
CA LEU E 1279 -10.20 -100.63 -53.21
C LEU E 1279 -10.90 -100.16 -54.47
N ARG E 1280 -11.60 -99.04 -54.36
CA ARG E 1280 -12.35 -98.48 -55.48
C ARG E 1280 -12.41 -96.97 -55.34
N LEU E 1281 -12.79 -96.30 -56.43
CA LEU E 1281 -12.96 -94.86 -56.42
C LEU E 1281 -14.41 -94.52 -56.09
N SER E 1282 -14.59 -93.38 -55.41
CA SER E 1282 -15.92 -93.00 -54.94
C SER E 1282 -16.86 -92.66 -56.10
N LEU E 1283 -16.35 -92.01 -57.15
CA LEU E 1283 -17.24 -91.54 -58.20
C LEU E 1283 -17.16 -92.44 -59.43
N PRO E 1284 -18.29 -92.78 -60.03
CA PRO E 1284 -18.30 -93.66 -61.20
C PRO E 1284 -18.29 -92.87 -62.51
N VAL E 1285 -18.16 -93.63 -63.60
CA VAL E 1285 -18.29 -93.12 -64.95
C VAL E 1285 -19.43 -93.88 -65.63
N GLN E 1286 -20.34 -93.13 -66.26
CA GLN E 1286 -21.57 -93.69 -66.81
C GLN E 1286 -21.52 -93.67 -68.33
N PHE E 1287 -21.85 -94.81 -68.95
CA PHE E 1287 -21.90 -94.91 -70.39
C PHE E 1287 -23.13 -94.18 -70.95
N HIS E 1288 -23.05 -93.82 -72.22
CA HIS E 1288 -24.13 -93.10 -72.87
C HIS E 1288 -25.36 -94.00 -73.05
N GLN E 1289 -26.53 -93.36 -73.10
CA GLN E 1289 -27.76 -94.12 -73.28
C GLN E 1289 -27.83 -94.80 -74.64
N HIS E 1290 -27.38 -94.11 -75.69
CA HIS E 1290 -27.41 -94.62 -77.04
C HIS E 1290 -25.99 -94.88 -77.53
N PHE E 1291 -25.74 -96.11 -77.99
CA PHE E 1291 -24.42 -96.50 -78.49
C PHE E 1291 -24.36 -96.31 -80.01
N ARG E 1292 -24.29 -95.04 -80.40
CA ARG E 1292 -24.23 -94.66 -81.81
C ARG E 1292 -22.78 -94.54 -82.27
N CYS E 1293 -22.07 -95.68 -82.19
CA CYS E 1293 -20.68 -95.78 -82.61
C CYS E 1293 -19.81 -94.74 -81.92
N THR E 1294 -19.12 -93.92 -82.72
CA THR E 1294 -18.25 -92.86 -82.20
C THR E 1294 -17.22 -93.38 -81.21
N ASN E 1410 4.12 -85.74 -78.25
CA ASN E 1410 3.76 -84.64 -79.14
C ASN E 1410 2.52 -83.92 -78.63
N ARG E 1411 2.28 -82.72 -79.14
CA ARG E 1411 1.12 -81.94 -78.74
C ARG E 1411 -0.16 -82.61 -79.22
N ASP E 1412 -1.16 -82.66 -78.34
CA ASP E 1412 -2.44 -83.26 -78.68
C ASP E 1412 -3.24 -82.32 -79.58
N ASP E 1413 -3.94 -82.91 -80.55
CA ASP E 1413 -4.67 -82.12 -81.54
C ASP E 1413 -5.97 -81.62 -80.93
N PRO E 1414 -6.16 -80.29 -80.81
CA PRO E 1414 -7.34 -79.78 -80.10
C PRO E 1414 -8.66 -80.26 -80.68
N GLU E 1415 -8.76 -80.39 -82.00
CA GLU E 1415 -10.00 -80.89 -82.60
C GLU E 1415 -10.33 -82.28 -82.08
N ILE E 1416 -9.31 -83.14 -82.03
CA ILE E 1416 -9.51 -84.49 -81.51
C ILE E 1416 -9.84 -84.44 -80.02
N ILE E 1417 -9.24 -83.50 -79.29
CA ILE E 1417 -9.56 -83.33 -77.88
C ILE E 1417 -11.04 -83.04 -77.70
N LEU E 1418 -11.59 -82.15 -78.53
CA LEU E 1418 -13.00 -81.80 -78.37
C LEU E 1418 -13.94 -82.91 -78.84
N ASN E 1419 -13.64 -83.58 -79.96
CA ASN E 1419 -14.61 -84.54 -80.49
C ASN E 1419 -14.34 -85.97 -80.05
N THR E 1420 -13.39 -86.19 -79.15
CA THR E 1420 -13.11 -87.54 -78.67
C THR E 1420 -14.07 -87.92 -77.55
N THR E 1421 -14.15 -89.23 -77.28
CA THR E 1421 -15.02 -89.73 -76.23
C THR E 1421 -14.35 -90.79 -75.36
N THR E 1422 -13.04 -91.00 -75.51
CA THR E 1422 -12.34 -92.01 -74.73
C THR E 1422 -11.77 -91.39 -73.45
N TYR E 1423 -11.55 -92.25 -72.45
CA TYR E 1423 -11.06 -91.82 -71.15
C TYR E 1423 -9.98 -92.78 -70.68
N TYR E 1424 -8.96 -92.25 -70.00
CA TYR E 1424 -7.78 -93.00 -69.62
C TYR E 1424 -7.50 -92.82 -68.13
N TYR E 1425 -7.09 -93.91 -67.48
CA TYR E 1425 -6.57 -93.78 -66.12
C TYR E 1425 -5.64 -94.95 -65.84
N SER E 1426 -4.57 -94.70 -65.07
CA SER E 1426 -3.55 -95.72 -64.89
C SER E 1426 -3.43 -96.11 -63.42
N VAL E 1427 -2.89 -97.30 -63.20
CA VAL E 1427 -2.53 -97.79 -61.88
C VAL E 1427 -1.07 -98.24 -61.94
N ARG E 1428 -0.23 -97.66 -61.09
CA ARG E 1428 1.18 -98.00 -61.03
C ARG E 1428 1.42 -98.91 -59.84
N VAL E 1429 1.74 -100.17 -60.12
CA VAL E 1429 2.18 -101.11 -59.09
C VAL E 1429 3.68 -100.90 -58.88
N PHE E 1430 4.06 -100.60 -57.66
CA PHE E 1430 5.43 -100.19 -57.35
C PHE E 1430 6.37 -101.40 -57.35
N ALA E 1431 7.66 -101.11 -57.48
CA ALA E 1431 8.67 -102.14 -57.38
C ALA E 1431 8.70 -102.73 -55.98
N GLY E 1432 8.85 -104.05 -55.89
CA GLY E 1432 8.75 -104.77 -54.65
C GLY E 1432 7.39 -105.37 -54.38
N GLN E 1433 6.37 -104.92 -55.10
CA GLN E 1433 5.03 -105.49 -55.01
C GLN E 1433 4.84 -106.46 -56.17
N GLU E 1434 4.55 -107.71 -55.85
CA GLU E 1434 4.43 -108.73 -56.89
C GLU E 1434 3.21 -108.45 -57.75
N PRO E 1435 3.36 -108.35 -59.08
CA PRO E 1435 2.18 -108.16 -59.95
C PRO E 1435 1.22 -109.33 -59.92
N SER E 1436 1.66 -110.51 -59.46
CA SER E 1436 0.76 -111.66 -59.37
C SER E 1436 -0.33 -111.49 -58.32
N CYS E 1437 -0.19 -110.49 -57.44
CA CYS E 1437 -1.16 -110.25 -56.38
C CYS E 1437 -1.99 -108.99 -56.60
N VAL E 1438 -2.11 -108.53 -57.86
CA VAL E 1438 -2.85 -107.32 -58.17
C VAL E 1438 -3.88 -107.62 -59.24
N TRP E 1439 -4.91 -106.78 -59.28
CA TRP E 1439 -5.99 -106.86 -60.27
C TRP E 1439 -6.49 -105.46 -60.54
N VAL E 1440 -6.39 -105.01 -61.80
CA VAL E 1440 -6.73 -103.65 -62.17
C VAL E 1440 -7.89 -103.68 -63.15
N GLY E 1441 -8.91 -102.87 -62.89
CA GLY E 1441 -10.07 -102.79 -63.77
C GLY E 1441 -11.21 -101.95 -63.25
N TRP E 1442 -12.44 -102.42 -63.44
CA TRP E 1442 -13.64 -101.69 -63.07
C TRP E 1442 -14.59 -102.61 -62.33
N VAL E 1443 -15.49 -102.00 -61.55
CA VAL E 1443 -16.51 -102.74 -60.80
C VAL E 1443 -17.86 -102.05 -60.97
N THR E 1444 -18.90 -102.86 -61.08
CA THR E 1444 -20.26 -102.34 -61.05
C THR E 1444 -20.65 -101.99 -59.61
N PRO E 1445 -21.71 -101.18 -59.43
CA PRO E 1445 -22.14 -100.85 -58.06
C PRO E 1445 -22.49 -102.08 -57.22
N ASP E 1446 -22.92 -103.17 -57.84
CA ASP E 1446 -23.30 -104.38 -57.11
C ASP E 1446 -22.09 -105.31 -57.07
N TYR E 1447 -21.30 -105.19 -55.99
CA TYR E 1447 -20.17 -106.07 -55.77
C TYR E 1447 -19.99 -106.26 -54.27
N HIS E 1448 -20.17 -107.49 -53.80
CA HIS E 1448 -20.05 -107.81 -52.38
C HIS E 1448 -19.28 -109.12 -52.19
N GLN E 1449 -18.18 -109.29 -52.91
CA GLN E 1449 -17.37 -110.49 -52.84
C GLN E 1449 -16.14 -110.22 -51.97
N HIS E 1450 -16.24 -110.55 -50.69
CA HIS E 1450 -15.13 -110.42 -49.76
C HIS E 1450 -14.33 -111.71 -49.64
N ASP E 1451 -13.90 -112.25 -50.78
CA ASP E 1451 -13.16 -113.51 -50.80
C ASP E 1451 -11.68 -113.24 -50.50
N MET E 1452 -11.17 -113.87 -49.44
CA MET E 1452 -9.76 -113.72 -49.09
C MET E 1452 -8.84 -114.41 -50.10
N ASN E 1453 -9.35 -115.41 -50.82
CA ASN E 1453 -8.59 -116.12 -51.84
C ASN E 1453 -9.09 -115.78 -53.23
N PHE E 1454 -9.37 -114.50 -53.47
CA PHE E 1454 -9.97 -114.07 -54.72
C PHE E 1454 -9.09 -114.44 -55.91
N ASP E 1455 -9.73 -114.93 -56.97
CA ASP E 1455 -9.07 -115.26 -58.22
C ASP E 1455 -9.91 -114.72 -59.36
N LEU E 1456 -9.26 -114.57 -60.53
CA LEU E 1456 -9.95 -114.01 -61.68
C LEU E 1456 -11.10 -114.88 -62.17
N SER E 1457 -11.13 -116.15 -61.77
CA SER E 1457 -12.20 -117.07 -62.15
C SER E 1457 -13.34 -117.08 -61.15
N LYS E 1458 -13.24 -116.32 -60.06
CA LYS E 1458 -14.28 -116.28 -59.04
C LYS E 1458 -15.35 -115.23 -59.33
N VAL E 1459 -15.23 -114.49 -60.42
CA VAL E 1459 -16.20 -113.44 -60.73
C VAL E 1459 -17.52 -114.08 -61.16
N ARG E 1460 -18.61 -113.33 -60.96
CA ARG E 1460 -19.94 -113.78 -61.35
C ARG E 1460 -20.22 -113.35 -62.78
N ALA E 1461 -20.59 -114.30 -63.63
CA ALA E 1461 -20.90 -114.02 -65.02
C ALA E 1461 -22.00 -114.95 -65.50
N VAL E 1462 -23.02 -114.38 -66.14
CA VAL E 1462 -24.15 -115.15 -66.65
C VAL E 1462 -24.47 -114.67 -68.06
N THR E 1463 -24.64 -115.60 -68.99
CA THR E 1463 -24.96 -115.28 -70.37
C THR E 1463 -26.42 -115.57 -70.64
N VAL E 1464 -27.17 -114.53 -70.99
CA VAL E 1464 -28.58 -114.66 -71.38
C VAL E 1464 -28.64 -114.75 -72.90
N THR E 1465 -29.27 -115.81 -73.40
CA THR E 1465 -29.43 -116.00 -74.83
C THR E 1465 -30.92 -116.03 -75.15
N MET E 1466 -31.37 -115.06 -75.93
CA MET E 1466 -32.77 -114.95 -76.34
C MET E 1466 -32.91 -115.52 -77.75
N GLY E 1467 -33.70 -116.58 -77.88
CA GLY E 1467 -33.88 -117.26 -79.15
C GLY E 1467 -35.20 -116.88 -79.83
N ASP E 1468 -35.36 -117.43 -81.03
CA ASP E 1468 -36.55 -117.23 -81.83
C ASP E 1468 -37.45 -118.45 -81.74
N GLU E 1469 -38.50 -118.47 -82.56
CA GLU E 1469 -39.44 -119.59 -82.54
C GLU E 1469 -38.78 -120.89 -82.99
N GLN E 1470 -37.76 -120.80 -83.85
CA GLN E 1470 -37.05 -121.98 -84.33
C GLN E 1470 -35.97 -122.46 -83.38
N GLY E 1471 -35.76 -121.76 -82.26
CA GLY E 1471 -34.72 -122.12 -81.32
C GLY E 1471 -33.36 -121.50 -81.60
N ASN E 1472 -33.21 -120.80 -82.73
CA ASN E 1472 -31.95 -120.12 -83.02
C ASN E 1472 -31.78 -118.93 -82.10
N VAL E 1473 -30.60 -118.81 -81.49
CA VAL E 1473 -30.33 -117.73 -80.55
C VAL E 1473 -30.17 -116.42 -81.30
N HIS E 1474 -31.21 -115.58 -81.26
CA HIS E 1474 -31.14 -114.30 -81.97
C HIS E 1474 -30.23 -113.32 -81.25
N SER E 1475 -30.28 -113.29 -79.92
CA SER E 1475 -29.46 -112.37 -79.13
C SER E 1475 -28.66 -113.14 -78.10
N SER E 1476 -27.41 -112.74 -77.92
CA SER E 1476 -26.55 -113.30 -76.88
C SER E 1476 -25.92 -112.14 -76.13
N LEU E 1477 -26.02 -112.15 -74.79
CA LEU E 1477 -25.52 -111.06 -73.98
C LEU E 1477 -24.96 -111.62 -72.69
N LYS E 1478 -24.01 -110.90 -72.10
CA LYS E 1478 -23.37 -111.33 -70.86
C LYS E 1478 -23.54 -110.27 -69.77
N CYS E 1479 -23.67 -110.74 -68.53
CA CYS E 1479 -23.75 -109.87 -67.36
C CYS E 1479 -22.69 -110.29 -66.36
N SER E 1480 -21.87 -109.33 -65.93
CA SER E 1480 -20.86 -109.55 -64.91
C SER E 1480 -20.81 -108.34 -64.00
N ASN E 1481 -20.40 -108.57 -62.75
CA ASN E 1481 -20.36 -107.51 -61.75
C ASN E 1481 -19.04 -106.75 -61.73
N CYS E 1482 -18.03 -107.22 -62.45
CA CYS E 1482 -16.73 -106.57 -62.42
C CYS E 1482 -15.92 -106.99 -63.64
N TYR E 1483 -14.92 -106.18 -63.97
CA TYR E 1483 -14.06 -106.42 -65.13
C TYR E 1483 -12.65 -106.00 -64.77
N MET E 1484 -11.78 -106.97 -64.49
CA MET E 1484 -10.38 -106.71 -64.16
C MET E 1484 -9.48 -107.59 -65.03
N VAL E 1485 -8.20 -107.22 -65.05
CA VAL E 1485 -7.16 -108.02 -65.68
C VAL E 1485 -6.07 -108.27 -64.66
N TRP E 1486 -5.58 -109.51 -64.62
CA TRP E 1486 -4.60 -109.92 -63.60
C TRP E 1486 -3.20 -109.48 -64.01
N GLY E 1487 -2.53 -108.78 -63.09
CA GLY E 1487 -1.15 -108.35 -63.35
C GLY E 1487 -0.17 -109.50 -63.40
N GLY E 1488 -0.52 -110.65 -62.82
CA GLY E 1488 0.33 -111.82 -62.94
C GLY E 1488 0.50 -112.26 -64.38
N ASP E 1489 -0.58 -112.18 -65.17
CA ASP E 1489 -0.48 -112.50 -66.59
C ASP E 1489 0.52 -111.58 -67.29
N PHE E 1490 0.45 -110.27 -67.00
CA PHE E 1490 1.35 -109.33 -67.66
C PHE E 1490 2.79 -109.55 -67.23
N VAL E 1491 3.03 -109.81 -65.94
CA VAL E 1491 4.41 -110.01 -65.49
C VAL E 1491 4.96 -111.33 -66.01
N SER E 1492 4.11 -112.36 -66.15
CA SER E 1492 4.55 -113.61 -66.75
C SER E 1492 4.88 -113.43 -68.23
N PRO E 1493 4.07 -112.62 -68.94
CA PRO E 1493 4.38 -112.31 -70.33
C PRO E 1493 5.71 -111.55 -70.45
N GLY E 1494 5.94 -110.60 -69.54
CA GLY E 1494 7.18 -109.83 -69.49
C GLY E 1494 7.50 -109.16 -70.82
N ARG E 1498 13.35 -112.27 -58.42
CA ARG E 1498 13.35 -111.54 -57.15
C ARG E 1498 12.48 -110.29 -57.24
N ILE E 1499 13.02 -109.17 -56.80
CA ILE E 1499 12.30 -107.90 -56.88
C ILE E 1499 12.12 -107.51 -58.34
N SER E 1500 10.93 -106.99 -58.67
CA SER E 1500 10.66 -106.59 -60.05
C SER E 1500 11.58 -105.44 -60.49
N HIS E 1501 11.96 -104.56 -59.55
CA HIS E 1501 12.82 -103.41 -59.79
C HIS E 1501 12.23 -102.42 -60.79
N THR E 1502 10.98 -102.60 -61.18
CA THR E 1502 10.31 -101.70 -62.11
C THR E 1502 8.88 -101.47 -61.64
N ASP E 1503 8.29 -100.39 -62.13
CA ASP E 1503 6.90 -100.04 -61.81
C ASP E 1503 6.01 -100.41 -62.99
N LEU E 1504 4.98 -101.20 -62.71
CA LEU E 1504 4.07 -101.68 -63.76
C LEU E 1504 2.89 -100.72 -63.86
N VAL E 1505 2.77 -100.03 -64.99
CA VAL E 1505 1.75 -99.00 -65.18
C VAL E 1505 0.67 -99.60 -66.07
N ILE E 1506 -0.37 -100.14 -65.45
CA ILE E 1506 -1.50 -100.70 -66.18
C ILE E 1506 -2.51 -99.59 -66.41
N GLY E 1507 -2.68 -99.19 -67.67
CA GLY E 1507 -3.60 -98.12 -68.02
C GLY E 1507 -4.86 -98.69 -68.65
N CYS E 1508 -6.00 -98.20 -68.18
CA CYS E 1508 -7.31 -98.59 -68.68
C CYS E 1508 -7.88 -97.47 -69.54
N LEU E 1509 -8.44 -97.85 -70.69
CA LEU E 1509 -9.07 -96.95 -71.63
C LEU E 1509 -10.52 -97.37 -71.82
N VAL E 1510 -11.44 -96.44 -71.63
CA VAL E 1510 -12.87 -96.73 -71.70
C VAL E 1510 -13.51 -95.79 -72.71
N ASP E 1511 -14.32 -96.34 -73.61
CA ASP E 1511 -15.03 -95.56 -74.61
C ASP E 1511 -16.51 -95.58 -74.27
N LEU E 1512 -17.04 -94.45 -73.80
CA LEU E 1512 -18.45 -94.39 -73.42
C LEU E 1512 -19.36 -94.34 -74.64
N ALA E 1513 -18.85 -93.83 -75.77
CA ALA E 1513 -19.68 -93.71 -76.97
C ALA E 1513 -20.06 -95.09 -77.53
N THR E 1514 -19.09 -96.00 -77.60
CA THR E 1514 -19.33 -97.32 -78.16
C THR E 1514 -19.57 -98.38 -77.08
N GLY E 1515 -18.76 -98.39 -76.03
CA GLY E 1515 -19.01 -99.28 -74.91
C GLY E 1515 -17.97 -100.36 -74.70
N LEU E 1516 -16.72 -100.07 -75.05
CA LEU E 1516 -15.63 -101.03 -74.88
C LEU E 1516 -14.54 -100.44 -73.99
N MET E 1517 -13.94 -101.29 -73.16
CA MET E 1517 -12.78 -100.92 -72.35
C MET E 1517 -11.63 -101.87 -72.68
N THR E 1518 -10.46 -101.29 -72.90
CA THR E 1518 -9.26 -102.00 -73.30
C THR E 1518 -8.09 -101.58 -72.41
N PHE E 1519 -7.19 -102.52 -72.15
CA PHE E 1519 -6.10 -102.33 -71.20
C PHE E 1519 -4.77 -102.25 -71.91
N THR E 1520 -3.77 -101.72 -71.20
CA THR E 1520 -2.41 -101.63 -71.73
C THR E 1520 -1.45 -101.62 -70.54
N ALA E 1521 -0.65 -102.67 -70.41
CA ALA E 1521 0.25 -102.81 -69.26
C ALA E 1521 1.62 -102.23 -69.60
N ASN E 1522 1.97 -101.12 -68.96
CA ASN E 1522 3.26 -100.45 -69.04
C ASN E 1522 3.51 -99.84 -70.42
N GLY E 1523 2.66 -100.10 -71.40
CA GLY E 1523 2.88 -99.68 -72.78
C GLY E 1523 3.01 -100.81 -73.76
N LYS E 1524 2.90 -102.06 -73.31
CA LYS E 1524 2.99 -103.23 -74.17
C LYS E 1524 1.66 -103.65 -74.77
N GLU E 1525 0.57 -102.96 -74.40
CA GLU E 1525 -0.78 -103.23 -74.92
C GLU E 1525 -1.32 -104.56 -74.40
N SER E 1526 -2.63 -104.62 -74.15
CA SER E 1526 -3.28 -105.82 -73.64
C SER E 1526 -4.38 -106.24 -74.60
N ASN E 1527 -4.37 -107.51 -75.00
CA ASN E 1527 -5.39 -108.02 -75.92
C ASN E 1527 -6.76 -108.15 -75.26
N THR E 1528 -6.82 -108.20 -73.93
CA THR E 1528 -8.09 -108.35 -73.25
C THR E 1528 -8.91 -107.07 -73.33
N PHE E 1529 -10.18 -107.21 -73.73
CA PHE E 1529 -11.09 -106.09 -73.80
C PHE E 1529 -12.47 -106.57 -73.36
N PHE E 1530 -13.30 -105.62 -72.92
CA PHE E 1530 -14.63 -105.94 -72.44
C PHE E 1530 -15.66 -104.99 -73.04
N GLN E 1531 -16.80 -105.54 -73.45
CA GLN E 1531 -17.91 -104.79 -74.00
C GLN E 1531 -19.05 -104.76 -72.98
N VAL E 1532 -19.65 -103.59 -72.81
CA VAL E 1532 -20.66 -103.40 -71.77
C VAL E 1532 -21.91 -102.76 -72.39
N GLU E 1533 -23.02 -102.90 -71.67
CA GLU E 1533 -24.30 -102.36 -72.08
C GLU E 1533 -24.35 -100.84 -71.86
N PRO E 1534 -25.27 -100.16 -72.54
CA PRO E 1534 -25.48 -98.74 -72.25
C PRO E 1534 -26.12 -98.54 -70.88
N ASN E 1535 -26.02 -97.31 -70.38
CA ASN E 1535 -26.56 -96.93 -69.07
C ASN E 1535 -25.95 -97.78 -67.95
N THR E 1536 -24.63 -97.92 -67.99
CA THR E 1536 -23.88 -98.64 -66.98
C THR E 1536 -22.86 -97.71 -66.34
N LYS E 1537 -22.81 -97.71 -65.02
CA LYS E 1537 -21.85 -96.91 -64.27
C LYS E 1537 -20.78 -97.83 -63.68
N LEU E 1538 -19.52 -97.48 -63.88
CA LEU E 1538 -18.39 -98.29 -63.46
C LEU E 1538 -17.45 -97.47 -62.59
N PHE E 1539 -16.91 -98.12 -61.55
CA PHE E 1539 -15.97 -97.51 -60.63
C PHE E 1539 -14.57 -98.06 -60.86
N PRO E 1540 -13.56 -97.20 -61.01
CA PRO E 1540 -12.18 -97.70 -61.09
C PRO E 1540 -11.78 -98.37 -59.78
N ALA E 1541 -11.46 -99.67 -59.86
CA ALA E 1541 -11.17 -100.44 -58.67
C ALA E 1541 -9.96 -101.34 -58.90
N VAL E 1542 -9.26 -101.63 -57.81
CA VAL E 1542 -8.13 -102.55 -57.81
C VAL E 1542 -8.23 -103.47 -56.59
N PHE E 1543 -7.90 -104.74 -56.80
CA PHE E 1543 -7.84 -105.73 -55.73
C PHE E 1543 -6.39 -106.18 -55.59
N VAL E 1544 -5.84 -106.06 -54.38
CA VAL E 1544 -4.41 -106.23 -54.19
C VAL E 1544 -4.14 -106.98 -52.88
N LEU E 1545 -3.10 -107.82 -52.89
CA LEU E 1545 -2.58 -108.43 -51.68
C LEU E 1545 -1.28 -107.74 -51.30
N PRO E 1546 -1.25 -106.94 -50.24
CA PRO E 1546 -0.03 -106.19 -49.90
C PRO E 1546 1.12 -107.12 -49.57
N THR E 1547 2.28 -106.84 -50.19
CA THR E 1547 3.51 -107.57 -49.89
C THR E 1547 4.73 -106.65 -49.86
N HIS E 1548 4.54 -105.33 -49.83
CA HIS E 1548 5.66 -104.39 -49.85
C HIS E 1548 5.21 -103.10 -49.20
N GLN E 1549 6.18 -102.26 -48.86
CA GLN E 1549 5.88 -100.98 -48.23
C GLN E 1549 5.08 -100.07 -49.16
N ASN E 1550 5.54 -99.93 -50.40
CA ASN E 1550 4.85 -99.15 -51.41
C ASN E 1550 4.14 -100.11 -52.36
N VAL E 1551 2.82 -100.00 -52.47
CA VAL E 1551 2.05 -101.01 -53.18
C VAL E 1551 1.57 -100.47 -54.53
N ILE E 1552 0.67 -99.48 -54.52
CA ILE E 1552 -0.03 -99.05 -55.71
C ILE E 1552 -0.23 -97.54 -55.71
N GLN E 1553 -0.45 -97.01 -56.90
CA GLN E 1553 -0.65 -95.57 -57.11
C GLN E 1553 -1.72 -95.38 -58.18
N PHE E 1554 -2.88 -94.85 -57.78
CA PHE E 1554 -3.95 -94.51 -58.70
C PHE E 1554 -3.60 -93.20 -59.38
N GLU E 1555 -3.26 -93.23 -60.67
CA GLU E 1555 -2.89 -92.04 -61.42
C GLU E 1555 -4.04 -91.64 -62.33
N LEU E 1556 -4.52 -90.40 -62.17
CA LEU E 1556 -5.65 -89.86 -62.91
C LEU E 1556 -5.09 -88.89 -63.94
N GLY E 1557 -4.75 -89.41 -65.12
CA GLY E 1557 -4.14 -88.59 -66.13
C GLY E 1557 -4.77 -88.69 -67.51
N LYS E 1558 -4.04 -88.23 -68.53
CA LYS E 1558 -4.53 -88.24 -69.89
C LYS E 1558 -3.39 -88.65 -70.82
N GLN E 1559 -3.77 -89.12 -72.00
CA GLN E 1559 -2.83 -89.44 -73.06
C GLN E 1559 -3.12 -88.52 -74.25
N LYS E 1560 -2.44 -88.78 -75.36
CA LYS E 1560 -2.67 -88.00 -76.56
C LYS E 1560 -4.07 -88.27 -77.10
N ASN E 1561 -4.83 -87.20 -77.34
CA ASN E 1561 -6.17 -87.28 -77.92
C ASN E 1561 -7.14 -88.06 -77.03
N ILE E 1562 -6.95 -88.00 -75.71
CA ILE E 1562 -7.76 -88.76 -74.77
C ILE E 1562 -8.14 -87.85 -73.59
N MET E 1563 -9.41 -87.87 -73.23
CA MET E 1563 -9.88 -87.15 -72.05
C MET E 1563 -9.36 -87.80 -70.77
N PRO E 1564 -9.19 -87.02 -69.71
CA PRO E 1564 -8.94 -87.61 -68.38
C PRO E 1564 -10.22 -88.12 -67.77
N LEU E 1565 -10.08 -88.84 -66.66
CA LEU E 1565 -11.23 -89.41 -65.98
C LEU E 1565 -12.08 -88.34 -65.29
N SER E 1566 -11.47 -87.20 -64.94
CA SER E 1566 -12.22 -86.14 -64.29
C SER E 1566 -13.29 -85.56 -65.19
N ALA E 1567 -13.01 -85.49 -66.50
CA ALA E 1567 -14.00 -84.97 -67.44
C ALA E 1567 -15.24 -85.85 -67.46
N ALA E 1568 -15.06 -87.17 -67.47
CA ALA E 1568 -16.21 -88.07 -67.40
C ALA E 1568 -16.90 -88.00 -66.05
N MET E 1569 -16.12 -87.86 -64.97
CA MET E 1569 -16.70 -87.89 -63.64
C MET E 1569 -17.56 -86.66 -63.37
N PHE E 1570 -17.11 -85.48 -63.80
CA PHE E 1570 -17.76 -84.22 -63.49
C PHE E 1570 -18.31 -83.57 -64.74
N LEU E 1571 -19.59 -83.19 -64.71
CA LEU E 1571 -20.21 -82.53 -65.85
C LEU E 1571 -19.61 -81.14 -66.08
N SER E 1572 -19.30 -80.42 -65.00
CA SER E 1572 -18.78 -79.07 -65.15
C SER E 1572 -17.44 -79.05 -65.86
N GLU E 1573 -16.61 -80.08 -65.65
CA GLU E 1573 -15.30 -80.17 -66.27
C GLU E 1573 -15.27 -81.17 -67.42
N ARG E 1574 -16.41 -81.36 -68.10
CA ARG E 1574 -16.46 -82.33 -69.19
C ARG E 1574 -15.57 -81.94 -70.35
N LYS E 1575 -15.31 -80.65 -70.53
CA LYS E 1575 -14.48 -80.15 -71.62
C LYS E 1575 -13.13 -79.65 -71.13
N ASN E 1576 -12.70 -80.05 -69.93
CA ASN E 1576 -11.42 -79.63 -69.39
C ASN E 1576 -10.40 -80.72 -69.65
N PRO E 1577 -9.39 -80.47 -70.50
CA PRO E 1577 -8.37 -81.51 -70.74
C PRO E 1577 -7.41 -81.69 -69.59
N ALA E 1578 -7.25 -80.68 -68.73
CA ALA E 1578 -6.29 -80.77 -67.63
C ALA E 1578 -6.83 -81.68 -66.54
N PRO E 1579 -6.10 -82.74 -66.17
CA PRO E 1579 -6.58 -83.61 -65.09
C PRO E 1579 -6.58 -82.90 -63.75
N GLN E 1580 -7.47 -83.35 -62.86
CA GLN E 1580 -7.58 -82.78 -61.53
C GLN E 1580 -8.19 -83.83 -60.60
N CYS E 1581 -8.02 -83.60 -59.30
CA CYS E 1581 -8.53 -84.49 -58.26
C CYS E 1581 -9.32 -83.67 -57.25
N PRO E 1582 -10.61 -83.45 -57.49
CA PRO E 1582 -11.43 -82.69 -56.55
C PRO E 1582 -11.62 -83.46 -55.25
N PRO E 1583 -11.98 -82.77 -54.16
CA PRO E 1583 -12.06 -83.44 -52.86
C PRO E 1583 -13.03 -84.60 -52.80
N ARG E 1584 -14.09 -84.60 -53.62
CA ARG E 1584 -15.07 -85.68 -53.57
C ARG E 1584 -14.44 -87.02 -53.94
N LEU E 1585 -13.59 -87.03 -54.96
CA LEU E 1585 -12.97 -88.27 -55.42
C LEU E 1585 -12.06 -88.83 -54.32
N GLU E 1586 -12.32 -90.07 -53.91
CA GLU E 1586 -11.66 -90.65 -52.75
C GLU E 1586 -11.56 -92.15 -52.95
N VAL E 1587 -10.63 -92.76 -52.21
CA VAL E 1587 -10.43 -94.20 -52.25
C VAL E 1587 -11.22 -94.84 -51.12
N GLN E 1588 -12.02 -95.84 -51.47
CA GLN E 1588 -12.86 -96.55 -50.52
C GLN E 1588 -12.48 -98.03 -50.51
N MET E 1589 -12.55 -98.65 -49.34
CA MET E 1589 -12.18 -100.05 -49.19
C MET E 1589 -13.41 -100.87 -48.80
N LEU E 1590 -13.43 -102.13 -49.24
CA LEU E 1590 -14.55 -103.00 -48.94
C LEU E 1590 -14.59 -103.33 -47.45
N MET E 1591 -15.77 -103.17 -46.85
CA MET E 1591 -15.98 -103.48 -45.45
C MET E 1591 -16.93 -104.65 -45.31
N PRO E 1592 -16.55 -105.72 -44.60
CA PRO E 1592 -17.38 -106.94 -44.62
C PRO E 1592 -18.69 -106.80 -43.88
N VAL E 1593 -18.71 -106.11 -42.75
CA VAL E 1593 -19.87 -106.08 -41.87
C VAL E 1593 -20.26 -104.64 -41.58
N SER E 1594 -21.57 -104.36 -41.65
CA SER E 1594 -22.10 -103.04 -41.34
C SER E 1594 -23.37 -103.21 -40.50
N TRP E 1595 -23.78 -102.11 -39.86
CA TRP E 1595 -24.98 -102.11 -39.04
C TRP E 1595 -26.22 -101.87 -39.90
N SER E 1596 -27.35 -102.40 -39.43
CA SER E 1596 -28.61 -102.25 -40.13
C SER E 1596 -29.75 -102.20 -39.11
N ARG E 1597 -30.89 -101.67 -39.55
CA ARG E 1597 -32.06 -101.49 -38.70
C ARG E 1597 -33.12 -102.53 -39.03
N MET E 1598 -33.63 -103.19 -38.01
CA MET E 1598 -34.68 -104.19 -38.20
C MET E 1598 -36.01 -103.49 -38.44
N PRO E 1599 -36.75 -103.85 -39.50
CA PRO E 1599 -38.06 -103.26 -39.72
C PRO E 1599 -39.01 -103.54 -38.56
N ASN E 1600 -39.89 -102.59 -38.29
CA ASN E 1600 -40.83 -102.75 -37.18
C ASN E 1600 -41.88 -103.81 -37.46
N HIS E 1601 -42.28 -103.98 -38.72
CA HIS E 1601 -43.30 -104.96 -39.09
C HIS E 1601 -42.78 -105.84 -40.22
N PHE E 1602 -43.28 -107.08 -40.25
CA PHE E 1602 -42.88 -108.06 -41.24
C PHE E 1602 -44.11 -108.69 -41.87
N LEU E 1603 -43.92 -109.24 -43.06
CA LEU E 1603 -45.03 -109.84 -43.80
C LEU E 1603 -45.52 -111.11 -43.11
N GLN E 1604 -46.80 -111.40 -43.31
CA GLN E 1604 -47.42 -112.63 -42.81
C GLN E 1604 -47.61 -113.57 -43.99
N VAL E 1605 -46.81 -114.62 -44.04
CA VAL E 1605 -46.80 -115.57 -45.15
C VAL E 1605 -47.13 -116.95 -44.62
N GLU E 1606 -48.08 -117.63 -45.26
CA GLU E 1606 -48.44 -118.99 -44.91
C GLU E 1606 -47.96 -119.92 -46.02
N THR E 1607 -47.17 -120.93 -45.65
CA THR E 1607 -46.51 -121.81 -46.60
C THR E 1607 -46.95 -123.25 -46.41
N ARG E 1608 -48.26 -123.49 -46.38
CA ARG E 1608 -48.80 -124.77 -45.96
C ARG E 1608 -49.34 -125.53 -47.16
N ARG E 1609 -49.22 -126.85 -47.13
CA ARG E 1609 -49.68 -127.64 -48.27
C ARG E 1609 -51.17 -127.92 -48.14
N ALA E 1610 -51.86 -127.82 -49.27
CA ALA E 1610 -53.31 -128.00 -49.29
C ALA E 1610 -53.72 -129.46 -49.41
N GLY E 1611 -52.97 -130.25 -50.17
CA GLY E 1611 -53.29 -131.66 -50.33
C GLY E 1611 -52.27 -132.34 -51.22
N GLU E 1612 -52.49 -133.63 -51.42
CA GLU E 1612 -51.60 -134.41 -52.27
C GLU E 1612 -51.73 -134.01 -53.74
N ARG E 1613 -52.91 -133.57 -54.16
CA ARG E 1613 -53.14 -133.14 -55.54
C ARG E 1613 -52.90 -131.65 -55.74
N LEU E 1614 -53.28 -130.82 -54.76
CA LEU E 1614 -53.15 -129.38 -54.94
C LEU E 1614 -51.71 -128.92 -54.83
N GLY E 1615 -50.95 -129.47 -53.88
CA GLY E 1615 -49.57 -129.09 -53.71
C GLY E 1615 -49.31 -128.30 -52.43
N TRP E 1616 -48.27 -127.47 -52.44
CA TRP E 1616 -47.89 -126.66 -51.29
C TRP E 1616 -48.25 -125.21 -51.58
N ALA E 1617 -49.31 -124.71 -50.93
CA ALA E 1617 -49.81 -123.37 -51.20
C ALA E 1617 -49.10 -122.36 -50.32
N VAL E 1618 -48.58 -121.31 -50.96
CA VAL E 1618 -47.97 -120.16 -50.29
C VAL E 1618 -48.86 -118.95 -50.56
N GLN E 1619 -49.30 -118.29 -49.49
CA GLN E 1619 -50.16 -117.13 -49.60
C GLN E 1619 -49.68 -116.02 -48.68
N CYS E 1620 -49.96 -114.79 -49.10
CA CYS E 1620 -49.61 -113.59 -48.34
C CYS E 1620 -50.45 -112.45 -48.88
N GLN E 1621 -51.23 -111.81 -48.01
CA GLN E 1621 -52.19 -110.80 -48.44
C GLN E 1621 -52.14 -109.50 -47.65
N ASP E 1622 -51.47 -109.45 -46.51
CA ASP E 1622 -51.42 -108.24 -45.71
C ASP E 1622 -50.48 -107.22 -46.36
N PRO E 1623 -50.96 -106.04 -46.73
CA PRO E 1623 -50.08 -105.05 -47.36
C PRO E 1623 -49.04 -104.51 -46.38
N LEU E 1624 -47.91 -104.09 -46.93
CA LEU E 1624 -46.84 -103.51 -46.13
C LEU E 1624 -45.96 -102.66 -47.05
N THR E 1625 -45.70 -101.43 -46.63
CA THR E 1625 -44.93 -100.49 -47.43
C THR E 1625 -44.01 -99.68 -46.53
N MET E 1626 -43.00 -99.06 -47.13
CA MET E 1626 -42.06 -98.24 -46.39
C MET E 1626 -41.49 -97.17 -47.30
N MET E 1627 -40.95 -96.12 -46.68
CA MET E 1627 -40.30 -95.02 -47.40
C MET E 1627 -38.83 -95.37 -47.62
N ALA E 1628 -38.38 -95.23 -48.87
CA ALA E 1628 -37.03 -95.60 -49.26
C ALA E 1628 -36.25 -94.35 -49.65
N LEU E 1629 -35.06 -94.20 -49.08
CA LEU E 1629 -34.15 -93.11 -49.41
C LEU E 1629 -33.09 -93.64 -50.36
N HIS E 1630 -32.96 -93.01 -51.53
CA HIS E 1630 -32.13 -93.52 -52.60
C HIS E 1630 -30.91 -92.62 -52.79
N ILE E 1631 -29.73 -93.23 -52.86
CA ILE E 1631 -28.49 -92.53 -53.15
C ILE E 1631 -28.20 -92.67 -54.64
N PRO E 1632 -28.14 -91.57 -55.40
CA PRO E 1632 -28.01 -91.71 -56.86
C PRO E 1632 -26.73 -92.37 -57.33
N GLU E 1633 -25.57 -91.89 -56.87
CA GLU E 1633 -24.31 -92.37 -57.42
C GLU E 1633 -24.07 -93.84 -57.09
N GLU E 1634 -24.43 -94.28 -55.88
CA GLU E 1634 -24.21 -95.66 -55.48
C GLU E 1634 -25.27 -96.60 -56.01
N ASN E 1635 -26.36 -96.08 -56.58
CA ASN E 1635 -27.43 -96.90 -57.16
C ASN E 1635 -27.99 -97.89 -56.13
N ARG E 1636 -28.12 -97.44 -54.89
CA ARG E 1636 -28.67 -98.26 -53.82
C ARG E 1636 -29.56 -97.39 -52.94
N CYS E 1637 -30.53 -98.03 -52.28
CA CYS E 1637 -31.49 -97.34 -51.44
C CYS E 1637 -31.47 -97.91 -50.03
N MET E 1638 -31.99 -97.12 -49.09
CA MET E 1638 -32.04 -97.53 -47.70
C MET E 1638 -33.24 -96.87 -47.04
N ASP E 1639 -33.65 -97.43 -45.90
CA ASP E 1639 -34.84 -96.95 -45.21
C ASP E 1639 -34.64 -95.53 -44.70
N ILE E 1640 -35.73 -94.74 -44.74
CA ILE E 1640 -35.66 -93.37 -44.25
C ILE E 1640 -35.53 -93.35 -42.72
N LEU E 1641 -36.10 -94.35 -42.04
CA LEU E 1641 -35.97 -94.42 -40.59
C LEU E 1641 -34.57 -94.78 -40.13
N GLU E 1642 -33.70 -95.24 -41.05
CA GLU E 1642 -32.32 -95.51 -40.73
C GLU E 1642 -31.50 -94.24 -40.52
N LEU E 1643 -32.07 -93.07 -40.82
CA LEU E 1643 -31.36 -91.81 -40.64
C LEU E 1643 -31.25 -91.39 -39.18
N SER E 1644 -31.89 -92.12 -38.26
CA SER E 1644 -31.80 -91.76 -36.84
C SER E 1644 -30.36 -91.82 -36.34
N GLU E 1645 -29.56 -92.74 -36.86
CA GLU E 1645 -28.16 -92.83 -36.51
C GLU E 1645 -27.22 -92.29 -37.59
N ARG E 1646 -27.73 -92.01 -38.79
CA ARG E 1646 -26.93 -91.43 -39.87
C ARG E 1646 -27.17 -89.92 -39.84
N LEU E 1647 -26.43 -89.23 -38.98
CA LEU E 1647 -26.71 -87.83 -38.70
C LEU E 1647 -26.34 -86.92 -39.86
N ASP E 1648 -25.27 -87.24 -40.60
CA ASP E 1648 -24.87 -86.39 -41.71
C ASP E 1648 -25.93 -86.38 -42.81
N LEU E 1649 -26.43 -87.56 -43.19
CA LEU E 1649 -27.48 -87.63 -44.20
C LEU E 1649 -28.76 -86.99 -43.71
N GLN E 1650 -29.07 -87.15 -42.41
CA GLN E 1650 -30.24 -86.50 -41.85
C GLN E 1650 -30.16 -84.98 -41.99
N ARG E 1651 -29.00 -84.42 -41.63
CA ARG E 1651 -28.81 -82.97 -41.76
C ARG E 1651 -28.90 -82.53 -43.21
N PHE E 1652 -28.29 -83.27 -44.12
CA PHE E 1652 -28.31 -82.89 -45.53
C PHE E 1652 -29.74 -82.94 -46.08
N HIS E 1653 -30.51 -83.96 -45.68
CA HIS E 1653 -31.88 -84.07 -46.18
C HIS E 1653 -32.77 -82.99 -45.58
N SER E 1654 -32.53 -82.63 -44.31
CA SER E 1654 -33.28 -81.52 -43.72
C SER E 1654 -32.99 -80.22 -44.45
N HIS E 1655 -31.72 -79.97 -44.77
CA HIS E 1655 -31.39 -78.78 -45.55
C HIS E 1655 -31.96 -78.85 -46.97
N THR E 1656 -32.07 -80.05 -47.54
CA THR E 1656 -32.70 -80.19 -48.84
C THR E 1656 -34.18 -79.82 -48.79
N LEU E 1657 -34.88 -80.28 -47.74
CA LEU E 1657 -36.28 -79.89 -47.58
C LEU E 1657 -36.41 -78.38 -47.36
N ARG E 1658 -35.48 -77.80 -46.60
CA ARG E 1658 -35.49 -76.35 -46.41
C ARG E 1658 -35.26 -75.63 -47.74
N LEU E 1659 -34.40 -76.17 -48.60
CA LEU E 1659 -34.18 -75.59 -49.91
C LEU E 1659 -35.43 -75.68 -50.78
N TYR E 1660 -36.14 -76.82 -50.70
CA TYR E 1660 -37.41 -76.94 -51.42
C TYR E 1660 -38.40 -75.88 -50.95
N ARG E 1661 -38.52 -75.69 -49.63
CA ARG E 1661 -39.42 -74.67 -49.11
C ARG E 1661 -38.97 -73.28 -49.55
N ALA E 1662 -37.65 -73.04 -49.60
CA ALA E 1662 -37.15 -71.74 -50.01
C ALA E 1662 -37.49 -71.44 -51.47
N VAL E 1663 -37.31 -72.41 -52.36
CA VAL E 1663 -37.63 -72.16 -53.77
C VAL E 1663 -39.14 -72.04 -53.95
N CYS E 1664 -39.93 -72.73 -53.13
CA CYS E 1664 -41.38 -72.64 -53.24
C CYS E 1664 -41.95 -71.43 -52.51
N ALA E 1665 -41.14 -70.71 -51.74
CA ALA E 1665 -41.64 -69.65 -50.88
C ALA E 1665 -42.21 -68.48 -51.68
N LEU E 1666 -43.18 -67.80 -51.07
CA LEU E 1666 -43.77 -66.55 -51.57
C LEU E 1666 -44.49 -66.78 -52.90
N GLY E 1667 -45.44 -67.71 -52.87
CA GLY E 1667 -46.39 -67.88 -53.96
C GLY E 1667 -45.81 -68.19 -55.33
N ASN E 1668 -44.86 -69.13 -55.39
CA ASN E 1668 -44.31 -69.59 -56.66
C ASN E 1668 -45.01 -70.89 -57.03
N ASN E 1669 -46.19 -70.76 -57.63
CA ASN E 1669 -47.01 -71.92 -57.93
C ASN E 1669 -46.39 -72.82 -58.99
N ARG E 1670 -45.69 -72.23 -59.96
CA ARG E 1670 -44.97 -73.05 -60.94
C ARG E 1670 -43.91 -73.91 -60.27
N VAL E 1671 -43.15 -73.33 -59.33
CA VAL E 1671 -42.14 -74.09 -58.61
C VAL E 1671 -42.81 -75.14 -57.72
N ALA E 1672 -43.97 -74.81 -57.15
CA ALA E 1672 -44.70 -75.81 -56.35
C ALA E 1672 -45.13 -76.99 -57.20
N HIS E 1673 -45.64 -76.73 -58.41
CA HIS E 1673 -45.99 -77.82 -59.32
C HIS E 1673 -44.77 -78.62 -59.70
N ALA E 1674 -43.64 -77.96 -59.94
CA ALA E 1674 -42.40 -78.69 -60.23
C ALA E 1674 -41.99 -79.58 -59.08
N LEU E 1675 -42.13 -79.09 -57.84
CA LEU E 1675 -41.78 -79.88 -56.67
C LEU E 1675 -42.72 -81.08 -56.52
N CYS E 1676 -43.99 -80.91 -56.85
CA CYS E 1676 -44.96 -82.00 -56.69
C CYS E 1676 -44.55 -83.25 -57.47
N SER E 1677 -43.79 -83.08 -58.55
CA SER E 1677 -43.28 -84.25 -59.27
C SER E 1677 -42.28 -85.03 -58.42
N HIS E 1678 -41.43 -84.32 -57.68
CA HIS E 1678 -40.43 -84.99 -56.84
C HIS E 1678 -41.06 -85.55 -55.57
N VAL E 1679 -41.74 -84.70 -54.80
CA VAL E 1679 -42.41 -85.10 -53.57
C VAL E 1679 -43.90 -85.11 -53.84
N ASP E 1680 -44.53 -86.26 -53.64
CA ASP E 1680 -45.93 -86.47 -54.00
C ASP E 1680 -46.81 -86.53 -52.77
N GLN E 1681 -48.12 -86.55 -53.02
CA GLN E 1681 -49.10 -86.57 -51.95
C GLN E 1681 -48.97 -87.83 -51.09
N ALA E 1682 -48.73 -88.98 -51.73
CA ALA E 1682 -48.58 -90.22 -50.98
C ALA E 1682 -47.39 -90.16 -50.05
N GLN E 1683 -46.25 -89.66 -50.55
CA GLN E 1683 -45.07 -89.52 -49.70
C GLN E 1683 -45.32 -88.55 -48.55
N LEU E 1684 -45.98 -87.44 -48.84
CA LEU E 1684 -46.27 -86.46 -47.79
C LEU E 1684 -47.16 -87.05 -46.72
N LEU E 1685 -48.22 -87.76 -47.11
CA LEU E 1685 -49.13 -88.35 -46.13
C LEU E 1685 -48.44 -89.46 -45.34
N HIS E 1686 -47.62 -90.28 -45.99
CA HIS E 1686 -46.92 -91.34 -45.26
C HIS E 1686 -45.92 -90.76 -44.27
N ALA E 1687 -45.22 -89.68 -44.66
CA ALA E 1687 -44.33 -89.01 -43.72
C ALA E 1687 -45.10 -88.37 -42.58
N LEU E 1688 -46.30 -87.87 -42.86
CA LEU E 1688 -47.15 -87.35 -41.79
C LEU E 1688 -47.52 -88.45 -40.80
N GLU E 1689 -47.85 -89.63 -41.30
CA GLU E 1689 -48.25 -90.75 -40.44
C GLU E 1689 -47.05 -91.50 -39.85
N ASP E 1690 -45.84 -91.19 -40.26
CA ASP E 1690 -44.66 -91.93 -39.81
C ASP E 1690 -44.31 -91.49 -38.40
N ALA E 1691 -44.55 -92.37 -37.42
CA ALA E 1691 -44.28 -92.04 -36.03
C ALA E 1691 -42.80 -92.13 -35.68
N HIS E 1692 -42.06 -93.04 -36.31
CA HIS E 1692 -40.66 -93.26 -35.99
C HIS E 1692 -39.72 -92.36 -36.78
N LEU E 1693 -40.25 -91.47 -37.61
CA LEU E 1693 -39.41 -90.56 -38.36
C LEU E 1693 -38.72 -89.58 -37.41
N PRO E 1694 -37.47 -89.21 -37.67
CA PRO E 1694 -36.81 -88.21 -36.84
C PRO E 1694 -37.57 -86.89 -36.84
N GLY E 1695 -37.47 -86.17 -35.72
CA GLY E 1695 -38.21 -84.94 -35.52
C GLY E 1695 -37.92 -83.85 -36.53
N PRO E 1696 -36.64 -83.58 -36.81
CA PRO E 1696 -36.34 -82.59 -37.87
C PRO E 1696 -36.95 -82.95 -39.22
N LEU E 1697 -36.90 -84.23 -39.61
CA LEU E 1697 -37.48 -84.63 -40.88
C LEU E 1697 -38.99 -84.51 -40.86
N ARG E 1698 -39.63 -84.87 -39.74
CA ARG E 1698 -41.07 -84.74 -39.61
C ARG E 1698 -41.51 -83.29 -39.75
N ALA E 1699 -40.80 -82.38 -39.06
CA ALA E 1699 -41.11 -80.97 -39.16
C ALA E 1699 -40.87 -80.46 -40.57
N GLY E 1700 -39.79 -80.91 -41.21
CA GLY E 1700 -39.52 -80.49 -42.57
C GLY E 1700 -40.60 -80.92 -43.55
N TYR E 1701 -41.08 -82.16 -43.42
CA TYR E 1701 -42.14 -82.64 -44.31
C TYR E 1701 -43.45 -81.90 -44.05
N TYR E 1702 -43.78 -81.66 -42.77
CA TYR E 1702 -44.99 -80.90 -42.48
C TYR E 1702 -44.93 -79.50 -43.08
N ASP E 1703 -43.80 -78.81 -42.89
CA ASP E 1703 -43.65 -77.46 -43.43
C ASP E 1703 -43.65 -77.46 -44.96
N LEU E 1704 -43.05 -78.49 -45.57
CA LEU E 1704 -43.07 -78.60 -47.02
C LEU E 1704 -44.48 -78.76 -47.54
N LEU E 1705 -45.28 -79.60 -46.89
CA LEU E 1705 -46.68 -79.77 -47.29
C LEU E 1705 -47.44 -78.45 -47.17
N ILE E 1706 -47.27 -77.76 -46.04
CA ILE E 1706 -47.97 -76.49 -45.84
C ILE E 1706 -47.53 -75.46 -46.89
N SER E 1707 -46.25 -75.46 -47.24
CA SER E 1707 -45.74 -74.49 -48.20
C SER E 1707 -46.25 -74.77 -49.60
N ILE E 1708 -46.29 -76.05 -50.01
CA ILE E 1708 -46.63 -76.38 -51.39
C ILE E 1708 -48.11 -76.62 -51.60
N HIS E 1709 -48.93 -76.59 -50.55
CA HIS E 1709 -50.36 -76.83 -50.72
C HIS E 1709 -51.28 -75.81 -50.07
N LEU E 1710 -50.80 -74.97 -49.16
CA LEU E 1710 -51.69 -74.05 -48.46
C LEU E 1710 -51.18 -72.61 -48.33
N GLU E 1711 -49.93 -72.33 -48.73
CA GLU E 1711 -49.34 -71.04 -48.40
C GLU E 1711 -50.09 -69.88 -49.06
N SER E 1712 -50.32 -69.97 -50.39
CA SER E 1712 -50.92 -68.86 -51.11
C SER E 1712 -52.36 -68.63 -50.66
N ALA E 1713 -53.14 -69.71 -50.53
CA ALA E 1713 -54.53 -69.56 -50.10
C ALA E 1713 -54.61 -69.00 -48.69
N CYS E 1714 -53.76 -69.49 -47.78
CA CYS E 1714 -53.76 -68.97 -46.42
C CYS E 1714 -53.39 -67.49 -46.40
N ARG E 1715 -52.40 -67.09 -47.19
CA ARG E 1715 -52.01 -65.69 -47.25
C ARG E 1715 -53.15 -64.81 -47.77
N SER E 1716 -53.81 -65.26 -48.84
CA SER E 1716 -54.90 -64.48 -49.40
C SER E 1716 -56.05 -64.33 -48.41
N ARG E 1717 -56.43 -65.43 -47.74
CA ARG E 1717 -57.52 -65.35 -46.78
C ARG E 1717 -57.14 -64.49 -45.58
N ARG E 1718 -55.89 -64.58 -45.12
CA ARG E 1718 -55.45 -63.72 -44.03
C ARG E 1718 -55.49 -62.25 -44.43
N SER E 1719 -55.11 -61.94 -45.67
CA SER E 1719 -55.21 -60.56 -46.14
C SER E 1719 -56.65 -60.09 -46.18
N MET E 1720 -57.57 -60.95 -46.63
CA MET E 1720 -58.97 -60.57 -46.72
C MET E 1720 -59.66 -60.51 -45.35
N LEU E 1721 -59.12 -61.18 -44.34
CA LEU E 1721 -59.77 -61.17 -43.02
C LEU E 1721 -59.78 -59.79 -42.37
N SER E 1722 -58.97 -58.85 -42.87
CA SER E 1722 -58.89 -57.53 -42.24
C SER E 1722 -60.21 -56.77 -42.35
N GLU E 1723 -60.86 -56.82 -43.50
CA GLU E 1723 -62.04 -56.00 -43.76
C GLU E 1723 -63.32 -56.82 -43.58
N TYR E 1724 -64.36 -56.16 -43.09
CA TYR E 1724 -65.66 -56.77 -42.86
C TYR E 1724 -66.68 -56.06 -43.74
N ILE E 1725 -67.14 -56.73 -44.80
CA ILE E 1725 -68.21 -56.24 -45.65
C ILE E 1725 -69.32 -57.28 -45.64
N VAL E 1726 -70.55 -56.83 -45.37
CA VAL E 1726 -71.66 -57.75 -45.19
C VAL E 1726 -72.82 -57.38 -46.08
N PRO E 1727 -73.43 -58.33 -46.79
CA PRO E 1727 -74.61 -58.04 -47.60
C PRO E 1727 -75.90 -58.08 -46.78
N LEU E 1728 -76.91 -57.41 -47.31
CA LEU E 1728 -78.25 -57.42 -46.70
C LEU E 1728 -78.97 -58.69 -47.16
N THR E 1729 -78.92 -59.72 -46.34
CA THR E 1729 -79.48 -61.02 -46.68
C THR E 1729 -80.27 -61.57 -45.49
N PRO E 1730 -81.22 -62.48 -45.74
CA PRO E 1730 -81.87 -63.18 -44.63
C PRO E 1730 -80.89 -63.91 -43.73
N GLU E 1731 -79.84 -64.50 -44.32
CA GLU E 1731 -78.79 -65.10 -43.50
C GLU E 1731 -78.09 -64.06 -42.64
N THR E 1732 -77.95 -62.83 -43.15
CA THR E 1732 -77.39 -61.75 -42.34
C THR E 1732 -78.30 -61.41 -41.17
N ARG E 1733 -79.58 -61.20 -41.44
CA ARG E 1733 -80.49 -60.79 -40.37
C ARG E 1733 -80.78 -61.92 -39.39
N ALA E 1734 -80.52 -63.18 -39.76
CA ALA E 1734 -80.72 -64.28 -38.84
C ALA E 1734 -79.67 -64.34 -37.75
N ILE E 1735 -78.57 -63.59 -37.86
CA ILE E 1735 -77.51 -63.63 -36.86
C ILE E 1735 -78.00 -62.93 -35.59
N THR E 1736 -77.81 -63.58 -34.45
CA THR E 1736 -78.17 -63.04 -33.15
C THR E 1736 -76.94 -62.99 -32.26
N LEU E 1737 -76.79 -61.89 -31.54
CA LEU E 1737 -75.63 -61.73 -30.65
C LEU E 1737 -75.64 -62.78 -29.55
N PHE E 1738 -76.80 -63.03 -28.95
CA PHE E 1738 -76.97 -64.05 -27.91
C PHE E 1738 -77.92 -65.12 -28.41
N PRO E 1739 -77.42 -66.28 -28.83
CA PRO E 1739 -78.31 -67.36 -29.27
C PRO E 1739 -79.23 -67.79 -28.16
N PRO E 1740 -80.50 -68.09 -28.46
CA PRO E 1740 -81.43 -68.53 -27.42
C PRO E 1740 -81.02 -69.86 -26.83
N GLY E 1741 -81.27 -70.02 -25.53
CA GLY E 1741 -80.97 -71.27 -24.87
C GLY E 1741 -81.87 -72.39 -25.37
N ARG E 1742 -81.25 -73.51 -25.77
CA ARG E 1742 -82.03 -74.65 -26.25
C ARG E 1742 -82.91 -75.22 -25.15
N LYS E 1743 -82.37 -75.34 -23.94
CA LYS E 1743 -83.16 -75.86 -22.82
C LYS E 1743 -84.31 -74.93 -22.48
N GLY E 1744 -84.07 -73.62 -22.50
CA GLY E 1744 -85.09 -72.64 -22.17
C GLY E 1744 -84.75 -71.94 -20.86
N GLY E 1745 -85.04 -70.64 -20.81
CA GLY E 1745 -84.75 -69.86 -19.63
C GLY E 1745 -83.30 -69.46 -19.46
N ASN E 1746 -82.46 -69.70 -20.46
CA ASN E 1746 -81.04 -69.37 -20.40
C ASN E 1746 -80.79 -68.12 -21.23
N ALA E 1747 -80.32 -67.06 -20.60
CA ALA E 1747 -80.06 -65.80 -21.25
C ALA E 1747 -78.59 -65.42 -21.10
N ARG E 1748 -78.14 -64.52 -21.99
CA ARG E 1748 -76.77 -64.05 -22.02
C ARG E 1748 -75.78 -65.17 -22.32
N ARG E 1749 -76.23 -66.19 -23.05
CA ARG E 1749 -75.36 -67.31 -23.42
C ARG E 1749 -74.43 -66.89 -24.55
N HIS E 1750 -73.13 -67.05 -24.35
CA HIS E 1750 -72.13 -66.76 -25.37
C HIS E 1750 -71.97 -67.98 -26.26
N GLY E 1751 -72.15 -67.79 -27.56
CA GLY E 1751 -71.96 -68.89 -28.50
C GLY E 1751 -70.51 -69.29 -28.62
N LEU E 1752 -70.30 -70.55 -28.96
CA LEU E 1752 -68.94 -71.07 -29.12
C LEU E 1752 -68.28 -70.39 -30.32
N PRO E 1753 -67.05 -69.87 -30.16
CA PRO E 1753 -66.40 -69.19 -31.29
C PRO E 1753 -66.16 -70.15 -32.45
N GLY E 1754 -66.33 -69.63 -33.66
CA GLY E 1754 -66.15 -70.41 -34.87
C GLY E 1754 -67.32 -71.27 -35.25
N VAL E 1755 -68.42 -71.24 -34.49
CA VAL E 1755 -69.58 -72.07 -34.77
C VAL E 1755 -70.73 -71.27 -35.38
N GLY E 1756 -70.86 -69.99 -35.06
CA GLY E 1756 -71.95 -69.19 -35.58
C GLY E 1756 -71.83 -68.94 -37.06
N VAL E 1757 -72.94 -68.48 -37.64
CA VAL E 1757 -73.02 -68.23 -39.08
C VAL E 1757 -72.32 -66.91 -39.39
N THR E 1758 -71.40 -66.95 -40.35
CA THR E 1758 -70.68 -65.77 -40.81
C THR E 1758 -71.07 -65.46 -42.25
N THR E 1759 -71.54 -64.24 -42.48
CA THR E 1759 -71.97 -63.81 -43.81
C THR E 1759 -71.04 -62.77 -44.42
N SER E 1760 -69.92 -62.48 -43.78
CA SER E 1760 -68.95 -61.55 -44.36
C SER E 1760 -68.37 -62.13 -45.65
N LEU E 1761 -68.20 -61.27 -46.64
CA LEU E 1761 -67.78 -61.72 -47.97
C LEU E 1761 -66.30 -62.07 -47.98
N ARG E 1762 -65.99 -63.33 -48.25
CA ARG E 1762 -64.62 -63.80 -48.37
C ARG E 1762 -64.47 -64.49 -49.72
N PRO E 1763 -63.56 -64.07 -50.57
CA PRO E 1763 -63.38 -64.72 -51.87
C PRO E 1763 -62.99 -66.18 -51.70
N PRO E 1764 -63.51 -67.06 -52.55
CA PRO E 1764 -63.20 -68.49 -52.41
C PRO E 1764 -61.79 -68.81 -52.88
N HIS E 1765 -61.29 -69.95 -52.41
CA HIS E 1765 -59.97 -70.43 -52.79
C HIS E 1765 -60.01 -71.06 -54.18
N HIS E 1766 -58.88 -71.02 -54.86
CA HIS E 1766 -58.74 -71.58 -56.20
C HIS E 1766 -57.51 -72.48 -56.24
N PHE E 1767 -57.69 -73.70 -56.76
CA PHE E 1767 -56.60 -74.65 -56.90
C PHE E 1767 -56.66 -75.30 -58.27
N SER E 1768 -55.50 -75.74 -58.75
CA SER E 1768 -55.38 -76.46 -60.01
C SER E 1768 -54.69 -77.79 -59.76
N PRO E 1769 -55.31 -78.92 -60.08
CA PRO E 1769 -54.69 -80.22 -59.84
C PRO E 1769 -53.37 -80.34 -60.60
N PRO E 1770 -52.36 -80.95 -60.00
CA PRO E 1770 -51.09 -81.13 -60.71
C PRO E 1770 -51.25 -82.00 -61.95
N CYS E 1771 -50.52 -81.64 -63.00
CA CYS E 1771 -50.56 -82.39 -64.25
C CYS E 1771 -49.24 -82.23 -64.97
N PHE E 1772 -48.64 -83.35 -65.36
CA PHE E 1772 -47.34 -83.35 -66.04
C PHE E 1772 -47.38 -84.07 -67.37
N VAL E 1773 -48.56 -84.51 -67.81
CA VAL E 1773 -48.70 -85.13 -69.13
C VAL E 1773 -49.30 -84.17 -70.16
N ALA E 1774 -49.97 -83.11 -69.71
CA ALA E 1774 -50.58 -82.17 -70.63
C ALA E 1774 -49.52 -81.45 -71.46
N ALA E 1775 -49.89 -81.12 -72.69
CA ALA E 1775 -48.96 -80.43 -73.59
C ALA E 1775 -48.63 -79.05 -73.04
N LEU E 1776 -47.34 -78.73 -73.05
CA LEU E 1776 -46.88 -77.45 -72.53
C LEU E 1776 -47.12 -76.35 -73.56
N PRO E 1777 -47.89 -75.31 -73.25
CA PRO E 1777 -48.15 -74.21 -74.19
C PRO E 1777 -46.90 -73.38 -74.48
N GLU E 1783 -50.94 -61.81 -70.81
CA GLU E 1783 -50.10 -62.75 -71.52
C GLU E 1783 -50.17 -64.14 -70.90
N ALA E 1784 -49.26 -64.42 -69.97
CA ALA E 1784 -49.23 -65.71 -69.29
C ALA E 1784 -49.95 -65.59 -67.96
N PRO E 1785 -51.07 -66.28 -67.75
CA PRO E 1785 -51.76 -66.20 -66.46
C PRO E 1785 -50.96 -66.87 -65.37
N ALA E 1786 -51.16 -66.39 -64.14
CA ALA E 1786 -50.48 -66.96 -62.99
C ALA E 1786 -51.01 -68.35 -62.68
N ARG E 1787 -50.08 -69.28 -62.42
CA ARG E 1787 -50.47 -70.65 -62.10
C ARG E 1787 -51.11 -70.73 -60.72
N LEU E 1788 -51.89 -71.77 -60.52
CA LEU E 1788 -52.61 -71.99 -59.26
C LEU E 1788 -51.89 -73.03 -58.41
N SER E 1789 -52.22 -73.02 -57.12
CA SER E 1789 -51.61 -73.98 -56.20
C SER E 1789 -52.08 -75.39 -56.51
N PRO E 1790 -51.19 -76.39 -56.39
CA PRO E 1790 -51.60 -77.78 -56.63
C PRO E 1790 -52.72 -78.20 -55.69
N ALA E 1791 -53.62 -79.04 -56.20
CA ALA E 1791 -54.78 -79.48 -55.45
C ALA E 1791 -54.44 -80.68 -54.58
N ILE E 1792 -55.19 -80.82 -53.48
CA ILE E 1792 -55.05 -81.91 -52.53
C ILE E 1792 -56.38 -82.07 -51.81
N PRO E 1793 -56.84 -83.29 -51.49
CA PRO E 1793 -58.14 -83.44 -50.84
C PRO E 1793 -58.22 -82.74 -49.49
N LEU E 1794 -58.99 -81.65 -49.44
CA LEU E 1794 -58.99 -80.79 -48.26
C LEU E 1794 -59.75 -81.44 -47.11
N GLU E 1795 -60.90 -82.05 -47.39
CA GLU E 1795 -61.66 -82.71 -46.32
C GLU E 1795 -60.89 -83.89 -45.75
N ALA E 1796 -60.27 -84.69 -46.62
CA ALA E 1796 -59.45 -85.81 -46.14
C ALA E 1796 -58.28 -85.31 -45.31
N LEU E 1797 -57.61 -84.24 -45.77
CA LEU E 1797 -56.51 -83.68 -44.99
C LEU E 1797 -56.99 -83.16 -43.64
N ARG E 1798 -58.16 -82.52 -43.61
CA ARG E 1798 -58.71 -82.01 -42.37
C ARG E 1798 -59.01 -83.12 -41.38
N ASP E 1799 -59.66 -84.18 -41.85
CA ASP E 1799 -59.95 -85.31 -40.96
C ASP E 1799 -58.66 -85.97 -40.47
N LYS E 1800 -57.69 -86.12 -41.36
CA LYS E 1800 -56.41 -86.71 -40.98
C LYS E 1800 -55.72 -85.87 -39.92
N ALA E 1801 -55.70 -84.54 -40.10
CA ALA E 1801 -55.06 -83.66 -39.13
C ALA E 1801 -55.80 -83.67 -37.79
N LEU E 1802 -57.12 -83.72 -37.83
CA LEU E 1802 -57.88 -83.81 -36.58
C LEU E 1802 -57.56 -85.08 -35.82
N ARG E 1803 -57.50 -86.21 -36.52
CA ARG E 1803 -57.13 -87.47 -35.87
C ARG E 1803 -55.70 -87.40 -35.34
N MET E 1804 -54.79 -86.82 -36.11
CA MET E 1804 -53.42 -86.63 -35.64
C MET E 1804 -53.38 -85.86 -34.34
N LEU E 1805 -54.07 -84.72 -34.29
CA LEU E 1805 -54.04 -83.90 -33.08
C LEU E 1805 -54.66 -84.63 -31.91
N GLY E 1806 -55.76 -85.35 -32.14
CA GLY E 1806 -56.38 -86.10 -31.06
C GLY E 1806 -55.45 -87.16 -30.48
N GLU E 1807 -54.83 -87.96 -31.35
CA GLU E 1807 -53.94 -89.01 -30.84
C GLU E 1807 -52.68 -88.42 -30.23
N ALA E 1808 -52.20 -87.29 -30.74
CA ALA E 1808 -51.03 -86.64 -30.14
C ALA E 1808 -51.35 -86.13 -28.74
N VAL E 1809 -52.52 -85.52 -28.54
CA VAL E 1809 -52.90 -85.09 -27.21
C VAL E 1809 -53.07 -86.28 -26.28
N ARG E 1810 -53.66 -87.37 -26.77
CA ARG E 1810 -53.81 -88.55 -25.93
C ARG E 1810 -52.45 -89.12 -25.53
N ASP E 1811 -51.51 -89.20 -26.47
CA ASP E 1811 -50.18 -89.72 -26.16
C ASP E 1811 -49.45 -88.80 -25.18
N GLY E 1812 -49.58 -87.49 -25.36
CA GLY E 1812 -48.95 -86.56 -24.42
C GLY E 1812 -49.53 -86.68 -23.03
N GLY E 1813 -50.85 -86.85 -22.92
CA GLY E 1813 -51.46 -87.05 -21.62
C GLY E 1813 -51.02 -88.35 -20.97
N GLN E 1814 -50.96 -89.43 -21.75
CA GLN E 1814 -50.50 -90.70 -21.22
C GLN E 1814 -49.00 -90.66 -20.92
N HIS E 1815 -48.59 -91.39 -19.89
CA HIS E 1815 -47.20 -91.43 -19.49
C HIS E 1815 -46.38 -92.24 -20.49
N ALA E 1816 -45.42 -91.58 -21.13
CA ALA E 1816 -44.58 -92.24 -22.13
C ALA E 1816 -43.21 -91.57 -22.14
N ARG E 1817 -42.19 -92.35 -22.50
CA ARG E 1817 -40.82 -91.87 -22.55
C ARG E 1817 -40.30 -91.70 -23.97
N ASP E 1818 -41.12 -91.98 -24.98
CA ASP E 1818 -40.72 -91.82 -26.38
C ASP E 1818 -41.78 -90.99 -27.09
N PRO E 1819 -41.76 -89.67 -26.93
CA PRO E 1819 -42.68 -88.82 -27.67
C PRO E 1819 -42.41 -88.89 -29.16
N VAL E 1820 -43.47 -88.71 -29.95
CA VAL E 1820 -43.33 -88.81 -31.40
C VAL E 1820 -42.39 -87.72 -31.89
N GLY E 1821 -41.41 -88.12 -32.70
CA GLY E 1821 -40.39 -87.21 -33.16
C GLY E 1821 -39.23 -87.01 -32.21
N GLY E 1822 -39.25 -87.67 -31.05
CA GLY E 1822 -38.16 -87.57 -30.09
C GLY E 1822 -38.33 -86.47 -29.06
N SER E 1823 -39.35 -85.62 -29.18
CA SER E 1823 -39.55 -84.56 -28.20
C SER E 1823 -41.00 -84.11 -28.27
N VAL E 1824 -41.44 -83.44 -27.20
CA VAL E 1824 -42.79 -82.89 -27.15
C VAL E 1824 -42.97 -81.82 -28.20
N GLU E 1825 -41.94 -81.01 -28.43
CA GLU E 1825 -41.99 -79.98 -29.46
C GLU E 1825 -42.19 -80.60 -30.84
N PHE E 1826 -41.39 -81.62 -31.17
CA PHE E 1826 -41.56 -82.28 -32.46
C PHE E 1826 -42.86 -83.06 -32.54
N GLN E 1827 -43.43 -83.43 -31.39
CA GLN E 1827 -44.73 -84.11 -31.40
C GLN E 1827 -45.87 -83.16 -31.70
N PHE E 1828 -45.83 -81.95 -31.14
CA PHE E 1828 -46.98 -81.06 -31.20
C PHE E 1828 -46.88 -79.93 -32.23
N VAL E 1829 -45.71 -79.31 -32.39
CA VAL E 1829 -45.63 -78.08 -33.19
C VAL E 1829 -46.08 -78.27 -34.64
N PRO E 1830 -45.61 -79.28 -35.38
CA PRO E 1830 -46.09 -79.43 -36.76
C PRO E 1830 -47.59 -79.66 -36.86
N VAL E 1831 -48.15 -80.48 -35.97
CA VAL E 1831 -49.58 -80.74 -35.99
C VAL E 1831 -50.36 -79.47 -35.69
N LEU E 1832 -49.90 -78.69 -34.71
CA LEU E 1832 -50.56 -77.43 -34.38
C LEU E 1832 -50.48 -76.45 -35.55
N LYS E 1833 -49.33 -76.40 -36.23
CA LYS E 1833 -49.19 -75.53 -37.39
C LYS E 1833 -50.19 -75.92 -38.48
N LEU E 1834 -50.29 -77.21 -38.78
CA LEU E 1834 -51.22 -77.66 -39.82
C LEU E 1834 -52.67 -77.38 -39.43
N VAL E 1835 -53.02 -77.64 -38.17
CA VAL E 1835 -54.39 -77.40 -37.71
C VAL E 1835 -54.72 -75.92 -37.78
N SER E 1836 -53.79 -75.06 -37.36
CA SER E 1836 -54.03 -73.62 -37.40
C SER E 1836 -54.17 -73.13 -38.83
N THR E 1837 -53.34 -73.65 -39.74
CA THR E 1837 -53.44 -73.25 -41.15
C THR E 1837 -54.79 -73.63 -41.73
N LEU E 1838 -55.22 -74.88 -41.50
CA LEU E 1838 -56.53 -75.30 -42.00
C LEU E 1838 -57.66 -74.51 -41.37
N LEU E 1839 -57.56 -74.24 -40.07
CA LEU E 1839 -58.62 -73.51 -39.38
C LEU E 1839 -58.74 -72.09 -39.88
N VAL E 1840 -57.61 -71.41 -40.11
CA VAL E 1840 -57.66 -70.05 -40.63
C VAL E 1840 -58.03 -70.04 -42.10
N MET E 1841 -57.81 -71.15 -42.83
CA MET E 1841 -58.29 -71.24 -44.21
C MET E 1841 -59.76 -71.59 -44.29
N GLY E 1842 -60.35 -72.08 -43.20
CA GLY E 1842 -61.78 -72.30 -43.13
C GLY E 1842 -62.26 -73.67 -43.56
N ILE E 1843 -61.36 -74.65 -43.68
CA ILE E 1843 -61.78 -75.99 -44.10
C ILE E 1843 -62.62 -76.66 -43.02
N PHE E 1844 -62.28 -76.44 -41.75
CA PHE E 1844 -62.98 -77.12 -40.67
C PHE E 1844 -64.44 -76.71 -40.60
N GLY E 1845 -65.30 -77.69 -40.34
CA GLY E 1845 -66.72 -77.44 -40.17
C GLY E 1845 -67.06 -77.04 -38.75
N ASP E 1846 -68.36 -76.86 -38.51
CA ASP E 1846 -68.82 -76.45 -37.18
C ASP E 1846 -68.55 -77.53 -36.14
N GLU E 1847 -68.87 -78.79 -36.47
CA GLU E 1847 -68.62 -79.88 -35.54
C GLU E 1847 -67.12 -80.09 -35.31
N ASP E 1848 -66.32 -79.92 -36.36
CA ASP E 1848 -64.87 -80.03 -36.22
C ASP E 1848 -64.32 -78.93 -35.31
N VAL E 1849 -64.83 -77.70 -35.46
CA VAL E 1849 -64.41 -76.60 -34.59
C VAL E 1849 -64.82 -76.90 -33.15
N LYS E 1850 -66.01 -77.44 -32.95
CA LYS E 1850 -66.45 -77.80 -31.61
C LYS E 1850 -65.54 -78.87 -31.01
N GLN E 1851 -65.14 -79.87 -31.81
CA GLN E 1851 -64.24 -80.90 -31.33
C GLN E 1851 -62.88 -80.32 -30.97
N ILE E 1852 -62.37 -79.38 -31.79
CA ILE E 1852 -61.10 -78.74 -31.48
C ILE E 1852 -61.21 -77.96 -30.18
N LEU E 1853 -62.32 -77.26 -29.97
CA LEU E 1853 -62.52 -76.52 -28.73
C LEU E 1853 -62.56 -77.46 -27.53
N LYS E 1854 -63.25 -78.58 -27.66
CA LYS E 1854 -63.29 -79.56 -26.58
C LYS E 1854 -61.90 -80.11 -26.27
N MET E 1855 -61.12 -80.39 -27.31
CA MET E 1855 -59.77 -80.91 -27.10
C MET E 1855 -58.87 -79.86 -26.45
N ILE E 1856 -59.06 -78.58 -26.81
CA ILE E 1856 -58.30 -77.52 -26.16
C ILE E 1856 -58.67 -77.42 -24.69
N GLU E 1857 -59.98 -77.47 -24.39
CA GLU E 1857 -60.44 -77.48 -23.00
C GLU E 1857 -61.80 -78.14 -22.91
N PRO E 1858 -61.89 -79.35 -22.34
CA PRO E 1858 -63.20 -80.00 -22.25
C PRO E 1858 -64.15 -79.33 -21.28
N GLU E 1859 -63.65 -78.90 -20.12
CA GLU E 1859 -64.52 -78.33 -19.09
C GLU E 1859 -65.13 -77.01 -19.55
N VAL E 1860 -64.29 -76.09 -20.04
CA VAL E 1860 -64.78 -74.77 -20.43
C VAL E 1860 -65.65 -74.87 -21.67
N PHE E 1861 -65.20 -75.60 -22.68
CA PHE E 1861 -65.91 -75.75 -23.94
C PHE E 1861 -66.64 -77.09 -23.94
N THR E 1862 -67.91 -77.07 -23.57
CA THR E 1862 -68.73 -78.28 -23.58
C THR E 1862 -70.19 -77.87 -23.78
N GLU E 1863 -70.97 -78.82 -24.28
CA GLU E 1863 -72.39 -78.61 -24.54
C GLU E 1863 -73.20 -79.63 -23.75
N GLU E 1864 -74.19 -79.13 -23.01
CA GLU E 1864 -75.04 -79.98 -22.20
C GLU E 1864 -76.15 -80.62 -23.04
N LEU E 1912 -60.51 -87.34 -15.86
CA LEU E 1912 -60.87 -87.80 -17.20
C LEU E 1912 -59.93 -87.21 -18.25
N GLU E 1913 -60.50 -86.60 -19.28
CA GLU E 1913 -59.70 -86.00 -20.33
C GLU E 1913 -58.93 -84.80 -19.79
N GLU E 1914 -57.66 -84.70 -20.20
CA GLU E 1914 -56.79 -83.60 -19.77
C GLU E 1914 -56.64 -82.60 -20.92
N GLY E 1915 -56.87 -81.33 -20.62
CA GLY E 1915 -56.79 -80.32 -21.64
C GLY E 1915 -55.36 -79.98 -22.02
N LEU E 1916 -55.22 -79.40 -23.22
CA LEU E 1916 -53.91 -78.94 -23.66
C LEU E 1916 -53.41 -77.79 -22.80
N LEU E 1917 -54.32 -76.95 -22.30
CA LEU E 1917 -53.96 -75.99 -21.26
C LEU E 1917 -53.44 -76.70 -20.01
N GLN E 1918 -54.14 -77.75 -19.57
CA GLN E 1918 -53.78 -78.41 -18.33
C GLN E 1918 -52.40 -79.06 -18.41
N MET E 1919 -52.11 -79.72 -19.53
CA MET E 1919 -50.83 -80.39 -19.65
C MET E 1919 -49.70 -79.37 -19.88
N LYS E 1920 -48.52 -79.71 -19.37
CA LYS E 1920 -47.37 -78.81 -19.47
C LYS E 1920 -46.84 -78.81 -20.90
N LEU E 1921 -46.58 -77.63 -21.44
CA LEU E 1921 -46.15 -77.48 -22.82
C LEU E 1921 -44.92 -76.59 -22.91
N PRO E 1922 -44.07 -76.82 -23.92
CA PRO E 1922 -42.94 -75.93 -24.17
C PRO E 1922 -43.41 -74.63 -24.82
N GLU E 1923 -42.45 -73.71 -25.00
CA GLU E 1923 -42.77 -72.36 -25.45
C GLU E 1923 -43.27 -72.33 -26.89
N SER E 1924 -42.75 -73.19 -27.76
CA SER E 1924 -43.24 -73.22 -29.14
C SER E 1924 -44.69 -73.66 -29.20
N VAL E 1925 -45.03 -74.72 -28.46
CA VAL E 1925 -46.43 -75.16 -28.39
C VAL E 1925 -47.29 -74.06 -27.78
N LYS E 1926 -46.76 -73.35 -26.79
CA LYS E 1926 -47.47 -72.22 -26.20
C LYS E 1926 -47.79 -71.17 -27.26
N LEU E 1927 -46.80 -70.83 -28.09
CA LEU E 1927 -47.00 -69.84 -29.13
C LEU E 1927 -48.04 -70.29 -30.15
N GLN E 1928 -47.98 -71.55 -30.55
CA GLN E 1928 -48.95 -72.06 -31.52
C GLN E 1928 -50.36 -72.01 -30.95
N MET E 1929 -50.53 -72.39 -29.68
CA MET E 1929 -51.84 -72.31 -29.06
C MET E 1929 -52.31 -70.87 -28.92
N CYS E 1930 -51.39 -69.95 -28.65
CA CYS E 1930 -51.75 -68.53 -28.64
C CYS E 1930 -52.27 -68.09 -30.00
N ASN E 1931 -51.63 -68.57 -31.08
CA ASN E 1931 -52.13 -68.24 -32.42
C ASN E 1931 -53.54 -68.78 -32.63
N LEU E 1932 -53.80 -70.01 -32.18
CA LEU E 1932 -55.14 -70.57 -32.29
C LEU E 1932 -56.16 -69.71 -31.54
N LEU E 1933 -55.81 -69.29 -30.33
CA LEU E 1933 -56.74 -68.47 -29.56
C LEU E 1933 -56.94 -67.08 -30.16
N GLU E 1934 -55.90 -66.54 -30.82
CA GLU E 1934 -56.09 -65.31 -31.57
C GLU E 1934 -57.09 -65.50 -32.70
N TYR E 1935 -57.03 -66.66 -33.38
CA TYR E 1935 -58.02 -66.96 -34.40
C TYR E 1935 -59.43 -66.97 -33.81
N PHE E 1936 -59.58 -67.62 -32.65
CA PHE E 1936 -60.90 -67.66 -32.02
C PHE E 1936 -61.40 -66.28 -31.62
N CYS E 1937 -60.49 -65.42 -31.11
CA CYS E 1937 -60.88 -64.06 -30.77
C CYS E 1937 -61.32 -63.28 -32.01
N ASP E 1938 -60.61 -63.46 -33.13
CA ASP E 1938 -61.02 -62.82 -34.38
C ASP E 1938 -62.40 -63.29 -34.80
N GLN E 1939 -62.68 -64.59 -34.65
CA GLN E 1939 -64.01 -65.09 -34.97
C GLN E 1939 -65.08 -64.45 -34.09
N GLU E 1940 -64.78 -64.29 -32.80
CA GLU E 1940 -65.73 -63.63 -31.89
C GLU E 1940 -65.99 -62.20 -32.33
N LEU E 1941 -64.93 -61.47 -32.70
CA LEU E 1941 -65.11 -60.08 -33.15
C LEU E 1941 -65.96 -60.02 -34.42
N GLN E 1942 -65.71 -60.95 -35.36
CA GLN E 1942 -66.50 -60.97 -36.59
C GLN E 1942 -67.97 -61.26 -36.29
N HIS E 1943 -68.24 -62.18 -35.37
CA HIS E 1943 -69.62 -62.46 -34.99
C HIS E 1943 -70.28 -61.22 -34.40
N ARG E 1944 -69.56 -60.49 -33.54
CA ARG E 1944 -70.13 -59.29 -32.94
C ARG E 1944 -70.45 -58.24 -33.98
N VAL E 1945 -69.54 -58.01 -34.92
CA VAL E 1945 -69.78 -56.96 -35.91
C VAL E 1945 -70.90 -57.36 -36.86
N GLU E 1946 -71.02 -58.65 -37.19
CA GLU E 1946 -72.12 -59.08 -38.04
C GLU E 1946 -73.46 -58.93 -37.33
N SER E 1947 -73.52 -59.26 -36.04
CA SER E 1947 -74.75 -59.05 -35.28
C SER E 1947 -75.11 -57.57 -35.23
N LEU E 1948 -74.11 -56.70 -35.05
CA LEU E 1948 -74.36 -55.27 -35.06
C LEU E 1948 -74.91 -54.82 -36.40
N ALA E 1949 -74.37 -55.33 -37.51
CA ALA E 1949 -74.86 -54.96 -38.83
C ALA E 1949 -76.31 -55.40 -39.02
N ALA E 1950 -76.65 -56.62 -38.58
CA ALA E 1950 -78.03 -57.10 -38.72
C ALA E 1950 -78.99 -56.23 -37.92
N PHE E 1951 -78.62 -55.91 -36.68
CA PHE E 1951 -79.49 -55.04 -35.88
C PHE E 1951 -79.59 -53.65 -36.49
N ALA E 1952 -78.50 -53.16 -37.10
CA ALA E 1952 -78.54 -51.88 -37.78
C ALA E 1952 -79.55 -51.90 -38.92
N GLU E 1953 -79.55 -52.98 -39.70
CA GLU E 1953 -80.55 -53.11 -40.76
C GLU E 1953 -81.96 -53.05 -40.22
N ARG E 1954 -82.25 -53.86 -39.19
CA ARG E 1954 -83.61 -53.89 -38.66
C ARG E 1954 -84.02 -52.54 -38.08
N TYR E 1955 -83.10 -51.91 -37.32
CA TYR E 1955 -83.42 -50.64 -36.68
C TYR E 1955 -83.61 -49.54 -37.71
N VAL E 1956 -82.83 -49.57 -38.79
CA VAL E 1956 -82.99 -48.61 -39.87
C VAL E 1956 -84.36 -48.77 -40.52
N ASP E 1957 -84.78 -50.02 -40.75
CA ASP E 1957 -86.12 -50.24 -41.31
C ASP E 1957 -87.19 -49.66 -40.40
N LYS E 1958 -87.10 -49.94 -39.09
CA LYS E 1958 -88.11 -49.43 -38.16
C LYS E 1958 -88.12 -47.90 -38.12
N LEU E 1959 -86.93 -47.28 -38.09
CA LEU E 1959 -86.88 -45.83 -38.00
C LEU E 1959 -87.39 -45.17 -39.28
N GLN E 1960 -87.11 -45.77 -40.44
CA GLN E 1960 -87.66 -45.24 -41.68
C GLN E 1960 -89.18 -45.32 -41.70
N ALA E 1961 -89.74 -46.46 -41.25
CA ALA E 1961 -91.19 -46.58 -41.18
C ALA E 1961 -91.78 -45.54 -40.24
N ASN E 1962 -91.16 -45.36 -39.07
CA ASN E 1962 -91.65 -44.38 -38.10
C ASN E 1962 -91.59 -42.96 -38.67
N GLN E 1963 -90.50 -42.63 -39.37
CA GLN E 1963 -90.37 -41.29 -39.94
C GLN E 1963 -91.41 -41.05 -41.02
N ARG E 1964 -91.68 -42.07 -41.85
CA ARG E 1964 -92.72 -41.91 -42.87
C ARG E 1964 -94.09 -41.71 -42.21
N SER E 1965 -94.38 -42.47 -41.16
CA SER E 1965 -95.64 -42.30 -40.44
C SER E 1965 -95.76 -40.91 -39.86
N ARG E 1966 -94.68 -40.40 -39.25
CA ARG E 1966 -94.71 -39.05 -38.69
C ARG E 1966 -94.83 -37.99 -39.78
N TYR E 1967 -94.21 -38.23 -40.94
CA TYR E 1967 -94.40 -37.36 -42.09
C TYR E 1967 -95.88 -37.25 -42.45
N ALA E 1968 -96.55 -38.40 -42.57
CA ALA E 1968 -97.98 -38.39 -42.89
C ALA E 1968 -98.78 -37.68 -41.81
N LEU E 1969 -98.48 -37.95 -40.53
CA LEU E 1969 -99.23 -37.33 -39.44
C LEU E 1969 -99.08 -35.81 -39.44
N LEU E 1970 -97.86 -35.31 -39.61
CA LEU E 1970 -97.63 -33.87 -39.58
C LEU E 1970 -98.21 -33.21 -40.82
N MET E 1971 -98.14 -33.89 -41.97
CA MET E 1971 -98.75 -33.32 -43.18
C MET E 1971 -100.26 -33.21 -43.03
N ARG E 1972 -100.90 -34.21 -42.42
CA ARG E 1972 -102.34 -34.14 -42.21
C ARG E 1972 -102.70 -33.08 -41.19
N ALA E 1973 -101.97 -33.01 -40.07
CA ALA E 1973 -102.27 -32.08 -38.98
C ALA E 1973 -101.27 -30.94 -39.04
N PHE E 1974 -101.66 -29.84 -39.69
CA PHE E 1974 -100.85 -28.64 -39.81
C PHE E 1974 -101.61 -27.41 -39.30
N THR E 1975 -102.37 -27.58 -38.21
CA THR E 1975 -103.14 -26.47 -37.67
C THR E 1975 -102.25 -25.36 -37.16
N MET E 1976 -101.18 -25.70 -36.45
CA MET E 1976 -100.24 -24.72 -35.92
C MET E 1976 -99.18 -24.44 -36.97
N SER E 1977 -99.24 -23.25 -37.58
CA SER E 1977 -98.34 -22.92 -38.68
C SER E 1977 -96.89 -22.84 -38.20
N ALA E 1978 -96.65 -22.13 -37.10
CA ALA E 1978 -95.28 -21.97 -36.60
C ALA E 1978 -94.70 -23.30 -36.13
N ALA E 1979 -95.50 -24.08 -35.40
CA ALA E 1979 -95.04 -25.39 -34.95
C ALA E 1979 -94.75 -26.32 -36.12
N GLU E 1980 -95.62 -26.29 -37.13
CA GLU E 1980 -95.39 -27.11 -38.32
C GLU E 1980 -94.13 -26.69 -39.06
N THR E 1981 -93.89 -25.38 -39.17
CA THR E 1981 -92.68 -24.91 -39.83
C THR E 1981 -91.42 -25.32 -39.06
N ALA E 1982 -91.44 -25.17 -37.73
CA ALA E 1982 -90.29 -25.58 -36.92
C ALA E 1982 -90.05 -27.08 -37.03
N ARG E 1983 -91.14 -27.87 -37.00
CA ARG E 1983 -91.00 -29.32 -37.15
C ARG E 1983 -90.43 -29.68 -38.52
N ARG E 1984 -90.91 -29.02 -39.57
CA ARG E 1984 -90.39 -29.28 -40.91
C ARG E 1984 -88.92 -28.88 -41.01
N THR E 1985 -88.51 -27.86 -40.26
CA THR E 1985 -87.10 -27.45 -40.28
C THR E 1985 -86.22 -28.47 -39.56
N ARG E 1986 -86.64 -28.94 -38.40
CA ARG E 1986 -85.83 -29.82 -37.57
C ARG E 1986 -86.44 -31.22 -37.49
N GLU E 1987 -85.63 -32.24 -37.79
CA GLU E 1987 -86.06 -33.64 -37.76
C GLU E 1987 -87.10 -33.95 -38.84
N PHE E 1988 -86.99 -33.33 -40.01
CA PHE E 1988 -88.02 -33.48 -41.03
C PHE E 1988 -87.41 -33.11 -42.38
N ARG E 1989 -87.16 -34.11 -43.22
CA ARG E 1989 -86.57 -33.89 -44.54
C ARG E 1989 -85.29 -33.07 -44.46
N SER E 1990 -84.45 -33.40 -43.48
CA SER E 1990 -83.21 -32.70 -43.20
C SER E 1990 -82.03 -33.54 -43.66
N PRO E 1991 -80.80 -33.06 -43.56
CA PRO E 1991 -79.64 -33.94 -43.76
C PRO E 1991 -79.80 -35.25 -43.01
N PRO E 1992 -79.72 -36.37 -43.71
CA PRO E 1992 -80.01 -37.67 -43.08
C PRO E 1992 -79.14 -37.97 -41.86
N GLN E 1993 -77.85 -37.67 -41.93
CA GLN E 1993 -76.97 -37.93 -40.79
C GLN E 1993 -77.36 -37.07 -39.60
N GLU E 1994 -77.72 -35.81 -39.83
CA GLU E 1994 -78.20 -34.96 -38.75
C GLU E 1994 -79.47 -35.52 -38.15
N GLN E 1995 -80.39 -36.01 -39.00
CA GLN E 1995 -81.64 -36.55 -38.48
C GLN E 1995 -81.40 -37.75 -37.59
N ILE E 1996 -80.54 -38.68 -38.03
CA ILE E 1996 -80.32 -39.88 -37.22
C ILE E 1996 -79.55 -39.52 -35.95
N ASN E 1997 -78.61 -38.58 -36.04
CA ASN E 1997 -77.88 -38.16 -34.85
C ASN E 1997 -78.82 -37.55 -33.81
N MET E 1998 -79.76 -36.73 -34.25
CA MET E 1998 -80.70 -36.14 -33.31
C MET E 1998 -81.73 -37.16 -32.82
N LEU E 1999 -82.06 -38.15 -33.65
CA LEU E 1999 -83.01 -39.18 -33.23
C LEU E 1999 -82.41 -40.09 -32.18
N LEU E 2000 -81.13 -40.46 -32.33
CA LEU E 2000 -80.46 -41.37 -31.41
C LEU E 2000 -79.93 -40.67 -30.17
N HIS E 2001 -80.43 -39.48 -29.86
CA HIS E 2001 -79.97 -38.70 -28.72
C HIS E 2001 -80.72 -39.00 -27.44
N PHE E 2002 -81.66 -39.95 -27.45
CA PHE E 2002 -82.43 -40.24 -26.26
C PHE E 2002 -81.63 -40.97 -25.19
N LYS E 2003 -80.35 -41.24 -25.43
CA LYS E 2003 -79.49 -41.77 -24.37
C LYS E 2003 -79.43 -40.80 -23.19
N ASP E 2004 -79.31 -39.50 -23.48
CA ASP E 2004 -79.42 -38.50 -22.44
C ASP E 2004 -80.87 -38.35 -22.00
N GLU E 2005 -81.06 -38.20 -20.69
CA GLU E 2005 -82.42 -38.07 -20.15
C GLU E 2005 -83.10 -36.80 -20.66
N ALA E 2006 -82.35 -35.70 -20.75
CA ALA E 2006 -82.92 -34.44 -21.22
C ALA E 2006 -83.36 -34.55 -22.68
N ASP E 2007 -82.55 -35.19 -23.52
CA ASP E 2007 -82.87 -35.32 -24.93
C ASP E 2007 -83.82 -36.49 -25.22
N GLU E 2008 -84.13 -37.32 -24.22
CA GLU E 2008 -85.08 -38.41 -24.43
C GLU E 2008 -86.44 -37.87 -24.83
N GLU E 2009 -86.91 -36.81 -24.16
CA GLU E 2009 -88.17 -36.19 -24.55
C GLU E 2009 -88.06 -35.45 -25.89
N ASP E 2010 -86.89 -34.87 -26.17
CA ASP E 2010 -86.71 -34.16 -27.43
C ASP E 2010 -86.79 -35.11 -28.62
N CYS E 2011 -86.22 -36.29 -28.49
CA CYS E 2011 -86.28 -37.27 -29.58
C CYS E 2011 -87.72 -37.72 -29.81
N PRO E 2012 -88.24 -37.60 -31.03
CA PRO E 2012 -89.63 -38.03 -31.30
C PRO E 2012 -89.79 -39.52 -31.52
N LEU E 2013 -88.74 -40.32 -31.31
CA LEU E 2013 -88.84 -41.76 -31.53
C LEU E 2013 -89.78 -42.40 -30.51
N PRO E 2014 -90.48 -43.46 -30.89
CA PRO E 2014 -91.38 -44.13 -29.95
C PRO E 2014 -90.63 -44.77 -28.80
N GLU E 2015 -91.33 -44.89 -27.67
CA GLU E 2015 -90.72 -45.48 -26.48
C GLU E 2015 -90.30 -46.92 -26.74
N ASP E 2016 -91.09 -47.67 -27.51
CA ASP E 2016 -90.71 -49.04 -27.84
C ASP E 2016 -89.42 -49.08 -28.65
N ILE E 2017 -89.28 -48.17 -29.62
CA ILE E 2017 -88.06 -48.10 -30.42
C ILE E 2017 -86.86 -47.75 -29.55
N ARG E 2018 -87.02 -46.76 -28.67
CA ARG E 2018 -85.94 -46.36 -27.78
C ARG E 2018 -85.55 -47.50 -26.85
N GLN E 2019 -86.54 -48.22 -26.31
CA GLN E 2019 -86.25 -49.35 -25.43
C GLN E 2019 -85.56 -50.47 -26.20
N ASP E 2020 -85.93 -50.69 -27.45
CA ASP E 2020 -85.26 -51.69 -28.27
C ASP E 2020 -83.79 -51.34 -28.45
N LEU E 2021 -83.50 -50.07 -28.75
CA LEU E 2021 -82.11 -49.67 -28.90
C LEU E 2021 -81.34 -49.81 -27.59
N GLN E 2022 -81.96 -49.42 -26.47
CA GLN E 2022 -81.29 -49.56 -25.18
C GLN E 2022 -81.02 -51.03 -24.85
N ASP E 2023 -81.97 -51.91 -25.12
CA ASP E 2023 -81.78 -53.33 -24.86
C ASP E 2023 -80.65 -53.89 -25.73
N PHE E 2024 -80.60 -53.48 -27.01
CA PHE E 2024 -79.49 -53.95 -27.85
C PHE E 2024 -78.15 -53.43 -27.34
N HIS E 2025 -78.10 -52.19 -26.87
CA HIS E 2025 -76.87 -51.66 -26.30
C HIS E 2025 -76.44 -52.46 -25.07
N GLN E 2026 -77.40 -52.78 -24.21
CA GLN E 2026 -77.10 -53.60 -23.03
C GLN E 2026 -76.60 -54.98 -23.43
N ASP E 2027 -77.21 -55.59 -24.44
CA ASP E 2027 -76.77 -56.90 -24.91
C ASP E 2027 -75.36 -56.82 -25.49
N LEU E 2028 -75.06 -55.75 -26.23
CA LEU E 2028 -73.72 -55.58 -26.77
C LEU E 2028 -72.69 -55.44 -25.65
N LEU E 2029 -73.02 -54.66 -24.61
CA LEU E 2029 -72.12 -54.53 -23.47
C LEU E 2029 -71.91 -55.88 -22.78
N ALA E 2030 -72.99 -56.65 -22.61
CA ALA E 2030 -72.87 -57.95 -21.98
C ALA E 2030 -72.00 -58.90 -22.80
N HIS E 2031 -72.18 -58.90 -24.12
CA HIS E 2031 -71.36 -59.73 -24.98
C HIS E 2031 -69.89 -59.32 -24.94
N CYS E 2032 -69.62 -58.00 -24.95
CA CYS E 2032 -68.26 -57.52 -24.85
C CYS E 2032 -67.65 -57.78 -23.48
N GLY E 2033 -68.47 -58.02 -22.46
CA GLY E 2033 -67.99 -58.34 -21.15
C GLY E 2033 -67.93 -57.18 -20.17
N ILE E 2034 -68.45 -56.02 -20.53
CA ILE E 2034 -68.47 -54.87 -19.63
C ILE E 2034 -69.60 -55.04 -18.64
N GLN E 2035 -69.26 -55.02 -17.34
CA GLN E 2035 -70.26 -55.20 -16.29
C GLN E 2035 -70.14 -54.10 -15.24
N LYS E 2079 -62.61 -69.87 -9.20
CA LYS E 2079 -63.49 -69.41 -10.28
C LYS E 2079 -63.16 -70.13 -11.58
N LYS E 2080 -63.95 -71.14 -11.90
CA LYS E 2080 -63.75 -71.89 -13.13
C LYS E 2080 -64.07 -71.00 -14.33
N PRO E 2081 -63.20 -70.94 -15.34
CA PRO E 2081 -63.48 -70.11 -16.52
C PRO E 2081 -64.75 -70.56 -17.21
N GLN E 2082 -65.66 -69.61 -17.42
CA GLN E 2082 -66.93 -69.88 -18.09
C GLN E 2082 -66.99 -69.30 -19.50
N SER E 2083 -65.91 -68.72 -19.99
CA SER E 2083 -65.91 -68.09 -21.31
C SER E 2083 -64.48 -68.01 -21.83
N LEU E 2084 -64.37 -67.76 -23.12
CA LEU E 2084 -63.06 -67.67 -23.76
C LEU E 2084 -62.23 -66.53 -23.16
N GLN E 2085 -62.87 -65.39 -22.88
CA GLN E 2085 -62.15 -64.26 -22.31
C GLN E 2085 -61.51 -64.61 -20.97
N GLU E 2086 -62.31 -65.15 -20.05
CA GLU E 2086 -61.78 -65.53 -18.74
C GLU E 2086 -60.73 -66.61 -18.87
N LEU E 2087 -60.97 -67.61 -19.73
CA LEU E 2087 -60.02 -68.70 -19.88
C LEU E 2087 -58.68 -68.20 -20.37
N VAL E 2088 -58.69 -67.32 -21.39
CA VAL E 2088 -57.45 -66.80 -21.94
C VAL E 2088 -56.76 -65.89 -20.93
N SER E 2089 -57.53 -65.11 -20.16
CA SER E 2089 -56.93 -64.24 -19.15
C SER E 2089 -56.18 -65.07 -18.11
N HIS E 2090 -56.85 -66.08 -17.54
CA HIS E 2090 -56.20 -66.93 -16.56
C HIS E 2090 -55.03 -67.69 -17.17
N MET E 2091 -55.17 -68.09 -18.43
CA MET E 2091 -54.08 -68.71 -19.18
C MET E 2091 -52.84 -67.83 -19.20
N VAL E 2092 -52.99 -66.59 -19.63
CA VAL E 2092 -51.85 -65.68 -19.75
C VAL E 2092 -51.25 -65.40 -18.39
N VAL E 2093 -52.09 -65.15 -17.38
CA VAL E 2093 -51.58 -64.89 -16.04
C VAL E 2093 -50.80 -66.08 -15.52
N ARG E 2094 -51.35 -67.30 -15.69
CA ARG E 2094 -50.68 -68.50 -15.20
C ARG E 2094 -49.34 -68.71 -15.90
N TRP E 2095 -49.30 -68.55 -17.22
CA TRP E 2095 -48.05 -68.75 -17.93
C TRP E 2095 -47.01 -67.71 -17.53
N ALA E 2096 -47.44 -66.47 -17.32
CA ALA E 2096 -46.50 -65.45 -16.88
C ALA E 2096 -45.99 -65.73 -15.47
N GLN E 2097 -46.84 -66.26 -14.60
CA GLN E 2097 -46.44 -66.51 -13.22
C GLN E 2097 -45.58 -67.76 -13.07
N GLU E 2098 -45.77 -68.77 -13.92
CA GLU E 2098 -45.05 -70.04 -13.71
C GLU E 2098 -43.55 -69.88 -13.81
N ASP E 2099 -43.07 -69.13 -14.80
CA ASP E 2099 -41.63 -69.03 -15.03
C ASP E 2099 -41.32 -67.68 -15.66
N TYR E 2100 -40.07 -67.51 -16.08
CA TYR E 2100 -39.59 -66.30 -16.73
C TYR E 2100 -39.42 -66.62 -18.21
N VAL E 2101 -40.38 -66.18 -19.02
CA VAL E 2101 -40.40 -66.52 -20.44
C VAL E 2101 -39.25 -65.82 -21.15
N GLN E 2102 -38.45 -66.60 -21.87
CA GLN E 2102 -37.28 -66.10 -22.58
C GLN E 2102 -37.56 -65.79 -24.05
N SER E 2103 -38.79 -65.96 -24.52
CA SER E 2103 -39.11 -65.74 -25.92
C SER E 2103 -39.82 -64.40 -26.09
N PRO E 2104 -39.18 -63.39 -26.68
CA PRO E 2104 -39.87 -62.11 -26.89
C PRO E 2104 -41.13 -62.23 -27.72
N GLU E 2105 -41.13 -63.07 -28.75
CA GLU E 2105 -42.32 -63.26 -29.57
C GLU E 2105 -43.45 -63.86 -28.76
N LEU E 2106 -43.15 -64.88 -27.95
CA LEU E 2106 -44.18 -65.48 -27.10
C LEU E 2106 -44.72 -64.46 -26.10
N VAL E 2107 -43.83 -63.67 -25.49
CA VAL E 2107 -44.26 -62.67 -24.51
C VAL E 2107 -45.18 -61.66 -25.17
N ARG E 2108 -44.80 -61.16 -26.34
CA ARG E 2108 -45.64 -60.21 -27.06
C ARG E 2108 -46.98 -60.82 -27.40
N ALA E 2109 -46.99 -62.09 -27.82
CA ALA E 2109 -48.24 -62.76 -28.16
C ALA E 2109 -49.17 -62.83 -26.95
N MET E 2110 -48.65 -63.30 -25.81
CA MET E 2110 -49.54 -63.48 -24.66
C MET E 2110 -50.05 -62.13 -24.16
N PHE E 2111 -49.19 -61.10 -24.14
CA PHE E 2111 -49.65 -59.81 -23.64
C PHE E 2111 -50.62 -59.14 -24.60
N SER E 2112 -50.41 -59.29 -25.91
CA SER E 2112 -51.39 -58.77 -26.86
C SER E 2112 -52.73 -59.47 -26.71
N LEU E 2113 -52.71 -60.80 -26.54
CA LEU E 2113 -53.96 -61.53 -26.32
C LEU E 2113 -54.64 -61.07 -25.05
N LEU E 2114 -53.88 -60.87 -23.96
CA LEU E 2114 -54.47 -60.40 -22.72
C LEU E 2114 -55.09 -59.02 -22.87
N HIS E 2115 -54.40 -58.13 -23.60
CA HIS E 2115 -54.96 -56.81 -23.86
C HIS E 2115 -56.25 -56.90 -24.65
N ARG E 2116 -56.30 -57.77 -25.66
CA ARG E 2116 -57.55 -57.92 -26.42
C ARG E 2116 -58.68 -58.46 -25.55
N GLN E 2117 -58.37 -59.42 -24.67
CA GLN E 2117 -59.41 -59.95 -23.77
C GLN E 2117 -59.92 -58.87 -22.83
N TYR E 2118 -59.02 -58.06 -22.26
CA TYR E 2118 -59.46 -57.04 -21.31
C TYR E 2118 -60.20 -55.89 -21.99
N ASP E 2119 -59.80 -55.52 -23.21
CA ASP E 2119 -60.44 -54.42 -23.94
C ASP E 2119 -61.34 -55.02 -25.00
N GLY E 2120 -62.61 -55.20 -24.64
CA GLY E 2120 -63.58 -55.78 -25.56
C GLY E 2120 -64.33 -54.75 -26.36
N LEU E 2121 -64.92 -53.76 -25.69
CA LEU E 2121 -65.68 -52.73 -26.38
C LEU E 2121 -64.78 -51.88 -27.26
N GLY E 2122 -63.57 -51.56 -26.79
CA GLY E 2122 -62.66 -50.77 -27.59
C GLY E 2122 -62.24 -51.46 -28.86
N GLU E 2123 -62.06 -52.79 -28.81
CA GLU E 2123 -61.71 -53.54 -30.01
C GLU E 2123 -62.83 -53.44 -31.06
N LEU E 2124 -64.08 -53.59 -30.64
CA LEU E 2124 -65.20 -53.42 -31.56
C LEU E 2124 -65.26 -51.99 -32.08
N LEU E 2125 -64.97 -51.01 -31.22
CA LEU E 2125 -64.98 -49.62 -31.65
C LEU E 2125 -63.94 -49.37 -32.75
N ARG E 2126 -62.75 -49.94 -32.59
CA ARG E 2126 -61.73 -49.83 -33.63
C ARG E 2126 -62.12 -50.61 -34.88
N ALA E 2127 -62.85 -51.72 -34.72
CA ALA E 2127 -63.23 -52.54 -35.87
C ALA E 2127 -64.35 -51.90 -36.70
N LEU E 2128 -65.21 -51.10 -36.09
CA LEU E 2128 -66.34 -50.53 -36.83
C LEU E 2128 -65.95 -49.74 -38.08
N PRO E 2129 -64.91 -48.90 -38.08
CA PRO E 2129 -64.59 -48.17 -39.33
C PRO E 2129 -64.34 -49.08 -40.53
N ARG E 2130 -63.81 -50.27 -40.30
CA ARG E 2130 -63.61 -51.22 -41.39
C ARG E 2130 -64.91 -51.87 -41.86
N ALA E 2131 -65.93 -51.91 -41.00
CA ALA E 2131 -67.19 -52.55 -41.35
C ALA E 2131 -67.93 -51.76 -42.42
N TYR E 2132 -68.64 -52.48 -43.29
CA TYR E 2132 -69.43 -51.86 -44.34
C TYR E 2132 -70.56 -52.80 -44.73
N THR E 2133 -71.66 -52.22 -45.22
CA THR E 2133 -72.86 -52.96 -45.57
C THR E 2133 -73.21 -52.71 -47.03
N ILE E 2134 -73.54 -53.77 -47.75
CA ILE E 2134 -73.85 -53.70 -49.18
C ILE E 2134 -75.21 -54.35 -49.44
N SER E 2135 -75.73 -54.09 -50.63
CA SER E 2135 -76.98 -54.67 -51.10
C SER E 2135 -76.75 -56.08 -51.62
N PRO E 2136 -77.78 -56.94 -51.56
CA PRO E 2136 -77.61 -58.32 -52.05
C PRO E 2136 -77.25 -58.41 -53.53
N SER E 2137 -77.65 -57.43 -54.34
CA SER E 2137 -77.47 -57.52 -55.78
C SER E 2137 -76.03 -57.23 -56.22
N SER E 2138 -75.21 -56.63 -55.37
CA SER E 2138 -73.86 -56.22 -55.73
C SER E 2138 -72.79 -57.21 -55.24
N VAL E 2139 -73.20 -58.37 -54.74
CA VAL E 2139 -72.25 -59.30 -54.14
C VAL E 2139 -71.29 -59.86 -55.19
N GLU E 2140 -71.77 -60.09 -56.41
CA GLU E 2140 -70.90 -60.66 -57.45
C GLU E 2140 -69.80 -59.68 -57.85
N ASP E 2141 -70.17 -58.44 -58.12
CA ASP E 2141 -69.17 -57.42 -58.47
C ASP E 2141 -68.25 -57.16 -57.29
N THR E 2142 -68.79 -57.18 -56.07
CA THR E 2142 -67.95 -57.02 -54.89
C THR E 2142 -66.92 -58.14 -54.80
N MET E 2143 -67.33 -59.38 -55.05
CA MET E 2143 -66.40 -60.50 -55.02
C MET E 2143 -65.33 -60.37 -56.09
N SER E 2144 -65.72 -59.93 -57.30
CA SER E 2144 -64.74 -59.72 -58.35
C SER E 2144 -63.73 -58.65 -57.97
N LEU E 2145 -64.20 -57.55 -57.37
CA LEU E 2145 -63.30 -56.49 -56.93
C LEU E 2145 -62.37 -56.99 -55.83
N LEU E 2146 -62.89 -57.80 -54.91
CA LEU E 2146 -62.04 -58.37 -53.87
C LEU E 2146 -60.98 -59.29 -54.45
N GLU E 2147 -61.33 -60.08 -55.46
CA GLU E 2147 -60.35 -60.94 -56.10
C GLU E 2147 -59.25 -60.13 -56.78
N CYS E 2148 -59.64 -59.06 -57.49
CA CYS E 2148 -58.63 -58.21 -58.13
C CYS E 2148 -57.73 -57.56 -57.10
N LEU E 2149 -58.32 -57.06 -56.00
CA LEU E 2149 -57.52 -56.46 -54.94
C LEU E 2149 -56.60 -57.50 -54.28
N GLY E 2150 -57.05 -58.74 -54.18
CA GLY E 2150 -56.20 -59.80 -53.67
C GLY E 2150 -55.01 -60.06 -54.56
N GLN E 2151 -55.22 -60.05 -55.88
CA GLN E 2151 -54.09 -60.16 -56.79
C GLN E 2151 -53.12 -58.99 -56.60
N ILE E 2152 -53.65 -57.77 -56.45
CA ILE E 2152 -52.79 -56.61 -56.26
C ILE E 2152 -51.96 -56.76 -54.98
N ARG E 2153 -52.59 -57.17 -53.89
CA ARG E 2153 -51.87 -57.33 -52.63
C ARG E 2153 -50.86 -58.46 -52.70
N SER E 2154 -51.20 -59.56 -53.39
CA SER E 2154 -50.27 -60.66 -53.52
C SER E 2154 -49.05 -60.27 -54.33
N LEU E 2155 -49.22 -59.40 -55.33
CA LEU E 2155 -48.08 -58.96 -56.14
C LEU E 2155 -47.13 -58.05 -55.38
N LEU E 2156 -47.50 -57.58 -54.19
CA LEU E 2156 -46.62 -56.67 -53.45
C LEU E 2156 -45.37 -57.39 -52.96
N ILE E 2157 -45.53 -58.57 -52.34
CA ILE E 2157 -44.40 -59.26 -51.75
C ILE E 2157 -43.40 -59.77 -52.80
N VAL E 2158 -43.83 -59.91 -54.04
CA VAL E 2158 -42.97 -60.41 -55.11
C VAL E 2158 -42.18 -59.24 -55.70
N GLN E 2159 -40.92 -59.50 -56.02
CA GLN E 2159 -40.11 -58.48 -56.67
C GLN E 2159 -40.68 -58.16 -58.05
N MET E 2160 -40.69 -56.88 -58.39
CA MET E 2160 -41.37 -56.43 -59.60
C MET E 2160 -40.62 -56.89 -60.85
N GLY E 2161 -41.37 -57.45 -61.81
CA GLY E 2161 -40.81 -57.88 -63.07
C GLY E 2161 -41.79 -57.62 -64.20
N PRO E 2162 -41.47 -58.11 -65.41
CA PRO E 2162 -42.40 -57.90 -66.53
C PRO E 2162 -43.75 -58.57 -66.34
N GLN E 2163 -43.76 -59.84 -65.91
CA GLN E 2163 -45.02 -60.54 -65.71
C GLN E 2163 -45.83 -59.91 -64.59
N GLU E 2164 -45.17 -59.57 -63.47
CA GLU E 2164 -45.85 -58.88 -62.39
C GLU E 2164 -46.42 -57.55 -62.87
N GLU E 2165 -45.65 -56.82 -63.69
CA GLU E 2165 -46.12 -55.56 -64.26
C GLU E 2165 -47.40 -55.77 -65.05
N ASN E 2166 -47.42 -56.77 -65.92
CA ASN E 2166 -48.61 -57.03 -66.73
C ASN E 2166 -49.79 -57.38 -65.85
N LEU E 2167 -49.57 -58.20 -64.81
CA LEU E 2167 -50.66 -58.55 -63.90
C LEU E 2167 -51.21 -57.32 -63.18
N MET E 2168 -50.34 -56.40 -62.74
CA MET E 2168 -50.84 -55.18 -62.10
C MET E 2168 -51.62 -54.32 -63.09
N ILE E 2169 -51.16 -54.23 -64.34
CA ILE E 2169 -51.92 -53.46 -65.34
C ILE E 2169 -53.31 -54.06 -65.50
N GLN E 2170 -53.40 -55.38 -65.63
CA GLN E 2170 -54.71 -56.01 -65.80
C GLN E 2170 -55.59 -55.79 -64.57
N SER E 2171 -55.01 -55.92 -63.37
CA SER E 2171 -55.80 -55.76 -62.15
C SER E 2171 -56.32 -54.34 -62.01
N ILE E 2172 -55.47 -53.34 -62.29
CA ILE E 2172 -55.92 -51.95 -62.20
C ILE E 2172 -56.98 -51.67 -63.26
N GLY E 2173 -56.84 -52.22 -64.46
CA GLY E 2173 -57.87 -52.06 -65.46
C GLY E 2173 -59.20 -52.64 -65.03
N ASN E 2174 -59.17 -53.85 -64.47
CA ASN E 2174 -60.41 -54.46 -63.98
C ASN E 2174 -61.03 -53.64 -62.85
N ILE E 2175 -60.19 -53.14 -61.94
CA ILE E 2175 -60.70 -52.31 -60.84
C ILE E 2175 -61.39 -51.06 -61.38
N MET E 2176 -60.75 -50.41 -62.36
CA MET E 2176 -61.34 -49.19 -62.92
C MET E 2176 -62.63 -49.49 -63.67
N ASN E 2177 -62.70 -50.66 -64.34
CA ASN E 2177 -63.90 -51.01 -65.08
C ASN E 2177 -65.03 -51.48 -64.19
N ASN E 2178 -64.74 -51.95 -62.98
CA ASN E 2178 -65.80 -52.36 -62.05
C ASN E 2178 -66.71 -51.18 -61.73
N LYS E 2179 -68.02 -51.42 -61.77
CA LYS E 2179 -68.98 -50.36 -61.49
C LYS E 2179 -68.99 -49.99 -60.01
N VAL E 2180 -68.78 -50.96 -59.13
CA VAL E 2180 -68.81 -50.71 -57.69
C VAL E 2180 -67.68 -49.77 -57.29
N PHE E 2181 -66.61 -49.72 -58.08
CA PHE E 2181 -65.44 -48.91 -57.70
C PHE E 2181 -65.81 -47.44 -57.60
N TYR E 2182 -66.50 -46.90 -58.61
CA TYR E 2182 -66.87 -45.49 -58.59
C TYR E 2182 -68.24 -45.23 -57.96
N GLN E 2183 -68.99 -46.28 -57.62
CA GLN E 2183 -70.27 -46.11 -56.96
C GLN E 2183 -70.18 -46.15 -55.44
N HIS E 2184 -69.08 -46.66 -54.89
CA HIS E 2184 -68.86 -46.70 -53.45
C HIS E 2184 -67.44 -46.20 -53.14
N PRO E 2185 -67.20 -44.89 -53.32
CA PRO E 2185 -65.89 -44.35 -52.94
C PRO E 2185 -65.60 -44.51 -51.46
N ASN E 2186 -66.61 -44.45 -50.61
CA ASN E 2186 -66.40 -44.69 -49.19
C ASN E 2186 -65.91 -46.10 -48.93
N LEU E 2187 -66.49 -47.08 -49.63
CA LEU E 2187 -66.04 -48.46 -49.45
C LEU E 2187 -64.63 -48.65 -50.01
N MET E 2188 -64.31 -48.02 -51.13
CA MET E 2188 -62.94 -48.06 -51.64
C MET E 2188 -61.96 -47.47 -50.64
N ARG E 2189 -62.32 -46.33 -50.04
CA ARG E 2189 -61.43 -45.71 -49.05
C ARG E 2189 -61.28 -46.60 -47.82
N ALA E 2190 -62.37 -47.24 -47.38
CA ALA E 2190 -62.28 -48.15 -46.25
C ALA E 2190 -61.37 -49.33 -46.57
N LEU E 2191 -61.46 -49.88 -47.78
CA LEU E 2191 -60.55 -50.92 -48.21
C LEU E 2191 -59.12 -50.40 -48.33
N GLY E 2192 -58.93 -49.09 -48.52
CA GLY E 2192 -57.60 -48.53 -48.63
C GLY E 2192 -56.85 -48.93 -49.87
N MET E 2193 -57.55 -49.02 -51.01
CA MET E 2193 -56.88 -49.39 -52.25
C MET E 2193 -55.93 -48.30 -52.74
N HIS E 2194 -56.24 -47.04 -52.42
CA HIS E 2194 -55.34 -45.95 -52.80
C HIS E 2194 -53.98 -46.11 -52.14
N GLU E 2195 -53.95 -46.54 -50.88
CA GLU E 2195 -52.69 -46.80 -50.22
C GLU E 2195 -51.91 -47.92 -50.90
N THR E 2196 -52.61 -48.97 -51.34
CA THR E 2196 -51.94 -50.09 -52.00
C THR E 2196 -51.33 -49.66 -53.33
N VAL E 2197 -52.10 -48.96 -54.17
CA VAL E 2197 -51.53 -48.50 -55.43
C VAL E 2197 -50.43 -47.48 -55.18
N MET E 2198 -50.54 -46.71 -54.08
CA MET E 2198 -49.46 -45.81 -53.71
C MET E 2198 -48.19 -46.56 -53.38
N GLU E 2199 -48.31 -47.68 -52.65
CA GLU E 2199 -47.12 -48.48 -52.35
C GLU E 2199 -46.52 -49.08 -53.62
N VAL E 2200 -47.36 -49.50 -54.56
CA VAL E 2200 -46.86 -49.98 -55.85
C VAL E 2200 -46.09 -48.86 -56.55
N MET E 2201 -46.64 -47.64 -56.53
CA MET E 2201 -45.96 -46.51 -57.14
C MET E 2201 -44.65 -46.20 -56.41
N VAL E 2202 -44.63 -46.36 -55.09
CA VAL E 2202 -43.40 -46.16 -54.32
C VAL E 2202 -42.34 -47.13 -54.79
N ASN E 2203 -42.72 -48.41 -54.94
CA ASN E 2203 -41.75 -49.43 -55.36
C ASN E 2203 -41.22 -49.13 -56.76
N VAL E 2204 -42.11 -48.78 -57.69
CA VAL E 2204 -41.65 -48.57 -59.07
C VAL E 2204 -40.80 -47.30 -59.16
N LEU E 2205 -41.15 -46.26 -58.42
CA LEU E 2205 -40.35 -45.03 -58.43
C LEU E 2205 -38.99 -45.25 -57.79
N GLY E 2206 -38.94 -46.04 -56.70
CA GLY E 2206 -37.65 -46.38 -56.11
C GLY E 2206 -36.79 -47.20 -57.06
N GLY E 2207 -37.42 -48.10 -57.82
CA GLY E 2207 -36.69 -48.83 -58.85
C GLY E 2207 -36.14 -47.87 -59.90
N GLY E 2208 -36.95 -46.92 -60.34
CA GLY E 2208 -36.52 -45.91 -61.30
C GLY E 2208 -37.47 -44.71 -61.30
N ILE E 2213 -37.39 -44.88 -67.03
CA ILE E 2213 -38.06 -45.60 -65.96
C ILE E 2213 -38.07 -47.09 -66.29
N ARG E 2214 -37.81 -47.92 -65.26
CA ARG E 2214 -37.80 -49.36 -65.46
C ARG E 2214 -39.19 -49.88 -65.82
N PHE E 2215 -40.23 -49.35 -65.19
CA PHE E 2215 -41.61 -49.78 -65.45
C PHE E 2215 -42.48 -48.55 -65.70
N PRO E 2216 -42.26 -47.86 -66.82
CA PRO E 2216 -43.10 -46.68 -67.13
C PRO E 2216 -44.56 -47.03 -67.26
N LYS E 2217 -44.89 -48.24 -67.72
CA LYS E 2217 -46.29 -48.65 -67.76
C LYS E 2217 -46.87 -48.71 -66.35
N MET E 2218 -46.11 -49.23 -65.39
CA MET E 2218 -46.54 -49.21 -63.99
C MET E 2218 -46.78 -47.80 -63.50
N VAL E 2219 -45.82 -46.89 -63.74
CA VAL E 2219 -45.99 -45.52 -63.25
C VAL E 2219 -47.20 -44.87 -63.88
N THR E 2220 -47.38 -45.04 -65.20
CA THR E 2220 -48.49 -44.41 -65.89
C THR E 2220 -49.83 -44.97 -65.42
N SER E 2221 -49.91 -46.30 -65.24
CA SER E 2221 -51.16 -46.90 -64.79
C SER E 2221 -51.50 -46.42 -63.37
N CYS E 2222 -50.52 -46.38 -62.48
CA CYS E 2222 -50.78 -45.89 -61.13
C CYS E 2222 -51.23 -44.43 -61.16
N CYS E 2223 -50.60 -43.60 -61.98
CA CYS E 2223 -50.99 -42.20 -62.05
C CYS E 2223 -52.40 -42.03 -62.61
N ARG E 2224 -52.75 -42.78 -63.66
CA ARG E 2224 -54.12 -42.69 -64.19
C ARG E 2224 -55.14 -43.15 -63.17
N PHE E 2225 -54.86 -44.25 -62.46
CA PHE E 2225 -55.79 -44.73 -61.45
C PHE E 2225 -55.95 -43.70 -60.34
N LEU E 2226 -54.85 -43.09 -59.90
CA LEU E 2226 -54.93 -42.10 -58.84
C LEU E 2226 -55.69 -40.86 -59.29
N CYS E 2227 -55.47 -40.41 -60.52
CA CYS E 2227 -56.21 -39.26 -61.04
C CYS E 2227 -57.70 -39.55 -61.13
N TYR E 2228 -58.06 -40.75 -61.60
CA TYR E 2228 -59.47 -41.12 -61.64
C TYR E 2228 -60.06 -41.17 -60.22
N PHE E 2229 -59.29 -41.70 -59.27
CA PHE E 2229 -59.74 -41.76 -57.88
C PHE E 2229 -59.97 -40.36 -57.32
N CYS E 2230 -59.09 -39.41 -57.66
CA CYS E 2230 -59.31 -38.02 -57.28
C CYS E 2230 -60.58 -37.47 -57.90
N ARG E 2231 -60.78 -37.72 -59.20
CA ARG E 2231 -61.94 -37.18 -59.90
C ARG E 2231 -63.25 -37.80 -59.44
N ILE E 2232 -63.21 -38.96 -58.79
CA ILE E 2232 -64.44 -39.62 -58.35
C ILE E 2232 -65.23 -38.72 -57.40
N SER E 2233 -64.58 -38.18 -56.37
CA SER E 2233 -65.29 -37.43 -55.34
C SER E 2233 -64.31 -36.44 -54.69
N ARG E 2234 -64.74 -35.86 -53.58
CA ARG E 2234 -63.98 -34.82 -52.88
C ARG E 2234 -63.19 -35.36 -51.70
N GLN E 2235 -63.77 -36.24 -50.88
CA GLN E 2235 -63.02 -36.85 -49.79
C GLN E 2235 -61.86 -37.68 -50.31
N ASN E 2236 -62.05 -38.35 -51.45
CA ASN E 2236 -60.94 -39.01 -52.12
C ASN E 2236 -59.85 -38.03 -52.47
N GLN E 2237 -60.24 -36.84 -52.96
CA GLN E 2237 -59.28 -35.80 -53.27
C GLN E 2237 -58.54 -35.35 -52.03
N ARG E 2238 -59.23 -35.24 -50.89
CA ARG E 2238 -58.55 -34.88 -49.65
C ARG E 2238 -57.55 -35.96 -49.22
N SER E 2239 -57.94 -37.24 -49.33
CA SER E 2239 -57.04 -38.32 -48.97
C SER E 2239 -55.79 -38.30 -49.85
N MET E 2240 -55.97 -38.01 -51.15
CA MET E 2240 -54.83 -37.89 -52.05
C MET E 2240 -54.00 -36.66 -51.73
N PHE E 2241 -54.63 -35.56 -51.31
CA PHE E 2241 -53.90 -34.35 -50.95
C PHE E 2241 -53.06 -34.55 -49.69
N ASP E 2242 -53.48 -35.45 -48.81
CA ASP E 2242 -52.70 -35.72 -47.61
C ASP E 2242 -51.30 -36.25 -47.93
N HIS E 2243 -51.09 -36.76 -49.13
CA HIS E 2243 -49.78 -37.24 -49.58
C HIS E 2243 -49.19 -36.33 -50.65
N LEU E 2244 -49.42 -35.02 -50.53
CA LEU E 2244 -48.99 -34.08 -51.55
C LEU E 2244 -47.47 -33.97 -51.61
N SER E 2245 -46.80 -33.95 -50.46
CA SER E 2245 -45.37 -33.65 -50.43
C SER E 2245 -44.57 -34.68 -51.21
N TYR E 2246 -44.89 -35.97 -51.04
CA TYR E 2246 -44.13 -37.02 -51.70
C TYR E 2246 -44.22 -36.89 -53.21
N LEU E 2247 -45.43 -36.67 -53.72
CA LEU E 2247 -45.63 -36.60 -55.17
C LEU E 2247 -44.82 -35.48 -55.79
N LEU E 2248 -44.84 -34.29 -55.16
CA LEU E 2248 -44.07 -33.17 -55.70
C LEU E 2248 -42.58 -33.41 -55.60
N GLU E 2249 -42.13 -34.05 -54.52
CA GLU E 2249 -40.71 -34.36 -54.39
C GLU E 2249 -40.24 -35.30 -55.49
N ASN E 2250 -41.03 -36.34 -55.80
CA ASN E 2250 -40.65 -37.27 -56.85
C ASN E 2250 -40.94 -36.74 -58.25
N SER E 2251 -41.73 -35.68 -58.38
CA SER E 2251 -41.97 -35.07 -59.68
C SER E 2251 -40.68 -34.44 -60.20
N GLY E 2252 -40.09 -35.07 -61.22
CA GLY E 2252 -38.89 -34.54 -61.85
C GLY E 2252 -39.11 -34.36 -63.35
N ILE E 2253 -38.08 -33.82 -64.00
CA ILE E 2253 -38.18 -33.56 -65.43
C ILE E 2253 -38.31 -34.86 -66.21
N GLY E 2254 -37.42 -35.82 -65.92
CA GLY E 2254 -37.48 -37.10 -66.61
C GLY E 2254 -38.75 -37.87 -66.29
N LEU E 2255 -39.16 -37.85 -65.02
CA LEU E 2255 -40.41 -38.50 -64.63
C LEU E 2255 -41.61 -37.69 -65.09
N GLY E 2256 -41.47 -36.36 -65.15
CA GLY E 2256 -42.58 -35.52 -65.58
C GLY E 2256 -42.86 -35.54 -67.07
N MET E 2257 -41.86 -35.92 -67.88
CA MET E 2257 -42.10 -36.06 -69.31
C MET E 2257 -42.97 -37.26 -69.65
N GLN E 2258 -43.24 -38.13 -68.67
CA GLN E 2258 -44.14 -39.25 -68.87
C GLN E 2258 -45.56 -38.75 -69.13
N GLY E 2259 -46.36 -39.60 -69.79
CA GLY E 2259 -47.73 -39.21 -70.10
C GLY E 2259 -48.55 -38.89 -68.87
N SER E 2260 -48.44 -39.72 -67.84
CA SER E 2260 -49.11 -39.49 -66.57
C SER E 2260 -48.07 -39.50 -65.46
N THR E 2261 -48.06 -38.47 -64.64
CA THR E 2261 -46.97 -38.23 -63.70
C THR E 2261 -47.52 -37.95 -62.30
N PRO E 2262 -46.70 -38.16 -61.27
CA PRO E 2262 -47.09 -37.72 -59.91
C PRO E 2262 -47.40 -36.24 -59.84
N LEU E 2263 -46.78 -35.41 -60.69
CA LEU E 2263 -47.16 -34.01 -60.75
C LEU E 2263 -48.60 -33.86 -61.22
N ASP E 2264 -49.01 -34.66 -62.21
CA ASP E 2264 -50.40 -34.65 -62.64
C ASP E 2264 -51.32 -35.16 -61.53
N VAL E 2265 -50.87 -36.15 -60.78
CA VAL E 2265 -51.66 -36.65 -59.64
C VAL E 2265 -51.87 -35.54 -58.61
N ALA E 2266 -50.80 -34.79 -58.31
CA ALA E 2266 -50.92 -33.68 -57.36
C ALA E 2266 -51.83 -32.59 -57.90
N ALA E 2267 -51.73 -32.29 -59.20
CA ALA E 2267 -52.60 -31.30 -59.80
C ALA E 2267 -54.06 -31.71 -59.70
N ALA E 2268 -54.35 -32.99 -59.94
CA ALA E 2268 -55.71 -33.50 -59.77
C ALA E 2268 -56.16 -33.45 -58.32
N SER E 2269 -55.24 -33.70 -57.38
CA SER E 2269 -55.57 -33.69 -55.97
C SER E 2269 -55.75 -32.29 -55.41
N VAL E 2270 -55.26 -31.27 -56.11
CA VAL E 2270 -55.37 -29.89 -55.64
C VAL E 2270 -56.36 -29.06 -56.46
N ILE E 2271 -56.77 -29.53 -57.64
CA ILE E 2271 -57.53 -28.69 -58.56
C ILE E 2271 -58.96 -28.50 -58.05
N ASP E 2272 -59.46 -27.27 -58.19
CA ASP E 2272 -60.87 -26.95 -57.99
C ASP E 2272 -61.36 -27.28 -56.58
N ASN E 2273 -60.50 -27.05 -55.58
CA ASN E 2273 -60.88 -27.19 -54.18
C ASN E 2273 -60.32 -25.99 -53.42
N ASN E 2274 -61.21 -25.09 -52.99
CA ASN E 2274 -60.78 -23.85 -52.37
C ASN E 2274 -60.05 -24.10 -51.05
N GLU E 2275 -60.61 -24.98 -50.21
CA GLU E 2275 -59.98 -25.25 -48.92
C GLU E 2275 -58.67 -26.00 -49.09
N LEU E 2276 -58.60 -26.92 -50.05
CA LEU E 2276 -57.34 -27.62 -50.30
C LEU E 2276 -56.28 -26.65 -50.80
N ALA E 2277 -56.67 -25.69 -51.65
CA ALA E 2277 -55.71 -24.68 -52.11
C ALA E 2277 -55.27 -23.78 -50.96
N LEU E 2278 -56.20 -23.42 -50.06
CA LEU E 2278 -55.85 -22.57 -48.94
C LEU E 2278 -54.97 -23.29 -47.92
N ALA E 2279 -55.09 -24.61 -47.84
CA ALA E 2279 -54.26 -25.40 -46.93
C ALA E 2279 -52.88 -25.70 -47.50
N LEU E 2280 -52.55 -25.18 -48.67
CA LEU E 2280 -51.25 -25.42 -49.27
C LEU E 2280 -50.14 -24.78 -48.43
N GLN E 2281 -49.07 -25.53 -48.20
CA GLN E 2281 -47.90 -25.02 -47.50
C GLN E 2281 -46.91 -24.41 -48.51
N GLU E 2282 -46.24 -23.36 -48.08
CA GLU E 2282 -45.31 -22.65 -48.96
C GLU E 2282 -44.08 -23.48 -49.30
N GLN E 2283 -43.80 -24.54 -48.54
CA GLN E 2283 -42.64 -25.38 -48.85
C GLN E 2283 -42.82 -26.08 -50.19
N ASP E 2284 -44.02 -26.57 -50.48
CA ASP E 2284 -44.28 -27.21 -51.76
C ASP E 2284 -44.12 -26.21 -52.91
N LEU E 2285 -44.63 -25.00 -52.72
CA LEU E 2285 -44.46 -23.95 -53.72
C LEU E 2285 -42.98 -23.65 -53.94
N GLU E 2286 -42.21 -23.60 -52.86
CA GLU E 2286 -40.76 -23.40 -52.99
C GLU E 2286 -40.12 -24.53 -53.78
N LYS E 2287 -40.54 -25.78 -53.53
CA LYS E 2287 -39.97 -26.91 -54.25
C LYS E 2287 -40.27 -26.83 -55.75
N VAL E 2288 -41.53 -26.55 -56.11
CA VAL E 2288 -41.86 -26.50 -57.53
C VAL E 2288 -41.19 -25.31 -58.21
N VAL E 2289 -41.06 -24.19 -57.49
CA VAL E 2289 -40.35 -23.04 -58.03
C VAL E 2289 -38.88 -23.37 -58.24
N SER E 2290 -38.29 -24.17 -57.32
CA SER E 2290 -36.91 -24.60 -57.49
C SER E 2290 -36.76 -25.49 -58.72
N TYR E 2291 -37.70 -26.41 -58.93
CA TYR E 2291 -37.66 -27.23 -60.13
C TYR E 2291 -37.76 -26.38 -61.39
N LEU E 2292 -38.66 -25.38 -61.37
CA LEU E 2292 -38.80 -24.48 -62.51
C LEU E 2292 -37.51 -23.71 -62.76
N ALA E 2293 -36.87 -23.23 -61.70
CA ALA E 2293 -35.61 -22.52 -61.84
C ALA E 2293 -34.54 -23.41 -62.43
N GLY E 2294 -34.45 -24.65 -61.96
CA GLY E 2294 -33.48 -25.57 -62.53
C GLY E 2294 -33.73 -25.84 -64.00
N CYS E 2295 -34.99 -26.07 -64.37
CA CYS E 2295 -35.31 -26.32 -65.77
C CYS E 2295 -34.97 -25.11 -66.64
N GLY E 2296 -35.24 -23.90 -66.14
CA GLY E 2296 -34.85 -22.71 -66.87
C GLY E 2296 -33.37 -22.45 -66.87
N LEU E 2297 -32.63 -23.06 -65.94
CA LEU E 2297 -31.17 -22.90 -65.92
C LEU E 2297 -30.49 -23.84 -66.91
N GLN E 2298 -30.68 -25.15 -66.75
CA GLN E 2298 -29.97 -26.10 -67.59
C GLN E 2298 -30.86 -26.65 -68.69
N SER E 2299 -30.22 -27.22 -69.71
CA SER E 2299 -30.89 -27.74 -70.89
C SER E 2299 -31.58 -29.07 -70.57
N CYS E 2300 -32.23 -29.64 -71.59
CA CYS E 2300 -32.99 -30.87 -71.41
C CYS E 2300 -32.12 -32.08 -71.74
N PRO E 2301 -31.83 -32.95 -70.76
CA PRO E 2301 -30.87 -34.05 -70.99
C PRO E 2301 -31.28 -35.02 -72.08
N MET E 2302 -32.47 -35.61 -71.98
CA MET E 2302 -32.87 -36.58 -73.01
C MET E 2302 -33.17 -35.90 -74.34
N LEU E 2303 -33.50 -34.61 -74.34
CA LEU E 2303 -33.65 -33.88 -75.60
C LEU E 2303 -32.31 -33.79 -76.32
N LEU E 2304 -31.26 -33.36 -75.61
CA LEU E 2304 -29.95 -33.29 -76.26
C LEU E 2304 -29.40 -34.68 -76.56
N ALA E 2305 -29.85 -35.69 -75.81
CA ALA E 2305 -29.49 -37.06 -76.14
C ALA E 2305 -30.13 -37.50 -77.46
N LYS E 2306 -31.42 -37.19 -77.65
CA LYS E 2306 -32.07 -37.44 -78.92
C LYS E 2306 -31.42 -36.64 -80.04
N GLY E 2307 -30.84 -35.49 -79.72
CA GLY E 2307 -30.12 -34.70 -80.70
C GLY E 2307 -30.75 -33.38 -81.08
N TYR E 2308 -31.83 -32.97 -80.41
CA TYR E 2308 -32.41 -31.67 -80.70
C TYR E 2308 -31.44 -30.57 -80.29
N PRO E 2309 -31.39 -29.47 -81.06
CA PRO E 2309 -30.45 -28.39 -80.72
C PRO E 2309 -30.71 -27.84 -79.32
N ASP E 2310 -29.62 -27.54 -78.61
CA ASP E 2310 -29.72 -27.09 -77.23
C ASP E 2310 -29.97 -25.59 -77.17
N ILE E 2311 -31.03 -25.20 -76.45
CA ILE E 2311 -31.31 -23.78 -76.22
C ILE E 2311 -30.61 -23.26 -74.98
N GLY E 2312 -29.98 -24.13 -74.19
CA GLY E 2312 -29.44 -23.76 -72.92
C GLY E 2312 -30.40 -23.84 -71.76
N TRP E 2313 -31.66 -24.20 -72.02
CA TRP E 2313 -32.67 -24.27 -70.97
C TRP E 2313 -33.82 -25.16 -71.45
N ASN E 2314 -34.65 -25.58 -70.50
CA ASN E 2314 -35.68 -26.59 -70.74
C ASN E 2314 -37.07 -25.98 -70.58
N PRO E 2315 -37.75 -25.62 -71.66
CA PRO E 2315 -39.09 -25.02 -71.53
C PRO E 2315 -40.19 -26.05 -71.32
N CYS E 2316 -40.07 -27.22 -71.95
CA CYS E 2316 -41.13 -28.22 -71.85
C CYS E 2316 -41.25 -28.78 -70.44
N GLY E 2317 -40.13 -28.92 -69.74
CA GLY E 2317 -40.19 -29.35 -68.34
C GLY E 2317 -40.88 -28.35 -67.45
N GLY E 2318 -40.59 -27.05 -67.66
CA GLY E 2318 -41.20 -26.01 -66.86
C GLY E 2318 -42.64 -25.70 -67.20
N GLU E 2319 -43.08 -26.10 -68.40
CA GLU E 2319 -44.49 -25.93 -68.75
C GLU E 2319 -45.40 -26.64 -67.76
N ARG E 2320 -45.04 -27.86 -67.38
CA ARG E 2320 -45.82 -28.62 -66.41
C ARG E 2320 -45.86 -27.92 -65.05
N TYR E 2321 -44.71 -27.41 -64.61
CA TYR E 2321 -44.66 -26.70 -63.33
C TYR E 2321 -45.52 -25.44 -63.36
N LEU E 2322 -45.49 -24.71 -64.49
CA LEU E 2322 -46.33 -23.52 -64.61
C LEU E 2322 -47.81 -23.90 -64.59
N ASP E 2323 -48.17 -25.01 -65.24
CA ASP E 2323 -49.55 -25.47 -65.16
C ASP E 2323 -49.96 -25.80 -63.73
N PHE E 2324 -49.07 -26.46 -62.99
CA PHE E 2324 -49.36 -26.76 -61.58
C PHE E 2324 -49.55 -25.48 -60.77
N LEU E 2325 -48.69 -24.49 -61.00
CA LEU E 2325 -48.85 -23.22 -60.30
C LEU E 2325 -50.15 -22.52 -60.68
N ARG E 2326 -50.55 -22.62 -61.95
CA ARG E 2326 -51.83 -22.03 -62.36
C ARG E 2326 -52.99 -22.70 -61.63
N PHE E 2327 -52.97 -24.03 -61.53
CA PHE E 2327 -54.01 -24.72 -60.79
C PHE E 2327 -54.00 -24.33 -59.31
N ALA E 2328 -52.80 -24.17 -58.74
CA ALA E 2328 -52.69 -23.78 -57.33
C ALA E 2328 -53.26 -22.39 -57.08
N VAL E 2329 -52.99 -21.45 -57.98
CA VAL E 2329 -53.39 -20.06 -57.76
C VAL E 2329 -54.85 -19.84 -58.10
N PHE E 2330 -55.28 -20.28 -59.28
CA PHE E 2330 -56.61 -20.00 -59.80
C PHE E 2330 -57.54 -21.18 -59.52
N VAL E 2331 -58.63 -20.92 -58.81
CA VAL E 2331 -59.66 -21.92 -58.55
C VAL E 2331 -61.02 -21.27 -58.77
N ASN E 2332 -61.91 -21.97 -59.48
CA ASN E 2332 -63.29 -21.53 -59.69
C ASN E 2332 -63.37 -20.13 -60.30
N GLY E 2333 -62.40 -19.78 -61.13
CA GLY E 2333 -62.42 -18.48 -61.77
C GLY E 2333 -62.06 -17.31 -60.89
N GLU E 2334 -61.57 -17.55 -59.68
CA GLU E 2334 -61.18 -16.51 -58.74
C GLU E 2334 -59.76 -16.75 -58.26
N SER E 2335 -58.99 -15.67 -58.18
CA SER E 2335 -57.60 -15.77 -57.74
C SER E 2335 -57.53 -15.91 -56.24
N VAL E 2336 -56.76 -16.88 -55.77
CA VAL E 2336 -56.48 -17.03 -54.34
C VAL E 2336 -55.40 -16.03 -53.95
N GLU E 2337 -55.75 -15.10 -53.05
CA GLU E 2337 -54.85 -14.00 -52.74
C GLU E 2337 -53.56 -14.49 -52.08
N GLU E 2338 -53.69 -15.36 -51.07
CA GLU E 2338 -52.51 -15.83 -50.35
C GLU E 2338 -51.57 -16.61 -51.25
N ASN E 2339 -52.11 -17.58 -51.99
CA ASN E 2339 -51.29 -18.39 -52.88
C ASN E 2339 -50.67 -17.53 -53.98
N ALA E 2340 -51.44 -16.60 -54.54
CA ALA E 2340 -50.91 -15.72 -55.57
C ALA E 2340 -49.76 -14.88 -55.05
N ASN E 2341 -49.90 -14.31 -53.84
CA ASN E 2341 -48.83 -13.52 -53.26
C ASN E 2341 -47.59 -14.37 -53.03
N VAL E 2342 -47.75 -15.56 -52.46
CA VAL E 2342 -46.59 -16.41 -52.21
C VAL E 2342 -45.89 -16.76 -53.52
N VAL E 2343 -46.67 -17.12 -54.54
CA VAL E 2343 -46.08 -17.51 -55.82
C VAL E 2343 -45.33 -16.35 -56.44
N VAL E 2344 -45.93 -15.15 -56.44
CA VAL E 2344 -45.27 -14.03 -57.11
C VAL E 2344 -44.01 -13.62 -56.36
N ARG E 2345 -44.04 -13.67 -55.02
CA ARG E 2345 -42.83 -13.38 -54.27
C ARG E 2345 -41.73 -14.39 -54.55
N LEU E 2346 -42.06 -15.68 -54.63
CA LEU E 2346 -41.04 -16.67 -54.97
C LEU E 2346 -40.48 -16.44 -56.37
N LEU E 2347 -41.35 -16.12 -57.34
CA LEU E 2347 -40.88 -15.90 -58.70
C LEU E 2347 -39.96 -14.68 -58.79
N ILE E 2348 -40.31 -13.59 -58.11
CA ILE E 2348 -39.43 -12.43 -58.15
C ILE E 2348 -38.16 -12.69 -57.34
N ARG E 2349 -38.25 -13.53 -56.32
CA ARG E 2349 -37.07 -13.87 -55.53
C ARG E 2349 -36.06 -14.65 -56.37
N LYS E 2350 -36.55 -15.57 -57.22
CA LYS E 2350 -35.70 -16.32 -58.13
C LYS E 2350 -35.88 -15.80 -59.55
N PRO E 2351 -35.06 -14.85 -60.00
CA PRO E 2351 -35.25 -14.25 -61.33
C PRO E 2351 -34.81 -15.12 -62.49
N GLU E 2352 -34.38 -16.36 -62.25
CA GLU E 2352 -33.95 -17.25 -63.32
C GLU E 2352 -35.08 -18.11 -63.87
N CYS E 2353 -36.32 -17.86 -63.43
CA CYS E 2353 -37.47 -18.64 -63.87
C CYS E 2353 -38.09 -18.11 -65.16
N PHE E 2354 -37.52 -17.08 -65.76
CA PHE E 2354 -38.09 -16.47 -66.96
C PHE E 2354 -37.34 -16.82 -68.24
N GLY E 2355 -36.16 -17.43 -68.14
CA GLY E 2355 -35.39 -17.79 -69.32
C GLY E 2355 -34.75 -16.59 -69.97
N PRO E 2356 -34.51 -16.68 -71.29
CA PRO E 2356 -33.88 -15.55 -71.99
C PRO E 2356 -34.70 -14.27 -71.94
N ALA E 2357 -35.97 -14.32 -72.35
CA ALA E 2357 -36.83 -13.15 -72.27
C ALA E 2357 -37.27 -12.92 -70.83
N LEU E 2358 -37.63 -11.67 -70.54
CA LEU E 2358 -38.07 -11.27 -69.20
C LEU E 2358 -37.00 -11.56 -68.14
N ARG E 2359 -35.74 -11.49 -68.54
CA ARG E 2359 -34.62 -11.84 -67.67
C ARG E 2359 -33.97 -10.60 -67.11
N GLY E 2360 -33.53 -10.68 -65.85
CA GLY E 2360 -32.81 -9.56 -65.25
C GLY E 2360 -31.51 -9.25 -65.97
N GLU E 2361 -30.78 -10.28 -66.36
CA GLU E 2361 -29.51 -10.10 -67.06
C GLU E 2361 -29.69 -10.02 -68.58
N GLY E 2362 -30.44 -10.97 -69.16
CA GLY E 2362 -30.64 -10.97 -70.60
C GLY E 2362 -31.41 -9.76 -71.08
N GLY E 2363 -32.52 -9.44 -70.41
CA GLY E 2363 -33.33 -8.30 -70.81
C GLY E 2363 -33.91 -8.40 -72.20
N SER E 2364 -34.15 -9.61 -72.69
CA SER E 2364 -34.67 -9.81 -74.03
C SER E 2364 -36.16 -9.49 -74.07
N GLY E 2365 -36.57 -8.71 -75.06
CA GLY E 2365 -37.98 -8.40 -75.22
C GLY E 2365 -38.79 -9.64 -75.58
N LEU E 2366 -40.00 -9.72 -75.04
CA LEU E 2366 -40.86 -10.86 -75.31
C LEU E 2366 -41.23 -10.92 -76.78
N LEU E 2367 -41.50 -9.77 -77.40
CA LEU E 2367 -41.84 -9.75 -78.83
C LEU E 2367 -40.68 -10.24 -79.67
N ALA E 2368 -39.46 -9.79 -79.36
CA ALA E 2368 -38.29 -10.25 -80.09
C ALA E 2368 -38.08 -11.75 -79.90
N ALA E 2369 -38.29 -12.24 -78.67
CA ALA E 2369 -38.15 -13.67 -78.41
C ALA E 2369 -39.18 -14.48 -79.19
N ILE E 2370 -40.42 -14.00 -79.24
CA ILE E 2370 -41.45 -14.72 -79.98
C ILE E 2370 -41.14 -14.76 -81.46
N GLU E 2371 -40.70 -13.63 -82.05
CA GLU E 2371 -40.35 -13.65 -83.47
C GLU E 2371 -39.13 -14.53 -83.74
N GLU E 2372 -38.16 -14.54 -82.81
CA GLU E 2372 -37.02 -15.43 -82.95
C GLU E 2372 -37.47 -16.89 -82.94
N ALA E 2373 -38.41 -17.24 -82.05
CA ALA E 2373 -38.93 -18.59 -82.03
C ALA E 2373 -39.73 -18.91 -83.29
N ILE E 2374 -40.42 -17.91 -83.85
CA ILE E 2374 -41.11 -18.11 -85.13
C ILE E 2374 -40.12 -18.50 -86.20
N ARG E 2375 -39.01 -17.76 -86.32
CA ARG E 2375 -38.04 -18.10 -87.35
C ARG E 2375 -37.32 -19.41 -87.05
N ILE E 2376 -37.14 -19.74 -85.77
CA ILE E 2376 -36.55 -21.04 -85.39
C ILE E 2376 -37.44 -22.18 -85.85
N SER E 2377 -38.76 -22.05 -85.64
CA SER E 2377 -39.68 -23.05 -86.15
C SER E 2377 -39.72 -23.03 -87.67
N GLU E 2378 -39.48 -21.88 -88.29
CA GLU E 2378 -39.51 -21.78 -89.74
C GLU E 2378 -38.38 -22.59 -90.38
N ASP E 2379 -37.15 -22.43 -89.88
CA ASP E 2379 -36.02 -23.09 -90.52
C ASP E 2379 -35.81 -24.48 -89.93
N PRO E 2380 -35.87 -25.55 -90.71
CA PRO E 2380 -35.67 -26.89 -90.15
C PRO E 2380 -34.28 -27.11 -89.57
N ALA E 2381 -33.30 -26.28 -89.94
CA ALA E 2381 -31.94 -26.48 -89.45
C ALA E 2381 -31.88 -26.36 -87.93
N ARG E 2382 -32.58 -25.36 -87.37
CA ARG E 2382 -32.66 -25.24 -85.92
C ARG E 2382 -33.83 -26.03 -85.33
N ASP E 2383 -34.91 -26.20 -86.11
CA ASP E 2383 -36.05 -26.96 -85.60
C ASP E 2383 -35.75 -28.45 -85.54
N GLY E 2384 -35.13 -28.99 -86.59
CA GLY E 2384 -34.82 -30.40 -86.64
C GLY E 2384 -33.70 -30.80 -85.72
N PRO E 2385 -33.72 -32.05 -85.24
CA PRO E 2385 -32.68 -32.57 -84.34
C PRO E 2385 -31.34 -32.77 -85.05
N ASN E 2404 -40.61 -33.29 -86.94
CA ASN E 2404 -39.96 -33.36 -85.63
C ASN E 2404 -40.98 -33.65 -84.54
N ARG E 2405 -40.68 -34.65 -83.70
CA ARG E 2405 -41.56 -34.98 -82.59
C ARG E 2405 -41.65 -33.84 -81.59
N VAL E 2406 -40.53 -33.20 -81.29
CA VAL E 2406 -40.48 -32.09 -80.36
C VAL E 2406 -39.98 -30.86 -81.10
N HIS E 2407 -40.75 -29.78 -81.06
CA HIS E 2407 -40.40 -28.52 -81.70
C HIS E 2407 -40.03 -27.50 -80.63
N LEU E 2408 -38.74 -27.16 -80.56
CA LEU E 2408 -38.29 -26.17 -79.60
C LEU E 2408 -38.91 -24.80 -79.88
N GLY E 2409 -39.16 -24.48 -81.16
CA GLY E 2409 -39.82 -23.23 -81.48
C GLY E 2409 -41.21 -23.13 -80.86
N HIS E 2410 -41.96 -24.22 -80.89
CA HIS E 2410 -43.27 -24.24 -80.24
C HIS E 2410 -43.14 -24.31 -78.73
N ALA E 2411 -42.08 -24.96 -78.22
CA ALA E 2411 -41.87 -25.04 -76.78
C ALA E 2411 -41.62 -23.66 -76.19
N ILE E 2412 -40.88 -22.81 -76.91
CA ILE E 2412 -40.66 -21.44 -76.46
C ILE E 2412 -41.99 -20.70 -76.28
N MET E 2413 -42.85 -20.80 -77.31
CA MET E 2413 -44.15 -20.15 -77.25
C MET E 2413 -44.98 -20.70 -76.08
N SER E 2414 -44.98 -22.02 -75.91
CA SER E 2414 -45.76 -22.63 -74.84
C SER E 2414 -45.29 -22.16 -73.47
N PHE E 2415 -43.97 -22.12 -73.26
CA PHE E 2415 -43.44 -21.71 -71.97
C PHE E 2415 -43.79 -20.26 -71.67
N TYR E 2416 -43.57 -19.36 -72.65
CA TYR E 2416 -43.89 -17.96 -72.39
C TYR E 2416 -45.40 -17.75 -72.20
N ALA E 2417 -46.23 -18.46 -72.96
CA ALA E 2417 -47.67 -18.33 -72.78
C ALA E 2417 -48.09 -18.80 -71.40
N ALA E 2418 -47.52 -19.93 -70.93
CA ALA E 2418 -47.86 -20.41 -69.60
C ALA E 2418 -47.43 -19.41 -68.53
N LEU E 2419 -46.23 -18.84 -68.67
CA LEU E 2419 -45.76 -17.85 -67.70
C LEU E 2419 -46.67 -16.63 -67.67
N ILE E 2420 -47.03 -16.12 -68.86
CA ILE E 2420 -47.89 -14.95 -68.93
C ILE E 2420 -49.27 -15.25 -68.34
N ASP E 2421 -49.82 -16.43 -68.65
CA ASP E 2421 -51.12 -16.79 -68.10
C ASP E 2421 -51.08 -16.90 -66.58
N LEU E 2422 -50.03 -17.51 -66.04
CA LEU E 2422 -49.89 -17.64 -64.59
C LEU E 2422 -49.82 -16.27 -63.94
N LEU E 2423 -48.98 -15.38 -64.49
CA LEU E 2423 -48.88 -14.04 -63.94
C LEU E 2423 -50.20 -13.28 -64.07
N GLY E 2424 -50.96 -13.55 -65.13
CA GLY E 2424 -52.26 -12.91 -65.28
C GLY E 2424 -53.26 -13.36 -64.23
N ARG E 2425 -53.33 -14.66 -63.98
CA ARG E 2425 -54.26 -15.14 -62.96
C ARG E 2425 -53.78 -14.88 -61.55
N CYS E 2426 -52.50 -14.54 -61.36
CA CYS E 2426 -52.03 -14.11 -60.06
C CYS E 2426 -52.42 -12.68 -59.73
N ALA E 2427 -53.01 -11.94 -60.68
CA ALA E 2427 -53.36 -10.55 -60.44
C ALA E 2427 -54.45 -10.42 -59.39
N PRO E 2428 -54.41 -9.37 -58.58
CA PRO E 2428 -55.45 -9.18 -57.55
C PRO E 2428 -56.80 -8.87 -58.16
N GLU E 2429 -57.84 -9.08 -57.35
CA GLU E 2429 -59.21 -8.87 -57.80
C GLU E 2429 -59.55 -7.38 -57.87
N MET E 2430 -60.48 -7.05 -58.76
CA MET E 2430 -60.85 -5.66 -58.99
C MET E 2430 -61.50 -5.04 -57.76
N HIS E 2431 -62.30 -5.82 -57.04
CA HIS E 2431 -62.94 -5.27 -55.84
C HIS E 2431 -61.89 -4.92 -54.78
N LEU E 2432 -60.88 -5.78 -54.60
CA LEU E 2432 -59.80 -5.46 -53.67
C LEU E 2432 -59.01 -4.25 -54.15
N ILE E 2433 -58.76 -4.15 -55.45
CA ILE E 2433 -58.05 -2.99 -55.98
C ILE E 2433 -58.82 -1.70 -55.71
N GLN E 2434 -60.14 -1.74 -55.93
CA GLN E 2434 -60.97 -0.57 -55.68
C GLN E 2434 -60.98 -0.23 -54.18
N ALA E 2435 -61.06 -1.25 -53.32
CA ALA E 2435 -61.00 -1.01 -51.89
C ALA E 2435 -59.68 -0.37 -51.48
N GLY E 2436 -58.59 -0.72 -52.17
CA GLY E 2436 -57.31 -0.07 -51.94
C GLY E 2436 -56.40 -0.82 -51.01
N LYS E 2437 -56.36 -2.15 -51.13
CA LYS E 2437 -55.45 -2.95 -50.32
C LYS E 2437 -54.02 -2.69 -50.75
N GLY E 2438 -53.14 -2.40 -49.78
CA GLY E 2438 -51.76 -2.10 -50.10
C GLY E 2438 -51.05 -3.27 -50.77
N GLU E 2439 -51.26 -4.48 -50.26
CA GLU E 2439 -50.64 -5.65 -50.86
C GLU E 2439 -51.12 -5.88 -52.29
N ALA E 2440 -52.43 -5.71 -52.52
CA ALA E 2440 -52.96 -5.88 -53.87
C ALA E 2440 -52.38 -4.84 -54.83
N LEU E 2441 -52.30 -3.58 -54.38
CA LEU E 2441 -51.71 -2.55 -55.21
C LEU E 2441 -50.25 -2.84 -55.51
N ARG E 2442 -49.50 -3.32 -54.51
CA ARG E 2442 -48.11 -3.66 -54.72
C ARG E 2442 -47.96 -4.80 -55.73
N ILE E 2443 -48.81 -5.83 -55.62
CA ILE E 2443 -48.72 -6.95 -56.54
C ILE E 2443 -49.04 -6.50 -57.97
N ARG E 2444 -50.07 -5.67 -58.13
CA ARG E 2444 -50.42 -5.19 -59.45
C ARG E 2444 -49.29 -4.33 -60.04
N ALA E 2445 -48.69 -3.48 -59.21
CA ALA E 2445 -47.58 -2.66 -59.67
C ALA E 2445 -46.39 -3.52 -60.08
N ILE E 2446 -46.10 -4.56 -59.31
CA ILE E 2446 -44.99 -5.45 -59.66
C ILE E 2446 -45.26 -6.15 -60.98
N LEU E 2447 -46.49 -6.64 -61.18
CA LEU E 2447 -46.81 -7.31 -62.44
C LEU E 2447 -46.69 -6.35 -63.62
N ARG E 2448 -47.17 -5.11 -63.45
CA ARG E 2448 -47.02 -4.11 -64.50
C ARG E 2448 -45.55 -3.84 -64.79
N SER E 2449 -44.73 -3.80 -63.74
CA SER E 2449 -43.30 -3.57 -63.93
C SER E 2449 -42.65 -4.71 -64.69
N LEU E 2450 -42.99 -5.96 -64.35
CA LEU E 2450 -42.38 -7.09 -65.05
C LEU E 2450 -42.80 -7.13 -66.51
N VAL E 2451 -44.10 -7.05 -66.78
CA VAL E 2451 -44.59 -7.25 -68.14
C VAL E 2451 -45.07 -5.91 -68.68
N PRO E 2452 -44.36 -5.30 -69.63
CA PRO E 2452 -44.85 -4.08 -70.27
C PRO E 2452 -46.07 -4.34 -71.14
N LEU E 2453 -46.89 -3.31 -71.28
CA LEU E 2453 -48.12 -3.43 -72.07
C LEU E 2453 -47.84 -3.43 -73.57
N ASP E 2454 -46.84 -2.65 -73.99
CA ASP E 2454 -46.54 -2.53 -75.42
C ASP E 2454 -46.11 -3.87 -76.01
N ASP E 2455 -45.28 -4.62 -75.27
CA ASP E 2455 -44.83 -5.92 -75.77
C ASP E 2455 -46.01 -6.89 -75.89
N LEU E 2456 -46.91 -6.86 -74.91
CA LEU E 2456 -48.10 -7.72 -74.96
C LEU E 2456 -48.97 -7.40 -76.17
N VAL E 2457 -49.29 -6.12 -76.37
CA VAL E 2457 -50.15 -5.78 -77.50
C VAL E 2457 -49.43 -6.05 -78.82
N GLY E 2458 -48.10 -5.93 -78.84
CA GLY E 2458 -47.36 -6.26 -80.04
C GLY E 2458 -47.48 -7.73 -80.42
N ILE E 2459 -47.30 -8.62 -79.43
CA ILE E 2459 -47.41 -10.04 -79.78
C ILE E 2459 -48.87 -10.37 -80.12
N ILE E 2460 -49.83 -9.72 -79.45
CA ILE E 2460 -51.23 -9.91 -79.81
C ILE E 2460 -51.46 -9.52 -81.27
N SER E 2461 -50.82 -8.44 -81.71
CA SER E 2461 -50.94 -7.99 -83.10
C SER E 2461 -50.04 -8.77 -84.05
N LEU E 2462 -49.21 -9.68 -83.55
CA LEU E 2462 -48.38 -10.49 -84.42
C LEU E 2462 -49.27 -11.32 -85.36
N PRO E 2463 -48.86 -11.52 -86.61
CA PRO E 2463 -49.73 -12.18 -87.58
C PRO E 2463 -49.87 -13.68 -87.30
N LEU E 2464 -50.89 -14.26 -87.94
CA LEU E 2464 -51.16 -15.69 -87.87
C LEU E 2464 -51.31 -16.24 -89.27
N GLN E 2465 -50.87 -17.49 -89.46
CA GLN E 2465 -50.92 -18.13 -90.76
C GLN E 2465 -52.35 -18.60 -91.02
N ILE E 2466 -52.88 -18.29 -92.19
CA ILE E 2466 -54.27 -18.58 -92.54
C ILE E 2466 -54.27 -19.68 -93.59
N PRO E 2467 -55.09 -20.73 -93.42
CA PRO E 2467 -55.06 -21.84 -94.38
C PRO E 2467 -55.45 -21.39 -95.77
N THR E 2468 -54.80 -21.98 -96.77
CA THR E 2468 -55.07 -21.66 -98.16
C THR E 2468 -54.75 -22.88 -99.01
N LEU E 2469 -55.63 -23.19 -99.96
CA LEU E 2469 -55.43 -24.31 -100.87
C LEU E 2469 -54.51 -23.89 -102.02
N GLY E 2470 -53.27 -23.56 -101.65
CA GLY E 2470 -52.30 -23.15 -102.65
C GLY E 2470 -52.03 -24.23 -103.68
N LYS E 2471 -51.85 -25.47 -103.22
CA LYS E 2471 -51.76 -26.59 -104.14
C LYS E 2471 -53.12 -26.87 -104.76
N ASP E 2472 -53.10 -27.32 -106.01
CA ASP E 2472 -54.34 -27.60 -106.74
C ASP E 2472 -55.12 -28.73 -106.09
N GLY E 2473 -56.27 -28.39 -105.50
CA GLY E 2473 -57.10 -29.39 -104.86
C GLY E 2473 -56.61 -29.90 -103.53
N ALA E 2474 -55.56 -29.30 -102.97
CA ALA E 2474 -55.00 -29.71 -101.70
C ALA E 2474 -55.04 -28.51 -100.75
N LEU E 2475 -55.64 -28.71 -99.58
CA LEU E 2475 -55.80 -27.64 -98.60
C LEU E 2475 -54.58 -27.64 -97.68
N VAL E 2476 -53.76 -26.61 -97.81
CA VAL E 2476 -52.53 -26.48 -97.03
C VAL E 2476 -52.87 -25.77 -95.73
N GLN E 2477 -52.39 -26.32 -94.61
CA GLN E 2477 -52.65 -25.80 -93.28
C GLN E 2477 -51.33 -25.63 -92.54
N PRO E 2478 -51.29 -24.75 -91.54
CA PRO E 2478 -50.09 -24.63 -90.72
C PRO E 2478 -49.82 -25.90 -89.94
N LYS E 2479 -48.54 -26.13 -89.63
CA LYS E 2479 -48.12 -27.32 -88.91
C LYS E 2479 -48.43 -27.13 -87.43
N MET E 2480 -49.44 -27.84 -86.93
CA MET E 2480 -49.82 -27.75 -85.53
C MET E 2480 -48.73 -28.32 -84.63
N SER E 2481 -48.70 -27.84 -83.39
CA SER E 2481 -47.70 -28.18 -82.38
C SER E 2481 -46.30 -27.75 -82.78
N ALA E 2482 -46.16 -26.94 -83.83
CA ALA E 2482 -44.88 -26.41 -84.24
C ALA E 2482 -44.89 -24.93 -84.58
N SER E 2483 -46.04 -24.29 -84.67
CA SER E 2483 -46.15 -22.89 -85.02
C SER E 2483 -47.01 -22.18 -83.98
N PHE E 2484 -47.08 -20.86 -84.11
CA PHE E 2484 -47.84 -20.04 -83.17
C PHE E 2484 -49.34 -20.34 -83.32
N VAL E 2485 -50.03 -20.44 -82.19
CA VAL E 2485 -51.45 -20.76 -82.17
C VAL E 2485 -52.17 -19.72 -81.32
N PRO E 2486 -53.47 -19.52 -81.57
CA PRO E 2486 -54.20 -18.45 -80.86
C PRO E 2486 -54.35 -18.68 -79.36
N ASP E 2487 -54.01 -19.86 -78.84
CA ASP E 2487 -54.05 -20.07 -77.40
C ASP E 2487 -53.06 -19.14 -76.69
N HIS E 2488 -51.90 -18.92 -77.30
CA HIS E 2488 -50.92 -18.00 -76.74
C HIS E 2488 -51.52 -16.60 -76.63
N LYS E 2489 -52.18 -16.15 -77.70
CA LYS E 2489 -52.82 -14.83 -77.70
C LYS E 2489 -53.91 -14.77 -76.66
N ALA E 2490 -54.65 -15.86 -76.47
CA ALA E 2490 -55.69 -15.90 -75.45
C ALA E 2490 -55.10 -15.72 -74.06
N SER E 2491 -53.99 -16.40 -73.76
CA SER E 2491 -53.37 -16.24 -72.45
C SER E 2491 -52.85 -14.81 -72.26
N MET E 2492 -52.23 -14.24 -73.29
CA MET E 2492 -51.71 -12.88 -73.16
C MET E 2492 -52.82 -11.85 -73.01
N VAL E 2493 -53.95 -12.04 -73.70
CA VAL E 2493 -55.03 -11.08 -73.55
C VAL E 2493 -55.72 -11.28 -72.21
N LEU E 2494 -55.68 -12.50 -71.65
CA LEU E 2494 -56.09 -12.69 -70.27
C LEU E 2494 -55.22 -11.86 -69.34
N PHE E 2495 -53.90 -11.87 -69.55
CA PHE E 2495 -53.02 -10.99 -68.80
C PHE E 2495 -53.40 -9.52 -68.98
N LEU E 2496 -53.65 -9.13 -70.23
CA LEU E 2496 -53.98 -7.74 -70.53
C LEU E 2496 -55.23 -7.29 -69.79
N ASP E 2497 -56.26 -8.14 -69.77
CA ASP E 2497 -57.50 -7.80 -69.08
C ASP E 2497 -57.31 -7.79 -67.57
N ARG E 2498 -56.56 -8.76 -67.03
CA ARG E 2498 -56.44 -8.88 -65.58
C ARG E 2498 -55.57 -7.79 -64.98
N VAL E 2499 -54.42 -7.50 -65.60
CA VAL E 2499 -53.45 -6.61 -64.99
C VAL E 2499 -53.66 -5.18 -65.47
N TYR E 2500 -53.51 -4.94 -66.78
CA TYR E 2500 -53.60 -3.59 -67.31
C TYR E 2500 -55.05 -3.17 -67.54
N GLY E 2501 -55.75 -3.91 -68.40
CA GLY E 2501 -57.14 -3.60 -68.69
C GLY E 2501 -57.30 -2.51 -69.73
N ILE E 2502 -58.55 -2.25 -70.07
CA ILE E 2502 -58.91 -1.23 -71.05
C ILE E 2502 -59.58 -0.09 -70.29
N GLU E 2503 -59.04 1.12 -70.44
CA GLU E 2503 -59.53 2.27 -69.69
C GLU E 2503 -59.98 3.44 -70.55
N ASN E 2504 -59.38 3.62 -71.72
CA ASN E 2504 -59.77 4.72 -72.59
C ASN E 2504 -60.24 4.22 -73.95
N GLN E 2505 -61.17 4.97 -74.56
CA GLN E 2505 -61.70 4.56 -75.84
C GLN E 2505 -60.59 4.41 -76.86
N ASP E 2506 -59.66 5.35 -76.85
CA ASP E 2506 -58.55 5.30 -77.80
C ASP E 2506 -57.81 3.98 -77.63
N PHE E 2507 -57.54 3.61 -76.40
CA PHE E 2507 -56.81 2.37 -76.16
C PHE E 2507 -57.56 1.21 -76.76
N LEU E 2508 -58.85 1.12 -76.48
CA LEU E 2508 -59.64 0.02 -77.01
C LEU E 2508 -59.57 0.04 -78.51
N LEU E 2509 -59.91 1.18 -79.11
CA LEU E 2509 -59.88 1.28 -80.56
C LEU E 2509 -58.56 0.76 -81.09
N HIS E 2510 -57.47 1.32 -80.59
CA HIS E 2510 -56.14 0.90 -81.05
C HIS E 2510 -55.97 -0.62 -80.90
N VAL E 2511 -56.41 -1.16 -79.77
CA VAL E 2511 -56.31 -2.59 -79.56
C VAL E 2511 -57.17 -3.33 -80.58
N LEU E 2512 -58.37 -2.84 -80.82
CA LEU E 2512 -59.28 -3.50 -81.76
C LEU E 2512 -58.61 -3.63 -83.10
N ASP E 2513 -58.05 -2.55 -83.60
CA ASP E 2513 -57.41 -2.57 -84.91
C ASP E 2513 -56.18 -3.46 -84.89
N VAL E 2514 -55.39 -3.36 -83.83
CA VAL E 2514 -54.15 -4.13 -83.77
C VAL E 2514 -54.51 -5.56 -83.36
N GLY E 2515 -54.51 -6.46 -84.33
CA GLY E 2515 -54.68 -7.89 -84.05
C GLY E 2515 -56.08 -8.44 -83.90
N PHE E 2516 -56.90 -7.83 -83.05
CA PHE E 2516 -58.25 -8.34 -82.79
C PHE E 2516 -59.08 -8.35 -84.07
N LEU E 2517 -59.29 -7.18 -84.66
CA LEU E 2517 -60.09 -7.10 -85.87
C LEU E 2517 -59.50 -7.89 -87.03
N PRO E 2518 -58.19 -7.85 -87.31
CA PRO E 2518 -57.67 -8.73 -88.39
C PRO E 2518 -57.93 -10.21 -88.15
N ASP E 2519 -57.77 -10.68 -86.91
CA ASP E 2519 -58.02 -12.09 -86.64
C ASP E 2519 -59.49 -12.45 -86.79
N MET E 2520 -60.40 -11.54 -86.44
CA MET E 2520 -61.82 -11.86 -86.60
C MET E 2520 -62.27 -11.70 -88.06
N ARG E 2521 -61.65 -10.81 -88.83
CA ARG E 2521 -61.69 -10.91 -90.29
C ARG E 2521 -61.30 -12.31 -90.76
N ALA E 2522 -60.17 -12.81 -90.25
CA ALA E 2522 -59.70 -14.12 -90.68
C ALA E 2522 -60.70 -15.22 -90.37
N ALA E 2523 -61.30 -15.17 -89.17
CA ALA E 2523 -62.30 -16.16 -88.80
C ALA E 2523 -63.55 -16.05 -89.67
N ALA E 2524 -64.01 -14.82 -89.93
CA ALA E 2524 -65.18 -14.64 -90.80
C ALA E 2524 -64.89 -15.12 -92.21
N SER E 2525 -63.63 -15.04 -92.65
CA SER E 2525 -63.28 -15.57 -93.96
C SER E 2525 -63.23 -17.09 -93.96
N LEU E 2526 -62.66 -17.68 -92.91
CA LEU E 2526 -62.60 -19.13 -92.79
C LEU E 2526 -63.96 -19.76 -92.51
N ASP E 2527 -64.97 -18.94 -92.21
CA ASP E 2527 -66.35 -19.39 -92.04
C ASP E 2527 -66.80 -20.36 -93.14
N THR E 2528 -66.22 -20.24 -94.34
CA THR E 2528 -66.62 -21.08 -95.47
C THR E 2528 -66.58 -22.55 -95.09
N ALA E 2529 -67.56 -23.31 -95.61
CA ALA E 2529 -67.73 -24.69 -95.19
C ALA E 2529 -66.52 -25.55 -95.53
N THR E 2530 -65.77 -25.18 -96.57
CA THR E 2530 -64.56 -25.92 -96.91
C THR E 2530 -63.51 -25.82 -95.80
N PHE E 2531 -63.35 -24.63 -95.23
CA PHE E 2531 -62.39 -24.41 -94.15
C PHE E 2531 -63.04 -24.41 -92.78
N SER E 2532 -64.34 -24.69 -92.68
CA SER E 2532 -65.02 -24.62 -91.39
C SER E 2532 -64.53 -25.70 -90.44
N THR E 2533 -64.22 -26.89 -90.96
CA THR E 2533 -63.82 -28.01 -90.13
C THR E 2533 -62.33 -28.01 -89.81
N THR E 2534 -61.58 -27.01 -90.24
CA THR E 2534 -60.14 -26.97 -89.99
C THR E 2534 -59.85 -26.84 -88.49
N GLU E 2535 -58.88 -27.61 -88.02
CA GLU E 2535 -58.58 -27.67 -86.60
C GLU E 2535 -58.22 -26.29 -86.05
N MET E 2536 -57.33 -25.58 -86.74
CA MET E 2536 -56.99 -24.26 -86.23
C MET E 2536 -58.07 -23.24 -86.52
N ALA E 2537 -59.00 -23.53 -87.43
CA ALA E 2537 -60.19 -22.69 -87.56
C ALA E 2537 -61.06 -22.77 -86.32
N LEU E 2538 -61.32 -23.99 -85.83
CA LEU E 2538 -62.00 -24.11 -84.54
C LEU E 2538 -61.16 -23.52 -83.41
N ALA E 2539 -59.83 -23.60 -83.53
CA ALA E 2539 -58.98 -22.95 -82.53
C ALA E 2539 -59.20 -21.44 -82.50
N LEU E 2540 -59.26 -20.82 -83.68
CA LEU E 2540 -59.55 -19.39 -83.76
C LEU E 2540 -60.93 -19.09 -83.20
N ASN E 2541 -61.92 -19.93 -83.51
CA ASN E 2541 -63.26 -19.74 -82.99
C ASN E 2541 -63.27 -19.75 -81.46
N ARG E 2542 -62.61 -20.75 -80.87
CA ARG E 2542 -62.55 -20.83 -79.40
C ARG E 2542 -61.79 -19.64 -78.82
N TYR E 2543 -60.67 -19.27 -79.45
CA TYR E 2543 -59.90 -18.12 -78.98
C TYR E 2543 -60.76 -16.86 -78.94
N LEU E 2544 -61.44 -16.57 -80.05
CA LEU E 2544 -62.32 -15.40 -80.07
C LEU E 2544 -63.39 -15.49 -78.99
N CYS E 2545 -64.22 -16.53 -79.06
CA CYS E 2545 -65.39 -16.62 -78.18
C CYS E 2545 -65.02 -16.73 -76.71
N LEU E 2546 -63.77 -17.07 -76.39
CA LEU E 2546 -63.38 -17.21 -74.99
C LEU E 2546 -62.55 -16.04 -74.47
N ALA E 2547 -61.87 -15.29 -75.35
CA ALA E 2547 -61.00 -14.21 -74.90
C ALA E 2547 -61.40 -12.85 -75.44
N VAL E 2548 -61.68 -12.74 -76.73
CA VAL E 2548 -61.85 -11.44 -77.36
C VAL E 2548 -63.27 -10.93 -77.23
N LEU E 2549 -64.25 -11.77 -77.55
CA LEU E 2549 -65.65 -11.35 -77.51
C LEU E 2549 -66.09 -10.93 -76.11
N PRO E 2550 -65.80 -11.67 -75.03
CA PRO E 2550 -66.21 -11.19 -73.69
C PRO E 2550 -65.62 -9.83 -73.35
N LEU E 2551 -64.39 -9.58 -73.78
CA LEU E 2551 -63.77 -8.29 -73.52
C LEU E 2551 -64.51 -7.18 -74.25
N ILE E 2552 -64.87 -7.44 -75.51
CA ILE E 2552 -65.58 -6.44 -76.29
C ILE E 2552 -66.90 -6.07 -75.63
N THR E 2553 -67.63 -7.06 -75.17
CA THR E 2553 -68.90 -6.79 -74.50
C THR E 2553 -68.65 -5.93 -73.29
N LYS E 2554 -67.59 -6.24 -72.55
CA LYS E 2554 -67.25 -5.45 -71.38
C LYS E 2554 -66.97 -4.02 -71.78
N CYS E 2555 -66.35 -3.84 -72.93
CA CYS E 2555 -66.00 -2.50 -73.39
C CYS E 2555 -67.10 -1.87 -74.22
N ALA E 2556 -68.23 -2.57 -74.37
CA ALA E 2556 -69.33 -2.05 -75.18
C ALA E 2556 -69.78 -0.67 -74.72
N PRO E 2557 -69.86 -0.44 -73.39
CA PRO E 2557 -70.20 0.91 -72.96
C PRO E 2557 -69.20 1.90 -73.53
N LEU E 2558 -67.91 1.55 -73.48
CA LEU E 2558 -66.88 2.42 -74.05
C LEU E 2558 -67.13 2.55 -75.54
N PHE E 2559 -67.54 1.46 -76.18
CA PHE E 2559 -67.79 1.49 -77.61
C PHE E 2559 -68.78 2.56 -78.00
N ALA E 2560 -69.59 2.99 -77.03
CA ALA E 2560 -70.57 4.04 -77.31
C ALA E 2560 -69.91 5.24 -77.95
N GLY E 2561 -70.63 5.93 -78.84
CA GLY E 2561 -70.06 7.07 -79.53
C GLY E 2561 -69.00 6.62 -80.51
N THR E 2562 -67.78 7.15 -80.36
CA THR E 2562 -66.68 6.74 -81.22
C THR E 2562 -66.95 7.10 -82.67
N GLU E 2563 -67.76 8.13 -82.90
CA GLU E 2563 -68.07 8.54 -84.27
C GLU E 2563 -66.81 8.66 -85.11
N HIS E 2564 -65.84 9.40 -84.61
CA HIS E 2564 -64.59 9.58 -85.35
C HIS E 2564 -64.10 8.28 -85.96
N ARG E 2565 -64.24 7.17 -85.23
CA ARG E 2565 -63.74 5.87 -85.66
C ARG E 2565 -64.83 5.00 -86.30
N ALA E 2566 -65.95 5.62 -86.68
CA ALA E 2566 -67.07 4.88 -87.23
C ALA E 2566 -66.71 4.13 -88.51
N ILE E 2567 -65.67 4.56 -89.22
CA ILE E 2567 -65.28 3.89 -90.46
C ILE E 2567 -64.92 2.44 -90.17
N MET E 2568 -64.17 2.18 -89.11
CA MET E 2568 -63.87 0.80 -88.71
C MET E 2568 -64.92 0.24 -87.76
N VAL E 2569 -65.68 1.08 -87.07
CA VAL E 2569 -66.79 0.57 -86.26
C VAL E 2569 -67.80 -0.15 -87.15
N ASP E 2570 -68.03 0.36 -88.36
CA ASP E 2570 -68.94 -0.30 -89.28
C ASP E 2570 -68.44 -1.69 -89.64
N SER E 2571 -67.16 -1.80 -89.97
CA SER E 2571 -66.59 -3.10 -90.30
C SER E 2571 -66.69 -4.01 -89.10
N MET E 2572 -66.41 -3.47 -87.91
CA MET E 2572 -66.47 -4.26 -86.70
C MET E 2572 -67.86 -4.83 -86.50
N LEU E 2573 -68.88 -4.00 -86.70
CA LEU E 2573 -70.24 -4.47 -86.58
C LEU E 2573 -70.48 -5.57 -87.60
N HIS E 2574 -70.04 -5.34 -88.83
CA HIS E 2574 -70.24 -6.32 -89.90
C HIS E 2574 -69.60 -7.65 -89.55
N THR E 2575 -68.39 -7.64 -89.00
CA THR E 2575 -67.71 -8.89 -88.69
C THR E 2575 -68.29 -9.58 -87.46
N VAL E 2576 -68.81 -8.83 -86.50
CA VAL E 2576 -69.51 -9.48 -85.39
C VAL E 2576 -70.78 -10.15 -85.89
N TYR E 2577 -71.51 -9.47 -86.77
CA TYR E 2577 -72.70 -10.09 -87.36
C TYR E 2577 -72.33 -11.33 -88.18
N ARG E 2578 -71.26 -11.26 -88.95
CA ARG E 2578 -70.86 -12.41 -89.76
C ARG E 2578 -70.32 -13.55 -88.90
N LEU E 2579 -69.71 -13.24 -87.76
CA LEU E 2579 -69.30 -14.29 -86.83
C LEU E 2579 -70.52 -14.95 -86.21
N SER E 2580 -71.55 -14.18 -85.87
CA SER E 2580 -72.81 -14.77 -85.43
C SER E 2580 -73.43 -15.61 -86.53
N ARG E 2581 -73.23 -15.21 -87.79
CA ARG E 2581 -73.71 -15.97 -88.93
C ARG E 2581 -72.80 -17.13 -89.31
N GLY E 2582 -71.64 -17.25 -88.67
CA GLY E 2582 -70.72 -18.32 -89.02
C GLY E 2582 -71.29 -19.69 -88.71
N ARG E 2583 -70.81 -20.68 -89.47
CA ARG E 2583 -71.18 -22.07 -89.26
C ARG E 2583 -70.10 -22.76 -88.42
N SER E 2584 -70.31 -24.06 -88.17
CA SER E 2584 -69.38 -24.87 -87.38
C SER E 2584 -69.10 -24.24 -86.01
N LEU E 2585 -70.14 -23.68 -85.40
CA LEU E 2585 -70.03 -23.00 -84.13
C LEU E 2585 -70.99 -23.61 -83.13
N THR E 2586 -70.54 -23.77 -81.90
CA THR E 2586 -71.38 -24.31 -80.83
C THR E 2586 -72.46 -23.28 -80.46
N LYS E 2587 -73.57 -23.78 -79.93
CA LYS E 2587 -74.65 -22.90 -79.51
C LYS E 2587 -74.19 -21.90 -78.45
N ALA E 2588 -73.27 -22.32 -77.57
CA ALA E 2588 -72.72 -21.39 -76.59
C ALA E 2588 -71.96 -20.27 -77.26
N GLN E 2589 -71.15 -20.59 -78.27
CA GLN E 2589 -70.41 -19.56 -78.99
C GLN E 2589 -71.36 -18.63 -79.74
N ARG E 2590 -72.42 -19.18 -80.35
CA ARG E 2590 -73.42 -18.35 -80.99
C ARG E 2590 -74.08 -17.41 -79.98
N ASP E 2591 -74.37 -17.91 -78.78
CA ASP E 2591 -74.95 -17.07 -77.74
C ASP E 2591 -73.99 -15.97 -77.33
N VAL E 2592 -72.70 -16.28 -77.23
CA VAL E 2592 -71.70 -15.26 -76.89
C VAL E 2592 -71.69 -14.16 -77.94
N ILE E 2593 -71.68 -14.54 -79.22
CA ILE E 2593 -71.63 -13.53 -80.27
C ILE E 2593 -72.91 -12.70 -80.31
N GLU E 2594 -74.07 -13.34 -80.11
CA GLU E 2594 -75.32 -12.59 -80.10
C GLU E 2594 -75.39 -11.64 -78.91
N ASP E 2595 -74.90 -12.07 -77.75
CA ASP E 2595 -74.86 -11.18 -76.59
C ASP E 2595 -73.92 -10.01 -76.85
N CYS E 2596 -72.80 -10.26 -77.52
CA CYS E 2596 -71.90 -9.17 -77.89
C CYS E 2596 -72.61 -8.18 -78.80
N LEU E 2597 -73.33 -8.69 -79.80
CA LEU E 2597 -74.07 -7.81 -80.71
C LEU E 2597 -75.10 -6.98 -79.95
N MET E 2598 -75.84 -7.61 -79.04
CA MET E 2598 -76.89 -6.90 -78.32
C MET E 2598 -76.30 -5.83 -77.41
N ALA E 2599 -75.30 -6.18 -76.62
CA ALA E 2599 -74.66 -5.19 -75.76
C ALA E 2599 -74.04 -4.07 -76.58
N LEU E 2600 -73.19 -4.43 -77.53
CA LEU E 2600 -72.50 -3.43 -78.33
C LEU E 2600 -73.45 -2.44 -78.98
N CYS E 2601 -74.41 -2.94 -79.74
CA CYS E 2601 -75.33 -2.05 -80.46
C CYS E 2601 -76.10 -1.16 -79.49
N ARG E 2602 -76.41 -1.70 -78.32
CA ARG E 2602 -77.16 -0.94 -77.33
C ARG E 2602 -76.46 0.38 -77.01
N TYR E 2603 -75.13 0.36 -76.97
CA TYR E 2603 -74.39 1.59 -76.69
C TYR E 2603 -74.12 2.39 -77.96
N ILE E 2604 -74.24 1.76 -79.12
CA ILE E 2604 -73.95 2.45 -80.37
C ILE E 2604 -75.02 3.46 -80.77
N ARG E 2605 -74.60 4.68 -81.13
CA ARG E 2605 -75.56 5.69 -81.56
C ARG E 2605 -76.25 5.25 -82.84
N PRO E 2606 -77.55 5.55 -82.97
CA PRO E 2606 -78.24 5.03 -84.16
C PRO E 2606 -77.66 5.52 -85.48
N SER E 2607 -76.75 6.49 -85.47
CA SER E 2607 -76.22 7.03 -86.71
C SER E 2607 -75.43 6.00 -87.49
N MET E 2608 -74.59 5.22 -86.81
CA MET E 2608 -73.71 4.26 -87.46
C MET E 2608 -74.32 2.89 -87.64
N LEU E 2609 -75.58 2.70 -87.27
CA LEU E 2609 -76.25 1.41 -87.42
C LEU E 2609 -76.99 1.26 -88.74
N GLN E 2610 -76.95 2.27 -89.62
CA GLN E 2610 -77.70 2.18 -90.86
C GLN E 2610 -77.16 1.08 -91.76
N HIS E 2611 -75.83 0.92 -91.81
CA HIS E 2611 -75.24 -0.14 -92.60
C HIS E 2611 -75.63 -1.52 -92.06
N LEU E 2612 -75.61 -1.67 -90.73
CA LEU E 2612 -76.02 -2.94 -90.13
C LEU E 2612 -77.47 -3.26 -90.48
N LEU E 2613 -78.36 -2.29 -90.35
CA LEU E 2613 -79.76 -2.53 -90.69
C LEU E 2613 -79.93 -2.85 -92.17
N ARG E 2614 -79.20 -2.14 -93.04
CA ARG E 2614 -79.32 -2.35 -94.47
C ARG E 2614 -78.83 -3.75 -94.86
N ARG E 2615 -77.69 -4.18 -94.32
CA ARG E 2615 -77.24 -5.55 -94.56
C ARG E 2615 -78.19 -6.56 -93.96
N LEU E 2616 -78.89 -6.20 -92.88
CA LEU E 2616 -79.81 -7.15 -92.27
C LEU E 2616 -81.08 -7.32 -93.11
N VAL E 2617 -81.51 -6.26 -93.81
CA VAL E 2617 -82.72 -6.30 -94.63
C VAL E 2617 -82.75 -7.55 -95.51
N PHE E 2618 -81.59 -8.08 -95.88
CA PHE E 2618 -81.55 -9.32 -96.65
C PHE E 2618 -82.17 -10.48 -95.88
N ASP E 2619 -81.90 -10.56 -94.57
CA ASP E 2619 -82.28 -11.72 -93.79
C ASP E 2619 -83.51 -11.49 -92.90
N VAL E 2620 -83.91 -10.24 -92.67
CA VAL E 2620 -85.06 -9.99 -91.78
C VAL E 2620 -86.34 -10.65 -92.28
N PRO E 2621 -86.75 -10.51 -93.54
CA PRO E 2621 -88.04 -11.08 -93.96
C PRO E 2621 -88.00 -12.55 -94.37
N ILE E 2622 -86.84 -13.20 -94.33
CA ILE E 2622 -86.78 -14.62 -94.63
C ILE E 2622 -87.52 -15.44 -93.58
N LEU E 2623 -87.45 -14.99 -92.32
CA LEU E 2623 -88.11 -15.65 -91.20
C LEU E 2623 -87.69 -17.12 -91.07
N ASN E 2624 -86.41 -17.38 -91.27
CA ASN E 2624 -85.87 -18.71 -91.06
C ASN E 2624 -85.56 -18.90 -89.57
N GLU E 2625 -85.06 -20.09 -89.22
CA GLU E 2625 -84.66 -20.36 -87.84
C GLU E 2625 -83.63 -19.34 -87.37
N PHE E 2626 -82.57 -19.15 -88.17
CA PHE E 2626 -81.48 -18.23 -87.84
C PHE E 2626 -81.89 -16.76 -87.93
N ALA E 2627 -83.08 -16.47 -88.44
CA ALA E 2627 -83.54 -15.09 -88.61
C ALA E 2627 -84.22 -14.52 -87.37
N LYS E 2628 -84.30 -15.28 -86.28
CA LYS E 2628 -84.99 -14.78 -85.09
C LYS E 2628 -84.17 -13.70 -84.38
N MET E 2629 -82.86 -13.93 -84.18
CA MET E 2629 -82.04 -12.94 -83.49
C MET E 2629 -82.02 -11.60 -84.21
N PRO E 2630 -81.98 -11.52 -85.55
CA PRO E 2630 -82.10 -10.21 -86.20
C PRO E 2630 -83.34 -9.42 -85.77
N LEU E 2631 -84.50 -10.06 -85.70
CA LEU E 2631 -85.70 -9.34 -85.31
C LEU E 2631 -85.62 -8.88 -83.85
N LYS E 2632 -84.99 -9.68 -82.99
CA LYS E 2632 -84.79 -9.25 -81.61
C LYS E 2632 -83.90 -8.01 -81.54
N LEU E 2633 -82.81 -7.99 -82.32
CA LEU E 2633 -81.96 -6.81 -82.34
C LEU E 2633 -82.70 -5.60 -82.89
N LEU E 2634 -83.49 -5.80 -83.95
CA LEU E 2634 -84.26 -4.70 -84.53
C LEU E 2634 -85.28 -4.14 -83.53
N THR E 2635 -86.00 -5.02 -82.83
CA THR E 2635 -87.00 -4.52 -81.89
C THR E 2635 -86.35 -3.81 -80.71
N ASN E 2636 -85.19 -4.30 -80.24
CA ASN E 2636 -84.48 -3.58 -79.19
C ASN E 2636 -84.02 -2.21 -79.68
N HIS E 2637 -83.49 -2.15 -80.91
CA HIS E 2637 -83.01 -0.88 -81.44
C HIS E 2637 -84.13 0.14 -81.58
N TYR E 2638 -85.28 -0.29 -82.12
CA TYR E 2638 -86.38 0.64 -82.30
C TYR E 2638 -87.10 0.97 -81.00
N GLU E 2639 -87.07 0.07 -80.01
CA GLU E 2639 -87.60 0.42 -78.70
C GLU E 2639 -86.71 1.45 -78.01
N ARG E 2640 -85.39 1.33 -78.18
CA ARG E 2640 -84.49 2.33 -77.62
C ARG E 2640 -84.64 3.67 -78.34
N CYS E 2641 -84.70 3.65 -79.67
CA CYS E 2641 -84.79 4.86 -80.47
C CYS E 2641 -86.22 4.99 -80.99
N TRP E 2642 -87.07 5.67 -80.20
CA TRP E 2642 -88.45 5.92 -80.59
C TRP E 2642 -88.63 7.36 -81.06
N LYS E 2643 -88.13 8.33 -80.31
CA LYS E 2643 -88.20 9.73 -80.72
C LYS E 2643 -87.28 10.03 -81.90
N TYR E 2644 -86.32 9.15 -82.19
CA TYR E 2644 -85.38 9.40 -83.28
C TYR E 2644 -86.06 9.33 -84.65
N TYR E 2645 -87.16 8.58 -84.76
CA TYR E 2645 -87.83 8.36 -86.02
C TYR E 2645 -89.16 9.10 -86.12
N CYS E 2646 -90.01 9.01 -85.10
CA CYS E 2646 -91.33 9.63 -85.18
C CYS E 2646 -91.25 11.15 -85.12
N LEU E 2647 -90.44 11.68 -84.19
CA LEU E 2647 -90.37 13.13 -84.01
C LEU E 2647 -89.36 13.72 -84.99
N PRO E 2648 -89.77 14.71 -85.80
CA PRO E 2648 -88.78 15.40 -86.65
C PRO E 2648 -87.72 16.15 -85.85
N THR E 2649 -87.99 16.49 -84.60
CA THR E 2649 -86.98 17.11 -83.75
C THR E 2649 -85.87 16.11 -83.44
N GLY E 2650 -84.63 16.56 -83.56
CA GLY E 2650 -83.49 15.70 -83.29
C GLY E 2650 -83.47 15.15 -81.87
N TRP E 2651 -83.36 13.83 -81.75
CA TRP E 2651 -83.33 13.18 -80.44
C TRP E 2651 -81.93 13.29 -79.86
N ALA E 2652 -81.77 14.16 -78.85
CA ALA E 2652 -80.46 14.48 -78.27
C ALA E 2652 -79.48 14.91 -79.36
N ASN E 2653 -78.22 14.55 -79.21
CA ASN E 2653 -77.22 14.83 -80.24
C ASN E 2653 -77.13 13.74 -81.29
N PHE E 2654 -77.91 12.65 -81.14
CA PHE E 2654 -77.98 11.64 -82.20
C PHE E 2654 -78.58 12.22 -83.47
N GLY E 2655 -79.61 13.05 -83.34
CA GLY E 2655 -80.22 13.68 -84.50
C GLY E 2655 -81.59 13.15 -84.84
N VAL E 2656 -81.93 13.16 -86.13
CA VAL E 2656 -83.23 12.73 -86.61
C VAL E 2656 -83.02 11.67 -87.68
N THR E 2657 -84.07 10.88 -87.92
CA THR E 2657 -83.99 9.80 -88.89
C THR E 2657 -83.74 10.35 -90.30
N SER E 2658 -82.98 9.59 -91.08
CA SER E 2658 -82.77 9.93 -92.47
C SER E 2658 -83.91 9.38 -93.32
N GLU E 2659 -84.05 9.94 -94.52
CA GLU E 2659 -85.08 9.47 -95.44
C GLU E 2659 -84.84 8.02 -95.83
N GLU E 2660 -83.56 7.64 -96.05
CA GLU E 2660 -83.25 6.25 -96.36
C GLU E 2660 -83.57 5.34 -95.18
N GLU E 2661 -83.30 5.78 -93.96
CA GLU E 2661 -83.61 4.98 -92.79
C GLU E 2661 -85.12 4.77 -92.64
N LEU E 2662 -85.90 5.84 -92.85
CA LEU E 2662 -87.35 5.72 -92.76
C LEU E 2662 -87.89 4.80 -93.85
N HIS E 2663 -87.36 4.92 -95.07
CA HIS E 2663 -87.73 4.02 -96.14
C HIS E 2663 -87.40 2.57 -95.80
N LEU E 2664 -86.20 2.34 -95.24
CA LEU E 2664 -85.79 0.98 -94.89
C LEU E 2664 -86.70 0.39 -93.83
N THR E 2665 -87.05 1.17 -92.80
CA THR E 2665 -87.92 0.64 -91.76
C THR E 2665 -89.33 0.40 -92.29
N ARG E 2666 -89.81 1.23 -93.22
CA ARG E 2666 -91.09 0.98 -93.87
C ARG E 2666 -91.07 -0.34 -94.62
N LYS E 2667 -90.03 -0.55 -95.45
CA LYS E 2667 -89.93 -1.78 -96.22
C LYS E 2667 -89.79 -3.00 -95.32
N LEU E 2668 -89.04 -2.87 -94.23
CA LEU E 2668 -88.89 -3.98 -93.29
C LEU E 2668 -90.23 -4.31 -92.64
N PHE E 2669 -90.99 -3.29 -92.24
CA PHE E 2669 -92.30 -3.51 -91.65
C PHE E 2669 -93.21 -4.27 -92.61
N TRP E 2670 -93.31 -3.79 -93.86
CA TRP E 2670 -94.15 -4.48 -94.82
C TRP E 2670 -93.64 -5.88 -95.14
N GLY E 2671 -92.32 -6.07 -95.15
CA GLY E 2671 -91.77 -7.39 -95.42
C GLY E 2671 -92.15 -8.40 -94.36
N ILE E 2672 -92.00 -8.03 -93.08
CA ILE E 2672 -92.44 -8.92 -92.01
C ILE E 2672 -93.94 -9.15 -92.10
N PHE E 2673 -94.71 -8.10 -92.36
CA PHE E 2673 -96.16 -8.27 -92.47
C PHE E 2673 -96.52 -9.33 -93.50
N ASP E 2674 -96.00 -9.19 -94.72
CA ASP E 2674 -96.38 -10.13 -95.78
C ASP E 2674 -95.82 -11.52 -95.51
N SER E 2675 -94.54 -11.62 -95.10
CA SER E 2675 -93.95 -12.93 -94.88
C SER E 2675 -94.68 -13.70 -93.79
N LEU E 2676 -94.99 -13.03 -92.68
CA LEU E 2676 -95.64 -13.73 -91.58
C LEU E 2676 -97.11 -13.98 -91.87
N ALA E 2677 -97.73 -13.15 -92.72
CA ALA E 2677 -99.10 -13.43 -93.14
C ALA E 2677 -99.17 -14.69 -93.99
N HIS E 2678 -98.26 -14.82 -94.96
CA HIS E 2678 -98.28 -16.01 -95.82
C HIS E 2678 -97.80 -17.27 -95.09
N LYS E 2679 -96.84 -17.14 -94.17
CA LYS E 2679 -96.34 -18.33 -93.50
C LYS E 2679 -97.37 -18.90 -92.51
N LYS E 2680 -97.31 -20.21 -92.33
CA LYS E 2680 -98.20 -20.91 -91.42
C LYS E 2680 -97.91 -20.52 -89.98
N TYR E 2681 -98.94 -20.59 -89.13
CA TYR E 2681 -98.82 -20.17 -87.74
C TYR E 2681 -97.79 -21.00 -87.00
N ASP E 2682 -96.92 -20.31 -86.25
CA ASP E 2682 -95.99 -20.94 -85.32
C ASP E 2682 -96.02 -20.12 -84.03
N GLN E 2683 -96.21 -20.79 -82.90
CA GLN E 2683 -96.36 -20.09 -81.63
C GLN E 2683 -95.09 -19.31 -81.29
N GLU E 2684 -93.93 -19.95 -81.43
CA GLU E 2684 -92.67 -19.28 -81.13
C GLU E 2684 -92.43 -18.10 -82.05
N LEU E 2685 -92.60 -18.31 -83.36
CA LEU E 2685 -92.34 -17.25 -84.33
C LEU E 2685 -93.28 -16.07 -84.12
N TYR E 2686 -94.58 -16.34 -83.97
CA TYR E 2686 -95.55 -15.27 -83.75
C TYR E 2686 -95.25 -14.52 -82.46
N ARG E 2687 -95.04 -15.25 -81.37
CA ARG E 2687 -94.84 -14.64 -80.06
C ARG E 2687 -93.60 -13.76 -80.06
N MET E 2688 -92.51 -14.23 -80.69
CA MET E 2688 -91.28 -13.45 -80.63
C MET E 2688 -91.25 -12.32 -81.67
N ALA E 2689 -91.97 -12.49 -82.78
CA ALA E 2689 -91.91 -11.51 -83.86
C ALA E 2689 -92.93 -10.38 -83.73
N MET E 2690 -94.05 -10.59 -83.04
CA MET E 2690 -95.02 -9.52 -82.89
C MET E 2690 -94.45 -8.29 -82.18
N PRO E 2691 -93.61 -8.41 -81.13
CA PRO E 2691 -93.03 -7.19 -80.55
C PRO E 2691 -92.21 -6.39 -81.55
N CYS E 2692 -91.51 -7.06 -82.48
CA CYS E 2692 -90.74 -6.36 -83.48
C CYS E 2692 -91.64 -5.50 -84.37
N LEU E 2693 -92.74 -6.09 -84.84
CA LEU E 2693 -93.66 -5.34 -85.69
C LEU E 2693 -94.29 -4.19 -84.92
N CYS E 2694 -94.63 -4.41 -83.65
CA CYS E 2694 -95.16 -3.31 -82.84
C CYS E 2694 -94.15 -2.18 -82.69
N ALA E 2695 -92.88 -2.53 -82.45
CA ALA E 2695 -91.84 -1.50 -82.31
C ALA E 2695 -91.66 -0.73 -83.60
N ILE E 2696 -91.64 -1.42 -84.74
CA ILE E 2696 -91.50 -0.72 -86.02
C ILE E 2696 -92.68 0.19 -86.28
N ALA E 2697 -93.89 -0.29 -85.97
CA ALA E 2697 -95.08 0.54 -86.16
C ALA E 2697 -95.03 1.78 -85.28
N GLY E 2698 -94.58 1.63 -84.04
CA GLY E 2698 -94.45 2.79 -83.17
C GLY E 2698 -93.38 3.76 -83.64
N ALA E 2699 -92.26 3.24 -84.16
CA ALA E 2699 -91.17 4.10 -84.58
C ALA E 2699 -91.52 4.86 -85.87
N LEU E 2700 -92.14 4.19 -86.83
CA LEU E 2700 -92.43 4.81 -88.12
C LEU E 2700 -93.52 5.86 -87.97
N PRO E 2701 -93.29 7.10 -88.39
CA PRO E 2701 -94.33 8.13 -88.32
C PRO E 2701 -95.53 7.74 -89.18
N PRO E 2702 -96.74 8.04 -88.71
CA PRO E 2702 -97.93 7.67 -89.49
C PRO E 2702 -98.01 8.32 -90.86
N ASP E 2703 -97.50 9.55 -91.00
CA ASP E 2703 -97.66 10.31 -92.24
C ASP E 2703 -96.40 10.32 -93.09
N TYR E 2704 -95.59 9.28 -93.00
CA TYR E 2704 -94.41 9.19 -93.86
C TYR E 2704 -94.82 8.96 -95.30
N VAL E 2705 -94.21 9.68 -96.22
CA VAL E 2705 -94.50 9.60 -97.65
C VAL E 2705 -93.20 9.32 -98.39
N ASP E 2706 -92.93 8.05 -98.66
CA ASP E 2706 -91.75 7.68 -99.43
C ASP E 2706 -91.90 8.13 -100.88
N ALA E 2707 -90.78 8.53 -101.48
CA ALA E 2707 -90.80 9.01 -102.86
C ALA E 2707 -91.24 7.91 -103.82
N SER E 2708 -90.69 6.71 -103.66
CA SER E 2708 -91.04 5.58 -104.52
C SER E 2708 -92.09 4.71 -103.84
N TYR E 2709 -93.31 5.25 -103.81
CA TYR E 2709 -94.43 4.55 -103.20
C TYR E 2709 -94.98 3.43 -104.07
N SER E 2710 -94.64 3.42 -105.36
CA SER E 2710 -95.14 2.38 -106.26
C SER E 2710 -94.67 1.01 -105.80
N SER E 2711 -95.61 0.06 -105.75
CA SER E 2711 -95.32 -1.28 -105.27
C SER E 2711 -94.93 -2.16 -106.46
N LYS E 2712 -93.64 -2.50 -106.53
CA LYS E 2712 -93.19 -3.38 -107.61
C LYS E 2712 -93.75 -4.79 -107.45
N ALA E 2713 -93.86 -5.26 -106.21
CA ALA E 2713 -94.44 -6.57 -105.90
C ALA E 2713 -93.69 -7.69 -106.62
N GLU E 2714 -92.41 -7.83 -106.28
CA GLU E 2714 -91.56 -8.83 -106.89
C GLU E 2714 -90.59 -9.37 -105.86
N LYS E 2715 -89.98 -10.51 -106.19
CA LYS E 2715 -88.95 -11.14 -105.35
C LYS E 2715 -89.48 -11.49 -103.97
N ASN E 2724 -81.83 -14.47 -103.08
CA ASN E 2724 -81.32 -13.13 -102.83
C ASN E 2724 -81.99 -12.11 -103.73
N PHE E 2725 -81.21 -11.13 -104.19
CA PHE E 2725 -81.70 -10.07 -105.06
C PHE E 2725 -81.21 -10.35 -106.48
N ASP E 2726 -82.12 -10.82 -107.34
CA ASP E 2726 -81.81 -11.17 -108.72
C ASP E 2726 -82.64 -10.30 -109.65
N PRO E 2727 -82.12 -9.16 -110.11
CA PRO E 2727 -82.92 -8.30 -110.99
C PRO E 2727 -83.07 -8.87 -112.39
N ARG E 2728 -84.28 -9.27 -112.74
CA ARG E 2728 -84.54 -9.80 -114.07
C ARG E 2728 -84.52 -8.67 -115.10
N PRO E 2729 -83.74 -8.78 -116.16
CA PRO E 2729 -83.75 -7.76 -117.21
C PRO E 2729 -84.98 -7.91 -118.10
N VAL E 2730 -85.03 -7.10 -119.14
CA VAL E 2730 -86.14 -7.09 -120.10
C VAL E 2730 -85.69 -7.78 -121.37
N GLU E 2731 -86.45 -8.79 -121.80
CA GLU E 2731 -86.13 -9.53 -123.01
C GLU E 2731 -86.56 -8.71 -124.21
N THR E 2732 -85.57 -8.19 -124.96
CA THR E 2732 -85.84 -7.38 -126.14
C THR E 2732 -85.07 -7.80 -127.37
N LEU E 2733 -84.08 -8.69 -127.24
CA LEU E 2733 -83.34 -9.13 -128.42
C LEU E 2733 -84.14 -10.11 -129.27
N ASN E 2734 -85.01 -10.91 -128.64
CA ASN E 2734 -85.81 -11.88 -129.38
C ASN E 2734 -86.79 -11.18 -130.32
N VAL E 2735 -87.43 -10.12 -129.86
CA VAL E 2735 -88.40 -9.40 -130.68
C VAL E 2735 -87.66 -8.54 -131.69
N ILE E 2736 -88.25 -8.39 -132.88
CA ILE E 2736 -87.63 -7.59 -133.93
C ILE E 2736 -87.81 -6.11 -133.60
N ILE E 2737 -86.73 -5.35 -133.70
CA ILE E 2737 -86.73 -3.92 -133.41
C ILE E 2737 -87.17 -3.18 -134.68
N PRO E 2738 -88.26 -2.44 -134.65
CA PRO E 2738 -88.64 -1.63 -135.82
C PRO E 2738 -87.59 -0.58 -136.11
N GLU E 2739 -87.38 -0.31 -137.40
CA GLU E 2739 -86.37 0.64 -137.86
C GLU E 2739 -86.99 1.81 -138.63
N LYS E 2740 -88.28 2.07 -138.43
CA LYS E 2740 -88.93 3.18 -139.13
C LYS E 2740 -88.48 4.54 -138.61
N LEU E 2741 -87.87 4.59 -137.43
CA LEU E 2741 -87.38 5.83 -136.83
C LEU E 2741 -85.86 5.81 -136.69
N ASP E 2742 -85.18 5.12 -137.60
CA ASP E 2742 -83.72 5.06 -137.54
C ASP E 2742 -83.10 6.45 -137.69
N SER E 2743 -83.77 7.34 -138.42
CA SER E 2743 -83.28 8.72 -138.52
C SER E 2743 -83.21 9.39 -137.16
N PHE E 2744 -84.03 8.93 -136.20
CA PHE E 2744 -83.92 9.39 -134.83
C PHE E 2744 -82.96 8.53 -134.01
N ILE E 2745 -82.97 7.22 -134.22
CA ILE E 2745 -82.14 6.33 -133.41
C ILE E 2745 -80.65 6.66 -133.60
N ASN E 2746 -80.21 6.72 -134.86
CA ASN E 2746 -78.79 7.00 -135.11
C ASN E 2746 -78.43 8.43 -134.73
N LYS E 2747 -79.35 9.38 -134.97
CA LYS E 2747 -79.09 10.76 -134.62
C LYS E 2747 -78.88 10.92 -133.12
N PHE E 2748 -79.73 10.27 -132.31
CA PHE E 2748 -79.56 10.33 -130.87
C PHE E 2748 -78.33 9.55 -130.42
N ALA E 2749 -78.01 8.45 -131.11
CA ALA E 2749 -76.82 7.68 -130.75
C ALA E 2749 -75.56 8.52 -130.90
N GLU E 2750 -75.46 9.27 -131.99
CA GLU E 2750 -74.31 10.18 -132.14
C GLU E 2750 -74.45 11.41 -131.26
N TYR E 2751 -75.68 11.83 -130.97
CA TYR E 2751 -75.89 13.03 -130.17
C TYR E 2751 -75.50 12.79 -128.71
N THR E 2752 -75.57 11.54 -128.25
CA THR E 2752 -75.10 11.23 -126.90
C THR E 2752 -73.60 11.51 -126.78
N HIS E 2753 -72.81 11.08 -127.77
CA HIS E 2753 -71.38 11.36 -127.73
C HIS E 2753 -71.10 12.83 -127.94
N GLU E 2754 -71.89 13.50 -128.80
CA GLU E 2754 -71.72 14.93 -128.99
C GLU E 2754 -71.99 15.70 -127.70
N LYS E 2755 -73.04 15.30 -126.96
CA LYS E 2755 -73.31 15.90 -125.66
C LYS E 2755 -72.27 15.52 -124.63
N TRP E 2756 -71.64 14.36 -124.76
CA TRP E 2756 -70.49 14.04 -123.91
C TRP E 2756 -69.35 15.03 -124.15
N ALA E 2757 -69.09 15.34 -125.42
CA ALA E 2757 -68.09 16.36 -125.74
C ALA E 2757 -68.50 17.72 -125.19
N PHE E 2758 -69.80 18.02 -125.22
CA PHE E 2758 -70.30 19.24 -124.60
C PHE E 2758 -70.04 19.25 -123.10
N ASP E 2759 -70.21 18.09 -122.46
CA ASP E 2759 -69.88 17.97 -121.04
C ASP E 2759 -68.39 18.21 -120.81
N LYS E 2760 -67.54 17.71 -121.71
CA LYS E 2760 -66.11 17.98 -121.58
C LYS E 2760 -65.81 19.48 -121.66
N ILE E 2761 -66.39 20.17 -122.64
CA ILE E 2761 -66.08 21.59 -122.78
C ILE E 2761 -66.64 22.37 -121.60
N GLN E 2762 -67.81 21.99 -121.07
CA GLN E 2762 -68.28 22.60 -119.83
C GLN E 2762 -67.36 22.28 -118.66
N ASN E 2763 -66.71 21.11 -118.68
CA ASN E 2763 -65.70 20.74 -117.70
C ASN E 2763 -64.38 21.45 -117.96
N ASN E 2764 -64.29 22.21 -119.05
CA ASN E 2764 -63.12 23.01 -119.40
C ASN E 2764 -61.94 22.12 -119.79
N TRP E 2765 -62.22 21.16 -120.67
CA TRP E 2765 -61.20 20.29 -121.24
C TRP E 2765 -61.43 20.19 -122.74
N SER E 2766 -60.36 20.37 -123.52
CA SER E 2766 -60.46 20.30 -124.96
C SER E 2766 -60.51 18.84 -125.41
N TYR E 2767 -60.81 18.65 -126.70
CA TYR E 2767 -60.91 17.32 -127.27
C TYR E 2767 -59.54 16.88 -127.81
N GLY E 2768 -59.09 15.71 -127.39
CA GLY E 2768 -57.80 15.18 -127.78
C GLY E 2768 -57.90 14.19 -128.92
N GLU E 2769 -56.85 14.16 -129.74
CA GLU E 2769 -56.85 13.33 -130.94
C GLU E 2769 -56.28 11.94 -130.70
N ASN E 2770 -55.17 11.84 -129.97
CA ASN E 2770 -54.47 10.57 -129.77
C ASN E 2770 -54.66 10.08 -128.34
N VAL E 2771 -54.30 8.82 -128.13
CA VAL E 2771 -54.43 8.19 -126.82
C VAL E 2771 -53.50 8.87 -125.83
N ASP E 2772 -54.02 9.18 -124.64
CA ASP E 2772 -53.24 9.82 -123.60
C ASP E 2772 -53.91 9.59 -122.26
N GLU E 2773 -53.12 9.18 -121.26
CA GLU E 2773 -53.66 8.95 -119.92
C GLU E 2773 -53.92 10.26 -119.19
N GLU E 2774 -53.14 11.30 -119.48
CA GLU E 2774 -53.32 12.59 -118.82
C GLU E 2774 -54.64 13.25 -119.18
N LEU E 2775 -55.24 12.87 -120.31
CA LEU E 2775 -56.49 13.48 -120.79
C LEU E 2775 -57.64 12.57 -120.38
N LYS E 2776 -58.38 12.97 -119.35
CA LYS E 2776 -59.55 12.21 -118.93
C LYS E 2776 -60.67 12.29 -119.98
N THR E 2777 -60.67 13.33 -120.80
CA THR E 2777 -61.57 13.40 -121.95
C THR E 2777 -61.22 12.28 -122.94
N HIS E 2778 -62.24 11.80 -123.66
CA HIS E 2778 -62.13 10.73 -124.65
C HIS E 2778 -60.86 10.86 -125.47
N PRO E 2779 -59.99 9.84 -125.45
CA PRO E 2779 -58.68 9.98 -126.10
C PRO E 2779 -58.74 10.27 -127.59
N MET E 2780 -59.72 9.71 -128.31
CA MET E 2780 -59.87 9.95 -129.74
C MET E 2780 -61.03 10.89 -130.05
N LEU E 2781 -61.37 11.77 -129.11
CA LEU E 2781 -62.42 12.75 -129.33
C LEU E 2781 -61.92 13.78 -130.33
N ARG E 2782 -62.35 13.66 -131.58
CA ARG E 2782 -61.86 14.47 -132.68
C ARG E 2782 -63.03 15.17 -133.37
N PRO E 2783 -62.78 16.29 -134.04
CA PRO E 2783 -63.85 16.93 -134.82
C PRO E 2783 -64.31 16.03 -135.94
N TYR E 2784 -65.56 16.24 -136.37
CA TYR E 2784 -66.20 15.35 -137.34
C TYR E 2784 -65.42 15.27 -138.65
N LYS E 2785 -64.61 16.28 -138.97
CA LYS E 2785 -63.76 16.19 -140.15
C LYS E 2785 -62.71 15.09 -139.99
N THR E 2786 -62.17 14.93 -138.79
CA THR E 2786 -61.13 13.93 -138.51
C THR E 2786 -61.59 12.90 -137.48
N PHE E 2787 -62.89 12.72 -137.30
CA PHE E 2787 -63.42 11.76 -136.34
C PHE E 2787 -63.62 10.42 -137.03
N SER E 2788 -62.91 9.40 -136.56
CA SER E 2788 -63.08 8.06 -137.10
C SER E 2788 -64.43 7.49 -136.66
N GLU E 2789 -65.02 6.68 -137.54
CA GLU E 2789 -66.33 6.10 -137.30
C GLU E 2789 -66.26 4.79 -136.53
N LYS E 2790 -65.07 4.29 -136.22
CA LYS E 2790 -64.96 3.04 -135.48
C LYS E 2790 -65.58 3.16 -134.10
N ASP E 2791 -65.37 4.29 -133.43
CA ASP E 2791 -66.01 4.53 -132.14
C ASP E 2791 -67.48 4.91 -132.30
N LYS E 2792 -67.84 5.56 -133.41
CA LYS E 2792 -69.23 5.96 -133.62
C LYS E 2792 -70.14 4.75 -133.81
N GLU E 2793 -69.65 3.73 -134.54
CA GLU E 2793 -70.44 2.53 -134.77
C GLU E 2793 -70.36 1.52 -133.63
N ILE E 2794 -69.72 1.87 -132.52
CA ILE E 2794 -69.74 1.03 -131.33
C ILE E 2794 -70.34 1.72 -130.11
N TYR E 2795 -70.37 3.06 -130.08
CA TYR E 2795 -71.01 3.77 -128.97
C TYR E 2795 -72.53 3.81 -129.09
N ARG E 2796 -73.08 3.40 -130.22
CA ARG E 2796 -74.53 3.45 -130.42
C ARG E 2796 -75.27 2.32 -129.71
N TRP E 2797 -74.56 1.28 -129.30
CA TRP E 2797 -75.23 0.10 -128.73
C TRP E 2797 -76.03 0.39 -127.46
N PRO E 2798 -75.55 1.18 -126.48
CA PRO E 2798 -76.41 1.48 -125.32
C PRO E 2798 -77.72 2.15 -125.70
N ILE E 2799 -77.70 3.07 -126.67
CA ILE E 2799 -78.92 3.72 -127.12
C ILE E 2799 -79.86 2.69 -127.74
N LYS E 2800 -79.30 1.75 -128.53
CA LYS E 2800 -80.12 0.68 -129.07
C LYS E 2800 -80.79 -0.12 -127.97
N GLU E 2801 -80.03 -0.50 -126.93
CA GLU E 2801 -80.61 -1.28 -125.85
C GLU E 2801 -81.73 -0.51 -125.15
N SER E 2802 -81.49 0.76 -124.85
CA SER E 2802 -82.48 1.57 -124.15
C SER E 2802 -83.77 1.68 -124.97
N LEU E 2803 -83.65 2.04 -126.25
CA LEU E 2803 -84.84 2.20 -127.08
C LEU E 2803 -85.55 0.87 -127.31
N LYS E 2804 -84.80 -0.22 -127.47
CA LYS E 2804 -85.42 -1.53 -127.66
C LYS E 2804 -86.20 -1.96 -126.43
N ALA E 2805 -85.66 -1.72 -125.23
CA ALA E 2805 -86.43 -2.02 -124.02
C ALA E 2805 -87.65 -1.11 -123.90
N MET E 2806 -87.50 0.17 -124.25
CA MET E 2806 -88.62 1.10 -124.20
C MET E 2806 -89.76 0.63 -125.08
N ILE E 2807 -89.45 0.19 -126.30
CA ILE E 2807 -90.49 -0.29 -127.20
C ILE E 2807 -90.94 -1.70 -126.83
N ALA E 2808 -90.11 -2.47 -126.12
CA ALA E 2808 -90.53 -3.78 -125.64
C ALA E 2808 -91.64 -3.66 -124.62
N TRP E 2809 -91.52 -2.69 -123.70
CA TRP E 2809 -92.67 -2.39 -122.85
C TRP E 2809 -93.80 -1.77 -123.68
N GLU E 2810 -95.00 -1.76 -123.09
CA GLU E 2810 -96.18 -1.30 -123.78
C GLU E 2810 -96.15 0.22 -123.94
N TRP E 2811 -95.30 0.70 -124.85
CA TRP E 2811 -95.17 2.13 -125.12
C TRP E 2811 -95.02 2.29 -126.63
N THR E 2812 -96.12 2.61 -127.31
CA THR E 2812 -96.09 2.85 -128.74
C THR E 2812 -95.70 4.30 -128.99
N ILE E 2813 -94.77 4.50 -129.91
CA ILE E 2813 -94.18 5.82 -130.18
C ILE E 2813 -94.55 6.22 -131.61
N GLU E 2814 -95.05 7.45 -131.76
CA GLU E 2814 -95.44 7.99 -133.05
C GLU E 2814 -94.72 9.31 -133.28
N LYS E 2815 -94.34 9.54 -134.53
CA LYS E 2815 -93.66 10.78 -134.94
C LYS E 2815 -94.72 11.80 -135.31
N ALA E 2816 -95.08 12.66 -134.36
CA ALA E 2816 -96.08 13.69 -134.63
C ALA E 2816 -95.58 14.68 -135.69
N ARG E 2817 -94.31 15.06 -135.61
CA ARG E 2817 -93.72 15.98 -136.58
C ARG E 2817 -93.18 15.22 -137.79
N GLU E 2818 -92.92 15.98 -138.86
CA GLU E 2818 -92.36 15.41 -140.09
C GLU E 2818 -91.40 16.45 -140.66
N GLY E 2819 -90.12 16.29 -140.37
CA GLY E 2819 -89.11 17.21 -140.85
C GLY E 2819 -87.73 16.59 -140.83
N GLU E 2820 -86.73 17.47 -140.83
CA GLU E 2820 -85.32 17.06 -140.82
C GLU E 2820 -85.00 16.13 -141.99
N TYR E 2845 -66.56 22.05 -133.03
CA TYR E 2845 -67.01 20.71 -132.65
C TYR E 2845 -67.77 20.78 -131.32
N ASN E 2846 -69.02 21.25 -131.39
CA ASN E 2846 -69.83 21.42 -130.19
C ASN E 2846 -71.29 21.44 -130.60
N PRO E 2847 -72.18 20.79 -129.85
CA PRO E 2847 -73.61 20.81 -130.21
C PRO E 2847 -74.24 22.16 -129.89
N GLN E 2848 -74.73 22.83 -130.93
CA GLN E 2848 -75.42 24.10 -130.73
C GLN E 2848 -76.69 23.95 -129.90
N PRO E 2849 -77.59 23.01 -130.17
CA PRO E 2849 -78.76 22.84 -129.30
C PRO E 2849 -78.37 22.21 -127.98
N PRO E 2850 -78.69 22.84 -126.86
CA PRO E 2850 -78.33 22.28 -125.55
C PRO E 2850 -79.39 21.33 -125.01
N ASP E 2851 -78.92 20.21 -124.46
CA ASP E 2851 -79.79 19.22 -123.82
C ASP E 2851 -79.60 19.33 -122.31
N LEU E 2852 -80.67 19.69 -121.60
CA LEU E 2852 -80.67 19.84 -120.15
C LEU E 2852 -81.71 18.92 -119.54
N SER E 2853 -81.75 18.90 -118.21
CA SER E 2853 -82.70 18.08 -117.48
C SER E 2853 -83.34 18.79 -116.30
N GLY E 2854 -83.13 20.10 -116.15
CA GLY E 2854 -83.65 20.85 -115.03
C GLY E 2854 -85.04 21.42 -115.20
N VAL E 2855 -85.71 21.14 -116.31
CA VAL E 2855 -87.05 21.66 -116.55
C VAL E 2855 -88.06 20.59 -116.19
N THR E 2856 -89.28 21.02 -115.86
CA THR E 2856 -90.33 20.11 -115.43
C THR E 2856 -90.96 19.40 -116.63
N LEU E 2857 -91.75 18.37 -116.32
CA LEU E 2857 -92.36 17.54 -117.34
C LEU E 2857 -93.56 16.83 -116.73
N SER E 2858 -94.42 16.29 -117.59
CA SER E 2858 -95.65 15.64 -117.15
C SER E 2858 -95.34 14.48 -116.21
N ARG E 2859 -96.19 14.32 -115.19
CA ARG E 2859 -95.88 13.37 -114.12
C ARG E 2859 -95.86 11.93 -114.63
N GLU E 2860 -96.84 11.55 -115.45
CA GLU E 2860 -96.90 10.16 -115.92
CA GLU E 2860 -96.91 10.16 -115.92
C GLU E 2860 -95.78 9.85 -116.89
N LEU E 2861 -95.43 10.80 -117.77
CA LEU E 2861 -94.32 10.59 -118.67
C LEU E 2861 -93.00 10.50 -117.91
N GLN E 2862 -92.85 11.32 -116.87
CA GLN E 2862 -91.69 11.21 -116.00
C GLN E 2862 -91.69 9.89 -115.25
N ALA E 2863 -92.87 9.36 -114.93
CA ALA E 2863 -92.94 8.04 -114.29
C ALA E 2863 -92.49 6.94 -115.24
N MET E 2864 -92.86 7.05 -116.52
CA MET E 2864 -92.35 6.09 -117.51
C MET E 2864 -90.84 6.20 -117.63
N ALA E 2865 -90.31 7.43 -117.62
CA ALA E 2865 -88.86 7.61 -117.62
C ALA E 2865 -88.23 7.02 -116.36
N GLU E 2866 -88.93 7.11 -115.23
CA GLU E 2866 -88.45 6.50 -114.00
C GLU E 2866 -88.41 4.99 -114.11
N GLN E 2867 -89.41 4.40 -114.77
CA GLN E 2867 -89.38 2.96 -115.02
C GLN E 2867 -88.21 2.59 -115.91
N LEU E 2868 -87.92 3.42 -116.91
CA LEU E 2868 -86.77 3.17 -117.77
C LEU E 2868 -85.45 3.30 -117.01
N ALA E 2869 -85.37 4.24 -116.06
CA ALA E 2869 -84.20 4.34 -115.20
C ALA E 2869 -84.08 3.12 -114.30
N GLU E 2870 -85.22 2.61 -113.82
CA GLU E 2870 -85.23 1.35 -113.09
C GLU E 2870 -84.68 0.22 -113.94
N ASN E 2871 -85.04 0.22 -115.23
CA ASN E 2871 -84.48 -0.77 -116.14
C ASN E 2871 -82.98 -0.61 -116.28
N TYR E 2872 -82.49 0.63 -116.39
CA TYR E 2872 -81.05 0.87 -116.42
C TYR E 2872 -80.39 0.25 -115.19
N HIS E 2873 -80.91 0.57 -114.01
CA HIS E 2873 -80.26 0.12 -112.79
C HIS E 2873 -80.30 -1.40 -112.65
N ASN E 2874 -81.44 -2.02 -112.99
CA ASN E 2874 -81.53 -3.48 -112.84
C ASN E 2874 -80.70 -4.21 -113.88
N THR E 2875 -80.56 -3.66 -115.09
CA THR E 2875 -79.63 -4.25 -116.05
C THR E 2875 -78.20 -4.15 -115.55
N TRP E 2876 -77.83 -2.98 -114.99
CA TRP E 2876 -76.50 -2.86 -114.42
C TRP E 2876 -76.30 -3.86 -113.29
N GLY E 2877 -77.32 -4.05 -112.46
CA GLY E 2877 -77.22 -4.99 -111.35
C GLY E 2877 -77.09 -6.42 -111.82
N ARG E 2878 -77.82 -6.79 -112.87
CA ARG E 2878 -77.69 -8.13 -113.42
C ARG E 2878 -76.29 -8.36 -113.98
N LYS E 2879 -75.78 -7.40 -114.75
CA LYS E 2879 -74.46 -7.61 -115.35
C LYS E 2879 -73.35 -7.56 -114.30
N LYS E 2880 -73.56 -6.85 -113.19
CA LYS E 2880 -72.59 -6.87 -112.10
C LYS E 2880 -72.67 -8.17 -111.30
N LYS E 2881 -73.89 -8.63 -111.00
CA LYS E 2881 -74.04 -9.85 -110.21
C LYS E 2881 -73.67 -11.10 -110.99
N GLN E 2882 -73.64 -11.03 -112.33
CA GLN E 2882 -73.12 -12.14 -113.10
C GLN E 2882 -71.66 -12.40 -112.75
N GLU E 2883 -70.86 -11.34 -112.62
CA GLU E 2883 -69.47 -11.49 -112.19
C GLU E 2883 -69.37 -11.72 -110.69
N LEU E 2884 -70.25 -11.09 -109.91
CA LEU E 2884 -70.16 -11.16 -108.45
C LEU E 2884 -70.57 -12.52 -107.91
N GLU E 2885 -71.42 -13.27 -108.62
CA GLU E 2885 -71.94 -14.54 -108.11
C GLU E 2885 -70.92 -15.67 -108.16
N ALA E 2886 -69.74 -15.45 -108.76
CA ALA E 2886 -68.74 -16.50 -108.81
C ALA E 2886 -68.20 -16.85 -107.43
N LYS E 2887 -68.22 -15.89 -106.50
CA LYS E 2887 -67.72 -16.12 -105.15
C LYS E 2887 -68.77 -16.73 -104.23
N GLY E 2888 -70.01 -16.25 -104.31
CA GLY E 2888 -71.07 -16.73 -103.46
C GLY E 2888 -71.17 -16.09 -102.11
N GLY E 2889 -70.25 -15.18 -101.78
CA GLY E 2889 -70.28 -14.50 -100.49
C GLY E 2889 -70.27 -12.99 -100.62
N GLY E 2890 -71.23 -12.32 -100.00
CA GLY E 2890 -71.34 -10.88 -100.08
C GLY E 2890 -72.11 -10.44 -101.31
N THR E 2891 -72.36 -9.14 -101.38
CA THR E 2891 -73.09 -8.56 -102.50
C THR E 2891 -72.64 -7.12 -102.70
N HIS E 2892 -72.88 -6.61 -103.91
CA HIS E 2892 -72.53 -5.23 -104.22
C HIS E 2892 -73.38 -4.29 -103.38
N PRO E 2893 -72.80 -3.18 -102.89
CA PRO E 2893 -73.58 -2.27 -102.03
C PRO E 2893 -74.80 -1.67 -102.72
N LEU E 2894 -74.75 -1.47 -104.03
CA LEU E 2894 -75.87 -0.87 -104.76
C LEU E 2894 -76.82 -1.90 -105.35
N LEU E 2895 -76.62 -3.18 -105.06
CA LEU E 2895 -77.53 -4.24 -105.53
C LEU E 2895 -78.82 -4.20 -104.69
N VAL E 2896 -79.60 -3.15 -104.93
CA VAL E 2896 -80.88 -2.97 -104.25
C VAL E 2896 -81.92 -2.62 -105.31
N PRO E 2897 -83.19 -2.89 -105.02
CA PRO E 2897 -84.25 -2.51 -105.96
C PRO E 2897 -84.30 -1.01 -106.19
N TYR E 2898 -84.73 -0.63 -107.39
CA TYR E 2898 -84.75 0.77 -107.78
C TYR E 2898 -85.70 1.59 -106.91
N ASP E 2899 -86.88 1.04 -106.62
CA ASP E 2899 -87.80 1.73 -105.73
C ASP E 2899 -87.28 1.80 -104.30
N THR E 2900 -86.22 1.05 -103.97
CA THR E 2900 -85.65 1.08 -102.64
C THR E 2900 -84.44 2.01 -102.52
N LEU E 2901 -83.63 2.12 -103.57
CA LEU E 2901 -82.44 2.97 -103.49
C LEU E 2901 -82.82 4.44 -103.37
N THR E 2902 -81.93 5.21 -102.76
CA THR E 2902 -82.17 6.63 -102.53
C THR E 2902 -81.91 7.42 -103.81
N ALA E 2903 -82.20 8.72 -103.75
CA ALA E 2903 -82.14 9.57 -104.93
C ALA E 2903 -80.70 9.91 -105.33
N LYS E 2904 -79.79 9.99 -104.35
CA LYS E 2904 -78.42 10.39 -104.66
C LYS E 2904 -77.74 9.38 -105.57
N GLU E 2905 -77.95 8.09 -105.32
CA GLU E 2905 -77.45 7.07 -106.24
C GLU E 2905 -78.36 6.86 -107.43
N LYS E 2906 -79.63 7.26 -107.33
CA LYS E 2906 -80.53 7.23 -108.47
C LYS E 2906 -80.17 8.28 -109.52
N ALA E 2907 -79.41 9.31 -109.12
CA ALA E 2907 -79.28 10.52 -109.93
C ALA E 2907 -78.76 10.23 -111.33
N ARG E 2908 -77.81 9.30 -111.48
CA ARG E 2908 -77.23 9.03 -112.79
C ARG E 2908 -78.30 8.49 -113.76
N ASP E 2909 -78.99 7.44 -113.34
CA ASP E 2909 -80.02 6.85 -114.19
C ASP E 2909 -81.17 7.83 -114.42
N ARG E 2910 -81.56 8.56 -113.39
CA ARG E 2910 -82.64 9.54 -113.54
C ARG E 2910 -82.26 10.61 -114.55
N GLU E 2911 -81.03 11.11 -114.49
CA GLU E 2911 -80.57 12.13 -115.42
C GLU E 2911 -80.51 11.58 -116.84
N LYS E 2912 -80.03 10.35 -117.01
CA LYS E 2912 -79.98 9.76 -118.35
C LYS E 2912 -81.38 9.62 -118.93
N ALA E 2913 -82.32 9.09 -118.15
CA ALA E 2913 -83.69 8.93 -118.61
C ALA E 2913 -84.32 10.28 -118.93
N GLN E 2914 -84.10 11.28 -118.08
CA GLN E 2914 -84.70 12.59 -118.31
C GLN E 2914 -84.09 13.27 -119.52
N GLU E 2915 -82.79 13.09 -119.76
CA GLU E 2915 -82.17 13.64 -120.96
C GLU E 2915 -82.74 13.01 -122.22
N LEU E 2916 -82.89 11.69 -122.23
CA LEU E 2916 -83.50 11.02 -123.38
C LEU E 2916 -84.93 11.51 -123.57
N LEU E 2917 -85.66 11.69 -122.47
CA LEU E 2917 -87.05 12.13 -122.55
C LEU E 2917 -87.15 13.55 -123.07
N LYS E 2918 -86.23 14.44 -122.67
CA LYS E 2918 -86.21 15.80 -123.21
C LYS E 2918 -85.88 15.79 -124.70
N PHE E 2919 -84.96 14.92 -125.11
CA PHE E 2919 -84.64 14.79 -126.52
C PHE E 2919 -85.87 14.35 -127.31
N LEU E 2920 -86.66 13.44 -126.74
CA LEU E 2920 -87.95 13.10 -127.34
C LEU E 2920 -88.91 14.29 -127.34
N GLN E 2921 -88.95 15.03 -126.23
CA GLN E 2921 -89.99 16.04 -126.03
C GLN E 2921 -89.83 17.22 -126.98
N MET E 2922 -88.61 17.75 -127.10
CA MET E 2922 -88.41 18.91 -127.95
C MET E 2922 -88.65 18.57 -129.42
N ASN E 2923 -88.25 17.38 -129.84
CA ASN E 2923 -88.48 16.98 -131.23
C ASN E 2923 -89.94 16.64 -131.49
N GLY E 2924 -90.66 16.19 -130.46
CA GLY E 2924 -92.08 15.91 -130.61
C GLY E 2924 -92.43 14.47 -130.94
N TYR E 2925 -91.92 13.53 -130.16
CA TYR E 2925 -92.27 12.11 -130.30
C TYR E 2925 -93.30 11.75 -129.24
N ALA E 2926 -94.49 11.32 -129.67
CA ALA E 2926 -95.60 11.04 -128.77
C ALA E 2926 -95.62 9.56 -128.45
N VAL E 2927 -95.34 9.20 -127.20
CA VAL E 2927 -95.35 7.82 -126.74
C VAL E 2927 -96.51 7.63 -125.77
N THR E 2928 -97.28 6.57 -125.98
CA THR E 2928 -98.45 6.28 -125.17
C THR E 2928 -98.50 4.80 -124.82
N ARG E 2929 -99.15 4.49 -123.70
CA ARG E 2929 -99.37 3.10 -123.31
C ARG E 2929 -100.51 2.49 -124.12
N LEU E 2936 -100.29 4.54 -109.69
CA LEU E 2936 -100.74 5.37 -110.80
C LEU E 2936 -101.64 6.50 -110.29
N ASP E 2937 -101.22 7.73 -110.54
CA ASP E 2937 -101.92 8.93 -110.05
C ASP E 2937 -102.09 8.87 -108.53
N THR E 2938 -101.05 8.46 -107.83
CA THR E 2938 -101.08 8.30 -106.39
C THR E 2938 -100.75 9.63 -105.73
N SER E 2939 -101.67 10.11 -104.89
CA SER E 2939 -101.46 11.36 -104.16
C SER E 2939 -100.64 11.10 -102.89
N SER E 2940 -100.19 12.20 -102.28
CA SER E 2940 -99.41 12.09 -101.05
C SER E 2940 -100.22 11.47 -99.92
N ILE E 2941 -101.53 11.75 -99.87
CA ILE E 2941 -102.38 11.17 -98.84
C ILE E 2941 -102.39 9.65 -98.97
N GLU E 2942 -102.50 9.14 -100.20
CA GLU E 2942 -102.41 7.69 -100.42
C GLU E 2942 -101.01 7.19 -100.10
N LYS E 2943 -99.98 7.97 -100.43
CA LYS E 2943 -98.60 7.58 -100.14
C LYS E 2943 -98.30 7.58 -98.64
N ARG E 2944 -99.16 8.16 -97.81
CA ARG E 2944 -98.95 8.13 -96.37
C ARG E 2944 -98.98 6.70 -95.85
N PHE E 2945 -98.15 6.45 -94.83
CA PHE E 2945 -98.09 5.11 -94.23
C PHE E 2945 -99.43 4.72 -93.62
N ALA E 2946 -100.10 5.66 -92.96
CA ALA E 2946 -101.37 5.36 -92.30
C ALA E 2946 -102.42 4.88 -93.30
N PHE E 2947 -102.45 5.49 -94.49
CA PHE E 2947 -103.42 5.10 -95.51
C PHE E 2947 -103.23 3.65 -95.93
N GLY E 2948 -102.00 3.28 -96.28
CA GLY E 2948 -101.73 1.90 -96.67
C GLY E 2948 -101.99 0.92 -95.54
N PHE E 2949 -101.61 1.29 -94.32
CA PHE E 2949 -101.84 0.41 -93.17
C PHE E 2949 -103.34 0.18 -92.98
N LEU E 2950 -104.13 1.25 -93.04
CA LEU E 2950 -105.58 1.13 -92.87
C LEU E 2950 -106.20 0.31 -93.98
N GLN E 2951 -105.70 0.47 -95.22
CA GLN E 2951 -106.19 -0.36 -96.32
C GLN E 2951 -105.92 -1.83 -96.05
N GLN E 2952 -104.73 -2.15 -95.53
CA GLN E 2952 -104.43 -3.54 -95.20
C GLN E 2952 -105.33 -4.05 -94.08
N LEU E 2953 -105.63 -3.21 -93.08
CA LEU E 2953 -106.55 -3.64 -92.03
C LEU E 2953 -107.94 -3.91 -92.59
N LEU E 2954 -108.42 -3.07 -93.51
CA LEU E 2954 -109.73 -3.31 -94.11
C LEU E 2954 -109.73 -4.60 -94.93
N ARG E 2955 -108.65 -4.86 -95.67
CA ARG E 2955 -108.56 -6.10 -96.45
C ARG E 2955 -108.60 -7.32 -95.55
N TRP E 2956 -107.72 -7.35 -94.54
CA TRP E 2956 -107.76 -8.47 -93.62
C TRP E 2956 -109.05 -8.51 -92.82
N MET E 2957 -109.75 -7.38 -92.70
CA MET E 2957 -111.03 -7.40 -92.02
C MET E 2957 -112.10 -8.09 -92.83
N ASP E 2958 -112.17 -7.84 -94.14
CA ASP E 2958 -113.15 -8.56 -94.94
C ASP E 2958 -112.82 -10.05 -94.97
N ILE E 2959 -111.52 -10.38 -95.06
CA ILE E 2959 -111.13 -11.79 -94.97
C ILE E 2959 -111.55 -12.37 -93.63
N SER E 2960 -111.39 -11.60 -92.55
CA SER E 2960 -111.76 -12.06 -91.21
C SER E 2960 -113.25 -12.28 -91.09
N GLN E 2961 -114.05 -11.35 -91.62
CA GLN E 2961 -115.50 -11.53 -91.58
C GLN E 2961 -115.90 -12.77 -92.37
N GLU E 2962 -115.21 -13.04 -93.48
CA GLU E 2962 -115.50 -14.25 -94.25
C GLU E 2962 -115.23 -15.50 -93.41
N PHE E 2963 -114.03 -15.61 -92.83
CA PHE E 2963 -113.76 -16.88 -92.16
C PHE E 2963 -114.44 -17.00 -90.80
N ILE E 2964 -114.82 -15.89 -90.15
CA ILE E 2964 -115.64 -16.00 -88.96
C ILE E 2964 -117.09 -16.33 -89.29
N ALA E 2965 -117.59 -15.89 -90.46
CA ALA E 2965 -118.89 -16.39 -90.90
C ALA E 2965 -118.83 -17.89 -91.14
N HIS E 2966 -117.74 -18.37 -91.76
CA HIS E 2966 -117.57 -19.80 -91.93
C HIS E 2966 -117.49 -20.52 -90.58
N LEU E 2967 -116.79 -19.93 -89.62
CA LEU E 2967 -116.69 -20.52 -88.29
C LEU E 2967 -118.05 -20.61 -87.62
N GLU E 2968 -118.86 -19.56 -87.72
CA GLU E 2968 -120.20 -19.60 -87.16
C GLU E 2968 -121.04 -20.67 -87.83
N ALA E 2969 -120.94 -20.78 -89.16
CA ALA E 2969 -121.70 -21.80 -89.88
C ALA E 2969 -121.31 -23.20 -89.44
N VAL E 2970 -120.01 -23.44 -89.27
CA VAL E 2970 -119.59 -24.81 -88.92
C VAL E 2970 -119.86 -25.12 -87.45
N VAL E 2971 -119.76 -24.14 -86.55
CA VAL E 2971 -120.03 -24.41 -85.15
C VAL E 2971 -121.53 -24.59 -84.93
N SER E 2972 -122.37 -23.88 -85.69
CA SER E 2972 -123.81 -24.07 -85.56
C SER E 2972 -124.23 -25.47 -85.98
N SER E 2973 -123.63 -25.99 -87.06
CA SER E 2973 -123.95 -27.31 -87.58
C SER E 2973 -122.84 -28.27 -87.17
N GLY E 2974 -123.00 -28.91 -86.01
CA GLY E 2974 -121.98 -29.83 -85.53
C GLY E 2974 -120.77 -29.08 -85.01
N ARG E 2975 -119.59 -29.61 -85.31
CA ARG E 2975 -118.34 -29.00 -84.87
C ARG E 2975 -117.24 -29.41 -85.84
N VAL E 2976 -116.73 -28.44 -86.59
CA VAL E 2976 -115.64 -28.65 -87.54
C VAL E 2976 -114.38 -28.02 -86.95
N GLU E 2977 -113.34 -28.84 -86.80
CA GLU E 2977 -112.09 -28.38 -86.17
C GLU E 2977 -111.12 -27.80 -87.19
N LYS E 2978 -110.76 -28.58 -88.21
CA LYS E 2978 -109.78 -28.17 -89.20
C LYS E 2978 -110.45 -27.20 -90.17
N SER E 2979 -110.40 -25.91 -89.84
CA SER E 2979 -110.95 -24.89 -90.71
C SER E 2979 -110.01 -24.65 -91.89
N PRO E 2980 -110.54 -24.40 -93.08
CA PRO E 2980 -109.66 -24.13 -94.24
C PRO E 2980 -108.84 -22.86 -94.10
N HIS E 2981 -109.24 -21.92 -93.25
CA HIS E 2981 -108.56 -20.64 -93.09
C HIS E 2981 -107.97 -20.49 -91.69
N GLU E 2982 -107.56 -21.62 -91.08
CA GLU E 2982 -107.09 -21.60 -89.70
C GLU E 2982 -105.86 -20.72 -89.53
N GLN E 2983 -104.96 -20.73 -90.51
CA GLN E 2983 -103.79 -19.86 -90.45
C GLN E 2983 -104.21 -18.39 -90.43
N GLU E 2984 -105.19 -18.03 -91.27
CA GLU E 2984 -105.68 -16.66 -91.28
C GLU E 2984 -106.30 -16.28 -89.95
N ILE E 2985 -107.10 -17.19 -89.37
CA ILE E 2985 -107.74 -16.91 -88.08
C ILE E 2985 -106.68 -16.67 -87.01
N LYS E 2986 -105.68 -17.56 -86.95
CA LYS E 2986 -104.66 -17.41 -85.92
C LYS E 2986 -103.82 -16.16 -86.13
N PHE E 2987 -103.49 -15.81 -87.37
CA PHE E 2987 -102.76 -14.57 -87.61
C PHE E 2987 -103.57 -13.38 -87.11
N PHE E 2988 -104.82 -13.27 -87.58
CA PHE E 2988 -105.66 -12.14 -87.23
C PHE E 2988 -105.88 -12.04 -85.71
N ALA E 2989 -105.94 -13.18 -85.03
CA ALA E 2989 -106.17 -13.14 -83.59
C ALA E 2989 -104.90 -12.81 -82.82
N LYS E 2990 -103.81 -13.53 -83.09
CA LYS E 2990 -102.63 -13.43 -82.25
C LYS E 2990 -101.85 -12.14 -82.49
N ILE E 2991 -101.62 -11.76 -83.74
CA ILE E 2991 -100.70 -10.66 -84.04
C ILE E 2991 -101.42 -9.42 -84.56
N LEU E 2992 -102.47 -9.59 -85.36
CA LEU E 2992 -103.11 -8.43 -85.97
C LEU E 2992 -103.70 -7.49 -84.92
N LEU E 2993 -104.43 -8.05 -83.96
CA LEU E 2993 -105.07 -7.21 -82.93
C LEU E 2993 -104.05 -6.47 -82.07
N PRO E 2994 -103.01 -7.12 -81.52
CA PRO E 2994 -101.99 -6.35 -80.80
C PRO E 2994 -101.32 -5.29 -81.65
N LEU E 2995 -101.12 -5.56 -82.95
CA LEU E 2995 -100.47 -4.60 -83.81
C LEU E 2995 -101.28 -3.31 -83.93
N ILE E 2996 -102.56 -3.43 -84.27
CA ILE E 2996 -103.40 -2.25 -84.39
C ILE E 2996 -103.57 -1.58 -83.02
N ASN E 2997 -103.70 -2.39 -81.96
CA ASN E 2997 -103.82 -1.82 -80.62
C ASN E 2997 -102.63 -0.92 -80.28
N GLN E 2998 -101.41 -1.45 -80.45
CA GLN E 2998 -100.21 -0.67 -80.11
C GLN E 2998 -100.05 0.53 -81.04
N TYR E 2999 -100.28 0.33 -82.35
CA TYR E 2999 -100.12 1.43 -83.29
C TYR E 2999 -101.08 2.57 -82.99
N PHE E 3000 -102.34 2.25 -82.71
CA PHE E 3000 -103.31 3.29 -82.42
C PHE E 3000 -103.07 3.92 -81.06
N THR E 3001 -102.56 3.14 -80.10
CA THR E 3001 -102.19 3.71 -78.81
C THR E 3001 -101.07 4.73 -78.96
N ASN E 3002 -100.04 4.42 -79.74
CA ASN E 3002 -98.91 5.34 -79.85
C ASN E 3002 -99.15 6.46 -80.83
N HIS E 3003 -100.13 6.34 -81.74
CA HIS E 3003 -100.45 7.41 -82.67
C HIS E 3003 -101.91 7.86 -82.55
N CYS E 3004 -102.46 7.82 -81.34
CA CYS E 3004 -103.80 8.35 -81.11
C CYS E 3004 -103.86 9.85 -81.38
N LEU E 3005 -102.80 10.57 -81.03
CA LEU E 3005 -102.82 12.03 -81.15
C LEU E 3005 -102.88 12.47 -82.61
N TYR E 3006 -102.19 11.75 -83.50
CA TYR E 3006 -102.10 12.18 -84.89
C TYR E 3006 -103.47 12.15 -85.57
N PHE E 3007 -104.22 11.07 -85.39
CA PHE E 3007 -105.51 10.94 -86.05
C PHE E 3007 -106.53 11.91 -85.48
N LEU E 3008 -106.46 12.16 -84.16
CA LEU E 3008 -107.45 13.02 -83.51
C LEU E 3008 -107.28 14.49 -83.87
N SER E 3009 -106.09 14.89 -84.33
CA SER E 3009 -105.83 16.30 -84.61
C SER E 3009 -106.54 16.75 -85.89
N THR E 3010 -106.95 18.01 -85.89
CA THR E 3010 -107.60 18.66 -87.02
C THR E 3010 -106.67 19.68 -87.67
N PRO E 3011 -106.89 20.01 -88.94
CA PRO E 3011 -106.07 21.07 -89.56
C PRO E 3011 -106.15 22.40 -88.82
N ALA E 3012 -107.34 22.75 -88.31
CA ALA E 3012 -107.47 24.00 -87.57
C ALA E 3012 -106.80 23.93 -86.21
N LYS E 3013 -107.01 22.84 -85.49
CA LYS E 3013 -106.46 22.65 -84.14
C LYS E 3013 -105.41 21.55 -84.21
N VAL E 3014 -104.13 21.94 -84.15
CA VAL E 3014 -103.03 20.99 -84.19
C VAL E 3014 -102.92 20.37 -82.80
N LEU E 3015 -103.53 19.21 -82.62
CA LEU E 3015 -103.56 18.52 -81.33
C LEU E 3015 -102.47 17.46 -81.34
N GLY E 3016 -101.38 17.74 -80.64
CA GLY E 3016 -100.23 16.84 -80.60
C GLY E 3016 -99.12 17.29 -81.53
N SER E 3017 -98.05 16.50 -81.51
CA SER E 3017 -96.89 16.80 -82.36
C SER E 3017 -97.26 16.73 -83.84
N GLY E 3018 -98.02 15.72 -84.24
CA GLY E 3018 -98.48 15.64 -85.61
C GLY E 3018 -99.48 16.72 -85.94
N GLY E 3019 -99.43 17.20 -87.19
CA GLY E 3019 -100.31 18.26 -87.60
C GLY E 3019 -101.77 17.87 -87.63
N HIS E 3020 -102.13 17.00 -88.57
CA HIS E 3020 -103.51 16.51 -88.67
C HIS E 3020 -103.52 15.26 -89.53
N ALA E 3021 -104.68 14.61 -89.57
CA ALA E 3021 -104.95 13.51 -90.48
C ALA E 3021 -105.99 13.93 -91.49
N SER E 3022 -105.88 13.40 -92.70
CA SER E 3022 -106.82 13.74 -93.76
C SER E 3022 -108.23 13.27 -93.40
N ASN E 3023 -109.23 13.96 -93.94
CA ASN E 3023 -110.62 13.60 -93.67
C ASN E 3023 -110.94 12.20 -94.19
N LYS E 3024 -110.32 11.79 -95.30
CA LYS E 3024 -110.53 10.45 -95.80
C LYS E 3024 -109.95 9.40 -94.85
N GLU E 3025 -108.80 9.70 -94.23
CA GLU E 3025 -108.30 8.82 -93.17
C GLU E 3025 -109.24 8.82 -91.98
N LYS E 3026 -109.77 9.99 -91.61
CA LYS E 3026 -110.68 10.12 -90.48
C LYS E 3026 -112.01 9.41 -90.74
N GLU E 3027 -112.34 9.14 -92.00
CA GLU E 3027 -113.54 8.37 -92.27
C GLU E 3027 -113.27 6.88 -92.42
N MET E 3028 -112.09 6.48 -92.94
CA MET E 3028 -111.81 5.05 -92.95
C MET E 3028 -111.59 4.50 -91.55
N ILE E 3029 -111.04 5.32 -90.64
CA ILE E 3029 -110.91 4.87 -89.25
C ILE E 3029 -112.30 4.61 -88.65
N THR E 3030 -113.26 5.50 -88.91
CA THR E 3030 -114.61 5.30 -88.41
C THR E 3030 -115.28 4.10 -89.06
N SER E 3031 -115.02 3.89 -90.36
CA SER E 3031 -115.55 2.70 -91.03
C SER E 3031 -115.02 1.44 -90.38
N LEU E 3032 -113.72 1.40 -90.09
CA LEU E 3032 -113.14 0.23 -89.41
C LEU E 3032 -113.77 0.04 -88.03
N PHE E 3033 -113.94 1.13 -87.28
CA PHE E 3033 -114.55 1.04 -85.96
C PHE E 3033 -115.93 0.41 -86.06
N CYS E 3034 -116.79 0.96 -86.93
CA CYS E 3034 -118.14 0.44 -87.07
C CYS E 3034 -118.16 -0.98 -87.58
N LYS E 3035 -117.19 -1.36 -88.41
CA LYS E 3035 -117.18 -2.73 -88.94
C LYS E 3035 -116.81 -3.74 -87.86
N LEU E 3036 -115.77 -3.45 -87.06
CA LEU E 3036 -115.49 -4.34 -85.94
C LEU E 3036 -116.64 -4.35 -84.94
N ALA E 3037 -117.36 -3.22 -84.81
CA ALA E 3037 -118.57 -3.22 -83.99
C ALA E 3037 -119.60 -4.19 -84.55
N ALA E 3038 -119.77 -4.21 -85.87
CA ALA E 3038 -120.70 -5.15 -86.50
C ALA E 3038 -120.28 -6.59 -86.25
N LEU E 3039 -118.98 -6.87 -86.32
CA LEU E 3039 -118.51 -8.23 -86.03
C LEU E 3039 -118.81 -8.63 -84.59
N VAL E 3040 -118.42 -7.77 -83.63
CA VAL E 3040 -118.63 -8.12 -82.22
C VAL E 3040 -120.12 -8.13 -81.87
N ARG E 3041 -120.96 -7.50 -82.69
CA ARG E 3041 -122.39 -7.46 -82.44
C ARG E 3041 -122.98 -8.86 -82.27
N HIS E 3042 -122.56 -9.80 -83.12
CA HIS E 3042 -123.02 -11.19 -83.01
C HIS E 3042 -121.94 -12.15 -82.56
N ARG E 3043 -120.71 -12.00 -83.06
CA ARG E 3043 -119.68 -13.03 -82.88
C ARG E 3043 -118.88 -12.83 -81.59
N VAL E 3044 -119.47 -12.17 -80.59
CA VAL E 3044 -118.81 -12.04 -79.29
C VAL E 3044 -118.62 -13.39 -78.64
N SER E 3045 -119.62 -14.28 -78.77
CA SER E 3045 -119.51 -15.61 -78.17
C SER E 3045 -118.35 -16.39 -78.75
N LEU E 3046 -118.14 -16.30 -80.07
CA LEU E 3046 -116.99 -16.91 -80.69
C LEU E 3046 -115.72 -16.18 -80.28
N PHE E 3047 -114.59 -16.88 -80.38
CA PHE E 3047 -113.27 -16.41 -79.92
C PHE E 3047 -113.38 -15.68 -78.57
N GLY E 3048 -113.95 -16.37 -77.60
CA GLY E 3048 -114.07 -15.81 -76.26
C GLY E 3048 -112.73 -15.54 -75.61
N THR E 3049 -111.72 -16.36 -75.94
CA THR E 3049 -110.38 -16.13 -75.40
C THR E 3049 -109.82 -14.79 -75.88
N ASP E 3050 -110.04 -14.46 -77.15
CA ASP E 3050 -109.58 -13.20 -77.72
C ASP E 3050 -110.57 -12.07 -77.53
N ALA E 3051 -111.73 -12.35 -76.92
CA ALA E 3051 -112.71 -11.30 -76.68
C ALA E 3051 -112.18 -10.14 -75.85
N PRO E 3052 -111.38 -10.34 -74.79
CA PRO E 3052 -110.78 -9.18 -74.12
C PRO E 3052 -109.95 -8.31 -75.05
N ALA E 3053 -109.20 -8.93 -75.96
CA ALA E 3053 -108.45 -8.15 -76.94
C ALA E 3053 -109.39 -7.37 -77.85
N VAL E 3054 -110.52 -7.99 -78.24
CA VAL E 3054 -111.48 -7.32 -79.10
C VAL E 3054 -112.06 -6.10 -78.41
N VAL E 3055 -112.45 -6.24 -77.14
CA VAL E 3055 -113.05 -5.12 -76.44
C VAL E 3055 -112.02 -4.04 -76.15
N ASN E 3056 -110.76 -4.41 -75.89
CA ASN E 3056 -109.72 -3.40 -75.72
C ASN E 3056 -109.48 -2.64 -77.00
N CYS E 3057 -109.45 -3.34 -78.14
CA CYS E 3057 -109.29 -2.66 -79.42
C CYS E 3057 -110.49 -1.75 -79.71
N LEU E 3058 -111.69 -2.19 -79.33
CA LEU E 3058 -112.87 -1.33 -79.49
C LEU E 3058 -112.74 -0.06 -78.64
N HIS E 3059 -112.26 -0.21 -77.40
CA HIS E 3059 -112.04 0.96 -76.55
C HIS E 3059 -111.02 1.91 -77.18
N ILE E 3060 -109.93 1.37 -77.72
CA ILE E 3060 -108.91 2.22 -78.32
C ILE E 3060 -109.45 2.93 -79.56
N LEU E 3061 -110.18 2.21 -80.43
CA LEU E 3061 -110.69 2.82 -81.64
C LEU E 3061 -111.85 3.77 -81.38
N ALA E 3062 -112.51 3.66 -80.23
CA ALA E 3062 -113.51 4.65 -79.86
C ALA E 3062 -112.87 6.02 -79.66
N ARG E 3063 -111.58 6.05 -79.33
CA ARG E 3063 -110.83 7.29 -79.19
C ARG E 3063 -110.14 7.62 -80.51
N SER E 3064 -109.50 8.79 -80.55
CA SER E 3064 -108.76 9.27 -81.73
C SER E 3064 -109.67 9.31 -82.96
N LEU E 3065 -110.92 9.72 -82.76
CA LEU E 3065 -111.91 9.77 -83.83
C LEU E 3065 -112.62 11.10 -83.78
N ASP E 3066 -112.61 11.82 -84.91
CA ASP E 3066 -113.29 13.11 -85.03
C ASP E 3066 -114.67 12.87 -85.63
N ALA E 3067 -115.58 12.44 -84.76
CA ALA E 3067 -116.95 12.16 -85.20
C ALA E 3067 -117.61 13.39 -85.79
N ARG E 3068 -117.18 14.58 -85.38
CA ARG E 3068 -117.73 15.81 -85.96
C ARG E 3068 -117.53 15.83 -87.47
N THR E 3069 -116.29 15.64 -87.92
CA THR E 3069 -116.03 15.61 -89.36
C THR E 3069 -116.48 14.30 -90.00
N VAL E 3070 -116.73 13.25 -89.20
CA VAL E 3070 -117.38 12.07 -89.75
C VAL E 3070 -118.80 12.40 -90.20
N MET E 3071 -119.57 13.09 -89.35
CA MET E 3071 -120.95 13.40 -89.74
C MET E 3071 -121.00 14.53 -90.77
N LYS E 3072 -120.23 15.60 -90.59
CA LYS E 3072 -120.35 16.74 -91.50
C LYS E 3072 -119.67 16.40 -92.83
N SER E 3073 -120.47 16.33 -93.90
CA SER E 3073 -119.99 16.05 -95.25
C SER E 3073 -119.18 14.76 -95.31
N GLY E 3074 -119.51 13.80 -94.45
CA GLY E 3074 -118.82 12.53 -94.42
C GLY E 3074 -119.39 11.56 -95.41
N PRO E 3075 -118.68 10.44 -95.60
CA PRO E 3075 -119.17 9.40 -96.50
C PRO E 3075 -120.52 8.84 -96.03
N GLU E 3076 -121.45 8.72 -96.97
CA GLU E 3076 -122.79 8.29 -96.63
C GLU E 3076 -122.79 6.86 -96.11
N ILE E 3077 -121.97 5.98 -96.70
CA ILE E 3077 -121.93 4.60 -96.26
C ILE E 3077 -121.47 4.51 -94.80
N VAL E 3078 -120.39 5.22 -94.47
CA VAL E 3078 -119.87 5.20 -93.11
C VAL E 3078 -120.87 5.79 -92.13
N LYS E 3079 -121.48 6.93 -92.51
CA LYS E 3079 -122.46 7.56 -91.63
C LYS E 3079 -123.65 6.65 -91.37
N ALA E 3080 -124.16 6.01 -92.43
CA ALA E 3080 -125.30 5.10 -92.28
C ALA E 3080 -124.92 3.90 -91.43
N GLY E 3081 -123.72 3.34 -91.63
CA GLY E 3081 -123.29 2.23 -90.81
C GLY E 3081 -123.19 2.59 -89.34
N LEU E 3082 -122.65 3.77 -89.04
CA LEU E 3082 -122.48 4.15 -87.64
C LEU E 3082 -123.83 4.48 -87.00
N ARG E 3083 -124.72 5.11 -87.77
CA ARG E 3083 -126.08 5.35 -87.27
C ARG E 3083 -126.79 4.04 -86.99
N SER E 3084 -126.67 3.07 -87.90
CA SER E 3084 -127.21 1.74 -87.64
C SER E 3084 -126.54 1.10 -86.43
N PHE E 3085 -125.29 1.47 -86.15
CA PHE E 3085 -124.63 0.98 -84.94
C PHE E 3085 -125.35 1.47 -83.68
N PHE E 3086 -125.65 2.78 -83.61
CA PHE E 3086 -126.43 3.21 -82.45
C PHE E 3086 -127.82 2.58 -82.43
N GLU E 3087 -128.46 2.43 -83.59
CA GLU E 3087 -129.80 1.85 -83.60
C GLU E 3087 -129.78 0.41 -83.08
N SER E 3088 -128.82 -0.38 -83.53
CA SER E 3088 -128.68 -1.76 -83.05
C SER E 3088 -128.35 -1.78 -81.57
N ALA E 3089 -127.48 -0.87 -81.11
CA ALA E 3089 -127.16 -0.83 -79.69
C ALA E 3089 -128.40 -0.52 -78.85
N SER E 3090 -129.21 0.43 -79.30
CA SER E 3090 -130.43 0.77 -78.56
C SER E 3090 -131.43 -0.37 -78.56
N GLU E 3091 -131.60 -1.05 -79.70
CA GLU E 3091 -132.52 -2.18 -79.72
C GLU E 3091 -131.99 -3.33 -78.85
N ASP E 3092 -130.67 -3.48 -78.77
CA ASP E 3092 -130.09 -4.48 -77.88
C ASP E 3092 -130.35 -4.13 -76.42
N ILE E 3093 -130.18 -2.86 -76.06
CA ILE E 3093 -130.48 -2.43 -74.69
C ILE E 3093 -131.94 -2.69 -74.36
N GLU E 3094 -132.83 -2.47 -75.35
CA GLU E 3094 -134.23 -2.80 -75.17
C GLU E 3094 -134.42 -4.30 -74.94
N LYS E 3095 -133.67 -5.12 -75.68
CA LYS E 3095 -133.76 -6.57 -75.49
C LYS E 3095 -133.35 -6.97 -74.08
N MET E 3096 -132.25 -6.39 -73.56
CA MET E 3096 -131.85 -6.69 -72.19
C MET E 3096 -132.87 -6.21 -71.15
N VAL E 3097 -133.44 -5.02 -71.35
CA VAL E 3097 -134.40 -4.55 -70.35
C VAL E 3097 -135.65 -5.42 -70.37
N GLU E 3098 -136.08 -5.87 -71.56
CA GLU E 3098 -137.23 -6.77 -71.65
C GLU E 3098 -136.91 -8.14 -71.06
N ASN E 3099 -135.69 -8.63 -71.27
CA ASN E 3099 -135.29 -9.91 -70.67
C ASN E 3099 -135.25 -9.83 -69.16
N LEU E 3100 -134.72 -8.73 -68.62
CA LEU E 3100 -134.70 -8.55 -67.17
C LEU E 3100 -136.11 -8.44 -66.61
N ARG E 3101 -136.98 -7.68 -67.28
CA ARG E 3101 -138.40 -7.51 -66.93
C ARG E 3101 -138.68 -7.52 -65.42
N GLN E 3117 -124.65 -14.17 -78.09
CA GLN E 3117 -125.92 -14.00 -77.38
C GLN E 3117 -126.01 -12.60 -76.80
N ASN E 3118 -127.24 -12.08 -76.68
CA ASN E 3118 -127.43 -10.69 -76.30
C ASN E 3118 -126.95 -10.42 -74.88
N LEU E 3119 -127.23 -11.32 -73.94
CA LEU E 3119 -126.87 -11.08 -72.54
C LEU E 3119 -125.37 -10.92 -72.37
N THR E 3120 -124.60 -11.90 -72.87
CA THR E 3120 -123.15 -11.82 -72.75
C THR E 3120 -122.60 -10.68 -73.61
N TYR E 3121 -123.15 -10.49 -74.81
CA TYR E 3121 -122.67 -9.43 -75.68
C TYR E 3121 -122.78 -8.07 -74.99
N THR E 3122 -123.97 -7.73 -74.49
CA THR E 3122 -124.18 -6.45 -73.83
C THR E 3122 -123.19 -6.28 -72.69
N THR E 3123 -123.27 -7.14 -71.68
CA THR E 3123 -122.49 -6.96 -70.47
C THR E 3123 -120.99 -6.94 -70.74
N VAL E 3124 -120.51 -7.86 -71.57
CA VAL E 3124 -119.07 -7.97 -71.77
C VAL E 3124 -118.53 -6.82 -72.62
N ALA E 3125 -119.19 -6.51 -73.75
CA ALA E 3125 -118.62 -5.59 -74.72
C ALA E 3125 -119.38 -4.29 -74.83
N LEU E 3126 -120.72 -4.33 -74.98
CA LEU E 3126 -121.44 -3.14 -75.42
C LEU E 3126 -121.42 -2.05 -74.36
N LEU E 3127 -121.75 -2.41 -73.12
CA LEU E 3127 -121.82 -1.39 -72.07
C LEU E 3127 -120.48 -0.71 -71.82
N PRO E 3128 -119.36 -1.43 -71.63
CA PRO E 3128 -118.08 -0.71 -71.43
C PRO E 3128 -117.65 0.10 -72.65
N VAL E 3129 -117.64 -0.52 -73.84
CA VAL E 3129 -117.12 0.16 -75.02
C VAL E 3129 -117.99 1.37 -75.36
N LEU E 3130 -119.30 1.20 -75.37
CA LEU E 3130 -120.16 2.29 -75.80
C LEU E 3130 -120.29 3.35 -74.70
N THR E 3131 -120.13 2.93 -73.44
CA THR E 3131 -119.99 3.90 -72.35
C THR E 3131 -118.77 4.78 -72.55
N THR E 3132 -117.64 4.16 -72.91
CA THR E 3132 -116.46 4.93 -73.30
C THR E 3132 -116.76 5.80 -74.52
N LEU E 3133 -117.65 5.33 -75.40
CA LEU E 3133 -118.06 6.15 -76.54
C LEU E 3133 -118.72 7.46 -76.09
N PHE E 3134 -119.72 7.37 -75.21
CA PHE E 3134 -120.29 8.63 -74.71
C PHE E 3134 -119.28 9.45 -73.94
N GLN E 3135 -118.36 8.80 -73.21
CA GLN E 3135 -117.33 9.55 -72.49
C GLN E 3135 -116.49 10.37 -73.46
N HIS E 3136 -116.06 9.75 -74.56
CA HIS E 3136 -115.28 10.45 -75.57
C HIS E 3136 -116.10 11.56 -76.22
N ILE E 3137 -117.39 11.29 -76.48
CA ILE E 3137 -118.27 12.29 -77.08
C ILE E 3137 -118.37 13.51 -76.17
N ALA E 3138 -118.58 13.29 -74.87
CA ALA E 3138 -118.66 14.39 -73.93
C ALA E 3138 -117.33 15.13 -73.82
N GLN E 3139 -116.21 14.40 -73.83
CA GLN E 3139 -114.91 15.04 -73.72
C GLN E 3139 -114.62 15.93 -74.92
N HIS E 3140 -114.98 15.49 -76.12
CA HIS E 3140 -114.68 16.22 -77.35
C HIS E 3140 -115.86 17.03 -77.86
N GLN E 3141 -116.92 17.17 -77.05
CA GLN E 3141 -118.10 17.97 -77.42
C GLN E 3141 -118.73 17.48 -78.72
N PHE E 3142 -118.81 16.16 -78.88
CA PHE E 3142 -119.43 15.56 -80.05
C PHE E 3142 -120.93 15.39 -79.91
N GLY E 3143 -121.52 15.79 -78.78
CA GLY E 3143 -122.92 15.50 -78.52
C GLY E 3143 -123.85 16.08 -79.56
N ASP E 3144 -123.65 17.35 -79.91
CA ASP E 3144 -124.51 18.00 -80.90
C ASP E 3144 -124.34 17.36 -82.27
N ASP E 3145 -123.12 16.97 -82.62
CA ASP E 3145 -122.86 16.45 -83.95
C ASP E 3145 -123.22 14.96 -84.07
N VAL E 3146 -122.89 14.17 -83.06
CA VAL E 3146 -123.18 12.73 -83.12
C VAL E 3146 -124.65 12.46 -82.82
N ILE E 3147 -125.09 12.90 -81.66
CA ILE E 3147 -126.44 12.63 -81.16
C ILE E 3147 -127.41 13.58 -81.86
N LEU E 3148 -128.05 13.08 -82.91
CA LEU E 3148 -129.07 13.84 -83.62
C LEU E 3148 -129.88 12.89 -84.51
N ASP E 3149 -131.11 13.31 -84.81
CA ASP E 3149 -132.00 12.61 -85.75
C ASP E 3149 -132.19 11.17 -85.27
N ASP E 3150 -131.87 10.15 -86.08
CA ASP E 3150 -132.08 8.78 -85.65
C ASP E 3150 -131.18 8.42 -84.47
N VAL E 3151 -129.98 9.00 -84.41
CA VAL E 3151 -129.12 8.81 -83.25
C VAL E 3151 -129.80 9.36 -82.00
N GLN E 3152 -130.40 10.55 -82.12
CA GLN E 3152 -131.15 11.13 -81.02
C GLN E 3152 -132.26 10.20 -80.56
N VAL E 3153 -133.02 9.65 -81.51
CA VAL E 3153 -134.12 8.75 -81.17
C VAL E 3153 -133.59 7.51 -80.47
N SER E 3154 -132.49 6.95 -80.96
CA SER E 3154 -131.96 5.73 -80.38
C SER E 3154 -131.48 5.94 -78.95
N CYS E 3155 -130.74 7.02 -78.70
CA CYS E 3155 -130.25 7.23 -77.33
C CYS E 3155 -131.40 7.58 -76.40
N TYR E 3156 -132.42 8.29 -76.90
CA TYR E 3156 -133.58 8.55 -76.06
C TYR E 3156 -134.29 7.25 -75.70
N ARG E 3157 -134.44 6.34 -76.66
CA ARG E 3157 -135.01 5.03 -76.37
C ARG E 3157 -134.16 4.28 -75.35
N THR E 3158 -132.84 4.37 -75.48
CA THR E 3158 -131.95 3.76 -74.51
C THR E 3158 -132.18 4.34 -73.12
N LEU E 3159 -132.38 5.65 -73.04
CA LEU E 3159 -132.63 6.29 -71.75
C LEU E 3159 -133.93 5.78 -71.13
N CYS E 3160 -135.00 5.71 -71.92
CA CYS E 3160 -136.26 5.18 -71.38
C CYS E 3160 -136.11 3.73 -70.94
N SER E 3161 -135.41 2.91 -71.73
CA SER E 3161 -135.22 1.51 -71.38
C SER E 3161 -134.40 1.37 -70.10
N ILE E 3162 -133.36 2.17 -69.96
CA ILE E 3162 -132.48 2.05 -68.79
C ILE E 3162 -133.16 2.61 -67.54
N TYR E 3163 -134.11 3.53 -67.70
CA TYR E 3163 -134.86 4.01 -66.54
C TYR E 3163 -136.06 3.14 -66.21
N SER E 3164 -136.56 2.36 -67.16
CA SER E 3164 -137.70 1.48 -66.90
C SER E 3164 -137.36 0.34 -65.96
N LEU E 3165 -136.08 0.12 -65.67
CA LEU E 3165 -135.66 -0.98 -64.79
C LEU E 3165 -135.78 -0.63 -63.31
N GLY E 3166 -136.35 0.52 -62.97
CA GLY E 3166 -136.53 0.88 -61.58
C GLY E 3166 -137.49 -0.06 -60.86
N THR E 3167 -138.55 -0.48 -61.54
CA THR E 3167 -139.51 -1.41 -60.94
C THR E 3167 -138.85 -2.76 -60.66
N THR E 3168 -138.01 -3.23 -61.58
CA THR E 3168 -137.32 -4.50 -61.39
C THR E 3168 -136.38 -4.43 -60.19
N LYS E 3169 -136.41 -5.48 -59.37
CA LYS E 3169 -135.59 -5.53 -58.17
C LYS E 3169 -134.97 -6.90 -57.97
N ASN E 3170 -134.72 -7.63 -59.06
CA ASN E 3170 -134.10 -8.95 -58.97
C ASN E 3170 -132.59 -8.83 -58.83
N THR E 3171 -131.94 -9.96 -58.57
CA THR E 3171 -130.50 -9.97 -58.33
C THR E 3171 -129.74 -9.45 -59.54
N TYR E 3172 -130.19 -9.80 -60.75
CA TYR E 3172 -129.50 -9.35 -61.96
C TYR E 3172 -129.52 -7.84 -62.09
N VAL E 3173 -130.70 -7.22 -61.90
CA VAL E 3173 -130.77 -5.77 -62.04
C VAL E 3173 -130.02 -5.09 -60.90
N GLU E 3174 -130.06 -5.67 -59.69
CA GLU E 3174 -129.30 -5.09 -58.59
C GLU E 3174 -127.80 -5.11 -58.85
N LYS E 3175 -127.29 -6.22 -59.40
CA LYS E 3175 -125.84 -6.31 -59.63
C LYS E 3175 -125.41 -5.48 -60.82
N LEU E 3176 -126.26 -5.35 -61.85
CA LEU E 3176 -125.91 -4.59 -63.04
C LEU E 3176 -126.24 -3.11 -62.91
N ARG E 3177 -126.94 -2.72 -61.86
CA ARG E 3177 -127.36 -1.32 -61.72
C ARG E 3177 -126.20 -0.32 -61.69
N PRO E 3178 -125.07 -0.58 -61.03
CA PRO E 3178 -123.94 0.38 -61.14
C PRO E 3178 -123.45 0.58 -62.57
N ALA E 3179 -123.40 -0.48 -63.36
CA ALA E 3179 -122.96 -0.35 -64.76
C ALA E 3179 -123.92 0.52 -65.54
N LEU E 3180 -125.22 0.28 -65.39
CA LEU E 3180 -126.21 1.14 -66.02
C LEU E 3180 -126.10 2.58 -65.51
N GLY E 3181 -125.77 2.75 -64.23
CA GLY E 3181 -125.59 4.10 -63.71
C GLY E 3181 -124.46 4.83 -64.39
N GLU E 3182 -123.32 4.16 -64.57
CA GLU E 3182 -122.24 4.77 -65.33
C GLU E 3182 -122.67 5.07 -66.76
N CYS E 3183 -123.39 4.14 -67.39
CA CYS E 3183 -123.81 4.34 -68.77
C CYS E 3183 -124.75 5.54 -68.91
N LEU E 3184 -125.72 5.67 -68.02
CA LEU E 3184 -126.66 6.78 -68.13
C LEU E 3184 -126.07 8.10 -67.65
N ALA E 3185 -125.08 8.06 -66.76
CA ALA E 3185 -124.31 9.26 -66.48
C ALA E 3185 -123.60 9.75 -67.73
N ARG E 3186 -123.03 8.81 -68.49
CA ARG E 3186 -122.41 9.19 -69.76
C ARG E 3186 -123.45 9.68 -70.78
N LEU E 3187 -124.63 9.06 -70.78
CA LEU E 3187 -125.72 9.57 -71.63
C LEU E 3187 -126.03 11.03 -71.30
N ALA E 3188 -126.18 11.34 -70.01
CA ALA E 3188 -126.50 12.70 -69.62
C ALA E 3188 -125.35 13.66 -69.97
N ALA E 3189 -124.11 13.19 -69.82
CA ALA E 3189 -122.96 14.03 -70.15
C ALA E 3189 -122.90 14.35 -71.64
N ALA E 3190 -123.10 13.36 -72.48
CA ALA E 3190 -122.95 13.54 -73.93
C ALA E 3190 -124.25 13.92 -74.63
N MET E 3191 -125.35 14.04 -73.90
CA MET E 3191 -126.66 14.18 -74.51
C MET E 3191 -126.93 15.65 -74.77
N PRO E 3192 -127.15 16.08 -76.01
CA PRO E 3192 -127.17 17.51 -76.34
C PRO E 3192 -128.52 18.20 -76.27
N VAL E 3193 -129.56 17.59 -75.72
CA VAL E 3193 -130.83 18.27 -75.53
C VAL E 3193 -131.27 18.06 -74.09
N ALA E 3194 -132.09 19.00 -73.60
CA ALA E 3194 -132.65 18.91 -72.25
C ALA E 3194 -133.83 17.94 -72.30
N PHE E 3195 -133.54 16.67 -72.04
CA PHE E 3195 -134.60 15.66 -71.99
C PHE E 3195 -135.62 16.02 -70.91
N LEU E 3196 -135.13 16.56 -69.80
CA LEU E 3196 -135.97 17.03 -68.71
C LEU E 3196 -136.21 18.53 -68.83
N GLU E 3197 -137.20 19.01 -68.09
CA GLU E 3197 -137.73 20.36 -68.27
C GLU E 3197 -138.01 20.58 -69.76
N PRO E 3198 -138.93 19.83 -70.35
CA PRO E 3198 -139.10 19.84 -71.81
C PRO E 3198 -140.04 20.91 -72.35
N GLN E 3199 -140.58 21.78 -71.50
CA GLN E 3199 -141.46 22.83 -72.00
C GLN E 3199 -140.71 23.81 -72.89
N LEU E 3200 -139.40 23.98 -72.68
CA LEU E 3200 -138.57 24.88 -73.47
C LEU E 3200 -137.67 24.14 -74.45
N ASN E 3201 -137.99 22.89 -74.76
CA ASN E 3201 -137.19 22.13 -75.71
C ASN E 3201 -137.28 22.68 -77.13
N GLU E 3202 -138.31 23.47 -77.42
CA GLU E 3202 -138.45 24.07 -78.75
C GLU E 3202 -137.31 25.05 -79.02
N TYR E 3203 -136.90 25.81 -78.00
CA TYR E 3203 -135.85 26.81 -78.20
C TYR E 3203 -134.52 26.18 -78.58
N ASN E 3204 -134.22 25.00 -78.06
CA ASN E 3204 -132.96 24.35 -78.38
C ASN E 3204 -132.94 23.90 -79.84
N ALA E 3205 -131.88 24.26 -80.56
CA ALA E 3205 -131.78 23.91 -81.97
C ALA E 3205 -131.51 22.42 -82.18
N CYS E 3206 -130.77 21.80 -81.26
CA CYS E 3206 -130.39 20.39 -81.42
C CYS E 3206 -131.56 19.44 -81.18
N SER E 3207 -132.68 19.92 -80.66
CA SER E 3207 -133.82 19.05 -80.42
C SER E 3207 -134.42 18.56 -81.74
N VAL E 3208 -134.95 17.33 -81.70
CA VAL E 3208 -135.55 16.74 -82.90
C VAL E 3208 -136.75 17.56 -83.36
N TYR E 3209 -137.53 18.09 -82.40
CA TYR E 3209 -138.67 18.92 -82.78
C TYR E 3209 -138.23 20.18 -83.52
N THR E 3210 -137.13 20.78 -83.11
CA THR E 3210 -136.64 21.97 -83.81
C THR E 3210 -136.06 21.60 -85.17
N THR E 3211 -135.26 20.53 -85.23
CA THR E 3211 -134.63 20.14 -86.50
C THR E 3211 -135.67 19.74 -87.54
N LYS E 3212 -136.70 19.01 -87.13
CA LYS E 3212 -137.68 18.46 -88.05
C LYS E 3212 -138.92 19.35 -88.14
N SER E 3213 -139.50 19.41 -89.34
CA SER E 3213 -140.82 19.99 -89.51
C SER E 3213 -141.85 19.07 -88.85
N PRO E 3214 -143.07 19.56 -88.60
CA PRO E 3214 -144.08 18.67 -87.98
C PRO E 3214 -144.31 17.38 -88.74
N ARG E 3215 -144.35 17.44 -90.08
CA ARG E 3215 -144.52 16.22 -90.87
C ARG E 3215 -143.32 15.30 -90.70
N GLU E 3216 -142.12 15.86 -90.67
CA GLU E 3216 -140.93 15.03 -90.51
C GLU E 3216 -140.87 14.42 -89.11
N ARG E 3217 -141.37 15.13 -88.10
CA ARG E 3217 -141.53 14.55 -86.77
C ARG E 3217 -142.50 13.38 -86.81
N ALA E 3218 -143.61 13.54 -87.54
CA ALA E 3218 -144.58 12.46 -87.66
C ALA E 3218 -143.95 11.23 -88.31
N ILE E 3219 -143.17 11.42 -89.38
CA ILE E 3219 -142.52 10.28 -90.02
C ILE E 3219 -141.38 9.73 -89.17
N LEU E 3220 -140.79 10.53 -88.29
CA LEU E 3220 -139.77 10.04 -87.37
C LEU E 3220 -140.36 9.35 -86.16
N GLY E 3221 -141.67 9.50 -85.91
CA GLY E 3221 -142.32 8.89 -84.78
C GLY E 3221 -142.58 9.82 -83.61
N LEU E 3222 -142.25 11.09 -83.73
CA LEU E 3222 -142.51 12.04 -82.65
C LEU E 3222 -144.01 12.30 -82.56
N PRO E 3223 -144.63 12.13 -81.39
CA PRO E 3223 -146.07 12.32 -81.28
C PRO E 3223 -146.47 13.78 -81.11
N ASN E 3224 -145.56 14.70 -81.44
CA ASN E 3224 -145.75 16.14 -81.26
C ASN E 3224 -145.95 16.48 -79.78
N SER E 3225 -145.39 15.64 -78.91
CA SER E 3225 -145.43 15.88 -77.46
C SER E 3225 -144.15 15.30 -76.88
N VAL E 3226 -143.23 16.19 -76.47
CA VAL E 3226 -141.91 15.75 -76.01
C VAL E 3226 -142.02 14.90 -74.75
N GLU E 3227 -143.04 15.15 -73.92
CA GLU E 3227 -143.16 14.42 -72.66
C GLU E 3227 -143.66 12.99 -72.83
N GLU E 3228 -144.24 12.64 -73.99
CA GLU E 3228 -144.96 11.39 -74.11
C GLU E 3228 -144.04 10.18 -74.35
N MET E 3229 -142.91 10.37 -75.02
CA MET E 3229 -142.04 9.22 -75.29
C MET E 3229 -141.48 8.64 -74.00
N CYS E 3230 -141.08 9.49 -73.05
CA CYS E 3230 -140.51 9.04 -71.78
C CYS E 3230 -141.23 9.76 -70.63
N PRO E 3231 -142.43 9.30 -70.27
CA PRO E 3231 -143.05 9.78 -69.04
C PRO E 3231 -142.51 9.11 -67.79
N ASP E 3232 -141.69 8.08 -67.94
CA ASP E 3232 -141.12 7.39 -66.77
C ASP E 3232 -140.22 8.32 -65.97
N ILE E 3233 -139.37 9.09 -66.65
CA ILE E 3233 -138.50 10.05 -65.97
C ILE E 3233 -139.29 11.33 -65.73
N PRO E 3234 -139.53 11.72 -64.48
CA PRO E 3234 -140.23 12.98 -64.23
C PRO E 3234 -139.33 14.19 -64.49
N VAL E 3235 -139.82 15.40 -64.25
CA VAL E 3235 -139.05 16.60 -64.54
C VAL E 3235 -137.83 16.97 -63.69
N LEU E 3236 -137.06 17.96 -64.14
CA LEU E 3236 -135.92 18.41 -63.35
C LEU E 3236 -136.40 18.61 -61.92
N ASP E 3237 -137.19 19.64 -61.68
CA ASP E 3237 -137.80 19.82 -60.37
C ASP E 3237 -138.31 18.65 -59.54
N ARG E 3238 -139.00 17.70 -60.18
CA ARG E 3238 -139.46 16.51 -59.48
C ARG E 3238 -138.29 15.69 -58.96
N LEU E 3239 -137.21 15.58 -59.73
CA LEU E 3239 -136.03 14.85 -59.25
C LEU E 3239 -135.44 15.51 -58.01
N MET E 3240 -135.30 16.83 -58.04
CA MET E 3240 -134.83 17.54 -56.84
C MET E 3240 -135.75 17.30 -55.65
N ALA E 3241 -137.06 17.37 -55.88
CA ALA E 3241 -138.00 17.15 -54.79
C ALA E 3241 -137.87 15.74 -54.22
N ASP E 3242 -137.79 14.73 -55.09
CA ASP E 3242 -137.68 13.35 -54.63
C ASP E 3242 -136.39 13.12 -53.86
N ILE E 3243 -135.27 13.62 -54.37
CA ILE E 3243 -134.00 13.37 -53.71
C ILE E 3243 -133.94 14.11 -52.38
N GLY E 3244 -134.52 15.32 -52.31
CA GLY E 3244 -134.57 16.03 -51.05
C GLY E 3244 -135.46 15.34 -50.03
N GLY E 3245 -136.61 14.84 -50.47
CA GLY E 3245 -137.48 14.10 -49.57
C GLY E 3245 -136.84 12.83 -49.04
N LEU E 3246 -136.18 12.07 -49.92
CA LEU E 3246 -135.48 10.87 -49.47
C LEU E 3246 -134.36 11.21 -48.50
N ALA E 3247 -133.62 12.29 -48.75
CA ALA E 3247 -132.58 12.72 -47.82
C ALA E 3247 -133.17 13.10 -46.47
N GLU E 3248 -134.29 13.84 -46.47
CA GLU E 3248 -134.91 14.25 -45.22
C GLU E 3248 -135.41 13.05 -44.43
N SER E 3249 -136.04 12.09 -45.12
CA SER E 3249 -136.50 10.87 -44.46
C SER E 3249 -135.37 9.91 -44.14
N GLY E 3250 -134.17 10.16 -44.63
CA GLY E 3250 -133.04 9.29 -44.37
C GLY E 3250 -133.17 7.91 -44.99
N ALA E 3251 -133.67 7.83 -46.22
CA ALA E 3251 -133.80 6.54 -46.89
C ALA E 3251 -132.42 5.93 -47.11
N ARG E 3252 -132.29 4.65 -46.77
CA ARG E 3252 -130.99 3.99 -46.86
C ARG E 3252 -130.77 3.46 -48.28
N TYR E 3253 -129.52 3.02 -48.51
CA TYR E 3253 -129.15 2.46 -49.80
C TYR E 3253 -129.97 1.21 -50.10
N THR E 3254 -130.16 0.34 -49.10
CA THR E 3254 -130.98 -0.85 -49.28
C THR E 3254 -132.46 -0.47 -49.39
N GLU E 3255 -132.90 0.52 -48.63
CA GLU E 3255 -134.30 0.92 -48.68
C GLU E 3255 -134.70 1.42 -50.07
N MET E 3256 -133.83 2.20 -50.71
CA MET E 3256 -134.09 2.64 -52.08
C MET E 3256 -132.75 2.66 -52.81
N PRO E 3257 -132.43 1.61 -53.55
CA PRO E 3257 -131.20 1.62 -54.35
C PRO E 3257 -131.35 2.37 -55.67
N HIS E 3258 -132.53 2.29 -56.27
CA HIS E 3258 -132.71 2.76 -57.64
C HIS E 3258 -132.44 4.25 -57.78
N VAL E 3259 -133.00 5.06 -56.86
CA VAL E 3259 -132.82 6.51 -56.95
C VAL E 3259 -131.35 6.88 -56.81
N ILE E 3260 -130.70 6.37 -55.76
CA ILE E 3260 -129.31 6.71 -55.52
C ILE E 3260 -128.42 6.25 -56.66
N GLU E 3261 -128.65 5.02 -57.16
CA GLU E 3261 -127.82 4.45 -58.20
C GLU E 3261 -128.09 5.03 -59.59
N ILE E 3262 -129.24 5.66 -59.81
CA ILE E 3262 -129.62 6.06 -61.16
C ILE E 3262 -129.87 7.55 -61.28
N THR E 3263 -130.79 8.08 -60.48
CA THR E 3263 -131.20 9.48 -60.66
C THR E 3263 -130.12 10.46 -60.22
N LEU E 3264 -129.32 10.09 -59.23
CA LEU E 3264 -128.21 10.95 -58.84
C LEU E 3264 -127.21 11.15 -59.97
N PRO E 3265 -126.81 10.13 -60.74
CA PRO E 3265 -126.05 10.41 -61.97
C PRO E 3265 -126.75 11.37 -62.92
N MET E 3266 -128.07 11.23 -63.09
CA MET E 3266 -128.81 12.20 -63.89
C MET E 3266 -128.56 13.61 -63.41
N LEU E 3267 -128.70 13.85 -62.10
CA LEU E 3267 -128.52 15.20 -61.59
C LEU E 3267 -127.09 15.69 -61.77
N CYS E 3268 -126.12 14.87 -61.34
CA CYS E 3268 -124.73 15.28 -61.32
C CYS E 3268 -124.12 15.42 -62.71
N SER E 3269 -124.76 14.85 -63.73
CA SER E 3269 -124.30 15.05 -65.11
C SER E 3269 -125.15 16.03 -65.88
N TYR E 3270 -126.42 16.17 -65.51
CA TYR E 3270 -127.32 17.14 -66.13
C TYR E 3270 -126.95 18.56 -65.76
N LEU E 3271 -126.75 18.81 -64.47
CA LEU E 3271 -126.58 20.19 -64.00
C LEU E 3271 -125.34 20.86 -64.57
N PRO E 3272 -124.15 20.25 -64.56
CA PRO E 3272 -122.96 20.97 -65.07
C PRO E 3272 -123.05 21.31 -66.56
N ARG E 3273 -123.40 20.33 -67.40
CA ARG E 3273 -123.33 20.53 -68.83
C ARG E 3273 -124.27 21.64 -69.30
N TRP E 3274 -125.49 21.66 -68.77
CA TRP E 3274 -126.48 22.67 -69.14
C TRP E 3274 -126.49 23.89 -68.23
N TRP E 3275 -125.58 23.94 -67.24
CA TRP E 3275 -125.53 25.12 -66.37
C TRP E 3275 -124.90 26.31 -67.09
N GLU E 3276 -123.81 26.07 -67.85
CA GLU E 3276 -123.13 27.17 -68.52
C GLU E 3276 -124.03 27.83 -69.55
N ARG E 3277 -124.82 27.04 -70.26
CA ARG E 3277 -125.77 27.57 -71.24
C ARG E 3277 -127.09 27.99 -70.60
N GLY E 3278 -127.24 27.83 -69.29
CA GLY E 3278 -128.43 28.24 -68.60
C GLY E 3278 -128.41 29.70 -68.22
N PRO E 3279 -129.50 30.15 -67.59
CA PRO E 3279 -129.59 31.57 -67.20
C PRO E 3279 -128.50 32.02 -66.24
N GLU E 3280 -128.04 31.15 -65.35
CA GLU E 3280 -127.07 31.56 -64.33
C GLU E 3280 -125.77 32.05 -64.96
N ALA E 3281 -125.28 31.35 -65.98
CA ALA E 3281 -124.09 31.78 -66.69
C ALA E 3281 -124.50 32.48 -67.97
N PRO E 3282 -124.34 33.79 -68.08
CA PRO E 3282 -124.78 34.51 -69.29
C PRO E 3282 -124.04 34.02 -70.52
N PRO E 3283 -124.74 33.83 -71.64
CA PRO E 3283 -124.08 33.41 -72.87
C PRO E 3283 -123.20 34.53 -73.42
N PRO E 3284 -122.02 34.20 -73.93
CA PRO E 3284 -121.18 35.24 -74.56
C PRO E 3284 -121.84 35.91 -75.75
N ALA E 3285 -122.66 35.17 -76.51
CA ALA E 3285 -123.35 35.71 -77.68
C ALA E 3285 -124.78 36.04 -77.27
N LEU E 3286 -125.04 37.34 -77.07
CA LEU E 3286 -126.38 37.78 -76.70
C LEU E 3286 -127.43 37.45 -77.77
N PRO E 3287 -127.21 37.68 -79.08
CA PRO E 3287 -128.21 37.25 -80.06
C PRO E 3287 -128.48 35.76 -80.03
N ALA E 3288 -127.46 34.93 -79.80
CA ALA E 3288 -127.66 33.50 -79.69
C ALA E 3288 -128.47 33.14 -78.45
N GLY E 3289 -128.20 33.82 -77.33
CA GLY E 3289 -128.91 33.58 -76.10
C GLY E 3289 -130.23 34.30 -75.95
N ALA E 3290 -130.64 35.06 -76.97
CA ALA E 3290 -131.91 35.76 -76.91
C ALA E 3290 -133.10 34.83 -76.69
N PRO E 3291 -133.22 33.69 -77.38
CA PRO E 3291 -134.25 32.74 -77.01
C PRO E 3291 -134.02 32.20 -75.61
N PRO E 3292 -135.07 31.91 -74.86
CA PRO E 3292 -134.91 31.36 -73.50
C PRO E 3292 -134.11 30.08 -73.53
N PRO E 3293 -133.21 29.89 -72.57
CA PRO E 3293 -132.41 28.65 -72.53
C PRO E 3293 -133.30 27.43 -72.39
N CYS E 3294 -132.90 26.34 -73.05
CA CYS E 3294 -133.65 25.09 -72.96
C CYS E 3294 -133.64 24.56 -71.53
N THR E 3295 -132.60 24.84 -70.77
CA THR E 3295 -132.49 24.44 -69.38
C THR E 3295 -132.39 25.68 -68.52
N ALA E 3296 -133.27 25.80 -67.52
CA ALA E 3296 -133.35 26.97 -66.66
C ALA E 3296 -132.77 26.71 -65.27
N VAL E 3297 -131.71 25.91 -65.18
CA VAL E 3297 -131.08 25.64 -63.89
C VAL E 3297 -130.23 26.82 -63.48
N THR E 3298 -130.24 27.13 -62.19
CA THR E 3298 -129.45 28.19 -61.59
C THR E 3298 -128.54 27.60 -60.53
N SER E 3299 -127.73 28.47 -59.91
CA SER E 3299 -126.80 28.02 -58.88
C SER E 3299 -127.53 27.39 -57.70
N ASP E 3300 -128.75 27.86 -57.41
CA ASP E 3300 -129.52 27.30 -56.30
C ASP E 3300 -129.86 25.83 -56.54
N HIS E 3301 -130.00 25.43 -57.80
CA HIS E 3301 -130.29 24.03 -58.10
C HIS E 3301 -129.15 23.13 -57.64
N LEU E 3302 -127.93 23.44 -58.09
CA LEU E 3302 -126.78 22.62 -57.74
C LEU E 3302 -126.59 22.61 -56.23
N ASN E 3303 -126.74 23.77 -55.61
CA ASN E 3303 -126.58 23.85 -54.17
C ASN E 3303 -127.54 22.88 -53.51
N SER E 3304 -128.78 22.90 -53.96
CA SER E 3304 -129.78 22.00 -53.39
C SER E 3304 -129.32 20.56 -53.55
N LEU E 3305 -128.81 20.23 -54.72
CA LEU E 3305 -128.36 18.87 -54.98
C LEU E 3305 -127.28 18.46 -53.99
N LEU E 3306 -126.26 19.29 -53.85
CA LEU E 3306 -125.17 18.96 -52.95
C LEU E 3306 -125.67 18.83 -51.52
N GLY E 3307 -126.57 19.73 -51.12
CA GLY E 3307 -127.13 19.67 -49.79
C GLY E 3307 -127.84 18.35 -49.57
N ASN E 3308 -128.66 17.95 -50.53
CA ASN E 3308 -129.36 16.68 -50.42
C ASN E 3308 -128.36 15.54 -50.37
N ILE E 3309 -127.38 15.59 -51.27
CA ILE E 3309 -126.36 14.55 -51.29
C ILE E 3309 -125.74 14.39 -49.92
N LEU E 3310 -125.25 15.50 -49.37
CA LEU E 3310 -124.59 15.42 -48.07
C LEU E 3310 -125.56 15.03 -46.97
N ARG E 3311 -126.85 15.38 -47.10
CA ARG E 3311 -127.83 14.88 -46.16
C ARG E 3311 -127.93 13.35 -46.24
N ILE E 3312 -127.93 12.81 -47.46
CA ILE E 3312 -127.94 11.35 -47.61
C ILE E 3312 -126.69 10.74 -46.99
N ILE E 3313 -125.54 11.36 -47.22
CA ILE E 3313 -124.28 10.83 -46.70
C ILE E 3313 -124.29 10.81 -45.17
N VAL E 3314 -124.75 11.90 -44.55
CA VAL E 3314 -124.77 11.94 -43.09
C VAL E 3314 -125.84 11.01 -42.53
N ASN E 3315 -126.95 10.82 -43.24
CA ASN E 3315 -127.98 9.91 -42.76
C ASN E 3315 -127.52 8.47 -42.82
N ASN E 3316 -126.86 8.08 -43.91
CA ASN E 3316 -126.38 6.71 -44.10
C ASN E 3316 -124.88 6.70 -43.86
N LEU E 3317 -124.48 6.37 -42.64
CA LEU E 3317 -123.07 6.22 -42.30
C LEU E 3317 -122.76 4.96 -41.52
N GLY E 3318 -123.73 4.37 -40.81
CA GLY E 3318 -123.55 3.12 -40.12
C GLY E 3318 -123.90 1.88 -40.90
N ILE E 3319 -124.25 2.03 -42.18
CA ILE E 3319 -124.62 0.89 -43.01
C ILE E 3319 -123.35 0.17 -43.44
N ASP E 3320 -123.19 -1.08 -42.99
CA ASP E 3320 -122.02 -1.85 -43.36
C ASP E 3320 -122.04 -2.23 -44.83
N GLU E 3321 -120.85 -2.30 -45.42
CA GLU E 3321 -120.68 -2.66 -46.82
C GLU E 3321 -121.42 -1.71 -47.77
N ALA E 3322 -121.47 -0.43 -47.40
CA ALA E 3322 -122.05 0.60 -48.28
C ALA E 3322 -120.99 0.99 -49.30
N THR E 3323 -120.79 0.10 -50.28
CA THR E 3323 -119.68 0.26 -51.22
C THR E 3323 -119.90 1.42 -52.18
N TRP E 3324 -121.16 1.71 -52.53
CA TRP E 3324 -121.42 2.75 -53.53
C TRP E 3324 -121.21 4.15 -52.97
N MET E 3325 -120.93 4.28 -51.67
CA MET E 3325 -120.58 5.59 -51.11
C MET E 3325 -119.43 6.22 -51.87
N LYS E 3326 -118.39 5.44 -52.16
CA LYS E 3326 -117.21 5.99 -52.83
C LYS E 3326 -117.54 6.39 -54.27
N ARG E 3327 -118.35 5.60 -54.98
CA ARG E 3327 -118.69 5.97 -56.36
C ARG E 3327 -119.62 7.19 -56.39
N LEU E 3328 -120.51 7.30 -55.42
CA LEU E 3328 -121.32 8.51 -55.30
C LEU E 3328 -120.44 9.72 -55.03
N ALA E 3329 -119.43 9.55 -54.17
CA ALA E 3329 -118.46 10.62 -53.95
C ALA E 3329 -117.74 10.98 -55.23
N VAL E 3330 -117.38 9.98 -56.04
CA VAL E 3330 -116.70 10.25 -57.31
C VAL E 3330 -117.61 11.05 -58.24
N PHE E 3331 -118.88 10.66 -58.35
CA PHE E 3331 -119.79 11.38 -59.24
C PHE E 3331 -120.09 12.78 -58.73
N ALA E 3332 -120.11 12.99 -57.42
CA ALA E 3332 -120.35 14.31 -56.86
C ALA E 3332 -119.08 15.15 -56.75
N GLN E 3333 -117.92 14.56 -56.97
CA GLN E 3333 -116.66 15.30 -56.88
C GLN E 3333 -116.60 16.51 -57.81
N PRO E 3334 -117.02 16.42 -59.09
CA PRO E 3334 -117.10 17.64 -59.90
C PRO E 3334 -118.18 18.60 -59.45
N ILE E 3335 -119.35 18.08 -59.03
CA ILE E 3335 -120.48 18.94 -58.73
C ILE E 3335 -120.35 19.67 -57.41
N VAL E 3336 -119.50 19.19 -56.49
CA VAL E 3336 -119.38 19.84 -55.18
C VAL E 3336 -118.72 21.20 -55.32
N SER E 3337 -117.97 21.43 -56.40
CA SER E 3337 -117.35 22.74 -56.57
C SER E 3337 -118.37 23.73 -57.13
N ARG E 3338 -117.93 24.98 -57.31
CA ARG E 3338 -118.82 26.13 -57.48
C ARG E 3338 -119.96 26.07 -56.46
N ALA E 3339 -119.58 26.17 -55.19
CA ALA E 3339 -120.50 26.00 -54.08
C ALA E 3339 -120.65 27.31 -53.30
N ARG E 3340 -121.84 27.52 -52.74
CA ARG E 3340 -122.11 28.70 -51.95
C ARG E 3340 -121.27 28.69 -50.66
N PRO E 3341 -120.82 29.87 -50.20
CA PRO E 3341 -120.01 29.93 -48.98
C PRO E 3341 -120.73 29.42 -47.73
N GLU E 3342 -122.04 29.61 -47.64
CA GLU E 3342 -122.78 29.21 -46.44
C GLU E 3342 -122.83 27.71 -46.23
N LEU E 3343 -122.44 26.92 -47.24
CA LEU E 3343 -122.48 25.47 -47.10
C LEU E 3343 -121.58 24.97 -45.98
N LEU E 3344 -120.54 25.73 -45.62
CA LEU E 3344 -119.73 25.36 -44.46
C LEU E 3344 -120.60 25.22 -43.23
N HIS E 3345 -121.15 26.34 -42.76
CA HIS E 3345 -121.98 26.32 -41.56
C HIS E 3345 -123.22 25.46 -41.76
N SER E 3346 -123.63 25.24 -43.02
CA SER E 3346 -124.77 24.37 -43.27
C SER E 3346 -124.44 22.92 -42.93
N HIS E 3347 -123.47 22.33 -43.63
CA HIS E 3347 -123.27 20.88 -43.56
C HIS E 3347 -121.81 20.45 -43.63
N PHE E 3348 -120.87 21.21 -43.08
CA PHE E 3348 -119.50 20.72 -43.00
C PHE E 3348 -119.00 20.56 -41.57
N ILE E 3349 -119.08 21.60 -40.74
CA ILE E 3349 -118.67 21.46 -39.34
C ILE E 3349 -119.50 20.43 -38.58
N PRO E 3350 -120.83 20.38 -38.69
CA PRO E 3350 -121.56 19.34 -37.93
C PRO E 3350 -121.19 17.92 -38.33
N THR E 3351 -121.08 17.64 -39.62
CA THR E 3351 -120.74 16.29 -40.06
C THR E 3351 -119.34 15.90 -39.61
N ILE E 3352 -118.38 16.80 -39.76
CA ILE E 3352 -117.00 16.48 -39.37
C ILE E 3352 -116.90 16.36 -37.85
N GLY E 3353 -117.69 17.13 -37.10
CA GLY E 3353 -117.71 17.00 -35.66
C GLY E 3353 -118.28 15.68 -35.20
N ARG E 3354 -119.36 15.24 -35.83
CA ARG E 3354 -119.91 13.92 -35.52
C ARG E 3354 -118.91 12.82 -35.87
N LEU E 3355 -118.22 12.98 -37.01
CA LEU E 3355 -117.19 12.02 -37.38
C LEU E 3355 -116.07 11.99 -36.34
N ARG E 3356 -115.70 13.15 -35.80
CA ARG E 3356 -114.61 13.17 -34.83
C ARG E 3356 -115.07 12.58 -33.51
N LYS E 3357 -116.32 12.81 -33.11
CA LYS E 3357 -116.87 12.11 -31.95
C LYS E 3357 -116.78 10.60 -32.14
N ARG E 3358 -117.22 10.10 -33.29
CA ARG E 3358 -117.16 8.66 -33.54
C ARG E 3358 -115.73 8.14 -33.50
N ALA E 3359 -114.81 8.86 -34.15
CA ALA E 3359 -113.41 8.45 -34.17
C ALA E 3359 -112.83 8.44 -32.77
N GLY E 3360 -113.13 9.46 -31.97
CA GLY E 3360 -112.63 9.51 -30.62
C GLY E 3360 -113.18 8.39 -29.76
N LYS E 3361 -114.46 8.04 -29.97
CA LYS E 3361 -115.03 6.91 -29.23
C LYS E 3361 -114.31 5.61 -29.58
N VAL E 3362 -114.07 5.36 -30.87
CA VAL E 3362 -113.39 4.11 -31.23
C VAL E 3362 -111.94 4.13 -30.74
N VAL E 3363 -111.29 5.29 -30.76
CA VAL E 3363 -109.93 5.40 -30.23
C VAL E 3363 -109.92 5.15 -28.72
N ALA E 3364 -110.95 5.61 -28.02
CA ALA E 3364 -111.05 5.35 -26.58
C ALA E 3364 -111.24 3.86 -26.32
N GLU E 3365 -112.07 3.19 -27.12
CA GLU E 3365 -112.20 1.74 -26.98
C GLU E 3365 -110.87 1.05 -27.23
N GLU E 3366 -110.13 1.48 -28.26
CA GLU E 3366 -108.82 0.90 -28.55
C GLU E 3366 -107.85 1.13 -27.39
N GLU E 3367 -107.87 2.33 -26.81
CA GLU E 3367 -106.97 2.63 -25.69
C GLU E 3367 -107.30 1.78 -24.47
N GLN E 3368 -108.59 1.63 -24.15
CA GLN E 3368 -108.97 0.76 -23.05
C GLN E 3368 -108.57 -0.68 -23.32
N LEU E 3369 -108.76 -1.13 -24.56
CA LEU E 3369 -108.50 -2.51 -24.92
C LEU E 3369 -107.00 -2.81 -24.95
N ARG E 3370 -106.17 -1.79 -25.20
CA ARG E 3370 -104.73 -2.00 -25.13
C ARG E 3370 -104.20 -1.85 -23.72
N LEU E 3371 -104.84 -1.03 -22.87
CA LEU E 3371 -104.39 -0.95 -21.48
C LEU E 3371 -104.75 -2.22 -20.73
N GLU E 3372 -105.87 -2.86 -21.08
CA GLU E 3372 -106.11 -4.22 -20.58
C GLU E 3372 -105.33 -5.21 -21.43
N ALA E 3373 -104.86 -6.28 -20.78
CA ALA E 3373 -103.98 -7.26 -21.42
C ALA E 3373 -104.56 -8.65 -21.23
N LYS E 3374 -105.13 -9.22 -22.29
CA LYS E 3374 -105.68 -10.57 -22.27
C LYS E 3374 -106.03 -10.98 -23.69
N ALA E 3375 -106.33 -12.26 -23.87
CA ALA E 3375 -106.80 -12.75 -25.17
C ALA E 3375 -108.12 -12.09 -25.54
N GLU E 3376 -108.97 -11.81 -24.56
CA GLU E 3376 -110.17 -11.01 -24.83
C GLU E 3376 -109.78 -9.62 -25.32
N ALA E 3377 -108.71 -9.06 -24.78
CA ALA E 3377 -108.24 -7.76 -25.26
C ALA E 3377 -107.78 -7.84 -26.71
N GLU E 3378 -107.08 -8.93 -27.08
CA GLU E 3378 -106.68 -9.10 -28.48
C GLU E 3378 -107.89 -9.26 -29.41
N GLU E 3379 -108.88 -10.04 -28.99
CA GLU E 3379 -110.08 -10.21 -29.81
C GLU E 3379 -110.82 -8.90 -29.96
N GLY E 3380 -110.95 -8.13 -28.88
CA GLY E 3380 -111.52 -6.80 -28.99
C GLY E 3380 -110.69 -5.87 -29.85
N GLU E 3381 -109.37 -6.05 -29.84
CA GLU E 3381 -108.51 -5.27 -30.73
C GLU E 3381 -108.82 -5.57 -32.18
N LEU E 3382 -109.06 -6.84 -32.51
CA LEU E 3382 -109.49 -7.19 -33.86
C LEU E 3382 -110.85 -6.57 -34.19
N LEU E 3383 -111.77 -6.60 -33.24
CA LEU E 3383 -113.09 -6.02 -33.47
C LEU E 3383 -113.01 -4.52 -33.72
N VAL E 3384 -112.23 -3.81 -32.89
CA VAL E 3384 -112.07 -2.38 -33.11
C VAL E 3384 -111.21 -2.10 -34.34
N ARG E 3385 -110.40 -3.07 -34.79
CA ARG E 3385 -109.76 -2.94 -36.09
C ARG E 3385 -110.78 -2.92 -37.21
N ASP E 3386 -111.78 -3.81 -37.14
CA ASP E 3386 -112.87 -3.77 -38.12
C ASP E 3386 -113.62 -2.44 -38.02
N GLU E 3387 -113.86 -1.96 -36.80
CA GLU E 3387 -114.52 -0.68 -36.63
C GLU E 3387 -113.70 0.47 -37.22
N PHE E 3388 -112.38 0.43 -37.03
CA PHE E 3388 -111.51 1.43 -37.64
C PHE E 3388 -111.54 1.32 -39.16
N SER E 3389 -111.68 0.11 -39.70
CA SER E 3389 -111.79 -0.06 -41.14
C SER E 3389 -113.05 0.62 -41.69
N VAL E 3390 -114.18 0.42 -41.01
CA VAL E 3390 -115.40 1.08 -41.48
C VAL E 3390 -115.29 2.60 -41.28
N LEU E 3391 -114.61 3.03 -40.22
CA LEU E 3391 -114.33 4.46 -40.05
C LEU E 3391 -113.50 5.02 -41.20
N CYS E 3392 -112.48 4.26 -41.62
CA CYS E 3392 -111.67 4.66 -42.76
C CYS E 3392 -112.52 4.77 -44.01
N ARG E 3393 -113.42 3.80 -44.22
CA ARG E 3393 -114.32 3.86 -45.37
C ARG E 3393 -115.14 5.15 -45.36
N ASP E 3394 -115.76 5.46 -44.21
CA ASP E 3394 -116.60 6.64 -44.14
C ASP E 3394 -115.79 7.92 -44.35
N LEU E 3395 -114.61 8.01 -43.73
CA LEU E 3395 -113.81 9.23 -43.82
C LEU E 3395 -113.25 9.42 -45.23
N TYR E 3396 -112.84 8.33 -45.88
CA TYR E 3396 -112.39 8.42 -47.26
C TYR E 3396 -113.54 8.77 -48.21
N ALA E 3397 -114.76 8.34 -47.87
CA ALA E 3397 -115.91 8.78 -48.65
C ALA E 3397 -116.15 10.28 -48.49
N LEU E 3398 -115.99 10.80 -47.27
CA LEU E 3398 -116.34 12.19 -47.01
C LEU E 3398 -115.27 13.17 -47.48
N TYR E 3399 -114.00 12.79 -47.42
CA TYR E 3399 -112.92 13.76 -47.66
C TYR E 3399 -112.89 14.44 -49.02
N PRO E 3400 -113.08 13.75 -50.17
CA PRO E 3400 -112.88 14.45 -51.45
C PRO E 3400 -113.75 15.70 -51.64
N LEU E 3401 -115.01 15.65 -51.22
CA LEU E 3401 -115.85 16.84 -51.32
C LEU E 3401 -115.32 17.95 -50.42
N LEU E 3402 -114.82 17.58 -49.24
CA LEU E 3402 -114.20 18.55 -48.35
C LEU E 3402 -112.99 19.20 -49.00
N ILE E 3403 -112.18 18.39 -49.69
CA ILE E 3403 -111.01 18.93 -50.40
C ILE E 3403 -111.43 19.94 -51.43
N ARG E 3404 -112.43 19.59 -52.25
CA ARG E 3404 -112.92 20.53 -53.25
C ARG E 3404 -113.39 21.83 -52.60
N TYR E 3405 -114.15 21.72 -51.50
CA TYR E 3405 -114.71 22.89 -50.87
C TYR E 3405 -113.62 23.80 -50.30
N VAL E 3406 -112.64 23.21 -49.60
CA VAL E 3406 -111.60 24.02 -48.99
C VAL E 3406 -110.71 24.65 -50.06
N ASP E 3407 -110.43 23.92 -51.15
CA ASP E 3407 -109.65 24.50 -52.22
C ASP E 3407 -110.38 25.67 -52.87
N ASN E 3408 -111.70 25.53 -53.08
CA ASN E 3408 -112.46 26.61 -53.70
C ASN E 3408 -112.52 27.83 -52.80
N ASN E 3409 -112.69 27.63 -51.49
CA ASN E 3409 -112.93 28.75 -50.58
C ASN E 3409 -111.69 29.16 -49.78
N ARG E 3410 -110.50 28.66 -50.12
CA ARG E 3410 -109.32 28.97 -49.31
C ARG E 3410 -108.91 30.43 -49.45
N ALA E 3411 -108.90 30.96 -50.67
CA ALA E 3411 -108.40 32.32 -50.88
C ALA E 3411 -109.24 33.35 -50.13
N HIS E 3412 -110.56 33.21 -50.18
CA HIS E 3412 -111.43 34.13 -49.47
C HIS E 3412 -111.21 34.04 -47.96
N TRP E 3413 -111.03 32.81 -47.45
CA TRP E 3413 -110.80 32.64 -46.02
C TRP E 3413 -109.49 33.27 -45.59
N LEU E 3414 -108.44 33.12 -46.41
CA LEU E 3414 -107.16 33.76 -46.09
C LEU E 3414 -107.28 35.28 -46.13
N THR E 3415 -108.00 35.81 -47.12
CA THR E 3415 -108.15 37.27 -47.21
C THR E 3415 -108.95 37.83 -46.05
N GLU E 3416 -110.02 37.14 -45.66
CA GLU E 3416 -110.87 37.57 -44.55
C GLU E 3416 -111.09 36.38 -43.62
N PRO E 3417 -110.67 36.46 -42.35
CA PRO E 3417 -110.78 35.29 -41.47
C PRO E 3417 -112.23 34.87 -41.25
N ASN E 3418 -112.42 33.57 -41.05
CA ASN E 3418 -113.73 32.98 -40.85
C ASN E 3418 -113.70 32.06 -39.64
N ALA E 3419 -114.54 32.35 -38.64
CA ALA E 3419 -114.56 31.56 -37.42
C ALA E 3419 -115.01 30.13 -37.69
N ASN E 3420 -115.96 29.94 -38.60
CA ASN E 3420 -116.37 28.59 -38.97
C ASN E 3420 -115.21 27.82 -39.61
N ALA E 3421 -114.43 28.49 -40.46
CA ALA E 3421 -113.26 27.86 -41.04
C ALA E 3421 -112.25 27.49 -39.97
N GLU E 3422 -112.06 28.36 -38.98
CA GLU E 3422 -111.13 28.04 -37.89
C GLU E 3422 -111.62 26.84 -37.08
N GLU E 3423 -112.93 26.78 -36.82
CA GLU E 3423 -113.46 25.63 -36.10
C GLU E 3423 -113.28 24.34 -36.89
N LEU E 3424 -113.48 24.41 -38.21
CA LEU E 3424 -113.25 23.23 -39.05
C LEU E 3424 -111.76 22.85 -39.03
N PHE E 3425 -110.88 23.84 -38.98
CA PHE E 3425 -109.44 23.56 -38.84
C PHE E 3425 -109.17 22.80 -37.56
N ARG E 3426 -109.72 23.29 -36.43
CA ARG E 3426 -109.53 22.57 -35.18
C ARG E 3426 -110.09 21.16 -35.28
N MET E 3427 -111.21 20.99 -35.98
CA MET E 3427 -111.86 19.69 -36.06
C MET E 3427 -110.97 18.69 -36.80
N VAL E 3428 -110.51 19.09 -37.99
CA VAL E 3428 -109.66 18.20 -38.78
C VAL E 3428 -108.32 18.01 -38.10
N GLY E 3429 -107.83 19.00 -37.34
CA GLY E 3429 -106.62 18.82 -36.59
C GLY E 3429 -106.76 17.74 -35.52
N GLU E 3430 -107.88 17.76 -34.79
CA GLU E 3430 -108.12 16.71 -33.80
C GLU E 3430 -108.24 15.34 -34.46
N ILE E 3431 -108.90 15.28 -35.61
CA ILE E 3431 -108.99 14.00 -36.33
C ILE E 3431 -107.60 13.50 -36.73
N PHE E 3432 -106.75 14.41 -37.21
CA PHE E 3432 -105.40 14.01 -37.58
C PHE E 3432 -104.60 13.56 -36.36
N ILE E 3433 -104.82 14.22 -35.21
CA ILE E 3433 -104.17 13.77 -33.98
C ILE E 3433 -104.57 12.34 -33.66
N TYR E 3434 -105.87 12.05 -33.77
CA TYR E 3434 -106.34 10.69 -33.53
C TYR E 3434 -105.67 9.70 -34.48
N TRP E 3435 -105.61 10.04 -35.77
CA TRP E 3435 -105.02 9.13 -36.74
C TRP E 3435 -103.53 8.91 -36.49
N SER E 3436 -102.82 9.98 -36.14
CA SER E 3436 -101.38 9.86 -35.89
C SER E 3436 -101.10 9.03 -34.65
N LYS E 3437 -101.90 9.22 -33.59
CA LYS E 3437 -101.66 8.47 -32.36
C LYS E 3437 -102.11 7.02 -32.47
N SER E 3438 -103.10 6.74 -33.31
CA SER E 3438 -103.65 5.38 -33.43
C SER E 3438 -102.94 4.64 -34.56
N HIS E 3439 -102.18 3.60 -34.20
CA HIS E 3439 -101.63 2.70 -35.21
C HIS E 3439 -102.72 1.88 -35.88
N ASN E 3440 -103.80 1.59 -35.14
CA ASN E 3440 -104.95 0.89 -35.71
C ASN E 3440 -105.51 1.67 -36.90
N PHE E 3441 -105.62 3.00 -36.76
CA PHE E 3441 -106.15 3.82 -37.84
C PHE E 3441 -105.26 3.72 -39.07
N LYS E 3442 -103.94 3.79 -38.89
CA LYS E 3442 -103.02 3.71 -40.02
C LYS E 3442 -103.11 2.36 -40.71
N ARG E 3443 -103.11 1.26 -39.93
CA ARG E 3443 -103.12 -0.06 -40.54
C ARG E 3443 -104.45 -0.34 -41.23
N GLU E 3444 -105.56 0.11 -40.65
CA GLU E 3444 -106.85 -0.09 -41.29
C GLU E 3444 -107.00 0.79 -42.53
N GLU E 3445 -106.40 1.98 -42.51
CA GLU E 3445 -106.35 2.78 -43.73
C GLU E 3445 -105.57 2.06 -44.83
N GLN E 3446 -104.44 1.45 -44.47
CA GLN E 3446 -103.69 0.66 -45.44
C GLN E 3446 -104.54 -0.46 -46.01
N ASN E 3447 -105.23 -1.20 -45.13
CA ASN E 3447 -106.04 -2.33 -45.58
C ASN E 3447 -107.19 -1.87 -46.47
N PHE E 3448 -107.87 -0.78 -46.10
CA PHE E 3448 -108.96 -0.26 -46.92
C PHE E 3448 -108.46 0.19 -48.27
N VAL E 3449 -107.31 0.88 -48.30
CA VAL E 3449 -106.74 1.34 -49.56
C VAL E 3449 -106.41 0.17 -50.47
N VAL E 3450 -105.72 -0.84 -49.94
CA VAL E 3450 -105.33 -1.96 -50.80
C VAL E 3450 -106.54 -2.78 -51.21
N GLN E 3451 -107.57 -2.86 -50.36
CA GLN E 3451 -108.74 -3.67 -50.67
C GLN E 3451 -109.58 -3.03 -51.77
N ASN E 3452 -109.88 -1.74 -51.64
CA ASN E 3452 -110.81 -1.10 -52.57
C ASN E 3452 -110.12 -0.24 -53.62
N GLU E 3453 -108.79 -0.29 -53.70
CA GLU E 3453 -108.02 0.54 -54.64
C GLU E 3453 -108.37 2.02 -54.46
N ILE E 3454 -108.54 2.45 -53.21
CA ILE E 3454 -108.85 3.84 -52.94
C ILE E 3454 -107.62 4.72 -53.08
N ASN E 3455 -106.43 4.14 -53.27
CA ASN E 3455 -105.26 4.94 -53.62
C ASN E 3455 -105.44 5.60 -54.99
N ASN E 3456 -106.06 4.88 -55.93
CA ASN E 3456 -106.38 5.47 -57.23
C ASN E 3456 -107.31 6.66 -57.08
N MET E 3457 -108.36 6.51 -56.27
CA MET E 3457 -109.32 7.59 -56.06
C MET E 3457 -108.65 8.75 -55.32
N SER E 3458 -107.77 8.44 -54.36
CA SER E 3458 -107.04 9.48 -53.65
C SER E 3458 -106.12 10.25 -54.59
N PHE E 3459 -105.42 9.55 -55.50
CA PHE E 3459 -104.60 10.25 -56.49
C PHE E 3459 -105.45 11.10 -57.41
N LEU E 3460 -106.62 10.59 -57.82
CA LEU E 3460 -107.52 11.39 -58.64
C LEU E 3460 -107.93 12.67 -57.94
N THR E 3461 -108.32 12.56 -56.67
CA THR E 3461 -108.67 13.75 -55.89
C THR E 3461 -107.48 14.69 -55.77
N ALA E 3462 -106.28 14.13 -55.55
CA ALA E 3462 -105.08 14.94 -55.40
C ALA E 3462 -104.77 15.73 -56.66
N ASP E 3463 -104.89 15.09 -57.83
CA ASP E 3463 -104.61 15.79 -59.08
C ASP E 3463 -105.74 16.69 -59.53
N SER E 3464 -106.94 16.52 -58.97
CA SER E 3464 -108.06 17.42 -59.28
C SER E 3464 -108.37 18.38 -58.13
N LYS E 3465 -107.48 18.49 -57.15
CA LYS E 3465 -107.65 19.42 -56.04
C LYS E 3465 -107.89 20.86 -56.49
N SER E 3494 -98.92 9.53 -51.97
CA SER E 3494 -98.86 8.54 -50.90
C SER E 3494 -100.24 7.93 -50.64
N VAL E 3495 -100.25 6.77 -50.00
CA VAL E 3495 -101.53 6.16 -49.62
C VAL E 3495 -102.12 6.88 -48.40
N GLN E 3496 -101.28 7.28 -47.45
CA GLN E 3496 -101.75 7.90 -46.21
C GLN E 3496 -101.95 9.40 -46.35
N THR E 3497 -101.68 9.99 -47.52
CA THR E 3497 -101.73 11.44 -47.66
C THR E 3497 -103.14 12.00 -47.58
N SER E 3498 -104.16 11.16 -47.69
CA SER E 3498 -105.54 11.64 -47.58
C SER E 3498 -105.85 12.15 -46.17
N LEU E 3499 -105.10 11.71 -45.17
CA LEU E 3499 -105.31 12.16 -43.80
C LEU E 3499 -104.57 13.44 -43.47
N ILE E 3500 -103.68 13.91 -44.35
CA ILE E 3500 -102.88 15.09 -44.04
C ILE E 3500 -103.20 16.23 -44.99
N VAL E 3501 -103.58 15.93 -46.23
CA VAL E 3501 -103.96 17.02 -47.13
C VAL E 3501 -105.28 17.66 -46.70
N ALA E 3502 -106.19 16.89 -46.11
CA ALA E 3502 -107.48 17.44 -45.69
C ALA E 3502 -107.43 18.07 -44.31
N THR E 3503 -106.35 17.88 -43.56
CA THR E 3503 -106.27 18.38 -42.19
C THR E 3503 -105.14 19.39 -42.00
N LEU E 3504 -103.92 19.05 -42.37
CA LEU E 3504 -102.75 19.83 -42.01
C LEU E 3504 -101.96 20.36 -43.20
N LYS E 3505 -102.45 20.19 -44.42
CA LYS E 3505 -101.77 20.74 -45.59
C LYS E 3505 -102.58 21.82 -46.29
N LYS E 3506 -103.80 21.53 -46.71
CA LYS E 3506 -104.59 22.54 -47.41
C LYS E 3506 -105.09 23.61 -46.46
N MET E 3507 -105.69 23.19 -45.34
CA MET E 3507 -106.35 24.10 -44.43
C MET E 3507 -105.41 24.58 -43.32
N LEU E 3508 -104.17 24.09 -43.30
CA LEU E 3508 -103.20 24.53 -42.31
C LEU E 3508 -103.04 26.04 -42.21
N PRO E 3509 -102.96 26.81 -43.31
CA PRO E 3509 -102.86 28.27 -43.15
C PRO E 3509 -104.02 28.89 -42.40
N ILE E 3510 -105.22 28.31 -42.51
CA ILE E 3510 -106.38 28.88 -41.81
C ILE E 3510 -106.11 28.94 -40.31
N GLY E 3511 -105.66 27.83 -39.73
CA GLY E 3511 -105.28 27.82 -38.33
C GLY E 3511 -103.96 28.49 -38.04
N LEU E 3512 -103.08 28.60 -39.03
CA LEU E 3512 -101.79 29.26 -38.83
C LEU E 3512 -101.96 30.77 -38.67
N ASN E 3513 -102.97 31.35 -39.33
CA ASN E 3513 -103.14 32.80 -39.30
C ASN E 3513 -103.81 33.33 -38.04
N MET E 3514 -104.39 32.47 -37.20
CA MET E 3514 -105.01 32.97 -35.96
C MET E 3514 -103.96 33.54 -35.02
N CYS E 3515 -102.86 32.82 -34.84
CA CYS E 3515 -101.82 33.28 -33.93
C CYS E 3515 -101.12 34.50 -34.49
N ALA E 3516 -100.78 35.43 -33.61
CA ALA E 3516 -100.04 36.61 -34.03
C ALA E 3516 -98.62 36.21 -34.43
N PRO E 3517 -98.01 36.96 -35.35
CA PRO E 3517 -96.60 36.67 -35.71
C PRO E 3517 -95.64 36.81 -34.54
N THR E 3518 -96.04 37.50 -33.47
CA THR E 3518 -95.21 37.64 -32.28
C THR E 3518 -95.46 36.55 -31.24
N ASP E 3519 -96.35 35.59 -31.52
CA ASP E 3519 -96.61 34.46 -30.64
C ASP E 3519 -95.81 33.22 -31.04
N GLN E 3520 -94.97 33.32 -32.05
CA GLN E 3520 -94.21 32.17 -32.52
C GLN E 3520 -93.28 31.65 -31.43
N ASP E 3521 -92.82 32.53 -30.53
CA ASP E 3521 -92.00 32.06 -29.42
C ASP E 3521 -92.81 31.12 -28.54
N LEU E 3522 -94.03 31.51 -28.18
CA LEU E 3522 -94.89 30.61 -27.40
C LEU E 3522 -95.16 29.33 -28.16
N ILE E 3523 -95.32 29.42 -29.49
CA ILE E 3523 -95.58 28.21 -30.27
C ILE E 3523 -94.41 27.25 -30.19
N MET E 3524 -93.17 27.75 -30.37
CA MET E 3524 -92.02 26.86 -30.26
C MET E 3524 -91.89 26.28 -28.85
N LEU E 3525 -92.09 27.11 -27.82
CA LEU E 3525 -91.99 26.60 -26.46
C LEU E 3525 -93.01 25.50 -26.21
N ALA E 3526 -94.23 25.67 -26.70
CA ALA E 3526 -95.23 24.62 -26.61
C ALA E 3526 -94.80 23.36 -27.36
N LYS E 3527 -94.17 23.52 -28.52
CA LYS E 3527 -93.63 22.38 -29.24
C LYS E 3527 -92.57 21.64 -28.41
N THR E 3528 -91.73 22.40 -27.70
CA THR E 3528 -90.77 21.77 -26.78
C THR E 3528 -91.49 21.00 -25.69
N ARG E 3529 -92.58 21.54 -25.16
CA ARG E 3529 -93.36 20.81 -24.17
C ARG E 3529 -93.88 19.50 -24.75
N TYR E 3530 -94.38 19.54 -25.98
CA TYR E 3530 -94.83 18.31 -26.64
C TYR E 3530 -93.67 17.34 -26.85
N ALA E 3531 -92.48 17.86 -27.12
CA ALA E 3531 -91.29 17.00 -27.24
C ALA E 3531 -90.94 16.37 -25.90
N LEU E 3532 -91.26 17.04 -24.80
CA LEU E 3532 -91.18 16.42 -23.48
C LEU E 3532 -92.41 15.60 -23.14
N LYS E 3533 -93.39 15.53 -24.04
CA LYS E 3533 -94.58 14.69 -23.87
C LYS E 3533 -95.44 15.17 -22.70
N ASP E 3534 -95.80 16.45 -22.74
CA ASP E 3534 -96.66 17.05 -21.73
C ASP E 3534 -98.08 17.15 -22.28
N THR E 3535 -99.06 16.85 -21.43
CA THR E 3535 -100.44 16.79 -21.86
C THR E 3535 -100.96 18.19 -22.22
N ASP E 3536 -102.20 18.24 -22.70
CA ASP E 3536 -102.77 19.50 -23.18
C ASP E 3536 -102.88 20.52 -22.07
N GLU E 3537 -103.45 20.12 -20.92
CA GLU E 3537 -103.57 21.04 -19.80
C GLU E 3537 -102.20 21.50 -19.32
N GLU E 3538 -101.23 20.59 -19.30
CA GLU E 3538 -99.90 20.93 -18.81
C GLU E 3538 -99.19 21.93 -19.73
N VAL E 3539 -99.32 21.74 -21.04
CA VAL E 3539 -98.73 22.72 -21.96
C VAL E 3539 -99.44 24.05 -21.86
N ARG E 3540 -100.77 24.03 -21.62
CA ARG E 3540 -101.45 25.29 -21.33
C ARG E 3540 -100.85 25.95 -20.10
N GLU E 3541 -100.53 25.16 -19.08
CA GLU E 3541 -99.91 25.73 -17.88
C GLU E 3541 -98.60 26.43 -18.22
N PHE E 3542 -97.72 25.77 -18.99
CA PHE E 3542 -96.46 26.44 -19.32
C PHE E 3542 -96.65 27.65 -20.23
N LEU E 3543 -97.65 27.65 -21.11
CA LEU E 3543 -97.96 28.88 -21.82
C LEU E 3543 -98.35 30.00 -20.86
N GLN E 3544 -99.15 29.68 -19.84
CA GLN E 3544 -99.52 30.70 -18.86
C GLN E 3544 -98.31 31.20 -18.07
N ASN E 3545 -97.39 30.31 -17.69
CA ASN E 3545 -96.23 30.80 -16.96
C ASN E 3545 -95.30 31.61 -17.85
N ASN E 3546 -95.10 31.19 -19.10
CA ASN E 3546 -94.14 31.82 -20.00
C ASN E 3546 -94.80 32.66 -21.07
N LEU E 3547 -95.94 33.30 -20.75
CA LEU E 3547 -96.54 34.24 -21.71
C LEU E 3547 -95.60 35.41 -22.01
N HIS E 3548 -94.74 35.78 -21.05
CA HIS E 3548 -93.84 36.91 -21.26
C HIS E 3548 -92.68 36.58 -22.19
N LEU E 3549 -92.46 35.31 -22.51
CA LEU E 3549 -91.40 34.89 -23.42
C LEU E 3549 -91.71 35.22 -24.87
N GLN E 3550 -92.75 35.99 -25.13
CA GLN E 3550 -93.15 36.33 -26.49
C GLN E 3550 -92.12 37.25 -27.15
N GLY E 3551 -92.13 37.25 -28.48
CA GLY E 3551 -91.25 38.11 -29.23
C GLY E 3551 -91.68 39.56 -29.18
N LYS E 3552 -90.79 40.42 -29.66
CA LYS E 3552 -91.01 41.85 -29.68
C LYS E 3552 -90.99 42.35 -31.12
N VAL E 3553 -91.90 43.27 -31.44
CA VAL E 3553 -91.96 43.84 -32.78
C VAL E 3553 -90.66 44.57 -33.10
N GLU E 3554 -90.10 45.28 -32.12
CA GLU E 3554 -88.82 45.94 -32.29
C GLU E 3554 -87.67 44.94 -32.42
N GLY E 3555 -87.90 43.68 -32.04
CA GLY E 3555 -86.82 42.71 -32.01
C GLY E 3555 -86.17 42.48 -33.37
N SER E 3556 -86.99 42.30 -34.41
CA SER E 3556 -86.47 42.03 -35.74
C SER E 3556 -87.28 42.77 -36.79
N PRO E 3557 -86.64 43.21 -37.88
CA PRO E 3557 -87.40 43.80 -39.00
C PRO E 3557 -88.39 42.83 -39.63
N SER E 3558 -88.07 41.53 -39.63
CA SER E 3558 -89.03 40.56 -40.11
C SER E 3558 -90.31 40.61 -39.27
N LEU E 3559 -90.16 40.60 -37.95
CA LEU E 3559 -91.31 40.77 -37.08
C LEU E 3559 -91.96 42.12 -37.28
N ARG E 3560 -91.18 43.15 -37.64
CA ARG E 3560 -91.74 44.46 -37.92
C ARG E 3560 -92.80 44.38 -39.01
N TRP E 3561 -92.40 43.91 -40.20
CA TRP E 3561 -93.37 43.89 -41.29
C TRP E 3561 -94.42 42.80 -41.10
N GLN E 3562 -94.08 41.71 -40.40
CA GLN E 3562 -95.06 40.67 -40.13
C GLN E 3562 -96.19 41.20 -39.24
N MET E 3563 -95.84 41.89 -38.16
CA MET E 3563 -96.84 42.49 -37.30
C MET E 3563 -97.61 43.57 -38.04
N ALA E 3564 -96.92 44.33 -38.91
CA ALA E 3564 -97.60 45.33 -39.72
C ALA E 3564 -98.69 44.68 -40.58
N LEU E 3565 -98.36 43.59 -41.26
CA LEU E 3565 -99.36 42.89 -42.06
C LEU E 3565 -100.48 42.32 -41.20
N TYR E 3566 -100.12 41.75 -40.04
CA TYR E 3566 -101.14 41.13 -39.19
C TYR E 3566 -102.15 42.16 -38.71
N ARG E 3567 -101.70 43.35 -38.32
CA ARG E 3567 -102.65 44.39 -37.95
C ARG E 3567 -103.28 45.06 -39.15
N GLY E 3568 -102.68 44.95 -40.33
CA GLY E 3568 -103.29 45.47 -41.53
C GLY E 3568 -104.34 44.59 -42.15
N LEU E 3569 -104.44 43.35 -41.72
CA LEU E 3569 -105.52 42.48 -42.17
C LEU E 3569 -106.86 43.09 -41.78
N PRO E 3570 -107.82 43.23 -42.70
CA PRO E 3570 -109.07 43.92 -42.37
C PRO E 3570 -109.88 43.25 -41.28
N GLY E 3571 -110.08 41.93 -41.37
CA GLY E 3571 -110.87 41.24 -40.37
C GLY E 3571 -110.19 41.09 -39.03
N ARG E 3572 -108.88 41.31 -38.96
CA ARG E 3572 -108.16 41.19 -37.71
C ARG E 3572 -108.55 42.32 -36.76
N GLU E 3573 -108.70 41.96 -35.48
CA GLU E 3573 -109.05 42.92 -34.44
C GLU E 3573 -108.07 42.78 -33.27
N GLU E 3574 -108.16 43.72 -32.34
CA GLU E 3574 -107.29 43.70 -31.17
C GLU E 3574 -107.81 42.81 -30.05
N ASP E 3575 -108.99 42.21 -30.21
CA ASP E 3575 -109.53 41.31 -29.21
C ASP E 3575 -108.78 39.98 -29.14
N ALA E 3576 -107.97 39.67 -30.15
CA ALA E 3576 -107.18 38.43 -30.14
C ALA E 3576 -106.02 38.49 -29.16
N ASP E 3577 -105.73 39.66 -28.57
CA ASP E 3577 -104.64 39.81 -27.63
C ASP E 3577 -104.92 39.18 -26.27
N ASP E 3578 -106.13 38.67 -26.05
CA ASP E 3578 -106.46 38.06 -24.77
C ASP E 3578 -105.55 36.86 -24.51
N PRO E 3579 -104.96 36.75 -23.31
CA PRO E 3579 -104.06 35.62 -23.04
C PRO E 3579 -104.74 34.26 -23.18
N GLU E 3580 -106.03 34.17 -22.85
CA GLU E 3580 -106.75 32.90 -23.05
C GLU E 3580 -106.77 32.51 -24.52
N LYS E 3581 -107.16 33.44 -25.39
CA LYS E 3581 -107.15 33.15 -26.82
C LYS E 3581 -105.75 32.81 -27.30
N ILE E 3582 -104.75 33.53 -26.80
CA ILE E 3582 -103.37 33.28 -27.20
C ILE E 3582 -102.96 31.85 -26.84
N VAL E 3583 -103.25 31.43 -25.62
CA VAL E 3583 -102.81 30.09 -25.21
C VAL E 3583 -103.58 29.01 -25.96
N ARG E 3584 -104.88 29.22 -26.20
CA ARG E 3584 -105.63 28.24 -26.99
C ARG E 3584 -105.02 28.10 -28.39
N ARG E 3585 -104.83 29.21 -29.10
CA ARG E 3585 -104.35 29.11 -30.47
C ARG E 3585 -102.93 28.57 -30.52
N VAL E 3586 -102.08 28.98 -29.56
CA VAL E 3586 -100.71 28.49 -29.54
C VAL E 3586 -100.69 26.99 -29.30
N GLN E 3587 -101.49 26.50 -28.35
CA GLN E 3587 -101.54 25.07 -28.08
C GLN E 3587 -102.01 24.30 -29.30
N GLU E 3588 -103.08 24.78 -29.95
CA GLU E 3588 -103.61 24.07 -31.11
C GLU E 3588 -102.59 24.02 -32.25
N VAL E 3589 -101.97 25.16 -32.57
CA VAL E 3589 -101.01 25.20 -33.66
C VAL E 3589 -99.79 24.36 -33.33
N SER E 3590 -99.32 24.43 -32.08
CA SER E 3590 -98.14 23.67 -31.68
C SER E 3590 -98.41 22.16 -31.74
N ALA E 3591 -99.58 21.72 -31.28
CA ALA E 3591 -99.93 20.31 -31.39
C ALA E 3591 -100.03 19.89 -32.85
N VAL E 3592 -100.61 20.75 -33.69
CA VAL E 3592 -100.70 20.46 -35.12
C VAL E 3592 -99.31 20.23 -35.71
N LEU E 3593 -98.38 21.16 -35.46
CA LEU E 3593 -97.05 21.05 -36.03
C LEU E 3593 -96.28 19.86 -35.45
N TYR E 3594 -96.40 19.64 -34.14
CA TYR E 3594 -95.69 18.54 -33.51
C TYR E 3594 -96.16 17.19 -34.06
N HIS E 3595 -97.47 17.01 -34.16
CA HIS E 3595 -97.96 15.72 -34.66
C HIS E 3595 -97.71 15.57 -36.15
N LEU E 3596 -97.68 16.67 -36.91
CA LEU E 3596 -97.33 16.58 -38.32
C LEU E 3596 -95.88 16.13 -38.48
N GLU E 3597 -94.97 16.71 -37.71
CA GLU E 3597 -93.57 16.30 -37.83
C GLU E 3597 -93.35 14.90 -37.27
N GLN E 3598 -94.14 14.50 -36.27
CA GLN E 3598 -94.08 13.11 -35.81
C GLN E 3598 -94.54 12.15 -36.90
N THR E 3599 -95.58 12.53 -37.65
CA THR E 3599 -96.01 11.72 -38.78
C THR E 3599 -94.92 11.63 -39.85
N GLU E 3600 -94.24 12.75 -40.11
CA GLU E 3600 -93.12 12.71 -41.05
C GLU E 3600 -92.00 11.80 -40.56
N HIS E 3601 -91.69 11.87 -39.26
CA HIS E 3601 -90.62 11.10 -38.66
C HIS E 3601 -90.95 10.80 -37.20
N PRO E 3602 -91.30 9.55 -36.86
CA PRO E 3602 -91.66 9.15 -35.49
C PRO E 3602 -90.54 9.43 -34.48
N THR E 3629 -83.52 -36.53 -49.08
CA THR E 3629 -83.13 -36.24 -47.70
C THR E 3629 -83.82 -37.08 -46.61
N PRO E 3630 -85.10 -37.45 -46.77
CA PRO E 3630 -85.72 -38.35 -45.79
C PRO E 3630 -85.06 -39.73 -45.81
N LEU E 3631 -85.00 -40.34 -44.62
CA LEU E 3631 -84.37 -41.65 -44.49
C LEU E 3631 -85.14 -42.72 -45.25
N TYR E 3632 -86.48 -42.65 -45.23
CA TYR E 3632 -87.26 -43.66 -45.93
C TYR E 3632 -87.04 -43.60 -47.44
N ASN E 3633 -86.86 -42.39 -47.99
CA ASN E 3633 -86.48 -42.27 -49.40
C ASN E 3633 -85.03 -42.65 -49.62
N LEU E 3634 -84.19 -42.53 -48.60
CA LEU E 3634 -82.80 -42.93 -48.72
C LEU E 3634 -82.72 -44.45 -48.89
N PRO E 3635 -81.79 -44.95 -49.70
CA PRO E 3635 -81.64 -46.40 -49.84
C PRO E 3635 -81.25 -47.06 -48.52
N THR E 3636 -81.63 -48.33 -48.38
CA THR E 3636 -81.51 -49.02 -47.09
C THR E 3636 -80.05 -49.17 -46.68
N HIS E 3637 -79.17 -49.57 -47.60
CA HIS E 3637 -77.78 -49.84 -47.23
C HIS E 3637 -77.05 -48.56 -46.82
N ARG E 3638 -77.29 -47.47 -47.54
CA ARG E 3638 -76.68 -46.20 -47.17
C ARG E 3638 -77.16 -45.74 -45.80
N ALA E 3639 -78.46 -45.90 -45.52
CA ALA E 3639 -78.98 -45.57 -44.21
C ALA E 3639 -78.36 -46.45 -43.13
N CYS E 3640 -78.12 -47.72 -43.44
CA CYS E 3640 -77.48 -48.62 -42.48
C CYS E 3640 -76.05 -48.17 -42.18
N ASN E 3641 -75.30 -47.79 -43.21
CA ASN E 3641 -73.94 -47.29 -42.99
C ASN E 3641 -73.96 -46.01 -42.15
N MET E 3642 -74.86 -45.09 -42.47
CA MET E 3642 -74.96 -43.85 -41.70
C MET E 3642 -75.34 -44.14 -40.25
N PHE E 3643 -76.23 -45.11 -40.03
CA PHE E 3643 -76.59 -45.50 -38.67
C PHE E 3643 -75.41 -46.11 -37.94
N LEU E 3644 -74.58 -46.91 -38.64
CA LEU E 3644 -73.38 -47.45 -38.01
C LEU E 3644 -72.47 -46.33 -37.54
N GLU E 3645 -72.24 -45.33 -38.41
CA GLU E 3645 -71.40 -44.20 -38.01
C GLU E 3645 -72.02 -43.44 -36.84
N SER E 3646 -73.34 -43.22 -36.88
CA SER E 3646 -74.01 -42.48 -35.80
C SER E 3646 -73.92 -43.22 -34.48
N TYR E 3647 -74.14 -44.53 -34.49
CA TYR E 3647 -74.03 -45.33 -33.27
C TYR E 3647 -72.61 -45.31 -32.74
N LYS E 3648 -71.62 -45.43 -33.64
CA LYS E 3648 -70.22 -45.35 -33.24
C LYS E 3648 -69.93 -44.02 -32.55
N ALA E 3649 -70.43 -42.92 -33.12
CA ALA E 3649 -70.12 -41.60 -32.56
C ALA E 3649 -70.89 -41.33 -31.27
N ALA E 3650 -72.10 -41.89 -31.12
CA ALA E 3650 -72.99 -41.48 -30.05
C ALA E 3650 -72.99 -42.41 -28.84
N TRP E 3651 -72.91 -43.72 -29.03
CA TRP E 3651 -73.11 -44.66 -27.93
C TRP E 3651 -71.84 -45.37 -27.51
N ILE E 3652 -71.15 -46.03 -28.44
CA ILE E 3652 -69.97 -46.82 -28.07
C ILE E 3652 -68.86 -45.90 -27.57
N LEU E 3653 -68.61 -44.79 -28.26
CA LEU E 3653 -67.53 -43.89 -27.88
C LEU E 3653 -67.80 -43.25 -26.51
N THR E 3654 -69.05 -42.84 -26.26
CA THR E 3654 -69.36 -42.14 -25.02
C THR E 3654 -69.39 -43.07 -23.81
N GLU E 3655 -69.55 -44.38 -24.02
CA GLU E 3655 -69.55 -45.31 -22.91
C GLU E 3655 -68.19 -45.35 -22.24
N ASP E 3656 -68.19 -45.37 -20.90
CA ASP E 3656 -66.97 -45.35 -20.11
C ASP E 3656 -66.86 -46.63 -19.31
N HIS E 3657 -65.69 -47.28 -19.39
CA HIS E 3657 -65.40 -48.48 -18.63
C HIS E 3657 -63.97 -48.43 -18.13
N SER E 3658 -63.76 -48.83 -16.88
CA SER E 3658 -62.45 -48.76 -16.23
C SER E 3658 -61.91 -50.18 -16.07
N PHE E 3659 -60.73 -50.44 -16.62
CA PHE E 3659 -60.07 -51.73 -16.47
C PHE E 3659 -58.58 -51.61 -16.18
N GLU E 3660 -57.98 -50.42 -16.27
CA GLU E 3660 -56.54 -50.29 -16.11
C GLU E 3660 -56.10 -50.69 -14.72
N ASP E 3661 -56.77 -50.18 -13.69
CA ASP E 3661 -56.39 -50.48 -12.31
C ASP E 3661 -56.53 -51.97 -12.02
N ARG E 3662 -57.66 -52.56 -12.43
CA ARG E 3662 -57.87 -53.99 -12.19
C ARG E 3662 -56.82 -54.83 -12.90
N MET E 3663 -56.51 -54.50 -14.15
CA MET E 3663 -55.57 -55.31 -14.92
C MET E 3663 -54.15 -55.17 -14.40
N ILE E 3664 -53.75 -53.95 -13.99
CA ILE E 3664 -52.44 -53.77 -13.39
C ILE E 3664 -52.35 -54.51 -12.06
N ASP E 3665 -53.42 -54.48 -11.26
CA ASP E 3665 -53.42 -55.21 -10.00
C ASP E 3665 -53.28 -56.71 -10.24
N ASP E 3666 -53.99 -57.24 -11.23
CA ASP E 3666 -53.87 -58.67 -11.55
C ASP E 3666 -52.47 -59.01 -12.03
N LEU E 3667 -51.87 -58.15 -12.87
CA LEU E 3667 -50.55 -58.44 -13.39
C LEU E 3667 -49.46 -58.34 -12.32
N SER E 3668 -49.65 -57.46 -11.33
CA SER E 3668 -48.62 -57.24 -10.32
C SER E 3668 -48.40 -58.48 -9.46
N LYS E 3669 -49.47 -59.20 -9.13
CA LYS E 3669 -49.36 -60.35 -8.24
C LYS E 3669 -48.50 -61.44 -8.87
N ALA E 3670 -47.61 -62.02 -8.06
CA ALA E 3670 -46.70 -63.05 -8.55
C ALA E 3670 -47.35 -64.43 -8.57
N GLY E 3671 -48.35 -64.66 -7.72
CA GLY E 3671 -49.04 -65.94 -7.70
C GLY E 3671 -48.52 -66.89 -6.64
N GLU E 3672 -48.01 -68.04 -7.07
CA GLU E 3672 -47.45 -69.03 -6.16
C GLU E 3672 -45.96 -69.27 -6.38
N GLN E 3673 -45.35 -68.59 -7.36
CA GLN E 3673 -43.90 -68.72 -7.55
C GLN E 3673 -43.14 -68.26 -6.32
N GLU E 3674 -43.54 -67.12 -5.74
CA GLU E 3674 -42.92 -66.67 -4.50
C GLU E 3674 -43.31 -67.57 -3.33
N GLU E 3675 -44.46 -68.24 -3.40
CA GLU E 3675 -44.83 -69.19 -2.36
C GLU E 3675 -43.87 -70.38 -2.33
N GLU E 3676 -43.50 -70.90 -3.51
CA GLU E 3676 -42.59 -72.03 -3.58
C GLU E 3676 -41.13 -71.62 -3.62
N GLU E 3677 -40.83 -70.34 -3.78
CA GLU E 3677 -39.45 -69.85 -3.81
C GLU E 3677 -39.01 -69.58 -2.37
N GLU E 3678 -37.97 -70.30 -1.93
CA GLU E 3678 -37.45 -70.18 -0.57
C GLU E 3678 -36.11 -69.48 -0.50
N GLU E 3679 -35.19 -69.80 -1.42
CA GLU E 3679 -33.87 -69.16 -1.40
C GLU E 3679 -33.98 -67.65 -1.65
N VAL E 3680 -34.83 -67.26 -2.61
CA VAL E 3680 -35.04 -65.87 -2.96
C VAL E 3680 -36.54 -65.59 -2.87
N GLU E 3681 -36.89 -64.39 -2.38
CA GLU E 3681 -38.30 -64.03 -2.25
C GLU E 3681 -39.01 -64.08 -3.60
N GLU E 3682 -38.45 -63.41 -4.60
CA GLU E 3682 -38.95 -63.48 -5.98
C GLU E 3682 -37.74 -63.44 -6.93
N LYS E 3683 -37.24 -64.62 -7.27
CA LYS E 3683 -36.16 -64.69 -8.25
C LYS E 3683 -36.68 -64.42 -9.66
N LYS E 3684 -37.82 -65.02 -10.02
CA LYS E 3684 -38.42 -64.79 -11.31
C LYS E 3684 -39.26 -63.52 -11.29
N PRO E 3685 -39.11 -62.63 -12.27
CA PRO E 3685 -39.91 -61.39 -12.26
C PRO E 3685 -41.40 -61.67 -12.42
N ASP E 3686 -42.20 -60.81 -11.81
CA ASP E 3686 -43.65 -60.91 -11.94
C ASP E 3686 -44.07 -60.47 -13.34
N PRO E 3687 -45.30 -60.81 -13.75
CA PRO E 3687 -45.72 -60.50 -15.14
C PRO E 3687 -45.54 -59.04 -15.54
N LEU E 3688 -45.87 -58.10 -14.65
CA LEU E 3688 -45.67 -56.69 -14.97
C LEU E 3688 -44.19 -56.38 -15.17
N HIS E 3689 -43.33 -56.96 -14.33
CA HIS E 3689 -41.88 -56.78 -14.50
C HIS E 3689 -41.42 -57.34 -15.84
N GLN E 3690 -41.92 -58.51 -16.22
CA GLN E 3690 -41.56 -59.08 -17.52
C GLN E 3690 -42.01 -58.19 -18.66
N LEU E 3691 -43.21 -57.60 -18.54
CA LEU E 3691 -43.72 -56.72 -19.59
C LEU E 3691 -42.85 -55.47 -19.74
N VAL E 3692 -42.54 -54.81 -18.61
CA VAL E 3692 -41.72 -53.61 -18.70
C VAL E 3692 -40.31 -53.96 -19.16
N LEU E 3693 -39.79 -55.12 -18.78
CA LEU E 3693 -38.48 -55.55 -19.26
C LEU E 3693 -38.51 -55.79 -20.77
N HIS E 3694 -39.59 -56.35 -21.28
CA HIS E 3694 -39.71 -56.54 -22.73
C HIS E 3694 -39.73 -55.20 -23.46
N PHE E 3695 -40.49 -54.23 -22.95
CA PHE E 3695 -40.49 -52.92 -23.57
C PHE E 3695 -39.12 -52.27 -23.49
N SER E 3696 -38.42 -52.45 -22.36
CA SER E 3696 -37.07 -51.91 -22.23
C SER E 3696 -36.12 -52.56 -23.23
N ARG E 3697 -36.27 -53.86 -23.46
CA ARG E 3697 -35.47 -54.55 -24.46
C ARG E 3697 -35.73 -53.98 -25.85
N THR E 3698 -37.00 -53.76 -26.18
CA THR E 3698 -37.31 -53.17 -27.48
C THR E 3698 -36.72 -51.77 -27.61
N ALA E 3699 -36.78 -50.97 -26.54
CA ALA E 3699 -36.19 -49.64 -26.57
C ALA E 3699 -34.67 -49.70 -26.74
N LEU E 3700 -34.02 -50.61 -26.02
CA LEU E 3700 -32.56 -50.71 -26.06
C LEU E 3700 -32.06 -51.33 -27.35
N THR E 3701 -32.90 -52.06 -28.08
CA THR E 3701 -32.49 -52.64 -29.34
C THR E 3701 -32.05 -51.54 -30.31
N GLU E 3702 -30.91 -51.76 -30.96
CA GLU E 3702 -30.33 -50.75 -31.84
C GLU E 3702 -31.22 -50.58 -33.07
N LYS E 3703 -31.97 -49.49 -33.12
CA LYS E 3703 -32.86 -49.19 -34.23
C LYS E 3703 -32.52 -47.80 -34.76
N SER E 3704 -32.44 -47.68 -36.08
CA SER E 3704 -32.14 -46.38 -36.69
C SER E 3704 -33.23 -45.36 -36.37
N LYS E 3705 -34.49 -45.76 -36.45
CA LYS E 3705 -35.61 -44.91 -36.10
C LYS E 3705 -36.65 -45.73 -35.36
N LEU E 3706 -37.31 -45.08 -34.40
CA LEU E 3706 -38.37 -45.75 -33.65
C LEU E 3706 -39.61 -45.92 -34.53
N ASP E 3707 -40.22 -47.10 -34.46
CA ASP E 3707 -41.38 -47.44 -35.27
C ASP E 3707 -42.64 -47.42 -34.43
N GLU E 3708 -43.77 -47.31 -35.13
CA GLU E 3708 -45.08 -47.27 -34.47
C GLU E 3708 -45.36 -48.60 -33.77
N ASP E 3709 -45.87 -48.52 -32.55
CA ASP E 3709 -46.20 -49.73 -31.78
C ASP E 3709 -47.45 -49.46 -30.95
N TYR E 3710 -48.60 -49.87 -31.49
CA TYR E 3710 -49.87 -49.70 -30.79
C TYR E 3710 -49.88 -50.45 -29.46
N LEU E 3711 -49.18 -51.59 -29.38
CA LEU E 3711 -49.10 -52.32 -28.13
C LEU E 3711 -48.44 -51.46 -27.05
N TYR E 3712 -47.30 -50.86 -27.37
CA TYR E 3712 -46.62 -50.00 -26.41
C TYR E 3712 -47.49 -48.80 -26.05
N MET E 3713 -48.14 -48.18 -27.03
CA MET E 3713 -48.97 -47.02 -26.72
C MET E 3713 -50.10 -47.39 -25.76
N ALA E 3714 -50.82 -48.48 -26.06
CA ALA E 3714 -51.93 -48.88 -25.21
C ALA E 3714 -51.45 -49.26 -23.82
N TYR E 3715 -50.35 -50.00 -23.73
CA TYR E 3715 -49.84 -50.41 -22.42
C TYR E 3715 -49.39 -49.21 -21.59
N ALA E 3716 -48.68 -48.27 -22.23
CA ALA E 3716 -48.26 -47.07 -21.52
C ALA E 3716 -49.46 -46.27 -21.04
N ASP E 3717 -50.50 -46.17 -21.86
CA ASP E 3717 -51.72 -45.49 -21.42
C ASP E 3717 -52.33 -46.20 -20.22
N ILE E 3718 -52.34 -47.54 -20.23
CA ILE E 3718 -52.93 -48.28 -19.12
C ILE E 3718 -52.18 -48.00 -17.82
N MET E 3719 -50.85 -48.12 -17.85
CA MET E 3719 -50.08 -47.87 -16.62
C MET E 3719 -50.18 -46.42 -16.18
N ALA E 3720 -50.17 -45.47 -17.13
CA ALA E 3720 -50.29 -44.07 -16.77
C ALA E 3720 -51.62 -43.79 -16.09
N LYS E 3721 -52.71 -44.32 -16.62
CA LYS E 3721 -54.01 -44.16 -16.00
C LYS E 3721 -54.04 -44.79 -14.61
N SER E 3722 -53.48 -45.99 -14.48
CA SER E 3722 -53.51 -46.70 -13.19
C SER E 3722 -52.77 -45.90 -12.13
N CYS E 3723 -51.59 -45.36 -12.46
CA CYS E 3723 -50.84 -44.60 -11.46
C CYS E 3723 -51.32 -43.16 -11.32
N HIS E 3724 -52.10 -42.65 -12.27
CA HIS E 3724 -52.62 -41.29 -12.20
C HIS E 3724 -53.99 -41.24 -11.55
N LEU E 3725 -54.61 -42.40 -11.28
CA LEU E 3725 -55.88 -42.40 -10.56
C LEU E 3725 -55.78 -41.64 -9.25
N GLU E 3726 -54.79 -41.96 -8.42
CA GLU E 3726 -54.67 -41.31 -7.11
C GLU E 3726 -54.35 -39.83 -7.26
N GLU E 3727 -53.51 -39.48 -8.24
CA GLU E 3727 -53.18 -38.08 -8.46
C GLU E 3727 -54.42 -37.28 -8.86
N GLY E 3728 -55.27 -37.85 -9.70
CA GLY E 3728 -56.52 -37.22 -10.06
C GLY E 3728 -57.63 -37.36 -9.05
N GLY E 3729 -57.41 -38.14 -8.00
CA GLY E 3729 -58.40 -38.32 -6.95
C GLY E 3729 -59.13 -39.65 -6.99
N GLU E 3730 -58.93 -40.45 -8.03
CA GLU E 3730 -59.59 -41.75 -8.13
C GLU E 3730 -58.63 -42.87 -7.76
N GLU E 3737 -66.86 -25.23 -5.42
CA GLU E 3737 -67.00 -26.06 -4.22
C GLU E 3737 -65.79 -25.88 -3.30
N GLU E 3738 -65.99 -25.14 -2.21
CA GLU E 3738 -64.92 -24.91 -1.24
C GLU E 3738 -64.84 -26.09 -0.27
N VAL E 3739 -64.32 -27.19 -0.79
CA VAL E 3739 -64.18 -28.41 0.00
C VAL E 3739 -62.94 -28.29 0.88
N GLU E 3740 -63.12 -28.48 2.18
CA GLU E 3740 -62.02 -28.40 3.15
C GLU E 3740 -61.44 -29.79 3.31
N VAL E 3741 -60.35 -30.06 2.61
CA VAL E 3741 -59.69 -31.37 2.69
C VAL E 3741 -58.83 -31.41 3.95
N SER E 3742 -59.02 -32.46 4.75
CA SER E 3742 -58.28 -32.58 6.00
C SER E 3742 -56.82 -32.94 5.75
N PHE E 3743 -55.99 -32.63 6.74
CA PHE E 3743 -54.57 -32.97 6.66
C PHE E 3743 -54.38 -34.48 6.54
N GLU E 3744 -55.13 -35.25 7.32
CA GLU E 3744 -55.04 -36.70 7.24
C GLU E 3744 -55.46 -37.20 5.85
N GLU E 3745 -56.54 -36.64 5.30
CA GLU E 3745 -57.00 -37.06 3.99
C GLU E 3745 -55.96 -36.76 2.92
N LYS E 3746 -55.35 -35.57 2.98
CA LYS E 3746 -54.29 -35.24 2.04
C LYS E 3746 -53.11 -36.19 2.17
N GLU E 3747 -52.73 -36.53 3.41
CA GLU E 3747 -51.61 -37.43 3.61
C GLU E 3747 -51.89 -38.82 3.05
N MET E 3748 -53.09 -39.36 3.29
CA MET E 3748 -53.41 -40.68 2.74
C MET E 3748 -53.52 -40.64 1.22
N GLU E 3749 -54.01 -39.55 0.64
CA GLU E 3749 -54.01 -39.42 -0.82
C GLU E 3749 -52.60 -39.44 -1.36
N LYS E 3750 -51.69 -38.71 -0.72
CA LYS E 3750 -50.29 -38.72 -1.14
C LYS E 3750 -49.68 -40.10 -1.01
N GLN E 3751 -49.98 -40.81 0.08
CA GLN E 3751 -49.45 -42.17 0.25
C GLN E 3751 -49.98 -43.11 -0.81
N ARG E 3752 -51.27 -43.00 -1.16
CA ARG E 3752 -51.82 -43.84 -2.22
C ARG E 3752 -51.16 -43.55 -3.56
N LEU E 3753 -50.93 -42.26 -3.86
CA LEU E 3753 -50.23 -41.91 -5.09
C LEU E 3753 -48.81 -42.48 -5.09
N LEU E 3754 -48.12 -42.39 -3.96
CA LEU E 3754 -46.78 -42.94 -3.86
C LEU E 3754 -46.77 -44.44 -4.06
N TYR E 3755 -47.77 -45.15 -3.51
CA TYR E 3755 -47.85 -46.59 -3.69
C TYR E 3755 -48.09 -46.96 -5.15
N GLN E 3756 -49.02 -46.26 -5.81
CA GLN E 3756 -49.31 -46.57 -7.20
C GLN E 3756 -48.12 -46.25 -8.10
N GLN E 3757 -47.35 -45.20 -7.77
CA GLN E 3757 -46.14 -44.92 -8.52
C GLN E 3757 -45.05 -45.94 -8.22
N SER E 3758 -45.01 -46.47 -7.00
CA SER E 3758 -44.05 -47.50 -6.64
C SER E 3758 -44.29 -48.77 -7.42
N ARG E 3759 -45.57 -49.14 -7.61
CA ARG E 3759 -45.88 -50.39 -8.29
C ARG E 3759 -45.31 -50.42 -9.71
N LEU E 3760 -45.01 -49.26 -10.30
CA LEU E 3760 -44.40 -49.20 -11.62
C LEU E 3760 -42.93 -48.83 -11.61
N HIS E 3761 -42.48 -47.95 -10.72
CA HIS E 3761 -41.07 -47.58 -10.77
C HIS E 3761 -40.17 -48.55 -10.02
N THR E 3762 -40.73 -49.47 -9.24
CA THR E 3762 -39.94 -50.56 -8.68
C THR E 3762 -39.81 -51.73 -9.65
N ARG E 3763 -40.08 -51.51 -10.94
CA ARG E 3763 -40.03 -52.58 -11.93
C ARG E 3763 -39.31 -52.19 -13.22
N GLY E 3764 -39.05 -50.91 -13.46
CA GLY E 3764 -38.25 -50.52 -14.61
C GLY E 3764 -38.80 -49.40 -15.46
N ALA E 3765 -39.93 -48.80 -15.05
CA ALA E 3765 -40.54 -47.75 -15.84
C ALA E 3765 -39.67 -46.49 -15.87
N ALA E 3766 -39.00 -46.18 -14.75
CA ALA E 3766 -38.17 -44.98 -14.69
C ALA E 3766 -37.02 -45.03 -15.68
N GLU E 3767 -36.53 -46.22 -16.00
CA GLU E 3767 -35.51 -46.37 -17.04
C GLU E 3767 -36.12 -46.56 -18.42
N MET E 3768 -37.31 -47.16 -18.48
CA MET E 3768 -37.98 -47.36 -19.76
C MET E 3768 -38.32 -46.02 -20.41
N VAL E 3769 -38.79 -45.05 -19.61
CA VAL E 3769 -39.13 -43.75 -20.17
C VAL E 3769 -37.89 -43.07 -20.75
N LEU E 3770 -36.77 -43.13 -20.03
CA LEU E 3770 -35.53 -42.55 -20.55
C LEU E 3770 -35.07 -43.24 -21.82
N GLN E 3771 -35.13 -44.57 -21.86
CA GLN E 3771 -34.72 -45.29 -23.06
C GLN E 3771 -35.61 -44.93 -24.25
N MET E 3772 -36.93 -44.83 -24.01
CA MET E 3772 -37.84 -44.47 -25.10
C MET E 3772 -37.57 -43.06 -25.60
N ILE E 3773 -37.35 -42.11 -24.68
CA ILE E 3773 -37.08 -40.73 -25.10
C ILE E 3773 -35.78 -40.66 -25.88
N SER E 3774 -34.76 -41.41 -25.45
CA SER E 3774 -33.52 -41.45 -26.20
C SER E 3774 -33.70 -42.06 -27.58
N ALA E 3775 -34.53 -43.11 -27.68
CA ALA E 3775 -34.75 -43.78 -28.96
C ALA E 3775 -35.63 -42.98 -29.90
N CYS E 3776 -36.42 -42.04 -29.38
CA CYS E 3776 -37.24 -41.21 -30.26
C CYS E 3776 -36.40 -40.38 -31.23
N LYS E 3777 -35.15 -40.08 -30.86
CA LYS E 3777 -34.23 -39.32 -31.71
C LYS E 3777 -34.80 -37.94 -32.07
N GLY E 3778 -35.56 -37.35 -31.15
CA GLY E 3778 -36.14 -36.03 -31.40
C GLY E 3778 -37.15 -36.02 -32.53
N GLU E 3779 -38.02 -37.02 -32.61
CA GLU E 3779 -39.05 -37.08 -33.63
C GLU E 3779 -40.41 -37.06 -32.94
N THR E 3780 -41.25 -36.09 -33.32
CA THR E 3780 -42.56 -35.95 -32.71
C THR E 3780 -43.49 -37.07 -33.16
N GLY E 3781 -44.26 -37.60 -32.21
CA GLY E 3781 -45.23 -38.62 -32.55
C GLY E 3781 -45.98 -39.11 -31.32
N ALA E 3782 -46.79 -40.14 -31.56
CA ALA E 3782 -47.60 -40.73 -30.49
C ALA E 3782 -46.73 -41.51 -29.52
N MET E 3783 -45.64 -42.10 -29.99
CA MET E 3783 -44.73 -42.82 -29.09
C MET E 3783 -44.15 -41.87 -28.05
N VAL E 3784 -43.58 -40.75 -28.49
CA VAL E 3784 -43.01 -39.81 -27.55
C VAL E 3784 -44.10 -39.15 -26.71
N SER E 3785 -45.29 -38.93 -27.29
CA SER E 3785 -46.38 -38.38 -26.49
C SER E 3785 -46.76 -39.32 -25.34
N SER E 3786 -46.90 -40.62 -25.64
CA SER E 3786 -47.23 -41.59 -24.61
C SER E 3786 -46.12 -41.71 -23.58
N THR E 3787 -44.86 -41.69 -24.04
CA THR E 3787 -43.74 -41.77 -23.11
C THR E 3787 -43.72 -40.55 -22.17
N LEU E 3788 -43.97 -39.36 -22.71
CA LEU E 3788 -44.01 -38.17 -21.88
C LEU E 3788 -45.16 -38.22 -20.88
N LYS E 3789 -46.33 -38.70 -21.31
CA LYS E 3789 -47.44 -38.83 -20.38
C LYS E 3789 -47.13 -39.82 -19.26
N LEU E 3790 -46.51 -40.95 -19.61
CA LEU E 3790 -46.12 -41.93 -18.59
C LEU E 3790 -45.10 -41.34 -17.63
N GLY E 3791 -44.13 -40.58 -18.15
CA GLY E 3791 -43.14 -39.95 -17.28
C GLY E 3791 -43.76 -38.94 -16.34
N ILE E 3792 -44.70 -38.13 -16.85
CA ILE E 3792 -45.39 -37.17 -16.00
C ILE E 3792 -46.19 -37.89 -14.92
N SER E 3793 -46.87 -38.97 -15.29
CA SER E 3793 -47.65 -39.72 -14.30
C SER E 3793 -46.74 -40.33 -13.23
N ILE E 3794 -45.57 -40.81 -13.63
CA ILE E 3794 -44.64 -41.40 -12.67
C ILE E 3794 -44.05 -40.34 -11.75
N LEU E 3795 -43.67 -39.19 -12.31
CA LEU E 3795 -43.00 -38.14 -11.56
C LEU E 3795 -43.95 -37.15 -10.89
N ASN E 3796 -45.26 -37.35 -11.02
CA ASN E 3796 -46.21 -36.41 -10.46
C ASN E 3796 -46.06 -36.31 -8.94
N GLY E 3797 -46.08 -35.09 -8.43
CA GLY E 3797 -45.85 -34.85 -7.02
C GLY E 3797 -44.40 -34.74 -6.61
N GLY E 3798 -43.48 -34.75 -7.57
CA GLY E 3798 -42.06 -34.65 -7.27
C GLY E 3798 -41.55 -35.83 -6.47
N ASN E 3799 -41.60 -37.03 -7.05
CA ASN E 3799 -41.22 -38.25 -6.35
C ASN E 3799 -39.69 -38.34 -6.30
N ALA E 3800 -39.14 -38.19 -5.10
CA ALA E 3800 -37.69 -38.17 -4.93
C ALA E 3800 -37.07 -39.51 -5.33
N GLU E 3801 -37.75 -40.62 -5.02
CA GLU E 3801 -37.21 -41.93 -5.36
C GLU E 3801 -37.04 -42.09 -6.86
N VAL E 3802 -38.09 -41.77 -7.63
CA VAL E 3802 -37.98 -41.92 -9.07
C VAL E 3802 -36.98 -40.91 -9.63
N GLN E 3803 -36.92 -39.70 -9.07
CA GLN E 3803 -35.94 -38.73 -9.53
C GLN E 3803 -34.53 -39.26 -9.33
N GLN E 3804 -34.27 -39.87 -8.18
CA GLN E 3804 -32.96 -40.47 -7.93
C GLN E 3804 -32.67 -41.60 -8.90
N LYS E 3805 -33.68 -42.42 -9.20
CA LYS E 3805 -33.47 -43.54 -10.12
C LYS E 3805 -33.11 -43.04 -11.52
N MET E 3806 -33.86 -42.06 -12.03
CA MET E 3806 -33.53 -41.51 -13.36
C MET E 3806 -32.16 -40.86 -13.36
N LEU E 3807 -31.84 -40.08 -12.32
CA LEU E 3807 -30.53 -39.41 -12.28
C LEU E 3807 -29.40 -40.42 -12.24
N ASP E 3808 -29.53 -41.47 -11.42
CA ASP E 3808 -28.51 -42.50 -11.35
C ASP E 3808 -28.35 -43.23 -12.67
N TYR E 3809 -29.46 -43.56 -13.34
CA TYR E 3809 -29.36 -44.21 -14.64
C TYR E 3809 -28.67 -43.33 -15.67
N LEU E 3810 -29.03 -42.04 -15.71
CA LEU E 3810 -28.41 -41.13 -16.66
C LEU E 3810 -26.92 -41.00 -16.42
N LYS E 3811 -26.52 -40.84 -15.15
CA LYS E 3811 -25.10 -40.67 -14.84
C LYS E 3811 -24.33 -41.96 -15.06
N ASP E 3812 -24.94 -43.12 -14.83
CA ASP E 3812 -24.25 -44.39 -15.03
C ASP E 3812 -24.04 -44.66 -16.52
N LYS E 3813 -25.08 -44.48 -17.33
CA LYS E 3813 -24.96 -44.80 -18.75
C LYS E 3813 -24.18 -43.74 -19.53
N LYS E 3814 -24.22 -42.49 -19.08
CA LYS E 3814 -23.44 -41.40 -19.69
C LYS E 3814 -23.75 -41.26 -21.19
N GLU E 3815 -24.99 -40.88 -21.46
CA GLU E 3815 -25.50 -40.78 -22.82
C GLU E 3815 -25.81 -39.33 -23.16
N VAL E 3816 -25.74 -39.02 -24.46
CA VAL E 3816 -26.14 -37.71 -24.96
C VAL E 3816 -27.45 -37.76 -25.74
N GLY E 3817 -27.93 -38.95 -26.09
CA GLY E 3817 -29.14 -39.04 -26.89
C GLY E 3817 -30.36 -38.47 -26.21
N PHE E 3818 -30.47 -38.67 -24.89
CA PHE E 3818 -31.62 -38.16 -24.15
C PHE E 3818 -31.73 -36.65 -24.27
N PHE E 3819 -30.65 -35.93 -23.97
CA PHE E 3819 -30.69 -34.48 -24.02
C PHE E 3819 -30.74 -33.96 -25.44
N GLN E 3820 -30.11 -34.67 -26.39
CA GLN E 3820 -30.22 -34.27 -27.79
C GLN E 3820 -31.66 -34.37 -28.27
N SER E 3821 -32.35 -35.46 -27.93
CA SER E 3821 -33.76 -35.61 -28.29
C SER E 3821 -34.63 -34.56 -27.61
N ILE E 3822 -34.34 -34.25 -26.35
CA ILE E 3822 -35.11 -33.23 -25.64
C ILE E 3822 -34.94 -31.87 -26.31
N GLN E 3823 -33.70 -31.52 -26.68
CA GLN E 3823 -33.45 -30.27 -27.37
C GLN E 3823 -34.14 -30.24 -28.73
N ALA E 3824 -34.11 -31.34 -29.46
CA ALA E 3824 -34.79 -31.39 -30.75
C ALA E 3824 -36.29 -31.22 -30.59
N LEU E 3825 -36.87 -31.86 -29.57
CA LEU E 3825 -38.30 -31.71 -29.32
C LEU E 3825 -38.66 -30.27 -28.97
N MET E 3826 -37.82 -29.60 -28.17
CA MET E 3826 -38.07 -28.19 -27.90
C MET E 3826 -37.97 -27.35 -29.18
N GLN E 3827 -36.97 -27.63 -30.01
CA GLN E 3827 -36.81 -26.85 -31.24
C GLN E 3827 -37.96 -27.08 -32.21
N THR E 3828 -38.58 -28.26 -32.18
CA THR E 3828 -39.68 -28.57 -33.07
C THR E 3828 -41.05 -28.28 -32.45
N CYS E 3829 -41.14 -27.30 -31.58
CA CYS E 3829 -42.42 -26.90 -31.00
C CYS E 3829 -43.14 -25.97 -31.96
N SER E 3830 -44.24 -25.36 -31.51
CA SER E 3830 -45.08 -24.53 -32.36
C SER E 3830 -45.33 -23.18 -31.71
N VAL E 3831 -45.53 -22.17 -32.56
CA VAL E 3831 -45.87 -20.82 -32.13
C VAL E 3831 -47.04 -20.33 -32.97
N LEU E 3832 -47.65 -19.23 -32.52
CA LEU E 3832 -48.79 -18.66 -33.22
C LEU E 3832 -48.39 -18.20 -34.62
N ASP E 3833 -49.25 -18.47 -35.61
CA ASP E 3833 -48.97 -18.15 -37.00
C ASP E 3833 -50.11 -17.31 -37.56
N LEU E 3834 -49.81 -16.04 -37.86
CA LEU E 3834 -50.83 -15.13 -38.37
C LEU E 3834 -51.31 -15.54 -39.76
N ASN E 3835 -50.40 -16.02 -40.60
CA ASN E 3835 -50.79 -16.48 -41.92
C ASN E 3835 -51.76 -17.67 -41.82
N ALA E 3836 -51.46 -18.61 -40.94
CA ALA E 3836 -52.36 -19.73 -40.73
C ALA E 3836 -53.70 -19.25 -40.18
N PHE E 3837 -53.68 -18.26 -39.29
CA PHE E 3837 -54.93 -17.74 -38.75
C PHE E 3837 -55.78 -17.12 -39.83
N GLU E 3838 -55.17 -16.31 -40.70
CA GLU E 3838 -55.91 -15.68 -41.78
C GLU E 3838 -56.47 -16.72 -42.75
N ARG E 3839 -55.67 -17.72 -43.10
CA ARG E 3839 -56.14 -18.77 -43.99
C ARG E 3839 -57.30 -19.54 -43.36
N GLN E 3840 -57.20 -19.86 -42.06
CA GLN E 3840 -58.28 -20.57 -41.39
C GLN E 3840 -59.55 -19.74 -41.36
N ASN E 3841 -59.44 -18.44 -41.04
CA ASN E 3841 -60.62 -17.59 -41.01
C ASN E 3841 -61.29 -17.51 -42.37
N LYS E 3842 -60.49 -17.33 -43.43
CA LYS E 3842 -61.07 -17.22 -44.77
C LYS E 3842 -61.72 -18.52 -45.19
N ALA E 3843 -61.05 -19.65 -44.95
CA ALA E 3843 -61.61 -20.95 -45.33
C ALA E 3843 -62.89 -21.26 -44.55
N GLU E 3844 -62.90 -20.94 -43.26
CA GLU E 3844 -64.10 -21.15 -42.45
C GLU E 3844 -65.24 -20.27 -42.93
N GLY E 3845 -64.93 -19.03 -43.32
CA GLY E 3845 -65.96 -18.15 -43.86
C GLY E 3845 -66.55 -18.67 -45.16
N LEU E 3846 -65.70 -19.19 -46.05
CA LEU E 3846 -66.16 -19.64 -47.35
C LEU E 3846 -66.59 -21.10 -47.37
N GLY E 3847 -66.52 -21.79 -46.24
CA GLY E 3847 -66.76 -23.23 -46.16
C GLY E 3847 -67.98 -23.77 -46.87
N GLU E 3862 -58.23 -26.58 -34.30
CA GLU E 3862 -57.46 -25.38 -34.55
C GLU E 3862 -56.09 -25.76 -35.12
N LYS E 3863 -55.60 -24.99 -36.09
CA LYS E 3863 -54.30 -25.26 -36.67
C LYS E 3863 -53.29 -24.17 -36.44
N VAL E 3864 -53.68 -23.02 -35.87
CA VAL E 3864 -52.74 -21.93 -35.64
C VAL E 3864 -51.87 -22.17 -34.42
N MET E 3865 -52.27 -23.10 -33.55
CA MET E 3865 -51.42 -23.59 -32.48
C MET E 3865 -51.79 -25.03 -32.19
N ALA E 3866 -51.11 -25.96 -32.85
CA ALA E 3866 -51.21 -27.38 -32.58
C ALA E 3866 -50.08 -27.77 -31.64
N ASP E 3867 -50.04 -29.04 -31.25
CA ASP E 3867 -49.01 -29.58 -30.37
C ASP E 3867 -48.95 -28.84 -29.04
N ASP E 3868 -50.02 -28.11 -28.70
CA ASP E 3868 -50.04 -27.40 -27.42
C ASP E 3868 -49.98 -28.38 -26.26
N GLU E 3869 -50.72 -29.49 -26.35
CA GLU E 3869 -50.63 -30.51 -25.33
C GLU E 3869 -49.23 -31.09 -25.26
N PHE E 3870 -48.60 -31.30 -26.41
CA PHE E 3870 -47.25 -31.85 -26.43
C PHE E 3870 -46.26 -30.93 -25.74
N THR E 3871 -46.30 -29.64 -26.04
CA THR E 3871 -45.33 -28.72 -25.45
C THR E 3871 -45.60 -28.51 -23.96
N GLN E 3872 -46.88 -28.45 -23.57
CA GLN E 3872 -47.20 -28.34 -22.15
C GLN E 3872 -46.75 -29.58 -21.39
N ASP E 3873 -46.91 -30.75 -21.98
CA ASP E 3873 -46.45 -31.98 -21.34
C ASP E 3873 -44.94 -32.03 -21.25
N LEU E 3874 -44.24 -31.57 -22.29
CA LEU E 3874 -42.78 -31.55 -22.25
C LEU E 3874 -42.28 -30.65 -21.13
N PHE E 3875 -42.82 -29.44 -21.02
CA PHE E 3875 -42.37 -28.55 -19.96
C PHE E 3875 -42.83 -29.01 -18.59
N ARG E 3876 -43.99 -29.66 -18.49
CA ARG E 3876 -44.41 -30.25 -17.23
C ARG E 3876 -43.45 -31.37 -16.82
N PHE E 3877 -42.99 -32.16 -17.78
CA PHE E 3877 -42.01 -33.20 -17.50
C PHE E 3877 -40.71 -32.61 -16.98
N LEU E 3878 -40.22 -31.54 -17.63
CA LEU E 3878 -39.01 -30.88 -17.17
C LEU E 3878 -39.19 -30.32 -15.75
N GLN E 3879 -40.34 -29.69 -15.50
CA GLN E 3879 -40.62 -29.15 -14.17
C GLN E 3879 -40.65 -30.24 -13.13
N LEU E 3880 -41.25 -31.40 -13.46
CA LEU E 3880 -41.25 -32.52 -12.53
C LEU E 3880 -39.84 -33.06 -12.30
N LEU E 3881 -39.01 -33.08 -13.34
CA LEU E 3881 -37.63 -33.50 -13.17
C LEU E 3881 -36.89 -32.62 -12.19
N CYS E 3882 -37.09 -31.30 -12.28
CA CYS E 3882 -36.47 -30.39 -11.33
C CYS E 3882 -37.26 -30.21 -10.04
N GLU E 3883 -38.42 -30.85 -9.93
CA GLU E 3883 -39.30 -30.63 -8.78
C GLU E 3883 -38.65 -31.15 -7.50
N GLY E 3884 -38.95 -30.48 -6.39
CA GLY E 3884 -38.34 -30.82 -5.12
C GLY E 3884 -37.07 -30.08 -4.80
N HIS E 3885 -36.68 -29.11 -5.63
CA HIS E 3885 -35.48 -28.31 -5.41
C HIS E 3885 -34.21 -29.15 -5.42
N ASN E 3886 -34.22 -30.23 -6.19
CA ASN E 3886 -33.06 -31.13 -6.26
C ASN E 3886 -31.92 -30.46 -7.01
N ASN E 3887 -30.94 -29.95 -6.25
CA ASN E 3887 -29.82 -29.25 -6.84
C ASN E 3887 -29.03 -30.15 -7.78
N ASP E 3888 -28.95 -31.45 -7.48
CA ASP E 3888 -28.23 -32.36 -8.36
C ASP E 3888 -28.83 -32.37 -9.76
N PHE E 3889 -30.15 -32.56 -9.85
CA PHE E 3889 -30.78 -32.63 -11.17
C PHE E 3889 -30.79 -31.27 -11.85
N GLN E 3890 -30.97 -30.20 -11.07
CA GLN E 3890 -30.93 -28.85 -11.65
C GLN E 3890 -29.55 -28.57 -12.28
N ASN E 3891 -28.48 -28.90 -11.56
CA ASN E 3891 -27.14 -28.70 -12.10
C ASN E 3891 -26.88 -29.64 -13.27
N TYR E 3892 -27.45 -30.85 -13.23
CA TYR E 3892 -27.29 -31.77 -14.33
C TYR E 3892 -27.95 -31.24 -15.61
N LEU E 3893 -29.14 -30.66 -15.47
CA LEU E 3893 -29.80 -30.04 -16.63
C LEU E 3893 -28.98 -28.86 -17.16
N ARG E 3894 -28.39 -28.07 -16.26
CA ARG E 3894 -27.54 -26.98 -16.73
C ARG E 3894 -26.34 -27.52 -17.49
N THR E 3895 -25.48 -28.30 -16.81
CA THR E 3895 -24.31 -28.91 -17.41
C THR E 3895 -24.30 -30.40 -17.08
N GLN E 3896 -24.03 -31.23 -18.10
CA GLN E 3896 -23.94 -32.67 -17.93
C GLN E 3896 -22.48 -33.06 -17.85
N THR E 3897 -21.92 -33.01 -16.64
CA THR E 3897 -20.53 -33.37 -16.44
C THR E 3897 -20.31 -34.86 -16.68
N GLY E 3898 -19.12 -35.20 -17.15
CA GLY E 3898 -18.76 -36.56 -17.51
C GLY E 3898 -19.04 -36.90 -18.96
N ASN E 3899 -20.19 -36.45 -19.48
CA ASN E 3899 -20.51 -36.66 -20.88
C ASN E 3899 -19.61 -35.81 -21.76
N THR E 3900 -19.41 -36.29 -23.00
CA THR E 3900 -18.54 -35.58 -23.93
C THR E 3900 -19.13 -34.24 -24.36
N THR E 3901 -20.46 -34.13 -24.40
CA THR E 3901 -21.12 -32.91 -24.85
C THR E 3901 -22.24 -32.57 -23.88
N THR E 3902 -22.44 -31.28 -23.63
CA THR E 3902 -23.47 -30.80 -22.71
C THR E 3902 -24.46 -29.92 -23.46
N ILE E 3903 -25.72 -30.00 -23.07
CA ILE E 3903 -26.80 -29.22 -23.65
C ILE E 3903 -27.49 -28.43 -22.54
N ASN E 3904 -27.78 -27.16 -22.79
CA ASN E 3904 -28.29 -26.25 -21.77
C ASN E 3904 -29.80 -26.13 -21.91
N ILE E 3905 -30.50 -26.97 -21.16
CA ILE E 3905 -31.96 -26.95 -21.20
C ILE E 3905 -32.47 -25.63 -20.64
N ILE E 3906 -31.77 -25.11 -19.64
CA ILE E 3906 -32.20 -23.86 -19.03
C ILE E 3906 -32.27 -22.80 -20.10
N ILE E 3907 -31.20 -22.66 -20.86
CA ILE E 3907 -31.18 -21.67 -21.94
C ILE E 3907 -32.21 -22.02 -23.00
N CYS E 3908 -32.35 -23.29 -23.31
CA CYS E 3908 -33.31 -23.71 -24.32
C CYS E 3908 -34.71 -23.28 -23.92
N THR E 3909 -35.06 -23.49 -22.66
CA THR E 3909 -36.38 -23.10 -22.19
C THR E 3909 -36.55 -21.61 -22.38
N VAL E 3910 -35.53 -20.83 -22.02
CA VAL E 3910 -35.59 -19.39 -22.18
C VAL E 3910 -35.78 -19.02 -23.64
N ASP E 3911 -35.04 -19.69 -24.52
CA ASP E 3911 -35.13 -19.38 -25.94
C ASP E 3911 -36.54 -19.57 -26.44
N TYR E 3912 -37.18 -20.66 -26.06
CA TYR E 3912 -38.53 -20.92 -26.50
C TYR E 3912 -39.47 -19.85 -26.00
N LEU E 3913 -39.34 -19.48 -24.74
CA LEU E 3913 -40.23 -18.48 -24.16
C LEU E 3913 -40.12 -17.21 -24.98
N LEU E 3914 -38.91 -16.88 -25.41
CA LEU E 3914 -38.73 -15.71 -26.25
C LEU E 3914 -39.57 -15.83 -27.50
N ARG E 3915 -39.38 -16.90 -28.26
CA ARG E 3915 -40.12 -17.07 -29.50
C ARG E 3915 -41.62 -16.95 -29.27
N LEU E 3916 -42.11 -17.52 -28.17
CA LEU E 3916 -43.52 -17.39 -27.84
C LEU E 3916 -43.90 -15.94 -27.58
N GLN E 3917 -43.01 -15.19 -26.91
CA GLN E 3917 -43.28 -13.78 -26.67
C GLN E 3917 -43.37 -13.00 -27.98
N GLU E 3918 -42.48 -13.31 -28.93
CA GLU E 3918 -42.55 -12.64 -30.22
C GLU E 3918 -43.86 -12.97 -30.94
N SER E 3919 -44.30 -14.22 -30.87
CA SER E 3919 -45.57 -14.59 -31.50
C SER E 3919 -46.74 -13.84 -30.86
N ILE E 3920 -46.74 -13.74 -29.53
CA ILE E 3920 -47.82 -13.02 -28.85
C ILE E 3920 -47.79 -11.54 -29.21
N SER E 3921 -46.60 -10.96 -29.35
CA SER E 3921 -46.51 -9.57 -29.76
C SER E 3921 -47.06 -9.37 -31.16
N ASP E 3922 -46.79 -10.32 -32.08
CA ASP E 3922 -47.35 -10.22 -33.42
C ASP E 3922 -48.87 -10.31 -33.39
N PHE E 3923 -49.42 -11.21 -32.56
CA PHE E 3923 -50.87 -11.30 -32.44
C PHE E 3923 -51.46 -10.01 -31.88
N TYR E 3924 -50.79 -9.39 -30.90
CA TYR E 3924 -51.24 -8.12 -30.37
C TYR E 3924 -51.23 -7.04 -31.44
N TRP E 3925 -50.18 -6.99 -32.26
CA TRP E 3925 -50.14 -6.02 -33.34
C TRP E 3925 -51.26 -6.26 -34.34
N TYR E 3926 -51.59 -7.52 -34.61
CA TYR E 3926 -52.69 -7.82 -35.53
C TYR E 3926 -54.02 -7.33 -34.97
N TYR E 3927 -54.31 -7.66 -33.71
CA TYR E 3927 -55.61 -7.35 -33.13
C TYR E 3927 -55.68 -5.98 -32.47
N SER E 3928 -54.62 -5.18 -32.56
CA SER E 3928 -54.64 -3.86 -31.94
C SER E 3928 -55.58 -2.90 -32.67
N GLY E 3929 -55.64 -3.01 -34.01
CA GLY E 3929 -56.50 -2.12 -34.77
C GLY E 3929 -57.98 -2.35 -34.50
N LYS E 3930 -58.39 -3.61 -34.44
CA LYS E 3930 -59.81 -3.92 -34.29
C LYS E 3930 -60.32 -3.54 -32.90
N ASP E 3931 -61.58 -3.13 -32.84
CA ASP E 3931 -62.18 -2.70 -31.58
C ASP E 3931 -62.42 -3.87 -30.64
N VAL E 3932 -62.98 -4.96 -31.15
CA VAL E 3932 -63.38 -6.10 -30.33
C VAL E 3932 -62.71 -7.35 -30.87
N ILE E 3933 -62.10 -8.13 -29.98
CA ILE E 3933 -61.45 -9.37 -30.34
C ILE E 3933 -62.51 -10.44 -30.56
N GLU E 3934 -62.38 -11.21 -31.64
CA GLU E 3934 -63.34 -12.25 -31.95
C GLU E 3934 -63.00 -13.54 -31.20
N GLU E 3935 -63.92 -14.50 -31.28
CA GLU E 3935 -63.81 -15.73 -30.50
C GLU E 3935 -62.58 -16.54 -30.89
N GLN E 3936 -62.25 -16.58 -32.19
CA GLN E 3936 -61.06 -17.30 -32.62
C GLN E 3936 -59.80 -16.68 -32.04
N GLY E 3937 -59.71 -15.35 -32.06
CA GLY E 3937 -58.57 -14.69 -31.46
C GLY E 3937 -58.48 -14.92 -29.97
N LYS E 3938 -59.63 -14.93 -29.29
CA LYS E 3938 -59.64 -15.22 -27.86
C LYS E 3938 -59.13 -16.63 -27.57
N ARG E 3939 -59.56 -17.60 -28.37
CA ARG E 3939 -59.09 -18.97 -28.19
C ARG E 3939 -57.58 -19.07 -28.41
N ASN E 3940 -57.08 -18.44 -29.48
CA ASN E 3940 -55.65 -18.47 -29.76
C ASN E 3940 -54.86 -17.81 -28.63
N PHE E 3941 -55.35 -16.67 -28.12
CA PHE E 3941 -54.69 -16.00 -27.02
C PHE E 3941 -54.65 -16.87 -25.77
N SER E 3942 -55.76 -17.56 -25.48
CA SER E 3942 -55.79 -18.45 -24.33
C SER E 3942 -54.78 -19.58 -24.47
N LYS E 3943 -54.70 -20.17 -25.67
CA LYS E 3943 -53.73 -21.25 -25.90
C LYS E 3943 -52.30 -20.75 -25.67
N ALA E 3944 -51.95 -19.64 -26.31
CA ALA E 3944 -50.59 -19.13 -26.20
C ALA E 3944 -50.26 -18.74 -24.75
N MET E 3945 -51.22 -18.14 -24.05
CA MET E 3945 -50.96 -17.70 -22.69
C MET E 3945 -50.82 -18.88 -21.73
N SER E 3946 -51.59 -19.95 -21.96
CA SER E 3946 -51.41 -21.16 -21.15
C SER E 3946 -50.03 -21.77 -21.37
N VAL E 3947 -49.59 -21.83 -22.64
CA VAL E 3947 -48.26 -22.36 -22.91
C VAL E 3947 -47.19 -21.51 -22.25
N ALA E 3948 -47.33 -20.19 -22.33
CA ALA E 3948 -46.37 -19.30 -21.69
C ALA E 3948 -46.39 -19.47 -20.17
N LYS E 3949 -47.57 -19.69 -19.60
CA LYS E 3949 -47.67 -19.95 -18.16
C LYS E 3949 -46.89 -21.20 -17.78
N GLN E 3950 -46.98 -22.24 -18.60
CA GLN E 3950 -46.20 -23.45 -18.32
C GLN E 3950 -44.70 -23.18 -18.36
N VAL E 3951 -44.26 -22.45 -19.37
CA VAL E 3951 -42.83 -22.18 -19.52
C VAL E 3951 -42.30 -21.41 -18.31
N PHE E 3952 -43.04 -20.41 -17.85
CA PHE E 3952 -42.63 -19.65 -16.69
C PHE E 3952 -42.48 -20.54 -15.46
N ASN E 3953 -43.46 -21.41 -15.25
CA ASN E 3953 -43.43 -22.30 -14.10
C ASN E 3953 -42.20 -23.19 -14.15
N SER E 3954 -41.87 -23.66 -15.34
CA SER E 3954 -40.70 -24.52 -15.49
C SER E 3954 -39.43 -23.77 -15.10
N LEU E 3955 -39.29 -22.54 -15.57
CA LEU E 3955 -38.11 -21.73 -15.25
C LEU E 3955 -38.02 -21.49 -13.74
N THR E 3956 -39.15 -21.22 -13.11
CA THR E 3956 -39.15 -20.99 -11.67
C THR E 3956 -38.60 -22.20 -10.96
N GLU E 3957 -39.05 -23.38 -11.34
CA GLU E 3957 -38.58 -24.61 -10.69
C GLU E 3957 -37.09 -24.78 -10.87
N TYR E 3958 -36.57 -24.36 -12.01
CA TYR E 3958 -35.14 -24.49 -12.27
C TYR E 3958 -34.31 -23.73 -11.24
N ILE E 3959 -34.79 -22.55 -10.84
CA ILE E 3959 -34.03 -21.73 -9.91
C ILE E 3959 -34.66 -21.57 -8.54
N GLN E 3960 -35.94 -21.92 -8.41
CA GLN E 3960 -36.63 -21.72 -7.14
C GLN E 3960 -35.72 -22.05 -5.97
N GLY E 3961 -35.32 -23.30 -5.85
CA GLY E 3961 -34.39 -23.63 -4.80
C GLY E 3961 -33.04 -23.02 -5.14
N PRO E 3962 -32.41 -22.33 -4.17
CA PRO E 3962 -31.20 -21.56 -4.48
C PRO E 3962 -30.21 -22.38 -5.30
N CYS E 3963 -30.03 -21.97 -6.56
CA CYS E 3963 -29.19 -22.66 -7.52
C CYS E 3963 -28.39 -21.58 -8.21
N THR E 3964 -27.18 -21.34 -7.72
CA THR E 3964 -26.36 -20.24 -8.21
C THR E 3964 -26.12 -20.36 -9.72
N GLY E 3965 -25.80 -21.57 -10.19
CA GLY E 3965 -25.52 -21.75 -11.60
C GLY E 3965 -26.70 -21.37 -12.48
N ASN E 3966 -27.89 -21.88 -12.15
CA ASN E 3966 -29.07 -21.58 -12.96
C ASN E 3966 -29.43 -20.09 -12.87
N GLN E 3967 -29.36 -19.51 -11.67
CA GLN E 3967 -29.70 -18.10 -11.54
C GLN E 3967 -28.75 -17.21 -12.33
N GLN E 3968 -27.45 -17.49 -12.26
CA GLN E 3968 -26.48 -16.71 -13.03
C GLN E 3968 -26.70 -16.91 -14.52
N SER E 3969 -27.01 -18.14 -14.94
CA SER E 3969 -27.26 -18.39 -16.36
C SER E 3969 -28.44 -17.58 -16.86
N LEU E 3970 -29.54 -17.55 -16.10
CA LEU E 3970 -30.66 -16.69 -16.47
C LEU E 3970 -30.26 -15.23 -16.47
N ALA E 3971 -29.45 -14.82 -15.50
CA ALA E 3971 -29.02 -13.42 -15.42
C ALA E 3971 -28.25 -13.01 -16.67
N HIS E 3972 -27.40 -13.89 -17.19
CA HIS E 3972 -26.66 -13.61 -18.41
C HIS E 3972 -27.40 -14.01 -19.68
N SER E 3973 -28.59 -14.59 -19.55
CA SER E 3973 -29.36 -15.02 -20.72
C SER E 3973 -30.13 -13.85 -21.32
N ARG E 3974 -30.87 -14.14 -22.39
CA ARG E 3974 -31.66 -13.11 -23.05
C ARG E 3974 -33.05 -13.03 -22.45
N LEU E 3975 -33.21 -13.57 -21.25
CA LEU E 3975 -34.51 -13.58 -20.61
C LEU E 3975 -35.07 -12.18 -20.46
N TRP E 3976 -34.20 -11.23 -20.12
CA TRP E 3976 -34.64 -9.86 -19.90
C TRP E 3976 -35.44 -9.31 -21.08
N ASP E 3977 -34.92 -9.46 -22.29
CA ASP E 3977 -35.62 -8.95 -23.48
C ASP E 3977 -37.04 -9.48 -23.54
N ALA E 3978 -37.22 -10.80 -23.34
CA ALA E 3978 -38.54 -11.41 -23.26
C ALA E 3978 -39.38 -10.75 -22.17
N VAL E 3979 -38.76 -10.44 -21.03
CA VAL E 3979 -39.49 -9.78 -19.95
C VAL E 3979 -40.00 -8.41 -20.39
N VAL E 3980 -39.15 -7.64 -21.07
CA VAL E 3980 -39.56 -6.33 -21.55
C VAL E 3980 -40.71 -6.45 -22.55
N GLY E 3981 -40.59 -7.40 -23.49
CA GLY E 3981 -41.65 -7.59 -24.47
C GLY E 3981 -42.97 -8.00 -23.84
N PHE E 3982 -42.91 -8.93 -22.89
CA PHE E 3982 -44.12 -9.34 -22.18
C PHE E 3982 -44.71 -8.16 -21.41
N LEU E 3983 -43.87 -7.33 -20.81
CA LEU E 3983 -44.39 -6.16 -20.10
C LEU E 3983 -45.14 -5.23 -21.05
N HIS E 3984 -44.59 -5.00 -22.24
CA HIS E 3984 -45.27 -4.17 -23.24
C HIS E 3984 -46.62 -4.76 -23.61
N VAL E 3985 -46.63 -6.05 -23.94
CA VAL E 3985 -47.88 -6.69 -24.37
C VAL E 3985 -48.91 -6.68 -23.25
N PHE E 3986 -48.48 -6.99 -22.01
CA PHE E 3986 -49.39 -6.95 -20.88
C PHE E 3986 -49.98 -5.56 -20.70
N ALA E 3987 -49.12 -4.53 -20.74
CA ALA E 3987 -49.58 -3.17 -20.47
C ALA E 3987 -50.63 -2.73 -21.47
N HIS E 3988 -50.42 -3.04 -22.75
CA HIS E 3988 -51.43 -2.63 -23.74
C HIS E 3988 -52.67 -3.53 -23.68
N MET E 3989 -52.50 -4.84 -23.44
CA MET E 3989 -53.63 -5.75 -23.49
C MET E 3989 -54.59 -5.53 -22.33
N MET E 3990 -54.07 -5.24 -21.13
CA MET E 3990 -54.99 -5.00 -20.01
C MET E 3990 -55.82 -3.75 -20.28
N MET E 3991 -55.20 -2.69 -20.80
CA MET E 3991 -55.92 -1.47 -21.10
C MET E 3991 -56.99 -1.70 -22.15
N LYS E 3992 -56.68 -2.49 -23.18
CA LYS E 3992 -57.70 -2.75 -24.20
C LYS E 3992 -58.83 -3.62 -23.65
N LEU E 3993 -58.50 -4.71 -22.95
CA LEU E 3993 -59.52 -5.61 -22.46
C LEU E 3993 -60.37 -5.01 -21.36
N ALA E 3994 -59.90 -3.96 -20.68
CA ALA E 3994 -60.69 -3.34 -19.64
C ALA E 3994 -61.96 -2.71 -20.20
N GLN E 3995 -61.87 -2.11 -21.39
CA GLN E 3995 -63.01 -1.37 -21.94
C GLN E 3995 -64.18 -2.29 -22.24
N ASP E 3996 -63.91 -3.47 -22.81
CA ASP E 3996 -64.98 -4.39 -23.22
C ASP E 3996 -65.29 -5.34 -22.07
N SER E 3997 -66.58 -5.53 -21.79
CA SER E 3997 -67.03 -6.40 -20.72
C SER E 3997 -67.14 -7.85 -21.13
N SER E 3998 -66.98 -8.16 -22.43
CA SER E 3998 -67.08 -9.53 -22.91
C SER E 3998 -65.74 -10.27 -22.86
N GLN E 3999 -64.67 -9.60 -22.43
CA GLN E 3999 -63.33 -10.18 -22.38
C GLN E 3999 -62.81 -10.24 -20.95
N ILE E 4000 -63.71 -10.35 -19.99
CA ILE E 4000 -63.30 -10.40 -18.58
C ILE E 4000 -62.51 -11.67 -18.28
N GLU E 4001 -62.91 -12.80 -18.87
CA GLU E 4001 -62.16 -14.03 -18.66
C GLU E 4001 -60.75 -13.93 -19.23
N LEU E 4002 -60.62 -13.34 -20.42
CA LEU E 4002 -59.30 -13.14 -21.00
C LEU E 4002 -58.45 -12.21 -20.14
N LEU E 4003 -59.07 -11.16 -19.59
CA LEU E 4003 -58.35 -10.25 -18.69
C LEU E 4003 -57.87 -10.98 -17.44
N LYS E 4004 -58.72 -11.82 -16.86
CA LYS E 4004 -58.32 -12.57 -15.67
C LYS E 4004 -57.18 -13.53 -15.98
N GLU E 4005 -57.25 -14.22 -17.12
CA GLU E 4005 -56.16 -15.12 -17.50
C GLU E 4005 -54.86 -14.35 -17.73
N LEU E 4006 -54.96 -13.18 -18.35
CA LEU E 4006 -53.79 -12.33 -18.54
C LEU E 4006 -53.19 -11.92 -17.20
N LEU E 4007 -54.05 -11.56 -16.24
CA LEU E 4007 -53.57 -11.18 -14.92
C LEU E 4007 -52.87 -12.36 -14.23
N ASP E 4008 -53.42 -13.57 -14.38
CA ASP E 4008 -52.78 -14.75 -13.80
C ASP E 4008 -51.41 -14.99 -14.43
N LEU E 4009 -51.31 -14.83 -15.75
CA LEU E 4009 -50.02 -14.98 -16.41
C LEU E 4009 -49.01 -13.95 -15.90
N GLN E 4010 -49.46 -12.70 -15.73
CA GLN E 4010 -48.58 -11.66 -15.19
C GLN E 4010 -48.16 -12.00 -13.76
N LYS E 4011 -49.07 -12.57 -12.97
CA LYS E 4011 -48.72 -12.99 -11.61
C LYS E 4011 -47.63 -14.04 -11.63
N ASP E 4012 -47.75 -15.04 -12.51
CA ASP E 4012 -46.71 -16.05 -12.62
C ASP E 4012 -45.39 -15.45 -13.07
N MET E 4013 -45.46 -14.46 -13.95
CA MET E 4013 -44.26 -13.76 -14.38
C MET E 4013 -43.56 -13.05 -13.22
N VAL E 4014 -44.35 -12.37 -12.38
CA VAL E 4014 -43.78 -11.69 -11.22
C VAL E 4014 -43.22 -12.70 -10.22
N VAL E 4015 -43.83 -13.87 -10.13
CA VAL E 4015 -43.31 -14.91 -9.25
C VAL E 4015 -41.93 -15.36 -9.71
N MET E 4016 -41.77 -15.53 -11.02
CA MET E 4016 -40.48 -15.96 -11.56
C MET E 4016 -39.41 -14.93 -11.26
N LEU E 4017 -39.74 -13.66 -11.43
CA LEU E 4017 -38.79 -12.60 -11.11
C LEU E 4017 -38.43 -12.73 -9.65
N LEU E 4018 -39.43 -12.62 -8.78
CA LEU E 4018 -39.17 -12.83 -7.36
C LEU E 4018 -38.23 -14.01 -7.11
N SER E 4019 -38.44 -15.11 -7.84
CA SER E 4019 -37.58 -16.28 -7.66
C SER E 4019 -36.18 -16.05 -8.21
N LEU E 4020 -36.06 -15.31 -9.32
CA LEU E 4020 -34.74 -14.92 -9.80
C LEU E 4020 -34.01 -14.07 -8.76
N LEU E 4021 -34.75 -13.27 -7.99
CA LEU E 4021 -34.17 -12.47 -6.92
C LEU E 4021 -34.19 -13.19 -5.58
N GLU E 4022 -33.74 -14.44 -5.55
CA GLU E 4022 -33.63 -15.20 -4.32
C GLU E 4022 -32.19 -15.21 -3.82
N GLY E 4023 -32.00 -14.91 -2.54
CA GLY E 4023 -30.70 -15.00 -1.91
C GLY E 4023 -29.66 -14.04 -2.46
N ASN E 4024 -30.03 -12.78 -2.68
CA ASN E 4024 -29.12 -11.77 -3.17
C ASN E 4024 -28.69 -10.86 -2.03
N VAL E 4025 -27.42 -10.44 -2.07
CA VAL E 4025 -26.87 -9.55 -1.07
C VAL E 4025 -27.27 -8.11 -1.41
N VAL E 4026 -27.03 -7.18 -0.48
CA VAL E 4026 -27.31 -5.78 -0.74
C VAL E 4026 -26.48 -5.32 -1.92
N ASN E 4027 -27.11 -4.63 -2.87
CA ASN E 4027 -26.49 -4.23 -4.12
C ASN E 4027 -25.98 -5.44 -4.89
N GLY E 4028 -26.91 -6.34 -5.21
CA GLY E 4028 -26.59 -7.52 -5.98
C GLY E 4028 -26.62 -7.27 -7.47
N MET E 4029 -25.81 -8.06 -8.19
CA MET E 4029 -25.73 -7.90 -9.64
C MET E 4029 -27.08 -8.13 -10.31
N ILE E 4030 -27.77 -9.21 -9.90
CA ILE E 4030 -29.09 -9.49 -10.46
C ILE E 4030 -30.07 -8.38 -10.10
N ALA E 4031 -29.94 -7.83 -8.89
CA ALA E 4031 -30.82 -6.74 -8.48
C ALA E 4031 -30.64 -5.51 -9.36
N ARG E 4032 -29.38 -5.11 -9.61
CA ARG E 4032 -29.13 -3.98 -10.49
C ARG E 4032 -29.57 -4.28 -11.92
N GLN E 4033 -29.40 -5.52 -12.38
CA GLN E 4033 -29.88 -5.88 -13.71
C GLN E 4033 -31.39 -5.72 -13.83
N MET E 4034 -32.13 -6.15 -12.80
CA MET E 4034 -33.58 -6.00 -12.86
C MET E 4034 -34.00 -4.54 -12.73
N VAL E 4035 -33.26 -3.73 -11.96
CA VAL E 4035 -33.55 -2.31 -11.91
C VAL E 4035 -33.33 -1.67 -13.27
N ASP E 4036 -32.24 -2.04 -13.95
CA ASP E 4036 -31.99 -1.53 -15.30
C ASP E 4036 -33.09 -1.96 -16.26
N MET E 4037 -33.54 -3.21 -16.15
CA MET E 4037 -34.65 -3.69 -16.97
C MET E 4037 -35.92 -2.89 -16.70
N LEU E 4038 -36.19 -2.59 -15.44
CA LEU E 4038 -37.37 -1.80 -15.10
C LEU E 4038 -37.29 -0.39 -15.68
N VAL E 4039 -36.12 0.26 -15.57
CA VAL E 4039 -36.01 1.61 -16.10
C VAL E 4039 -36.03 1.58 -17.63
N GLU E 4040 -35.63 0.46 -18.24
CA GLU E 4040 -35.79 0.30 -19.68
C GLU E 4040 -37.26 0.18 -20.04
N SER E 4041 -38.04 -0.53 -19.24
CA SER E 4041 -39.48 -0.71 -19.46
C SER E 4041 -40.31 0.18 -18.55
N SER E 4042 -39.84 1.40 -18.30
CA SER E 4042 -40.52 2.33 -17.40
C SER E 4042 -41.96 2.59 -17.85
N SER E 4043 -42.16 2.87 -19.13
CA SER E 4043 -43.47 3.34 -19.59
C SER E 4043 -44.56 2.31 -19.34
N ASN E 4044 -44.30 1.05 -19.68
CA ASN E 4044 -45.30 0.00 -19.45
C ASN E 4044 -45.56 -0.21 -17.97
N VAL E 4045 -44.52 -0.15 -17.14
CA VAL E 4045 -44.70 -0.31 -15.70
C VAL E 4045 -45.55 0.83 -15.15
N GLU E 4046 -45.28 2.06 -15.60
CA GLU E 4046 -46.10 3.19 -15.19
C GLU E 4046 -47.55 3.01 -15.62
N MET E 4047 -47.76 2.50 -16.84
CA MET E 4047 -49.11 2.25 -17.31
C MET E 4047 -49.84 1.24 -16.42
N ILE E 4048 -49.14 0.16 -16.04
CA ILE E 4048 -49.77 -0.87 -15.21
C ILE E 4048 -50.09 -0.33 -13.81
N LEU E 4049 -49.15 0.41 -13.21
CA LEU E 4049 -49.41 1.00 -11.91
C LEU E 4049 -50.56 1.99 -11.97
N LYS E 4050 -50.63 2.77 -13.05
CA LYS E 4050 -51.74 3.70 -13.24
C LYS E 4050 -53.05 2.93 -13.36
N PHE E 4051 -53.03 1.79 -14.06
CA PHE E 4051 -54.21 0.95 -14.17
C PHE E 4051 -54.71 0.50 -12.81
N PHE E 4052 -53.80 0.09 -11.92
CA PHE E 4052 -54.23 -0.30 -10.58
C PHE E 4052 -54.77 0.91 -9.80
N ASP E 4053 -54.01 2.01 -9.76
CA ASP E 4053 -54.39 3.10 -8.87
C ASP E 4053 -55.66 3.79 -9.33
N MET E 4054 -55.93 3.82 -10.63
CA MET E 4054 -57.18 4.43 -11.10
C MET E 4054 -58.38 3.70 -10.53
N PHE E 4055 -58.37 2.36 -10.56
CA PHE E 4055 -59.50 1.62 -10.01
C PHE E 4055 -59.54 1.69 -8.48
N LEU E 4056 -58.38 1.76 -7.83
CA LEU E 4056 -58.38 1.94 -6.38
C LEU E 4056 -59.06 3.26 -6.00
N LYS E 4057 -58.65 4.36 -6.63
CA LYS E 4057 -59.29 5.64 -6.36
C LYS E 4057 -60.75 5.65 -6.81
N LEU E 4058 -61.09 4.91 -7.86
CA LEU E 4058 -62.48 4.81 -8.27
C LEU E 4058 -63.33 4.15 -7.19
N LYS E 4059 -62.82 3.08 -6.58
CA LYS E 4059 -63.52 2.45 -5.47
C LYS E 4059 -63.68 3.41 -4.30
N ASP E 4060 -62.60 4.14 -3.97
CA ASP E 4060 -62.68 5.10 -2.87
C ASP E 4060 -63.68 6.21 -3.14
N ILE E 4061 -63.71 6.73 -4.37
CA ILE E 4061 -64.64 7.79 -4.71
C ILE E 4061 -66.07 7.28 -4.71
N VAL E 4062 -66.28 6.05 -5.19
CA VAL E 4062 -67.61 5.45 -5.15
C VAL E 4062 -68.09 5.34 -3.70
N GLY E 4063 -67.20 4.95 -2.80
CA GLY E 4063 -67.55 4.92 -1.40
C GLY E 4063 -67.72 6.29 -0.77
N SER E 4064 -67.10 7.32 -1.36
CA SER E 4064 -67.14 8.66 -0.80
C SER E 4064 -68.55 9.25 -0.86
N GLU E 4065 -68.79 10.25 -0.01
CA GLU E 4065 -70.11 10.87 0.10
C GLU E 4065 -70.42 11.83 -1.05
N ALA E 4066 -69.40 12.46 -1.63
CA ALA E 4066 -69.66 13.43 -2.69
C ALA E 4066 -70.33 12.79 -3.89
N PHE E 4067 -69.86 11.60 -4.29
CA PHE E 4067 -70.51 10.87 -5.37
C PHE E 4067 -71.91 10.42 -4.94
N GLN E 4068 -72.09 10.14 -3.65
CA GLN E 4068 -73.39 9.71 -3.16
C GLN E 4068 -74.42 10.82 -3.33
N ASP E 4069 -74.04 12.07 -3.08
CA ASP E 4069 -74.96 13.18 -3.31
C ASP E 4069 -74.96 13.63 -4.77
N TYR E 4070 -73.96 13.23 -5.56
CA TYR E 4070 -73.97 13.56 -6.98
C TYR E 4070 -74.91 12.67 -7.78
N VAL E 4071 -75.01 11.39 -7.43
CA VAL E 4071 -75.74 10.44 -8.27
C VAL E 4071 -77.22 10.79 -8.31
N THR E 4072 -77.82 11.09 -7.16
CA THR E 4072 -79.22 11.51 -7.06
C THR E 4072 -80.16 10.53 -7.76
N ASP E 4073 -79.92 9.23 -7.57
CA ASP E 4073 -80.77 8.23 -8.20
C ASP E 4073 -81.07 7.08 -7.23
N PRO E 4074 -82.33 6.87 -6.87
CA PRO E 4074 -82.66 5.70 -6.04
C PRO E 4074 -82.33 4.38 -6.72
N ARG E 4075 -82.40 4.32 -8.05
CA ARG E 4075 -82.09 3.09 -8.76
C ARG E 4075 -80.61 2.72 -8.70
N GLY E 4076 -79.75 3.65 -8.30
CA GLY E 4076 -78.33 3.38 -8.26
C GLY E 4076 -77.62 3.48 -9.59
N LEU E 4077 -78.16 4.27 -10.51
CA LEU E 4077 -77.57 4.46 -11.83
C LEU E 4077 -77.13 5.91 -11.98
N ILE E 4078 -75.88 6.11 -12.40
CA ILE E 4078 -75.28 7.43 -12.54
C ILE E 4078 -75.15 7.75 -14.03
N SER E 4079 -75.61 8.94 -14.41
CA SER E 4079 -75.46 9.39 -15.79
C SER E 4079 -74.00 9.68 -16.09
N LYS E 4080 -73.65 9.61 -17.38
CA LYS E 4080 -72.28 9.87 -17.79
C LYS E 4080 -71.86 11.30 -17.48
N LYS E 4081 -72.73 12.26 -17.77
CA LYS E 4081 -72.39 13.66 -17.53
C LYS E 4081 -72.24 13.94 -16.03
N ASP E 4082 -73.16 13.43 -15.21
CA ASP E 4082 -73.07 13.63 -13.77
C ASP E 4082 -71.84 12.93 -13.20
N PHE E 4083 -71.51 11.74 -13.73
CA PHE E 4083 -70.28 11.06 -13.31
C PHE E 4083 -69.05 11.89 -13.63
N GLN E 4084 -69.02 12.48 -14.82
CA GLN E 4084 -67.89 13.34 -15.20
C GLN E 4084 -67.80 14.55 -14.28
N LYS E 4085 -68.93 15.19 -13.97
CA LYS E 4085 -68.91 16.33 -13.05
C LYS E 4085 -68.45 15.91 -11.66
N ALA E 4086 -68.90 14.75 -11.18
CA ALA E 4086 -68.49 14.29 -9.85
C ALA E 4086 -66.99 14.02 -9.79
N MET E 4087 -66.45 13.37 -10.83
CA MET E 4087 -65.01 13.15 -10.87
C MET E 4087 -64.25 14.48 -10.93
N ASP E 4088 -64.71 15.41 -11.76
CA ASP E 4088 -64.05 16.71 -11.86
C ASP E 4088 -64.14 17.47 -10.54
N SER E 4089 -65.17 17.21 -9.74
CA SER E 4089 -65.25 17.82 -8.41
C SER E 4089 -64.27 17.16 -7.45
N GLN E 4090 -64.14 15.83 -7.51
CA GLN E 4090 -63.16 15.15 -6.66
C GLN E 4090 -61.74 15.57 -6.99
N LYS E 4091 -61.46 15.90 -8.26
CA LYS E 4091 -60.16 16.44 -8.68
C LYS E 4091 -59.03 15.47 -8.36
N GLN E 4092 -59.24 14.19 -8.70
CA GLN E 4092 -58.21 13.18 -8.52
C GLN E 4092 -57.71 12.57 -9.82
N PHE E 4093 -58.48 12.62 -10.90
CA PHE E 4093 -58.10 12.06 -12.18
C PHE E 4093 -57.93 13.17 -13.21
N THR E 4094 -56.96 13.00 -14.10
CA THR E 4094 -56.81 13.91 -15.23
C THR E 4094 -57.90 13.64 -16.26
N GLY E 4095 -58.03 14.56 -17.22
CA GLY E 4095 -59.08 14.49 -18.22
C GLY E 4095 -59.08 13.23 -19.07
N PRO E 4096 -57.92 12.85 -19.61
CA PRO E 4096 -57.84 11.56 -20.31
C PRO E 4096 -58.22 10.38 -19.43
N GLU E 4097 -57.87 10.44 -18.14
CA GLU E 4097 -58.29 9.38 -17.22
C GLU E 4097 -59.80 9.37 -17.06
N ILE E 4098 -60.42 10.54 -17.01
CA ILE E 4098 -61.89 10.62 -16.94
C ILE E 4098 -62.50 9.97 -18.17
N GLN E 4099 -61.96 10.29 -19.35
CA GLN E 4099 -62.49 9.72 -20.58
C GLN E 4099 -62.32 8.21 -20.61
N PHE E 4100 -61.17 7.72 -20.18
CA PHE E 4100 -60.93 6.28 -20.19
C PHE E 4100 -61.83 5.56 -19.19
N LEU E 4101 -62.04 6.15 -18.01
CA LEU E 4101 -62.94 5.57 -17.03
C LEU E 4101 -64.37 5.54 -17.55
N LEU E 4102 -64.80 6.61 -18.23
CA LEU E 4102 -66.14 6.62 -18.83
C LEU E 4102 -66.26 5.55 -19.90
N SER E 4103 -65.21 5.37 -20.71
CA SER E 4103 -65.23 4.33 -21.73
C SER E 4103 -65.34 2.94 -21.12
N CYS E 4104 -64.58 2.69 -20.05
CA CYS E 4104 -64.67 1.40 -19.37
C CYS E 4104 -66.02 1.21 -18.68
N SER E 4105 -66.65 2.30 -18.26
CA SER E 4105 -67.97 2.20 -17.65
C SER E 4105 -68.99 1.66 -18.64
N GLU E 4106 -69.90 0.82 -18.15
CA GLU E 4106 -70.91 0.18 -18.98
C GLU E 4106 -72.26 0.81 -18.67
N ALA E 4107 -72.78 1.58 -19.61
CA ALA E 4107 -74.08 2.22 -19.48
C ALA E 4107 -75.14 1.33 -20.11
N ASP E 4108 -76.09 0.85 -19.29
CA ASP E 4108 -77.11 -0.05 -19.79
C ASP E 4108 -78.02 0.65 -20.79
N GLU E 4109 -78.46 1.86 -20.47
CA GLU E 4109 -79.36 2.62 -21.33
C GLU E 4109 -79.45 4.05 -20.81
N ASN E 4110 -79.53 5.02 -21.73
CA ASN E 4110 -79.65 6.44 -21.39
C ASN E 4110 -78.47 6.90 -20.53
N GLU E 4111 -77.29 6.35 -20.80
CA GLU E 4111 -76.05 6.68 -20.10
C GLU E 4111 -76.11 6.38 -18.61
N MET E 4112 -77.04 5.53 -18.18
CA MET E 4112 -77.13 5.13 -16.78
C MET E 4112 -76.06 4.08 -16.49
N ILE E 4113 -75.16 4.38 -15.56
CA ILE E 4113 -74.03 3.51 -15.24
C ILE E 4113 -74.22 2.95 -13.84
N ASN E 4114 -73.99 1.65 -13.68
CA ASN E 4114 -74.04 0.99 -12.38
C ASN E 4114 -72.65 1.14 -11.76
N PHE E 4115 -72.48 2.17 -10.94
CA PHE E 4115 -71.16 2.51 -10.42
C PHE E 4115 -70.63 1.43 -9.49
N GLU E 4116 -71.50 0.80 -8.70
CA GLU E 4116 -71.05 -0.24 -7.79
C GLU E 4116 -70.44 -1.41 -8.54
N GLU E 4117 -71.16 -1.93 -9.55
CA GLU E 4117 -70.63 -3.02 -10.35
C GLU E 4117 -69.39 -2.59 -11.12
N PHE E 4118 -69.39 -1.37 -11.65
CA PHE E 4118 -68.24 -0.87 -12.38
C PHE E 4118 -67.00 -0.83 -11.49
N ALA E 4119 -67.17 -0.45 -10.23
CA ALA E 4119 -66.03 -0.39 -9.32
C ALA E 4119 -65.58 -1.79 -8.89
N ASN E 4120 -66.53 -2.68 -8.63
CA ASN E 4120 -66.18 -4.02 -8.14
C ASN E 4120 -65.79 -4.98 -9.26
N ARG E 4121 -65.90 -4.58 -10.53
CA ARG E 4121 -65.60 -5.49 -11.63
C ARG E 4121 -64.13 -5.91 -11.64
N PHE E 4122 -63.22 -4.96 -11.40
CA PHE E 4122 -61.78 -5.22 -11.53
C PHE E 4122 -61.07 -5.31 -10.18
N GLN E 4123 -61.81 -5.57 -9.09
CA GLN E 4123 -61.17 -5.63 -7.79
C GLN E 4123 -60.55 -7.00 -7.52
N GLU E 4124 -61.37 -8.04 -7.53
CA GLU E 4124 -60.89 -9.38 -7.19
C GLU E 4124 -59.84 -9.91 -8.17
N PRO E 4125 -60.03 -9.84 -9.51
CA PRO E 4125 -59.01 -10.42 -10.40
C PRO E 4125 -57.65 -9.77 -10.30
N ALA E 4126 -57.56 -8.52 -9.85
CA ALA E 4126 -56.30 -7.77 -9.84
C ALA E 4126 -55.65 -7.73 -8.46
N ARG E 4127 -56.15 -8.51 -7.50
CA ARG E 4127 -55.58 -8.49 -6.15
C ARG E 4127 -54.20 -9.14 -6.11
N ASP E 4128 -54.07 -10.32 -6.74
CA ASP E 4128 -52.82 -11.07 -6.61
C ASP E 4128 -51.68 -10.37 -7.33
N ILE E 4129 -51.92 -9.88 -8.55
CA ILE E 4129 -50.86 -9.23 -9.31
C ILE E 4129 -50.40 -7.95 -8.62
N GLY E 4130 -51.34 -7.19 -8.06
CA GLY E 4130 -50.96 -5.99 -7.35
C GLY E 4130 -50.10 -6.28 -6.12
N PHE E 4131 -50.48 -7.30 -5.36
CA PHE E 4131 -49.67 -7.70 -4.20
C PHE E 4131 -48.29 -8.15 -4.62
N ASN E 4132 -48.20 -8.93 -5.70
CA ASN E 4132 -46.90 -9.40 -6.18
C ASN E 4132 -46.03 -8.23 -6.62
N VAL E 4133 -46.62 -7.26 -7.32
CA VAL E 4133 -45.87 -6.08 -7.74
C VAL E 4133 -45.39 -5.28 -6.52
N ALA E 4134 -46.25 -5.13 -5.52
CA ALA E 4134 -45.86 -4.41 -4.31
C ALA E 4134 -44.72 -5.12 -3.60
N VAL E 4135 -44.79 -6.45 -3.50
CA VAL E 4135 -43.72 -7.20 -2.84
C VAL E 4135 -42.42 -7.07 -3.62
N LEU E 4136 -42.48 -7.16 -4.95
CA LEU E 4136 -41.27 -7.00 -5.76
C LEU E 4136 -40.66 -5.62 -5.58
N LEU E 4137 -41.49 -4.57 -5.59
CA LEU E 4137 -40.98 -3.22 -5.41
C LEU E 4137 -40.38 -3.03 -4.02
N THR E 4138 -41.03 -3.57 -2.99
CA THR E 4138 -40.49 -3.45 -1.64
C THR E 4138 -39.15 -4.16 -1.52
N ASN E 4139 -39.04 -5.37 -2.10
CA ASN E 4139 -37.77 -6.09 -2.06
C ASN E 4139 -36.68 -5.33 -2.79
N LEU E 4140 -36.99 -4.81 -3.98
CA LEU E 4140 -35.99 -4.05 -4.74
C LEU E 4140 -35.56 -2.80 -3.98
N SER E 4141 -36.51 -2.09 -3.35
CA SER E 4141 -36.16 -0.90 -2.60
C SER E 4141 -35.29 -1.22 -1.40
N GLU E 4142 -35.62 -2.29 -0.67
CA GLU E 4142 -34.86 -2.63 0.53
C GLU E 4142 -33.52 -3.28 0.23
N HIS E 4143 -33.33 -3.85 -0.96
CA HIS E 4143 -32.07 -4.49 -1.30
C HIS E 4143 -31.19 -3.66 -2.22
N VAL E 4144 -31.72 -2.60 -2.82
CA VAL E 4144 -30.93 -1.71 -3.67
C VAL E 4144 -31.14 -0.27 -3.20
N PRO E 4145 -30.60 0.11 -2.04
CA PRO E 4145 -30.82 1.47 -1.55
C PRO E 4145 -30.01 2.49 -2.34
N HIS E 4146 -30.43 3.76 -2.23
CA HIS E 4146 -29.73 4.89 -2.82
C HIS E 4146 -29.68 4.77 -4.35
N ASP E 4147 -30.82 4.42 -4.94
CA ASP E 4147 -30.96 4.37 -6.40
C ASP E 4147 -31.99 5.40 -6.83
N PRO E 4148 -31.57 6.50 -7.48
CA PRO E 4148 -32.54 7.55 -7.84
C PRO E 4148 -33.66 7.09 -8.76
N ARG E 4149 -33.38 6.16 -9.68
CA ARG E 4149 -34.39 5.77 -10.66
C ARG E 4149 -35.51 4.96 -10.02
N LEU E 4150 -35.17 4.08 -9.07
CA LEU E 4150 -36.19 3.23 -8.45
C LEU E 4150 -37.18 4.04 -7.63
N ARG E 4151 -36.74 5.17 -7.06
CA ARG E 4151 -37.63 6.00 -6.25
C ARG E 4151 -38.81 6.50 -7.07
N ASN E 4152 -38.62 6.73 -8.36
CA ASN E 4152 -39.73 7.14 -9.22
C ASN E 4152 -40.83 6.08 -9.23
N PHE E 4153 -40.45 4.82 -9.43
CA PHE E 4153 -41.44 3.75 -9.42
C PHE E 4153 -42.06 3.60 -8.04
N LEU E 4154 -41.25 3.75 -6.99
CA LEU E 4154 -41.78 3.63 -5.63
C LEU E 4154 -42.84 4.69 -5.35
N GLU E 4155 -42.60 5.93 -5.78
CA GLU E 4155 -43.58 6.98 -5.54
C GLU E 4155 -44.78 6.89 -6.47
N LEU E 4156 -44.61 6.37 -7.69
CA LEU E 4156 -45.76 6.15 -8.55
C LEU E 4156 -46.64 5.02 -8.04
N ALA E 4157 -46.06 4.03 -7.37
CA ALA E 4157 -46.83 2.94 -6.78
C ALA E 4157 -47.20 3.20 -5.32
N GLU E 4158 -47.36 4.47 -4.94
CA GLU E 4158 -47.64 4.81 -3.54
C GLU E 4158 -48.97 4.23 -3.07
N SER E 4159 -50.02 4.33 -3.91
CA SER E 4159 -51.33 3.85 -3.49
C SER E 4159 -51.34 2.33 -3.31
N ILE E 4160 -50.67 1.60 -4.20
CA ILE E 4160 -50.63 0.14 -4.09
C ILE E 4160 -49.91 -0.27 -2.82
N LEU E 4161 -48.77 0.36 -2.52
CA LEU E 4161 -48.03 0.04 -1.31
C LEU E 4161 -48.86 0.36 -0.07
N GLU E 4162 -49.54 1.51 -0.07
CA GLU E 4162 -50.37 1.87 1.08
C GLU E 4162 -51.54 0.90 1.24
N TYR E 4163 -52.07 0.37 0.14
CA TYR E 4163 -53.19 -0.55 0.24
C TYR E 4163 -52.75 -1.93 0.74
N PHE E 4164 -51.60 -2.41 0.26
CA PHE E 4164 -51.13 -3.74 0.64
C PHE E 4164 -50.16 -3.72 1.82
N ARG E 4165 -49.96 -2.58 2.46
CA ARG E 4165 -49.13 -2.54 3.67
C ARG E 4165 -49.61 -3.48 4.76
N PRO E 4166 -50.89 -3.51 5.15
CA PRO E 4166 -51.27 -4.47 6.21
C PRO E 4166 -51.05 -5.92 5.83
N TYR E 4167 -51.27 -6.27 4.57
CA TYR E 4167 -51.13 -7.67 4.15
C TYR E 4167 -49.67 -8.08 3.98
N LEU E 4168 -48.81 -7.16 3.56
CA LEU E 4168 -47.41 -7.49 3.33
C LEU E 4168 -46.69 -7.65 4.67
N GLY E 4169 -46.23 -8.85 4.94
CA GLY E 4169 -45.47 -9.14 6.15
C GLY E 4169 -44.07 -9.60 5.81
N ARG E 4170 -43.10 -9.21 6.64
CA ARG E 4170 -41.70 -9.54 6.42
C ARG E 4170 -41.09 -10.08 7.70
N ILE E 4171 -40.24 -11.09 7.56
CA ILE E 4171 -39.51 -11.68 8.67
C ILE E 4171 -38.04 -11.83 8.25
N GLU E 4172 -37.20 -12.17 9.22
CA GLU E 4172 -35.79 -12.43 8.97
C GLU E 4172 -35.41 -13.81 9.46
N ILE E 4173 -34.60 -14.52 8.68
CA ILE E 4173 -34.16 -15.85 9.00
C ILE E 4173 -32.64 -15.93 8.88
N MET E 4174 -32.07 -16.92 9.58
CA MET E 4174 -30.64 -17.17 9.46
C MET E 4174 -30.27 -17.62 8.06
N GLY E 4175 -31.10 -18.47 7.46
CA GLY E 4175 -30.89 -18.93 6.10
C GLY E 4175 -29.91 -20.09 6.02
N ALA E 4176 -29.94 -20.76 4.87
CA ALA E 4176 -29.00 -21.86 4.63
C ALA E 4176 -27.57 -21.36 4.69
N SER E 4177 -27.27 -20.28 3.96
CA SER E 4177 -26.02 -19.57 4.18
C SER E 4177 -26.10 -18.79 5.49
N ARG E 4178 -24.94 -18.52 6.08
CA ARG E 4178 -24.90 -17.85 7.37
C ARG E 4178 -25.40 -16.41 7.29
N ARG E 4179 -25.53 -15.84 6.10
CA ARG E 4179 -26.03 -14.48 5.95
C ARG E 4179 -27.51 -14.41 6.30
N ILE E 4180 -27.89 -13.42 7.11
CA ILE E 4180 -29.28 -13.21 7.45
C ILE E 4180 -30.05 -12.78 6.20
N GLU E 4181 -31.22 -13.37 6.00
CA GLU E 4181 -32.04 -13.10 4.83
C GLU E 4181 -33.43 -12.63 5.25
N ARG E 4182 -34.08 -11.87 4.37
CA ARG E 4182 -35.40 -11.32 4.62
C ARG E 4182 -36.42 -12.03 3.74
N ILE E 4183 -37.54 -12.43 4.33
CA ILE E 4183 -38.60 -13.16 3.64
C ILE E 4183 -39.87 -12.32 3.68
N TYR E 4184 -40.46 -12.11 2.51
CA TYR E 4184 -41.73 -11.41 2.36
C TYR E 4184 -42.82 -12.42 2.00
N PHE E 4185 -43.94 -12.35 2.71
CA PHE E 4185 -45.06 -13.24 2.45
C PHE E 4185 -46.36 -12.44 2.57
N GLU E 4186 -47.48 -13.14 2.56
CA GLU E 4186 -48.81 -12.52 2.58
C GLU E 4186 -49.52 -12.90 3.87
N ILE E 4187 -50.13 -11.90 4.51
CA ILE E 4187 -50.92 -12.09 5.72
C ILE E 4187 -52.39 -11.96 5.36
N SER E 4188 -53.18 -12.98 5.70
CA SER E 4188 -54.59 -12.97 5.39
C SER E 4188 -55.36 -12.06 6.34
N GLU E 4189 -56.42 -11.44 5.81
CA GLU E 4189 -57.26 -10.55 6.61
C GLU E 4189 -57.95 -11.30 7.73
N THR E 4190 -58.43 -12.52 7.46
CA THR E 4190 -59.05 -13.33 8.50
C THR E 4190 -58.03 -13.67 9.59
N ASN E 4191 -56.81 -14.01 9.18
CA ASN E 4191 -55.75 -14.28 10.16
C ASN E 4191 -55.47 -13.07 11.03
N ARG E 4192 -55.39 -11.89 10.42
CA ARG E 4192 -55.13 -10.67 11.19
C ARG E 4192 -56.27 -10.38 12.15
N ALA E 4193 -57.53 -10.56 11.72
CA ALA E 4193 -58.66 -10.33 12.60
C ALA E 4193 -58.63 -11.30 13.79
N GLN E 4194 -58.41 -12.59 13.51
CA GLN E 4194 -58.31 -13.57 14.59
C GLN E 4194 -57.15 -13.26 15.52
N TRP E 4195 -56.07 -12.69 14.98
CA TRP E 4195 -54.96 -12.30 15.84
C TRP E 4195 -55.33 -11.12 16.72
N GLU E 4196 -56.05 -10.15 16.17
CA GLU E 4196 -56.51 -8.98 16.93
C GLU E 4196 -57.73 -9.27 17.78
N MET E 4197 -58.20 -10.51 17.80
CA MET E 4197 -59.14 -10.92 18.83
C MET E 4197 -58.54 -10.64 20.21
N PRO E 4198 -59.23 -9.91 21.10
CA PRO E 4198 -58.63 -9.55 22.41
C PRO E 4198 -58.17 -10.72 23.28
N GLN E 4199 -58.86 -11.85 23.27
CA GLN E 4199 -58.38 -13.01 24.03
C GLN E 4199 -56.98 -13.42 23.58
N VAL E 4200 -56.71 -13.30 22.27
CA VAL E 4200 -55.36 -13.54 21.78
C VAL E 4200 -54.38 -12.57 22.42
N LYS E 4201 -54.78 -11.30 22.57
CA LYS E 4201 -53.92 -10.33 23.24
C LYS E 4201 -53.62 -10.74 24.68
N GLU E 4202 -54.65 -11.18 25.41
CA GLU E 4202 -54.44 -11.61 26.78
C GLU E 4202 -53.51 -12.81 26.86
N SER E 4203 -53.71 -13.78 25.96
CA SER E 4203 -52.83 -14.95 25.93
C SER E 4203 -51.39 -14.55 25.61
N LYS E 4204 -51.21 -13.61 24.69
CA LYS E 4204 -49.87 -13.13 24.37
C LYS E 4204 -49.23 -12.44 25.58
N ARG E 4205 -50.00 -11.62 26.30
CA ARG E 4205 -49.45 -10.97 27.49
C ARG E 4205 -49.03 -12.01 28.53
N GLN E 4206 -49.87 -13.01 28.76
CA GLN E 4206 -49.53 -14.04 29.74
C GLN E 4206 -48.29 -14.83 29.32
N PHE E 4207 -48.20 -15.17 28.02
CA PHE E 4207 -47.03 -15.89 27.54
C PHE E 4207 -45.77 -15.06 27.70
N ILE E 4208 -45.84 -13.78 27.37
CA ILE E 4208 -44.69 -12.90 27.53
C ILE E 4208 -44.27 -12.81 28.98
N PHE E 4209 -45.24 -12.68 29.88
CA PHE E 4209 -44.93 -12.58 31.31
C PHE E 4209 -44.26 -13.85 31.81
N ASP E 4210 -44.78 -15.03 31.42
CA ASP E 4210 -44.19 -16.27 31.92
C ASP E 4210 -42.87 -16.60 31.23
N VAL E 4211 -42.62 -16.08 30.03
CA VAL E 4211 -41.34 -16.32 29.37
C VAL E 4211 -40.28 -15.32 29.79
N VAL E 4212 -40.66 -14.19 30.38
CA VAL E 4212 -39.67 -13.23 30.87
C VAL E 4212 -39.41 -13.45 32.36
N ASN E 4213 -40.47 -13.35 33.17
CA ASN E 4213 -40.30 -13.41 34.62
C ASN E 4213 -39.85 -14.80 35.08
N GLU E 4214 -40.45 -15.86 34.54
CA GLU E 4214 -40.21 -17.21 35.01
C GLU E 4214 -39.06 -17.90 34.30
N GLY E 4215 -38.11 -17.14 33.77
CA GLY E 4215 -36.96 -17.75 33.12
C GLY E 4215 -37.33 -18.35 31.77
N GLY E 4216 -36.74 -19.51 31.48
CA GLY E 4216 -36.97 -20.14 30.19
C GLY E 4216 -36.22 -19.53 29.04
N GLU E 4217 -35.15 -18.78 29.31
CA GLU E 4217 -34.38 -18.16 28.23
C GLU E 4217 -33.71 -19.22 27.35
N ALA E 4218 -33.26 -20.32 27.95
CA ALA E 4218 -32.63 -21.38 27.17
C ALA E 4218 -33.60 -22.00 26.17
N GLU E 4219 -34.84 -22.23 26.60
CA GLU E 4219 -35.88 -22.79 25.73
C GLU E 4219 -36.81 -21.71 25.18
N LYS E 4220 -36.27 -20.52 24.90
CA LYS E 4220 -37.11 -19.41 24.48
C LYS E 4220 -37.80 -19.70 23.15
N MET E 4221 -37.04 -20.18 22.16
CA MET E 4221 -37.63 -20.46 20.86
C MET E 4221 -38.60 -21.63 20.92
N GLU E 4222 -38.29 -22.64 21.73
CA GLU E 4222 -39.22 -23.77 21.88
C GLU E 4222 -40.53 -23.31 22.50
N LEU E 4223 -40.46 -22.48 23.53
CA LEU E 4223 -41.68 -21.96 24.15
C LEU E 4223 -42.46 -21.09 23.18
N PHE E 4224 -41.74 -20.28 22.38
CA PHE E 4224 -42.42 -19.45 21.39
C PHE E 4224 -43.15 -20.29 20.35
N VAL E 4225 -42.51 -21.37 19.88
CA VAL E 4225 -43.15 -22.24 18.90
C VAL E 4225 -44.37 -22.93 19.50
N SER E 4226 -44.24 -23.39 20.74
CA SER E 4226 -45.39 -24.02 21.41
C SER E 4226 -46.53 -23.02 21.57
N PHE E 4227 -46.22 -21.77 21.92
CA PHE E 4227 -47.24 -20.73 22.02
C PHE E 4227 -47.92 -20.50 20.68
N CYS E 4228 -47.13 -20.46 19.60
CA CYS E 4228 -47.72 -20.28 18.27
C CYS E 4228 -48.68 -21.41 17.94
N GLU E 4229 -48.27 -22.66 18.20
CA GLU E 4229 -49.14 -23.79 17.91
C GLU E 4229 -50.43 -23.71 18.74
N ASP E 4230 -50.31 -23.41 20.03
CA ASP E 4230 -51.49 -23.31 20.88
C ASP E 4230 -52.43 -22.22 20.40
N THR E 4231 -51.87 -21.06 20.02
CA THR E 4231 -52.71 -19.95 19.57
C THR E 4231 -53.41 -20.29 18.25
N ILE E 4232 -52.71 -20.97 17.35
CA ILE E 4232 -53.35 -21.41 16.12
C ILE E 4232 -54.53 -22.32 16.43
N PHE E 4233 -54.33 -23.27 17.36
CA PHE E 4233 -55.43 -24.16 17.72
C PHE E 4233 -56.60 -23.39 18.32
N GLU E 4234 -56.31 -22.45 19.23
CA GLU E 4234 -57.39 -21.69 19.87
C GLU E 4234 -58.16 -20.85 18.86
N MET E 4235 -57.45 -20.24 17.91
CA MET E 4235 -58.17 -19.41 16.95
C MET E 4235 -58.91 -20.25 15.91
N GLN E 4236 -58.44 -21.47 15.61
CA GLN E 4236 -59.28 -22.39 14.85
C GLN E 4236 -60.56 -22.72 15.61
N ILE E 4237 -60.45 -22.95 16.92
CA ILE E 4237 -61.64 -23.19 17.73
C ILE E 4237 -62.58 -21.98 17.67
N ALA E 4238 -62.00 -20.78 17.76
CA ALA E 4238 -62.82 -19.57 17.71
C ALA E 4238 -63.52 -19.43 16.36
N ALA E 4239 -62.82 -19.73 15.27
CA ALA E 4239 -63.44 -19.69 13.95
C ALA E 4239 -64.58 -20.69 13.86
N GLN E 4240 -64.39 -21.89 14.41
CA GLN E 4240 -65.47 -22.88 14.40
C GLN E 4240 -66.67 -22.42 15.23
N ILE E 4241 -66.43 -21.81 16.38
CA ILE E 4241 -67.51 -21.45 17.30
C ILE E 4241 -68.00 -20.05 17.00
N SER E 4242 -67.55 -19.47 15.89
CA SER E 4242 -68.02 -18.15 15.49
C SER E 4242 -69.51 -18.18 15.18
N GLU E 4243 -70.08 -16.99 15.01
CA GLU E 4243 -71.50 -16.84 14.74
C GLU E 4243 -71.89 -17.45 13.39
N PHE E 4530 -84.56 -35.91 11.84
CA PHE E 4530 -84.88 -35.95 13.26
C PHE E 4530 -83.61 -35.87 14.09
N TRP E 4531 -82.81 -36.94 14.05
CA TRP E 4531 -81.55 -36.96 14.79
C TRP E 4531 -80.65 -35.81 14.37
N GLY E 4532 -80.56 -35.55 13.07
CA GLY E 4532 -79.79 -34.41 12.59
C GLY E 4532 -80.34 -33.09 13.09
N GLU E 4533 -81.67 -32.97 13.17
CA GLU E 4533 -82.28 -31.75 13.67
C GLU E 4533 -81.91 -31.50 15.13
N LEU E 4534 -82.02 -32.52 15.98
CA LEU E 4534 -81.60 -32.35 17.37
C LEU E 4534 -80.11 -32.07 17.48
N GLU E 4535 -79.30 -32.73 16.66
CA GLU E 4535 -77.85 -32.49 16.70
C GLU E 4535 -77.52 -31.05 16.32
N VAL E 4536 -78.15 -30.53 15.27
CA VAL E 4536 -77.83 -29.17 14.84
C VAL E 4536 -78.35 -28.15 15.85
N GLN E 4537 -79.51 -28.42 16.46
CA GLN E 4537 -79.97 -27.55 17.53
C GLN E 4537 -79.00 -27.56 18.70
N ARG E 4538 -78.47 -28.74 19.03
CA ARG E 4538 -77.49 -28.85 20.11
C ARG E 4538 -76.23 -28.07 19.79
N VAL E 4539 -75.74 -28.15 18.55
CA VAL E 4539 -74.51 -27.44 18.21
C VAL E 4539 -74.74 -25.93 18.21
N LYS E 4540 -75.94 -25.47 17.79
CA LYS E 4540 -76.24 -24.05 17.92
C LYS E 4540 -76.23 -23.62 19.38
N PHE E 4541 -76.84 -24.42 20.27
CA PHE E 4541 -76.86 -24.09 21.68
C PHE E 4541 -75.44 -24.04 22.25
N LEU E 4542 -74.61 -25.02 21.90
CA LEU E 4542 -73.24 -25.05 22.39
C LEU E 4542 -72.43 -23.86 21.88
N ASN E 4543 -72.62 -23.49 20.61
CA ASN E 4543 -71.93 -22.32 20.08
C ASN E 4543 -72.36 -21.06 20.80
N TYR E 4544 -73.65 -20.90 21.07
CA TYR E 4544 -74.13 -19.74 21.80
C TYR E 4544 -73.52 -19.67 23.19
N LEU E 4545 -73.48 -20.81 23.89
CA LEU E 4545 -72.87 -20.85 25.22
C LEU E 4545 -71.39 -20.51 25.16
N SER E 4546 -70.68 -21.02 24.14
CA SER E 4546 -69.26 -20.75 24.01
C SER E 4546 -69.01 -19.25 23.79
N ARG E 4547 -69.82 -18.62 22.94
CA ARG E 4547 -69.63 -17.18 22.71
C ARG E 4547 -70.03 -16.35 23.93
N ASN E 4548 -71.02 -16.79 24.70
CA ASN E 4548 -71.53 -16.01 25.83
C ASN E 4548 -71.10 -16.58 27.18
N PHE E 4549 -69.98 -17.29 27.22
CA PHE E 4549 -69.53 -17.92 28.46
C PHE E 4549 -69.24 -16.90 29.56
N TYR E 4550 -68.51 -15.83 29.22
CA TYR E 4550 -68.11 -14.85 30.24
C TYR E 4550 -69.31 -14.10 30.79
N THR E 4551 -70.25 -13.73 29.93
CA THR E 4551 -71.45 -13.02 30.38
C THR E 4551 -72.23 -13.86 31.38
N LEU E 4552 -72.25 -15.18 31.19
CA LEU E 4552 -72.89 -16.05 32.16
C LEU E 4552 -72.19 -16.01 33.51
N ARG E 4553 -70.85 -15.94 33.50
CA ARG E 4553 -70.11 -15.86 34.75
C ARG E 4553 -70.44 -14.57 35.49
N PHE E 4554 -70.45 -13.44 34.77
CA PHE E 4554 -70.77 -12.16 35.41
C PHE E 4554 -72.22 -12.15 35.91
N LEU E 4555 -73.14 -12.74 35.13
CA LEU E 4555 -74.53 -12.83 35.55
C LEU E 4555 -74.67 -13.68 36.80
N ALA E 4556 -73.90 -14.77 36.89
CA ALA E 4556 -73.93 -15.60 38.09
C ALA E 4556 -73.43 -14.82 39.30
N LEU E 4557 -72.37 -14.02 39.12
CA LEU E 4557 -71.88 -13.20 40.22
C LEU E 4557 -72.95 -12.21 40.68
N PHE E 4558 -73.61 -11.55 39.72
CA PHE E 4558 -74.66 -10.59 40.07
C PHE E 4558 -75.84 -11.30 40.75
N LEU E 4559 -76.18 -12.50 40.28
CA LEU E 4559 -77.25 -13.28 40.89
C LEU E 4559 -76.91 -13.63 42.33
N ALA E 4560 -75.66 -14.03 42.59
CA ALA E 4560 -75.25 -14.32 43.96
C ALA E 4560 -75.34 -13.08 44.83
N PHE E 4561 -74.91 -11.92 44.31
CA PHE E 4561 -75.05 -10.68 45.06
C PHE E 4561 -76.51 -10.40 45.40
N ALA E 4562 -77.40 -10.54 44.42
CA ALA E 4562 -78.82 -10.28 44.66
C ALA E 4562 -79.40 -11.25 45.69
N ILE E 4563 -79.05 -12.53 45.58
CA ILE E 4563 -79.57 -13.52 46.52
C ILE E 4563 -79.11 -13.21 47.93
N ASN E 4564 -77.83 -12.84 48.11
CA ASN E 4564 -77.35 -12.49 49.44
C ASN E 4564 -78.04 -11.23 49.95
N PHE E 4565 -78.29 -10.26 49.08
CA PHE E 4565 -78.99 -9.05 49.50
C PHE E 4565 -80.39 -9.38 50.00
N ILE E 4566 -81.09 -10.29 49.31
CA ILE E 4566 -82.40 -10.73 49.79
C ILE E 4566 -82.28 -11.48 51.11
N LEU E 4567 -81.28 -12.37 51.22
CA LEU E 4567 -81.09 -13.13 52.45
C LEU E 4567 -80.75 -12.24 53.64
N LEU E 4568 -80.27 -11.02 53.38
CA LEU E 4568 -79.99 -10.09 54.47
C LEU E 4568 -81.21 -9.82 55.35
N PHE E 4569 -82.41 -9.99 54.80
CA PHE E 4569 -83.65 -9.66 55.51
C PHE E 4569 -84.22 -10.84 56.29
N TYR E 4570 -83.42 -11.86 56.59
CA TYR E 4570 -83.93 -13.01 57.32
C TYR E 4570 -84.10 -12.70 58.80
N LYS E 4571 -84.93 -13.50 59.46
CA LYS E 4571 -85.20 -13.37 60.88
C LYS E 4571 -85.61 -14.73 61.42
N VAL E 4572 -85.49 -14.89 62.74
CA VAL E 4572 -85.85 -16.14 63.41
C VAL E 4572 -86.82 -15.81 64.54
N SER E 4573 -87.78 -16.71 64.76
CA SER E 4573 -88.75 -16.53 65.84
C SER E 4573 -89.16 -17.89 66.38
N ASP E 4574 -89.96 -17.85 67.45
CA ASP E 4574 -90.56 -19.05 68.03
C ASP E 4574 -91.99 -19.26 67.57
N SER E 4575 -92.75 -18.18 67.40
CA SER E 4575 -94.11 -18.28 66.89
C SER E 4575 -94.08 -18.56 65.39
N PRO E 4576 -95.16 -19.14 64.85
CA PRO E 4576 -95.21 -19.37 63.40
C PRO E 4576 -95.13 -18.06 62.66
N PRO E 4577 -94.49 -18.05 61.48
CA PRO E 4577 -94.33 -16.84 60.67
C PRO E 4577 -95.65 -16.30 60.15
N VAL E 4618 -87.47 -23.67 65.95
CA VAL E 4618 -87.59 -22.25 65.61
C VAL E 4618 -88.04 -22.10 64.16
N TYR E 4619 -88.34 -20.86 63.76
CA TYR E 4619 -88.79 -20.55 62.42
C TYR E 4619 -87.87 -19.51 61.81
N TYR E 4620 -87.28 -19.83 60.67
CA TYR E 4620 -86.46 -18.91 59.89
C TYR E 4620 -87.31 -18.40 58.74
N PHE E 4621 -87.63 -17.11 58.76
CA PHE E 4621 -88.51 -16.52 57.76
C PHE E 4621 -87.91 -15.22 57.22
N LEU E 4622 -88.26 -14.93 55.97
CA LEU E 4622 -87.85 -13.69 55.31
C LEU E 4622 -88.87 -12.62 55.67
N GLU E 4623 -88.50 -11.73 56.59
CA GLU E 4623 -89.41 -10.74 57.13
C GLU E 4623 -89.15 -9.39 56.47
N GLU E 4624 -90.18 -8.84 55.83
CA GLU E 4624 -90.12 -7.52 55.21
C GLU E 4624 -91.55 -7.09 54.90
N SER E 4625 -91.72 -5.80 54.61
CA SER E 4625 -93.04 -5.24 54.39
C SER E 4625 -93.67 -5.80 53.12
N THR E 4626 -93.04 -5.56 51.98
CA THR E 4626 -93.58 -6.02 50.71
C THR E 4626 -93.52 -7.55 50.61
N GLY E 4627 -94.60 -8.14 50.14
CA GLY E 4627 -94.70 -9.58 50.03
C GLY E 4627 -93.95 -10.13 48.82
N TYR E 4628 -94.24 -11.40 48.53
CA TYR E 4628 -93.73 -12.16 47.37
C TYR E 4628 -92.21 -12.11 47.24
N MET E 4629 -91.53 -11.65 48.29
CA MET E 4629 -90.07 -11.60 48.25
C MET E 4629 -89.47 -13.00 48.28
N GLU E 4630 -90.09 -13.92 49.01
CA GLU E 4630 -89.65 -15.32 49.01
C GLU E 4630 -89.85 -15.95 47.64
N PRO E 4631 -91.00 -15.78 46.97
CA PRO E 4631 -91.09 -16.23 45.57
C PRO E 4631 -90.04 -15.59 44.67
N ALA E 4632 -89.74 -14.31 44.87
CA ALA E 4632 -88.68 -13.68 44.08
C ALA E 4632 -87.34 -14.37 44.32
N LEU E 4633 -87.04 -14.69 45.58
CA LEU E 4633 -85.80 -15.39 45.91
C LEU E 4633 -85.78 -16.78 45.29
N TRP E 4634 -86.94 -17.45 45.26
CA TRP E 4634 -87.03 -18.76 44.60
C TRP E 4634 -86.69 -18.65 43.11
N CYS E 4635 -87.26 -17.64 42.43
CA CYS E 4635 -86.96 -17.44 41.02
C CYS E 4635 -85.47 -17.13 40.82
N LEU E 4636 -84.91 -16.29 41.69
CA LEU E 4636 -83.48 -15.96 41.59
C LEU E 4636 -82.61 -17.21 41.77
N SER E 4637 -82.98 -18.08 42.72
CA SER E 4637 -82.22 -19.31 42.93
C SER E 4637 -82.28 -20.22 41.71
N LEU E 4638 -83.48 -20.39 41.14
CA LEU E 4638 -83.61 -21.22 39.94
C LEU E 4638 -82.76 -20.67 38.80
N LEU E 4639 -82.82 -19.35 38.59
CA LEU E 4639 -82.02 -18.73 37.53
C LEU E 4639 -80.52 -18.91 37.81
N HIS E 4640 -80.12 -18.80 39.07
CA HIS E 4640 -78.71 -18.97 39.42
C HIS E 4640 -78.21 -20.37 39.08
N THR E 4641 -79.00 -21.39 39.42
CA THR E 4641 -78.57 -22.76 39.11
C THR E 4641 -78.60 -23.04 37.61
N LEU E 4642 -79.58 -22.48 36.90
CA LEU E 4642 -79.59 -22.65 35.45
C LEU E 4642 -78.35 -22.00 34.83
N VAL E 4643 -77.97 -20.82 35.33
CA VAL E 4643 -76.76 -20.16 34.86
C VAL E 4643 -75.53 -20.98 35.21
N ALA E 4644 -75.54 -21.65 36.36
CA ALA E 4644 -74.42 -22.53 36.72
C ALA E 4644 -74.29 -23.67 35.72
N PHE E 4645 -75.43 -24.27 35.32
CA PHE E 4645 -75.41 -25.27 34.26
C PHE E 4645 -74.80 -24.71 32.99
N LEU E 4646 -75.23 -23.51 32.58
CA LEU E 4646 -74.72 -22.91 31.36
C LEU E 4646 -73.22 -22.67 31.44
N CYS E 4647 -72.73 -22.21 32.59
CA CYS E 4647 -71.29 -21.99 32.76
C CYS E 4647 -70.52 -23.29 32.67
N ILE E 4648 -71.04 -24.35 33.29
CA ILE E 4648 -70.37 -25.65 33.23
C ILE E 4648 -70.26 -26.12 31.78
N ILE E 4649 -71.36 -26.03 31.04
CA ILE E 4649 -71.35 -26.49 29.66
C ILE E 4649 -70.43 -25.63 28.81
N GLY E 4650 -70.44 -24.31 29.03
CA GLY E 4650 -69.57 -23.43 28.28
C GLY E 4650 -68.10 -23.71 28.52
N TYR E 4651 -67.72 -23.93 29.78
CA TYR E 4651 -66.34 -24.30 30.08
C TYR E 4651 -65.98 -25.61 29.38
N ASN E 4652 -66.85 -26.62 29.50
CA ASN E 4652 -66.55 -27.92 28.90
C ASN E 4652 -66.39 -27.82 27.39
N CYS E 4653 -67.16 -26.95 26.76
CA CYS E 4653 -67.12 -26.82 25.30
C CYS E 4653 -66.09 -25.82 24.80
N LEU E 4654 -65.50 -25.01 25.68
CA LEU E 4654 -64.57 -23.98 25.23
C LEU E 4654 -63.14 -24.19 25.70
N LYS E 4655 -62.92 -24.49 26.99
CA LYS E 4655 -61.56 -24.48 27.53
C LYS E 4655 -60.89 -25.84 27.50
N VAL E 4656 -61.67 -26.93 27.65
CA VAL E 4656 -61.07 -28.26 27.75
C VAL E 4656 -60.27 -28.64 26.50
N PRO E 4657 -60.75 -28.38 25.27
CA PRO E 4657 -59.98 -28.81 24.08
C PRO E 4657 -58.54 -28.35 24.07
N LEU E 4658 -58.23 -27.14 24.56
CA LEU E 4658 -56.84 -26.69 24.60
C LEU E 4658 -56.01 -27.56 25.55
N VAL E 4659 -56.57 -27.91 26.72
CA VAL E 4659 -55.86 -28.75 27.66
C VAL E 4659 -55.61 -30.13 27.06
N ILE E 4660 -56.64 -30.69 26.39
CA ILE E 4660 -56.46 -31.99 25.74
C ILE E 4660 -55.39 -31.92 24.66
N PHE E 4661 -55.40 -30.86 23.86
CA PHE E 4661 -54.40 -30.68 22.82
C PHE E 4661 -53.00 -30.62 23.40
N LYS E 4662 -52.83 -29.86 24.48
CA LYS E 4662 -51.51 -29.76 25.11
C LYS E 4662 -51.05 -31.10 25.65
N ARG E 4663 -51.95 -31.84 26.30
CA ARG E 4663 -51.56 -33.14 26.85
C ARG E 4663 -51.19 -34.13 25.75
N GLU E 4664 -51.99 -34.19 24.69
CA GLU E 4664 -51.67 -35.10 23.60
C GLU E 4664 -50.35 -34.72 22.92
N LYS E 4665 -50.12 -33.42 22.74
CA LYS E 4665 -48.86 -32.97 22.15
C LYS E 4665 -47.67 -33.38 23.02
N GLU E 4666 -47.78 -33.16 24.34
CA GLU E 4666 -46.69 -33.53 25.23
C GLU E 4666 -46.43 -35.03 25.21
N LEU E 4667 -47.50 -35.83 25.26
CA LEU E 4667 -47.32 -37.28 25.23
C LEU E 4667 -46.69 -37.74 23.92
N ALA E 4668 -47.14 -37.18 22.79
CA ALA E 4668 -46.58 -37.56 21.50
C ALA E 4668 -45.10 -37.21 21.42
N ARG E 4669 -44.74 -36.00 21.87
CA ARG E 4669 -43.32 -35.62 21.86
C ARG E 4669 -42.50 -36.54 22.73
N LYS E 4670 -43.00 -36.86 23.93
CA LYS E 4670 -42.24 -37.71 24.85
C LYS E 4670 -42.04 -39.11 24.28
N LEU E 4671 -43.10 -39.70 23.73
CA LEU E 4671 -42.96 -41.08 23.23
C LEU E 4671 -42.40 -41.14 21.82
N GLU E 4672 -42.17 -40.00 21.17
CA GLU E 4672 -41.50 -39.99 19.88
C GLU E 4672 -40.01 -39.71 19.98
N PHE E 4673 -39.61 -38.72 20.78
CA PHE E 4673 -38.21 -38.33 20.87
C PHE E 4673 -37.52 -38.93 22.09
N ASP E 4674 -38.02 -38.65 23.29
CA ASP E 4674 -37.38 -39.16 24.50
C ASP E 4674 -37.70 -40.63 24.76
N GLY E 4675 -38.76 -41.16 24.14
CA GLY E 4675 -39.16 -42.53 24.39
C GLY E 4675 -39.50 -42.77 25.85
N LEU E 4676 -40.55 -42.10 26.34
CA LEU E 4676 -40.91 -42.24 27.74
C LEU E 4676 -41.34 -43.67 28.07
N TYR E 4677 -41.96 -44.36 27.12
CA TYR E 4677 -42.44 -45.72 27.34
C TYR E 4677 -41.65 -46.76 26.57
N ILE E 4678 -40.79 -46.35 25.64
CA ILE E 4678 -39.94 -47.27 24.89
C ILE E 4678 -38.48 -46.92 25.19
N THR E 4679 -37.70 -47.94 25.55
CA THR E 4679 -36.32 -47.78 26.01
C THR E 4679 -36.21 -46.92 27.26
N GLU E 4680 -37.34 -46.73 27.95
CA GLU E 4680 -37.38 -46.00 29.22
C GLU E 4680 -38.75 -46.27 29.85
N GLN E 4681 -38.84 -46.00 31.15
CA GLN E 4681 -40.05 -46.24 31.90
C GLN E 4681 -40.33 -45.05 32.82
N PRO E 4682 -41.58 -44.61 32.91
CA PRO E 4682 -41.90 -43.50 33.81
C PRO E 4682 -41.64 -43.87 35.26
N GLY E 4683 -41.24 -42.87 36.04
CA GLY E 4683 -40.95 -43.09 37.44
C GLY E 4683 -42.21 -43.34 38.26
N ASP E 4684 -42.00 -43.89 39.45
CA ASP E 4684 -43.13 -44.17 40.34
C ASP E 4684 -43.81 -42.90 40.82
N ASP E 4685 -43.04 -41.83 41.02
CA ASP E 4685 -43.61 -40.57 41.48
C ASP E 4685 -44.36 -39.82 40.38
N ASP E 4686 -44.20 -40.21 39.12
CA ASP E 4686 -44.86 -39.55 38.00
C ASP E 4686 -46.29 -40.09 37.89
N VAL E 4687 -47.20 -39.50 38.67
CA VAL E 4687 -48.59 -39.91 38.62
C VAL E 4687 -49.18 -39.65 37.23
N LYS E 4688 -48.83 -38.51 36.63
CA LYS E 4688 -49.28 -38.23 35.28
C LYS E 4688 -48.68 -39.22 34.29
N GLY E 4689 -47.43 -39.63 34.52
CA GLY E 4689 -46.82 -40.63 33.66
C GLY E 4689 -47.53 -41.97 33.73
N GLN E 4690 -47.93 -42.39 34.93
CA GLN E 4690 -48.70 -43.62 35.06
C GLN E 4690 -50.09 -43.48 34.45
N TRP E 4691 -50.71 -42.31 34.60
CA TRP E 4691 -52.05 -42.12 34.06
C TRP E 4691 -52.05 -42.07 32.53
N ASP E 4692 -51.00 -41.54 31.92
CA ASP E 4692 -50.94 -41.43 30.47
C ASP E 4692 -50.79 -42.77 29.77
N ARG E 4693 -50.54 -43.84 30.51
CA ARG E 4693 -50.35 -45.17 29.91
C ARG E 4693 -51.62 -45.72 29.27
N LEU E 4694 -52.79 -45.12 29.54
CA LEU E 4694 -54.04 -45.70 29.07
C LEU E 4694 -54.23 -45.49 27.57
N VAL E 4695 -53.89 -44.31 27.06
CA VAL E 4695 -54.20 -43.96 25.68
C VAL E 4695 -53.11 -44.45 24.73
N LEU E 4696 -52.17 -45.25 25.23
CA LEU E 4696 -51.13 -45.79 24.36
C LEU E 4696 -51.73 -46.75 23.33
N ASN E 4697 -52.69 -47.59 23.75
CA ASN E 4697 -53.29 -48.58 22.86
C ASN E 4697 -54.64 -48.15 22.29
N THR E 4698 -55.23 -47.06 22.79
CA THR E 4698 -56.52 -46.63 22.31
C THR E 4698 -56.43 -46.16 20.86
N PRO E 4699 -57.40 -46.52 20.01
CA PRO E 4699 -57.34 -46.08 18.60
C PRO E 4699 -57.40 -44.58 18.42
N SER E 4700 -58.03 -43.86 19.36
CA SER E 4700 -58.21 -42.41 19.25
C SER E 4700 -57.15 -41.63 20.01
N PHE E 4701 -55.94 -42.17 20.12
CA PHE E 4701 -54.87 -41.46 20.82
C PHE E 4701 -54.48 -40.14 20.16
N PRO E 4702 -54.25 -40.06 18.85
CA PRO E 4702 -53.85 -38.78 18.26
C PRO E 4702 -54.99 -37.81 18.03
N SER E 4703 -56.12 -37.95 18.73
CA SER E 4703 -57.18 -36.94 18.62
C SER E 4703 -56.74 -35.56 19.12
N ASN E 4704 -57.34 -34.49 18.59
CA ASN E 4704 -57.01 -33.10 19.00
C ASN E 4704 -55.52 -32.78 18.92
N TYR E 4705 -54.91 -33.06 17.78
CA TYR E 4705 -53.50 -32.75 17.58
C TYR E 4705 -53.21 -32.91 16.11
N TRP E 4706 -52.48 -31.96 15.52
CA TRP E 4706 -52.28 -31.99 14.07
C TRP E 4706 -51.78 -33.32 13.51
N ASP E 4707 -50.91 -34.02 14.23
CA ASP E 4707 -50.35 -35.24 13.67
C ASP E 4707 -51.11 -36.50 14.03
N LYS E 4708 -51.60 -37.19 13.02
CA LYS E 4708 -52.31 -38.44 13.26
C LYS E 4708 -51.46 -39.62 12.83
N PHE E 4709 -50.16 -39.38 12.63
CA PHE E 4709 -49.26 -40.44 12.21
C PHE E 4709 -48.11 -40.58 13.19
N VAL E 4710 -48.31 -40.15 14.42
CA VAL E 4710 -47.27 -40.25 15.44
C VAL E 4710 -47.00 -41.71 15.78
N LYS E 4711 -48.05 -42.54 15.81
CA LYS E 4711 -47.87 -43.96 16.09
C LYS E 4711 -47.00 -44.62 15.02
N ARG E 4712 -47.26 -44.33 13.75
CA ARG E 4712 -46.45 -44.88 12.67
C ARG E 4712 -45.01 -44.39 12.76
N LYS E 4713 -44.83 -43.11 13.09
CA LYS E 4713 -43.47 -42.57 13.19
C LYS E 4713 -42.69 -43.23 14.32
N VAL E 4714 -43.33 -43.43 15.47
CA VAL E 4714 -42.66 -44.11 16.59
C VAL E 4714 -42.38 -45.56 16.24
N LEU E 4715 -43.29 -46.21 15.51
CA LEU E 4715 -43.03 -47.58 15.06
C LEU E 4715 -41.79 -47.63 14.18
N ASP E 4716 -41.71 -46.72 13.20
CA ASP E 4716 -40.56 -46.70 12.29
C ASP E 4716 -39.29 -46.26 12.99
N LYS E 4717 -39.39 -45.55 14.11
CA LYS E 4717 -38.21 -45.07 14.82
C LYS E 4717 -37.65 -46.10 15.79
N HIS E 4718 -38.50 -46.77 16.57
CA HIS E 4718 -38.05 -47.70 17.60
C HIS E 4718 -38.43 -49.14 17.30
N GLY E 4719 -38.75 -49.46 16.05
CA GLY E 4719 -39.13 -50.84 15.72
C GLY E 4719 -37.96 -51.80 15.82
N ASP E 4720 -36.78 -51.39 15.36
CA ASP E 4720 -35.65 -52.31 15.30
C ASP E 4720 -35.15 -52.68 16.69
N ILE E 4721 -35.08 -51.71 17.60
CA ILE E 4721 -34.50 -51.94 18.92
C ILE E 4721 -35.48 -52.67 19.83
N PHE E 4722 -36.63 -52.05 20.09
CA PHE E 4722 -37.59 -52.61 21.03
C PHE E 4722 -38.34 -53.81 20.46
N GLY E 4723 -38.38 -53.95 19.13
CA GLY E 4723 -39.14 -55.02 18.52
C GLY E 4723 -40.42 -54.51 17.89
N ARG E 4724 -40.63 -54.81 16.61
CA ARG E 4724 -41.80 -54.32 15.90
C ARG E 4724 -43.08 -54.86 16.53
N GLU E 4725 -43.11 -56.14 16.89
CA GLU E 4725 -44.29 -56.72 17.52
C GLU E 4725 -44.55 -56.07 18.88
N ARG E 4726 -43.50 -55.85 19.66
CA ARG E 4726 -43.68 -55.21 20.96
C ARG E 4726 -44.22 -53.79 20.81
N ILE E 4727 -43.70 -53.03 19.84
CA ILE E 4727 -44.21 -51.69 19.60
C ILE E 4727 -45.66 -51.73 19.18
N ALA E 4728 -46.02 -52.70 18.31
CA ALA E 4728 -47.40 -52.82 17.86
C ALA E 4728 -48.33 -53.13 19.03
N GLU E 4729 -47.92 -54.05 19.91
CA GLU E 4729 -48.74 -54.36 21.08
C GLU E 4729 -48.87 -53.16 22.01
N LEU E 4730 -47.77 -52.43 22.22
CA LEU E 4730 -47.83 -51.27 23.11
C LEU E 4730 -48.72 -50.17 22.57
N LEU E 4731 -48.65 -49.90 21.26
CA LEU E 4731 -49.39 -48.81 20.66
C LEU E 4731 -50.77 -49.22 20.15
N GLY E 4732 -51.12 -50.50 20.22
CA GLY E 4732 -52.43 -50.93 19.76
C GLY E 4732 -52.65 -50.78 18.27
N MET E 4733 -51.67 -51.14 17.45
CA MET E 4733 -51.76 -51.04 16.01
C MET E 4733 -51.75 -52.43 15.37
N ASP E 4734 -52.17 -52.48 14.12
CA ASP E 4734 -52.19 -53.71 13.33
C ASP E 4734 -51.29 -53.50 12.11
N LEU E 4735 -50.25 -54.32 12.00
CA LEU E 4735 -49.27 -54.15 10.93
C LEU E 4735 -49.92 -54.39 9.56
N ALA E 4736 -50.64 -55.49 9.42
CA ALA E 4736 -51.28 -55.80 8.14
C ALA E 4736 -52.32 -54.75 7.79
N SER E 4737 -53.10 -54.29 8.78
CA SER E 4737 -54.11 -53.27 8.50
C SER E 4737 -53.48 -51.97 8.03
N LEU E 4738 -52.42 -51.52 8.72
CA LEU E 4738 -51.78 -50.27 8.30
C LEU E 4738 -51.13 -50.43 6.93
N GLU E 4739 -50.59 -51.62 6.64
CA GLU E 4739 -49.95 -51.85 5.34
C GLU E 4739 -50.98 -51.80 4.21
N ILE E 4740 -52.13 -52.47 4.40
CA ILE E 4740 -53.15 -52.46 3.36
C ILE E 4740 -53.79 -51.09 3.22
N THR E 4741 -53.90 -50.32 4.31
CA THR E 4741 -54.37 -48.96 4.17
C THR E 4741 -53.35 -48.07 3.46
N ALA E 4742 -52.05 -48.34 3.66
CA ALA E 4742 -51.04 -47.62 2.90
C ALA E 4742 -51.16 -47.89 1.42
N HIS E 4743 -51.38 -49.15 1.05
CA HIS E 4743 -51.64 -49.45 -0.36
C HIS E 4743 -52.93 -48.80 -0.87
N ASN E 4744 -54.09 -49.20 -0.34
CA ASN E 4744 -55.34 -48.68 -0.84
C ASN E 4744 -56.43 -48.93 0.19
N GLU E 4745 -57.31 -47.95 0.36
CA GLU E 4745 -58.39 -48.02 1.35
C GLU E 4745 -59.70 -47.58 0.70
N ARG E 4746 -60.80 -48.05 1.27
CA ARG E 4746 -62.13 -47.70 0.82
C ARG E 4746 -62.72 -46.61 1.72
N LYS E 4747 -63.89 -46.10 1.32
CA LYS E 4747 -64.53 -45.00 2.03
C LYS E 4747 -65.71 -45.53 2.83
N PRO E 4748 -65.75 -45.29 4.13
CA PRO E 4748 -66.88 -45.74 4.95
C PRO E 4748 -68.09 -44.83 4.77
N ASP E 4749 -69.17 -45.15 5.53
CA ASP E 4749 -70.40 -44.38 5.44
C ASP E 4749 -70.56 -43.47 6.66
N PRO E 4750 -71.17 -42.30 6.47
CA PRO E 4750 -71.36 -41.39 7.60
C PRO E 4750 -72.33 -41.97 8.60
N PRO E 4751 -72.20 -41.62 9.88
CA PRO E 4751 -73.13 -42.11 10.90
C PRO E 4751 -74.53 -41.55 10.68
N PRO E 4752 -75.51 -42.41 10.47
CA PRO E 4752 -76.89 -41.92 10.23
C PRO E 4752 -77.59 -41.40 11.47
N GLY E 4753 -77.44 -42.09 12.60
CA GLY E 4753 -78.22 -41.78 13.79
C GLY E 4753 -77.37 -41.71 15.03
N LEU E 4754 -78.03 -41.95 16.17
CA LEU E 4754 -77.42 -41.81 17.49
C LEU E 4754 -76.81 -43.11 18.00
N LEU E 4755 -77.40 -44.25 17.64
CA LEU E 4755 -76.84 -45.53 18.07
C LEU E 4755 -75.44 -45.74 17.51
N THR E 4756 -75.21 -45.30 16.28
CA THR E 4756 -73.87 -45.41 15.70
C THR E 4756 -72.85 -44.62 16.50
N TRP E 4757 -73.22 -43.40 16.92
CA TRP E 4757 -72.30 -42.63 17.77
C TRP E 4757 -72.09 -43.34 19.09
N LEU E 4758 -73.15 -43.94 19.64
CA LEU E 4758 -73.04 -44.66 20.90
C LEU E 4758 -72.04 -45.81 20.80
N MET E 4759 -72.13 -46.60 19.73
CA MET E 4759 -71.14 -47.66 19.53
C MET E 4759 -69.76 -47.13 19.13
N SER E 4760 -69.67 -45.90 18.63
CA SER E 4760 -68.38 -45.33 18.27
C SER E 4760 -67.64 -44.71 19.46
N ILE E 4761 -68.00 -45.06 20.68
CA ILE E 4761 -67.36 -44.50 21.87
C ILE E 4761 -66.22 -45.42 22.30
N ASP E 4762 -65.03 -44.85 22.44
CA ASP E 4762 -63.86 -45.60 22.91
C ASP E 4762 -63.74 -45.41 24.42
N VAL E 4763 -64.05 -46.47 25.16
CA VAL E 4763 -64.25 -46.34 26.61
C VAL E 4763 -62.96 -45.92 27.30
N LYS E 4764 -61.85 -46.56 26.95
CA LYS E 4764 -60.58 -46.27 27.63
C LYS E 4764 -60.12 -44.83 27.34
N TYR E 4765 -60.26 -44.39 26.08
CA TYR E 4765 -59.90 -43.03 25.74
C TYR E 4765 -60.77 -42.02 26.48
N GLN E 4766 -62.07 -42.31 26.59
CA GLN E 4766 -62.96 -41.42 27.34
C GLN E 4766 -62.59 -41.38 28.82
N ILE E 4767 -62.23 -42.53 29.39
CA ILE E 4767 -61.82 -42.55 30.80
C ILE E 4767 -60.56 -41.72 31.00
N TRP E 4768 -59.59 -41.83 30.09
CA TRP E 4768 -58.38 -41.02 30.22
C TRP E 4768 -58.70 -39.54 30.04
N LYS E 4769 -59.63 -39.21 29.14
CA LYS E 4769 -60.04 -37.83 28.96
C LYS E 4769 -60.69 -37.28 30.22
N PHE E 4770 -61.53 -38.08 30.87
CA PHE E 4770 -62.11 -37.65 32.15
C PHE E 4770 -61.02 -37.47 33.19
N GLY E 4771 -60.05 -38.39 33.23
CA GLY E 4771 -58.98 -38.26 34.20
C GLY E 4771 -58.18 -36.98 34.03
N VAL E 4772 -57.90 -36.59 32.78
CA VAL E 4772 -57.13 -35.37 32.57
C VAL E 4772 -57.99 -34.13 32.83
N ILE E 4773 -59.27 -34.16 32.43
CA ILE E 4773 -60.09 -32.95 32.56
C ILE E 4773 -60.40 -32.68 34.04
N PHE E 4774 -60.67 -33.72 34.82
CA PHE E 4774 -61.02 -33.52 36.22
C PHE E 4774 -59.86 -33.02 37.07
N THR E 4775 -58.63 -33.04 36.54
CA THR E 4775 -57.50 -32.49 37.27
C THR E 4775 -57.35 -30.99 37.10
N ASP E 4776 -58.13 -30.37 36.21
CA ASP E 4776 -58.05 -28.94 36.01
C ASP E 4776 -58.61 -28.20 37.21
N ASN E 4777 -57.90 -27.18 37.68
CA ASN E 4777 -58.33 -26.44 38.85
C ASN E 4777 -59.61 -25.66 38.59
N SER E 4778 -59.73 -25.02 37.42
CA SER E 4778 -60.91 -24.23 37.12
C SER E 4778 -62.16 -25.11 37.02
N PHE E 4779 -62.03 -26.30 36.43
CA PHE E 4779 -63.17 -27.21 36.35
C PHE E 4779 -63.61 -27.64 37.74
N LEU E 4780 -62.66 -27.92 38.64
CA LEU E 4780 -63.00 -28.27 40.01
C LEU E 4780 -63.68 -27.11 40.73
N TYR E 4781 -63.22 -25.89 40.49
CA TYR E 4781 -63.86 -24.72 41.08
C TYR E 4781 -65.29 -24.56 40.58
N LEU E 4782 -65.52 -24.76 39.28
CA LEU E 4782 -66.87 -24.67 38.75
C LEU E 4782 -67.76 -25.76 39.30
N GLY E 4783 -67.23 -26.97 39.45
CA GLY E 4783 -67.98 -28.03 40.08
C GLY E 4783 -68.33 -27.72 41.53
N TRP E 4784 -67.40 -27.10 42.26
CA TRP E 4784 -67.68 -26.68 43.62
C TRP E 4784 -68.77 -25.62 43.64
N TYR E 4785 -68.74 -24.68 42.69
CA TYR E 4785 -69.80 -23.69 42.58
C TYR E 4785 -71.16 -24.35 42.37
N MET E 4786 -71.21 -25.33 41.47
CA MET E 4786 -72.47 -26.01 41.19
C MET E 4786 -72.95 -26.80 42.41
N VAL E 4787 -72.04 -27.50 43.10
CA VAL E 4787 -72.44 -28.25 44.28
C VAL E 4787 -72.94 -27.30 45.37
N MET E 4788 -72.31 -26.13 45.49
CA MET E 4788 -72.77 -25.13 46.45
C MET E 4788 -74.16 -24.63 46.11
N SER E 4789 -74.44 -24.44 44.82
CA SER E 4789 -75.80 -24.04 44.41
C SER E 4789 -76.81 -25.13 44.73
N LEU E 4790 -76.45 -26.39 44.46
CA LEU E 4790 -77.37 -27.50 44.77
C LEU E 4790 -77.64 -27.59 46.26
N LEU E 4791 -76.60 -27.39 47.09
CA LEU E 4791 -76.81 -27.37 48.53
C LEU E 4791 -77.59 -26.13 48.97
N GLY E 4792 -77.45 -25.03 48.25
CA GLY E 4792 -78.26 -23.86 48.53
C GLY E 4792 -79.72 -24.08 48.28
N HIS E 4793 -80.05 -24.93 47.30
CA HIS E 4793 -81.44 -25.37 47.15
C HIS E 4793 -81.95 -26.02 48.43
N TYR E 4794 -81.12 -26.85 49.08
CA TYR E 4794 -81.53 -27.49 50.33
C TYR E 4794 -81.66 -26.46 51.46
N ASN E 4795 -80.63 -25.63 51.62
CA ASN E 4795 -80.63 -24.58 52.64
C ASN E 4795 -80.20 -23.27 52.00
N ASN E 4796 -81.03 -22.24 52.15
CA ASN E 4796 -80.86 -21.01 51.39
C ASN E 4796 -79.56 -20.29 51.76
N PHE E 4797 -79.06 -20.48 52.98
CA PHE E 4797 -77.86 -19.77 53.41
C PHE E 4797 -76.57 -20.28 52.74
N PHE E 4798 -76.61 -21.43 52.07
CA PHE E 4798 -75.42 -21.92 51.40
C PHE E 4798 -75.01 -21.05 50.21
N PHE E 4799 -75.91 -20.19 49.72
CA PHE E 4799 -75.58 -19.31 48.61
C PHE E 4799 -74.60 -18.21 48.99
N ALA E 4800 -74.38 -17.98 50.28
CA ALA E 4800 -73.41 -16.98 50.70
C ALA E 4800 -71.98 -17.37 50.34
N ALA E 4801 -71.72 -18.64 50.11
CA ALA E 4801 -70.38 -19.07 49.68
C ALA E 4801 -70.02 -18.54 48.30
N HIS E 4802 -71.02 -18.22 47.48
CA HIS E 4802 -70.76 -17.67 46.15
C HIS E 4802 -70.25 -16.24 46.19
N LEU E 4803 -70.31 -15.56 47.34
CA LEU E 4803 -69.77 -14.22 47.43
C LEU E 4803 -68.25 -14.19 47.30
N LEU E 4804 -67.58 -15.30 47.60
CA LEU E 4804 -66.13 -15.39 47.41
C LEU E 4804 -65.74 -15.45 45.94
N ASP E 4805 -66.71 -15.60 45.03
CA ASP E 4805 -66.40 -15.63 43.60
C ASP E 4805 -65.82 -14.31 43.10
N ILE E 4806 -66.01 -13.21 43.84
CA ILE E 4806 -65.42 -11.94 43.44
C ILE E 4806 -63.89 -12.04 43.46
N ALA E 4807 -63.34 -12.86 44.36
CA ALA E 4807 -61.89 -12.99 44.46
C ALA E 4807 -61.29 -13.51 43.17
N MET E 4808 -61.99 -14.43 42.49
CA MET E 4808 -61.53 -14.97 41.22
C MET E 4808 -62.12 -14.24 40.01
N GLY E 4809 -63.14 -13.41 40.22
CA GLY E 4809 -63.69 -12.64 39.12
C GLY E 4809 -62.96 -11.33 38.87
N VAL E 4810 -62.82 -10.51 39.91
CA VAL E 4810 -62.14 -9.23 39.79
C VAL E 4810 -60.62 -9.47 39.78
N LYS E 4811 -59.94 -8.84 38.82
CA LYS E 4811 -58.52 -9.10 38.61
C LYS E 4811 -57.69 -8.62 39.79
N THR E 4812 -57.98 -7.43 40.31
CA THR E 4812 -57.17 -6.91 41.40
C THR E 4812 -57.36 -7.71 42.69
N LEU E 4813 -58.55 -8.29 42.88
CA LEU E 4813 -58.72 -9.30 43.91
C LEU E 4813 -57.68 -10.40 43.76
N ARG E 4814 -57.51 -10.88 42.52
CA ARG E 4814 -56.52 -11.91 42.25
C ARG E 4814 -55.11 -11.41 42.54
N THR E 4815 -54.83 -10.14 42.25
CA THR E 4815 -53.49 -9.60 42.50
C THR E 4815 -53.19 -9.57 44.00
N ILE E 4816 -54.14 -9.04 44.79
CA ILE E 4816 -53.89 -8.92 46.23
C ILE E 4816 -53.85 -10.30 46.88
N LEU E 4817 -54.69 -11.23 46.43
CA LEU E 4817 -54.61 -12.57 46.99
C LEU E 4817 -53.39 -13.34 46.50
N SER E 4818 -52.84 -12.98 45.33
CA SER E 4818 -51.55 -13.52 44.93
C SER E 4818 -50.45 -13.00 45.86
N SER E 4819 -50.54 -11.73 46.25
CA SER E 4819 -49.64 -11.22 47.28
C SER E 4819 -49.79 -12.00 48.58
N VAL E 4820 -51.03 -12.31 48.96
CA VAL E 4820 -51.27 -13.02 50.21
C VAL E 4820 -50.72 -14.45 50.15
N THR E 4821 -51.01 -15.15 49.05
CA THR E 4821 -50.69 -16.57 48.90
C THR E 4821 -49.29 -16.82 48.35
N HIS E 4822 -48.53 -15.76 48.05
CA HIS E 4822 -47.16 -15.96 47.57
C HIS E 4822 -46.28 -16.57 48.65
N ASN E 4823 -46.62 -16.39 49.93
CA ASN E 4823 -45.88 -16.93 51.06
C ASN E 4823 -46.81 -17.69 51.99
N GLY E 4824 -47.73 -18.47 51.43
CA GLY E 4824 -48.67 -19.22 52.25
C GLY E 4824 -47.98 -20.28 53.10
N LYS E 4825 -46.99 -20.98 52.51
CA LYS E 4825 -46.20 -21.92 53.28
C LYS E 4825 -45.46 -21.21 54.40
N GLN E 4826 -44.91 -20.03 54.10
CA GLN E 4826 -44.24 -19.23 55.13
C GLN E 4826 -45.19 -18.93 56.28
N LEU E 4827 -46.42 -18.52 55.95
CA LEU E 4827 -47.39 -18.15 57.00
C LEU E 4827 -47.80 -19.35 57.83
N VAL E 4828 -48.09 -20.48 57.20
CA VAL E 4828 -48.52 -21.64 57.97
C VAL E 4828 -47.37 -22.17 58.83
N MET E 4829 -46.13 -22.12 58.32
CA MET E 4829 -45.00 -22.57 59.12
C MET E 4829 -44.74 -21.60 60.27
N THR E 4830 -44.98 -20.30 60.06
CA THR E 4830 -44.86 -19.34 61.15
C THR E 4830 -45.89 -19.62 62.24
N VAL E 4831 -47.14 -19.89 61.86
CA VAL E 4831 -48.13 -20.17 62.89
C VAL E 4831 -47.85 -21.49 63.59
N GLY E 4832 -47.26 -22.46 62.88
CA GLY E 4832 -46.81 -23.67 63.55
C GLY E 4832 -45.73 -23.42 64.58
N LEU E 4833 -44.76 -22.56 64.23
CA LEU E 4833 -43.73 -22.18 65.19
C LEU E 4833 -44.35 -21.45 66.38
N LEU E 4834 -45.35 -20.62 66.13
CA LEU E 4834 -46.09 -19.99 67.22
C LEU E 4834 -46.73 -21.03 68.13
N ALA E 4835 -47.32 -22.06 67.55
CA ALA E 4835 -47.88 -23.15 68.34
C ALA E 4835 -46.82 -23.81 69.19
N VAL E 4836 -45.63 -24.03 68.62
CA VAL E 4836 -44.56 -24.70 69.37
C VAL E 4836 -44.12 -23.87 70.57
N VAL E 4837 -43.88 -22.57 70.35
CA VAL E 4837 -43.39 -21.74 71.45
C VAL E 4837 -44.48 -21.58 72.51
N VAL E 4838 -45.73 -21.40 72.09
CA VAL E 4838 -46.82 -21.31 73.05
C VAL E 4838 -46.92 -22.60 73.86
N TYR E 4839 -46.69 -23.75 73.21
CA TYR E 4839 -46.67 -25.02 73.92
C TYR E 4839 -45.60 -25.04 75.00
N LEU E 4840 -44.39 -24.57 74.67
CA LEU E 4840 -43.33 -24.53 75.68
C LEU E 4840 -43.72 -23.64 76.86
N TYR E 4841 -44.30 -22.48 76.58
CA TYR E 4841 -44.78 -21.63 77.67
C TYR E 4841 -45.85 -22.33 78.49
N THR E 4842 -46.71 -23.13 77.86
CA THR E 4842 -47.69 -23.88 78.62
C THR E 4842 -47.02 -24.90 79.54
N VAL E 4843 -45.98 -25.58 79.05
CA VAL E 4843 -45.28 -26.55 79.90
C VAL E 4843 -44.70 -25.87 81.12
N VAL E 4844 -44.00 -24.75 80.92
CA VAL E 4844 -43.37 -24.11 82.07
C VAL E 4844 -44.41 -23.54 83.03
N ALA E 4845 -45.48 -22.94 82.50
CA ALA E 4845 -46.53 -22.39 83.36
C ALA E 4845 -47.25 -23.49 84.13
N PHE E 4846 -47.47 -24.64 83.52
CA PHE E 4846 -48.06 -25.77 84.24
C PHE E 4846 -47.13 -26.26 85.34
N ASN E 4847 -45.83 -26.34 85.03
CA ASN E 4847 -44.89 -26.84 86.03
C ASN E 4847 -44.81 -25.92 87.25
N PHE E 4848 -44.81 -24.61 87.04
CA PHE E 4848 -44.58 -23.70 88.16
C PHE E 4848 -45.69 -22.71 88.43
N PHE E 4849 -46.32 -22.14 87.40
CA PHE E 4849 -47.25 -21.03 87.57
C PHE E 4849 -48.70 -21.47 87.67
N ARG E 4850 -48.97 -22.65 88.25
CA ARG E 4850 -50.33 -23.18 88.26
C ARG E 4850 -51.28 -22.35 89.10
N LYS E 4851 -50.81 -21.79 90.21
CA LYS E 4851 -51.72 -21.13 91.16
C LYS E 4851 -52.39 -19.91 90.54
N PHE E 4852 -51.66 -19.14 89.76
CA PHE E 4852 -52.11 -17.83 89.30
C PHE E 4852 -53.12 -17.89 88.16
N TYR E 4853 -53.40 -19.08 87.61
CA TYR E 4853 -54.32 -19.22 86.48
C TYR E 4853 -55.77 -19.42 86.91
N ASN E 4854 -56.14 -18.96 88.11
CA ASN E 4854 -57.53 -19.05 88.55
C ASN E 4854 -58.36 -18.00 87.82
N LYS E 4855 -59.33 -18.44 87.03
CA LYS E 4855 -60.18 -17.56 86.23
C LYS E 4855 -61.63 -17.59 86.70
N SER E 4856 -61.82 -17.66 88.01
CA SER E 4856 -63.15 -17.66 88.61
C SER E 4856 -63.24 -16.56 89.65
N GLU E 4857 -64.30 -15.75 89.59
CA GLU E 4857 -64.46 -14.69 90.57
C GLU E 4857 -64.86 -15.22 91.94
N ASP E 4858 -65.50 -16.38 91.98
CA ASP E 4858 -65.87 -17.00 93.26
C ASP E 4858 -64.69 -17.77 93.81
N GLU E 4859 -64.23 -17.38 95.00
CA GLU E 4859 -63.11 -18.08 95.63
C GLU E 4859 -63.50 -19.50 96.01
N ASP E 4860 -64.73 -19.70 96.50
CA ASP E 4860 -65.18 -21.02 96.89
C ASP E 4860 -65.36 -21.96 95.70
N GLU E 4861 -65.40 -21.43 94.49
CA GLU E 4861 -65.55 -22.22 93.26
C GLU E 4861 -64.46 -21.84 92.28
N PRO E 4862 -63.21 -22.21 92.55
CA PRO E 4862 -62.12 -21.83 91.63
C PRO E 4862 -62.19 -22.62 90.34
N ASP E 4863 -61.90 -21.94 89.23
CA ASP E 4863 -61.89 -22.54 87.90
C ASP E 4863 -60.51 -22.29 87.29
N MET E 4864 -59.58 -23.20 87.58
CA MET E 4864 -58.24 -23.11 87.02
C MET E 4864 -58.23 -23.59 85.58
N LYS E 4865 -57.37 -22.97 84.77
CA LYS E 4865 -57.25 -23.32 83.36
C LYS E 4865 -55.88 -23.87 83.01
N CYS E 4866 -55.10 -24.27 84.02
CA CYS E 4866 -53.80 -24.88 83.76
C CYS E 4866 -53.55 -26.07 84.67
N ASP E 4867 -54.60 -26.67 85.23
CA ASP E 4867 -54.43 -27.86 86.05
C ASP E 4867 -53.91 -29.03 85.23
N ASP E 4868 -54.40 -29.18 83.99
CA ASP E 4868 -53.91 -30.21 83.10
C ASP E 4868 -53.32 -29.57 81.84
N MET E 4869 -52.44 -30.34 81.19
CA MET E 4869 -51.68 -29.82 80.06
C MET E 4869 -52.58 -29.42 78.91
N MET E 4870 -53.62 -30.22 78.64
CA MET E 4870 -54.53 -29.91 77.54
C MET E 4870 -55.21 -28.56 77.75
N THR E 4871 -55.82 -28.36 78.92
CA THR E 4871 -56.52 -27.11 79.14
C THR E 4871 -55.56 -25.93 79.23
N CYS E 4872 -54.35 -26.15 79.74
CA CYS E 4872 -53.39 -25.05 79.78
C CYS E 4872 -52.97 -24.62 78.39
N TYR E 4873 -52.68 -25.59 77.51
CA TYR E 4873 -52.31 -25.28 76.14
C TYR E 4873 -53.47 -24.60 75.40
N LEU E 4874 -54.68 -25.11 75.60
CA LEU E 4874 -55.85 -24.49 74.97
C LEU E 4874 -56.05 -23.07 75.47
N PHE E 4875 -55.89 -22.84 76.78
CA PHE E 4875 -56.03 -21.50 77.34
C PHE E 4875 -55.01 -20.55 76.72
N HIS E 4876 -53.74 -20.96 76.67
CA HIS E 4876 -52.73 -20.09 76.08
C HIS E 4876 -53.05 -19.78 74.63
N MET E 4877 -53.26 -20.82 73.82
CA MET E 4877 -53.58 -20.63 72.41
C MET E 4877 -54.77 -19.68 72.21
N TYR E 4878 -55.86 -19.92 72.95
CA TYR E 4878 -57.08 -19.19 72.67
C TYR E 4878 -57.00 -17.75 73.17
N VAL E 4879 -56.41 -17.51 74.33
CA VAL E 4879 -56.53 -16.22 75.00
C VAL E 4879 -55.26 -15.39 74.87
N GLY E 4880 -54.09 -15.99 75.18
CA GLY E 4880 -52.88 -15.19 75.27
C GLY E 4880 -52.44 -14.63 73.94
N VAL E 4881 -52.58 -15.42 72.86
CA VAL E 4881 -52.18 -14.96 71.54
C VAL E 4881 -53.10 -13.84 71.07
N ARG E 4882 -54.41 -14.00 71.24
CA ARG E 4882 -55.35 -12.98 70.78
C ARG E 4882 -55.22 -11.69 71.57
N ALA E 4883 -55.17 -11.80 72.90
CA ALA E 4883 -55.12 -10.61 73.75
C ALA E 4883 -53.74 -9.98 73.73
N GLY E 4884 -53.69 -8.66 73.58
CA GLY E 4884 -52.43 -7.97 73.60
C GLY E 4884 -51.81 -7.92 74.98
N GLY E 4885 -50.51 -7.64 75.01
CA GLY E 4885 -49.78 -7.59 76.26
C GLY E 4885 -49.32 -8.93 76.78
N GLY E 4886 -49.42 -9.99 76.00
CA GLY E 4886 -48.99 -11.29 76.44
C GLY E 4886 -50.05 -12.03 77.23
N ILE E 4887 -49.64 -13.19 77.77
CA ILE E 4887 -50.54 -14.03 78.54
C ILE E 4887 -50.78 -13.43 79.92
N GLY E 4888 -49.82 -12.66 80.44
CA GLY E 4888 -49.86 -12.21 81.82
C GLY E 4888 -51.02 -11.31 82.18
N ASP E 4889 -51.68 -10.71 81.18
CA ASP E 4889 -52.82 -9.84 81.46
C ASP E 4889 -53.96 -10.61 82.12
N GLU E 4890 -54.27 -11.81 81.61
CA GLU E 4890 -55.33 -12.61 82.20
C GLU E 4890 -54.92 -13.23 83.52
N ILE E 4891 -53.63 -13.54 83.67
CA ILE E 4891 -53.16 -14.18 84.90
C ILE E 4891 -53.28 -13.20 86.07
N GLU E 4892 -53.29 -13.76 87.28
CA GLU E 4892 -53.40 -12.95 88.48
C GLU E 4892 -52.15 -12.09 88.67
N ASP E 4893 -52.22 -11.20 89.64
CA ASP E 4893 -51.13 -10.26 89.89
C ASP E 4893 -49.91 -10.99 90.45
N PRO E 4894 -48.76 -10.94 89.78
CA PRO E 4894 -47.57 -11.60 90.33
C PRO E 4894 -47.07 -10.98 91.63
N ALA E 4895 -47.40 -9.72 91.90
CA ALA E 4895 -46.91 -9.05 93.10
C ALA E 4895 -47.50 -9.70 94.36
N GLY E 4896 -46.69 -9.73 95.41
CA GLY E 4896 -47.10 -10.31 96.67
C GLY E 4896 -46.74 -11.77 96.85
N ASP E 4897 -45.89 -12.32 96.00
CA ASP E 4897 -45.47 -13.71 96.08
C ASP E 4897 -43.95 -13.80 95.93
N GLU E 4898 -43.41 -15.00 96.11
CA GLU E 4898 -41.98 -15.23 95.97
C GLU E 4898 -41.55 -15.37 94.52
N TYR E 4899 -42.49 -15.57 93.59
CA TYR E 4899 -42.17 -15.73 92.17
C TYR E 4899 -42.43 -14.46 91.38
N GLU E 4900 -42.30 -13.28 92.00
CA GLU E 4900 -42.59 -12.03 91.32
C GLU E 4900 -41.66 -11.82 90.14
N LEU E 4901 -40.35 -11.94 90.35
CA LEU E 4901 -39.40 -11.73 89.27
C LEU E 4901 -39.56 -12.79 88.19
N TYR E 4902 -39.77 -14.05 88.58
CA TYR E 4902 -39.93 -15.11 87.60
C TYR E 4902 -41.17 -14.88 86.73
N ARG E 4903 -42.28 -14.48 87.35
CA ARG E 4903 -43.49 -14.21 86.57
C ARG E 4903 -43.31 -12.98 85.69
N VAL E 4904 -42.59 -11.97 86.16
CA VAL E 4904 -42.33 -10.79 85.34
C VAL E 4904 -41.52 -11.18 84.10
N VAL E 4905 -40.47 -11.98 84.30
CA VAL E 4905 -39.66 -12.43 83.17
C VAL E 4905 -40.51 -13.28 82.23
N PHE E 4906 -41.34 -14.16 82.77
CA PHE E 4906 -42.22 -14.99 81.95
C PHE E 4906 -43.12 -14.14 81.07
N ASP E 4907 -43.80 -13.16 81.67
CA ASP E 4907 -44.73 -12.32 80.92
C ASP E 4907 -44.00 -11.46 79.89
N ILE E 4908 -42.86 -10.89 80.25
CA ILE E 4908 -42.12 -10.05 79.32
C ILE E 4908 -41.62 -10.86 78.14
N THR E 4909 -41.07 -12.06 78.40
CA THR E 4909 -40.60 -12.90 77.31
C THR E 4909 -41.76 -13.32 76.41
N PHE E 4910 -42.90 -13.67 76.99
CA PHE E 4910 -44.06 -14.03 76.17
C PHE E 4910 -44.49 -12.85 75.29
N PHE E 4911 -44.56 -11.66 75.88
CA PHE E 4911 -44.99 -10.48 75.11
C PHE E 4911 -44.03 -10.17 73.98
N PHE E 4912 -42.72 -10.26 74.24
CA PHE E 4912 -41.76 -9.91 73.20
C PHE E 4912 -41.61 -10.98 72.13
N PHE E 4913 -41.72 -12.25 72.49
CA PHE E 4913 -41.45 -13.31 71.53
C PHE E 4913 -42.70 -13.76 70.76
N VAL E 4914 -43.86 -13.75 71.39
CA VAL E 4914 -45.09 -14.23 70.74
C VAL E 4914 -45.88 -13.09 70.12
N ILE E 4915 -46.17 -12.04 70.91
CA ILE E 4915 -47.01 -10.96 70.42
C ILE E 4915 -46.29 -10.12 69.38
N VAL E 4916 -45.01 -9.84 69.59
CA VAL E 4916 -44.31 -8.84 68.79
C VAL E 4916 -43.58 -9.48 67.60
N ILE E 4917 -42.62 -10.36 67.89
CA ILE E 4917 -41.70 -10.82 66.85
C ILE E 4917 -42.44 -11.63 65.79
N LEU E 4918 -43.33 -12.53 66.21
CA LEU E 4918 -43.96 -13.44 65.26
C LEU E 4918 -44.95 -12.71 64.36
N LEU E 4919 -45.79 -11.85 64.95
CA LEU E 4919 -46.68 -11.03 64.14
C LEU E 4919 -45.90 -10.05 63.26
N ALA E 4920 -44.70 -9.66 63.70
CA ALA E 4920 -43.82 -8.88 62.83
C ALA E 4920 -43.45 -9.67 61.59
N ILE E 4921 -43.14 -10.96 61.76
CA ILE E 4921 -42.87 -11.82 60.60
C ILE E 4921 -44.10 -11.92 59.72
N ILE E 4922 -45.29 -12.03 60.33
CA ILE E 4922 -46.52 -12.13 59.55
C ILE E 4922 -46.71 -10.88 58.68
N GLN E 4923 -46.50 -9.70 59.27
CA GLN E 4923 -46.64 -8.45 58.52
C GLN E 4923 -45.59 -8.36 57.43
N GLY E 4924 -44.33 -8.66 57.77
CA GLY E 4924 -43.24 -8.51 56.83
C GLY E 4924 -43.35 -9.44 55.64
N LEU E 4925 -43.88 -10.65 55.84
CA LEU E 4925 -44.05 -11.57 54.73
C LEU E 4925 -44.97 -10.98 53.67
N ILE E 4926 -46.11 -10.42 54.10
CA ILE E 4926 -47.05 -9.83 53.17
C ILE E 4926 -46.46 -8.60 52.49
N ILE E 4927 -45.77 -7.75 53.27
CA ILE E 4927 -45.19 -6.54 52.68
C ILE E 4927 -44.14 -6.92 51.64
N ASP E 4928 -43.28 -7.88 51.96
CA ASP E 4928 -42.26 -8.34 51.01
C ASP E 4928 -42.89 -9.00 49.80
N ALA E 4929 -44.03 -9.68 49.96
CA ALA E 4929 -44.72 -10.25 48.81
C ALA E 4929 -45.21 -9.17 47.86
N PHE E 4930 -45.82 -8.11 48.41
CA PHE E 4930 -46.22 -6.98 47.58
C PHE E 4930 -45.02 -6.40 46.83
N GLY E 4931 -43.92 -6.15 47.57
CA GLY E 4931 -42.73 -5.59 46.94
C GLY E 4931 -42.17 -6.48 45.85
N GLU E 4932 -42.13 -7.79 46.10
CA GLU E 4932 -41.58 -8.74 45.13
C GLU E 4932 -42.43 -8.79 43.87
N LEU E 4933 -43.76 -8.80 44.01
CA LEU E 4933 -44.60 -8.81 42.82
C LEU E 4933 -44.45 -7.52 42.01
N ARG E 4934 -44.39 -6.37 42.70
CA ARG E 4934 -44.19 -5.12 41.97
C ARG E 4934 -42.85 -5.14 41.25
N ASP E 4935 -41.81 -5.66 41.90
CA ASP E 4935 -40.50 -5.77 41.26
C ASP E 4935 -40.55 -6.69 40.06
N GLN E 4936 -41.32 -7.77 40.14
CA GLN E 4936 -41.43 -8.69 39.01
C GLN E 4936 -42.07 -7.99 37.80
N GLN E 4937 -43.17 -7.27 38.03
CA GLN E 4937 -43.80 -6.55 36.92
C GLN E 4937 -42.86 -5.51 36.33
N GLU E 4938 -42.17 -4.76 37.20
CA GLU E 4938 -41.23 -3.75 36.71
C GLU E 4938 -40.10 -4.39 35.91
N GLN E 4939 -39.58 -5.52 36.38
CA GLN E 4939 -38.51 -6.20 35.67
C GLN E 4939 -38.96 -6.67 34.30
N VAL E 4940 -40.16 -7.25 34.22
CA VAL E 4940 -40.68 -7.70 32.92
C VAL E 4940 -40.82 -6.52 31.96
N LYS E 4941 -41.41 -5.42 32.46
CA LYS E 4941 -41.60 -4.25 31.59
C LYS E 4941 -40.27 -3.69 31.11
N GLU E 4942 -39.30 -3.56 32.01
CA GLU E 4942 -38.01 -3.00 31.64
C GLU E 4942 -37.29 -3.92 30.65
N ASP E 4943 -37.33 -5.24 30.87
CA ASP E 4943 -36.66 -6.16 29.97
C ASP E 4943 -37.26 -6.07 28.57
N MET E 4944 -38.60 -6.03 28.48
CA MET E 4944 -39.22 -5.93 27.16
C MET E 4944 -38.93 -4.59 26.50
N GLU E 4945 -38.91 -3.50 27.29
CA GLU E 4945 -38.62 -2.20 26.71
C GLU E 4945 -37.16 -2.04 26.30
N THR E 4946 -36.26 -2.84 26.87
CA THR E 4946 -34.84 -2.70 26.58
C THR E 4946 -34.33 -3.65 25.50
N LYS E 4947 -34.72 -4.92 25.53
CA LYS E 4947 -34.10 -5.91 24.65
C LYS E 4947 -35.09 -6.43 23.61
N CYS E 4948 -34.56 -6.71 22.42
CA CYS E 4948 -35.33 -7.36 21.37
C CYS E 4948 -35.64 -8.79 21.77
N PHE E 4949 -36.89 -9.21 21.53
CA PHE E 4949 -37.31 -10.54 21.97
C PHE E 4949 -36.71 -11.63 21.08
N ILE E 4950 -36.68 -11.42 19.77
CA ILE E 4950 -36.19 -12.44 18.85
C ILE E 4950 -34.67 -12.42 18.78
N CYS E 4951 -34.07 -11.23 18.61
CA CYS E 4951 -32.63 -11.14 18.42
C CYS E 4951 -31.89 -11.15 19.75
N GLY E 4952 -32.36 -10.35 20.72
CA GLY E 4952 -31.65 -10.18 21.96
C GLY E 4952 -30.70 -8.99 21.98
N ILE E 4953 -30.49 -8.34 20.83
CA ILE E 4953 -29.63 -7.16 20.79
C ILE E 4953 -30.29 -6.02 21.54
N GLY E 4954 -29.48 -5.27 22.30
CA GLY E 4954 -30.00 -4.16 23.06
C GLY E 4954 -30.48 -3.03 22.18
N SER E 4955 -31.33 -2.18 22.76
CA SER E 4955 -31.90 -1.05 22.03
C SER E 4955 -30.86 0.01 21.70
N ASP E 4956 -29.71 0.00 22.39
CA ASP E 4956 -28.70 1.03 22.17
C ASP E 4956 -28.12 0.95 20.75
N TYR E 4957 -27.88 -0.26 20.25
CA TYR E 4957 -27.33 -0.41 18.91
C TYR E 4957 -28.30 0.11 17.86
N PHE E 4958 -29.59 -0.21 18.01
CA PHE E 4958 -30.57 0.25 17.03
C PHE E 4958 -30.82 1.76 17.14
N ASP E 4959 -30.77 2.32 18.35
CA ASP E 4959 -31.08 3.73 18.53
C ASP E 4959 -29.99 4.66 18.01
N THR E 4960 -28.93 4.13 17.40
CA THR E 4960 -27.96 4.99 16.73
C THR E 4960 -28.63 5.77 15.60
N THR E 4961 -29.47 5.09 14.82
CA THR E 4961 -30.40 5.62 13.83
C THR E 4961 -31.72 6.00 14.49
N PRO E 4962 -32.28 7.16 14.18
CA PRO E 4962 -33.51 7.61 14.84
C PRO E 4962 -34.62 6.56 14.75
N HIS E 4963 -35.26 6.31 15.89
CA HIS E 4963 -36.34 5.33 16.01
C HIS E 4963 -35.90 3.95 15.54
N GLY E 4964 -34.62 3.62 15.75
CA GLY E 4964 -34.11 2.34 15.28
C GLY E 4964 -34.75 1.16 15.99
N PHE E 4965 -34.86 1.24 17.32
CA PHE E 4965 -35.50 0.16 18.06
C PHE E 4965 -36.97 0.01 17.70
N GLU E 4966 -37.68 1.14 17.57
CA GLU E 4966 -39.10 1.09 17.22
C GLU E 4966 -39.30 0.49 15.83
N THR E 4967 -38.42 0.82 14.89
CA THR E 4967 -38.50 0.21 13.57
C THR E 4967 -38.16 -1.27 13.62
N HIS E 4968 -37.15 -1.65 14.41
CA HIS E 4968 -36.67 -3.02 14.42
C HIS E 4968 -37.66 -3.97 15.09
N THR E 4969 -38.32 -3.51 16.14
CA THR E 4969 -39.26 -4.35 16.88
C THR E 4969 -40.67 -4.32 16.31
N LEU E 4970 -40.88 -3.62 15.19
CA LEU E 4970 -42.18 -3.55 14.55
C LEU E 4970 -42.17 -3.96 13.08
N GLU E 4971 -41.02 -3.90 12.40
CA GLU E 4971 -40.93 -4.22 10.98
C GLU E 4971 -40.01 -5.40 10.70
N GLU E 4972 -38.83 -5.43 11.31
CA GLU E 4972 -37.84 -6.45 10.96
C GLU E 4972 -38.14 -7.78 11.65
N HIS E 4973 -38.11 -7.79 12.98
CA HIS E 4973 -38.42 -8.99 13.77
C HIS E 4973 -39.69 -8.72 14.56
N ASN E 4974 -40.79 -9.34 14.16
CA ASN E 4974 -42.06 -9.19 14.83
C ASN E 4974 -42.63 -10.56 15.18
N LEU E 4975 -43.07 -10.72 16.42
CA LEU E 4975 -43.64 -11.99 16.87
C LEU E 4975 -44.87 -12.35 16.03
N ALA E 4976 -45.73 -11.37 15.78
CA ALA E 4976 -46.88 -11.61 14.93
C ALA E 4976 -46.45 -11.98 13.51
N ASN E 4977 -45.38 -11.37 13.01
CA ASN E 4977 -44.90 -11.71 11.68
C ASN E 4977 -44.43 -13.16 11.60
N TYR E 4978 -43.69 -13.62 12.62
CA TYR E 4978 -43.28 -15.02 12.62
C TYR E 4978 -44.48 -15.97 12.74
N MET E 4979 -45.47 -15.60 13.57
CA MET E 4979 -46.69 -16.39 13.67
C MET E 4979 -47.40 -16.49 12.32
N PHE E 4980 -47.51 -15.37 11.61
CA PHE E 4980 -48.22 -15.36 10.34
C PHE E 4980 -47.44 -16.12 9.28
N PHE E 4981 -46.11 -16.07 9.33
CA PHE E 4981 -45.31 -16.88 8.43
C PHE E 4981 -45.50 -18.37 8.71
N LEU E 4982 -45.59 -18.76 9.98
CA LEU E 4982 -45.87 -20.15 10.31
C LEU E 4982 -47.21 -20.59 9.73
N MET E 4983 -48.24 -19.76 9.91
CA MET E 4983 -49.55 -20.08 9.33
C MET E 4983 -49.50 -20.14 7.82
N TYR E 4984 -48.76 -19.24 7.20
CA TYR E 4984 -48.66 -19.22 5.73
C TYR E 4984 -47.99 -20.48 5.22
N LEU E 4985 -46.93 -20.93 5.90
CA LEU E 4985 -46.30 -22.20 5.53
C LEU E 4985 -47.26 -23.36 5.71
N ILE E 4986 -48.03 -23.36 6.79
CA ILE E 4986 -49.00 -24.44 7.01
C ILE E 4986 -50.03 -24.47 5.90
N ASN E 4987 -50.54 -23.30 5.51
CA ASN E 4987 -51.63 -23.25 4.54
C ASN E 4987 -51.14 -23.55 3.12
N LYS E 4988 -49.96 -23.05 2.76
CA LYS E 4988 -49.48 -23.20 1.39
C LYS E 4988 -49.13 -24.66 1.09
N ASP E 4989 -49.39 -25.07 -0.14
CA ASP E 4989 -49.09 -26.42 -0.57
C ASP E 4989 -47.58 -26.65 -0.61
N GLU E 4990 -47.18 -27.90 -0.38
CA GLU E 4990 -45.76 -28.24 -0.30
C GLU E 4990 -45.04 -27.93 -1.61
N THR E 4991 -45.66 -28.26 -2.74
CA THR E 4991 -45.03 -28.01 -4.04
C THR E 4991 -44.96 -26.54 -4.39
N GLU E 4992 -45.73 -25.69 -3.71
CA GLU E 4992 -45.72 -24.26 -3.96
C GLU E 4992 -44.68 -23.51 -3.13
N HIS E 4993 -44.11 -24.16 -2.12
CA HIS E 4993 -43.11 -23.51 -1.27
C HIS E 4993 -41.88 -23.13 -2.07
N THR E 4994 -41.38 -21.92 -1.87
CA THR E 4994 -40.13 -21.51 -2.48
C THR E 4994 -38.96 -22.15 -1.73
N GLY E 4995 -37.73 -21.84 -2.17
CA GLY E 4995 -36.57 -22.42 -1.53
C GLY E 4995 -36.47 -22.06 -0.06
N GLN E 4996 -36.65 -20.78 0.27
CA GLN E 4996 -36.58 -20.34 1.65
C GLN E 4996 -37.71 -20.95 2.49
N GLU E 4997 -38.92 -20.98 1.93
CA GLU E 4997 -40.05 -21.55 2.66
C GLU E 4997 -39.83 -23.03 2.95
N SER E 4998 -39.34 -23.78 1.95
CA SER E 4998 -39.05 -25.20 2.17
C SER E 4998 -37.93 -25.39 3.19
N TYR E 4999 -36.90 -24.52 3.13
CA TYR E 4999 -35.80 -24.63 4.07
C TYR E 4999 -36.25 -24.38 5.51
N VAL E 5000 -37.16 -23.43 5.70
CA VAL E 5000 -37.73 -23.22 7.03
C VAL E 5000 -38.62 -24.40 7.41
N TRP E 5001 -39.41 -24.90 6.45
CA TRP E 5001 -40.39 -25.95 6.73
C TRP E 5001 -39.72 -27.23 7.20
N LYS E 5002 -38.64 -27.61 6.56
CA LYS E 5002 -37.98 -28.84 6.93
C LYS E 5002 -37.63 -28.74 8.38
N MET E 5003 -37.11 -27.60 8.80
CA MET E 5003 -36.67 -27.44 10.18
C MET E 5003 -37.81 -27.46 11.19
N TYR E 5004 -38.94 -26.87 10.85
CA TYR E 5004 -40.07 -26.92 11.75
C TYR E 5004 -40.41 -28.35 12.03
N GLN E 5005 -40.39 -29.18 11.00
CA GLN E 5005 -40.75 -30.58 11.14
C GLN E 5005 -39.69 -31.35 11.92
N GLU E 5006 -38.42 -31.03 11.70
CA GLU E 5006 -37.35 -31.69 12.42
C GLU E 5006 -37.16 -31.06 13.79
N ARG E 5007 -38.03 -30.13 14.14
CA ARG E 5007 -37.92 -29.45 15.42
C ARG E 5007 -36.55 -28.82 15.61
N CYS E 5008 -36.03 -28.17 14.58
CA CYS E 5008 -34.75 -27.48 14.70
C CYS E 5008 -34.95 -25.98 14.62
N TRP E 5009 -34.59 -25.26 15.68
CA TRP E 5009 -34.82 -23.82 15.75
C TRP E 5009 -33.51 -23.07 15.48
N ASP E 5010 -33.09 -23.10 14.22
CA ASP E 5010 -31.92 -22.36 13.77
C ASP E 5010 -32.24 -21.20 12.85
N PHE E 5011 -33.45 -21.15 12.28
CA PHE E 5011 -33.80 -20.04 11.40
C PHE E 5011 -34.01 -18.75 12.18
N PHE E 5012 -34.35 -18.84 13.46
CA PHE E 5012 -34.53 -17.66 14.28
C PHE E 5012 -33.19 -16.94 14.42
N PRO E 5013 -33.12 -15.66 14.06
CA PRO E 5013 -31.85 -14.91 14.16
C PRO E 5013 -31.57 -14.48 15.59
N ALA E 5014 -30.56 -15.10 16.20
CA ALA E 5014 -30.16 -14.79 17.57
C ALA E 5014 -28.78 -14.15 17.55
N GLY E 5015 -28.68 -12.94 18.11
CA GLY E 5015 -27.41 -12.25 18.18
C GLY E 5015 -26.98 -11.55 16.91
N ASP E 5016 -27.83 -11.52 15.89
CA ASP E 5016 -27.48 -10.88 14.62
C ASP E 5016 -28.75 -10.39 13.95
N CYS E 5017 -28.58 -9.46 13.02
CA CYS E 5017 -29.70 -8.90 12.28
C CYS E 5017 -29.20 -8.35 10.95
N PHE E 5018 -30.15 -7.99 10.10
CA PHE E 5018 -29.83 -7.47 8.77
C PHE E 5018 -28.99 -6.21 8.85
N ARG E 5019 -29.37 -5.28 9.74
CA ARG E 5019 -28.61 -4.04 9.89
C ARG E 5019 -27.20 -4.32 10.40
N LYS E 5020 -27.08 -5.24 11.36
CA LYS E 5020 -25.76 -5.57 11.89
C LYS E 5020 -24.88 -6.19 10.81
N GLN E 5021 -25.45 -7.04 9.97
CA GLN E 5021 -24.66 -7.67 8.92
C GLN E 5021 -24.27 -6.68 7.83
N TYR E 5022 -25.18 -5.79 7.45
CA TYR E 5022 -24.95 -4.86 6.35
C TYR E 5022 -24.76 -3.42 6.82
N GLU E 5023 -24.15 -3.24 8.00
CA GLU E 5023 -23.85 -1.89 8.47
C GLU E 5023 -22.85 -1.20 7.54
N ASP E 5024 -21.87 -1.94 7.04
CA ASP E 5024 -20.90 -1.36 6.10
C ASP E 5024 -21.59 -0.94 4.80
N GLN E 5025 -22.54 -1.73 4.34
CA GLN E 5025 -23.29 -1.44 3.12
C GLN E 5025 -24.51 -0.55 3.37
N LEU E 5026 -24.70 -0.10 4.61
CA LEU E 5026 -25.85 0.74 4.97
C LEU E 5026 -27.17 0.05 4.64
N SER E 5027 -27.26 -1.23 4.99
CA SER E 5027 -28.45 -2.05 4.77
C SER E 5027 -28.86 -2.06 3.30
N VAL F 1 -18.65 -5.55 -30.79
CA VAL F 1 -19.76 -6.22 -30.13
C VAL F 1 -20.92 -5.25 -29.92
N GLN F 2 -20.67 -3.97 -30.25
CA GLN F 2 -21.71 -2.97 -30.12
C GLN F 2 -22.86 -3.25 -31.08
N PHE F 3 -24.08 -3.14 -30.57
CA PHE F 3 -25.28 -3.43 -31.33
C PHE F 3 -25.86 -2.13 -31.91
N LEU F 4 -26.22 -2.16 -33.19
CA LEU F 4 -26.81 -1.01 -33.86
C LEU F 4 -28.13 -0.63 -33.22
N ARG F 5 -28.19 0.54 -32.61
CA ARG F 5 -29.40 1.03 -31.95
C ARG F 5 -29.97 2.22 -32.74
N THR F 6 -31.09 2.73 -32.25
CA THR F 6 -31.76 3.84 -32.91
C THR F 6 -31.11 5.17 -32.53
N ASP F 7 -31.47 6.21 -33.28
CA ASP F 7 -30.99 7.57 -33.07
C ASP F 7 -29.46 7.63 -33.16
N ASP F 8 -28.94 7.21 -34.30
CA ASP F 8 -27.50 7.23 -34.54
C ASP F 8 -27.23 7.41 -36.02
N GLU F 9 -26.03 7.89 -36.31
CA GLU F 9 -25.58 8.16 -37.67
C GLU F 9 -25.04 6.88 -38.32
N VAL F 10 -25.13 6.80 -39.65
CA VAL F 10 -24.69 5.63 -40.40
C VAL F 10 -24.06 6.09 -41.71
N VAL F 11 -23.11 5.29 -42.20
CA VAL F 11 -22.44 5.56 -43.48
C VAL F 11 -23.03 4.70 -44.60
N LEU F 12 -23.55 3.53 -44.25
CA LEU F 12 -24.01 2.52 -45.22
C LEU F 12 -22.88 2.15 -46.19
N GLN F 13 -21.79 1.64 -45.62
CA GLN F 13 -20.60 1.32 -46.40
C GLN F 13 -20.81 0.04 -47.21
N CYS F 14 -20.05 -0.08 -48.30
CA CYS F 14 -20.05 -1.27 -49.12
C CYS F 14 -18.68 -1.41 -49.77
N SER F 15 -18.41 -2.61 -50.29
CA SER F 15 -17.15 -2.93 -50.93
C SER F 15 -17.39 -3.21 -52.42
N ALA F 16 -16.66 -2.51 -53.28
CA ALA F 16 -16.76 -2.71 -54.72
C ALA F 16 -15.81 -3.80 -55.19
N THR F 17 -14.54 -3.73 -54.78
CA THR F 17 -13.52 -4.73 -55.11
C THR F 17 -13.40 -4.91 -56.63
N VAL F 18 -13.26 -3.79 -57.33
CA VAL F 18 -12.98 -3.81 -58.77
C VAL F 18 -11.48 -3.86 -58.96
N LEU F 19 -11.04 -4.61 -59.97
CA LEU F 19 -9.62 -4.82 -60.25
C LEU F 19 -8.89 -5.43 -59.05
N LYS F 20 -9.63 -6.17 -58.21
CA LYS F 20 -9.08 -6.83 -57.03
C LYS F 20 -8.35 -5.85 -56.11
N GLU F 21 -8.97 -4.68 -55.88
CA GLU F 21 -8.38 -3.65 -55.04
C GLU F 21 -9.13 -3.41 -53.74
N GLN F 22 -10.33 -3.99 -53.58
CA GLN F 22 -11.11 -3.88 -52.35
C GLN F 22 -11.39 -2.42 -51.99
N LEU F 23 -12.02 -1.71 -52.93
CA LEU F 23 -12.39 -0.33 -52.68
C LEU F 23 -13.62 -0.26 -51.79
N LYS F 24 -13.64 0.72 -50.90
CA LYS F 24 -14.76 0.95 -49.97
C LYS F 24 -15.48 2.22 -50.37
N LEU F 25 -16.80 2.13 -50.51
CA LEU F 25 -17.61 3.25 -50.97
C LEU F 25 -18.84 3.39 -50.09
N CYS F 26 -19.50 4.55 -50.20
CA CYS F 26 -20.71 4.83 -49.45
C CYS F 26 -21.65 5.67 -50.29
N LEU F 27 -22.93 5.63 -49.94
CA LEU F 27 -23.92 6.42 -50.64
C LEU F 27 -23.76 7.91 -50.35
N ALA F 28 -23.90 8.72 -51.38
CA ALA F 28 -23.82 10.17 -51.25
C ALA F 28 -24.98 10.82 -51.99
N ALA F 29 -25.59 11.83 -51.36
CA ALA F 29 -26.72 12.54 -51.97
C ALA F 29 -26.79 13.93 -51.37
N GLU F 30 -26.65 14.95 -52.23
CA GLU F 30 -26.70 16.33 -51.75
C GLU F 30 -28.10 16.68 -51.26
N GLY F 31 -29.12 16.37 -52.05
CA GLY F 31 -30.50 16.57 -51.68
C GLY F 31 -31.13 17.85 -52.19
N PHE F 32 -30.33 18.87 -52.48
CA PHE F 32 -30.83 20.12 -53.06
C PHE F 32 -30.33 20.23 -54.49
N GLY F 33 -31.26 20.32 -55.44
CA GLY F 33 -30.93 20.30 -56.84
C GLY F 33 -30.74 18.93 -57.44
N ASN F 34 -30.66 17.89 -56.61
CA ASN F 34 -30.52 16.52 -57.10
C ASN F 34 -30.89 15.58 -55.97
N ARG F 35 -31.91 14.73 -56.19
CA ARG F 35 -32.32 13.76 -55.19
C ARG F 35 -31.63 12.42 -55.35
N LEU F 36 -31.04 12.14 -56.51
CA LEU F 36 -30.47 10.83 -56.76
C LEU F 36 -29.19 10.62 -55.95
N CYS F 37 -28.97 9.37 -55.54
CA CYS F 37 -27.78 9.00 -54.79
C CYS F 37 -26.71 8.44 -55.73
N PHE F 38 -25.48 8.40 -55.23
CA PHE F 38 -24.36 7.89 -56.01
C PHE F 38 -23.29 7.37 -55.05
N LEU F 39 -22.36 6.60 -55.61
CA LEU F 39 -21.31 5.97 -54.82
C LEU F 39 -20.06 6.85 -54.85
N GLU F 40 -19.53 7.17 -53.68
CA GLU F 40 -18.30 7.94 -53.58
C GLU F 40 -17.18 7.09 -52.99
N PRO F 41 -15.97 7.17 -53.56
CA PRO F 41 -14.87 6.32 -53.08
C PRO F 41 -14.30 6.79 -51.75
N THR F 42 -14.57 6.05 -50.68
CA THR F 42 -13.98 6.36 -49.38
C THR F 42 -12.53 5.90 -49.27
N SER F 43 -12.08 5.04 -50.18
CA SER F 43 -10.69 4.60 -50.19
C SER F 43 -9.82 5.66 -50.86
N ASN F 44 -8.51 5.41 -50.85
CA ASN F 44 -7.52 6.34 -51.42
C ASN F 44 -7.63 7.73 -50.79
N ALA F 45 -7.87 7.75 -49.47
CA ALA F 45 -8.00 9.02 -48.77
C ALA F 45 -6.68 9.78 -48.69
N GLN F 46 -5.54 9.08 -48.79
CA GLN F 46 -4.25 9.76 -48.73
C GLN F 46 -4.03 10.65 -49.94
N ASN F 47 -4.46 10.20 -51.12
CA ASN F 47 -4.27 11.01 -52.32
C ASN F 47 -5.30 12.11 -52.43
N VAL F 48 -6.59 11.76 -52.38
CA VAL F 48 -7.66 12.76 -52.34
C VAL F 48 -8.57 12.48 -51.15
N PRO F 49 -8.95 13.49 -50.39
CA PRO F 49 -9.88 13.26 -49.27
C PRO F 49 -11.31 13.26 -49.75
N PRO F 50 -12.02 12.15 -49.59
CA PRO F 50 -13.45 12.12 -49.97
C PRO F 50 -14.28 12.97 -49.02
N ASP F 51 -15.41 13.44 -49.53
CA ASP F 51 -16.33 14.26 -48.75
C ASP F 51 -17.35 13.36 -48.04
N LEU F 52 -17.49 13.55 -46.73
CA LEU F 52 -18.44 12.79 -45.93
C LEU F 52 -19.59 13.64 -45.42
N ALA F 53 -19.70 14.89 -45.89
CA ALA F 53 -20.81 15.74 -45.46
C ALA F 53 -22.15 15.22 -45.96
N ILE F 54 -22.18 14.70 -47.19
CA ILE F 54 -23.42 14.21 -47.78
C ILE F 54 -23.51 12.68 -47.70
N CYS F 55 -22.69 12.04 -46.87
CA CYS F 55 -22.67 10.59 -46.76
C CYS F 55 -23.09 10.11 -45.38
N CYS F 56 -23.89 10.90 -44.65
CA CYS F 56 -24.31 10.57 -43.30
C CYS F 56 -25.83 10.47 -43.25
N PHE F 57 -26.33 9.34 -42.77
CA PHE F 57 -27.77 9.12 -42.63
C PHE F 57 -28.07 8.76 -41.18
N THR F 58 -28.82 9.63 -40.50
CA THR F 58 -29.30 9.31 -39.15
C THR F 58 -30.50 8.38 -39.27
N LEU F 59 -30.49 7.31 -38.49
CA LEU F 59 -31.57 6.33 -38.53
C LEU F 59 -32.64 6.76 -37.53
N GLU F 60 -33.88 6.91 -38.03
CA GLU F 60 -34.96 7.42 -37.18
C GLU F 60 -35.40 6.38 -36.17
N GLN F 61 -35.89 5.23 -36.64
CA GLN F 61 -36.40 4.21 -35.75
C GLN F 61 -36.44 2.87 -36.48
N SER F 62 -36.43 1.79 -35.70
CA SER F 62 -36.59 0.44 -36.20
C SER F 62 -37.90 -0.13 -35.69
N LEU F 63 -38.71 -0.69 -36.59
CA LEU F 63 -40.05 -1.13 -36.24
C LEU F 63 -40.34 -2.47 -36.89
N SER F 64 -41.25 -3.22 -36.27
CA SER F 64 -41.67 -4.50 -36.80
C SER F 64 -42.61 -4.33 -37.99
N VAL F 65 -42.74 -5.40 -38.77
CA VAL F 65 -43.54 -5.34 -40.00
C VAL F 65 -45.00 -5.07 -39.69
N ARG F 66 -45.54 -5.77 -38.70
CA ARG F 66 -46.96 -5.62 -38.36
C ARG F 66 -47.26 -4.22 -37.84
N ALA F 67 -46.40 -3.69 -36.98
CA ALA F 67 -46.61 -2.34 -36.47
C ALA F 67 -46.46 -1.31 -37.58
N LEU F 68 -45.52 -1.53 -38.50
CA LEU F 68 -45.37 -0.64 -39.65
C LEU F 68 -46.64 -0.62 -40.49
N GLN F 69 -47.20 -1.81 -40.77
CA GLN F 69 -48.46 -1.87 -41.51
C GLN F 69 -49.58 -1.18 -40.76
N GLU F 70 -49.63 -1.37 -39.43
CA GLU F 70 -50.68 -0.73 -38.64
C GLU F 70 -50.60 0.79 -38.73
N MET F 71 -49.40 1.35 -38.56
CA MET F 71 -49.30 2.81 -38.58
C MET F 71 -49.45 3.36 -39.99
N LEU F 72 -49.11 2.57 -41.01
CA LEU F 72 -49.40 2.98 -42.39
C LEU F 72 -50.90 3.03 -42.63
N ALA F 73 -51.64 2.06 -42.09
CA ALA F 73 -53.10 2.10 -42.18
C ALA F 73 -53.66 3.29 -41.42
N ASN F 74 -53.11 3.59 -40.25
CA ASN F 74 -53.55 4.73 -39.44
C ASN F 74 -53.08 6.04 -40.07
N GLY F 87 -39.14 5.05 -27.15
CA GLY F 87 -38.63 5.88 -28.23
C GLY F 87 -37.37 5.34 -28.85
N HIS F 88 -36.45 4.85 -28.01
CA HIS F 88 -35.18 4.30 -28.45
C HIS F 88 -35.27 2.78 -28.45
N ARG F 89 -34.83 2.17 -29.55
CA ARG F 89 -34.90 0.73 -29.72
C ARG F 89 -33.53 0.20 -30.14
N THR F 90 -33.42 -1.13 -30.20
CA THR F 90 -32.23 -1.80 -30.69
C THR F 90 -32.59 -2.57 -31.95
N LEU F 91 -31.82 -2.33 -33.02
CA LEU F 91 -32.11 -2.97 -34.30
C LEU F 91 -31.89 -4.47 -34.21
N LEU F 92 -32.67 -5.21 -35.00
CA LEU F 92 -32.55 -6.65 -35.11
C LEU F 92 -33.08 -7.09 -36.46
N TYR F 93 -32.66 -8.28 -36.88
CA TYR F 93 -33.02 -8.77 -38.20
C TYR F 93 -34.52 -8.99 -38.32
N GLY F 94 -35.04 -8.78 -39.53
CA GLY F 94 -36.46 -8.88 -39.76
C GLY F 94 -37.25 -7.66 -39.39
N HIS F 95 -36.64 -6.49 -39.44
CA HIS F 95 -37.29 -5.24 -39.06
C HIS F 95 -37.00 -4.17 -40.10
N ALA F 96 -37.89 -3.19 -40.17
CA ALA F 96 -37.77 -2.08 -41.11
C ALA F 96 -37.31 -0.83 -40.40
N ILE F 97 -36.49 -0.03 -41.09
CA ILE F 97 -35.96 1.22 -40.56
C ILE F 97 -36.25 2.35 -41.55
N LEU F 98 -36.14 3.57 -41.02
CA LEU F 98 -36.22 4.80 -41.79
C LEU F 98 -34.89 5.52 -41.68
N LEU F 99 -34.36 5.97 -42.81
CA LEU F 99 -33.09 6.67 -42.86
C LEU F 99 -33.32 8.11 -43.32
N ARG F 100 -32.68 9.06 -42.63
CA ARG F 100 -32.86 10.48 -42.92
C ARG F 100 -31.49 11.12 -43.09
N HIS F 101 -31.26 11.71 -44.26
CA HIS F 101 -29.99 12.35 -44.52
C HIS F 101 -29.71 13.47 -43.52
N ALA F 102 -28.46 13.55 -43.05
CA ALA F 102 -28.13 14.52 -42.02
C ALA F 102 -28.23 15.94 -42.55
N HIS F 103 -27.74 16.20 -43.76
CA HIS F 103 -27.71 17.56 -44.29
C HIS F 103 -29.07 18.00 -44.81
N SER F 104 -29.60 17.30 -45.82
CA SER F 104 -30.83 17.73 -46.46
C SER F 104 -32.06 17.56 -45.56
N ARG F 105 -31.94 16.75 -44.50
CA ARG F 105 -33.00 16.48 -43.52
C ARG F 105 -34.17 15.71 -44.13
N MET F 106 -34.00 15.14 -45.32
CA MET F 106 -35.06 14.39 -45.99
C MET F 106 -34.76 12.90 -45.92
N TYR F 107 -35.81 12.10 -46.09
CA TYR F 107 -35.73 10.66 -45.90
C TYR F 107 -35.32 9.95 -47.19
N LEU F 108 -34.43 8.97 -47.05
CA LEU F 108 -34.05 8.12 -48.18
C LEU F 108 -35.22 7.24 -48.57
N SER F 109 -35.41 7.07 -49.88
CA SER F 109 -36.56 6.32 -50.38
C SER F 109 -36.19 5.65 -51.69
N CYS F 110 -37.10 4.79 -52.16
CA CYS F 110 -36.95 4.10 -53.44
C CYS F 110 -37.81 4.83 -54.48
N LEU F 111 -37.14 5.49 -55.42
CA LEU F 111 -37.85 6.25 -56.44
C LEU F 111 -38.41 5.32 -57.53
N THR F 112 -39.52 5.74 -58.11
CA THR F 112 -40.14 4.99 -59.20
C THR F 112 -39.44 5.20 -60.54
N THR F 113 -38.59 6.21 -60.65
CA THR F 113 -37.81 6.45 -61.86
C THR F 113 -36.76 5.35 -62.01
N SER F 114 -36.28 5.18 -63.24
CA SER F 114 -35.22 4.20 -63.55
C SER F 114 -34.22 4.87 -64.49
N ARG F 115 -33.07 5.27 -63.96
CA ARG F 115 -32.05 5.90 -64.80
C ARG F 115 -31.18 4.86 -65.50
N SER F 116 -31.32 3.59 -65.15
CA SER F 116 -30.45 2.52 -65.67
C SER F 116 -31.19 1.80 -66.80
N MET F 117 -30.79 2.09 -68.04
CA MET F 117 -31.35 1.39 -69.18
C MET F 117 -30.96 -0.09 -69.19
N THR F 118 -29.88 -0.46 -68.50
CA THR F 118 -29.40 -1.84 -68.54
C THR F 118 -30.41 -2.80 -67.92
N ASP F 119 -30.99 -2.43 -66.78
CA ASP F 119 -31.91 -3.30 -66.05
C ASP F 119 -33.27 -2.62 -65.99
N LYS F 120 -34.28 -3.25 -66.58
CA LYS F 120 -35.63 -2.72 -66.51
C LYS F 120 -36.23 -2.87 -65.12
N LEU F 121 -35.92 -3.97 -64.45
CA LEU F 121 -36.46 -4.23 -63.12
C LEU F 121 -35.88 -3.34 -62.04
N ALA F 122 -34.81 -2.60 -62.34
CA ALA F 122 -34.14 -1.78 -61.35
C ALA F 122 -34.75 -0.38 -61.32
N PHE F 123 -35.37 -0.02 -60.20
CA PHE F 123 -35.83 1.34 -59.98
C PHE F 123 -34.67 2.16 -59.43
N ASP F 124 -34.96 3.37 -58.94
CA ASP F 124 -33.94 4.26 -58.42
C ASP F 124 -34.15 4.51 -56.94
N VAL F 125 -33.09 4.97 -56.28
CA VAL F 125 -33.12 5.29 -54.86
C VAL F 125 -32.68 6.74 -54.70
N GLY F 126 -33.42 7.49 -53.90
CA GLY F 126 -33.11 8.89 -53.69
C GLY F 126 -33.77 9.40 -52.42
N LEU F 127 -33.58 10.69 -52.17
CA LEU F 127 -34.12 11.34 -50.99
C LEU F 127 -35.48 11.96 -51.31
N GLN F 128 -36.46 11.69 -50.46
CA GLN F 128 -37.79 12.27 -50.59
C GLN F 128 -38.07 13.18 -49.40
N GLU F 129 -38.85 14.23 -49.65
CA GLU F 129 -39.00 15.31 -48.67
C GLU F 129 -39.73 14.85 -47.40
N ASP F 130 -40.60 13.85 -47.50
CA ASP F 130 -41.41 13.44 -46.37
C ASP F 130 -41.41 11.92 -46.26
N ALA F 131 -41.64 11.43 -45.04
CA ALA F 131 -41.66 10.01 -44.75
C ALA F 131 -42.99 9.35 -45.08
N THR F 132 -43.89 10.06 -45.76
CA THR F 132 -45.17 9.47 -46.13
C THR F 132 -44.96 8.33 -47.11
N GLY F 133 -45.73 7.26 -46.93
CA GLY F 133 -45.59 6.07 -47.73
C GLY F 133 -44.53 5.13 -47.19
N GLU F 134 -44.53 3.91 -47.74
CA GLU F 134 -43.61 2.87 -47.32
C GLU F 134 -42.39 2.75 -48.23
N ALA F 135 -42.28 3.61 -49.24
CA ALA F 135 -41.11 3.55 -50.12
C ALA F 135 -39.84 3.96 -49.39
N CYS F 136 -39.97 4.79 -48.36
CA CYS F 136 -38.81 5.22 -47.59
C CYS F 136 -38.31 4.14 -46.62
N TRP F 137 -39.22 3.30 -46.12
CA TRP F 137 -38.84 2.25 -45.19
C TRP F 137 -38.04 1.16 -45.90
N TRP F 138 -37.03 0.62 -45.21
CA TRP F 138 -36.23 -0.47 -45.76
C TRP F 138 -36.02 -1.53 -44.69
N THR F 139 -36.24 -2.80 -45.05
CA THR F 139 -36.17 -3.91 -44.12
C THR F 139 -34.80 -4.58 -44.19
N MET F 140 -34.28 -4.98 -43.03
CA MET F 140 -33.02 -5.71 -42.94
C MET F 140 -33.29 -7.21 -42.87
N HIS F 141 -32.38 -7.99 -43.44
CA HIS F 141 -32.38 -9.43 -43.37
C HIS F 141 -30.94 -9.92 -43.18
N PRO F 142 -30.75 -11.06 -42.52
CA PRO F 142 -29.39 -11.53 -42.22
C PRO F 142 -28.68 -12.03 -43.47
N ALA F 143 -27.51 -11.43 -43.75
CA ALA F 143 -26.74 -11.85 -44.92
C ALA F 143 -26.06 -13.19 -44.68
N SER F 144 -25.54 -13.42 -43.49
CA SER F 144 -24.78 -14.62 -43.17
C SER F 144 -25.67 -15.66 -42.50
N LYS F 145 -25.27 -16.92 -42.63
CA LYS F 145 -26.01 -18.01 -42.01
C LYS F 145 -25.91 -17.98 -40.50
N GLN F 146 -24.77 -17.54 -39.96
CA GLN F 146 -24.60 -17.48 -38.51
C GLN F 146 -25.62 -16.54 -37.88
N ARG F 147 -25.83 -15.37 -38.49
CA ARG F 147 -26.88 -14.46 -38.04
C ARG F 147 -28.24 -14.98 -38.45
N SER F 148 -29.23 -14.77 -37.59
CA SER F 148 -30.58 -15.28 -37.81
C SER F 148 -31.59 -14.19 -37.50
N GLU F 149 -32.79 -14.34 -38.08
CA GLU F 149 -33.87 -13.42 -37.82
C GLU F 149 -34.24 -13.42 -36.34
N GLY F 150 -34.38 -12.23 -35.76
CA GLY F 150 -34.64 -12.07 -34.35
C GLY F 150 -33.41 -11.74 -33.53
N GLU F 151 -32.21 -11.99 -34.07
CA GLU F 151 -30.98 -11.63 -33.38
C GLU F 151 -30.70 -10.15 -33.56
N LYS F 152 -30.22 -9.51 -32.48
CA LYS F 152 -29.89 -8.10 -32.55
C LYS F 152 -28.67 -7.89 -33.45
N VAL F 153 -28.81 -7.02 -34.44
CA VAL F 153 -27.68 -6.71 -35.31
C VAL F 153 -26.62 -5.94 -34.54
N ARG F 154 -25.38 -6.03 -35.02
CA ARG F 154 -24.25 -5.42 -34.34
C ARG F 154 -23.36 -4.72 -35.37
N VAL F 155 -22.46 -3.87 -34.85
CA VAL F 155 -21.57 -3.12 -35.73
C VAL F 155 -20.65 -4.06 -36.49
N GLY F 156 -20.23 -3.63 -37.67
CA GLY F 156 -19.36 -4.46 -38.50
C GLY F 156 -20.01 -5.74 -38.96
N ASP F 157 -21.29 -5.69 -39.33
CA ASP F 157 -22.03 -6.86 -39.79
C ASP F 157 -22.74 -6.51 -41.09
N ASP F 158 -22.84 -7.50 -41.96
CA ASP F 158 -23.49 -7.32 -43.25
C ASP F 158 -25.01 -7.42 -43.09
N LEU F 159 -25.72 -6.46 -43.67
CA LEU F 159 -27.17 -6.43 -43.63
C LEU F 159 -27.72 -6.40 -45.05
N ILE F 160 -28.76 -7.20 -45.30
CA ILE F 160 -29.43 -7.21 -46.59
C ILE F 160 -30.62 -6.27 -46.51
N LEU F 161 -30.58 -5.19 -47.32
CA LEU F 161 -31.61 -4.16 -47.29
C LEU F 161 -32.57 -4.38 -48.46
N VAL F 162 -33.86 -4.51 -48.16
CA VAL F 162 -34.90 -4.73 -49.16
C VAL F 162 -35.93 -3.62 -49.02
N SER F 163 -36.32 -3.05 -50.16
CA SER F 163 -37.36 -2.02 -50.14
C SER F 163 -38.68 -2.61 -49.66
N VAL F 164 -39.39 -1.86 -48.83
CA VAL F 164 -40.68 -2.32 -48.33
C VAL F 164 -41.72 -2.32 -49.43
N SER F 165 -41.71 -1.28 -50.28
CA SER F 165 -42.72 -1.16 -51.33
C SER F 165 -42.37 -2.02 -52.54
N SER F 166 -41.22 -1.78 -53.14
CA SER F 166 -40.84 -2.46 -54.37
C SER F 166 -40.28 -3.86 -54.16
N GLU F 167 -39.94 -4.21 -52.92
CA GLU F 167 -39.38 -5.53 -52.58
C GLU F 167 -38.14 -5.84 -53.42
N ARG F 168 -37.22 -4.89 -53.47
CA ARG F 168 -35.97 -5.02 -54.21
C ARG F 168 -34.80 -4.60 -53.32
N TYR F 169 -33.66 -5.22 -53.57
CA TYR F 169 -32.46 -4.97 -52.77
C TYR F 169 -31.71 -3.75 -53.28
N LEU F 170 -30.94 -3.14 -52.38
CA LEU F 170 -29.99 -2.08 -52.75
C LEU F 170 -28.79 -2.73 -53.42
N HIS F 171 -28.71 -2.61 -54.74
CA HIS F 171 -27.70 -3.29 -55.54
C HIS F 171 -26.73 -2.29 -56.15
N LEU F 172 -25.46 -2.68 -56.23
CA LEU F 172 -24.40 -1.85 -56.80
C LEU F 172 -24.12 -2.35 -58.22
N SER F 173 -24.87 -1.81 -59.18
CA SER F 173 -24.64 -2.15 -60.57
C SER F 173 -23.31 -1.60 -61.04
N THR F 174 -22.52 -2.45 -61.69
CA THR F 174 -21.23 -2.08 -62.24
C THR F 174 -21.12 -2.33 -63.73
N ALA F 175 -22.18 -2.82 -64.38
CA ALA F 175 -22.13 -3.10 -65.81
C ALA F 175 -21.94 -1.83 -66.63
N SER F 176 -22.43 -0.69 -66.13
CA SER F 176 -22.27 0.58 -66.83
C SER F 176 -20.86 1.12 -66.76
N GLY F 177 -19.98 0.50 -65.95
CA GLY F 177 -18.64 0.97 -65.76
C GLY F 177 -18.45 1.84 -64.53
N GLU F 178 -19.52 2.29 -63.91
CA GLU F 178 -19.47 3.08 -62.68
C GLU F 178 -20.42 2.49 -61.67
N LEU F 179 -20.03 2.56 -60.39
CA LEU F 179 -20.85 2.02 -59.32
C LEU F 179 -22.13 2.83 -59.19
N GLN F 180 -23.25 2.24 -59.58
CA GLN F 180 -24.56 2.89 -59.48
C GLN F 180 -25.43 2.12 -58.51
N VAL F 181 -25.98 2.81 -57.52
CA VAL F 181 -26.85 2.20 -56.53
C VAL F 181 -28.28 2.23 -57.06
N ASP F 182 -28.90 1.05 -57.15
CA ASP F 182 -30.25 0.96 -57.67
C ASP F 182 -30.98 -0.21 -57.01
N ALA F 183 -32.30 -0.06 -56.88
CA ALA F 183 -33.13 -1.09 -56.26
C ALA F 183 -33.50 -2.12 -57.32
N SER F 184 -32.81 -3.25 -57.32
CA SER F 184 -33.02 -4.32 -58.28
C SER F 184 -33.26 -5.63 -57.55
N PHE F 185 -33.53 -6.68 -58.31
CA PHE F 185 -33.84 -7.98 -57.72
C PHE F 185 -32.60 -8.74 -57.25
N MET F 186 -31.41 -8.36 -57.71
CA MET F 186 -30.20 -8.93 -57.17
C MET F 186 -29.81 -8.22 -55.87
N GLN F 187 -29.10 -8.95 -55.01
CA GLN F 187 -28.80 -8.48 -53.66
C GLN F 187 -27.30 -8.23 -53.50
N THR F 188 -26.98 -7.31 -52.58
CA THR F 188 -25.60 -7.00 -52.24
C THR F 188 -25.53 -6.65 -50.77
N LEU F 189 -24.49 -7.12 -50.10
CA LEU F 189 -24.33 -6.90 -48.67
C LEU F 189 -23.99 -5.43 -48.38
N TRP F 190 -24.33 -5.00 -47.17
CA TRP F 190 -24.10 -3.64 -46.71
C TRP F 190 -23.51 -3.67 -45.31
N ASN F 191 -22.37 -3.02 -45.12
CA ASN F 191 -21.76 -2.90 -43.81
C ASN F 191 -22.25 -1.59 -43.18
N MET F 192 -22.99 -1.70 -42.09
CA MET F 192 -23.67 -0.54 -41.51
C MET F 192 -22.82 -0.03 -40.35
N ASN F 193 -22.05 1.03 -40.60
CA ASN F 193 -21.10 1.56 -39.65
C ASN F 193 -21.49 2.98 -39.22
N PRO F 194 -21.56 3.26 -37.93
CA PRO F 194 -21.83 4.63 -37.48
C PRO F 194 -20.58 5.50 -37.54
N ILE F 195 -20.77 6.75 -37.98
CA ILE F 195 -19.68 7.73 -37.88
C ILE F 195 -19.40 8.07 -36.43
N CYS F 196 -20.45 8.36 -35.66
CA CYS F 196 -20.32 8.83 -34.28
C CYS F 196 -21.33 8.08 -33.41
N SER F 197 -20.92 6.93 -32.89
CA SER F 197 -21.77 6.18 -31.95
C SER F 197 -21.77 6.82 -30.57
N CYS F 198 -20.68 7.46 -30.18
CA CYS F 198 -20.56 8.10 -28.87
C CYS F 198 -19.99 9.51 -29.06
N CYS F 199 -20.50 10.46 -28.28
CA CYS F 199 -20.04 11.84 -28.34
C CYS F 199 -20.22 12.47 -26.98
N GLU F 200 -19.11 12.70 -26.27
CA GLU F 200 -19.17 13.38 -24.99
C GLU F 200 -19.55 14.85 -25.20
N GLU F 201 -20.55 15.30 -24.46
CA GLU F 201 -21.06 16.66 -24.63
C GLU F 201 -20.05 17.68 -24.14
N GLY F 202 -19.93 18.78 -24.88
CA GLY F 202 -18.99 19.83 -24.57
C GLY F 202 -17.60 19.65 -25.15
N TYR F 203 -17.31 18.48 -25.71
CA TYR F 203 -16.02 18.20 -26.31
C TYR F 203 -16.12 18.27 -27.84
N VAL F 204 -14.98 18.46 -28.48
CA VAL F 204 -14.93 18.61 -29.93
C VAL F 204 -14.73 17.23 -30.57
N THR F 205 -15.55 16.92 -31.57
CA THR F 205 -15.48 15.66 -32.29
C THR F 205 -15.39 15.93 -33.78
N GLY F 206 -14.94 14.92 -34.52
CA GLY F 206 -14.78 15.06 -35.95
C GLY F 206 -16.09 15.24 -36.67
N GLY F 207 -16.01 15.81 -37.87
CA GLY F 207 -17.20 16.08 -38.65
C GLY F 207 -18.03 17.24 -38.16
N HIS F 208 -17.43 18.15 -37.39
CA HIS F 208 -18.13 19.31 -36.84
C HIS F 208 -17.59 20.58 -37.48
N VAL F 209 -18.50 21.42 -37.96
CA VAL F 209 -18.13 22.73 -38.49
C VAL F 209 -17.98 23.70 -37.34
N LEU F 210 -16.85 24.41 -37.29
CA LEU F 210 -16.57 25.27 -36.15
C LEU F 210 -15.74 26.47 -36.60
N ARG F 211 -15.78 27.51 -35.77
CA ARG F 211 -15.00 28.73 -35.96
C ARG F 211 -13.82 28.71 -35.00
N LEU F 212 -12.64 29.04 -35.53
CA LEU F 212 -11.40 29.08 -34.74
C LEU F 212 -11.13 30.53 -34.38
N PHE F 213 -11.75 30.99 -33.29
CA PHE F 213 -11.49 32.32 -32.79
C PHE F 213 -10.06 32.43 -32.26
N HIS F 214 -9.41 33.54 -32.55
CA HIS F 214 -8.03 33.71 -32.10
C HIS F 214 -8.02 34.08 -30.62
N GLY F 215 -6.81 34.13 -30.05
CA GLY F 215 -6.65 34.34 -28.62
C GLY F 215 -7.14 35.67 -28.10
N HIS F 216 -7.51 36.60 -28.98
CA HIS F 216 -8.04 37.89 -28.56
C HIS F 216 -9.55 37.87 -28.34
N MET F 217 -10.24 36.78 -28.68
CA MET F 217 -11.67 36.57 -28.51
C MET F 217 -12.52 37.52 -29.36
N ASP F 218 -11.91 38.39 -30.16
CA ASP F 218 -12.64 39.27 -31.06
C ASP F 218 -12.38 38.96 -32.52
N GLU F 219 -11.47 38.05 -32.82
CA GLU F 219 -11.11 37.71 -34.19
C GLU F 219 -11.03 36.20 -34.34
N CYS F 220 -11.24 35.72 -35.57
CA CYS F 220 -11.28 34.30 -35.85
C CYS F 220 -10.49 34.01 -37.12
N LEU F 221 -10.15 32.73 -37.30
CA LEU F 221 -9.35 32.28 -38.43
C LEU F 221 -10.26 32.20 -39.66
N THR F 222 -10.10 33.13 -40.59
CA THR F 222 -11.03 33.24 -41.71
C THR F 222 -10.33 33.28 -43.06
N ILE F 223 -11.09 33.56 -44.12
CA ILE F 223 -10.57 33.56 -45.48
C ILE F 223 -10.90 34.91 -46.11
N SER F 224 -10.54 35.11 -47.38
CA SER F 224 -10.81 36.36 -48.06
C SER F 224 -12.32 36.62 -48.14
N ALA F 225 -12.67 37.89 -48.39
CA ALA F 225 -14.06 38.31 -48.27
C ALA F 225 -14.90 37.85 -49.47
N ALA F 226 -14.62 38.38 -50.66
CA ALA F 226 -15.40 38.03 -51.83
C ALA F 226 -14.72 38.49 -53.12
N ASP F 227 -14.56 37.57 -54.07
CA ASP F 227 -13.97 37.87 -55.38
C ASP F 227 -12.63 38.59 -55.22
N SER F 228 -11.83 38.14 -54.25
CA SER F 228 -10.59 38.81 -53.92
C SER F 228 -9.51 38.51 -54.95
N ASP F 229 -8.41 39.26 -54.85
CA ASP F 229 -7.29 39.08 -55.78
C ASP F 229 -6.66 37.70 -55.62
N ASP F 230 -6.64 37.17 -54.40
CA ASP F 230 -6.07 35.85 -54.15
C ASP F 230 -7.04 34.71 -54.42
N GLN F 231 -8.26 35.01 -54.88
CA GLN F 231 -9.28 34.02 -55.15
C GLN F 231 -9.59 33.18 -53.92
N ARG F 232 -9.62 33.83 -52.76
CA ARG F 232 -9.88 33.19 -51.47
C ARG F 232 -8.92 32.03 -51.23
N ARG F 233 -7.64 32.36 -51.17
CA ARG F 233 -6.60 31.36 -50.92
C ARG F 233 -5.63 31.75 -49.82
N LEU F 234 -5.81 32.88 -49.17
CA LEU F 234 -4.96 33.30 -48.06
C LEU F 234 -5.81 33.36 -46.79
N VAL F 235 -5.31 32.76 -45.72
CA VAL F 235 -6.02 32.67 -44.45
C VAL F 235 -5.56 33.81 -43.54
N TYR F 236 -6.48 34.32 -42.72
CA TYR F 236 -6.23 35.52 -41.94
C TYR F 236 -6.88 35.38 -40.56
N TYR F 237 -6.79 36.45 -39.77
CA TYR F 237 -7.39 36.56 -38.45
C TYR F 237 -8.21 37.85 -38.35
N GLU F 238 -9.01 38.14 -39.37
CA GLU F 238 -9.72 39.42 -39.40
C GLU F 238 -10.77 39.51 -38.29
N GLY F 239 -11.61 38.48 -38.17
CA GLY F 239 -12.67 38.50 -37.19
C GLY F 239 -13.66 39.65 -37.40
N GLY F 240 -14.28 40.07 -36.31
CA GLY F 240 -15.22 41.17 -36.36
C GLY F 240 -16.54 40.82 -37.02
N ALA F 241 -16.81 41.41 -38.19
CA ALA F 241 -18.06 41.15 -38.88
C ALA F 241 -18.17 39.70 -39.34
N VAL F 242 -17.06 39.13 -39.81
CA VAL F 242 -17.06 37.77 -40.33
C VAL F 242 -17.38 36.73 -39.27
N CYS F 243 -17.35 37.11 -37.98
CA CYS F 243 -17.71 36.17 -36.92
C CYS F 243 -19.12 35.61 -37.10
N THR F 244 -20.00 36.37 -37.76
CA THR F 244 -21.32 35.88 -38.13
C THR F 244 -21.38 35.34 -39.55
N HIS F 245 -20.45 35.75 -40.41
CA HIS F 245 -20.42 35.26 -41.78
C HIS F 245 -19.98 33.79 -41.84
N ALA F 246 -20.37 33.13 -42.91
CA ALA F 246 -20.01 31.73 -43.12
C ALA F 246 -18.56 31.54 -43.54
N ARG F 247 -17.85 32.62 -43.85
CA ARG F 247 -16.45 32.51 -44.26
C ARG F 247 -15.57 32.03 -43.11
N SER F 248 -15.94 32.35 -41.88
CA SER F 248 -15.20 31.96 -40.70
C SER F 248 -15.42 30.49 -40.32
N LEU F 249 -16.15 29.74 -41.13
CA LEU F 249 -16.51 28.36 -40.80
C LEU F 249 -15.47 27.40 -41.34
N TRP F 250 -15.00 26.49 -40.49
CA TRP F 250 -14.06 25.45 -40.87
C TRP F 250 -14.55 24.11 -40.34
N ARG F 251 -14.19 23.04 -41.07
CA ARG F 251 -14.58 21.68 -40.72
C ARG F 251 -13.32 20.90 -40.36
N LEU F 252 -13.34 20.27 -39.19
CA LEU F 252 -12.23 19.47 -38.68
C LEU F 252 -12.60 18.00 -38.77
N GLU F 253 -11.84 17.24 -39.56
CA GLU F 253 -12.15 15.83 -39.76
C GLU F 253 -10.89 14.99 -39.56
N PRO F 254 -10.95 13.96 -38.71
CA PRO F 254 -9.75 13.13 -38.49
C PRO F 254 -9.34 12.39 -39.75
N LEU F 255 -8.03 12.15 -39.87
CA LEU F 255 -7.53 11.40 -41.02
C LEU F 255 -8.08 9.99 -41.05
N ARG F 256 -8.18 9.35 -39.88
CA ARG F 256 -8.73 8.01 -39.80
C ARG F 256 -10.19 8.00 -40.26
N ILE F 257 -10.47 7.23 -41.31
CA ILE F 257 -11.84 7.12 -41.81
C ILE F 257 -12.72 6.42 -40.79
N SER F 258 -12.18 5.43 -40.08
CA SER F 258 -12.91 4.77 -39.02
C SER F 258 -13.05 5.70 -37.81
N TRP F 259 -14.25 5.71 -37.23
CA TRP F 259 -14.56 6.53 -36.06
C TRP F 259 -14.27 8.01 -36.35
N SER F 260 -14.79 8.49 -37.47
CA SER F 260 -14.58 9.89 -37.84
C SER F 260 -15.24 10.82 -36.84
N GLY F 261 -16.40 10.43 -36.31
CA GLY F 261 -17.11 11.22 -35.32
C GLY F 261 -16.59 11.10 -33.90
N SER F 262 -15.46 10.42 -33.70
CA SER F 262 -14.91 10.24 -32.37
C SER F 262 -14.36 11.57 -31.85
N HIS F 263 -14.04 11.58 -30.55
CA HIS F 263 -13.54 12.77 -29.91
C HIS F 263 -12.14 13.09 -30.42
N LEU F 264 -11.87 14.38 -30.64
CA LEU F 264 -10.54 14.81 -31.06
C LEU F 264 -9.54 14.56 -29.94
N ARG F 265 -8.42 13.95 -30.28
CA ARG F 265 -7.37 13.60 -29.34
C ARG F 265 -6.22 14.60 -29.45
N TRP F 266 -5.65 14.98 -28.31
CA TRP F 266 -4.56 15.93 -28.30
C TRP F 266 -3.38 15.40 -29.12
N GLY F 267 -3.08 16.09 -30.21
CA GLY F 267 -2.03 15.67 -31.12
C GLY F 267 -2.47 14.71 -32.20
N GLN F 268 -3.74 14.33 -32.24
CA GLN F 268 -4.22 13.44 -33.29
C GLN F 268 -4.24 14.17 -34.62
N PRO F 269 -3.62 13.61 -35.66
CA PRO F 269 -3.64 14.27 -36.97
C PRO F 269 -5.06 14.41 -37.50
N LEU F 270 -5.32 15.53 -38.18
CA LEU F 270 -6.64 15.83 -38.70
C LEU F 270 -6.51 16.80 -39.87
N ARG F 271 -7.63 16.96 -40.59
CA ARG F 271 -7.69 17.78 -41.78
C ARG F 271 -8.66 18.93 -41.55
N ILE F 272 -8.27 20.11 -42.04
CA ILE F 272 -9.08 21.33 -41.94
C ILE F 272 -9.57 21.67 -43.34
N ARG F 273 -10.89 21.83 -43.48
CA ARG F 273 -11.50 22.10 -44.78
C ARG F 273 -12.42 23.29 -44.68
N HIS F 274 -12.40 24.16 -45.69
CA HIS F 274 -13.27 25.33 -45.69
C HIS F 274 -14.66 24.94 -46.17
N VAL F 275 -15.68 25.24 -45.36
CA VAL F 275 -17.04 24.80 -45.66
C VAL F 275 -17.55 25.47 -46.93
N THR F 276 -17.33 26.77 -47.07
CA THR F 276 -17.92 27.52 -48.19
C THR F 276 -17.14 27.29 -49.48
N THR F 277 -15.83 27.52 -49.46
CA THR F 277 -15.03 27.38 -50.67
C THR F 277 -14.80 25.93 -51.04
N GLY F 278 -14.81 25.03 -50.05
CA GLY F 278 -14.56 23.63 -50.33
C GLY F 278 -13.11 23.25 -50.44
N ARG F 279 -12.20 24.10 -49.97
CA ARG F 279 -10.76 23.86 -50.07
C ARG F 279 -10.19 23.47 -48.71
N TYR F 280 -9.08 22.77 -48.75
CA TYR F 280 -8.43 22.22 -47.56
C TYR F 280 -7.20 23.06 -47.22
N LEU F 281 -7.06 23.40 -45.93
CA LEU F 281 -5.86 24.09 -45.48
C LEU F 281 -4.65 23.18 -45.60
N ALA F 282 -3.53 23.73 -46.08
CA ALA F 282 -2.33 22.95 -46.31
C ALA F 282 -1.12 23.89 -46.32
N LEU F 283 0.06 23.29 -46.24
CA LEU F 283 1.32 24.02 -46.28
C LEU F 283 2.07 23.62 -47.54
N THR F 284 2.42 24.60 -48.36
CA THR F 284 3.20 24.38 -49.56
C THR F 284 4.50 25.17 -49.49
N GLU F 285 5.47 24.76 -50.31
CA GLU F 285 6.78 25.40 -50.28
C GLU F 285 6.72 26.82 -50.84
N ASP F 286 6.05 26.99 -52.00
CA ASP F 286 6.12 28.26 -52.70
C ASP F 286 5.21 29.33 -52.08
N GLN F 287 4.02 28.96 -51.61
CA GLN F 287 3.08 29.93 -51.05
C GLN F 287 2.90 29.78 -49.54
N GLY F 288 3.81 29.08 -48.87
CA GLY F 288 3.63 28.84 -47.45
C GLY F 288 2.41 28.00 -47.16
N LEU F 289 1.50 28.51 -46.34
CA LEU F 289 0.24 27.83 -46.04
C LEU F 289 -0.90 28.52 -46.77
N VAL F 290 -1.69 27.75 -47.50
CA VAL F 290 -2.82 28.24 -48.28
C VAL F 290 -3.90 27.16 -48.28
N VAL F 291 -5.07 27.51 -48.80
CA VAL F 291 -6.12 26.53 -49.03
C VAL F 291 -6.01 26.04 -50.47
N VAL F 292 -6.01 24.71 -50.63
CA VAL F 292 -5.81 24.08 -51.93
C VAL F 292 -7.00 23.18 -52.22
N ASP F 293 -7.07 22.74 -53.48
CA ASP F 293 -8.17 21.90 -53.92
C ASP F 293 -8.09 20.52 -53.29
N ALA F 294 -9.19 19.77 -53.40
CA ALA F 294 -9.23 18.42 -52.86
C ALA F 294 -8.21 17.51 -53.56
N CYS F 295 -8.04 17.69 -54.87
CA CYS F 295 -7.06 16.89 -55.61
C CYS F 295 -5.64 17.17 -55.11
N LYS F 296 -5.31 18.43 -54.84
CA LYS F 296 -4.01 18.80 -54.32
C LYS F 296 -3.84 18.47 -52.84
N ALA F 297 -4.93 18.16 -52.15
CA ALA F 297 -4.86 17.88 -50.72
C ALA F 297 -4.16 16.55 -50.47
N HIS F 298 -3.17 16.56 -49.58
CA HIS F 298 -2.44 15.35 -49.22
C HIS F 298 -2.15 15.37 -47.72
N THR F 299 -1.93 14.18 -47.17
CA THR F 299 -1.61 14.08 -45.74
C THR F 299 -0.28 14.73 -45.40
N LYS F 300 0.59 14.93 -46.39
CA LYS F 300 1.87 15.60 -46.14
C LYS F 300 1.70 17.08 -45.83
N ALA F 301 0.61 17.69 -46.28
CA ALA F 301 0.40 19.12 -46.12
C ALA F 301 -0.89 19.47 -45.40
N THR F 302 -1.98 18.75 -45.66
CA THR F 302 -3.28 19.08 -45.09
C THR F 302 -3.48 18.57 -43.68
N SER F 303 -2.53 17.82 -43.13
CA SER F 303 -2.70 17.20 -41.82
C SER F 303 -2.09 18.07 -40.74
N PHE F 304 -2.90 18.40 -39.73
CA PHE F 304 -2.48 19.20 -38.59
C PHE F 304 -2.88 18.49 -37.30
N CYS F 305 -2.36 18.98 -36.19
CA CYS F 305 -2.66 18.41 -34.89
C CYS F 305 -2.84 19.53 -33.87
N PHE F 306 -3.63 19.23 -32.83
CA PHE F 306 -3.93 20.17 -31.75
C PHE F 306 -3.05 19.80 -30.56
N ARG F 307 -1.85 20.33 -30.53
CA ARG F 307 -0.92 20.08 -29.44
C ARG F 307 -1.38 20.78 -28.17
N VAL F 308 -1.07 20.17 -27.03
CA VAL F 308 -1.43 20.75 -25.74
C VAL F 308 -0.69 22.06 -25.51
N SER F 309 0.62 22.06 -25.80
CA SER F 309 1.46 23.24 -25.57
C SER F 309 2.64 23.19 -26.53
N LYS F 310 3.49 24.22 -26.44
CA LYS F 310 4.62 24.35 -27.35
C LYS F 310 5.69 23.28 -27.13
N GLU F 311 5.74 22.66 -25.95
CA GLU F 311 6.77 21.67 -25.68
C GLU F 311 6.63 20.47 -26.61
N LYS F 312 7.77 20.03 -27.15
CA LYS F 312 7.78 18.89 -28.06
C LYS F 312 7.61 17.56 -27.34
N LEU F 313 7.84 17.51 -26.04
CA LEU F 313 7.72 16.28 -25.27
C LEU F 313 6.54 16.37 -24.30
N GLU F 328 -11.18 14.03 -26.25
CA GLU F 328 -10.25 14.48 -25.22
C GLU F 328 -10.28 16.00 -25.08
N ILE F 329 -10.22 16.68 -26.21
CA ILE F 329 -10.23 18.14 -26.22
C ILE F 329 -11.65 18.64 -26.06
N LYS F 330 -11.86 19.52 -25.08
CA LYS F 330 -13.16 20.16 -24.92
C LYS F 330 -13.40 21.14 -26.06
N TYR F 331 -14.66 21.24 -26.48
CA TYR F 331 -14.98 22.07 -27.64
C TYR F 331 -14.58 23.52 -27.40
N GLY F 332 -14.88 24.04 -26.21
CA GLY F 332 -14.40 25.33 -25.79
C GLY F 332 -13.30 25.23 -24.75
N GLU F 333 -12.87 26.39 -24.27
CA GLU F 333 -11.86 26.49 -23.20
C GLU F 333 -10.62 25.66 -23.55
N SER F 334 -10.21 25.72 -24.81
CA SER F 334 -9.13 24.90 -25.32
C SER F 334 -7.91 25.76 -25.60
N LEU F 335 -6.75 25.32 -25.09
CA LEU F 335 -5.47 25.95 -25.37
C LEU F 335 -4.72 25.22 -26.47
N CYS F 336 -5.44 24.62 -27.41
CA CYS F 336 -4.81 23.82 -28.46
C CYS F 336 -3.96 24.69 -29.38
N PHE F 337 -2.81 24.15 -29.78
CA PHE F 337 -1.92 24.81 -30.72
C PHE F 337 -1.91 24.02 -32.02
N VAL F 338 -2.15 24.70 -33.14
CA VAL F 338 -2.23 24.05 -34.44
C VAL F 338 -0.81 23.85 -34.95
N GLN F 339 -0.33 22.61 -34.91
CA GLN F 339 0.99 22.26 -35.43
C GLN F 339 0.84 21.39 -36.67
N HIS F 340 1.50 21.78 -37.76
CA HIS F 340 1.50 20.95 -38.95
C HIS F 340 2.32 19.68 -38.72
N VAL F 341 1.80 18.55 -39.19
CA VAL F 341 2.52 17.28 -39.02
C VAL F 341 3.77 17.28 -39.88
N ALA F 342 4.72 16.42 -39.50
CA ALA F 342 6.01 16.30 -40.18
C ALA F 342 6.77 17.63 -40.20
N SER F 343 6.47 18.49 -39.23
CA SER F 343 7.13 19.79 -39.13
C SER F 343 6.94 20.31 -37.71
N GLY F 344 7.88 21.16 -37.28
CA GLY F 344 7.80 21.83 -36.00
C GLY F 344 7.13 23.18 -36.05
N LEU F 345 6.52 23.54 -37.18
CA LEU F 345 5.94 24.86 -37.36
C LEU F 345 4.56 24.95 -36.72
N TRP F 346 4.17 26.17 -36.36
CA TRP F 346 2.91 26.45 -35.71
C TRP F 346 2.26 27.64 -36.40
N LEU F 347 0.93 27.69 -36.31
CA LEU F 347 0.15 28.77 -36.90
C LEU F 347 0.24 30.02 -36.02
N THR F 348 0.73 31.12 -36.59
CA THR F 348 0.85 32.36 -35.83
C THR F 348 0.77 33.53 -36.78
N TYR F 349 0.35 34.68 -36.25
CA TYR F 349 0.25 35.88 -37.07
C TYR F 349 1.63 36.37 -37.46
N ALA F 350 1.75 36.84 -38.69
CA ALA F 350 3.04 37.32 -39.17
C ALA F 350 3.46 38.55 -38.41
N ALA F 351 4.71 38.96 -38.56
CA ALA F 351 5.18 40.16 -37.90
C ALA F 351 4.25 41.31 -38.23
N PRO F 352 3.87 42.10 -37.21
CA PRO F 352 2.91 43.18 -37.45
C PRO F 352 3.30 43.97 -38.68
N ASP F 353 2.39 44.11 -39.62
CA ASP F 353 2.67 44.85 -40.84
C ASP F 353 2.24 46.29 -40.72
N PRO F 354 3.21 47.22 -40.80
CA PRO F 354 2.86 48.65 -40.75
C PRO F 354 1.91 48.98 -41.88
N LYS F 355 2.10 48.37 -43.05
CA LYS F 355 1.19 48.60 -44.15
C LYS F 355 -0.20 48.12 -43.78
N ALA F 356 -0.29 46.92 -43.22
CA ALA F 356 -1.58 46.40 -42.79
C ALA F 356 -2.15 47.31 -41.72
N LEU F 357 -1.29 47.81 -40.84
CA LEU F 357 -1.73 48.73 -39.81
C LEU F 357 -2.29 49.99 -40.46
N ARG F 358 -1.59 50.50 -41.45
CA ARG F 358 -2.07 51.68 -42.16
C ARG F 358 -3.43 51.37 -42.76
N LEU F 359 -3.55 50.20 -43.37
CA LEU F 359 -4.82 49.79 -43.94
C LEU F 359 -5.86 49.65 -42.85
N GLY F 360 -5.41 49.36 -41.62
CA GLY F 360 -6.33 49.16 -40.52
C GLY F 360 -6.99 47.81 -40.62
N VAL F 361 -6.50 46.97 -41.53
CA VAL F 361 -7.09 45.66 -41.74
C VAL F 361 -6.56 44.65 -40.74
N LEU F 362 -7.41 43.75 -40.28
CA LEU F 362 -6.99 42.72 -39.32
C LEU F 362 -6.55 41.49 -40.08
N LYS F 363 -6.12 41.67 -41.33
CA LYS F 363 -5.70 40.55 -42.14
C LYS F 363 -4.30 40.08 -41.76
N LYS F 364 -4.15 39.58 -40.53
CA LYS F 364 -2.86 39.07 -40.10
C LYS F 364 -2.48 37.84 -40.89
N LYS F 365 -1.72 38.01 -41.96
CA LYS F 365 -1.39 36.86 -42.79
C LYS F 365 -0.83 35.74 -41.94
N ALA F 366 -1.58 34.65 -41.80
CA ALA F 366 -1.14 33.56 -40.95
C ALA F 366 0.09 32.89 -41.56
N ILE F 367 1.09 32.65 -40.72
CA ILE F 367 2.35 32.06 -41.14
C ILE F 367 2.67 30.87 -40.24
N LEU F 368 3.34 29.88 -40.80
CA LEU F 368 3.78 28.70 -40.06
C LEU F 368 5.24 28.92 -39.67
N HIS F 369 5.49 29.02 -38.37
CA HIS F 369 6.83 29.28 -37.86
C HIS F 369 7.12 28.33 -36.70
N GLN F 370 8.35 27.82 -36.64
CA GLN F 370 8.70 26.91 -35.56
C GLN F 370 8.75 27.61 -34.20
N GLU F 371 8.97 28.93 -34.19
CA GLU F 371 8.97 29.66 -32.93
C GLU F 371 7.57 30.07 -32.51
N GLY F 372 6.74 30.51 -33.47
CA GLY F 372 5.39 30.91 -33.16
C GLY F 372 5.34 32.21 -32.35
N HIS F 373 4.24 32.36 -31.61
CA HIS F 373 4.02 33.53 -30.78
C HIS F 373 3.28 33.11 -29.52
N MET F 374 3.18 34.04 -28.57
CA MET F 374 2.45 33.77 -27.34
C MET F 374 0.96 33.57 -27.61
N ASP F 375 0.39 34.37 -28.54
CA ASP F 375 -1.03 34.25 -28.87
C ASP F 375 -1.20 33.27 -30.03
N ASP F 376 -1.00 32.00 -29.71
CA ASP F 376 -1.16 30.90 -30.67
C ASP F 376 -2.33 30.00 -30.32
N ALA F 377 -2.51 29.68 -29.03
CA ALA F 377 -3.67 28.91 -28.62
C ALA F 377 -4.95 29.65 -28.95
N LEU F 378 -5.93 28.92 -29.49
CA LEU F 378 -7.13 29.52 -30.04
C LEU F 378 -8.37 28.77 -29.58
N PHE F 379 -9.48 29.50 -29.53
CA PHE F 379 -10.76 28.99 -29.07
C PHE F 379 -11.54 28.39 -30.24
N LEU F 380 -12.32 27.36 -29.96
CA LEU F 380 -13.16 26.72 -30.96
C LEU F 380 -14.62 26.86 -30.56
N THR F 381 -15.46 27.30 -31.50
CA THR F 381 -16.89 27.48 -31.23
C THR F 381 -17.70 26.88 -32.37
N ARG F 382 -18.62 25.98 -32.04
CA ARG F 382 -19.45 25.36 -33.06
C ARG F 382 -20.57 26.29 -33.48
N CYS F 383 -20.79 26.40 -34.79
CA CYS F 383 -21.87 27.21 -35.33
C CYS F 383 -23.19 26.46 -35.24
N GLN F 384 -24.27 27.16 -35.59
CA GLN F 384 -25.60 26.56 -35.57
C GLN F 384 -25.81 25.69 -36.81
N GLN F 385 -26.73 24.74 -36.67
CA GLN F 385 -27.07 23.86 -37.79
C GLN F 385 -27.63 24.65 -38.96
N GLU F 386 -28.35 25.74 -38.68
CA GLU F 386 -28.85 26.59 -39.75
C GLU F 386 -27.71 27.19 -40.56
N GLU F 387 -26.69 27.71 -39.87
CA GLU F 387 -25.54 28.28 -40.57
C GLU F 387 -24.77 27.22 -41.33
N SER F 388 -24.60 26.03 -40.74
CA SER F 388 -23.89 24.95 -41.43
C SER F 388 -24.61 24.55 -42.71
N GLN F 389 -25.93 24.33 -42.62
CA GLN F 389 -26.71 23.97 -43.79
C GLN F 389 -26.65 25.09 -44.83
N ALA F 390 -26.77 26.34 -44.40
CA ALA F 390 -26.72 27.46 -45.35
C ALA F 390 -25.39 27.50 -46.07
N ALA F 391 -24.29 27.29 -45.35
CA ALA F 391 -22.98 27.27 -45.99
C ALA F 391 -22.88 26.14 -47.01
N ARG F 392 -23.43 24.97 -46.67
CA ARG F 392 -23.36 23.85 -47.62
C ARG F 392 -24.16 24.15 -48.89
N MET F 393 -25.36 24.72 -48.75
CA MET F 393 -26.12 25.08 -49.94
C MET F 393 -25.42 26.19 -50.73
N ILE F 394 -24.76 27.13 -50.05
CA ILE F 394 -24.00 28.16 -50.75
C ILE F 394 -22.91 27.52 -51.60
N HIS F 395 -22.17 26.58 -51.03
CA HIS F 395 -21.10 25.91 -51.78
C HIS F 395 -21.66 25.17 -53.00
N SER F 396 -22.69 24.35 -52.77
CA SER F 396 -23.23 23.55 -53.87
C SER F 396 -23.83 24.43 -54.96
N THR F 397 -24.59 25.46 -54.57
CA THR F 397 -25.22 26.36 -55.53
C THR F 397 -24.18 27.14 -56.30
N ALA F 398 -23.13 27.62 -55.63
CA ALA F 398 -22.07 28.32 -56.33
C ALA F 398 -21.40 27.43 -57.37
N GLY F 399 -21.11 26.18 -57.00
CA GLY F 399 -20.52 25.27 -57.96
C GLY F 399 -21.42 25.03 -59.15
N LEU F 400 -22.70 24.77 -58.90
CA LEU F 400 -23.64 24.48 -59.98
C LEU F 400 -23.80 25.67 -60.91
N TYR F 401 -23.93 26.87 -60.34
CA TYR F 401 -24.13 28.05 -61.18
C TYR F 401 -22.85 28.45 -61.92
N ASN F 402 -21.68 28.20 -61.33
CA ASN F 402 -20.44 28.40 -62.07
C ASN F 402 -20.36 27.45 -63.25
N GLN F 403 -20.76 26.20 -63.07
CA GLN F 403 -20.82 25.26 -64.18
C GLN F 403 -21.79 25.74 -65.25
N PHE F 404 -22.95 26.25 -64.84
CA PHE F 404 -23.93 26.76 -65.79
C PHE F 404 -23.39 27.96 -66.56
N ILE F 405 -22.69 28.86 -65.87
CA ILE F 405 -22.12 30.04 -66.53
C ILE F 405 -21.04 29.62 -67.53
N LYS F 406 -20.20 28.65 -67.15
CA LYS F 406 -19.20 28.15 -68.09
C LYS F 406 -19.85 27.53 -69.31
N GLY F 407 -20.91 26.76 -69.11
CA GLY F 407 -21.64 26.20 -70.24
C GLY F 407 -22.22 27.26 -71.15
N LEU F 408 -22.80 28.30 -70.56
CA LEU F 408 -23.36 29.39 -71.35
C LEU F 408 -22.27 30.11 -72.15
N ASP F 409 -21.12 30.35 -71.52
CA ASP F 409 -20.03 31.05 -72.21
C ASP F 409 -19.35 30.16 -73.25
N SER F 410 -19.54 28.84 -73.17
CA SER F 410 -18.88 27.95 -74.12
C SER F 410 -19.28 28.26 -75.56
N PHE F 411 -20.58 28.41 -75.82
CA PHE F 411 -21.08 28.57 -77.18
C PHE F 411 -21.33 30.02 -77.56
N SER F 412 -20.95 30.97 -76.71
CA SER F 412 -21.21 32.38 -76.99
C SER F 412 -20.41 32.85 -78.19
N GLY F 413 -21.11 33.37 -79.20
CA GLY F 413 -20.47 33.91 -80.38
C GLY F 413 -20.31 32.94 -81.54
N LYS F 414 -20.48 31.64 -81.31
CA LYS F 414 -20.31 30.64 -82.35
C LYS F 414 -21.66 30.03 -82.69
N PRO F 415 -22.14 30.18 -83.92
CA PRO F 415 -23.44 29.59 -84.29
C PRO F 415 -23.42 28.07 -84.16
N ARG F 416 -24.57 27.52 -83.74
CA ARG F 416 -24.67 26.08 -83.54
C ARG F 416 -24.97 25.34 -84.84
N GLY F 417 -25.82 25.93 -85.68
CA GLY F 417 -26.15 25.27 -86.94
C GLY F 417 -26.94 24.01 -86.73
N SER F 418 -26.51 22.92 -87.37
CA SER F 418 -27.19 21.64 -87.26
C SER F 418 -26.67 20.80 -86.10
N GLY F 419 -25.35 20.79 -85.89
CA GLY F 419 -24.76 20.01 -84.83
C GLY F 419 -24.78 20.72 -83.49
N PRO F 420 -25.31 20.06 -82.47
CA PRO F 420 -25.37 20.67 -81.14
C PRO F 420 -23.98 20.98 -80.61
N PRO F 421 -23.87 21.83 -79.59
CA PRO F 421 -22.55 22.16 -79.04
C PRO F 421 -21.76 20.92 -78.66
N ALA F 422 -20.51 20.87 -79.11
CA ALA F 422 -19.64 19.72 -78.84
C ALA F 422 -19.21 19.65 -77.38
N GLY F 423 -19.38 20.73 -76.62
CA GLY F 423 -18.99 20.73 -75.22
C GLY F 423 -20.00 20.02 -74.34
N PRO F 424 -19.71 20.02 -73.05
CA PRO F 424 -20.62 19.37 -72.09
C PRO F 424 -22.00 20.02 -72.10
N ALA F 425 -23.03 19.21 -71.91
CA ALA F 425 -24.39 19.70 -71.88
C ALA F 425 -24.65 20.55 -70.64
N LEU F 426 -25.54 21.51 -70.78
CA LEU F 426 -25.88 22.39 -69.66
C LEU F 426 -26.70 21.63 -68.62
N PRO F 427 -26.39 21.80 -67.33
CA PRO F 427 -27.18 21.14 -66.26
C PRO F 427 -28.52 21.82 -66.03
N ILE F 428 -29.38 21.77 -67.05
CA ILE F 428 -30.64 22.50 -67.01
C ILE F 428 -31.55 21.97 -65.90
N GLU F 429 -31.69 20.65 -65.82
CA GLU F 429 -32.58 20.06 -64.82
C GLU F 429 -32.09 20.39 -63.41
N ALA F 430 -30.79 20.24 -63.16
CA ALA F 430 -30.25 20.56 -61.85
C ALA F 430 -30.43 22.04 -61.51
N VAL F 431 -30.21 22.92 -62.49
CA VAL F 431 -30.37 24.35 -62.26
C VAL F 431 -31.82 24.67 -61.90
N ILE F 432 -32.77 24.10 -62.64
CA ILE F 432 -34.18 24.37 -62.38
C ILE F 432 -34.57 23.87 -61.00
N LEU F 433 -34.14 22.65 -60.66
CA LEU F 433 -34.47 22.09 -59.35
C LEU F 433 -33.86 22.92 -58.23
N SER F 434 -32.61 23.37 -58.40
CA SER F 434 -31.98 24.20 -57.38
C SER F 434 -32.70 25.52 -57.23
N LEU F 435 -33.11 26.13 -58.34
CA LEU F 435 -33.85 27.39 -58.25
C LEU F 435 -35.17 27.21 -57.52
N GLN F 436 -35.90 26.13 -57.82
CA GLN F 436 -37.16 25.87 -57.12
C GLN F 436 -36.92 25.65 -55.63
N ASP F 437 -35.89 24.88 -55.28
CA ASP F 437 -35.59 24.64 -53.88
C ASP F 437 -35.21 25.93 -53.16
N LEU F 438 -34.42 26.79 -53.82
CA LEU F 438 -34.04 28.05 -53.20
C LEU F 438 -35.25 28.98 -53.02
N ILE F 439 -36.15 29.01 -54.00
CA ILE F 439 -37.35 29.83 -53.87
C ILE F 439 -38.20 29.35 -52.70
N GLY F 440 -38.39 28.03 -52.59
CA GLY F 440 -39.11 27.50 -51.45
C GLY F 440 -38.41 27.77 -50.13
N TYR F 441 -37.07 27.75 -50.14
CA TYR F 441 -36.28 28.00 -48.95
C TYR F 441 -36.42 29.45 -48.50
N PHE F 442 -36.48 30.39 -49.45
CA PHE F 442 -36.55 31.82 -49.16
C PHE F 442 -37.98 32.35 -49.16
N GLU F 443 -38.99 31.48 -49.29
CA GLU F 443 -40.36 31.95 -49.27
C GLU F 443 -40.67 32.64 -47.94
N PRO F 444 -41.34 33.79 -47.98
CA PRO F 444 -41.61 34.54 -46.73
C PRO F 444 -42.55 33.79 -45.81
N PRO F 445 -42.48 34.03 -44.51
CA PRO F 445 -43.39 33.38 -43.58
C PRO F 445 -44.83 33.84 -43.79
N SER F 446 -45.76 32.95 -43.44
CA SER F 446 -47.18 33.25 -43.58
C SER F 446 -47.61 34.30 -42.55
N GLU F 447 -48.55 35.15 -42.95
CA GLU F 447 -49.06 36.19 -42.07
C GLU F 447 -50.05 35.66 -41.04
N GLU F 448 -50.60 34.46 -41.26
CA GLU F 448 -51.55 33.89 -40.32
C GLU F 448 -50.91 33.47 -39.00
N LEU F 449 -49.58 33.42 -38.95
CA LEU F 449 -48.89 32.99 -37.74
C LEU F 449 -49.01 34.04 -36.64
N GLN F 450 -48.71 33.62 -35.42
CA GLN F 450 -48.71 34.54 -34.29
C GLN F 450 -47.58 35.56 -34.45
N HIS F 451 -47.71 36.68 -33.73
CA HIS F 451 -46.78 37.79 -33.92
C HIS F 451 -45.36 37.41 -33.53
N GLU F 452 -45.20 36.74 -32.40
CA GLU F 452 -43.86 36.41 -31.90
C GLU F 452 -43.16 35.42 -32.81
N GLU F 453 -43.83 34.33 -33.16
CA GLU F 453 -43.23 33.33 -34.05
C GLU F 453 -42.99 33.91 -35.44
N LYS F 454 -43.89 34.77 -35.90
CA LYS F 454 -43.69 35.43 -37.18
C LYS F 454 -42.45 36.32 -37.15
N GLN F 455 -42.25 37.07 -36.08
CA GLN F 455 -41.06 37.90 -35.94
C GLN F 455 -39.79 37.05 -35.91
N SER F 456 -39.84 35.91 -35.21
CA SER F 456 -38.68 35.04 -35.17
C SER F 456 -38.35 34.48 -36.55
N LYS F 457 -39.38 34.08 -37.29
CA LYS F 457 -39.15 33.57 -38.65
C LYS F 457 -38.65 34.68 -39.58
N LEU F 458 -39.13 35.90 -39.40
CA LEU F 458 -38.61 37.02 -40.17
C LEU F 458 -37.14 37.26 -39.87
N ARG F 459 -36.75 37.18 -38.59
CA ARG F 459 -35.33 37.33 -38.25
C ARG F 459 -34.50 36.23 -38.88
N SER F 460 -35.01 34.99 -38.86
CA SER F 460 -34.29 33.88 -39.49
C SER F 460 -34.12 34.13 -40.98
N LEU F 461 -35.19 34.57 -41.65
CA LEU F 461 -35.10 34.86 -43.07
C LEU F 461 -34.13 35.99 -43.36
N ARG F 462 -34.14 37.02 -42.51
CA ARG F 462 -33.23 38.16 -42.71
C ARG F 462 -31.78 37.72 -42.60
N ASN F 463 -31.45 36.93 -41.58
CA ASN F 463 -30.05 36.52 -41.43
C ASN F 463 -29.65 35.55 -42.53
N ARG F 464 -30.57 34.68 -42.98
CA ARG F 464 -30.26 33.79 -44.09
C ARG F 464 -29.99 34.59 -45.37
N GLN F 465 -30.84 35.57 -45.66
CA GLN F 465 -30.63 36.42 -46.82
C GLN F 465 -29.32 37.18 -46.72
N SER F 466 -28.98 37.64 -45.51
CA SER F 466 -27.71 38.32 -45.31
C SER F 466 -26.53 37.40 -45.58
N LEU F 467 -26.62 36.14 -45.14
CA LEU F 467 -25.54 35.19 -45.38
C LEU F 467 -25.35 34.94 -46.88
N PHE F 468 -26.44 34.69 -47.60
CA PHE F 468 -26.31 34.50 -49.05
C PHE F 468 -25.81 35.77 -49.74
N GLN F 469 -26.26 36.94 -49.29
CA GLN F 469 -25.82 38.19 -49.89
C GLN F 469 -24.33 38.40 -49.70
N GLU F 470 -23.82 38.15 -48.49
CA GLU F 470 -22.40 38.35 -48.25
C GLU F 470 -21.56 37.30 -48.94
N GLU F 471 -22.09 36.09 -49.11
CA GLU F 471 -21.39 35.09 -49.90
C GLU F 471 -21.44 35.39 -51.38
N GLY F 472 -22.36 36.25 -51.82
CA GLY F 472 -22.35 36.74 -53.17
C GLY F 472 -23.22 35.99 -54.15
N MET F 473 -24.24 35.26 -53.68
CA MET F 473 -25.14 34.57 -54.60
C MET F 473 -25.94 35.56 -55.44
N LEU F 474 -26.19 36.77 -54.91
CA LEU F 474 -26.93 37.76 -55.69
C LEU F 474 -26.16 38.17 -56.94
N SER F 475 -24.85 38.41 -56.81
CA SER F 475 -24.03 38.74 -57.96
C SER F 475 -23.98 37.58 -58.95
N LEU F 476 -23.92 36.35 -58.45
CA LEU F 476 -23.92 35.19 -59.32
C LEU F 476 -25.22 35.09 -60.11
N VAL F 477 -26.36 35.32 -59.45
CA VAL F 477 -27.64 35.31 -60.14
C VAL F 477 -27.70 36.42 -61.18
N LEU F 478 -27.20 37.61 -60.84
CA LEU F 478 -27.19 38.72 -61.79
C LEU F 478 -26.33 38.37 -63.00
N ASN F 479 -25.18 37.72 -62.79
CA ASN F 479 -24.33 37.31 -63.89
C ASN F 479 -25.04 36.29 -64.78
N CYS F 480 -25.75 35.34 -64.17
CA CYS F 480 -26.51 34.37 -64.96
C CYS F 480 -27.58 35.05 -65.79
N ILE F 481 -28.29 36.03 -65.20
CA ILE F 481 -29.31 36.76 -65.93
C ILE F 481 -28.70 37.53 -67.09
N ASP F 482 -27.53 38.16 -66.85
CA ASP F 482 -26.86 38.89 -67.93
C ASP F 482 -26.45 37.95 -69.06
N ARG F 483 -25.94 36.76 -68.71
CA ARG F 483 -25.58 35.78 -69.74
C ARG F 483 -26.80 35.34 -70.53
N LEU F 484 -27.93 35.09 -69.85
CA LEU F 484 -29.10 34.56 -70.54
C LEU F 484 -29.83 35.62 -71.34
N ASN F 485 -29.74 36.89 -70.95
CA ASN F 485 -30.51 37.95 -71.60
C ASN F 485 -29.92 38.39 -72.93
N VAL F 486 -28.74 37.89 -73.32
CA VAL F 486 -28.16 38.25 -74.61
C VAL F 486 -29.07 37.79 -75.75
N TYR F 487 -29.58 36.57 -75.66
CA TYR F 487 -30.46 36.03 -76.69
C TYR F 487 -31.86 36.62 -76.52
N THR F 488 -32.44 37.11 -77.63
CA THR F 488 -33.71 37.81 -77.56
C THR F 488 -34.86 36.86 -77.25
N THR F 489 -34.93 35.73 -77.93
CA THR F 489 -36.07 34.84 -77.82
C THR F 489 -35.59 33.40 -77.71
N ALA F 490 -36.54 32.48 -77.55
CA ALA F 490 -36.21 31.06 -77.43
C ALA F 490 -35.59 30.52 -78.70
N ALA F 491 -36.06 30.97 -79.86
CA ALA F 491 -35.46 30.54 -81.12
C ALA F 491 -34.02 31.02 -81.24
N HIS F 492 -33.77 32.27 -80.86
CA HIS F 492 -32.41 32.80 -80.89
C HIS F 492 -31.51 32.04 -79.91
N PHE F 493 -32.05 31.67 -78.76
CA PHE F 493 -31.30 30.85 -77.82
C PHE F 493 -31.00 29.48 -78.40
N ALA F 494 -31.96 28.91 -79.14
CA ALA F 494 -31.76 27.59 -79.76
C ALA F 494 -30.73 27.65 -80.88
N GLU F 495 -30.60 28.79 -81.55
CA GLU F 495 -29.62 28.90 -82.63
C GLU F 495 -28.19 28.73 -82.14
N TYR F 496 -27.95 28.83 -80.84
CA TYR F 496 -26.61 28.66 -80.28
C TYR F 496 -26.50 27.54 -79.27
N ALA F 497 -27.48 27.41 -78.37
CA ALA F 497 -27.41 26.43 -77.29
C ALA F 497 -28.12 25.12 -77.61
N GLY F 498 -28.87 25.05 -78.69
CA GLY F 498 -29.49 23.81 -79.07
C GLY F 498 -31.00 23.82 -78.84
N GLU F 499 -31.72 23.11 -79.71
CA GLU F 499 -33.16 23.02 -79.60
C GLU F 499 -33.58 22.35 -78.30
N GLU F 500 -32.85 21.30 -77.88
CA GLU F 500 -33.18 20.61 -76.65
C GLU F 500 -33.06 21.53 -75.45
N ALA F 501 -32.05 22.41 -75.45
CA ALA F 501 -31.88 23.39 -74.39
C ALA F 501 -32.80 24.59 -74.54
N ALA F 502 -33.45 24.76 -75.70
CA ALA F 502 -34.28 25.93 -75.93
C ALA F 502 -35.49 25.97 -75.00
N GLU F 503 -36.14 24.82 -74.76
CA GLU F 503 -37.45 24.83 -74.12
C GLU F 503 -37.41 25.36 -72.69
N SER F 504 -36.25 25.34 -72.03
CA SER F 504 -36.16 25.72 -70.64
C SER F 504 -35.70 27.16 -70.43
N TRP F 505 -35.45 27.91 -71.50
CA TRP F 505 -34.89 29.25 -71.38
C TRP F 505 -35.83 30.17 -70.62
N LYS F 506 -37.11 30.21 -71.02
CA LYS F 506 -38.07 31.08 -70.37
C LYS F 506 -38.27 30.69 -68.91
N GLU F 507 -38.35 29.39 -68.63
CA GLU F 507 -38.53 28.93 -67.26
C GLU F 507 -37.34 29.33 -66.38
N ILE F 508 -36.12 29.16 -66.88
CA ILE F 508 -34.95 29.55 -66.11
C ILE F 508 -34.92 31.05 -65.88
N VAL F 509 -35.29 31.84 -66.89
CA VAL F 509 -35.30 33.29 -66.73
C VAL F 509 -36.30 33.70 -65.65
N ASN F 510 -37.52 33.15 -65.71
CA ASN F 510 -38.54 33.49 -64.73
C ASN F 510 -38.11 33.06 -63.32
N LEU F 511 -37.52 31.87 -63.20
CA LEU F 511 -37.06 31.40 -61.90
C LEU F 511 -35.94 32.29 -61.36
N LEU F 512 -35.05 32.76 -62.23
CA LEU F 512 -33.97 33.64 -61.78
C LEU F 512 -34.51 34.96 -61.27
N TYR F 513 -35.44 35.56 -62.00
CA TYR F 513 -36.04 36.80 -61.52
C TYR F 513 -36.81 36.60 -60.21
N GLU F 514 -37.55 35.49 -60.10
CA GLU F 514 -38.28 35.22 -58.87
C GLU F 514 -37.33 35.01 -57.70
N LEU F 515 -36.22 34.30 -57.92
CA LEU F 515 -35.24 34.09 -56.86
C LEU F 515 -34.59 35.41 -56.43
N LEU F 516 -34.27 36.27 -57.40
CA LEU F 516 -33.70 37.57 -57.06
C LEU F 516 -34.67 38.39 -56.23
N ALA F 517 -35.96 38.39 -56.62
CA ALA F 517 -36.97 39.09 -55.84
C ALA F 517 -37.08 38.53 -54.43
N SER F 518 -37.02 37.20 -54.30
CA SER F 518 -37.08 36.57 -52.99
C SER F 518 -35.88 36.97 -52.13
N LEU F 519 -34.68 37.01 -52.72
CA LEU F 519 -33.50 37.41 -51.99
C LEU F 519 -33.61 38.85 -51.49
N ILE F 520 -34.05 39.76 -52.36
CA ILE F 520 -34.08 41.17 -51.98
C ILE F 520 -35.29 41.55 -51.16
N ARG F 521 -36.32 40.70 -51.11
CA ARG F 521 -37.55 41.06 -50.42
C ARG F 521 -37.32 41.12 -48.91
N GLY F 522 -37.66 42.25 -48.31
CA GLY F 522 -37.59 42.43 -46.87
C GLY F 522 -36.23 42.79 -46.32
N ASN F 523 -35.19 42.88 -47.16
CA ASN F 523 -33.84 43.21 -46.72
C ASN F 523 -33.49 44.57 -47.29
N ARG F 524 -33.46 45.58 -46.41
CA ARG F 524 -33.21 46.95 -46.87
C ARG F 524 -31.79 47.09 -47.40
N ALA F 525 -30.82 46.44 -46.77
CA ALA F 525 -29.44 46.49 -47.27
C ALA F 525 -29.33 45.83 -48.64
N ASN F 526 -29.98 44.68 -48.83
CA ASN F 526 -29.95 44.02 -50.13
C ASN F 526 -30.60 44.88 -51.20
N CYS F 527 -31.71 45.54 -50.88
CA CYS F 527 -32.31 46.46 -51.84
C CYS F 527 -31.43 47.65 -52.12
N ALA F 528 -30.75 48.17 -51.09
CA ALA F 528 -29.85 49.31 -51.28
C ALA F 528 -28.65 48.94 -52.15
N LEU F 529 -28.27 47.66 -52.16
CA LEU F 529 -27.19 47.22 -53.05
C LEU F 529 -27.49 47.53 -54.50
N PHE F 530 -28.78 47.63 -54.86
CA PHE F 530 -29.20 47.98 -56.21
C PHE F 530 -29.30 49.49 -56.42
N SER F 531 -28.56 50.28 -55.64
CA SER F 531 -28.59 51.73 -55.83
C SER F 531 -28.10 52.11 -57.22
N THR F 532 -27.08 51.41 -57.72
CA THR F 532 -26.56 51.62 -59.06
C THR F 532 -27.17 50.69 -60.10
N ASN F 533 -28.13 49.86 -59.71
CA ASN F 533 -28.77 48.91 -60.60
C ASN F 533 -30.14 49.38 -61.08
N LEU F 534 -30.45 50.67 -60.89
CA LEU F 534 -31.72 51.19 -61.39
C LEU F 534 -31.80 51.07 -62.91
N ASP F 535 -30.70 51.36 -63.60
CA ASP F 535 -30.64 51.12 -65.03
C ASP F 535 -30.84 49.65 -65.33
N TRP F 536 -30.23 48.77 -64.52
CA TRP F 536 -30.32 47.33 -64.77
C TRP F 536 -31.76 46.84 -64.68
N VAL F 537 -32.55 47.38 -63.76
CA VAL F 537 -33.94 46.94 -63.66
C VAL F 537 -34.82 47.64 -64.69
N VAL F 538 -34.58 48.94 -64.94
CA VAL F 538 -35.47 49.68 -65.84
C VAL F 538 -35.29 49.23 -67.28
N SER F 539 -34.04 49.02 -67.72
CA SER F 539 -33.81 48.59 -69.09
C SER F 539 -34.33 47.18 -69.35
N LYS F 540 -34.61 46.41 -68.29
CA LYS F 540 -35.19 45.08 -68.44
C LYS F 540 -36.68 45.05 -68.12
N LEU F 541 -37.24 46.15 -67.63
CA LEU F 541 -38.69 46.22 -67.44
C LEU F 541 -39.46 45.89 -68.71
N ASP F 542 -38.92 46.28 -69.87
CA ASP F 542 -39.62 46.08 -71.13
C ASP F 542 -39.43 44.69 -71.72
N ARG F 543 -38.67 43.81 -71.05
CA ARG F 543 -38.49 42.45 -71.54
C ARG F 543 -39.84 41.73 -71.63
N LEU F 544 -40.04 41.03 -72.74
CA LEU F 544 -41.30 40.31 -72.93
C LEU F 544 -41.46 39.20 -71.89
N GLU F 545 -40.38 38.46 -71.62
CA GLU F 545 -40.41 37.39 -70.64
C GLU F 545 -40.06 37.94 -69.25
N ALA F 546 -40.72 37.39 -68.23
CA ALA F 546 -40.50 37.78 -66.83
C ALA F 546 -40.74 39.27 -66.60
N SER F 547 -41.64 39.87 -67.37
CA SER F 547 -41.98 41.27 -67.16
C SER F 547 -42.60 41.48 -65.78
N SER F 548 -43.50 40.58 -65.38
CA SER F 548 -44.06 40.67 -64.03
C SER F 548 -42.98 40.50 -62.98
N GLY F 549 -42.01 39.60 -63.22
CA GLY F 549 -40.94 39.40 -62.26
C GLY F 549 -40.07 40.64 -62.09
N ILE F 550 -39.67 41.25 -63.20
CA ILE F 550 -38.82 42.44 -63.10
C ILE F 550 -39.59 43.62 -62.50
N LEU F 551 -40.88 43.72 -62.82
CA LEU F 551 -41.71 44.75 -62.20
C LEU F 551 -41.80 44.54 -60.70
N GLU F 552 -41.95 43.29 -60.25
CA GLU F 552 -41.99 43.00 -58.82
C GLU F 552 -40.66 43.33 -58.16
N VAL F 553 -39.55 43.03 -58.85
CA VAL F 553 -38.23 43.38 -58.31
C VAL F 553 -38.11 44.88 -58.11
N LEU F 554 -38.50 45.65 -59.13
CA LEU F 554 -38.45 47.10 -59.02
C LEU F 554 -39.36 47.60 -57.90
N TYR F 555 -40.55 47.00 -57.76
CA TYR F 555 -41.46 47.38 -56.69
C TYR F 555 -40.83 47.17 -55.33
N CYS F 556 -40.22 45.99 -55.12
CA CYS F 556 -39.58 45.71 -53.85
C CYS F 556 -38.46 46.70 -53.56
N VAL F 557 -37.61 46.96 -54.56
CA VAL F 557 -36.48 47.88 -54.35
C VAL F 557 -36.99 49.27 -53.97
N LEU F 558 -38.00 49.76 -54.70
CA LEU F 558 -38.51 51.11 -54.43
C LEU F 558 -39.19 51.19 -53.06
N ILE F 559 -39.98 50.18 -52.70
CA ILE F 559 -40.68 50.25 -51.43
C ILE F 559 -39.77 49.99 -50.25
N GLU F 560 -38.59 49.40 -50.48
CA GLU F 560 -37.67 49.13 -49.37
C GLU F 560 -36.63 50.22 -49.17
N SER F 561 -36.06 50.78 -50.24
CA SER F 561 -35.00 51.74 -49.93
C SER F 561 -35.37 53.13 -50.43
N PRO F 562 -35.07 54.18 -49.65
CA PRO F 562 -35.33 55.54 -50.13
C PRO F 562 -34.32 56.04 -51.16
N GLU F 563 -33.06 55.65 -51.06
CA GLU F 563 -32.04 56.22 -51.95
C GLU F 563 -32.25 55.78 -53.39
N VAL F 564 -32.69 54.54 -53.61
CA VAL F 564 -32.99 54.09 -54.96
C VAL F 564 -34.13 54.90 -55.55
N LEU F 565 -34.96 55.51 -54.70
CA LEU F 565 -36.00 56.40 -55.16
C LEU F 565 -35.46 57.81 -55.40
N ASN F 566 -34.53 58.26 -54.55
CA ASN F 566 -33.94 59.58 -54.75
C ASN F 566 -33.15 59.66 -56.04
N ILE F 567 -32.56 58.55 -56.49
CA ILE F 567 -31.78 58.58 -57.73
C ILE F 567 -32.68 58.55 -58.96
N ILE F 568 -33.96 58.18 -58.80
CA ILE F 568 -34.88 58.05 -59.92
C ILE F 568 -34.85 59.30 -60.80
N GLN F 569 -34.75 59.08 -62.11
CA GLN F 569 -34.57 60.16 -63.07
C GLN F 569 -35.76 60.23 -64.03
N GLU F 570 -35.72 61.27 -64.87
CA GLU F 570 -36.79 61.52 -65.82
C GLU F 570 -36.94 60.38 -66.82
N ASN F 571 -35.83 59.86 -67.33
CA ASN F 571 -35.91 58.75 -68.27
C ASN F 571 -36.48 57.51 -67.60
N HIS F 572 -36.13 57.28 -66.34
CA HIS F 572 -36.70 56.16 -65.60
C HIS F 572 -38.22 56.29 -65.49
N ILE F 573 -38.69 57.49 -65.14
CA ILE F 573 -40.12 57.71 -65.00
C ILE F 573 -40.81 57.54 -66.36
N LYS F 574 -40.19 58.04 -67.43
CA LYS F 574 -40.76 57.88 -68.75
C LYS F 574 -40.84 56.42 -69.16
N SER F 575 -39.84 55.62 -68.80
CA SER F 575 -39.90 54.19 -69.09
C SER F 575 -41.02 53.51 -68.30
N ILE F 576 -41.20 53.88 -67.03
CA ILE F 576 -42.28 53.30 -66.25
C ILE F 576 -43.64 53.68 -66.85
N ILE F 577 -43.77 54.89 -67.36
CA ILE F 577 -45.02 55.29 -68.01
C ILE F 577 -45.21 54.55 -69.34
N SER F 578 -44.12 54.37 -70.09
CA SER F 578 -44.19 53.60 -71.32
C SER F 578 -44.58 52.15 -71.07
N LEU F 579 -44.30 51.64 -69.86
CA LEU F 579 -44.80 50.31 -69.51
C LEU F 579 -46.31 50.26 -69.59
N LEU F 580 -46.99 51.25 -69.01
CA LEU F 580 -48.44 51.34 -69.16
C LEU F 580 -48.84 51.60 -70.61
N ASP F 581 -48.06 52.42 -71.31
CA ASP F 581 -48.41 52.80 -72.69
C ASP F 581 -48.42 51.58 -73.60
N LYS F 582 -47.42 50.71 -73.47
CA LYS F 582 -47.23 49.60 -74.40
C LYS F 582 -47.83 48.29 -73.91
N HIS F 583 -47.61 47.92 -72.65
CA HIS F 583 -48.11 46.65 -72.15
C HIS F 583 -49.61 46.70 -71.87
N GLY F 584 -50.11 47.83 -71.36
CA GLY F 584 -51.51 48.00 -71.07
C GLY F 584 -51.71 48.55 -69.68
N ARG F 585 -52.97 48.62 -69.27
CA ARG F 585 -53.33 49.16 -67.96
C ARG F 585 -53.17 48.07 -66.90
N ASN F 586 -52.17 48.21 -66.04
CA ASN F 586 -51.97 47.34 -64.90
C ASN F 586 -51.82 48.20 -63.66
N HIS F 587 -52.61 47.91 -62.63
CA HIS F 587 -52.59 48.73 -61.42
C HIS F 587 -51.28 48.63 -60.65
N LYS F 588 -50.47 47.60 -60.92
CA LYS F 588 -49.17 47.51 -60.25
C LYS F 588 -48.24 48.64 -60.67
N VAL F 589 -48.34 49.11 -61.92
CA VAL F 589 -47.53 50.25 -62.35
C VAL F 589 -47.99 51.51 -61.62
N LEU F 590 -49.30 51.66 -61.40
CA LEU F 590 -49.80 52.79 -60.62
C LEU F 590 -49.30 52.71 -59.19
N ASP F 591 -49.27 51.50 -58.61
CA ASP F 591 -48.70 51.34 -57.28
C ASP F 591 -47.23 51.72 -57.25
N VAL F 592 -46.48 51.35 -58.29
CA VAL F 592 -45.08 51.73 -58.38
C VAL F 592 -44.94 53.24 -58.41
N LEU F 593 -45.79 53.92 -59.19
CA LEU F 593 -45.74 55.38 -59.24
C LEU F 593 -46.09 55.99 -57.88
N CYS F 594 -47.09 55.42 -57.19
CA CYS F 594 -47.44 55.90 -55.86
C CYS F 594 -46.26 55.76 -54.90
N SER F 595 -45.55 54.64 -54.97
CA SER F 595 -44.35 54.49 -54.16
C SER F 595 -43.29 55.50 -54.56
N LEU F 596 -43.22 55.83 -55.85
CA LEU F 596 -42.27 56.83 -56.33
C LEU F 596 -42.60 58.21 -55.77
N CYS F 597 -43.87 58.48 -55.51
CA CYS F 597 -44.26 59.81 -55.04
C CYS F 597 -43.63 60.14 -53.69
N VAL F 598 -43.96 59.37 -52.65
CA VAL F 598 -43.61 59.71 -51.28
C VAL F 598 -42.97 58.51 -50.59
N CYS F 599 -41.97 58.77 -49.76
CA CYS F 599 -41.30 57.74 -48.98
C CYS F 599 -41.25 58.14 -47.52
N ASN F 600 -41.70 57.24 -46.65
CA ASN F 600 -41.64 57.36 -45.18
C ASN F 600 -41.85 58.79 -44.71
N GLY F 601 -42.91 59.42 -45.21
CA GLY F 601 -43.25 60.77 -44.82
C GLY F 601 -42.39 61.85 -45.44
N VAL F 602 -41.62 61.55 -46.47
CA VAL F 602 -40.81 62.53 -47.18
C VAL F 602 -41.30 62.56 -48.63
N ALA F 603 -41.67 63.75 -49.09
CA ALA F 603 -42.21 63.94 -50.43
C ALA F 603 -41.10 64.36 -51.38
N VAL F 604 -40.89 63.57 -52.42
CA VAL F 604 -39.90 63.89 -53.45
C VAL F 604 -40.59 64.82 -54.45
N ARG F 605 -40.32 66.12 -54.32
CA ARG F 605 -40.99 67.10 -55.16
C ARG F 605 -40.65 66.90 -56.63
N SER F 606 -39.39 66.61 -56.94
CA SER F 606 -38.99 66.40 -58.33
C SER F 606 -39.74 65.22 -58.93
N ASN F 607 -39.82 64.10 -58.20
CA ASN F 607 -40.54 62.94 -58.70
C ASN F 607 -42.02 63.23 -58.88
N GLN F 608 -42.63 63.92 -57.91
CA GLN F 608 -44.04 64.25 -58.03
C GLN F 608 -44.31 65.11 -59.27
N ASP F 609 -43.49 66.14 -59.46
CA ASP F 609 -43.67 67.02 -60.61
C ASP F 609 -43.43 66.28 -61.92
N LEU F 610 -42.42 65.41 -61.96
CA LEU F 610 -42.14 64.66 -63.18
C LEU F 610 -43.29 63.74 -63.54
N ILE F 611 -43.82 63.00 -62.55
CA ILE F 611 -44.94 62.11 -62.81
C ILE F 611 -46.15 62.90 -63.28
N THR F 612 -46.45 64.01 -62.61
CA THR F 612 -47.59 64.83 -63.02
C THR F 612 -47.43 65.30 -64.45
N GLU F 613 -46.28 65.91 -64.77
CA GLU F 613 -46.07 66.50 -66.08
C GLU F 613 -46.07 65.46 -67.18
N ASN F 614 -45.56 64.26 -66.90
CA ASN F 614 -45.45 63.23 -67.92
C ASN F 614 -46.65 62.30 -67.98
N LEU F 615 -47.62 62.44 -67.07
CA LEU F 615 -48.80 61.59 -67.13
C LEU F 615 -50.10 62.36 -67.37
N LEU F 616 -50.34 63.45 -66.65
CA LEU F 616 -51.64 64.09 -66.67
C LEU F 616 -51.94 64.93 -67.92
N PRO F 617 -51.00 65.73 -68.43
CA PRO F 617 -51.35 66.59 -69.59
C PRO F 617 -51.86 65.82 -70.80
N GLY F 618 -51.40 64.59 -71.01
CA GLY F 618 -51.86 63.83 -72.16
C GLY F 618 -53.34 63.52 -72.11
N ARG F 619 -53.87 63.27 -70.91
CA ARG F 619 -55.27 62.88 -70.73
C ARG F 619 -55.62 61.67 -71.60
N GLU F 620 -54.70 60.72 -71.67
CA GLU F 620 -54.87 59.49 -72.43
C GLU F 620 -54.46 58.32 -71.55
N LEU F 621 -54.82 57.11 -72.00
CA LEU F 621 -54.64 55.86 -71.28
C LEU F 621 -54.96 56.01 -69.79
N LEU F 622 -56.02 56.75 -69.49
CA LEU F 622 -56.44 56.96 -68.11
C LEU F 622 -57.92 57.33 -68.12
N LEU F 623 -58.67 56.79 -67.16
CA LEU F 623 -60.10 57.01 -67.12
C LEU F 623 -60.41 58.45 -66.71
N GLN F 624 -61.31 59.08 -67.46
CA GLN F 624 -61.70 60.46 -67.23
C GLN F 624 -63.17 60.53 -66.85
N THR F 625 -63.51 61.51 -66.01
CA THR F 625 -64.87 61.69 -65.53
C THR F 625 -65.30 63.15 -65.73
N ASN F 626 -66.60 63.33 -65.97
CA ASN F 626 -67.17 64.65 -66.17
C ASN F 626 -68.70 64.55 -66.12
N LEU F 627 -69.33 65.52 -65.47
CA LEU F 627 -70.78 65.57 -65.43
C LEU F 627 -71.35 65.92 -66.80
N ILE F 628 -72.46 65.28 -67.17
CA ILE F 628 -73.17 65.54 -68.41
C ILE F 628 -74.66 65.58 -68.11
N ASN F 629 -75.46 65.84 -69.14
CA ASN F 629 -76.90 65.95 -69.02
C ASN F 629 -77.61 64.84 -69.79
N TYR F 630 -78.75 64.42 -69.26
CA TYR F 630 -79.58 63.44 -69.95
C TYR F 630 -80.28 64.11 -71.13
N VAL F 631 -80.33 63.40 -72.26
CA VAL F 631 -80.93 63.90 -73.48
C VAL F 631 -81.93 62.87 -73.99
N THR F 632 -83.13 63.32 -74.35
CA THR F 632 -84.17 62.44 -74.85
C THR F 632 -84.56 62.87 -76.26
N SER F 633 -85.35 62.03 -76.93
CA SER F 633 -85.76 62.29 -78.30
C SER F 633 -87.19 61.84 -78.53
N ILE F 634 -87.94 62.64 -79.30
CA ILE F 634 -89.35 62.39 -79.59
C ILE F 634 -89.55 62.48 -81.10
N ARG F 635 -90.31 61.55 -81.65
CA ARG F 635 -90.63 61.51 -83.07
C ARG F 635 -92.10 61.84 -83.33
N PRO F 636 -92.46 62.10 -84.58
CA PRO F 636 -93.86 62.45 -84.91
C PRO F 636 -94.71 61.29 -85.39
N ASN F 637 -94.21 60.05 -85.34
CA ASN F 637 -94.97 58.87 -85.77
C ASN F 637 -95.41 58.98 -87.23
N ILE F 638 -94.55 59.54 -88.06
CA ILE F 638 -94.77 59.65 -89.50
C ILE F 638 -93.59 59.00 -90.19
N PHE F 639 -93.83 57.88 -90.87
CA PHE F 639 -92.78 57.08 -91.49
C PHE F 639 -92.91 57.19 -93.00
N VAL F 640 -91.84 57.67 -93.65
CA VAL F 640 -91.77 57.77 -95.11
C VAL F 640 -90.46 57.17 -95.57
N GLY F 641 -90.45 56.77 -96.84
CA GLY F 641 -89.25 56.16 -97.43
C GLY F 641 -89.47 55.91 -98.90
N ARG F 642 -88.37 55.62 -99.58
CA ARG F 642 -88.37 55.35 -101.01
C ARG F 642 -87.99 53.91 -101.27
N ALA F 643 -88.80 53.21 -102.06
CA ALA F 643 -88.53 51.85 -102.47
C ALA F 643 -89.06 51.64 -103.87
N GLU F 644 -88.52 50.62 -104.54
CA GLU F 644 -88.92 50.31 -105.91
C GLU F 644 -90.37 49.84 -105.92
N GLY F 645 -91.25 50.66 -106.51
CA GLY F 645 -92.65 50.33 -106.55
C GLY F 645 -93.43 50.65 -105.30
N SER F 646 -92.82 51.34 -104.33
CA SER F 646 -93.51 51.67 -103.09
C SER F 646 -94.65 52.65 -103.33
N THR F 647 -95.69 52.52 -102.51
CA THR F 647 -96.86 53.39 -102.61
C THR F 647 -96.73 54.57 -101.64
N GLN F 648 -95.67 55.35 -101.84
CA GLN F 648 -95.40 56.51 -100.99
C GLN F 648 -94.85 57.64 -101.82
N TYR F 649 -95.06 58.86 -101.34
CA TYR F 649 -94.59 60.06 -102.02
C TYR F 649 -93.17 60.40 -101.56
N GLY F 650 -92.40 61.01 -102.46
CA GLY F 650 -91.01 61.30 -102.19
C GLY F 650 -90.76 62.52 -101.32
N LYS F 651 -91.16 63.69 -101.81
CA LYS F 651 -90.88 64.93 -101.08
C LYS F 651 -91.78 65.06 -99.86
N TRP F 652 -91.20 65.56 -98.77
CA TRP F 652 -91.95 65.77 -97.53
C TRP F 652 -91.43 67.02 -96.84
N TYR F 653 -92.28 67.59 -95.99
CA TYR F 653 -92.01 68.88 -95.38
C TYR F 653 -92.73 68.99 -94.05
N PHE F 654 -92.01 69.41 -93.00
CA PHE F 654 -92.61 69.65 -91.70
C PHE F 654 -91.94 70.85 -91.05
N GLU F 655 -92.42 71.23 -89.87
CA GLU F 655 -91.98 72.47 -89.25
C GLU F 655 -92.10 72.35 -87.73
N VAL F 656 -91.14 72.95 -87.02
CA VAL F 656 -91.11 72.93 -85.56
C VAL F 656 -90.84 74.34 -85.06
N MET F 657 -91.68 74.83 -84.16
CA MET F 657 -91.49 76.12 -83.52
C MET F 657 -90.96 75.93 -82.10
N VAL F 658 -90.32 76.98 -81.57
CA VAL F 658 -89.73 76.93 -80.24
C VAL F 658 -90.40 78.00 -79.38
N ASP F 659 -90.92 77.60 -78.23
CA ASP F 659 -91.63 78.52 -77.35
C ASP F 659 -90.70 79.09 -76.28
N GLU F 660 -90.11 78.22 -75.45
CA GLU F 660 -89.25 78.64 -74.36
C GLU F 660 -88.00 77.80 -74.33
N VAL F 661 -86.85 78.45 -74.16
CA VAL F 661 -85.56 77.78 -73.98
C VAL F 661 -84.85 78.43 -72.80
N VAL F 662 -84.41 77.60 -71.86
CA VAL F 662 -83.67 78.08 -70.69
C VAL F 662 -82.21 77.71 -70.85
N PRO F 663 -81.39 78.62 -71.41
CA PRO F 663 -80.00 78.22 -71.66
C PRO F 663 -79.17 78.02 -70.40
N PHE F 664 -78.10 77.26 -70.49
CA PHE F 664 -77.21 77.04 -69.35
C PHE F 664 -77.95 76.69 -68.06
N LEU F 665 -78.87 75.75 -68.13
CA LEU F 665 -79.54 75.29 -66.93
C LEU F 665 -78.67 74.20 -66.31
N THR F 666 -78.83 73.95 -65.02
CA THR F 666 -78.03 72.92 -64.34
C THR F 666 -76.56 72.97 -64.75
N ALA F 667 -76.09 74.18 -65.07
CA ALA F 667 -74.68 74.44 -65.40
C ALA F 667 -74.24 73.71 -66.68
N GLN F 668 -75.16 73.51 -67.61
CA GLN F 668 -74.83 72.96 -68.91
C GLN F 668 -75.76 73.55 -69.96
N ALA F 669 -75.22 73.78 -71.15
CA ALA F 669 -76.03 74.33 -72.24
C ALA F 669 -77.14 73.36 -72.61
N THR F 670 -78.35 73.88 -72.77
CA THR F 670 -79.48 73.05 -73.12
C THR F 670 -79.33 72.54 -74.55
N HIS F 671 -79.49 71.23 -74.73
CA HIS F 671 -79.34 70.60 -76.03
C HIS F 671 -80.68 70.59 -76.75
N LEU F 672 -80.67 71.04 -78.01
CA LEU F 672 -81.89 71.14 -78.82
C LEU F 672 -81.51 70.98 -80.28
N ARG F 673 -81.96 69.89 -80.91
CA ARG F 673 -81.75 69.66 -82.33
C ARG F 673 -83.00 69.06 -82.94
N VAL F 674 -83.24 69.41 -84.21
CA VAL F 674 -84.40 68.95 -84.96
C VAL F 674 -83.91 68.39 -86.29
N GLY F 675 -84.45 67.24 -86.69
CA GLY F 675 -84.06 66.67 -87.96
C GLY F 675 -84.84 65.42 -88.29
N TRP F 676 -84.25 64.59 -89.13
CA TRP F 676 -84.81 63.30 -89.52
C TRP F 676 -83.96 62.17 -88.96
N ALA F 677 -84.50 60.96 -89.00
CA ALA F 677 -83.80 59.79 -88.48
C ALA F 677 -84.28 58.55 -89.21
N LEU F 678 -83.39 57.56 -89.31
CA LEU F 678 -83.71 56.29 -89.94
C LEU F 678 -84.24 55.31 -88.90
N THR F 679 -85.24 54.52 -89.28
CA THR F 679 -85.85 53.58 -88.35
C THR F 679 -84.85 52.50 -87.91
N GLU F 680 -84.08 51.97 -88.86
CA GLU F 680 -83.12 50.90 -88.58
C GLU F 680 -81.74 51.52 -88.42
N GLY F 681 -81.32 51.72 -87.18
CA GLY F 681 -80.00 52.24 -86.91
C GLY F 681 -79.97 53.33 -85.85
N TYR F 682 -81.03 54.14 -85.79
CA TYR F 682 -81.14 55.21 -84.81
C TYR F 682 -81.89 54.67 -83.59
N SER F 683 -81.16 54.46 -82.50
CA SER F 683 -81.75 53.94 -81.27
C SER F 683 -81.00 54.51 -80.08
N PRO F 684 -81.35 55.72 -79.67
CA PRO F 684 -80.68 56.33 -78.51
C PRO F 684 -81.09 55.65 -77.21
N TYR F 685 -80.18 55.67 -76.24
CA TYR F 685 -80.42 55.12 -74.92
C TYR F 685 -80.06 56.15 -73.86
N PRO F 686 -80.77 56.16 -72.74
CA PRO F 686 -80.46 57.13 -71.69
C PRO F 686 -79.05 57.00 -71.14
N GLY F 687 -78.22 58.00 -71.39
CA GLY F 687 -76.86 58.02 -70.88
C GLY F 687 -75.94 56.98 -71.49
N GLY F 688 -74.64 57.13 -71.24
CA GLY F 688 -73.66 56.15 -71.71
C GLY F 688 -73.59 56.01 -73.21
N GLY F 689 -73.65 57.13 -73.93
CA GLY F 689 -73.56 57.11 -75.38
C GLY F 689 -72.15 57.27 -75.88
N GLU F 690 -72.04 57.55 -77.18
CA GLU F 690 -70.74 57.79 -77.79
C GLU F 690 -70.20 59.16 -77.39
N GLY F 691 -68.90 59.35 -77.61
CA GLY F 691 -68.25 60.58 -77.21
C GLY F 691 -68.23 60.75 -75.71
N TRP F 692 -69.02 61.69 -75.20
CA TRP F 692 -69.18 61.90 -73.76
C TRP F 692 -70.65 61.86 -73.37
N GLY F 693 -71.42 61.00 -74.03
CA GLY F 693 -72.82 60.84 -73.70
C GLY F 693 -73.69 61.95 -74.27
N GLY F 694 -74.95 61.93 -73.84
CA GLY F 694 -75.91 62.91 -74.31
C GLY F 694 -76.19 62.84 -75.80
N ASN F 695 -76.36 61.63 -76.33
CA ASN F 695 -76.57 61.46 -77.75
C ASN F 695 -77.92 62.00 -78.17
N GLY F 696 -77.95 62.65 -79.33
CA GLY F 696 -79.18 63.18 -79.88
C GLY F 696 -79.22 63.06 -81.40
N VAL F 697 -79.96 63.95 -82.06
CA VAL F 697 -80.02 63.95 -83.51
C VAL F 697 -78.68 64.40 -84.07
N GLY F 698 -78.13 63.63 -84.99
CA GLY F 698 -76.86 63.97 -85.61
C GLY F 698 -75.63 63.41 -84.93
N ASP F 699 -75.79 62.54 -83.94
CA ASP F 699 -74.66 61.90 -83.28
C ASP F 699 -74.37 60.51 -83.83
N ASP F 700 -75.03 60.13 -84.92
CA ASP F 700 -74.77 58.87 -85.59
C ASP F 700 -75.08 59.04 -87.07
N LEU F 701 -74.56 58.13 -87.88
CA LEU F 701 -74.74 58.22 -89.33
C LEU F 701 -76.17 57.91 -89.77
N TYR F 702 -77.02 57.43 -88.87
CA TYR F 702 -78.43 57.20 -89.17
C TYR F 702 -79.31 58.41 -88.89
N SER F 703 -78.73 59.50 -88.37
CA SER F 703 -79.49 60.68 -88.00
C SER F 703 -78.82 61.94 -88.56
N TYR F 704 -79.65 62.93 -88.91
CA TYR F 704 -79.18 64.20 -89.45
C TYR F 704 -79.94 65.32 -88.78
N GLY F 705 -79.22 66.32 -88.27
CA GLY F 705 -79.87 67.37 -87.51
C GLY F 705 -79.37 68.78 -87.76
N PHE F 706 -79.85 69.72 -86.95
CA PHE F 706 -79.51 71.13 -87.09
C PHE F 706 -79.76 71.82 -85.76
N ASP F 707 -78.72 72.39 -85.18
CA ASP F 707 -78.81 73.00 -83.86
C ASP F 707 -78.92 74.53 -83.89
N GLY F 708 -78.84 75.14 -85.07
CA GLY F 708 -78.93 76.58 -85.16
C GLY F 708 -77.71 77.19 -85.85
N LEU F 709 -76.54 76.63 -85.58
CA LEU F 709 -75.30 77.09 -86.20
C LEU F 709 -74.51 76.00 -86.89
N HIS F 710 -74.78 74.73 -86.61
CA HIS F 710 -74.03 73.62 -87.20
C HIS F 710 -74.99 72.57 -87.72
N LEU F 711 -74.51 71.79 -88.68
CA LEU F 711 -75.23 70.63 -89.21
C LEU F 711 -74.62 69.38 -88.59
N TRP F 712 -75.36 68.75 -87.69
CA TRP F 712 -74.84 67.64 -86.90
C TRP F 712 -75.01 66.33 -87.66
N THR F 713 -73.92 65.61 -87.85
CA THR F 713 -73.94 64.28 -88.44
C THR F 713 -72.65 63.56 -88.08
N GLY F 714 -72.76 62.27 -87.76
CA GLY F 714 -71.58 61.49 -87.39
C GLY F 714 -70.85 62.01 -86.19
N HIS F 715 -71.56 62.66 -85.25
CA HIS F 715 -70.97 63.26 -84.07
C HIS F 715 -69.91 64.30 -84.43
N VAL F 716 -70.07 64.95 -85.58
CA VAL F 716 -69.15 66.00 -86.03
C VAL F 716 -70.00 67.23 -86.37
N ALA F 717 -69.68 68.35 -85.75
CA ALA F 717 -70.40 69.60 -85.96
C ALA F 717 -69.66 70.45 -86.98
N ARG F 718 -70.38 70.91 -88.00
CA ARG F 718 -69.81 71.73 -89.06
C ARG F 718 -70.58 73.05 -89.15
N PRO F 719 -69.95 74.18 -88.87
CA PRO F 719 -70.69 75.45 -88.88
C PRO F 719 -71.27 75.76 -90.25
N VAL F 720 -72.45 76.37 -90.25
CA VAL F 720 -73.16 76.72 -91.47
C VAL F 720 -73.49 78.21 -91.42
N THR F 721 -73.58 78.83 -92.60
CA THR F 721 -73.80 80.26 -92.71
C THR F 721 -75.28 80.54 -92.90
N SER F 722 -75.85 81.36 -92.01
CA SER F 722 -77.22 81.80 -92.08
C SER F 722 -77.27 83.30 -91.81
N PRO F 723 -78.26 84.01 -92.37
CA PRO F 723 -78.40 85.44 -92.08
C PRO F 723 -78.38 85.75 -90.59
N GLY F 724 -79.29 85.15 -89.85
CA GLY F 724 -79.27 85.26 -88.40
C GLY F 724 -78.65 84.04 -87.75
N GLN F 725 -77.38 84.14 -87.38
CA GLN F 725 -76.64 83.01 -86.81
C GLN F 725 -76.75 83.08 -85.29
N HIS F 726 -77.61 82.25 -84.71
CA HIS F 726 -77.75 82.17 -83.27
C HIS F 726 -78.32 80.80 -82.92
N LEU F 727 -78.11 80.42 -81.66
CA LEU F 727 -78.68 79.18 -81.16
C LEU F 727 -80.21 79.27 -81.14
N LEU F 728 -80.86 78.10 -81.15
CA LEU F 728 -82.32 78.04 -81.15
C LEU F 728 -82.88 78.82 -79.97
N ALA F 729 -83.59 79.90 -80.26
CA ALA F 729 -84.09 80.83 -79.28
C ALA F 729 -85.61 80.80 -79.23
N PRO F 730 -86.22 81.37 -78.19
CA PRO F 730 -87.69 81.45 -78.17
C PRO F 730 -88.23 82.24 -79.35
N GLU F 731 -89.40 81.83 -79.82
CA GLU F 731 -90.13 82.51 -80.90
C GLU F 731 -89.36 82.43 -82.22
N ASP F 732 -88.81 81.26 -82.52
CA ASP F 732 -88.26 80.99 -83.84
C ASP F 732 -88.76 79.63 -84.34
N VAL F 733 -88.80 79.48 -85.66
CA VAL F 733 -89.39 78.31 -86.28
C VAL F 733 -88.43 77.78 -87.35
N VAL F 734 -88.32 76.45 -87.41
CA VAL F 734 -87.43 75.78 -88.35
C VAL F 734 -88.27 74.89 -89.25
N SER F 735 -88.10 75.05 -90.56
CA SER F 735 -88.78 74.24 -91.56
C SER F 735 -87.80 73.22 -92.13
N CYS F 736 -88.18 71.95 -92.09
CA CYS F 736 -87.33 70.87 -92.56
C CYS F 736 -88.00 70.17 -93.74
N CYS F 737 -87.26 69.99 -94.83
CA CYS F 737 -87.78 69.32 -96.02
C CYS F 737 -86.85 68.19 -96.41
N LEU F 738 -87.45 67.09 -96.87
CA LEU F 738 -86.74 65.88 -97.27
C LEU F 738 -87.11 65.52 -98.70
N ASP F 739 -86.11 65.38 -99.56
CA ASP F 739 -86.29 64.93 -100.93
C ASP F 739 -85.65 63.57 -101.09
N LEU F 740 -86.47 62.57 -101.43
CA LEU F 740 -85.98 61.21 -101.59
C LEU F 740 -85.64 60.85 -103.04
N SER F 741 -86.12 61.63 -104.01
CA SER F 741 -85.76 61.39 -105.40
C SER F 741 -84.24 61.41 -105.57
N VAL F 742 -83.62 62.55 -105.28
CA VAL F 742 -82.19 62.64 -105.02
C VAL F 742 -82.03 62.87 -103.52
N PRO F 743 -81.31 61.99 -102.80
CA PRO F 743 -81.21 62.12 -101.34
C PRO F 743 -80.81 63.52 -100.88
N SER F 744 -81.70 64.22 -100.19
CA SER F 744 -81.38 65.56 -99.73
C SER F 744 -82.25 65.91 -98.52
N ILE F 745 -81.65 66.59 -97.55
CA ILE F 745 -82.37 67.16 -96.41
C ILE F 745 -81.97 68.62 -96.31
N SER F 746 -82.96 69.51 -96.24
CA SER F 746 -82.70 70.93 -96.20
C SER F 746 -83.48 71.57 -95.06
N PHE F 747 -82.91 72.66 -94.52
CA PHE F 747 -83.46 73.37 -93.39
C PHE F 747 -83.63 74.85 -93.73
N ARG F 748 -84.58 75.49 -93.07
CA ARG F 748 -84.82 76.92 -93.28
C ARG F 748 -85.27 77.53 -91.97
N ILE F 749 -84.49 78.47 -91.45
CA ILE F 749 -84.74 79.09 -90.16
C ILE F 749 -85.33 80.48 -90.38
N ASN F 750 -86.55 80.69 -89.88
CA ASN F 750 -87.23 81.98 -89.96
C ASN F 750 -87.30 82.50 -91.40
N GLY F 751 -87.55 81.58 -92.34
CA GLY F 751 -87.60 81.93 -93.73
C GLY F 751 -86.25 82.07 -94.42
N CYS F 752 -85.20 82.37 -93.68
CA CYS F 752 -83.87 82.47 -94.26
C CYS F 752 -83.33 81.09 -94.56
N PRO F 753 -82.95 80.80 -95.80
CA PRO F 753 -82.44 79.46 -96.13
C PRO F 753 -81.11 79.19 -95.42
N VAL F 754 -80.90 77.92 -95.11
CA VAL F 754 -79.64 77.47 -94.49
C VAL F 754 -78.71 77.01 -95.60
N GLN F 755 -77.53 77.63 -95.67
CA GLN F 755 -76.60 77.39 -96.77
C GLN F 755 -75.76 76.14 -96.49
N GLY F 756 -76.45 75.00 -96.48
CA GLY F 756 -75.82 73.72 -96.28
C GLY F 756 -76.82 72.58 -96.27
N VAL F 757 -76.53 71.50 -97.00
CA VAL F 757 -77.48 70.40 -97.15
C VAL F 757 -76.76 69.07 -97.09
N PHE F 758 -77.46 68.07 -96.54
CA PHE F 758 -77.04 66.69 -96.59
C PHE F 758 -77.39 66.09 -97.95
N GLU F 759 -76.67 65.03 -98.32
CA GLU F 759 -76.87 64.42 -99.62
C GLU F 759 -76.26 63.02 -99.61
N ALA F 760 -76.66 62.22 -100.60
CA ALA F 760 -76.05 60.91 -100.87
C ALA F 760 -76.06 60.01 -99.64
N PHE F 761 -77.12 60.09 -98.84
CA PHE F 761 -77.25 59.23 -97.68
C PHE F 761 -77.97 57.93 -98.07
N ASN F 762 -77.89 56.95 -97.17
CA ASN F 762 -78.49 55.66 -97.41
C ASN F 762 -80.01 55.75 -97.30
N LEU F 763 -80.70 54.97 -98.14
CA LEU F 763 -82.16 54.94 -98.18
C LEU F 763 -82.71 53.58 -97.75
N ASP F 764 -81.98 52.87 -96.89
CA ASP F 764 -82.38 51.54 -96.45
C ASP F 764 -83.14 51.64 -95.12
N GLY F 765 -84.38 52.11 -95.24
CA GLY F 765 -85.24 52.24 -94.08
C GLY F 765 -86.27 53.34 -94.31
N LEU F 766 -86.92 53.73 -93.21
CA LEU F 766 -87.95 54.76 -93.22
C LEU F 766 -87.47 55.97 -92.44
N PHE F 767 -87.71 57.15 -93.01
CA PHE F 767 -87.31 58.42 -92.40
C PHE F 767 -88.49 59.02 -91.65
N PHE F 768 -88.25 59.44 -90.41
CA PHE F 768 -89.28 60.04 -89.59
C PHE F 768 -88.73 61.29 -88.92
N PRO F 769 -89.59 62.29 -88.69
CA PRO F 769 -89.14 63.49 -87.97
C PRO F 769 -88.74 63.15 -86.54
N VAL F 770 -87.77 63.89 -86.01
CA VAL F 770 -87.25 63.63 -84.67
C VAL F 770 -86.72 64.92 -84.09
N VAL F 771 -86.93 65.10 -82.79
CA VAL F 771 -86.35 66.22 -82.04
C VAL F 771 -85.66 65.64 -80.81
N SER F 772 -84.38 66.01 -80.64
CA SER F 772 -83.62 65.64 -79.46
C SER F 772 -83.44 66.87 -78.59
N PHE F 773 -83.69 66.71 -77.29
CA PHE F 773 -83.65 67.85 -76.39
C PHE F 773 -83.30 67.40 -74.99
N SER F 774 -82.83 68.37 -74.21
CA SER F 774 -82.51 68.21 -72.80
C SER F 774 -83.59 68.91 -71.97
N ALA F 775 -83.38 68.97 -70.66
CA ALA F 775 -84.35 69.58 -69.77
C ALA F 775 -84.40 71.09 -69.97
N GLY F 776 -85.57 71.67 -69.70
CA GLY F 776 -85.73 73.11 -69.77
C GLY F 776 -85.99 73.66 -71.16
N VAL F 777 -86.72 72.93 -71.99
CA VAL F 777 -87.02 73.36 -73.35
C VAL F 777 -88.49 73.11 -73.64
N LYS F 778 -89.04 73.88 -74.59
CA LYS F 778 -90.42 73.73 -75.03
C LYS F 778 -90.49 73.95 -76.53
N VAL F 779 -90.89 72.90 -77.26
CA VAL F 779 -91.01 72.97 -78.71
C VAL F 779 -92.43 72.58 -79.09
N ARG F 780 -92.76 72.78 -80.37
CA ARG F 780 -94.09 72.47 -80.85
C ARG F 780 -94.03 72.07 -82.32
N PHE F 781 -94.54 70.88 -82.62
CA PHE F 781 -94.64 70.41 -83.99
C PHE F 781 -95.84 71.05 -84.67
N LEU F 782 -95.63 71.58 -85.88
CA LEU F 782 -96.70 72.02 -86.78
C LEU F 782 -96.72 71.01 -87.91
N LEU F 783 -97.49 69.93 -87.73
CA LEU F 783 -97.40 68.80 -88.63
C LEU F 783 -98.08 69.07 -89.97
N GLY F 784 -99.23 69.72 -89.95
CA GLY F 784 -99.96 70.05 -91.16
C GLY F 784 -101.45 69.81 -91.03
N GLY F 785 -102.23 70.63 -91.72
CA GLY F 785 -103.68 70.51 -91.67
C GLY F 785 -104.21 70.79 -90.28
N ARG F 786 -105.02 69.85 -89.79
CA ARG F 786 -105.58 70.00 -88.44
C ARG F 786 -104.50 69.93 -87.37
N HIS F 787 -103.43 69.18 -87.61
CA HIS F 787 -102.33 69.06 -86.65
C HIS F 787 -101.35 70.23 -86.85
N GLY F 788 -101.88 71.43 -86.60
CA GLY F 788 -101.12 72.65 -86.79
C GLY F 788 -100.98 73.02 -88.25
N GLU F 789 -100.92 74.32 -88.55
CA GLU F 789 -100.70 74.78 -89.92
C GLU F 789 -99.37 75.52 -90.00
N PHE F 790 -98.74 75.41 -91.16
CA PHE F 790 -97.41 75.96 -91.37
C PHE F 790 -97.47 77.49 -91.41
N LYS F 791 -96.53 78.13 -90.71
CA LYS F 791 -96.41 79.58 -90.79
C LYS F 791 -95.99 80.02 -92.19
N PHE F 792 -95.05 79.31 -92.79
CA PHE F 792 -94.53 79.63 -94.13
C PHE F 792 -94.98 78.57 -95.12
N LEU F 793 -95.21 79.00 -96.36
CA LEU F 793 -95.69 78.09 -97.40
C LEU F 793 -94.62 77.04 -97.72
N PRO F 794 -95.03 75.78 -97.91
CA PRO F 794 -94.05 74.75 -98.25
C PRO F 794 -93.43 75.02 -99.60
N PRO F 795 -92.20 74.55 -99.83
CA PRO F 795 -91.63 74.64 -101.18
C PRO F 795 -92.47 73.82 -102.15
N PRO F 796 -92.49 74.22 -103.42
CA PRO F 796 -93.34 73.52 -104.40
C PRO F 796 -93.00 72.03 -104.48
N GLY F 797 -94.04 71.20 -104.49
CA GLY F 797 -93.89 69.78 -104.58
C GLY F 797 -93.70 69.06 -103.26
N TYR F 798 -93.57 69.79 -102.16
CA TYR F 798 -93.33 69.20 -100.85
C TYR F 798 -94.66 69.14 -100.09
N ALA F 799 -95.21 67.94 -99.96
CA ALA F 799 -96.49 67.75 -99.29
C ALA F 799 -96.33 67.83 -97.77
N PRO F 800 -97.36 68.28 -97.06
CA PRO F 800 -97.30 68.29 -95.59
C PRO F 800 -97.18 66.87 -95.04
N CYS F 801 -96.52 66.77 -93.87
CA CYS F 801 -96.25 65.46 -93.29
C CYS F 801 -97.49 64.79 -92.72
N HIS F 802 -98.58 65.53 -92.51
CA HIS F 802 -99.80 64.93 -91.98
C HIS F 802 -100.51 64.04 -92.99
N GLU F 803 -100.09 64.05 -94.25
CA GLU F 803 -100.71 63.26 -95.29
C GLU F 803 -100.10 61.87 -95.42
N ALA F 804 -99.12 61.52 -94.58
CA ALA F 804 -98.47 60.22 -94.64
C ALA F 804 -98.90 59.28 -93.52
N VAL F 805 -99.94 59.66 -92.76
CA VAL F 805 -100.41 58.80 -91.67
C VAL F 805 -101.19 57.63 -92.27
N LEU F 806 -100.89 56.43 -91.79
CA LEU F 806 -101.54 55.23 -92.30
C LEU F 806 -103.01 55.20 -91.89
N PRO F 807 -103.88 54.59 -92.70
CA PRO F 807 -105.31 54.56 -92.37
C PRO F 807 -105.60 53.89 -91.03
N ARG F 808 -104.86 52.84 -90.68
CA ARG F 808 -105.10 52.12 -89.43
C ARG F 808 -104.39 52.74 -88.24
N GLU F 809 -103.57 53.76 -88.44
CA GLU F 809 -102.84 54.42 -87.38
C GLU F 809 -103.33 55.85 -87.22
N ARG F 810 -102.97 56.46 -86.08
CA ARG F 810 -103.32 57.83 -85.78
C ARG F 810 -102.05 58.64 -85.55
N LEU F 811 -102.19 59.96 -85.69
CA LEU F 811 -101.06 60.88 -85.57
C LEU F 811 -100.89 61.26 -84.11
N ARG F 812 -99.81 60.80 -83.49
CA ARG F 812 -99.58 61.04 -82.07
C ARG F 812 -98.10 60.86 -81.78
N LEU F 813 -97.55 61.76 -80.96
CA LEU F 813 -96.14 61.72 -80.62
C LEU F 813 -95.83 60.55 -79.68
N GLU F 814 -94.60 60.06 -79.75
CA GLU F 814 -94.18 58.92 -78.95
C GLU F 814 -92.66 58.91 -78.87
N PRO F 815 -92.09 58.29 -77.84
CA PRO F 815 -90.63 58.13 -77.79
C PRO F 815 -90.15 57.14 -78.85
N ILE F 816 -88.85 57.18 -79.11
CA ILE F 816 -88.26 56.39 -80.18
C ILE F 816 -88.27 54.91 -79.83
N LYS F 817 -87.52 54.54 -78.80
CA LYS F 817 -87.40 53.14 -78.39
C LYS F 817 -87.21 53.12 -76.87
N GLU F 818 -88.29 52.83 -76.16
CA GLU F 818 -88.25 52.75 -74.71
C GLU F 818 -88.13 51.30 -74.25
N TYR F 819 -87.51 51.10 -73.09
CA TYR F 819 -87.49 49.81 -72.42
C TYR F 819 -88.20 49.85 -71.07
N ARG F 820 -88.88 50.95 -70.76
CA ARG F 820 -89.68 51.07 -69.55
C ARG F 820 -90.74 52.14 -69.80
N ARG F 821 -91.82 52.08 -69.01
CA ARG F 821 -92.91 53.01 -69.19
C ARG F 821 -93.69 53.14 -67.89
N GLU F 822 -94.05 54.37 -67.54
CA GLU F 822 -94.82 54.60 -66.33
C GLU F 822 -96.27 54.15 -66.50
N GLY F 823 -96.84 53.61 -65.42
CA GLY F 823 -98.23 53.22 -65.40
C GLY F 823 -98.79 53.20 -64.00
N PRO F 824 -100.08 52.90 -63.87
CA PRO F 824 -100.71 52.92 -62.53
C PRO F 824 -100.05 51.97 -61.55
N ARG F 825 -99.60 50.80 -62.01
CA ARG F 825 -98.91 49.86 -61.13
C ARG F 825 -97.46 50.24 -60.89
N GLY F 826 -96.89 51.12 -61.71
CA GLY F 826 -95.51 51.53 -61.57
C GLY F 826 -94.74 51.43 -62.87
N PRO F 827 -93.45 51.12 -62.78
CA PRO F 827 -92.65 50.91 -63.99
C PRO F 827 -93.00 49.58 -64.65
N HIS F 828 -93.55 49.65 -65.86
CA HIS F 828 -93.79 48.48 -66.69
C HIS F 828 -92.63 48.31 -67.65
N LEU F 829 -92.03 47.13 -67.65
CA LEU F 829 -90.96 46.82 -68.59
C LEU F 829 -91.57 46.38 -69.91
N VAL F 830 -91.13 47.01 -71.00
CA VAL F 830 -91.63 46.72 -72.34
C VAL F 830 -90.53 46.02 -73.12
N GLY F 831 -90.93 45.23 -74.10
CA GLY F 831 -89.98 44.56 -74.97
C GLY F 831 -89.72 45.35 -76.23
N PRO F 832 -89.12 44.70 -77.22
CA PRO F 832 -88.91 45.36 -78.51
C PRO F 832 -90.23 45.70 -79.19
N SER F 833 -90.17 46.69 -80.07
CA SER F 833 -91.35 47.15 -80.79
C SER F 833 -91.31 46.61 -82.21
N ARG F 834 -92.47 46.10 -82.67
CA ARG F 834 -92.58 45.61 -84.04
C ARG F 834 -92.41 46.78 -85.00
N CYS F 835 -91.41 46.68 -85.87
CA CYS F 835 -91.06 47.78 -86.76
C CYS F 835 -91.74 47.61 -88.11
N LEU F 836 -91.46 48.56 -89.01
CA LEU F 836 -91.99 48.54 -90.37
C LEU F 836 -90.85 48.81 -91.35
N SER F 837 -91.00 48.29 -92.57
CA SER F 837 -89.99 48.41 -93.60
C SER F 837 -90.60 48.98 -94.86
N HIS F 838 -89.74 49.59 -95.69
CA HIS F 838 -90.20 50.17 -96.94
C HIS F 838 -90.68 49.12 -97.93
N THR F 839 -90.22 47.88 -97.79
CA THR F 839 -90.66 46.81 -98.67
C THR F 839 -92.10 46.38 -98.38
N ASP F 840 -92.68 46.79 -97.26
CA ASP F 840 -94.07 46.48 -96.97
C ASP F 840 -95.04 47.33 -97.80
N PHE F 841 -94.64 48.56 -98.14
CA PHE F 841 -95.53 49.44 -98.89
C PHE F 841 -95.63 49.04 -100.36
N VAL F 842 -94.58 48.47 -100.93
CA VAL F 842 -94.64 48.01 -102.31
C VAL F 842 -95.39 46.67 -102.35
N PRO F 843 -96.43 46.54 -103.17
CA PRO F 843 -97.19 45.28 -103.21
C PRO F 843 -96.61 44.29 -104.22
N CYS F 844 -96.67 43.01 -103.84
CA CYS F 844 -96.19 41.90 -104.68
C CYS F 844 -97.35 40.93 -104.87
N PRO F 845 -98.12 41.08 -105.95
CA PRO F 845 -99.28 40.22 -106.17
C PRO F 845 -98.88 38.89 -106.81
N VAL F 846 -99.89 38.07 -107.11
CA VAL F 846 -99.71 36.79 -107.75
C VAL F 846 -100.16 36.89 -109.20
N ASP F 847 -99.34 36.39 -110.12
CA ASP F 847 -99.62 36.49 -111.55
C ASP F 847 -100.63 35.40 -111.94
N THR F 848 -101.88 35.64 -111.54
CA THR F 848 -102.95 34.68 -111.80
C THR F 848 -103.48 34.72 -113.22
N VAL F 849 -103.28 35.83 -113.94
CA VAL F 849 -103.76 35.91 -115.32
C VAL F 849 -103.00 34.94 -116.21
N GLN F 850 -101.77 34.58 -115.83
CA GLN F 850 -101.00 33.63 -116.61
C GLN F 850 -101.56 32.21 -116.50
N ILE F 851 -102.23 31.90 -115.40
CA ILE F 851 -102.75 30.56 -115.19
C ILE F 851 -103.79 30.23 -116.26
N VAL F 852 -103.65 29.06 -116.87
CA VAL F 852 -104.57 28.64 -117.92
C VAL F 852 -105.92 28.31 -117.32
N LEU F 853 -106.98 28.84 -117.93
CA LEU F 853 -108.32 28.60 -117.43
C LEU F 853 -108.71 27.13 -117.60
N PRO F 854 -109.45 26.56 -116.65
CA PRO F 854 -109.93 25.19 -116.80
C PRO F 854 -111.08 25.13 -117.77
N PRO F 855 -111.53 23.92 -118.17
CA PRO F 855 -112.71 23.82 -119.04
C PRO F 855 -114.00 24.27 -118.37
N HIS F 856 -113.89 24.80 -117.15
CA HIS F 856 -115.05 25.25 -116.38
C HIS F 856 -115.73 26.48 -116.98
N LEU F 857 -115.11 27.12 -117.99
CA LEU F 857 -115.62 28.39 -118.51
C LEU F 857 -117.07 28.28 -118.94
N GLU F 858 -117.41 27.24 -119.69
CA GLU F 858 -118.80 27.03 -120.10
C GLU F 858 -119.57 26.15 -119.12
N ARG F 859 -118.87 25.39 -118.28
CA ARG F 859 -119.53 24.50 -117.34
C ARG F 859 -120.18 25.27 -116.20
N ILE F 860 -119.36 26.02 -115.45
CA ILE F 860 -119.86 26.69 -114.24
C ILE F 860 -119.56 28.18 -114.23
N ARG F 861 -118.57 28.67 -114.97
CA ARG F 861 -118.29 30.11 -115.00
C ARG F 861 -119.49 30.89 -115.52
N GLU F 862 -120.20 30.34 -116.52
CA GLU F 862 -121.41 30.99 -117.00
C GLU F 862 -122.46 31.11 -115.90
N LYS F 863 -122.64 30.03 -115.12
CA LYS F 863 -123.59 30.09 -114.02
C LYS F 863 -123.16 31.08 -112.95
N LEU F 864 -121.87 31.17 -112.67
CA LEU F 864 -121.38 32.14 -111.70
C LEU F 864 -121.67 33.56 -112.16
N ALA F 865 -121.36 33.86 -113.43
CA ALA F 865 -121.64 35.18 -113.97
C ALA F 865 -123.13 35.47 -113.96
N GLU F 866 -123.96 34.47 -114.26
CA GLU F 866 -125.40 34.68 -114.24
C GLU F 866 -125.93 34.94 -112.84
N ASN F 867 -125.40 34.22 -111.84
CA ASN F 867 -125.78 34.51 -110.46
C ASN F 867 -125.36 35.90 -110.06
N ILE F 868 -124.20 36.36 -110.55
CA ILE F 868 -123.79 37.73 -110.30
C ILE F 868 -124.76 38.71 -110.95
N HIS F 869 -125.25 38.39 -112.15
CA HIS F 869 -126.31 39.21 -112.74
C HIS F 869 -127.55 39.21 -111.86
N GLU F 870 -127.87 38.07 -111.25
CA GLU F 870 -128.99 38.01 -110.31
C GLU F 870 -128.80 39.00 -109.15
N LEU F 871 -127.66 38.92 -108.47
CA LEU F 871 -127.39 39.85 -107.38
C LEU F 871 -127.33 41.30 -107.88
N TRP F 872 -126.82 41.51 -109.09
CA TRP F 872 -126.78 42.85 -109.68
C TRP F 872 -128.19 43.42 -109.81
N ALA F 873 -129.09 42.64 -110.42
CA ALA F 873 -130.47 43.07 -110.57
C ALA F 873 -131.11 43.29 -109.21
N LEU F 874 -130.73 42.47 -108.22
CA LEU F 874 -131.24 42.70 -106.87
C LEU F 874 -130.79 44.06 -106.34
N THR F 875 -129.54 44.43 -106.60
CA THR F 875 -129.07 45.76 -106.19
C THR F 875 -129.90 46.86 -106.84
N ARG F 876 -130.14 46.75 -108.14
CA ARG F 876 -130.93 47.78 -108.82
C ARG F 876 -132.35 47.85 -108.26
N ILE F 877 -132.98 46.70 -108.04
CA ILE F 877 -134.34 46.68 -107.51
C ILE F 877 -134.38 47.27 -106.11
N GLU F 878 -133.42 46.89 -105.26
CA GLU F 878 -133.39 47.39 -103.89
C GLU F 878 -133.19 48.90 -103.87
N GLN F 879 -132.30 49.40 -104.71
CA GLN F 879 -132.16 50.84 -104.85
C GLN F 879 -133.34 51.41 -105.63
N GLY F 880 -133.40 52.74 -105.70
CA GLY F 880 -134.42 53.38 -106.50
C GLY F 880 -134.19 53.21 -108.00
N TRP F 881 -133.26 52.32 -108.35
CA TRP F 881 -132.87 52.13 -109.75
C TRP F 881 -133.91 51.30 -110.48
N THR F 882 -134.12 51.63 -111.74
CA THR F 882 -135.08 50.94 -112.60
C THR F 882 -134.39 50.44 -113.86
N TYR F 883 -135.09 49.62 -114.62
CA TYR F 883 -134.55 49.01 -115.83
C TYR F 883 -135.08 49.78 -117.05
N GLY F 884 -134.43 50.89 -117.37
CA GLY F 884 -134.77 51.67 -118.53
C GLY F 884 -133.71 51.56 -119.61
N PRO F 885 -134.13 51.23 -120.84
CA PRO F 885 -133.14 50.94 -121.90
C PRO F 885 -132.16 52.06 -122.14
N VAL F 886 -132.61 53.32 -122.06
CA VAL F 886 -131.70 54.46 -122.19
C VAL F 886 -131.01 54.68 -120.84
N ARG F 887 -129.69 54.60 -120.84
CA ARG F 887 -128.92 54.75 -119.60
C ARG F 887 -129.08 56.17 -119.08
N ASP F 888 -129.71 56.31 -117.92
CA ASP F 888 -129.89 57.60 -117.26
C ASP F 888 -129.67 57.40 -115.77
N ASP F 889 -128.47 57.74 -115.29
CA ASP F 889 -128.16 57.59 -113.88
C ASP F 889 -129.06 58.47 -113.01
N ASN F 890 -129.33 59.70 -113.48
CA ASN F 890 -130.21 60.59 -112.73
C ASN F 890 -131.61 60.00 -112.61
N LYS F 891 -132.10 59.36 -113.67
CA LYS F 891 -133.36 58.63 -113.62
C LYS F 891 -133.18 57.20 -113.13
N ARG F 892 -131.93 56.77 -112.93
CA ARG F 892 -131.62 55.44 -112.43
C ARG F 892 -132.19 54.35 -113.34
N LEU F 893 -131.70 54.33 -114.58
CA LEU F 893 -132.15 53.38 -115.60
C LEU F 893 -131.03 52.42 -115.96
N HIS F 894 -131.36 51.12 -115.98
CA HIS F 894 -130.40 50.08 -116.33
C HIS F 894 -130.28 49.93 -117.84
N PRO F 895 -129.09 50.20 -118.41
CA PRO F 895 -128.91 50.15 -119.87
C PRO F 895 -129.49 48.92 -120.54
N CYS F 896 -129.10 47.73 -120.08
CA CYS F 896 -129.62 46.50 -120.66
C CYS F 896 -131.14 46.42 -120.52
N LEU F 897 -131.64 46.66 -119.30
CA LEU F 897 -133.07 46.70 -119.01
C LEU F 897 -133.77 45.40 -119.40
N VAL F 898 -133.11 44.27 -119.16
CA VAL F 898 -133.69 42.95 -119.44
C VAL F 898 -133.34 42.02 -118.29
N ASN F 899 -134.26 41.11 -117.96
CA ASN F 899 -134.02 40.12 -116.92
C ASN F 899 -132.70 39.38 -117.18
N PHE F 900 -132.62 38.68 -118.32
CA PHE F 900 -131.35 38.20 -118.80
C PHE F 900 -130.48 39.41 -119.15
N HIS F 901 -129.19 39.33 -118.87
CA HIS F 901 -128.35 40.51 -119.04
C HIS F 901 -128.38 41.00 -120.48
N SER F 902 -128.27 40.08 -121.44
CA SER F 902 -128.34 40.39 -122.87
C SER F 902 -127.38 41.53 -123.23
N LEU F 903 -126.27 41.60 -122.52
CA LEU F 903 -125.32 42.67 -122.66
C LEU F 903 -124.49 42.51 -123.93
N PRO F 904 -124.09 43.62 -124.56
CA PRO F 904 -123.16 43.54 -125.70
C PRO F 904 -121.90 42.77 -125.37
N GLU F 905 -121.15 42.37 -126.41
CA GLU F 905 -120.01 41.49 -126.20
C GLU F 905 -118.97 42.05 -125.22
N PRO F 906 -118.48 43.28 -125.36
CA PRO F 906 -117.52 43.78 -124.36
C PRO F 906 -118.07 43.78 -122.94
N GLU F 907 -119.39 43.94 -122.79
CA GLU F 907 -120.02 43.90 -121.48
C GLU F 907 -120.08 42.46 -120.96
N ARG F 908 -120.68 41.58 -121.77
CA ARG F 908 -120.79 40.16 -121.43
C ARG F 908 -119.41 39.54 -121.27
N ASN F 909 -118.50 39.84 -122.19
CA ASN F 909 -117.13 39.35 -122.05
C ASN F 909 -116.46 39.92 -120.81
N TYR F 910 -116.85 41.12 -120.38
CA TYR F 910 -116.30 41.66 -119.14
C TYR F 910 -116.73 40.83 -117.94
N ASN F 911 -118.02 40.54 -117.84
CA ASN F 911 -118.50 39.69 -116.74
C ASN F 911 -117.84 38.32 -116.78
N LEU F 912 -117.80 37.71 -117.98
CA LEU F 912 -117.24 36.36 -118.10
C LEU F 912 -115.74 36.35 -117.82
N GLN F 913 -115.02 37.38 -118.28
CA GLN F 913 -113.59 37.42 -118.04
C GLN F 913 -113.29 37.61 -116.56
N MET F 914 -114.10 38.38 -115.84
CA MET F 914 -113.80 38.54 -114.42
C MET F 914 -114.17 37.29 -113.61
N SER F 915 -115.24 36.59 -114.01
CA SER F 915 -115.50 35.29 -113.38
C SER F 915 -114.37 34.31 -113.66
N GLY F 916 -113.87 34.30 -114.91
CA GLY F 916 -112.71 33.48 -115.23
C GLY F 916 -111.48 33.90 -114.46
N GLU F 917 -111.34 35.19 -114.18
CA GLU F 917 -110.23 35.67 -113.36
C GLU F 917 -110.34 35.14 -111.93
N THR F 918 -111.55 35.11 -111.39
CA THR F 918 -111.75 34.49 -110.08
C THR F 918 -111.32 33.03 -110.10
N LEU F 919 -111.74 32.31 -111.15
CA LEU F 919 -111.33 30.91 -111.29
C LEU F 919 -109.81 30.78 -111.40
N LYS F 920 -109.18 31.69 -112.15
CA LYS F 920 -107.73 31.67 -112.29
C LYS F 920 -107.05 31.87 -110.94
N THR F 921 -107.55 32.80 -110.14
CA THR F 921 -106.97 33.02 -108.82
C THR F 921 -107.10 31.79 -107.94
N LEU F 922 -108.29 31.16 -107.93
CA LEU F 922 -108.45 29.95 -107.14
C LEU F 922 -107.52 28.83 -107.61
N LEU F 923 -107.36 28.69 -108.93
CA LEU F 923 -106.47 27.66 -109.46
C LEU F 923 -105.02 27.95 -109.13
N ALA F 924 -104.63 29.23 -109.20
CA ALA F 924 -103.26 29.61 -108.88
C ALA F 924 -102.94 29.34 -107.43
N LEU F 925 -103.88 29.62 -106.52
CA LEU F 925 -103.71 29.20 -105.14
C LEU F 925 -103.82 27.68 -105.05
N GLY F 926 -103.60 27.16 -103.84
CA GLY F 926 -103.63 25.71 -103.65
C GLY F 926 -104.98 25.08 -103.90
N CYS F 927 -106.04 25.88 -104.01
CA CYS F 927 -107.37 25.35 -104.23
C CYS F 927 -107.51 24.79 -105.65
N HIS F 928 -108.36 23.79 -105.80
CA HIS F 928 -108.64 23.15 -107.07
C HIS F 928 -110.13 23.26 -107.37
N VAL F 929 -110.45 23.77 -108.55
CA VAL F 929 -111.85 23.94 -108.95
C VAL F 929 -112.49 22.58 -109.22
N GLY F 930 -113.80 22.51 -109.04
CA GLY F 930 -114.52 21.27 -109.27
C GLY F 930 -116.00 21.53 -109.46
N MET F 931 -116.64 20.64 -110.22
CA MET F 931 -118.08 20.73 -110.48
C MET F 931 -118.86 19.62 -109.78
N ALA F 932 -118.23 18.86 -108.89
CA ALA F 932 -118.88 17.73 -108.22
C ALA F 932 -119.81 18.27 -107.15
N ASP F 933 -121.01 18.66 -107.58
CA ASP F 933 -122.04 19.17 -106.68
C ASP F 933 -123.06 18.11 -106.27
N GLU F 934 -122.94 16.89 -106.79
CA GLU F 934 -123.93 15.84 -106.56
C GLU F 934 -125.34 16.32 -106.97
N LYS F 935 -125.40 16.96 -108.14
CA LYS F 935 -126.65 17.50 -108.69
C LYS F 935 -127.29 18.51 -107.75
N ALA F 936 -126.45 19.35 -107.12
CA ALA F 936 -126.98 20.41 -106.26
C ALA F 936 -127.61 21.54 -107.07
N GLU F 937 -127.32 21.62 -108.36
CA GLU F 937 -127.94 22.64 -109.20
C GLU F 937 -129.45 22.44 -109.28
N ASP F 938 -129.89 21.18 -109.30
CA ASP F 938 -131.32 20.89 -109.27
C ASP F 938 -131.95 21.33 -107.95
N ASN F 939 -131.26 21.10 -106.83
CA ASN F 939 -131.81 21.48 -105.53
C ASN F 939 -131.78 22.98 -105.31
N LEU F 940 -130.87 23.70 -105.97
CA LEU F 940 -130.80 25.15 -105.84
C LEU F 940 -132.11 25.78 -106.30
N LYS F 941 -132.64 26.69 -105.46
CA LYS F 941 -133.91 27.33 -105.79
C LYS F 941 -133.76 28.29 -106.96
N LYS F 942 -132.73 29.15 -106.91
CA LYS F 942 -132.48 30.16 -107.95
C LYS F 942 -133.71 31.03 -108.18
N THR F 943 -134.40 31.38 -107.09
CA THR F 943 -135.59 32.21 -107.15
C THR F 943 -135.61 33.13 -105.94
N LYS F 944 -135.51 34.45 -106.19
CA LYS F 944 -135.62 35.41 -105.09
C LYS F 944 -137.08 35.72 -104.76
N LEU F 945 -137.97 35.62 -105.75
CA LEU F 945 -139.40 35.94 -105.66
C LEU F 945 -139.62 37.22 -104.88
N PRO F 946 -138.81 38.26 -105.13
CA PRO F 946 -139.01 39.53 -104.42
C PRO F 946 -140.34 40.19 -104.71
N LYS F 947 -140.91 39.98 -105.90
CA LYS F 947 -142.14 40.60 -106.37
C LYS F 947 -142.03 42.12 -106.46
N THR F 948 -140.82 42.66 -106.35
CA THR F 948 -140.60 44.10 -106.44
C THR F 948 -139.96 44.48 -107.79
N TYR F 949 -139.95 43.55 -108.74
CA TYR F 949 -139.37 43.80 -110.07
C TYR F 949 -140.48 44.06 -111.08
N MET F 950 -141.11 45.24 -110.98
CA MET F 950 -142.12 45.58 -111.97
C MET F 950 -141.51 45.96 -113.31
N MET F 951 -140.25 46.41 -113.32
CA MET F 951 -139.61 46.79 -114.58
C MET F 951 -139.25 45.54 -115.39
N SER F 952 -138.67 45.78 -116.58
CA SER F 952 -138.36 44.69 -117.49
C SER F 952 -137.35 43.70 -116.91
N ASN F 953 -136.46 44.17 -116.02
CA ASN F 953 -135.50 43.28 -115.38
C ASN F 953 -136.16 42.53 -114.22
N GLY F 954 -137.24 41.83 -114.56
CA GLY F 954 -138.01 41.09 -113.58
C GLY F 954 -137.43 39.71 -113.33
N TYR F 955 -138.18 38.93 -112.57
CA TYR F 955 -137.84 37.55 -112.23
C TYR F 955 -136.43 37.46 -111.65
N LYS F 956 -136.22 38.19 -110.57
CA LYS F 956 -134.92 38.21 -109.91
C LYS F 956 -134.65 36.84 -109.27
N PRO F 957 -133.54 36.19 -109.60
CA PRO F 957 -133.26 34.88 -109.00
C PRO F 957 -132.34 34.97 -107.79
N ALA F 958 -132.52 34.06 -106.84
CA ALA F 958 -131.62 33.92 -105.70
C ALA F 958 -131.56 32.47 -105.27
N PRO F 959 -130.38 31.84 -105.26
CA PRO F 959 -130.30 30.41 -104.93
C PRO F 959 -130.43 30.09 -103.45
N LEU F 960 -130.47 31.10 -102.58
CA LEU F 960 -130.45 30.88 -101.12
C LEU F 960 -129.26 30.00 -100.72
N ASP F 961 -128.10 30.32 -101.31
CA ASP F 961 -126.94 29.46 -101.15
C ASP F 961 -126.40 29.48 -99.72
N LEU F 962 -126.55 30.60 -99.00
CA LEU F 962 -126.17 30.62 -97.60
C LEU F 962 -127.01 29.65 -96.79
N SER F 963 -128.32 29.58 -97.06
CA SER F 963 -129.17 28.60 -96.41
C SER F 963 -128.78 27.18 -96.82
N HIS F 964 -128.47 26.97 -98.10
CA HIS F 964 -128.09 25.64 -98.57
C HIS F 964 -126.81 25.15 -97.89
N VAL F 965 -125.81 26.01 -97.77
CA VAL F 965 -124.54 25.63 -97.15
C VAL F 965 -123.88 26.89 -96.60
N ARG F 966 -123.24 26.74 -95.44
CA ARG F 966 -122.55 27.84 -94.80
C ARG F 966 -121.06 27.81 -95.13
N LEU F 967 -120.43 28.98 -95.12
CA LEU F 967 -119.01 29.10 -95.44
C LEU F 967 -118.17 28.60 -94.27
N THR F 968 -117.19 27.75 -94.58
CA THR F 968 -116.25 27.29 -93.57
C THR F 968 -115.22 28.38 -93.28
N PRO F 969 -114.61 28.35 -92.08
CA PRO F 969 -113.56 29.34 -91.79
C PRO F 969 -112.41 29.30 -92.79
N ALA F 970 -112.03 28.12 -93.26
CA ALA F 970 -111.02 28.02 -94.30
C ALA F 970 -111.48 28.73 -95.57
N GLN F 971 -112.75 28.57 -95.92
CA GLN F 971 -113.29 29.28 -97.08
C GLN F 971 -113.23 30.79 -96.88
N THR F 972 -113.56 31.26 -95.67
CA THR F 972 -113.51 32.70 -95.40
C THR F 972 -112.09 33.25 -95.53
N THR F 973 -111.12 32.53 -94.98
CA THR F 973 -109.73 32.93 -95.17
C THR F 973 -109.33 32.89 -96.64
N LEU F 974 -109.91 31.95 -97.41
CA LEU F 974 -109.68 31.93 -98.84
C LEU F 974 -110.20 33.20 -99.50
N VAL F 975 -111.41 33.63 -99.12
CA VAL F 975 -111.95 34.90 -99.61
C VAL F 975 -111.02 36.05 -99.28
N ASP F 976 -110.48 36.05 -98.07
CA ASP F 976 -109.52 37.09 -97.70
C ASP F 976 -108.29 37.05 -98.60
N ARG F 977 -107.81 35.85 -98.93
CA ARG F 977 -106.64 35.74 -99.81
C ARG F 977 -106.94 36.29 -101.20
N LEU F 978 -108.11 35.95 -101.78
CA LEU F 978 -108.43 36.50 -103.09
C LEU F 978 -108.57 38.03 -103.04
N ALA F 979 -109.19 38.54 -101.98
CA ALA F 979 -109.32 40.00 -101.86
C ALA F 979 -107.96 40.67 -101.77
N GLU F 980 -107.04 40.08 -100.99
CA GLU F 980 -105.69 40.62 -100.89
C GLU F 980 -104.99 40.62 -102.24
N ASN F 981 -105.12 39.52 -102.99
CA ASN F 981 -104.48 39.46 -104.30
C ASN F 981 -105.05 40.50 -105.26
N GLY F 982 -106.38 40.65 -105.28
CA GLY F 982 -106.98 41.65 -106.17
C GLY F 982 -106.54 43.05 -105.82
N HIS F 983 -106.51 43.37 -104.53
CA HIS F 983 -106.00 44.67 -104.09
C HIS F 983 -104.54 44.86 -104.49
N ASN F 984 -103.73 43.81 -104.37
CA ASN F 984 -102.32 43.93 -104.71
C ASN F 984 -102.14 44.24 -106.20
N VAL F 985 -102.90 43.55 -107.06
CA VAL F 985 -102.79 43.86 -108.49
C VAL F 985 -103.30 45.26 -108.79
N TRP F 986 -104.38 45.70 -108.14
CA TRP F 986 -104.90 47.04 -108.39
C TRP F 986 -103.84 48.08 -108.02
N ALA F 987 -103.23 47.90 -106.85
CA ALA F 987 -102.19 48.80 -106.37
C ALA F 987 -101.00 48.83 -107.32
N ARG F 988 -100.55 47.65 -107.78
CA ARG F 988 -99.46 47.61 -108.75
C ARG F 988 -99.81 48.40 -110.00
N ASP F 989 -101.06 48.28 -110.46
CA ASP F 989 -101.51 49.06 -111.61
C ASP F 989 -101.40 50.56 -111.32
N ARG F 990 -101.88 50.99 -110.16
CA ARG F 990 -101.81 52.42 -109.81
C ARG F 990 -100.36 52.89 -109.73
N VAL F 991 -99.48 52.10 -109.13
CA VAL F 991 -98.06 52.46 -109.06
C VAL F 991 -97.48 52.62 -110.46
N ALA F 992 -97.79 51.67 -111.35
CA ALA F 992 -97.36 51.78 -112.74
C ALA F 992 -97.84 53.10 -113.35
N GLN F 993 -99.08 53.49 -113.07
CA GLN F 993 -99.58 54.77 -113.59
C GLN F 993 -98.86 55.96 -112.97
N GLY F 994 -98.50 55.88 -111.70
CA GLY F 994 -97.84 56.98 -111.02
C GLY F 994 -98.62 57.58 -109.88
N TRP F 995 -99.41 56.77 -109.19
CA TRP F 995 -100.17 57.22 -108.04
C TRP F 995 -99.36 57.06 -106.76
N SER F 996 -99.70 57.88 -105.76
CA SER F 996 -99.06 57.83 -104.45
C SER F 996 -100.12 57.93 -103.35
N TYR F 997 -99.83 57.31 -102.21
CA TYR F 997 -100.75 57.33 -101.09
C TYR F 997 -100.78 58.71 -100.44
N SER F 998 -101.96 59.09 -99.96
CA SER F 998 -102.15 60.34 -99.24
C SER F 998 -103.39 60.23 -98.38
N ALA F 999 -103.31 60.74 -97.15
CA ALA F 999 -104.46 60.72 -96.25
C ALA F 999 -105.61 61.54 -96.81
N VAL F 1000 -105.32 62.57 -97.59
CA VAL F 1000 -106.33 63.41 -98.22
C VAL F 1000 -106.33 63.10 -99.72
N GLN F 1001 -107.50 62.78 -100.25
CA GLN F 1001 -107.63 62.38 -101.64
C GLN F 1001 -107.57 63.61 -102.55
N ASP F 1002 -106.76 63.51 -103.61
CA ASP F 1002 -106.65 64.57 -104.63
C ASP F 1002 -106.48 63.87 -105.98
N ILE F 1003 -107.61 63.69 -106.68
CA ILE F 1003 -107.55 63.02 -107.98
C ILE F 1003 -106.69 63.77 -108.99
N PRO F 1004 -106.79 65.11 -109.13
CA PRO F 1004 -105.85 65.80 -110.03
C PRO F 1004 -104.40 65.59 -109.67
N ALA F 1005 -104.08 65.40 -108.38
CA ALA F 1005 -102.71 65.19 -107.93
C ALA F 1005 -102.30 63.72 -107.94
N ARG F 1006 -103.15 62.83 -108.47
CA ARG F 1006 -102.88 61.40 -108.50
C ARG F 1006 -102.62 60.83 -107.11
N ARG F 1007 -103.46 61.23 -106.15
CA ARG F 1007 -103.35 60.80 -104.76
C ARG F 1007 -104.68 60.26 -104.29
N ASN F 1008 -104.64 59.13 -103.59
CA ASN F 1008 -105.83 58.49 -103.05
C ASN F 1008 -105.50 57.92 -101.67
N PRO F 1009 -106.51 57.77 -100.80
CA PRO F 1009 -106.25 57.24 -99.45
C PRO F 1009 -106.33 55.73 -99.35
N ARG F 1010 -106.34 55.04 -100.50
CA ARG F 1010 -106.51 53.59 -100.51
C ARG F 1010 -105.40 52.84 -101.22
N LEU F 1011 -104.40 53.53 -101.77
CA LEU F 1011 -103.30 52.87 -102.45
C LEU F 1011 -102.46 52.00 -101.53
N VAL F 1012 -102.61 52.16 -100.21
CA VAL F 1012 -101.86 51.33 -99.26
C VAL F 1012 -102.28 49.87 -99.45
N PRO F 1013 -101.34 48.93 -99.43
CA PRO F 1013 -101.68 47.52 -99.68
C PRO F 1013 -102.70 46.98 -98.67
N TYR F 1014 -103.12 45.75 -98.94
CA TYR F 1014 -104.30 45.20 -98.26
C TYR F 1014 -104.06 44.98 -96.77
N ARG F 1015 -102.85 44.56 -96.38
CA ARG F 1015 -102.63 44.20 -94.98
C ARG F 1015 -102.77 45.40 -94.05
N LEU F 1016 -102.52 46.60 -94.54
CA LEU F 1016 -102.68 47.82 -93.75
C LEU F 1016 -103.98 48.54 -94.05
N LEU F 1017 -104.92 47.89 -94.73
CA LEU F 1017 -106.21 48.49 -95.04
C LEU F 1017 -107.07 48.66 -93.79
N ASP F 1018 -108.11 49.47 -93.95
CA ASP F 1018 -109.16 49.57 -92.95
C ASP F 1018 -110.19 48.47 -93.16
N GLU F 1019 -110.84 48.07 -92.05
CA GLU F 1019 -111.79 46.97 -92.09
C GLU F 1019 -113.00 47.30 -92.96
N ALA F 1020 -113.38 48.58 -93.06
CA ALA F 1020 -114.51 48.96 -93.90
C ALA F 1020 -114.22 48.66 -95.37
N THR F 1021 -113.05 49.09 -95.85
CA THR F 1021 -112.67 48.80 -97.22
C THR F 1021 -112.45 47.32 -97.43
N LYS F 1022 -111.91 46.62 -96.43
CA LYS F 1022 -111.76 45.17 -96.53
C LYS F 1022 -113.10 44.48 -96.74
N ARG F 1023 -114.11 44.87 -95.95
CA ARG F 1023 -115.44 44.29 -96.10
C ARG F 1023 -116.06 44.66 -97.44
N SER F 1024 -115.86 45.90 -97.88
CA SER F 1024 -116.41 46.33 -99.17
C SER F 1024 -115.81 45.54 -100.33
N ASN F 1025 -114.52 45.21 -100.21
CA ASN F 1025 -113.87 44.38 -101.23
C ASN F 1025 -114.13 42.89 -101.04
N ARG F 1026 -114.62 42.48 -99.87
CA ARG F 1026 -114.80 41.07 -99.56
C ARG F 1026 -116.22 40.56 -99.78
N ASP F 1027 -117.22 41.45 -99.76
CA ASP F 1027 -118.61 40.99 -99.83
C ASP F 1027 -118.90 40.25 -101.13
N SER F 1028 -118.51 40.81 -102.27
CA SER F 1028 -118.77 40.18 -103.56
C SER F 1028 -118.06 38.84 -103.67
N LEU F 1029 -116.81 38.77 -103.22
CA LEU F 1029 -116.10 37.50 -103.25
C LEU F 1029 -116.73 36.48 -102.32
N CYS F 1030 -117.28 36.91 -101.20
CA CYS F 1030 -118.01 36.00 -100.32
C CYS F 1030 -119.24 35.43 -101.01
N GLN F 1031 -119.99 36.28 -101.72
CA GLN F 1031 -121.14 35.79 -102.47
C GLN F 1031 -120.70 34.82 -103.56
N ALA F 1032 -119.57 35.11 -104.23
CA ALA F 1032 -119.05 34.21 -105.24
C ALA F 1032 -118.67 32.86 -104.64
N VAL F 1033 -118.06 32.87 -103.46
CA VAL F 1033 -117.70 31.62 -102.78
C VAL F 1033 -118.95 30.86 -102.36
N ARG F 1034 -120.00 31.56 -101.96
CA ARG F 1034 -121.27 30.90 -101.69
C ARG F 1034 -121.79 30.21 -102.95
N THR F 1035 -121.70 30.88 -104.10
CA THR F 1035 -122.11 30.26 -105.35
C THR F 1035 -121.26 29.04 -105.67
N LEU F 1036 -119.95 29.12 -105.40
CA LEU F 1036 -119.09 27.95 -105.60
C LEU F 1036 -119.51 26.78 -104.72
N LEU F 1037 -119.85 27.06 -103.45
CA LEU F 1037 -120.33 26.00 -102.57
C LEU F 1037 -121.63 25.41 -103.09
N GLY F 1038 -122.53 26.25 -103.61
CA GLY F 1038 -123.77 25.74 -104.17
C GLY F 1038 -123.55 24.87 -105.38
N TYR F 1039 -122.58 25.23 -106.22
CA TYR F 1039 -122.25 24.43 -107.39
C TYR F 1039 -121.20 23.37 -107.11
N GLY F 1040 -120.87 23.14 -105.84
CA GLY F 1040 -120.03 22.03 -105.46
C GLY F 1040 -118.57 22.16 -105.84
N TYR F 1041 -117.88 23.11 -105.21
CA TYR F 1041 -116.46 23.32 -105.40
C TYR F 1041 -115.67 22.63 -104.30
N ASN F 1042 -114.71 21.80 -104.69
CA ASN F 1042 -113.83 21.11 -103.75
C ASN F 1042 -112.59 21.92 -103.41
N ILE F 1043 -112.68 23.25 -103.50
CA ILE F 1043 -111.51 24.10 -103.26
C ILE F 1043 -111.07 23.98 -101.81
N GLU F 1044 -109.76 23.80 -101.61
CA GLU F 1044 -109.17 23.68 -100.29
C GLU F 1044 -108.01 24.66 -100.20
N PRO F 1045 -108.00 25.57 -99.23
CA PRO F 1045 -106.91 26.54 -99.11
C PRO F 1045 -105.58 25.83 -98.89
N PRO F 1046 -104.49 26.34 -99.48
CA PRO F 1046 -103.16 25.75 -99.35
C PRO F 1046 -102.61 25.89 -97.93
N ASN F 1055 -80.37 35.64 -85.95
CA ASN F 1055 -79.17 36.13 -85.27
C ASN F 1055 -79.35 37.59 -84.89
N GLN F 1056 -78.99 38.49 -85.82
CA GLN F 1056 -79.14 39.92 -85.57
C GLN F 1056 -80.61 40.27 -85.32
N SER F 1057 -81.51 39.72 -86.14
CA SER F 1057 -82.93 39.89 -85.88
C SER F 1057 -83.34 39.23 -84.58
N ARG F 1058 -82.75 38.07 -84.28
CA ARG F 1058 -83.11 37.35 -83.05
C ARG F 1058 -82.82 38.18 -81.81
N TRP F 1059 -81.69 38.89 -81.80
CA TRP F 1059 -81.40 39.78 -80.67
C TRP F 1059 -82.42 40.91 -80.53
N ASP F 1060 -83.14 41.23 -81.60
CA ASP F 1060 -84.13 42.30 -81.57
C ASP F 1060 -85.52 41.81 -81.18
N ARG F 1061 -85.66 40.56 -80.76
CA ARG F 1061 -86.92 40.03 -80.27
C ARG F 1061 -86.95 39.74 -78.79
N VAL F 1062 -85.80 39.56 -78.15
CA VAL F 1062 -85.72 39.15 -76.75
C VAL F 1062 -84.97 40.22 -75.97
N ARG F 1063 -85.59 40.70 -74.89
CA ARG F 1063 -84.97 41.64 -73.97
C ARG F 1063 -85.04 41.07 -72.56
N ILE F 1064 -83.89 41.02 -71.89
CA ILE F 1064 -83.76 40.38 -70.59
C ILE F 1064 -83.61 41.47 -69.53
N PHE F 1065 -84.36 41.34 -68.43
CA PHE F 1065 -84.32 42.27 -67.31
C PHE F 1065 -84.04 41.48 -66.04
N ARG F 1066 -82.77 41.42 -65.64
CA ARG F 1066 -82.38 40.77 -64.41
C ARG F 1066 -82.00 41.81 -63.36
N ALA F 1067 -81.78 41.34 -62.14
CA ALA F 1067 -81.28 42.20 -61.08
C ALA F 1067 -79.75 42.28 -61.14
N GLU F 1068 -79.20 43.20 -60.36
CA GLU F 1068 -77.75 43.35 -60.31
C GLU F 1068 -77.12 42.16 -59.60
N LYS F 1069 -75.86 41.89 -59.95
CA LYS F 1069 -75.16 40.74 -59.40
C LYS F 1069 -74.81 40.90 -57.92
N SER F 1070 -75.02 42.09 -57.35
CA SER F 1070 -74.78 42.31 -55.93
C SER F 1070 -75.99 41.94 -55.07
N TYR F 1071 -77.09 41.50 -55.68
CA TYR F 1071 -78.29 41.12 -54.95
C TYR F 1071 -78.50 39.60 -54.93
N THR F 1072 -77.45 38.83 -55.20
CA THR F 1072 -77.59 37.38 -55.23
C THR F 1072 -77.90 36.83 -53.85
N VAL F 1073 -78.82 35.87 -53.80
CA VAL F 1073 -79.25 35.24 -52.55
C VAL F 1073 -78.86 33.77 -52.61
N GLN F 1074 -78.19 33.29 -51.57
CA GLN F 1074 -77.74 31.91 -51.50
C GLN F 1074 -78.42 31.12 -50.39
N SER F 1075 -79.39 31.71 -49.69
CA SER F 1075 -80.10 31.03 -48.62
C SER F 1075 -81.45 31.70 -48.41
N GLY F 1076 -82.37 30.93 -47.85
CA GLY F 1076 -83.66 31.47 -47.43
C GLY F 1076 -84.78 31.20 -48.42
N ARG F 1077 -85.90 31.85 -48.13
CA ARG F 1077 -87.13 31.71 -48.91
C ARG F 1077 -87.46 33.06 -49.51
N TRP F 1078 -87.62 33.11 -50.84
CA TRP F 1078 -87.81 34.38 -51.53
C TRP F 1078 -89.01 34.30 -52.47
N TYR F 1079 -89.58 35.47 -52.75
CA TYR F 1079 -90.81 35.58 -53.52
C TYR F 1079 -90.82 36.89 -54.31
N PHE F 1080 -91.29 36.82 -55.55
CA PHE F 1080 -91.48 38.04 -56.34
C PHE F 1080 -92.54 37.80 -57.41
N GLU F 1081 -93.26 38.86 -57.76
CA GLU F 1081 -94.43 38.75 -58.62
C GLU F 1081 -94.19 39.41 -59.98
N PHE F 1082 -94.91 38.92 -60.98
CA PHE F 1082 -94.82 39.42 -62.34
C PHE F 1082 -96.20 39.43 -62.95
N GLU F 1083 -96.70 40.61 -63.31
CA GLU F 1083 -98.02 40.77 -63.89
C GLU F 1083 -97.91 40.86 -65.41
N ALA F 1084 -98.73 40.08 -66.11
CA ALA F 1084 -98.71 40.01 -67.57
C ALA F 1084 -99.75 40.97 -68.11
N VAL F 1085 -99.33 42.20 -68.43
CA VAL F 1085 -100.24 43.15 -69.06
C VAL F 1085 -100.56 42.71 -70.48
N THR F 1086 -99.55 42.29 -71.23
CA THR F 1086 -99.72 41.75 -72.57
C THR F 1086 -99.34 40.28 -72.56
N THR F 1087 -100.24 39.42 -73.03
CA THR F 1087 -100.05 37.98 -72.97
C THR F 1087 -99.25 37.50 -74.18
N GLY F 1088 -98.15 36.79 -73.91
CA GLY F 1088 -97.39 36.16 -74.98
C GLY F 1088 -95.90 36.38 -74.94
N GLU F 1089 -95.14 35.29 -75.14
CA GLU F 1089 -93.69 35.34 -75.32
C GLU F 1089 -92.98 36.02 -74.15
N MET F 1090 -93.39 35.67 -72.93
CA MET F 1090 -92.79 36.23 -71.72
C MET F 1090 -92.41 35.10 -70.78
N ARG F 1091 -91.17 35.12 -70.32
CA ARG F 1091 -90.63 34.09 -69.43
C ARG F 1091 -90.10 34.74 -68.15
N VAL F 1092 -90.45 34.18 -67.01
CA VAL F 1092 -90.10 34.76 -65.71
C VAL F 1092 -89.53 33.66 -64.82
N GLY F 1093 -88.52 33.99 -64.03
CA GLY F 1093 -87.98 32.99 -63.12
C GLY F 1093 -86.73 33.45 -62.41
N TRP F 1094 -85.91 32.47 -62.01
CA TRP F 1094 -84.67 32.72 -61.30
C TRP F 1094 -83.51 32.23 -62.16
N ALA F 1095 -82.44 33.02 -62.21
CA ALA F 1095 -81.29 32.69 -63.03
C ALA F 1095 -80.00 32.92 -62.26
N ARG F 1096 -78.95 32.21 -62.67
CA ARG F 1096 -77.64 32.38 -62.05
C ARG F 1096 -76.98 33.67 -62.54
N PRO F 1097 -76.05 34.22 -61.76
CA PRO F 1097 -75.44 35.51 -62.14
C PRO F 1097 -74.70 35.47 -63.46
N GLU F 1098 -74.23 34.31 -63.90
CA GLU F 1098 -73.48 34.19 -65.14
C GLU F 1098 -74.41 34.11 -66.38
N LEU F 1099 -75.67 34.50 -66.20
CA LEU F 1099 -76.64 34.48 -67.29
C LEU F 1099 -76.15 35.33 -68.46
N ARG F 1100 -75.90 34.68 -69.59
CA ARG F 1100 -75.45 35.40 -70.78
C ARG F 1100 -76.61 36.21 -71.38
N PRO F 1101 -76.32 37.33 -72.03
CA PRO F 1101 -77.37 38.13 -72.66
C PRO F 1101 -77.76 37.70 -74.06
N ASP F 1102 -77.09 36.71 -74.64
CA ASP F 1102 -77.39 36.22 -75.98
C ASP F 1102 -78.31 35.00 -75.96
N VAL F 1103 -77.96 33.97 -75.20
CA VAL F 1103 -78.75 32.75 -75.18
C VAL F 1103 -80.11 33.02 -74.57
N GLU F 1104 -81.15 32.43 -75.17
CA GLU F 1104 -82.50 32.60 -74.66
C GLU F 1104 -82.64 31.98 -73.28
N LEU F 1105 -83.57 32.52 -72.49
CA LEU F 1105 -83.79 32.04 -71.14
C LEU F 1105 -84.35 30.62 -71.18
N GLY F 1106 -83.73 29.73 -70.39
CA GLY F 1106 -84.15 28.35 -70.32
C GLY F 1106 -83.46 27.41 -71.28
N ALA F 1107 -82.83 27.94 -72.34
CA ALA F 1107 -82.07 27.09 -73.25
C ALA F 1107 -80.84 26.53 -72.57
N ASP F 1108 -80.21 27.33 -71.71
CA ASP F 1108 -79.06 26.90 -70.92
C ASP F 1108 -79.50 26.61 -69.49
N GLU F 1109 -78.68 25.82 -68.79
CA GLU F 1109 -79.01 25.43 -67.43
C GLU F 1109 -78.97 26.59 -66.45
N LEU F 1110 -78.44 27.74 -66.84
CA LEU F 1110 -78.31 28.87 -65.92
C LEU F 1110 -79.66 29.44 -65.52
N ALA F 1111 -80.67 29.34 -66.38
CA ALA F 1111 -81.95 29.99 -66.19
C ALA F 1111 -83.04 28.96 -65.92
N TYR F 1112 -83.64 29.03 -64.73
CA TYR F 1112 -84.76 28.16 -64.36
C TYR F 1112 -86.10 28.88 -64.56
N VAL F 1113 -86.35 29.28 -65.80
CA VAL F 1113 -87.48 30.16 -66.09
C VAL F 1113 -88.75 29.36 -66.35
N PHE F 1114 -89.89 30.06 -66.34
CA PHE F 1114 -91.18 29.49 -66.72
C PHE F 1114 -91.82 30.42 -67.75
N ASN F 1115 -92.31 29.84 -68.84
CA ASN F 1115 -93.06 30.54 -69.87
C ASN F 1115 -94.53 30.30 -69.64
N GLY F 1116 -95.24 31.34 -69.19
CA GLY F 1116 -96.67 31.25 -68.97
C GLY F 1116 -97.52 31.40 -70.20
N HIS F 1117 -96.94 31.89 -71.31
CA HIS F 1117 -97.69 31.95 -72.56
C HIS F 1117 -98.04 30.56 -73.06
N ARG F 1118 -97.09 29.63 -72.98
CA ARG F 1118 -97.31 28.26 -73.40
C ARG F 1118 -97.45 27.29 -72.23
N GLY F 1119 -97.28 27.76 -71.00
CA GLY F 1119 -97.37 26.89 -69.84
C GLY F 1119 -96.28 25.83 -69.80
N GLN F 1120 -95.03 26.24 -70.02
CA GLN F 1120 -93.91 25.30 -70.05
C GLN F 1120 -92.76 25.86 -69.23
N ARG F 1121 -92.15 25.01 -68.41
CA ARG F 1121 -91.01 25.40 -67.59
C ARG F 1121 -89.71 25.02 -68.29
N TRP F 1122 -88.82 26.00 -68.44
CA TRP F 1122 -87.55 25.82 -69.14
C TRP F 1122 -86.41 25.95 -68.15
N HIS F 1123 -85.75 24.83 -67.86
CA HIS F 1123 -84.48 24.83 -67.16
C HIS F 1123 -83.33 24.48 -68.08
N LEU F 1124 -83.47 23.41 -68.86
CA LEU F 1124 -82.55 23.09 -69.95
C LEU F 1124 -83.27 22.74 -71.24
N GLY F 1125 -84.53 22.31 -71.18
CA GLY F 1125 -85.31 22.03 -72.37
C GLY F 1125 -86.78 22.26 -72.11
N SER F 1126 -87.57 22.20 -73.18
CA SER F 1126 -89.00 22.45 -73.07
C SER F 1126 -89.69 21.34 -72.30
N GLU F 1127 -90.60 21.72 -71.40
CA GLU F 1127 -91.39 20.76 -70.64
C GLU F 1127 -92.68 21.41 -70.17
N PRO F 1128 -93.85 20.89 -70.60
CA PRO F 1128 -95.12 21.50 -70.18
C PRO F 1128 -95.30 21.49 -68.67
N PHE F 1129 -95.91 22.56 -68.15
CA PHE F 1129 -96.14 22.69 -66.72
C PHE F 1129 -97.20 23.76 -66.49
N GLY F 1130 -98.28 23.39 -65.81
CA GLY F 1130 -99.31 24.36 -65.48
C GLY F 1130 -100.20 24.70 -66.66
N ARG F 1131 -100.81 25.87 -66.58
CA ARG F 1131 -101.75 26.36 -67.57
C ARG F 1131 -101.29 27.72 -68.10
N PRO F 1132 -101.66 28.05 -69.33
CA PRO F 1132 -101.31 29.38 -69.85
C PRO F 1132 -102.05 30.49 -69.11
N TRP F 1133 -101.39 31.65 -69.03
CA TRP F 1133 -102.00 32.79 -68.35
C TRP F 1133 -102.90 33.56 -69.30
N GLN F 1134 -103.63 34.53 -68.74
CA GLN F 1134 -104.47 35.44 -69.49
C GLN F 1134 -103.97 36.87 -69.26
N SER F 1135 -104.71 37.83 -69.79
CA SER F 1135 -104.34 39.24 -69.63
C SER F 1135 -104.56 39.66 -68.18
N GLY F 1136 -103.55 40.34 -67.62
CA GLY F 1136 -103.62 40.80 -66.25
C GLY F 1136 -103.32 39.76 -65.19
N ASP F 1137 -102.96 38.54 -65.58
CA ASP F 1137 -102.65 37.50 -64.62
C ASP F 1137 -101.30 37.78 -63.96
N VAL F 1138 -101.22 37.49 -62.65
CA VAL F 1138 -100.02 37.70 -61.88
C VAL F 1138 -99.43 36.33 -61.54
N VAL F 1139 -98.17 36.12 -61.89
CA VAL F 1139 -97.46 34.89 -61.57
C VAL F 1139 -96.44 35.21 -60.48
N GLY F 1140 -96.52 34.46 -59.38
CA GLY F 1140 -95.60 34.60 -58.28
C GLY F 1140 -94.57 33.50 -58.31
N CYS F 1141 -93.30 33.90 -58.34
CA CYS F 1141 -92.18 32.97 -58.33
C CYS F 1141 -91.63 32.92 -56.91
N MET F 1142 -91.56 31.73 -56.34
CA MET F 1142 -91.03 31.50 -55.00
C MET F 1142 -89.87 30.52 -55.10
N ILE F 1143 -88.79 30.81 -54.37
CA ILE F 1143 -87.60 29.98 -54.40
C ILE F 1143 -87.24 29.59 -52.97
N ASP F 1144 -86.97 28.30 -52.78
CA ASP F 1144 -86.53 27.72 -51.52
C ASP F 1144 -85.06 27.36 -51.72
N LEU F 1145 -84.16 28.20 -51.18
CA LEU F 1145 -82.74 27.94 -51.34
C LEU F 1145 -82.30 26.78 -50.44
N THR F 1146 -82.89 26.67 -49.25
CA THR F 1146 -82.55 25.57 -48.36
C THR F 1146 -83.15 24.25 -48.83
N GLU F 1147 -84.39 24.29 -49.32
CA GLU F 1147 -85.05 23.10 -49.85
C GLU F 1147 -84.73 22.85 -51.32
N ASN F 1148 -83.97 23.75 -51.96
CA ASN F 1148 -83.49 23.56 -53.33
C ASN F 1148 -84.65 23.37 -54.31
N THR F 1149 -85.65 24.25 -54.23
CA THR F 1149 -86.83 24.12 -55.07
C THR F 1149 -87.26 25.48 -55.59
N ILE F 1150 -88.02 25.44 -56.69
CA ILE F 1150 -88.64 26.63 -57.28
C ILE F 1150 -90.10 26.32 -57.57
N ILE F 1151 -91.00 27.18 -57.08
CA ILE F 1151 -92.44 26.99 -57.25
C ILE F 1151 -93.01 28.21 -57.97
N PHE F 1152 -93.88 27.97 -58.94
CA PHE F 1152 -94.55 29.01 -59.69
C PHE F 1152 -96.05 28.94 -59.40
N THR F 1153 -96.65 30.07 -59.02
CA THR F 1153 -98.07 30.14 -58.73
C THR F 1153 -98.73 31.14 -59.67
N LEU F 1154 -99.94 30.82 -60.12
CA LEU F 1154 -100.68 31.68 -61.03
C LEU F 1154 -101.95 32.15 -60.32
N ASN F 1155 -102.02 33.44 -60.02
CA ASN F 1155 -103.18 34.06 -59.38
C ASN F 1155 -103.53 33.35 -58.08
N GLY F 1156 -102.51 32.97 -57.32
CA GLY F 1156 -102.67 32.29 -56.05
C GLY F 1156 -102.68 30.78 -56.15
N GLU F 1157 -103.22 30.22 -57.24
CA GLU F 1157 -103.25 28.78 -57.41
C GLU F 1157 -101.87 28.27 -57.81
N VAL F 1158 -101.39 27.24 -57.11
CA VAL F 1158 -100.09 26.65 -57.41
C VAL F 1158 -100.21 25.81 -58.67
N LEU F 1159 -99.33 26.07 -59.64
CA LEU F 1159 -99.37 25.34 -60.90
C LEU F 1159 -98.81 23.93 -60.72
N MET F 1160 -99.48 22.96 -61.33
CA MET F 1160 -99.09 21.56 -61.26
C MET F 1160 -98.40 21.14 -62.55
N SER F 1161 -97.59 20.09 -62.45
CA SER F 1161 -96.90 19.51 -63.60
C SER F 1161 -97.76 18.40 -64.19
N ASP F 1162 -97.22 17.75 -65.23
CA ASP F 1162 -97.92 16.62 -65.83
C ASP F 1162 -98.06 15.47 -64.84
N SER F 1163 -97.02 15.20 -64.06
CA SER F 1163 -97.07 14.15 -63.05
C SER F 1163 -97.79 14.58 -61.79
N GLY F 1164 -98.09 15.87 -61.64
CA GLY F 1164 -98.79 16.37 -60.48
C GLY F 1164 -97.92 17.01 -59.42
N SER F 1165 -96.62 17.17 -59.67
CA SER F 1165 -95.73 17.77 -58.69
C SER F 1165 -96.01 19.26 -58.55
N GLU F 1166 -96.13 19.72 -57.30
CA GLU F 1166 -96.37 21.14 -57.06
C GLU F 1166 -95.15 21.98 -57.46
N THR F 1167 -93.96 21.54 -57.11
CA THR F 1167 -92.75 22.28 -57.42
C THR F 1167 -92.38 22.10 -58.89
N ALA F 1168 -92.12 23.22 -59.58
CA ALA F 1168 -91.70 23.15 -60.97
C ALA F 1168 -90.35 22.46 -61.10
N PHE F 1169 -89.41 22.79 -60.22
CA PHE F 1169 -88.09 22.18 -60.20
C PHE F 1169 -87.76 21.74 -58.78
N ARG F 1170 -86.66 21.01 -58.65
CA ARG F 1170 -86.22 20.50 -57.35
C ARG F 1170 -84.73 20.20 -57.42
N GLU F 1171 -84.16 19.79 -56.28
CA GLU F 1171 -82.76 19.38 -56.13
C GLU F 1171 -81.77 20.38 -56.74
N ILE F 1172 -82.19 21.63 -56.90
CA ILE F 1172 -81.34 22.62 -57.55
C ILE F 1172 -80.18 22.98 -56.64
N GLU F 1173 -78.97 22.92 -57.18
CA GLU F 1173 -77.79 23.30 -56.42
C GLU F 1173 -77.79 24.81 -56.17
N ILE F 1174 -77.33 25.20 -54.98
CA ILE F 1174 -77.26 26.62 -54.63
C ILE F 1174 -76.19 27.31 -55.47
N GLY F 1175 -74.95 26.85 -55.35
CA GLY F 1175 -73.88 27.41 -56.17
C GLY F 1175 -73.64 28.88 -55.88
N ASP F 1176 -73.51 29.66 -56.96
CA ASP F 1176 -73.19 31.08 -56.82
C ASP F 1176 -74.34 31.87 -56.23
N GLY F 1177 -75.57 31.52 -56.58
CA GLY F 1177 -76.74 32.22 -56.09
C GLY F 1177 -77.80 32.29 -57.17
N PHE F 1178 -78.84 33.09 -56.89
CA PHE F 1178 -79.96 33.22 -57.80
C PHE F 1178 -80.43 34.67 -57.83
N LEU F 1179 -80.95 35.09 -58.97
CA LEU F 1179 -81.43 36.45 -59.19
C LEU F 1179 -82.75 36.39 -59.96
N PRO F 1180 -83.70 37.26 -59.63
CA PRO F 1180 -84.93 37.35 -60.44
C PRO F 1180 -84.59 37.77 -61.86
N VAL F 1181 -85.36 37.24 -62.81
CA VAL F 1181 -85.11 37.51 -64.22
C VAL F 1181 -86.43 37.40 -64.98
N CYS F 1182 -86.59 38.26 -65.98
CA CYS F 1182 -87.76 38.24 -66.85
C CYS F 1182 -87.33 38.64 -68.26
N SER F 1183 -87.89 37.95 -69.25
CA SER F 1183 -87.62 38.20 -70.66
C SER F 1183 -88.95 38.37 -71.39
N LEU F 1184 -89.00 39.36 -72.28
CA LEU F 1184 -90.21 39.72 -72.99
C LEU F 1184 -89.93 39.74 -74.48
N GLY F 1185 -90.91 39.32 -75.28
CA GLY F 1185 -90.78 39.31 -76.71
C GLY F 1185 -91.14 40.65 -77.33
N PRO F 1186 -91.24 40.69 -78.66
CA PRO F 1186 -91.59 41.94 -79.33
C PRO F 1186 -93.05 42.31 -79.08
N GLY F 1187 -93.27 43.58 -78.72
CA GLY F 1187 -94.61 44.08 -78.49
C GLY F 1187 -95.26 43.61 -77.21
N GLN F 1188 -94.50 43.04 -76.29
CA GLN F 1188 -95.03 42.51 -75.03
C GLN F 1188 -94.58 43.40 -73.88
N VAL F 1189 -95.52 43.75 -73.01
CA VAL F 1189 -95.25 44.58 -71.84
C VAL F 1189 -95.62 43.78 -70.59
N GLY F 1190 -94.95 44.09 -69.48
CA GLY F 1190 -95.24 43.39 -68.25
C GLY F 1190 -94.71 44.16 -67.05
N HIS F 1191 -95.37 43.98 -65.92
CA HIS F 1191 -95.00 44.66 -64.68
C HIS F 1191 -94.23 43.69 -63.79
N LEU F 1192 -93.14 44.16 -63.21
CA LEU F 1192 -92.31 43.35 -62.31
C LEU F 1192 -92.35 43.97 -60.92
N ASN F 1193 -92.76 43.20 -59.93
CA ASN F 1193 -92.81 43.65 -58.55
C ASN F 1193 -91.93 42.71 -57.73
N LEU F 1194 -90.70 43.14 -57.44
CA LEU F 1194 -89.79 42.32 -56.65
C LEU F 1194 -90.27 42.15 -55.22
N GLY F 1195 -91.07 43.08 -54.72
CA GLY F 1195 -91.56 43.00 -53.35
C GLY F 1195 -90.99 44.07 -52.45
N GLN F 1196 -90.77 45.26 -53.01
CA GLN F 1196 -90.25 46.37 -52.21
C GLN F 1196 -91.23 46.77 -51.11
N ASP F 1197 -92.53 46.63 -51.37
CA ASP F 1197 -93.55 46.92 -50.36
C ASP F 1197 -94.64 45.87 -50.44
N VAL F 1198 -94.96 45.28 -49.28
CA VAL F 1198 -95.98 44.25 -49.22
C VAL F 1198 -97.35 44.81 -49.59
N SER F 1199 -97.55 46.12 -49.40
CA SER F 1199 -98.82 46.73 -49.77
C SER F 1199 -99.06 46.62 -51.28
N SER F 1200 -98.03 46.92 -52.08
CA SER F 1200 -98.12 46.74 -53.52
C SER F 1200 -97.98 45.28 -53.93
N LEU F 1201 -97.38 44.44 -53.09
CA LEU F 1201 -97.28 43.02 -53.40
C LEU F 1201 -98.64 42.36 -53.27
N ARG F 1202 -99.11 41.76 -54.36
CA ARG F 1202 -100.40 41.09 -54.39
C ARG F 1202 -100.24 39.58 -54.30
N PHE F 1203 -101.29 38.92 -53.81
CA PHE F 1203 -101.34 37.46 -53.66
C PHE F 1203 -100.21 36.93 -52.80
N PHE F 1204 -99.56 37.80 -52.02
CA PHE F 1204 -98.49 37.35 -51.14
C PHE F 1204 -99.04 36.50 -50.00
N ALA F 1205 -100.10 36.98 -49.34
CA ALA F 1205 -100.67 36.27 -48.20
C ALA F 1205 -101.31 34.94 -48.60
N ILE F 1206 -101.55 34.71 -49.88
CA ILE F 1206 -102.15 33.44 -50.32
C ILE F 1206 -101.16 32.30 -50.16
N CYS F 1207 -99.99 32.42 -50.78
CA CYS F 1207 -98.99 31.36 -50.74
C CYS F 1207 -97.66 31.83 -50.16
N GLY F 1208 -97.16 32.98 -50.59
CA GLY F 1208 -95.80 33.37 -50.20
C GLY F 1208 -95.66 33.63 -48.71
N LEU F 1209 -96.62 34.34 -48.11
CA LEU F 1209 -96.54 34.64 -46.69
C LEU F 1209 -96.77 33.40 -45.84
N GLN F 1210 -97.61 32.48 -46.31
CA GLN F 1210 -97.99 31.32 -45.50
C GLN F 1210 -96.81 30.39 -45.27
N GLU F 1211 -96.12 30.01 -46.34
CA GLU F 1211 -94.98 29.12 -46.19
C GLU F 1211 -93.82 29.80 -45.47
N GLY F 1212 -93.56 31.07 -45.78
CA GLY F 1212 -92.47 31.79 -45.16
C GLY F 1212 -91.54 32.43 -46.19
N PHE F 1213 -92.03 32.56 -47.42
CA PHE F 1213 -91.24 33.17 -48.49
C PHE F 1213 -91.17 34.68 -48.25
N GLU F 1214 -90.02 35.13 -47.76
CA GLU F 1214 -89.80 36.56 -47.60
C GLU F 1214 -89.79 37.24 -48.97
N PRO F 1215 -90.53 38.32 -49.16
CA PRO F 1215 -90.49 39.01 -50.46
C PRO F 1215 -89.09 39.50 -50.76
N PHE F 1216 -88.70 39.37 -52.03
CA PHE F 1216 -87.37 39.78 -52.44
C PHE F 1216 -87.22 41.29 -52.31
N ALA F 1217 -86.15 41.72 -51.66
CA ALA F 1217 -85.82 43.14 -51.49
C ALA F 1217 -86.94 43.88 -50.75
N ILE F 1218 -87.21 43.43 -49.53
CA ILE F 1218 -88.25 44.04 -48.71
C ILE F 1218 -87.71 45.13 -47.79
N ASN F 1219 -86.58 44.86 -47.13
CA ASN F 1219 -86.07 45.78 -46.12
C ASN F 1219 -85.18 46.88 -46.69
N MET F 1220 -84.65 46.70 -47.90
CA MET F 1220 -83.77 47.72 -48.45
C MET F 1220 -84.55 48.98 -48.79
N GLN F 1221 -83.97 50.14 -48.43
CA GLN F 1221 -84.66 51.41 -48.65
C GLN F 1221 -84.68 51.80 -50.12
N ARG F 1222 -83.55 51.64 -50.81
CA ARG F 1222 -83.50 52.06 -52.20
C ARG F 1222 -84.04 50.96 -53.12
N PRO F 1223 -84.64 51.35 -54.25
CA PRO F 1223 -85.13 50.34 -55.20
C PRO F 1223 -83.99 49.56 -55.82
N VAL F 1224 -84.30 48.33 -56.23
CA VAL F 1224 -83.28 47.45 -56.82
C VAL F 1224 -82.89 47.99 -58.20
N THR F 1225 -81.58 48.11 -58.41
CA THR F 1225 -81.06 48.54 -59.71
C THR F 1225 -80.99 47.32 -60.62
N THR F 1226 -81.81 47.33 -61.67
CA THR F 1226 -81.90 46.22 -62.59
C THR F 1226 -81.01 46.46 -63.82
N TRP F 1227 -80.58 45.37 -64.44
CA TRP F 1227 -79.73 45.42 -65.63
C TRP F 1227 -80.49 44.82 -66.80
N PHE F 1228 -80.56 45.56 -67.90
CA PHE F 1228 -81.26 45.13 -69.09
C PHE F 1228 -80.26 44.75 -70.18
N SER F 1229 -80.67 43.81 -71.03
CA SER F 1229 -79.84 43.35 -72.14
C SER F 1229 -79.96 44.32 -73.30
N LYS F 1230 -78.86 44.98 -73.63
CA LYS F 1230 -78.84 45.99 -74.69
C LYS F 1230 -78.26 45.38 -75.96
N SER F 1231 -79.01 45.47 -77.06
CA SER F 1231 -78.60 44.89 -78.33
C SER F 1231 -77.89 45.94 -79.18
N LEU F 1232 -76.65 46.23 -78.77
CA LEU F 1232 -75.79 47.18 -79.48
C LEU F 1232 -74.49 46.47 -79.82
N PRO F 1233 -74.17 46.26 -81.10
CA PRO F 1233 -72.92 45.58 -81.46
C PRO F 1233 -71.71 46.37 -81.01
N GLN F 1234 -70.85 45.72 -80.22
CA GLN F 1234 -69.63 46.32 -79.72
C GLN F 1234 -68.45 45.36 -79.92
N PHE F 1235 -67.28 45.93 -80.17
CA PHE F 1235 -66.08 45.13 -80.36
C PHE F 1235 -65.48 44.74 -79.01
N GLU F 1236 -65.29 43.44 -78.81
CA GLU F 1236 -64.72 42.92 -77.58
C GLU F 1236 -63.61 41.93 -77.91
N PRO F 1237 -62.62 41.78 -77.03
CA PRO F 1237 -61.52 40.85 -77.30
C PRO F 1237 -62.01 39.42 -77.50
N VAL F 1238 -61.34 38.71 -78.40
CA VAL F 1238 -61.68 37.32 -78.68
C VAL F 1238 -61.23 36.47 -77.49
N PRO F 1239 -62.13 35.76 -76.83
CA PRO F 1239 -61.74 34.94 -75.68
C PRO F 1239 -60.84 33.79 -76.11
N PRO F 1240 -59.85 33.45 -75.30
CA PRO F 1240 -59.02 32.27 -75.63
C PRO F 1240 -59.79 30.97 -75.63
N GLU F 1241 -60.87 30.88 -74.86
CA GLU F 1241 -61.67 29.68 -74.75
C GLU F 1241 -62.77 29.60 -75.80
N HIS F 1242 -62.64 30.34 -76.89
CA HIS F 1242 -63.63 30.29 -77.95
C HIS F 1242 -63.60 28.92 -78.63
N PRO F 1243 -64.71 28.18 -78.69
CA PRO F 1243 -64.68 26.85 -79.28
C PRO F 1243 -64.62 26.83 -80.79
N HIS F 1244 -64.72 27.98 -81.45
CA HIS F 1244 -64.75 28.03 -82.90
C HIS F 1244 -63.56 28.75 -83.52
N TYR F 1245 -63.08 29.83 -82.91
CA TYR F 1245 -62.02 30.64 -83.48
C TYR F 1245 -60.82 30.66 -82.55
N GLU F 1246 -59.62 30.77 -83.13
CA GLU F 1246 -58.38 30.69 -82.36
C GLU F 1246 -57.37 31.62 -83.00
N VAL F 1247 -56.92 32.62 -82.26
CA VAL F 1247 -56.00 33.64 -82.76
C VAL F 1247 -54.63 33.42 -82.11
N ALA F 1248 -53.63 33.14 -82.93
CA ALA F 1248 -52.30 32.79 -82.45
C ALA F 1248 -51.29 33.86 -82.84
N ARG F 1249 -50.37 34.14 -81.92
CA ARG F 1249 -49.32 35.14 -82.13
C ARG F 1249 -48.09 34.47 -82.71
N MET F 1250 -47.80 34.72 -83.99
CA MET F 1250 -46.57 34.26 -84.62
C MET F 1250 -45.50 35.36 -84.63
N ASP F 1251 -45.55 36.25 -83.64
CA ASP F 1251 -44.63 37.38 -83.59
C ASP F 1251 -43.20 36.91 -83.35
N GLY F 1252 -42.25 37.75 -83.76
CA GLY F 1252 -40.84 37.40 -83.65
C GLY F 1252 -40.34 36.44 -84.69
N THR F 1253 -41.08 36.28 -85.79
CA THR F 1253 -40.68 35.33 -86.83
C THR F 1253 -39.40 35.82 -87.53
N VAL F 1254 -38.57 34.86 -87.92
CA VAL F 1254 -37.33 35.16 -88.61
C VAL F 1254 -37.62 35.51 -90.06
N ASP F 1255 -37.09 36.64 -90.51
CA ASP F 1255 -37.29 37.13 -91.88
C ASP F 1255 -38.77 37.27 -92.20
N THR F 1256 -39.55 37.69 -91.20
CA THR F 1256 -40.99 37.86 -91.32
C THR F 1256 -41.48 38.78 -90.20
N PRO F 1257 -42.27 39.80 -90.52
CA PRO F 1257 -42.75 40.72 -89.47
C PRO F 1257 -43.69 40.01 -88.51
N PRO F 1258 -43.85 40.54 -87.29
CA PRO F 1258 -44.79 39.94 -86.34
C PRO F 1258 -46.19 39.88 -86.93
N CYS F 1259 -46.96 38.88 -86.49
CA CYS F 1259 -48.26 38.65 -87.08
C CYS F 1259 -49.15 37.89 -86.11
N LEU F 1260 -50.45 38.02 -86.34
CA LEU F 1260 -51.48 37.29 -85.61
C LEU F 1260 -52.35 36.54 -86.62
N ARG F 1261 -52.37 35.22 -86.51
CA ARG F 1261 -53.05 34.37 -87.49
C ARG F 1261 -54.33 33.81 -86.89
N LEU F 1262 -55.41 33.88 -87.65
CA LEU F 1262 -56.72 33.37 -87.22
C LEU F 1262 -56.95 32.00 -87.83
N ALA F 1263 -57.45 31.07 -87.01
CA ALA F 1263 -57.72 29.71 -87.44
C ALA F 1263 -59.07 29.25 -86.89
N HIS F 1264 -59.67 28.28 -87.58
CA HIS F 1264 -60.94 27.70 -87.18
C HIS F 1264 -60.65 26.40 -86.43
N ARG F 1265 -61.04 26.36 -85.16
CA ARG F 1265 -60.76 25.21 -84.32
C ARG F 1265 -61.51 23.97 -84.80
N THR F 1266 -62.78 24.13 -85.17
CA THR F 1266 -63.66 23.01 -85.51
C THR F 1266 -64.11 23.10 -86.97
N TRP F 1267 -63.20 23.43 -87.87
CA TRP F 1267 -63.55 23.51 -89.28
C TRP F 1267 -63.84 22.12 -89.83
N GLY F 1268 -64.96 21.99 -90.53
CA GLY F 1268 -65.35 20.72 -91.13
C GLY F 1268 -65.60 19.62 -90.11
N SER F 1269 -66.26 19.95 -89.01
CA SER F 1269 -66.53 18.97 -87.96
C SER F 1269 -68.00 19.01 -87.53
N GLN F 1270 -68.33 18.29 -86.47
CA GLN F 1270 -69.69 18.28 -85.95
C GLN F 1270 -70.06 19.65 -85.40
N ASN F 1271 -71.34 20.00 -85.57
CA ASN F 1271 -71.94 21.27 -85.15
C ASN F 1271 -71.03 22.47 -85.39
N SER F 1272 -70.36 22.48 -86.54
CA SER F 1272 -69.49 23.60 -86.90
C SER F 1272 -70.32 24.70 -87.55
N LEU F 1273 -70.16 25.92 -87.07
CA LEU F 1273 -70.90 27.07 -87.57
C LEU F 1273 -69.93 28.04 -88.24
N VAL F 1274 -70.30 28.51 -89.43
CA VAL F 1274 -69.55 29.54 -90.14
C VAL F 1274 -70.48 30.72 -90.37
N GLU F 1275 -69.96 31.93 -90.15
CA GLU F 1275 -70.76 33.14 -90.27
C GLU F 1275 -69.81 34.33 -90.37
N MET F 1276 -70.38 35.50 -90.64
CA MET F 1276 -69.59 36.71 -90.78
C MET F 1276 -68.82 37.00 -89.49
N LEU F 1277 -67.55 37.35 -89.63
CA LEU F 1277 -66.68 37.67 -88.50
C LEU F 1277 -66.09 39.04 -88.73
N PHE F 1278 -66.29 39.94 -87.78
CA PHE F 1278 -65.83 41.32 -87.84
C PHE F 1278 -64.70 41.49 -86.82
N LEU F 1279 -63.46 41.54 -87.30
CA LEU F 1279 -62.30 41.60 -86.43
C LEU F 1279 -61.61 42.95 -86.59
N ARG F 1280 -61.00 43.42 -85.51
CA ARG F 1280 -60.33 44.71 -85.50
C ARG F 1280 -59.18 44.68 -84.51
N LEU F 1281 -58.29 45.65 -84.62
CA LEU F 1281 -57.18 45.80 -83.69
C LEU F 1281 -57.58 46.70 -82.53
N SER F 1282 -57.01 46.41 -81.35
CA SER F 1282 -57.40 47.13 -80.14
C SER F 1282 -56.96 48.58 -80.19
N LEU F 1283 -55.77 48.86 -80.75
CA LEU F 1283 -55.25 50.22 -80.68
C LEU F 1283 -55.40 50.94 -82.00
N PRO F 1284 -55.83 52.19 -82.00
CA PRO F 1284 -56.03 52.94 -83.23
C PRO F 1284 -54.81 53.77 -83.62
N VAL F 1285 -54.89 54.36 -84.82
CA VAL F 1285 -53.92 55.33 -85.30
C VAL F 1285 -54.66 56.64 -85.57
N GLN F 1286 -54.10 57.74 -85.07
CA GLN F 1286 -54.77 59.04 -85.11
C GLN F 1286 -54.05 59.98 -86.07
N PHE F 1287 -54.82 60.61 -86.94
CA PHE F 1287 -54.29 61.58 -87.89
C PHE F 1287 -53.90 62.88 -87.18
N HIS F 1288 -53.01 63.63 -87.82
CA HIS F 1288 -52.53 64.88 -87.25
C HIS F 1288 -53.63 65.92 -87.25
N GLN F 1289 -53.53 66.87 -86.31
CA GLN F 1289 -54.52 67.94 -86.21
C GLN F 1289 -54.49 68.85 -87.42
N HIS F 1290 -53.30 69.16 -87.93
CA HIS F 1290 -53.13 70.05 -89.06
C HIS F 1290 -52.60 69.27 -90.26
N PHE F 1291 -53.30 69.37 -91.38
CA PHE F 1291 -52.91 68.67 -92.61
C PHE F 1291 -52.05 69.58 -93.48
N ARG F 1292 -50.81 69.78 -93.02
CA ARG F 1292 -49.86 70.64 -93.73
C ARG F 1292 -49.03 69.80 -94.72
N CYS F 1293 -49.73 69.21 -95.69
CA CYS F 1293 -49.12 68.40 -96.73
C CYS F 1293 -48.24 67.29 -96.14
N THR F 1294 -46.98 67.26 -96.53
CA THR F 1294 -46.01 66.27 -96.04
C THR F 1294 -46.50 64.84 -96.26
N ASN F 1410 -33.73 46.50 -101.05
CA ASN F 1410 -32.56 47.34 -100.79
C ASN F 1410 -32.67 47.98 -99.40
N ARG F 1411 -31.54 48.49 -98.91
CA ARG F 1411 -31.51 49.12 -97.60
C ARG F 1411 -32.32 50.42 -97.63
N ASP F 1412 -33.12 50.63 -96.59
CA ASP F 1412 -33.92 51.84 -96.48
C ASP F 1412 -33.06 53.03 -96.09
N ASP F 1413 -33.36 54.18 -96.68
CA ASP F 1413 -32.54 55.38 -96.47
C ASP F 1413 -32.87 56.00 -95.12
N PRO F 1414 -31.91 56.07 -94.18
CA PRO F 1414 -32.25 56.53 -92.82
C PRO F 1414 -32.87 57.92 -92.77
N GLU F 1415 -32.43 58.84 -93.63
CA GLU F 1415 -33.03 60.17 -93.66
C GLU F 1415 -34.52 60.09 -93.97
N ILE F 1416 -34.88 59.27 -94.96
CA ILE F 1416 -36.28 59.09 -95.31
C ILE F 1416 -37.02 58.40 -94.18
N ILE F 1417 -36.35 57.47 -93.49
CA ILE F 1417 -36.97 56.82 -92.33
C ILE F 1417 -37.35 57.86 -91.28
N LEU F 1418 -36.46 58.82 -91.00
CA LEU F 1418 -36.76 59.79 -89.97
C LEU F 1418 -37.81 60.82 -90.42
N ASN F 1419 -37.74 61.29 -91.66
CA ASN F 1419 -38.64 62.37 -92.05
C ASN F 1419 -39.91 61.89 -92.74
N THR F 1420 -40.14 60.58 -92.79
CA THR F 1420 -41.35 60.07 -93.41
C THR F 1420 -42.51 60.09 -92.42
N THR F 1421 -43.73 59.98 -92.97
CA THR F 1421 -44.93 59.98 -92.15
C THR F 1421 -45.94 58.91 -92.56
N THR F 1422 -45.56 58.00 -93.45
CA THR F 1422 -46.47 56.94 -93.90
C THR F 1422 -46.33 55.70 -93.04
N TYR F 1423 -47.39 54.89 -93.02
CA TYR F 1423 -47.45 53.69 -92.21
C TYR F 1423 -48.04 52.55 -93.03
N TYR F 1424 -47.53 51.35 -92.82
CA TYR F 1424 -47.89 50.19 -93.62
C TYR F 1424 -48.29 49.03 -92.73
N TYR F 1425 -49.31 48.29 -93.15
CA TYR F 1425 -49.62 47.01 -92.49
C TYR F 1425 -50.36 46.12 -93.48
N SER F 1426 -50.10 44.82 -93.40
CA SER F 1426 -50.65 43.91 -94.40
C SER F 1426 -51.57 42.88 -93.77
N VAL F 1427 -52.45 42.32 -94.60
CA VAL F 1427 -53.30 41.20 -94.24
C VAL F 1427 -53.11 40.12 -95.28
N ARG F 1428 -52.69 38.94 -94.85
CA ARG F 1428 -52.48 37.80 -95.74
C ARG F 1428 -53.67 36.86 -95.64
N VAL F 1429 -54.46 36.79 -96.71
CA VAL F 1429 -55.51 35.79 -96.83
C VAL F 1429 -54.89 34.51 -97.36
N PHE F 1430 -55.04 33.42 -96.60
CA PHE F 1430 -54.35 32.18 -96.89
C PHE F 1430 -54.98 31.46 -98.08
N ALA F 1431 -54.22 30.54 -98.65
CA ALA F 1431 -54.73 29.69 -99.72
C ALA F 1431 -55.83 28.78 -99.18
N GLY F 1432 -56.88 28.61 -99.97
CA GLY F 1432 -58.06 27.89 -99.55
C GLY F 1432 -59.17 28.77 -99.02
N GLN F 1433 -58.86 30.02 -98.69
CA GLN F 1433 -59.85 31.00 -98.27
C GLN F 1433 -60.20 31.88 -99.46
N GLU F 1434 -61.48 31.90 -99.83
CA GLU F 1434 -61.89 32.65 -101.01
C GLU F 1434 -61.73 34.14 -100.76
N PRO F 1435 -61.00 34.87 -101.62
CA PRO F 1435 -60.89 36.32 -101.45
C PRO F 1435 -62.21 37.05 -101.60
N SER F 1436 -63.21 36.43 -102.22
CA SER F 1436 -64.53 37.05 -102.36
C SER F 1436 -65.25 37.21 -101.03
N CYS F 1437 -64.78 36.57 -99.97
CA CYS F 1437 -65.42 36.63 -98.67
C CYS F 1437 -64.59 37.42 -97.65
N VAL F 1438 -63.71 38.31 -98.12
CA VAL F 1438 -62.85 39.09 -97.23
C VAL F 1438 -62.99 40.57 -97.54
N TRP F 1439 -62.67 41.39 -96.55
CA TRP F 1439 -62.69 42.84 -96.66
C TRP F 1439 -61.61 43.40 -95.76
N VAL F 1440 -60.65 44.12 -96.34
CA VAL F 1440 -59.49 44.63 -95.62
C VAL F 1440 -59.52 46.15 -95.66
N GLY F 1441 -59.35 46.77 -94.49
CA GLY F 1441 -59.32 48.22 -94.40
C GLY F 1441 -59.29 48.77 -92.99
N TRP F 1442 -60.03 49.84 -92.76
CA TRP F 1442 -60.04 50.52 -91.47
C TRP F 1442 -61.47 50.80 -91.04
N VAL F 1443 -61.66 50.99 -89.74
CA VAL F 1443 -62.97 51.31 -89.16
C VAL F 1443 -62.82 52.45 -88.18
N THR F 1444 -63.82 53.33 -88.16
CA THR F 1444 -63.91 54.36 -87.14
C THR F 1444 -64.41 53.75 -85.82
N PRO F 1445 -64.22 54.44 -84.70
CA PRO F 1445 -64.72 53.90 -83.42
C PRO F 1445 -66.22 53.64 -83.42
N ASP F 1446 -67.00 54.37 -84.22
CA ASP F 1446 -68.45 54.20 -84.26
C ASP F 1446 -68.78 53.24 -85.40
N TYR F 1447 -68.87 51.94 -85.05
CA TYR F 1447 -69.27 50.92 -86.02
C TYR F 1447 -70.03 49.83 -85.27
N HIS F 1448 -71.30 49.66 -85.59
CA HIS F 1448 -72.15 48.66 -84.94
C HIS F 1448 -73.02 47.96 -85.97
N GLN F 1449 -72.44 47.57 -87.10
CA GLN F 1449 -73.16 46.89 -88.18
C GLN F 1449 -72.86 45.40 -88.10
N HIS F 1450 -73.75 44.66 -87.43
CA HIS F 1450 -73.64 43.20 -87.34
C HIS F 1450 -74.45 42.52 -88.44
N ASP F 1451 -74.23 42.90 -89.69
CA ASP F 1451 -74.97 42.34 -90.81
C ASP F 1451 -74.35 41.02 -91.23
N MET F 1452 -75.14 39.94 -91.20
CA MET F 1452 -74.66 38.64 -91.62
C MET F 1452 -74.43 38.57 -93.12
N ASN F 1453 -75.11 39.41 -93.90
CA ASN F 1453 -74.97 39.47 -95.35
C ASN F 1453 -74.25 40.75 -95.77
N PHE F 1454 -73.20 41.12 -95.03
CA PHE F 1454 -72.50 42.37 -95.25
C PHE F 1454 -71.96 42.45 -96.68
N ASP F 1455 -72.13 43.62 -97.30
CA ASP F 1455 -71.60 43.90 -98.63
C ASP F 1455 -70.96 45.28 -98.60
N LEU F 1456 -70.07 45.52 -99.57
CA LEU F 1456 -69.36 46.79 -99.62
C LEU F 1456 -70.28 47.97 -99.84
N SER F 1457 -71.51 47.74 -100.31
CA SER F 1457 -72.48 48.81 -100.53
C SER F 1457 -73.34 49.06 -99.30
N LYS F 1458 -73.18 48.29 -98.23
CA LYS F 1458 -73.99 48.44 -97.03
C LYS F 1458 -73.39 49.46 -96.05
N VAL F 1459 -72.26 50.06 -96.37
CA VAL F 1459 -71.63 51.00 -95.46
C VAL F 1459 -72.43 52.30 -95.40
N ARG F 1460 -72.32 53.01 -94.29
CA ARG F 1460 -73.00 54.28 -94.10
C ARG F 1460 -72.11 55.41 -94.61
N ALA F 1461 -72.65 56.23 -95.50
CA ALA F 1461 -71.91 57.36 -96.05
C ALA F 1461 -72.86 58.51 -96.33
N VAL F 1462 -72.48 59.70 -95.87
CA VAL F 1462 -73.31 60.90 -96.06
C VAL F 1462 -72.41 62.05 -96.50
N THR F 1463 -72.82 62.78 -97.53
CA THR F 1463 -72.05 63.90 -98.06
C THR F 1463 -72.71 65.20 -97.63
N VAL F 1464 -71.98 66.00 -96.86
CA VAL F 1464 -72.43 67.32 -96.46
C VAL F 1464 -71.85 68.34 -97.43
N THR F 1465 -72.72 69.15 -98.03
CA THR F 1465 -72.30 70.19 -98.97
C THR F 1465 -72.74 71.53 -98.41
N MET F 1466 -71.76 72.38 -98.11
CA MET F 1466 -72.00 73.72 -97.58
C MET F 1466 -71.89 74.72 -98.73
N GLY F 1467 -72.99 75.41 -99.01
CA GLY F 1467 -73.05 76.36 -100.10
C GLY F 1467 -72.93 77.80 -99.64
N ASP F 1468 -72.89 78.69 -100.62
CA ASP F 1468 -72.81 80.13 -100.40
C ASP F 1468 -74.18 80.76 -100.58
N GLU F 1469 -74.23 82.10 -100.56
CA GLU F 1469 -75.49 82.80 -100.71
C GLU F 1469 -76.11 82.58 -102.09
N GLN F 1470 -75.28 82.34 -103.10
CA GLN F 1470 -75.76 82.10 -104.45
C GLN F 1470 -76.18 80.65 -104.70
N GLY F 1471 -76.03 79.77 -103.70
CA GLY F 1471 -76.35 78.38 -103.84
C GLY F 1471 -75.23 77.51 -104.37
N ASN F 1472 -74.10 78.11 -104.75
CA ASN F 1472 -72.96 77.32 -105.20
C ASN F 1472 -72.32 76.61 -104.02
N VAL F 1473 -72.07 75.31 -104.18
CA VAL F 1473 -71.51 74.51 -103.10
C VAL F 1473 -70.04 74.86 -102.91
N HIS F 1474 -69.75 75.64 -101.86
CA HIS F 1474 -68.37 76.05 -101.59
C HIS F 1474 -67.55 74.88 -101.06
N SER F 1475 -68.14 74.07 -100.17
CA SER F 1475 -67.43 72.95 -99.57
C SER F 1475 -68.23 71.67 -99.77
N SER F 1476 -67.53 70.58 -100.08
CA SER F 1476 -68.13 69.26 -100.18
C SER F 1476 -67.28 68.29 -99.37
N LEU F 1477 -67.93 67.53 -98.49
CA LEU F 1477 -67.21 66.63 -97.60
C LEU F 1477 -68.04 65.38 -97.40
N LYS F 1478 -67.37 64.26 -97.10
CA LYS F 1478 -68.03 62.98 -96.90
C LYS F 1478 -67.71 62.43 -95.52
N CYS F 1479 -68.69 61.74 -94.94
CA CYS F 1479 -68.52 61.06 -93.66
C CYS F 1479 -68.93 59.60 -93.82
N SER F 1480 -68.04 58.70 -93.41
CA SER F 1480 -68.29 57.27 -93.44
C SER F 1480 -67.69 56.64 -92.19
N ASN F 1481 -68.28 55.54 -91.73
CA ASN F 1481 -67.85 54.88 -90.52
C ASN F 1481 -66.76 53.84 -90.75
N CYS F 1482 -66.45 53.51 -92.00
CA CYS F 1482 -65.44 52.49 -92.27
C CYS F 1482 -64.96 52.65 -93.71
N TYR F 1483 -63.78 52.09 -93.97
CA TYR F 1483 -63.14 52.17 -95.29
C TYR F 1483 -62.44 50.84 -95.55
N MET F 1484 -63.04 49.99 -96.38
CA MET F 1484 -62.45 48.71 -96.75
C MET F 1484 -62.46 48.56 -98.27
N VAL F 1485 -61.68 47.58 -98.74
CA VAL F 1485 -61.67 47.18 -100.14
C VAL F 1485 -61.93 45.68 -100.20
N TRP F 1486 -62.77 45.27 -101.14
CA TRP F 1486 -63.20 43.89 -101.24
C TRP F 1486 -62.15 43.06 -101.98
N GLY F 1487 -61.72 41.96 -101.34
CA GLY F 1487 -60.76 41.06 -101.97
C GLY F 1487 -61.31 40.33 -103.18
N GLY F 1488 -62.64 40.24 -103.29
CA GLY F 1488 -63.22 39.65 -104.48
C GLY F 1488 -62.89 40.44 -105.74
N ASP F 1489 -62.85 41.77 -105.63
CA ASP F 1489 -62.45 42.59 -106.76
C ASP F 1489 -61.03 42.28 -107.18
N PHE F 1490 -60.12 42.15 -106.21
CA PHE F 1490 -58.72 41.87 -106.55
C PHE F 1490 -58.56 40.49 -107.15
N VAL F 1491 -59.26 39.48 -106.61
CA VAL F 1491 -59.12 38.13 -107.16
C VAL F 1491 -59.76 38.04 -108.54
N SER F 1492 -60.84 38.78 -108.78
CA SER F 1492 -61.44 38.82 -110.11
C SER F 1492 -60.50 39.51 -111.10
N PRO F 1493 -59.83 40.58 -110.67
CA PRO F 1493 -58.84 41.22 -111.53
C PRO F 1493 -57.69 40.28 -111.85
N GLY F 1494 -57.23 39.52 -110.85
CA GLY F 1494 -56.17 38.54 -111.02
C GLY F 1494 -54.91 39.14 -111.63
N ARG F 1498 -60.82 26.73 -108.65
CA ARG F 1498 -60.78 25.93 -107.42
C ARG F 1498 -60.05 26.66 -106.31
N ILE F 1499 -59.12 25.96 -105.66
CA ILE F 1499 -58.32 26.57 -104.60
C ILE F 1499 -57.42 27.63 -105.21
N SER F 1500 -57.29 28.76 -104.51
CA SER F 1500 -56.44 29.84 -104.99
C SER F 1500 -54.97 29.43 -105.09
N HIS F 1501 -54.53 28.54 -104.19
CA HIS F 1501 -53.17 28.02 -104.13
C HIS F 1501 -52.13 29.11 -103.88
N THR F 1502 -52.56 30.34 -103.57
CA THR F 1502 -51.67 31.44 -103.29
C THR F 1502 -52.21 32.24 -102.12
N ASP F 1503 -51.33 33.02 -101.50
CA ASP F 1503 -51.70 33.87 -100.38
C ASP F 1503 -51.80 35.32 -100.87
N LEU F 1504 -52.94 35.94 -100.62
CA LEU F 1504 -53.20 37.30 -101.08
C LEU F 1504 -52.81 38.28 -99.98
N VAL F 1505 -51.79 39.09 -100.23
CA VAL F 1505 -51.24 40.00 -99.23
C VAL F 1505 -51.73 41.40 -99.58
N ILE F 1506 -52.83 41.81 -98.96
CA ILE F 1506 -53.39 43.14 -99.16
C ILE F 1506 -52.74 44.07 -98.14
N GLY F 1507 -51.92 45.00 -98.61
CA GLY F 1507 -51.23 45.94 -97.74
C GLY F 1507 -51.87 47.31 -97.81
N CYS F 1508 -52.10 47.89 -96.64
CA CYS F 1508 -52.68 49.22 -96.50
C CYS F 1508 -51.59 50.21 -96.10
N LEU F 1509 -51.61 51.36 -96.76
CA LEU F 1509 -50.68 52.45 -96.51
C LEU F 1509 -51.48 53.69 -96.12
N VAL F 1510 -51.14 54.29 -94.98
CA VAL F 1510 -51.87 55.43 -94.45
C VAL F 1510 -50.89 56.57 -94.21
N ASP F 1511 -51.23 57.77 -94.67
CA ASP F 1511 -50.41 58.95 -94.49
C ASP F 1511 -51.13 59.88 -93.51
N LEU F 1512 -50.61 59.98 -92.29
CA LEU F 1512 -51.24 60.84 -91.28
C LEU F 1512 -50.99 62.32 -91.57
N ALA F 1513 -49.89 62.65 -92.25
CA ALA F 1513 -49.57 64.04 -92.50
C ALA F 1513 -50.58 64.69 -93.45
N THR F 1514 -50.94 63.99 -94.52
CA THR F 1514 -51.86 64.52 -95.52
C THR F 1514 -53.29 64.03 -95.32
N GLY F 1515 -53.47 62.73 -95.08
CA GLY F 1515 -54.79 62.21 -94.76
C GLY F 1515 -55.37 61.27 -95.81
N LEU F 1516 -54.53 60.52 -96.49
CA LEU F 1516 -54.98 59.57 -97.50
C LEU F 1516 -54.48 58.17 -97.16
N MET F 1517 -55.33 57.19 -97.45
CA MET F 1517 -54.96 55.78 -97.33
C MET F 1517 -55.17 55.09 -98.67
N THR F 1518 -54.17 54.32 -99.09
CA THR F 1518 -54.12 53.65 -100.38
C THR F 1518 -53.76 52.19 -100.17
N PHE F 1519 -54.30 51.33 -101.03
CA PHE F 1519 -54.17 49.89 -100.87
C PHE F 1519 -53.30 49.30 -101.97
N THR F 1520 -52.82 48.09 -101.73
CA THR F 1520 -52.01 47.37 -102.72
C THR F 1520 -52.16 45.88 -102.47
N ALA F 1521 -52.79 45.17 -103.39
CA ALA F 1521 -53.09 43.75 -103.23
C ALA F 1521 -51.96 42.91 -103.81
N ASN F 1522 -51.20 42.24 -102.95
CA ASN F 1522 -50.15 41.28 -103.29
C ASN F 1522 -48.95 41.96 -103.93
N GLY F 1523 -49.04 43.26 -104.26
CA GLY F 1523 -48.00 43.96 -105.00
C GLY F 1523 -48.44 44.47 -106.34
N LYS F 1524 -49.70 44.28 -106.72
CA LYS F 1524 -50.25 44.75 -107.98
C LYS F 1524 -50.80 46.17 -107.91
N GLU F 1525 -50.81 46.78 -106.72
CA GLU F 1525 -51.29 48.14 -106.50
C GLU F 1525 -52.80 48.23 -106.65
N SER F 1526 -53.45 49.08 -105.86
CA SER F 1526 -54.90 49.25 -105.90
C SER F 1526 -55.22 50.71 -106.17
N ASN F 1527 -56.08 50.96 -107.16
CA ASN F 1527 -56.46 52.33 -107.50
C ASN F 1527 -57.35 52.97 -106.45
N THR F 1528 -58.01 52.17 -105.62
CA THR F 1528 -58.91 52.71 -104.62
C THR F 1528 -58.13 53.41 -103.50
N PHE F 1529 -58.53 54.63 -103.19
CA PHE F 1529 -57.92 55.39 -102.10
C PHE F 1529 -59.01 56.18 -101.38
N PHE F 1530 -58.74 56.53 -100.12
CA PHE F 1530 -59.71 57.26 -99.32
C PHE F 1530 -59.04 58.43 -98.61
N GLN F 1531 -59.73 59.56 -98.61
CA GLN F 1531 -59.29 60.77 -97.94
C GLN F 1531 -60.14 61.00 -96.69
N VAL F 1532 -59.48 61.36 -95.59
CA VAL F 1532 -60.14 61.48 -94.29
C VAL F 1532 -59.82 62.83 -93.68
N GLU F 1533 -60.65 63.23 -92.72
CA GLU F 1533 -60.50 64.49 -92.01
C GLU F 1533 -59.38 64.39 -90.97
N PRO F 1534 -58.85 65.53 -90.54
CA PRO F 1534 -57.91 65.52 -89.41
C PRO F 1534 -58.59 65.14 -88.10
N ASN F 1535 -57.77 64.74 -87.14
CA ASN F 1535 -58.24 64.33 -85.82
C ASN F 1535 -59.21 63.15 -85.91
N THR F 1536 -58.82 62.14 -86.70
CA THR F 1536 -59.59 60.92 -86.87
C THR F 1536 -58.73 59.74 -86.45
N LYS F 1537 -59.30 58.84 -85.65
CA LYS F 1537 -58.62 57.63 -85.21
C LYS F 1537 -59.25 56.43 -85.92
N LEU F 1538 -58.40 55.59 -86.49
CA LEU F 1538 -58.84 54.45 -87.29
C LEU F 1538 -58.21 53.17 -86.75
N PHE F 1539 -58.99 52.09 -86.76
CA PHE F 1539 -58.57 50.78 -86.31
C PHE F 1539 -58.41 49.84 -87.50
N PRO F 1540 -57.26 49.17 -87.63
CA PRO F 1540 -57.13 48.14 -88.68
C PRO F 1540 -58.10 47.01 -88.44
N ALA F 1541 -59.01 46.81 -89.41
CA ALA F 1541 -60.07 45.83 -89.26
C ALA F 1541 -60.26 45.04 -90.55
N VAL F 1542 -60.73 43.80 -90.39
CA VAL F 1542 -61.06 42.93 -91.51
C VAL F 1542 -62.38 42.23 -91.23
N PHE F 1543 -63.21 42.10 -92.26
CA PHE F 1543 -64.47 41.38 -92.19
C PHE F 1543 -64.36 40.17 -93.10
N VAL F 1544 -64.61 38.98 -92.56
CA VAL F 1544 -64.31 37.75 -93.29
C VAL F 1544 -65.40 36.72 -93.03
N LEU F 1545 -65.69 35.92 -94.06
CA LEU F 1545 -66.54 34.75 -93.92
C LEU F 1545 -65.67 33.51 -93.95
N PRO F 1546 -65.47 32.80 -92.83
CA PRO F 1546 -64.57 31.65 -92.82
C PRO F 1546 -65.04 30.54 -93.75
N THR F 1547 -64.11 30.05 -94.58
CA THR F 1547 -64.39 28.91 -95.45
C THR F 1547 -63.21 27.95 -95.53
N HIS F 1548 -62.22 28.07 -94.66
CA HIS F 1548 -61.03 27.24 -94.70
C HIS F 1548 -60.42 27.17 -93.31
N GLN F 1549 -59.53 26.19 -93.11
CA GLN F 1549 -58.88 26.02 -91.83
C GLN F 1549 -58.01 27.24 -91.47
N ASN F 1550 -57.18 27.68 -92.42
CA ASN F 1550 -56.35 28.86 -92.24
C ASN F 1550 -56.98 30.00 -93.03
N VAL F 1551 -57.32 31.09 -92.35
CA VAL F 1551 -58.10 32.14 -92.97
C VAL F 1551 -57.25 33.37 -93.27
N ILE F 1552 -56.78 34.05 -92.23
CA ILE F 1552 -56.15 35.36 -92.37
C ILE F 1552 -55.00 35.50 -91.39
N GLN F 1553 -54.11 36.44 -91.72
CA GLN F 1553 -52.92 36.72 -90.92
C GLN F 1553 -52.68 38.23 -90.93
N PHE F 1554 -52.86 38.87 -89.77
CA PHE F 1554 -52.56 40.29 -89.60
C PHE F 1554 -51.05 40.44 -89.44
N GLU F 1555 -50.38 41.01 -90.45
CA GLU F 1555 -48.95 41.20 -90.43
C GLU F 1555 -48.63 42.67 -90.17
N LEU F 1556 -47.88 42.93 -89.12
CA LEU F 1556 -47.51 44.28 -88.68
C LEU F 1556 -46.06 44.51 -89.06
N GLY F 1557 -45.84 45.00 -90.28
CA GLY F 1557 -44.49 45.16 -90.77
C GLY F 1557 -44.19 46.52 -91.36
N LYS F 1558 -43.09 46.62 -92.12
CA LYS F 1558 -42.67 47.85 -92.73
C LYS F 1558 -42.18 47.57 -94.14
N GLN F 1559 -42.17 48.61 -94.96
CA GLN F 1559 -41.62 48.56 -96.30
C GLN F 1559 -40.44 49.54 -96.38
N LYS F 1560 -39.91 49.72 -97.57
CA LYS F 1560 -38.82 50.67 -97.77
C LYS F 1560 -39.32 52.09 -97.53
N ASN F 1561 -38.62 52.83 -96.67
CA ASN F 1561 -38.93 54.23 -96.39
C ASN F 1561 -40.31 54.41 -95.77
N ILE F 1562 -40.77 53.42 -95.01
CA ILE F 1562 -42.12 53.45 -94.43
C ILE F 1562 -42.04 52.99 -92.98
N MET F 1563 -42.68 53.75 -92.09
CA MET F 1563 -42.79 53.36 -90.69
C MET F 1563 -43.71 52.14 -90.53
N PRO F 1564 -43.48 51.34 -89.50
CA PRO F 1564 -44.45 50.31 -89.13
C PRO F 1564 -45.62 50.91 -88.37
N LEU F 1565 -46.65 50.07 -88.16
CA LEU F 1565 -47.83 50.54 -87.46
C LEU F 1565 -47.58 50.76 -85.98
N SER F 1566 -46.59 50.06 -85.41
CA SER F 1566 -46.28 50.22 -84.00
C SER F 1566 -45.80 51.63 -83.67
N ALA F 1567 -45.05 52.24 -84.60
CA ALA F 1567 -44.59 53.61 -84.38
C ALA F 1567 -45.74 54.59 -84.26
N ALA F 1568 -46.76 54.44 -85.12
CA ALA F 1568 -47.94 55.29 -85.01
C ALA F 1568 -48.74 54.95 -83.75
N MET F 1569 -48.83 53.67 -83.40
CA MET F 1569 -49.65 53.27 -82.27
C MET F 1569 -49.08 53.76 -80.95
N PHE F 1570 -47.76 53.70 -80.78
CA PHE F 1570 -47.12 54.00 -79.51
C PHE F 1570 -46.23 55.22 -79.64
N LEU F 1571 -46.41 56.18 -78.74
CA LEU F 1571 -45.59 57.39 -78.75
C LEU F 1571 -44.13 57.08 -78.41
N SER F 1572 -43.90 56.17 -77.47
CA SER F 1572 -42.54 55.86 -77.04
C SER F 1572 -41.71 55.26 -78.18
N GLU F 1573 -42.34 54.50 -79.08
CA GLU F 1573 -41.66 53.88 -80.19
C GLU F 1573 -41.96 54.58 -81.52
N ARG F 1574 -42.23 55.89 -81.47
CA ARG F 1574 -42.56 56.62 -82.69
C ARG F 1574 -41.39 56.67 -83.66
N LYS F 1575 -40.16 56.60 -83.15
CA LYS F 1575 -38.96 56.65 -83.99
C LYS F 1575 -38.27 55.29 -84.09
N ASN F 1576 -38.98 54.21 -83.79
CA ASN F 1576 -38.41 52.87 -83.87
C ASN F 1576 -38.79 52.24 -85.18
N PRO F 1577 -37.85 52.01 -86.11
CA PRO F 1577 -38.21 51.38 -87.39
C PRO F 1577 -38.51 49.89 -87.26
N ALA F 1578 -38.02 49.23 -86.23
CA ALA F 1578 -38.23 47.79 -86.08
C ALA F 1578 -39.66 47.51 -85.64
N PRO F 1579 -40.42 46.70 -86.39
CA PRO F 1579 -41.79 46.38 -85.97
C PRO F 1579 -41.81 45.54 -84.71
N GLN F 1580 -42.90 45.67 -83.95
CA GLN F 1580 -43.06 44.90 -82.73
C GLN F 1580 -44.55 44.78 -82.42
N CYS F 1581 -44.89 43.82 -81.56
CA CYS F 1581 -46.27 43.55 -81.16
C CYS F 1581 -46.33 43.53 -79.64
N PRO F 1582 -46.51 44.67 -79.00
CA PRO F 1582 -46.63 44.71 -77.54
C PRO F 1582 -47.89 44.02 -77.06
N PRO F 1583 -47.95 43.61 -75.79
CA PRO F 1583 -49.11 42.84 -75.31
C PRO F 1583 -50.44 43.56 -75.44
N ARG F 1584 -50.46 44.89 -75.41
CA ARG F 1584 -51.73 45.61 -75.50
C ARG F 1584 -52.42 45.37 -76.82
N LEU F 1585 -51.66 45.36 -77.92
CA LEU F 1585 -52.25 45.17 -79.24
C LEU F 1585 -52.85 43.77 -79.34
N GLU F 1586 -54.14 43.71 -79.66
CA GLU F 1586 -54.89 42.46 -79.61
C GLU F 1586 -56.00 42.50 -80.66
N VAL F 1587 -56.48 41.32 -81.03
CA VAL F 1587 -57.56 41.19 -81.99
C VAL F 1587 -58.88 41.08 -81.24
N GLN F 1588 -59.84 41.91 -81.62
CA GLN F 1588 -61.15 41.95 -81.00
C GLN F 1588 -62.22 41.66 -82.04
N MET F 1589 -63.28 40.96 -81.63
CA MET F 1589 -64.35 40.59 -82.53
C MET F 1589 -65.64 41.29 -82.12
N LEU F 1590 -66.47 41.57 -83.11
CA LEU F 1590 -67.74 42.25 -82.85
C LEU F 1590 -68.68 41.33 -82.08
N MET F 1591 -69.25 41.86 -80.99
CA MET F 1591 -70.21 41.12 -80.18
C MET F 1591 -71.58 41.78 -80.28
N PRO F 1592 -72.62 41.03 -80.65
CA PRO F 1592 -73.91 41.68 -80.93
C PRO F 1592 -74.61 42.22 -79.71
N VAL F 1593 -74.56 41.52 -78.58
CA VAL F 1593 -75.35 41.85 -77.41
C VAL F 1593 -74.45 41.98 -76.19
N SER F 1594 -74.67 43.01 -75.39
CA SER F 1594 -73.93 43.24 -74.16
C SER F 1594 -74.90 43.69 -73.07
N TRP F 1595 -74.45 43.61 -71.82
CA TRP F 1595 -75.25 44.01 -70.68
C TRP F 1595 -75.13 45.51 -70.44
N SER F 1596 -76.18 46.08 -69.86
CA SER F 1596 -76.22 47.51 -69.57
C SER F 1596 -77.05 47.74 -68.32
N ARG F 1597 -76.85 48.89 -67.69
CA ARG F 1597 -77.50 49.25 -66.44
C ARG F 1597 -78.60 50.28 -66.70
N MET F 1598 -79.78 50.02 -66.17
CA MET F 1598 -80.89 50.95 -66.32
C MET F 1598 -80.71 52.14 -65.38
N PRO F 1599 -80.80 53.37 -65.87
CA PRO F 1599 -80.70 54.53 -64.99
C PRO F 1599 -81.80 54.53 -63.94
N ASN F 1600 -81.47 55.04 -62.76
CA ASN F 1600 -82.44 55.06 -61.65
C ASN F 1600 -83.57 56.04 -61.91
N HIS F 1601 -83.29 57.15 -62.59
CA HIS F 1601 -84.30 58.17 -62.87
C HIS F 1601 -84.33 58.49 -64.35
N PHE F 1602 -85.51 58.89 -64.83
CA PHE F 1602 -85.72 59.21 -66.23
C PHE F 1602 -86.41 60.56 -66.35
N LEU F 1603 -86.26 61.17 -67.52
CA LEU F 1603 -86.82 62.50 -67.76
C LEU F 1603 -88.35 62.42 -67.79
N GLN F 1604 -88.97 63.54 -67.43
CA GLN F 1604 -90.42 63.70 -67.49
C GLN F 1604 -90.74 64.60 -68.69
N VAL F 1605 -91.28 64.01 -69.75
CA VAL F 1605 -91.55 64.71 -70.99
C VAL F 1605 -93.04 64.62 -71.29
N GLU F 1606 -93.66 65.76 -71.58
CA GLU F 1606 -95.06 65.82 -71.97
C GLU F 1606 -95.15 66.16 -73.45
N THR F 1607 -95.85 65.31 -74.21
CA THR F 1607 -95.90 65.40 -75.67
C THR F 1607 -97.32 65.62 -76.15
N ARG F 1608 -98.00 66.60 -75.58
CA ARG F 1608 -99.44 66.75 -75.78
C ARG F 1608 -99.72 67.94 -76.70
N ARG F 1609 -100.77 67.82 -77.51
CA ARG F 1609 -101.08 68.90 -78.43
C ARG F 1609 -101.92 69.97 -77.75
N ALA F 1610 -101.59 71.22 -78.04
CA ALA F 1610 -102.25 72.36 -77.40
C ALA F 1610 -103.54 72.75 -78.12
N GLY F 1611 -103.58 72.63 -79.44
CA GLY F 1611 -104.78 72.99 -80.18
C GLY F 1611 -104.56 72.77 -81.66
N GLU F 1612 -105.61 73.06 -82.43
CA GLU F 1612 -105.53 72.92 -83.88
C GLU F 1612 -104.60 73.95 -84.50
N ARG F 1613 -104.49 75.13 -83.90
CA ARG F 1613 -103.62 76.18 -84.40
C ARG F 1613 -102.22 76.12 -83.80
N LEU F 1614 -102.11 75.80 -82.50
CA LEU F 1614 -100.81 75.82 -81.85
C LEU F 1614 -99.95 74.63 -82.27
N GLY F 1615 -100.55 73.44 -82.37
CA GLY F 1615 -99.80 72.26 -82.76
C GLY F 1615 -99.63 71.26 -81.64
N TRP F 1616 -98.57 70.47 -81.70
CA TRP F 1616 -98.28 69.44 -80.70
C TRP F 1616 -97.10 69.90 -79.86
N ALA F 1617 -97.36 70.32 -78.62
CA ALA F 1617 -96.34 70.87 -77.75
C ALA F 1617 -95.63 69.76 -76.97
N VAL F 1618 -94.31 69.77 -77.04
CA VAL F 1618 -93.45 68.88 -76.28
C VAL F 1618 -92.67 69.73 -75.29
N GLN F 1619 -92.76 69.39 -74.02
CA GLN F 1619 -92.09 70.13 -72.95
C GLN F 1619 -91.41 69.18 -71.99
N CYS F 1620 -90.32 69.66 -71.40
CA CYS F 1620 -89.55 68.90 -70.40
C CYS F 1620 -88.69 69.91 -69.65
N GLN F 1621 -88.84 69.96 -68.32
CA GLN F 1621 -88.18 70.97 -67.52
C GLN F 1621 -87.46 70.43 -66.29
N ASP F 1622 -87.68 69.18 -65.90
CA ASP F 1622 -87.02 68.64 -64.72
C ASP F 1622 -85.56 68.33 -65.02
N PRO F 1623 -84.60 68.93 -64.33
CA PRO F 1623 -83.20 68.66 -64.61
C PRO F 1623 -82.80 67.24 -64.21
N LEU F 1624 -81.80 66.72 -64.91
CA LEU F 1624 -81.28 65.38 -64.63
C LEU F 1624 -79.87 65.28 -65.17
N THR F 1625 -78.93 64.82 -64.33
CA THR F 1625 -77.53 64.74 -64.70
C THR F 1625 -76.95 63.46 -64.13
N MET F 1626 -75.79 63.06 -64.68
CA MET F 1626 -75.11 61.86 -64.22
C MET F 1626 -73.61 62.00 -64.48
N MET F 1627 -72.84 61.20 -63.76
CA MET F 1627 -71.39 61.15 -63.91
C MET F 1627 -71.03 60.16 -65.02
N ALA F 1628 -70.20 60.60 -65.96
CA ALA F 1628 -69.83 59.81 -67.12
C ALA F 1628 -68.34 59.46 -67.05
N LEU F 1629 -68.04 58.17 -67.22
CA LEU F 1629 -66.67 57.69 -67.26
C LEU F 1629 -66.29 57.47 -68.72
N HIS F 1630 -65.21 58.12 -69.16
CA HIS F 1630 -64.84 58.16 -70.57
C HIS F 1630 -63.57 57.34 -70.80
N ILE F 1631 -63.60 56.47 -71.80
CA ILE F 1631 -62.44 55.70 -72.23
C ILE F 1631 -61.79 56.43 -73.40
N PRO F 1632 -60.53 56.85 -73.28
CA PRO F 1632 -59.95 57.69 -74.34
C PRO F 1632 -59.81 56.99 -75.69
N GLU F 1633 -59.19 55.81 -75.72
CA GLU F 1633 -58.88 55.17 -76.99
C GLU F 1633 -60.14 54.79 -77.76
N GLU F 1634 -61.16 54.30 -77.07
CA GLU F 1634 -62.39 53.87 -77.72
C GLU F 1634 -63.32 55.02 -78.05
N ASN F 1635 -63.04 56.22 -77.54
CA ASN F 1635 -63.84 57.42 -77.82
C ASN F 1635 -65.31 57.20 -77.46
N ARG F 1636 -65.55 56.51 -76.35
CA ARG F 1636 -66.89 56.26 -75.86
C ARG F 1636 -66.90 56.39 -74.34
N CYS F 1637 -68.07 56.71 -73.80
CA CYS F 1637 -68.23 56.93 -72.38
C CYS F 1637 -69.32 56.00 -71.82
N MET F 1638 -69.29 55.81 -70.51
CA MET F 1638 -70.26 54.96 -69.83
C MET F 1638 -70.45 55.46 -68.41
N ASP F 1639 -71.57 55.07 -67.81
CA ASP F 1639 -71.93 55.55 -66.48
C ASP F 1639 -70.92 55.07 -65.44
N ILE F 1640 -70.66 55.93 -64.45
CA ILE F 1640 -69.73 55.57 -63.38
C ILE F 1640 -70.35 54.50 -62.48
N LEU F 1641 -71.68 54.50 -62.32
CA LEU F 1641 -72.34 53.48 -61.52
C LEU F 1641 -72.31 52.11 -62.17
N GLU F 1642 -71.96 52.03 -63.46
CA GLU F 1642 -71.81 50.75 -64.14
C GLU F 1642 -70.57 49.98 -63.69
N LEU F 1643 -69.69 50.61 -62.92
CA LEU F 1643 -68.48 49.96 -62.44
C LEU F 1643 -68.75 48.94 -61.33
N SER F 1644 -69.99 48.85 -60.84
CA SER F 1644 -70.29 47.89 -59.78
C SER F 1644 -70.04 46.46 -60.25
N GLU F 1645 -70.25 46.17 -61.52
CA GLU F 1645 -69.97 44.86 -62.09
C GLU F 1645 -68.71 44.83 -62.93
N ARG F 1646 -68.13 45.98 -63.26
CA ARG F 1646 -66.88 46.05 -64.02
C ARG F 1646 -65.75 46.22 -63.01
N LEU F 1647 -65.30 45.09 -62.46
CA LEU F 1647 -64.38 45.14 -61.32
C LEU F 1647 -62.98 45.59 -61.72
N ASP F 1648 -62.52 45.24 -62.92
CA ASP F 1648 -61.19 45.64 -63.35
C ASP F 1648 -61.08 47.16 -63.48
N LEU F 1649 -62.05 47.78 -64.15
CA LEU F 1649 -62.05 49.23 -64.28
C LEU F 1649 -62.23 49.92 -62.93
N GLN F 1650 -63.04 49.32 -62.05
CA GLN F 1650 -63.20 49.87 -60.71
C GLN F 1650 -61.87 49.90 -59.96
N ARG F 1651 -61.13 48.77 -60.01
CA ARG F 1651 -59.83 48.71 -59.36
C ARG F 1651 -58.86 49.71 -59.96
N PHE F 1652 -58.83 49.80 -61.30
CA PHE F 1652 -57.91 50.72 -61.95
C PHE F 1652 -58.23 52.17 -61.59
N HIS F 1653 -59.51 52.52 -61.53
CA HIS F 1653 -59.89 53.89 -61.19
C HIS F 1653 -59.60 54.20 -59.72
N SER F 1654 -59.78 53.21 -58.84
CA SER F 1654 -59.42 53.40 -57.44
C SER F 1654 -57.93 53.65 -57.30
N HIS F 1655 -57.11 52.88 -58.01
CA HIS F 1655 -55.67 53.12 -57.99
C HIS F 1655 -55.30 54.46 -58.63
N THR F 1656 -56.07 54.91 -59.62
CA THR F 1656 -55.84 56.23 -60.20
C THR F 1656 -56.11 57.33 -59.19
N LEU F 1657 -57.20 57.21 -58.43
CA LEU F 1657 -57.48 58.18 -57.37
C LEU F 1657 -56.39 58.15 -56.30
N ARG F 1658 -55.91 56.95 -55.97
CA ARG F 1658 -54.81 56.84 -55.00
C ARG F 1658 -53.55 57.51 -55.55
N LEU F 1659 -53.30 57.38 -56.85
CA LEU F 1659 -52.15 58.06 -57.45
C LEU F 1659 -52.30 59.57 -57.40
N TYR F 1660 -53.52 60.07 -57.64
CA TYR F 1660 -53.78 61.50 -57.50
C TYR F 1660 -53.48 61.97 -56.08
N ARG F 1661 -53.96 61.23 -55.08
CA ARG F 1661 -53.68 61.59 -53.71
C ARG F 1661 -52.18 61.52 -53.41
N ALA F 1662 -51.49 60.54 -53.98
CA ALA F 1662 -50.05 60.41 -53.76
C ALA F 1662 -49.29 61.60 -54.32
N VAL F 1663 -49.62 62.03 -55.54
CA VAL F 1663 -48.90 63.17 -56.10
C VAL F 1663 -49.28 64.46 -55.38
N CYS F 1664 -50.50 64.54 -54.86
CA CYS F 1664 -50.92 65.73 -54.11
C CYS F 1664 -50.46 65.71 -52.66
N ALA F 1665 -49.91 64.60 -52.18
CA ALA F 1665 -49.62 64.44 -50.76
C ALA F 1665 -48.52 65.39 -50.30
N LEU F 1666 -48.59 65.74 -49.01
CA LEU F 1666 -47.57 66.52 -48.31
C LEU F 1666 -47.42 67.92 -48.90
N GLY F 1667 -48.54 68.64 -48.93
CA GLY F 1667 -48.55 70.06 -49.22
C GLY F 1667 -47.98 70.47 -50.57
N ASN F 1668 -48.37 69.79 -51.64
CA ASN F 1668 -47.97 70.17 -52.99
C ASN F 1668 -49.14 70.94 -53.61
N ASN F 1669 -49.19 72.24 -53.30
CA ASN F 1669 -50.31 73.06 -53.73
C ASN F 1669 -50.33 73.25 -55.24
N ARG F 1670 -49.17 73.32 -55.89
CA ARG F 1670 -49.14 73.39 -57.35
C ARG F 1670 -49.75 72.15 -57.96
N VAL F 1671 -49.42 70.97 -57.43
CA VAL F 1671 -49.99 69.73 -57.94
C VAL F 1671 -51.48 69.68 -57.65
N ALA F 1672 -51.90 70.21 -56.50
CA ALA F 1672 -53.33 70.26 -56.19
C ALA F 1672 -54.08 71.14 -57.19
N HIS F 1673 -53.52 72.29 -57.52
CA HIS F 1673 -54.13 73.14 -58.54
C HIS F 1673 -54.17 72.44 -59.89
N ALA F 1674 -53.11 71.72 -60.24
CA ALA F 1674 -53.12 70.96 -61.48
C ALA F 1674 -54.21 69.90 -61.48
N LEU F 1675 -54.40 69.22 -60.36
CA LEU F 1675 -55.45 68.21 -60.24
C LEU F 1675 -56.83 68.83 -60.37
N CYS F 1676 -57.02 70.04 -59.81
CA CYS F 1676 -58.34 70.67 -59.84
C CYS F 1676 -58.86 70.86 -61.26
N SER F 1677 -57.96 70.96 -62.24
CA SER F 1677 -58.40 71.02 -63.63
C SER F 1677 -59.05 69.71 -64.06
N HIS F 1678 -58.50 68.58 -63.63
CA HIS F 1678 -59.04 67.28 -64.01
C HIS F 1678 -60.30 66.94 -63.20
N VAL F 1679 -60.20 66.98 -61.88
CA VAL F 1679 -61.31 66.72 -60.98
C VAL F 1679 -61.76 68.04 -60.39
N ASP F 1680 -63.01 68.40 -60.60
CA ASP F 1680 -63.53 69.71 -60.23
C ASP F 1680 -64.46 69.60 -59.02
N GLN F 1681 -64.84 70.77 -58.51
CA GLN F 1681 -65.70 70.85 -57.34
C GLN F 1681 -67.05 70.20 -57.60
N ALA F 1682 -67.62 70.43 -58.79
CA ALA F 1682 -68.92 69.83 -59.10
C ALA F 1682 -68.84 68.32 -59.11
N GLN F 1683 -67.80 67.75 -59.73
CA GLN F 1683 -67.63 66.30 -59.71
C GLN F 1683 -67.44 65.77 -58.31
N LEU F 1684 -66.64 66.46 -57.49
CA LEU F 1684 -66.42 66.01 -56.12
C LEU F 1684 -67.71 66.02 -55.32
N LEU F 1685 -68.51 67.08 -55.44
CA LEU F 1685 -69.75 67.17 -54.69
C LEU F 1685 -70.76 66.13 -55.18
N HIS F 1686 -70.83 65.90 -56.49
CA HIS F 1686 -71.77 64.91 -57.00
C HIS F 1686 -71.37 63.50 -56.57
N ALA F 1687 -70.06 63.21 -56.55
CA ALA F 1687 -69.59 61.93 -56.04
C ALA F 1687 -69.86 61.80 -54.55
N LEU F 1688 -69.78 62.90 -53.81
CA LEU F 1688 -70.14 62.88 -52.40
C LEU F 1688 -71.61 62.54 -52.22
N GLU F 1689 -72.48 63.11 -53.04
CA GLU F 1689 -73.91 62.86 -52.93
C GLU F 1689 -74.36 61.57 -53.61
N ASP F 1690 -73.47 60.89 -54.34
CA ASP F 1690 -73.84 59.69 -55.09
C ASP F 1690 -73.99 58.52 -54.13
N ALA F 1691 -75.23 58.09 -53.89
CA ALA F 1691 -75.48 56.99 -52.96
C ALA F 1691 -75.15 55.63 -53.56
N HIS F 1692 -75.35 55.46 -54.86
CA HIS F 1692 -75.16 54.18 -55.52
C HIS F 1692 -73.72 53.96 -55.98
N LEU F 1693 -72.83 54.90 -55.72
CA LEU F 1693 -71.44 54.72 -56.10
C LEU F 1693 -70.81 53.59 -55.29
N PRO F 1694 -69.93 52.80 -55.89
CA PRO F 1694 -69.23 51.75 -55.13
C PRO F 1694 -68.44 52.34 -53.98
N GLY F 1695 -68.32 51.56 -52.90
CA GLY F 1695 -67.67 51.99 -51.69
C GLY F 1695 -66.22 52.42 -51.84
N PRO F 1696 -65.41 51.61 -52.53
CA PRO F 1696 -64.02 52.06 -52.78
C PRO F 1696 -63.94 53.37 -53.53
N LEU F 1697 -64.79 53.59 -54.54
CA LEU F 1697 -64.76 54.85 -55.26
C LEU F 1697 -65.24 56.00 -54.40
N ARG F 1698 -66.27 55.77 -53.57
CA ARG F 1698 -66.74 56.81 -52.67
C ARG F 1698 -65.66 57.23 -51.69
N ALA F 1699 -64.97 56.25 -51.09
CA ALA F 1699 -63.87 56.55 -50.18
C ALA F 1699 -62.74 57.28 -50.91
N GLY F 1700 -62.43 56.84 -52.13
CA GLY F 1700 -61.38 57.50 -52.89
C GLY F 1700 -61.70 58.95 -53.18
N TYR F 1701 -62.94 59.24 -53.59
CA TYR F 1701 -63.32 60.62 -53.86
C TYR F 1701 -63.32 61.47 -52.59
N TYR F 1702 -63.81 60.92 -51.48
CA TYR F 1702 -63.78 61.66 -50.22
C TYR F 1702 -62.33 62.00 -49.84
N ASP F 1703 -61.44 61.01 -49.91
CA ASP F 1703 -60.04 61.24 -49.53
C ASP F 1703 -59.38 62.20 -50.50
N LEU F 1704 -59.72 62.13 -51.79
CA LEU F 1704 -59.16 63.07 -52.75
C LEU F 1704 -59.58 64.49 -52.44
N LEU F 1705 -60.86 64.69 -52.10
CA LEU F 1705 -61.33 66.03 -51.73
C LEU F 1705 -60.59 66.54 -50.50
N ILE F 1706 -60.47 65.69 -49.47
CA ILE F 1706 -59.77 66.11 -48.25
C ILE F 1706 -58.31 66.44 -48.55
N SER F 1707 -57.68 65.67 -49.43
CA SER F 1707 -56.28 65.88 -49.74
C SER F 1707 -56.06 67.17 -50.53
N ILE F 1708 -56.94 67.46 -51.50
CA ILE F 1708 -56.72 68.60 -52.38
C ILE F 1708 -57.37 69.88 -51.89
N HIS F 1709 -58.11 69.84 -50.78
CA HIS F 1709 -58.76 71.05 -50.29
C HIS F 1709 -58.55 71.36 -48.82
N LEU F 1710 -58.09 70.39 -48.00
CA LEU F 1710 -57.98 70.65 -46.57
C LEU F 1710 -56.68 70.18 -45.92
N GLU F 1711 -55.81 69.46 -46.65
CA GLU F 1711 -54.68 68.80 -46.02
C GLU F 1711 -53.72 69.80 -45.37
N SER F 1712 -53.29 70.81 -46.13
CA SER F 1712 -52.29 71.75 -45.64
C SER F 1712 -52.82 72.57 -44.47
N ALA F 1713 -54.05 73.08 -44.60
CA ALA F 1713 -54.64 73.88 -43.54
C ALA F 1713 -54.84 73.05 -42.27
N CYS F 1714 -55.32 71.82 -42.43
CA CYS F 1714 -55.51 70.95 -41.27
C CYS F 1714 -54.17 70.66 -40.59
N ARG F 1715 -53.13 70.40 -41.38
CA ARG F 1715 -51.82 70.13 -40.81
C ARG F 1715 -51.29 71.34 -40.05
N SER F 1716 -51.42 72.53 -40.63
CA SER F 1716 -50.94 73.74 -39.97
C SER F 1716 -51.68 74.00 -38.66
N ARG F 1717 -53.01 73.86 -38.69
CA ARG F 1717 -53.78 74.09 -37.46
C ARG F 1717 -53.47 73.03 -36.40
N ARG F 1718 -53.28 71.78 -36.82
CA ARG F 1718 -52.91 70.74 -35.86
C ARG F 1718 -51.55 71.03 -35.23
N SER F 1719 -50.60 71.52 -36.03
CA SER F 1719 -49.30 71.90 -35.49
C SER F 1719 -49.43 73.04 -34.49
N MET F 1720 -50.27 74.03 -34.81
CA MET F 1720 -50.44 75.18 -33.90
C MET F 1720 -51.25 74.84 -32.65
N LEU F 1721 -52.05 73.77 -32.68
CA LEU F 1721 -52.86 73.44 -31.52
C LEU F 1721 -52.03 73.04 -30.31
N SER F 1722 -50.74 72.73 -30.48
CA SER F 1722 -49.92 72.27 -29.37
C SER F 1722 -49.74 73.35 -28.32
N GLU F 1723 -49.49 74.59 -28.74
CA GLU F 1723 -49.15 75.66 -27.82
C GLU F 1723 -50.37 76.54 -27.52
N TYR F 1724 -50.43 77.02 -26.28
CA TYR F 1724 -51.51 77.90 -25.82
C TYR F 1724 -50.92 79.24 -25.43
N ILE F 1725 -51.16 80.26 -26.25
CA ILE F 1725 -50.78 81.63 -25.94
C ILE F 1725 -52.04 82.49 -25.97
N VAL F 1726 -52.24 83.26 -24.90
CA VAL F 1726 -53.49 84.00 -24.73
C VAL F 1726 -53.21 85.47 -24.49
N PRO F 1727 -53.90 86.38 -25.16
CA PRO F 1727 -53.73 87.81 -24.89
C PRO F 1727 -54.60 88.28 -23.73
N LEU F 1728 -54.19 89.40 -23.15
CA LEU F 1728 -54.97 90.04 -22.09
C LEU F 1728 -56.06 90.90 -22.73
N THR F 1729 -57.26 90.33 -22.83
CA THR F 1729 -58.37 90.97 -23.50
C THR F 1729 -59.64 90.83 -22.66
N PRO F 1730 -60.62 91.72 -22.87
CA PRO F 1730 -61.92 91.51 -22.21
C PRO F 1730 -62.55 90.19 -22.59
N GLU F 1731 -62.39 89.75 -23.84
CA GLU F 1731 -62.86 88.42 -24.22
C GLU F 1731 -62.14 87.33 -23.44
N THR F 1732 -60.85 87.55 -23.13
CA THR F 1732 -60.12 86.60 -22.29
C THR F 1732 -60.70 86.56 -20.88
N ARG F 1733 -60.89 87.72 -20.25
CA ARG F 1733 -61.36 87.74 -18.87
C ARG F 1733 -62.83 87.35 -18.75
N ALA F 1734 -63.59 87.38 -19.86
CA ALA F 1734 -64.98 86.94 -19.81
C ALA F 1734 -65.13 85.44 -19.69
N ILE F 1735 -64.05 84.67 -19.90
CA ILE F 1735 -64.14 83.22 -19.83
C ILE F 1735 -64.32 82.78 -18.39
N THR F 1736 -65.29 81.91 -18.14
CA THR F 1736 -65.56 81.36 -16.82
C THR F 1736 -65.45 79.85 -16.87
N LEU F 1737 -64.83 79.27 -15.85
CA LEU F 1737 -64.67 77.81 -15.80
C LEU F 1737 -66.02 77.12 -15.71
N PHE F 1738 -66.92 77.63 -14.87
CA PHE F 1738 -68.27 77.10 -14.73
C PHE F 1738 -69.27 78.15 -15.17
N PRO F 1739 -69.85 78.03 -16.36
CA PRO F 1739 -70.85 78.99 -16.81
C PRO F 1739 -72.05 79.00 -15.87
N PRO F 1740 -72.62 80.17 -15.58
CA PRO F 1740 -73.78 80.22 -14.69
C PRO F 1740 -74.99 79.53 -15.31
N GLY F 1741 -75.78 78.90 -14.45
CA GLY F 1741 -77.00 78.25 -14.90
C GLY F 1741 -78.01 79.26 -15.40
N ARG F 1742 -78.53 79.03 -16.61
CA ARG F 1742 -79.52 79.94 -17.18
C ARG F 1742 -80.80 79.91 -16.36
N LYS F 1743 -81.25 78.73 -15.93
CA LYS F 1743 -82.46 78.63 -15.12
C LYS F 1743 -82.27 79.30 -13.77
N GLY F 1744 -81.11 79.12 -13.15
CA GLY F 1744 -80.83 79.70 -11.86
C GLY F 1744 -80.72 78.61 -10.80
N GLY F 1745 -79.79 78.80 -9.87
CA GLY F 1745 -79.56 77.84 -8.82
C GLY F 1745 -78.78 76.61 -9.24
N ASN F 1746 -78.22 76.59 -10.45
CA ASN F 1746 -77.46 75.46 -10.95
C ASN F 1746 -75.97 75.80 -10.89
N ALA F 1747 -75.22 75.03 -10.11
CA ALA F 1747 -73.79 75.25 -9.94
C ALA F 1747 -73.02 74.02 -10.39
N ARG F 1748 -71.73 74.24 -10.66
CA ARG F 1748 -70.81 73.20 -11.12
C ARG F 1748 -71.24 72.62 -12.46
N ARG F 1749 -71.91 73.43 -13.28
CA ARG F 1749 -72.33 72.99 -14.61
C ARG F 1749 -71.15 73.00 -15.56
N HIS F 1750 -70.90 71.86 -16.20
CA HIS F 1750 -69.83 71.75 -17.20
C HIS F 1750 -70.37 72.18 -18.56
N GLY F 1751 -69.70 73.16 -19.17
CA GLY F 1751 -70.12 73.61 -20.49
C GLY F 1751 -69.86 72.55 -21.55
N LEU F 1752 -70.65 72.62 -22.60
CA LEU F 1752 -70.50 71.66 -23.71
C LEU F 1752 -69.18 71.91 -24.41
N PRO F 1753 -68.38 70.87 -24.65
CA PRO F 1753 -67.08 71.08 -25.31
C PRO F 1753 -67.25 71.64 -26.71
N GLY F 1754 -66.35 72.54 -27.09
CA GLY F 1754 -66.38 73.17 -28.40
C GLY F 1754 -67.35 74.31 -28.53
N VAL F 1755 -68.06 74.68 -27.45
CA VAL F 1755 -69.05 75.75 -27.52
C VAL F 1755 -68.54 77.02 -26.83
N GLY F 1756 -67.68 76.92 -25.83
CA GLY F 1756 -67.21 78.10 -25.13
C GLY F 1756 -66.30 78.95 -25.99
N VAL F 1757 -66.07 80.17 -25.51
CA VAL F 1757 -65.27 81.14 -26.23
C VAL F 1757 -63.78 80.81 -26.03
N THR F 1758 -63.05 80.72 -27.14
CA THR F 1758 -61.62 80.45 -27.11
C THR F 1758 -60.88 81.67 -27.64
N THR F 1759 -59.93 82.18 -26.84
CA THR F 1759 -59.16 83.35 -27.20
C THR F 1759 -57.69 83.03 -27.47
N SER F 1760 -57.32 81.75 -27.49
CA SER F 1760 -55.96 81.38 -27.81
C SER F 1760 -55.65 81.75 -29.26
N LEU F 1761 -54.43 82.25 -29.49
CA LEU F 1761 -54.06 82.77 -30.79
C LEU F 1761 -53.80 81.63 -31.76
N ARG F 1762 -54.59 81.57 -32.83
CA ARG F 1762 -54.42 80.58 -33.89
C ARG F 1762 -54.33 81.33 -35.21
N PRO F 1763 -53.26 81.16 -35.98
CA PRO F 1763 -53.15 81.85 -37.27
C PRO F 1763 -54.28 81.44 -38.20
N PRO F 1764 -54.82 82.37 -38.98
CA PRO F 1764 -55.93 82.05 -39.88
C PRO F 1764 -55.46 81.26 -41.10
N HIS F 1765 -56.42 80.57 -41.71
CA HIS F 1765 -56.15 79.80 -42.91
C HIS F 1765 -56.07 80.71 -44.13
N HIS F 1766 -55.31 80.27 -45.13
CA HIS F 1766 -55.12 81.02 -46.37
C HIS F 1766 -55.38 80.09 -47.55
N PHE F 1767 -56.21 80.56 -48.49
CA PHE F 1767 -56.53 79.80 -49.69
C PHE F 1767 -56.47 80.71 -50.90
N SER F 1768 -56.19 80.13 -52.06
CA SER F 1768 -56.17 80.84 -53.32
C SER F 1768 -57.11 80.14 -54.30
N PRO F 1769 -58.12 80.82 -54.83
CA PRO F 1769 -59.06 80.18 -55.76
C PRO F 1769 -58.34 79.65 -56.98
N PRO F 1770 -58.73 78.49 -57.49
CA PRO F 1770 -58.09 77.95 -58.69
C PRO F 1770 -58.31 78.87 -59.89
N CYS F 1771 -57.29 78.97 -60.72
CA CYS F 1771 -57.36 79.81 -61.92
C CYS F 1771 -56.42 79.23 -62.97
N PHE F 1772 -56.94 79.03 -64.18
CA PHE F 1772 -56.15 78.46 -65.27
C PHE F 1772 -56.17 79.34 -66.51
N VAL F 1773 -56.76 80.52 -66.44
CA VAL F 1773 -56.72 81.47 -67.56
C VAL F 1773 -55.72 82.59 -67.33
N ALA F 1774 -55.29 82.82 -66.09
CA ALA F 1774 -54.34 83.88 -65.80
C ALA F 1774 -53.00 83.59 -66.46
N ALA F 1775 -52.31 84.66 -66.87
CA ALA F 1775 -51.01 84.51 -67.51
C ALA F 1775 -50.00 83.91 -66.55
N LEU F 1776 -49.26 82.92 -67.03
CA LEU F 1776 -48.27 82.23 -66.20
C LEU F 1776 -47.01 83.08 -66.10
N PRO F 1777 -46.58 83.48 -64.90
CA PRO F 1777 -45.36 84.28 -64.71
C PRO F 1777 -44.10 83.49 -65.07
N GLU F 1783 -37.77 84.30 -53.97
CA GLU F 1783 -37.91 84.10 -55.41
C GLU F 1783 -39.36 83.76 -55.78
N ALA F 1784 -39.65 82.46 -55.83
CA ALA F 1784 -41.00 82.01 -56.16
C ALA F 1784 -41.77 81.70 -54.88
N PRO F 1785 -42.82 82.45 -54.57
CA PRO F 1785 -43.59 82.16 -53.36
C PRO F 1785 -44.34 80.83 -53.46
N ALA F 1786 -44.56 80.21 -52.30
CA ALA F 1786 -45.28 78.95 -52.27
C ALA F 1786 -46.75 79.17 -52.60
N ARG F 1787 -47.29 78.29 -53.44
CA ARG F 1787 -48.69 78.39 -53.84
C ARG F 1787 -49.60 78.00 -52.68
N LEU F 1788 -50.83 78.47 -52.74
CA LEU F 1788 -51.83 78.23 -51.72
C LEU F 1788 -52.80 77.13 -52.14
N SER F 1789 -53.49 76.56 -51.16
CA SER F 1789 -54.45 75.50 -51.43
C SER F 1789 -55.63 76.06 -52.21
N PRO F 1790 -56.18 75.30 -53.17
CA PRO F 1790 -57.35 75.77 -53.91
C PRO F 1790 -58.54 76.02 -52.99
N ALA F 1791 -59.33 77.05 -53.33
CA ALA F 1791 -60.45 77.47 -52.51
C ALA F 1791 -61.70 76.64 -52.83
N ILE F 1792 -62.57 76.54 -51.83
CA ILE F 1792 -63.83 75.82 -51.94
C ILE F 1792 -64.77 76.39 -50.88
N PRO F 1793 -66.08 76.53 -51.14
CA PRO F 1793 -66.97 77.13 -50.14
C PRO F 1793 -67.02 76.32 -48.85
N LEU F 1794 -66.44 76.89 -47.79
CA LEU F 1794 -66.27 76.14 -46.55
C LEU F 1794 -67.59 76.00 -45.80
N GLU F 1795 -68.38 77.06 -45.74
CA GLU F 1795 -69.67 76.97 -45.05
C GLU F 1795 -70.62 76.01 -45.77
N ALA F 1796 -70.65 76.08 -47.10
CA ALA F 1796 -71.48 75.14 -47.86
C ALA F 1796 -71.00 73.71 -47.67
N LEU F 1797 -69.69 73.48 -47.68
CA LEU F 1797 -69.17 72.14 -47.45
C LEU F 1797 -69.51 71.66 -46.05
N ARG F 1798 -69.44 72.55 -45.05
CA ARG F 1798 -69.78 72.18 -43.68
C ARG F 1798 -71.23 71.78 -43.55
N ASP F 1799 -72.14 72.57 -44.12
CA ASP F 1799 -73.56 72.24 -44.06
C ASP F 1799 -73.83 70.93 -44.80
N LYS F 1800 -73.20 70.75 -45.96
CA LYS F 1800 -73.38 69.51 -46.72
C LYS F 1800 -72.91 68.30 -45.92
N ALA F 1801 -71.75 68.41 -45.27
CA ALA F 1801 -71.23 67.30 -44.49
C ALA F 1801 -72.10 67.02 -43.27
N LEU F 1802 -72.62 68.06 -42.63
CA LEU F 1802 -73.51 67.85 -41.50
C LEU F 1802 -74.78 67.12 -41.92
N ARG F 1803 -75.36 67.52 -43.06
CA ARG F 1803 -76.54 66.82 -43.56
C ARG F 1803 -76.20 65.38 -43.92
N MET F 1804 -75.05 65.16 -44.54
CA MET F 1804 -74.59 63.81 -44.86
C MET F 1804 -74.53 62.94 -43.61
N LEU F 1805 -73.88 63.45 -42.56
CA LEU F 1805 -73.74 62.66 -41.34
C LEU F 1805 -75.09 62.39 -40.70
N GLY F 1806 -75.97 63.39 -40.69
CA GLY F 1806 -77.30 63.18 -40.12
C GLY F 1806 -78.07 62.09 -40.85
N GLU F 1807 -78.11 62.17 -42.18
CA GLU F 1807 -78.86 61.16 -42.92
C GLU F 1807 -78.19 59.79 -42.85
N ALA F 1808 -76.86 59.75 -42.78
CA ALA F 1808 -76.17 58.47 -42.63
C ALA F 1808 -76.50 57.83 -41.29
N VAL F 1809 -76.52 58.60 -40.21
CA VAL F 1809 -76.90 58.05 -38.91
C VAL F 1809 -78.34 57.59 -38.93
N ARG F 1810 -79.23 58.36 -39.56
CA ARG F 1810 -80.63 57.94 -39.64
C ARG F 1810 -80.77 56.63 -40.42
N ASP F 1811 -80.07 56.50 -41.54
CA ASP F 1811 -80.14 55.27 -42.34
C ASP F 1811 -79.55 54.09 -41.57
N GLY F 1812 -78.44 54.30 -40.86
CA GLY F 1812 -77.89 53.23 -40.05
C GLY F 1812 -78.82 52.79 -38.95
N GLY F 1813 -79.49 53.74 -38.29
CA GLY F 1813 -80.46 53.38 -37.27
C GLY F 1813 -81.65 52.63 -37.84
N GLN F 1814 -82.16 53.07 -38.99
CA GLN F 1814 -83.26 52.37 -39.63
C GLN F 1814 -82.81 51.03 -40.19
N HIS F 1815 -83.71 50.06 -40.18
CA HIS F 1815 -83.41 48.73 -40.66
C HIS F 1815 -83.32 48.74 -42.18
N ALA F 1816 -82.14 48.40 -42.72
CA ALA F 1816 -81.93 48.38 -44.16
C ALA F 1816 -80.88 47.34 -44.49
N ARG F 1817 -80.98 46.77 -45.69
CA ARG F 1817 -80.05 45.75 -46.15
C ARG F 1817 -79.10 46.26 -47.22
N ASP F 1818 -79.18 47.53 -47.61
CA ASP F 1818 -78.28 48.12 -48.60
C ASP F 1818 -77.68 49.39 -48.02
N PRO F 1819 -76.67 49.26 -47.16
CA PRO F 1819 -75.98 50.46 -46.66
C PRO F 1819 -75.27 51.19 -47.78
N VAL F 1820 -75.17 52.51 -47.63
CA VAL F 1820 -74.55 53.33 -48.66
C VAL F 1820 -73.10 52.92 -48.83
N GLY F 1821 -72.70 52.67 -50.08
CA GLY F 1821 -71.37 52.18 -50.37
C GLY F 1821 -71.22 50.67 -50.27
N GLY F 1822 -72.27 49.94 -49.91
CA GLY F 1822 -72.22 48.51 -49.80
C GLY F 1822 -71.85 47.98 -48.44
N SER F 1823 -71.47 48.83 -47.50
CA SER F 1823 -71.11 48.38 -46.17
C SER F 1823 -71.25 49.54 -45.18
N VAL F 1824 -71.34 49.19 -43.90
CA VAL F 1824 -71.41 50.21 -42.85
C VAL F 1824 -70.13 51.02 -42.80
N GLU F 1825 -68.98 50.36 -43.02
CA GLU F 1825 -67.71 51.07 -43.04
C GLU F 1825 -67.68 52.10 -44.17
N PHE F 1826 -68.05 51.69 -45.38
CA PHE F 1826 -68.09 52.64 -46.49
C PHE F 1826 -69.18 53.69 -46.31
N GLN F 1827 -70.20 53.41 -45.50
CA GLN F 1827 -71.23 54.41 -45.23
C GLN F 1827 -70.74 55.48 -44.27
N PHE F 1828 -69.98 55.10 -43.25
CA PHE F 1828 -69.65 56.03 -42.17
C PHE F 1828 -68.24 56.60 -42.22
N VAL F 1829 -67.23 55.81 -42.58
CA VAL F 1829 -65.84 56.25 -42.41
C VAL F 1829 -65.52 57.51 -43.20
N PRO F 1830 -65.84 57.63 -44.49
CA PRO F 1830 -65.52 58.88 -45.20
C PRO F 1830 -66.22 60.10 -44.62
N VAL F 1831 -67.49 59.96 -44.24
CA VAL F 1831 -68.22 61.08 -43.66
C VAL F 1831 -67.60 61.49 -42.33
N LEU F 1832 -67.24 60.51 -41.50
CA LEU F 1832 -66.59 60.82 -40.23
C LEU F 1832 -65.25 61.50 -40.44
N LYS F 1833 -64.48 61.04 -41.43
CA LYS F 1833 -63.20 61.68 -41.73
C LYS F 1833 -63.40 63.14 -42.13
N LEU F 1834 -64.36 63.41 -43.01
CA LEU F 1834 -64.60 64.79 -43.44
C LEU F 1834 -65.07 65.65 -42.29
N VAL F 1835 -65.99 65.13 -41.46
CA VAL F 1835 -66.49 65.89 -40.33
C VAL F 1835 -65.38 66.19 -39.34
N SER F 1836 -64.52 65.20 -39.06
CA SER F 1836 -63.41 65.42 -38.14
C SER F 1836 -62.43 66.44 -38.69
N THR F 1837 -62.14 66.37 -39.99
CA THR F 1837 -61.23 67.35 -40.58
C THR F 1837 -61.78 68.76 -40.47
N LEU F 1838 -63.06 68.94 -40.83
CA LEU F 1838 -63.66 70.27 -40.72
C LEU F 1838 -63.70 70.74 -39.27
N LEU F 1839 -64.03 69.84 -38.34
CA LEU F 1839 -64.14 70.22 -36.93
C LEU F 1839 -62.79 70.64 -36.37
N VAL F 1840 -61.72 69.91 -36.71
CA VAL F 1840 -60.40 70.27 -36.24
C VAL F 1840 -59.87 71.50 -36.96
N MET F 1841 -60.38 71.80 -38.16
CA MET F 1841 -60.01 73.04 -38.84
C MET F 1841 -60.81 74.23 -38.33
N GLY F 1842 -61.91 73.99 -37.62
CA GLY F 1842 -62.64 75.05 -36.97
C GLY F 1842 -63.74 75.69 -37.78
N ILE F 1843 -64.17 75.07 -38.88
CA ILE F 1843 -65.22 75.65 -39.71
C ILE F 1843 -66.56 75.62 -38.98
N PHE F 1844 -66.82 74.55 -38.23
CA PHE F 1844 -68.12 74.40 -37.57
C PHE F 1844 -68.34 75.48 -36.54
N GLY F 1845 -69.58 75.99 -36.49
CA GLY F 1845 -69.97 76.97 -35.51
C GLY F 1845 -70.41 76.33 -34.20
N ASP F 1846 -70.84 77.18 -33.27
CA ASP F 1846 -71.27 76.68 -31.95
C ASP F 1846 -72.52 75.82 -32.07
N GLU F 1847 -73.51 76.27 -32.84
CA GLU F 1847 -74.72 75.49 -33.01
C GLU F 1847 -74.44 74.19 -33.76
N ASP F 1848 -73.54 74.23 -34.75
CA ASP F 1848 -73.17 73.02 -35.46
C ASP F 1848 -72.47 72.02 -34.55
N VAL F 1849 -71.58 72.51 -33.67
CA VAL F 1849 -70.92 71.64 -32.70
C VAL F 1849 -71.95 71.04 -31.75
N LYS F 1850 -72.93 71.83 -31.32
CA LYS F 1850 -73.98 71.32 -30.46
C LYS F 1850 -74.79 70.23 -31.17
N GLN F 1851 -75.10 70.43 -32.45
CA GLN F 1851 -75.82 69.42 -33.21
C GLN F 1851 -74.99 68.14 -33.36
N ILE F 1852 -73.69 68.28 -33.59
CA ILE F 1852 -72.83 67.10 -33.68
C ILE F 1852 -72.80 66.35 -32.36
N LEU F 1853 -72.74 67.09 -31.25
CA LEU F 1853 -72.76 66.46 -29.93
C LEU F 1853 -74.08 65.72 -29.70
N LYS F 1854 -75.20 66.34 -30.07
CA LYS F 1854 -76.49 65.67 -29.93
C LYS F 1854 -76.57 64.41 -30.78
N MET F 1855 -76.05 64.47 -32.00
CA MET F 1855 -76.06 63.29 -32.87
C MET F 1855 -75.16 62.18 -32.33
N ILE F 1856 -74.03 62.56 -31.71
CA ILE F 1856 -73.17 61.56 -31.09
C ILE F 1856 -73.89 60.91 -29.90
N GLU F 1857 -74.54 61.73 -29.06
CA GLU F 1857 -75.33 61.21 -27.96
C GLU F 1857 -76.42 62.19 -27.57
N PRO F 1858 -77.69 61.90 -27.86
CA PRO F 1858 -78.75 62.85 -27.51
C PRO F 1858 -78.98 62.97 -26.02
N GLU F 1859 -78.96 61.84 -25.30
CA GLU F 1859 -79.27 61.87 -23.87
C GLU F 1859 -78.21 62.62 -23.08
N VAL F 1860 -76.94 62.29 -23.29
CA VAL F 1860 -75.87 62.92 -22.52
C VAL F 1860 -75.72 64.39 -22.90
N PHE F 1861 -75.69 64.67 -24.21
CA PHE F 1861 -75.52 66.03 -24.71
C PHE F 1861 -76.87 66.59 -25.12
N THR F 1862 -77.50 67.33 -24.20
CA THR F 1862 -78.78 67.97 -24.48
C THR F 1862 -78.89 69.22 -23.63
N GLU F 1863 -79.73 70.14 -24.08
CA GLU F 1863 -79.97 71.40 -23.39
C GLU F 1863 -81.45 71.52 -23.05
N GLU F 1864 -81.74 71.83 -21.78
CA GLU F 1864 -83.11 71.96 -21.33
C GLU F 1864 -83.66 73.35 -21.64
N LEU F 1912 -86.59 56.71 -29.11
CA LEU F 1912 -86.50 57.83 -30.04
C LEU F 1912 -85.21 57.77 -30.85
N GLU F 1913 -84.46 58.87 -30.85
CA GLU F 1913 -83.20 58.92 -31.57
C GLU F 1913 -82.18 57.99 -30.95
N GLU F 1914 -81.45 57.26 -31.79
CA GLU F 1914 -80.43 56.33 -31.34
C GLU F 1914 -79.05 56.93 -31.57
N GLY F 1915 -78.22 56.92 -30.53
CA GLY F 1915 -76.91 57.51 -30.63
C GLY F 1915 -75.94 56.65 -31.43
N LEU F 1916 -74.88 57.31 -31.91
CA LEU F 1916 -73.83 56.58 -32.60
C LEU F 1916 -73.09 55.64 -31.66
N LEU F 1917 -72.97 56.03 -30.38
CA LEU F 1917 -72.51 55.09 -29.36
C LEU F 1917 -73.45 53.90 -29.25
N GLN F 1918 -74.76 54.16 -29.22
CA GLN F 1918 -75.72 53.09 -29.00
C GLN F 1918 -75.71 52.08 -30.14
N MET F 1919 -75.65 52.56 -31.38
CA MET F 1919 -75.66 51.65 -32.52
C MET F 1919 -74.32 50.93 -32.65
N LYS F 1920 -74.38 49.69 -33.13
CA LYS F 1920 -73.18 48.87 -33.27
C LYS F 1920 -72.35 49.37 -34.45
N LEU F 1921 -71.05 49.51 -34.24
CA LEU F 1921 -70.15 50.06 -35.24
C LEU F 1921 -68.93 49.17 -35.44
N PRO F 1922 -68.36 49.15 -36.64
CA PRO F 1922 -67.10 48.44 -36.87
C PRO F 1922 -65.92 49.22 -36.30
N GLU F 1923 -64.75 48.59 -36.37
CA GLU F 1923 -63.56 49.14 -35.71
C GLU F 1923 -63.08 50.43 -36.33
N SER F 1924 -63.20 50.58 -37.65
CA SER F 1924 -62.79 51.83 -38.29
C SER F 1924 -63.66 53.00 -37.83
N VAL F 1925 -64.98 52.79 -37.79
CA VAL F 1925 -65.89 53.82 -37.28
C VAL F 1925 -65.58 54.10 -35.82
N LYS F 1926 -65.25 53.06 -35.06
CA LYS F 1926 -64.84 53.24 -33.67
C LYS F 1926 -63.63 54.15 -33.56
N LEU F 1927 -62.62 53.92 -34.40
CA LEU F 1927 -61.42 54.74 -34.38
C LEU F 1927 -61.71 56.19 -34.75
N GLN F 1928 -62.55 56.40 -35.76
CA GLN F 1928 -62.90 57.76 -36.16
C GLN F 1928 -63.63 58.49 -35.03
N MET F 1929 -64.56 57.81 -34.36
CA MET F 1929 -65.26 58.43 -33.25
C MET F 1929 -64.32 58.70 -32.08
N CYS F 1930 -63.34 57.82 -31.86
CA CYS F 1930 -62.32 58.10 -30.85
C CYS F 1930 -61.54 59.36 -31.20
N ASN F 1931 -61.21 59.56 -32.47
CA ASN F 1931 -60.55 60.79 -32.87
C ASN F 1931 -61.40 62.01 -32.58
N LEU F 1932 -62.71 61.92 -32.88
CA LEU F 1932 -63.60 63.03 -32.57
C LEU F 1932 -63.62 63.34 -31.08
N LEU F 1933 -63.68 62.31 -30.25
CA LEU F 1933 -63.70 62.53 -28.80
C LEU F 1933 -62.37 63.07 -28.29
N GLU F 1934 -61.26 62.68 -28.92
CA GLU F 1934 -59.98 63.31 -28.59
C GLU F 1934 -60.01 64.80 -28.89
N TYR F 1935 -60.62 65.19 -30.02
CA TYR F 1935 -60.79 66.60 -30.32
C TYR F 1935 -61.58 67.31 -29.23
N PHE F 1936 -62.68 66.69 -28.79
CA PHE F 1936 -63.48 67.31 -27.73
C PHE F 1936 -62.71 67.44 -26.43
N CYS F 1937 -61.90 66.42 -26.08
CA CYS F 1937 -61.08 66.50 -24.88
C CYS F 1937 -60.05 67.63 -24.99
N ASP F 1938 -59.45 67.79 -26.17
CA ASP F 1938 -58.52 68.90 -26.36
C ASP F 1938 -59.22 70.24 -26.18
N GLN F 1939 -60.44 70.35 -26.70
CA GLN F 1939 -61.20 71.59 -26.50
C GLN F 1939 -61.47 71.85 -25.02
N GLU F 1940 -61.81 70.80 -24.27
CA GLU F 1940 -62.02 70.96 -22.83
C GLU F 1940 -60.75 71.44 -22.14
N LEU F 1941 -59.60 70.87 -22.49
CA LEU F 1941 -58.34 71.29 -21.88
C LEU F 1941 -58.03 72.75 -22.22
N GLN F 1942 -58.28 73.15 -23.47
CA GLN F 1942 -58.04 74.55 -23.85
C GLN F 1942 -58.95 75.49 -23.07
N HIS F 1943 -60.21 75.11 -22.88
CA HIS F 1943 -61.11 75.93 -22.09
C HIS F 1943 -60.60 76.06 -20.65
N ARG F 1944 -60.14 74.96 -20.06
CA ARG F 1944 -59.64 75.01 -18.70
C ARG F 1944 -58.42 75.94 -18.58
N VAL F 1945 -57.48 75.83 -19.52
CA VAL F 1945 -56.27 76.65 -19.41
C VAL F 1945 -56.60 78.12 -19.66
N GLU F 1946 -57.53 78.41 -20.55
CA GLU F 1946 -57.93 79.81 -20.76
C GLU F 1946 -58.61 80.39 -19.53
N SER F 1947 -59.47 79.61 -18.88
CA SER F 1947 -60.09 80.08 -17.64
C SER F 1947 -59.04 80.33 -16.57
N LEU F 1948 -58.04 79.44 -16.47
CA LEU F 1948 -56.96 79.65 -15.52
C LEU F 1948 -56.19 80.93 -15.82
N ALA F 1949 -55.93 81.21 -17.09
CA ALA F 1949 -55.22 82.43 -17.46
C ALA F 1949 -56.03 83.67 -17.08
N ALA F 1950 -57.34 83.66 -17.33
CA ALA F 1950 -58.17 84.80 -16.98
C ALA F 1950 -58.17 85.04 -15.48
N PHE F 1951 -58.33 83.97 -14.69
CA PHE F 1951 -58.30 84.13 -13.25
C PHE F 1951 -56.92 84.59 -12.78
N ALA F 1952 -55.86 84.13 -13.44
CA ALA F 1952 -54.52 84.60 -13.10
C ALA F 1952 -54.40 86.11 -13.31
N GLU F 1953 -54.94 86.61 -14.43
CA GLU F 1953 -54.93 88.05 -14.66
C GLU F 1953 -55.65 88.80 -13.54
N ARG F 1954 -56.88 88.36 -13.21
CA ARG F 1954 -57.64 89.07 -12.19
C ARG F 1954 -56.95 89.02 -10.83
N TYR F 1955 -56.43 87.84 -10.47
CA TYR F 1955 -55.79 87.68 -9.17
C TYR F 1955 -54.51 88.48 -9.08
N VAL F 1956 -53.76 88.56 -10.19
CA VAL F 1956 -52.56 89.38 -10.23
C VAL F 1956 -52.91 90.85 -10.02
N ASP F 1957 -53.97 91.31 -10.67
CA ASP F 1957 -54.40 92.69 -10.45
C ASP F 1957 -54.73 92.95 -8.98
N LYS F 1958 -55.51 92.05 -8.37
CA LYS F 1958 -55.88 92.24 -6.97
C LYS F 1958 -54.64 92.22 -6.06
N LEU F 1959 -53.71 91.29 -6.30
CA LEU F 1959 -52.55 91.19 -5.43
C LEU F 1959 -51.64 92.40 -5.59
N GLN F 1960 -51.50 92.92 -6.82
CA GLN F 1960 -50.72 94.13 -7.01
C GLN F 1960 -51.35 95.32 -6.27
N ALA F 1961 -52.67 95.46 -6.36
CA ALA F 1961 -53.34 96.53 -5.63
C ALA F 1961 -53.13 96.40 -4.12
N ASN F 1962 -53.27 95.17 -3.61
CA ASN F 1962 -53.08 94.94 -2.17
C ASN F 1962 -51.64 95.25 -1.75
N GLN F 1963 -50.66 94.85 -2.57
CA GLN F 1963 -49.27 95.12 -2.22
C GLN F 1963 -48.97 96.61 -2.23
N ARG F 1964 -49.54 97.35 -3.20
CA ARG F 1964 -49.34 98.80 -3.19
C ARG F 1964 -49.97 99.44 -1.97
N SER F 1965 -51.17 98.99 -1.59
CA SER F 1965 -51.81 99.51 -0.39
C SER F 1965 -50.98 99.23 0.85
N ARG F 1966 -50.44 98.01 0.97
CA ARG F 1966 -49.59 97.68 2.11
C ARG F 1966 -48.28 98.47 2.10
N TYR F 1967 -47.73 98.72 0.90
CA TYR F 1967 -46.58 99.62 0.79
C TYR F 1967 -46.88 100.97 1.38
N ALA F 1968 -48.02 101.57 1.00
CA ALA F 1968 -48.40 102.87 1.55
C ALA F 1968 -48.59 102.81 3.06
N LEU F 1969 -49.27 101.76 3.54
CA LEU F 1969 -49.52 101.64 4.98
C LEU F 1969 -48.23 101.54 5.77
N LEU F 1970 -47.29 100.70 5.32
CA LEU F 1970 -46.05 100.52 6.06
C LEU F 1970 -45.16 101.75 5.96
N MET F 1971 -45.18 102.43 4.80
CA MET F 1971 -44.41 103.66 4.69
C MET F 1971 -44.94 104.74 5.62
N ARG F 1972 -46.27 104.83 5.77
CA ARG F 1972 -46.83 105.81 6.68
C ARG F 1972 -46.55 105.45 8.14
N ALA F 1973 -46.73 104.17 8.50
CA ALA F 1973 -46.56 103.71 9.88
C ALA F 1973 -45.23 102.98 9.98
N PHE F 1974 -44.19 103.70 10.41
CA PHE F 1974 -42.86 103.15 10.61
C PHE F 1974 -42.36 103.41 12.03
N THR F 1975 -43.26 103.30 13.01
CA THR F 1975 -42.89 103.56 14.40
C THR F 1975 -41.88 102.55 14.90
N MET F 1976 -42.07 101.27 14.59
CA MET F 1976 -41.17 100.20 15.01
C MET F 1976 -40.07 100.07 13.95
N SER F 1977 -38.85 100.50 14.28
CA SER F 1977 -37.77 100.50 13.31
C SER F 1977 -37.38 99.07 12.91
N ALA F 1978 -37.20 98.18 13.89
CA ALA F 1978 -36.79 96.82 13.59
C ALA F 1978 -37.87 96.07 12.82
N ALA F 1979 -39.13 96.22 13.24
CA ALA F 1979 -40.23 95.57 12.53
C ALA F 1979 -40.35 96.11 11.11
N GLU F 1980 -40.20 97.42 10.93
CA GLU F 1980 -40.26 97.99 9.59
C GLU F 1980 -39.13 97.48 8.72
N THR F 1981 -37.92 97.37 9.28
CA THR F 1981 -36.79 96.85 8.51
C THR F 1981 -37.01 95.39 8.11
N ALA F 1982 -37.49 94.56 9.04
CA ALA F 1982 -37.76 93.16 8.72
C ALA F 1982 -38.86 93.04 7.66
N ARG F 1983 -39.91 93.86 7.78
CA ARG F 1983 -40.97 93.85 6.78
C ARG F 1983 -40.45 94.28 5.42
N ARG F 1984 -39.61 95.33 5.38
CA ARG F 1984 -39.03 95.77 4.11
C ARG F 1984 -38.13 94.70 3.52
N THR F 1985 -37.48 93.91 4.37
CA THR F 1985 -36.62 92.83 3.87
C THR F 1985 -37.44 91.69 3.27
N ARG F 1986 -38.51 91.28 3.96
CA ARG F 1986 -39.29 90.13 3.55
C ARG F 1986 -40.69 90.54 3.11
N GLU F 1987 -41.09 90.12 1.91
CA GLU F 1987 -42.40 90.42 1.33
C GLU F 1987 -42.57 91.91 1.02
N PHE F 1988 -41.50 92.57 0.57
CA PHE F 1988 -41.54 94.02 0.39
C PHE F 1988 -40.42 94.40 -0.56
N ARG F 1989 -40.77 94.74 -1.80
CA ARG F 1989 -39.78 95.13 -2.82
C ARG F 1989 -38.68 94.09 -2.96
N SER F 1990 -39.08 92.82 -2.96
CA SER F 1990 -38.17 91.68 -3.02
C SER F 1990 -38.22 91.07 -4.42
N PRO F 1991 -37.42 90.05 -4.71
CA PRO F 1991 -37.62 89.28 -5.95
C PRO F 1991 -39.08 88.92 -6.15
N PRO F 1992 -39.65 89.31 -7.29
CA PRO F 1992 -41.10 89.12 -7.47
C PRO F 1992 -41.56 87.69 -7.32
N GLN F 1993 -40.81 86.73 -7.88
CA GLN F 1993 -41.21 85.33 -7.77
C GLN F 1993 -41.18 84.87 -6.31
N GLU F 1994 -40.18 85.30 -5.55
CA GLU F 1994 -40.15 84.98 -4.13
C GLU F 1994 -41.34 85.59 -3.40
N GLN F 1995 -41.71 86.83 -3.74
CA GLN F 1995 -42.83 87.47 -3.09
C GLN F 1995 -44.12 86.71 -3.35
N ILE F 1996 -44.37 86.33 -4.61
CA ILE F 1996 -45.63 85.64 -4.90
C ILE F 1996 -45.61 84.24 -4.29
N ASN F 1997 -44.46 83.57 -4.30
CA ASN F 1997 -44.38 82.25 -3.68
C ASN F 1997 -44.69 82.31 -2.19
N MET F 1998 -44.17 83.32 -1.50
CA MET F 1998 -44.46 83.45 -0.07
C MET F 1998 -45.88 83.93 0.17
N LEU F 1999 -46.45 84.71 -0.74
CA LEU F 1999 -47.82 85.18 -0.59
C LEU F 1999 -48.82 84.04 -0.76
N LEU F 2000 -48.57 83.16 -1.73
CA LEU F 2000 -49.47 82.05 -2.03
C LEU F 2000 -49.27 80.86 -1.11
N HIS F 2001 -48.62 81.05 0.04
CA HIS F 2001 -48.31 79.97 0.95
C HIS F 2001 -49.41 79.73 1.98
N PHE F 2002 -50.52 80.47 1.91
CA PHE F 2002 -51.58 80.30 2.90
C PHE F 2002 -52.35 79.00 2.73
N LYS F 2003 -51.99 78.16 1.76
CA LYS F 2003 -52.59 76.83 1.68
C LYS F 2003 -52.30 76.03 2.95
N ASP F 2004 -51.07 76.12 3.46
CA ASP F 2004 -50.75 75.55 4.75
C ASP F 2004 -51.35 76.39 5.87
N GLU F 2005 -51.89 75.71 6.89
CA GLU F 2005 -52.51 76.41 7.99
C GLU F 2005 -51.50 77.26 8.75
N ALA F 2006 -50.29 76.73 8.95
CA ALA F 2006 -49.27 77.48 9.68
C ALA F 2006 -48.86 78.75 8.92
N ASP F 2007 -48.71 78.65 7.60
CA ASP F 2007 -48.32 79.81 6.81
C ASP F 2007 -49.49 80.71 6.43
N GLU F 2008 -50.72 80.31 6.75
CA GLU F 2008 -51.87 81.18 6.48
C GLU F 2008 -51.75 82.49 7.24
N GLU F 2009 -51.35 82.43 8.52
CA GLU F 2009 -51.14 83.65 9.29
C GLU F 2009 -49.91 84.41 8.82
N ASP F 2010 -48.87 83.69 8.36
CA ASP F 2010 -47.67 84.35 7.89
C ASP F 2010 -47.94 85.17 6.64
N CYS F 2011 -48.76 84.65 5.74
CA CYS F 2011 -49.09 85.38 4.51
C CYS F 2011 -49.88 86.64 4.86
N PRO F 2012 -49.44 87.83 4.43
CA PRO F 2012 -50.18 89.06 4.72
C PRO F 2012 -51.36 89.32 3.81
N LEU F 2013 -51.72 88.38 2.94
CA LEU F 2013 -52.83 88.59 2.02
C LEU F 2013 -54.15 88.68 2.79
N PRO F 2014 -55.10 89.45 2.29
CA PRO F 2014 -56.40 89.55 2.96
C PRO F 2014 -57.16 88.23 2.94
N GLU F 2015 -58.03 88.05 3.94
CA GLU F 2015 -58.82 86.83 4.04
C GLU F 2015 -59.72 86.67 2.82
N ASP F 2016 -60.27 87.76 2.31
CA ASP F 2016 -61.10 87.69 1.11
C ASP F 2016 -60.30 87.20 -0.09
N ILE F 2017 -59.07 87.71 -0.25
CA ILE F 2017 -58.22 87.27 -1.35
C ILE F 2017 -57.87 85.79 -1.22
N ARG F 2018 -57.52 85.36 -0.01
CA ARG F 2018 -57.19 83.96 0.22
C ARG F 2018 -58.39 83.06 -0.06
N GLN F 2019 -59.58 83.49 0.39
CA GLN F 2019 -60.79 82.70 0.14
C GLN F 2019 -61.11 82.65 -1.35
N ASP F 2020 -60.87 83.76 -2.07
CA ASP F 2020 -61.07 83.75 -3.52
C ASP F 2020 -60.17 82.72 -4.19
N LEU F 2021 -58.89 82.69 -3.79
CA LEU F 2021 -57.98 81.72 -4.39
C LEU F 2021 -58.39 80.29 -4.04
N GLN F 2022 -58.80 80.06 -2.79
CA GLN F 2022 -59.24 78.71 -2.40
C GLN F 2022 -60.49 78.29 -3.16
N ASP F 2023 -61.44 79.20 -3.36
CA ASP F 2023 -62.64 78.89 -4.13
C ASP F 2023 -62.30 78.58 -5.57
N PHE F 2024 -61.38 79.34 -6.16
CA PHE F 2024 -60.97 79.02 -7.53
C PHE F 2024 -60.30 77.67 -7.62
N HIS F 2025 -59.46 77.32 -6.62
CA HIS F 2025 -58.83 76.02 -6.61
C HIS F 2025 -59.87 74.91 -6.51
N GLN F 2026 -60.88 75.09 -5.66
CA GLN F 2026 -61.95 74.11 -5.55
C GLN F 2026 -62.73 73.97 -6.85
N ASP F 2027 -63.00 75.09 -7.52
CA ASP F 2027 -63.69 75.05 -8.81
C ASP F 2027 -62.86 74.33 -9.86
N LEU F 2028 -61.54 74.56 -9.86
CA LEU F 2028 -60.67 73.88 -10.80
C LEU F 2028 -60.67 72.37 -10.54
N LEU F 2029 -60.62 71.97 -9.27
CA LEU F 2029 -60.69 70.54 -8.94
C LEU F 2029 -62.02 69.94 -9.40
N ALA F 2030 -63.12 70.66 -9.17
CA ALA F 2030 -64.43 70.17 -9.58
C ALA F 2030 -64.51 70.02 -11.10
N HIS F 2031 -63.98 71.00 -11.85
CA HIS F 2031 -63.98 70.91 -13.30
C HIS F 2031 -63.12 69.76 -13.79
N CYS F 2032 -61.95 69.56 -13.17
CA CYS F 2032 -61.10 68.44 -13.54
C CYS F 2032 -61.70 67.10 -13.15
N GLY F 2033 -62.64 67.09 -12.22
CA GLY F 2033 -63.31 65.87 -11.82
C GLY F 2033 -62.79 65.21 -10.56
N ILE F 2034 -61.86 65.84 -9.84
CA ILE F 2034 -61.33 65.28 -8.61
C ILE F 2034 -62.33 65.53 -7.50
N GLN F 2035 -62.76 64.44 -6.84
CA GLN F 2035 -63.74 64.54 -5.77
C GLN F 2035 -63.28 63.78 -4.53
N LYS F 2079 -76.05 54.12 -13.73
CA LYS F 2079 -75.53 55.48 -13.69
C LYS F 2079 -75.41 56.06 -15.10
N LYS F 2080 -76.39 56.86 -15.48
CA LYS F 2080 -76.38 57.50 -16.80
C LYS F 2080 -75.23 58.50 -16.87
N PRO F 2081 -74.41 58.47 -17.92
CA PRO F 2081 -73.32 59.44 -18.04
C PRO F 2081 -73.85 60.86 -18.08
N GLN F 2082 -73.32 61.69 -17.19
CA GLN F 2082 -73.70 63.10 -17.10
C GLN F 2082 -72.63 64.04 -17.62
N SER F 2083 -71.54 63.52 -18.16
CA SER F 2083 -70.44 64.36 -18.63
C SER F 2083 -69.62 63.59 -19.65
N LEU F 2084 -68.78 64.32 -20.39
CA LEU F 2084 -67.95 63.72 -21.41
C LEU F 2084 -66.99 62.70 -20.81
N GLN F 2085 -66.42 63.01 -19.64
CA GLN F 2085 -65.48 62.10 -19.01
C GLN F 2085 -66.13 60.76 -18.69
N GLU F 2086 -67.27 60.78 -18.00
CA GLU F 2086 -67.97 59.55 -17.67
C GLU F 2086 -68.41 58.81 -18.92
N LEU F 2087 -68.93 59.55 -19.92
CA LEU F 2087 -69.41 58.91 -21.13
C LEU F 2087 -68.27 58.20 -21.86
N VAL F 2088 -67.12 58.84 -21.98
CA VAL F 2088 -65.99 58.23 -22.67
C VAL F 2088 -65.44 57.06 -21.86
N SER F 2089 -65.43 57.17 -20.54
CA SER F 2089 -64.95 56.06 -19.71
C SER F 2089 -65.81 54.83 -19.90
N HIS F 2090 -67.13 54.98 -19.79
CA HIS F 2090 -68.03 53.85 -20.00
C HIS F 2090 -67.95 53.34 -21.43
N MET F 2091 -67.77 54.25 -22.38
CA MET F 2091 -67.54 53.87 -23.78
C MET F 2091 -66.35 52.93 -23.93
N VAL F 2092 -65.20 53.34 -23.40
CA VAL F 2092 -63.99 52.53 -23.54
C VAL F 2092 -64.15 51.19 -22.83
N VAL F 2093 -64.70 51.20 -21.62
CA VAL F 2093 -64.89 49.95 -20.89
C VAL F 2093 -65.81 49.02 -21.65
N ARG F 2094 -66.92 49.55 -22.19
CA ARG F 2094 -67.88 48.72 -22.91
C ARG F 2094 -67.26 48.13 -24.17
N TRP F 2095 -66.52 48.94 -24.93
CA TRP F 2095 -65.91 48.43 -26.14
C TRP F 2095 -64.85 47.38 -25.83
N ALA F 2096 -64.09 47.57 -24.76
CA ALA F 2096 -63.10 46.57 -24.38
C ALA F 2096 -63.77 45.28 -23.92
N GLN F 2097 -64.91 45.38 -23.23
CA GLN F 2097 -65.58 44.19 -22.72
C GLN F 2097 -66.34 43.43 -23.79
N GLU F 2098 -66.87 44.12 -24.81
CA GLU F 2098 -67.73 43.43 -25.78
C GLU F 2098 -67.00 42.33 -26.53
N ASP F 2099 -65.77 42.60 -26.98
CA ASP F 2099 -65.06 41.63 -27.80
C ASP F 2099 -63.56 41.79 -27.58
N TYR F 2100 -62.78 41.10 -28.40
CA TYR F 2100 -61.32 41.13 -28.35
C TYR F 2100 -60.87 41.95 -29.56
N VAL F 2101 -60.50 43.21 -29.32
CA VAL F 2101 -60.15 44.12 -30.40
C VAL F 2101 -58.85 43.69 -31.04
N GLN F 2102 -58.86 43.53 -32.36
CA GLN F 2102 -57.70 43.08 -33.12
C GLN F 2102 -56.90 44.23 -33.74
N SER F 2103 -57.29 45.47 -33.48
CA SER F 2103 -56.60 46.61 -34.08
C SER F 2103 -55.70 47.27 -33.04
N PRO F 2104 -54.37 47.16 -33.17
CA PRO F 2104 -53.49 47.82 -32.20
C PRO F 2104 -53.68 49.32 -32.14
N GLU F 2105 -53.90 49.98 -33.28
CA GLU F 2105 -54.12 51.41 -33.28
C GLU F 2105 -55.40 51.78 -32.53
N LEU F 2106 -56.47 51.02 -32.77
CA LEU F 2106 -57.72 51.26 -32.05
C LEU F 2106 -57.54 51.06 -30.55
N VAL F 2107 -56.84 49.99 -30.17
CA VAL F 2107 -56.61 49.69 -28.75
C VAL F 2107 -55.84 50.83 -28.10
N ARG F 2108 -54.76 51.28 -28.75
CA ARG F 2108 -53.97 52.38 -28.22
C ARG F 2108 -54.83 53.64 -28.09
N ALA F 2109 -55.68 53.91 -29.08
CA ALA F 2109 -56.53 55.09 -29.04
C ALA F 2109 -57.47 55.04 -27.84
N MET F 2110 -58.17 53.91 -27.65
CA MET F 2110 -59.15 53.86 -26.56
C MET F 2110 -58.46 53.94 -25.21
N PHE F 2111 -57.32 53.27 -25.05
CA PHE F 2111 -56.66 53.30 -23.75
C PHE F 2111 -56.03 54.66 -23.46
N SER F 2112 -55.50 55.34 -24.48
CA SER F 2112 -55.01 56.70 -24.28
C SER F 2112 -56.14 57.63 -23.89
N LEU F 2113 -57.30 57.51 -24.56
CA LEU F 2113 -58.46 58.33 -24.20
C LEU F 2113 -58.90 58.05 -22.77
N LEU F 2114 -58.93 56.78 -22.37
CA LEU F 2114 -59.33 56.44 -21.01
C LEU F 2114 -58.35 57.02 -19.99
N HIS F 2115 -57.05 56.95 -20.29
CA HIS F 2115 -56.05 57.54 -19.40
C HIS F 2115 -56.26 59.05 -19.28
N ARG F 2116 -56.54 59.73 -20.39
CA ARG F 2116 -56.78 61.17 -20.32
C ARG F 2116 -58.03 61.49 -19.49
N GLN F 2117 -59.09 60.69 -19.65
CA GLN F 2117 -60.29 60.92 -18.86
C GLN F 2117 -60.03 60.72 -17.37
N TYR F 2118 -59.28 59.66 -17.01
CA TYR F 2118 -59.04 59.40 -15.60
C TYR F 2118 -58.06 60.41 -14.98
N ASP F 2119 -57.07 60.87 -15.74
CA ASP F 2119 -56.08 61.82 -15.22
C ASP F 2119 -56.44 63.21 -15.77
N GLY F 2120 -57.21 63.95 -15.00
CA GLY F 2120 -57.63 65.28 -15.41
C GLY F 2120 -56.70 66.38 -14.93
N LEU F 2121 -56.43 66.40 -13.63
CA LEU F 2121 -55.56 67.43 -13.07
C LEU F 2121 -54.14 67.30 -13.61
N GLY F 2122 -53.64 66.07 -13.75
CA GLY F 2122 -52.30 65.87 -14.27
C GLY F 2122 -52.14 66.35 -15.70
N GLU F 2123 -53.19 66.18 -16.51
CA GLU F 2123 -53.14 66.68 -17.89
C GLU F 2123 -53.00 68.20 -17.92
N LEU F 2124 -53.77 68.90 -17.08
CA LEU F 2124 -53.64 70.35 -16.99
C LEU F 2124 -52.25 70.73 -16.47
N LEU F 2125 -51.73 69.97 -15.50
CA LEU F 2125 -50.40 70.25 -14.97
C LEU F 2125 -49.34 70.14 -16.06
N ARG F 2126 -49.44 69.12 -16.91
CA ARG F 2126 -48.51 69.00 -18.03
C ARG F 2126 -48.73 70.09 -19.07
N ALA F 2127 -49.98 70.56 -19.22
CA ALA F 2127 -50.28 71.57 -20.22
C ALA F 2127 -49.79 72.97 -19.81
N LEU F 2128 -49.73 73.25 -18.50
CA LEU F 2128 -49.35 74.59 -18.05
C LEU F 2128 -48.01 75.08 -18.59
N PRO F 2129 -46.93 74.29 -18.65
CA PRO F 2129 -45.67 74.83 -19.18
C PRO F 2129 -45.79 75.40 -20.58
N ARG F 2130 -46.67 74.83 -21.41
CA ARG F 2130 -46.88 75.38 -22.75
C ARG F 2130 -47.68 76.68 -22.74
N ALA F 2131 -48.47 76.92 -21.69
CA ALA F 2131 -49.29 78.12 -21.63
C ALA F 2131 -48.46 79.37 -21.46
N TYR F 2132 -48.92 80.47 -22.06
CA TYR F 2132 -48.24 81.75 -21.96
C TYR F 2132 -49.24 82.86 -22.15
N THR F 2133 -48.95 84.02 -21.56
CA THR F 2133 -49.84 85.18 -21.59
C THR F 2133 -49.12 86.37 -22.18
N ILE F 2134 -49.79 87.09 -23.08
CA ILE F 2134 -49.21 88.23 -23.77
C ILE F 2134 -50.13 89.44 -23.61
N SER F 2135 -49.57 90.61 -23.94
CA SER F 2135 -50.30 91.86 -23.92
C SER F 2135 -51.14 92.02 -25.18
N PRO F 2136 -52.23 92.78 -25.11
CA PRO F 2136 -53.08 92.95 -26.31
C PRO F 2136 -52.37 93.62 -27.47
N SER F 2137 -51.36 94.44 -27.21
CA SER F 2137 -50.72 95.22 -28.28
C SER F 2137 -49.76 94.39 -29.13
N SER F 2138 -49.34 93.21 -28.66
CA SER F 2138 -48.36 92.39 -29.36
C SER F 2138 -48.99 91.26 -30.17
N VAL F 2139 -50.31 91.26 -30.31
CA VAL F 2139 -50.99 90.14 -30.97
C VAL F 2139 -50.63 90.07 -32.45
N GLU F 2140 -50.44 91.22 -33.11
CA GLU F 2140 -50.13 91.21 -34.54
C GLU F 2140 -48.75 90.61 -34.79
N ASP F 2141 -47.74 91.08 -34.06
CA ASP F 2141 -46.39 90.53 -34.21
C ASP F 2141 -46.36 89.07 -33.79
N THR F 2142 -47.12 88.71 -32.76
CA THR F 2142 -47.21 87.30 -32.36
C THR F 2142 -47.78 86.45 -33.48
N MET F 2143 -48.83 86.92 -34.14
CA MET F 2143 -49.43 86.18 -35.25
C MET F 2143 -48.44 86.04 -36.40
N SER F 2144 -47.69 87.11 -36.70
CA SER F 2144 -46.69 87.02 -37.77
C SER F 2144 -45.62 86.00 -37.42
N LEU F 2145 -45.16 85.99 -36.17
CA LEU F 2145 -44.16 85.01 -35.75
C LEU F 2145 -44.71 83.59 -35.83
N LEU F 2146 -45.97 83.40 -35.45
CA LEU F 2146 -46.59 82.09 -35.55
C LEU F 2146 -46.68 81.64 -37.01
N GLU F 2147 -47.01 82.56 -37.92
CA GLU F 2147 -47.07 82.20 -39.33
C GLU F 2147 -45.71 81.79 -39.85
N CYS F 2148 -44.66 82.54 -39.50
CA CYS F 2148 -43.31 82.17 -39.92
C CYS F 2148 -42.90 80.81 -39.36
N LEU F 2149 -43.19 80.58 -38.07
CA LEU F 2149 -42.89 79.28 -37.48
C LEU F 2149 -43.69 78.17 -38.14
N GLY F 2150 -44.92 78.44 -38.55
CA GLY F 2150 -45.69 77.46 -39.28
C GLY F 2150 -45.08 77.10 -40.61
N GLN F 2151 -44.56 78.11 -41.33
CA GLN F 2151 -43.82 77.81 -42.55
C GLN F 2151 -42.59 76.95 -42.26
N ILE F 2152 -41.87 77.27 -41.18
CA ILE F 2152 -40.68 76.48 -40.83
C ILE F 2152 -41.06 75.03 -40.55
N ARG F 2153 -42.13 74.82 -39.77
CA ARG F 2153 -42.55 73.46 -39.44
C ARG F 2153 -43.07 72.72 -40.67
N SER F 2154 -43.78 73.42 -41.56
CA SER F 2154 -44.28 72.78 -42.77
C SER F 2154 -43.14 72.36 -43.69
N LEU F 2155 -42.05 73.13 -43.72
CA LEU F 2155 -40.93 72.76 -44.57
C LEU F 2155 -40.16 71.55 -44.06
N LEU F 2156 -40.44 71.07 -42.84
CA LEU F 2156 -39.72 69.93 -42.30
C LEU F 2156 -40.06 68.64 -43.06
N ILE F 2157 -41.34 68.38 -43.27
CA ILE F 2157 -41.76 67.12 -43.89
C ILE F 2157 -41.33 67.02 -45.35
N VAL F 2158 -41.06 68.14 -45.99
CA VAL F 2158 -40.68 68.17 -47.40
C VAL F 2158 -39.18 67.93 -47.51
N GLN F 2159 -38.77 67.16 -48.52
CA GLN F 2159 -37.35 66.95 -48.77
C GLN F 2159 -36.69 68.26 -49.16
N MET F 2160 -35.49 68.49 -48.62
CA MET F 2160 -34.84 69.79 -48.77
C MET F 2160 -34.38 70.00 -50.21
N GLY F 2161 -34.69 71.18 -50.74
CA GLY F 2161 -34.28 71.56 -52.07
C GLY F 2161 -33.92 73.04 -52.13
N PRO F 2162 -33.66 73.56 -53.34
CA PRO F 2162 -33.34 74.99 -53.45
C PRO F 2162 -34.47 75.91 -53.02
N GLN F 2163 -35.70 75.65 -53.48
CA GLN F 2163 -36.83 76.48 -53.10
C GLN F 2163 -37.11 76.40 -51.61
N GLU F 2164 -37.08 75.18 -51.06
CA GLU F 2164 -37.25 75.02 -49.62
C GLU F 2164 -36.16 75.77 -48.86
N GLU F 2165 -34.92 75.70 -49.35
CA GLU F 2165 -33.82 76.42 -48.74
C GLU F 2165 -34.10 77.91 -48.69
N ASN F 2166 -34.53 78.47 -49.82
CA ASN F 2166 -34.83 79.90 -49.86
C ASN F 2166 -35.95 80.27 -48.89
N LEU F 2167 -36.99 79.43 -48.82
CA LEU F 2167 -38.07 79.69 -47.88
C LEU F 2167 -37.59 79.66 -46.44
N MET F 2168 -36.73 78.70 -46.08
CA MET F 2168 -36.20 78.70 -44.71
C MET F 2168 -35.34 79.93 -44.44
N ILE F 2169 -34.54 80.36 -45.41
CA ILE F 2169 -33.75 81.58 -45.20
C ILE F 2169 -34.68 82.76 -44.92
N GLN F 2170 -35.73 82.91 -45.73
CA GLN F 2170 -36.65 84.02 -45.52
C GLN F 2170 -37.35 83.92 -44.16
N SER F 2171 -37.77 82.72 -43.77
CA SER F 2171 -38.47 82.55 -42.51
C SER F 2171 -37.57 82.86 -41.33
N ILE F 2172 -36.32 82.39 -41.37
CA ILE F 2172 -35.38 82.68 -40.28
C ILE F 2172 -35.08 84.17 -40.23
N GLY F 2173 -34.94 84.82 -41.38
CA GLY F 2173 -34.73 86.26 -41.39
C GLY F 2173 -35.90 87.01 -40.76
N ASN F 2174 -37.13 86.63 -41.11
CA ASN F 2174 -38.30 87.27 -40.52
C ASN F 2174 -38.36 87.02 -39.01
N ILE F 2175 -38.05 85.80 -38.57
CA ILE F 2175 -38.05 85.50 -37.14
C ILE F 2175 -37.04 86.37 -36.42
N MET F 2176 -35.84 86.51 -36.98
CA MET F 2176 -34.81 87.31 -36.33
C MET F 2176 -35.20 88.79 -36.31
N ASN F 2177 -35.87 89.27 -37.37
CA ASN F 2177 -36.27 90.67 -37.41
C ASN F 2177 -37.48 90.98 -36.53
N ASN F 2178 -38.29 89.97 -36.20
CA ASN F 2178 -39.42 90.21 -35.30
C ASN F 2178 -38.94 90.71 -33.94
N LYS F 2179 -39.60 91.75 -33.43
CA LYS F 2179 -39.21 92.31 -32.14
C LYS F 2179 -39.56 91.38 -30.99
N VAL F 2180 -40.68 90.66 -31.10
CA VAL F 2180 -41.12 89.76 -30.04
C VAL F 2180 -40.12 88.64 -29.81
N PHE F 2181 -39.34 88.31 -30.84
CA PHE F 2181 -38.41 87.17 -30.74
C PHE F 2181 -37.38 87.39 -29.65
N TYR F 2182 -36.75 88.56 -29.60
CA TYR F 2182 -35.75 88.84 -28.58
C TYR F 2182 -36.32 89.50 -27.34
N GLN F 2183 -37.61 89.86 -27.34
CA GLN F 2183 -38.23 90.43 -26.16
C GLN F 2183 -38.90 89.39 -25.27
N HIS F 2184 -39.16 88.20 -25.79
CA HIS F 2184 -39.75 87.11 -25.02
C HIS F 2184 -38.97 85.82 -25.26
N PRO F 2185 -37.72 85.75 -24.76
CA PRO F 2185 -36.97 84.50 -24.88
C PRO F 2185 -37.65 83.33 -24.19
N ASN F 2186 -38.36 83.57 -23.09
CA ASN F 2186 -39.11 82.50 -22.44
C ASN F 2186 -40.19 81.95 -23.35
N LEU F 2187 -40.90 82.84 -24.06
CA LEU F 2187 -41.94 82.39 -24.98
C LEU F 2187 -41.33 81.66 -26.16
N MET F 2188 -40.18 82.12 -26.68
CA MET F 2188 -39.49 81.39 -27.73
C MET F 2188 -39.09 79.99 -27.26
N ARG F 2189 -38.57 79.88 -26.05
CA ARG F 2189 -38.17 78.58 -25.52
C ARG F 2189 -39.39 77.68 -25.33
N ALA F 2190 -40.50 78.24 -24.87
CA ALA F 2190 -41.72 77.45 -24.73
C ALA F 2190 -42.21 76.94 -26.08
N LEU F 2191 -42.15 77.79 -27.11
CA LEU F 2191 -42.48 77.35 -28.46
C LEU F 2191 -41.46 76.33 -28.98
N GLY F 2192 -40.25 76.31 -28.44
CA GLY F 2192 -39.26 75.35 -28.86
C GLY F 2192 -38.75 75.56 -30.28
N MET F 2193 -38.57 76.82 -30.69
CA MET F 2193 -38.08 77.10 -32.03
C MET F 2193 -36.63 76.67 -32.20
N HIS F 2194 -35.85 76.71 -31.11
CA HIS F 2194 -34.46 76.26 -31.18
C HIS F 2194 -34.38 74.79 -31.56
N GLU F 2195 -35.29 73.97 -31.03
CA GLU F 2195 -35.32 72.57 -31.42
C GLU F 2195 -35.66 72.41 -32.90
N THR F 2196 -36.57 73.23 -33.42
CA THR F 2196 -36.94 73.12 -34.83
C THR F 2196 -35.77 73.49 -35.74
N VAL F 2197 -35.11 74.62 -35.47
CA VAL F 2197 -33.97 75.00 -36.29
C VAL F 2197 -32.84 73.98 -36.10
N MET F 2198 -32.74 73.37 -34.92
CA MET F 2198 -31.77 72.30 -34.72
C MET F 2198 -32.07 71.11 -35.61
N GLU F 2199 -33.35 70.73 -35.74
CA GLU F 2199 -33.70 69.62 -36.63
C GLU F 2199 -33.40 69.98 -38.09
N VAL F 2200 -33.64 71.22 -38.48
CA VAL F 2200 -33.26 71.65 -39.83
C VAL F 2200 -31.76 71.50 -40.03
N MET F 2201 -30.97 71.92 -39.03
CA MET F 2201 -29.53 71.77 -39.10
C MET F 2201 -29.11 70.31 -39.16
N VAL F 2202 -29.82 69.45 -38.41
CA VAL F 2202 -29.56 68.01 -38.46
C VAL F 2202 -29.75 67.49 -39.87
N ASN F 2203 -30.86 67.88 -40.50
CA ASN F 2203 -31.15 67.40 -41.85
C ASN F 2203 -30.09 67.88 -42.84
N VAL F 2204 -29.72 69.16 -42.77
CA VAL F 2204 -28.77 69.68 -43.75
C VAL F 2204 -27.38 69.08 -43.52
N LEU F 2205 -26.98 68.87 -42.25
CA LEU F 2205 -25.69 68.27 -41.97
C LEU F 2205 -25.66 66.81 -42.41
N GLY F 2206 -26.75 66.08 -42.19
CA GLY F 2206 -26.82 64.71 -42.70
C GLY F 2206 -26.76 64.66 -44.20
N GLY F 2207 -27.38 65.62 -44.88
CA GLY F 2207 -27.25 65.71 -46.33
C GLY F 2207 -25.80 65.96 -46.73
N GLY F 2208 -25.12 66.87 -46.03
CA GLY F 2208 -23.71 67.15 -46.28
C GLY F 2208 -23.09 67.88 -45.09
N ILE F 2213 -20.64 71.46 -48.85
CA ILE F 2213 -21.96 71.30 -48.24
C ILE F 2213 -23.04 71.50 -49.30
N ARG F 2214 -24.06 70.65 -49.27
CA ARG F 2214 -25.15 70.76 -50.24
C ARG F 2214 -25.92 72.07 -50.05
N PHE F 2215 -26.16 72.48 -48.80
CA PHE F 2215 -26.90 73.70 -48.49
C PHE F 2215 -26.10 74.53 -47.47
N PRO F 2216 -24.97 75.09 -47.90
CA PRO F 2216 -24.18 75.92 -46.98
C PRO F 2216 -24.93 77.14 -46.51
N LYS F 2217 -25.84 77.69 -47.33
CA LYS F 2217 -26.68 78.78 -46.86
C LYS F 2217 -27.57 78.33 -45.71
N MET F 2218 -28.14 77.13 -45.81
CA MET F 2218 -28.90 76.58 -44.69
C MET F 2218 -28.05 76.46 -43.43
N VAL F 2219 -26.86 75.87 -43.56
CA VAL F 2219 -26.01 75.68 -42.38
C VAL F 2219 -25.65 77.03 -41.77
N THR F 2220 -25.27 78.00 -42.61
CA THR F 2220 -24.85 79.30 -42.10
C THR F 2220 -26.01 80.03 -41.44
N SER F 2221 -27.20 79.98 -42.05
CA SER F 2221 -28.36 80.65 -41.45
C SER F 2221 -28.73 80.02 -40.11
N CYS F 2222 -28.72 78.69 -40.04
CA CYS F 2222 -29.01 78.03 -38.77
C CYS F 2222 -27.99 78.40 -37.71
N CYS F 2223 -26.70 78.45 -38.08
CA CYS F 2223 -25.67 78.80 -37.11
C CYS F 2223 -25.81 80.23 -36.63
N ARG F 2224 -26.09 81.17 -37.54
CA ARG F 2224 -26.27 82.56 -37.12
C ARG F 2224 -27.49 82.70 -36.20
N PHE F 2225 -28.59 82.04 -36.55
CA PHE F 2225 -29.77 82.11 -35.70
C PHE F 2225 -29.49 81.53 -34.32
N LEU F 2226 -28.78 80.40 -34.26
CA LEU F 2226 -28.48 79.79 -32.98
C LEU F 2226 -27.54 80.66 -32.15
N CYS F 2227 -26.54 81.28 -32.79
CA CYS F 2227 -25.65 82.18 -32.06
C CYS F 2227 -26.40 83.39 -31.51
N TYR F 2228 -27.30 83.96 -32.31
CA TYR F 2228 -28.10 85.08 -31.82
C TYR F 2228 -28.98 84.63 -30.66
N PHE F 2229 -29.56 83.43 -30.77
CA PHE F 2229 -30.39 82.90 -29.69
C PHE F 2229 -29.59 82.71 -28.40
N CYS F 2230 -28.34 82.26 -28.52
CA CYS F 2230 -27.45 82.19 -27.37
C CYS F 2230 -27.19 83.56 -26.78
N ARG F 2231 -26.89 84.54 -27.64
CA ARG F 2231 -26.57 85.88 -27.17
C ARG F 2231 -27.76 86.60 -26.55
N ILE F 2232 -28.99 86.15 -26.84
CA ILE F 2232 -30.17 86.82 -26.30
C ILE F 2232 -30.14 86.83 -24.78
N SER F 2233 -29.93 85.67 -24.17
CA SER F 2233 -30.03 85.57 -22.71
C SER F 2233 -29.15 84.40 -22.23
N ARG F 2234 -29.33 84.02 -20.97
CA ARG F 2234 -28.52 83.00 -20.32
C ARG F 2234 -29.19 81.63 -20.30
N GLN F 2235 -30.49 81.56 -20.00
CA GLN F 2235 -31.19 80.28 -20.04
C GLN F 2235 -31.22 79.71 -21.46
N ASN F 2236 -31.32 80.59 -22.47
CA ASN F 2236 -31.16 80.15 -23.84
C ASN F 2236 -29.78 79.54 -24.06
N GLN F 2237 -28.76 80.16 -23.48
CA GLN F 2237 -27.41 79.62 -23.58
C GLN F 2237 -27.32 78.25 -22.92
N ARG F 2238 -28.00 78.06 -21.78
CA ARG F 2238 -28.01 76.75 -21.14
C ARG F 2238 -28.71 75.71 -22.01
N SER F 2239 -29.85 76.08 -22.61
CA SER F 2239 -30.55 75.14 -23.48
C SER F 2239 -29.69 74.75 -24.67
N MET F 2240 -28.95 75.71 -25.23
CA MET F 2240 -28.03 75.40 -26.32
C MET F 2240 -26.85 74.55 -25.84
N PHE F 2241 -26.38 74.78 -24.62
CA PHE F 2241 -25.28 73.99 -24.06
C PHE F 2241 -25.69 72.54 -23.83
N ASP F 2242 -26.98 72.30 -23.57
CA ASP F 2242 -27.44 70.93 -23.37
C ASP F 2242 -27.22 70.05 -24.60
N HIS F 2243 -27.03 70.65 -25.77
CA HIS F 2243 -26.74 69.93 -27.00
C HIS F 2243 -25.30 70.16 -27.47
N LEU F 2244 -24.37 70.26 -26.50
CA LEU F 2244 -22.99 70.58 -26.83
C LEU F 2244 -22.30 69.44 -27.59
N SER F 2245 -22.56 68.20 -27.20
CA SER F 2245 -21.80 67.08 -27.75
C SER F 2245 -22.00 66.95 -29.25
N TYR F 2246 -23.24 67.09 -29.73
CA TYR F 2246 -23.53 66.91 -31.14
C TYR F 2246 -22.79 67.95 -31.99
N LEU F 2247 -22.82 69.21 -31.54
CA LEU F 2247 -22.20 70.29 -32.31
C LEU F 2247 -20.70 70.06 -32.48
N LEU F 2248 -20.03 69.67 -31.38
CA LEU F 2248 -18.59 69.43 -31.47
C LEU F 2248 -18.28 68.21 -32.32
N GLU F 2249 -19.12 67.17 -32.25
CA GLU F 2249 -18.91 65.99 -33.08
C GLU F 2249 -19.01 66.33 -34.56
N ASN F 2250 -20.01 67.14 -34.94
CA ASN F 2250 -20.16 67.51 -36.34
C ASN F 2250 -19.21 68.62 -36.77
N SER F 2251 -18.58 69.32 -35.83
CA SER F 2251 -17.59 70.34 -36.17
C SER F 2251 -16.37 69.67 -36.81
N GLY F 2252 -16.21 69.85 -38.12
CA GLY F 2252 -15.07 69.34 -38.83
C GLY F 2252 -14.33 70.46 -39.55
N ILE F 2253 -13.22 70.08 -40.18
CA ILE F 2253 -12.40 71.07 -40.88
C ILE F 2253 -13.17 71.66 -42.07
N GLY F 2254 -13.75 70.79 -42.90
CA GLY F 2254 -14.52 71.27 -44.04
C GLY F 2254 -15.75 72.03 -43.62
N LEU F 2255 -16.46 71.54 -42.60
CA LEU F 2255 -17.61 72.27 -42.09
C LEU F 2255 -17.19 73.49 -41.28
N GLY F 2256 -16.03 73.43 -40.62
CA GLY F 2256 -15.55 74.55 -39.84
C GLY F 2256 -15.02 75.71 -40.65
N MET F 2257 -14.60 75.46 -41.89
CA MET F 2257 -14.16 76.56 -42.75
C MET F 2257 -15.31 77.44 -43.20
N GLN F 2258 -16.55 77.03 -42.95
CA GLN F 2258 -17.72 77.85 -43.25
C GLN F 2258 -17.71 79.12 -42.39
N GLY F 2259 -18.41 80.15 -42.87
CA GLY F 2259 -18.46 81.40 -42.15
C GLY F 2259 -19.04 81.24 -40.76
N SER F 2260 -20.14 80.51 -40.64
CA SER F 2260 -20.77 80.22 -39.36
C SER F 2260 -20.89 78.70 -39.22
N THR F 2261 -20.40 78.17 -38.10
CA THR F 2261 -20.22 76.74 -37.93
C THR F 2261 -20.82 76.28 -36.61
N PRO F 2262 -21.14 74.99 -36.51
CA PRO F 2262 -21.53 74.43 -35.20
C PRO F 2262 -20.48 74.63 -34.13
N LEU F 2263 -19.19 74.67 -34.51
CA LEU F 2263 -18.16 75.02 -33.55
C LEU F 2263 -18.36 76.43 -33.01
N ASP F 2264 -18.72 77.38 -33.88
CA ASP F 2264 -19.04 78.72 -33.42
C ASP F 2264 -20.27 78.72 -32.54
N VAL F 2265 -21.27 77.90 -32.87
CA VAL F 2265 -22.45 77.78 -32.03
C VAL F 2265 -22.09 77.29 -30.64
N ALA F 2266 -21.23 76.27 -30.56
CA ALA F 2266 -20.78 75.77 -29.27
C ALA F 2266 -19.98 76.81 -28.50
N ALA F 2267 -19.13 77.55 -29.20
CA ALA F 2267 -18.36 78.62 -28.55
C ALA F 2267 -19.30 79.68 -27.97
N ALA F 2268 -20.34 80.04 -28.71
CA ALA F 2268 -21.32 81.00 -28.20
C ALA F 2268 -22.10 80.42 -27.02
N SER F 2269 -22.38 79.11 -27.05
CA SER F 2269 -23.13 78.47 -25.98
C SER F 2269 -22.29 78.26 -24.72
N VAL F 2270 -20.96 78.32 -24.84
CA VAL F 2270 -20.10 78.11 -23.68
C VAL F 2270 -19.42 79.40 -23.21
N ILE F 2271 -19.43 80.46 -24.01
CA ILE F 2271 -18.61 81.63 -23.71
C ILE F 2271 -19.20 82.42 -22.54
N ASP F 2272 -18.32 82.89 -21.66
CA ASP F 2272 -18.66 83.85 -20.61
C ASP F 2272 -19.75 83.33 -19.67
N ASN F 2273 -19.69 82.04 -19.36
CA ASN F 2273 -20.55 81.44 -18.35
C ASN F 2273 -19.71 80.52 -17.47
N ASN F 2274 -19.50 80.94 -16.22
CA ASN F 2274 -18.61 80.21 -15.33
C ASN F 2274 -19.14 78.81 -15.02
N GLU F 2275 -20.43 78.71 -14.70
CA GLU F 2275 -20.99 77.40 -14.37
C GLU F 2275 -21.05 76.49 -15.59
N LEU F 2276 -21.35 77.05 -16.77
CA LEU F 2276 -21.33 76.24 -17.99
C LEU F 2276 -19.94 75.74 -18.29
N ALA F 2277 -18.91 76.58 -18.07
CA ALA F 2277 -17.54 76.14 -18.27
C ALA F 2277 -17.15 75.07 -17.25
N LEU F 2278 -17.60 75.21 -16.00
CA LEU F 2278 -17.27 74.23 -14.98
C LEU F 2278 -17.99 72.90 -15.22
N ALA F 2279 -19.15 72.93 -15.87
CA ALA F 2279 -19.90 71.72 -16.17
C ALA F 2279 -19.38 71.02 -17.42
N LEU F 2280 -18.31 71.51 -18.03
CA LEU F 2280 -17.77 70.89 -19.22
C LEU F 2280 -17.20 69.50 -18.90
N GLN F 2281 -17.52 68.53 -19.74
CA GLN F 2281 -16.98 67.18 -19.61
C GLN F 2281 -15.69 67.06 -20.41
N GLU F 2282 -14.76 66.26 -19.87
CA GLU F 2282 -13.45 66.11 -20.51
C GLU F 2282 -13.52 65.38 -21.84
N GLN F 2283 -14.62 64.67 -22.12
CA GLN F 2283 -14.75 63.97 -23.39
C GLN F 2283 -14.78 64.96 -24.56
N ASP F 2284 -15.51 66.07 -24.40
CA ASP F 2284 -15.55 67.08 -25.44
C ASP F 2284 -14.17 67.70 -25.67
N LEU F 2285 -13.44 67.97 -24.58
CA LEU F 2285 -12.08 68.48 -24.70
C LEU F 2285 -11.20 67.48 -25.43
N GLU F 2286 -11.35 66.20 -25.13
CA GLU F 2286 -10.60 65.16 -25.84
C GLU F 2286 -10.93 65.17 -27.32
N LYS F 2287 -12.21 65.33 -27.67
CA LYS F 2287 -12.62 65.35 -29.07
C LYS F 2287 -11.99 66.53 -29.81
N VAL F 2288 -12.06 67.73 -29.23
CA VAL F 2288 -11.52 68.89 -29.92
C VAL F 2288 -10.00 68.81 -30.01
N VAL F 2289 -9.35 68.25 -28.97
CA VAL F 2289 -7.91 68.05 -29.03
C VAL F 2289 -7.55 67.04 -30.11
N SER F 2290 -8.39 66.01 -30.29
CA SER F 2290 -8.15 65.05 -31.37
C SER F 2290 -8.28 65.71 -32.74
N TYR F 2291 -9.28 66.58 -32.90
CA TYR F 2291 -9.40 67.30 -34.17
C TYR F 2291 -8.19 68.19 -34.41
N LEU F 2292 -7.71 68.87 -33.36
CA LEU F 2292 -6.52 69.70 -33.49
C LEU F 2292 -5.30 68.87 -33.87
N ALA F 2293 -5.15 67.70 -33.25
CA ALA F 2293 -4.04 66.82 -33.57
C ALA F 2293 -4.12 66.35 -35.02
N GLY F 2294 -5.30 65.99 -35.49
CA GLY F 2294 -5.44 65.61 -36.89
C GLY F 2294 -5.10 66.73 -37.85
N CYS F 2295 -5.58 67.94 -37.55
CA CYS F 2295 -5.29 69.08 -38.41
C CYS F 2295 -3.79 69.38 -38.44
N GLY F 2296 -3.12 69.27 -37.29
CA GLY F 2296 -1.68 69.43 -37.25
C GLY F 2296 -0.92 68.27 -37.88
N LEU F 2297 -1.56 67.12 -38.03
CA LEU F 2297 -0.91 65.98 -38.67
C LEU F 2297 -0.98 66.08 -40.19
N GLN F 2298 -2.19 66.13 -40.75
CA GLN F 2298 -2.33 66.11 -42.21
C GLN F 2298 -2.62 67.50 -42.75
N SER F 2299 -2.40 67.64 -44.06
CA SER F 2299 -2.55 68.92 -44.75
C SER F 2299 -4.03 69.25 -44.96
N CYS F 2300 -4.28 70.39 -45.60
CA CYS F 2300 -5.64 70.87 -45.80
C CYS F 2300 -6.15 70.40 -47.16
N PRO F 2301 -7.20 69.55 -47.19
CA PRO F 2301 -7.64 68.96 -48.46
C PRO F 2301 -8.10 69.96 -49.51
N MET F 2302 -9.06 70.83 -49.17
CA MET F 2302 -9.54 71.78 -50.16
C MET F 2302 -8.50 72.86 -50.45
N LEU F 2303 -7.57 73.12 -49.54
CA LEU F 2303 -6.47 74.03 -49.84
C LEU F 2303 -5.58 73.46 -50.94
N LEU F 2304 -5.16 72.20 -50.79
CA LEU F 2304 -4.34 71.60 -51.82
C LEU F 2304 -5.14 71.37 -53.10
N ALA F 2305 -6.47 71.23 -52.99
CA ALA F 2305 -7.30 71.16 -54.17
C ALA F 2305 -7.31 72.50 -54.92
N LYS F 2306 -7.45 73.60 -54.19
CA LYS F 2306 -7.32 74.92 -54.82
C LYS F 2306 -5.93 75.13 -55.39
N GLY F 2307 -4.92 74.49 -54.82
CA GLY F 2307 -3.57 74.55 -55.35
C GLY F 2307 -2.55 75.27 -54.50
N TYR F 2308 -2.92 75.69 -53.29
CA TYR F 2308 -1.95 76.33 -52.41
C TYR F 2308 -0.86 75.32 -52.03
N PRO F 2309 0.39 75.76 -51.90
CA PRO F 2309 1.47 74.83 -51.54
C PRO F 2309 1.19 74.14 -50.22
N ASP F 2310 1.52 72.85 -50.16
CA ASP F 2310 1.24 72.04 -48.98
C ASP F 2310 2.34 72.20 -47.95
N ILE F 2311 1.96 72.56 -46.73
CA ILE F 2311 2.91 72.63 -45.62
C ILE F 2311 3.04 71.31 -44.89
N GLY F 2312 2.21 70.33 -45.22
CA GLY F 2312 2.14 69.08 -44.48
C GLY F 2312 1.21 69.11 -43.29
N TRP F 2313 0.56 70.23 -43.02
CA TRP F 2313 -0.33 70.35 -41.88
C TRP F 2313 -1.27 71.53 -42.10
N ASN F 2314 -2.33 71.58 -41.31
CA ASN F 2314 -3.43 72.52 -41.51
C ASN F 2314 -3.53 73.49 -40.34
N PRO F 2315 -2.99 74.71 -40.46
CA PRO F 2315 -3.05 75.66 -39.34
C PRO F 2315 -4.39 76.37 -39.22
N CYS F 2316 -5.03 76.67 -40.36
CA CYS F 2316 -6.28 77.43 -40.33
C CYS F 2316 -7.40 76.63 -39.69
N GLY F 2317 -7.42 75.31 -39.92
CA GLY F 2317 -8.41 74.48 -39.26
C GLY F 2317 -8.24 74.45 -37.76
N GLY F 2318 -6.99 74.36 -37.29
CA GLY F 2318 -6.72 74.31 -35.86
C GLY F 2318 -6.84 75.65 -35.16
N GLU F 2319 -6.80 76.75 -35.91
CA GLU F 2319 -7.02 78.06 -35.31
C GLU F 2319 -8.37 78.13 -34.62
N ARG F 2320 -9.41 77.61 -35.27
CA ARG F 2320 -10.75 77.60 -34.69
C ARG F 2320 -10.80 76.76 -33.41
N TYR F 2321 -10.15 75.59 -33.43
CA TYR F 2321 -10.12 74.74 -32.25
C TYR F 2321 -9.40 75.43 -31.09
N LEU F 2322 -8.30 76.11 -31.39
CA LEU F 2322 -7.58 76.85 -30.34
C LEU F 2322 -8.43 77.98 -29.80
N ASP F 2323 -9.19 78.67 -30.65
CA ASP F 2323 -10.11 79.68 -30.15
C ASP F 2323 -11.16 79.09 -29.22
N PHE F 2324 -11.70 77.92 -29.61
CA PHE F 2324 -12.68 77.26 -28.74
C PHE F 2324 -12.07 76.88 -27.40
N LEU F 2325 -10.84 76.38 -27.40
CA LEU F 2325 -10.17 76.05 -26.15
C LEU F 2325 -9.92 77.30 -25.31
N ARG F 2326 -9.58 78.42 -25.96
CA ARG F 2326 -9.39 79.66 -25.21
C ARG F 2326 -10.68 80.10 -24.54
N PHE F 2327 -11.81 80.00 -25.27
CA PHE F 2327 -13.09 80.34 -24.65
C PHE F 2327 -13.41 79.39 -23.50
N ALA F 2328 -13.09 78.10 -23.67
CA ALA F 2328 -13.37 77.13 -22.61
C ALA F 2328 -12.55 77.40 -21.36
N VAL F 2329 -11.28 77.78 -21.52
CA VAL F 2329 -10.40 77.93 -20.37
C VAL F 2329 -10.61 79.29 -19.70
N PHE F 2330 -10.59 80.37 -20.48
CA PHE F 2330 -10.63 81.73 -19.94
C PHE F 2330 -12.04 82.26 -19.98
N VAL F 2331 -12.57 82.64 -18.81
CA VAL F 2331 -13.87 83.28 -18.69
C VAL F 2331 -13.75 84.47 -17.74
N ASN F 2332 -14.32 85.61 -18.14
CA ASN F 2332 -14.39 86.81 -17.30
C ASN F 2332 -13.00 87.26 -16.84
N GLY F 2333 -11.98 87.04 -17.66
CA GLY F 2333 -10.64 87.47 -17.30
C GLY F 2333 -9.95 86.63 -16.25
N GLU F 2334 -10.51 85.47 -15.90
CA GLU F 2334 -9.92 84.59 -14.90
C GLU F 2334 -9.81 83.18 -15.46
N SER F 2335 -8.68 82.53 -15.20
CA SER F 2335 -8.44 81.19 -15.70
C SER F 2335 -9.21 80.17 -14.86
N VAL F 2336 -9.93 79.27 -15.54
CA VAL F 2336 -10.59 78.16 -14.86
C VAL F 2336 -9.54 77.08 -14.59
N GLU F 2337 -9.31 76.78 -13.31
CA GLU F 2337 -8.22 75.89 -12.94
C GLU F 2337 -8.44 74.47 -13.48
N GLU F 2338 -9.65 73.93 -13.28
CA GLU F 2338 -9.92 72.56 -13.70
C GLU F 2338 -9.80 72.41 -15.22
N ASN F 2339 -10.47 73.29 -15.96
CA ASN F 2339 -10.43 73.22 -17.41
C ASN F 2339 -9.01 73.44 -17.93
N ALA F 2340 -8.28 74.39 -17.34
CA ALA F 2340 -6.91 74.64 -17.77
C ALA F 2340 -6.04 73.42 -17.55
N ASN F 2341 -6.16 72.77 -16.39
CA ASN F 2341 -5.38 71.58 -16.12
C ASN F 2341 -5.71 70.47 -17.11
N VAL F 2342 -7.01 70.23 -17.35
CA VAL F 2342 -7.38 69.17 -18.28
C VAL F 2342 -6.83 69.46 -19.68
N VAL F 2343 -6.96 70.72 -20.13
CA VAL F 2343 -6.49 71.07 -21.47
C VAL F 2343 -4.98 70.89 -21.58
N VAL F 2344 -4.23 71.35 -20.58
CA VAL F 2344 -2.77 71.28 -20.70
C VAL F 2344 -2.31 69.82 -20.63
N ARG F 2345 -2.96 69.00 -19.80
CA ARG F 2345 -2.61 67.58 -19.78
C ARG F 2345 -2.91 66.91 -21.12
N LEU F 2346 -4.04 67.22 -21.74
CA LEU F 2346 -4.33 66.65 -23.05
C LEU F 2346 -3.31 67.10 -24.09
N LEU F 2347 -2.93 68.39 -24.08
CA LEU F 2347 -1.97 68.89 -25.05
C LEU F 2347 -0.61 68.24 -24.87
N ILE F 2348 -0.14 68.09 -23.63
CA ILE F 2348 1.15 67.44 -23.45
C ILE F 2348 1.05 65.94 -23.75
N ARG F 2349 -0.14 65.35 -23.54
CA ARG F 2349 -0.32 63.94 -23.86
C ARG F 2349 -0.22 63.70 -25.36
N LYS F 2350 -0.77 64.61 -26.16
CA LYS F 2350 -0.67 64.52 -27.62
C LYS F 2350 0.32 65.57 -28.12
N PRO F 2351 1.60 65.23 -28.28
CA PRO F 2351 2.61 66.22 -28.66
C PRO F 2351 2.58 66.62 -30.13
N GLU F 2352 1.62 66.14 -30.91
CA GLU F 2352 1.52 66.47 -32.33
C GLU F 2352 0.66 67.70 -32.59
N CYS F 2353 0.21 68.38 -31.53
CA CYS F 2353 -0.65 69.54 -31.66
C CYS F 2353 0.11 70.84 -31.85
N PHE F 2354 1.45 70.79 -31.93
CA PHE F 2354 2.26 71.99 -32.03
C PHE F 2354 2.82 72.22 -33.43
N GLY F 2355 2.71 71.25 -34.34
CA GLY F 2355 3.23 71.41 -35.68
C GLY F 2355 4.74 71.34 -35.73
N PRO F 2356 5.33 71.98 -36.73
CA PRO F 2356 6.81 71.94 -36.85
C PRO F 2356 7.52 72.54 -35.66
N ALA F 2357 7.21 73.79 -35.29
CA ALA F 2357 7.80 74.40 -34.12
C ALA F 2357 7.18 73.83 -32.84
N LEU F 2358 7.93 73.92 -31.75
CA LEU F 2358 7.51 73.41 -30.45
C LEU F 2358 7.20 71.91 -30.50
N ARG F 2359 7.89 71.19 -31.36
CA ARG F 2359 7.63 69.78 -31.60
C ARG F 2359 8.64 68.92 -30.86
N GLY F 2360 8.18 67.77 -30.36
CA GLY F 2360 9.08 66.85 -29.70
C GLY F 2360 10.13 66.30 -30.65
N GLU F 2361 9.75 65.98 -31.88
CA GLU F 2361 10.67 65.45 -32.87
C GLU F 2361 11.34 66.56 -33.68
N GLY F 2362 10.54 67.49 -34.21
CA GLY F 2362 11.12 68.56 -35.01
C GLY F 2362 12.04 69.47 -34.22
N GLY F 2363 11.58 69.90 -33.04
CA GLY F 2363 12.39 70.77 -32.20
C GLY F 2363 12.71 72.10 -32.84
N SER F 2364 11.86 72.60 -33.72
CA SER F 2364 12.12 73.85 -34.41
C SER F 2364 11.84 75.03 -33.49
N GLY F 2365 12.77 75.99 -33.45
CA GLY F 2365 12.56 77.17 -32.64
C GLY F 2365 11.42 78.02 -33.16
N LEU F 2366 10.66 78.61 -32.23
CA LEU F 2366 9.54 79.45 -32.62
C LEU F 2366 10.00 80.67 -33.39
N LEU F 2367 11.12 81.28 -32.98
CA LEU F 2367 11.64 82.44 -33.68
C LEU F 2367 12.05 82.08 -35.11
N ALA F 2368 12.74 80.95 -35.28
CA ALA F 2368 13.11 80.50 -36.62
C ALA F 2368 11.87 80.22 -37.46
N ALA F 2369 10.85 79.59 -36.88
CA ALA F 2369 9.62 79.32 -37.61
C ALA F 2369 8.93 80.60 -38.03
N ILE F 2370 8.89 81.60 -37.15
CA ILE F 2370 8.25 82.87 -37.49
C ILE F 2370 9.00 83.57 -38.61
N GLU F 2371 10.33 83.61 -38.55
CA GLU F 2371 11.09 84.24 -39.64
C GLU F 2371 10.92 83.46 -40.95
N GLU F 2372 10.87 82.13 -40.86
CA GLU F 2372 10.61 81.33 -42.07
C GLU F 2372 9.26 81.67 -42.67
N ALA F 2373 8.24 81.83 -41.83
CA ALA F 2373 6.93 82.22 -42.32
C ALA F 2373 6.94 83.64 -42.89
N ILE F 2374 7.74 84.53 -42.31
CA ILE F 2374 7.89 85.87 -42.86
C ILE F 2374 8.42 85.79 -44.29
N ARG F 2375 9.47 85.01 -44.50
CA ARG F 2375 10.03 84.91 -45.85
C ARG F 2375 9.08 84.16 -46.80
N ILE F 2376 8.30 83.21 -46.27
CA ILE F 2376 7.31 82.52 -47.09
C ILE F 2376 6.24 83.50 -47.57
N SER F 2377 5.76 84.37 -46.69
CA SER F 2377 4.84 85.42 -47.11
C SER F 2377 5.52 86.41 -48.04
N GLU F 2378 6.82 86.62 -47.88
CA GLU F 2378 7.54 87.57 -48.73
C GLU F 2378 7.58 87.11 -50.18
N ASP F 2379 7.94 85.84 -50.41
CA ASP F 2379 8.10 85.38 -51.79
C ASP F 2379 6.77 84.83 -52.32
N PRO F 2380 6.23 85.38 -53.40
CA PRO F 2380 4.96 84.86 -53.93
C PRO F 2380 5.04 83.42 -54.40
N ALA F 2381 6.25 82.90 -54.67
CA ALA F 2381 6.36 81.53 -55.18
C ALA F 2381 5.80 80.52 -54.18
N ARG F 2382 6.11 80.70 -52.89
CA ARG F 2382 5.54 79.85 -51.86
C ARG F 2382 4.20 80.38 -51.34
N ASP F 2383 4.00 81.70 -51.37
CA ASP F 2383 2.74 82.26 -50.90
C ASP F 2383 1.61 81.99 -51.88
N GLY F 2384 1.86 82.17 -53.17
CA GLY F 2384 0.85 81.97 -54.18
C GLY F 2384 0.53 80.51 -54.40
N PRO F 2385 -0.72 80.22 -54.82
CA PRO F 2385 -1.16 78.85 -55.10
C PRO F 2385 -0.52 78.27 -56.35
N ASN F 2404 -3.51 86.63 -53.03
CA ASN F 2404 -3.91 85.29 -52.59
C ASN F 2404 -5.02 85.37 -51.54
N ARG F 2405 -6.08 84.60 -51.75
CA ARG F 2405 -7.17 84.59 -50.78
C ARG F 2405 -6.72 84.02 -49.44
N VAL F 2406 -5.92 82.96 -49.46
CA VAL F 2406 -5.41 82.34 -48.25
C VAL F 2406 -3.89 82.42 -48.28
N HIS F 2407 -3.31 82.98 -47.23
CA HIS F 2407 -1.86 83.13 -47.09
C HIS F 2407 -1.38 82.16 -46.02
N LEU F 2408 -0.65 81.13 -46.45
CA LEU F 2408 -0.10 80.17 -45.50
C LEU F 2408 0.91 80.84 -44.57
N GLY F 2409 1.64 81.83 -45.06
CA GLY F 2409 2.56 82.55 -44.19
C GLY F 2409 1.86 83.22 -43.03
N HIS F 2410 0.71 83.83 -43.29
CA HIS F 2410 -0.08 84.43 -42.21
C HIS F 2410 -0.77 83.35 -41.36
N ALA F 2411 -1.12 82.22 -41.97
CA ALA F 2411 -1.75 81.14 -41.22
C ALA F 2411 -0.80 80.58 -40.18
N ILE F 2412 0.49 80.47 -40.52
CA ILE F 2412 1.48 80.01 -39.56
C ILE F 2412 1.52 80.93 -38.34
N MET F 2413 1.58 82.24 -38.59
CA MET F 2413 1.60 83.20 -37.49
C MET F 2413 0.33 83.11 -36.65
N SER F 2414 -0.82 82.99 -37.31
CA SER F 2414 -2.08 82.92 -36.58
C SER F 2414 -2.13 81.68 -35.69
N PHE F 2415 -1.71 80.53 -36.22
CA PHE F 2415 -1.75 79.30 -35.44
C PHE F 2415 -0.83 79.39 -34.24
N TYR F 2416 0.41 79.83 -34.44
CA TYR F 2416 1.32 79.92 -33.31
C TYR F 2416 0.87 80.95 -32.29
N ALA F 2417 0.31 82.09 -32.75
CA ALA F 2417 -0.20 83.08 -31.81
C ALA F 2417 -1.35 82.53 -30.99
N ALA F 2418 -2.27 81.79 -31.64
CA ALA F 2418 -3.38 81.21 -30.90
C ALA F 2418 -2.88 80.19 -29.87
N LEU F 2419 -1.91 79.36 -30.25
CA LEU F 2419 -1.37 78.38 -29.32
C LEU F 2419 -0.71 79.07 -28.13
N ILE F 2420 0.09 80.10 -28.39
CA ILE F 2420 0.77 80.81 -27.31
C ILE F 2420 -0.24 81.50 -26.40
N ASP F 2421 -1.28 82.11 -26.99
CA ASP F 2421 -2.29 82.78 -26.18
C ASP F 2421 -3.04 81.78 -25.31
N LEU F 2422 -3.40 80.62 -25.86
CA LEU F 2422 -4.09 79.59 -25.09
C LEU F 2422 -3.24 79.12 -23.93
N LEU F 2423 -1.96 78.83 -24.20
CA LEU F 2423 -1.07 78.40 -23.12
C LEU F 2423 -0.89 79.50 -22.09
N GLY F 2424 -0.90 80.77 -22.52
CA GLY F 2424 -0.80 81.85 -21.57
C GLY F 2424 -2.00 81.97 -20.65
N ARG F 2425 -3.20 81.86 -21.21
CA ARG F 2425 -4.39 81.93 -20.36
C ARG F 2425 -4.62 80.66 -19.57
N CYS F 2426 -3.96 79.56 -19.92
CA CYS F 2426 -4.02 78.37 -19.09
C CYS F 2426 -3.13 78.46 -17.85
N ALA F 2427 -2.34 79.52 -17.71
CA ALA F 2427 -1.43 79.64 -16.58
C ALA F 2427 -2.20 79.82 -15.27
N PRO F 2428 -1.69 79.27 -14.18
CA PRO F 2428 -2.36 79.42 -12.89
C PRO F 2428 -2.34 80.85 -12.39
N GLU F 2429 -3.25 81.14 -11.47
CA GLU F 2429 -3.38 82.48 -10.91
C GLU F 2429 -2.26 82.79 -9.92
N MET F 2430 -1.94 84.08 -9.82
CA MET F 2430 -0.84 84.51 -8.97
C MET F 2430 -1.12 84.23 -7.50
N HIS F 2431 -2.37 84.38 -7.06
CA HIS F 2431 -2.69 84.11 -5.67
C HIS F 2431 -2.50 82.63 -5.34
N LEU F 2432 -2.90 81.74 -6.24
CA LEU F 2432 -2.66 80.32 -6.04
C LEU F 2432 -1.17 80.00 -6.04
N ILE F 2433 -0.40 80.64 -6.94
CA ILE F 2433 1.03 80.43 -6.98
C ILE F 2433 1.68 80.86 -5.66
N GLN F 2434 1.27 82.02 -5.14
CA GLN F 2434 1.79 82.49 -3.87
C GLN F 2434 1.41 81.56 -2.73
N ALA F 2435 0.16 81.07 -2.74
CA ALA F 2435 -0.26 80.11 -1.71
C ALA F 2435 0.57 78.84 -1.78
N GLY F 2436 0.99 78.43 -2.98
CA GLY F 2436 1.88 77.30 -3.12
C GLY F 2436 1.20 76.00 -3.44
N LYS F 2437 0.18 76.04 -4.30
CA LYS F 2437 -0.49 74.82 -4.72
C LYS F 2437 0.44 73.99 -5.60
N GLY F 2438 0.55 72.71 -5.27
CA GLY F 2438 1.46 71.84 -6.01
C GLY F 2438 1.07 71.72 -7.48
N GLU F 2439 -0.23 71.55 -7.75
CA GLU F 2439 -0.70 71.45 -9.13
C GLU F 2439 -0.42 72.73 -9.90
N ALA F 2440 -0.66 73.89 -9.28
CA ALA F 2440 -0.39 75.16 -9.94
C ALA F 2440 1.09 75.33 -10.25
N LEU F 2441 1.96 74.98 -9.29
CA LEU F 2441 3.39 75.06 -9.53
C LEU F 2441 3.82 74.11 -10.64
N ARG F 2442 3.25 72.90 -10.66
CA ARG F 2442 3.59 71.95 -11.73
C ARG F 2442 3.16 72.48 -13.10
N ILE F 2443 1.96 73.07 -13.18
CA ILE F 2443 1.49 73.58 -14.46
C ILE F 2443 2.37 74.74 -14.93
N ARG F 2444 2.73 75.64 -14.01
CA ARG F 2444 3.59 76.75 -14.39
C ARG F 2444 4.96 76.25 -14.84
N ALA F 2445 5.51 75.26 -14.14
CA ALA F 2445 6.80 74.71 -14.54
C ALA F 2445 6.72 74.04 -15.91
N ILE F 2446 5.63 73.32 -16.18
CA ILE F 2446 5.47 72.69 -17.48
C ILE F 2446 5.38 73.73 -18.59
N LEU F 2447 4.62 74.80 -18.36
CA LEU F 2447 4.52 75.86 -19.37
C LEU F 2447 5.87 76.52 -19.61
N ARG F 2448 6.63 76.79 -18.55
CA ARG F 2448 7.97 77.34 -18.71
C ARG F 2448 8.86 76.39 -19.50
N SER F 2449 8.73 75.08 -19.25
CA SER F 2449 9.53 74.10 -19.97
C SER F 2449 9.17 74.08 -21.45
N LEU F 2450 7.87 74.14 -21.77
CA LEU F 2450 7.49 74.10 -23.18
C LEU F 2450 7.96 75.36 -23.91
N VAL F 2451 7.67 76.53 -23.37
CA VAL F 2451 7.93 77.78 -24.08
C VAL F 2451 9.08 78.49 -23.40
N PRO F 2452 10.26 78.55 -24.02
CA PRO F 2452 11.37 79.33 -23.46
C PRO F 2452 11.08 80.82 -23.53
N LEU F 2453 11.69 81.55 -22.60
CA LEU F 2453 11.48 83.00 -22.52
C LEU F 2453 12.26 83.73 -23.62
N ASP F 2454 13.45 83.23 -23.95
CA ASP F 2454 14.30 83.92 -24.94
C ASP F 2454 13.62 83.96 -26.30
N ASP F 2455 12.99 82.85 -26.70
CA ASP F 2455 12.31 82.81 -27.99
C ASP F 2455 11.15 83.80 -28.03
N LEU F 2456 10.40 83.87 -26.92
CA LEU F 2456 9.28 84.82 -26.83
C LEU F 2456 9.76 86.25 -26.97
N VAL F 2457 10.79 86.63 -26.18
CA VAL F 2457 11.24 88.02 -26.25
C VAL F 2457 11.87 88.30 -27.61
N GLY F 2458 12.47 87.29 -28.24
CA GLY F 2458 13.01 87.48 -29.58
C GLY F 2458 11.93 87.80 -30.60
N ILE F 2459 10.83 87.05 -30.59
CA ILE F 2459 9.79 87.35 -31.56
C ILE F 2459 9.12 88.69 -31.21
N ILE F 2460 9.01 89.00 -29.92
CA ILE F 2460 8.50 90.32 -29.53
C ILE F 2460 9.38 91.42 -30.11
N SER F 2461 10.70 91.21 -30.10
CA SER F 2461 11.64 92.18 -30.65
C SER F 2461 11.76 92.10 -32.17
N LEU F 2462 11.09 91.13 -32.80
CA LEU F 2462 11.12 91.04 -34.25
C LEU F 2462 10.53 92.32 -34.87
N PRO F 2463 11.08 92.80 -35.98
CA PRO F 2463 10.65 94.09 -36.52
C PRO F 2463 9.25 94.03 -37.14
N LEU F 2464 8.68 95.22 -37.34
CA LEU F 2464 7.39 95.37 -37.98
C LEU F 2464 7.51 96.39 -39.11
N GLN F 2465 6.73 96.16 -40.17
CA GLN F 2465 6.78 97.03 -41.35
C GLN F 2465 5.98 98.29 -41.04
N ILE F 2466 6.56 99.45 -41.33
CA ILE F 2466 5.97 100.75 -41.00
C ILE F 2466 5.53 101.41 -42.29
N PRO F 2467 4.30 101.93 -42.37
CA PRO F 2467 3.83 102.52 -43.62
C PRO F 2467 4.68 103.71 -44.04
N THR F 2468 4.87 103.84 -45.34
CA THR F 2468 5.66 104.93 -45.90
C THR F 2468 5.15 105.22 -47.31
N LEU F 2469 5.00 106.50 -47.62
CA LEU F 2469 4.56 106.92 -48.95
C LEU F 2469 5.76 106.95 -49.91
N GLY F 2470 6.33 105.76 -50.13
CA GLY F 2470 7.46 105.65 -51.03
C GLY F 2470 7.13 106.09 -52.43
N LYS F 2471 5.98 105.66 -52.95
CA LYS F 2471 5.51 106.17 -54.23
C LYS F 2471 5.06 107.61 -54.08
N ASP F 2472 5.25 108.40 -55.14
CA ASP F 2472 4.90 109.81 -55.12
C ASP F 2472 3.40 110.01 -54.95
N GLY F 2473 2.99 110.51 -53.79
CA GLY F 2473 1.58 110.75 -53.53
C GLY F 2473 0.75 109.53 -53.24
N ALA F 2474 1.38 108.37 -53.09
CA ALA F 2474 0.68 107.11 -52.81
C ALA F 2474 1.22 106.54 -51.50
N LEU F 2475 0.32 106.25 -50.57
CA LEU F 2475 0.69 105.77 -49.24
C LEU F 2475 0.74 104.24 -49.30
N VAL F 2476 1.95 103.68 -49.22
CA VAL F 2476 2.16 102.25 -49.28
C VAL F 2476 2.04 101.67 -47.88
N GLN F 2477 1.26 100.60 -47.74
CA GLN F 2477 1.00 99.95 -46.47
C GLN F 2477 1.30 98.47 -46.59
N PRO F 2478 1.58 97.81 -45.46
CA PRO F 2478 1.76 96.35 -45.50
C PRO F 2478 0.47 95.64 -45.88
N LYS F 2479 0.61 94.47 -46.48
CA LYS F 2479 -0.53 93.68 -46.93
C LYS F 2479 -1.14 92.98 -45.73
N MET F 2480 -2.32 93.44 -45.31
CA MET F 2480 -3.00 92.84 -44.17
C MET F 2480 -3.47 91.43 -44.50
N SER F 2481 -3.62 90.62 -43.45
CA SER F 2481 -3.98 89.20 -43.53
C SER F 2481 -2.92 88.37 -44.26
N ALA F 2482 -1.75 88.94 -44.53
CA ALA F 2482 -0.66 88.20 -45.16
C ALA F 2482 0.69 88.42 -44.51
N SER F 2483 0.83 89.39 -43.59
CA SER F 2483 2.09 89.69 -42.94
C SER F 2483 1.89 89.70 -41.43
N PHE F 2484 3.00 89.83 -40.71
CA PHE F 2484 2.97 89.83 -39.25
C PHE F 2484 2.24 91.07 -38.74
N VAL F 2485 1.39 90.88 -37.74
CA VAL F 2485 0.60 91.97 -37.17
C VAL F 2485 0.82 91.99 -35.67
N PRO F 2486 0.62 93.15 -35.03
CA PRO F 2486 0.90 93.27 -33.58
C PRO F 2486 -0.01 92.43 -32.70
N ASP F 2487 -1.07 91.83 -33.23
CA ASP F 2487 -1.91 90.94 -32.41
C ASP F 2487 -1.11 89.73 -31.94
N HIS F 2488 -0.22 89.23 -32.80
CA HIS F 2488 0.64 88.12 -32.42
C HIS F 2488 1.52 88.51 -31.24
N LYS F 2489 2.12 89.70 -31.32
CA LYS F 2489 2.96 90.19 -30.22
C LYS F 2489 2.14 90.38 -28.95
N ALA F 2490 0.89 90.82 -29.09
CA ALA F 2490 0.03 90.97 -27.92
C ALA F 2490 -0.23 89.63 -27.25
N SER F 2491 -0.51 88.59 -28.04
CA SER F 2491 -0.73 87.27 -27.45
C SER F 2491 0.54 86.75 -26.77
N MET F 2492 1.69 86.94 -27.41
CA MET F 2492 2.94 86.46 -26.81
C MET F 2492 3.30 87.22 -25.54
N VAL F 2493 3.04 88.52 -25.50
CA VAL F 2493 3.36 89.26 -24.28
C VAL F 2493 2.34 88.95 -23.20
N LEU F 2494 1.12 88.55 -23.58
CA LEU F 2494 0.20 88.00 -22.60
C LEU F 2494 0.77 86.73 -21.98
N PHE F 2495 1.34 85.85 -22.81
CA PHE F 2495 2.05 84.69 -22.28
C PHE F 2495 3.20 85.10 -21.36
N LEU F 2496 3.98 86.09 -21.79
CA LEU F 2496 5.13 86.54 -21.00
C LEU F 2496 4.70 87.03 -19.63
N ASP F 2497 3.61 87.81 -19.57
CA ASP F 2497 3.14 88.32 -18.30
C ASP F 2497 2.54 87.22 -17.43
N ARG F 2498 1.79 86.30 -18.05
CA ARG F 2498 1.08 85.29 -17.26
C ARG F 2498 2.03 84.23 -16.71
N VAL F 2499 2.96 83.74 -17.52
CA VAL F 2499 3.79 82.61 -17.14
C VAL F 2499 5.09 83.08 -16.50
N TYR F 2500 5.92 83.79 -17.27
CA TYR F 2500 7.23 84.20 -16.78
C TYR F 2500 7.13 85.47 -15.93
N GLY F 2501 6.65 86.56 -16.52
CA GLY F 2501 6.52 87.81 -15.81
C GLY F 2501 7.82 88.60 -15.76
N ILE F 2502 7.73 89.78 -15.18
CA ILE F 2502 8.86 90.69 -15.00
C ILE F 2502 9.21 90.72 -13.52
N GLU F 2503 10.47 90.40 -13.21
CA GLU F 2503 10.89 90.29 -11.81
C GLU F 2503 12.05 91.20 -11.44
N ASN F 2504 12.94 91.47 -12.39
CA ASN F 2504 14.08 92.35 -12.12
C ASN F 2504 14.09 93.55 -13.04
N GLN F 2505 14.49 94.70 -12.50
CA GLN F 2505 14.52 95.92 -13.29
C GLN F 2505 15.37 95.72 -14.53
N ASP F 2506 16.54 95.10 -14.36
CA ASP F 2506 17.38 94.81 -15.50
C ASP F 2506 16.53 94.20 -16.60
N PHE F 2507 15.94 93.05 -16.31
CA PHE F 2507 15.07 92.40 -17.28
C PHE F 2507 14.02 93.37 -17.83
N LEU F 2508 13.45 94.19 -16.96
CA LEU F 2508 12.45 95.14 -17.40
C LEU F 2508 13.05 96.07 -18.44
N LEU F 2509 14.14 96.72 -18.10
CA LEU F 2509 14.77 97.66 -19.02
C LEU F 2509 15.10 96.98 -20.33
N HIS F 2510 15.67 95.78 -20.25
CA HIS F 2510 15.98 95.04 -21.46
C HIS F 2510 14.75 94.91 -22.32
N VAL F 2511 13.70 94.30 -21.77
CA VAL F 2511 12.47 94.11 -22.53
C VAL F 2511 11.98 95.44 -23.10
N LEU F 2512 12.15 96.53 -22.34
CA LEU F 2512 11.80 97.85 -22.86
C LEU F 2512 12.59 98.18 -24.12
N ASP F 2513 13.91 97.95 -24.08
CA ASP F 2513 14.74 98.28 -25.23
C ASP F 2513 14.48 97.34 -26.40
N VAL F 2514 14.10 96.09 -26.13
CA VAL F 2514 13.90 95.10 -27.18
C VAL F 2514 12.42 95.10 -27.56
N GLY F 2515 12.11 95.72 -28.69
CA GLY F 2515 10.76 95.68 -29.25
C GLY F 2515 9.73 96.66 -28.75
N PHE F 2516 9.56 96.76 -27.43
CA PHE F 2516 8.52 97.63 -26.87
C PHE F 2516 8.78 99.08 -27.25
N LEU F 2517 9.91 99.62 -26.83
CA LEU F 2517 10.23 101.02 -27.14
C LEU F 2517 10.32 101.29 -28.63
N PRO F 2518 10.96 100.46 -29.47
CA PRO F 2518 10.91 100.74 -30.92
C PRO F 2518 9.50 100.79 -31.50
N ASP F 2519 8.61 99.88 -31.06
CA ASP F 2519 7.26 99.90 -31.58
C ASP F 2519 6.49 101.13 -31.11
N MET F 2520 6.74 101.60 -29.90
CA MET F 2520 6.03 102.80 -29.46
C MET F 2520 6.64 104.07 -30.04
N ARG F 2521 7.94 104.08 -30.34
CA ARG F 2521 8.50 105.05 -31.30
C ARG F 2521 7.71 105.05 -32.60
N ALA F 2522 7.48 103.86 -33.15
CA ALA F 2522 6.78 103.76 -34.43
C ALA F 2522 5.37 104.33 -34.34
N ALA F 2523 4.66 104.03 -33.26
CA ALA F 2523 3.32 104.57 -33.07
C ALA F 2523 3.34 106.09 -32.91
N ALA F 2524 4.29 106.61 -32.12
CA ALA F 2524 4.38 108.05 -31.96
C ALA F 2524 4.74 108.74 -33.28
N SER F 2525 5.46 108.05 -34.16
CA SER F 2525 5.75 108.60 -35.48
C SER F 2525 4.52 108.56 -36.38
N LEU F 2526 3.78 107.46 -36.36
CA LEU F 2526 2.56 107.32 -37.14
C LEU F 2526 1.43 108.20 -36.63
N ASP F 2527 1.58 108.79 -35.44
CA ASP F 2527 0.64 109.75 -34.88
C ASP F 2527 0.17 110.79 -35.90
N THR F 2528 1.01 111.11 -36.89
CA THR F 2528 0.68 112.13 -37.88
C THR F 2528 -0.68 111.85 -38.51
N ALA F 2529 -1.43 112.94 -38.77
CA ALA F 2529 -2.80 112.81 -39.22
C ALA F 2529 -2.90 112.09 -40.55
N THR F 2530 -1.86 112.16 -41.38
CA THR F 2530 -1.87 111.45 -42.65
C THR F 2530 -1.90 109.95 -42.44
N PHE F 2531 -1.12 109.45 -41.48
CA PHE F 2531 -1.06 108.03 -41.16
C PHE F 2531 -1.92 107.64 -39.96
N SER F 2532 -2.66 108.60 -39.39
CA SER F 2532 -3.43 108.30 -38.17
C SER F 2532 -4.56 107.32 -38.45
N THR F 2533 -5.18 107.40 -39.64
CA THR F 2533 -6.32 106.57 -39.97
C THR F 2533 -5.92 105.20 -40.54
N THR F 2534 -4.63 104.91 -40.62
CA THR F 2534 -4.18 103.64 -41.18
C THR F 2534 -4.63 102.47 -40.32
N GLU F 2535 -5.11 101.42 -40.97
CA GLU F 2535 -5.69 100.28 -40.26
C GLU F 2535 -4.67 99.66 -39.30
N MET F 2536 -3.47 99.40 -39.78
CA MET F 2536 -2.48 98.82 -38.89
C MET F 2536 -1.92 99.84 -37.91
N ALA F 2537 -2.10 101.14 -38.16
CA ALA F 2537 -1.78 102.14 -37.16
C ALA F 2537 -2.72 102.03 -35.97
N LEU F 2538 -4.03 101.92 -36.23
CA LEU F 2538 -4.95 101.62 -35.13
C LEU F 2538 -4.67 100.25 -34.52
N ALA F 2539 -4.18 99.30 -35.32
CA ALA F 2539 -3.79 98.01 -34.76
C ALA F 2539 -2.65 98.15 -33.77
N LEU F 2540 -1.64 98.96 -34.11
CA LEU F 2540 -0.55 99.23 -33.18
C LEU F 2540 -1.06 99.95 -31.94
N ASN F 2541 -1.98 100.90 -32.11
CA ASN F 2541 -2.54 101.61 -30.97
C ASN F 2541 -3.24 100.64 -30.02
N ARG F 2542 -4.08 99.74 -30.56
CA ARG F 2542 -4.76 98.78 -29.71
C ARG F 2542 -3.77 97.83 -29.05
N TYR F 2543 -2.78 97.36 -29.82
CA TYR F 2543 -1.76 96.45 -29.26
C TYR F 2543 -1.07 97.10 -28.06
N LEU F 2544 -0.60 98.33 -28.23
CA LEU F 2544 0.05 99.03 -27.12
C LEU F 2544 -0.90 99.16 -25.94
N CYS F 2545 -2.03 99.86 -26.14
CA CYS F 2545 -2.92 100.19 -25.04
C CYS F 2545 -3.52 98.98 -24.37
N LEU F 2546 -3.49 97.81 -25.00
CA LEU F 2546 -4.07 96.62 -24.41
C LEU F 2546 -3.05 95.65 -23.83
N ALA F 2547 -1.80 95.68 -24.30
CA ALA F 2547 -0.80 94.73 -23.85
C ALA F 2547 0.40 95.38 -23.20
N VAL F 2548 0.97 96.42 -23.80
CA VAL F 2548 2.26 96.94 -23.37
C VAL F 2548 2.08 97.96 -22.25
N LEU F 2549 1.18 98.92 -22.44
CA LEU F 2549 0.99 99.98 -21.44
C LEU F 2549 0.56 99.43 -20.08
N PRO F 2550 -0.44 98.52 -19.98
CA PRO F 2550 -0.78 97.98 -18.65
C PRO F 2550 0.38 97.31 -17.94
N LEU F 2551 1.25 96.61 -18.69
CA LEU F 2551 2.42 96.00 -18.08
C LEU F 2551 3.36 97.08 -17.52
N ILE F 2552 3.50 98.19 -18.23
CA ILE F 2552 4.33 99.29 -17.74
C ILE F 2552 3.74 99.87 -16.47
N THR F 2553 2.42 100.04 -16.43
CA THR F 2553 1.78 100.52 -15.21
C THR F 2553 2.00 99.54 -14.05
N LYS F 2554 1.90 98.25 -14.32
CA LYS F 2554 2.10 97.25 -13.28
C LYS F 2554 3.52 97.27 -12.74
N CYS F 2555 4.50 97.43 -13.64
CA CYS F 2555 5.90 97.45 -13.24
C CYS F 2555 6.38 98.84 -12.82
N ALA F 2556 5.49 99.84 -12.83
CA ALA F 2556 5.88 101.18 -12.43
C ALA F 2556 6.51 101.27 -11.04
N PRO F 2557 6.01 100.58 -10.01
CA PRO F 2557 6.70 100.65 -8.71
C PRO F 2557 8.16 100.20 -8.78
N LEU F 2558 8.45 99.25 -9.65
CA LEU F 2558 9.82 98.80 -9.83
C LEU F 2558 10.60 99.77 -10.69
N PHE F 2559 9.90 100.58 -11.47
CA PHE F 2559 10.56 101.55 -12.34
C PHE F 2559 11.37 102.55 -11.53
N ALA F 2560 11.23 102.51 -10.21
CA ALA F 2560 11.95 103.44 -9.35
C ALA F 2560 13.45 103.44 -9.62
N GLY F 2561 14.10 104.56 -9.37
CA GLY F 2561 15.53 104.66 -9.62
C GLY F 2561 15.80 104.57 -11.11
N THR F 2562 16.64 103.62 -11.52
CA THR F 2562 16.92 103.44 -12.93
C THR F 2562 17.66 104.63 -13.52
N GLU F 2563 18.29 105.43 -12.68
CA GLU F 2563 19.04 106.58 -13.17
C GLU F 2563 20.15 106.09 -14.09
N HIS F 2564 20.70 104.92 -13.78
CA HIS F 2564 21.72 104.35 -14.64
C HIS F 2564 21.18 104.20 -16.04
N ARG F 2565 19.91 103.81 -16.15
CA ARG F 2565 19.30 103.61 -17.45
C ARG F 2565 18.37 104.77 -17.77
N ALA F 2566 18.55 105.89 -17.09
CA ALA F 2566 17.67 107.04 -17.29
C ALA F 2566 17.67 107.48 -18.75
N ILE F 2567 18.75 107.20 -19.47
CA ILE F 2567 18.83 107.60 -20.87
C ILE F 2567 17.63 107.09 -21.66
N MET F 2568 17.36 105.79 -21.56
CA MET F 2568 16.18 105.25 -22.23
C MET F 2568 14.94 105.72 -21.51
N VAL F 2569 15.02 105.83 -20.18
CA VAL F 2569 13.87 106.26 -19.40
C VAL F 2569 13.39 107.60 -19.92
N ASP F 2570 14.33 108.51 -20.17
CA ASP F 2570 13.96 109.81 -20.71
C ASP F 2570 13.15 109.64 -21.98
N SER F 2571 13.77 109.07 -23.00
CA SER F 2571 13.06 108.84 -24.26
C SER F 2571 11.75 108.10 -24.03
N MET F 2572 11.72 107.18 -23.07
CA MET F 2572 10.50 106.45 -22.78
C MET F 2572 9.45 107.35 -22.17
N LEU F 2573 9.85 108.27 -21.28
CA LEU F 2573 8.93 109.28 -20.79
C LEU F 2573 8.41 110.15 -21.93
N HIS F 2574 9.32 110.57 -22.83
CA HIS F 2574 8.91 111.40 -23.96
C HIS F 2574 7.91 110.69 -24.85
N THR F 2575 8.13 109.40 -25.12
CA THR F 2575 7.22 108.68 -26.00
C THR F 2575 5.90 108.35 -25.32
N VAL F 2576 5.88 108.13 -24.01
CA VAL F 2576 4.60 107.96 -23.33
C VAL F 2576 3.81 109.27 -23.36
N TYR F 2577 4.49 110.40 -23.16
CA TYR F 2577 3.80 111.69 -23.27
C TYR F 2577 3.29 111.92 -24.68
N ARG F 2578 4.09 111.58 -25.70
CA ARG F 2578 3.66 111.79 -27.07
C ARG F 2578 2.54 110.83 -27.46
N LEU F 2579 2.52 109.63 -26.89
CA LEU F 2579 1.39 108.72 -27.11
C LEU F 2579 0.12 109.26 -26.47
N SER F 2580 0.23 109.85 -25.28
CA SER F 2580 -0.91 110.53 -24.69
C SER F 2580 -1.33 111.72 -25.55
N ARG F 2581 -0.37 112.36 -26.21
CA ARG F 2581 -0.66 113.46 -27.13
C ARG F 2581 -1.12 112.99 -28.50
N GLY F 2582 -1.07 111.69 -28.77
CA GLY F 2582 -1.44 111.20 -30.09
C GLY F 2582 -2.91 111.43 -30.40
N ARG F 2583 -3.20 111.55 -31.69
CA ARG F 2583 -4.57 111.69 -32.16
C ARG F 2583 -5.10 110.34 -32.61
N SER F 2584 -6.36 110.33 -33.07
CA SER F 2584 -7.03 109.11 -33.54
C SER F 2584 -7.01 108.03 -32.46
N LEU F 2585 -7.21 108.45 -31.21
CA LEU F 2585 -7.18 107.55 -30.07
C LEU F 2585 -8.49 107.66 -29.29
N THR F 2586 -9.00 106.52 -28.85
CA THR F 2586 -10.21 106.50 -28.05
C THR F 2586 -9.94 107.09 -26.66
N LYS F 2587 -10.99 107.62 -26.03
CA LYS F 2587 -10.86 108.18 -24.70
C LYS F 2587 -10.35 107.14 -23.70
N ALA F 2588 -10.75 105.88 -23.86
CA ALA F 2588 -10.23 104.83 -22.98
C ALA F 2588 -8.72 104.68 -23.16
N GLN F 2589 -8.24 104.69 -24.41
CA GLN F 2589 -6.80 104.59 -24.65
C GLN F 2589 -6.06 105.80 -24.08
N ARG F 2590 -6.63 106.99 -24.24
CA ARG F 2590 -6.04 108.18 -23.64
C ARG F 2590 -5.97 108.04 -22.12
N ASP F 2591 -7.02 107.51 -21.50
CA ASP F 2591 -7.00 107.28 -20.07
C ASP F 2591 -5.93 106.30 -19.67
N VAL F 2592 -5.75 105.24 -20.45
CA VAL F 2592 -4.71 104.25 -20.15
C VAL F 2592 -3.33 104.91 -20.19
N ILE F 2593 -3.07 105.72 -21.23
CA ILE F 2593 -1.76 106.35 -21.34
C ILE F 2593 -1.54 107.36 -20.22
N GLU F 2594 -2.57 108.13 -19.86
CA GLU F 2594 -2.43 109.09 -18.77
C GLU F 2594 -2.21 108.39 -17.43
N ASP F 2595 -2.90 107.27 -17.20
CA ASP F 2595 -2.67 106.50 -15.99
C ASP F 2595 -1.25 105.94 -15.95
N CYS F 2596 -0.75 105.50 -17.11
CA CYS F 2596 0.64 105.04 -17.17
C CYS F 2596 1.59 106.17 -16.81
N LEU F 2597 1.36 107.37 -17.37
CA LEU F 2597 2.20 108.51 -17.04
C LEU F 2597 2.17 108.83 -15.55
N MET F 2598 0.98 108.82 -14.96
CA MET F 2598 0.85 109.17 -13.54
C MET F 2598 1.53 108.14 -12.65
N ALA F 2599 1.24 106.86 -12.86
CA ALA F 2599 1.84 105.82 -12.04
C ALA F 2599 3.35 105.75 -12.24
N LEU F 2600 3.82 106.04 -13.46
CA LEU F 2600 5.25 106.06 -13.72
C LEU F 2600 5.93 107.21 -12.99
N CYS F 2601 5.39 108.42 -13.12
CA CYS F 2601 5.99 109.58 -12.46
C CYS F 2601 5.87 109.51 -10.95
N ARG F 2602 4.93 108.71 -10.43
CA ARG F 2602 4.83 108.56 -8.98
C ARG F 2602 6.04 107.83 -8.40
N TYR F 2603 6.62 106.88 -9.15
CA TYR F 2603 7.74 106.09 -8.68
C TYR F 2603 9.02 106.39 -9.46
N ILE F 2604 9.26 107.66 -9.78
CA ILE F 2604 10.45 108.09 -10.50
C ILE F 2604 11.10 109.23 -9.73
N ARG F 2605 12.42 109.16 -9.57
CA ARG F 2605 13.16 110.21 -8.89
C ARG F 2605 13.00 111.52 -9.65
N PRO F 2606 12.84 112.65 -8.95
CA PRO F 2606 12.69 113.95 -9.65
C PRO F 2606 13.89 114.34 -10.49
N SER F 2607 14.99 113.61 -10.39
CA SER F 2607 16.18 113.94 -11.13
C SER F 2607 15.96 113.87 -12.64
N MET F 2608 15.40 112.76 -13.12
CA MET F 2608 15.23 112.58 -14.56
C MET F 2608 13.96 113.22 -15.11
N LEU F 2609 13.22 113.93 -14.27
CA LEU F 2609 11.95 114.50 -14.71
C LEU F 2609 12.10 115.92 -15.27
N GLN F 2610 13.33 116.42 -15.34
CA GLN F 2610 13.54 117.79 -15.79
C GLN F 2610 13.24 117.94 -17.28
N HIS F 2611 13.62 116.95 -18.08
CA HIS F 2611 13.33 117.00 -19.51
C HIS F 2611 11.82 116.93 -19.76
N LEU F 2612 11.11 116.09 -19.02
CA LEU F 2612 9.65 116.02 -19.16
C LEU F 2612 9.01 117.35 -18.82
N LEU F 2613 9.42 117.97 -17.70
CA LEU F 2613 8.86 119.26 -17.34
C LEU F 2613 9.19 120.33 -18.37
N ARG F 2614 10.43 120.32 -18.87
CA ARG F 2614 10.85 121.32 -19.85
C ARG F 2614 10.07 121.20 -21.15
N ARG F 2615 9.89 119.97 -21.65
CA ARG F 2615 9.05 119.77 -22.83
C ARG F 2615 7.60 120.12 -22.54
N LEU F 2616 7.16 119.98 -21.29
CA LEU F 2616 5.78 120.30 -20.97
C LEU F 2616 5.54 121.80 -20.94
N VAL F 2617 6.56 122.59 -20.55
CA VAL F 2617 6.45 124.05 -20.47
C VAL F 2617 5.81 124.63 -21.73
N PHE F 2618 5.97 123.96 -22.87
CA PHE F 2618 5.31 124.42 -24.09
C PHE F 2618 3.79 124.40 -23.96
N ASP F 2619 3.25 123.36 -23.32
CA ASP F 2619 1.81 123.17 -23.28
C ASP F 2619 1.15 123.54 -21.96
N VAL F 2620 1.91 123.70 -20.88
CA VAL F 2620 1.31 124.03 -19.59
C VAL F 2620 0.52 125.34 -19.62
N PRO F 2621 1.05 126.46 -20.12
CA PRO F 2621 0.29 127.72 -20.04
C PRO F 2621 -0.71 127.95 -21.17
N ILE F 2622 -0.84 127.03 -22.12
CA ILE F 2622 -1.84 127.17 -23.17
C ILE F 2622 -3.24 127.07 -22.59
N LEU F 2623 -3.42 126.20 -21.58
CA LEU F 2623 -4.70 126.01 -20.89
C LEU F 2623 -5.80 125.61 -21.89
N ASN F 2624 -5.45 124.74 -22.83
CA ASN F 2624 -6.44 124.18 -23.74
C ASN F 2624 -7.13 122.99 -23.08
N GLU F 2625 -8.08 122.39 -23.80
CA GLU F 2625 -8.77 121.21 -23.30
C GLU F 2625 -7.76 120.12 -22.95
N PHE F 2626 -6.87 119.81 -23.88
CA PHE F 2626 -5.86 118.76 -23.71
C PHE F 2626 -4.77 119.13 -22.71
N ALA F 2627 -4.74 120.38 -22.25
CA ALA F 2627 -3.71 120.84 -21.32
C ALA F 2627 -4.05 120.58 -19.85
N LYS F 2628 -5.18 119.93 -19.56
CA LYS F 2628 -5.55 119.72 -18.17
C LYS F 2628 -4.69 118.64 -17.52
N MET F 2629 -4.49 117.50 -18.20
CA MET F 2629 -3.68 116.42 -17.62
C MET F 2629 -2.26 116.87 -17.32
N PRO F 2630 -1.58 117.70 -18.14
CA PRO F 2630 -0.27 118.20 -17.72
C PRO F 2630 -0.27 118.89 -16.36
N LEU F 2631 -1.26 119.73 -16.07
CA LEU F 2631 -1.28 120.41 -14.79
C LEU F 2631 -1.53 119.43 -13.64
N LYS F 2632 -2.32 118.39 -13.90
CA LYS F 2632 -2.52 117.35 -12.89
C LYS F 2632 -1.20 116.63 -12.58
N LEU F 2633 -0.44 116.28 -13.63
CA LEU F 2633 0.84 115.65 -13.41
C LEU F 2633 1.80 116.57 -12.67
N LEU F 2634 1.82 117.85 -13.04
CA LEU F 2634 2.69 118.81 -12.37
C LEU F 2634 2.33 118.97 -10.89
N THR F 2635 1.04 119.07 -10.58
CA THR F 2635 0.66 119.25 -9.19
C THR F 2635 0.95 117.99 -8.37
N ASN F 2636 0.76 116.80 -8.96
CA ASN F 2636 1.15 115.59 -8.25
C ASN F 2636 2.66 115.55 -8.01
N HIS F 2637 3.45 115.92 -9.01
CA HIS F 2637 4.90 115.89 -8.87
C HIS F 2637 5.38 116.85 -7.79
N TYR F 2638 4.85 118.07 -7.78
CA TYR F 2638 5.28 119.04 -6.77
C TYR F 2638 4.71 118.76 -5.40
N GLU F 2639 3.54 118.11 -5.31
CA GLU F 2639 3.05 117.69 -4.01
C GLU F 2639 3.91 116.56 -3.44
N ARG F 2640 4.37 115.65 -4.30
CA ARG F 2640 5.27 114.61 -3.84
C ARG F 2640 6.63 115.18 -3.44
N CYS F 2641 7.19 116.08 -4.26
CA CYS F 2641 8.50 116.66 -4.02
C CYS F 2641 8.31 118.09 -3.52
N TRP F 2642 8.20 118.24 -2.20
CA TRP F 2642 8.07 119.55 -1.57
C TRP F 2642 9.39 119.99 -0.96
N LYS F 2643 10.03 119.12 -0.18
CA LYS F 2643 11.33 119.45 0.40
C LYS F 2643 12.44 119.49 -0.64
N TYR F 2644 12.20 118.94 -1.83
CA TYR F 2644 13.24 118.91 -2.87
C TYR F 2644 13.54 120.29 -3.42
N TYR F 2645 12.56 121.21 -3.34
CA TYR F 2645 12.70 122.54 -3.91
C TYR F 2645 12.87 123.63 -2.87
N CYS F 2646 12.03 123.63 -1.83
CA CYS F 2646 12.07 124.71 -0.84
C CYS F 2646 13.32 124.59 0.03
N LEU F 2647 13.64 123.39 0.51
CA LEU F 2647 14.77 123.22 1.41
C LEU F 2647 16.06 123.07 0.62
N PRO F 2648 17.08 123.90 0.89
CA PRO F 2648 18.39 123.67 0.24
C PRO F 2648 19.03 122.35 0.62
N THR F 2649 18.65 121.77 1.76
CA THR F 2649 19.15 120.45 2.13
C THR F 2649 18.60 119.39 1.17
N GLY F 2650 19.47 118.50 0.71
CA GLY F 2650 19.08 117.46 -0.21
C GLY F 2650 18.01 116.54 0.36
N TRP F 2651 16.92 116.37 -0.38
CA TRP F 2651 15.82 115.52 0.06
C TRP F 2651 16.16 114.07 -0.25
N ALA F 2652 16.48 113.31 0.80
CA ALA F 2652 16.96 111.94 0.67
C ALA F 2652 18.16 111.87 -0.26
N ASN F 2653 18.27 110.80 -1.04
CA ASN F 2653 19.32 110.68 -2.04
C ASN F 2653 18.93 111.27 -3.38
N PHE F 2654 17.69 111.79 -3.51
CA PHE F 2654 17.31 112.50 -4.72
C PHE F 2654 18.13 113.78 -4.88
N GLY F 2655 18.37 114.49 -3.78
CA GLY F 2655 19.17 115.69 -3.83
C GLY F 2655 18.38 116.97 -3.65
N VAL F 2656 18.84 118.06 -4.28
CA VAL F 2656 18.23 119.37 -4.16
C VAL F 2656 17.92 119.88 -5.55
N THR F 2657 16.99 120.84 -5.61
CA THR F 2657 16.57 121.39 -6.89
C THR F 2657 17.73 122.10 -7.59
N SER F 2658 17.74 122.01 -8.91
CA SER F 2658 18.72 122.73 -9.71
C SER F 2658 18.23 124.15 -9.97
N GLU F 2659 19.17 125.03 -10.33
CA GLU F 2659 18.82 126.41 -10.65
C GLU F 2659 17.89 126.46 -11.86
N GLU F 2660 18.15 125.62 -12.87
CA GLU F 2660 17.27 125.57 -14.03
C GLU F 2660 15.89 125.07 -13.65
N GLU F 2661 15.80 124.09 -12.77
CA GLU F 2661 14.51 123.58 -12.33
C GLU F 2661 13.72 124.65 -11.57
N LEU F 2662 14.40 125.39 -10.68
CA LEU F 2662 13.72 126.45 -9.94
C LEU F 2662 13.26 127.55 -10.88
N HIS F 2663 14.09 127.92 -11.86
CA HIS F 2663 13.70 128.89 -12.86
C HIS F 2663 12.48 128.40 -13.66
N LEU F 2664 12.49 127.13 -14.05
CA LEU F 2664 11.38 126.59 -14.82
C LEU F 2664 10.08 126.60 -14.04
N THR F 2665 10.14 126.23 -12.75
CA THR F 2665 8.93 126.24 -11.95
C THR F 2665 8.44 127.67 -11.69
N ARG F 2666 9.36 128.63 -11.55
CA ARG F 2666 8.98 130.03 -11.44
C ARG F 2666 8.24 130.49 -12.69
N LYS F 2667 8.81 130.21 -13.86
CA LYS F 2667 8.19 130.63 -15.12
C LYS F 2667 6.85 129.95 -15.32
N LEU F 2668 6.74 128.67 -14.96
CA LEU F 2668 5.47 127.96 -15.08
C LEU F 2668 4.42 128.58 -14.16
N PHE F 2669 4.80 128.91 -12.93
CA PHE F 2669 3.87 129.56 -12.00
C PHE F 2669 3.35 130.86 -12.58
N TRP F 2670 4.25 131.73 -13.04
CA TRP F 2670 3.81 133.00 -13.61
C TRP F 2670 3.00 132.80 -14.88
N GLY F 2671 3.33 131.79 -15.68
CA GLY F 2671 2.58 131.53 -16.90
C GLY F 2671 1.14 131.14 -16.62
N ILE F 2672 0.93 130.23 -15.67
CA ILE F 2672 -0.43 129.88 -15.28
C ILE F 2672 -1.14 131.08 -14.70
N PHE F 2673 -0.44 131.86 -13.85
CA PHE F 2673 -1.07 133.04 -13.27
C PHE F 2673 -1.61 133.98 -14.34
N ASP F 2674 -0.76 134.35 -15.30
CA ASP F 2674 -1.20 135.30 -16.32
C ASP F 2674 -2.25 134.70 -17.24
N SER F 2675 -2.03 133.46 -17.70
CA SER F 2675 -2.99 132.85 -18.63
C SER F 2675 -4.37 132.74 -18.01
N LEU F 2676 -4.43 132.26 -16.76
CA LEU F 2676 -5.73 132.06 -16.13
C LEU F 2676 -6.34 133.38 -15.70
N ALA F 2677 -5.52 134.40 -15.43
CA ALA F 2677 -6.07 135.73 -15.15
C ALA F 2677 -6.74 136.32 -16.38
N HIS F 2678 -6.08 136.24 -17.53
CA HIS F 2678 -6.68 136.80 -18.75
C HIS F 2678 -7.85 135.96 -19.26
N LYS F 2679 -7.80 134.64 -19.11
CA LYS F 2679 -8.90 133.81 -19.63
C LYS F 2679 -10.17 133.99 -18.81
N LYS F 2680 -11.30 133.82 -19.48
CA LYS F 2680 -12.61 133.93 -18.84
C LYS F 2680 -12.82 132.79 -17.86
N TYR F 2681 -13.63 133.04 -16.84
CA TYR F 2681 -13.86 132.07 -15.78
C TYR F 2681 -14.50 130.79 -16.33
N ASP F 2682 -13.95 129.65 -15.91
CA ASP F 2682 -14.54 128.34 -16.16
C ASP F 2682 -14.44 127.55 -14.86
N GLN F 2683 -15.57 126.98 -14.43
CA GLN F 2683 -15.61 126.29 -13.16
C GLN F 2683 -14.66 125.10 -13.15
N GLU F 2684 -14.69 124.29 -14.21
CA GLU F 2684 -13.82 123.11 -14.29
C GLU F 2684 -12.36 123.53 -14.31
N LEU F 2685 -12.00 124.49 -15.17
CA LEU F 2685 -10.62 124.91 -15.30
C LEU F 2685 -10.10 125.49 -14.00
N TYR F 2686 -10.86 126.41 -13.39
CA TYR F 2686 -10.44 127.01 -12.13
C TYR F 2686 -10.28 125.96 -11.04
N ARG F 2687 -11.30 125.11 -10.88
CA ARG F 2687 -11.30 124.12 -9.82
C ARG F 2687 -10.13 123.16 -9.94
N MET F 2688 -9.83 122.72 -11.17
CA MET F 2688 -8.77 121.73 -11.32
C MET F 2688 -7.38 122.38 -11.33
N ALA F 2689 -7.28 123.64 -11.77
CA ALA F 2689 -5.98 124.28 -11.91
C ALA F 2689 -5.50 124.98 -10.66
N MET F 2690 -6.38 125.42 -9.76
CA MET F 2690 -5.93 126.07 -8.54
C MET F 2690 -5.03 125.18 -7.68
N PRO F 2691 -5.29 123.86 -7.52
CA PRO F 2691 -4.34 123.05 -6.76
C PRO F 2691 -2.94 123.05 -7.35
N CYS F 2692 -2.83 123.11 -8.68
CA CYS F 2692 -1.51 123.15 -9.30
C CYS F 2692 -0.75 124.41 -8.91
N LEU F 2693 -1.43 125.56 -8.98
CA LEU F 2693 -0.77 126.81 -8.60
C LEU F 2693 -0.41 126.80 -7.12
N CYS F 2694 -1.27 126.25 -6.27
CA CYS F 2694 -0.94 126.14 -4.85
C CYS F 2694 0.28 125.28 -4.62
N ALA F 2695 0.37 124.15 -5.34
CA ALA F 2695 1.52 123.26 -5.19
C ALA F 2695 2.80 123.94 -5.66
N ILE F 2696 2.75 124.65 -6.78
CA ILE F 2696 3.94 125.34 -7.26
C ILE F 2696 4.36 126.44 -6.28
N ALA F 2697 3.39 127.17 -5.74
CA ALA F 2697 3.71 128.21 -4.76
C ALA F 2697 4.36 127.62 -3.52
N GLY F 2698 3.84 126.47 -3.06
CA GLY F 2698 4.45 125.82 -1.90
C GLY F 2698 5.85 125.30 -2.20
N ALA F 2699 6.06 124.76 -3.40
CA ALA F 2699 7.36 124.20 -3.74
C ALA F 2699 8.42 125.28 -3.92
N LEU F 2700 8.07 126.37 -4.60
CA LEU F 2700 9.04 127.41 -4.91
C LEU F 2700 9.44 128.16 -3.64
N PRO F 2701 10.72 128.25 -3.31
CA PRO F 2701 11.14 129.02 -2.13
C PRO F 2701 10.77 130.47 -2.28
N PRO F 2702 10.37 131.12 -1.18
CA PRO F 2702 9.97 132.53 -1.27
C PRO F 2702 11.08 133.47 -1.71
N ASP F 2703 12.33 133.17 -1.36
CA ASP F 2703 13.45 134.08 -1.61
C ASP F 2703 14.30 133.65 -2.80
N TYR F 2704 13.71 132.96 -3.77
CA TYR F 2704 14.45 132.60 -4.97
C TYR F 2704 14.75 133.84 -5.80
N VAL F 2705 15.98 133.95 -6.28
CA VAL F 2705 16.42 135.09 -7.07
C VAL F 2705 17.01 134.55 -8.37
N ASP F 2706 16.20 134.51 -9.43
CA ASP F 2706 16.67 134.09 -10.73
C ASP F 2706 17.63 135.12 -11.31
N ALA F 2707 18.64 134.63 -12.04
CA ALA F 2707 19.63 135.53 -12.63
C ALA F 2707 19.00 136.48 -13.64
N SER F 2708 18.16 135.96 -14.51
CA SER F 2708 17.49 136.76 -15.53
C SER F 2708 16.09 137.15 -15.05
N TYR F 2709 16.06 138.07 -14.09
CA TYR F 2709 14.81 138.55 -13.52
C TYR F 2709 14.08 139.52 -14.44
N SER F 2710 14.77 140.09 -15.44
CA SER F 2710 14.14 141.03 -16.34
C SER F 2710 12.99 140.38 -17.09
N SER F 2711 11.85 141.07 -17.12
CA SER F 2711 10.64 140.55 -17.74
C SER F 2711 10.60 140.99 -19.20
N LYS F 2712 10.83 140.05 -20.11
CA LYS F 2712 10.75 140.38 -21.54
C LYS F 2712 9.33 140.72 -21.96
N ALA F 2713 8.35 140.01 -21.39
CA ALA F 2713 6.93 140.26 -21.65
C ALA F 2713 6.61 140.13 -23.14
N GLU F 2714 6.82 138.93 -23.67
CA GLU F 2714 6.59 138.65 -25.08
C GLU F 2714 6.04 137.25 -25.24
N LYS F 2715 5.48 136.99 -26.42
CA LYS F 2715 4.97 135.67 -26.79
C LYS F 2715 3.88 135.19 -25.84
N ASN F 2724 3.87 128.73 -30.97
CA ASN F 2724 5.03 128.17 -30.31
C ASN F 2724 6.03 129.27 -29.93
N PHE F 2725 7.32 128.96 -30.06
CA PHE F 2725 8.39 129.89 -29.75
C PHE F 2725 8.97 130.41 -31.06
N ASP F 2726 8.64 131.66 -31.39
CA ASP F 2726 9.08 132.29 -32.64
C ASP F 2726 9.89 133.54 -32.28
N PRO F 2727 11.21 133.43 -32.18
CA PRO F 2727 12.03 134.60 -31.83
C PRO F 2727 12.13 135.61 -32.96
N ARG F 2728 11.51 136.77 -32.79
CA ARG F 2728 11.57 137.81 -33.80
C ARG F 2728 12.96 138.45 -33.81
N PRO F 2729 13.63 138.52 -34.94
CA PRO F 2729 14.93 139.20 -35.01
C PRO F 2729 14.75 140.71 -35.02
N VAL F 2730 15.86 141.42 -35.19
CA VAL F 2730 15.87 142.87 -35.20
C VAL F 2730 16.04 143.34 -36.64
N GLU F 2731 15.13 144.19 -37.10
CA GLU F 2731 15.18 144.73 -38.46
C GLU F 2731 16.23 145.82 -38.52
N THR F 2732 17.35 145.54 -39.20
CA THR F 2732 18.44 146.49 -39.33
C THR F 2732 18.93 146.68 -40.76
N LEU F 2733 18.51 145.83 -41.70
CA LEU F 2733 18.94 146.00 -43.09
C LEU F 2733 18.23 147.17 -43.77
N ASN F 2734 16.97 147.43 -43.38
CA ASN F 2734 16.22 148.52 -44.00
C ASN F 2734 16.85 149.87 -43.68
N VAL F 2735 17.28 150.08 -42.45
CA VAL F 2735 17.87 151.35 -42.04
C VAL F 2735 19.29 151.43 -42.56
N ILE F 2736 19.73 152.63 -42.93
CA ILE F 2736 21.08 152.83 -43.44
C ILE F 2736 22.07 152.75 -42.29
N ILE F 2737 23.14 151.99 -42.48
CA ILE F 2737 24.17 151.81 -41.46
C ILE F 2737 25.18 152.94 -41.61
N PRO F 2738 25.37 153.78 -40.59
CA PRO F 2738 26.41 154.82 -40.67
C PRO F 2738 27.79 154.19 -40.79
N GLU F 2739 28.66 154.86 -41.56
CA GLU F 2739 30.00 154.37 -41.82
C GLU F 2739 31.08 155.33 -41.31
N LYS F 2740 30.73 156.20 -40.36
CA LYS F 2740 31.70 157.15 -39.83
C LYS F 2740 32.75 156.47 -38.95
N LEU F 2741 32.48 155.25 -38.49
CA LEU F 2741 33.41 154.50 -37.65
C LEU F 2741 33.89 153.24 -38.36
N ASP F 2742 33.98 153.28 -39.69
CA ASP F 2742 34.45 152.12 -40.44
C ASP F 2742 35.88 151.73 -40.06
N SER F 2743 36.68 152.71 -39.65
CA SER F 2743 38.04 152.41 -39.17
C SER F 2743 38.00 151.49 -37.96
N PHE F 2744 36.90 151.52 -37.20
CA PHE F 2744 36.70 150.56 -36.12
C PHE F 2744 36.00 149.30 -36.61
N ILE F 2745 35.02 149.43 -37.50
CA ILE F 2745 34.23 148.28 -37.93
C ILE F 2745 35.13 147.25 -38.62
N ASN F 2746 35.90 147.70 -39.61
CA ASN F 2746 36.76 146.77 -40.35
C ASN F 2746 37.90 146.26 -39.47
N LYS F 2747 38.44 147.12 -38.60
CA LYS F 2747 39.51 146.71 -37.71
C LYS F 2747 39.05 145.59 -36.78
N PHE F 2748 37.85 145.73 -36.20
CA PHE F 2748 37.31 144.67 -35.35
C PHE F 2748 36.93 143.44 -36.15
N ALA F 2749 36.45 143.63 -37.39
CA ALA F 2749 36.10 142.49 -38.22
C ALA F 2749 37.32 141.60 -38.49
N GLU F 2750 38.46 142.22 -38.80
CA GLU F 2750 39.69 141.44 -38.96
C GLU F 2750 40.25 140.98 -37.62
N TYR F 2751 40.02 141.75 -36.56
CA TYR F 2751 40.56 141.40 -35.25
C TYR F 2751 39.86 140.17 -34.67
N THR F 2752 38.61 139.94 -35.06
CA THR F 2752 37.92 138.71 -34.64
C THR F 2752 38.65 137.48 -35.18
N HIS F 2753 39.03 137.50 -36.45
CA HIS F 2753 39.77 136.37 -37.02
C HIS F 2753 41.17 136.29 -36.44
N GLU F 2754 41.80 137.44 -36.19
CA GLU F 2754 43.12 137.44 -35.57
C GLU F 2754 43.07 136.82 -34.17
N LYS F 2755 42.03 137.16 -33.40
CA LYS F 2755 41.85 136.55 -32.08
C LYS F 2755 41.46 135.09 -32.20
N TRP F 2756 40.80 134.68 -33.28
CA TRP F 2756 40.59 133.26 -33.52
C TRP F 2756 41.91 132.53 -33.70
N ALA F 2757 42.83 133.14 -34.45
CA ALA F 2757 44.17 132.57 -34.59
C ALA F 2757 44.89 132.54 -33.24
N PHE F 2758 44.67 133.57 -32.41
CA PHE F 2758 45.21 133.55 -31.06
C PHE F 2758 44.64 132.39 -30.24
N ASP F 2759 43.35 132.12 -30.42
CA ASP F 2759 42.74 130.97 -29.76
C ASP F 2759 43.37 129.67 -30.24
N LYS F 2760 43.69 129.59 -31.54
CA LYS F 2760 44.38 128.40 -32.05
C LYS F 2760 45.74 128.22 -31.40
N ILE F 2761 46.53 129.29 -31.31
CA ILE F 2761 47.87 129.13 -30.74
C ILE F 2761 47.78 128.82 -29.25
N GLN F 2762 46.80 129.38 -28.53
CA GLN F 2762 46.57 128.96 -27.16
C GLN F 2762 46.13 127.51 -27.08
N ASN F 2763 45.42 127.02 -28.10
CA ASN F 2763 45.05 125.62 -28.22
C ASN F 2763 46.23 124.77 -28.66
N ASN F 2764 47.37 125.40 -28.96
CA ASN F 2764 48.62 124.71 -29.32
C ASN F 2764 48.49 124.05 -30.70
N TRP F 2765 48.00 124.81 -31.66
CA TRP F 2765 47.92 124.39 -33.05
C TRP F 2765 48.42 125.53 -33.93
N SER F 2766 49.30 125.19 -34.87
CA SER F 2766 49.85 126.19 -35.77
C SER F 2766 48.85 126.51 -36.88
N TYR F 2767 49.15 127.56 -37.64
CA TYR F 2767 48.28 128.00 -38.72
C TYR F 2767 48.67 127.29 -40.02
N GLY F 2768 47.69 126.67 -40.66
CA GLY F 2768 47.92 125.91 -41.88
C GLY F 2768 47.57 126.72 -43.12
N GLU F 2769 48.30 126.43 -44.20
CA GLU F 2769 48.16 127.20 -45.44
C GLU F 2769 47.12 126.60 -46.39
N ASN F 2770 47.12 125.28 -46.56
CA ASN F 2770 46.26 124.62 -47.52
C ASN F 2770 45.15 123.86 -46.81
N VAL F 2771 44.16 123.43 -47.60
CA VAL F 2771 43.01 122.70 -47.06
C VAL F 2771 43.48 121.36 -46.53
N ASP F 2772 43.01 121.00 -45.33
CA ASP F 2772 43.35 119.73 -44.71
C ASP F 2772 42.33 119.41 -43.65
N GLU F 2773 41.83 118.17 -43.67
CA GLU F 2773 40.85 117.73 -42.67
C GLU F 2773 41.49 117.45 -41.32
N GLU F 2774 42.77 117.04 -41.30
CA GLU F 2774 43.45 116.76 -40.05
C GLU F 2774 43.68 118.02 -39.22
N LEU F 2775 43.64 119.19 -39.83
CA LEU F 2775 43.89 120.46 -39.14
C LEU F 2775 42.54 121.10 -38.81
N LYS F 2776 42.13 121.00 -37.54
CA LYS F 2776 40.91 121.65 -37.11
C LYS F 2776 41.02 123.17 -37.15
N THR F 2777 42.24 123.70 -37.07
CA THR F 2777 42.47 125.12 -37.28
C THR F 2777 42.13 125.47 -38.72
N HIS F 2778 41.68 126.73 -38.93
CA HIS F 2778 41.28 127.27 -40.23
C HIS F 2778 42.23 126.80 -41.34
N PRO F 2779 41.71 126.12 -42.36
CA PRO F 2779 42.59 125.52 -43.38
C PRO F 2779 43.46 126.52 -44.11
N MET F 2780 42.97 127.73 -44.37
CA MET F 2780 43.74 128.76 -45.07
C MET F 2780 44.22 129.85 -44.12
N LEU F 2781 44.40 129.52 -42.84
CA LEU F 2781 44.92 130.48 -41.86
C LEU F 2781 46.39 130.73 -42.16
N ARG F 2782 46.68 131.84 -42.80
CA ARG F 2782 48.01 132.18 -43.27
C ARG F 2782 48.46 133.51 -42.70
N PRO F 2783 49.77 133.75 -42.61
CA PRO F 2783 50.24 135.07 -42.17
C PRO F 2783 49.84 136.14 -43.16
N TYR F 2784 49.74 137.38 -42.66
CA TYR F 2784 49.21 138.49 -43.46
C TYR F 2784 50.02 138.72 -44.73
N LYS F 2785 51.28 138.30 -44.77
CA LYS F 2785 52.04 138.39 -46.01
C LYS F 2785 51.46 137.48 -47.09
N THR F 2786 50.99 136.29 -46.71
CA THR F 2786 50.44 135.32 -47.64
C THR F 2786 48.97 135.01 -47.35
N PHE F 2787 48.27 135.91 -46.67
CA PHE F 2787 46.86 135.70 -46.34
C PHE F 2787 46.00 136.30 -47.45
N SER F 2788 45.22 135.45 -48.11
CA SER F 2788 44.29 135.91 -49.14
C SER F 2788 43.14 136.68 -48.49
N GLU F 2789 42.66 137.70 -49.20
CA GLU F 2789 41.59 138.55 -48.71
C GLU F 2789 40.20 138.00 -49.02
N LYS F 2790 40.10 136.88 -49.73
CA LYS F 2790 38.78 136.33 -50.04
C LYS F 2790 38.05 135.93 -48.77
N ASP F 2791 38.74 135.33 -47.80
CA ASP F 2791 38.13 135.01 -46.52
C ASP F 2791 37.96 136.25 -45.65
N LYS F 2792 38.87 137.23 -45.78
CA LYS F 2792 38.77 138.44 -44.96
C LYS F 2792 37.53 139.26 -45.32
N GLU F 2793 37.21 139.36 -46.61
CA GLU F 2793 36.04 140.11 -47.04
C GLU F 2793 34.74 139.32 -46.95
N ILE F 2794 34.76 138.12 -46.38
CA ILE F 2794 33.54 137.38 -46.10
C ILE F 2794 33.35 137.07 -44.63
N TYR F 2795 34.41 137.08 -43.81
CA TYR F 2795 34.26 136.86 -42.38
C TYR F 2795 33.79 138.11 -41.64
N ARG F 2796 33.75 139.26 -42.29
CA ARG F 2796 33.35 140.49 -41.65
C ARG F 2796 31.84 140.62 -41.47
N TRP F 2797 31.06 139.80 -42.18
CA TRP F 2797 29.61 139.95 -42.16
C TRP F 2797 28.98 139.77 -40.77
N PRO F 2798 29.36 138.78 -39.95
CA PRO F 2798 28.78 138.70 -38.60
C PRO F 2798 29.01 139.96 -37.77
N ILE F 2799 30.20 140.55 -37.86
CA ILE F 2799 30.48 141.79 -37.14
C ILE F 2799 29.57 142.90 -37.64
N LYS F 2800 29.36 142.98 -38.95
CA LYS F 2800 28.43 143.95 -39.50
C LYS F 2800 27.04 143.77 -38.92
N GLU F 2801 26.55 142.53 -38.88
CA GLU F 2801 25.22 142.28 -38.34
C GLU F 2801 25.13 142.70 -36.88
N SER F 2802 26.12 142.32 -36.08
CA SER F 2802 26.10 142.65 -34.66
C SER F 2802 26.08 144.17 -34.44
N LEU F 2803 26.98 144.88 -35.10
CA LEU F 2803 27.05 146.33 -34.92
C LEU F 2803 25.80 147.02 -35.46
N LYS F 2804 25.26 146.55 -36.58
CA LYS F 2804 24.05 147.13 -37.14
C LYS F 2804 22.86 146.96 -36.20
N ALA F 2805 22.72 145.78 -35.59
CA ALA F 2805 21.66 145.60 -34.60
C ALA F 2805 21.90 146.47 -33.37
N MET F 2806 23.14 146.57 -32.93
CA MET F 2806 23.47 147.40 -31.78
C MET F 2806 23.06 148.85 -32.02
N ILE F 2807 23.36 149.39 -33.20
CA ILE F 2807 22.98 150.76 -33.50
C ILE F 2807 21.50 150.88 -33.84
N ALA F 2808 20.87 149.78 -34.28
CA ALA F 2808 19.44 149.80 -34.52
C ALA F 2808 18.67 150.00 -33.22
N TRP F 2809 19.09 149.33 -32.14
CA TRP F 2809 18.54 149.68 -30.84
C TRP F 2809 19.00 151.07 -30.42
N GLU F 2810 18.30 151.62 -29.42
CA GLU F 2810 18.55 152.99 -28.98
C GLU F 2810 19.87 153.06 -28.22
N TRP F 2811 20.98 152.98 -28.95
CA TRP F 2811 22.31 153.05 -28.36
C TRP F 2811 23.18 153.90 -29.30
N THR F 2812 23.33 155.18 -28.98
CA THR F 2812 24.18 156.07 -29.76
C THR F 2812 25.61 155.93 -29.27
N ILE F 2813 26.54 155.80 -30.22
CA ILE F 2813 27.95 155.52 -29.94
C ILE F 2813 28.77 156.71 -30.41
N GLU F 2814 29.65 157.19 -29.54
CA GLU F 2814 30.53 158.32 -29.84
C GLU F 2814 31.97 157.90 -29.60
N LYS F 2815 32.87 158.41 -30.45
CA LYS F 2815 34.29 158.14 -30.35
C LYS F 2815 34.91 159.21 -29.44
N ALA F 2816 35.06 158.88 -28.16
CA ALA F 2816 35.66 159.82 -27.22
C ALA F 2816 37.11 160.11 -27.57
N ARG F 2817 37.86 159.09 -27.97
CA ARG F 2817 39.25 159.25 -28.34
C ARG F 2817 39.37 159.60 -29.82
N GLU F 2818 40.55 160.08 -30.21
CA GLU F 2818 40.85 160.42 -31.59
C GLU F 2818 42.31 160.04 -31.85
N GLY F 2819 42.52 158.87 -32.43
CA GLY F 2819 43.85 158.40 -32.72
C GLY F 2819 43.85 157.33 -33.77
N GLU F 2820 44.93 156.54 -33.79
CA GLU F 2820 45.11 155.46 -34.75
C GLU F 2820 44.99 155.95 -36.19
N TYR F 2845 52.63 136.03 -36.68
CA TYR F 2845 51.20 136.14 -36.98
C TYR F 2845 50.39 135.87 -35.72
N ASN F 2846 50.34 136.88 -34.83
CA ASN F 2846 49.64 136.75 -33.56
C ASN F 2846 49.31 138.13 -33.05
N PRO F 2847 48.12 138.35 -32.49
CA PRO F 2847 47.76 139.67 -31.96
C PRO F 2847 48.50 139.96 -30.66
N GLN F 2848 49.33 141.01 -30.68
CA GLN F 2848 50.02 141.41 -29.46
C GLN F 2848 49.06 141.86 -28.36
N PRO F 2849 48.08 142.73 -28.61
CA PRO F 2849 47.13 143.08 -27.55
C PRO F 2849 46.17 141.94 -27.29
N PRO F 2850 46.06 141.47 -26.04
CA PRO F 2850 45.15 140.36 -25.73
C PRO F 2850 43.75 140.84 -25.38
N ASP F 2851 42.76 140.13 -25.93
CA ASP F 2851 41.35 140.37 -25.65
C ASP F 2851 40.84 139.28 -24.73
N LEU F 2852 40.42 139.65 -23.52
CA LEU F 2852 39.90 138.73 -22.53
C LEU F 2852 38.49 139.13 -22.14
N SER F 2853 37.87 138.33 -21.28
CA SER F 2853 36.53 138.60 -20.80
C SER F 2853 36.35 138.34 -19.31
N GLY F 2854 37.43 138.09 -18.58
CA GLY F 2854 37.35 137.78 -17.16
C GLY F 2854 37.38 138.95 -16.22
N VAL F 2855 37.40 140.18 -16.74
CA VAL F 2855 37.43 141.36 -15.89
C VAL F 2855 36.02 141.91 -15.76
N THR F 2856 35.78 142.65 -14.67
CA THR F 2856 34.46 143.19 -14.37
C THR F 2856 34.18 144.42 -15.23
N LEU F 2857 32.92 144.84 -15.21
CA LEU F 2857 32.47 145.97 -16.02
C LEU F 2857 31.18 146.50 -15.42
N SER F 2858 30.80 147.71 -15.83
CA SER F 2858 29.62 148.37 -15.29
C SER F 2858 28.37 147.53 -15.53
N ARG F 2859 27.47 147.54 -14.54
CA ARG F 2859 26.33 146.62 -14.57
C ARG F 2859 25.39 146.93 -15.73
N GLU F 2860 25.08 148.21 -15.96
CA GLU F 2860 24.14 148.55 -17.03
CA GLU F 2860 24.14 148.55 -17.03
C GLU F 2860 24.73 148.31 -18.40
N LEU F 2861 26.02 148.59 -18.58
CA LEU F 2861 26.66 148.31 -19.86
C LEU F 2861 26.74 146.81 -20.11
N GLN F 2862 27.01 146.04 -19.06
CA GLN F 2862 26.95 144.58 -19.18
C GLN F 2862 25.54 144.09 -19.47
N ALA F 2863 24.52 144.80 -18.96
CA ALA F 2863 23.14 144.45 -19.28
C ALA F 2863 22.84 144.71 -20.74
N MET F 2864 23.36 145.80 -21.30
CA MET F 2864 23.20 146.04 -22.74
C MET F 2864 23.90 144.95 -23.55
N ALA F 2865 25.10 144.54 -23.09
CA ALA F 2865 25.78 143.43 -23.74
C ALA F 2865 24.97 142.14 -23.62
N GLU F 2866 24.28 141.96 -22.49
CA GLU F 2866 23.41 140.80 -22.31
C GLU F 2866 22.24 140.84 -23.28
N GLN F 2867 21.68 142.02 -23.52
CA GLN F 2867 20.63 142.16 -24.52
C GLN F 2867 21.15 141.83 -25.90
N LEU F 2868 22.39 142.24 -26.20
CA LEU F 2868 22.98 141.90 -27.49
C LEU F 2868 23.24 140.40 -27.61
N ALA F 2869 23.62 139.74 -26.51
CA ALA F 2869 23.74 138.28 -26.52
C ALA F 2869 22.39 137.62 -26.72
N GLU F 2870 21.34 138.18 -26.12
CA GLU F 2870 19.98 137.72 -26.38
C GLU F 2870 19.65 137.85 -27.86
N ASN F 2871 20.08 138.94 -28.49
CA ASN F 2871 19.89 139.10 -29.92
C ASN F 2871 20.63 138.01 -30.70
N TYR F 2872 21.88 137.72 -30.30
CA TYR F 2872 22.61 136.62 -30.93
C TYR F 2872 21.81 135.33 -30.86
N HIS F 2873 21.34 134.98 -29.65
CA HIS F 2873 20.67 133.69 -29.49
C HIS F 2873 19.36 133.65 -30.25
N ASN F 2874 18.58 134.74 -30.24
CA ASN F 2874 17.29 134.70 -30.93
C ASN F 2874 17.46 134.73 -32.44
N THR F 2875 18.51 135.39 -32.96
CA THR F 2875 18.79 135.29 -34.38
C THR F 2875 19.18 133.87 -34.76
N TRP F 2876 20.01 133.22 -33.93
CA TRP F 2876 20.36 131.82 -34.18
C TRP F 2876 19.11 130.96 -34.16
N GLY F 2877 18.21 131.22 -33.21
CA GLY F 2877 16.99 130.44 -33.10
C GLY F 2877 16.07 130.63 -34.30
N ARG F 2878 15.97 131.87 -34.79
CA ARG F 2878 15.17 132.12 -35.98
C ARG F 2878 15.74 131.39 -37.19
N LYS F 2879 17.05 131.48 -37.39
CA LYS F 2879 17.64 130.84 -38.57
C LYS F 2879 17.62 129.32 -38.46
N LYS F 2880 17.63 128.78 -37.23
CA LYS F 2880 17.48 127.34 -37.06
C LYS F 2880 16.04 126.89 -37.26
N LYS F 2881 15.08 127.63 -36.72
CA LYS F 2881 13.68 127.25 -36.84
C LYS F 2881 13.15 127.46 -38.24
N GLN F 2882 13.80 128.29 -39.05
CA GLN F 2882 13.43 128.36 -40.47
C GLN F 2882 13.60 127.02 -41.15
N GLU F 2883 14.71 126.33 -40.87
CA GLU F 2883 14.90 124.99 -41.40
C GLU F 2883 14.08 123.95 -40.64
N LEU F 2884 13.93 124.13 -39.33
CA LEU F 2884 13.25 123.14 -38.50
C LEU F 2884 11.74 123.10 -38.72
N GLU F 2885 11.14 124.21 -39.17
CA GLU F 2885 9.70 124.29 -39.31
C GLU F 2885 9.17 123.53 -40.52
N ALA F 2886 10.04 123.01 -41.38
CA ALA F 2886 9.58 122.26 -42.54
C ALA F 2886 8.88 120.97 -42.16
N LYS F 2887 9.24 120.39 -41.00
CA LYS F 2887 8.63 119.14 -40.55
C LYS F 2887 7.34 119.38 -39.78
N GLY F 2888 7.32 120.38 -38.91
CA GLY F 2888 6.15 120.66 -38.10
C GLY F 2888 6.04 119.87 -36.82
N GLY F 2889 6.97 118.96 -36.56
CA GLY F 2889 6.94 118.17 -35.34
C GLY F 2889 8.23 118.24 -34.56
N GLY F 2890 8.14 118.58 -33.28
CA GLY F 2890 9.32 118.73 -32.45
C GLY F 2890 9.95 120.10 -32.58
N THR F 2891 10.95 120.34 -31.74
CA THR F 2891 11.65 121.62 -31.72
C THR F 2891 13.08 121.39 -31.26
N HIS F 2892 13.94 122.35 -31.60
CA HIS F 2892 15.34 122.27 -31.18
C HIS F 2892 15.42 122.40 -29.66
N PRO F 2893 16.33 121.65 -29.02
CA PRO F 2893 16.40 121.71 -27.54
C PRO F 2893 16.74 123.08 -27.00
N LEU F 2894 17.51 123.88 -27.73
CA LEU F 2894 17.91 125.20 -27.27
C LEU F 2894 16.98 126.32 -27.75
N LEU F 2895 15.88 125.98 -28.40
CA LEU F 2895 14.89 126.98 -28.83
C LEU F 2895 14.07 127.43 -27.62
N VAL F 2896 14.74 128.19 -26.76
CA VAL F 2896 14.13 128.75 -25.56
C VAL F 2896 14.49 130.23 -25.48
N PRO F 2897 13.67 131.02 -24.79
CA PRO F 2897 14.01 132.44 -24.62
C PRO F 2897 15.33 132.62 -23.88
N TYR F 2898 16.02 133.72 -24.20
CA TYR F 2898 17.33 133.99 -23.62
C TYR F 2898 17.26 134.16 -22.11
N ASP F 2899 16.24 134.88 -21.63
CA ASP F 2899 16.07 135.03 -20.19
C ASP F 2899 15.68 133.73 -19.52
N THR F 2900 15.32 132.70 -20.29
CA THR F 2900 14.96 131.41 -19.73
C THR F 2900 16.11 130.41 -19.75
N LEU F 2901 16.97 130.45 -20.76
CA LEU F 2901 18.06 129.48 -20.84
C LEU F 2901 19.07 129.70 -19.72
N THR F 2902 19.75 128.62 -19.35
CA THR F 2902 20.73 128.66 -18.26
C THR F 2902 22.04 129.28 -18.75
N ALA F 2903 22.95 129.47 -17.80
CA ALA F 2903 24.20 130.17 -18.10
C ALA F 2903 25.17 129.31 -18.89
N LYS F 2904 25.16 127.99 -18.70
CA LYS F 2904 26.12 127.13 -19.38
C LYS F 2904 25.96 127.18 -20.89
N GLU F 2905 24.71 127.18 -21.37
CA GLU F 2905 24.46 127.37 -22.80
C GLU F 2905 24.49 128.84 -23.20
N LYS F 2906 24.30 129.75 -22.24
CA LYS F 2906 24.46 131.18 -22.51
C LYS F 2906 25.92 131.56 -22.75
N ALA F 2907 26.86 130.73 -22.30
CA ALA F 2907 28.25 131.13 -22.19
C ALA F 2907 28.83 131.63 -23.50
N ARG F 2908 28.49 130.98 -24.62
CA ARG F 2908 29.07 131.39 -25.91
C ARG F 2908 28.66 132.81 -26.28
N ASP F 2909 27.37 133.09 -26.26
CA ASP F 2909 26.88 134.43 -26.60
C ASP F 2909 27.36 135.45 -25.59
N ARG F 2910 27.35 135.10 -24.30
CA ARG F 2910 27.83 136.03 -23.28
C ARG F 2910 29.29 136.38 -23.49
N GLU F 2911 30.12 135.38 -23.81
CA GLU F 2911 31.54 135.64 -24.05
C GLU F 2911 31.74 136.49 -25.29
N LYS F 2912 30.99 136.22 -26.36
CA LYS F 2912 31.12 137.04 -27.57
C LYS F 2912 30.75 138.49 -27.29
N ALA F 2913 29.63 138.70 -26.61
CA ALA F 2913 29.20 140.07 -26.29
C ALA F 2913 30.21 140.76 -25.38
N GLN F 2914 30.73 140.05 -24.38
CA GLN F 2914 31.67 140.65 -23.46
C GLN F 2914 33.00 140.96 -24.15
N GLU F 2915 33.43 140.11 -25.08
CA GLU F 2915 34.65 140.40 -25.83
C GLU F 2915 34.49 141.63 -26.69
N LEU F 2916 33.35 141.75 -27.39
CA LEU F 2916 33.10 142.95 -28.19
C LEU F 2916 33.05 144.18 -27.29
N LEU F 2917 32.44 144.04 -26.11
CA LEU F 2917 32.32 145.16 -25.19
C LEU F 2917 33.68 145.58 -24.63
N LYS F 2918 34.56 144.62 -24.34
CA LYS F 2918 35.92 144.94 -23.91
C LYS F 2918 36.69 145.63 -25.02
N PHE F 2919 36.51 145.18 -26.27
CA PHE F 2919 37.15 145.84 -27.40
C PHE F 2919 36.69 147.28 -27.52
N LEU F 2920 35.40 147.54 -27.26
CA LEU F 2920 34.92 148.91 -27.17
C LEU F 2920 35.53 149.65 -25.99
N GLN F 2921 35.63 148.98 -24.84
CA GLN F 2921 35.98 149.65 -23.59
C GLN F 2921 37.43 150.13 -23.60
N MET F 2922 38.36 149.27 -24.00
CA MET F 2922 39.76 149.66 -23.97
C MET F 2922 40.06 150.78 -24.96
N ASN F 2923 39.41 150.74 -26.12
CA ASN F 2923 39.62 151.80 -27.11
C ASN F 2923 38.91 153.08 -26.71
N GLY F 2924 37.83 152.99 -25.95
CA GLY F 2924 37.14 154.18 -25.47
C GLY F 2924 35.99 154.66 -26.33
N TYR F 2925 35.05 153.77 -26.64
CA TYR F 2925 33.84 154.12 -27.37
C TYR F 2925 32.69 154.24 -26.37
N ALA F 2926 32.09 155.43 -26.29
CA ALA F 2926 31.06 155.71 -25.30
C ALA F 2926 29.69 155.53 -25.95
N VAL F 2927 28.95 154.53 -25.50
CA VAL F 2927 27.62 154.24 -26.01
C VAL F 2927 26.60 154.52 -24.90
N THR F 2928 25.54 155.23 -25.26
CA THR F 2928 24.51 155.62 -24.30
C THR F 2928 23.13 155.43 -24.91
N ARG F 2929 22.15 155.22 -24.05
CA ARG F 2929 20.75 155.14 -24.48
C ARG F 2929 20.20 156.53 -24.76
N LEU F 2936 15.53 147.20 -14.59
CA LEU F 2936 16.54 148.25 -14.58
C LEU F 2936 16.90 148.62 -13.14
N ASP F 2937 18.18 148.46 -12.80
CA ASP F 2937 18.67 148.68 -11.44
C ASP F 2937 17.89 147.86 -10.42
N THR F 2938 17.63 146.60 -10.77
CA THR F 2938 16.84 145.71 -9.93
C THR F 2938 17.76 145.04 -8.91
N SER F 2939 17.44 145.22 -7.63
CA SER F 2939 18.20 144.59 -6.56
C SER F 2939 17.74 143.15 -6.33
N SER F 2940 18.52 142.42 -5.55
CA SER F 2940 18.17 141.04 -5.24
C SER F 2940 16.86 140.94 -4.46
N ILE F 2941 16.59 141.92 -3.59
CA ILE F 2941 15.34 141.92 -2.84
C ILE F 2941 14.16 142.01 -3.79
N GLU F 2942 14.25 142.87 -4.80
CA GLU F 2942 13.20 142.94 -5.82
C GLU F 2942 13.16 141.66 -6.64
N LYS F 2943 14.32 141.07 -6.93
CA LYS F 2943 14.38 139.82 -7.68
C LYS F 2943 13.83 138.63 -6.90
N ARG F 2944 13.62 138.77 -5.60
CA ARG F 2944 13.03 137.70 -4.81
C ARG F 2944 11.62 137.39 -5.30
N PHE F 2945 11.26 136.10 -5.22
CA PHE F 2945 9.93 135.67 -5.65
C PHE F 2945 8.84 136.31 -4.80
N ALA F 2946 9.08 136.41 -3.50
CA ALA F 2946 8.06 136.97 -2.59
C ALA F 2946 7.73 138.42 -2.95
N PHE F 2947 8.75 139.20 -3.34
CA PHE F 2947 8.52 140.59 -3.69
C PHE F 2947 7.60 140.71 -4.90
N GLY F 2948 7.90 139.98 -5.98
CA GLY F 2948 7.05 140.03 -7.16
C GLY F 2948 5.66 139.51 -6.87
N PHE F 2949 5.55 138.44 -6.09
CA PHE F 2949 4.24 137.89 -5.75
C PHE F 2949 3.41 138.92 -4.99
N LEU F 2950 4.03 139.57 -4.00
CA LEU F 2950 3.32 140.57 -3.21
C LEU F 2950 2.91 141.76 -4.07
N GLN F 2951 3.77 142.17 -5.00
CA GLN F 2951 3.41 143.24 -5.92
C GLN F 2951 2.19 142.86 -6.75
N GLN F 2952 2.14 141.61 -7.22
CA GLN F 2952 0.96 141.16 -7.98
C GLN F 2952 -0.28 141.15 -7.09
N LEU F 2953 -0.15 140.74 -5.82
CA LEU F 2953 -1.31 140.78 -4.93
C LEU F 2953 -1.79 142.21 -4.72
N LEU F 2954 -0.87 143.16 -4.57
CA LEU F 2954 -1.29 144.55 -4.40
C LEU F 2954 -1.97 145.09 -5.67
N ARG F 2955 -1.46 144.73 -6.84
CA ARG F 2955 -2.09 145.15 -8.09
C ARG F 2955 -3.51 144.60 -8.21
N TRP F 2956 -3.66 143.28 -8.05
CA TRP F 2956 -5.00 142.72 -8.10
C TRP F 2956 -5.86 143.21 -6.95
N MET F 2957 -5.25 143.67 -5.86
CA MET F 2957 -6.03 144.23 -4.77
C MET F 2957 -6.63 145.58 -5.12
N ASP F 2958 -5.87 146.46 -5.77
CA ASP F 2958 -6.46 147.73 -6.18
C ASP F 2958 -7.53 147.49 -7.24
N ILE F 2959 -7.30 146.54 -8.16
CA ILE F 2959 -8.34 146.18 -9.11
C ILE F 2959 -9.58 145.64 -8.38
N SER F 2960 -9.36 144.83 -7.35
CA SER F 2960 -10.47 144.27 -6.58
C SER F 2960 -11.25 145.36 -5.86
N GLN F 2961 -10.55 146.31 -5.24
CA GLN F 2961 -11.24 147.40 -4.57
C GLN F 2961 -12.05 148.21 -5.57
N GLU F 2962 -11.53 148.38 -6.79
CA GLU F 2962 -12.28 149.09 -7.81
C GLU F 2962 -13.58 148.35 -8.15
N PHE F 2963 -13.48 147.05 -8.47
CA PHE F 2963 -14.72 146.42 -8.92
C PHE F 2963 -15.67 146.08 -7.78
N ILE F 2964 -15.19 145.96 -6.53
CA ILE F 2964 -16.11 145.83 -5.42
C ILE F 2964 -16.77 147.16 -5.06
N ALA F 2965 -16.08 148.29 -5.29
CA ALA F 2965 -16.76 149.58 -5.18
C ALA F 2965 -17.86 149.68 -6.24
N HIS F 2966 -17.57 149.23 -7.46
CA HIS F 2966 -18.60 149.20 -8.49
C HIS F 2966 -19.76 148.29 -8.09
N LEU F 2967 -19.45 147.13 -7.50
CA LEU F 2967 -20.49 146.21 -7.06
C LEU F 2967 -21.36 146.83 -5.98
N GLU F 2968 -20.75 147.52 -5.02
CA GLU F 2968 -21.54 148.20 -3.99
C GLU F 2968 -22.42 149.28 -4.60
N ALA F 2969 -21.87 150.04 -5.56
CA ALA F 2969 -22.67 151.08 -6.20
C ALA F 2969 -23.86 150.50 -6.94
N VAL F 2970 -23.66 149.39 -7.65
CA VAL F 2970 -24.77 148.84 -8.43
C VAL F 2970 -25.78 148.11 -7.55
N VAL F 2971 -25.34 147.46 -6.46
CA VAL F 2971 -26.29 146.78 -5.60
C VAL F 2971 -27.09 147.80 -4.79
N SER F 2972 -26.48 148.94 -4.42
CA SER F 2972 -27.22 149.97 -3.70
C SER F 2972 -28.33 150.55 -4.56
N SER F 2973 -28.05 150.78 -5.85
CA SER F 2973 -29.03 151.35 -6.77
C SER F 2973 -29.57 150.23 -7.64
N GLY F 2974 -30.67 149.62 -7.20
CA GLY F 2974 -31.26 148.53 -7.95
C GLY F 2974 -30.44 147.27 -7.81
N ARG F 2975 -30.30 146.54 -8.92
CA ARG F 2975 -29.54 145.30 -8.94
C ARG F 2975 -29.04 145.07 -10.37
N VAL F 2976 -27.72 145.15 -10.54
CA VAL F 2976 -27.08 144.91 -11.84
C VAL F 2976 -26.36 143.57 -11.76
N GLU F 2977 -26.71 142.66 -12.67
CA GLU F 2977 -26.15 141.31 -12.64
C GLU F 2977 -24.87 141.20 -13.46
N LYS F 2978 -24.92 141.57 -14.74
CA LYS F 2978 -23.78 141.45 -15.64
C LYS F 2978 -22.80 142.58 -15.35
N SER F 2979 -21.89 142.34 -14.41
CA SER F 2979 -20.86 143.32 -14.09
C SER F 2979 -19.79 143.34 -15.18
N PRO F 2980 -19.25 144.51 -15.51
CA PRO F 2980 -18.20 144.57 -16.54
C PRO F 2980 -16.92 143.84 -16.15
N HIS F 2981 -16.69 143.61 -14.85
CA HIS F 2981 -15.45 142.99 -14.38
C HIS F 2981 -15.74 141.63 -13.72
N GLU F 2982 -16.78 140.94 -14.19
CA GLU F 2982 -17.21 139.70 -13.55
C GLU F 2982 -16.11 138.64 -13.57
N GLN F 2983 -15.35 138.57 -14.67
CA GLN F 2983 -14.24 137.63 -14.73
C GLN F 2983 -13.20 137.94 -13.66
N GLU F 2984 -12.89 139.23 -13.47
CA GLU F 2984 -11.95 139.63 -12.43
C GLU F 2984 -12.47 139.25 -11.04
N ILE F 2985 -13.76 139.50 -10.79
CA ILE F 2985 -14.34 139.17 -9.49
C ILE F 2985 -14.23 137.68 -9.22
N LYS F 2986 -14.61 136.86 -10.21
CA LYS F 2986 -14.57 135.42 -10.02
C LYS F 2986 -13.15 134.91 -9.85
N PHE F 2987 -12.19 135.44 -10.61
CA PHE F 2987 -10.80 135.04 -10.42
C PHE F 2987 -10.35 135.34 -9.00
N PHE F 2988 -10.51 136.60 -8.58
CA PHE F 2988 -10.06 137.04 -7.27
C PHE F 2988 -10.73 136.25 -6.15
N ALA F 2989 -11.99 135.84 -6.35
CA ALA F 2989 -12.68 135.11 -5.29
C ALA F 2989 -12.29 133.64 -5.28
N LYS F 2990 -12.35 132.97 -6.43
CA LYS F 2990 -12.21 131.53 -6.45
C LYS F 2990 -10.76 131.08 -6.26
N ILE F 2991 -9.81 131.71 -6.95
CA ILE F 2991 -8.44 131.18 -6.99
C ILE F 2991 -7.46 132.07 -6.22
N LEU F 2992 -7.63 133.39 -6.28
CA LEU F 2992 -6.64 134.27 -5.66
C LEU F 2992 -6.57 134.05 -4.15
N LEU F 2993 -7.72 134.01 -3.48
CA LEU F 2993 -7.73 133.85 -2.02
C LEU F 2993 -7.15 132.51 -1.59
N PRO F 2994 -7.52 131.36 -2.15
CA PRO F 2994 -6.84 130.12 -1.77
C PRO F 2994 -5.35 130.15 -2.05
N LEU F 2995 -4.92 130.82 -3.13
CA LEU F 2995 -3.51 130.87 -3.46
C LEU F 2995 -2.70 131.57 -2.37
N ILE F 2996 -3.13 132.77 -1.98
CA ILE F 2996 -2.41 133.50 -0.94
C ILE F 2996 -2.54 132.77 0.39
N ASN F 2997 -3.71 132.19 0.66
CA ASN F 2997 -3.90 131.43 1.90
C ASN F 2997 -2.87 130.30 2.01
N GLN F 2998 -2.78 129.46 0.97
CA GLN F 2998 -1.85 128.32 1.01
C GLN F 2998 -0.41 128.79 1.03
N TYR F 2999 -0.08 129.80 0.22
CA TYR F 2999 1.30 130.27 0.17
C TYR F 2999 1.75 130.82 1.52
N PHE F 3000 0.90 131.62 2.16
CA PHE F 3000 1.27 132.19 3.45
C PHE F 3000 1.26 131.13 4.54
N THR F 3001 0.39 130.13 4.43
CA THR F 3001 0.41 129.03 5.38
C THR F 3001 1.73 128.26 5.31
N ASN F 3002 2.20 127.96 4.09
CA ASN F 3002 3.40 127.15 3.97
C ASN F 3002 4.68 127.97 4.13
N HIS F 3003 4.62 129.30 3.99
CA HIS F 3003 5.79 130.14 4.19
C HIS F 3003 5.57 131.20 5.28
N CYS F 3004 4.80 130.85 6.31
CA CYS F 3004 4.63 131.74 7.45
C CYS F 3004 5.95 131.96 8.18
N LEU F 3005 6.78 130.91 8.27
CA LEU F 3005 8.01 131.00 9.04
C LEU F 3005 9.01 131.98 8.41
N TYR F 3006 9.06 132.02 7.08
CA TYR F 3006 10.07 132.84 6.40
C TYR F 3006 9.84 134.32 6.67
N PHE F 3007 8.60 134.78 6.54
CA PHE F 3007 8.31 136.21 6.72
C PHE F 3007 8.47 136.62 8.18
N LEU F 3008 8.12 135.74 9.11
CA LEU F 3008 8.17 136.08 10.53
C LEU F 3008 9.60 136.18 11.06
N SER F 3009 10.56 135.56 10.38
CA SER F 3009 11.93 135.54 10.89
C SER F 3009 12.61 136.89 10.71
N THR F 3010 13.49 137.22 11.65
CA THR F 3010 14.28 138.44 11.64
C THR F 3010 15.74 138.14 11.35
N PRO F 3011 16.50 139.11 10.85
CA PRO F 3011 17.94 138.87 10.64
C PRO F 3011 18.67 138.47 11.92
N ALA F 3012 18.29 139.05 13.06
CA ALA F 3012 18.94 138.70 14.32
C ALA F 3012 18.52 137.31 14.79
N LYS F 3013 17.23 137.02 14.72
CA LYS F 3013 16.68 135.74 15.18
C LYS F 3013 16.19 134.96 13.95
N VAL F 3014 16.96 133.95 13.56
CA VAL F 3014 16.61 133.12 12.41
C VAL F 3014 15.52 132.14 12.87
N LEU F 3015 14.26 132.50 12.64
CA LEU F 3015 13.12 131.71 13.07
C LEU F 3015 12.66 130.87 11.88
N GLY F 3016 12.98 129.58 11.92
CA GLY F 3016 12.64 128.67 10.83
C GLY F 3016 13.83 128.40 9.93
N SER F 3017 13.58 127.57 8.92
CA SER F 3017 14.63 127.21 7.96
C SER F 3017 15.10 128.44 7.18
N GLY F 3018 14.17 129.27 6.74
CA GLY F 3018 14.54 130.50 6.06
C GLY F 3018 15.20 131.48 7.00
N GLY F 3019 16.16 132.23 6.46
CA GLY F 3019 16.90 133.18 7.27
C GLY F 3019 16.05 134.33 7.78
N HIS F 3020 15.63 135.21 6.88
CA HIS F 3020 14.76 136.33 7.25
C HIS F 3020 14.12 136.89 5.99
N ALA F 3021 13.18 137.80 6.19
CA ALA F 3021 12.59 138.59 5.12
C ALA F 3021 13.01 140.04 5.27
N SER F 3022 13.15 140.72 4.14
CA SER F 3022 13.55 142.12 4.16
C SER F 3022 12.48 142.97 4.84
N ASN F 3023 12.93 144.10 5.42
CA ASN F 3023 11.99 144.98 6.10
C ASN F 3023 10.97 145.57 5.13
N LYS F 3024 11.36 145.80 3.87
CA LYS F 3024 10.41 146.27 2.89
C LYS F 3024 9.34 145.22 2.58
N GLU F 3025 9.73 143.94 2.55
CA GLU F 3025 8.73 142.87 2.46
C GLU F 3025 7.85 142.85 3.69
N LYS F 3026 8.45 143.02 4.87
CA LYS F 3026 7.71 143.01 6.13
C LYS F 3026 6.77 144.20 6.25
N GLU F 3027 6.98 145.26 5.48
CA GLU F 3027 6.03 146.36 5.48
C GLU F 3027 4.97 146.22 4.38
N MET F 3028 5.32 145.65 3.21
CA MET F 3028 4.25 145.45 2.23
C MET F 3028 3.26 144.38 2.68
N ILE F 3029 3.73 143.38 3.45
CA ILE F 3029 2.80 142.40 4.00
C ILE F 3029 1.81 143.09 4.95
N THR F 3030 2.30 144.00 5.78
CA THR F 3030 1.41 144.72 6.70
C THR F 3030 0.48 145.64 5.94
N SER F 3031 0.97 146.28 4.86
CA SER F 3031 0.11 147.10 4.04
C SER F 3031 -1.02 146.28 3.43
N LEU F 3032 -0.70 145.09 2.91
CA LEU F 3032 -1.74 144.21 2.38
C LEU F 3032 -2.74 143.82 3.46
N PHE F 3033 -2.24 143.48 4.65
CA PHE F 3033 -3.13 143.10 5.75
C PHE F 3033 -4.12 144.24 6.03
N CYS F 3034 -3.59 145.45 6.25
CA CYS F 3034 -4.45 146.59 6.56
C CYS F 3034 -5.40 146.92 5.42
N LYS F 3035 -4.98 146.70 4.19
CA LYS F 3035 -5.85 147.02 3.06
C LYS F 3035 -7.02 146.05 2.96
N LEU F 3036 -6.75 144.74 3.09
CA LEU F 3036 -7.89 143.81 3.14
C LEU F 3036 -8.75 144.06 4.37
N ALA F 3037 -8.16 144.53 5.47
CA ALA F 3037 -8.97 144.95 6.61
C ALA F 3037 -9.89 146.10 6.24
N ALA F 3038 -9.38 147.07 5.48
CA ALA F 3038 -10.21 148.19 5.02
C ALA F 3038 -11.34 147.71 4.13
N LEU F 3039 -11.06 146.74 3.24
CA LEU F 3039 -12.12 146.19 2.41
C LEU F 3039 -13.21 145.51 3.24
N VAL F 3040 -12.80 144.61 4.13
CA VAL F 3040 -13.78 143.87 4.94
C VAL F 3040 -14.49 144.79 5.92
N ARG F 3041 -13.92 145.96 6.20
CA ARG F 3041 -14.53 146.91 7.13
C ARG F 3041 -15.96 147.26 6.73
N HIS F 3042 -16.20 147.47 5.44
CA HIS F 3042 -17.54 147.75 4.94
C HIS F 3042 -18.13 146.63 4.11
N ARG F 3043 -17.33 146.00 3.23
CA ARG F 3043 -17.88 145.09 2.23
C ARG F 3043 -18.00 143.65 2.74
N VAL F 3044 -18.12 143.47 4.06
CA VAL F 3044 -18.34 142.14 4.61
C VAL F 3044 -19.67 141.57 4.14
N SER F 3045 -20.71 142.43 4.06
CA SER F 3045 -22.02 141.96 3.62
C SER F 3045 -21.97 141.43 2.20
N LEU F 3046 -21.23 142.11 1.32
CA LEU F 3046 -21.04 141.61 -0.03
C LEU F 3046 -20.14 140.37 -0.01
N PHE F 3047 -20.27 139.56 -1.06
CA PHE F 3047 -19.60 138.26 -1.18
C PHE F 3047 -19.63 137.48 0.13
N GLY F 3048 -20.86 137.31 0.66
CA GLY F 3048 -21.03 136.55 1.88
C GLY F 3048 -20.61 135.09 1.75
N THR F 3049 -20.76 134.53 0.55
CA THR F 3049 -20.32 133.15 0.33
C THR F 3049 -18.80 133.02 0.51
N ASP F 3050 -18.05 134.00 0.01
CA ASP F 3050 -16.60 134.01 0.14
C ASP F 3050 -16.13 134.66 1.43
N ALA F 3051 -17.05 135.17 2.25
CA ALA F 3051 -16.66 135.78 3.52
C ALA F 3051 -15.88 134.83 4.44
N PRO F 3052 -16.23 133.54 4.57
CA PRO F 3052 -15.37 132.65 5.36
C PRO F 3052 -13.93 132.61 4.84
N ALA F 3053 -13.75 132.60 3.52
CA ALA F 3053 -12.41 132.65 2.96
C ALA F 3053 -11.71 133.96 3.33
N VAL F 3054 -12.46 135.07 3.30
CA VAL F 3054 -11.88 136.36 3.65
C VAL F 3054 -11.40 136.37 5.10
N VAL F 3055 -12.23 135.86 6.01
CA VAL F 3055 -11.85 135.89 7.42
C VAL F 3055 -10.71 134.91 7.69
N ASN F 3056 -10.68 133.76 6.99
CA ASN F 3056 -9.54 132.86 7.14
C ASN F 3056 -8.25 133.49 6.64
N CYS F 3057 -8.31 134.20 5.50
CA CYS F 3057 -7.13 134.89 5.00
C CYS F 3057 -6.70 136.00 5.97
N LEU F 3058 -7.67 136.68 6.58
CA LEU F 3058 -7.33 137.69 7.59
C LEU F 3058 -6.63 137.05 8.79
N HIS F 3059 -7.12 135.89 9.24
CA HIS F 3059 -6.46 135.19 10.33
C HIS F 3059 -5.04 134.81 9.96
N ILE F 3060 -4.83 134.31 8.74
CA ILE F 3060 -3.49 133.90 8.32
C ILE F 3060 -2.56 135.10 8.23
N LEU F 3061 -3.03 136.21 7.64
CA LEU F 3061 -2.18 137.39 7.50
C LEU F 3061 -1.95 138.12 8.81
N ALA F 3062 -2.80 137.90 9.81
CA ALA F 3062 -2.52 138.43 11.14
C ALA F 3062 -1.25 137.82 11.72
N ARG F 3063 -0.90 136.61 11.28
CA ARG F 3063 0.32 135.94 11.69
C ARG F 3063 1.44 136.25 10.70
N SER F 3064 2.65 135.77 11.02
CA SER F 3064 3.83 135.96 10.17
C SER F 3064 4.08 137.44 9.88
N LEU F 3065 3.87 138.28 10.90
CA LEU F 3065 4.02 139.72 10.76
C LEU F 3065 4.82 140.25 11.93
N ASP F 3066 5.92 140.96 11.63
CA ASP F 3066 6.77 141.56 12.65
C ASP F 3066 6.33 143.01 12.86
N ALA F 3067 5.26 143.16 13.62
CA ALA F 3067 4.72 144.49 13.89
C ALA F 3067 5.74 145.38 14.57
N ARG F 3068 6.69 144.79 15.30
CA ARG F 3068 7.75 145.58 15.93
C ARG F 3068 8.52 146.39 14.89
N THR F 3069 9.02 145.72 13.84
CA THR F 3069 9.73 146.43 12.79
C THR F 3069 8.78 147.19 11.86
N VAL F 3070 7.48 146.87 11.89
CA VAL F 3070 6.53 147.72 11.19
C VAL F 3070 6.46 149.09 11.84
N MET F 3071 6.36 149.15 13.17
CA MET F 3071 6.29 150.46 13.82
C MET F 3071 7.65 151.16 13.85
N LYS F 3072 8.72 150.45 14.18
CA LYS F 3072 10.01 151.13 14.32
C LYS F 3072 10.58 151.45 12.94
N SER F 3073 10.70 152.74 12.64
CA SER F 3073 11.26 153.24 11.38
C SER F 3073 10.52 152.65 10.18
N GLY F 3074 9.24 152.35 10.34
CA GLY F 3074 8.44 151.80 9.26
C GLY F 3074 7.88 152.87 8.37
N PRO F 3075 7.31 152.44 7.24
CA PRO F 3075 6.68 153.39 6.33
C PRO F 3075 5.51 154.12 6.99
N GLU F 3076 5.50 155.44 6.82
CA GLU F 3076 4.50 156.27 7.48
C GLU F 3076 3.09 155.93 6.98
N ILE F 3077 2.95 155.67 5.68
CA ILE F 3077 1.64 155.35 5.13
C ILE F 3077 1.09 154.07 5.76
N VAL F 3078 1.92 153.03 5.82
CA VAL F 3078 1.48 151.76 6.40
C VAL F 3078 1.17 151.91 7.88
N LYS F 3079 2.03 152.63 8.61
CA LYS F 3079 1.80 152.82 10.04
C LYS F 3079 0.50 153.59 10.29
N ALA F 3080 0.27 154.65 9.52
CA ALA F 3080 -0.96 155.43 9.68
C ALA F 3080 -2.19 154.59 9.33
N GLY F 3081 -2.11 153.79 8.26
CA GLY F 3081 -3.22 152.94 7.91
C GLY F 3081 -3.54 151.93 8.99
N LEU F 3082 -2.52 151.32 9.58
CA LEU F 3082 -2.76 150.30 10.59
C LEU F 3082 -3.28 150.94 11.89
N ARG F 3083 -2.75 152.11 12.23
CA ARG F 3083 -3.28 152.85 13.38
C ARG F 3083 -4.73 153.22 13.18
N SER F 3084 -5.08 153.70 11.98
CA SER F 3084 -6.48 153.95 11.65
C SER F 3084 -7.29 152.66 11.70
N PHE F 3085 -6.65 151.52 11.44
CA PHE F 3085 -7.35 150.24 11.58
C PHE F 3085 -7.77 150.01 13.04
N PHE F 3086 -6.85 150.18 13.99
CA PHE F 3086 -7.30 150.05 15.38
C PHE F 3086 -8.33 151.10 15.75
N GLU F 3087 -8.17 152.34 15.26
CA GLU F 3087 -9.14 153.38 15.61
C GLU F 3087 -10.53 153.04 15.10
N SER F 3088 -10.62 152.57 13.85
CA SER F 3088 -11.91 152.16 13.30
C SER F 3088 -12.48 150.97 14.04
N ALA F 3089 -11.61 150.00 14.41
CA ALA F 3089 -12.09 148.85 15.16
C ALA F 3089 -12.67 149.27 16.51
N SER F 3090 -11.99 150.19 17.20
CA SER F 3090 -12.49 150.66 18.49
C SER F 3090 -13.79 151.42 18.35
N GLU F 3091 -13.90 152.28 17.34
CA GLU F 3091 -15.17 153.00 17.13
C GLU F 3091 -16.29 152.04 16.75
N ASP F 3092 -15.96 150.96 16.03
CA ASP F 3092 -16.96 149.95 15.71
C ASP F 3092 -17.42 149.23 16.98
N ILE F 3093 -16.48 148.86 17.84
CA ILE F 3093 -16.84 148.23 19.11
C ILE F 3093 -17.74 149.15 19.92
N GLU F 3094 -17.45 150.46 19.89
CA GLU F 3094 -18.32 151.43 20.55
C GLU F 3094 -19.71 151.43 19.91
N LYS F 3095 -19.78 151.32 18.58
CA LYS F 3095 -21.07 151.27 17.92
C LYS F 3095 -21.88 150.05 18.35
N MET F 3096 -21.24 148.88 18.45
CA MET F 3096 -21.94 147.69 18.94
C MET F 3096 -22.38 147.82 20.38
N VAL F 3097 -21.54 148.38 21.26
CA VAL F 3097 -21.96 148.49 22.66
C VAL F 3097 -23.11 149.47 22.79
N GLU F 3098 -23.10 150.55 22.00
CA GLU F 3098 -24.22 151.50 22.02
C GLU F 3098 -25.49 150.87 21.44
N ASN F 3099 -25.35 150.06 20.39
CA ASN F 3099 -26.51 149.38 19.82
C ASN F 3099 -27.10 148.38 20.80
N LEU F 3100 -26.25 147.63 21.50
CA LEU F 3100 -26.74 146.70 22.51
C LEU F 3100 -27.42 147.43 23.66
N ARG F 3101 -26.82 148.52 24.12
CA ARG F 3101 -27.36 149.39 25.18
C ARG F 3101 -28.14 148.66 26.26
N GLN F 3117 -22.77 145.87 7.17
CA GLN F 3117 -23.42 146.40 8.37
C GLN F 3117 -22.56 146.10 9.59
N ASN F 3118 -22.64 146.98 10.60
CA ASN F 3118 -21.75 146.89 11.74
C ASN F 3118 -21.99 145.61 12.55
N LEU F 3119 -23.25 145.23 12.77
CA LEU F 3119 -23.54 144.07 13.60
C LEU F 3119 -22.93 142.80 13.02
N THR F 3120 -23.23 142.52 11.75
CA THR F 3120 -22.68 141.33 11.10
C THR F 3120 -21.17 141.45 10.94
N TYR F 3121 -20.67 142.64 10.58
CA TYR F 3121 -19.24 142.82 10.40
C TYR F 3121 -18.48 142.47 11.67
N THR F 3122 -18.87 143.06 12.80
CA THR F 3122 -18.19 142.81 14.06
C THR F 3122 -18.19 141.33 14.37
N THR F 3123 -19.38 140.75 14.55
CA THR F 3123 -19.48 139.37 15.02
C THR F 3123 -18.79 138.39 14.08
N VAL F 3124 -18.99 138.54 12.77
CA VAL F 3124 -18.47 137.56 11.83
C VAL F 3124 -16.96 137.69 11.68
N ALA F 3125 -16.44 138.91 11.49
CA ALA F 3125 -15.05 139.10 11.11
C ALA F 3125 -14.21 139.75 12.20
N LEU F 3126 -14.67 140.87 12.77
CA LEU F 3126 -13.77 141.72 13.55
C LEU F 3126 -13.36 141.03 14.84
N LEU F 3127 -14.31 140.49 15.58
CA LEU F 3127 -13.97 139.88 16.87
C LEU F 3127 -13.04 138.69 16.72
N PRO F 3128 -13.29 137.70 15.85
CA PRO F 3128 -12.33 136.59 15.72
C PRO F 3128 -10.97 137.04 15.21
N VAL F 3129 -10.94 137.78 14.09
CA VAL F 3129 -9.67 138.14 13.47
C VAL F 3129 -8.85 139.01 14.40
N LEU F 3130 -9.46 140.04 14.99
CA LEU F 3130 -8.70 140.98 15.79
C LEU F 3130 -8.37 140.38 17.16
N THR F 3131 -9.21 139.45 17.63
CA THR F 3131 -8.86 138.66 18.80
C THR F 3131 -7.60 137.84 18.55
N THR F 3132 -7.53 137.20 17.38
CA THR F 3132 -6.29 136.54 16.97
C THR F 3132 -5.15 137.55 16.85
N LEU F 3133 -5.47 138.79 16.49
CA LEU F 3133 -4.44 139.83 16.46
C LEU F 3133 -3.82 140.06 17.84
N PHE F 3134 -4.65 140.26 18.86
CA PHE F 3134 -4.07 140.40 20.20
C PHE F 3134 -3.37 139.12 20.63
N GLN F 3135 -3.88 137.95 20.24
CA GLN F 3135 -3.20 136.70 20.60
C GLN F 3135 -1.79 136.66 20.02
N HIS F 3136 -1.66 137.03 18.75
CA HIS F 3136 -0.34 137.07 18.11
C HIS F 3136 0.54 138.13 18.77
N ILE F 3137 -0.03 139.28 19.11
CA ILE F 3137 0.73 140.34 19.77
C ILE F 3137 1.29 139.85 21.10
N ALA F 3138 0.44 139.18 21.90
CA ALA F 3138 0.90 138.65 23.18
C ALA F 3138 1.95 137.55 22.98
N GLN F 3139 1.76 136.70 21.97
CA GLN F 3139 2.72 135.62 21.73
C GLN F 3139 4.09 136.16 21.34
N HIS F 3140 4.13 137.20 20.51
CA HIS F 3140 5.38 137.75 20.01
C HIS F 3140 5.83 138.99 20.77
N GLN F 3141 5.20 139.30 21.91
CA GLN F 3141 5.58 140.44 22.75
C GLN F 3141 5.53 141.75 21.97
N PHE F 3142 4.49 141.91 21.15
CA PHE F 3142 4.29 143.14 20.39
C PHE F 3142 3.54 144.21 21.17
N GLY F 3143 3.15 143.93 22.41
CA GLY F 3143 2.28 144.85 23.13
C GLY F 3143 2.87 146.23 23.29
N ASP F 3144 4.14 146.30 23.70
CA ASP F 3144 4.79 147.60 23.90
C ASP F 3144 4.95 148.34 22.58
N ASP F 3145 5.24 147.62 21.49
CA ASP F 3145 5.48 148.27 20.21
C ASP F 3145 4.20 148.62 19.48
N VAL F 3146 3.22 147.72 19.48
CA VAL F 3146 1.97 147.98 18.76
C VAL F 3146 1.08 148.92 19.56
N ILE F 3147 0.75 148.52 20.78
CA ILE F 3147 -0.18 149.25 21.63
C ILE F 3147 0.54 150.44 22.24
N LEU F 3148 0.37 151.61 21.63
CA LEU F 3148 0.93 152.85 22.15
C LEU F 3148 0.25 154.03 21.46
N ASP F 3149 0.27 155.17 22.14
CA ASP F 3149 -0.20 156.46 21.61
C ASP F 3149 -1.67 156.30 21.18
N ASP F 3150 -2.02 156.56 19.92
CA ASP F 3150 -3.41 156.45 19.50
C ASP F 3150 -3.89 155.00 19.57
N VAL F 3151 -3.00 154.04 19.33
CA VAL F 3151 -3.36 152.64 19.50
C VAL F 3151 -3.72 152.37 20.96
N GLN F 3152 -2.92 152.91 21.88
CA GLN F 3152 -3.21 152.79 23.30
C GLN F 3152 -4.58 153.36 23.63
N VAL F 3153 -4.88 154.54 23.10
CA VAL F 3153 -6.17 155.17 23.37
C VAL F 3153 -7.30 154.32 22.82
N SER F 3154 -7.14 153.78 21.62
CA SER F 3154 -8.20 153.00 21.00
C SER F 3154 -8.49 151.72 21.78
N CYS F 3155 -7.44 150.99 22.17
CA CYS F 3155 -7.70 149.75 22.90
C CYS F 3155 -8.26 150.04 24.29
N TYR F 3156 -7.83 151.15 24.91
CA TYR F 3156 -8.41 151.52 26.19
C TYR F 3156 -9.90 151.82 26.04
N ARG F 3157 -10.26 152.55 24.99
CA ARG F 3157 -11.68 152.80 24.71
C ARG F 3157 -12.43 151.51 24.48
N THR F 3158 -11.81 150.56 23.76
CA THR F 3158 -12.42 149.26 23.56
C THR F 3158 -12.64 148.55 24.89
N LEU F 3159 -11.68 148.65 25.80
CA LEU F 3159 -11.82 148.03 27.12
C LEU F 3159 -13.00 148.63 27.88
N CYS F 3160 -13.10 149.97 27.90
CA CYS F 3160 -14.23 150.59 28.59
C CYS F 3160 -15.56 150.20 27.95
N SER F 3161 -15.61 150.17 26.61
CA SER F 3161 -16.85 149.79 25.94
C SER F 3161 -17.23 148.34 26.23
N ILE F 3162 -16.26 147.45 26.24
CA ILE F 3162 -16.55 146.03 26.46
C ILE F 3162 -16.90 145.76 27.92
N TYR F 3163 -16.43 146.60 28.84
CA TYR F 3163 -16.82 146.43 30.24
C TYR F 3163 -18.12 147.15 30.57
N SER F 3164 -18.53 148.14 29.78
CA SER F 3164 -19.78 148.85 30.03
C SER F 3164 -21.01 147.99 29.78
N LEU F 3165 -20.84 146.82 29.17
CA LEU F 3165 -21.97 145.93 28.87
C LEU F 3165 -22.40 145.09 30.07
N GLY F 3166 -21.81 145.32 31.25
CA GLY F 3166 -22.21 144.56 32.43
C GLY F 3166 -23.64 144.85 32.84
N THR F 3167 -24.07 146.10 32.71
CA THR F 3167 -25.45 146.45 33.05
C THR F 3167 -26.43 145.76 32.10
N THR F 3168 -26.10 145.70 30.82
CA THR F 3168 -26.97 145.05 29.85
C THR F 3168 -27.10 143.56 30.16
N LYS F 3169 -28.33 143.06 30.09
CA LYS F 3169 -28.61 141.66 30.39
C LYS F 3169 -29.59 141.05 29.40
N ASN F 3170 -29.61 141.55 28.16
CA ASN F 3170 -30.49 141.02 27.13
C ASN F 3170 -29.90 139.76 26.51
N THR F 3171 -30.71 139.10 25.68
CA THR F 3171 -30.29 137.83 25.09
C THR F 3171 -29.04 138.02 24.22
N TYR F 3172 -28.96 139.13 23.49
CA TYR F 3172 -27.80 139.37 22.63
C TYR F 3172 -26.52 139.47 23.44
N VAL F 3173 -26.53 140.25 24.52
CA VAL F 3173 -25.31 140.40 25.31
C VAL F 3173 -24.98 139.10 26.03
N GLU F 3174 -26.01 138.36 26.48
CA GLU F 3174 -25.74 137.07 27.12
C GLU F 3174 -25.10 136.08 26.15
N LYS F 3175 -25.57 136.04 24.91
CA LYS F 3175 -25.01 135.07 23.96
C LYS F 3175 -23.64 135.49 23.46
N LEU F 3176 -23.39 136.80 23.33
CA LEU F 3176 -22.12 137.29 22.84
C LEU F 3176 -21.09 137.46 23.94
N ARG F 3177 -21.49 137.34 25.20
CA ARG F 3177 -20.56 137.57 26.31
C ARG F 3177 -19.33 136.66 26.30
N PRO F 3178 -19.42 135.36 25.99
CA PRO F 3178 -18.17 134.58 25.89
C PRO F 3178 -17.20 135.10 24.85
N ALA F 3179 -17.70 135.57 23.70
CA ALA F 3179 -16.80 136.11 22.68
C ALA F 3179 -16.10 137.36 23.18
N LEU F 3180 -16.84 138.26 23.81
CA LEU F 3180 -16.22 139.42 24.43
C LEU F 3180 -15.23 139.01 25.52
N GLY F 3181 -15.53 137.95 26.26
CA GLY F 3181 -14.60 137.48 27.27
C GLY F 3181 -13.28 137.05 26.68
N GLU F 3182 -13.33 136.28 25.58
CA GLU F 3182 -12.10 135.92 24.89
C GLU F 3182 -11.38 137.17 24.40
N CYS F 3183 -12.12 138.12 23.84
CA CYS F 3183 -11.50 139.32 23.29
C CYS F 3183 -10.80 140.14 24.38
N LEU F 3184 -11.45 140.33 25.53
CA LEU F 3184 -10.84 141.12 26.59
C LEU F 3184 -9.76 140.36 27.34
N ALA F 3185 -9.82 139.03 27.37
CA ALA F 3185 -8.69 138.26 27.85
C ALA F 3185 -7.47 138.51 26.97
N ARG F 3186 -7.68 138.55 25.65
CA ARG F 3186 -6.58 138.88 24.74
C ARG F 3186 -6.11 140.33 24.93
N LEU F 3187 -7.05 141.25 25.18
CA LEU F 3187 -6.66 142.63 25.51
C LEU F 3187 -5.73 142.65 26.71
N ALA F 3188 -6.11 141.96 27.78
CA ALA F 3188 -5.28 141.95 28.99
C ALA F 3188 -3.93 141.29 28.72
N ALA F 3189 -3.91 140.24 27.90
CA ALA F 3189 -2.66 139.56 27.58
C ALA F 3189 -1.71 140.46 26.80
N ALA F 3190 -2.22 141.16 25.80
CA ALA F 3190 -1.38 141.95 24.90
C ALA F 3190 -1.23 143.40 25.36
N MET F 3191 -1.86 143.79 26.46
CA MET F 3191 -1.96 145.19 26.84
C MET F 3191 -0.74 145.56 27.66
N PRO F 3192 0.08 146.52 27.24
CA PRO F 3192 1.39 146.75 27.87
C PRO F 3192 1.42 147.76 29.01
N VAL F 3193 0.28 148.21 29.54
CA VAL F 3193 0.30 149.06 30.72
C VAL F 3193 -0.68 148.48 31.74
N ALA F 3194 -0.43 148.80 33.01
CA ALA F 3194 -1.31 148.38 34.09
C ALA F 3194 -2.51 149.32 34.11
N PHE F 3195 -3.57 148.93 33.39
CA PHE F 3195 -4.79 149.72 33.40
C PHE F 3195 -5.35 149.81 34.81
N LEU F 3196 -5.23 148.74 35.58
CA LEU F 3196 -5.64 148.69 36.97
C LEU F 3196 -4.45 148.95 37.88
N GLU F 3197 -4.75 149.26 39.14
CA GLU F 3197 -3.77 149.77 40.08
C GLU F 3197 -3.02 150.94 39.42
N PRO F 3198 -3.72 152.02 39.09
CA PRO F 3198 -3.12 153.08 38.25
C PRO F 3198 -2.35 154.15 39.02
N GLN F 3199 -2.22 154.03 40.34
CA GLN F 3199 -1.46 155.02 41.09
C GLN F 3199 0.01 155.01 40.70
N LEU F 3200 0.53 153.87 40.25
CA LEU F 3200 1.93 153.74 39.85
C LEU F 3200 2.09 153.66 38.34
N ASN F 3201 1.08 154.11 37.57
CA ASN F 3201 1.18 154.09 36.12
C ASN F 3201 2.23 155.07 35.60
N GLU F 3202 2.63 156.05 36.42
CA GLU F 3202 3.66 156.99 35.99
C GLU F 3202 5.00 156.29 35.80
N TYR F 3203 5.32 155.32 36.66
CA TYR F 3203 6.61 154.64 36.57
C TYR F 3203 6.76 153.86 35.27
N ASN F 3204 5.67 153.30 34.76
CA ASN F 3204 5.75 152.53 33.53
C ASN F 3204 6.04 153.44 32.35
N ALA F 3205 7.04 153.07 31.55
CA ALA F 3205 7.42 153.90 30.40
C ALA F 3205 6.39 153.82 29.28
N CYS F 3206 5.75 152.66 29.11
CA CYS F 3206 4.81 152.47 28.00
C CYS F 3206 3.50 153.22 28.21
N SER F 3207 3.25 153.76 29.39
CA SER F 3207 2.01 154.49 29.64
C SER F 3207 1.97 155.78 28.83
N VAL F 3208 0.76 156.16 28.42
CA VAL F 3208 0.59 157.39 27.64
C VAL F 3208 1.02 158.60 28.44
N TYR F 3209 0.75 158.60 29.75
CA TYR F 3209 1.17 159.72 30.58
C TYR F 3209 2.69 159.86 30.61
N THR F 3210 3.41 158.74 30.65
CA THR F 3210 4.86 158.81 30.64
C THR F 3210 5.39 159.23 29.26
N THR F 3211 4.82 158.66 28.20
CA THR F 3211 5.30 158.97 26.86
C THR F 3211 5.06 160.44 26.50
N LYS F 3212 3.90 160.98 26.87
CA LYS F 3212 3.51 162.32 26.48
C LYS F 3212 3.81 163.32 27.58
N SER F 3213 4.18 164.53 27.16
CA SER F 3213 4.24 165.66 28.08
C SER F 3213 2.82 166.04 28.50
N PRO F 3214 2.66 166.81 29.57
CA PRO F 3214 1.28 167.21 29.97
C PRO F 3214 0.48 167.87 28.86
N ARG F 3215 1.11 168.75 28.07
CA ARG F 3215 0.41 169.38 26.96
C ARG F 3215 0.02 168.35 25.91
N GLU F 3216 0.91 167.40 25.63
CA GLU F 3216 0.60 166.37 24.64
C GLU F 3216 -0.50 165.44 25.14
N ARG F 3217 -0.55 165.18 26.45
CA ARG F 3217 -1.67 164.46 27.02
C ARG F 3217 -2.97 165.24 26.83
N ALA F 3218 -2.92 166.55 27.03
CA ALA F 3218 -4.11 167.38 26.84
C ALA F 3218 -4.60 167.31 25.40
N ILE F 3219 -3.67 167.38 24.43
CA ILE F 3219 -4.08 167.29 23.03
C ILE F 3219 -4.49 165.87 22.65
N LEU F 3220 -4.01 164.85 23.36
CA LEU F 3220 -4.44 163.48 23.13
C LEU F 3220 -5.76 163.16 23.81
N GLY F 3221 -6.22 164.01 24.72
CA GLY F 3221 -7.47 163.79 25.42
C GLY F 3221 -7.34 163.26 26.83
N LEU F 3222 -6.12 163.07 27.31
CA LEU F 3222 -5.93 162.60 28.68
C LEU F 3222 -6.30 163.70 29.67
N PRO F 3223 -7.18 163.43 30.63
CA PRO F 3223 -7.61 164.47 31.57
C PRO F 3223 -6.64 164.68 32.71
N ASN F 3224 -5.40 164.19 32.56
CA ASN F 3224 -4.39 164.22 33.61
C ASN F 3224 -4.83 163.43 34.84
N SER F 3225 -5.70 162.44 34.62
CA SER F 3225 -6.16 161.55 35.68
C SER F 3225 -6.42 160.19 35.05
N VAL F 3226 -5.56 159.23 35.35
CA VAL F 3226 -5.63 157.93 34.70
C VAL F 3226 -6.92 157.20 35.06
N GLU F 3227 -7.46 157.45 36.25
CA GLU F 3227 -8.67 156.75 36.70
C GLU F 3227 -9.94 157.24 36.02
N GLU F 3228 -9.91 158.42 35.39
CA GLU F 3228 -11.15 159.05 34.96
C GLU F 3228 -11.69 158.50 33.64
N MET F 3229 -10.82 158.05 32.74
CA MET F 3229 -11.32 157.55 31.46
C MET F 3229 -12.17 156.29 31.64
N CYS F 3230 -11.74 155.39 32.53
CA CYS F 3230 -12.47 154.14 32.78
C CYS F 3230 -12.67 153.96 34.28
N PRO F 3231 -13.64 154.66 34.86
CA PRO F 3231 -14.02 154.35 36.24
C PRO F 3231 -14.93 153.14 36.37
N ASP F 3232 -15.40 152.60 35.25
CA ASP F 3232 -16.27 151.42 35.30
C ASP F 3232 -15.54 150.21 35.87
N ILE F 3233 -14.30 149.99 35.44
CA ILE F 3233 -13.50 148.89 35.98
C ILE F 3233 -12.85 149.36 37.27
N PRO F 3234 -13.17 148.71 38.41
CA PRO F 3234 -12.47 149.11 39.63
C PRO F 3234 -11.06 148.57 39.64
N VAL F 3235 -10.31 148.82 40.71
CA VAL F 3235 -8.94 148.36 40.79
C VAL F 3235 -8.86 146.84 40.91
N LEU F 3236 -7.69 146.29 40.59
CA LEU F 3236 -7.51 144.85 40.68
C LEU F 3236 -7.78 144.37 42.09
N ASP F 3237 -7.41 145.19 43.08
CA ASP F 3237 -7.66 144.84 44.45
C ASP F 3237 -9.14 144.63 44.65
N ARG F 3238 -9.94 145.56 44.13
CA ARG F 3238 -11.38 145.44 44.25
C ARG F 3238 -11.83 144.16 43.56
N LEU F 3239 -11.28 143.91 42.38
CA LEU F 3239 -11.61 142.68 41.67
C LEU F 3239 -11.47 141.50 42.61
N MET F 3240 -10.31 141.38 43.24
CA MET F 3240 -10.08 140.26 44.15
C MET F 3240 -11.15 140.22 45.24
N ALA F 3241 -11.47 141.37 45.81
CA ALA F 3241 -12.49 141.41 46.87
C ALA F 3241 -13.84 140.94 46.34
N ASP F 3242 -14.25 141.42 45.17
CA ASP F 3242 -15.53 141.06 44.61
C ASP F 3242 -15.59 139.57 44.30
N ILE F 3243 -14.54 139.03 43.68
CA ILE F 3243 -14.58 137.62 43.29
C ILE F 3243 -14.54 136.73 44.53
N GLY F 3244 -13.80 137.14 45.56
CA GLY F 3244 -13.80 136.38 46.80
C GLY F 3244 -15.14 136.41 47.50
N GLY F 3245 -15.78 137.58 47.54
CA GLY F 3245 -17.11 137.68 48.12
C GLY F 3245 -18.14 136.84 47.40
N LEU F 3246 -18.13 136.89 46.06
CA LEU F 3246 -19.05 136.06 45.28
C LEU F 3246 -18.80 134.58 45.52
N ALA F 3247 -17.52 134.18 45.59
CA ALA F 3247 -17.20 132.79 45.89
C ALA F 3247 -17.72 132.38 47.26
N GLU F 3248 -17.52 133.24 48.27
CA GLU F 3248 -17.97 132.93 49.63
C GLU F 3248 -19.49 132.82 49.68
N SER F 3249 -20.19 133.73 49.02
CA SER F 3249 -21.65 133.68 48.98
C SER F 3249 -22.17 132.59 48.04
N GLY F 3250 -21.30 131.98 47.25
CA GLY F 3250 -21.72 130.94 46.33
C GLY F 3250 -22.61 131.43 45.20
N ALA F 3251 -22.31 132.61 44.64
CA ALA F 3251 -23.11 133.12 43.54
C ALA F 3251 -23.01 132.20 42.33
N ARG F 3252 -24.15 131.87 41.74
CA ARG F 3252 -24.17 130.95 40.63
C ARG F 3252 -23.90 131.66 39.31
N TYR F 3253 -23.69 130.85 38.27
CA TYR F 3253 -23.45 131.38 36.93
C TYR F 3253 -24.63 132.21 36.46
N THR F 3254 -25.85 131.71 36.68
CA THR F 3254 -27.04 132.46 36.31
C THR F 3254 -27.23 133.67 37.22
N GLU F 3255 -26.92 133.53 38.51
CA GLU F 3255 -27.09 134.64 39.44
C GLU F 3255 -26.21 135.83 39.04
N MET F 3256 -24.97 135.58 38.65
CA MET F 3256 -24.09 136.64 38.17
C MET F 3256 -23.26 136.08 37.03
N PRO F 3257 -23.67 136.31 35.78
CA PRO F 3257 -22.85 135.86 34.64
C PRO F 3257 -21.71 136.81 34.33
N HIS F 3258 -21.94 138.12 34.52
CA HIS F 3258 -21.02 139.13 34.01
C HIS F 3258 -19.64 139.00 34.65
N VAL F 3259 -19.59 138.85 35.98
CA VAL F 3259 -18.30 138.77 36.67
C VAL F 3259 -17.53 137.55 36.21
N ILE F 3260 -18.16 136.37 36.24
CA ILE F 3260 -17.48 135.14 35.87
C ILE F 3260 -17.03 135.19 34.42
N GLU F 3261 -17.89 135.68 33.52
CA GLU F 3261 -17.58 135.70 32.10
C GLU F 3261 -16.60 136.79 31.70
N ILE F 3262 -16.41 137.82 32.52
CA ILE F 3262 -15.62 138.97 32.09
C ILE F 3262 -14.44 139.25 33.01
N THR F 3263 -14.70 139.44 34.30
CA THR F 3263 -13.64 139.89 35.20
C THR F 3263 -12.64 138.77 35.48
N LEU F 3264 -13.08 137.52 35.49
CA LEU F 3264 -12.14 136.41 35.66
C LEU F 3264 -11.10 136.36 34.54
N PRO F 3265 -11.45 136.54 33.25
CA PRO F 3265 -10.40 136.74 32.25
C PRO F 3265 -9.45 137.89 32.57
N MET F 3266 -9.97 139.01 33.06
CA MET F 3266 -9.09 140.10 33.51
C MET F 3266 -8.06 139.60 34.50
N LEU F 3267 -8.50 138.87 35.53
CA LEU F 3267 -7.55 138.42 36.54
C LEU F 3267 -6.56 137.42 35.96
N CYS F 3268 -7.06 136.40 35.25
CA CYS F 3268 -6.22 135.31 34.78
C CYS F 3268 -5.27 135.73 33.68
N SER F 3269 -5.51 136.87 33.03
CA SER F 3269 -4.57 137.39 32.04
C SER F 3269 -3.73 138.54 32.56
N TYR F 3270 -4.24 139.29 33.54
CA TYR F 3270 -3.52 140.38 34.16
C TYR F 3270 -2.38 139.86 35.04
N LEU F 3271 -2.68 138.89 35.89
CA LEU F 3271 -1.70 138.46 36.89
C LEU F 3271 -0.44 137.86 36.27
N PRO F 3272 -0.51 136.93 35.31
CA PRO F 3272 0.74 136.34 34.79
C PRO F 3272 1.65 137.35 34.10
N ARG F 3273 1.10 138.16 33.18
CA ARG F 3273 1.93 139.02 32.36
C ARG F 3273 2.69 140.04 33.19
N TRP F 3274 2.03 140.65 34.17
CA TRP F 3274 2.64 141.65 35.03
C TRP F 3274 3.23 141.08 36.31
N TRP F 3275 3.17 139.75 36.50
CA TRP F 3275 3.78 139.16 37.69
C TRP F 3275 5.29 139.13 37.60
N GLU F 3276 5.83 138.77 36.43
CA GLU F 3276 7.28 138.67 36.28
C GLU F 3276 7.95 140.02 36.49
N ARG F 3277 7.33 141.08 35.99
CA ARG F 3277 7.84 142.44 36.17
C ARG F 3277 7.42 143.05 37.49
N GLY F 3278 6.65 142.33 38.31
CA GLY F 3278 6.24 142.83 39.60
C GLY F 3278 7.27 142.56 40.67
N PRO F 3279 6.95 143.00 41.90
CA PRO F 3279 7.90 142.83 43.01
C PRO F 3279 8.24 141.38 43.32
N GLU F 3280 7.31 140.45 43.12
CA GLU F 3280 7.55 139.06 43.51
C GLU F 3280 8.71 138.45 42.71
N ALA F 3281 8.77 138.72 41.41
CA ALA F 3281 9.88 138.25 40.60
C ALA F 3281 10.87 139.39 40.40
N PRO F 3282 12.04 139.34 41.01
CA PRO F 3282 13.00 140.45 40.90
C PRO F 3282 13.43 140.66 39.45
N PRO F 3283 13.51 141.91 39.00
CA PRO F 3283 13.97 142.18 37.63
C PRO F 3283 15.43 141.86 37.48
N PRO F 3284 15.84 141.27 36.35
CA PRO F 3284 17.27 141.02 36.13
C PRO F 3284 18.10 142.29 36.10
N ALA F 3285 17.54 143.40 35.62
CA ALA F 3285 18.25 144.68 35.55
C ALA F 3285 17.81 145.52 36.75
N LEU F 3286 18.69 145.60 37.76
CA LEU F 3286 18.38 146.41 38.94
C LEU F 3286 18.20 147.89 38.62
N PRO F 3287 19.05 148.55 37.81
CA PRO F 3287 18.77 149.95 37.46
C PRO F 3287 17.44 150.13 36.76
N ALA F 3288 17.04 149.19 35.90
CA ALA F 3288 15.75 149.29 35.25
C ALA F 3288 14.61 149.12 36.24
N GLY F 3289 14.76 148.20 37.20
CA GLY F 3289 13.76 147.96 38.21
C GLY F 3289 13.80 148.89 39.39
N ALA F 3290 14.72 149.85 39.41
CA ALA F 3290 14.79 150.81 40.52
C ALA F 3290 13.50 151.57 40.72
N PRO F 3291 12.82 152.11 39.69
CA PRO F 3291 11.50 152.67 39.91
C PRO F 3291 10.53 151.59 40.37
N PRO F 3292 9.57 151.93 41.21
CA PRO F 3292 8.58 150.94 41.67
C PRO F 3292 7.85 150.33 40.49
N PRO F 3293 7.59 149.03 40.53
CA PRO F 3293 6.85 148.39 39.42
C PRO F 3293 5.47 148.99 39.26
N CYS F 3294 5.02 149.09 38.01
CA CYS F 3294 3.68 149.61 37.74
C CYS F 3294 2.61 148.70 38.33
N THR F 3295 2.89 147.41 38.42
CA THR F 3295 1.99 146.44 39.02
C THR F 3295 2.66 145.82 40.23
N ALA F 3296 1.98 145.87 41.38
CA ALA F 3296 2.53 145.38 42.64
C ALA F 3296 1.91 144.05 43.07
N VAL F 3297 1.61 143.17 42.11
CA VAL F 3297 1.04 141.87 42.44
C VAL F 3297 2.14 140.95 42.94
N THR F 3298 1.81 140.15 43.94
CA THR F 3298 2.71 139.15 44.52
C THR F 3298 2.09 137.77 44.37
N SER F 3299 2.81 136.75 44.85
CA SER F 3299 2.33 135.37 44.75
C SER F 3299 1.03 135.18 45.52
N ASP F 3300 0.83 135.94 46.60
CA ASP F 3300 -0.40 135.83 47.37
C ASP F 3300 -1.62 136.24 46.56
N HIS F 3301 -1.42 137.13 45.58
CA HIS F 3301 -2.51 137.54 44.71
C HIS F 3301 -3.00 136.36 43.91
N LEU F 3302 -2.09 135.73 43.17
CA LEU F 3302 -2.48 134.60 42.33
C LEU F 3302 -3.10 133.50 43.18
N ASN F 3303 -2.50 133.24 44.34
CA ASN F 3303 -3.01 132.20 45.21
C ASN F 3303 -4.45 132.50 45.57
N SER F 3304 -4.72 133.73 45.97
CA SER F 3304 -6.07 134.11 46.33
C SER F 3304 -6.98 133.92 45.14
N LEU F 3305 -6.54 134.34 43.96
CA LEU F 3305 -7.33 134.18 42.77
C LEU F 3305 -7.74 132.73 42.61
N LEU F 3306 -6.77 131.83 42.58
CA LEU F 3306 -7.07 130.42 42.38
C LEU F 3306 -7.98 129.88 43.45
N GLY F 3307 -7.76 130.30 44.69
CA GLY F 3307 -8.60 129.85 45.79
C GLY F 3307 -10.03 130.24 45.54
N ASN F 3308 -10.25 131.50 45.15
CA ASN F 3308 -11.59 131.97 44.87
C ASN F 3308 -12.18 131.16 43.73
N ILE F 3309 -11.40 130.97 42.67
CA ILE F 3309 -11.86 130.20 41.53
C ILE F 3309 -12.38 128.85 41.98
N LEU F 3310 -11.55 128.11 42.72
CA LEU F 3310 -11.95 126.78 43.15
C LEU F 3310 -13.12 126.83 44.12
N ARG F 3311 -13.24 127.91 44.91
CA ARG F 3311 -14.44 128.06 45.72
C ARG F 3311 -15.68 128.20 44.85
N ILE F 3312 -15.59 128.96 43.76
CA ILE F 3312 -16.71 129.07 42.83
C ILE F 3312 -17.03 127.71 42.21
N ILE F 3313 -15.99 126.96 41.83
CA ILE F 3313 -16.20 125.66 41.20
C ILE F 3313 -16.90 124.70 42.15
N VAL F 3314 -16.45 124.66 43.41
CA VAL F 3314 -17.07 123.75 44.37
C VAL F 3314 -18.47 124.21 44.75
N ASN F 3315 -18.72 125.53 44.77
CA ASN F 3315 -20.06 126.02 45.08
C ASN F 3315 -21.04 125.70 43.96
N ASN F 3316 -20.63 125.88 42.71
CA ASN F 3316 -21.49 125.63 41.55
C ASN F 3316 -21.05 124.32 40.92
N LEU F 3317 -21.71 123.23 41.29
CA LEU F 3317 -21.47 121.93 40.69
C LEU F 3317 -22.74 121.19 40.29
N GLY F 3318 -23.88 121.49 40.90
CA GLY F 3318 -25.15 120.90 40.52
C GLY F 3318 -25.94 121.67 39.49
N ILE F 3319 -25.39 122.76 38.95
CA ILE F 3319 -26.07 123.56 37.96
C ILE F 3319 -26.00 122.86 36.61
N ASP F 3320 -27.16 122.45 36.10
CA ASP F 3320 -27.21 121.77 34.82
C ASP F 3320 -26.86 122.73 33.68
N GLU F 3321 -26.22 122.19 32.65
CA GLU F 3321 -25.82 122.94 31.46
C GLU F 3321 -24.91 124.12 31.81
N ALA F 3322 -24.03 123.93 32.80
CA ALA F 3322 -23.02 124.93 33.14
C ALA F 3322 -21.85 124.77 32.17
N THR F 3323 -22.08 125.23 30.94
CA THR F 3323 -21.12 124.98 29.86
C THR F 3323 -19.83 125.77 30.05
N TRP F 3324 -19.89 126.95 30.64
CA TRP F 3324 -18.70 127.79 30.75
C TRP F 3324 -17.72 127.27 31.79
N MET F 3325 -18.09 126.23 32.55
CA MET F 3325 -17.15 125.60 33.48
C MET F 3325 -15.87 125.20 32.77
N LYS F 3326 -15.99 124.58 31.59
CA LYS F 3326 -14.81 124.10 30.87
C LYS F 3326 -13.96 125.27 30.37
N ARG F 3327 -14.59 126.35 29.89
CA ARG F 3327 -13.81 127.48 29.42
C ARG F 3327 -13.14 128.22 30.57
N LEU F 3328 -13.80 128.30 31.72
CA LEU F 3328 -13.17 128.85 32.91
C LEU F 3328 -11.98 127.99 33.32
N ALA F 3329 -12.13 126.67 33.23
CA ALA F 3329 -11.00 125.78 33.49
C ALA F 3329 -9.87 126.04 32.52
N VAL F 3330 -10.19 126.28 31.25
CA VAL F 3330 -9.15 126.57 30.25
C VAL F 3330 -8.42 127.85 30.59
N PHE F 3331 -9.16 128.90 30.96
CA PHE F 3331 -8.51 130.17 31.28
C PHE F 3331 -7.70 130.08 32.57
N ALA F 3332 -8.13 129.26 33.53
CA ALA F 3332 -7.38 129.10 34.77
C ALA F 3332 -6.28 128.05 34.67
N GLN F 3333 -6.24 127.28 33.58
CA GLN F 3333 -5.21 126.27 33.42
C GLN F 3333 -3.79 126.81 33.50
N PRO F 3334 -3.44 127.94 32.85
CA PRO F 3334 -2.11 128.52 33.09
C PRO F 3334 -1.94 129.08 34.49
N ILE F 3335 -2.98 129.70 35.05
CA ILE F 3335 -2.81 130.40 36.33
C ILE F 3335 -2.77 129.45 37.52
N VAL F 3336 -3.25 128.21 37.38
CA VAL F 3336 -3.27 127.30 38.51
C VAL F 3336 -1.84 126.87 38.87
N SER F 3337 -0.90 126.97 37.95
CA SER F 3337 0.47 126.61 38.26
C SER F 3337 1.16 127.75 39.02
N ARG F 3338 2.42 127.53 39.39
CA ARG F 3338 3.11 128.33 40.41
C ARG F 3338 2.18 128.56 41.61
N ALA F 3339 1.84 127.45 42.27
CA ALA F 3339 0.87 127.46 43.35
C ALA F 3339 1.54 127.08 44.68
N ARG F 3340 1.02 127.65 45.77
CA ARG F 3340 1.53 127.35 47.09
C ARG F 3340 1.26 125.88 47.46
N PRO F 3341 2.18 125.25 48.20
CA PRO F 3341 1.98 123.84 48.58
C PRO F 3341 0.75 123.60 49.45
N GLU F 3342 0.37 124.56 50.30
CA GLU F 3342 -0.74 124.37 51.21
C GLU F 3342 -2.09 124.27 50.49
N LEU F 3343 -2.14 124.61 49.20
CA LEU F 3343 -3.40 124.55 48.47
C LEU F 3343 -3.97 123.14 48.42
N LEU F 3344 -3.13 122.11 48.55
CA LEU F 3344 -3.65 120.75 48.65
C LEU F 3344 -4.63 120.64 49.79
N HIS F 3345 -4.13 120.77 51.02
CA HIS F 3345 -4.99 120.64 52.20
C HIS F 3345 -6.06 121.73 52.21
N SER F 3346 -5.83 122.84 51.51
CA SER F 3346 -6.85 123.88 51.44
C SER F 3346 -8.06 123.40 50.65
N HIS F 3347 -7.87 123.10 49.36
CA HIS F 3347 -9.02 122.90 48.46
C HIS F 3347 -8.79 121.82 47.41
N PHE F 3348 -8.08 120.75 47.72
CA PHE F 3348 -8.00 119.63 46.76
C PHE F 3348 -8.59 118.34 47.32
N ILE F 3349 -8.14 117.88 48.48
CA ILE F 3349 -8.72 116.67 49.08
C ILE F 3349 -10.21 116.82 49.38
N PRO F 3350 -10.68 117.92 49.98
CA PRO F 3350 -12.14 118.01 50.24
C PRO F 3350 -12.99 117.96 48.97
N THR F 3351 -12.60 118.71 47.94
CA THR F 3351 -13.39 118.72 46.70
C THR F 3351 -13.40 117.35 46.04
N ILE F 3352 -12.23 116.70 45.97
CA ILE F 3352 -12.17 115.39 45.31
C ILE F 3352 -12.90 114.35 46.15
N GLY F 3353 -12.89 114.49 47.48
CA GLY F 3353 -13.65 113.58 48.32
C GLY F 3353 -15.14 113.72 48.14
N ARG F 3354 -15.62 114.96 48.06
CA ARG F 3354 -17.04 115.18 47.78
C ARG F 3354 -17.41 114.63 46.40
N LEU F 3355 -16.53 114.83 45.42
CA LEU F 3355 -16.76 114.26 44.08
C LEU F 3355 -16.83 112.75 44.15
N ARG F 3356 -15.99 112.11 44.96
CA ARG F 3356 -16.00 110.65 45.02
C ARG F 3356 -17.25 110.16 45.75
N LYS F 3357 -17.69 110.88 46.79
CA LYS F 3357 -18.99 110.56 47.40
C LYS F 3357 -20.10 110.61 46.37
N ARG F 3358 -20.16 111.68 45.57
CA ARG F 3358 -21.20 111.80 44.56
C ARG F 3358 -21.11 110.67 43.54
N ALA F 3359 -19.90 110.38 43.06
CA ALA F 3359 -19.71 109.31 42.09
C ALA F 3359 -20.13 107.96 42.66
N GLY F 3360 -19.76 107.69 43.92
CA GLY F 3360 -20.15 106.44 44.54
C GLY F 3360 -21.64 106.33 44.73
N LYS F 3361 -22.30 107.43 45.04
CA LYS F 3361 -23.76 107.41 45.15
C LYS F 3361 -24.41 107.07 43.82
N VAL F 3362 -23.95 107.71 42.73
CA VAL F 3362 -24.55 107.42 41.43
C VAL F 3362 -24.22 105.98 41.00
N VAL F 3363 -23.02 105.50 41.32
CA VAL F 3363 -22.67 104.11 41.01
C VAL F 3363 -23.54 103.15 41.81
N ALA F 3364 -23.86 103.49 43.06
CA ALA F 3364 -24.75 102.65 43.86
C ALA F 3364 -26.15 102.63 43.27
N GLU F 3365 -26.65 103.78 42.80
CA GLU F 3365 -27.94 103.80 42.12
C GLU F 3365 -27.90 102.92 40.87
N GLU F 3366 -26.82 103.01 40.10
CA GLU F 3366 -26.69 102.18 38.90
C GLU F 3366 -26.66 100.69 39.25
N GLU F 3367 -25.94 100.33 40.32
CA GLU F 3367 -25.87 98.93 40.73
C GLU F 3367 -27.22 98.41 41.18
N GLN F 3368 -27.96 99.20 41.97
CA GLN F 3368 -29.31 98.79 42.36
C GLN F 3368 -30.21 98.65 41.14
N LEU F 3369 -30.09 99.60 40.20
CA LEU F 3369 -30.97 99.61 39.04
C LEU F 3369 -30.65 98.48 38.08
N ARG F 3370 -29.40 98.00 38.08
CA ARG F 3370 -29.07 96.84 37.25
C ARG F 3370 -29.38 95.53 37.96
N LEU F 3371 -29.32 95.50 39.30
CA LEU F 3371 -29.72 94.27 39.99
C LEU F 3371 -31.22 94.06 39.91
N GLU F 3372 -32.00 95.14 39.91
CA GLU F 3372 -33.41 95.01 39.56
C GLU F 3372 -33.56 94.94 38.04
N ALA F 3373 -34.55 94.17 37.59
CA ALA F 3373 -34.74 93.90 36.17
C ALA F 3373 -36.18 94.22 35.78
N LYS F 3374 -36.37 95.34 35.08
CA LYS F 3374 -37.68 95.75 34.60
C LYS F 3374 -37.51 96.93 33.65
N ALA F 3375 -38.60 97.26 32.95
CA ALA F 3375 -38.59 98.45 32.11
C ALA F 3375 -38.37 99.71 32.93
N GLU F 3376 -38.89 99.74 34.15
CA GLU F 3376 -38.57 100.83 35.07
C GLU F 3376 -37.07 100.85 35.36
N ALA F 3377 -36.45 99.67 35.46
CA ALA F 3377 -35.01 99.62 35.67
C ALA F 3377 -34.26 100.19 34.47
N GLU F 3378 -34.73 99.89 33.25
CA GLU F 3378 -34.09 100.47 32.06
C GLU F 3378 -34.26 101.99 32.01
N GLU F 3379 -35.45 102.48 32.33
CA GLU F 3379 -35.67 103.93 32.34
C GLU F 3379 -34.79 104.60 33.38
N GLY F 3380 -34.69 104.01 34.58
CA GLY F 3380 -33.77 104.53 35.57
C GLY F 3380 -32.32 104.43 35.13
N GLU F 3381 -31.98 103.41 34.35
CA GLU F 3381 -30.63 103.32 33.80
C GLU F 3381 -30.36 104.48 32.87
N LEU F 3382 -31.33 104.86 32.06
CA LEU F 3382 -31.17 106.06 31.22
C LEU F 3382 -31.02 107.32 32.07
N LEU F 3383 -31.81 107.43 33.14
CA LEU F 3383 -31.73 108.59 34.02
C LEU F 3383 -30.35 108.69 34.68
N VAL F 3384 -29.85 107.56 35.20
CA VAL F 3384 -28.53 107.58 35.81
C VAL F 3384 -27.44 107.70 34.76
N ARG F 3385 -27.73 107.37 33.50
CA ARG F 3385 -26.81 107.68 32.42
C ARG F 3385 -26.67 109.19 32.24
N ASP F 3386 -27.80 109.91 32.29
CA ASP F 3386 -27.73 111.38 32.26
C ASP F 3386 -26.97 111.91 33.48
N GLU F 3387 -27.21 111.31 34.65
CA GLU F 3387 -26.48 111.72 35.86
C GLU F 3387 -24.98 111.46 35.71
N PHE F 3388 -24.60 110.31 35.12
CA PHE F 3388 -23.20 110.04 34.86
C PHE F 3388 -22.62 111.02 33.86
N SER F 3389 -23.42 111.48 32.89
CA SER F 3389 -22.96 112.47 31.94
C SER F 3389 -22.63 113.79 32.65
N VAL F 3390 -23.51 114.24 33.54
CA VAL F 3390 -23.21 115.48 34.26
C VAL F 3390 -22.02 115.27 35.21
N LEU F 3391 -21.87 114.07 35.77
CA LEU F 3391 -20.69 113.75 36.56
C LEU F 3391 -19.42 113.83 35.72
N CYS F 3392 -19.48 113.32 34.49
CA CYS F 3392 -18.34 113.42 33.58
C CYS F 3392 -18.00 114.87 33.30
N ARG F 3393 -19.04 115.70 33.08
CA ARG F 3393 -18.81 117.12 32.85
C ARG F 3393 -18.07 117.75 34.03
N ASP F 3394 -18.55 117.51 35.25
CA ASP F 3394 -17.92 118.10 36.42
C ASP F 3394 -16.49 117.61 36.60
N LEU F 3395 -16.26 116.30 36.42
CA LEU F 3395 -14.93 115.75 36.67
C LEU F 3395 -13.94 116.22 35.60
N TYR F 3396 -14.39 116.31 34.34
CA TYR F 3396 -13.53 116.84 33.29
C TYR F 3396 -13.26 118.33 33.49
N ALA F 3397 -14.19 119.06 34.09
CA ALA F 3397 -13.93 120.44 34.46
C ALA F 3397 -12.86 120.52 35.55
N LEU F 3398 -12.91 119.62 36.53
CA LEU F 3398 -12.03 119.73 37.68
C LEU F 3398 -10.61 119.21 37.40
N TYR F 3399 -10.49 118.20 36.55
CA TYR F 3399 -9.20 117.51 36.41
C TYR F 3399 -8.02 118.35 35.91
N PRO F 3400 -8.14 119.23 34.90
CA PRO F 3400 -6.93 119.89 34.39
C PRO F 3400 -6.15 120.68 35.44
N LEU F 3401 -6.83 121.39 36.33
CA LEU F 3401 -6.14 122.11 37.39
C LEU F 3401 -5.43 121.13 38.32
N LEU F 3402 -6.07 119.99 38.60
CA LEU F 3402 -5.45 118.94 39.39
C LEU F 3402 -4.18 118.42 38.72
N ILE F 3403 -4.23 118.23 37.40
CA ILE F 3403 -3.05 117.78 36.66
C ILE F 3403 -1.92 118.77 36.81
N ARG F 3404 -2.21 120.05 36.62
CA ARG F 3404 -1.18 121.08 36.78
C ARG F 3404 -0.59 121.02 38.19
N TYR F 3405 -1.44 120.91 39.21
CA TYR F 3405 -0.97 120.95 40.58
C TYR F 3405 -0.08 119.74 40.90
N VAL F 3406 -0.51 118.55 40.49
CA VAL F 3406 0.27 117.35 40.80
C VAL F 3406 1.58 117.35 40.03
N ASP F 3407 1.57 117.82 38.78
CA ASP F 3407 2.82 117.91 38.03
C ASP F 3407 3.78 118.88 38.67
N ASN F 3408 3.28 120.03 39.14
CA ASN F 3408 4.15 121.01 39.77
C ASN F 3408 4.73 120.49 41.08
N ASN F 3409 3.92 119.79 41.88
CA ASN F 3409 4.34 119.39 43.22
C ASN F 3409 4.77 117.93 43.32
N ARG F 3410 4.96 117.24 42.20
CA ARG F 3410 5.28 115.82 42.27
C ARG F 3410 6.68 115.57 42.82
N ALA F 3411 7.67 116.35 42.35
CA ALA F 3411 9.05 116.09 42.74
C ALA F 3411 9.25 116.27 44.24
N HIS F 3412 8.68 117.33 44.82
CA HIS F 3412 8.79 117.54 46.25
C HIS F 3412 8.12 116.41 47.04
N TRP F 3413 6.96 115.95 46.56
CA TRP F 3413 6.27 114.86 47.24
C TRP F 3413 7.08 113.57 47.19
N LEU F 3414 7.71 113.28 46.04
CA LEU F 3414 8.55 112.10 45.95
C LEU F 3414 9.77 112.21 46.87
N THR F 3415 10.38 113.40 46.92
CA THR F 3415 11.56 113.57 47.78
C THR F 3415 11.20 113.45 49.25
N GLU F 3416 10.07 114.04 49.66
CA GLU F 3416 9.62 113.98 51.05
C GLU F 3416 8.15 113.56 51.06
N PRO F 3417 7.80 112.44 51.68
CA PRO F 3417 6.42 111.95 51.62
C PRO F 3417 5.44 112.93 52.27
N ASN F 3418 4.22 112.94 51.74
CA ASN F 3418 3.16 113.83 52.22
C ASN F 3418 1.89 113.04 52.43
N ALA F 3419 1.38 113.05 53.66
CA ALA F 3419 0.18 112.29 53.99
C ALA F 3419 -1.04 112.80 53.22
N ASN F 3420 -1.13 114.12 53.03
CA ASN F 3420 -2.22 114.67 52.22
C ASN F 3420 -2.14 114.18 50.79
N ALA F 3421 -0.93 114.13 50.23
CA ALA F 3421 -0.75 113.58 48.89
C ALA F 3421 -1.16 112.12 48.82
N GLU F 3422 -0.82 111.34 49.86
CA GLU F 3422 -1.22 109.94 49.87
C GLU F 3422 -2.74 109.80 49.95
N GLU F 3423 -3.39 110.64 50.75
CA GLU F 3423 -4.85 110.59 50.82
C GLU F 3423 -5.48 110.97 49.49
N LEU F 3424 -4.91 111.96 48.80
CA LEU F 3424 -5.41 112.30 47.46
C LEU F 3424 -5.19 111.14 46.48
N PHE F 3425 -4.08 110.43 46.63
CA PHE F 3425 -3.83 109.23 45.82
C PHE F 3425 -4.93 108.20 46.05
N ARG F 3426 -5.23 107.91 47.32
CA ARG F 3426 -6.31 106.97 47.61
C ARG F 3426 -7.62 107.46 47.01
N MET F 3427 -7.86 108.78 47.05
CA MET F 3427 -9.12 109.32 46.59
C MET F 3427 -9.28 109.11 45.10
N VAL F 3428 -8.27 109.51 44.32
CA VAL F 3428 -8.32 109.36 42.88
C VAL F 3428 -8.29 107.88 42.49
N GLY F 3429 -7.64 107.03 43.29
CA GLY F 3429 -7.67 105.61 43.03
C GLY F 3429 -9.07 105.04 43.16
N GLU F 3430 -9.80 105.44 44.21
CA GLU F 3430 -11.18 104.99 44.35
C GLU F 3430 -12.05 105.50 43.21
N ILE F 3431 -11.84 106.75 42.79
CA ILE F 3431 -12.59 107.28 41.65
C ILE F 3431 -12.30 106.46 40.39
N PHE F 3432 -11.04 106.11 40.16
CA PHE F 3432 -10.71 105.29 39.00
C PHE F 3432 -11.33 103.90 39.10
N ILE F 3433 -11.38 103.34 40.31
CA ILE F 3433 -12.05 102.05 40.49
C ILE F 3433 -13.51 102.16 40.08
N TYR F 3434 -14.17 103.23 40.51
CA TYR F 3434 -15.56 103.45 40.12
C TYR F 3434 -15.71 103.53 38.61
N TRP F 3435 -14.83 104.30 37.96
CA TRP F 3435 -14.93 104.47 36.52
C TRP F 3435 -14.67 103.16 35.77
N SER F 3436 -13.69 102.38 36.23
CA SER F 3436 -13.36 101.11 35.58
C SER F 3436 -14.50 100.11 35.75
N LYS F 3437 -15.10 100.05 36.93
CA LYS F 3437 -16.17 99.08 37.15
C LYS F 3437 -17.48 99.49 36.49
N SER F 3438 -17.70 100.79 36.30
CA SER F 3438 -18.95 101.29 35.72
C SER F 3438 -18.79 101.46 34.21
N HIS F 3439 -19.52 100.65 33.44
CA HIS F 3439 -19.60 100.87 32.00
C HIS F 3439 -20.38 102.13 31.68
N ASN F 3440 -21.35 102.49 32.54
CA ASN F 3440 -22.08 103.74 32.36
C ASN F 3440 -21.13 104.93 32.36
N PHE F 3441 -20.14 104.93 33.27
CA PHE F 3441 -19.18 106.03 33.34
C PHE F 3441 -18.38 106.13 32.05
N LYS F 3442 -17.93 104.98 31.52
CA LYS F 3442 -17.15 105.00 30.28
C LYS F 3442 -17.99 105.51 29.11
N ARG F 3443 -19.22 105.01 28.97
CA ARG F 3443 -20.03 105.40 27.82
C ARG F 3443 -20.44 106.87 27.92
N GLU F 3444 -20.74 107.36 29.12
CA GLU F 3444 -21.10 108.77 29.27
C GLU F 3444 -19.89 109.66 29.08
N GLU F 3445 -18.69 109.20 29.46
CA GLU F 3445 -17.49 109.92 29.13
C GLU F 3445 -17.30 110.02 27.62
N GLN F 3446 -17.54 108.92 26.90
CA GLN F 3446 -17.47 108.96 25.44
C GLN F 3446 -18.45 109.98 24.88
N ASN F 3447 -19.70 109.95 25.36
CA ASN F 3447 -20.72 110.85 24.85
C ASN F 3447 -20.37 112.31 25.15
N PHE F 3448 -19.90 112.60 26.37
CA PHE F 3448 -19.51 113.96 26.71
C PHE F 3448 -18.35 114.45 25.86
N VAL F 3449 -17.36 113.57 25.65
CA VAL F 3449 -16.20 113.93 24.82
C VAL F 3449 -16.64 114.26 23.40
N VAL F 3450 -17.45 113.39 22.80
CA VAL F 3450 -17.83 113.63 21.41
C VAL F 3450 -18.77 114.82 21.30
N GLN F 3451 -19.60 115.07 22.33
CA GLN F 3451 -20.54 116.18 22.27
C GLN F 3451 -19.84 117.52 22.37
N ASN F 3452 -18.95 117.68 23.36
CA ASN F 3452 -18.36 118.98 23.63
C ASN F 3452 -16.94 119.12 23.10
N GLU F 3453 -16.46 118.14 22.33
CA GLU F 3453 -15.08 118.15 21.83
C GLU F 3453 -14.08 118.31 22.97
N ILE F 3454 -14.35 117.64 24.09
CA ILE F 3454 -13.44 117.71 25.23
C ILE F 3454 -12.21 116.85 25.01
N ASN F 3455 -12.16 116.06 23.94
CA ASN F 3455 -10.92 115.38 23.59
C ASN F 3455 -9.84 116.39 23.18
N ASN F 3456 -10.24 117.47 22.50
CA ASN F 3456 -9.29 118.53 22.18
C ASN F 3456 -8.73 119.17 23.44
N MET F 3457 -9.60 119.46 24.42
CA MET F 3457 -9.16 120.06 25.67
C MET F 3457 -8.30 119.08 26.46
N SER F 3458 -8.66 117.79 26.43
CA SER F 3458 -7.86 116.77 27.10
C SER F 3458 -6.47 116.67 26.48
N PHE F 3459 -6.38 116.70 25.14
CA PHE F 3459 -5.07 116.70 24.49
C PHE F 3459 -4.27 117.94 24.84
N LEU F 3460 -4.94 119.10 24.90
CA LEU F 3460 -4.25 120.32 25.30
C LEU F 3460 -3.68 120.20 26.70
N THR F 3461 -4.47 119.69 27.64
CA THR F 3461 -3.97 119.47 29.00
C THR F 3461 -2.82 118.47 29.00
N ALA F 3462 -2.94 117.41 28.19
CA ALA F 3462 -1.90 116.38 28.13
C ALA F 3462 -0.58 116.95 27.63
N ASP F 3463 -0.62 117.79 26.59
CA ASP F 3463 0.61 118.36 26.06
C ASP F 3463 1.13 119.52 26.89
N SER F 3464 0.29 120.09 27.77
CA SER F 3464 0.75 121.15 28.66
C SER F 3464 0.91 120.66 30.11
N LYS F 3465 0.89 119.35 30.33
CA LYS F 3465 1.09 118.78 31.66
C LYS F 3465 2.39 119.27 32.32
N SER F 3494 -5.58 109.44 23.98
CA SER F 3494 -6.83 108.72 24.06
C SER F 3494 -7.95 109.62 24.58
N VAL F 3495 -9.20 109.22 24.33
CA VAL F 3495 -10.34 109.95 24.87
C VAL F 3495 -10.51 109.64 26.35
N GLN F 3496 -10.30 108.39 26.76
CA GLN F 3496 -10.50 107.96 28.13
C GLN F 3496 -9.29 108.21 29.03
N THR F 3497 -8.20 108.74 28.48
CA THR F 3497 -6.97 108.87 29.25
C THR F 3497 -7.07 109.90 30.37
N SER F 3498 -8.08 110.76 30.34
CA SER F 3498 -8.25 111.76 31.40
C SER F 3498 -8.56 111.12 32.74
N LEU F 3499 -9.09 109.90 32.73
CA LEU F 3499 -9.42 109.18 33.97
C LEU F 3499 -8.25 108.40 34.52
N ILE F 3500 -7.14 108.27 33.78
CA ILE F 3500 -6.02 107.46 34.24
C ILE F 3500 -4.78 108.32 34.47
N VAL F 3501 -4.62 109.39 33.71
CA VAL F 3501 -3.47 110.26 33.97
C VAL F 3501 -3.62 111.00 35.30
N ALA F 3502 -4.85 111.33 35.69
CA ALA F 3502 -5.06 112.06 36.94
C ALA F 3502 -5.14 111.15 38.15
N THR F 3503 -5.24 109.84 37.96
CA THR F 3503 -5.41 108.91 39.07
C THR F 3503 -4.26 107.92 39.20
N LEU F 3504 -3.91 107.21 38.12
CA LEU F 3504 -3.00 106.07 38.19
C LEU F 3504 -1.76 106.22 37.34
N LYS F 3505 -1.53 107.38 36.73
CA LYS F 3505 -0.31 107.60 35.95
C LYS F 3505 0.59 108.67 36.55
N LYS F 3506 0.08 109.88 36.75
CA LYS F 3506 0.93 110.94 37.31
C LYS F 3506 1.19 110.72 38.79
N MET F 3507 0.14 110.48 39.56
CA MET F 3507 0.23 110.40 41.00
C MET F 3507 0.48 108.97 41.49
N LEU F 3508 0.51 108.00 40.58
CA LEU F 3508 0.80 106.62 40.95
C LEU F 3508 2.04 106.44 41.80
N PRO F 3509 3.19 107.07 41.51
CA PRO F 3509 4.35 106.89 42.41
C PRO F 3509 4.10 107.33 43.84
N ILE F 3510 3.24 108.32 44.06
CA ILE F 3510 2.95 108.76 45.43
C ILE F 3510 2.44 107.60 46.27
N GLY F 3511 1.44 106.88 45.76
CA GLY F 3511 0.95 105.70 46.44
C GLY F 3511 1.85 104.50 46.33
N LEU F 3512 2.71 104.45 45.31
CA LEU F 3512 3.63 103.33 45.15
C LEU F 3512 4.73 103.36 46.21
N ASN F 3513 5.12 104.55 46.65
CA ASN F 3513 6.24 104.67 47.59
C ASN F 3513 5.86 104.38 49.04
N MET F 3514 4.56 104.30 49.38
CA MET F 3514 4.20 104.00 50.77
C MET F 3514 4.64 102.59 51.15
N CYS F 3515 4.36 101.62 50.28
CA CYS F 3515 4.72 100.24 50.57
C CYS F 3515 6.23 100.06 50.56
N ALA F 3516 6.72 99.23 51.48
CA ALA F 3516 8.13 98.93 51.51
C ALA F 3516 8.51 98.09 50.29
N PRO F 3517 9.76 98.20 49.82
CA PRO F 3517 10.20 97.34 48.71
C PRO F 3517 10.16 95.87 49.02
N THR F 3518 10.09 95.48 50.30
CA THR F 3518 9.98 94.10 50.72
C THR F 3518 8.54 93.62 50.86
N ASP F 3519 7.55 94.49 50.59
CA ASP F 3519 6.14 94.13 50.62
C ASP F 3519 5.59 93.76 49.25
N GLN F 3520 6.44 93.76 48.23
CA GLN F 3520 5.99 93.47 46.87
C GLN F 3520 5.42 92.06 46.79
N ASP F 3521 5.91 91.13 47.61
CA ASP F 3521 5.33 89.80 47.63
C ASP F 3521 3.87 89.85 48.06
N LEU F 3522 3.58 90.57 49.13
CA LEU F 3522 2.19 90.73 49.55
C LEU F 3522 1.38 91.42 48.47
N ILE F 3523 1.98 92.39 47.78
CA ILE F 3523 1.25 93.10 46.72
C ILE F 3523 0.86 92.13 45.60
N MET F 3524 1.80 91.29 45.14
CA MET F 3524 1.45 90.33 44.09
C MET F 3524 0.40 89.33 44.58
N LEU F 3525 0.55 88.83 45.81
CA LEU F 3525 -0.44 87.89 46.34
C LEU F 3525 -1.83 88.52 46.38
N ALA F 3526 -1.91 89.77 46.80
CA ALA F 3526 -3.19 90.49 46.78
C ALA F 3526 -3.71 90.63 45.35
N LYS F 3527 -2.83 90.89 44.38
CA LYS F 3527 -3.26 90.92 42.99
C LYS F 3527 -3.83 89.58 42.54
N THR F 3528 -3.22 88.48 42.98
CA THR F 3528 -3.79 87.15 42.70
C THR F 3528 -5.17 87.01 43.31
N ARG F 3529 -5.35 87.52 44.53
CA ARG F 3529 -6.69 87.48 45.14
C ARG F 3529 -7.69 88.25 44.28
N TYR F 3530 -7.30 89.43 43.79
CA TYR F 3530 -8.17 90.19 42.89
C TYR F 3530 -8.45 89.42 41.61
N ALA F 3531 -7.46 88.68 41.11
CA ALA F 3531 -7.67 87.84 39.94
C ALA F 3531 -8.66 86.71 40.23
N LEU F 3532 -8.72 86.26 41.48
CA LEU F 3532 -9.78 85.35 41.91
C LEU F 3532 -11.06 86.09 42.29
N LYS F 3533 -11.07 87.43 42.20
CA LYS F 3533 -12.27 88.24 42.43
C LYS F 3533 -12.71 88.15 43.89
N ASP F 3534 -11.78 88.45 44.79
CA ASP F 3534 -12.06 88.48 46.22
C ASP F 3534 -12.25 89.92 46.67
N THR F 3535 -13.24 90.13 47.53
CA THR F 3535 -13.60 91.49 47.94
C THR F 3535 -12.49 92.10 48.79
N ASP F 3536 -12.70 93.37 49.16
CA ASP F 3536 -11.66 94.12 49.88
C ASP F 3536 -11.37 93.49 51.24
N GLU F 3537 -12.42 93.20 52.02
CA GLU F 3537 -12.20 92.58 53.32
C GLU F 3537 -11.54 91.23 53.17
N GLU F 3538 -11.93 90.46 52.16
CA GLU F 3538 -11.39 89.12 51.97
C GLU F 3538 -9.90 89.17 51.62
N VAL F 3539 -9.51 90.10 50.74
CA VAL F 3539 -8.09 90.23 50.41
C VAL F 3539 -7.32 90.72 51.63
N ARG F 3540 -7.91 91.59 52.45
CA ARG F 3540 -7.27 91.94 53.71
C ARG F 3540 -7.06 90.70 54.56
N GLU F 3541 -8.04 89.79 54.58
CA GLU F 3541 -7.89 88.54 55.34
C GLU F 3541 -6.67 87.76 54.85
N PHE F 3542 -6.55 87.56 53.54
CA PHE F 3542 -5.39 86.80 53.06
C PHE F 3542 -4.08 87.53 53.28
N LEU F 3543 -4.05 88.86 53.24
CA LEU F 3543 -2.83 89.56 53.67
C LEU F 3543 -2.50 89.25 55.13
N GLN F 3544 -3.51 89.21 55.99
CA GLN F 3544 -3.24 88.88 57.39
C GLN F 3544 -2.75 87.45 57.55
N ASN F 3545 -3.30 86.49 56.79
CA ASN F 3545 -2.80 85.12 56.95
C ASN F 3545 -1.39 84.98 56.37
N ASN F 3546 -1.11 85.63 55.24
CA ASN F 3546 0.15 85.44 54.53
C ASN F 3546 1.08 86.65 54.69
N LEU F 3547 1.03 87.33 55.84
CA LEU F 3547 2.00 88.39 56.10
C LEU F 3547 3.43 87.86 56.10
N HIS F 3548 3.63 86.59 56.45
CA HIS F 3548 4.98 86.04 56.51
C HIS F 3548 5.56 85.72 55.14
N LEU F 3549 4.74 85.76 54.09
CA LEU F 3549 5.19 85.51 52.72
C LEU F 3549 6.00 86.68 52.16
N GLN F 3550 6.36 87.65 52.98
CA GLN F 3550 7.09 88.82 52.52
C GLN F 3550 8.51 88.44 52.12
N GLY F 3551 9.09 89.29 51.28
CA GLY F 3551 10.46 89.09 50.84
C GLY F 3551 11.46 89.40 51.93
N LYS F 3552 12.71 89.02 51.67
CA LYS F 3552 13.81 89.20 52.59
C LYS F 3552 14.87 90.11 51.96
N VAL F 3553 15.41 91.01 52.78
CA VAL F 3553 16.46 91.91 52.29
C VAL F 3553 17.67 91.11 51.83
N GLU F 3554 18.03 90.07 52.58
CA GLU F 3554 19.12 89.18 52.17
C GLU F 3554 18.77 88.37 50.92
N GLY F 3555 17.49 88.31 50.55
CA GLY F 3555 17.09 87.45 49.45
C GLY F 3555 17.75 87.82 48.13
N SER F 3556 17.75 89.11 47.79
CA SER F 3556 18.32 89.55 46.52
C SER F 3556 19.10 90.86 46.71
N PRO F 3557 20.18 91.06 45.94
CA PRO F 3557 20.87 92.35 45.96
C PRO F 3557 20.00 93.51 45.53
N SER F 3558 19.06 93.27 44.62
CA SER F 3558 18.11 94.31 44.25
C SER F 3558 17.32 94.77 45.47
N LEU F 3559 16.78 93.80 46.22
CA LEU F 3559 16.10 94.14 47.47
C LEU F 3559 17.06 94.78 48.46
N ARG F 3560 18.35 94.40 48.41
CA ARG F 3560 19.34 95.01 49.29
C ARG F 3560 19.35 96.52 49.11
N TRP F 3561 19.65 96.98 47.88
CA TRP F 3561 19.77 98.41 47.67
C TRP F 3561 18.40 99.10 47.71
N GLN F 3562 17.33 98.39 47.34
CA GLN F 3562 16.00 98.98 47.42
C GLN F 3562 15.62 99.29 48.87
N MET F 3563 15.83 98.32 49.77
CA MET F 3563 15.57 98.55 51.19
C MET F 3563 16.50 99.62 51.74
N ALA F 3564 17.76 99.64 51.27
CA ALA F 3564 18.69 100.68 51.69
C ALA F 3564 18.14 102.07 51.34
N LEU F 3565 17.67 102.24 50.11
CA LEU F 3565 17.09 103.52 49.71
C LEU F 3565 15.82 103.84 50.51
N TYR F 3566 14.97 102.83 50.72
CA TYR F 3566 13.72 103.07 51.44
C TYR F 3566 13.97 103.56 52.85
N ARG F 3567 14.94 102.95 53.56
CA ARG F 3567 15.27 103.44 54.88
C ARG F 3567 16.12 104.70 54.85
N GLY F 3568 16.78 104.99 53.72
CA GLY F 3568 17.52 106.22 53.58
C GLY F 3568 16.68 107.43 53.22
N LEU F 3569 15.44 107.22 52.83
CA LEU F 3569 14.54 108.34 52.61
C LEU F 3569 14.37 109.14 53.91
N PRO F 3570 14.54 110.46 53.89
CA PRO F 3570 14.50 111.22 55.16
C PRO F 3570 13.16 111.14 55.88
N GLY F 3571 12.05 111.35 55.16
CA GLY F 3571 10.74 111.33 55.79
C GLY F 3571 10.28 109.96 56.21
N ARG F 3572 10.92 108.90 55.70
CA ARG F 3572 10.53 107.54 56.04
C ARG F 3572 10.88 107.25 57.49
N GLU F 3573 9.97 106.55 58.18
CA GLU F 3573 10.15 106.16 59.57
C GLU F 3573 9.88 104.67 59.71
N GLU F 3574 10.20 104.13 60.89
CA GLU F 3574 9.99 102.72 61.16
C GLU F 3574 8.57 102.41 61.63
N ASP F 3575 7.72 103.43 61.79
CA ASP F 3575 6.34 103.21 62.19
C ASP F 3575 5.50 102.58 61.08
N ALA F 3576 5.98 102.59 59.84
CA ALA F 3576 5.26 101.98 58.73
C ALA F 3576 5.31 100.45 58.77
N ASP F 3577 6.10 99.86 59.66
CA ASP F 3577 6.21 98.41 59.78
C ASP F 3577 4.99 97.78 60.41
N ASP F 3578 4.03 98.55 60.89
CA ASP F 3578 2.84 98.00 61.52
C ASP F 3578 2.08 97.13 60.52
N PRO F 3579 1.67 95.92 60.91
CA PRO F 3579 0.95 95.05 59.96
C PRO F 3579 -0.34 95.66 59.44
N GLU F 3580 -1.04 96.45 60.26
CA GLU F 3580 -2.25 97.12 59.78
C GLU F 3580 -1.92 98.07 58.63
N LYS F 3581 -0.91 98.93 58.82
CA LYS F 3581 -0.52 99.84 57.75
C LYS F 3581 -0.06 99.06 56.52
N ILE F 3582 0.67 97.96 56.73
CA ILE F 3582 1.16 97.16 55.62
C ILE F 3582 -0.02 96.62 54.81
N VAL F 3583 -1.02 96.05 55.49
CA VAL F 3583 -2.13 95.45 54.75
C VAL F 3583 -2.96 96.53 54.04
N ARG F 3584 -3.16 97.67 54.70
CA ARG F 3584 -3.88 98.76 54.01
C ARG F 3584 -3.16 99.18 52.73
N ARG F 3585 -1.86 99.48 52.83
CA ARG F 3585 -1.15 99.99 51.66
C ARG F 3585 -1.06 98.92 50.58
N VAL F 3586 -0.83 97.66 50.98
CA VAL F 3586 -0.74 96.58 50.00
C VAL F 3586 -2.06 96.41 49.27
N GLN F 3587 -3.17 96.43 50.01
CA GLN F 3587 -4.48 96.29 49.37
C GLN F 3587 -4.75 97.43 48.41
N GLU F 3588 -4.46 98.67 48.83
CA GLU F 3588 -4.71 99.82 47.96
C GLU F 3588 -3.87 99.75 46.68
N VAL F 3589 -2.57 99.49 46.82
CA VAL F 3589 -1.70 99.44 45.66
C VAL F 3589 -2.08 98.28 44.74
N SER F 3590 -2.40 97.12 45.33
CA SER F 3590 -2.78 95.96 44.53
C SER F 3590 -4.08 96.20 43.77
N ALA F 3591 -5.07 96.82 44.41
CA ALA F 3591 -6.30 97.15 43.71
C ALA F 3591 -6.03 98.15 42.59
N VAL F 3592 -5.17 99.14 42.85
CA VAL F 3592 -4.81 100.12 41.83
C VAL F 3592 -4.22 99.42 40.61
N LEU F 3593 -3.22 98.55 40.82
CA LEU F 3593 -2.57 97.89 39.71
C LEU F 3593 -3.52 96.93 39.00
N TYR F 3594 -4.32 96.17 39.75
CA TYR F 3594 -5.25 95.22 39.15
C TYR F 3594 -6.28 95.92 38.27
N HIS F 3595 -6.86 97.01 38.77
CA HIS F 3595 -7.87 97.70 37.97
C HIS F 3595 -7.24 98.46 36.81
N LEU F 3596 -5.99 98.92 36.96
CA LEU F 3596 -5.31 99.55 35.83
C LEU F 3596 -5.07 98.53 34.72
N GLU F 3597 -4.60 97.33 35.07
CA GLU F 3597 -4.37 96.33 34.03
C GLU F 3597 -5.68 95.80 33.46
N GLN F 3598 -6.75 95.77 34.26
CA GLN F 3598 -8.06 95.43 33.72
C GLN F 3598 -8.53 96.48 32.72
N THR F 3599 -8.26 97.76 33.01
CA THR F 3599 -8.58 98.82 32.05
C THR F 3599 -7.78 98.65 30.76
N GLU F 3600 -6.50 98.29 30.88
CA GLU F 3600 -5.70 98.03 29.69
C GLU F 3600 -6.26 96.85 28.90
N HIS F 3601 -6.66 95.78 29.60
CA HIS F 3601 -7.17 94.57 28.98
C HIS F 3601 -8.18 93.90 29.90
N PRO F 3602 -9.47 93.95 29.57
CA PRO F 3602 -10.54 93.35 30.38
C PRO F 3602 -10.35 91.85 30.61
N THR F 3629 -38.80 95.66 -8.78
CA THR F 3629 -39.02 94.48 -7.95
C THR F 3629 -40.45 94.32 -7.39
N PRO F 3630 -41.15 95.42 -7.04
CA PRO F 3630 -42.55 95.26 -6.63
C PRO F 3630 -43.43 94.76 -7.77
N LEU F 3631 -44.44 93.95 -7.40
CA LEU F 3631 -45.33 93.38 -8.41
C LEU F 3631 -46.15 94.46 -9.10
N TYR F 3632 -46.59 95.48 -8.36
CA TYR F 3632 -47.39 96.54 -8.97
C TYR F 3632 -46.58 97.31 -10.00
N ASN F 3633 -45.29 97.53 -9.75
CA ASN F 3633 -44.43 98.13 -10.76
C ASN F 3633 -44.11 97.15 -11.88
N LEU F 3634 -44.15 95.86 -11.59
CA LEU F 3634 -43.92 94.86 -12.62
C LEU F 3634 -45.06 94.90 -13.65
N PRO F 3635 -44.76 94.71 -14.94
CA PRO F 3635 -45.83 94.67 -15.94
C PRO F 3635 -46.80 93.53 -15.69
N THR F 3636 -48.04 93.74 -16.14
CA THR F 3636 -49.13 92.82 -15.79
C THR F 3636 -48.91 91.43 -16.36
N HIS F 3637 -48.50 91.34 -17.63
CA HIS F 3637 -48.38 90.03 -18.28
C HIS F 3637 -47.24 89.21 -17.67
N ARG F 3638 -46.12 89.86 -17.35
CA ARG F 3638 -45.02 89.15 -16.71
C ARG F 3638 -45.42 88.65 -15.33
N ALA F 3639 -46.16 89.47 -14.58
CA ALA F 3639 -46.67 89.04 -13.29
C ALA F 3639 -47.64 87.87 -13.43
N CYS F 3640 -48.45 87.89 -14.49
CA CYS F 3640 -49.38 86.78 -14.73
C CYS F 3640 -48.63 85.49 -15.03
N ASN F 3641 -47.57 85.56 -15.84
CA ASN F 3641 -46.76 84.38 -16.12
C ASN F 3641 -46.10 83.86 -14.86
N MET F 3642 -45.54 84.76 -14.05
CA MET F 3642 -44.90 84.35 -12.80
C MET F 3642 -45.93 83.72 -11.85
N PHE F 3643 -47.15 84.27 -11.81
CA PHE F 3643 -48.20 83.68 -11.00
C PHE F 3643 -48.59 82.30 -11.51
N LEU F 3644 -48.63 82.11 -12.83
CA LEU F 3644 -48.90 80.78 -13.37
C LEU F 3644 -47.86 79.78 -12.90
N GLU F 3645 -46.57 80.15 -12.99
CA GLU F 3645 -45.52 79.25 -12.52
C GLU F 3645 -45.65 78.99 -11.02
N SER F 3646 -45.94 80.03 -10.23
CA SER F 3646 -46.05 79.86 -8.79
C SER F 3646 -47.22 78.95 -8.42
N TYR F 3647 -48.37 79.13 -9.08
CA TYR F 3647 -49.52 78.27 -8.82
C TYR F 3647 -49.21 76.83 -9.21
N LYS F 3648 -48.56 76.64 -10.36
CA LYS F 3648 -48.15 75.31 -10.78
C LYS F 3648 -47.26 74.64 -9.74
N ALA F 3649 -46.29 75.39 -9.20
CA ALA F 3649 -45.36 74.80 -8.24
C ALA F 3649 -45.99 74.57 -6.88
N ALA F 3650 -46.95 75.42 -6.48
CA ALA F 3650 -47.43 75.42 -5.11
C ALA F 3650 -48.72 74.64 -4.88
N TRP F 3651 -49.68 74.71 -5.80
CA TRP F 3651 -51.02 74.17 -5.54
C TRP F 3651 -51.31 72.91 -6.35
N ILE F 3652 -51.18 72.97 -7.67
CA ILE F 3652 -51.55 71.83 -8.50
C ILE F 3652 -50.61 70.65 -8.24
N LEU F 3653 -49.31 70.90 -8.16
CA LEU F 3653 -48.36 69.82 -7.95
C LEU F 3653 -48.54 69.16 -6.58
N THR F 3654 -48.77 69.97 -5.54
CA THR F 3654 -48.87 69.42 -4.19
C THR F 3654 -50.17 68.67 -3.97
N GLU F 3655 -51.21 68.92 -4.76
CA GLU F 3655 -52.46 68.22 -4.59
C GLU F 3655 -52.30 66.74 -4.90
N ASP F 3656 -52.91 65.90 -4.07
CA ASP F 3656 -52.79 64.45 -4.20
C ASP F 3656 -54.16 63.85 -4.49
N HIS F 3657 -54.22 63.00 -5.52
CA HIS F 3657 -55.44 62.29 -5.88
C HIS F 3657 -55.09 60.87 -6.28
N SER F 3658 -55.89 59.91 -5.83
CA SER F 3658 -55.64 58.50 -6.07
C SER F 3658 -56.68 57.97 -7.05
N PHE F 3659 -56.20 57.41 -8.16
CA PHE F 3659 -57.08 56.80 -9.16
C PHE F 3659 -56.57 55.47 -9.68
N GLU F 3660 -55.33 55.06 -9.36
CA GLU F 3660 -54.76 53.85 -9.93
C GLU F 3660 -55.55 52.62 -9.51
N ASP F 3661 -55.84 52.50 -8.22
CA ASP F 3661 -56.56 51.32 -7.73
C ASP F 3661 -57.96 51.24 -8.33
N ARG F 3662 -58.67 52.37 -8.35
CA ARG F 3662 -60.02 52.38 -8.91
C ARG F 3662 -60.00 52.02 -10.39
N MET F 3663 -59.06 52.58 -11.15
CA MET F 3663 -59.04 52.34 -12.58
C MET F 3663 -58.64 50.91 -12.90
N ILE F 3664 -57.68 50.35 -12.15
CA ILE F 3664 -57.31 48.95 -12.35
C ILE F 3664 -58.47 48.03 -11.99
N ASP F 3665 -59.20 48.35 -10.91
CA ASP F 3665 -60.35 47.55 -10.54
C ASP F 3665 -61.42 47.59 -11.62
N ASP F 3666 -61.67 48.77 -12.19
CA ASP F 3666 -62.66 48.88 -13.28
C ASP F 3666 -62.20 48.10 -14.51
N LEU F 3667 -60.91 48.17 -14.85
CA LEU F 3667 -60.43 47.48 -16.03
C LEU F 3667 -60.42 45.97 -15.86
N SER F 3668 -60.21 45.48 -14.63
CA SER F 3668 -60.11 44.05 -14.40
C SER F 3668 -61.42 43.33 -14.69
N LYS F 3669 -62.55 43.94 -14.34
CA LYS F 3669 -63.84 43.28 -14.50
C LYS F 3669 -64.13 43.02 -15.97
N ALA F 3670 -64.64 41.82 -16.26
CA ALA F 3670 -64.93 41.43 -17.64
C ALA F 3670 -66.29 41.94 -18.11
N GLY F 3671 -67.22 42.19 -17.19
CA GLY F 3671 -68.53 42.70 -17.56
C GLY F 3671 -69.58 41.62 -17.71
N GLU F 3672 -70.14 41.49 -18.91
CA GLU F 3672 -71.15 40.48 -19.20
C GLU F 3672 -70.69 39.47 -20.23
N GLN F 3673 -69.48 39.62 -20.78
CA GLN F 3673 -68.97 38.63 -21.73
C GLN F 3673 -68.86 37.26 -21.08
N GLU F 3674 -68.34 37.21 -19.85
CA GLU F 3674 -68.30 35.93 -19.13
C GLU F 3674 -69.69 35.49 -18.71
N GLU F 3675 -70.63 36.42 -18.55
CA GLU F 3675 -72.01 36.04 -18.25
C GLU F 3675 -72.63 35.29 -19.41
N GLU F 3676 -72.40 35.75 -20.65
CA GLU F 3676 -72.96 35.09 -21.82
C GLU F 3676 -72.07 33.98 -22.37
N GLU F 3677 -70.84 33.86 -21.88
CA GLU F 3677 -69.92 32.81 -22.33
C GLU F 3677 -70.18 31.55 -21.50
N GLU F 3678 -70.58 30.47 -22.17
CA GLU F 3678 -70.89 29.21 -21.51
C GLU F 3678 -69.86 28.13 -21.77
N GLU F 3679 -69.37 28.00 -23.00
CA GLU F 3679 -68.37 26.97 -23.31
C GLU F 3679 -67.07 27.22 -22.54
N VAL F 3680 -66.64 28.48 -22.48
CA VAL F 3680 -65.42 28.88 -21.78
C VAL F 3680 -65.78 29.97 -20.78
N GLU F 3681 -65.16 29.93 -19.60
CA GLU F 3681 -65.44 30.94 -18.59
C GLU F 3681 -65.14 32.34 -19.10
N GLU F 3682 -63.93 32.55 -19.64
CA GLU F 3682 -63.56 33.82 -20.28
C GLU F 3682 -62.67 33.48 -21.48
N LYS F 3683 -63.29 33.31 -22.64
CA LYS F 3683 -62.52 33.10 -23.86
C LYS F 3683 -61.86 34.41 -24.32
N LYS F 3684 -62.61 35.50 -24.30
CA LYS F 3684 -62.07 36.80 -24.67
C LYS F 3684 -61.35 37.43 -23.49
N PRO F 3685 -60.13 37.93 -23.67
CA PRO F 3685 -59.42 38.55 -22.54
C PRO F 3685 -60.13 39.80 -22.04
N ASP F 3686 -60.00 40.03 -20.73
CA ASP F 3686 -60.55 41.23 -20.12
C ASP F 3686 -59.72 42.45 -20.53
N PRO F 3687 -60.26 43.67 -20.35
CA PRO F 3687 -59.55 44.87 -20.82
C PRO F 3687 -58.12 44.99 -20.33
N LEU F 3688 -57.87 44.67 -19.05
CA LEU F 3688 -56.50 44.72 -18.55
C LEU F 3688 -55.61 43.71 -19.27
N HIS F 3689 -56.14 42.52 -19.52
CA HIS F 3689 -55.39 41.51 -20.27
C HIS F 3689 -55.08 42.00 -21.67
N GLN F 3690 -56.05 42.63 -22.33
CA GLN F 3690 -55.80 43.17 -23.67
C GLN F 3690 -54.74 44.25 -23.63
N LEU F 3691 -54.74 45.09 -22.60
CA LEU F 3691 -53.75 46.16 -22.49
C LEU F 3691 -52.34 45.59 -22.31
N VAL F 3692 -52.19 44.63 -21.38
CA VAL F 3692 -50.87 44.05 -21.16
C VAL F 3692 -50.42 43.26 -22.40
N LEU F 3693 -51.36 42.61 -23.09
CA LEU F 3693 -51.01 41.91 -24.32
C LEU F 3693 -50.55 42.89 -25.40
N HIS F 3694 -51.17 44.06 -25.48
CA HIS F 3694 -50.73 45.06 -26.44
C HIS F 3694 -49.32 45.55 -26.12
N PHE F 3695 -49.04 45.81 -24.84
CA PHE F 3695 -47.69 46.20 -24.48
C PHE F 3695 -46.68 45.09 -24.75
N SER F 3696 -47.08 43.84 -24.51
CA SER F 3696 -46.19 42.71 -24.82
C SER F 3696 -45.94 42.61 -26.32
N ARG F 3697 -46.96 42.88 -27.14
CA ARG F 3697 -46.78 42.89 -28.58
C ARG F 3697 -45.79 43.98 -29.00
N THR F 3698 -45.92 45.17 -28.43
CA THR F 3698 -44.98 46.24 -28.74
C THR F 3698 -43.56 45.86 -28.32
N ALA F 3699 -43.41 45.23 -27.15
CA ALA F 3699 -42.09 44.79 -26.71
C ALA F 3699 -41.51 43.73 -27.63
N LEU F 3700 -42.33 42.77 -28.04
CA LEU F 3700 -41.86 41.67 -28.88
C LEU F 3700 -41.60 42.10 -30.32
N THR F 3701 -42.19 43.21 -30.76
CA THR F 3701 -41.94 43.70 -32.11
C THR F 3701 -40.46 43.98 -32.31
N GLU F 3702 -39.92 43.50 -33.43
CA GLU F 3702 -38.49 43.63 -33.71
C GLU F 3702 -38.14 45.09 -33.92
N LYS F 3703 -37.50 45.71 -32.93
CA LYS F 3703 -37.09 47.09 -33.00
C LYS F 3703 -35.59 47.17 -32.71
N SER F 3704 -34.87 47.95 -33.52
CA SER F 3704 -33.44 48.11 -33.30
C SER F 3704 -33.15 48.74 -31.95
N LYS F 3705 -33.90 49.77 -31.58
CA LYS F 3705 -33.78 50.41 -30.28
C LYS F 3705 -35.16 50.74 -29.75
N LEU F 3706 -35.30 50.65 -28.42
CA LEU F 3706 -36.57 50.99 -27.79
C LEU F 3706 -36.77 52.50 -27.80
N ASP F 3707 -37.99 52.93 -28.13
CA ASP F 3707 -38.33 54.33 -28.23
C ASP F 3707 -39.15 54.78 -27.03
N GLU F 3708 -39.17 56.09 -26.82
CA GLU F 3708 -39.91 56.69 -25.71
C GLU F 3708 -41.41 56.45 -25.89
N ASP F 3709 -42.08 56.07 -24.80
CA ASP F 3709 -43.53 55.84 -24.85
C ASP F 3709 -44.14 56.27 -23.52
N TYR F 3710 -44.66 57.50 -23.50
CA TYR F 3710 -45.30 58.04 -22.31
C TYR F 3710 -46.51 57.19 -21.90
N LEU F 3711 -47.21 56.61 -22.87
CA LEU F 3711 -48.34 55.75 -22.54
C LEU F 3711 -47.88 54.56 -21.71
N TYR F 3712 -46.81 53.89 -22.15
CA TYR F 3712 -46.30 52.75 -21.40
C TYR F 3712 -45.80 53.19 -20.03
N MET F 3713 -45.09 54.32 -19.95
CA MET F 3713 -44.59 54.76 -18.66
C MET F 3713 -45.74 55.02 -17.68
N ALA F 3714 -46.75 55.77 -18.13
CA ALA F 3714 -47.87 56.08 -17.25
C ALA F 3714 -48.62 54.82 -16.84
N TYR F 3715 -48.86 53.90 -17.78
CA TYR F 3715 -49.60 52.69 -17.45
C TYR F 3715 -48.82 51.82 -16.48
N ALA F 3716 -47.51 51.67 -16.70
CA ALA F 3716 -46.68 50.90 -15.78
C ALA F 3716 -46.69 51.52 -14.39
N ASP F 3717 -46.62 52.85 -14.31
CA ASP F 3717 -46.71 53.51 -13.01
C ASP F 3717 -48.04 53.22 -12.34
N ILE F 3718 -49.14 53.23 -13.11
CA ILE F 3718 -50.46 52.98 -12.54
C ILE F 3718 -50.53 51.57 -11.96
N MET F 3719 -50.13 50.56 -12.73
CA MET F 3719 -50.19 49.19 -12.21
C MET F 3719 -49.23 48.99 -11.04
N ALA F 3720 -48.04 49.59 -11.10
CA ALA F 3720 -47.09 49.46 -10.01
C ALA F 3720 -47.65 50.04 -8.72
N LYS F 3721 -48.26 51.23 -8.80
CA LYS F 3721 -48.88 51.83 -7.62
C LYS F 3721 -50.03 50.97 -7.10
N SER F 3722 -50.86 50.46 -8.01
CA SER F 3722 -52.00 49.65 -7.59
C SER F 3722 -51.57 48.41 -6.84
N CYS F 3723 -50.55 47.71 -7.35
CA CYS F 3723 -50.08 46.50 -6.68
C CYS F 3723 -49.15 46.78 -5.51
N HIS F 3724 -48.61 47.99 -5.40
CA HIS F 3724 -47.72 48.35 -4.31
C HIS F 3724 -48.47 48.99 -3.15
N LEU F 3725 -49.75 49.30 -3.33
CA LEU F 3725 -50.56 49.82 -2.22
C LEU F 3725 -50.48 48.91 -1.00
N GLU F 3726 -50.75 47.62 -1.18
CA GLU F 3726 -50.76 46.70 -0.04
C GLU F 3726 -49.36 46.54 0.55
N GLU F 3727 -48.33 46.52 -0.30
CA GLU F 3727 -46.96 46.41 0.20
C GLU F 3727 -46.59 47.61 1.06
N GLY F 3728 -47.00 48.80 0.64
CA GLY F 3728 -46.77 50.00 1.42
C GLY F 3728 -47.75 50.22 2.54
N GLY F 3729 -48.78 49.37 2.65
CA GLY F 3729 -49.76 49.48 3.72
C GLY F 3729 -51.10 50.06 3.31
N GLU F 3730 -51.21 50.57 2.08
CA GLU F 3730 -52.47 51.14 1.61
C GLU F 3730 -53.20 50.16 0.70
N GLU F 3737 -42.87 55.05 16.64
CA GLU F 3737 -44.11 54.39 16.98
C GLU F 3737 -43.94 52.88 17.04
N GLU F 3738 -43.90 52.33 18.25
CA GLU F 3738 -43.75 50.90 18.46
C GLU F 3738 -45.11 50.22 18.34
N VAL F 3739 -45.59 50.14 17.10
CA VAL F 3739 -46.88 49.53 16.82
C VAL F 3739 -46.72 48.01 16.81
N GLU F 3740 -47.51 47.32 17.62
CA GLU F 3740 -47.48 45.87 17.70
C GLU F 3740 -48.48 45.31 16.70
N VAL F 3741 -47.99 44.91 15.53
CA VAL F 3741 -48.85 44.35 14.49
C VAL F 3741 -49.12 42.89 14.81
N SER F 3742 -50.40 42.52 14.80
CA SER F 3742 -50.79 41.17 15.15
C SER F 3742 -50.43 40.19 14.01
N PHE F 3743 -50.31 38.91 14.38
CA PHE F 3743 -50.03 37.87 13.40
C PHE F 3743 -51.15 37.80 12.36
N GLU F 3744 -52.41 37.88 12.80
CA GLU F 3744 -53.51 37.87 11.86
C GLU F 3744 -53.45 39.06 10.92
N GLU F 3745 -53.16 40.25 11.45
CA GLU F 3745 -53.08 41.44 10.61
C GLU F 3745 -51.97 41.32 9.57
N LYS F 3746 -50.81 40.81 9.99
CA LYS F 3746 -49.73 40.59 9.04
C LYS F 3746 -50.13 39.59 7.96
N GLU F 3747 -50.82 38.52 8.35
CA GLU F 3747 -51.23 37.52 7.37
C GLU F 3747 -52.22 38.09 6.36
N MET F 3748 -53.21 38.86 6.83
CA MET F 3748 -54.16 39.46 5.88
C MET F 3748 -53.49 40.51 4.99
N GLU F 3749 -52.52 41.26 5.53
CA GLU F 3749 -51.78 42.19 4.68
C GLU F 3749 -51.02 41.44 3.58
N LYS F 3750 -50.38 40.33 3.94
CA LYS F 3750 -49.68 39.52 2.95
C LYS F 3750 -50.64 38.97 1.91
N GLN F 3751 -51.82 38.50 2.35
CA GLN F 3751 -52.81 37.98 1.40
C GLN F 3751 -53.29 39.07 0.45
N ARG F 3752 -53.53 40.28 0.97
CA ARG F 3752 -53.95 41.38 0.11
C ARG F 3752 -52.86 41.72 -0.91
N LEU F 3753 -51.59 41.74 -0.48
CA LEU F 3753 -50.51 41.98 -1.42
C LEU F 3753 -50.45 40.89 -2.48
N LEU F 3754 -50.63 39.63 -2.07
CA LEU F 3754 -50.63 38.53 -3.03
C LEU F 3754 -51.76 38.66 -4.02
N TYR F 3755 -52.95 39.07 -3.57
CA TYR F 3755 -54.08 39.24 -4.47
C TYR F 3755 -53.81 40.36 -5.48
N GLN F 3756 -53.30 41.50 -5.00
CA GLN F 3756 -53.04 42.60 -5.91
C GLN F 3756 -51.93 42.26 -6.91
N GLN F 3757 -50.95 41.46 -6.50
CA GLN F 3757 -49.93 41.00 -7.43
C GLN F 3757 -50.50 39.97 -8.40
N SER F 3758 -51.46 39.16 -7.95
CA SER F 3758 -52.11 38.19 -8.82
C SER F 3758 -52.89 38.87 -9.93
N ARG F 3759 -53.57 39.97 -9.59
CA ARG F 3759 -54.40 40.65 -10.59
C ARG F 3759 -53.59 41.11 -11.80
N LEU F 3760 -52.27 41.25 -11.65
CA LEU F 3760 -51.41 41.63 -12.77
C LEU F 3760 -50.57 40.49 -13.31
N HIS F 3761 -50.08 39.57 -12.47
CA HIS F 3761 -49.23 38.52 -13.02
C HIS F 3761 -50.03 37.35 -13.57
N THR F 3762 -51.34 37.28 -13.33
CA THR F 3762 -52.18 36.31 -14.02
C THR F 3762 -52.66 36.82 -15.37
N ARG F 3763 -52.01 37.86 -15.91
CA ARG F 3763 -52.42 38.45 -17.18
C ARG F 3763 -51.27 38.70 -18.14
N GLY F 3764 -50.02 38.66 -17.69
CA GLY F 3764 -48.89 38.78 -18.61
C GLY F 3764 -47.80 39.74 -18.20
N ALA F 3765 -47.92 40.35 -17.02
CA ALA F 3765 -46.92 41.34 -16.60
C ALA F 3765 -45.56 40.68 -16.33
N ALA F 3766 -45.56 39.45 -15.81
CA ALA F 3766 -44.31 38.77 -15.49
C ALA F 3766 -43.48 38.52 -16.75
N GLU F 3767 -44.12 38.34 -17.89
CA GLU F 3767 -43.41 38.22 -19.15
C GLU F 3767 -43.18 39.56 -19.82
N MET F 3768 -44.08 40.52 -19.59
CA MET F 3768 -43.92 41.85 -20.16
C MET F 3768 -42.66 42.52 -19.62
N VAL F 3769 -42.40 42.38 -18.32
CA VAL F 3769 -41.21 43.01 -17.75
C VAL F 3769 -39.94 42.42 -18.35
N LEU F 3770 -39.90 41.09 -18.53
CA LEU F 3770 -38.74 40.46 -19.15
C LEU F 3770 -38.56 40.92 -20.60
N GLN F 3771 -39.66 40.99 -21.36
CA GLN F 3771 -39.56 41.44 -22.74
C GLN F 3771 -39.07 42.88 -22.82
N MET F 3772 -39.57 43.75 -21.93
CA MET F 3772 -39.13 45.14 -21.94
C MET F 3772 -37.66 45.26 -21.57
N ILE F 3773 -37.21 44.50 -20.57
CA ILE F 3773 -35.80 44.57 -20.17
C ILE F 3773 -34.91 44.06 -21.30
N SER F 3774 -35.35 43.00 -21.99
CA SER F 3774 -34.58 42.51 -23.12
C SER F 3774 -34.54 43.53 -24.26
N ALA F 3775 -35.65 44.23 -24.49
CA ALA F 3775 -35.71 45.20 -25.58
C ALA F 3775 -34.95 46.48 -25.25
N CYS F 3776 -34.72 46.77 -23.96
CA CYS F 3776 -33.96 47.97 -23.61
C CYS F 3776 -32.54 47.94 -24.18
N LYS F 3777 -32.00 46.74 -24.43
CA LYS F 3777 -30.66 46.57 -25.00
C LYS F 3777 -29.58 47.23 -24.14
N GLY F 3778 -29.79 47.24 -22.82
CA GLY F 3778 -28.82 47.85 -21.91
C GLY F 3778 -28.66 49.34 -22.10
N GLU F 3779 -29.77 50.06 -22.27
CA GLU F 3779 -29.75 51.51 -22.42
C GLU F 3779 -30.55 52.12 -21.27
N THR F 3780 -29.89 53.01 -20.51
CA THR F 3780 -30.53 53.63 -19.37
C THR F 3780 -31.59 54.64 -19.81
N GLY F 3781 -32.73 54.63 -19.13
CA GLY F 3781 -33.77 55.59 -19.43
C GLY F 3781 -34.98 55.39 -18.55
N ALA F 3782 -36.02 56.16 -18.87
CA ALA F 3782 -37.27 56.10 -18.12
C ALA F 3782 -38.03 54.82 -18.40
N MET F 3783 -37.89 54.27 -19.60
CA MET F 3783 -38.54 53.00 -19.92
C MET F 3783 -38.02 51.89 -19.02
N VAL F 3784 -36.70 51.73 -18.95
CA VAL F 3784 -36.13 50.69 -18.10
C VAL F 3784 -36.38 51.00 -16.63
N SER F 3785 -36.38 52.29 -16.26
CA SER F 3785 -36.68 52.62 -14.86
C SER F 3785 -38.10 52.19 -14.49
N SER F 3786 -39.08 52.48 -15.36
CA SER F 3786 -40.46 52.08 -15.09
C SER F 3786 -40.60 50.57 -15.09
N THR F 3787 -39.92 49.88 -16.02
CA THR F 3787 -39.98 48.43 -16.05
C THR F 3787 -39.41 47.82 -14.78
N LEU F 3788 -38.29 48.35 -14.30
CA LEU F 3788 -37.69 47.86 -13.06
C LEU F 3788 -38.61 48.11 -11.87
N LYS F 3789 -39.23 49.29 -11.82
CA LYS F 3789 -40.17 49.56 -10.72
C LYS F 3789 -41.36 48.61 -10.75
N LEU F 3790 -41.89 48.35 -11.95
CA LEU F 3790 -43.00 47.41 -12.07
C LEU F 3790 -42.58 46.00 -11.65
N GLY F 3791 -41.37 45.58 -12.05
CA GLY F 3791 -40.88 44.27 -11.65
C GLY F 3791 -40.69 44.15 -10.15
N ILE F 3792 -40.16 45.20 -9.52
CA ILE F 3792 -40.01 45.19 -8.07
C ILE F 3792 -41.36 45.12 -7.38
N SER F 3793 -42.33 45.89 -7.88
CA SER F 3793 -43.67 45.85 -7.30
C SER F 3793 -44.31 44.47 -7.44
N ILE F 3794 -44.09 43.82 -8.59
CA ILE F 3794 -44.66 42.49 -8.80
C ILE F 3794 -43.99 41.45 -7.92
N LEU F 3795 -42.66 41.51 -7.80
CA LEU F 3795 -41.89 40.52 -7.07
C LEU F 3795 -41.73 40.83 -5.58
N ASN F 3796 -42.32 41.93 -5.10
CA ASN F 3796 -42.15 42.30 -3.71
C ASN F 3796 -42.69 41.22 -2.78
N GLY F 3797 -41.93 40.91 -1.74
CA GLY F 3797 -42.27 39.84 -0.83
C GLY F 3797 -41.83 38.47 -1.26
N GLY F 3798 -41.07 38.36 -2.34
CA GLY F 3798 -40.61 37.07 -2.83
C GLY F 3798 -41.74 36.17 -3.27
N ASN F 3799 -42.47 36.58 -4.31
CA ASN F 3799 -43.64 35.83 -4.77
C ASN F 3799 -43.18 34.62 -5.58
N ALA F 3800 -43.38 33.43 -5.02
CA ALA F 3800 -42.91 32.21 -5.66
C ALA F 3800 -43.60 31.98 -7.00
N GLU F 3801 -44.89 32.31 -7.09
CA GLU F 3801 -45.61 32.10 -8.35
C GLU F 3801 -45.02 32.93 -9.48
N VAL F 3802 -44.79 34.23 -9.23
CA VAL F 3802 -44.24 35.06 -10.28
C VAL F 3802 -42.79 34.65 -10.57
N GLN F 3803 -42.03 34.25 -9.54
CA GLN F 3803 -40.68 33.78 -9.79
C GLN F 3803 -40.67 32.56 -10.71
N GLN F 3804 -41.59 31.63 -10.46
CA GLN F 3804 -41.71 30.46 -11.32
C GLN F 3804 -42.10 30.86 -12.75
N LYS F 3805 -43.01 31.82 -12.88
CA LYS F 3805 -43.43 32.25 -14.22
C LYS F 3805 -42.26 32.85 -14.99
N MET F 3806 -41.51 33.76 -14.38
CA MET F 3806 -40.36 34.35 -15.06
C MET F 3806 -39.32 33.29 -15.39
N LEU F 3807 -39.02 32.39 -14.45
CA LEU F 3807 -38.02 31.36 -14.72
C LEU F 3807 -38.44 30.46 -15.87
N ASP F 3808 -39.72 30.04 -15.89
CA ASP F 3808 -40.21 29.20 -16.97
C ASP F 3808 -40.15 29.92 -18.31
N TYR F 3809 -40.53 31.20 -18.33
CA TYR F 3809 -40.46 31.95 -19.59
C TYR F 3809 -39.02 32.07 -20.09
N LEU F 3810 -38.09 32.37 -19.18
CA LEU F 3810 -36.69 32.51 -19.58
C LEU F 3810 -36.15 31.19 -20.12
N LYS F 3811 -36.42 30.08 -19.43
CA LYS F 3811 -35.91 28.79 -19.88
C LYS F 3811 -36.58 28.34 -21.16
N ASP F 3812 -37.85 28.66 -21.37
CA ASP F 3812 -38.54 28.25 -22.59
C ASP F 3812 -38.03 29.04 -23.79
N LYS F 3813 -37.91 30.35 -23.66
CA LYS F 3813 -37.49 31.16 -24.80
C LYS F 3813 -35.99 31.06 -25.08
N LYS F 3814 -35.17 30.81 -24.06
CA LYS F 3814 -33.73 30.59 -24.22
C LYS F 3814 -33.06 31.78 -24.92
N GLU F 3815 -33.09 32.92 -24.23
CA GLU F 3815 -32.60 34.18 -24.76
C GLU F 3815 -31.37 34.63 -23.99
N VAL F 3816 -30.52 35.41 -24.66
CA VAL F 3816 -29.37 36.03 -24.01
C VAL F 3816 -29.55 37.54 -23.85
N GLY F 3817 -30.54 38.13 -24.51
CA GLY F 3817 -30.70 39.58 -24.45
C GLY F 3817 -30.99 40.09 -23.05
N PHE F 3818 -31.78 39.33 -22.28
CA PHE F 3818 -32.12 39.75 -20.92
C PHE F 3818 -30.86 39.91 -20.06
N PHE F 3819 -30.01 38.88 -20.02
CA PHE F 3819 -28.83 38.95 -19.19
C PHE F 3819 -27.78 39.89 -19.78
N GLN F 3820 -27.71 40.01 -21.10
CA GLN F 3820 -26.80 40.99 -21.70
C GLN F 3820 -27.20 42.41 -21.31
N SER F 3821 -28.50 42.71 -21.36
CA SER F 3821 -28.97 44.03 -20.96
C SER F 3821 -28.74 44.27 -19.47
N ILE F 3822 -28.94 43.25 -18.64
CA ILE F 3822 -28.71 43.39 -17.20
C ILE F 3822 -27.24 43.69 -16.93
N GLN F 3823 -26.34 42.97 -17.60
CA GLN F 3823 -24.91 43.22 -17.44
C GLN F 3823 -24.53 44.61 -17.92
N ALA F 3824 -25.10 45.06 -19.05
CA ALA F 3824 -24.82 46.40 -19.54
C ALA F 3824 -25.30 47.45 -18.55
N LEU F 3825 -26.49 47.25 -17.97
CA LEU F 3825 -27.01 48.20 -16.99
C LEU F 3825 -26.12 48.26 -15.76
N MET F 3826 -25.62 47.10 -15.30
CA MET F 3826 -24.68 47.12 -14.18
C MET F 3826 -23.39 47.86 -14.55
N GLN F 3827 -22.87 47.62 -15.77
CA GLN F 3827 -21.63 48.27 -16.17
C GLN F 3827 -21.81 49.78 -16.32
N THR F 3828 -23.01 50.23 -16.66
CA THR F 3828 -23.28 51.66 -16.82
C THR F 3828 -23.83 52.31 -15.56
N CYS F 3829 -23.45 51.83 -14.39
CA CYS F 3829 -23.85 52.45 -13.13
C CYS F 3829 -22.93 53.62 -12.82
N SER F 3830 -23.04 54.18 -11.62
CA SER F 3830 -22.29 55.37 -11.25
C SER F 3830 -21.57 55.15 -9.92
N VAL F 3831 -20.43 55.85 -9.77
CA VAL F 3831 -19.65 55.84 -8.55
C VAL F 3831 -19.30 57.27 -8.18
N LEU F 3832 -18.83 57.46 -6.96
CA LEU F 3832 -18.48 58.79 -6.49
C LEU F 3832 -17.33 59.37 -7.31
N ASP F 3833 -17.43 60.66 -7.63
CA ASP F 3833 -16.45 61.33 -8.47
C ASP F 3833 -15.93 62.57 -7.74
N LEU F 3834 -14.65 62.54 -7.36
CA LEU F 3834 -14.06 63.64 -6.62
C LEU F 3834 -13.94 64.89 -7.48
N ASN F 3835 -13.63 64.73 -8.77
CA ASN F 3835 -13.57 65.88 -9.66
C ASN F 3835 -14.93 66.56 -9.79
N ALA F 3836 -15.98 65.76 -9.94
CA ALA F 3836 -17.33 66.32 -9.97
C ALA F 3836 -17.68 67.00 -8.66
N PHE F 3837 -17.26 66.42 -7.53
CA PHE F 3837 -17.54 67.05 -6.24
C PHE F 3837 -16.85 68.40 -6.12
N GLU F 3838 -15.58 68.47 -6.52
CA GLU F 3838 -14.85 69.74 -6.46
C GLU F 3838 -15.48 70.78 -7.37
N ARG F 3839 -15.85 70.38 -8.60
CA ARG F 3839 -16.49 71.31 -9.51
C ARG F 3839 -17.82 71.81 -8.96
N GLN F 3840 -18.61 70.90 -8.38
CA GLN F 3840 -19.89 71.31 -7.81
C GLN F 3840 -19.70 72.27 -6.65
N ASN F 3841 -18.74 71.98 -5.76
CA ASN F 3841 -18.50 72.88 -4.63
C ASN F 3841 -18.07 74.26 -5.10
N LYS F 3842 -17.15 74.32 -6.08
CA LYS F 3842 -16.68 75.60 -6.57
C LYS F 3842 -17.80 76.38 -7.23
N ALA F 3843 -18.58 75.71 -8.09
CA ALA F 3843 -19.68 76.38 -8.78
C ALA F 3843 -20.74 76.87 -7.81
N GLU F 3844 -21.07 76.06 -6.80
CA GLU F 3844 -22.04 76.47 -5.80
C GLU F 3844 -21.53 77.66 -5.00
N GLY F 3845 -20.23 77.67 -4.68
CA GLY F 3845 -19.65 78.81 -3.99
C GLY F 3845 -19.72 80.09 -4.80
N LEU F 3846 -19.43 80.00 -6.09
CA LEU F 3846 -19.39 81.19 -6.94
C LEU F 3846 -20.73 81.52 -7.57
N GLY F 3847 -21.77 80.75 -7.30
CA GLY F 3847 -23.06 80.89 -7.96
C GLY F 3847 -23.64 82.28 -8.09
N GLU F 3862 -27.94 66.75 -6.83
CA GLU F 3862 -26.57 66.32 -6.69
C GLU F 3862 -26.12 65.63 -7.98
N LYS F 3863 -24.88 65.86 -8.41
CA LYS F 3863 -24.36 65.23 -9.60
C LYS F 3863 -23.19 64.30 -9.35
N VAL F 3864 -22.66 64.25 -8.13
CA VAL F 3864 -21.52 63.37 -7.85
C VAL F 3864 -21.94 61.93 -7.67
N MET F 3865 -23.23 61.68 -7.44
CA MET F 3865 -23.80 60.34 -7.49
C MET F 3865 -25.25 60.45 -7.94
N ALA F 3866 -25.45 60.34 -9.26
CA ALA F 3866 -26.77 60.24 -9.85
C ALA F 3866 -27.10 58.76 -10.07
N ASP F 3867 -28.30 58.49 -10.58
CA ASP F 3867 -28.74 57.14 -10.87
C ASP F 3867 -28.71 56.25 -9.64
N ASP F 3868 -28.66 56.85 -8.44
CA ASP F 3868 -28.66 56.06 -7.22
C ASP F 3868 -29.95 55.27 -7.08
N GLU F 3869 -31.09 55.90 -7.39
CA GLU F 3869 -32.35 55.18 -7.38
C GLU F 3869 -32.33 54.05 -8.40
N PHE F 3870 -31.76 54.30 -9.58
CA PHE F 3870 -31.70 53.27 -10.62
C PHE F 3870 -30.89 52.06 -10.15
N THR F 3871 -29.71 52.29 -9.58
CA THR F 3871 -28.88 51.17 -9.18
C THR F 3871 -29.47 50.44 -7.98
N GLN F 3872 -30.07 51.16 -7.03
CA GLN F 3872 -30.72 50.51 -5.91
C GLN F 3872 -31.91 49.68 -6.38
N ASP F 3873 -32.65 50.18 -7.36
CA ASP F 3873 -33.78 49.41 -7.89
C ASP F 3873 -33.30 48.19 -8.65
N LEU F 3874 -32.21 48.32 -9.39
CA LEU F 3874 -31.67 47.16 -10.12
C LEU F 3874 -31.25 46.06 -9.15
N PHE F 3875 -30.51 46.41 -8.10
CA PHE F 3875 -30.09 45.39 -7.16
C PHE F 3875 -31.25 44.87 -6.31
N ARG F 3876 -32.25 45.71 -6.03
CA ARG F 3876 -33.44 45.22 -5.35
C ARG F 3876 -34.19 44.22 -6.24
N PHE F 3877 -34.23 44.47 -7.54
CA PHE F 3877 -34.85 43.54 -8.47
C PHE F 3877 -34.11 42.21 -8.48
N LEU F 3878 -32.77 42.25 -8.53
CA LEU F 3878 -32.00 41.02 -8.48
C LEU F 3878 -32.24 40.26 -7.17
N GLN F 3879 -32.26 40.99 -6.05
CA GLN F 3879 -32.50 40.36 -4.76
C GLN F 3879 -33.88 39.72 -4.71
N LEU F 3880 -34.90 40.38 -5.28
CA LEU F 3880 -36.23 39.80 -5.34
C LEU F 3880 -36.25 38.56 -6.23
N LEU F 3881 -35.49 38.58 -7.33
CA LEU F 3881 -35.41 37.40 -8.19
C LEU F 3881 -34.85 36.21 -7.43
N CYS F 3882 -33.81 36.43 -6.64
CA CYS F 3882 -33.26 35.35 -5.83
C CYS F 3882 -33.98 35.14 -4.51
N GLU F 3883 -34.98 35.96 -4.20
CA GLU F 3883 -35.63 35.90 -2.89
C GLU F 3883 -36.39 34.59 -2.73
N GLY F 3884 -36.44 34.12 -1.49
CA GLY F 3884 -37.07 32.84 -1.19
C GLY F 3884 -36.14 31.66 -1.23
N HIS F 3885 -34.83 31.89 -1.39
CA HIS F 3885 -33.82 30.82 -1.41
C HIS F 3885 -34.05 29.85 -2.56
N ASN F 3886 -34.59 30.34 -3.67
CA ASN F 3886 -34.87 29.49 -4.83
C ASN F 3886 -33.56 29.09 -5.50
N ASN F 3887 -33.13 27.85 -5.24
CA ASN F 3887 -31.88 27.36 -5.79
C ASN F 3887 -31.91 27.35 -7.31
N ASP F 3888 -33.07 27.09 -7.91
CA ASP F 3888 -33.16 27.10 -9.37
C ASP F 3888 -32.77 28.45 -9.95
N PHE F 3889 -33.37 29.52 -9.43
CA PHE F 3889 -33.07 30.85 -9.98
C PHE F 3889 -31.66 31.30 -9.61
N GLN F 3890 -31.19 30.93 -8.40
CA GLN F 3890 -29.82 31.28 -8.03
C GLN F 3890 -28.81 30.61 -8.96
N ASN F 3891 -29.00 29.33 -9.26
CA ASN F 3891 -28.11 28.64 -10.18
C ASN F 3891 -28.26 29.18 -11.59
N TYR F 3892 -29.47 29.59 -11.97
CA TYR F 3892 -29.66 30.18 -13.29
C TYR F 3892 -28.92 31.49 -13.44
N LEU F 3893 -28.94 32.33 -12.40
CA LEU F 3893 -28.16 33.57 -12.44
C LEU F 3893 -26.67 33.28 -12.51
N ARG F 3894 -26.20 32.24 -11.79
CA ARG F 3894 -24.78 31.89 -11.90
C ARG F 3894 -24.45 31.45 -13.32
N THR F 3895 -25.07 30.36 -13.78
CA THR F 3895 -24.87 29.83 -15.12
C THR F 3895 -26.22 29.61 -15.79
N GLN F 3896 -26.35 30.05 -17.04
CA GLN F 3896 -27.58 29.87 -17.80
C GLN F 3896 -27.39 28.69 -18.74
N THR F 3897 -27.69 27.49 -18.24
CA THR F 3897 -27.56 26.29 -19.04
C THR F 3897 -28.59 26.27 -20.17
N GLY F 3898 -28.21 25.65 -21.28
CA GLY F 3898 -29.03 25.60 -22.47
C GLY F 3898 -28.76 26.74 -23.43
N ASN F 3899 -28.59 27.95 -22.91
CA ASN F 3899 -28.26 29.10 -23.75
C ASN F 3899 -26.83 28.96 -24.29
N THR F 3900 -26.60 29.60 -25.45
CA THR F 3900 -25.29 29.51 -26.07
C THR F 3900 -24.22 30.24 -25.27
N THR F 3901 -24.60 31.29 -24.53
CA THR F 3901 -23.65 32.09 -23.77
C THR F 3901 -24.23 32.35 -22.38
N THR F 3902 -23.36 32.34 -21.38
CA THR F 3902 -23.74 32.55 -19.99
C THR F 3902 -23.06 33.80 -19.43
N ILE F 3903 -23.76 34.52 -18.58
CA ILE F 3903 -23.26 35.72 -17.94
C ILE F 3903 -23.37 35.55 -16.43
N ASN F 3904 -22.33 35.93 -15.70
CA ASN F 3904 -22.22 35.67 -14.26
C ASN F 3904 -22.62 36.93 -13.50
N ILE F 3905 -23.90 37.00 -13.15
CA ILE F 3905 -24.40 38.15 -12.41
C ILE F 3905 -23.78 38.19 -11.03
N ILE F 3906 -23.54 37.02 -10.46
CA ILE F 3906 -22.95 36.96 -9.13
C ILE F 3906 -21.63 37.70 -9.15
N ILE F 3907 -20.78 37.35 -10.11
CA ILE F 3907 -19.49 38.03 -10.23
C ILE F 3907 -19.67 39.49 -10.56
N CYS F 3908 -20.63 39.80 -11.43
CA CYS F 3908 -20.88 41.18 -11.80
C CYS F 3908 -21.22 42.01 -10.58
N THR F 3909 -22.08 41.48 -9.71
CA THR F 3909 -22.46 42.21 -8.51
C THR F 3909 -21.22 42.46 -7.67
N VAL F 3910 -20.38 41.44 -7.55
CA VAL F 3910 -19.15 41.59 -6.78
C VAL F 3910 -18.26 42.66 -7.39
N ASP F 3911 -18.15 42.64 -8.71
CA ASP F 3911 -17.29 43.61 -9.38
C ASP F 3911 -17.73 45.03 -9.08
N TYR F 3912 -19.04 45.28 -9.14
CA TYR F 3912 -19.55 46.61 -8.86
C TYR F 3912 -19.24 47.02 -7.44
N LEU F 3913 -19.46 46.11 -6.49
CA LEU F 3913 -19.22 46.43 -5.10
C LEU F 3913 -17.78 46.88 -4.94
N LEU F 3914 -16.87 46.21 -5.64
CA LEU F 3914 -15.48 46.60 -5.59
C LEU F 3914 -15.32 48.04 -6.01
N ARG F 3915 -15.79 48.38 -7.21
CA ARG F 3915 -15.64 49.74 -7.71
C ARG F 3915 -16.19 50.75 -6.70
N LEU F 3916 -17.34 50.43 -6.09
CA LEU F 3916 -17.90 51.30 -5.07
C LEU F 3916 -16.97 51.44 -3.87
N GLN F 3917 -16.33 50.33 -3.49
CA GLN F 3917 -15.38 50.38 -2.38
C GLN F 3917 -14.20 51.29 -2.71
N GLU F 3918 -13.69 51.20 -3.94
CA GLU F 3918 -12.60 52.08 -4.34
C GLU F 3918 -13.03 53.54 -4.31
N SER F 3919 -14.25 53.84 -4.76
CA SER F 3919 -14.74 55.22 -4.70
C SER F 3919 -14.84 55.72 -3.27
N ILE F 3920 -15.35 54.87 -2.37
CA ILE F 3920 -15.47 55.27 -0.96
C ILE F 3920 -14.09 55.49 -0.35
N SER F 3921 -13.12 54.65 -0.72
CA SER F 3921 -11.75 54.85 -0.24
C SER F 3921 -11.18 56.17 -0.71
N ASP F 3922 -11.44 56.53 -1.97
CA ASP F 3922 -10.97 57.82 -2.47
C ASP F 3922 -11.62 58.97 -1.72
N PHE F 3923 -12.92 58.87 -1.43
CA PHE F 3923 -13.59 59.91 -0.65
C PHE F 3923 -12.99 60.01 0.76
N TYR F 3924 -12.68 58.87 1.37
CA TYR F 3924 -12.05 58.88 2.69
C TYR F 3924 -10.68 59.56 2.63
N TRP F 3925 -9.89 59.27 1.59
CA TRP F 3925 -8.60 59.92 1.45
C TRP F 3925 -8.77 61.43 1.27
N TYR F 3926 -9.80 61.85 0.54
CA TYR F 3926 -10.04 63.28 0.36
C TYR F 3926 -10.38 63.96 1.68
N TYR F 3927 -11.31 63.37 2.43
CA TYR F 3927 -11.80 64.01 3.65
C TYR F 3927 -10.99 63.65 4.90
N SER F 3928 -9.92 62.89 4.75
CA SER F 3928 -9.12 62.51 5.92
C SER F 3928 -8.35 63.70 6.49
N GLY F 3929 -7.88 64.60 5.62
CA GLY F 3929 -7.13 65.75 6.11
C GLY F 3929 -7.97 66.72 6.91
N LYS F 3930 -9.19 67.00 6.43
CA LYS F 3930 -10.03 68.00 7.08
C LYS F 3930 -10.53 67.51 8.44
N ASP F 3931 -10.68 68.45 9.37
CA ASP F 3931 -11.11 68.10 10.72
C ASP F 3931 -12.56 67.69 10.76
N VAL F 3932 -13.44 68.45 10.10
CA VAL F 3932 -14.88 68.25 10.17
C VAL F 3932 -15.42 68.06 8.76
N ILE F 3933 -16.23 67.02 8.56
CA ILE F 3933 -16.83 66.75 7.27
C ILE F 3933 -18.01 67.70 7.07
N GLU F 3934 -18.10 68.29 5.87
CA GLU F 3934 -19.17 69.22 5.57
C GLU F 3934 -20.43 68.48 5.13
N GLU F 3935 -21.51 69.24 5.00
CA GLU F 3935 -22.82 68.66 4.72
C GLU F 3935 -22.86 67.95 3.37
N GLN F 3936 -22.20 68.53 2.36
CA GLN F 3936 -22.15 67.88 1.05
C GLN F 3936 -21.45 66.54 1.12
N GLY F 3937 -20.31 66.49 1.82
CA GLY F 3937 -19.62 65.23 2.01
C GLY F 3937 -20.44 64.21 2.77
N LYS F 3938 -21.18 64.66 3.79
CA LYS F 3938 -22.05 63.76 4.53
C LYS F 3938 -23.13 63.18 3.62
N ARG F 3939 -23.73 64.02 2.77
CA ARG F 3939 -24.76 63.54 1.85
C ARG F 3939 -24.19 62.52 0.88
N ASN F 3940 -23.01 62.81 0.31
CA ASN F 3940 -22.39 61.88 -0.62
C ASN F 3940 -22.06 60.55 0.06
N PHE F 3941 -21.54 60.62 1.29
CA PHE F 3941 -21.23 59.40 2.03
C PHE F 3941 -22.49 58.58 2.29
N SER F 3942 -23.59 59.25 2.65
CA SER F 3942 -24.84 58.54 2.88
C SER F 3942 -25.32 57.85 1.61
N LYS F 3943 -25.25 58.55 0.48
CA LYS F 3943 -25.67 57.94 -0.79
C LYS F 3943 -24.84 56.69 -1.10
N ALA F 3944 -23.52 56.83 -1.05
CA ALA F 3944 -22.65 55.71 -1.38
C ALA F 3944 -22.85 54.54 -0.43
N MET F 3945 -23.03 54.84 0.86
CA MET F 3945 -23.18 53.77 1.84
C MET F 3945 -24.52 53.06 1.70
N SER F 3946 -25.57 53.79 1.34
CA SER F 3946 -26.85 53.13 1.06
C SER F 3946 -26.75 52.21 -0.15
N VAL F 3947 -26.06 52.67 -1.21
CA VAL F 3947 -25.89 51.82 -2.39
C VAL F 3947 -25.10 50.57 -2.03
N ALA F 3948 -24.03 50.73 -1.25
CA ALA F 3948 -23.24 49.60 -0.82
C ALA F 3948 -24.06 48.64 0.03
N LYS F 3949 -24.93 49.18 0.89
CA LYS F 3949 -25.82 48.34 1.69
C LYS F 3949 -26.72 47.50 0.81
N GLN F 3950 -27.25 48.09 -0.26
CA GLN F 3950 -28.08 47.31 -1.18
C GLN F 3950 -27.28 46.18 -1.82
N VAL F 3951 -26.07 46.49 -2.30
CA VAL F 3951 -25.27 45.48 -2.96
C VAL F 3951 -24.99 44.30 -2.04
N PHE F 3952 -24.65 44.59 -0.78
CA PHE F 3952 -24.38 43.52 0.17
C PHE F 3952 -25.60 42.64 0.35
N ASN F 3953 -26.76 43.25 0.52
CA ASN F 3953 -27.98 42.48 0.72
C ASN F 3953 -28.24 41.58 -0.47
N SER F 3954 -27.98 42.07 -1.66
CA SER F 3954 -28.17 41.27 -2.86
C SER F 3954 -27.26 40.05 -2.83
N LEU F 3955 -25.99 40.26 -2.50
CA LEU F 3955 -25.05 39.14 -2.44
C LEU F 3955 -25.46 38.12 -1.39
N THR F 3956 -25.95 38.58 -0.26
CA THR F 3956 -26.39 37.66 0.78
C THR F 3956 -27.50 36.78 0.25
N GLU F 3957 -28.46 37.37 -0.44
CA GLU F 3957 -29.59 36.60 -0.95
C GLU F 3957 -29.11 35.56 -1.95
N TYR F 3958 -28.08 35.88 -2.72
CA TYR F 3958 -27.56 34.94 -3.70
C TYR F 3958 -27.10 33.65 -3.04
N ILE F 3959 -26.48 33.77 -1.87
CA ILE F 3959 -25.93 32.57 -1.21
C ILE F 3959 -26.64 32.19 0.08
N GLN F 3960 -27.46 33.09 0.62
CA GLN F 3960 -28.12 32.82 1.89
C GLN F 3960 -28.56 31.37 1.97
N GLY F 3961 -29.49 30.98 1.12
CA GLY F 3961 -29.88 29.59 1.11
C GLY F 3961 -28.74 28.77 0.55
N PRO F 3962 -28.37 27.67 1.23
CA PRO F 3962 -27.17 26.93 0.85
C PRO F 3962 -27.10 26.69 -0.65
N CYS F 3963 -26.14 27.36 -1.30
CA CYS F 3963 -25.97 27.31 -2.74
C CYS F 3963 -24.47 27.14 -2.98
N THR F 3964 -24.06 25.89 -3.15
CA THR F 3964 -22.63 25.58 -3.26
C THR F 3964 -21.98 26.35 -4.39
N GLY F 3965 -22.64 26.39 -5.55
CA GLY F 3965 -22.06 27.08 -6.69
C GLY F 3965 -21.78 28.54 -6.41
N ASN F 3966 -22.79 29.26 -5.89
CA ASN F 3966 -22.61 30.68 -5.61
C ASN F 3966 -21.58 30.91 -4.51
N GLN F 3967 -21.61 30.10 -3.45
CA GLN F 3967 -20.64 30.28 -2.37
C GLN F 3967 -19.22 30.05 -2.86
N GLN F 3968 -19.00 28.99 -3.64
CA GLN F 3968 -17.66 28.74 -4.18
C GLN F 3968 -17.24 29.86 -5.12
N SER F 3969 -18.17 30.36 -5.93
CA SER F 3969 -17.84 31.46 -6.85
C SER F 3969 -17.39 32.68 -6.08
N LEU F 3970 -18.11 33.05 -5.02
CA LEU F 3970 -17.64 34.15 -4.18
C LEU F 3970 -16.30 33.84 -3.53
N ALA F 3971 -16.10 32.59 -3.10
CA ALA F 3971 -14.84 32.22 -2.47
C ALA F 3971 -13.67 32.42 -3.42
N HIS F 3972 -13.85 32.10 -4.70
CA HIS F 3972 -12.80 32.30 -5.69
C HIS F 3972 -12.84 33.68 -6.34
N SER F 3973 -13.80 34.51 -5.98
CA SER F 3973 -13.92 35.85 -6.56
C SER F 3973 -12.99 36.83 -5.87
N ARG F 3974 -13.01 38.08 -6.32
CA ARG F 3974 -12.17 39.11 -5.74
C ARG F 3974 -12.89 39.81 -4.59
N LEU F 3975 -13.92 39.16 -4.06
CA LEU F 3975 -14.70 39.77 -2.99
C LEU F 3975 -13.82 40.09 -1.80
N TRP F 3976 -12.87 39.21 -1.49
CA TRP F 3976 -12.01 39.42 -0.33
C TRP F 3976 -11.34 40.79 -0.34
N ASP F 3977 -10.73 41.15 -1.46
CA ASP F 3977 -10.05 42.44 -1.56
C ASP F 3977 -10.97 43.58 -1.16
N ALA F 3978 -12.20 43.59 -1.70
CA ALA F 3978 -13.22 44.54 -1.32
C ALA F 3978 -13.47 44.51 0.18
N VAL F 3979 -13.50 43.31 0.76
CA VAL F 3979 -13.71 43.18 2.20
C VAL F 3979 -12.59 43.86 2.97
N VAL F 3980 -11.34 43.64 2.55
CA VAL F 3980 -10.21 44.27 3.22
C VAL F 3980 -10.28 45.79 3.11
N GLY F 3981 -10.60 46.30 1.92
CA GLY F 3981 -10.71 47.73 1.73
C GLY F 3981 -11.80 48.34 2.58
N PHE F 3982 -12.97 47.70 2.61
CA PHE F 3982 -14.06 48.18 3.45
C PHE F 3982 -13.66 48.15 4.92
N LEU F 3983 -12.94 47.12 5.34
CA LEU F 3983 -12.49 47.07 6.73
C LEU F 3983 -11.59 48.25 7.06
N HIS F 3984 -10.66 48.59 6.15
CA HIS F 3984 -9.79 49.74 6.37
C HIS F 3984 -10.61 51.03 6.50
N VAL F 3985 -11.52 51.24 5.54
CA VAL F 3985 -12.32 52.47 5.55
C VAL F 3985 -13.18 52.56 6.79
N PHE F 3986 -13.82 51.44 7.17
CA PHE F 3986 -14.63 51.42 8.39
C PHE F 3986 -13.80 51.76 9.61
N ALA F 3987 -12.62 51.13 9.73
CA ALA F 3987 -11.80 51.32 10.93
C ALA F 3987 -11.38 52.76 11.09
N HIS F 3988 -10.99 53.42 10.00
CA HIS F 3988 -10.59 54.82 10.14
C HIS F 3988 -11.80 55.74 10.30
N MET F 3989 -12.90 55.45 9.61
CA MET F 3989 -14.05 56.35 9.63
C MET F 3989 -14.74 56.36 10.98
N MET F 3990 -14.85 55.20 11.64
CA MET F 3990 -15.49 55.20 12.96
C MET F 3990 -14.66 56.01 13.95
N MET F 3991 -13.33 55.86 13.90
CA MET F 3991 -12.46 56.61 14.80
C MET F 3991 -12.58 58.10 14.55
N LYS F 3992 -12.65 58.52 13.29
CA LYS F 3992 -12.78 59.95 13.02
C LYS F 3992 -14.15 60.48 13.45
N LEU F 3993 -15.23 59.77 13.09
CA LEU F 3993 -16.56 60.25 13.40
C LEU F 3993 -16.88 60.21 14.90
N ALA F 3994 -16.15 59.41 15.67
CA ALA F 3994 -16.40 59.36 17.11
C ALA F 3994 -16.10 60.69 17.78
N GLN F 3995 -15.05 61.39 17.33
CA GLN F 3995 -14.62 62.61 18.00
C GLN F 3995 -15.67 63.71 17.88
N ASP F 3996 -16.27 63.87 16.70
CA ASP F 3996 -17.23 64.94 16.47
C ASP F 3996 -18.64 64.45 16.80
N SER F 3997 -19.39 65.27 17.54
CA SER F 3997 -20.75 64.93 17.94
C SER F 3997 -21.79 65.28 16.90
N SER F 3998 -21.41 65.98 15.83
CA SER F 3998 -22.35 66.36 14.78
C SER F 3998 -22.48 65.30 13.69
N GLN F 3999 -21.72 64.20 13.80
CA GLN F 3999 -21.73 63.14 12.80
C GLN F 3999 -22.22 61.82 13.38
N ILE F 4000 -23.08 61.90 14.41
CA ILE F 4000 -23.59 60.70 15.06
C ILE F 4000 -24.46 59.90 14.09
N GLU F 4001 -25.28 60.57 13.28
CA GLU F 4001 -26.11 59.86 12.32
C GLU F 4001 -25.25 59.13 11.29
N LEU F 4002 -24.19 59.79 10.80
CA LEU F 4002 -23.27 59.14 9.87
C LEU F 4002 -22.59 57.94 10.52
N LEU F 4003 -22.21 58.07 11.79
CA LEU F 4003 -21.59 56.94 12.49
C LEU F 4003 -22.57 55.78 12.62
N LYS F 4004 -23.83 56.06 12.93
CA LYS F 4004 -24.83 55.00 13.05
C LYS F 4004 -25.06 54.31 11.72
N GLU F 4005 -25.13 55.08 10.62
CA GLU F 4005 -25.30 54.48 9.31
C GLU F 4005 -24.09 53.63 8.93
N LEU F 4006 -22.90 54.10 9.26
CA LEU F 4006 -21.69 53.32 9.03
C LEU F 4006 -21.72 52.01 9.80
N LEU F 4007 -22.17 52.06 11.06
CA LEU F 4007 -22.28 50.85 11.86
C LEU F 4007 -23.29 49.87 11.26
N ASP F 4008 -24.41 50.39 10.75
CA ASP F 4008 -25.39 49.52 10.10
C ASP F 4008 -24.81 48.87 8.85
N LEU F 4009 -24.05 49.63 8.06
CA LEU F 4009 -23.41 49.05 6.89
C LEU F 4009 -22.43 47.96 7.28
N GLN F 4010 -21.64 48.19 8.35
CA GLN F 4010 -20.71 47.17 8.82
C GLN F 4010 -21.46 45.94 9.31
N LYS F 4011 -22.62 46.14 9.95
CA LYS F 4011 -23.44 45.01 10.39
C LYS F 4011 -23.89 44.17 9.20
N ASP F 4012 -24.35 44.82 8.14
CA ASP F 4012 -24.76 44.09 6.95
C ASP F 4012 -23.57 43.36 6.32
N MET F 4013 -22.39 43.97 6.37
CA MET F 4013 -21.18 43.32 5.88
C MET F 4013 -20.88 42.05 6.67
N VAL F 4014 -20.98 42.12 8.00
CA VAL F 4014 -20.74 40.94 8.83
C VAL F 4014 -21.80 39.87 8.59
N VAL F 4015 -23.02 40.29 8.28
CA VAL F 4015 -24.06 39.32 7.96
C VAL F 4015 -23.72 38.55 6.70
N MET F 4016 -23.23 39.25 5.69
CA MET F 4016 -22.88 38.61 4.43
C MET F 4016 -21.78 37.59 4.66
N LEU F 4017 -20.77 37.96 5.45
CA LEU F 4017 -19.70 37.03 5.78
C LEU F 4017 -20.32 35.82 6.44
N LEU F 4018 -20.98 36.04 7.57
CA LEU F 4018 -21.69 34.93 8.21
C LEU F 4018 -22.41 34.05 7.20
N SER F 4019 -23.07 34.67 6.22
CA SER F 4019 -23.78 33.89 5.21
C SER F 4019 -22.84 33.16 4.27
N LEU F 4020 -21.70 33.77 3.93
CA LEU F 4020 -20.68 33.06 3.17
C LEU F 4020 -20.18 31.84 3.94
N LEU F 4021 -20.14 31.92 5.27
CA LEU F 4021 -19.75 30.80 6.11
C LEU F 4021 -20.94 29.96 6.54
N GLU F 4022 -21.80 29.59 5.60
CA GLU F 4022 -22.94 28.71 5.89
C GLU F 4022 -22.64 27.29 5.45
N GLY F 4023 -22.89 26.33 6.33
CA GLY F 4023 -22.76 24.92 6.00
C GLY F 4023 -21.35 24.47 5.67
N ASN F 4024 -20.37 24.90 6.45
CA ASN F 4024 -18.98 24.51 6.26
C ASN F 4024 -18.58 23.45 7.27
N VAL F 4025 -17.77 22.50 6.83
CA VAL F 4025 -17.27 21.43 7.69
C VAL F 4025 -16.10 21.97 8.52
N VAL F 4026 -15.67 21.19 9.52
CA VAL F 4026 -14.51 21.59 10.31
C VAL F 4026 -13.30 21.68 9.40
N ASN F 4027 -12.55 22.78 9.53
CA ASN F 4027 -11.44 23.10 8.65
C ASN F 4027 -11.90 23.19 7.19
N GLY F 4028 -12.83 24.11 6.96
CA GLY F 4028 -13.34 24.35 5.63
C GLY F 4028 -12.48 25.32 4.83
N MET F 4029 -12.50 25.16 3.51
CA MET F 4029 -11.70 26.01 2.65
C MET F 4029 -12.09 27.48 2.80
N ILE F 4030 -13.40 27.75 2.79
CA ILE F 4030 -13.87 29.12 2.96
C ILE F 4030 -13.49 29.65 4.34
N ALA F 4031 -13.52 28.79 5.35
CA ALA F 4031 -13.14 29.21 6.70
C ALA F 4031 -11.67 29.63 6.75
N ARG F 4032 -10.78 28.81 6.18
CA ARG F 4032 -9.37 29.19 6.14
C ARG F 4032 -9.14 30.43 5.30
N GLN F 4033 -9.89 30.59 4.21
CA GLN F 4033 -9.76 31.81 3.40
C GLN F 4033 -10.14 33.05 4.21
N MET F 4034 -11.22 32.97 4.99
CA MET F 4034 -11.61 34.12 5.79
C MET F 4034 -10.62 34.37 6.93
N VAL F 4035 -10.04 33.31 7.50
CA VAL F 4035 -9.01 33.50 8.51
C VAL F 4035 -7.79 34.19 7.90
N ASP F 4036 -7.39 33.79 6.69
CA ASP F 4036 -6.28 34.46 6.01
C ASP F 4036 -6.61 35.91 5.71
N MET F 4037 -7.85 36.18 5.31
CA MET F 4037 -8.28 37.56 5.08
C MET F 4037 -8.22 38.37 6.38
N LEU F 4038 -8.63 37.77 7.49
CA LEU F 4038 -8.57 38.47 8.78
C LEU F 4038 -7.14 38.79 9.17
N VAL F 4039 -6.23 37.81 9.01
CA VAL F 4039 -4.84 38.07 9.39
C VAL F 4039 -4.20 39.06 8.43
N GLU F 4040 -4.68 39.13 7.19
CA GLU F 4040 -4.24 40.18 6.27
C GLU F 4040 -4.72 41.54 6.74
N SER F 4041 -5.95 41.63 7.24
CA SER F 4041 -6.52 42.88 7.74
C SER F 4041 -6.51 42.94 9.27
N SER F 4042 -5.44 42.43 9.87
CA SER F 4042 -5.34 42.38 11.33
C SER F 4042 -5.46 43.78 11.95
N SER F 4043 -4.73 44.76 11.41
CA SER F 4043 -4.63 46.05 12.07
C SER F 4043 -5.98 46.73 12.20
N ASN F 4044 -6.77 46.74 11.12
CA ASN F 4044 -8.08 47.37 11.17
C ASN F 4044 -9.02 46.64 12.13
N VAL F 4045 -8.95 45.30 12.13
CA VAL F 4045 -9.79 44.52 13.04
C VAL F 4045 -9.42 44.82 14.50
N GLU F 4046 -8.11 44.91 14.78
CA GLU F 4046 -7.68 45.28 16.13
C GLU F 4046 -8.16 46.67 16.49
N MET F 4047 -8.12 47.61 15.54
CA MET F 4047 -8.61 48.96 15.81
C MET F 4047 -10.10 48.94 16.16
N ILE F 4048 -10.89 48.16 15.42
CA ILE F 4048 -12.33 48.12 15.66
C ILE F 4048 -12.63 47.48 17.02
N LEU F 4049 -11.94 46.37 17.34
CA LEU F 4049 -12.14 45.74 18.64
C LEU F 4049 -11.73 46.67 19.77
N LYS F 4050 -10.64 47.41 19.58
CA LYS F 4050 -10.21 48.39 20.57
C LYS F 4050 -11.26 49.48 20.73
N PHE F 4051 -11.87 49.90 19.62
CA PHE F 4051 -12.94 50.89 19.68
C PHE F 4051 -14.10 50.41 20.54
N PHE F 4052 -14.49 49.14 20.38
CA PHE F 4052 -15.57 48.62 21.23
C PHE F 4052 -15.13 48.53 22.70
N ASP F 4053 -13.97 47.93 22.96
CA ASP F 4053 -13.62 47.65 24.35
C ASP F 4053 -13.31 48.93 25.13
N MET F 4054 -12.81 49.97 24.46
CA MET F 4054 -12.56 51.23 25.15
C MET F 4054 -13.85 51.80 25.73
N PHE F 4055 -14.93 51.80 24.93
CA PHE F 4055 -16.20 52.32 25.43
C PHE F 4055 -16.83 51.38 26.44
N LEU F 4056 -16.64 50.07 26.30
CA LEU F 4056 -17.14 49.15 27.33
C LEU F 4056 -16.48 49.44 28.67
N LYS F 4057 -15.15 49.52 28.70
CA LYS F 4057 -14.46 49.85 29.95
C LYS F 4057 -14.79 51.26 30.42
N LEU F 4058 -15.05 52.18 29.50
CA LEU F 4058 -15.46 53.52 29.91
C LEU F 4058 -16.80 53.49 30.66
N LYS F 4059 -17.75 52.70 30.16
CA LYS F 4059 -19.02 52.53 30.85
C LYS F 4059 -18.80 51.92 32.22
N ASP F 4060 -17.97 50.88 32.30
CA ASP F 4060 -17.70 50.24 33.59
C ASP F 4060 -17.04 51.19 34.58
N ILE F 4061 -16.08 51.99 34.11
CA ILE F 4061 -15.40 52.93 35.00
C ILE F 4061 -16.35 54.04 35.45
N VAL F 4062 -17.21 54.50 34.54
CA VAL F 4062 -18.21 55.50 34.91
C VAL F 4062 -19.12 54.95 36.00
N GLY F 4063 -19.52 53.68 35.88
CA GLY F 4063 -20.30 53.06 36.94
C GLY F 4063 -19.52 52.79 38.21
N SER F 4064 -18.19 52.69 38.11
CA SER F 4064 -17.36 52.37 39.26
C SER F 4064 -17.36 53.51 40.29
N GLU F 4065 -17.01 53.15 41.52
CA GLU F 4065 -17.04 54.09 42.64
C GLU F 4065 -15.87 55.06 42.63
N ALA F 4066 -14.71 54.65 42.11
CA ALA F 4066 -13.54 55.53 42.13
C ALA F 4066 -13.78 56.81 41.35
N PHE F 4067 -14.40 56.70 40.17
CA PHE F 4067 -14.76 57.89 39.41
C PHE F 4067 -15.83 58.69 40.14
N GLN F 4068 -16.71 58.00 40.88
CA GLN F 4068 -17.75 58.70 41.63
C GLN F 4068 -17.15 59.60 42.70
N ASP F 4069 -16.10 59.15 43.38
CA ASP F 4069 -15.43 60.00 44.34
C ASP F 4069 -14.41 60.94 43.69
N TYR F 4070 -14.02 60.68 42.44
CA TYR F 4070 -13.12 61.58 41.74
C TYR F 4070 -13.83 62.82 41.21
N VAL F 4071 -15.08 62.66 40.75
CA VAL F 4071 -15.75 63.76 40.04
C VAL F 4071 -15.98 64.94 40.98
N THR F 4072 -16.47 64.67 42.19
CA THR F 4072 -16.69 65.68 43.22
C THR F 4072 -17.52 66.85 42.70
N ASP F 4073 -18.59 66.54 41.96
CA ASP F 4073 -19.44 67.59 41.42
C ASP F 4073 -20.91 67.21 41.52
N PRO F 4074 -21.71 67.95 42.28
CA PRO F 4074 -23.16 67.68 42.30
C PRO F 4074 -23.81 67.86 40.94
N ARG F 4075 -23.29 68.75 40.09
CA ARG F 4075 -23.87 68.96 38.78
C ARG F 4075 -23.65 67.78 37.84
N GLY F 4076 -22.75 66.87 38.18
CA GLY F 4076 -22.47 65.74 37.32
C GLY F 4076 -21.54 66.04 36.17
N LEU F 4077 -20.67 67.04 36.32
CA LEU F 4077 -19.72 67.43 35.29
C LEU F 4077 -18.31 67.18 35.81
N ILE F 4078 -17.50 66.49 35.01
CA ILE F 4078 -16.13 66.13 35.38
C ILE F 4078 -15.16 66.96 34.56
N SER F 4079 -14.19 67.57 35.23
CA SER F 4079 -13.15 68.33 34.55
C SER F 4079 -12.24 67.39 33.76
N LYS F 4080 -11.60 67.94 32.73
CA LYS F 4080 -10.70 67.14 31.91
C LYS F 4080 -9.52 66.63 32.72
N LYS F 4081 -8.93 67.48 33.54
CA LYS F 4081 -7.76 67.08 34.34
C LYS F 4081 -8.15 66.01 35.35
N ASP F 4082 -9.27 66.19 36.05
CA ASP F 4082 -9.71 65.20 37.02
C ASP F 4082 -10.09 63.89 36.34
N PHE F 4083 -10.69 63.97 35.15
CA PHE F 4083 -10.99 62.75 34.39
C PHE F 4083 -9.71 62.01 34.03
N GLN F 4084 -8.68 62.75 33.60
CA GLN F 4084 -7.41 62.12 33.28
C GLN F 4084 -6.79 61.46 34.50
N LYS F 4085 -6.83 62.14 35.66
CA LYS F 4085 -6.30 61.54 36.89
C LYS F 4085 -7.09 60.29 37.28
N ALA F 4086 -8.42 60.34 37.14
CA ALA F 4086 -9.23 59.18 37.51
C ALA F 4086 -8.92 57.99 36.61
N MET F 4087 -8.80 58.22 35.30
CA MET F 4087 -8.42 57.14 34.39
C MET F 4087 -7.03 56.59 34.72
N ASP F 4088 -6.07 57.48 34.99
CA ASP F 4088 -4.74 57.03 35.34
C ASP F 4088 -4.72 56.26 36.65
N SER F 4089 -5.68 56.55 37.55
CA SER F 4089 -5.80 55.77 38.78
C SER F 4089 -6.40 54.40 38.49
N GLN F 4090 -7.41 54.33 37.62
CA GLN F 4090 -7.98 53.04 37.25
C GLN F 4090 -6.96 52.15 36.55
N LYS F 4091 -6.03 52.75 35.80
CA LYS F 4091 -4.94 52.01 35.17
C LYS F 4091 -5.45 50.93 34.21
N GLN F 4092 -6.42 51.30 33.37
CA GLN F 4092 -6.95 50.39 32.37
C GLN F 4092 -6.69 50.84 30.94
N PHE F 4093 -6.44 52.12 30.70
CA PHE F 4093 -6.19 52.64 29.36
C PHE F 4093 -4.76 53.16 29.26
N THR F 4094 -4.15 52.98 28.10
CA THR F 4094 -2.85 53.59 27.85
C THR F 4094 -3.01 55.08 27.59
N GLY F 4095 -1.88 55.79 27.59
CA GLY F 4095 -1.87 57.23 27.46
C GLY F 4095 -2.53 57.78 26.21
N PRO F 4096 -2.16 57.23 25.04
CA PRO F 4096 -2.88 57.62 23.81
C PRO F 4096 -4.37 57.34 23.88
N GLU F 4097 -4.78 56.25 24.54
CA GLU F 4097 -6.20 55.98 24.73
C GLU F 4097 -6.84 57.05 25.61
N ILE F 4098 -6.14 57.50 26.65
CA ILE F 4098 -6.63 58.58 27.49
C ILE F 4098 -6.85 59.84 26.66
N GLN F 4099 -5.86 60.18 25.82
CA GLN F 4099 -5.98 61.37 24.99
C GLN F 4099 -7.14 61.26 24.02
N PHE F 4100 -7.30 60.08 23.40
CA PHE F 4100 -8.39 59.91 22.44
C PHE F 4100 -9.75 59.97 23.13
N LEU F 4101 -9.86 59.37 24.32
CA LEU F 4101 -11.11 59.45 25.07
C LEU F 4101 -11.43 60.89 25.46
N LEU F 4102 -10.41 61.65 25.88
CA LEU F 4102 -10.63 63.06 26.19
C LEU F 4102 -11.07 63.84 24.96
N SER F 4103 -10.47 63.54 23.80
CA SER F 4103 -10.87 64.22 22.57
C SER F 4103 -12.32 63.90 22.22
N CYS F 4104 -12.73 62.63 22.35
CA CYS F 4104 -14.12 62.27 22.08
C CYS F 4104 -15.07 62.87 23.09
N SER F 4105 -14.60 63.09 24.33
CA SER F 4105 -15.44 63.71 25.34
C SER F 4105 -15.81 65.13 24.93
N GLU F 4106 -17.04 65.52 25.23
CA GLU F 4106 -17.57 66.83 24.85
C GLU F 4106 -17.70 67.69 26.12
N ALA F 4107 -16.83 68.69 26.24
CA ALA F 4107 -16.86 69.61 27.37
C ALA F 4107 -17.69 70.83 27.01
N ASP F 4108 -18.79 71.02 27.73
CA ASP F 4108 -19.68 72.14 27.43
C ASP F 4108 -19.00 73.48 27.67
N GLU F 4109 -18.32 73.61 28.80
CA GLU F 4109 -17.65 74.86 29.17
C GLU F 4109 -16.74 74.59 30.37
N ASN F 4110 -15.58 75.24 30.39
CA ASN F 4110 -14.62 75.11 31.49
C ASN F 4110 -14.19 73.66 31.68
N GLU F 4111 -14.08 72.92 30.58
CA GLU F 4111 -13.66 71.52 30.56
C GLU F 4111 -14.60 70.62 31.37
N MET F 4112 -15.82 71.06 31.64
CA MET F 4112 -16.80 70.23 32.32
C MET F 4112 -17.39 69.23 31.35
N ILE F 4113 -17.23 67.94 31.64
CA ILE F 4113 -17.67 66.86 30.75
C ILE F 4113 -18.82 66.13 31.41
N ASN F 4114 -19.87 65.84 30.63
CA ASN F 4114 -21.00 65.05 31.10
C ASN F 4114 -20.65 63.59 30.85
N PHE F 4115 -20.11 62.93 31.89
CA PHE F 4115 -19.57 61.59 31.72
C PHE F 4115 -20.68 60.58 31.41
N GLU F 4116 -21.86 60.76 32.00
CA GLU F 4116 -22.95 59.82 31.75
C GLU F 4116 -23.35 59.83 30.27
N GLU F 4117 -23.58 61.02 29.71
CA GLU F 4117 -23.93 61.12 28.30
C GLU F 4117 -22.78 60.66 27.42
N PHE F 4118 -21.55 60.99 27.80
CA PHE F 4118 -20.39 60.57 27.02
C PHE F 4118 -20.29 59.05 26.96
N ALA F 4119 -20.60 58.38 28.06
CA ALA F 4119 -20.55 56.92 28.09
C ALA F 4119 -21.71 56.30 27.31
N ASN F 4120 -22.91 56.86 27.45
CA ASN F 4120 -24.08 56.28 26.81
C ASN F 4120 -24.23 56.69 25.35
N ARG F 4121 -23.39 57.58 24.84
CA ARG F 4121 -23.52 58.05 23.46
C ARG F 4121 -23.30 56.93 22.46
N PHE F 4122 -22.31 56.06 22.68
CA PHE F 4122 -21.94 55.05 21.71
C PHE F 4122 -22.35 53.64 22.14
N GLN F 4123 -23.31 53.51 23.05
CA GLN F 4123 -23.72 52.18 23.51
C GLN F 4123 -24.72 51.55 22.56
N GLU F 4124 -25.88 52.18 22.38
CA GLU F 4124 -26.94 51.60 21.57
C GLU F 4124 -26.55 51.40 20.10
N PRO F 4125 -25.97 52.39 19.40
CA PRO F 4125 -25.67 52.18 17.97
C PRO F 4125 -24.67 51.06 17.70
N ALA F 4126 -23.82 50.71 18.66
CA ALA F 4126 -22.77 49.73 18.45
C ALA F 4126 -23.10 48.35 19.00
N ARG F 4127 -24.35 48.13 19.42
CA ARG F 4127 -24.71 46.84 19.99
C ARG F 4127 -24.77 45.75 18.93
N ASP F 4128 -25.39 46.03 17.79
CA ASP F 4128 -25.61 44.99 16.78
C ASP F 4128 -24.30 44.57 16.14
N ILE F 4129 -23.44 45.53 15.78
CA ILE F 4129 -22.18 45.21 15.12
C ILE F 4129 -21.28 44.41 16.06
N GLY F 4130 -21.24 44.77 17.33
CA GLY F 4130 -20.45 44.03 18.29
C GLY F 4130 -20.91 42.60 18.44
N PHE F 4131 -22.23 42.39 18.53
CA PHE F 4131 -22.77 41.03 18.62
C PHE F 4131 -22.44 40.23 17.36
N ASN F 4132 -22.57 40.86 16.19
CA ASN F 4132 -22.26 40.15 14.95
C ASN F 4132 -20.78 39.76 14.89
N VAL F 4133 -19.89 40.66 15.32
CA VAL F 4133 -18.47 40.35 15.34
C VAL F 4133 -18.18 39.21 16.32
N ALA F 4134 -18.82 39.24 17.49
CA ALA F 4134 -18.63 38.18 18.47
C ALA F 4134 -19.11 36.83 17.92
N VAL F 4135 -20.27 36.82 17.25
CA VAL F 4135 -20.78 35.58 16.67
C VAL F 4135 -19.85 35.06 15.59
N LEU F 4136 -19.34 35.95 14.73
CA LEU F 4136 -18.41 35.54 13.68
C LEU F 4136 -17.14 34.95 14.27
N LEU F 4137 -16.59 35.61 15.30
CA LEU F 4137 -15.37 35.09 15.93
C LEU F 4137 -15.61 33.76 16.61
N THR F 4138 -16.75 33.60 17.28
CA THR F 4138 -17.06 32.32 17.92
C THR F 4138 -17.20 31.21 16.88
N ASN F 4139 -17.89 31.49 15.77
CA ASN F 4139 -18.03 30.49 14.72
C ASN F 4139 -16.68 30.11 14.12
N LEU F 4140 -15.84 31.11 13.84
CA LEU F 4140 -14.51 30.83 13.29
C LEU F 4140 -13.67 30.01 14.26
N SER F 4141 -13.72 30.34 15.55
CA SER F 4141 -12.95 29.61 16.55
C SER F 4141 -13.43 28.16 16.67
N GLU F 4142 -14.75 27.95 16.67
CA GLU F 4142 -15.27 26.60 16.85
C GLU F 4142 -15.19 25.76 15.59
N HIS F 4143 -15.05 26.37 14.41
CA HIS F 4143 -14.97 25.61 13.17
C HIS F 4143 -13.55 25.52 12.61
N VAL F 4144 -12.61 26.31 13.11
CA VAL F 4144 -11.22 26.24 12.69
C VAL F 4144 -10.33 26.10 13.92
N PRO F 4145 -10.34 24.95 14.60
CA PRO F 4145 -9.52 24.81 15.81
C PRO F 4145 -8.04 24.68 15.47
N HIS F 4146 -7.21 24.94 16.49
CA HIS F 4146 -5.76 24.79 16.41
C HIS F 4146 -5.16 25.71 15.35
N ASP F 4147 -5.61 26.97 15.37
CA ASP F 4147 -5.05 28.00 14.50
C ASP F 4147 -4.38 29.08 15.36
N PRO F 4148 -3.05 29.17 15.35
CA PRO F 4148 -2.39 30.15 16.24
C PRO F 4148 -2.78 31.59 15.97
N ARG F 4149 -3.02 31.96 14.71
CA ARG F 4149 -3.27 33.36 14.39
C ARG F 4149 -4.63 33.82 14.90
N LEU F 4150 -5.64 32.96 14.83
CA LEU F 4150 -6.99 33.35 15.25
C LEU F 4150 -7.06 33.58 16.76
N ARG F 4151 -6.23 32.89 17.54
CA ARG F 4151 -6.24 33.06 18.98
C ARG F 4151 -5.90 34.49 19.37
N ASN F 4152 -5.07 35.17 18.58
CA ASN F 4152 -4.76 36.57 18.86
C ASN F 4152 -6.02 37.42 18.81
N PHE F 4153 -6.82 37.27 17.76
CA PHE F 4153 -8.07 38.01 17.66
C PHE F 4153 -9.03 37.62 18.78
N LEU F 4154 -9.09 36.32 19.10
CA LEU F 4154 -9.98 35.87 20.16
C LEU F 4154 -9.62 36.51 21.50
N GLU F 4155 -8.33 36.59 21.82
CA GLU F 4155 -7.95 37.20 23.09
C GLU F 4155 -8.05 38.72 23.07
N LEU F 4156 -7.87 39.36 21.90
CA LEU F 4156 -8.08 40.80 21.83
C LEU F 4156 -9.55 41.16 21.97
N ALA F 4157 -10.45 40.27 21.52
CA ALA F 4157 -11.90 40.49 21.66
C ALA F 4157 -12.46 39.85 22.92
N GLU F 4158 -11.65 39.74 23.98
CA GLU F 4158 -12.10 39.07 25.20
C GLU F 4158 -13.27 39.79 25.84
N SER F 4159 -13.20 41.13 25.92
CA SER F 4159 -14.26 41.88 26.58
C SER F 4159 -15.59 41.76 25.83
N ILE F 4160 -15.54 41.82 24.50
CA ILE F 4160 -16.77 41.71 23.71
C ILE F 4160 -17.41 40.34 23.89
N LEU F 4161 -16.60 39.28 23.85
CA LEU F 4161 -17.13 37.95 24.05
C LEU F 4161 -17.73 37.78 25.45
N GLU F 4162 -17.04 38.31 26.47
CA GLU F 4162 -17.57 38.22 27.83
C GLU F 4162 -18.86 39.02 27.98
N TYR F 4163 -18.99 40.13 27.25
CA TYR F 4163 -20.21 40.93 27.37
C TYR F 4163 -21.39 40.27 26.65
N PHE F 4164 -21.15 39.69 25.48
CA PHE F 4164 -22.22 39.08 24.70
C PHE F 4164 -22.38 37.59 24.95
N ARG F 4165 -21.66 37.04 25.93
CA ARG F 4165 -21.85 35.62 26.27
C ARG F 4165 -23.29 35.29 26.66
N PRO F 4166 -23.96 36.03 27.56
CA PRO F 4166 -25.35 35.66 27.88
C PRO F 4166 -26.29 35.73 26.69
N TYR F 4167 -26.10 36.69 25.79
CA TYR F 4167 -26.99 36.85 24.65
C TYR F 4167 -26.72 35.83 23.56
N LEU F 4168 -25.47 35.43 23.37
CA LEU F 4168 -25.11 34.50 22.30
C LEU F 4168 -25.57 33.10 22.69
N GLY F 4169 -26.51 32.56 21.92
CA GLY F 4169 -27.00 31.21 22.13
C GLY F 4169 -26.71 30.34 20.91
N ARG F 4170 -26.41 29.07 21.17
CA ARG F 4170 -26.06 28.13 20.11
C ARG F 4170 -26.85 26.84 20.29
N ILE F 4171 -27.30 26.27 19.18
CA ILE F 4171 -28.00 24.99 19.15
C ILE F 4171 -27.40 24.14 18.05
N GLU F 4172 -27.80 22.87 18.02
CA GLU F 4172 -27.37 21.93 16.99
C GLU F 4172 -28.59 21.33 16.30
N ILE F 4173 -28.52 21.20 14.98
CA ILE F 4173 -29.59 20.65 14.18
C ILE F 4173 -29.04 19.56 13.28
N MET F 4174 -29.95 18.67 12.85
CA MET F 4174 -29.58 17.64 11.89
C MET F 4174 -29.18 18.25 10.55
N GLY F 4175 -29.92 19.27 10.11
CA GLY F 4175 -29.61 19.97 8.89
C GLY F 4175 -30.16 19.27 7.65
N ALA F 4176 -30.21 20.02 6.55
CA ALA F 4176 -30.65 19.45 5.28
C ALA F 4176 -29.74 18.30 4.87
N SER F 4177 -28.43 18.54 4.87
CA SER F 4177 -27.48 17.44 4.78
C SER F 4177 -27.46 16.67 6.09
N ARG F 4178 -27.07 15.39 6.01
CA ARG F 4178 -27.08 14.55 7.20
C ARG F 4178 -26.06 14.98 8.25
N ARG F 4179 -25.12 15.84 7.88
CA ARG F 4179 -24.12 16.32 8.83
C ARG F 4179 -24.77 17.24 9.87
N ILE F 4180 -24.45 17.02 11.14
CA ILE F 4180 -24.95 17.88 12.20
C ILE F 4180 -24.33 19.26 12.06
N GLU F 4181 -25.15 20.30 12.20
CA GLU F 4181 -24.70 21.68 12.05
C GLU F 4181 -25.02 22.48 13.30
N ARG F 4182 -24.25 23.54 13.52
CA ARG F 4182 -24.40 24.40 14.68
C ARG F 4182 -24.96 25.76 14.25
N ILE F 4183 -25.96 26.24 14.98
CA ILE F 4183 -26.64 27.49 14.66
C ILE F 4183 -26.44 28.44 15.82
N TYR F 4184 -25.96 29.65 15.51
CA TYR F 4184 -25.80 30.72 16.49
C TYR F 4184 -26.85 31.78 16.24
N PHE F 4185 -27.53 32.21 17.31
CA PHE F 4185 -28.56 33.24 17.22
C PHE F 4185 -28.42 34.16 18.42
N GLU F 4186 -29.41 35.03 18.60
CA GLU F 4186 -29.40 36.04 19.65
C GLU F 4186 -30.55 35.78 20.63
N ILE F 4187 -30.24 35.84 21.92
CA ILE F 4187 -31.23 35.68 22.98
C ILE F 4187 -31.51 37.04 23.59
N SER F 4188 -32.78 37.43 23.62
CA SER F 4188 -33.15 38.72 24.17
C SER F 4188 -33.11 38.72 25.70
N GLU F 4189 -32.76 39.88 26.26
CA GLU F 4189 -32.70 40.01 27.71
C GLU F 4189 -34.07 39.82 28.35
N THR F 4190 -35.11 40.37 27.72
CA THR F 4190 -36.47 40.18 28.23
C THR F 4190 -36.86 38.71 28.19
N ASN F 4191 -36.50 38.02 27.10
CA ASN F 4191 -36.77 36.58 27.01
C ASN F 4191 -36.06 35.81 28.11
N ARG F 4192 -34.80 36.14 28.38
CA ARG F 4192 -34.06 35.46 29.43
C ARG F 4192 -34.65 35.72 30.81
N ALA F 4193 -35.08 36.96 31.06
CA ALA F 4193 -35.71 37.28 32.35
C ALA F 4193 -37.01 36.50 32.52
N GLN F 4194 -37.86 36.51 31.48
CA GLN F 4194 -39.10 35.75 31.56
C GLN F 4194 -38.84 34.26 31.71
N TRP F 4195 -37.74 33.76 31.15
CA TRP F 4195 -37.38 32.36 31.33
C TRP F 4195 -36.96 32.09 32.76
N GLU F 4196 -36.18 33.00 33.36
CA GLU F 4196 -35.74 32.87 34.74
C GLU F 4196 -36.80 33.28 35.75
N MET F 4197 -37.99 33.62 35.29
CA MET F 4197 -39.13 33.70 36.19
C MET F 4197 -39.29 32.35 36.90
N PRO F 4198 -39.34 32.32 38.25
CA PRO F 4198 -39.41 31.02 38.96
C PRO F 4198 -40.59 30.11 38.60
N GLN F 4199 -41.77 30.65 38.30
CA GLN F 4199 -42.87 29.79 37.86
C GLN F 4199 -42.49 29.01 36.62
N VAL F 4200 -41.71 29.62 35.72
CA VAL F 4200 -41.19 28.90 34.58
C VAL F 4200 -40.32 27.74 35.03
N LYS F 4201 -39.51 27.94 36.06
CA LYS F 4201 -38.68 26.85 36.59
C LYS F 4201 -39.55 25.72 37.11
N GLU F 4202 -40.61 26.04 37.85
CA GLU F 4202 -41.50 25.00 38.37
C GLU F 4202 -42.18 24.24 37.24
N SER F 4203 -42.64 24.96 36.21
CA SER F 4203 -43.25 24.31 35.06
C SER F 4203 -42.27 23.39 34.35
N LYS F 4204 -41.01 23.84 34.21
CA LYS F 4204 -39.99 23.01 33.60
C LYS F 4204 -39.73 21.75 34.42
N ARG F 4205 -39.66 21.88 35.75
CA ARG F 4205 -39.46 20.71 36.59
C ARG F 4205 -40.61 19.71 36.44
N GLN F 4206 -41.85 20.21 36.43
CA GLN F 4206 -42.99 19.32 36.27
C GLN F 4206 -42.99 18.64 34.92
N PHE F 4207 -42.66 19.39 33.86
CA PHE F 4207 -42.60 18.81 32.53
C PHE F 4207 -41.53 17.73 32.44
N ILE F 4208 -40.36 17.99 33.03
CA ILE F 4208 -39.29 17.01 33.03
C ILE F 4208 -39.72 15.75 33.78
N PHE F 4209 -40.36 15.93 34.94
CA PHE F 4209 -40.81 14.78 35.72
C PHE F 4209 -41.83 13.95 34.96
N ASP F 4210 -42.81 14.59 34.31
CA ASP F 4210 -43.82 13.82 33.60
C ASP F 4210 -43.30 13.24 32.28
N VAL F 4211 -42.24 13.80 31.70
CA VAL F 4211 -41.68 13.24 30.48
C VAL F 4211 -40.66 12.15 30.77
N VAL F 4212 -40.13 12.08 32.00
CA VAL F 4212 -39.21 11.01 32.34
C VAL F 4212 -39.95 9.86 33.03
N ASN F 4213 -40.63 10.16 34.14
CA ASN F 4213 -41.26 9.10 34.93
C ASN F 4213 -42.42 8.46 34.19
N GLU F 4214 -43.27 9.27 33.55
CA GLU F 4214 -44.50 8.79 32.94
C GLU F 4214 -44.33 8.34 31.49
N GLY F 4215 -43.12 7.95 31.10
CA GLY F 4215 -42.90 7.47 29.75
C GLY F 4215 -42.93 8.61 28.75
N GLY F 4216 -43.52 8.35 27.59
CA GLY F 4216 -43.56 9.34 26.53
C GLY F 4216 -42.27 9.50 25.76
N GLU F 4217 -41.38 8.50 25.81
CA GLU F 4217 -40.12 8.60 25.09
C GLU F 4217 -40.34 8.64 23.58
N ALA F 4218 -41.34 7.91 23.09
CA ALA F 4218 -41.62 7.90 21.66
C ALA F 4218 -42.04 9.29 21.17
N GLU F 4219 -42.87 9.99 21.95
CA GLU F 4219 -43.33 11.33 21.62
C GLU F 4219 -42.55 12.41 22.37
N LYS F 4220 -41.26 12.17 22.61
CA LYS F 4220 -40.46 13.08 23.42
C LYS F 4220 -40.37 14.46 22.78
N MET F 4221 -40.04 14.50 21.48
CA MET F 4221 -39.90 15.78 20.79
C MET F 4221 -41.24 16.49 20.67
N GLU F 4222 -42.31 15.75 20.43
CA GLU F 4222 -43.65 16.35 20.36
C GLU F 4222 -44.03 16.98 21.69
N LEU F 4223 -43.79 16.27 22.79
CA LEU F 4223 -44.09 16.82 24.11
C LEU F 4223 -43.22 18.03 24.40
N PHE F 4224 -41.95 18.00 24.00
CA PHE F 4224 -41.08 19.15 24.20
C PHE F 4224 -41.58 20.36 23.44
N VAL F 4225 -42.01 20.18 22.19
CA VAL F 4225 -42.51 21.30 21.40
C VAL F 4225 -43.80 21.85 22.01
N SER F 4226 -44.68 20.96 22.46
CA SER F 4226 -45.90 21.41 23.12
C SER F 4226 -45.58 22.21 24.39
N PHE F 4227 -44.60 21.73 25.17
CA PHE F 4227 -44.18 22.46 26.36
C PHE F 4227 -43.64 23.84 26.00
N CYS F 4228 -42.84 23.93 24.93
CA CYS F 4228 -42.32 25.22 24.50
C CYS F 4228 -43.45 26.17 24.14
N GLU F 4229 -44.43 25.69 23.37
CA GLU F 4229 -45.55 26.54 22.99
C GLU F 4229 -46.33 27.01 24.22
N ASP F 4230 -46.61 26.09 25.15
CA ASP F 4230 -47.35 26.46 26.35
C ASP F 4230 -46.58 27.49 27.16
N THR F 4231 -45.27 27.30 27.31
CA THR F 4231 -44.47 28.24 28.10
C THR F 4231 -44.42 29.62 27.44
N ILE F 4232 -44.30 29.65 26.10
CA ILE F 4232 -44.35 30.93 25.41
C ILE F 4232 -45.67 31.64 25.69
N PHE F 4233 -46.79 30.90 25.63
CA PHE F 4233 -48.09 31.51 25.92
C PHE F 4233 -48.16 32.03 27.35
N GLU F 4234 -47.69 31.24 28.31
CA GLU F 4234 -47.74 31.66 29.71
C GLU F 4234 -46.89 32.89 29.97
N MET F 4235 -45.71 32.97 29.35
CA MET F 4235 -44.87 34.13 29.59
C MET F 4235 -45.36 35.36 28.84
N GLN F 4236 -46.05 35.19 27.70
CA GLN F 4236 -46.77 36.31 27.12
C GLN F 4236 -47.85 36.82 28.07
N ILE F 4237 -48.58 35.90 28.70
CA ILE F 4237 -49.58 36.30 29.70
C ILE F 4237 -48.91 37.06 30.84
N ALA F 4238 -47.75 36.57 31.30
CA ALA F 4238 -47.04 37.24 32.39
C ALA F 4238 -46.60 38.63 31.98
N ALA F 4239 -46.10 38.78 30.76
CA ALA F 4239 -45.70 40.10 30.28
C ALA F 4239 -46.90 41.04 30.23
N GLN F 4240 -48.05 40.54 29.79
CA GLN F 4240 -49.25 41.37 29.76
C GLN F 4240 -49.68 41.78 31.17
N ILE F 4241 -49.62 40.85 32.13
CA ILE F 4241 -50.13 41.11 33.48
C ILE F 4241 -49.03 41.69 34.36
N SER F 4242 -47.90 42.03 33.75
CA SER F 4242 -46.82 42.65 34.51
C SER F 4242 -47.24 44.00 35.06
N GLU F 4243 -46.41 44.56 35.94
CA GLU F 4243 -46.70 45.82 36.60
C GLU F 4243 -46.74 46.97 35.60
N PHE F 4530 -65.78 57.71 30.53
CA PHE F 4530 -66.56 57.07 31.56
C PHE F 4530 -66.40 55.55 31.48
N TRP F 4531 -66.96 54.96 30.42
CA TRP F 4531 -66.84 53.52 30.21
C TRP F 4531 -65.38 53.10 30.15
N GLY F 4532 -64.56 53.86 29.43
CA GLY F 4532 -63.14 53.56 29.39
C GLY F 4532 -62.48 53.67 30.76
N GLU F 4533 -62.92 54.64 31.56
CA GLU F 4533 -62.37 54.80 32.90
C GLU F 4533 -62.66 53.59 33.76
N LEU F 4534 -63.91 53.13 33.78
CA LEU F 4534 -64.25 51.93 34.54
C LEU F 4534 -63.52 50.71 33.99
N GLU F 4535 -63.39 50.60 32.67
CA GLU F 4535 -62.69 49.46 32.09
C GLU F 4535 -61.22 49.44 32.51
N VAL F 4536 -60.55 50.60 32.47
CA VAL F 4536 -59.14 50.62 32.82
C VAL F 4536 -58.94 50.38 34.32
N GLN F 4537 -59.85 50.90 35.14
CA GLN F 4537 -59.80 50.57 36.57
C GLN F 4537 -59.96 49.08 36.79
N ARG F 4538 -60.88 48.45 36.04
CA ARG F 4538 -61.09 47.01 36.16
C ARG F 4538 -59.85 46.24 35.74
N VAL F 4539 -59.18 46.66 34.66
CA VAL F 4539 -57.99 45.92 34.23
C VAL F 4539 -56.85 46.11 35.22
N LYS F 4540 -56.73 47.29 35.83
CA LYS F 4540 -55.74 47.45 36.90
C LYS F 4540 -56.04 46.51 38.06
N PHE F 4541 -57.31 46.43 38.47
CA PHE F 4541 -57.68 45.53 39.57
C PHE F 4541 -57.37 44.08 39.22
N LEU F 4542 -57.70 43.66 38.00
CA LEU F 4542 -57.44 42.28 37.58
C LEU F 4542 -55.95 41.99 37.52
N ASN F 4543 -55.15 42.94 37.04
CA ASN F 4543 -53.70 42.75 37.02
C ASN F 4543 -53.15 42.62 38.43
N TYR F 4544 -53.62 43.46 39.36
CA TYR F 4544 -53.17 43.35 40.73
C TYR F 4544 -53.51 41.99 41.34
N LEU F 4545 -54.74 41.53 41.10
CA LEU F 4545 -55.14 40.21 41.60
C LEU F 4545 -54.28 39.11 40.98
N SER F 4546 -53.99 39.21 39.68
CA SER F 4546 -53.18 38.20 39.02
C SER F 4546 -51.77 38.14 39.61
N ARG F 4547 -51.18 39.31 39.87
CA ARG F 4547 -49.83 39.31 40.46
C ARG F 4547 -49.84 38.85 41.91
N ASN F 4548 -50.92 39.12 42.66
CA ASN F 4548 -50.95 38.79 44.08
C ASN F 4548 -51.87 37.60 44.38
N PHE F 4549 -52.06 36.71 43.41
CA PHE F 4549 -52.96 35.57 43.60
C PHE F 4549 -52.50 34.66 44.74
N TYR F 4550 -51.22 34.30 44.76
CA TYR F 4550 -50.72 33.35 45.75
C TYR F 4550 -50.79 33.92 47.17
N THR F 4551 -50.45 35.21 47.33
CA THR F 4551 -50.52 35.84 48.63
C THR F 4551 -51.93 35.80 49.18
N LEU F 4552 -52.93 35.93 48.31
CA LEU F 4552 -54.32 35.82 48.76
C LEU F 4552 -54.62 34.42 49.27
N ARG F 4553 -54.07 33.40 48.61
CA ARG F 4553 -54.28 32.02 49.05
C ARG F 4553 -53.68 31.80 50.45
N PHE F 4554 -52.44 32.28 50.65
CA PHE F 4554 -51.81 32.13 51.96
C PHE F 4554 -52.55 32.93 53.02
N LEU F 4555 -53.02 34.13 52.66
CA LEU F 4555 -53.79 34.94 53.60
C LEU F 4555 -55.10 34.24 53.97
N ALA F 4556 -55.75 33.59 53.00
CA ALA F 4556 -56.97 32.84 53.30
C ALA F 4556 -56.68 31.69 54.25
N LEU F 4557 -55.56 30.99 54.04
CA LEU F 4557 -55.20 29.92 54.96
C LEU F 4557 -54.98 30.45 56.38
N PHE F 4558 -54.27 31.57 56.50
CA PHE F 4558 -54.03 32.16 57.81
C PHE F 4558 -55.34 32.63 58.45
N LEU F 4559 -56.24 33.19 57.62
CA LEU F 4559 -57.54 33.63 58.12
C LEU F 4559 -58.34 32.45 58.65
N ALA F 4560 -58.32 31.33 57.93
CA ALA F 4560 -59.02 30.13 58.42
C ALA F 4560 -58.43 29.66 59.74
N PHE F 4561 -57.09 29.66 59.85
CA PHE F 4561 -56.46 29.29 61.11
C PHE F 4561 -56.93 30.19 62.25
N ALA F 4562 -56.93 31.50 62.01
CA ALA F 4562 -57.35 32.44 63.05
C ALA F 4562 -58.81 32.25 63.44
N ILE F 4563 -59.68 32.04 62.44
CA ILE F 4563 -61.10 31.85 62.74
C ILE F 4563 -61.30 30.58 63.57
N ASN F 4564 -60.60 29.49 63.22
CA ASN F 4564 -60.73 28.28 64.02
C ASN F 4564 -60.19 28.48 65.43
N PHE F 4565 -59.09 29.23 65.57
CA PHE F 4565 -58.56 29.51 66.90
C PHE F 4565 -59.57 30.28 67.75
N ILE F 4566 -60.26 31.24 67.15
CA ILE F 4566 -61.31 31.95 67.88
C ILE F 4566 -62.47 31.02 68.21
N LEU F 4567 -62.88 30.18 67.26
CA LEU F 4567 -63.98 29.25 67.49
C LEU F 4567 -63.65 28.22 68.57
N LEU F 4568 -62.37 28.03 68.87
CA LEU F 4568 -61.99 27.12 69.95
C LEU F 4568 -62.61 27.50 71.28
N PHE F 4569 -62.95 28.78 71.47
CA PHE F 4569 -63.45 29.28 72.75
C PHE F 4569 -64.97 29.22 72.86
N TYR F 4570 -65.63 28.42 72.04
CA TYR F 4570 -67.09 28.34 72.10
C TYR F 4570 -67.56 27.53 73.31
N LYS F 4571 -68.81 27.76 73.68
CA LYS F 4571 -69.44 27.05 74.79
C LYS F 4571 -70.94 27.02 74.56
N VAL F 4572 -71.61 26.10 75.24
CA VAL F 4572 -73.06 25.95 75.14
C VAL F 4572 -73.66 25.98 76.53
N SER F 4573 -74.84 26.57 76.65
CA SER F 4573 -75.52 26.64 77.93
C SER F 4573 -77.03 26.61 77.71
N ASP F 4574 -77.77 26.55 78.82
CA ASP F 4574 -79.22 26.64 78.81
C ASP F 4574 -79.72 28.04 79.14
N SER F 4575 -79.05 28.74 80.05
CA SER F 4575 -79.40 30.11 80.37
C SER F 4575 -78.95 31.04 79.25
N PRO F 4576 -79.58 32.21 79.12
CA PRO F 4576 -79.14 33.16 78.12
C PRO F 4576 -77.71 33.58 78.36
N PRO F 4577 -76.94 33.84 77.28
CA PRO F 4577 -75.53 34.24 77.39
C PRO F 4577 -75.35 35.59 78.07
N VAL F 4618 -80.93 25.57 73.22
CA VAL F 4618 -79.67 25.88 73.89
C VAL F 4618 -79.07 27.15 73.30
N TYR F 4619 -77.99 27.64 73.92
CA TYR F 4619 -77.31 28.84 73.49
C TYR F 4619 -75.85 28.52 73.23
N TYR F 4620 -75.38 28.78 72.01
CA TYR F 4620 -73.98 28.65 71.63
C TYR F 4620 -73.36 30.05 71.63
N PHE F 4621 -72.44 30.28 72.56
CA PHE F 4621 -71.84 31.59 72.73
C PHE F 4621 -70.32 31.47 72.83
N LEU F 4622 -69.65 32.54 72.38
CA LEU F 4622 -68.20 32.64 72.48
C LEU F 4622 -67.86 33.20 73.85
N GLU F 4623 -67.41 32.33 74.75
CA GLU F 4623 -67.17 32.70 76.14
C GLU F 4623 -65.68 32.93 76.36
N GLU F 4624 -65.33 34.12 76.82
CA GLU F 4624 -63.95 34.47 77.15
C GLU F 4624 -63.99 35.77 77.95
N SER F 4625 -62.86 36.09 78.59
CA SER F 4625 -62.81 37.25 79.47
C SER F 4625 -62.92 38.54 78.67
N THR F 4626 -61.99 38.78 77.76
CA THR F 4626 -61.99 40.00 76.97
C THR F 4626 -63.18 40.01 76.00
N GLY F 4627 -63.85 41.15 75.92
CA GLY F 4627 -65.02 41.28 75.07
C GLY F 4627 -64.65 41.49 73.61
N TYR F 4628 -65.67 41.89 72.83
CA TYR F 4628 -65.58 42.23 71.41
C TYR F 4628 -64.92 41.15 70.57
N MET F 4629 -64.76 39.95 71.13
CA MET F 4629 -64.16 38.85 70.38
C MET F 4629 -65.10 38.37 69.28
N GLU F 4630 -66.40 38.37 69.53
CA GLU F 4630 -67.38 38.04 68.50
C GLU F 4630 -67.37 39.06 67.36
N PRO F 4631 -67.35 40.38 67.65
CA PRO F 4631 -67.12 41.34 66.55
C PRO F 4631 -65.81 41.10 65.80
N ALA F 4632 -64.74 40.74 66.51
CA ALA F 4632 -63.50 40.42 65.82
C ALA F 4632 -63.67 39.24 64.89
N LEU F 4633 -64.39 38.21 65.34
CA LEU F 4633 -64.64 37.04 64.50
C LEU F 4633 -65.50 37.42 63.30
N TRP F 4634 -66.45 38.33 63.48
CA TRP F 4634 -67.26 38.82 62.37
C TRP F 4634 -66.38 39.50 61.32
N CYS F 4635 -65.48 40.37 61.76
CA CYS F 4635 -64.57 41.03 60.83
C CYS F 4635 -63.67 40.02 60.12
N LEU F 4636 -63.17 39.03 60.86
CA LEU F 4636 -62.34 37.99 60.25
C LEU F 4636 -63.12 37.21 59.19
N SER F 4637 -64.38 36.88 59.47
CA SER F 4637 -65.20 36.16 58.50
C SER F 4637 -65.42 36.99 57.24
N LEU F 4638 -65.74 38.27 57.41
CA LEU F 4638 -65.95 39.13 56.24
C LEU F 4638 -64.67 39.21 55.40
N LEU F 4639 -63.52 39.38 56.06
CA LEU F 4639 -62.26 39.44 55.33
C LEU F 4639 -61.97 38.12 54.63
N HIS F 4640 -62.30 36.99 55.27
CA HIS F 4640 -62.07 35.69 54.67
C HIS F 4640 -62.88 35.53 53.39
N THR F 4641 -64.15 35.91 53.42
CA THR F 4641 -64.97 35.78 52.22
C THR F 4641 -64.55 36.75 51.12
N LEU F 4642 -64.14 37.96 51.49
CA LEU F 4642 -63.62 38.89 50.49
C LEU F 4642 -62.37 38.33 49.84
N VAL F 4643 -61.49 37.72 50.64
CA VAL F 4643 -60.29 37.09 50.09
C VAL F 4643 -60.67 35.91 49.20
N ALA F 4644 -61.73 35.18 49.55
CA ALA F 4644 -62.19 34.10 48.69
C ALA F 4644 -62.63 34.63 47.33
N PHE F 4645 -63.36 35.75 47.32
CA PHE F 4645 -63.70 36.41 46.06
C PHE F 4645 -62.44 36.76 45.26
N LEU F 4646 -61.46 37.35 45.93
CA LEU F 4646 -60.23 37.73 45.23
C LEU F 4646 -59.51 36.52 44.65
N CYS F 4647 -59.46 35.41 45.39
CA CYS F 4647 -58.83 34.21 44.87
C CYS F 4647 -59.58 33.65 43.67
N ILE F 4648 -60.91 33.65 43.72
CA ILE F 4648 -61.69 33.17 42.58
C ILE F 4648 -61.40 34.01 41.34
N ILE F 4649 -61.40 35.34 41.50
CA ILE F 4649 -61.16 36.22 40.35
C ILE F 4649 -59.74 36.03 39.83
N GLY F 4650 -58.77 35.90 40.74
CA GLY F 4650 -57.39 35.71 40.32
C GLY F 4650 -57.19 34.42 39.55
N TYR F 4651 -57.79 33.33 40.02
CA TYR F 4651 -57.71 32.08 39.28
C TYR F 4651 -58.34 32.23 37.90
N ASN F 4652 -59.53 32.83 37.84
CA ASN F 4652 -60.22 32.98 36.56
C ASN F 4652 -59.41 33.82 35.58
N CYS F 4653 -58.70 34.82 36.09
CA CYS F 4653 -57.94 35.71 35.22
C CYS F 4653 -56.52 35.23 34.95
N LEU F 4654 -56.02 34.22 35.66
CA LEU F 4654 -54.64 33.79 35.50
C LEU F 4654 -54.50 32.38 34.92
N LYS F 4655 -55.23 31.41 35.45
CA LYS F 4655 -54.97 30.02 35.10
C LYS F 4655 -55.82 29.50 33.94
N VAL F 4656 -57.06 30.00 33.81
CA VAL F 4656 -57.97 29.48 32.79
C VAL F 4656 -57.43 29.67 31.38
N PRO F 4657 -56.84 30.81 30.99
CA PRO F 4657 -56.39 30.97 29.60
C PRO F 4657 -55.47 29.86 29.11
N LEU F 4658 -54.59 29.32 29.95
CA LEU F 4658 -53.73 28.22 29.52
C LEU F 4658 -54.55 26.99 29.19
N VAL F 4659 -55.56 26.67 30.02
CA VAL F 4659 -56.41 25.52 29.76
C VAL F 4659 -57.18 25.72 28.45
N ILE F 4660 -57.71 26.92 28.23
CA ILE F 4660 -58.43 27.19 26.98
C ILE F 4660 -57.49 27.06 25.80
N PHE F 4661 -56.27 27.58 25.91
CA PHE F 4661 -55.30 27.47 24.83
C PHE F 4661 -54.99 26.01 24.50
N LYS F 4662 -54.78 25.19 25.54
CA LYS F 4662 -54.49 23.78 25.31
C LYS F 4662 -55.66 23.09 24.63
N ARG F 4663 -56.89 23.35 25.08
CA ARG F 4663 -58.05 22.71 24.48
C ARG F 4663 -58.24 23.12 23.02
N GLU F 4664 -58.11 24.41 22.73
CA GLU F 4664 -58.23 24.87 21.34
C GLU F 4664 -57.14 24.28 20.46
N LYS F 4665 -55.91 24.21 20.97
CA LYS F 4665 -54.82 23.61 20.21
C LYS F 4665 -55.10 22.15 19.91
N GLU F 4666 -55.55 21.39 20.91
CA GLU F 4666 -55.85 19.98 20.71
C GLU F 4666 -56.97 19.79 19.69
N LEU F 4667 -58.05 20.58 19.82
CA LEU F 4667 -59.15 20.47 18.87
C LEU F 4667 -58.71 20.80 17.45
N ALA F 4668 -57.91 21.88 17.30
CA ALA F 4668 -57.45 22.26 15.97
C ALA F 4668 -56.58 21.17 15.36
N ARG F 4669 -55.66 20.61 16.15
CA ARG F 4669 -54.82 19.53 15.63
C ARG F 4669 -55.66 18.33 15.21
N LYS F 4670 -56.64 17.95 16.05
CA LYS F 4670 -57.46 16.78 15.74
C LYS F 4670 -58.27 16.99 14.47
N LEU F 4671 -58.91 18.15 14.33
CA LEU F 4671 -59.75 18.37 13.16
C LEU F 4671 -58.97 18.83 11.94
N GLU F 4672 -57.66 19.07 12.07
CA GLU F 4672 -56.83 19.37 10.90
C GLU F 4672 -56.11 18.15 10.36
N PHE F 4673 -55.50 17.34 11.23
CA PHE F 4673 -54.71 16.20 10.79
C PHE F 4673 -55.49 14.89 10.85
N ASP F 4674 -55.98 14.52 12.03
CA ASP F 4674 -56.70 13.26 12.17
C ASP F 4674 -58.13 13.33 11.65
N GLY F 4675 -58.68 14.54 11.51
CA GLY F 4675 -60.06 14.69 11.08
C GLY F 4675 -61.03 14.02 12.03
N LEU F 4676 -61.08 14.52 13.27
CA LEU F 4676 -61.96 13.91 14.26
C LEU F 4676 -63.42 14.03 13.87
N TYR F 4677 -63.79 15.12 13.19
CA TYR F 4677 -65.17 15.35 12.79
C TYR F 4677 -65.40 15.22 11.29
N ILE F 4678 -64.34 15.14 10.50
CA ILE F 4678 -64.43 14.97 9.05
C ILE F 4678 -63.75 13.67 8.69
N THR F 4679 -64.45 12.82 7.93
CA THR F 4679 -64.02 11.46 7.59
C THR F 4679 -63.83 10.59 8.82
N GLU F 4680 -64.39 11.01 9.95
CA GLU F 4680 -64.39 10.25 11.19
C GLU F 4680 -65.39 10.89 12.14
N GLN F 4681 -65.78 10.13 13.17
CA GLN F 4681 -66.76 10.60 14.13
C GLN F 4681 -66.30 10.23 15.54
N PRO F 4682 -66.44 11.15 16.50
CA PRO F 4682 -66.05 10.82 17.88
C PRO F 4682 -66.90 9.69 18.44
N GLY F 4683 -66.28 8.88 19.30
CA GLY F 4683 -66.99 7.77 19.91
C GLY F 4683 -68.01 8.23 20.93
N ASP F 4684 -68.91 7.31 21.26
CA ASP F 4684 -69.96 7.61 22.24
C ASP F 4684 -69.39 7.82 23.63
N ASP F 4685 -68.31 7.11 23.98
CA ASP F 4685 -67.70 7.26 25.29
C ASP F 4685 -66.88 8.54 25.42
N ASP F 4686 -66.57 9.21 24.31
CA ASP F 4686 -65.78 10.44 24.33
C ASP F 4686 -66.70 11.61 24.69
N VAL F 4687 -66.90 11.82 25.99
CA VAL F 4687 -67.72 12.93 26.45
C VAL F 4687 -67.11 14.25 26.04
N LYS F 4688 -65.78 14.37 26.13
CA LYS F 4688 -65.11 15.58 25.67
C LYS F 4688 -65.27 15.75 24.16
N GLY F 4689 -65.24 14.64 23.43
CA GLY F 4689 -65.45 14.72 21.99
C GLY F 4689 -66.83 15.22 21.63
N GLN F 4690 -67.86 14.76 22.35
CA GLN F 4690 -69.21 15.26 22.12
C GLN F 4690 -69.33 16.73 22.53
N TRP F 4691 -68.67 17.12 23.63
CA TRP F 4691 -68.77 18.50 24.10
C TRP F 4691 -68.05 19.47 23.17
N ASP F 4692 -66.96 19.04 22.53
CA ASP F 4692 -66.20 19.92 21.65
C ASP F 4692 -66.92 20.24 20.36
N ARG F 4693 -68.04 19.57 20.07
CA ARG F 4693 -68.79 19.82 18.84
C ARG F 4693 -69.42 21.20 18.77
N LEU F 4694 -69.48 21.93 19.89
CA LEU F 4694 -70.20 23.19 19.92
C LEU F 4694 -69.44 24.29 19.19
N VAL F 4695 -68.13 24.36 19.37
CA VAL F 4695 -67.33 25.47 18.85
C VAL F 4695 -66.91 25.25 17.41
N LEU F 4696 -67.44 24.19 16.78
CA LEU F 4696 -67.12 23.94 15.38
C LEU F 4696 -67.65 25.07 14.49
N ASN F 4697 -68.87 25.54 14.77
CA ASN F 4697 -69.52 26.56 13.95
C ASN F 4697 -69.41 27.96 14.53
N THR F 4698 -68.96 28.10 15.78
CA THR F 4698 -68.87 29.42 16.40
C THR F 4698 -67.81 30.26 15.70
N PRO F 4699 -68.08 31.55 15.47
CA PRO F 4699 -67.07 32.40 14.80
C PRO F 4699 -65.79 32.56 15.59
N SER F 4700 -65.85 32.46 16.92
CA SER F 4700 -64.68 32.66 17.77
C SER F 4700 -63.99 31.36 18.16
N PHE F 4701 -63.93 30.40 17.25
CA PHE F 4701 -63.32 29.12 17.55
C PHE F 4701 -61.80 29.16 17.81
N PRO F 4702 -61.05 29.94 17.02
CA PRO F 4702 -59.59 29.87 17.23
C PRO F 4702 -59.03 30.86 18.24
N SER F 4703 -59.85 31.33 19.18
CA SER F 4703 -59.36 32.26 20.21
C SER F 4703 -58.34 31.59 21.12
N ASN F 4704 -57.45 32.37 21.71
CA ASN F 4704 -56.39 31.83 22.58
C ASN F 4704 -55.60 30.76 21.87
N TYR F 4705 -55.16 31.04 20.65
CA TYR F 4705 -54.36 30.09 19.88
C TYR F 4705 -53.75 30.85 18.74
N TRP F 4706 -52.48 30.61 18.45
CA TRP F 4706 -51.81 31.40 17.42
C TRP F 4706 -52.46 31.38 16.06
N ASP F 4707 -52.90 30.22 15.59
CA ASP F 4707 -53.45 30.14 14.24
C ASP F 4707 -54.92 30.47 14.17
N LYS F 4708 -55.25 31.59 13.53
CA LYS F 4708 -56.64 31.95 13.37
C LYS F 4708 -57.10 31.56 11.99
N PHE F 4709 -56.23 30.94 11.22
CA PHE F 4709 -56.56 30.55 9.85
C PHE F 4709 -56.67 29.05 9.71
N VAL F 4710 -57.00 28.36 10.80
CA VAL F 4710 -57.14 26.92 10.76
C VAL F 4710 -58.34 26.53 9.90
N LYS F 4711 -59.51 27.01 10.26
CA LYS F 4711 -60.73 26.68 9.53
C LYS F 4711 -60.48 26.69 8.02
N ARG F 4712 -59.78 27.71 7.53
CA ARG F 4712 -59.45 27.76 6.11
C ARG F 4712 -58.56 26.60 5.70
N LYS F 4713 -57.58 26.25 6.54
CA LYS F 4713 -56.70 25.14 6.22
C LYS F 4713 -57.45 23.82 6.15
N VAL F 4714 -58.36 23.58 7.10
CA VAL F 4714 -59.16 22.36 7.06
C VAL F 4714 -60.09 22.35 5.86
N LEU F 4715 -60.63 23.52 5.50
CA LEU F 4715 -61.45 23.60 4.28
C LEU F 4715 -60.63 23.22 3.05
N ASP F 4716 -59.44 23.77 2.92
CA ASP F 4716 -58.59 23.46 1.76
C ASP F 4716 -58.08 22.03 1.80
N LYS F 4717 -58.04 21.40 2.97
CA LYS F 4717 -57.52 20.04 3.08
C LYS F 4717 -58.59 18.99 2.80
N HIS F 4718 -59.79 19.15 3.35
CA HIS F 4718 -60.84 18.15 3.23
C HIS F 4718 -62.04 18.63 2.41
N GLY F 4719 -61.85 19.68 1.60
CA GLY F 4719 -62.97 20.17 0.80
C GLY F 4719 -63.37 19.21 -0.30
N ASP F 4720 -62.40 18.59 -0.97
CA ASP F 4720 -62.71 17.75 -2.13
C ASP F 4720 -63.44 16.47 -1.72
N ILE F 4721 -63.03 15.85 -0.62
CA ILE F 4721 -63.59 14.55 -0.23
C ILE F 4721 -64.95 14.74 0.43
N PHE F 4722 -64.98 15.47 1.56
CA PHE F 4722 -66.22 15.60 2.32
C PHE F 4722 -67.21 16.54 1.66
N GLY F 4723 -66.76 17.42 0.76
CA GLY F 4723 -67.63 18.39 0.15
C GLY F 4723 -67.41 19.78 0.71
N ARG F 4724 -67.16 20.75 -0.17
CA ARG F 4724 -66.88 22.11 0.28
C ARG F 4724 -68.07 22.70 1.03
N GLU F 4725 -69.29 22.49 0.53
CA GLU F 4725 -70.47 23.01 1.22
C GLU F 4725 -70.65 22.34 2.57
N ARG F 4726 -70.42 21.04 2.66
CA ARG F 4726 -70.54 20.34 3.93
C ARG F 4726 -69.52 20.85 4.94
N ILE F 4727 -68.28 21.07 4.50
CA ILE F 4727 -67.26 21.62 5.38
C ILE F 4727 -67.64 23.02 5.85
N ALA F 4728 -68.18 23.83 4.93
CA ALA F 4728 -68.58 25.18 5.29
C ALA F 4728 -69.70 25.16 6.32
N GLU F 4729 -70.70 24.29 6.14
CA GLU F 4729 -71.77 24.18 7.13
C GLU F 4729 -71.25 23.69 8.47
N LEU F 4730 -70.34 22.72 8.46
CA LEU F 4730 -69.82 22.18 9.71
C LEU F 4730 -69.00 23.22 10.47
N LEU F 4731 -68.18 24.00 9.76
CA LEU F 4731 -67.29 24.96 10.40
C LEU F 4731 -67.90 26.34 10.56
N GLY F 4732 -69.11 26.57 10.05
CA GLY F 4732 -69.74 27.86 10.18
C GLY F 4732 -69.03 28.98 9.44
N MET F 4733 -68.60 28.74 8.21
CA MET F 4733 -67.91 29.73 7.40
C MET F 4733 -68.76 30.13 6.20
N ASP F 4734 -68.40 31.26 5.60
CA ASP F 4734 -69.06 31.76 4.40
C ASP F 4734 -68.02 31.85 3.28
N LEU F 4735 -68.25 31.11 2.20
CA LEU F 4735 -67.27 31.05 1.12
C LEU F 4735 -67.09 32.40 0.45
N ALA F 4736 -68.21 33.05 0.10
CA ALA F 4736 -68.12 34.36 -0.55
C ALA F 4736 -67.49 35.39 0.38
N SER F 4737 -67.84 35.36 1.66
CA SER F 4737 -67.26 36.32 2.61
C SER F 4737 -65.76 36.13 2.73
N LEU F 4738 -65.30 34.88 2.88
CA LEU F 4738 -63.86 34.66 3.00
C LEU F 4738 -63.15 35.02 1.71
N GLU F 4739 -63.79 34.78 0.56
CA GLU F 4739 -63.16 35.12 -0.72
C GLU F 4739 -63.00 36.63 -0.87
N ILE F 4740 -64.05 37.39 -0.54
CA ILE F 4740 -63.96 38.84 -0.67
C ILE F 4740 -63.01 39.43 0.37
N THR F 4741 -62.91 38.82 1.55
CA THR F 4741 -61.91 39.28 2.50
C THR F 4741 -60.49 38.95 2.03
N ALA F 4742 -60.32 37.83 1.34
CA ALA F 4742 -59.02 37.51 0.75
C ALA F 4742 -58.63 38.55 -0.29
N HIS F 4743 -59.57 38.96 -1.14
CA HIS F 4743 -59.29 40.06 -2.06
C HIS F 4743 -59.00 41.37 -1.34
N ASN F 4744 -59.99 41.93 -0.64
CA ASN F 4744 -59.81 43.22 0.01
C ASN F 4744 -60.88 43.40 1.08
N GLU F 4745 -60.47 43.97 2.21
CA GLU F 4745 -61.36 44.18 3.34
C GLU F 4745 -61.19 45.59 3.88
N ARG F 4746 -62.25 46.09 4.53
CA ARG F 4746 -62.24 47.40 5.15
C ARG F 4746 -61.97 47.28 6.64
N LYS F 4747 -61.80 48.44 7.28
CA LYS F 4747 -61.46 48.48 8.70
C LYS F 4747 -62.68 48.89 9.51
N PRO F 4748 -63.08 48.10 10.51
CA PRO F 4748 -64.23 48.44 11.34
C PRO F 4748 -63.85 49.49 12.37
N ASP F 4749 -64.85 49.85 13.23
CA ASP F 4749 -64.64 50.85 14.25
C ASP F 4749 -64.49 50.20 15.63
N PRO F 4750 -63.68 50.79 16.51
CA PRO F 4750 -63.50 50.22 17.84
C PRO F 4750 -64.78 50.33 18.65
N PRO F 4751 -65.02 49.41 19.58
CA PRO F 4751 -66.22 49.49 20.43
C PRO F 4751 -66.18 50.71 21.33
N PRO F 4752 -67.15 51.60 21.22
CA PRO F 4752 -67.15 52.81 22.05
C PRO F 4752 -67.53 52.57 23.51
N GLY F 4753 -68.54 51.73 23.75
CA GLY F 4753 -69.10 51.59 25.07
C GLY F 4753 -69.29 50.13 25.47
N LEU F 4754 -70.23 49.92 26.38
CA LEU F 4754 -70.49 48.62 26.98
C LEU F 4754 -71.54 47.81 26.23
N LEU F 4755 -72.53 48.49 25.65
CA LEU F 4755 -73.57 47.79 24.90
C LEU F 4755 -72.98 47.06 23.70
N THR F 4756 -71.98 47.66 23.04
CA THR F 4756 -71.32 46.99 21.93
C THR F 4756 -70.65 45.71 22.37
N TRP F 4757 -69.98 45.72 23.52
CA TRP F 4757 -69.39 44.49 24.03
C TRP F 4757 -70.49 43.47 24.34
N LEU F 4758 -71.61 43.95 24.89
CA LEU F 4758 -72.71 43.05 25.21
C LEU F 4758 -73.24 42.34 23.97
N MET F 4759 -73.44 43.09 22.87
CA MET F 4759 -73.86 42.45 21.63
C MET F 4759 -72.74 41.64 20.98
N SER F 4760 -71.48 41.89 21.32
CA SER F 4760 -70.38 41.13 20.75
C SER F 4760 -70.12 39.81 21.47
N ILE F 4761 -71.09 39.30 22.23
CA ILE F 4761 -70.93 38.05 22.97
C ILE F 4761 -71.45 36.90 22.12
N ASP F 4762 -70.61 35.88 21.92
CA ASP F 4762 -71.00 34.69 21.18
C ASP F 4762 -71.47 33.64 22.18
N VAL F 4763 -72.78 33.41 22.20
CA VAL F 4763 -73.39 32.64 23.28
C VAL F 4763 -72.88 31.20 23.29
N LYS F 4764 -72.84 30.56 22.12
CA LYS F 4764 -72.43 29.17 22.07
C LYS F 4764 -70.96 28.99 22.47
N TYR F 4765 -70.10 29.90 22.01
CA TYR F 4765 -68.70 29.84 22.40
C TYR F 4765 -68.53 30.05 23.89
N GLN F 4766 -69.29 30.97 24.47
CA GLN F 4766 -69.22 31.19 25.91
C GLN F 4766 -69.72 29.97 26.69
N ILE F 4767 -70.77 29.31 26.19
CA ILE F 4767 -71.27 28.10 26.85
C ILE F 4767 -70.21 27.00 26.81
N TRP F 4768 -69.55 26.83 25.66
CA TRP F 4768 -68.49 25.83 25.58
C TRP F 4768 -67.33 26.18 26.50
N LYS F 4769 -66.99 27.48 26.60
CA LYS F 4769 -65.93 27.91 27.49
C LYS F 4769 -66.28 27.60 28.95
N PHE F 4770 -67.54 27.84 29.33
CA PHE F 4770 -67.97 27.48 30.68
C PHE F 4770 -67.89 25.97 30.88
N GLY F 4771 -68.30 25.20 29.88
CA GLY F 4771 -68.23 23.75 30.00
C GLY F 4771 -66.82 23.25 30.22
N VAL F 4772 -65.84 23.83 29.51
CA VAL F 4772 -64.46 23.37 29.69
C VAL F 4772 -63.89 23.88 31.01
N ILE F 4773 -64.20 25.11 31.41
CA ILE F 4773 -63.58 25.65 32.61
C ILE F 4773 -64.13 24.96 33.86
N PHE F 4774 -65.42 24.67 33.89
CA PHE F 4774 -66.01 24.06 35.07
C PHE F 4774 -65.56 22.61 35.29
N THR F 4775 -64.89 22.00 34.31
CA THR F 4775 -64.35 20.66 34.50
C THR F 4775 -62.99 20.66 35.19
N ASP F 4776 -62.37 21.83 35.38
CA ASP F 4776 -61.07 21.90 36.04
C ASP F 4776 -61.22 21.56 37.52
N ASN F 4777 -60.33 20.73 38.04
CA ASN F 4777 -60.41 20.31 39.43
C ASN F 4777 -60.13 21.47 40.38
N SER F 4778 -59.14 22.30 40.07
CA SER F 4778 -58.79 23.42 40.95
C SER F 4778 -59.92 24.43 41.03
N PHE F 4779 -60.58 24.70 39.89
CA PHE F 4779 -61.71 25.63 39.91
C PHE F 4779 -62.85 25.09 40.77
N LEU F 4780 -63.12 23.79 40.67
CA LEU F 4780 -64.14 23.19 41.52
C LEU F 4780 -63.77 23.26 43.00
N TYR F 4781 -62.48 23.05 43.30
CA TYR F 4781 -62.04 23.17 44.69
C TYR F 4781 -62.22 24.58 45.21
N LEU F 4782 -61.88 25.58 44.39
CA LEU F 4782 -62.05 26.98 44.81
C LEU F 4782 -63.52 27.31 44.99
N GLY F 4783 -64.39 26.79 44.11
CA GLY F 4783 -65.81 26.98 44.29
C GLY F 4783 -66.33 26.33 45.56
N TRP F 4784 -65.81 25.14 45.90
CA TRP F 4784 -66.17 24.49 47.15
C TRP F 4784 -65.72 25.32 48.34
N TYR F 4785 -64.52 25.90 48.26
CA TYR F 4785 -64.05 26.80 49.32
C TYR F 4785 -65.00 27.97 49.50
N MET F 4786 -65.41 28.59 48.39
CA MET F 4786 -66.31 29.73 48.48
C MET F 4786 -67.67 29.34 49.05
N VAL F 4787 -68.21 28.20 48.61
CA VAL F 4787 -69.50 27.74 49.12
C VAL F 4787 -69.40 27.44 50.61
N MET F 4788 -68.26 26.88 51.05
CA MET F 4788 -68.04 26.62 52.46
C MET F 4788 -68.00 27.92 53.25
N SER F 4789 -67.37 28.96 52.70
CA SER F 4789 -67.36 30.26 53.37
C SER F 4789 -68.76 30.84 53.47
N LEU F 4790 -69.54 30.72 52.39
CA LEU F 4790 -70.92 31.24 52.41
C LEU F 4790 -71.76 30.49 53.45
N LEU F 4791 -71.58 29.17 53.55
CA LEU F 4791 -72.28 28.42 54.58
C LEU F 4791 -71.76 28.74 55.97
N GLY F 4792 -70.48 29.09 56.08
CA GLY F 4792 -69.94 29.54 57.35
C GLY F 4792 -70.56 30.82 57.83
N HIS F 4793 -70.93 31.70 56.89
CA HIS F 4793 -71.75 32.86 57.26
C HIS F 4793 -73.03 32.44 57.96
N TYR F 4794 -73.69 31.39 57.46
CA TYR F 4794 -74.92 30.92 58.09
C TYR F 4794 -74.63 30.30 59.46
N ASN F 4795 -73.64 29.39 59.52
CA ASN F 4795 -73.24 28.75 60.76
C ASN F 4795 -71.73 28.84 60.89
N ASN F 4796 -71.26 29.38 62.01
CA ASN F 4796 -69.85 29.73 62.15
C ASN F 4796 -68.95 28.50 62.13
N PHE F 4797 -69.46 27.33 62.51
CA PHE F 4797 -68.63 26.13 62.57
C PHE F 4797 -68.28 25.57 61.21
N PHE F 4798 -68.93 26.03 60.14
CA PHE F 4798 -68.60 25.53 58.81
C PHE F 4798 -67.21 25.97 58.35
N PHE F 4799 -66.62 26.97 59.01
CA PHE F 4799 -65.29 27.43 58.64
C PHE F 4799 -64.20 26.43 59.01
N ALA F 4800 -64.50 25.43 59.84
CA ALA F 4800 -63.52 24.42 60.18
C ALA F 4800 -63.14 23.56 58.98
N ALA F 4801 -63.99 23.49 57.97
CA ALA F 4801 -63.65 22.74 56.76
C ALA F 4801 -62.47 23.34 56.01
N HIS F 4802 -62.21 24.63 56.19
CA HIS F 4802 -61.07 25.27 55.53
C HIS F 4802 -59.73 24.86 56.13
N LEU F 4803 -59.72 24.18 57.28
CA LEU F 4803 -58.46 23.70 57.83
C LEU F 4803 -57.83 22.61 56.97
N LEU F 4804 -58.61 21.90 56.17
CA LEU F 4804 -58.07 20.91 55.25
C LEU F 4804 -57.32 21.54 54.09
N ASP F 4805 -57.39 22.87 53.93
CA ASP F 4805 -56.67 23.54 52.85
C ASP F 4805 -55.16 23.40 52.99
N ILE F 4806 -54.66 23.08 54.19
CA ILE F 4806 -53.23 22.88 54.37
C ILE F 4806 -52.76 21.70 53.53
N ALA F 4807 -53.62 20.70 53.34
CA ALA F 4807 -53.24 19.51 52.58
C ALA F 4807 -52.87 19.86 51.15
N MET F 4808 -53.57 20.83 50.56
CA MET F 4808 -53.28 21.29 49.21
C MET F 4808 -52.36 22.51 49.17
N GLY F 4809 -52.15 23.17 50.30
CA GLY F 4809 -51.24 24.30 50.35
C GLY F 4809 -49.79 23.89 50.56
N VAL F 4810 -49.53 23.12 51.61
CA VAL F 4810 -48.18 22.67 51.93
C VAL F 4810 -47.81 21.52 51.00
N LYS F 4811 -46.62 21.59 50.41
CA LYS F 4811 -46.23 20.63 49.39
C LYS F 4811 -46.04 19.23 49.97
N THR F 4812 -45.42 19.14 51.15
CA THR F 4812 -45.18 17.81 51.71
C THR F 4812 -46.47 17.15 52.16
N LEU F 4813 -47.47 17.94 52.56
CA LEU F 4813 -48.81 17.41 52.72
C LEU F 4813 -49.26 16.72 51.45
N ARG F 4814 -49.04 17.37 50.30
CA ARG F 4814 -49.41 16.77 49.02
C ARG F 4814 -48.60 15.50 48.76
N THR F 4815 -47.33 15.47 49.15
CA THR F 4815 -46.51 14.28 48.94
C THR F 4815 -47.04 13.10 49.76
N ILE F 4816 -47.30 13.32 51.04
CA ILE F 4816 -47.76 12.23 51.90
C ILE F 4816 -49.15 11.77 51.49
N LEU F 4817 -50.02 12.71 51.11
CA LEU F 4817 -51.34 12.29 50.64
C LEU F 4817 -51.30 11.66 49.25
N SER F 4818 -50.29 11.98 48.44
CA SER F 4818 -50.07 11.22 47.21
C SER F 4818 -49.66 9.80 47.52
N SER F 4819 -48.84 9.61 48.55
CA SER F 4819 -48.54 8.28 49.03
C SER F 4819 -49.81 7.56 49.47
N VAL F 4820 -50.69 8.27 50.18
CA VAL F 4820 -51.92 7.65 50.68
C VAL F 4820 -52.85 7.28 49.53
N THR F 4821 -53.04 8.19 48.58
CA THR F 4821 -54.01 8.03 47.50
C THR F 4821 -53.46 7.31 46.28
N HIS F 4822 -52.18 6.92 46.31
CA HIS F 4822 -51.63 6.16 45.18
C HIS F 4822 -52.28 4.79 45.05
N ASN F 4823 -52.83 4.25 46.14
CA ASN F 4823 -53.50 2.95 46.16
C ASN F 4823 -54.88 3.07 46.79
N GLY F 4824 -55.60 4.15 46.46
CA GLY F 4824 -56.93 4.34 47.03
C GLY F 4824 -57.91 3.27 46.58
N LYS F 4825 -57.86 2.89 45.31
CA LYS F 4825 -58.68 1.78 44.84
C LYS F 4825 -58.32 0.49 45.57
N GLN F 4826 -57.03 0.27 45.79
CA GLN F 4826 -56.59 -0.90 46.54
C GLN F 4826 -57.19 -0.90 47.95
N LEU F 4827 -57.18 0.25 48.60
CA LEU F 4827 -57.69 0.33 49.98
C LEU F 4827 -59.19 0.12 50.03
N VAL F 4828 -59.94 0.74 49.12
CA VAL F 4828 -61.39 0.58 49.16
C VAL F 4828 -61.78 -0.85 48.80
N MET F 4829 -61.06 -1.47 47.86
CA MET F 4829 -61.36 -2.86 47.53
C MET F 4829 -60.99 -3.79 48.68
N THR F 4830 -59.93 -3.47 49.42
CA THR F 4830 -59.58 -4.26 50.60
C THR F 4830 -60.67 -4.16 51.66
N VAL F 4831 -61.19 -2.95 51.91
CA VAL F 4831 -62.23 -2.84 52.93
C VAL F 4831 -63.52 -3.50 52.45
N GLY F 4832 -63.78 -3.51 51.14
CA GLY F 4832 -64.91 -4.27 50.63
C GLY F 4832 -64.76 -5.77 50.86
N LEU F 4833 -63.54 -6.29 50.63
CA LEU F 4833 -63.28 -7.70 50.93
C LEU F 4833 -63.45 -7.99 52.41
N LEU F 4834 -63.03 -7.04 53.27
CA LEU F 4834 -63.26 -7.16 54.69
C LEU F 4834 -64.75 -7.26 55.00
N ALA F 4835 -65.55 -6.42 54.34
CA ALA F 4835 -67.00 -6.49 54.50
C ALA F 4835 -67.53 -7.88 54.11
N VAL F 4836 -67.03 -8.42 53.00
CA VAL F 4836 -67.50 -9.72 52.53
C VAL F 4836 -67.20 -10.81 53.55
N VAL F 4837 -65.95 -10.87 54.03
CA VAL F 4837 -65.58 -11.94 54.95
C VAL F 4837 -66.32 -11.77 56.27
N VAL F 4838 -66.45 -10.53 56.76
CA VAL F 4838 -67.21 -10.30 57.99
C VAL F 4838 -68.66 -10.76 57.80
N TYR F 4839 -69.22 -10.52 56.61
CA TYR F 4839 -70.57 -10.98 56.31
C TYR F 4839 -70.66 -12.50 56.42
N LEU F 4840 -69.69 -13.21 55.87
CA LEU F 4840 -69.72 -14.68 55.97
C LEU F 4840 -69.66 -15.14 57.43
N TYR F 4841 -68.80 -14.50 58.23
CA TYR F 4841 -68.77 -14.83 59.65
C TYR F 4841 -70.11 -14.53 60.33
N THR F 4842 -70.79 -13.46 59.91
CA THR F 4842 -72.11 -13.19 60.46
C THR F 4842 -73.10 -14.29 60.11
N VAL F 4843 -73.05 -14.79 58.86
CA VAL F 4843 -73.97 -15.86 58.48
C VAL F 4843 -73.74 -17.08 59.34
N VAL F 4844 -72.48 -17.49 59.50
CA VAL F 4844 -72.23 -18.71 60.27
C VAL F 4844 -72.58 -18.52 61.74
N ALA F 4845 -72.24 -17.35 62.31
CA ALA F 4845 -72.57 -17.09 63.71
C ALA F 4845 -74.07 -17.04 63.93
N PHE F 4846 -74.82 -16.47 62.99
CA PHE F 4846 -76.28 -16.48 63.10
C PHE F 4846 -76.83 -17.89 63.04
N ASN F 4847 -76.28 -18.71 62.12
CA ASN F 4847 -76.79 -20.07 61.97
C ASN F 4847 -76.55 -20.90 63.23
N PHE F 4848 -75.38 -20.75 63.87
CA PHE F 4848 -75.06 -21.66 64.97
C PHE F 4848 -74.77 -20.97 66.29
N PHE F 4849 -74.09 -19.82 66.30
CA PHE F 4849 -73.59 -19.22 67.53
C PHE F 4849 -74.54 -18.16 68.10
N ARG F 4850 -75.85 -18.32 67.91
CA ARG F 4850 -76.79 -17.28 68.32
C ARG F 4850 -76.84 -17.07 69.83
N LYS F 4851 -76.70 -18.14 70.60
CA LYS F 4851 -76.92 -18.05 72.05
C LYS F 4851 -75.90 -17.14 72.71
N PHE F 4852 -74.65 -17.21 72.28
CA PHE F 4852 -73.54 -16.56 72.99
C PHE F 4852 -73.46 -15.06 72.75
N TYR F 4853 -74.29 -14.49 71.86
CA TYR F 4853 -74.24 -13.06 71.55
C TYR F 4853 -75.13 -12.21 72.46
N ASN F 4854 -75.42 -12.69 73.67
CA ASN F 4854 -76.20 -11.90 74.61
C ASN F 4854 -75.32 -10.79 75.19
N LYS F 4855 -75.68 -9.54 74.94
CA LYS F 4855 -74.93 -8.38 75.38
C LYS F 4855 -75.70 -7.57 76.42
N SER F 4856 -76.41 -8.25 77.31
CA SER F 4856 -77.16 -7.59 78.37
C SER F 4856 -76.75 -8.19 79.71
N GLU F 4857 -76.47 -7.34 80.69
CA GLU F 4857 -76.08 -7.82 82.00
C GLU F 4857 -77.28 -8.39 82.77
N ASP F 4858 -78.49 -7.93 82.46
CA ASP F 4858 -79.69 -8.45 83.09
C ASP F 4858 -80.14 -9.73 82.38
N GLU F 4859 -80.17 -10.83 83.12
CA GLU F 4859 -80.62 -12.10 82.55
C GLU F 4859 -82.09 -12.04 82.16
N ASP F 4860 -82.92 -11.40 82.99
CA ASP F 4860 -84.34 -11.30 82.70
C ASP F 4860 -84.64 -10.42 81.50
N GLU F 4861 -83.68 -9.60 81.06
CA GLU F 4861 -83.84 -8.72 79.91
C GLU F 4861 -82.68 -8.93 78.95
N PRO F 4862 -82.65 -10.06 78.26
CA PRO F 4862 -81.53 -10.32 77.34
C PRO F 4862 -81.63 -9.45 76.09
N ASP F 4863 -80.47 -8.97 75.64
CA ASP F 4863 -80.36 -8.13 74.45
C ASP F 4863 -79.39 -8.81 73.49
N MET F 4864 -79.91 -9.71 72.67
CA MET F 4864 -79.09 -10.39 71.68
C MET F 4864 -78.84 -9.48 70.49
N LYS F 4865 -77.66 -9.62 69.89
CA LYS F 4865 -77.27 -8.82 68.74
C LYS F 4865 -77.07 -9.66 67.48
N CYS F 4866 -77.55 -10.90 67.48
CA CYS F 4866 -77.45 -11.75 66.29
C CYS F 4866 -78.75 -12.52 66.05
N ASP F 4867 -79.86 -12.06 66.60
CA ASP F 4867 -81.14 -12.71 66.34
C ASP F 4867 -81.54 -12.59 64.88
N ASP F 4868 -81.29 -11.44 64.27
CA ASP F 4868 -81.56 -11.24 62.85
C ASP F 4868 -80.26 -10.91 62.12
N MET F 4869 -80.27 -11.16 60.82
CA MET F 4869 -79.06 -11.03 60.01
C MET F 4869 -78.55 -9.60 59.99
N MET F 4870 -79.47 -8.63 59.89
CA MET F 4870 -79.06 -7.22 59.85
C MET F 4870 -78.30 -6.83 61.11
N THR F 4871 -78.89 -7.11 62.28
CA THR F 4871 -78.22 -6.71 63.51
C THR F 4871 -76.95 -7.50 63.74
N CYS F 4872 -76.91 -8.77 63.31
CA CYS F 4872 -75.67 -9.53 63.48
C CYS F 4872 -74.55 -8.96 62.62
N TYR F 4873 -74.85 -8.63 61.36
CA TYR F 4873 -73.84 -8.04 60.49
C TYR F 4873 -73.39 -6.69 61.02
N LEU F 4874 -74.33 -5.87 61.48
CA LEU F 4874 -73.98 -4.57 62.05
C LEU F 4874 -73.11 -4.73 63.28
N PHE F 4875 -73.45 -5.69 64.15
CA PHE F 4875 -72.66 -5.93 65.35
C PHE F 4875 -71.23 -6.32 64.99
N HIS F 4876 -71.08 -7.27 64.07
CA HIS F 4876 -69.74 -7.69 63.66
C HIS F 4876 -68.95 -6.52 63.09
N MET F 4877 -69.52 -5.83 62.09
CA MET F 4877 -68.85 -4.68 61.48
C MET F 4877 -68.43 -3.65 62.52
N TYR F 4878 -69.35 -3.27 63.41
CA TYR F 4878 -69.08 -2.15 64.29
C TYR F 4878 -68.10 -2.52 65.39
N VAL F 4879 -68.21 -3.72 65.97
CA VAL F 4879 -67.49 -4.05 67.19
C VAL F 4879 -66.29 -4.96 66.92
N GLY F 4880 -66.49 -6.04 66.17
CA GLY F 4880 -65.43 -7.04 66.06
C GLY F 4880 -64.22 -6.53 65.32
N VAL F 4881 -64.43 -5.74 64.25
CA VAL F 4881 -63.31 -5.21 63.48
C VAL F 4881 -62.53 -4.19 64.31
N ARG F 4882 -63.23 -3.29 65.00
CA ARG F 4882 -62.53 -2.27 65.79
C ARG F 4882 -61.79 -2.88 66.96
N ALA F 4883 -62.45 -3.76 67.71
CA ALA F 4883 -61.84 -4.33 68.91
C ALA F 4883 -60.81 -5.39 68.54
N GLY F 4884 -59.65 -5.33 69.19
CA GLY F 4884 -58.62 -6.31 68.94
C GLY F 4884 -58.97 -7.68 69.52
N GLY F 4885 -58.28 -8.69 69.02
CA GLY F 4885 -58.52 -10.05 69.47
C GLY F 4885 -59.68 -10.75 68.79
N GLY F 4886 -60.23 -10.16 67.74
CA GLY F 4886 -61.34 -10.78 67.03
C GLY F 4886 -62.68 -10.46 67.65
N ILE F 4887 -63.70 -11.13 67.12
CA ILE F 4887 -65.07 -10.91 67.58
C ILE F 4887 -65.29 -11.62 68.92
N GLY F 4888 -64.54 -12.68 69.19
CA GLY F 4888 -64.79 -13.54 70.34
C GLY F 4888 -64.65 -12.85 71.69
N ASP F 4889 -63.96 -11.71 71.75
CA ASP F 4889 -63.80 -11.02 73.02
C ASP F 4889 -65.13 -10.55 73.58
N GLU F 4890 -66.00 -9.99 72.73
CA GLU F 4890 -67.30 -9.54 73.19
C GLU F 4890 -68.25 -10.72 73.45
N ILE F 4891 -68.10 -11.81 72.69
CA ILE F 4891 -68.99 -12.95 72.86
C ILE F 4891 -68.76 -13.60 74.22
N GLU F 4892 -69.76 -14.36 74.67
CA GLU F 4892 -69.67 -15.03 75.95
C GLU F 4892 -68.59 -16.11 75.92
N ASP F 4893 -68.32 -16.68 77.08
CA ASP F 4893 -67.26 -17.67 77.22
C ASP F 4893 -67.66 -18.97 76.53
N PRO F 4894 -66.89 -19.43 75.53
CA PRO F 4894 -67.24 -20.71 74.88
C PRO F 4894 -67.13 -21.92 75.80
N ALA F 4895 -66.35 -21.83 76.87
CA ALA F 4895 -66.16 -22.97 77.75
C ALA F 4895 -67.46 -23.32 78.48
N GLY F 4896 -67.64 -24.61 78.71
CA GLY F 4896 -68.84 -25.10 79.37
C GLY F 4896 -69.98 -25.51 78.46
N ASP F 4897 -69.74 -25.62 77.16
CA ASP F 4897 -70.76 -26.00 76.19
C ASP F 4897 -70.19 -27.07 75.26
N GLU F 4898 -71.06 -27.59 74.40
CA GLU F 4898 -70.65 -28.61 73.44
C GLU F 4898 -69.97 -28.02 72.21
N TYR F 4899 -70.07 -26.72 72.00
CA TYR F 4899 -69.45 -26.05 70.86
C TYR F 4899 -68.15 -25.34 71.22
N GLU F 4900 -67.43 -25.85 72.23
CA GLU F 4900 -66.21 -25.18 72.67
C GLU F 4900 -65.16 -25.14 71.56
N LEU F 4901 -64.88 -26.29 70.96
CA LEU F 4901 -63.87 -26.35 69.90
C LEU F 4901 -64.31 -25.54 68.68
N TYR F 4902 -65.59 -25.62 68.32
CA TYR F 4902 -66.09 -24.88 67.17
C TYR F 4902 -65.97 -23.37 67.39
N ARG F 4903 -66.32 -22.89 68.59
CA ARG F 4903 -66.20 -21.48 68.88
C ARG F 4903 -64.74 -21.04 68.94
N VAL F 4904 -63.86 -21.90 69.46
CA VAL F 4904 -62.44 -21.58 69.48
C VAL F 4904 -61.91 -21.42 68.06
N VAL F 4905 -62.26 -22.36 67.17
CA VAL F 4905 -61.83 -22.26 65.78
C VAL F 4905 -62.40 -21.01 65.14
N PHE F 4906 -63.68 -20.71 65.40
CA PHE F 4906 -64.31 -19.52 64.85
C PHE F 4906 -63.55 -18.26 65.27
N ASP F 4907 -63.27 -18.11 66.56
CA ASP F 4907 -62.60 -16.92 67.05
C ASP F 4907 -61.17 -16.82 66.52
N ILE F 4908 -60.44 -17.94 66.49
CA ILE F 4908 -59.07 -17.92 66.00
C ILE F 4908 -59.02 -17.55 64.53
N THR F 4909 -59.91 -18.14 63.72
CA THR F 4909 -59.95 -17.80 62.31
C THR F 4909 -60.31 -16.34 62.09
N PHE F 4910 -61.28 -15.82 62.85
CA PHE F 4910 -61.63 -14.41 62.73
C PHE F 4910 -60.44 -13.53 63.07
N PHE F 4911 -59.75 -13.83 64.17
CA PHE F 4911 -58.61 -13.03 64.60
C PHE F 4911 -57.50 -13.04 63.56
N PHE F 4912 -57.20 -14.21 62.99
CA PHE F 4912 -56.10 -14.30 62.04
C PHE F 4912 -56.44 -13.73 60.67
N PHE F 4913 -57.69 -13.88 60.21
CA PHE F 4913 -58.02 -13.47 58.86
C PHE F 4913 -58.51 -12.03 58.76
N VAL F 4914 -59.21 -11.52 59.77
CA VAL F 4914 -59.76 -10.18 59.72
C VAL F 4914 -58.85 -9.17 60.40
N ILE F 4915 -58.45 -9.45 61.64
CA ILE F 4915 -57.65 -8.48 62.41
C ILE F 4915 -56.24 -8.37 61.86
N VAL F 4916 -55.63 -9.49 61.48
CA VAL F 4916 -54.20 -9.52 61.19
C VAL F 4916 -53.93 -9.33 59.70
N ILE F 4917 -54.42 -10.25 58.88
CA ILE F 4917 -54.00 -10.30 57.47
C ILE F 4917 -54.46 -9.07 56.72
N LEU F 4918 -55.71 -8.65 56.93
CA LEU F 4918 -56.26 -7.55 56.13
C LEU F 4918 -55.62 -6.22 56.51
N LEU F 4919 -55.49 -5.94 57.80
CA LEU F 4919 -54.79 -4.73 58.23
C LEU F 4919 -53.32 -4.78 57.83
N ALA F 4920 -52.75 -5.98 57.72
CA ALA F 4920 -51.40 -6.10 57.17
C ALA F 4920 -51.36 -5.61 55.74
N ILE F 4921 -52.38 -5.95 54.93
CA ILE F 4921 -52.47 -5.44 53.56
C ILE F 4921 -52.61 -3.91 53.59
N ILE F 4922 -53.40 -3.40 54.53
CA ILE F 4922 -53.59 -1.95 54.62
C ILE F 4922 -52.26 -1.25 54.89
N GLN F 4923 -51.48 -1.78 55.84
CA GLN F 4923 -50.18 -1.20 56.15
C GLN F 4923 -49.23 -1.31 54.97
N GLY F 4924 -49.16 -2.50 54.36
CA GLY F 4924 -48.22 -2.74 53.29
C GLY F 4924 -48.49 -1.91 52.06
N LEU F 4925 -49.76 -1.62 51.76
CA LEU F 4925 -50.08 -0.78 50.62
C LEU F 4925 -49.47 0.60 50.77
N ILE F 4926 -49.63 1.20 51.95
CA ILE F 4926 -49.07 2.53 52.19
C ILE F 4926 -47.55 2.49 52.16
N ILE F 4927 -46.95 1.48 52.80
CA ILE F 4927 -45.49 1.40 52.82
C ILE F 4927 -44.94 1.25 51.40
N ASP F 4928 -45.56 0.38 50.60
CA ASP F 4928 -45.14 0.21 49.21
C ASP F 4928 -45.36 1.46 48.39
N ALA F 4929 -46.41 2.24 48.70
CA ALA F 4929 -46.62 3.50 47.99
C ALA F 4929 -45.49 4.49 48.27
N PHE F 4930 -45.10 4.61 49.55
CA PHE F 4930 -43.95 5.45 49.89
C PHE F 4930 -42.70 4.99 49.13
N GLY F 4931 -42.42 3.68 49.17
CA GLY F 4931 -41.25 3.17 48.48
C GLY F 4931 -41.28 3.42 46.98
N GLU F 4932 -42.45 3.23 46.37
CA GLU F 4932 -42.59 3.42 44.92
C GLU F 4932 -42.38 4.88 44.53
N LEU F 4933 -42.94 5.81 45.31
CA LEU F 4933 -42.73 7.22 44.99
C LEU F 4933 -41.26 7.61 45.15
N ARG F 4934 -40.61 7.14 46.22
CA ARG F 4934 -39.19 7.44 46.37
C ARG F 4934 -38.38 6.87 45.21
N ASP F 4935 -38.72 5.65 44.78
CA ASP F 4935 -38.03 5.05 43.64
C ASP F 4935 -38.28 5.85 42.37
N GLN F 4936 -39.48 6.38 42.19
CA GLN F 4936 -39.77 7.20 41.02
C GLN F 4936 -38.90 8.45 40.98
N GLN F 4937 -38.82 9.16 42.11
CA GLN F 4937 -37.97 10.35 42.16
C GLN F 4937 -36.51 10.00 41.90
N GLU F 4938 -36.03 8.92 42.52
CA GLU F 4938 -34.64 8.52 42.31
C GLU F 4938 -34.38 8.14 40.86
N GLN F 4939 -35.34 7.44 40.22
CA GLN F 4939 -35.18 7.06 38.83
C GLN F 4939 -35.12 8.28 37.92
N VAL F 4940 -35.99 9.27 38.17
CA VAL F 4940 -35.97 10.48 37.36
C VAL F 4940 -34.64 11.20 37.51
N LYS F 4941 -34.17 11.36 38.75
CA LYS F 4941 -32.91 12.05 38.99
C LYS F 4941 -31.75 11.33 38.32
N GLU F 4942 -31.69 10.00 38.46
CA GLU F 4942 -30.59 9.25 37.87
C GLU F 4942 -30.63 9.32 36.35
N ASP F 4943 -31.82 9.20 35.75
CA ASP F 4943 -31.92 9.27 34.30
C ASP F 4943 -31.45 10.62 33.78
N MET F 4944 -31.87 11.70 34.44
CA MET F 4944 -31.44 13.03 33.99
C MET F 4944 -29.94 13.23 34.20
N GLU F 4945 -29.40 12.71 35.31
CA GLU F 4945 -27.97 12.86 35.55
C GLU F 4945 -27.12 11.99 34.62
N THR F 4946 -27.70 10.93 34.06
CA THR F 4946 -26.93 10.01 33.22
C THR F 4946 -27.04 10.31 31.73
N LYS F 4947 -28.23 10.59 31.20
CA LYS F 4947 -28.42 10.67 29.77
C LYS F 4947 -28.74 12.09 29.32
N CYS F 4948 -28.24 12.44 28.13
CA CYS F 4948 -28.59 13.70 27.50
C CYS F 4948 -30.06 13.69 27.08
N PHE F 4949 -30.75 14.81 27.33
CA PHE F 4949 -32.18 14.84 27.06
C PHE F 4949 -32.46 14.95 25.56
N ILE F 4950 -31.69 15.77 24.85
CA ILE F 4950 -31.94 15.96 23.42
C ILE F 4950 -31.33 14.83 22.60
N CYS F 4951 -30.06 14.48 22.87
CA CYS F 4951 -29.37 13.50 22.06
C CYS F 4951 -29.70 12.07 22.51
N GLY F 4952 -29.65 11.82 23.81
CA GLY F 4952 -29.80 10.49 24.33
C GLY F 4952 -28.49 9.74 24.53
N ILE F 4953 -27.37 10.31 24.08
CA ILE F 4953 -26.07 9.67 24.28
C ILE F 4953 -25.72 9.70 25.76
N GLY F 4954 -25.14 8.60 26.25
CA GLY F 4954 -24.77 8.52 27.64
C GLY F 4954 -23.63 9.45 27.99
N SER F 4955 -23.51 9.73 29.29
CA SER F 4955 -22.48 10.64 29.77
C SER F 4955 -21.08 10.05 29.64
N ASP F 4956 -20.97 8.72 29.48
CA ASP F 4956 -19.65 8.10 29.41
C ASP F 4956 -18.88 8.55 28.17
N TYR F 4957 -19.56 8.67 27.02
CA TYR F 4957 -18.88 9.10 25.81
C TYR F 4957 -18.35 10.52 25.94
N PHE F 4958 -19.14 11.42 26.54
CA PHE F 4958 -18.70 12.80 26.69
C PHE F 4958 -17.61 12.93 27.76
N ASP F 4959 -17.67 12.12 28.82
CA ASP F 4959 -16.70 12.25 29.90
C ASP F 4959 -15.32 11.73 29.55
N THR F 4960 -15.09 11.30 28.30
CA THR F 4960 -13.73 10.99 27.88
C THR F 4960 -12.84 12.21 27.96
N THR F 4961 -13.35 13.37 27.52
CA THR F 4961 -12.82 14.72 27.68
C THR F 4961 -13.30 15.31 29.00
N PRO F 4962 -12.41 15.94 29.76
CA PRO F 4962 -12.79 16.47 31.07
C PRO F 4962 -14.01 17.39 31.00
N HIS F 4963 -14.96 17.16 31.90
CA HIS F 4963 -16.22 17.91 31.97
C HIS F 4963 -16.98 17.86 30.65
N GLY F 4964 -16.86 16.75 29.92
CA GLY F 4964 -17.51 16.64 28.63
C GLY F 4964 -19.02 16.70 28.72
N PHE F 4965 -19.59 15.94 29.67
CA PHE F 4965 -21.05 15.95 29.84
C PHE F 4965 -21.54 17.32 30.29
N GLU F 4966 -20.82 17.94 31.22
CA GLU F 4966 -21.24 19.26 31.71
C GLU F 4966 -21.18 20.29 30.59
N THR F 4967 -20.16 20.22 29.73
CA THR F 4967 -20.10 21.12 28.59
C THR F 4967 -21.22 20.82 27.59
N HIS F 4968 -21.50 19.54 27.35
CA HIS F 4968 -22.44 19.17 26.30
C HIS F 4968 -23.88 19.50 26.69
N THR F 4969 -24.22 19.35 27.97
CA THR F 4969 -25.58 19.60 28.43
C THR F 4969 -25.81 21.05 28.83
N LEU F 4970 -24.83 21.92 28.64
CA LEU F 4970 -24.97 23.34 28.95
C LEU F 4970 -24.64 24.26 27.77
N GLU F 4971 -23.86 23.80 26.79
CA GLU F 4971 -23.46 24.64 25.66
C GLU F 4971 -23.97 24.10 24.33
N GLU F 4972 -23.83 22.80 24.08
CA GLU F 4972 -24.14 22.26 22.76
C GLU F 4972 -25.64 22.05 22.58
N HIS F 4973 -26.23 21.18 23.40
CA HIS F 4973 -27.67 20.93 23.37
C HIS F 4973 -28.27 21.40 24.68
N ASN F 4974 -29.01 22.50 24.63
CA ASN F 4974 -29.65 23.06 25.81
C ASN F 4974 -31.13 23.27 25.52
N LEU F 4975 -31.98 22.81 26.45
CA LEU F 4975 -33.42 22.97 26.29
C LEU F 4975 -33.80 24.45 26.18
N ALA F 4976 -33.21 25.28 27.05
CA ALA F 4976 -33.45 26.72 26.97
C ALA F 4976 -32.97 27.28 25.64
N ASN F 4977 -31.85 26.77 25.12
CA ASN F 4977 -31.35 27.25 23.83
C ASN F 4977 -32.33 26.93 22.71
N TYR F 4978 -32.89 25.72 22.70
CA TYR F 4978 -33.88 25.39 21.68
C TYR F 4978 -35.15 26.24 21.83
N MET F 4979 -35.58 26.48 23.07
CA MET F 4979 -36.71 27.36 23.31
C MET F 4979 -36.46 28.76 22.76
N PHE F 4980 -35.27 29.29 23.04
CA PHE F 4980 -34.96 30.66 22.61
C PHE F 4980 -34.82 30.73 21.09
N PHE F 4981 -34.31 29.66 20.46
CA PHE F 4981 -34.28 29.62 19.00
C PHE F 4981 -35.68 29.60 18.42
N LEU F 4982 -36.60 28.85 19.04
CA LEU F 4982 -37.99 28.86 18.60
C LEU F 4982 -38.58 30.26 18.68
N MET F 4983 -38.37 30.94 19.81
CA MET F 4983 -38.86 32.31 19.94
C MET F 4983 -38.21 33.24 18.92
N TYR F 4984 -36.92 33.07 18.66
CA TYR F 4984 -36.22 33.93 17.70
C TYR F 4984 -36.77 33.73 16.30
N LEU F 4985 -37.05 32.47 15.92
CA LEU F 4985 -37.69 32.22 14.62
C LEU F 4985 -39.07 32.85 14.57
N ILE F 4986 -39.85 32.76 15.65
CA ILE F 4986 -41.18 33.36 15.67
C ILE F 4986 -41.09 34.87 15.49
N ASN F 4987 -40.15 35.50 16.18
CA ASN F 4987 -40.07 36.96 16.15
C ASN F 4987 -39.50 37.48 14.84
N LYS F 4988 -38.50 36.80 14.28
CA LYS F 4988 -37.84 37.31 13.08
C LYS F 4988 -38.77 37.22 11.88
N ASP F 4989 -38.65 38.21 11.00
CA ASP F 4989 -39.45 38.25 9.78
C ASP F 4989 -39.07 37.10 8.85
N GLU F 4990 -40.05 36.65 8.07
CA GLU F 4990 -39.84 35.51 7.18
C GLU F 4990 -38.73 35.78 6.16
N THR F 4991 -38.72 36.99 5.58
CA THR F 4991 -37.71 37.32 4.57
C THR F 4991 -36.33 37.49 5.17
N GLU F 4992 -36.22 37.66 6.49
CA GLU F 4992 -34.93 37.80 7.14
C GLU F 4992 -34.32 36.48 7.56
N HIS F 4993 -35.08 35.39 7.53
CA HIS F 4993 -34.56 34.10 7.94
C HIS F 4993 -33.44 33.64 6.99
N THR F 4994 -32.36 33.13 7.57
CA THR F 4994 -31.29 32.56 6.77
C THR F 4994 -31.72 31.18 6.27
N GLY F 4995 -30.82 30.52 5.54
CA GLY F 4995 -31.14 29.19 5.00
C GLY F 4995 -31.48 28.20 6.09
N GLN F 4996 -30.64 28.13 7.12
CA GLN F 4996 -30.88 27.19 8.21
C GLN F 4996 -32.16 27.53 8.98
N GLU F 4997 -32.37 28.82 9.24
CA GLU F 4997 -33.59 29.22 9.95
C GLU F 4997 -34.84 28.87 9.16
N SER F 4998 -34.79 29.06 7.85
CA SER F 4998 -35.93 28.70 7.02
C SER F 4998 -36.22 27.22 7.14
N TYR F 4999 -35.18 26.39 7.08
CA TYR F 4999 -35.36 24.96 7.14
C TYR F 4999 -36.06 24.54 8.40
N VAL F 5000 -35.57 25.01 9.54
CA VAL F 5000 -36.16 24.64 10.81
C VAL F 5000 -37.58 25.18 10.87
N TRP F 5001 -37.81 26.35 10.31
CA TRP F 5001 -39.13 26.96 10.38
C TRP F 5001 -40.17 26.16 9.64
N LYS F 5002 -39.84 25.73 8.42
CA LYS F 5002 -40.82 25.02 7.63
C LYS F 5002 -41.19 23.76 8.36
N MET F 5003 -40.21 23.09 8.93
CA MET F 5003 -40.47 21.84 9.62
C MET F 5003 -41.35 22.07 10.83
N TYR F 5004 -41.14 23.16 11.53
CA TYR F 5004 -41.97 23.45 12.69
C TYR F 5004 -43.40 23.52 12.24
N GLN F 5005 -43.63 24.15 11.10
CA GLN F 5005 -44.99 24.31 10.58
C GLN F 5005 -45.56 22.99 10.09
N GLU F 5006 -44.74 22.19 9.41
CA GLU F 5006 -45.20 20.90 8.91
C GLU F 5006 -45.23 19.85 9.99
N ARG F 5007 -44.84 20.21 11.21
CA ARG F 5007 -44.83 19.25 12.32
C ARG F 5007 -43.93 18.06 12.02
N CYS F 5008 -42.72 18.36 11.55
CA CYS F 5008 -41.71 17.34 11.24
C CYS F 5008 -40.53 17.57 12.16
N TRP F 5009 -40.40 16.72 13.18
CA TRP F 5009 -39.33 16.86 14.17
C TRP F 5009 -38.13 16.02 13.76
N ASP F 5010 -37.43 16.50 12.73
CA ASP F 5010 -36.20 15.88 12.27
C ASP F 5010 -34.96 16.71 12.53
N PHE F 5011 -35.10 18.00 12.82
CA PHE F 5011 -33.94 18.84 13.09
C PHE F 5011 -33.31 18.51 14.44
N PHE F 5012 -34.09 17.96 15.37
CA PHE F 5012 -33.55 17.58 16.66
C PHE F 5012 -32.53 16.47 16.48
N PRO F 5013 -31.29 16.63 16.96
CA PRO F 5013 -30.27 15.59 16.78
C PRO F 5013 -30.45 14.47 17.79
N ALA F 5014 -30.84 13.30 17.30
CA ALA F 5014 -31.06 12.12 18.13
C ALA F 5014 -30.02 11.08 17.77
N GLY F 5015 -29.25 10.63 18.77
CA GLY F 5015 -28.25 9.61 18.55
C GLY F 5015 -26.96 10.09 17.93
N ASP F 5016 -26.79 11.40 17.75
CA ASP F 5016 -25.58 11.93 17.14
C ASP F 5016 -25.33 13.34 17.66
N CYS F 5017 -24.10 13.80 17.52
CA CYS F 5017 -23.73 15.14 17.95
C CYS F 5017 -22.51 15.60 17.17
N PHE F 5018 -22.17 16.88 17.35
CA PHE F 5018 -21.05 17.47 16.63
C PHE F 5018 -19.75 16.77 16.98
N ARG F 5019 -19.52 16.51 18.27
CA ARG F 5019 -18.31 15.82 18.69
C ARG F 5019 -18.24 14.41 18.12
N LYS F 5020 -19.37 13.70 18.13
CA LYS F 5020 -19.39 12.34 17.59
C LYS F 5020 -19.09 12.35 16.09
N GLN F 5021 -19.62 13.33 15.37
CA GLN F 5021 -19.38 13.39 13.93
C GLN F 5021 -17.94 13.78 13.61
N TYR F 5022 -17.38 14.73 14.36
CA TYR F 5022 -16.04 15.25 14.08
C TYR F 5022 -15.01 14.80 15.12
N GLU F 5023 -15.16 13.58 15.65
CA GLU F 5023 -14.16 13.05 16.57
C GLU F 5023 -12.81 12.87 15.86
N ASP F 5024 -12.83 12.44 14.61
CA ASP F 5024 -11.58 12.29 13.86
C ASP F 5024 -10.92 13.64 13.63
N GLN F 5025 -11.71 14.68 13.38
CA GLN F 5025 -11.20 16.02 13.16
C GLN F 5025 -11.04 16.80 14.46
N LEU F 5026 -11.29 16.18 15.61
CA LEU F 5026 -11.20 16.82 16.92
C LEU F 5026 -12.09 18.06 16.99
N SER F 5027 -13.32 17.90 16.51
CA SER F 5027 -14.33 18.96 16.52
C SER F 5027 -13.84 20.21 15.81
N VAL G 1 34.30 6.63 10.23
CA VAL G 1 33.92 7.20 11.51
C VAL G 1 34.07 6.16 12.62
N GLN G 2 34.38 4.93 12.24
CA GLN G 2 34.57 3.86 13.20
C GLN G 2 35.79 4.16 14.08
N PHE G 3 35.62 3.96 15.38
CA PHE G 3 36.66 4.23 16.36
C PHE G 3 37.42 2.95 16.69
N LEU G 4 38.75 3.05 16.70
CA LEU G 4 39.61 1.91 17.03
C LEU G 4 39.35 1.44 18.46
N ARG G 5 38.84 0.23 18.60
CA ARG G 5 38.55 -0.35 19.90
C ARG G 5 39.51 -1.51 20.18
N THR G 6 39.35 -2.11 21.35
CA THR G 6 40.22 -3.20 21.76
C THR G 6 39.74 -4.53 21.16
N ASP G 7 40.61 -5.54 21.26
CA ASP G 7 40.33 -6.88 20.76
C ASP G 7 40.01 -6.88 19.27
N ASP G 8 40.97 -6.36 18.49
CA ASP G 8 40.82 -6.30 17.05
C ASP G 8 42.19 -6.38 16.38
N GLU G 9 42.17 -6.78 15.11
CA GLU G 9 43.38 -6.96 14.32
C GLU G 9 43.78 -5.62 13.71
N VAL G 10 45.09 -5.47 13.45
CA VAL G 10 45.65 -4.24 12.89
C VAL G 10 46.76 -4.59 11.91
N VAL G 11 46.95 -3.72 10.92
CA VAL G 11 48.02 -3.88 9.92
C VAL G 11 49.21 -3.00 10.26
N LEU G 12 48.96 -1.86 10.92
CA LEU G 12 49.97 -0.82 11.16
C LEU G 12 50.59 -0.35 9.85
N GLN G 13 49.74 0.18 8.97
CA GLN G 13 50.15 0.60 7.64
C GLN G 13 50.94 1.91 7.70
N CYS G 14 51.78 2.12 6.70
CA CYS G 14 52.51 3.37 6.55
C CYS G 14 52.78 3.61 5.07
N SER G 15 53.16 4.84 4.75
CA SER G 15 53.43 5.25 3.37
C SER G 15 54.90 5.61 3.24
N ALA G 16 55.57 4.98 2.27
CA ALA G 16 56.98 5.27 2.00
C ALA G 16 57.14 6.43 1.02
N THR G 17 56.41 6.40 -0.09
CA THR G 17 56.42 7.46 -1.09
C THR G 17 57.84 7.73 -1.61
N VAL G 18 58.53 6.66 -1.99
CA VAL G 18 59.83 6.78 -2.62
C VAL G 18 59.62 6.90 -4.13
N LEU G 19 60.44 7.73 -4.77
CA LEU G 19 60.33 8.03 -6.20
C LEU G 19 58.96 8.59 -6.54
N LYS G 20 58.31 9.24 -5.57
CA LYS G 20 56.99 9.87 -5.76
C LYS G 20 55.97 8.86 -6.28
N GLU G 21 55.96 7.66 -5.69
CA GLU G 21 55.04 6.61 -6.11
C GLU G 21 54.00 6.26 -5.05
N GLN G 22 54.13 6.76 -3.83
CA GLN G 22 53.16 6.55 -2.75
C GLN G 22 52.94 5.06 -2.47
N LEU G 23 54.05 4.38 -2.16
CA LEU G 23 53.97 2.98 -1.81
C LEU G 23 53.44 2.81 -0.40
N LYS G 24 52.63 1.77 -0.21
CA LYS G 24 52.05 1.44 1.09
C LYS G 24 52.67 0.16 1.61
N LEU G 25 53.16 0.20 2.85
CA LEU G 25 53.86 -0.94 3.45
C LEU G 25 53.34 -1.17 4.86
N CYS G 26 53.67 -2.35 5.40
CA CYS G 26 53.27 -2.74 6.75
C CYS G 26 54.38 -3.56 7.38
N LEU G 27 54.37 -3.60 8.71
CA LEU G 27 55.36 -4.39 9.44
C LEU G 27 55.08 -5.88 9.27
N ALA G 28 56.16 -6.65 9.09
CA ALA G 28 56.07 -8.10 8.95
C ALA G 28 57.13 -8.75 9.84
N ALA G 29 56.73 -9.81 10.53
CA ALA G 29 57.64 -10.53 11.42
C ALA G 29 57.15 -11.96 11.56
N GLU G 30 57.98 -12.93 11.16
CA GLU G 30 57.59 -14.33 11.24
C GLU G 30 57.50 -14.77 12.70
N GLY G 31 58.53 -14.46 13.49
CA GLY G 31 58.54 -14.74 14.92
C GLY G 31 59.25 -16.02 15.31
N PHE G 32 59.38 -16.98 14.41
CA PHE G 32 60.10 -18.22 14.66
C PHE G 32 61.36 -18.22 13.80
N GLY G 33 62.52 -18.29 14.44
CA GLY G 33 63.79 -18.19 13.76
C GLY G 33 64.26 -16.77 13.49
N ASN G 34 63.39 -15.78 13.70
CA ASN G 34 63.77 -14.37 13.51
C ASN G 34 62.74 -13.52 14.22
N ARG G 35 63.18 -12.72 15.19
CA ARG G 35 62.28 -11.82 15.91
C ARG G 35 62.18 -10.44 15.28
N LEU G 36 63.13 -10.07 14.43
CA LEU G 36 63.17 -8.72 13.88
C LEU G 36 62.04 -8.51 12.88
N CYS G 37 61.54 -7.28 12.84
CA CYS G 37 60.48 -6.89 11.91
C CYS G 37 61.08 -6.23 10.68
N PHE G 38 60.27 -6.16 9.62
CA PHE G 38 60.70 -5.57 8.37
C PHE G 38 59.48 -5.05 7.62
N LEU G 39 59.73 -4.21 6.63
CA LEU G 39 58.67 -3.59 5.84
C LEU G 39 58.41 -4.40 4.59
N GLU G 40 57.14 -4.76 4.37
CA GLU G 40 56.77 -5.48 3.16
C GLU G 40 55.87 -4.62 2.28
N PRO G 41 56.10 -4.61 0.98
CA PRO G 41 55.30 -3.74 0.09
C PRO G 41 53.90 -4.26 -0.14
N THR G 42 52.90 -3.60 0.44
CA THR G 42 51.52 -3.96 0.19
C THR G 42 51.00 -3.44 -1.15
N SER G 43 51.72 -2.51 -1.78
CA SER G 43 51.35 -2.01 -3.09
C SER G 43 51.81 -2.99 -4.17
N ASN G 44 51.44 -2.69 -5.42
CA ASN G 44 51.77 -3.53 -6.56
C ASN G 44 51.26 -4.95 -6.38
N ALA G 45 50.05 -5.07 -5.81
CA ALA G 45 49.46 -6.38 -5.58
C ALA G 45 49.08 -7.08 -6.87
N GLN G 46 48.85 -6.33 -7.95
CA GLN G 46 48.47 -6.95 -9.22
C GLN G 46 49.62 -7.76 -9.80
N ASN G 47 50.85 -7.27 -9.67
CA ASN G 47 51.99 -7.99 -10.22
C ASN G 47 52.42 -9.14 -9.30
N VAL G 48 52.69 -8.84 -8.03
CA VAL G 48 52.99 -9.88 -7.05
C VAL G 48 52.06 -9.71 -5.85
N PRO G 49 51.47 -10.78 -5.34
CA PRO G 49 50.63 -10.68 -4.14
C PRO G 49 51.47 -10.70 -2.88
N PRO G 50 51.45 -9.63 -2.09
CA PRO G 50 52.19 -9.65 -0.82
C PRO G 50 51.54 -10.58 0.18
N ASP G 51 52.35 -11.08 1.12
CA ASP G 51 51.87 -11.98 2.15
C ASP G 51 51.42 -11.17 3.37
N LEU G 52 50.21 -11.44 3.84
CA LEU G 52 49.65 -10.77 5.01
C LEU G 52 49.50 -11.70 6.20
N ALA G 53 50.04 -12.92 6.11
CA ALA G 53 49.95 -13.86 7.23
C ALA G 53 50.76 -13.35 8.43
N ILE G 54 51.93 -12.77 8.18
CA ILE G 54 52.81 -12.30 9.24
C ILE G 54 52.69 -10.79 9.45
N CYS G 55 51.65 -10.16 8.91
CA CYS G 55 51.47 -8.72 9.00
C CYS G 55 50.22 -8.35 9.80
N CYS G 56 49.77 -9.21 10.70
CA CYS G 56 48.57 -8.98 11.48
C CYS G 56 48.91 -8.94 12.96
N PHE G 57 48.53 -7.87 13.64
CA PHE G 57 48.75 -7.73 15.08
C PHE G 57 47.44 -7.47 15.77
N THR G 58 47.01 -8.40 16.62
CA THR G 58 45.83 -8.18 17.45
C THR G 58 46.21 -7.30 18.63
N LEU G 59 45.41 -6.28 18.89
CA LEU G 59 45.70 -5.35 19.97
C LEU G 59 45.04 -5.88 21.24
N GLU G 60 45.84 -6.06 22.30
CA GLU G 60 45.33 -6.67 23.52
C GLU G 60 44.43 -5.70 24.27
N GLN G 61 44.96 -4.56 24.68
CA GLN G 61 44.19 -3.61 25.47
C GLN G 61 44.85 -2.24 25.39
N SER G 62 44.04 -1.21 25.66
CA SER G 62 44.51 0.16 25.75
C SER G 62 44.34 0.64 27.19
N LEU G 63 45.40 1.22 27.76
CA LEU G 63 45.39 1.58 29.17
C LEU G 63 46.03 2.94 29.36
N SER G 64 45.65 3.61 30.45
CA SER G 64 46.21 4.90 30.79
C SER G 64 47.61 4.75 31.37
N VAL G 65 48.35 5.87 31.36
CA VAL G 65 49.75 5.83 31.79
C VAL G 65 49.84 5.49 33.27
N ARG G 66 48.99 6.10 34.10
CA ARG G 66 49.06 5.88 35.54
C ARG G 66 48.70 4.43 35.89
N ALA G 67 47.66 3.89 35.26
CA ALA G 67 47.28 2.50 35.51
C ALA G 67 48.36 1.55 35.01
N LEU G 68 48.99 1.87 33.88
CA LEU G 68 50.09 1.06 33.39
C LEU G 68 51.24 1.03 34.39
N GLN G 69 51.60 2.20 34.93
CA GLN G 69 52.65 2.25 35.95
C GLN G 69 52.25 1.47 37.18
N GLU G 70 50.98 1.58 37.59
CA GLU G 70 50.52 0.84 38.76
C GLU G 70 50.66 -0.66 38.57
N MET G 71 50.20 -1.18 37.43
CA MET G 71 50.26 -2.63 37.25
C MET G 71 51.69 -3.10 36.99
N LEU G 72 52.55 -2.24 36.44
CA LEU G 72 53.96 -2.58 36.35
C LEU G 72 54.59 -2.68 37.72
N ALA G 73 54.23 -1.78 38.63
CA ALA G 73 54.70 -1.88 40.01
C ALA G 73 54.17 -3.15 40.68
N ASN G 74 52.91 -3.47 40.44
CA ASN G 74 52.30 -4.68 41.00
C ASN G 74 52.84 -5.93 40.32
N GLY G 87 36.67 -5.08 30.31
CA GLY G 87 37.61 -5.82 29.50
C GLY G 87 37.85 -5.19 28.14
N HIS G 88 36.78 -4.71 27.51
CA HIS G 88 36.85 -4.07 26.20
C HIS G 88 36.80 -2.56 26.37
N ARG G 89 37.71 -1.87 25.70
CA ARG G 89 37.83 -0.42 25.80
C ARG G 89 37.85 0.19 24.40
N THR G 90 37.82 1.52 24.37
CA THR G 90 37.95 2.28 23.13
C THR G 90 39.23 3.10 23.19
N LEU G 91 40.06 2.96 22.16
CA LEU G 91 41.34 3.66 22.14
C LEU G 91 41.14 5.16 22.03
N LEU G 92 42.06 5.91 22.64
CA LEU G 92 42.07 7.35 22.57
C LEU G 92 43.49 7.85 22.75
N TYR G 93 43.74 9.08 22.31
CA TYR G 93 45.08 9.63 22.33
C TYR G 93 45.58 9.79 23.77
N GLY G 94 46.90 9.62 23.93
CA GLY G 94 47.49 9.68 25.25
C GLY G 94 47.39 8.40 26.04
N HIS G 95 47.33 7.26 25.37
CA HIS G 95 47.20 5.97 26.02
C HIS G 95 48.17 4.97 25.41
N ALA G 96 48.52 3.96 26.18
CA ALA G 96 49.44 2.91 25.77
C ALA G 96 48.68 1.64 25.43
N ILE G 97 49.18 0.92 24.42
CA ILE G 97 48.58 -0.33 23.97
C ILE G 97 49.66 -1.41 23.92
N LEU G 98 49.18 -2.65 23.89
CA LEU G 98 49.99 -3.83 23.69
C LEU G 98 49.57 -4.51 22.40
N LEU G 99 50.53 -4.86 21.56
CA LEU G 99 50.28 -5.50 20.28
C LEU G 99 50.85 -6.92 20.30
N ARG G 100 50.07 -7.89 19.81
CA ARG G 100 50.44 -9.29 19.83
C ARG G 100 50.28 -9.84 18.43
N HIS G 101 51.36 -10.37 17.87
CA HIS G 101 51.32 -10.93 16.53
C HIS G 101 50.33 -12.09 16.46
N ALA G 102 49.55 -12.14 15.37
CA ALA G 102 48.51 -13.16 15.26
C ALA G 102 49.11 -14.56 15.15
N HIS G 103 50.17 -14.72 14.35
CA HIS G 103 50.72 -16.04 14.10
C HIS G 103 51.61 -16.51 15.24
N SER G 104 52.68 -15.78 15.53
CA SER G 104 53.64 -16.22 16.53
C SER G 104 53.10 -16.15 17.95
N ARG G 105 52.02 -15.41 18.16
CA ARG G 105 51.34 -15.25 19.45
C ARG G 105 52.19 -14.49 20.46
N MET G 106 53.28 -13.86 20.03
CA MET G 106 54.16 -13.10 20.91
C MET G 106 53.94 -11.61 20.74
N TYR G 107 54.36 -10.85 21.75
CA TYR G 107 54.09 -9.42 21.79
C TYR G 107 55.19 -8.62 21.11
N LEU G 108 54.78 -7.61 20.34
CA LEU G 108 55.73 -6.68 19.74
C LEU G 108 56.38 -5.83 20.81
N SER G 109 57.67 -5.59 20.67
CA SER G 109 58.43 -4.87 21.69
C SER G 109 59.56 -4.10 21.02
N CYS G 110 60.22 -3.26 21.83
CA CYS G 110 61.37 -2.49 21.40
C CYS G 110 62.64 -3.19 21.90
N LEU G 111 63.40 -3.77 20.98
CA LEU G 111 64.61 -4.50 21.35
C LEU G 111 65.75 -3.54 21.66
N THR G 112 66.63 -3.97 22.55
CA THR G 112 67.81 -3.19 22.91
C THR G 112 68.93 -3.28 21.87
N THR G 113 68.85 -4.26 20.96
CA THR G 113 69.82 -4.38 19.89
C THR G 113 69.65 -3.23 18.90
N SER G 114 70.70 -2.97 18.12
CA SER G 114 70.66 -1.92 17.09
C SER G 114 71.34 -2.49 15.84
N ARG G 115 70.55 -2.89 14.84
CA ARG G 115 71.11 -3.40 13.60
C ARG G 115 71.51 -2.29 12.64
N SER G 116 71.16 -1.04 12.93
CA SER G 116 71.38 0.08 12.04
C SER G 116 72.63 0.84 12.49
N MET G 117 73.73 0.64 11.76
CA MET G 117 74.95 1.38 12.04
C MET G 117 74.79 2.88 11.75
N THR G 118 73.82 3.24 10.91
CA THR G 118 73.67 4.65 10.52
C THR G 118 73.30 5.52 11.72
N ASP G 119 72.36 5.07 12.55
CA ASP G 119 71.87 5.85 13.67
C ASP G 119 72.20 5.11 14.96
N LYS G 120 73.01 5.73 15.82
CA LYS G 120 73.33 5.13 17.11
C LYS G 120 72.13 5.17 18.05
N LEU G 121 71.36 6.25 18.00
CA LEU G 121 70.21 6.41 18.88
C LEU G 121 69.05 5.48 18.55
N ALA G 122 69.09 4.81 17.40
CA ALA G 122 67.99 3.95 16.97
C ALA G 122 68.19 2.53 17.47
N PHE G 123 67.30 2.09 18.34
CA PHE G 123 67.27 0.69 18.77
C PHE G 123 66.46 -0.12 17.74
N ASP G 124 66.12 -1.35 18.09
CA ASP G 124 65.40 -2.23 17.18
C ASP G 124 64.03 -2.57 17.76
N VAL G 125 63.14 -3.03 16.88
CA VAL G 125 61.80 -3.43 17.26
C VAL G 125 61.58 -4.86 16.79
N GLY G 126 61.03 -5.69 17.68
CA GLY G 126 60.81 -7.09 17.36
C GLY G 126 59.80 -7.70 18.29
N LEU G 127 59.57 -8.99 18.10
CA LEU G 127 58.60 -9.73 18.88
C LEU G 127 59.29 -10.39 20.07
N GLN G 128 58.72 -10.21 21.26
CA GLN G 128 59.21 -10.85 22.47
C GLN G 128 58.18 -11.84 23.00
N GLU G 129 58.67 -12.90 23.63
CA GLU G 129 57.83 -14.04 23.96
C GLU G 129 56.78 -13.69 25.01
N ASP G 130 57.06 -12.74 25.89
CA ASP G 130 56.16 -12.42 26.99
C ASP G 130 55.98 -10.91 27.11
N ALA G 131 54.85 -10.51 27.68
CA ALA G 131 54.51 -9.11 27.85
C ALA G 131 55.15 -8.49 29.09
N THR G 132 56.07 -9.20 29.74
CA THR G 132 56.75 -8.64 30.90
C THR G 132 57.58 -7.44 30.51
N GLY G 133 57.57 -6.42 31.37
CA GLY G 133 58.25 -5.18 31.10
C GLY G 133 57.41 -4.22 30.26
N GLU G 134 57.88 -2.98 30.20
CA GLU G 134 57.18 -1.92 29.47
C GLU G 134 57.73 -1.69 28.07
N ALA G 135 58.72 -2.47 27.65
CA ALA G 135 59.25 -2.32 26.30
C ALA G 135 58.24 -2.72 25.24
N CYS G 136 57.31 -3.61 25.58
CA CYS G 136 56.28 -4.03 24.64
C CYS G 136 55.17 -3.00 24.48
N TRP G 137 54.89 -2.22 25.54
CA TRP G 137 53.85 -1.21 25.47
C TRP G 137 54.27 -0.05 24.59
N TRP G 138 53.32 0.50 23.82
CA TRP G 138 53.58 1.65 22.97
C TRP G 138 52.45 2.66 23.11
N THR G 139 52.80 3.93 23.30
CA THR G 139 51.84 4.98 23.54
C THR G 139 51.51 5.72 22.24
N MET G 140 50.24 6.07 22.07
CA MET G 140 49.79 6.86 20.92
C MET G 140 49.72 8.33 21.28
N HIS G 141 50.00 9.18 20.30
CA HIS G 141 49.86 10.62 20.40
C HIS G 141 49.28 11.15 19.10
N PRO G 142 48.55 12.26 19.16
CA PRO G 142 47.87 12.77 17.95
C PRO G 142 48.87 13.38 16.97
N ALA G 143 48.87 12.85 15.74
CA ALA G 143 49.76 13.37 14.71
C ALA G 143 49.31 14.72 14.20
N SER G 144 48.00 14.90 14.01
CA SER G 144 47.44 16.12 13.44
C SER G 144 46.98 17.08 14.54
N LYS G 145 46.94 18.36 14.19
CA LYS G 145 46.50 19.38 15.13
C LYS G 145 45.01 19.26 15.42
N GLN G 146 44.21 18.84 14.44
CA GLN G 146 42.77 18.71 14.65
C GLN G 146 42.47 17.68 15.74
N ARG G 147 43.17 16.55 15.72
CA ARG G 147 43.05 15.57 16.79
C ARG G 147 43.79 16.05 18.03
N SER G 148 43.23 15.75 19.20
CA SER G 148 43.77 16.20 20.47
C SER G 148 43.80 15.05 21.46
N GLU G 149 44.66 15.19 22.47
CA GLU G 149 44.73 14.20 23.53
C GLU G 149 43.40 14.10 24.27
N GLY G 150 42.94 12.88 24.49
CA GLY G 150 41.65 12.62 25.09
C GLY G 150 40.56 12.30 24.10
N GLU G 151 40.75 12.64 22.82
CA GLU G 151 39.78 12.29 21.79
C GLU G 151 39.94 10.83 21.39
N LYS G 152 38.81 10.15 21.18
CA LYS G 152 38.84 8.76 20.75
C LYS G 152 39.40 8.67 19.33
N VAL G 153 40.43 7.85 19.16
CA VAL G 153 40.99 7.64 17.83
C VAL G 153 40.00 6.87 16.96
N ARG G 154 40.13 7.05 15.64
CA ARG G 154 39.20 6.44 14.69
C ARG G 154 39.98 5.85 13.54
N VAL G 155 39.29 5.02 12.75
CA VAL G 155 39.93 4.36 11.62
C VAL G 155 40.39 5.39 10.59
N GLY G 156 41.43 5.04 9.84
CA GLY G 156 41.96 5.96 8.85
C GLY G 156 42.52 7.23 9.42
N ASP G 157 43.22 7.14 10.55
CA ASP G 157 43.80 8.29 11.21
C ASP G 157 45.25 8.00 11.56
N ASP G 158 46.08 9.03 11.47
CA ASP G 158 47.50 8.90 11.75
C ASP G 158 47.74 8.92 13.25
N LEU G 159 48.53 7.97 13.73
CA LEU G 159 48.88 7.87 15.14
C LEU G 159 50.39 7.90 15.30
N ILE G 160 50.87 8.65 16.28
CA ILE G 160 52.29 8.72 16.59
C ILE G 160 52.57 7.72 17.70
N LEU G 161 53.38 6.70 17.40
CA LEU G 161 53.67 5.63 18.34
C LEU G 161 55.04 5.87 18.96
N VAL G 162 55.08 5.92 20.30
CA VAL G 162 56.32 6.15 21.05
C VAL G 162 56.51 5.00 22.01
N SER G 163 57.73 4.46 22.06
CA SER G 163 58.04 3.40 23.00
C SER G 163 57.90 3.89 24.44
N VAL G 164 57.31 3.07 25.29
CA VAL G 164 57.15 3.44 26.70
C VAL G 164 58.50 3.46 27.41
N SER G 165 59.35 2.47 27.12
CA SER G 165 60.63 2.36 27.81
C SER G 165 61.67 3.31 27.21
N SER G 166 61.95 3.17 25.92
CA SER G 166 63.02 3.93 25.29
C SER G 166 62.59 5.34 24.88
N GLU G 167 61.29 5.63 24.89
CA GLU G 167 60.76 6.95 24.52
C GLU G 167 61.23 7.37 23.12
N ARG G 168 61.08 6.45 22.17
CA ARG G 168 61.46 6.69 20.78
C ARG G 168 60.32 6.27 19.86
N TYR G 169 60.22 6.96 18.73
CA TYR G 169 59.14 6.71 17.77
C TYR G 169 59.49 5.55 16.83
N LEU G 170 58.45 4.93 16.30
CA LEU G 170 58.60 3.94 15.23
C LEU G 170 58.91 4.68 13.93
N HIS G 171 60.16 4.64 13.50
CA HIS G 171 60.62 5.42 12.36
C HIS G 171 61.01 4.49 11.21
N LEU G 172 60.74 4.95 9.99
CA LEU G 172 61.04 4.20 8.77
C LEU G 172 62.31 4.78 8.16
N SER G 173 63.46 4.27 8.61
CA SER G 173 64.72 4.70 8.05
C SER G 173 64.85 4.24 6.60
N THR G 174 65.24 5.16 5.71
CA THR G 174 65.43 4.89 4.30
C THR G 174 66.83 5.23 3.83
N ALA G 175 67.71 5.71 4.71
CA ALA G 175 69.06 6.07 4.30
C ALA G 175 69.86 4.87 3.83
N SER G 176 69.56 3.68 4.37
CA SER G 176 70.26 2.46 3.96
C SER G 176 69.83 1.98 2.58
N GLY G 177 68.80 2.58 1.98
CA GLY G 177 68.28 2.16 0.71
C GLY G 177 67.08 1.23 0.80
N GLU G 178 66.79 0.70 1.97
CA GLU G 178 65.64 -0.16 2.20
C GLU G 178 64.87 0.33 3.41
N LEU G 179 63.55 0.20 3.37
CA LEU G 179 62.69 0.64 4.47
C LEU G 179 62.95 -0.22 5.69
N GLN G 180 63.60 0.33 6.71
CA GLN G 180 63.88 -0.38 7.95
C GLN G 180 63.14 0.29 9.09
N VAL G 181 62.36 -0.49 9.83
CA VAL G 181 61.61 0.04 10.97
C VAL G 181 62.50 -0.03 12.20
N ASP G 182 62.70 1.13 12.84
CA ASP G 182 63.55 1.18 14.02
C ASP G 182 63.06 2.28 14.96
N ALA G 183 63.28 2.06 16.25
CA ALA G 183 62.85 3.02 17.28
C ALA G 183 63.93 4.09 17.42
N SER G 184 63.70 5.25 16.82
CA SER G 184 64.64 6.36 16.84
C SER G 184 63.93 7.61 17.34
N PHE G 185 64.69 8.70 17.45
CA PHE G 185 64.14 9.95 17.98
C PHE G 185 63.33 10.73 16.96
N MET G 186 63.48 10.43 15.67
CA MET G 186 62.61 11.01 14.67
C MET G 186 61.28 10.26 14.60
N GLN G 187 60.24 10.96 14.18
CA GLN G 187 58.88 10.43 14.21
C GLN G 187 58.34 10.23 12.80
N THR G 188 57.41 9.28 12.67
CA THR G 188 56.74 9.02 11.42
C THR G 188 55.31 8.57 11.71
N LEU G 189 54.37 9.06 10.91
CA LEU G 189 52.96 8.76 11.12
C LEU G 189 52.66 7.30 10.78
N TRP G 190 51.60 6.78 11.40
CA TRP G 190 51.16 5.41 11.22
C TRP G 190 49.65 5.38 11.02
N ASN G 191 49.19 4.77 9.93
CA ASN G 191 47.78 4.60 9.68
C ASN G 191 47.37 3.24 10.23
N MET G 192 46.50 3.24 11.24
CA MET G 192 46.17 2.03 11.98
C MET G 192 44.85 1.49 11.43
N ASN G 193 44.94 0.48 10.57
CA ASN G 193 43.79 -0.06 9.88
C ASN G 193 43.55 -1.52 10.27
N PRO G 194 42.33 -1.88 10.67
CA PRO G 194 42.03 -3.29 10.95
C PRO G 194 41.79 -4.09 9.69
N ILE G 195 42.33 -5.31 9.68
CA ILE G 195 42.00 -6.25 8.60
C ILE G 195 40.53 -6.67 8.69
N CYS G 196 40.08 -7.05 9.88
CA CYS G 196 38.75 -7.58 10.09
C CYS G 196 38.14 -6.93 11.34
N SER G 197 37.47 -5.80 11.15
CA SER G 197 36.77 -5.15 12.25
C SER G 197 35.46 -5.86 12.58
N CYS G 198 34.82 -6.48 11.59
CA CYS G 198 33.57 -7.19 11.78
C CYS G 198 33.65 -8.55 11.10
N CYS G 199 33.08 -9.57 11.74
CA CYS G 199 33.08 -10.92 11.19
C CYS G 199 31.84 -11.64 11.69
N GLU G 200 30.88 -11.86 10.79
CA GLU G 200 29.69 -12.63 11.14
C GLU G 200 30.05 -14.08 11.38
N GLU G 201 29.63 -14.63 12.51
CA GLU G 201 29.99 -15.99 12.87
C GLU G 201 29.30 -17.00 11.96
N GLY G 202 30.03 -18.04 11.59
CA GLY G 202 29.52 -19.07 10.70
C GLY G 202 29.71 -18.79 9.23
N TYR G 203 30.12 -17.58 8.86
CA TYR G 203 30.36 -17.21 7.48
C TYR G 203 31.84 -17.19 7.18
N VAL G 204 32.18 -17.29 5.90
CA VAL G 204 33.57 -17.35 5.46
C VAL G 204 34.06 -15.94 5.18
N THR G 205 35.23 -15.60 5.73
CA THR G 205 35.85 -14.30 5.56
C THR G 205 37.27 -14.49 5.05
N GLY G 206 37.83 -13.40 4.50
CA GLY G 206 39.16 -13.47 3.95
C GLY G 206 40.22 -13.66 5.03
N GLY G 207 41.37 -14.15 4.60
CA GLY G 207 42.46 -14.42 5.52
C GLY G 207 42.25 -15.65 6.38
N HIS G 208 41.40 -16.57 5.95
CA HIS G 208 41.10 -17.79 6.70
C HIS G 208 41.62 -19.00 5.95
N VAL G 209 42.37 -19.86 6.64
CA VAL G 209 42.85 -21.10 6.07
C VAL G 209 41.73 -22.14 6.17
N LEU G 210 41.42 -22.79 5.06
CA LEU G 210 40.29 -23.71 5.03
C LEU G 210 40.56 -24.84 4.04
N ARG G 211 39.82 -25.93 4.23
CA ARG G 211 39.84 -27.09 3.37
C ARG G 211 38.61 -27.08 2.48
N LEU G 212 38.82 -27.32 1.19
CA LEU G 212 37.74 -27.36 0.20
C LEU G 212 37.39 -28.82 -0.05
N PHE G 213 36.52 -29.36 0.80
CA PHE G 213 36.04 -30.71 0.60
C PHE G 213 35.14 -30.78 -0.64
N HIS G 214 35.30 -31.84 -1.41
CA HIS G 214 34.51 -31.98 -2.63
C HIS G 214 33.09 -32.43 -2.28
N GLY G 215 32.23 -32.48 -3.29
CA GLY G 215 30.82 -32.75 -3.10
C GLY G 215 30.51 -34.14 -2.55
N HIS G 216 31.50 -35.02 -2.49
CA HIS G 216 31.30 -36.36 -1.94
C HIS G 216 31.47 -36.42 -0.43
N MET G 217 31.92 -35.35 0.21
CA MET G 217 32.15 -35.21 1.65
C MET G 217 33.23 -36.14 2.19
N ASP G 218 33.88 -36.93 1.34
CA ASP G 218 34.97 -37.79 1.77
C ASP G 218 36.30 -37.39 1.14
N GLU G 219 36.31 -36.42 0.23
CA GLU G 219 37.51 -35.98 -0.44
C GLU G 219 37.57 -34.46 -0.46
N CYS G 220 38.79 -33.93 -0.55
CA CYS G 220 39.01 -32.49 -0.52
C CYS G 220 40.01 -32.09 -1.59
N LEU G 221 40.04 -30.80 -1.89
CA LEU G 221 40.90 -30.24 -2.93
C LEU G 221 42.32 -30.13 -2.38
N THR G 222 43.22 -31.00 -2.81
CA THR G 222 44.55 -31.09 -2.23
C THR G 222 45.66 -31.01 -3.26
N ILE G 223 46.90 -31.26 -2.82
CA ILE G 223 48.08 -31.16 -3.67
C ILE G 223 48.82 -32.49 -3.59
N SER G 224 49.96 -32.60 -4.28
CA SER G 224 50.74 -33.82 -4.27
C SER G 224 51.22 -34.14 -2.86
N ALA G 225 51.62 -35.40 -2.65
CA ALA G 225 51.89 -35.89 -1.31
C ALA G 225 53.24 -35.40 -0.78
N ALA G 226 54.34 -35.85 -1.40
CA ALA G 226 55.67 -35.47 -0.94
C ALA G 226 56.74 -35.81 -1.96
N ASP G 227 57.58 -34.84 -2.31
CA ASP G 227 58.69 -35.03 -3.23
C ASP G 227 58.21 -35.71 -4.52
N SER G 228 57.06 -35.27 -5.01
CA SER G 228 56.43 -35.90 -6.15
C SER G 228 57.13 -35.50 -7.45
N ASP G 229 56.78 -36.20 -8.53
CA ASP G 229 57.37 -35.92 -9.83
C ASP G 229 56.99 -34.53 -10.34
N ASP G 230 55.79 -34.06 -9.99
CA ASP G 230 55.34 -32.74 -10.40
C ASP G 230 55.80 -31.63 -9.46
N GLN G 231 56.58 -31.97 -8.44
CA GLN G 231 57.07 -30.99 -7.46
C GLN G 231 55.92 -30.24 -6.79
N ARG G 232 54.84 -30.96 -6.50
CA ARG G 232 53.65 -30.41 -5.87
C ARG G 232 53.11 -29.22 -6.67
N ARG G 233 52.72 -29.50 -7.91
CA ARG G 233 52.17 -28.47 -8.79
C ARG G 233 50.87 -28.88 -9.46
N LEU G 234 50.33 -30.06 -9.17
CA LEU G 234 49.06 -30.50 -9.73
C LEU G 234 48.06 -30.69 -8.59
N VAL G 235 46.87 -30.11 -8.76
CA VAL G 235 45.84 -30.13 -7.74
C VAL G 235 44.89 -31.30 -8.01
N TYR G 236 44.37 -31.89 -6.94
CA TYR G 236 43.60 -33.13 -7.04
C TYR G 236 42.44 -33.10 -6.05
N TYR G 237 41.70 -34.20 -6.00
CA TYR G 237 40.59 -34.42 -5.07
C TYR G 237 40.77 -35.75 -4.34
N GLU G 238 41.97 -36.02 -3.83
CA GLU G 238 42.24 -37.32 -3.24
C GLU G 238 41.46 -37.52 -1.94
N GLY G 239 41.52 -36.55 -1.04
CA GLY G 239 40.85 -36.67 0.24
C GLY G 239 41.37 -37.84 1.05
N GLY G 240 40.51 -38.35 1.92
CA GLY G 240 40.86 -39.49 2.75
C GLY G 240 41.81 -39.16 3.87
N ALA G 241 43.04 -39.70 3.79
CA ALA G 241 44.02 -39.46 4.84
C ALA G 241 44.43 -37.98 4.90
N VAL G 242 44.56 -37.34 3.74
CA VAL G 242 45.00 -35.95 3.69
C VAL G 242 44.02 -34.99 4.33
N CYS G 243 42.80 -35.45 4.62
CA CYS G 243 41.83 -34.59 5.29
C CYS G 243 42.35 -34.08 6.63
N THR G 244 43.25 -34.84 7.27
CA THR G 244 43.92 -34.39 8.47
C THR G 244 45.28 -33.76 8.19
N HIS G 245 45.89 -34.08 7.05
CA HIS G 245 47.18 -33.52 6.69
C HIS G 245 47.05 -32.04 6.34
N ALA G 246 48.16 -31.31 6.46
CA ALA G 246 48.21 -29.89 6.15
C ALA G 246 48.22 -29.62 4.65
N ARG G 247 48.38 -30.65 3.82
CA ARG G 247 48.40 -30.45 2.37
C ARG G 247 47.04 -30.00 1.86
N SER G 248 45.96 -30.41 2.52
CA SER G 248 44.61 -30.05 2.13
C SER G 248 44.24 -28.62 2.54
N LEU G 249 45.17 -27.85 3.07
CA LEU G 249 44.89 -26.51 3.57
C LEU G 249 45.10 -25.48 2.48
N TRP G 250 44.11 -24.60 2.31
CA TRP G 250 44.19 -23.49 1.36
C TRP G 250 43.75 -22.22 2.06
N ARG G 251 44.29 -21.09 1.59
CA ARG G 251 44.00 -19.77 2.13
C ARG G 251 43.30 -18.96 1.06
N LEU G 252 42.14 -18.40 1.42
CA LEU G 252 41.33 -17.58 0.52
C LEU G 252 41.45 -16.13 0.95
N GLU G 253 41.98 -15.29 0.05
CA GLU G 253 42.18 -13.88 0.38
C GLU G 253 41.62 -13.00 -0.73
N PRO G 254 40.77 -12.03 -0.39
CA PRO G 254 40.20 -11.17 -1.44
C PRO G 254 41.28 -10.34 -2.13
N LEU G 255 41.04 -10.02 -3.40
CA LEU G 255 41.97 -9.20 -4.15
C LEU G 255 42.08 -7.81 -3.54
N ARG G 256 40.96 -7.24 -3.10
CA ARG G 256 40.97 -5.93 -2.46
C ARG G 256 41.80 -5.96 -1.18
N ILE G 257 42.85 -5.14 -1.14
CA ILE G 257 43.68 -5.07 0.06
C ILE G 257 42.90 -4.46 1.22
N SER G 258 42.03 -3.49 0.93
CA SER G 258 41.17 -2.93 1.95
C SER G 258 40.09 -3.93 2.35
N TRP G 259 39.85 -4.03 3.66
CA TRP G 259 38.84 -4.93 4.21
C TRP G 259 39.10 -6.38 3.77
N SER G 260 40.34 -6.81 3.95
CA SER G 260 40.71 -8.18 3.57
C SER G 260 39.95 -9.20 4.42
N GLY G 261 39.74 -8.89 5.69
CA GLY G 261 39.00 -9.77 6.59
C GLY G 261 37.50 -9.70 6.46
N SER G 262 36.98 -8.99 5.47
CA SER G 262 35.54 -8.88 5.29
C SER G 262 34.94 -10.20 4.83
N HIS G 263 33.61 -10.27 4.86
CA HIS G 263 32.92 -11.47 4.46
C HIS G 263 33.06 -11.71 2.96
N LEU G 264 33.25 -12.96 2.58
CA LEU G 264 33.33 -13.30 1.17
C LEU G 264 31.97 -13.07 0.50
N ARG G 265 31.98 -12.39 -0.64
CA ARG G 265 30.77 -12.06 -1.37
C ARG G 265 30.63 -13.00 -2.56
N TRP G 266 29.39 -13.41 -2.84
CA TRP G 266 29.13 -14.32 -3.95
C TRP G 266 29.60 -13.69 -5.25
N GLY G 267 30.60 -14.30 -5.89
CA GLY G 267 31.18 -13.78 -7.11
C GLY G 267 32.30 -12.77 -6.91
N GLN G 268 32.65 -12.45 -5.67
CA GLN G 268 33.74 -11.52 -5.42
C GLN G 268 35.07 -12.17 -5.80
N PRO G 269 35.88 -11.53 -6.65
CA PRO G 269 37.18 -12.11 -7.00
C PRO G 269 38.07 -12.29 -5.77
N LEU G 270 38.84 -13.37 -5.78
CA LEU G 270 39.70 -13.69 -4.65
C LEU G 270 40.84 -14.59 -5.13
N ARG G 271 41.84 -14.76 -4.26
CA ARG G 271 43.04 -15.51 -4.56
C ARG G 271 43.12 -16.73 -3.63
N ILE G 272 43.55 -17.85 -4.20
CA ILE G 272 43.72 -19.10 -3.47
C ILE G 272 45.21 -19.38 -3.38
N ARG G 273 45.70 -19.60 -2.16
CA ARG G 273 47.12 -19.81 -1.93
C ARG G 273 47.32 -21.06 -1.07
N HIS G 274 48.33 -21.86 -1.40
CA HIS G 274 48.61 -23.06 -0.64
C HIS G 274 49.44 -22.71 0.60
N VAL G 275 48.93 -23.11 1.76
CA VAL G 275 49.56 -22.70 3.02
C VAL G 275 50.95 -23.32 3.15
N THR G 276 51.09 -24.60 2.83
CA THR G 276 52.35 -25.30 3.05
C THR G 276 53.38 -24.96 1.98
N THR G 277 53.01 -25.14 0.71
CA THR G 277 53.98 -24.90 -0.36
C THR G 277 54.20 -23.41 -0.60
N GLY G 278 53.22 -22.58 -0.28
CA GLY G 278 53.35 -21.15 -0.51
C GLY G 278 53.05 -20.70 -1.91
N ARG G 279 52.40 -21.54 -2.72
CA ARG G 279 52.11 -21.23 -4.11
C ARG G 279 50.63 -20.90 -4.29
N TYR G 280 50.34 -20.14 -5.33
CA TYR G 280 49.00 -19.64 -5.61
C TYR G 280 48.38 -20.44 -6.75
N LEU G 281 47.13 -20.84 -6.58
CA LEU G 281 46.40 -21.51 -7.66
C LEU G 281 46.16 -20.53 -8.80
N ALA G 282 46.36 -21.01 -10.04
CA ALA G 282 46.22 -20.16 -11.21
C ALA G 282 45.95 -21.04 -12.42
N LEU G 283 45.54 -20.40 -13.51
CA LEU G 283 45.27 -21.07 -14.77
C LEU G 283 46.28 -20.56 -15.81
N THR G 284 47.02 -21.49 -16.42
CA THR G 284 47.96 -21.16 -17.47
C THR G 284 47.58 -21.88 -18.75
N GLU G 285 48.10 -21.39 -19.87
CA GLU G 285 47.76 -21.97 -21.17
C GLU G 285 48.38 -23.36 -21.33
N ASP G 286 49.66 -23.49 -21.00
CA ASP G 286 50.39 -24.72 -21.32
C ASP G 286 50.07 -25.86 -20.35
N GLN G 287 49.92 -25.56 -19.06
CA GLN G 287 49.68 -26.61 -18.06
C GLN G 287 48.27 -26.55 -17.49
N GLY G 288 47.34 -25.85 -18.14
CA GLY G 288 46.00 -25.71 -17.59
C GLY G 288 46.01 -24.94 -16.29
N LEU G 289 45.48 -25.54 -15.22
CA LEU G 289 45.51 -24.93 -13.90
C LEU G 289 46.54 -25.64 -13.03
N VAL G 290 47.41 -24.85 -12.41
CA VAL G 290 48.49 -25.35 -11.56
C VAL G 290 48.72 -24.33 -10.45
N VAL G 291 49.54 -24.69 -9.48
CA VAL G 291 49.99 -23.75 -8.47
C VAL G 291 51.33 -23.16 -8.92
N VAL G 292 51.44 -21.84 -8.89
CA VAL G 292 52.60 -21.12 -9.39
C VAL G 292 53.17 -20.27 -8.26
N ASP G 293 54.37 -19.75 -8.49
CA ASP G 293 55.04 -18.94 -7.50
C ASP G 293 54.35 -17.59 -7.33
N ALA G 294 54.72 -16.89 -6.26
CA ALA G 294 54.15 -15.57 -6.01
C ALA G 294 54.51 -14.59 -7.11
N CYS G 295 55.75 -14.67 -7.63
CA CYS G 295 56.15 -13.80 -8.73
C CYS G 295 55.31 -14.03 -9.97
N LYS G 296 55.03 -15.30 -10.29
CA LYS G 296 54.20 -15.63 -11.44
C LYS G 296 52.72 -15.39 -11.19
N ALA G 297 52.32 -15.16 -9.94
CA ALA G 297 50.91 -14.96 -9.63
C ALA G 297 50.42 -13.61 -10.15
N HIS G 298 49.31 -13.63 -10.88
CA HIS G 298 48.72 -12.42 -11.41
C HIS G 298 47.20 -12.53 -11.30
N THR G 299 46.54 -11.36 -11.30
CA THR G 299 45.09 -11.31 -11.24
C THR G 299 44.43 -11.92 -12.47
N LYS G 300 45.17 -12.03 -13.58
CA LYS G 300 44.62 -12.65 -14.78
C LYS G 300 44.43 -14.16 -14.63
N ALA G 301 45.18 -14.79 -13.72
CA ALA G 301 45.15 -16.24 -13.56
C ALA G 301 44.80 -16.69 -12.15
N THR G 302 45.31 -15.99 -11.12
CA THR G 302 45.13 -16.42 -9.75
C THR G 302 43.78 -16.01 -9.15
N SER G 303 42.98 -15.24 -9.88
CA SER G 303 41.74 -14.70 -9.35
C SER G 303 40.56 -15.62 -9.70
N PHE G 304 39.83 -16.04 -8.68
CA PHE G 304 38.66 -16.89 -8.83
C PHE G 304 37.49 -16.26 -8.07
N CYS G 305 36.30 -16.80 -8.30
CA CYS G 305 35.09 -16.32 -7.63
C CYS G 305 34.21 -17.50 -7.27
N PHE G 306 33.41 -17.30 -6.22
CA PHE G 306 32.49 -18.31 -5.71
C PHE G 306 31.10 -17.98 -6.21
N ARG G 307 30.78 -18.45 -7.40
CA ARG G 307 29.46 -18.22 -7.99
C ARG G 307 28.38 -19.02 -7.26
N VAL G 308 27.18 -18.46 -7.22
CA VAL G 308 26.06 -19.13 -6.57
C VAL G 308 25.70 -20.42 -7.32
N SER G 309 25.64 -20.35 -8.65
CA SER G 309 25.25 -21.49 -9.46
C SER G 309 25.85 -21.33 -10.85
N LYS G 310 25.60 -22.33 -11.70
CA LYS G 310 26.18 -22.36 -13.04
C LYS G 310 25.64 -21.26 -13.94
N GLU G 311 24.47 -20.70 -13.64
CA GLU G 311 23.89 -19.69 -14.52
C GLU G 311 24.76 -18.45 -14.56
N LYS G 312 24.96 -17.92 -15.76
CA LYS G 312 25.78 -16.73 -15.95
C LYS G 312 25.08 -15.46 -15.51
N LEU G 313 23.76 -15.48 -15.40
CA LEU G 313 23.01 -14.30 -15.00
C LEU G 313 22.37 -14.49 -13.62
N GLU G 328 28.83 -12.84 3.08
CA GLU G 328 27.60 -13.30 2.43
C GLU G 328 27.55 -14.83 2.40
N ILE G 329 28.66 -15.44 2.01
CA ILE G 329 28.73 -16.90 1.93
C ILE G 329 28.97 -17.46 3.32
N LYS G 330 28.13 -18.41 3.72
CA LYS G 330 28.33 -19.11 4.98
C LYS G 330 29.54 -20.03 4.85
N TYR G 331 30.28 -20.17 5.95
CA TYR G 331 31.53 -20.94 5.90
C TYR G 331 31.26 -22.38 5.50
N GLY G 332 30.21 -22.98 6.07
CA GLY G 332 29.73 -24.28 5.65
C GLY G 332 28.44 -24.18 4.85
N GLU G 333 27.91 -25.36 4.50
CA GLU G 333 26.63 -25.47 3.80
C GLU G 333 26.59 -24.58 2.56
N SER G 334 27.70 -24.53 1.84
CA SER G 334 27.88 -23.63 0.70
C SER G 334 27.86 -24.43 -0.59
N LEU G 335 27.03 -23.98 -1.54
CA LEU G 335 27.01 -24.53 -2.88
C LEU G 335 27.84 -23.69 -3.86
N CYS G 336 28.92 -23.08 -3.37
CA CYS G 336 29.72 -22.19 -4.21
C CYS G 336 30.41 -22.96 -5.31
N PHE G 337 30.48 -22.35 -6.49
CA PHE G 337 31.17 -22.91 -7.64
C PHE G 337 32.39 -22.05 -7.94
N VAL G 338 33.55 -22.68 -8.04
CA VAL G 338 34.80 -21.95 -8.27
C VAL G 338 34.91 -21.66 -9.76
N GLN G 339 34.70 -20.40 -10.14
CA GLN G 339 34.84 -19.96 -11.53
C GLN G 339 36.03 -19.03 -11.64
N HIS G 340 36.91 -19.32 -12.59
CA HIS G 340 38.03 -18.42 -12.86
C HIS G 340 37.53 -17.14 -13.51
N VAL G 341 38.07 -16.01 -13.06
CA VAL G 341 37.67 -14.73 -13.64
C VAL G 341 38.17 -14.61 -15.08
N ALA G 342 37.52 -13.74 -15.84
CA ALA G 342 37.82 -13.52 -17.26
C ALA G 342 37.69 -14.81 -18.06
N SER G 343 36.88 -15.75 -17.58
CA SER G 343 36.66 -17.01 -18.26
C SER G 343 35.37 -17.63 -17.75
N GLY G 344 34.75 -18.45 -18.59
CA GLY G 344 33.57 -19.20 -18.21
C GLY G 344 33.85 -20.57 -17.66
N LEU G 345 35.12 -20.89 -17.39
CA LEU G 345 35.50 -22.22 -16.95
C LEU G 345 35.25 -22.41 -15.46
N TRP G 346 35.06 -23.67 -15.07
CA TRP G 346 34.77 -24.04 -13.69
C TRP G 346 35.68 -25.21 -13.31
N LEU G 347 35.94 -25.33 -12.01
CA LEU G 347 36.76 -26.41 -11.47
C LEU G 347 35.95 -27.70 -11.41
N THR G 348 36.41 -28.74 -12.09
CA THR G 348 35.70 -30.01 -12.09
C THR G 348 36.70 -31.14 -12.32
N TYR G 349 36.34 -32.33 -11.85
CA TYR G 349 37.21 -33.48 -12.03
C TYR G 349 37.25 -33.88 -13.50
N ALA G 350 38.43 -34.27 -13.96
CA ALA G 350 38.57 -34.65 -15.36
C ALA G 350 37.77 -35.90 -15.66
N ALA G 351 37.56 -36.19 -16.93
CA ALA G 351 36.84 -37.40 -17.29
C ALA G 351 37.48 -38.59 -16.60
N PRO G 352 36.65 -39.45 -16.00
CA PRO G 352 37.22 -40.58 -15.26
C PRO G 352 38.30 -41.28 -16.05
N ASP G 353 39.49 -41.43 -15.47
CA ASP G 353 40.58 -42.10 -16.15
C ASP G 353 40.64 -43.55 -15.72
N PRO G 354 40.54 -44.47 -16.70
CA PRO G 354 40.65 -45.89 -16.38
C PRO G 354 41.99 -46.17 -15.71
N LYS G 355 43.05 -45.50 -16.16
CA LYS G 355 44.34 -45.67 -15.52
C LYS G 355 44.29 -45.16 -14.09
N ALA G 356 43.69 -43.99 -13.89
CA ALA G 356 43.52 -43.47 -12.54
C ALA G 356 42.68 -44.43 -11.74
N LEU G 357 41.67 -45.01 -12.39
CA LEU G 357 40.84 -46.00 -11.71
C LEU G 357 41.69 -47.20 -11.33
N ARG G 358 42.56 -47.63 -12.24
CA ARG G 358 43.44 -48.74 -11.93
C ARG G 358 44.26 -48.40 -10.71
N LEU G 359 44.75 -47.17 -10.65
CA LEU G 359 45.50 -46.72 -9.50
C LEU G 359 44.60 -46.78 -8.27
N GLY G 360 43.33 -46.42 -8.45
CA GLY G 360 42.39 -46.44 -7.34
C GLY G 360 42.47 -45.17 -6.54
N VAL G 361 43.38 -44.27 -6.90
CA VAL G 361 43.54 -43.02 -6.17
C VAL G 361 42.45 -42.03 -6.57
N LEU G 362 42.15 -41.09 -5.68
CA LEU G 362 41.13 -40.09 -5.97
C LEU G 362 41.78 -38.86 -6.59
N LYS G 363 42.93 -39.06 -7.23
CA LYS G 363 43.63 -37.95 -7.86
C LYS G 363 42.94 -37.52 -9.13
N LYS G 364 41.69 -37.08 -9.01
CA LYS G 364 40.94 -36.62 -10.17
C LYS G 364 41.55 -35.32 -10.67
N LYS G 365 42.55 -35.41 -11.54
CA LYS G 365 43.21 -34.21 -12.01
C LYS G 365 42.17 -33.11 -12.26
N ALA G 366 42.19 -32.07 -11.43
CA ALA G 366 41.21 -31.00 -11.57
C ALA G 366 41.44 -30.25 -12.87
N ILE G 367 40.37 -30.01 -13.61
CA ILE G 367 40.42 -29.34 -14.90
C ILE G 367 39.40 -28.20 -14.89
N LEU G 368 39.73 -27.15 -15.64
CA LEU G 368 38.85 -25.99 -15.80
C LEU G 368 38.10 -26.16 -17.12
N HIS G 369 36.78 -26.34 -17.02
CA HIS G 369 35.94 -26.56 -18.19
C HIS G 369 34.70 -25.68 -18.12
N GLN G 370 34.30 -25.11 -19.25
CA GLN G 370 33.13 -24.25 -19.26
C GLN G 370 31.84 -25.03 -19.00
N GLU G 371 31.83 -26.33 -19.28
CA GLU G 371 30.65 -27.14 -19.00
C GLU G 371 30.64 -27.63 -17.55
N GLY G 372 31.79 -28.04 -17.04
CA GLY G 372 31.86 -28.53 -15.67
C GLY G 372 31.16 -29.87 -15.50
N HIS G 373 30.75 -30.12 -14.25
CA HIS G 373 30.05 -31.35 -13.90
C HIS G 373 29.02 -31.03 -12.82
N MET G 374 28.17 -32.02 -12.53
CA MET G 374 27.17 -31.85 -11.49
C MET G 374 27.81 -31.72 -10.11
N ASP G 375 28.88 -32.46 -9.85
CA ASP G 375 29.58 -32.41 -8.57
C ASP G 375 30.70 -31.36 -8.64
N ASP G 376 30.29 -30.10 -8.69
CA ASP G 376 31.20 -28.97 -8.72
C ASP G 376 31.12 -28.12 -7.45
N ALA G 377 29.93 -27.90 -6.91
CA ALA G 377 29.80 -27.19 -5.65
C ALA G 377 30.49 -27.97 -4.54
N LEU G 378 31.23 -27.26 -3.70
CA LEU G 378 32.11 -27.88 -2.72
C LEU G 378 31.95 -27.21 -1.36
N PHE G 379 32.23 -27.99 -0.32
CA PHE G 379 32.11 -27.57 1.07
C PHE G 379 33.41 -26.95 1.55
N LEU G 380 33.30 -25.97 2.44
CA LEU G 380 34.45 -25.30 3.02
C LEU G 380 34.46 -25.53 4.52
N THR G 381 35.61 -25.95 5.06
CA THR G 381 35.74 -26.21 6.49
C THR G 381 37.02 -25.59 7.01
N ARG G 382 36.90 -24.75 8.04
CA ARG G 382 38.08 -24.10 8.61
C ARG G 382 38.83 -25.07 9.53
N CYS G 383 40.15 -25.10 9.39
CA CYS G 383 40.98 -25.93 10.24
C CYS G 383 41.21 -25.24 11.58
N GLN G 384 41.87 -25.97 12.49
CA GLN G 384 42.17 -25.43 13.80
C GLN G 384 43.38 -24.51 13.73
N GLN G 385 43.45 -23.60 14.72
CA GLN G 385 44.57 -22.67 14.80
C GLN G 385 45.89 -23.42 15.00
N GLU G 386 45.86 -24.56 15.70
CA GLU G 386 47.06 -25.36 15.85
C GLU G 386 47.56 -25.86 14.50
N GLU G 387 46.65 -26.37 13.67
CA GLU G 387 47.05 -26.85 12.35
C GLU G 387 47.53 -25.72 11.46
N SER G 388 46.87 -24.56 11.53
CA SER G 388 47.30 -23.41 10.72
C SER G 388 48.70 -22.96 11.11
N GLN G 389 48.94 -22.81 12.42
CA GLN G 389 50.27 -22.43 12.88
C GLN G 389 51.31 -23.46 12.49
N ALA G 390 50.99 -24.75 12.64
CA ALA G 390 51.92 -25.80 12.29
C ALA G 390 52.28 -25.75 10.82
N ALA G 391 51.28 -25.53 9.95
CA ALA G 391 51.56 -25.41 8.52
C ALA G 391 52.46 -24.22 8.23
N ARG G 392 52.23 -23.09 8.91
CA ARG G 392 53.07 -21.92 8.66
C ARG G 392 54.52 -22.18 9.08
N MET G 393 54.73 -22.81 10.24
CA MET G 393 56.09 -23.14 10.64
C MET G 393 56.71 -24.17 9.69
N ILE G 394 55.92 -25.11 9.20
CA ILE G 394 56.44 -26.07 8.21
C ILE G 394 56.95 -25.33 6.97
N HIS G 395 56.16 -24.40 6.46
CA HIS G 395 56.57 -23.63 5.29
C HIS G 395 57.86 -22.85 5.55
N SER G 396 57.88 -22.08 6.64
CA SER G 396 59.04 -21.25 6.92
C SER G 396 60.29 -22.10 7.17
N THR G 397 60.16 -23.18 7.94
CA THR G 397 61.29 -24.04 8.25
C THR G 397 61.80 -24.74 6.99
N ALA G 398 60.90 -25.20 6.13
CA ALA G 398 61.32 -25.83 4.89
C ALA G 398 62.10 -24.85 4.02
N GLY G 399 61.61 -23.61 3.91
CA GLY G 399 62.34 -22.61 3.15
C GLY G 399 63.73 -22.34 3.71
N LEU G 400 63.80 -22.15 5.04
CA LEU G 400 65.08 -21.84 5.68
C LEU G 400 66.07 -22.98 5.51
N TYR G 401 65.61 -24.22 5.71
CA TYR G 401 66.53 -25.35 5.62
C TYR G 401 66.91 -25.65 4.18
N ASN G 402 66.03 -25.38 3.22
CA ASN G 402 66.42 -25.48 1.81
C ASN G 402 67.50 -24.47 1.48
N GLN G 403 67.37 -23.25 2.00
CA GLN G 403 68.42 -22.25 1.80
C GLN G 403 69.74 -22.72 2.43
N PHE G 404 69.65 -23.29 3.64
CA PHE G 404 70.86 -23.79 4.30
C PHE G 404 71.51 -24.91 3.50
N ILE G 405 70.71 -25.83 2.96
CA ILE G 405 71.25 -26.93 2.17
C ILE G 405 71.90 -26.41 0.89
N LYS G 406 71.27 -25.43 0.24
CA LYS G 406 71.88 -24.83 -0.94
C LYS G 406 73.22 -24.18 -0.59
N GLY G 407 73.26 -23.46 0.53
CA GLY G 407 74.52 -22.87 0.96
C GLY G 407 75.59 -23.90 1.23
N LEU G 408 75.23 -25.00 1.87
CA LEU G 408 76.19 -26.07 2.15
C LEU G 408 76.69 -26.69 0.85
N ASP G 409 75.80 -26.92 -0.12
CA ASP G 409 76.21 -27.51 -1.38
C ASP G 409 76.98 -26.55 -2.26
N SER G 410 76.90 -25.25 -1.98
CA SER G 410 77.60 -24.26 -2.81
C SER G 410 79.11 -24.50 -2.82
N PHE G 411 79.71 -24.69 -1.64
CA PHE G 411 81.16 -24.80 -1.53
C PHE G 411 81.66 -26.24 -1.47
N SER G 412 80.78 -27.22 -1.68
CA SER G 412 81.18 -28.61 -1.56
C SER G 412 82.15 -28.98 -2.69
N GLY G 413 83.33 -29.47 -2.30
CA GLY G 413 84.33 -29.92 -3.26
C GLY G 413 85.35 -28.87 -3.66
N LYS G 414 85.12 -27.60 -3.36
CA LYS G 414 86.03 -26.53 -3.73
C LYS G 414 86.70 -25.96 -2.49
N PRO G 415 88.02 -26.06 -2.35
CA PRO G 415 88.68 -25.51 -1.16
C PRO G 415 88.48 -24.00 -1.06
N ARG G 416 88.36 -23.53 0.18
CA ARG G 416 88.12 -22.11 0.43
C ARG G 416 89.42 -21.31 0.43
N GLY G 417 90.49 -21.88 0.97
CA GLY G 417 91.76 -21.17 1.00
C GLY G 417 91.70 -19.96 1.90
N SER G 418 92.16 -18.81 1.37
CA SER G 418 92.18 -17.57 2.14
C SER G 418 90.89 -16.78 1.98
N GLY G 419 90.33 -16.72 0.78
CA GLY G 419 89.12 -15.98 0.53
C GLY G 419 87.88 -16.78 0.86
N PRO G 420 86.99 -16.20 1.67
CA PRO G 420 85.75 -16.88 2.04
C PRO G 420 84.89 -17.16 0.82
N PRO G 421 83.91 -18.06 0.94
CA PRO G 421 83.05 -18.37 -0.22
C PRO G 421 82.42 -17.11 -0.81
N ALA G 422 82.53 -16.98 -2.13
CA ALA G 422 81.99 -15.82 -2.82
C ALA G 422 80.46 -15.81 -2.86
N GLY G 423 79.82 -16.94 -2.56
CA GLY G 423 78.37 -17.00 -2.58
C GLY G 423 77.76 -16.40 -1.33
N PRO G 424 76.43 -16.45 -1.26
CA PRO G 424 75.73 -15.90 -0.10
C PRO G 424 76.12 -16.62 1.18
N ALA G 425 76.18 -15.86 2.27
CA ALA G 425 76.54 -16.42 3.57
C ALA G 425 75.44 -17.34 4.08
N LEU G 426 75.85 -18.34 4.86
CA LEU G 426 74.90 -19.29 5.42
C LEU G 426 74.08 -18.63 6.52
N PRO G 427 72.77 -18.86 6.57
CA PRO G 427 71.92 -18.30 7.63
C PRO G 427 72.09 -19.07 8.94
N ILE G 428 73.28 -18.98 9.52
CA ILE G 428 73.62 -19.77 10.70
C ILE G 428 72.77 -19.35 11.90
N GLU G 429 72.66 -18.04 12.12
CA GLU G 429 71.91 -17.55 13.27
C GLU G 429 70.44 -17.94 13.16
N ALA G 430 69.85 -17.75 11.98
CA ALA G 430 68.45 -18.11 11.77
C ALA G 430 68.24 -19.62 11.95
N VAL G 431 69.17 -20.43 11.44
CA VAL G 431 69.05 -21.88 11.57
C VAL G 431 69.10 -22.29 13.04
N ILE G 432 70.04 -21.72 13.79
CA ILE G 432 70.17 -22.06 15.20
C ILE G 432 68.92 -21.66 15.98
N LEU G 433 68.42 -20.45 15.71
CA LEU G 433 67.23 -19.98 16.41
C LEU G 433 66.02 -20.84 16.07
N SER G 434 65.87 -21.22 14.80
CA SER G 434 64.77 -22.08 14.40
C SER G 434 64.87 -23.45 15.05
N LEU G 435 66.07 -24.01 15.13
CA LEU G 435 66.25 -25.30 15.79
C LEU G 435 65.87 -25.22 17.26
N GLN G 436 66.31 -24.16 17.95
CA GLN G 436 65.95 -24.00 19.36
C GLN G 436 64.44 -23.86 19.53
N ASP G 437 63.80 -23.06 18.68
CA ASP G 437 62.36 -22.89 18.76
C ASP G 437 61.63 -24.20 18.51
N LEU G 438 62.09 -24.99 17.53
CA LEU G 438 61.45 -26.27 17.25
C LEU G 438 61.64 -27.25 18.40
N ILE G 439 62.82 -27.26 19.02
CA ILE G 439 63.05 -28.15 20.17
C ILE G 439 62.12 -27.77 21.32
N GLY G 440 62.01 -26.47 21.61
CA GLY G 440 61.07 -26.04 22.63
C GLY G 440 59.63 -26.35 22.27
N TYR G 441 59.29 -26.28 20.99
CA TYR G 441 57.94 -26.56 20.53
C TYR G 441 57.60 -28.04 20.70
N PHE G 442 58.58 -28.92 20.45
CA PHE G 442 58.39 -30.37 20.51
C PHE G 442 58.79 -30.97 21.85
N GLU G 443 59.14 -30.14 22.83
CA GLU G 443 59.50 -30.66 24.14
C GLU G 443 58.34 -31.45 24.74
N PRO G 444 58.59 -32.62 25.32
CA PRO G 444 57.51 -33.45 25.86
C PRO G 444 56.84 -32.79 27.04
N PRO G 445 55.57 -33.12 27.29
CA PRO G 445 54.88 -32.56 28.47
C PRO G 445 55.48 -33.06 29.76
N SER G 446 55.35 -32.24 30.81
CA SER G 446 55.87 -32.60 32.12
C SER G 446 55.05 -33.72 32.75
N GLU G 447 55.73 -34.60 33.49
CA GLU G 447 55.06 -35.71 34.16
C GLU G 447 54.30 -35.28 35.41
N GLU G 448 54.60 -34.10 35.95
CA GLU G 448 53.91 -33.62 37.15
C GLU G 448 52.46 -33.25 36.89
N LEU G 449 52.05 -33.14 35.64
CA LEU G 449 50.69 -32.75 35.31
C LEU G 449 49.71 -33.87 35.65
N GLN G 450 48.43 -33.51 35.70
CA GLN G 450 47.38 -34.49 35.94
C GLN G 450 47.29 -35.45 34.75
N HIS G 451 46.68 -36.61 35.00
CA HIS G 451 46.68 -37.68 33.99
C HIS G 451 45.90 -37.25 32.75
N GLU G 452 44.73 -36.64 32.93
CA GLU G 452 43.89 -36.29 31.79
C GLU G 452 44.54 -35.21 30.92
N GLU G 453 45.00 -34.13 31.55
CA GLU G 453 45.65 -33.06 30.80
C GLU G 453 46.95 -33.54 30.17
N LYS G 454 47.68 -34.42 30.87
CA LYS G 454 48.89 -34.99 30.29
C LYS G 454 48.58 -35.82 29.06
N GLN G 455 47.52 -36.63 29.11
CA GLN G 455 47.12 -37.41 27.95
C GLN G 455 46.71 -36.50 26.78
N SER G 456 45.99 -35.41 27.08
CA SER G 456 45.60 -34.49 26.03
C SER G 456 46.83 -33.84 25.38
N LYS G 457 47.81 -33.44 26.20
CA LYS G 457 49.02 -32.84 25.64
C LYS G 457 49.84 -33.87 24.86
N LEU G 458 49.84 -35.13 25.31
CA LEU G 458 50.50 -36.17 24.53
C LEU G 458 49.83 -36.37 23.18
N ARG G 459 48.50 -36.34 23.14
CA ARG G 459 47.80 -36.44 21.86
C ARG G 459 48.14 -35.26 20.95
N SER G 460 48.19 -34.06 21.53
CA SER G 460 48.57 -32.88 20.73
C SER G 460 49.97 -33.04 20.16
N LEU G 461 50.92 -33.49 20.99
CA LEU G 461 52.28 -33.69 20.53
C LEU G 461 52.34 -34.76 19.45
N ARG G 462 51.58 -35.85 19.61
CA ARG G 462 51.58 -36.92 18.63
C ARG G 462 51.07 -36.43 17.28
N ASN G 463 49.96 -35.68 17.27
CA ASN G 463 49.44 -35.22 15.99
C ASN G 463 50.35 -34.17 15.36
N ARG G 464 50.98 -33.32 16.19
CA ARG G 464 51.93 -32.35 15.65
C ARG G 464 53.13 -33.05 15.01
N GLN G 465 53.67 -34.06 15.70
CA GLN G 465 54.78 -34.83 15.15
C GLN G 465 54.36 -35.54 13.87
N SER G 466 53.13 -36.06 13.82
CA SER G 466 52.64 -36.69 12.61
C SER G 466 52.55 -35.70 11.46
N LEU G 467 52.09 -34.47 11.74
CA LEU G 467 52.00 -33.46 10.68
C LEU G 467 53.38 -33.12 10.13
N PHE G 468 54.35 -32.87 11.00
CA PHE G 468 55.71 -32.59 10.51
C PHE G 468 56.29 -33.80 9.77
N GLN G 469 56.02 -35.01 10.26
CA GLN G 469 56.54 -36.20 9.61
C GLN G 469 55.98 -36.36 8.20
N GLU G 470 54.66 -36.16 8.05
CA GLU G 470 54.06 -36.31 6.73
C GLU G 470 54.47 -35.17 5.79
N GLU G 471 54.71 -33.98 6.34
CA GLU G 471 55.24 -32.91 5.51
C GLU G 471 56.70 -33.13 5.15
N GLY G 472 57.40 -34.00 5.88
CA GLY G 472 58.73 -34.41 5.48
C GLY G 472 59.87 -33.64 6.11
N MET G 473 59.65 -33.00 7.26
CA MET G 473 60.74 -32.30 7.94
C MET G 473 61.81 -33.26 8.42
N LEU G 474 61.43 -34.51 8.74
CA LEU G 474 62.41 -35.49 9.19
C LEU G 474 63.43 -35.79 8.09
N SER G 475 62.96 -35.97 6.85
CA SER G 475 63.88 -36.20 5.74
C SER G 475 64.76 -34.99 5.49
N LEU G 476 64.21 -33.78 5.64
CA LEU G 476 65.00 -32.57 5.48
C LEU G 476 66.10 -32.49 6.53
N VAL G 477 65.77 -32.81 7.79
CA VAL G 477 66.78 -32.81 8.85
C VAL G 477 67.85 -33.86 8.57
N LEU G 478 67.42 -35.05 8.12
CA LEU G 478 68.40 -36.09 7.78
C LEU G 478 69.32 -35.64 6.66
N ASN G 479 68.78 -34.95 5.66
CA ASN G 479 69.61 -34.44 4.56
C ASN G 479 70.61 -33.40 5.07
N CYS G 480 70.16 -32.51 5.98
CA CYS G 480 71.08 -31.54 6.55
C CYS G 480 72.19 -32.22 7.34
N ILE G 481 71.85 -33.26 8.12
CA ILE G 481 72.87 -34.00 8.86
C ILE G 481 73.85 -34.67 7.92
N ASP G 482 73.35 -35.26 6.83
CA ASP G 482 74.23 -35.89 5.86
C ASP G 482 75.17 -34.87 5.21
N ARG G 483 74.64 -33.68 4.89
CA ARG G 483 75.50 -32.63 4.34
C ARG G 483 76.57 -32.19 5.32
N LEU G 484 76.20 -32.04 6.60
CA LEU G 484 77.14 -31.52 7.59
C LEU G 484 78.16 -32.57 8.03
N ASN G 485 77.82 -33.85 7.96
CA ASN G 485 78.69 -34.91 8.46
C ASN G 485 79.84 -35.24 7.52
N VAL G 486 79.88 -34.66 6.32
CA VAL G 486 80.98 -34.93 5.41
C VAL G 486 82.30 -34.44 6.01
N TYR G 487 82.30 -33.24 6.59
CA TYR G 487 83.49 -32.69 7.21
C TYR G 487 83.73 -33.35 8.56
N THR G 488 84.97 -33.79 8.80
CA THR G 488 85.27 -34.56 10.00
C THR G 488 85.24 -33.68 11.25
N THR G 489 85.86 -32.52 11.20
CA THR G 489 86.02 -31.68 12.38
C THR G 489 85.72 -30.23 12.03
N ALA G 490 85.77 -29.37 13.04
CA ALA G 490 85.50 -27.95 12.85
C ALA G 490 86.54 -27.31 11.94
N ALA G 491 87.81 -27.70 12.07
CA ALA G 491 88.84 -27.17 11.19
C ALA G 491 88.60 -27.58 9.74
N HIS G 492 88.22 -28.84 9.52
CA HIS G 492 87.92 -29.30 8.17
C HIS G 492 86.70 -28.57 7.61
N PHE G 493 85.71 -28.29 8.45
CA PHE G 493 84.57 -27.49 8.02
C PHE G 493 84.99 -26.07 7.66
N ALA G 494 85.94 -25.51 8.42
CA ALA G 494 86.42 -24.15 8.15
C ALA G 494 87.22 -24.09 6.86
N GLU G 495 87.89 -25.19 6.49
CA GLU G 495 88.68 -25.20 5.27
C GLU G 495 87.82 -24.99 4.02
N TYR G 496 86.51 -25.15 4.12
CA TYR G 496 85.61 -24.96 2.99
C TYR G 496 84.55 -23.89 3.22
N ALA G 497 83.94 -23.86 4.40
CA ALA G 497 82.84 -22.94 4.68
C ALA G 497 83.28 -21.65 5.34
N GLY G 498 84.51 -21.55 5.79
CA GLY G 498 84.99 -20.32 6.37
C GLY G 498 85.17 -20.41 7.87
N GLU G 499 86.17 -19.68 8.38
CA GLU G 499 86.43 -19.66 9.81
C GLU G 499 85.25 -19.09 10.59
N GLU G 500 84.62 -18.03 10.06
CA GLU G 500 83.49 -17.43 10.75
C GLU G 500 82.34 -18.42 10.88
N ALA G 501 82.12 -19.25 9.85
CA ALA G 501 81.09 -20.28 9.91
C ALA G 501 81.53 -21.51 10.69
N ALA G 502 82.82 -21.63 11.00
CA ALA G 502 83.32 -22.83 11.67
C ALA G 502 82.75 -22.98 13.08
N GLU G 503 82.64 -21.88 13.83
CA GLU G 503 82.36 -21.98 15.26
C GLU G 503 80.99 -22.59 15.57
N SER G 504 80.06 -22.56 14.64
CA SER G 504 78.70 -23.02 14.89
C SER G 504 78.45 -24.44 14.40
N TRP G 505 79.45 -25.11 13.84
CA TRP G 505 79.24 -26.44 13.25
C TRP G 505 78.81 -27.44 14.31
N LYS G 506 79.53 -27.51 15.43
CA LYS G 506 79.19 -28.46 16.48
C LYS G 506 77.82 -28.16 17.07
N GLU G 507 77.52 -26.89 17.29
CA GLU G 507 76.22 -26.52 17.85
C GLU G 507 75.08 -26.92 16.93
N ILE G 508 75.24 -26.67 15.62
CA ILE G 508 74.20 -27.04 14.67
C ILE G 508 74.03 -28.55 14.61
N VAL G 509 75.14 -29.30 14.66
CA VAL G 509 75.05 -30.76 14.64
C VAL G 509 74.29 -31.28 15.86
N ASN G 510 74.65 -30.78 17.04
CA ASN G 510 73.99 -31.21 18.26
C ASN G 510 72.50 -30.85 18.24
N LEU G 511 72.18 -29.64 17.77
CA LEU G 511 70.77 -29.23 17.70
C LEU G 511 70.00 -30.10 16.70
N LEU G 512 70.63 -30.47 15.59
CA LEU G 512 69.95 -31.33 14.62
C LEU G 512 69.66 -32.70 15.20
N TYR G 513 70.63 -33.30 15.87
CA TYR G 513 70.38 -34.60 16.51
C TYR G 513 69.32 -34.50 17.59
N GLU G 514 69.36 -33.43 18.40
CA GLU G 514 68.35 -33.27 19.44
C GLU G 514 66.95 -33.09 18.84
N LEU G 515 66.85 -32.31 17.75
CA LEU G 515 65.56 -32.14 17.11
C LEU G 515 65.04 -33.43 16.51
N LEU G 516 65.92 -34.22 15.90
CA LEU G 516 65.50 -35.52 15.36
C LEU G 516 65.00 -36.44 16.47
N ALA G 517 65.71 -36.46 17.60
CA ALA G 517 65.26 -37.25 18.74
C ALA G 517 63.91 -36.78 19.24
N SER G 518 63.70 -35.45 19.30
CA SER G 518 62.43 -34.91 19.73
C SER G 518 61.30 -35.30 18.78
N LEU G 519 61.57 -35.26 17.47
CA LEU G 519 60.55 -35.65 16.50
C LEU G 519 60.18 -37.11 16.65
N ILE G 520 61.18 -38.00 16.80
CA ILE G 520 60.87 -39.42 16.84
C ILE G 520 60.42 -39.91 18.21
N ARG G 521 60.61 -39.11 19.25
CA ARG G 521 60.28 -39.55 20.59
C ARG G 521 58.77 -39.69 20.77
N GLY G 522 58.33 -40.88 21.19
CA GLY G 522 56.93 -41.13 21.48
C GLY G 522 56.06 -41.47 20.30
N ASN G 523 56.61 -41.46 19.07
CA ASN G 523 55.84 -41.75 17.87
C ASN G 523 56.35 -43.06 17.29
N ARG G 524 55.55 -44.12 17.45
CA ARG G 524 55.97 -45.44 17.00
C ARG G 524 56.12 -45.49 15.48
N ALA G 525 55.22 -44.83 14.75
CA ALA G 525 55.34 -44.79 13.30
C ALA G 525 56.62 -44.06 12.87
N ASN G 526 56.92 -42.93 13.51
CA ASN G 526 58.12 -42.19 13.18
C ASN G 526 59.37 -43.01 13.47
N CYS G 527 59.38 -43.74 14.59
CA CYS G 527 60.51 -44.62 14.88
C CYS G 527 60.60 -45.76 13.87
N ALA G 528 59.45 -46.31 13.45
CA ALA G 528 59.44 -47.39 12.48
C ALA G 528 59.94 -46.92 11.12
N LEU G 529 59.80 -45.62 10.82
CA LEU G 529 60.34 -45.09 9.57
C LEU G 529 61.85 -45.33 9.47
N PHE G 530 62.54 -45.45 10.60
CA PHE G 530 63.96 -45.74 10.64
C PHE G 530 64.26 -47.24 10.59
N SER G 531 63.35 -48.05 10.04
CA SER G 531 63.60 -49.48 9.93
C SER G 531 64.83 -49.76 9.07
N THR G 532 65.02 -48.98 8.00
CA THR G 532 66.18 -49.09 7.13
C THR G 532 67.29 -48.13 7.51
N ASN G 533 67.13 -47.36 8.59
CA ASN G 533 68.13 -46.40 9.02
C ASN G 533 68.96 -46.90 10.19
N LEU G 534 68.92 -48.21 10.48
CA LEU G 534 69.76 -48.76 11.54
C LEU G 534 71.24 -48.55 11.22
N ASP G 535 71.62 -48.76 9.96
CA ASP G 535 72.98 -48.43 9.55
C ASP G 535 73.26 -46.95 9.73
N TRP G 536 72.28 -46.10 9.42
CA TRP G 536 72.48 -44.65 9.52
C TRP G 536 72.75 -44.23 10.96
N VAL G 537 72.10 -44.86 11.93
CA VAL G 537 72.35 -44.49 13.32
C VAL G 537 73.61 -45.16 13.86
N VAL G 538 73.84 -46.43 13.50
CA VAL G 538 74.97 -47.16 14.07
C VAL G 538 76.29 -46.62 13.54
N SER G 539 76.39 -46.33 12.24
CA SER G 539 77.62 -45.80 11.68
C SER G 539 77.94 -44.41 12.19
N LYS G 540 76.96 -43.72 12.79
CA LYS G 540 77.19 -42.41 13.39
C LYS G 540 77.29 -42.46 14.91
N LEU G 541 77.01 -43.61 15.52
CA LEU G 541 77.20 -43.76 16.96
C LEU G 541 78.62 -43.39 17.38
N ASP G 542 79.61 -43.68 16.55
CA ASP G 542 81.01 -43.45 16.90
C ASP G 542 81.46 -42.01 16.63
N ARG G 543 80.58 -41.15 16.14
CA ARG G 543 80.94 -39.75 15.92
C ARG G 543 81.34 -39.09 17.23
N LEU G 544 82.44 -38.34 17.19
CA LEU G 544 82.92 -37.67 18.39
C LEU G 544 81.93 -36.62 18.87
N GLU G 545 81.33 -35.86 17.95
CA GLU G 545 80.35 -34.85 18.31
C GLU G 545 78.95 -35.46 18.29
N ALA G 546 78.12 -35.01 19.22
CA ALA G 546 76.73 -35.46 19.35
C ALA G 546 76.63 -36.97 19.55
N SER G 547 77.64 -37.56 20.19
CA SER G 547 77.59 -38.98 20.49
C SER G 547 76.43 -39.30 21.43
N SER G 548 76.24 -38.48 22.46
CA SER G 548 75.09 -38.66 23.34
C SER G 548 73.78 -38.51 22.59
N GLY G 549 73.73 -37.56 21.65
CA GLY G 549 72.51 -37.37 20.88
C GLY G 549 72.17 -38.56 20.02
N ILE G 550 73.15 -39.10 19.30
CA ILE G 550 72.90 -40.24 18.43
C ILE G 550 72.58 -41.48 19.26
N LEU G 551 73.23 -41.63 20.42
CA LEU G 551 72.89 -42.73 21.32
C LEU G 551 71.46 -42.62 21.82
N GLU G 552 71.01 -41.40 22.14
CA GLU G 552 69.63 -41.19 22.57
C GLU G 552 68.66 -41.50 21.44
N VAL G 553 69.01 -41.12 20.22
CA VAL G 553 68.16 -41.43 19.07
C VAL G 553 68.01 -42.94 18.91
N LEU G 554 69.13 -43.67 18.98
CA LEU G 554 69.07 -45.12 18.88
C LEU G 554 68.25 -45.72 20.01
N TYR G 555 68.42 -45.19 21.23
CA TYR G 555 67.64 -45.67 22.36
C TYR G 555 66.15 -45.51 22.12
N CYS G 556 65.74 -44.32 21.65
CA CYS G 556 64.33 -44.08 21.39
C CYS G 556 63.79 -45.04 20.32
N VAL G 557 64.54 -45.20 19.24
CA VAL G 557 64.09 -46.08 18.16
C VAL G 557 63.92 -47.51 18.65
N LEU G 558 64.91 -48.01 19.40
CA LEU G 558 64.84 -49.39 19.89
C LEU G 558 63.71 -49.58 20.89
N ILE G 559 63.53 -48.63 21.81
CA ILE G 559 62.49 -48.81 22.83
C ILE G 559 61.10 -48.57 22.25
N GLU G 560 60.98 -47.92 21.10
CA GLU G 560 59.66 -47.67 20.53
C GLU G 560 59.24 -48.72 19.51
N SER G 561 60.15 -49.19 18.64
CA SER G 561 59.62 -50.12 17.66
C SER G 561 60.26 -51.50 17.80
N PRO G 562 59.47 -52.57 17.65
CA PRO G 562 60.07 -53.92 17.69
C PRO G 562 60.81 -54.31 16.42
N GLU G 563 60.36 -53.87 15.25
CA GLU G 563 60.97 -54.33 14.00
C GLU G 563 62.41 -53.83 13.86
N VAL G 564 62.67 -52.60 14.30
CA VAL G 564 64.04 -52.08 14.26
C VAL G 564 64.94 -52.91 15.15
N LEU G 565 64.36 -53.60 16.14
CA LEU G 565 65.13 -54.51 16.97
C LEU G 565 65.27 -55.88 16.31
N ASN G 566 64.23 -56.33 15.61
CA ASN G 566 64.32 -57.61 14.91
C ASN G 566 65.37 -57.58 13.81
N ILE G 567 65.58 -56.42 13.19
CA ILE G 567 66.57 -56.34 12.11
C ILE G 567 68.00 -56.28 12.66
N ILE G 568 68.17 -55.98 13.95
CA ILE G 568 69.49 -55.82 14.57
C ILE G 568 70.37 -57.02 14.23
N GLN G 569 71.61 -56.72 13.80
CA GLN G 569 72.54 -57.73 13.32
C GLN G 569 73.77 -57.80 14.21
N GLU G 570 74.62 -58.78 13.89
CA GLU G 570 75.83 -59.03 14.65
C GLU G 570 76.78 -57.84 14.61
N ASN G 571 76.96 -57.24 13.43
CA ASN G 571 77.84 -56.08 13.33
C ASN G 571 77.29 -54.91 14.12
N HIS G 572 75.96 -54.74 14.13
CA HIS G 572 75.36 -53.69 14.94
C HIS G 572 75.65 -53.90 16.42
N ILE G 573 75.49 -55.14 16.90
CA ILE G 573 75.76 -55.42 18.31
C ILE G 573 77.23 -55.21 18.63
N LYS G 574 78.11 -55.62 17.71
CA LYS G 574 79.55 -55.41 17.92
C LYS G 574 79.89 -53.92 17.99
N SER G 575 79.24 -53.10 17.16
CA SER G 575 79.47 -51.66 17.22
C SER G 575 78.98 -51.08 18.55
N ILE G 576 77.83 -51.54 19.03
CA ILE G 576 77.32 -51.05 20.32
C ILE G 576 78.28 -51.45 21.44
N ILE G 577 78.86 -52.64 21.36
CA ILE G 577 79.84 -53.06 22.37
C ILE G 577 81.13 -52.25 22.25
N SER G 578 81.56 -51.98 21.02
CA SER G 578 82.73 -51.14 20.81
C SER G 578 82.52 -49.73 21.33
N LEU G 579 81.27 -49.28 21.41
CA LEU G 579 81.00 -47.99 22.06
C LEU G 579 81.47 -48.00 23.50
N LEU G 580 81.15 -49.06 24.25
CA LEU G 580 81.68 -49.20 25.61
C LEU G 580 83.18 -49.39 25.59
N ASP G 581 83.69 -50.14 24.62
CA ASP G 581 85.12 -50.44 24.57
C ASP G 581 85.95 -49.18 24.40
N LYS G 582 85.52 -48.27 23.52
CA LYS G 582 86.32 -47.10 23.17
C LYS G 582 85.94 -45.86 23.96
N HIS G 583 84.66 -45.55 24.08
CA HIS G 583 84.26 -44.33 24.78
C HIS G 583 84.38 -44.46 26.29
N GLY G 584 84.07 -45.64 26.83
CA GLY G 584 84.17 -45.89 28.25
C GLY G 584 82.90 -46.54 28.78
N ARG G 585 82.84 -46.69 30.10
CA ARG G 585 81.69 -47.31 30.76
C ARG G 585 80.59 -46.27 30.94
N ASN G 586 79.50 -46.43 30.19
CA ASN G 586 78.31 -45.62 30.34
C ASN G 586 77.12 -46.54 30.47
N HIS G 587 76.32 -46.34 31.52
CA HIS G 587 75.19 -47.23 31.77
C HIS G 587 74.10 -47.12 30.72
N LYS G 588 74.09 -46.05 29.92
CA LYS G 588 73.11 -45.93 28.86
C LYS G 588 73.32 -47.00 27.79
N VAL G 589 74.56 -47.39 27.52
CA VAL G 589 74.82 -48.47 26.58
C VAL G 589 74.28 -49.79 27.13
N LEU G 590 74.44 -50.01 28.44
CA LEU G 590 73.87 -51.20 29.05
C LEU G 590 72.34 -51.19 28.96
N ASP G 591 71.73 -50.02 29.14
CA ASP G 591 70.28 -49.91 28.96
C ASP G 591 69.89 -50.22 27.52
N VAL G 592 70.67 -49.75 26.55
CA VAL G 592 70.41 -50.07 25.15
C VAL G 592 70.48 -51.57 24.92
N LEU G 593 71.47 -52.23 25.50
CA LEU G 593 71.57 -53.69 25.36
C LEU G 593 70.39 -54.40 26.02
N CYS G 594 69.95 -53.90 27.19
CA CYS G 594 68.79 -54.48 27.84
C CYS G 594 67.55 -54.35 26.98
N SER G 595 67.37 -53.19 26.33
CA SER G 595 66.28 -53.03 25.39
C SER G 595 66.43 -53.97 24.20
N LEU G 596 67.67 -54.22 23.77
CA LEU G 596 67.92 -55.15 22.69
C LEU G 596 67.54 -56.58 23.06
N CYS G 597 67.63 -56.92 24.35
CA CYS G 597 67.33 -58.29 24.77
C CYS G 597 65.88 -58.67 24.49
N VAL G 598 64.94 -57.97 25.12
CA VAL G 598 63.53 -58.38 25.13
C VAL G 598 62.65 -57.19 24.77
N CYS G 599 61.60 -57.46 24.00
CA CYS G 599 60.63 -56.44 23.61
C CYS G 599 59.21 -56.93 23.93
N ASN G 600 58.46 -56.10 24.65
CA ASN G 600 57.04 -56.30 24.95
C ASN G 600 56.70 -57.77 25.21
N GLY G 601 57.50 -58.41 26.06
CA GLY G 601 57.27 -59.80 26.40
C GLY G 601 57.69 -60.80 25.36
N VAL G 602 58.46 -60.39 24.36
CA VAL G 602 58.98 -61.30 23.33
C VAL G 602 60.49 -61.27 23.43
N ALA G 603 61.10 -62.45 23.59
CA ALA G 603 62.53 -62.58 23.76
C ALA G 603 63.18 -62.90 22.41
N VAL G 604 64.09 -62.03 21.98
CA VAL G 604 64.84 -62.25 20.74
C VAL G 604 66.02 -63.15 21.08
N ARG G 605 65.89 -64.44 20.79
CA ARG G 605 66.92 -65.40 21.16
C ARG G 605 68.24 -65.11 20.46
N SER G 606 68.19 -64.74 19.17
CA SER G 606 69.40 -64.42 18.44
C SER G 606 70.14 -63.24 19.07
N ASN G 607 69.40 -62.18 19.41
CA ASN G 607 70.02 -61.02 20.03
C ASN G 607 70.60 -61.38 21.40
N GLN G 608 69.87 -62.15 22.20
CA GLN G 608 70.36 -62.53 23.52
C GLN G 608 71.66 -63.33 23.39
N ASP G 609 71.67 -64.31 22.50
CA ASP G 609 72.87 -65.13 22.32
C ASP G 609 74.03 -64.30 21.80
N LEU G 610 73.77 -63.39 20.86
CA LEU G 610 74.84 -62.56 20.32
C LEU G 610 75.45 -61.66 21.39
N ILE G 611 74.60 -61.01 22.19
CA ILE G 611 75.10 -60.15 23.26
C ILE G 611 75.91 -60.96 24.26
N THR G 612 75.39 -62.13 24.65
CA THR G 612 76.12 -62.97 25.60
C THR G 612 77.49 -63.35 25.04
N GLU G 613 77.51 -63.89 23.82
CA GLU G 613 78.76 -64.40 23.24
C GLU G 613 79.76 -63.29 23.00
N ASN G 614 79.31 -62.09 22.66
CA ASN G 614 80.22 -61.00 22.34
C ASN G 614 80.55 -60.13 23.55
N LEU G 615 79.94 -60.36 24.70
CA LEU G 615 80.26 -59.56 25.88
C LEU G 615 80.87 -60.37 27.02
N LEU G 616 80.29 -61.51 27.37
CA LEU G 616 80.67 -62.21 28.59
C LEU G 616 81.99 -62.98 28.51
N PRO G 617 82.29 -63.71 27.42
CA PRO G 617 83.53 -64.51 27.41
C PRO G 617 84.79 -63.70 27.63
N GLY G 618 84.82 -62.43 27.20
CA GLY G 618 86.02 -61.64 27.38
C GLY G 618 86.36 -61.40 28.84
N ARG G 619 85.33 -61.24 29.68
CA ARG G 619 85.50 -60.92 31.09
C ARG G 619 86.38 -59.69 31.28
N GLU G 620 86.16 -58.69 30.43
CA GLU G 620 86.87 -57.43 30.48
C GLU G 620 85.87 -56.28 30.37
N LEU G 621 86.35 -55.07 30.68
CA LEU G 621 85.54 -53.86 30.75
C LEU G 621 84.21 -54.10 31.45
N LEU G 622 84.23 -54.90 32.50
CA LEU G 622 83.03 -55.23 33.26
C LEU G 622 83.44 -55.66 34.66
N LEU G 623 82.68 -55.21 35.65
CA LEU G 623 83.02 -55.50 37.05
C LEU G 623 82.78 -56.96 37.36
N GLN G 624 83.76 -57.60 37.99
CA GLN G 624 83.71 -59.00 38.35
C GLN G 624 83.73 -59.16 39.86
N THR G 625 83.06 -60.20 40.35
CA THR G 625 82.97 -60.48 41.77
C THR G 625 83.33 -61.92 42.06
N ASN G 626 83.92 -62.14 43.23
CA ASN G 626 84.32 -63.48 43.66
C ASN G 626 84.67 -63.44 45.14
N LEU G 627 84.25 -64.49 45.86
CA LEU G 627 84.61 -64.62 47.27
C LEU G 627 86.09 -64.90 47.43
N ILE G 628 86.70 -64.29 48.44
CA ILE G 628 88.10 -64.51 48.80
C ILE G 628 88.20 -64.63 50.31
N ASN G 629 89.42 -64.86 50.80
CA ASN G 629 89.69 -65.05 52.21
C ASN G 629 90.57 -63.93 52.75
N TYR G 630 90.34 -63.58 54.01
CA TYR G 630 91.19 -62.62 54.69
C TYR G 630 92.54 -63.24 55.01
N VAL G 631 93.60 -62.47 54.82
CA VAL G 631 94.97 -62.92 55.05
C VAL G 631 95.66 -61.90 55.94
N THR G 632 96.35 -62.39 56.97
CA THR G 632 97.07 -61.53 57.89
C THR G 632 98.55 -61.89 57.87
N SER G 633 99.36 -61.06 58.52
CA SER G 633 100.81 -61.25 58.54
C SER G 633 101.39 -60.86 59.89
N ILE G 634 102.35 -61.64 60.35
CA ILE G 634 103.00 -61.44 61.64
C ILE G 634 104.51 -61.45 61.45
N ARG G 635 105.20 -60.52 62.10
CA ARG G 635 106.65 -60.40 62.03
C ARG G 635 107.30 -60.79 63.36
N PRO G 636 108.61 -60.99 63.36
CA PRO G 636 109.32 -61.39 64.60
C PRO G 636 109.96 -60.24 65.37
N ASN G 637 109.72 -58.99 64.98
CA ASN G 637 110.28 -57.81 65.66
C ASN G 637 111.81 -57.85 65.70
N ILE G 638 112.41 -58.33 64.61
CA ILE G 638 113.85 -58.37 64.45
C ILE G 638 114.19 -57.63 63.17
N PHE G 639 114.85 -56.47 63.30
CA PHE G 639 115.14 -55.60 62.16
C PHE G 639 116.63 -55.62 61.88
N VAL G 640 117.00 -56.02 60.65
CA VAL G 640 118.38 -56.03 60.21
C VAL G 640 118.46 -55.33 58.86
N GLY G 641 119.66 -54.86 58.54
CA GLY G 641 119.88 -54.18 57.27
C GLY G 641 121.34 -53.85 57.11
N ARG G 642 121.70 -53.48 55.89
CA ARG G 642 123.07 -53.12 55.53
C ARG G 642 123.15 -51.65 55.18
N ALA G 643 124.09 -50.95 55.81
CA ALA G 643 124.35 -49.55 55.52
C ALA G 643 125.84 -49.27 55.66
N GLU G 644 126.30 -48.20 55.03
CA GLU G 644 127.72 -47.84 55.07
C GLU G 644 128.08 -47.43 56.49
N GLY G 645 128.92 -48.24 57.14
CA GLY G 645 129.31 -47.98 58.51
C GLY G 645 128.32 -48.41 59.56
N SER G 646 127.27 -49.13 59.19
CA SER G 646 126.26 -49.56 60.15
C SER G 646 126.83 -50.57 61.13
N THR G 647 126.32 -50.54 62.35
CA THR G 647 126.76 -51.45 63.41
C THR G 647 125.84 -52.68 63.46
N GLN G 648 125.79 -53.40 62.35
CA GLN G 648 124.95 -54.58 62.24
C GLN G 648 125.67 -55.65 61.43
N TYR G 649 125.31 -56.90 61.67
CA TYR G 649 125.89 -58.04 60.98
C TYR G 649 125.09 -58.34 59.71
N GLY G 650 125.79 -58.85 58.70
CA GLY G 650 125.16 -59.10 57.42
C GLY G 650 124.32 -60.36 57.34
N LYS G 651 124.94 -61.52 57.52
CA LYS G 651 124.23 -62.78 57.36
C LYS G 651 123.29 -63.02 58.54
N TRP G 652 122.11 -63.55 58.24
CA TRP G 652 121.13 -63.87 59.28
C TRP G 652 120.38 -65.14 58.88
N TYR G 653 119.81 -65.80 59.89
CA TYR G 653 119.20 -67.11 59.71
C TYR G 653 118.11 -67.32 60.76
N PHE G 654 116.94 -67.76 60.31
CA PHE G 654 115.86 -68.11 61.22
C PHE G 654 115.10 -69.32 60.66
N GLU G 655 114.11 -69.79 61.41
CA GLU G 655 113.44 -71.04 61.08
C GLU G 655 112.01 -71.02 61.59
N VAL G 656 111.10 -71.60 60.82
CA VAL G 656 109.69 -71.68 61.17
C VAL G 656 109.20 -73.10 60.96
N MET G 657 108.57 -73.68 61.97
CA MET G 657 107.96 -75.00 61.89
C MET G 657 106.45 -74.87 61.77
N VAL G 658 105.82 -75.90 61.22
CA VAL G 658 104.38 -75.92 60.99
C VAL G 658 103.78 -77.06 61.80
N ASP G 659 102.79 -76.75 62.64
CA ASP G 659 102.16 -77.76 63.49
C ASP G 659 100.90 -78.34 62.85
N GLU G 660 99.92 -77.51 62.55
CA GLU G 660 98.66 -77.94 61.97
C GLU G 660 98.27 -77.04 60.82
N VAL G 661 97.82 -77.66 59.72
CA VAL G 661 97.29 -76.94 58.56
C VAL G 661 95.99 -77.62 58.16
N VAL G 662 94.93 -76.83 58.01
CA VAL G 662 93.64 -77.35 57.59
C VAL G 662 93.38 -76.91 56.16
N PRO G 663 93.74 -77.74 55.17
CA PRO G 663 93.60 -77.27 53.79
C PRO G 663 92.16 -77.12 53.33
N PHE G 664 91.94 -76.29 52.33
CA PHE G 664 90.58 -76.10 51.77
C PHE G 664 89.53 -75.86 52.84
N LEU G 665 89.80 -74.96 53.76
CA LEU G 665 88.78 -74.61 54.75
C LEU G 665 87.91 -73.52 54.13
N THR G 666 86.70 -73.35 54.65
CA THR G 666 85.80 -72.32 54.12
C THR G 666 85.80 -72.29 52.58
N ALA G 667 86.04 -73.45 51.97
CA ALA G 667 86.00 -73.63 50.51
C ALA G 667 87.07 -72.81 49.80
N GLN G 668 88.21 -72.60 50.46
CA GLN G 668 89.35 -71.95 49.82
C GLN G 668 90.63 -72.52 50.42
N ALA G 669 91.66 -72.65 49.57
CA ALA G 669 92.93 -73.17 50.04
C ALA G 669 93.55 -72.23 51.06
N THR G 670 94.03 -72.80 52.16
CA THR G 670 94.65 -72.00 53.21
C THR G 670 95.96 -71.40 52.73
N HIS G 671 96.11 -70.09 52.91
CA HIS G 671 97.30 -69.38 52.45
C HIS G 671 98.35 -69.40 53.57
N LEU G 672 99.58 -69.77 53.20
CA LEU G 672 100.68 -69.87 54.15
C LEU G 672 101.98 -69.60 53.42
N ARG G 673 102.66 -68.52 53.76
CA ARG G 673 103.95 -68.18 53.18
C ARG G 673 104.85 -67.61 54.26
N VAL G 674 106.15 -67.89 54.15
CA VAL G 674 107.17 -67.45 55.10
C VAL G 674 108.29 -66.78 54.31
N GLY G 675 108.76 -65.64 54.79
CA GLY G 675 109.86 -64.98 54.11
C GLY G 675 110.32 -63.75 54.87
N TRP G 676 110.95 -62.84 54.12
CA TRP G 676 111.41 -61.56 54.63
C TRP G 676 110.59 -60.43 54.02
N ALA G 677 110.72 -59.24 54.61
CA ALA G 677 109.99 -58.08 54.13
C ALA G 677 110.76 -56.82 54.48
N LEU G 678 110.57 -55.79 53.66
CA LEU G 678 111.20 -54.50 53.88
C LEU G 678 110.30 -53.61 54.71
N THR G 679 110.90 -52.84 55.63
CA THR G 679 110.12 -51.98 56.51
C THR G 679 109.39 -50.89 55.72
N GLU G 680 110.07 -50.26 54.77
CA GLU G 680 109.51 -49.17 53.97
C GLU G 680 109.03 -49.74 52.65
N GLY G 681 107.72 -49.99 52.56
CA GLY G 681 107.13 -50.47 51.32
C GLY G 681 106.17 -51.62 51.51
N TYR G 682 106.42 -52.46 52.49
CA TYR G 682 105.54 -53.60 52.79
C TYR G 682 104.54 -53.17 53.86
N SER G 683 103.29 -53.00 53.47
CA SER G 683 102.23 -52.56 54.38
C SER G 683 100.91 -53.18 53.94
N PRO G 684 100.67 -54.43 54.31
CA PRO G 684 99.40 -55.07 53.94
C PRO G 684 98.23 -54.48 54.71
N TYR G 685 97.06 -54.53 54.08
CA TYR G 685 95.82 -54.06 54.69
C TYR G 685 94.76 -55.12 54.56
N PRO G 686 93.85 -55.24 55.54
CA PRO G 686 92.80 -56.26 55.46
C PRO G 686 91.90 -56.10 54.25
N GLY G 687 91.97 -57.04 53.32
CA GLY G 687 91.11 -57.03 52.15
C GLY G 687 91.41 -55.92 51.17
N GLY G 688 90.85 -56.02 49.97
CA GLY G 688 90.99 -54.98 48.96
C GLY G 688 92.41 -54.75 48.50
N GLY G 689 93.18 -55.81 48.31
CA GLY G 689 94.55 -55.70 47.85
C GLY G 689 94.66 -55.78 46.34
N GLU G 690 95.89 -55.98 45.89
CA GLU G 690 96.16 -56.12 44.46
C GLU G 690 95.68 -57.48 43.96
N GLY G 691 95.56 -57.60 42.65
CA GLY G 691 95.07 -58.83 42.05
C GLY G 691 93.62 -59.09 42.41
N TRP G 692 93.37 -60.08 43.26
CA TRP G 692 92.05 -60.38 43.77
C TRP G 692 92.05 -60.43 45.29
N GLY G 693 92.85 -59.57 45.92
CA GLY G 693 92.90 -59.50 47.36
C GLY G 693 93.72 -60.61 47.98
N GLY G 694 93.64 -60.67 49.30
CA GLY G 694 94.40 -61.67 50.06
C GLY G 694 95.90 -61.51 49.93
N ASN G 695 96.39 -60.29 50.03
CA ASN G 695 97.82 -60.04 49.87
C ASN G 695 98.61 -60.61 51.03
N GLY G 696 99.75 -61.21 50.72
CA GLY G 696 100.64 -61.76 51.73
C GLY G 696 102.10 -61.55 51.38
N VAL G 697 102.97 -62.42 51.87
CA VAL G 697 104.39 -62.33 51.55
C VAL G 697 104.59 -62.71 50.08
N GLY G 698 105.30 -61.86 49.35
CA GLY G 698 105.58 -62.11 47.95
C GLY G 698 104.57 -61.54 46.99
N ASP G 699 103.62 -60.72 47.44
CA ASP G 699 102.65 -60.08 46.57
C ASP G 699 103.04 -58.65 46.23
N ASP G 700 104.25 -58.23 46.60
CA ASP G 700 104.78 -56.92 46.24
C ASP G 700 106.29 -57.02 46.15
N LEU G 701 106.90 -56.03 45.49
CA LEU G 701 108.35 -56.06 45.29
C LEU G 701 109.13 -55.79 46.55
N TYR G 702 108.47 -55.40 47.64
CA TYR G 702 109.13 -55.22 48.93
C TYR G 702 109.13 -56.48 49.78
N SER G 703 108.54 -57.57 49.30
CA SER G 703 108.43 -58.81 50.06
C SER G 703 108.85 -59.99 49.19
N TYR G 704 109.44 -60.99 49.84
CA TYR G 704 109.90 -62.20 49.18
C TYR G 704 109.51 -63.40 50.02
N GLY G 705 108.87 -64.39 49.40
CA GLY G 705 108.35 -65.51 50.15
C GLY G 705 108.52 -66.88 49.53
N PHE G 706 107.91 -67.89 50.15
CA PHE G 706 108.03 -69.27 49.70
C PHE G 706 106.84 -70.04 50.25
N ASP G 707 106.03 -70.61 49.37
CA ASP G 707 104.81 -71.30 49.76
C ASP G 707 104.93 -72.82 49.77
N GLY G 708 106.09 -73.35 49.36
CA GLY G 708 106.26 -74.80 49.33
C GLY G 708 106.63 -75.31 47.94
N LEU G 709 106.03 -74.72 46.91
CA LEU G 709 106.32 -75.08 45.54
C LEU G 709 106.73 -73.92 44.64
N HIS G 710 106.49 -72.67 45.06
CA HIS G 710 106.79 -71.51 44.25
C HIS G 710 107.50 -70.47 45.10
N LEU G 711 108.27 -69.60 44.43
CA LEU G 711 108.92 -68.46 45.05
C LEU G 711 108.10 -67.22 44.70
N TRP G 712 107.40 -66.67 45.68
CA TRP G 712 106.44 -65.60 45.46
C TRP G 712 107.17 -64.25 45.51
N THR G 713 107.03 -63.47 44.43
CA THR G 713 107.54 -62.11 44.39
C THR G 713 106.83 -61.36 43.28
N GLY G 714 106.49 -60.10 43.53
CA GLY G 714 105.80 -59.29 42.55
C GLY G 714 104.47 -59.85 42.12
N HIS G 715 103.79 -60.57 43.02
CA HIS G 715 102.51 -61.22 42.72
C HIS G 715 102.62 -62.19 41.55
N VAL G 716 103.80 -62.78 41.35
CA VAL G 716 104.04 -63.76 40.31
C VAL G 716 104.64 -65.00 40.95
N ALA G 717 104.01 -66.15 40.74
CA ALA G 717 104.47 -67.41 41.31
C ALA G 717 105.29 -68.16 40.28
N ARG G 718 106.49 -68.60 40.68
CA ARG G 718 107.40 -69.33 39.80
C ARG G 718 107.73 -70.66 40.45
N PRO G 719 107.35 -71.79 39.84
CA PRO G 719 107.62 -73.09 40.48
C PRO G 719 109.10 -73.34 40.67
N VAL G 720 109.44 -74.01 41.78
CA VAL G 720 110.82 -74.31 42.11
C VAL G 720 110.91 -75.81 42.37
N THR G 721 112.10 -76.36 42.10
CA THR G 721 112.34 -77.80 42.20
C THR G 721 112.92 -78.13 43.57
N SER G 722 112.26 -79.01 44.29
CA SER G 722 112.71 -79.53 45.57
C SER G 722 112.53 -81.04 45.60
N PRO G 723 113.36 -81.75 46.37
CA PRO G 723 113.18 -83.21 46.50
C PRO G 723 111.75 -83.60 46.84
N GLY G 724 111.24 -83.09 47.96
CA GLY G 724 109.85 -83.28 48.30
C GLY G 724 109.01 -82.07 47.94
N GLN G 725 108.31 -82.14 46.81
CA GLN G 725 107.52 -81.01 46.32
C GLN G 725 106.10 -81.17 46.81
N HIS G 726 105.74 -80.42 47.84
CA HIS G 726 104.37 -80.42 48.36
C HIS G 726 104.12 -79.11 49.08
N LEU G 727 102.84 -78.79 49.24
CA LEU G 727 102.45 -77.60 49.98
C LEU G 727 102.83 -77.77 51.45
N LEU G 728 102.97 -76.64 52.14
CA LEU G 728 103.35 -76.64 53.55
C LEU G 728 102.39 -77.50 54.36
N ALA G 729 102.91 -78.60 54.90
CA ALA G 729 102.13 -79.61 55.59
C ALA G 729 102.49 -79.65 57.06
N PRO G 730 101.68 -80.29 57.90
CA PRO G 730 102.04 -80.45 59.31
C PRO G 730 103.36 -81.20 59.47
N GLU G 731 104.09 -80.82 60.51
CA GLU G 731 105.36 -81.46 60.88
C GLU G 731 106.43 -81.27 59.81
N ASP G 732 106.53 -80.06 59.26
CA ASP G 732 107.64 -79.68 58.40
C ASP G 732 108.18 -78.33 58.84
N VAL G 733 109.46 -78.10 58.54
CA VAL G 733 110.18 -76.92 59.02
C VAL G 733 110.92 -76.28 57.85
N VAL G 734 110.90 -74.96 57.80
CA VAL G 734 111.54 -74.18 56.73
C VAL G 734 112.59 -73.29 57.36
N SER G 735 113.80 -73.36 56.84
CA SER G 735 114.91 -72.52 57.29
C SER G 735 115.16 -71.44 56.25
N CYS G 736 115.17 -70.18 56.70
CA CYS G 736 115.35 -69.03 55.82
C CYS G 736 116.63 -68.30 56.21
N CYS G 737 117.47 -68.03 55.22
CA CYS G 737 118.72 -67.32 55.45
C CYS G 737 118.82 -66.13 54.51
N LEU G 738 119.35 -65.03 55.04
CA LEU G 738 119.50 -63.77 54.31
C LEU G 738 120.96 -63.34 54.33
N ASP G 739 121.52 -63.10 53.15
CA ASP G 739 122.87 -62.59 52.99
C ASP G 739 122.79 -61.19 52.41
N LEU G 740 123.30 -60.21 53.16
CA LEU G 740 123.27 -58.82 52.73
C LEU G 740 124.55 -58.37 52.06
N SER G 741 125.65 -59.10 52.21
CA SER G 741 126.88 -58.77 51.51
C SER G 741 126.64 -58.72 50.00
N VAL G 742 126.25 -59.83 49.42
CA VAL G 742 125.62 -59.88 48.10
C VAL G 742 124.15 -60.19 48.32
N PRO G 743 123.23 -59.32 47.87
CA PRO G 743 121.80 -59.54 48.15
C PRO G 743 121.31 -60.94 47.79
N SER G 744 120.91 -61.71 48.80
CA SER G 744 120.45 -63.06 48.53
C SER G 744 119.53 -63.52 49.66
N ILE G 745 118.47 -64.23 49.30
CA ILE G 745 117.58 -64.90 50.25
C ILE G 745 117.44 -66.34 49.81
N SER G 746 117.68 -67.27 50.73
CA SER G 746 117.63 -68.69 50.41
C SER G 746 116.77 -69.43 51.42
N PHE G 747 116.16 -70.52 50.95
CA PHE G 747 115.23 -71.31 51.74
C PHE G 747 115.68 -72.77 51.72
N ARG G 748 115.31 -73.50 52.76
CA ARG G 748 115.65 -74.91 52.87
C ARG G 748 114.52 -75.62 53.61
N ILE G 749 113.86 -76.57 52.93
CA ILE G 749 112.72 -77.27 53.48
C ILE G 749 113.14 -78.67 53.90
N ASN G 750 112.99 -78.96 55.20
CA ASN G 750 113.31 -80.28 55.77
C ASN G 750 114.73 -80.71 55.41
N GLY G 751 115.67 -79.75 55.46
CA GLY G 751 117.04 -80.00 55.13
C GLY G 751 117.35 -80.05 53.65
N CYS G 752 116.37 -80.35 52.81
CA CYS G 752 116.59 -80.37 51.37
C CYS G 752 116.68 -78.94 50.85
N PRO G 753 117.77 -78.55 50.18
CA PRO G 753 117.87 -77.18 49.68
C PRO G 753 116.84 -76.89 48.60
N VAL G 754 116.42 -75.64 48.54
CA VAL G 754 115.48 -75.17 47.53
C VAL G 754 116.27 -74.60 46.37
N GLN G 755 116.06 -75.16 45.17
CA GLN G 755 116.86 -74.82 44.00
C GLN G 755 116.31 -73.55 43.35
N GLY G 756 116.44 -72.45 44.08
CA GLY G 756 116.02 -71.15 43.59
C GLY G 756 116.23 -70.06 44.63
N VAL G 757 116.80 -68.94 44.22
CA VAL G 757 117.16 -67.87 45.16
C VAL G 757 116.84 -66.50 44.57
N PHE G 758 116.46 -65.59 45.44
CA PHE G 758 116.33 -64.18 45.10
C PHE G 758 117.70 -63.52 45.12
N GLU G 759 117.82 -62.41 44.39
CA GLU G 759 119.10 -61.72 44.28
C GLU G 759 118.87 -60.31 43.77
N ALA G 760 119.89 -59.47 43.95
CA ALA G 760 119.93 -58.13 43.37
C ALA G 760 118.71 -57.30 43.75
N PHE G 761 118.23 -57.48 44.98
CA PHE G 761 117.10 -56.68 45.45
C PHE G 761 117.60 -55.40 46.12
N ASN G 762 116.68 -54.48 46.34
CA ASN G 762 117.01 -53.19 46.94
C ASN G 762 117.30 -53.35 48.43
N LEU G 763 118.26 -52.56 48.91
CA LEU G 763 118.68 -52.60 50.30
C LEU G 763 118.35 -51.29 51.03
N ASP G 764 117.30 -50.60 50.59
CA ASP G 764 116.92 -49.32 51.17
C ASP G 764 115.86 -49.53 52.25
N GLY G 765 116.31 -50.05 53.37
CA GLY G 765 115.42 -50.29 54.50
C GLY G 765 115.96 -51.42 55.37
N LEU G 766 115.09 -51.89 56.26
CA LEU G 766 115.42 -52.96 57.19
C LEU G 766 114.60 -54.20 56.85
N PHE G 767 115.26 -55.35 56.87
CA PHE G 767 114.63 -56.63 56.57
C PHE G 767 114.25 -57.32 57.88
N PHE G 768 113.01 -57.81 57.94
CA PHE G 768 112.51 -58.50 59.11
C PHE G 768 111.78 -59.77 58.69
N PRO G 769 111.83 -60.82 59.51
CA PRO G 769 111.07 -62.03 59.20
C PRO G 769 109.57 -61.75 59.21
N VAL G 770 108.84 -62.48 58.37
CA VAL G 770 107.41 -62.28 58.24
C VAL G 770 106.76 -63.59 57.80
N VAL G 771 105.57 -63.85 58.32
CA VAL G 771 104.74 -64.97 57.90
C VAL G 771 103.35 -64.44 57.58
N SER G 772 102.86 -64.76 56.39
CA SER G 772 101.51 -64.43 55.97
C SER G 772 100.67 -65.70 55.96
N PHE G 773 99.48 -65.63 56.55
CA PHE G 773 98.66 -66.82 56.68
C PHE G 773 97.19 -66.44 56.72
N SER G 774 96.36 -67.42 56.42
CA SER G 774 94.91 -67.34 56.50
C SER G 774 94.43 -68.13 57.71
N ALA G 775 93.12 -68.24 57.85
CA ALA G 775 92.53 -68.95 58.98
C ALA G 775 92.82 -70.46 58.89
N GLY G 776 92.89 -71.10 60.04
CA GLY G 776 93.07 -72.54 60.10
C GLY G 776 94.49 -73.02 59.96
N VAL G 777 95.46 -72.27 60.48
CA VAL G 777 96.86 -72.64 60.39
C VAL G 777 97.52 -72.44 61.76
N LYS G 778 98.60 -73.18 61.99
CA LYS G 778 99.39 -73.06 63.21
C LYS G 778 100.87 -73.19 62.87
N VAL G 779 101.63 -72.13 63.13
CA VAL G 779 103.06 -72.12 62.86
C VAL G 779 103.79 -71.77 64.15
N ARG G 780 105.11 -71.89 64.12
CA ARG G 780 105.91 -71.63 65.31
C ARG G 780 107.29 -71.15 64.89
N PHE G 781 107.67 -69.95 65.36
CA PHE G 781 108.99 -69.41 65.13
C PHE G 781 110.00 -70.06 66.08
N LEU G 782 111.12 -70.51 65.53
CA LEU G 782 112.29 -70.95 66.30
C LEU G 782 113.35 -69.86 66.08
N LEU G 783 113.32 -68.84 66.92
CA LEU G 783 114.13 -67.65 66.67
C LEU G 783 115.60 -67.88 66.96
N GLY G 784 115.91 -68.58 68.04
CA GLY G 784 117.30 -68.87 68.41
C GLY G 784 117.54 -68.71 69.90
N GLY G 785 118.46 -69.52 70.41
CA GLY G 785 118.79 -69.46 71.83
C GLY G 785 117.61 -69.84 72.69
N ARG G 786 117.28 -68.98 73.66
CA ARG G 786 116.15 -69.23 74.54
C ARG G 786 114.83 -69.18 73.78
N HIS G 787 114.75 -68.37 72.73
CA HIS G 787 113.52 -68.26 71.93
C HIS G 787 113.52 -69.36 70.88
N GLY G 788 113.46 -70.60 71.37
CA GLY G 788 113.50 -71.78 70.52
C GLY G 788 114.89 -72.05 69.97
N GLU G 789 115.22 -73.33 69.76
CA GLU G 789 116.49 -73.70 69.17
C GLU G 789 116.26 -74.37 67.82
N PHE G 790 117.21 -74.16 66.91
CA PHE G 790 117.08 -74.64 65.54
C PHE G 790 117.20 -76.17 65.50
N LYS G 791 116.31 -76.81 64.74
CA LYS G 791 116.42 -78.24 64.52
C LYS G 791 117.68 -78.58 63.73
N PHE G 792 117.99 -77.79 62.71
CA PHE G 792 119.14 -78.01 61.85
C PHE G 792 120.17 -76.91 62.07
N LEU G 793 121.44 -77.28 61.94
CA LEU G 793 122.52 -76.34 62.20
C LEU G 793 122.51 -75.22 61.14
N PRO G 794 122.75 -73.97 61.56
CA PRO G 794 122.77 -72.88 60.59
C PRO G 794 123.92 -73.04 59.62
N PRO G 795 123.80 -72.51 58.40
CA PRO G 795 124.95 -72.49 57.50
C PRO G 795 126.07 -71.66 58.10
N PRO G 796 127.32 -71.98 57.77
CA PRO G 796 128.46 -71.26 58.36
C PRO G 796 128.36 -69.76 58.11
N GLY G 797 128.64 -68.98 59.16
CA GLY G 797 128.62 -67.54 59.07
C GLY G 797 127.26 -66.90 59.27
N TYR G 798 126.19 -67.69 59.41
CA TYR G 798 124.84 -67.17 59.55
C TYR G 798 124.45 -67.21 61.02
N ALA G 799 124.42 -66.05 61.66
CA ALA G 799 124.10 -65.95 63.08
C ALA G 799 122.60 -66.10 63.31
N PRO G 800 122.20 -66.65 64.47
CA PRO G 800 120.78 -66.74 64.78
C PRO G 800 120.15 -65.35 64.90
N CYS G 801 118.85 -65.28 64.59
CA CYS G 801 118.16 -64.00 64.55
C CYS G 801 117.90 -63.42 65.94
N HIS G 802 118.02 -64.23 66.99
CA HIS G 802 117.80 -63.71 68.34
C HIS G 802 118.92 -62.79 68.81
N GLU G 803 120.03 -62.72 68.08
CA GLU G 803 121.17 -61.89 68.44
C GLU G 803 121.07 -60.47 67.91
N ALA G 804 119.99 -60.13 67.21
CA ALA G 804 119.81 -58.80 66.64
C ALA G 804 118.80 -57.95 67.41
N VAL G 805 118.36 -58.41 68.57
CA VAL G 805 117.41 -57.65 69.37
C VAL G 805 118.12 -56.47 70.03
N LEU G 806 117.53 -55.28 69.94
CA LEU G 806 118.14 -54.10 70.49
C LEU G 806 118.14 -54.16 72.03
N PRO G 807 119.12 -53.53 72.68
CA PRO G 807 119.17 -53.59 74.15
C PRO G 807 117.92 -53.01 74.82
N ARG G 808 117.35 -51.96 74.26
CA ARG G 808 116.18 -51.32 74.85
C ARG G 808 114.87 -51.98 74.45
N GLU G 809 114.89 -52.94 73.55
CA GLU G 809 113.70 -53.63 73.09
C GLU G 809 113.74 -55.10 73.51
N ARG G 810 112.58 -55.74 73.43
CA ARG G 810 112.45 -57.15 73.76
C ARG G 810 111.93 -57.91 72.55
N LEU G 811 112.15 -59.22 72.57
CA LEU G 811 111.78 -60.10 71.46
C LEU G 811 110.34 -60.56 71.67
N ARG G 812 109.45 -60.10 70.80
CA ARG G 812 108.02 -60.40 70.94
C ARG G 812 107.34 -60.17 69.60
N LEU G 813 106.45 -61.09 69.24
CA LEU G 813 105.75 -61.01 67.96
C LEU G 813 104.71 -59.88 67.99
N GLU G 814 104.43 -59.33 66.81
CA GLU G 814 103.50 -58.23 66.67
C GLU G 814 103.03 -58.16 65.23
N PRO G 815 101.85 -57.58 64.99
CA PRO G 815 101.42 -57.36 63.61
C PRO G 815 102.26 -56.28 62.93
N ILE G 816 102.17 -56.25 61.59
CA ILE G 816 103.02 -55.37 60.79
C ILE G 816 102.62 -53.92 60.98
N LYS G 817 101.40 -53.57 60.56
CA LYS G 817 100.91 -52.19 60.63
C LYS G 817 99.40 -52.24 60.85
N GLU G 818 98.98 -52.05 62.09
CA GLU G 818 97.57 -52.06 62.44
C GLU G 818 97.04 -50.62 62.53
N TYR G 819 95.74 -50.48 62.24
CA TYR G 819 95.04 -49.22 62.46
C TYR G 819 93.94 -49.38 63.51
N ARG G 820 93.87 -50.52 64.18
CA ARG G 820 92.92 -50.76 65.26
C ARG G 820 93.47 -51.85 66.15
N ARG G 821 93.00 -51.87 67.39
CA ARG G 821 93.51 -52.84 68.35
C ARG G 821 92.45 -53.09 69.43
N GLU G 822 92.28 -54.35 69.81
CA GLU G 822 91.31 -54.68 70.84
C GLU G 822 91.84 -54.29 72.21
N GLY G 823 90.92 -53.84 73.08
CA GLY G 823 91.27 -53.51 74.44
C GLY G 823 90.05 -53.60 75.35
N PRO G 824 90.26 -53.37 76.65
CA PRO G 824 89.14 -53.49 77.60
C PRO G 824 87.97 -52.58 77.28
N ARG G 825 88.24 -51.36 76.79
CA ARG G 825 87.17 -50.45 76.42
C ARG G 825 86.58 -50.78 75.05
N GLY G 826 87.26 -51.58 74.24
CA GLY G 826 86.78 -51.92 72.92
C GLY G 826 87.82 -51.72 71.85
N PRO G 827 87.38 -51.37 70.64
CA PRO G 827 88.33 -51.05 69.57
C PRO G 827 89.00 -49.70 69.82
N HIS G 828 90.31 -49.72 70.02
CA HIS G 828 91.12 -48.52 70.11
C HIS G 828 91.74 -48.24 68.75
N LEU G 829 91.52 -47.04 68.24
CA LEU G 829 92.13 -46.62 66.98
C LEU G 829 93.55 -46.14 67.25
N VAL G 830 94.50 -46.68 66.50
CA VAL G 830 95.91 -46.34 66.66
C VAL G 830 96.34 -45.54 65.43
N GLY G 831 97.37 -44.71 65.61
CA GLY G 831 97.91 -43.96 64.51
C GLY G 831 99.09 -44.65 63.88
N PRO G 832 99.87 -43.91 63.09
CA PRO G 832 101.08 -44.49 62.50
C PRO G 832 102.10 -44.85 63.58
N SER G 833 102.98 -45.79 63.23
CA SER G 833 104.01 -46.26 64.15
C SER G 833 105.34 -45.62 63.79
N ARG G 834 106.06 -45.15 64.80
CA ARG G 834 107.39 -44.59 64.58
C ARG G 834 108.33 -45.68 64.11
N CYS G 835 108.90 -45.50 62.91
CA CYS G 835 109.70 -46.52 62.28
C CYS G 835 111.19 -46.31 62.60
N LEU G 836 112.03 -47.19 62.04
CA LEU G 836 113.46 -47.11 62.19
C LEU G 836 114.12 -47.26 60.83
N SER G 837 115.31 -46.68 60.69
CA SER G 837 116.04 -46.70 59.43
C SER G 837 117.45 -47.23 59.65
N HIS G 838 118.04 -47.75 58.58
CA HIS G 838 119.39 -48.28 58.65
C HIS G 838 120.43 -47.19 58.92
N THR G 839 120.12 -45.94 58.58
CA THR G 839 121.04 -44.84 58.86
C THR G 839 121.13 -44.49 60.34
N ASP G 840 120.20 -45.00 61.16
CA ASP G 840 120.29 -44.76 62.59
C ASP G 840 121.37 -45.60 63.26
N PHE G 841 121.66 -46.78 62.71
CA PHE G 841 122.65 -47.66 63.32
C PHE G 841 124.07 -47.18 63.06
N VAL G 842 124.33 -46.54 61.93
CA VAL G 842 125.66 -45.99 61.66
C VAL G 842 125.82 -44.69 62.44
N PRO G 843 126.88 -44.56 63.24
CA PRO G 843 127.07 -43.34 64.04
C PRO G 843 127.84 -42.27 63.28
N CYS G 844 127.43 -41.02 63.50
CA CYS G 844 128.06 -39.84 62.89
C CYS G 844 128.51 -38.91 64.01
N PRO G 845 129.76 -39.03 64.47
CA PRO G 845 130.24 -38.21 65.58
C PRO G 845 130.69 -36.84 65.09
N VAL G 846 131.21 -36.05 66.04
CA VAL G 846 131.72 -34.71 65.78
C VAL G 846 133.23 -34.76 65.84
N ASP G 847 133.88 -34.17 64.83
CA ASP G 847 135.35 -34.19 64.72
C ASP G 847 135.94 -33.13 65.65
N THR G 848 135.90 -33.45 66.95
CA THR G 848 136.38 -32.53 67.97
C THR G 848 137.89 -32.51 68.10
N VAL G 849 138.59 -33.56 67.66
CA VAL G 849 140.05 -33.57 67.76
C VAL G 849 140.66 -32.53 66.85
N GLN G 850 139.95 -32.14 65.79
CA GLN G 850 140.46 -31.11 64.89
C GLN G 850 140.44 -29.73 65.54
N ILE G 851 139.54 -29.51 66.50
CA ILE G 851 139.41 -28.21 67.13
C ILE G 851 140.70 -27.87 67.87
N VAL G 852 141.21 -26.65 67.65
CA VAL G 852 142.44 -26.22 68.28
C VAL G 852 142.21 -25.99 69.76
N LEU G 853 143.10 -26.51 70.60
CA LEU G 853 142.96 -26.37 72.03
C LEU G 853 143.15 -24.91 72.45
N PRO G 854 142.41 -24.44 73.44
CA PRO G 854 142.62 -23.07 73.94
C PRO G 854 143.87 -23.02 74.81
N PRO G 855 144.30 -21.81 75.20
CA PRO G 855 145.46 -21.70 76.12
C PRO G 855 145.16 -22.25 77.51
N HIS G 856 143.98 -22.85 77.69
CA HIS G 856 143.57 -23.40 78.98
C HIS G 856 144.38 -24.61 79.40
N LEU G 857 145.22 -25.16 78.52
CA LEU G 857 145.91 -26.42 78.79
C LEU G 857 146.71 -26.36 80.08
N GLU G 858 147.47 -25.28 80.28
CA GLU G 858 148.22 -25.11 81.51
C GLU G 858 147.44 -24.33 82.56
N ARG G 859 146.41 -23.59 82.15
CA ARG G 859 145.65 -22.78 83.09
C ARG G 859 144.75 -23.65 83.97
N ILE G 860 143.84 -24.40 83.34
CA ILE G 860 142.84 -25.17 84.09
C ILE G 860 142.81 -26.65 83.73
N ARG G 861 143.29 -27.05 82.54
CA ARG G 861 143.32 -28.46 82.18
C ARG G 861 144.16 -29.27 83.15
N GLU G 862 145.28 -28.69 83.61
CA GLU G 862 146.11 -29.36 84.61
C GLU G 862 145.32 -29.59 85.90
N LYS G 863 144.57 -28.58 86.34
CA LYS G 863 143.76 -28.73 87.56
C LYS G 863 142.67 -29.78 87.35
N LEU G 864 142.06 -29.81 86.17
CA LEU G 864 141.04 -30.83 85.90
C LEU G 864 141.62 -32.23 85.98
N ALA G 865 142.77 -32.42 85.34
CA ALA G 865 143.43 -33.73 85.38
C ALA G 865 143.82 -34.09 86.81
N GLU G 866 144.28 -33.11 87.58
CA GLU G 866 144.66 -33.38 88.96
C GLU G 866 143.46 -33.75 89.82
N ASN G 867 142.33 -33.07 89.61
CA ASN G 867 141.10 -33.44 90.32
C ASN G 867 140.67 -34.85 89.94
N ILE G 868 140.86 -35.22 88.67
CA ILE G 868 140.57 -36.59 88.26
C ILE G 868 141.49 -37.57 88.97
N HIS G 869 142.77 -37.20 89.14
CA HIS G 869 143.65 -38.03 89.96
C HIS G 869 143.14 -38.14 91.39
N GLU G 870 142.57 -37.05 91.93
CA GLU G 870 141.96 -37.09 93.25
C GLU G 870 140.85 -38.13 93.32
N LEU G 871 139.88 -38.04 92.40
CA LEU G 871 138.79 -39.04 92.38
C LEU G 871 139.33 -40.44 92.09
N TRP G 872 140.38 -40.55 91.28
CA TRP G 872 141.00 -41.85 91.01
C TRP G 872 141.52 -42.48 92.29
N ALA G 873 142.30 -41.71 93.05
CA ALA G 873 142.84 -42.18 94.31
C ALA G 873 141.70 -42.52 95.27
N LEU G 874 140.62 -41.74 95.22
CA LEU G 874 139.45 -42.08 96.04
C LEU G 874 138.88 -43.43 95.67
N THR G 875 138.82 -43.75 94.37
CA THR G 875 138.36 -45.07 93.95
C THR G 875 139.25 -46.16 94.51
N ARG G 876 140.57 -45.99 94.42
CA ARG G 876 141.48 -47.00 94.94
C ARG G 876 141.32 -47.18 96.45
N ILE G 877 141.23 -46.07 97.18
CA ILE G 877 141.07 -46.14 98.64
C ILE G 877 139.75 -46.81 99.01
N GLU G 878 138.67 -46.43 98.32
CA GLU G 878 137.37 -47.02 98.62
C GLU G 878 137.35 -48.51 98.35
N GLN G 879 137.95 -48.94 97.24
CA GLN G 879 138.12 -50.36 96.98
C GLN G 879 139.21 -50.93 97.88
N GLY G 880 139.35 -52.24 97.84
CA GLY G 880 140.42 -52.88 98.58
C GLY G 880 141.79 -52.62 97.99
N TRP G 881 141.84 -51.67 97.04
CA TRP G 881 143.08 -51.39 96.31
C TRP G 881 144.02 -50.55 97.17
N THR G 882 145.31 -50.81 97.03
CA THR G 882 146.36 -50.13 97.77
C THR G 882 147.36 -49.53 96.80
N TYR G 883 148.25 -48.69 97.33
CA TYR G 883 149.25 -47.99 96.52
C TYR G 883 150.58 -48.71 96.68
N GLY G 884 150.77 -49.77 95.89
CA GLY G 884 152.02 -50.50 95.87
C GLY G 884 152.78 -50.27 94.58
N PRO G 885 154.05 -49.88 94.69
CA PRO G 885 154.80 -49.49 93.48
C PRO G 885 154.83 -50.56 92.40
N VAL G 886 154.93 -51.83 92.78
CA VAL G 886 154.86 -52.92 91.81
C VAL G 886 153.40 -53.19 91.49
N ARG G 887 153.04 -53.05 90.21
CA ARG G 887 151.65 -53.24 89.78
C ARG G 887 151.25 -54.70 89.98
N ASP G 888 150.30 -54.93 90.90
CA ASP G 888 149.78 -56.27 91.16
C ASP G 888 148.28 -56.14 91.35
N ASP G 889 147.51 -56.46 90.30
CA ASP G 889 146.06 -56.38 90.38
C ASP G 889 145.51 -57.35 91.42
N ASN G 890 146.07 -58.55 91.48
CA ASN G 890 145.63 -59.52 92.48
C ASN G 890 145.86 -59.01 93.89
N LYS G 891 146.98 -58.33 94.12
CA LYS G 891 147.23 -57.67 95.40
C LYS G 891 146.64 -56.26 95.43
N ARG G 892 146.10 -55.78 94.30
CA ARG G 892 145.48 -54.46 94.21
C ARG G 892 146.46 -53.36 94.59
N LEU G 893 147.53 -53.23 93.79
CA LEU G 893 148.58 -52.26 94.02
C LEU G 893 148.58 -51.22 92.91
N HIS G 894 148.64 -49.95 93.29
CA HIS G 894 148.68 -48.84 92.34
C HIS G 894 150.09 -48.61 91.83
N PRO G 895 150.34 -48.79 90.52
CA PRO G 895 151.70 -48.65 89.97
C PRO G 895 152.44 -47.40 90.43
N CYS G 896 151.84 -46.21 90.24
CA CYS G 896 152.48 -44.98 90.67
C CYS G 896 152.74 -44.98 92.18
N LEU G 897 151.71 -45.31 92.95
CA LEU G 897 151.81 -45.43 94.41
C LEU G 897 152.32 -44.14 95.06
N VAL G 898 151.86 -43.00 94.56
CA VAL G 898 152.22 -41.70 95.11
C VAL G 898 150.98 -40.83 95.12
N ASN G 899 150.86 -39.98 96.16
CA ASN G 899 149.76 -39.03 96.25
C ASN G 899 149.63 -38.22 94.95
N PHE G 900 150.67 -37.46 94.62
CA PHE G 900 150.77 -36.90 93.29
C PHE G 900 150.95 -38.03 92.30
N HIS G 901 150.33 -37.92 91.13
CA HIS G 901 150.32 -39.05 90.21
C HIS G 901 151.74 -39.45 89.83
N SER G 902 152.59 -38.48 89.54
CA SER G 902 154.00 -38.71 89.20
C SER G 902 154.15 -39.78 88.13
N LEU G 903 153.17 -39.84 87.23
CA LEU G 903 153.10 -40.86 86.21
C LEU G 903 154.10 -40.58 85.10
N PRO G 904 154.66 -41.64 84.48
CA PRO G 904 155.51 -41.45 83.30
C PRO G 904 154.82 -40.65 82.21
N GLU G 905 155.60 -40.15 81.24
CA GLU G 905 155.06 -39.23 80.24
C GLU G 905 153.87 -39.80 79.47
N PRO G 906 153.93 -41.01 78.89
CA PRO G 906 152.74 -41.51 78.19
C PRO G 906 151.52 -41.62 79.10
N GLU G 907 151.73 -41.85 80.39
CA GLU G 907 150.62 -41.91 81.35
C GLU G 907 150.08 -40.52 81.63
N ARG G 908 150.97 -39.61 82.05
CA ARG G 908 150.61 -38.22 82.32
C ARG G 908 150.07 -37.55 81.08
N ASN G 909 150.73 -37.76 79.93
CA ASN G 909 150.21 -37.21 78.68
C ASN G 909 148.86 -37.83 78.33
N TYR G 910 148.60 -39.07 78.74
CA TYR G 910 147.29 -39.66 78.50
C TYR G 910 146.21 -38.92 79.28
N ASN G 911 146.45 -38.68 80.57
CA ASN G 911 145.48 -37.92 81.37
C ASN G 911 145.28 -36.52 80.80
N LEU G 912 146.39 -35.85 80.48
CA LEU G 912 146.30 -34.47 80.00
C LEU G 912 145.64 -34.41 78.63
N GLN G 913 145.92 -35.38 77.76
CA GLN G 913 145.32 -35.37 76.43
C GLN G 913 143.83 -35.62 76.51
N MET G 914 143.38 -36.47 77.45
CA MET G 914 141.94 -36.70 77.51
C MET G 914 141.22 -35.52 78.16
N SER G 915 141.84 -34.85 79.13
CA SER G 915 141.24 -33.60 79.62
C SER G 915 141.17 -32.56 78.50
N GLY G 916 142.24 -32.45 77.71
CA GLY G 916 142.21 -31.57 76.56
C GLY G 916 141.17 -31.96 75.54
N GLU G 917 140.91 -33.27 75.40
CA GLU G 917 139.85 -33.74 74.52
C GLU G 917 138.49 -33.30 75.03
N THR G 918 138.28 -33.36 76.34
CA THR G 918 137.03 -32.83 76.90
C THR G 918 136.88 -31.35 76.58
N LEU G 919 137.97 -30.59 76.75
CA LEU G 919 137.93 -29.16 76.40
C LEU G 919 137.63 -28.97 74.92
N LYS G 920 138.23 -29.80 74.05
CA LYS G 920 137.98 -29.71 72.62
C LYS G 920 136.52 -29.95 72.31
N THR G 921 135.91 -30.95 72.94
CA THR G 921 134.50 -31.22 72.71
C THR G 921 133.62 -30.05 73.15
N LEU G 922 133.91 -29.48 74.33
CA LEU G 922 133.13 -28.32 74.77
C LEU G 922 133.29 -27.15 73.80
N LEU G 923 134.52 -26.91 73.32
CA LEU G 923 134.75 -25.81 72.38
C LEU G 923 134.06 -26.07 71.05
N ALA G 924 134.08 -27.32 70.58
CA ALA G 924 133.42 -27.65 69.32
C ALA G 924 131.92 -27.46 69.42
N LEU G 925 131.32 -27.83 70.54
CA LEU G 925 129.93 -27.49 70.76
C LEU G 925 129.80 -25.98 70.97
N GLY G 926 128.55 -25.52 71.11
CA GLY G 926 128.30 -24.09 71.28
C GLY G 926 128.88 -23.50 72.55
N CYS G 927 129.30 -24.34 73.49
CA CYS G 927 129.85 -23.85 74.75
C CYS G 927 131.22 -23.23 74.54
N HIS G 928 131.54 -22.25 75.38
CA HIS G 928 132.82 -21.55 75.36
C HIS G 928 133.50 -21.71 76.71
N VAL G 929 134.75 -22.16 76.68
CA VAL G 929 135.50 -22.38 77.92
C VAL G 929 135.87 -21.03 78.53
N GLY G 930 136.05 -21.03 79.86
CA GLY G 930 136.40 -19.82 80.56
C GLY G 930 136.98 -20.12 81.92
N MET G 931 137.84 -19.23 82.40
CA MET G 931 138.48 -19.36 83.71
C MET G 931 137.97 -18.33 84.71
N ALA G 932 136.91 -17.60 84.37
CA ALA G 932 136.38 -16.54 85.24
C ALA G 932 135.61 -17.18 86.39
N ASP G 933 136.36 -17.60 87.41
CA ASP G 933 135.79 -18.20 88.61
C ASP G 933 135.62 -17.23 89.76
N GLU G 934 136.03 -15.96 89.57
CA GLU G 934 136.03 -14.98 90.66
C GLU G 934 136.81 -15.49 91.87
N LYS G 935 137.99 -16.07 91.59
CA LYS G 935 138.87 -16.63 92.62
C LYS G 935 138.18 -17.72 93.42
N ALA G 936 137.39 -18.55 92.73
CA ALA G 936 136.75 -19.69 93.40
C ALA G 936 137.74 -20.80 93.73
N GLU G 937 138.92 -20.79 93.10
CA GLU G 937 139.93 -21.78 93.43
C GLU G 937 140.40 -21.65 94.87
N ASP G 938 140.47 -20.41 95.37
CA ASP G 938 140.81 -20.19 96.77
C ASP G 938 139.73 -20.74 97.70
N ASN G 939 138.46 -20.54 97.34
CA ASN G 939 137.37 -21.01 98.18
C ASN G 939 137.22 -22.52 98.12
N LEU G 940 137.65 -23.15 97.04
CA LEU G 940 137.56 -24.60 96.93
C LEU G 940 138.37 -25.27 98.02
N LYS G 941 137.75 -26.24 98.70
CA LYS G 941 138.43 -26.93 99.80
C LYS G 941 139.56 -27.82 99.29
N LYS G 942 139.28 -28.62 98.26
CA LYS G 942 140.26 -29.55 97.69
C LYS G 942 140.84 -30.48 98.76
N THR G 943 139.99 -30.92 99.69
CA THR G 943 140.41 -31.79 100.77
C THR G 943 139.29 -32.78 101.05
N LYS G 944 139.56 -34.07 100.82
CA LYS G 944 138.57 -35.09 101.16
C LYS G 944 138.65 -35.49 102.63
N LEU G 945 139.83 -35.37 103.24
CA LEU G 945 140.14 -35.76 104.62
C LEU G 945 139.50 -37.10 104.96
N PRO G 946 139.58 -38.08 104.06
CA PRO G 946 139.00 -39.39 104.36
C PRO G 946 139.66 -40.10 105.53
N LYS G 947 140.95 -39.84 105.77
CA LYS G 947 141.75 -40.49 106.81
C LYS G 947 141.88 -42.00 106.59
N THR G 948 141.48 -42.50 105.42
CA THR G 948 141.57 -43.92 105.09
C THR G 948 142.72 -44.17 104.10
N TYR G 949 143.59 -43.20 103.90
CA TYR G 949 144.73 -43.34 102.99
C TYR G 949 146.02 -43.60 103.77
N MET G 950 146.13 -44.81 104.33
CA MET G 950 147.37 -45.14 105.03
C MET G 950 148.52 -45.41 104.07
N MET G 951 148.22 -45.80 102.83
CA MET G 951 149.27 -46.07 101.86
C MET G 951 149.91 -44.78 101.37
N SER G 952 150.90 -44.91 100.49
CA SER G 952 151.65 -43.75 100.02
C SER G 952 150.78 -42.76 99.25
N ASN G 953 149.72 -43.23 98.61
CA ASN G 953 148.80 -42.34 97.89
C ASN G 953 147.83 -41.70 98.88
N GLY G 954 148.41 -41.03 99.87
CA GLY G 954 147.64 -40.37 100.91
C GLY G 954 147.17 -38.99 100.50
N TYR G 955 146.60 -38.29 101.48
CA TYR G 955 146.13 -36.91 101.30
C TYR G 955 145.19 -36.79 100.10
N LYS G 956 144.13 -37.59 100.14
CA LYS G 956 143.14 -37.59 99.07
C LYS G 956 142.41 -36.25 99.05
N PRO G 957 142.40 -35.52 97.93
CA PRO G 957 141.69 -34.24 97.89
C PRO G 957 140.29 -34.35 97.32
N ALA G 958 139.38 -33.51 97.79
CA ALA G 958 138.04 -33.40 97.22
C ALA G 958 137.53 -31.96 97.37
N PRO G 959 137.18 -31.30 96.28
CA PRO G 959 136.79 -29.88 96.37
C PRO G 959 135.38 -29.66 96.90
N LEU G 960 134.59 -30.72 97.10
CA LEU G 960 133.18 -30.59 97.47
C LEU G 960 132.45 -29.68 96.49
N ASP G 961 132.71 -29.91 95.20
CA ASP G 961 132.21 -29.02 94.16
C ASP G 961 130.70 -29.09 94.02
N LEU G 962 130.10 -30.26 94.29
CA LEU G 962 128.64 -30.34 94.29
C LEU G 962 128.04 -29.46 95.37
N SER G 963 128.65 -29.44 96.56
CA SER G 963 128.20 -28.52 97.60
C SER G 963 128.43 -27.06 97.21
N HIS G 964 129.57 -26.78 96.58
CA HIS G 964 129.87 -25.40 96.17
C HIS G 964 128.85 -24.90 95.15
N VAL G 965 128.51 -25.72 94.16
CA VAL G 965 127.56 -25.32 93.12
C VAL G 965 126.91 -26.57 92.57
N ARG G 966 125.62 -26.47 92.25
CA ARG G 966 124.86 -27.58 91.69
C ARG G 966 124.79 -27.45 90.17
N LEU G 967 124.66 -28.60 89.51
CA LEU G 967 124.61 -28.63 88.06
C LEU G 967 123.24 -28.17 87.56
N THR G 968 123.24 -27.26 86.59
CA THR G 968 122.01 -26.81 85.97
C THR G 968 121.49 -27.87 84.99
N PRO G 969 120.18 -27.89 84.72
CA PRO G 969 119.66 -28.84 83.72
C PRO G 969 120.32 -28.69 82.35
N ALA G 970 120.62 -27.46 81.93
CA ALA G 970 121.36 -27.27 80.70
C ALA G 970 122.73 -27.92 80.77
N GLN G 971 123.40 -27.79 81.91
CA GLN G 971 124.69 -28.46 82.09
C GLN G 971 124.55 -29.97 82.00
N THR G 972 123.49 -30.53 82.60
CA THR G 972 123.28 -31.98 82.54
C THR G 972 123.05 -32.46 81.11
N THR G 973 122.23 -31.73 80.35
CA THR G 973 122.07 -32.05 78.94
C THR G 973 123.39 -31.90 78.18
N LEU G 974 124.23 -30.96 78.59
CA LEU G 974 125.55 -30.84 77.99
C LEU G 974 126.38 -32.10 78.25
N VAL G 975 126.35 -32.60 79.49
CA VAL G 975 127.03 -33.85 79.81
C VAL G 975 126.52 -34.97 78.93
N ASP G 976 125.20 -35.03 78.72
CA ASP G 976 124.63 -36.05 77.84
C ASP G 976 125.19 -35.90 76.42
N ARG G 977 125.31 -34.66 75.94
CA ARG G 977 125.86 -34.44 74.60
C ARG G 977 127.29 -34.93 74.49
N LEU G 978 128.14 -34.61 75.48
CA LEU G 978 129.52 -35.10 75.42
C LEU G 978 129.57 -36.62 75.48
N ALA G 979 128.74 -37.23 76.31
CA ALA G 979 128.72 -38.69 76.39
C ALA G 979 128.31 -39.31 75.06
N GLU G 980 127.30 -38.72 74.41
CA GLU G 980 126.86 -39.21 73.11
C GLU G 980 127.98 -39.09 72.09
N ASN G 981 128.69 -37.97 72.07
CA ASN G 981 129.77 -37.80 71.12
C ASN G 981 130.90 -38.81 71.36
N GLY G 982 131.28 -39.01 72.62
CA GLY G 982 132.34 -39.97 72.92
C GLY G 982 131.95 -41.39 72.49
N HIS G 983 130.71 -41.77 72.80
CA HIS G 983 130.21 -43.06 72.33
C HIS G 983 130.22 -43.17 70.81
N ASN G 984 129.83 -42.10 70.13
CA ASN G 984 129.81 -42.15 68.67
C ASN G 984 131.21 -42.35 68.09
N VAL G 985 132.20 -41.65 68.63
CA VAL G 985 133.57 -41.86 68.14
C VAL G 985 134.05 -43.27 68.47
N TRP G 986 133.72 -43.80 69.66
CA TRP G 986 134.17 -45.14 70.01
C TRP G 986 133.58 -46.14 69.03
N ALA G 987 132.28 -46.01 68.76
CA ALA G 987 131.58 -46.89 67.83
C ALA G 987 132.18 -46.82 66.43
N ARG G 988 132.45 -45.59 65.95
CA ARG G 988 133.09 -45.45 64.65
C ARG G 988 134.44 -46.16 64.61
N ASP G 989 135.20 -46.08 65.71
CA ASP G 989 136.45 -46.82 65.80
C ASP G 989 136.22 -48.32 65.67
N ARG G 990 135.25 -48.84 66.42
CA ARG G 990 134.96 -50.28 66.35
C ARG G 990 134.52 -50.70 64.95
N VAL G 991 133.68 -49.89 64.30
CA VAL G 991 133.25 -50.19 62.93
C VAL G 991 134.45 -50.25 62.00
N ALA G 992 135.34 -49.26 62.11
CA ALA G 992 136.57 -49.28 61.34
C ALA G 992 137.35 -50.58 61.56
N GLN G 993 137.43 -51.03 62.81
CA GLN G 993 138.12 -52.29 63.08
C GLN G 993 137.39 -53.49 62.47
N GLY G 994 136.06 -53.46 62.48
CA GLY G 994 135.29 -54.57 61.94
C GLY G 994 134.42 -55.28 62.96
N TRP G 995 133.92 -54.55 63.95
CA TRP G 995 133.03 -55.10 64.95
C TRP G 995 131.58 -54.98 64.53
N SER G 996 130.75 -55.86 65.06
CA SER G 996 129.31 -55.86 64.78
C SER G 996 128.54 -56.08 66.08
N TYR G 997 127.34 -55.51 66.14
CA TYR G 997 126.50 -55.64 67.32
C TYR G 997 125.94 -57.05 67.44
N SER G 998 125.80 -57.51 68.69
CA SER G 998 125.22 -58.82 68.97
C SER G 998 124.71 -58.81 70.41
N ALA G 999 123.52 -59.38 70.61
CA ALA G 999 122.97 -59.46 71.96
C ALA G 999 123.85 -60.30 72.88
N VAL G 1000 124.57 -61.27 72.33
CA VAL G 1000 125.48 -62.12 73.09
C VAL G 1000 126.90 -61.72 72.72
N GLN G 1001 127.72 -61.43 73.73
CA GLN G 1001 129.08 -60.96 73.51
C GLN G 1001 129.98 -62.12 73.14
N ASP G 1002 130.79 -61.93 72.09
CA ASP G 1002 131.78 -62.92 71.66
C ASP G 1002 133.01 -62.14 71.18
N ILE G 1003 133.98 -61.97 72.09
CA ILE G 1003 135.19 -61.21 71.74
C ILE G 1003 135.96 -61.87 70.61
N PRO G 1004 136.18 -63.19 70.59
CA PRO G 1004 136.83 -63.78 69.41
C PRO G 1004 136.09 -63.54 68.11
N ALA G 1005 134.77 -63.40 68.16
CA ALA G 1005 133.95 -63.17 66.97
C ALA G 1005 133.79 -61.69 66.65
N ARG G 1006 134.48 -60.81 67.39
CA ARG G 1006 134.39 -59.35 67.20
C ARG G 1006 132.94 -58.87 67.35
N ARG G 1007 132.26 -59.36 68.38
CA ARG G 1007 130.88 -59.01 68.67
C ARG G 1007 130.75 -58.54 70.10
N ASN G 1008 130.01 -57.47 70.31
CA ASN G 1008 129.77 -56.91 71.63
C ASN G 1008 128.33 -56.41 71.71
N PRO G 1009 127.75 -56.36 72.92
CA PRO G 1009 126.37 -55.89 73.06
C PRO G 1009 126.23 -54.39 73.25
N ARG G 1010 127.30 -53.64 73.01
CA ARG G 1010 127.29 -52.20 73.24
C ARG G 1010 127.65 -51.36 72.03
N LEU G 1011 127.94 -51.98 70.88
CA LEU G 1011 128.29 -51.22 69.68
C LEU G 1011 127.13 -50.38 69.17
N VAL G 1012 125.92 -50.62 69.65
CA VAL G 1012 124.76 -49.81 69.22
C VAL G 1012 124.98 -48.37 69.65
N PRO G 1013 124.68 -47.38 68.81
CA PRO G 1013 124.94 -45.98 69.17
C PRO G 1013 124.21 -45.55 70.43
N TYR G 1014 124.53 -44.32 70.85
CA TYR G 1014 124.17 -43.87 72.18
C TYR G 1014 122.65 -43.73 72.36
N ARG G 1015 121.94 -43.27 71.32
CA ARG G 1015 120.52 -42.99 71.49
C ARG G 1015 119.72 -44.23 71.80
N LEU G 1016 120.18 -45.41 71.36
CA LEU G 1016 119.51 -46.67 71.65
C LEU G 1016 120.18 -47.44 72.79
N LEU G 1017 121.05 -46.79 73.55
CA LEU G 1017 121.71 -47.42 74.68
C LEU G 1017 120.75 -47.70 75.82
N ASP G 1018 121.21 -48.54 76.74
CA ASP G 1018 120.52 -48.75 78.00
C ASP G 1018 120.94 -47.68 79.02
N GLU G 1019 120.03 -47.39 79.94
CA GLU G 1019 120.28 -46.33 80.91
C GLU G 1019 121.45 -46.65 81.83
N ALA G 1020 121.70 -47.95 82.10
CA ALA G 1020 122.83 -48.32 82.94
C ALA G 1020 124.14 -47.93 82.30
N THR G 1021 124.33 -48.29 81.02
CA THR G 1021 125.54 -47.89 80.32
C THR G 1021 125.61 -46.38 80.14
N LYS G 1022 124.47 -45.73 79.92
CA LYS G 1022 124.47 -44.27 79.83
C LYS G 1022 124.99 -43.64 81.11
N ARG G 1023 124.51 -44.11 82.26
CA ARG G 1023 124.97 -43.59 83.55
C ARG G 1023 126.45 -43.89 83.77
N SER G 1024 126.88 -45.10 83.39
CA SER G 1024 128.29 -45.48 83.56
C SER G 1024 129.20 -44.60 82.72
N ASN G 1025 128.74 -44.21 81.52
CA ASN G 1025 129.51 -43.31 80.68
C ASN G 1025 129.33 -41.85 81.06
N ARG G 1026 128.32 -41.52 81.87
CA ARG G 1026 128.00 -40.14 82.20
C ARG G 1026 128.56 -39.69 83.55
N ASP G 1027 128.85 -40.61 84.47
CA ASP G 1027 129.26 -40.22 85.81
C ASP G 1027 130.57 -39.41 85.80
N SER G 1028 131.58 -39.90 85.08
CA SER G 1028 132.86 -39.19 85.04
C SER G 1028 132.72 -37.82 84.41
N LEU G 1029 131.95 -37.72 83.32
CA LEU G 1029 131.74 -36.43 82.70
C LEU G 1029 130.97 -35.48 83.61
N CYS G 1030 130.04 -36.01 84.42
CA CYS G 1030 129.35 -35.19 85.40
C CYS G 1030 130.32 -34.63 86.44
N GLN G 1031 131.23 -35.47 86.93
CA GLN G 1031 132.25 -34.99 87.86
C GLN G 1031 133.14 -33.93 87.21
N ALA G 1032 133.48 -34.14 85.94
CA ALA G 1032 134.29 -33.15 85.22
C ALA G 1032 133.55 -31.83 85.09
N VAL G 1033 132.24 -31.88 84.81
CA VAL G 1033 131.45 -30.66 84.71
C VAL G 1033 131.34 -29.98 86.07
N ARG G 1034 131.26 -30.76 87.14
CA ARG G 1034 131.31 -30.16 88.48
C ARG G 1034 132.63 -29.43 88.70
N THR G 1035 133.74 -30.03 88.27
CA THR G 1035 135.03 -29.35 88.37
C THR G 1035 135.06 -28.07 87.54
N LEU G 1036 134.45 -28.10 86.36
CA LEU G 1036 134.37 -26.90 85.53
C LEU G 1036 133.57 -25.80 86.24
N LEU G 1037 132.46 -26.17 86.87
CA LEU G 1037 131.69 -25.19 87.64
C LEU G 1037 132.51 -24.62 88.78
N GLY G 1038 133.28 -25.47 89.46
CA GLY G 1038 134.12 -24.99 90.54
C GLY G 1038 135.19 -24.03 90.07
N TYR G 1039 135.77 -24.29 88.90
CA TYR G 1039 136.77 -23.42 88.31
C TYR G 1039 136.17 -22.33 87.45
N GLY G 1040 134.85 -22.17 87.46
CA GLY G 1040 134.22 -21.03 86.82
C GLY G 1040 134.20 -21.09 85.30
N TYR G 1041 133.45 -22.04 84.75
CA TYR G 1041 133.28 -22.17 83.31
C TYR G 1041 131.97 -21.51 82.90
N ASN G 1042 132.05 -20.62 81.91
CA ASN G 1042 130.89 -19.95 81.34
C ASN G 1042 130.27 -20.72 80.19
N ILE G 1043 130.44 -22.04 80.17
CA ILE G 1043 129.95 -22.85 79.06
C ILE G 1043 128.42 -22.80 79.02
N GLU G 1044 127.88 -22.56 77.83
CA GLU G 1044 126.44 -22.51 77.61
C GLU G 1044 126.10 -23.44 76.46
N PRO G 1045 125.19 -24.41 76.66
CA PRO G 1045 124.84 -25.32 75.57
C PRO G 1045 124.24 -24.57 74.39
N PRO G 1046 124.56 -25.00 73.16
CA PRO G 1046 124.04 -24.36 71.94
C PRO G 1046 122.54 -24.56 71.77
N ASN G 1055 105.56 -33.98 52.90
CA ASN G 1055 104.62 -34.46 51.89
C ASN G 1055 104.37 -35.95 52.08
N GLN G 1056 105.20 -36.77 51.44
CA GLN G 1056 105.06 -38.22 51.57
C GLN G 1056 105.24 -38.65 53.03
N SER G 1057 106.23 -38.09 53.71
CA SER G 1057 106.37 -38.35 55.14
C SER G 1057 105.19 -37.78 55.91
N ARG G 1058 104.68 -36.61 55.49
CA ARG G 1058 103.57 -35.97 56.20
C ARG G 1058 102.34 -36.87 56.19
N TRP G 1059 102.06 -37.53 55.07
CA TRP G 1059 100.93 -38.47 55.03
C TRP G 1059 101.12 -39.65 55.98
N ASP G 1060 102.35 -39.94 56.38
CA ASP G 1060 102.64 -41.05 57.28
C ASP G 1060 102.61 -40.65 58.74
N ARG G 1061 102.17 -39.43 59.06
CA ARG G 1061 102.03 -39.00 60.44
C ARG G 1061 100.58 -38.78 60.87
N VAL G 1062 99.65 -38.59 59.93
CA VAL G 1062 98.27 -38.26 60.25
C VAL G 1062 97.36 -39.34 59.67
N ARG G 1063 96.51 -39.91 60.52
CA ARG G 1063 95.50 -40.88 60.11
C ARG G 1063 94.14 -40.39 60.58
N ILE G 1064 93.18 -40.33 59.64
CA ILE G 1064 91.86 -39.76 59.91
C ILE G 1064 90.86 -40.89 59.97
N PHE G 1065 90.00 -40.87 60.99
CA PHE G 1065 88.94 -41.86 61.18
C PHE G 1065 87.61 -41.13 61.29
N ARG G 1066 86.89 -41.04 60.18
CA ARG G 1066 85.56 -40.45 60.16
C ARG G 1066 84.50 -41.53 60.01
N ALA G 1067 83.25 -41.11 60.14
CA ALA G 1067 82.14 -42.01 59.89
C ALA G 1067 81.79 -42.03 58.39
N GLU G 1068 80.93 -42.97 58.02
CA GLU G 1068 80.50 -43.06 56.63
C GLU G 1068 79.61 -41.88 56.27
N LYS G 1069 79.60 -41.54 54.98
CA LYS G 1069 78.84 -40.39 54.51
C LYS G 1069 77.32 -40.63 54.55
N SER G 1070 76.89 -41.84 54.83
CA SER G 1070 75.47 -42.14 54.96
C SER G 1070 74.93 -41.88 56.37
N TYR G 1071 75.79 -41.45 57.30
CA TYR G 1071 75.39 -41.16 58.67
C TYR G 1071 75.36 -39.67 58.96
N THR G 1072 75.31 -38.84 57.94
CA THR G 1072 75.31 -37.39 58.14
C THR G 1072 74.03 -36.94 58.83
N VAL G 1073 74.18 -36.03 59.79
CA VAL G 1073 73.07 -35.49 60.56
C VAL G 1073 72.97 -34.00 60.26
N GLN G 1074 71.76 -33.55 59.91
CA GLN G 1074 71.51 -32.15 59.58
C GLN G 1074 70.58 -31.47 60.57
N SER G 1075 70.20 -32.15 61.65
CA SER G 1075 69.32 -31.55 62.65
C SER G 1075 69.50 -32.30 63.97
N GLY G 1076 69.17 -31.61 65.05
CA GLY G 1076 69.13 -32.22 66.36
C GLY G 1076 70.36 -31.95 67.20
N ARG G 1077 70.41 -32.66 68.33
CA ARG G 1077 71.48 -32.53 69.31
C ARG G 1077 72.21 -33.86 69.40
N TRP G 1078 73.54 -33.83 69.20
CA TRP G 1078 74.31 -35.07 69.13
C TRP G 1078 75.52 -34.99 70.04
N TYR G 1079 76.00 -36.17 70.45
CA TYR G 1079 77.07 -36.29 71.44
C TYR G 1079 77.89 -37.55 71.16
N PHE G 1080 79.22 -37.43 71.30
CA PHE G 1080 80.07 -38.61 71.19
C PHE G 1080 81.37 -38.35 71.95
N GLU G 1081 81.96 -39.42 72.49
CA GLU G 1081 83.08 -39.32 73.41
C GLU G 1081 84.35 -39.88 72.78
N PHE G 1082 85.49 -39.36 73.24
CA PHE G 1082 86.80 -39.78 72.76
C PHE G 1082 87.76 -39.81 73.95
N GLU G 1083 88.27 -41.00 74.26
CA GLU G 1083 89.19 -41.18 75.37
C GLU G 1083 90.63 -41.18 74.86
N ALA G 1084 91.48 -40.39 75.51
CA ALA G 1084 92.88 -40.24 75.11
C ALA G 1084 93.72 -41.21 75.92
N VAL G 1085 93.98 -42.40 75.36
CA VAL G 1085 94.87 -43.34 76.02
C VAL G 1085 96.30 -42.84 75.99
N THR G 1086 96.74 -42.33 74.84
CA THR G 1086 98.06 -41.73 74.69
C THR G 1086 97.87 -40.24 74.40
N THR G 1087 98.53 -39.40 75.19
CA THR G 1087 98.35 -37.95 75.11
C THR G 1087 99.28 -37.37 74.05
N GLY G 1088 98.71 -36.63 73.11
CA GLY G 1088 99.51 -35.91 72.14
C GLY G 1088 99.09 -36.05 70.70
N GLU G 1089 99.03 -34.93 69.98
CA GLU G 1089 98.82 -34.90 68.52
C GLU G 1089 97.53 -35.62 68.11
N MET G 1090 96.45 -35.36 68.85
CA MET G 1090 95.16 -35.96 68.55
C MET G 1090 94.09 -34.87 68.50
N ARG G 1091 93.32 -34.86 67.42
CA ARG G 1091 92.28 -33.87 67.19
C ARG G 1091 90.94 -34.57 66.98
N VAL G 1092 89.90 -34.08 67.65
CA VAL G 1092 88.59 -34.72 67.60
C VAL G 1092 87.54 -33.65 67.36
N GLY G 1093 86.52 -33.98 66.57
CA GLY G 1093 85.46 -33.01 66.35
C GLY G 1093 84.46 -33.46 65.30
N TRP G 1094 83.81 -32.47 64.67
CA TRP G 1094 82.81 -32.70 63.65
C TRP G 1094 83.31 -32.12 62.33
N ALA G 1095 83.12 -32.85 61.24
CA ALA G 1095 83.59 -32.43 59.94
C ALA G 1095 82.52 -32.65 58.89
N ARG G 1096 82.60 -31.87 57.82
CA ARG G 1096 81.67 -32.01 56.70
C ARG G 1096 82.03 -33.23 55.86
N PRO G 1097 81.04 -33.79 55.14
CA PRO G 1097 81.31 -35.02 54.37
C PRO G 1097 82.39 -34.88 53.31
N GLU G 1098 82.65 -33.66 52.82
CA GLU G 1098 83.63 -33.45 51.77
C GLU G 1098 85.07 -33.34 52.36
N LEU G 1099 85.25 -33.80 53.59
CA LEU G 1099 86.55 -33.74 54.24
C LEU G 1099 87.58 -34.51 53.42
N ARG G 1100 88.58 -33.79 52.92
CA ARG G 1100 89.64 -34.42 52.15
C ARG G 1100 90.56 -35.24 53.05
N PRO G 1101 91.16 -36.30 52.53
CA PRO G 1101 92.08 -37.12 53.35
C PRO G 1101 93.51 -36.62 53.37
N ASP G 1102 93.84 -35.56 52.63
CA ASP G 1102 95.19 -35.01 52.60
C ASP G 1102 95.37 -33.84 53.56
N VAL G 1103 94.50 -32.84 53.48
CA VAL G 1103 94.63 -31.66 54.32
C VAL G 1103 94.42 -32.02 55.77
N GLU G 1104 95.24 -31.45 56.65
CA GLU G 1104 95.11 -31.71 58.08
C GLU G 1104 93.79 -31.17 58.62
N LEU G 1105 93.31 -31.81 59.68
CA LEU G 1105 92.03 -31.40 60.28
C LEU G 1105 92.15 -30.02 60.90
N GLY G 1106 91.21 -29.15 60.56
CA GLY G 1106 91.19 -27.79 61.05
C GLY G 1106 91.88 -26.78 60.18
N ALA G 1107 92.77 -27.22 59.28
CA ALA G 1107 93.41 -26.27 58.36
C ALA G 1107 92.39 -25.71 57.37
N ASP G 1108 91.44 -26.51 56.95
CA ASP G 1108 90.36 -26.08 56.08
C ASP G 1108 89.07 -25.90 56.88
N GLU G 1109 88.14 -25.12 56.33
CA GLU G 1109 86.90 -24.83 57.03
C GLU G 1109 85.99 -26.04 57.18
N LEU G 1110 86.29 -27.14 56.49
CA LEU G 1110 85.42 -28.31 56.54
C LEU G 1110 85.42 -28.97 57.91
N ALA G 1111 86.51 -28.85 58.67
CA ALA G 1111 86.68 -29.58 59.92
C ALA G 1111 86.67 -28.61 61.09
N TYR G 1112 85.69 -28.77 61.98
CA TYR G 1112 85.58 -27.98 63.21
C TYR G 1112 86.16 -28.75 64.40
N VAL G 1113 87.44 -29.09 64.30
CA VAL G 1113 88.05 -30.00 65.26
C VAL G 1113 88.60 -29.25 66.47
N PHE G 1114 88.94 -29.99 67.52
CA PHE G 1114 89.62 -29.46 68.69
C PHE G 1114 90.81 -30.35 69.00
N ASN G 1115 91.97 -29.72 69.21
CA ASN G 1115 93.19 -30.41 69.62
C ASN G 1115 93.34 -30.24 71.12
N GLY G 1116 93.15 -31.33 71.86
CA GLY G 1116 93.31 -31.32 73.29
C GLY G 1116 94.73 -31.44 73.78
N HIS G 1117 95.66 -31.84 72.91
CA HIS G 1117 97.06 -31.86 73.30
C HIS G 1117 97.58 -30.46 73.58
N ARG G 1118 97.21 -29.49 72.75
CA ARG G 1118 97.61 -28.10 72.93
C ARG G 1118 96.48 -27.21 73.43
N GLY G 1119 95.27 -27.75 73.56
CA GLY G 1119 94.14 -26.96 74.00
C GLY G 1119 93.76 -25.86 73.02
N GLN G 1120 93.66 -26.20 71.73
CA GLN G 1120 93.36 -25.21 70.70
C GLN G 1120 92.29 -25.75 69.77
N ARG G 1121 91.30 -24.93 69.45
CA ARG G 1121 90.22 -25.32 68.54
C ARG G 1121 90.54 -24.85 67.13
N TRP G 1122 90.49 -25.77 66.17
CA TRP G 1122 90.83 -25.50 64.78
C TRP G 1122 89.57 -25.63 63.94
N HIS G 1123 89.07 -24.50 63.44
CA HIS G 1123 88.06 -24.48 62.40
C HIS G 1123 88.63 -24.03 61.07
N LEU G 1124 89.37 -22.92 61.06
CA LEU G 1124 90.15 -22.50 59.92
C LEU G 1124 91.58 -22.10 60.29
N GLY G 1125 91.84 -21.74 61.54
CA GLY G 1125 93.18 -21.41 62.00
C GLY G 1125 93.31 -21.73 63.47
N SER G 1126 94.55 -21.65 63.96
CA SER G 1126 94.84 -21.97 65.35
C SER G 1126 94.23 -20.93 66.28
N GLU G 1127 93.62 -21.41 67.37
CA GLU G 1127 93.06 -20.53 68.39
C GLU G 1127 92.97 -21.27 69.72
N PRO G 1128 93.67 -20.78 70.76
CA PRO G 1128 93.63 -21.47 72.05
C PRO G 1128 92.22 -21.55 72.63
N PHE G 1129 91.93 -22.67 73.28
CA PHE G 1129 90.62 -22.90 73.87
C PHE G 1129 90.72 -24.03 74.89
N GLY G 1130 90.33 -23.75 76.13
CA GLY G 1130 90.33 -24.77 77.16
C GLY G 1130 91.72 -25.08 77.69
N ARG G 1131 91.85 -26.29 78.22
CA ARG G 1131 93.08 -26.76 78.83
C ARG G 1131 93.53 -28.05 78.18
N PRO G 1132 94.83 -28.34 78.19
CA PRO G 1132 95.30 -29.63 77.65
C PRO G 1132 94.83 -30.80 78.49
N TRP G 1133 94.62 -31.93 77.82
CA TRP G 1133 94.19 -33.13 78.50
C TRP G 1133 95.38 -33.90 79.08
N GLN G 1134 95.07 -34.91 79.87
CA GLN G 1134 96.06 -35.83 80.43
C GLN G 1134 95.77 -37.24 79.92
N SER G 1135 96.52 -38.21 80.45
CA SER G 1135 96.32 -39.59 80.06
C SER G 1135 95.00 -40.12 80.61
N GLY G 1136 94.22 -40.78 79.76
CA GLY G 1136 92.94 -41.33 80.16
C GLY G 1136 91.80 -40.33 80.19
N ASP G 1137 92.04 -39.08 79.82
CA ASP G 1137 90.97 -38.09 79.83
C ASP G 1137 89.99 -38.33 78.69
N VAL G 1138 88.71 -38.13 78.97
CA VAL G 1138 87.64 -38.32 77.99
C VAL G 1138 87.11 -36.95 77.60
N VAL G 1139 87.09 -36.67 76.31
CA VAL G 1139 86.55 -35.43 75.77
C VAL G 1139 85.24 -35.76 75.06
N GLY G 1140 84.17 -35.08 75.47
CA GLY G 1140 82.87 -35.25 74.86
C GLY G 1140 82.59 -34.10 73.92
N CYS G 1141 82.30 -34.43 72.67
CA CYS G 1141 81.94 -33.46 71.65
C CYS G 1141 80.43 -33.48 71.49
N MET G 1142 79.81 -32.31 71.64
CA MET G 1142 78.37 -32.14 71.49
C MET G 1142 78.11 -31.11 70.42
N ILE G 1143 77.14 -31.40 69.55
CA ILE G 1143 76.82 -30.51 68.44
C ILE G 1143 75.32 -30.19 68.49
N ASP G 1144 75.02 -28.90 68.36
CA ASP G 1144 73.66 -28.37 68.29
C ASP G 1144 73.45 -27.94 66.84
N LEU G 1145 72.73 -28.77 66.06
CA LEU G 1145 72.49 -28.42 64.67
C LEU G 1145 71.46 -27.31 64.54
N THR G 1146 70.47 -27.29 65.44
CA THR G 1146 69.46 -26.23 65.40
C THR G 1146 70.02 -24.92 65.94
N GLU G 1147 70.82 -24.98 67.00
CA GLU G 1147 71.46 -23.79 67.57
C GLU G 1147 72.77 -23.45 66.89
N ASN G 1148 73.23 -24.27 65.95
CA ASN G 1148 74.42 -23.97 65.13
C ASN G 1148 75.66 -23.79 66.00
N THR G 1149 75.88 -24.71 66.93
CA THR G 1149 77.00 -24.58 67.87
C THR G 1149 77.68 -25.93 68.07
N ILE G 1150 78.94 -25.87 68.51
CA ILE G 1150 79.72 -27.05 68.88
C ILE G 1150 80.37 -26.78 70.23
N ILE G 1151 80.18 -27.70 71.17
CA ILE G 1151 80.71 -27.58 72.53
C ILE G 1151 81.61 -28.78 72.82
N PHE G 1152 82.76 -28.51 73.42
CA PHE G 1152 83.70 -29.54 73.82
C PHE G 1152 83.82 -29.55 75.33
N THR G 1153 83.67 -30.72 75.94
CA THR G 1153 83.76 -30.88 77.38
C THR G 1153 84.88 -31.85 77.72
N LEU G 1154 85.62 -31.56 78.78
CA LEU G 1154 86.73 -32.40 79.21
C LEU G 1154 86.41 -32.96 80.59
N ASN G 1155 86.19 -34.28 80.65
CA ASN G 1155 85.91 -34.98 81.91
C ASN G 1155 84.72 -34.36 82.63
N GLY G 1156 83.70 -33.98 81.86
CA GLY G 1156 82.50 -33.38 82.39
C GLY G 1156 82.52 -31.87 82.46
N GLU G 1157 83.68 -31.28 82.73
CA GLU G 1157 83.79 -29.83 82.80
C GLU G 1157 83.79 -29.24 81.39
N VAL G 1158 82.94 -28.24 81.18
CA VAL G 1158 82.87 -27.58 79.88
C VAL G 1158 84.08 -26.66 79.71
N LEU G 1159 84.79 -26.83 78.60
CA LEU G 1159 85.98 -26.02 78.35
C LEU G 1159 85.59 -24.61 77.95
N MET G 1160 86.31 -23.63 78.49
CA MET G 1160 86.08 -22.22 78.20
C MET G 1160 87.13 -21.70 77.23
N SER G 1161 86.76 -20.62 76.53
CA SER G 1161 87.67 -19.95 75.62
C SER G 1161 88.42 -18.84 76.34
N ASP G 1162 89.25 -18.11 75.59
CA ASP G 1162 89.96 -16.97 76.17
C ASP G 1162 88.99 -15.89 76.64
N SER G 1163 87.96 -15.62 75.85
CA SER G 1163 86.95 -14.64 76.22
C SER G 1163 85.93 -15.17 77.22
N GLY G 1164 85.93 -16.48 77.48
CA GLY G 1164 85.02 -17.08 78.42
C GLY G 1164 83.80 -17.74 77.82
N SER G 1165 83.71 -17.82 76.49
CA SER G 1165 82.55 -18.44 75.86
C SER G 1165 82.56 -19.95 76.08
N GLU G 1166 81.41 -20.49 76.49
CA GLU G 1166 81.30 -21.93 76.70
C GLU G 1166 81.41 -22.68 75.38
N THR G 1167 80.73 -22.20 74.34
CA THR G 1167 80.75 -22.89 73.05
C THR G 1167 82.05 -22.60 72.33
N ALA G 1168 82.70 -23.66 71.84
CA ALA G 1168 83.92 -23.50 71.07
C ALA G 1168 83.66 -22.74 69.77
N PHE G 1169 82.57 -23.08 69.08
CA PHE G 1169 82.18 -22.41 67.85
C PHE G 1169 80.71 -22.04 67.92
N ARG G 1170 80.26 -21.27 66.94
CA ARG G 1170 78.87 -20.82 66.89
C ARG G 1170 78.54 -20.45 65.45
N GLU G 1171 77.28 -20.08 65.23
CA GLU G 1171 76.73 -19.61 63.94
C GLU G 1171 77.10 -20.53 62.77
N ILE G 1172 77.44 -21.78 63.05
CA ILE G 1172 77.87 -22.71 62.01
C ILE G 1172 76.70 -23.06 61.11
N GLU G 1173 76.91 -22.92 59.80
CA GLU G 1173 75.88 -23.29 58.84
C GLU G 1173 75.70 -24.81 58.83
N ILE G 1174 74.45 -25.25 58.66
CA ILE G 1174 74.17 -26.68 58.60
C ILE G 1174 74.73 -27.28 57.32
N GLY G 1175 74.26 -26.77 56.18
CA GLY G 1175 74.78 -27.23 54.90
C GLY G 1175 74.52 -28.70 54.66
N ASP G 1176 75.55 -29.41 54.22
CA ASP G 1176 75.40 -30.82 53.85
C ASP G 1176 75.16 -31.69 55.08
N GLY G 1177 75.82 -31.38 56.18
CA GLY G 1177 75.69 -32.16 57.40
C GLY G 1177 77.00 -32.22 58.14
N PHE G 1178 77.05 -33.07 59.16
CA PHE G 1178 78.23 -33.20 60.00
C PHE G 1178 78.44 -34.67 60.35
N LEU G 1179 79.71 -35.04 60.54
CA LEU G 1179 80.09 -36.40 60.87
C LEU G 1179 81.18 -36.36 61.94
N PRO G 1180 81.15 -37.29 62.89
CA PRO G 1180 82.26 -37.39 63.85
C PRO G 1180 83.56 -37.71 63.13
N VAL G 1181 84.66 -37.16 63.65
CA VAL G 1181 85.96 -37.34 63.03
C VAL G 1181 87.04 -37.24 64.11
N CYS G 1182 88.09 -38.05 63.96
CA CYS G 1182 89.23 -38.02 64.85
C CYS G 1182 90.49 -38.31 64.06
N SER G 1183 91.56 -37.60 64.38
CA SER G 1183 92.85 -37.75 63.73
C SER G 1183 93.93 -37.94 64.81
N LEU G 1184 94.83 -38.88 64.57
CA LEU G 1184 95.85 -39.25 65.52
C LEU G 1184 97.22 -39.18 64.86
N GLY G 1185 98.22 -38.75 65.63
CA GLY G 1185 99.57 -38.65 65.13
C GLY G 1185 100.32 -39.97 65.24
N PRO G 1186 101.63 -39.93 64.99
CA PRO G 1186 102.44 -41.16 65.08
C PRO G 1186 102.59 -41.61 66.52
N GLY G 1187 102.36 -42.90 66.75
CA GLY G 1187 102.52 -43.46 68.08
C GLY G 1187 101.43 -43.11 69.06
N GLN G 1188 100.31 -42.56 68.60
CA GLN G 1188 99.22 -42.14 69.48
C GLN G 1188 98.03 -43.06 69.29
N VAL G 1189 97.45 -43.49 70.41
CA VAL G 1189 96.30 -44.38 70.40
C VAL G 1189 95.16 -43.68 71.14
N GLY G 1190 93.92 -44.02 70.76
CA GLY G 1190 92.77 -43.42 71.40
C GLY G 1190 91.52 -44.23 71.15
N HIS G 1191 90.59 -44.15 72.10
CA HIS G 1191 89.33 -44.88 72.03
C HIS G 1191 88.23 -43.92 71.57
N LEU G 1192 87.40 -44.38 70.64
CA LEU G 1192 86.29 -43.59 70.13
C LEU G 1192 84.98 -44.29 70.48
N ASN G 1193 84.10 -43.59 71.19
CA ASN G 1193 82.79 -44.13 71.58
C ASN G 1193 81.73 -43.20 71.00
N LEU G 1194 81.15 -43.60 69.86
CA LEU G 1194 80.12 -42.78 69.23
C LEU G 1194 78.85 -42.72 70.08
N GLY G 1195 78.62 -43.71 70.94
CA GLY G 1195 77.44 -43.72 71.78
C GLY G 1195 76.46 -44.83 71.39
N GLN G 1196 77.00 -45.97 70.96
CA GLN G 1196 76.14 -47.10 70.60
C GLN G 1196 75.36 -47.61 71.81
N ASP G 1197 75.94 -47.51 73.01
CA ASP G 1197 75.25 -47.91 74.23
C ASP G 1197 75.56 -46.91 75.33
N VAL G 1198 74.52 -46.39 75.97
CA VAL G 1198 74.68 -45.41 77.03
C VAL G 1198 75.41 -46.01 78.22
N SER G 1199 75.34 -47.34 78.38
CA SER G 1199 76.07 -47.99 79.47
C SER G 1199 77.58 -47.80 79.31
N SER G 1200 78.09 -48.00 78.09
CA SER G 1200 79.50 -47.73 77.82
C SER G 1200 79.79 -46.25 77.66
N LEU G 1201 78.78 -45.44 77.36
CA LEU G 1201 78.98 -44.00 77.26
C LEU G 1201 79.19 -43.42 78.65
N ARG G 1202 80.33 -42.76 78.86
CA ARG G 1202 80.68 -42.17 80.13
C ARG G 1202 80.49 -40.64 80.08
N PHE G 1203 80.26 -40.07 81.26
CA PHE G 1203 80.07 -38.63 81.44
C PHE G 1203 78.91 -38.09 80.60
N PHE G 1204 78.03 -38.98 80.12
CA PHE G 1204 76.87 -38.53 79.35
C PHE G 1204 75.88 -37.78 80.22
N ALA G 1205 75.55 -38.33 81.39
CA ALA G 1205 74.58 -37.72 82.29
C ALA G 1205 75.07 -36.41 82.87
N ILE G 1206 76.36 -36.10 82.77
CA ILE G 1206 76.88 -34.85 83.32
C ILE G 1206 76.41 -33.67 82.48
N CYS G 1207 76.71 -33.69 81.18
CA CYS G 1207 76.36 -32.61 80.28
C CYS G 1207 75.47 -33.04 79.13
N GLY G 1208 75.80 -34.15 78.46
CA GLY G 1208 75.09 -34.51 77.25
C GLY G 1208 73.63 -34.84 77.47
N LEU G 1209 73.34 -35.62 78.52
CA LEU G 1209 71.96 -36.01 78.79
C LEU G 1209 71.15 -34.82 79.31
N GLN G 1210 71.78 -33.91 80.05
CA GLN G 1210 71.03 -32.83 80.70
C GLN G 1210 70.46 -31.85 79.68
N GLU G 1211 71.30 -31.39 78.74
CA GLU G 1211 70.82 -30.45 77.73
C GLU G 1211 69.84 -31.13 76.77
N GLY G 1212 70.13 -32.36 76.38
CA GLY G 1212 69.28 -33.07 75.43
C GLY G 1212 70.06 -33.61 74.25
N PHE G 1213 71.38 -33.68 74.37
CA PHE G 1213 72.22 -34.20 73.31
C PHE G 1213 72.05 -35.70 73.20
N GLU G 1214 71.29 -36.14 72.19
CA GLU G 1214 71.14 -37.58 71.96
C GLU G 1214 72.49 -38.17 71.53
N PRO G 1215 72.92 -39.26 72.14
CA PRO G 1215 74.18 -39.88 71.73
C PRO G 1215 74.13 -40.28 70.26
N PHE G 1216 75.24 -40.06 69.57
CA PHE G 1216 75.31 -40.39 68.15
C PHE G 1216 75.21 -41.89 67.95
N ALA G 1217 74.32 -42.31 67.06
CA ALA G 1217 74.13 -43.72 66.72
C ALA G 1217 73.75 -44.56 67.95
N ILE G 1218 72.62 -44.19 68.54
CA ILE G 1218 72.14 -44.89 69.74
C ILE G 1218 71.16 -45.99 69.38
N ASN G 1219 70.21 -45.73 68.48
CA ASN G 1219 69.15 -46.68 68.20
C ASN G 1219 69.50 -47.70 67.13
N MET G 1220 70.52 -47.44 66.31
CA MET G 1220 70.87 -48.37 65.26
C MET G 1220 71.45 -49.65 65.86
N GLN G 1221 71.02 -50.80 65.32
CA GLN G 1221 71.45 -52.08 65.86
C GLN G 1221 72.90 -52.39 65.46
N ARG G 1222 73.26 -52.13 64.20
CA ARG G 1222 74.61 -52.46 63.77
C ARG G 1222 75.59 -51.35 64.11
N PRO G 1223 76.84 -51.69 64.38
CA PRO G 1223 77.85 -50.66 64.65
C PRO G 1223 78.12 -49.79 63.44
N VAL G 1224 78.53 -48.56 63.70
CA VAL G 1224 78.80 -47.60 62.62
C VAL G 1224 80.03 -48.03 61.86
N THR G 1225 79.91 -48.08 60.53
CA THR G 1225 81.03 -48.42 59.66
C THR G 1225 81.85 -47.15 59.43
N THR G 1226 83.08 -47.12 59.94
CA THR G 1226 83.94 -45.96 59.85
C THR G 1226 84.89 -46.10 58.67
N TRP G 1227 85.33 -44.96 58.15
CA TRP G 1227 86.25 -44.90 57.02
C TRP G 1227 87.56 -44.27 57.48
N PHE G 1228 88.66 -44.94 57.21
CA PHE G 1228 89.98 -44.46 57.61
C PHE G 1228 90.75 -43.98 56.38
N SER G 1229 91.63 -43.02 56.61
CA SER G 1229 92.45 -42.46 55.55
C SER G 1229 93.65 -43.36 55.30
N LYS G 1230 93.72 -43.96 54.12
CA LYS G 1230 94.77 -44.90 53.76
C LYS G 1230 95.82 -44.19 52.90
N SER G 1231 97.08 -44.24 53.35
CA SER G 1231 98.18 -43.57 52.65
C SER G 1231 98.85 -44.55 51.67
N LEU G 1232 98.14 -44.81 50.58
CA LEU G 1232 98.64 -45.66 49.51
C LEU G 1232 98.59 -44.88 48.20
N PRO G 1233 99.73 -44.59 47.59
CA PRO G 1233 99.71 -43.83 46.32
C PRO G 1233 98.99 -44.59 45.22
N GLN G 1234 97.98 -43.95 44.63
CA GLN G 1234 97.21 -44.52 43.55
C GLN G 1234 97.05 -43.51 42.43
N PHE G 1235 96.99 -44.00 41.20
CA PHE G 1235 96.83 -43.14 40.04
C PHE G 1235 95.36 -42.80 39.83
N GLU G 1236 95.06 -41.51 39.79
CA GLU G 1236 93.71 -41.02 39.58
C GLU G 1236 93.68 -39.98 38.48
N PRO G 1237 92.56 -39.84 37.78
CA PRO G 1237 92.49 -38.85 36.69
C PRO G 1237 92.75 -37.43 37.19
N VAL G 1238 93.41 -36.64 36.36
CA VAL G 1238 93.70 -35.25 36.69
C VAL G 1238 92.40 -34.45 36.61
N PRO G 1239 91.97 -33.82 37.70
CA PRO G 1239 90.73 -33.06 37.68
C PRO G 1239 90.85 -31.85 36.77
N PRO G 1240 89.80 -31.50 36.03
CA PRO G 1240 89.84 -30.27 35.22
C PRO G 1240 89.98 -29.01 36.04
N GLU G 1241 89.52 -29.02 37.29
CA GLU G 1241 89.57 -27.86 38.16
C GLU G 1241 90.87 -27.77 38.94
N HIS G 1242 91.93 -28.44 38.49
CA HIS G 1242 93.21 -28.37 39.19
C HIS G 1242 93.79 -26.96 39.04
N PRO G 1243 94.10 -26.27 40.14
CA PRO G 1243 94.61 -24.90 40.04
C PRO G 1243 96.05 -24.79 39.58
N HIS G 1244 96.76 -25.91 39.44
CA HIS G 1244 98.18 -25.88 39.09
C HIS G 1244 98.48 -26.51 37.75
N TYR G 1245 97.81 -27.60 37.38
CA TYR G 1245 98.12 -28.33 36.15
C TYR G 1245 96.91 -28.34 35.24
N GLU G 1246 97.16 -28.37 33.93
CA GLU G 1246 96.08 -28.27 32.95
C GLU G 1246 96.47 -29.12 31.75
N VAL G 1247 95.68 -30.14 31.45
CA VAL G 1247 95.98 -31.09 30.37
C VAL G 1247 94.98 -30.85 29.24
N ALA G 1248 95.50 -30.48 28.07
CA ALA G 1248 94.67 -30.09 26.94
C ALA G 1248 94.81 -31.09 25.80
N ARG G 1249 93.71 -31.38 25.13
CA ARG G 1249 93.68 -32.33 24.01
C ARG G 1249 93.87 -31.56 22.71
N MET G 1250 95.05 -31.73 22.09
CA MET G 1250 95.31 -31.18 20.76
C MET G 1250 95.08 -32.22 19.67
N ASP G 1251 94.19 -33.18 19.91
CA ASP G 1251 93.95 -34.26 18.98
C ASP G 1251 93.32 -33.75 17.68
N GLY G 1252 93.50 -34.51 16.62
CA GLY G 1252 92.99 -34.11 15.32
C GLY G 1252 93.83 -33.07 14.61
N THR G 1253 95.08 -32.88 15.04
CA THR G 1253 95.93 -31.86 14.44
C THR G 1253 96.29 -32.24 13.01
N VAL G 1254 96.40 -31.23 12.16
CA VAL G 1254 96.75 -31.43 10.76
C VAL G 1254 98.24 -31.70 10.65
N ASP G 1255 98.60 -32.79 9.95
CA ASP G 1255 99.98 -33.21 9.76
C ASP G 1255 100.69 -33.40 11.10
N THR G 1256 99.95 -33.90 12.08
CA THR G 1256 100.46 -34.13 13.43
C THR G 1256 99.55 -35.13 14.14
N PRO G 1257 100.09 -36.18 14.75
CA PRO G 1257 99.26 -37.16 15.43
C PRO G 1257 98.55 -36.56 16.63
N PRO G 1258 97.45 -37.17 17.07
CA PRO G 1258 96.75 -36.66 18.26
C PRO G 1258 97.68 -36.63 19.46
N CYS G 1259 97.42 -35.69 20.38
CA CYS G 1259 98.32 -35.49 21.49
C CYS G 1259 97.59 -34.83 22.65
N LEU G 1260 98.17 -35.00 23.84
CA LEU G 1260 97.69 -34.36 25.06
C LEU G 1260 98.86 -33.60 25.67
N ARG G 1261 98.71 -32.28 25.80
CA ARG G 1261 99.78 -31.41 26.25
C ARG G 1261 99.51 -30.94 27.68
N LEU G 1262 100.54 -31.02 28.52
CA LEU G 1262 100.45 -30.59 29.91
C LEU G 1262 101.04 -29.19 30.06
N ALA G 1263 100.33 -28.34 30.81
CA ALA G 1263 100.77 -26.97 31.04
C ALA G 1263 100.57 -26.61 32.50
N HIS G 1264 101.35 -25.63 32.95
CA HIS G 1264 101.27 -25.13 34.32
C HIS G 1264 100.42 -23.86 34.31
N ARG G 1265 99.29 -23.92 35.02
CA ARG G 1265 98.35 -22.80 35.05
C ARG G 1265 98.96 -21.57 35.71
N THR G 1266 99.66 -21.76 36.83
CA THR G 1266 100.17 -20.67 37.65
C THR G 1266 101.69 -20.70 37.71
N TRP G 1267 102.34 -20.93 36.57
CA TRP G 1267 103.79 -20.94 36.54
C TRP G 1267 104.34 -19.53 36.76
N GLY G 1268 105.31 -19.41 37.66
CA GLY G 1268 105.92 -18.13 37.95
C GLY G 1268 104.96 -17.11 38.52
N SER G 1269 104.08 -17.53 39.43
CA SER G 1269 103.11 -16.62 40.01
C SER G 1269 103.08 -16.76 41.54
N GLN G 1270 102.11 -16.11 42.18
CA GLN G 1270 101.97 -16.19 43.63
C GLN G 1270 101.61 -17.61 44.05
N ASN G 1271 102.12 -18.00 45.21
CA ASN G 1271 101.92 -19.32 45.83
C ASN G 1271 101.97 -20.46 44.82
N SER G 1272 102.90 -20.38 43.87
CA SER G 1272 103.07 -21.44 42.88
C SER G 1272 103.97 -22.53 43.45
N LEU G 1273 103.52 -23.78 43.34
CA LEU G 1273 104.25 -24.92 43.85
C LEU G 1273 104.68 -25.80 42.69
N VAL G 1274 105.94 -26.23 42.71
CA VAL G 1274 106.47 -27.18 41.75
C VAL G 1274 107.00 -28.38 42.51
N GLU G 1275 106.70 -29.58 41.99
CA GLU G 1275 107.08 -30.82 42.66
C GLU G 1275 106.98 -31.95 41.64
N MET G 1276 107.44 -33.12 42.06
CA MET G 1276 107.42 -34.29 41.18
C MET G 1276 105.99 -34.62 40.77
N LEU G 1277 105.81 -34.91 39.48
CA LEU G 1277 104.51 -35.25 38.93
C LEU G 1277 104.63 -36.58 38.22
N PHE G 1278 103.80 -37.54 38.62
CA PHE G 1278 103.80 -38.90 38.07
C PHE G 1278 102.53 -39.07 37.24
N LEU G 1279 102.66 -39.03 35.92
CA LEU G 1279 101.53 -39.10 35.01
C LEU G 1279 101.56 -40.40 34.23
N ARG G 1280 100.38 -40.91 33.89
CA ARG G 1280 100.25 -42.17 33.17
C ARG G 1280 98.99 -42.13 32.32
N LEU G 1281 98.91 -43.07 31.39
CA LEU G 1281 97.72 -43.21 30.55
C LEU G 1281 96.75 -44.19 31.19
N SER G 1282 95.46 -43.95 30.96
CA SER G 1282 94.43 -44.76 31.62
C SER G 1282 94.42 -46.19 31.09
N LEU G 1283 94.65 -46.38 29.79
CA LEU G 1283 94.51 -47.72 29.22
C LEU G 1283 95.87 -48.36 28.98
N PRO G 1284 96.02 -49.63 29.32
CA PRO G 1284 97.31 -50.31 29.15
C PRO G 1284 97.39 -51.06 27.82
N VAL G 1285 98.59 -51.59 27.56
CA VAL G 1285 98.84 -52.48 26.43
C VAL G 1285 99.35 -53.81 27.00
N GLN G 1286 98.77 -54.91 26.53
CA GLN G 1286 99.04 -56.23 27.09
C GLN G 1286 99.83 -57.07 26.09
N PHE G 1287 100.90 -57.69 26.58
CA PHE G 1287 101.72 -58.57 25.75
C PHE G 1287 100.99 -59.89 25.49
N HIS G 1288 101.40 -60.57 24.41
CA HIS G 1288 100.78 -61.83 24.03
C HIS G 1288 101.12 -62.92 25.04
N GLN G 1289 100.22 -63.91 25.12
CA GLN G 1289 100.43 -65.03 26.04
C GLN G 1289 101.65 -65.87 25.64
N HIS G 1290 101.83 -66.10 24.34
CA HIS G 1290 102.93 -66.91 23.83
C HIS G 1290 103.89 -66.04 23.05
N PHE G 1291 105.17 -66.10 23.43
CA PHE G 1291 106.21 -65.31 22.78
C PHE G 1291 106.87 -66.14 21.67
N ARG G 1292 106.11 -66.31 20.59
CA ARG G 1292 106.58 -67.07 19.42
C ARG G 1292 107.27 -66.14 18.42
N CYS G 1293 108.36 -65.53 18.88
CA CYS G 1293 109.17 -64.63 18.06
C CYS G 1293 108.33 -63.53 17.45
N THR G 1294 108.36 -63.41 16.12
CA THR G 1294 107.60 -62.41 15.37
C THR G 1294 107.87 -60.99 15.87
N ASN G 1410 108.30 -41.85 3.38
CA ASN G 1410 107.77 -42.65 2.28
C ASN G 1410 106.50 -43.37 2.70
N ARG G 1411 105.75 -43.87 1.72
CA ARG G 1411 104.51 -44.57 2.01
C ARG G 1411 104.80 -45.91 2.69
N ASP G 1412 104.02 -46.21 3.72
CA ASP G 1412 104.19 -47.46 4.45
C ASP G 1412 103.64 -48.62 3.65
N ASP G 1413 104.34 -49.75 3.72
CA ASP G 1413 103.97 -50.93 2.92
C ASP G 1413 102.78 -51.63 3.56
N PRO G 1414 101.63 -51.71 2.88
CA PRO G 1414 100.44 -52.27 3.53
C PRO G 1414 100.61 -53.69 4.06
N GLU G 1415 101.36 -54.53 3.35
CA GLU G 1415 101.61 -55.89 3.84
C GLU G 1415 102.30 -55.85 5.20
N ILE G 1416 103.31 -54.99 5.33
CA ILE G 1416 104.00 -54.87 6.60
C ILE G 1416 103.07 -54.28 7.65
N ILE G 1417 102.19 -53.35 7.25
CA ILE G 1417 101.21 -52.80 8.17
C ILE G 1417 100.35 -53.91 8.76
N LEU G 1418 99.89 -54.85 7.92
CA LEU G 1418 99.01 -55.89 8.43
C LEU G 1418 99.77 -56.93 9.25
N ASN G 1419 100.97 -57.33 8.84
CA ASN G 1419 101.63 -58.43 9.54
C ASN G 1419 102.61 -57.96 10.62
N THR G 1420 102.66 -56.66 10.89
CA THR G 1420 103.55 -56.17 11.93
C THR G 1420 102.91 -56.30 13.31
N THR G 1421 103.75 -56.21 14.34
CA THR G 1421 103.28 -56.31 15.71
C THR G 1421 103.89 -55.26 16.63
N THR G 1422 104.61 -54.28 16.10
CA THR G 1422 105.24 -53.26 16.92
C THR G 1422 104.31 -52.06 17.09
N TYR G 1423 104.54 -51.30 18.16
CA TYR G 1423 103.72 -50.15 18.49
C TYR G 1423 104.61 -49.00 18.91
N TYR G 1424 104.22 -47.78 18.54
CA TYR G 1424 105.04 -46.59 18.75
C TYR G 1424 104.23 -45.51 19.44
N TYR G 1425 104.87 -44.80 20.36
CA TYR G 1425 104.28 -43.58 20.91
C TYR G 1425 105.37 -42.66 21.41
N SER G 1426 105.17 -41.35 21.26
CA SER G 1426 106.24 -40.41 21.57
C SER G 1426 105.82 -39.46 22.69
N VAL G 1427 106.83 -38.90 23.34
CA VAL G 1427 106.65 -37.84 24.34
C VAL G 1427 107.57 -36.69 23.93
N ARG G 1428 106.98 -35.52 23.73
CA ARG G 1428 107.74 -34.32 23.35
C ARG G 1428 107.91 -33.44 24.58
N VAL G 1429 109.15 -33.34 25.06
CA VAL G 1429 109.50 -32.39 26.11
C VAL G 1429 109.78 -31.06 25.44
N PHE G 1430 109.04 -30.02 25.85
CA PHE G 1430 109.09 -28.73 25.17
C PHE G 1430 110.37 -27.98 25.52
N ALA G 1431 110.68 -26.99 24.68
CA ALA G 1431 111.80 -26.10 24.95
C ALA G 1431 111.53 -25.27 26.20
N GLY G 1432 112.56 -25.11 27.02
CA GLY G 1432 112.44 -24.46 28.31
C GLY G 1432 112.27 -25.42 29.47
N GLN G 1433 111.92 -26.67 29.18
CA GLN G 1433 111.81 -27.72 30.19
C GLN G 1433 113.10 -28.55 30.16
N GLU G 1434 113.79 -28.60 31.29
CA GLU G 1434 115.07 -29.29 31.34
C GLU G 1434 114.85 -30.80 31.16
N PRO G 1435 115.52 -31.43 30.20
CA PRO G 1435 115.38 -32.89 30.05
C PRO G 1435 115.92 -33.67 31.24
N SER G 1436 116.75 -33.05 32.08
CA SER G 1436 117.27 -33.72 33.27
C SER G 1436 116.19 -34.00 34.31
N CYS G 1437 115.01 -33.39 34.16
CA CYS G 1437 113.92 -33.56 35.12
C CYS G 1437 112.76 -34.37 34.54
N VAL G 1438 113.01 -35.19 33.52
CA VAL G 1438 111.97 -35.97 32.88
C VAL G 1438 112.37 -37.44 32.85
N TRP G 1439 111.36 -38.31 32.74
CA TRP G 1439 111.56 -39.75 32.65
C TRP G 1439 110.42 -40.32 31.81
N VAL G 1440 110.75 -40.96 30.70
CA VAL G 1440 109.78 -41.45 29.73
C VAL G 1440 109.89 -42.97 29.66
N GLY G 1441 108.75 -43.65 29.76
CA GLY G 1441 108.72 -45.10 29.67
C GLY G 1441 107.38 -45.73 29.98
N TRP G 1442 107.39 -46.84 30.70
CA TRP G 1442 106.19 -47.60 31.00
C TRP G 1442 106.16 -47.96 32.48
N VAL G 1443 104.96 -48.24 32.99
CA VAL G 1443 104.78 -48.63 34.38
C VAL G 1443 103.83 -49.83 34.43
N THR G 1444 104.11 -50.76 35.35
CA THR G 1444 103.20 -51.85 35.65
C THR G 1444 102.04 -51.34 36.50
N PRO G 1445 100.94 -52.09 36.57
CA PRO G 1445 99.82 -51.64 37.42
C PRO G 1445 100.19 -51.46 38.88
N ASP G 1446 101.21 -52.17 39.37
CA ASP G 1446 101.62 -52.06 40.77
C ASP G 1446 102.76 -51.04 40.86
N TYR G 1447 102.40 -49.78 41.10
CA TYR G 1447 103.38 -48.72 41.30
C TYR G 1447 102.82 -47.72 42.28
N HIS G 1448 103.46 -47.59 43.44
CA HIS G 1448 103.02 -46.67 44.48
C HIS G 1448 104.20 -45.95 45.09
N GLN G 1449 105.12 -45.46 44.26
CA GLN G 1449 106.31 -44.75 44.71
C GLN G 1449 106.09 -43.26 44.54
N HIS G 1450 105.64 -42.60 45.61
CA HIS G 1450 105.48 -41.15 45.61
C HIS G 1450 106.71 -40.43 46.16
N ASP G 1451 107.87 -40.73 45.58
CA ASP G 1451 109.13 -40.14 46.04
C ASP G 1451 109.31 -38.77 45.40
N MET G 1452 109.43 -37.73 46.25
CA MET G 1452 109.66 -36.38 45.74
C MET G 1452 111.04 -36.22 45.13
N ASN G 1453 112.01 -37.05 45.54
CA ASN G 1453 113.37 -37.01 45.02
C ASN G 1453 113.64 -38.24 44.14
N PHE G 1454 112.67 -38.59 43.31
CA PHE G 1454 112.76 -39.81 42.50
C PHE G 1454 113.99 -39.78 41.60
N ASP G 1455 114.68 -40.91 41.53
CA ASP G 1455 115.83 -41.09 40.67
C ASP G 1455 115.70 -42.44 39.96
N LEU G 1456 116.42 -42.58 38.85
CA LEU G 1456 116.33 -43.82 38.07
C LEU G 1456 116.84 -45.02 38.83
N SER G 1457 117.61 -44.82 39.90
CA SER G 1457 118.11 -45.91 40.73
C SER G 1457 117.18 -46.28 41.87
N LYS G 1458 116.07 -45.56 42.03
CA LYS G 1458 115.13 -45.82 43.11
C LYS G 1458 114.07 -46.87 42.73
N VAL G 1459 114.11 -47.39 41.52
CA VAL G 1459 113.11 -48.36 41.10
C VAL G 1459 113.33 -49.69 41.82
N ARG G 1460 112.25 -50.46 41.95
CA ARG G 1460 112.31 -51.77 42.58
C ARG G 1460 112.61 -52.83 41.53
N ALA G 1461 113.66 -53.62 41.78
CA ALA G 1461 114.04 -54.67 40.84
C ALA G 1461 114.61 -55.85 41.62
N VAL G 1462 114.12 -57.05 41.32
CA VAL G 1462 114.57 -58.27 41.98
C VAL G 1462 114.81 -59.35 40.93
N THR G 1463 115.94 -60.03 41.01
CA THR G 1463 116.30 -61.09 40.07
C THR G 1463 116.12 -62.44 40.74
N VAL G 1464 115.22 -63.25 40.20
CA VAL G 1464 115.02 -64.62 40.66
C VAL G 1464 115.84 -65.54 39.78
N THR G 1465 116.69 -66.35 40.42
CA THR G 1465 117.52 -67.32 39.71
C THR G 1465 117.16 -68.71 40.19
N MET G 1466 116.65 -69.53 39.29
CA MET G 1466 116.26 -70.91 39.58
C MET G 1466 117.38 -71.83 39.12
N GLY G 1467 117.98 -72.56 40.06
CA GLY G 1467 119.09 -73.44 39.78
C GLY G 1467 118.67 -74.90 39.69
N ASP G 1468 119.65 -75.73 39.35
CA ASP G 1468 119.48 -77.16 39.25
C ASP G 1468 120.05 -77.85 40.49
N GLU G 1469 120.10 -79.19 40.45
CA GLU G 1469 120.62 -79.94 41.60
C GLU G 1469 122.09 -79.65 41.84
N GLN G 1470 122.84 -79.32 40.79
CA GLN G 1470 124.26 -79.02 40.92
C GLN G 1470 124.53 -77.59 41.34
N GLY G 1471 123.49 -76.77 41.51
CA GLY G 1471 123.66 -75.39 41.87
C GLY G 1471 123.82 -74.44 40.70
N ASN G 1472 123.93 -74.95 39.47
CA ASN G 1472 124.02 -74.10 38.29
C ASN G 1472 122.69 -73.42 38.04
N VAL G 1473 122.71 -72.11 37.83
CA VAL G 1473 121.48 -71.35 37.62
C VAL G 1473 120.93 -71.65 36.23
N HIS G 1474 119.88 -72.47 36.19
CA HIS G 1474 119.28 -72.83 34.90
C HIS G 1474 118.49 -71.67 34.32
N SER G 1475 117.76 -70.93 35.16
CA SER G 1475 116.94 -69.82 34.70
C SER G 1475 117.29 -68.57 35.49
N SER G 1476 117.36 -67.44 34.80
CA SER G 1476 117.55 -66.14 35.42
C SER G 1476 116.50 -65.18 34.88
N LEU G 1477 115.79 -64.50 35.77
CA LEU G 1477 114.71 -63.62 35.36
C LEU G 1477 114.67 -62.42 36.30
N LYS G 1478 114.16 -61.30 35.79
CA LYS G 1478 114.09 -60.06 36.56
C LYS G 1478 112.64 -59.57 36.63
N CYS G 1479 112.32 -58.96 37.77
CA CYS G 1479 111.00 -58.36 37.99
C CYS G 1479 111.20 -56.91 38.43
N SER G 1480 110.54 -55.99 37.72
CA SER G 1480 110.56 -54.58 38.06
C SER G 1480 109.16 -54.00 37.84
N ASN G 1481 108.85 -52.96 38.59
CA ASN G 1481 107.52 -52.35 38.52
C ASN G 1481 107.41 -51.25 37.48
N CYS G 1482 108.52 -50.84 36.87
CA CYS G 1482 108.48 -49.76 35.89
C CYS G 1482 109.73 -49.81 35.04
N TYR G 1483 109.65 -49.18 33.86
CA TYR G 1483 110.75 -49.14 32.90
C TYR G 1483 110.76 -47.78 32.23
N MET G 1484 111.68 -46.91 32.65
CA MET G 1484 111.83 -45.59 32.05
C MET G 1484 113.29 -45.34 31.68
N VAL G 1485 113.49 -44.32 30.85
CA VAL G 1485 114.82 -43.83 30.50
C VAL G 1485 114.88 -42.34 30.82
N TRP G 1486 116.00 -41.92 31.42
CA TRP G 1486 116.14 -40.55 31.88
C TRP G 1486 116.53 -39.63 30.73
N GLY G 1487 115.77 -38.55 30.55
CA GLY G 1487 116.08 -37.58 29.51
C GLY G 1487 117.35 -36.81 29.76
N GLY G 1488 117.80 -36.77 31.02
CA GLY G 1488 119.08 -36.14 31.30
C GLY G 1488 120.23 -36.83 30.62
N ASP G 1489 120.18 -38.17 30.54
CA ASP G 1489 121.21 -38.90 29.80
C ASP G 1489 121.22 -38.50 28.33
N PHE G 1490 120.04 -38.39 27.71
CA PHE G 1490 119.98 -38.03 26.31
C PHE G 1490 120.46 -36.60 26.07
N VAL G 1491 120.08 -35.67 26.94
CA VAL G 1491 120.51 -34.28 26.74
C VAL G 1491 122.00 -34.14 27.00
N SER G 1492 122.55 -34.91 27.95
CA SER G 1492 123.99 -34.90 28.16
C SER G 1492 124.73 -35.49 26.98
N PRO G 1493 124.19 -36.55 26.37
CA PRO G 1493 124.79 -37.10 25.17
C PRO G 1493 124.74 -36.08 24.02
N GLY G 1494 123.63 -35.37 23.88
CA GLY G 1494 123.47 -34.33 22.86
C GLY G 1494 123.75 -34.84 21.46
N ARG G 1498 121.88 -22.90 28.65
CA ARG G 1498 120.66 -22.17 28.99
C ARG G 1498 119.42 -22.94 28.53
N ILE G 1499 118.51 -22.23 27.85
CA ILE G 1499 117.32 -22.87 27.31
C ILE G 1499 117.71 -23.85 26.22
N SER G 1500 117.05 -25.01 26.21
CA SER G 1500 117.34 -26.02 25.21
C SER G 1500 117.02 -25.54 23.80
N HIS G 1501 116.01 -24.69 23.66
CA HIS G 1501 115.57 -24.11 22.39
C HIS G 1501 115.09 -25.17 21.40
N THR G 1502 114.97 -26.42 21.81
CA THR G 1502 114.51 -27.50 20.96
C THR G 1502 113.56 -28.39 21.74
N ASP G 1503 112.77 -29.17 21.01
CA ASP G 1503 111.83 -30.10 21.61
C ASP G 1503 112.39 -31.52 21.50
N LEU G 1504 112.47 -32.21 22.63
CA LEU G 1504 113.05 -33.55 22.69
C LEU G 1504 111.92 -34.56 22.53
N VAL G 1505 111.95 -35.31 21.43
CA VAL G 1505 110.87 -36.26 21.11
C VAL G 1505 111.40 -37.66 21.41
N ILE G 1506 111.11 -38.15 22.62
CA ILE G 1506 111.51 -39.49 23.02
C ILE G 1506 110.40 -40.44 22.61
N GLY G 1507 110.67 -41.31 21.64
CA GLY G 1507 109.70 -42.27 21.14
C GLY G 1507 110.00 -43.66 21.66
N CYS G 1508 108.96 -44.32 22.16
CA CYS G 1508 109.04 -45.68 22.68
C CYS G 1508 108.41 -46.63 21.68
N LEU G 1509 109.09 -47.75 21.46
CA LEU G 1509 108.66 -48.81 20.56
C LEU G 1509 108.55 -50.10 21.35
N VAL G 1510 107.39 -50.74 21.29
CA VAL G 1510 107.12 -51.95 22.06
C VAL G 1510 106.69 -53.06 21.11
N ASP G 1511 107.27 -54.24 21.25
CA ASP G 1511 106.93 -55.40 20.44
C ASP G 1511 106.22 -56.42 21.33
N LEU G 1512 104.92 -56.57 21.15
CA LEU G 1512 104.16 -57.51 21.97
C LEU G 1512 104.42 -58.95 21.58
N ALA G 1513 104.80 -59.19 20.32
CA ALA G 1513 105.03 -60.56 19.86
C ALA G 1513 106.23 -61.19 20.54
N THR G 1514 107.33 -60.45 20.64
CA THR G 1514 108.56 -60.95 21.24
C THR G 1514 108.71 -60.54 22.70
N GLY G 1515 108.48 -59.26 23.01
CA GLY G 1515 108.50 -58.83 24.39
C GLY G 1515 109.61 -57.85 24.75
N LEU G 1516 110.02 -57.03 23.79
CA LEU G 1516 111.07 -56.05 24.02
C LEU G 1516 110.56 -54.64 23.72
N MET G 1517 111.00 -53.68 24.52
CA MET G 1517 110.73 -52.27 24.28
C MET G 1517 112.06 -51.52 24.17
N THR G 1518 112.15 -50.68 23.14
CA THR G 1518 113.35 -49.93 22.80
C THR G 1518 112.99 -48.47 22.58
N PHE G 1519 113.91 -47.59 22.93
CA PHE G 1519 113.66 -46.15 22.94
C PHE G 1519 114.47 -45.46 21.84
N THR G 1520 114.06 -44.25 21.50
CA THR G 1520 114.76 -43.44 20.51
C THR G 1520 114.50 -41.97 20.82
N ALA G 1521 115.54 -41.23 21.22
CA ALA G 1521 115.38 -39.85 21.63
C ALA G 1521 115.61 -38.93 20.44
N ASN G 1522 114.54 -38.27 19.98
CA ASN G 1522 114.55 -37.25 18.93
C ASN G 1522 114.90 -37.84 17.56
N GLY G 1523 115.28 -39.12 17.48
CA GLY G 1523 115.75 -39.72 16.26
C GLY G 1523 117.19 -40.18 16.30
N LYS G 1524 117.87 -40.02 17.43
CA LYS G 1524 119.26 -40.44 17.59
C LYS G 1524 119.39 -41.88 18.07
N GLU G 1525 118.28 -42.56 18.34
CA GLU G 1525 118.25 -43.96 18.80
C GLU G 1525 118.82 -44.09 20.21
N SER G 1526 118.25 -45.02 20.98
CA SER G 1526 118.68 -45.26 22.35
C SER G 1526 119.09 -46.71 22.51
N ASN G 1527 120.28 -46.94 23.07
CA ASN G 1527 120.77 -48.30 23.26
C ASN G 1527 120.02 -49.04 24.36
N THR G 1528 119.36 -48.32 25.26
CA THR G 1528 118.65 -48.96 26.35
C THR G 1528 117.41 -49.68 25.85
N PHE G 1529 117.26 -50.94 26.25
CA PHE G 1529 116.09 -51.74 25.90
C PHE G 1529 115.72 -52.61 27.09
N PHE G 1530 114.46 -53.02 27.14
CA PHE G 1530 113.96 -53.84 28.24
C PHE G 1530 113.17 -55.02 27.71
N GLN G 1531 113.39 -56.18 28.32
CA GLN G 1531 112.68 -57.41 27.99
C GLN G 1531 111.71 -57.75 29.12
N VAL G 1532 110.49 -58.14 28.75
CA VAL G 1532 109.43 -58.37 29.73
C VAL G 1532 108.81 -59.73 29.49
N GLU G 1533 108.13 -60.23 30.53
CA GLU G 1533 107.45 -61.51 30.49
C GLU G 1533 106.15 -61.43 29.69
N PRO G 1534 105.64 -62.57 29.23
CA PRO G 1534 104.32 -62.57 28.61
C PRO G 1534 103.22 -62.31 29.64
N ASN G 1535 102.05 -61.93 29.12
CA ASN G 1535 100.87 -61.61 29.94
C ASN G 1535 101.17 -60.48 30.91
N THR G 1536 101.79 -59.41 30.39
CA THR G 1536 102.10 -58.22 31.16
C THR G 1536 101.42 -57.03 30.50
N LYS G 1537 100.76 -56.21 31.32
CA LYS G 1537 100.11 -54.99 30.86
C LYS G 1537 100.90 -53.78 31.34
N LEU G 1538 101.19 -52.87 30.42
CA LEU G 1538 102.02 -51.71 30.71
C LEU G 1538 101.27 -50.44 30.32
N PHE G 1539 101.44 -49.40 31.14
CA PHE G 1539 100.84 -48.09 30.92
C PHE G 1539 101.90 -47.08 30.50
N PRO G 1540 101.69 -46.34 29.41
CA PRO G 1540 102.62 -45.26 29.06
C PRO G 1540 102.61 -44.19 30.13
N ALA G 1541 103.77 -43.98 30.76
CA ALA G 1541 103.85 -43.05 31.89
C ALA G 1541 105.11 -42.20 31.77
N VAL G 1542 105.03 -40.99 32.33
CA VAL G 1542 106.16 -40.07 32.42
C VAL G 1542 106.20 -39.45 33.81
N PHE G 1543 107.40 -39.30 34.34
CA PHE G 1543 107.64 -38.64 35.62
C PHE G 1543 108.44 -37.37 35.35
N VAL G 1544 107.93 -36.23 35.79
CA VAL G 1544 108.49 -34.94 35.38
C VAL G 1544 108.49 -33.97 36.56
N LEU G 1545 109.53 -33.13 36.63
CA LEU G 1545 109.56 -32.01 37.55
C LEU G 1545 109.31 -30.73 36.77
N PRO G 1546 108.14 -30.09 36.92
CA PRO G 1546 107.84 -28.90 36.11
C PRO G 1546 108.82 -27.76 36.40
N THR G 1547 109.34 -27.18 35.31
CA THR G 1547 110.20 -26.01 35.42
C THR G 1547 109.93 -24.99 34.31
N HIS G 1548 108.83 -25.12 33.58
CA HIS G 1548 108.53 -24.22 32.47
C HIS G 1548 107.02 -24.22 32.26
N GLN G 1549 106.56 -23.22 31.50
CA GLN G 1549 105.13 -23.09 31.22
C GLN G 1549 104.62 -24.29 30.41
N ASN G 1550 105.32 -24.63 29.34
CA ASN G 1550 104.98 -25.78 28.52
C ASN G 1550 105.97 -26.90 28.84
N VAL G 1551 105.44 -28.04 29.29
CA VAL G 1551 106.31 -29.09 29.82
C VAL G 1551 106.42 -30.27 28.84
N ILE G 1552 105.32 -30.98 28.62
CA ILE G 1552 105.35 -32.25 27.91
C ILE G 1552 104.11 -32.40 27.04
N GLN G 1553 104.23 -33.27 26.05
CA GLN G 1553 103.16 -33.55 25.09
C GLN G 1553 103.18 -35.04 24.77
N PHE G 1554 102.14 -35.75 25.20
CA PHE G 1554 101.95 -37.16 24.88
C PHE G 1554 101.42 -37.26 23.46
N GLU G 1555 102.23 -37.74 22.52
CA GLU G 1555 101.84 -37.86 21.13
C GLU G 1555 101.58 -39.33 20.81
N LEU G 1556 100.37 -39.62 20.34
CA LEU G 1556 99.92 -40.98 20.03
C LEU G 1556 99.91 -41.11 18.50
N GLY G 1557 101.05 -41.53 17.95
CA GLY G 1557 101.17 -41.60 16.51
C GLY G 1557 101.72 -42.91 15.99
N LYS G 1558 102.16 -42.90 14.74
CA LYS G 1558 102.71 -44.09 14.09
C LYS G 1558 103.92 -43.70 13.26
N GLN G 1559 104.75 -44.69 12.98
CA GLN G 1559 105.90 -44.55 12.10
C GLN G 1559 105.70 -45.46 10.90
N LYS G 1560 106.72 -45.54 10.06
CA LYS G 1560 106.66 -46.43 8.90
C LYS G 1560 106.63 -47.88 9.37
N ASN G 1561 105.65 -48.64 8.87
CA ASN G 1561 105.53 -50.06 9.16
C ASN G 1561 105.30 -50.34 10.64
N ILE G 1562 104.65 -49.42 11.35
CA ILE G 1562 104.44 -49.55 12.79
C ILE G 1562 103.00 -49.17 13.12
N MET G 1563 102.35 -50.01 13.92
CA MET G 1563 101.01 -49.71 14.43
C MET G 1563 101.04 -48.55 15.41
N PRO G 1564 99.95 -47.79 15.51
CA PRO G 1564 99.81 -46.82 16.60
C PRO G 1564 99.41 -47.52 17.90
N LEU G 1565 99.45 -46.75 18.99
CA LEU G 1565 99.11 -47.31 20.29
C LEU G 1565 97.62 -47.60 20.42
N SER G 1566 96.78 -46.89 19.65
CA SER G 1566 95.34 -47.12 19.72
C SER G 1566 94.97 -48.52 19.25
N ALA G 1567 95.69 -49.05 18.25
CA ALA G 1567 95.42 -50.40 17.78
C ALA G 1567 95.65 -51.43 18.87
N ALA G 1568 96.74 -51.28 19.64
CA ALA G 1568 96.98 -52.19 20.75
C ALA G 1568 95.98 -51.97 21.87
N MET G 1569 95.60 -50.71 22.12
CA MET G 1569 94.70 -50.41 23.24
C MET G 1569 93.30 -50.96 23.00
N PHE G 1570 92.79 -50.84 21.78
CA PHE G 1570 91.41 -51.19 21.47
C PHE G 1570 91.36 -52.36 20.50
N LEU G 1571 90.57 -53.38 20.86
CA LEU G 1571 90.43 -54.54 19.99
C LEU G 1571 89.71 -54.20 18.70
N SER G 1572 88.69 -53.32 18.78
CA SER G 1572 87.91 -52.98 17.60
C SER G 1572 88.77 -52.29 16.54
N GLU G 1573 89.75 -51.50 16.96
CA GLU G 1573 90.63 -50.78 16.04
C GLU G 1573 92.01 -51.43 15.93
N ARG G 1574 92.10 -52.74 16.14
CA ARG G 1574 93.39 -53.41 16.10
C ARG G 1574 94.02 -53.35 14.70
N LYS G 1575 93.20 -53.26 13.66
CA LYS G 1575 93.69 -53.21 12.29
C LYS G 1575 93.55 -51.82 11.67
N ASN G 1576 93.40 -50.78 12.50
CA ASN G 1576 93.26 -49.42 12.00
C ASN G 1576 94.61 -48.73 12.07
N PRO G 1577 95.23 -48.41 10.94
CA PRO G 1577 96.53 -47.72 10.99
C PRO G 1577 96.43 -46.26 11.40
N ALA G 1578 95.26 -45.63 11.23
CA ALA G 1578 95.12 -44.21 11.55
C ALA G 1578 95.06 -44.02 13.06
N PRO G 1579 95.94 -43.21 13.65
CA PRO G 1579 95.89 -42.99 15.09
C PRO G 1579 94.64 -42.20 15.49
N GLN G 1580 94.20 -42.43 16.73
CA GLN G 1580 93.04 -41.74 17.25
C GLN G 1580 93.12 -41.71 18.77
N CYS G 1581 92.35 -40.81 19.38
CA CYS G 1581 92.31 -40.63 20.83
C CYS G 1581 90.86 -40.69 21.29
N PRO G 1582 90.34 -41.89 21.57
CA PRO G 1582 88.97 -42.01 22.05
C PRO G 1582 88.82 -41.41 23.44
N PRO G 1583 87.58 -41.08 23.85
CA PRO G 1583 87.39 -40.39 25.13
C PRO G 1583 87.90 -41.15 26.34
N ARG G 1584 87.94 -42.49 26.29
CA ARG G 1584 88.38 -43.26 27.45
C ARG G 1584 89.83 -42.97 27.78
N LEU G 1585 90.69 -42.86 26.77
CA LEU G 1585 92.11 -42.63 27.00
C LEU G 1585 92.31 -41.26 27.63
N GLU G 1586 92.95 -41.23 28.80
CA GLU G 1586 93.04 -40.02 29.60
C GLU G 1586 94.35 -40.05 30.40
N VAL G 1587 94.78 -38.87 30.83
CA VAL G 1587 95.98 -38.73 31.63
C VAL G 1587 95.60 -38.73 33.10
N GLN G 1588 96.26 -39.58 33.88
CA GLN G 1588 96.00 -39.71 35.31
C GLN G 1588 97.28 -39.40 36.08
N MET G 1589 97.13 -38.78 37.24
CA MET G 1589 98.26 -38.40 38.07
C MET G 1589 98.24 -39.18 39.38
N LEU G 1590 99.43 -39.45 39.91
CA LEU G 1590 99.54 -40.19 41.16
C LEU G 1590 99.00 -39.37 42.32
N MET G 1591 98.13 -39.98 43.12
CA MET G 1591 97.57 -39.34 44.30
C MET G 1591 98.06 -40.04 45.55
N PRO G 1592 98.66 -39.32 46.51
CA PRO G 1592 99.30 -40.02 47.63
C PRO G 1592 98.32 -40.66 48.60
N VAL G 1593 97.19 -40.02 48.88
CA VAL G 1593 96.28 -40.46 49.94
C VAL G 1593 94.88 -40.61 49.37
N SER G 1594 94.22 -41.71 49.73
CA SER G 1594 92.84 -41.97 49.33
C SER G 1594 92.08 -42.53 50.52
N TRP G 1595 90.75 -42.48 50.42
CA TRP G 1595 89.88 -43.00 51.47
C TRP G 1595 89.69 -44.50 51.32
N SER G 1596 89.43 -45.15 52.46
CA SER G 1596 89.21 -46.59 52.49
C SER G 1596 88.23 -46.92 53.60
N ARG G 1597 87.64 -48.11 53.50
CA ARG G 1597 86.62 -48.56 54.43
C ARG G 1597 87.20 -49.62 55.36
N MET G 1598 87.00 -49.45 56.66
CA MET G 1598 87.48 -50.43 57.64
C MET G 1598 86.57 -51.65 57.63
N PRO G 1599 87.13 -52.86 57.52
CA PRO G 1599 86.29 -54.07 57.59
C PRO G 1599 85.58 -54.17 58.93
N ASN G 1600 84.37 -54.74 58.89
CA ASN G 1600 83.57 -54.86 60.10
C ASN G 1600 84.16 -55.88 61.07
N HIS G 1601 84.80 -56.93 60.56
CA HIS G 1601 85.36 -57.97 61.40
C HIS G 1601 86.82 -58.20 61.02
N PHE G 1602 87.61 -58.64 62.00
CA PHE G 1602 89.03 -58.87 61.83
C PHE G 1602 89.39 -60.25 62.38
N LEU G 1603 90.50 -60.79 61.89
CA LEU G 1603 90.94 -62.11 62.31
C LEU G 1603 91.38 -62.12 63.76
N GLN G 1604 91.23 -63.27 64.40
CA GLN G 1604 91.70 -63.49 65.77
C GLN G 1604 92.96 -64.34 65.70
N VAL G 1605 94.10 -63.71 65.98
CA VAL G 1605 95.40 -64.35 65.88
C VAL G 1605 96.07 -64.31 67.25
N GLU G 1606 96.57 -65.45 67.69
CA GLU G 1606 97.32 -65.56 68.94
C GLU G 1606 98.78 -65.80 68.62
N THR G 1607 99.66 -64.94 69.15
CA THR G 1607 101.08 -64.96 68.81
C THR G 1607 101.93 -65.20 70.05
N ARG G 1608 101.61 -66.26 70.79
CA ARG G 1608 102.18 -66.46 72.11
C ARG G 1608 103.20 -67.59 72.08
N ARG G 1609 104.25 -67.48 72.88
CA ARG G 1609 105.27 -68.51 72.88
C ARG G 1609 104.88 -69.66 73.81
N ALA G 1610 105.13 -70.88 73.34
CA ALA G 1610 104.75 -72.08 74.08
C ALA G 1610 105.78 -72.48 75.11
N GLY G 1611 107.07 -72.30 74.80
CA GLY G 1611 108.11 -72.66 75.74
C GLY G 1611 109.47 -72.35 75.15
N GLU G 1612 110.51 -72.64 75.96
CA GLU G 1612 111.87 -72.40 75.51
C GLU G 1612 112.27 -73.35 74.39
N ARG G 1613 111.71 -74.56 74.37
CA ARG G 1613 112.01 -75.54 73.33
C ARG G 1613 111.06 -75.46 72.15
N LEU G 1614 109.78 -75.21 72.41
CA LEU G 1614 108.80 -75.21 71.32
C LEU G 1614 108.92 -73.96 70.45
N GLY G 1615 109.12 -72.80 71.07
CA GLY G 1615 109.26 -71.56 70.31
C GLY G 1615 108.09 -70.63 70.51
N TRP G 1616 107.84 -69.77 69.51
CA TRP G 1616 106.75 -68.79 69.56
C TRP G 1616 105.64 -69.25 68.62
N ALA G 1617 104.53 -69.75 69.17
CA ALA G 1617 103.46 -70.30 68.37
C ALA G 1617 102.47 -69.22 67.96
N VAL G 1618 102.19 -69.16 66.66
CA VAL G 1618 101.17 -68.28 66.09
C VAL G 1618 100.06 -69.16 65.54
N GLN G 1619 98.84 -68.89 65.99
CA GLN G 1619 97.67 -69.67 65.57
C GLN G 1619 96.52 -68.74 65.23
N CYS G 1620 95.69 -69.21 64.30
CA CYS G 1620 94.50 -68.48 63.87
C CYS G 1620 93.58 -69.48 63.17
N GLN G 1621 92.35 -69.61 63.66
CA GLN G 1621 91.44 -70.64 63.17
C GLN G 1621 90.04 -70.15 62.83
N ASP G 1622 89.67 -68.93 63.22
CA ASP G 1622 88.33 -68.44 62.92
C ASP G 1622 88.23 -68.04 61.45
N PRO G 1623 87.33 -68.64 60.69
CA PRO G 1623 87.23 -68.29 59.26
C PRO G 1623 86.68 -66.87 59.07
N LEU G 1624 87.06 -66.27 57.95
CA LEU G 1624 86.59 -64.93 57.61
C LEU G 1624 86.73 -64.74 56.11
N THR G 1625 85.66 -64.29 55.47
CA THR G 1625 85.64 -64.12 54.02
C THR G 1625 84.88 -62.85 53.67
N MET G 1626 85.08 -62.37 52.44
CA MET G 1626 84.41 -61.17 51.98
C MET G 1626 84.28 -61.22 50.46
N MET G 1627 83.35 -60.43 49.95
CA MET G 1627 83.11 -60.31 48.51
C MET G 1627 84.03 -59.25 47.93
N ALA G 1628 84.73 -59.60 46.86
CA ALA G 1628 85.72 -58.72 46.25
C ALA G 1628 85.24 -58.31 44.86
N LEU G 1629 85.27 -57.00 44.60
CA LEU G 1629 84.93 -56.46 43.28
C LEU G 1629 86.23 -56.13 42.55
N HIS G 1630 86.39 -56.71 41.37
CA HIS G 1630 87.65 -56.65 40.63
C HIS G 1630 87.50 -55.76 39.40
N ILE G 1631 88.44 -54.84 39.22
CA ILE G 1631 88.51 -53.98 38.04
C ILE G 1631 89.50 -54.62 37.06
N PRO G 1632 89.07 -55.00 35.86
CA PRO G 1632 89.98 -55.75 34.97
C PRO G 1632 91.21 -54.96 34.52
N GLU G 1633 91.02 -53.75 33.99
CA GLU G 1633 92.15 -53.03 33.39
C GLU G 1633 93.19 -52.66 34.42
N GLU G 1634 92.77 -52.26 35.62
CA GLU G 1634 93.71 -51.84 36.66
C GLU G 1634 94.32 -53.01 37.40
N ASN G 1635 93.81 -54.23 37.19
CA ASN G 1635 94.35 -55.44 37.82
C ASN G 1635 94.38 -55.31 39.35
N ARG G 1636 93.33 -54.70 39.90
CA ARG G 1636 93.21 -54.54 41.35
C ARG G 1636 91.76 -54.75 41.74
N CYS G 1637 91.56 -55.15 42.99
CA CYS G 1637 90.23 -55.47 43.51
C CYS G 1637 89.96 -54.62 44.75
N MET G 1638 88.66 -54.50 45.08
CA MET G 1638 88.24 -53.75 46.24
C MET G 1638 86.94 -54.34 46.77
N ASP G 1639 86.63 -54.03 48.02
CA ASP G 1639 85.47 -54.60 48.68
C ASP G 1639 84.18 -54.14 48.02
N ILE G 1640 83.19 -55.04 47.97
CA ILE G 1640 81.91 -54.69 47.38
C ILE G 1640 81.15 -53.72 48.26
N LEU G 1641 81.35 -53.79 49.59
CA LEU G 1641 80.71 -52.85 50.50
C LEU G 1641 81.26 -51.44 50.38
N GLU G 1642 82.41 -51.27 49.70
CA GLU G 1642 82.96 -49.94 49.47
C GLU G 1642 82.18 -49.16 48.44
N LEU G 1643 81.22 -49.79 47.75
CA LEU G 1643 80.41 -49.11 46.75
C LEU G 1643 79.37 -48.17 47.35
N SER G 1644 79.22 -48.17 48.68
CA SER G 1644 78.24 -47.28 49.30
C SER G 1644 78.56 -45.81 49.02
N GLU G 1645 79.83 -45.46 48.91
CA GLU G 1645 80.24 -44.11 48.57
C GLU G 1645 80.73 -43.96 47.14
N ARG G 1646 80.94 -45.07 46.43
CA ARG G 1646 81.34 -45.04 45.02
C ARG G 1646 80.08 -45.23 44.18
N LEU G 1647 79.38 -44.12 43.96
CA LEU G 1647 78.04 -44.19 43.37
C LEU G 1647 78.07 -44.55 41.89
N ASP G 1648 79.09 -44.11 41.16
CA ASP G 1648 79.17 -44.42 39.73
C ASP G 1648 79.34 -45.93 39.51
N LEU G 1649 80.26 -46.55 40.24
CA LEU G 1649 80.46 -47.99 40.11
C LEU G 1649 79.24 -48.75 40.60
N GLN G 1650 78.57 -48.25 41.64
CA GLN G 1650 77.35 -48.89 42.11
C GLN G 1650 76.28 -48.90 41.03
N ARG G 1651 76.09 -47.74 40.37
CA ARG G 1651 75.11 -47.66 39.28
C ARG G 1651 75.48 -48.58 38.13
N PHE G 1652 76.76 -48.59 37.76
CA PHE G 1652 77.18 -49.43 36.64
C PHE G 1652 76.99 -50.90 36.96
N HIS G 1653 77.28 -51.32 38.19
CA HIS G 1653 77.12 -52.72 38.56
C HIS G 1653 75.65 -53.09 38.65
N SER G 1654 74.79 -52.17 39.11
CA SER G 1654 73.37 -52.43 39.12
C SER G 1654 72.84 -52.62 37.70
N HIS G 1655 73.28 -51.77 36.77
CA HIS G 1655 72.89 -51.95 35.37
C HIS G 1655 73.47 -53.23 34.79
N THR G 1656 74.65 -53.66 35.24
CA THR G 1656 75.22 -54.93 34.78
C THR G 1656 74.35 -56.10 35.24
N LEU G 1657 73.90 -56.07 36.50
CA LEU G 1657 73.00 -57.11 36.98
C LEU G 1657 71.68 -57.10 36.21
N ARG G 1658 71.17 -55.90 35.91
CA ARG G 1658 69.96 -55.79 35.11
C ARG G 1658 70.17 -56.37 33.72
N LEU G 1659 71.35 -56.16 33.14
CA LEU G 1659 71.67 -56.75 31.84
C LEU G 1659 71.71 -58.27 31.92
N TYR G 1660 72.30 -58.81 32.99
CA TYR G 1660 72.29 -60.25 33.19
C TYR G 1660 70.87 -60.79 33.25
N ARG G 1661 70.00 -60.13 34.01
CA ARG G 1661 68.61 -60.56 34.09
C ARG G 1661 67.93 -60.44 32.73
N ALA G 1662 68.26 -59.40 31.96
CA ALA G 1662 67.65 -59.21 30.65
C ALA G 1662 68.05 -60.33 29.69
N VAL G 1663 69.33 -60.71 29.67
CA VAL G 1663 69.74 -61.78 28.76
C VAL G 1663 69.20 -63.12 29.24
N CYS G 1664 69.02 -63.30 30.56
CA CYS G 1664 68.46 -64.54 31.07
C CYS G 1664 66.94 -64.59 31.01
N ALA G 1665 66.28 -63.48 30.67
CA ALA G 1665 64.84 -63.39 30.77
C ALA G 1665 64.15 -64.32 29.78
N LEU G 1666 62.94 -64.74 30.16
CA LEU G 1666 62.02 -65.51 29.32
C LEU G 1666 62.62 -66.88 28.94
N GLY G 1667 62.98 -67.64 29.97
CA GLY G 1667 63.33 -69.04 29.82
C GLY G 1667 64.48 -69.35 28.90
N ASN G 1668 65.59 -68.61 29.04
CA ASN G 1668 66.80 -68.91 28.27
C ASN G 1668 67.74 -69.68 29.19
N ASN G 1669 67.52 -71.00 29.24
CA ASN G 1669 68.27 -71.85 30.17
C ASN G 1669 69.74 -71.95 29.78
N ARG G 1670 70.05 -71.93 28.49
CA ARG G 1670 71.45 -71.91 28.07
C ARG G 1670 72.15 -70.67 28.57
N VAL G 1671 71.50 -69.51 28.45
CA VAL G 1671 72.08 -68.27 28.95
C VAL G 1671 72.19 -68.29 30.47
N ALA G 1672 71.22 -68.91 31.14
CA ALA G 1672 71.30 -69.05 32.60
C ALA G 1672 72.50 -69.89 33.01
N HIS G 1673 72.73 -71.01 32.31
CA HIS G 1673 73.91 -71.82 32.59
C HIS G 1673 75.19 -71.04 32.32
N ALA G 1674 75.21 -70.25 31.24
CA ALA G 1674 76.38 -69.42 30.96
C ALA G 1674 76.62 -68.42 32.08
N LEU G 1675 75.55 -67.81 32.60
CA LEU G 1675 75.69 -66.86 33.70
C LEU G 1675 76.19 -67.53 34.97
N CYS G 1676 75.76 -68.78 35.22
CA CYS G 1676 76.16 -69.46 36.44
C CYS G 1676 77.67 -69.59 36.56
N SER G 1677 78.39 -69.58 35.44
CA SER G 1677 79.85 -69.59 35.49
C SER G 1677 80.38 -68.29 36.08
N HIS G 1678 79.77 -67.16 35.73
CA HIS G 1678 80.21 -65.87 36.23
C HIS G 1678 79.75 -65.64 37.68
N VAL G 1679 78.45 -65.74 37.91
CA VAL G 1679 77.87 -65.59 39.24
C VAL G 1679 77.47 -66.96 39.74
N ASP G 1680 78.03 -67.36 40.88
CA ASP G 1680 77.85 -68.71 41.40
C ASP G 1680 76.93 -68.72 42.61
N GLN G 1681 76.60 -69.94 43.05
CA GLN G 1681 75.71 -70.11 44.18
C GLN G 1681 76.28 -69.52 45.46
N ALA G 1682 77.58 -69.70 45.68
CA ALA G 1682 78.21 -69.15 46.88
C ALA G 1682 78.12 -67.62 46.90
N GLN G 1683 78.41 -66.98 45.76
CA GLN G 1683 78.30 -65.53 45.68
C GLN G 1683 76.87 -65.08 45.90
N LEU G 1684 75.90 -65.78 45.30
CA LEU G 1684 74.50 -65.39 45.47
C LEU G 1684 74.07 -65.51 46.92
N LEU G 1685 74.44 -66.60 47.59
CA LEU G 1685 74.05 -66.77 48.99
C LEU G 1685 74.75 -65.76 49.89
N HIS G 1686 76.02 -65.46 49.64
CA HIS G 1686 76.71 -64.48 50.46
C HIS G 1686 76.12 -63.09 50.27
N ALA G 1687 75.75 -62.73 49.03
CA ALA G 1687 75.08 -61.47 48.80
C ALA G 1687 73.71 -61.43 49.45
N LEU G 1688 73.02 -62.58 49.49
CA LEU G 1688 71.75 -62.66 50.21
C LEU G 1688 71.95 -62.39 51.70
N GLU G 1689 73.00 -62.96 52.29
CA GLU G 1689 73.27 -62.77 53.71
C GLU G 1689 73.97 -61.47 54.04
N ASP G 1690 74.41 -60.71 53.03
CA ASP G 1690 75.18 -59.49 53.26
C ASP G 1690 74.24 -58.38 53.72
N ALA G 1691 74.32 -58.02 55.00
CA ALA G 1691 73.44 -56.99 55.56
C ALA G 1691 73.88 -55.59 55.17
N HIS G 1692 75.17 -55.34 55.03
CA HIS G 1692 75.70 -54.02 54.74
C HIS G 1692 75.75 -53.70 53.26
N LEU G 1693 75.31 -54.62 52.40
CA LEU G 1693 75.30 -54.36 50.97
C LEU G 1693 74.30 -53.25 50.65
N PRO G 1694 74.61 -52.39 49.68
CA PRO G 1694 73.65 -51.36 49.28
C PRO G 1694 72.36 -51.98 48.77
N GLY G 1695 71.26 -51.26 48.98
CA GLY G 1695 69.93 -51.72 48.66
C GLY G 1695 69.72 -52.08 47.19
N PRO G 1696 70.13 -51.20 46.27
CA PRO G 1696 70.03 -51.56 44.85
C PRO G 1696 70.79 -52.83 44.49
N LEU G 1697 71.98 -53.02 45.05
CA LEU G 1697 72.74 -54.24 44.75
C LEU G 1697 72.08 -55.47 45.37
N ARG G 1698 71.55 -55.32 46.58
CA ARG G 1698 70.84 -56.43 47.23
C ARG G 1698 69.64 -56.86 46.40
N ALA G 1699 68.83 -55.89 45.96
CA ALA G 1699 67.69 -56.20 45.12
C ALA G 1699 68.11 -56.82 43.80
N GLY G 1700 69.19 -56.30 43.21
CA GLY G 1700 69.67 -56.87 41.96
C GLY G 1700 70.11 -58.32 42.10
N TYR G 1701 70.83 -58.63 43.18
CA TYR G 1701 71.27 -60.02 43.40
C TYR G 1701 70.09 -60.93 43.67
N TYR G 1702 69.11 -60.47 44.47
CA TYR G 1702 67.93 -61.28 44.71
C TYR G 1702 67.18 -61.58 43.41
N ASP G 1703 66.97 -60.55 42.59
CA ASP G 1703 66.26 -60.73 41.34
C ASP G 1703 67.06 -61.60 40.37
N LEU G 1704 68.39 -61.48 40.37
CA LEU G 1704 69.22 -62.33 39.53
C LEU G 1704 69.08 -63.79 39.94
N LEU G 1705 69.10 -64.07 41.24
CA LEU G 1705 68.93 -65.45 41.71
C LEU G 1705 67.57 -65.99 41.29
N ILE G 1706 66.51 -65.20 41.49
CA ILE G 1706 65.16 -65.65 41.12
C ILE G 1706 65.08 -65.89 39.62
N SER G 1707 65.75 -65.05 38.82
CA SER G 1707 65.67 -65.18 37.37
C SER G 1707 66.43 -66.42 36.88
N ILE G 1708 67.61 -66.69 37.46
CA ILE G 1708 68.46 -67.75 36.95
C ILE G 1708 68.22 -69.10 37.63
N HIS G 1709 67.34 -69.15 38.63
CA HIS G 1709 67.09 -70.43 39.32
C HIS G 1709 65.63 -70.79 39.49
N LEU G 1710 64.68 -69.87 39.31
CA LEU G 1710 63.28 -70.20 39.56
C LEU G 1710 62.29 -69.70 38.51
N GLU G 1711 62.73 -68.92 37.53
CA GLU G 1711 61.79 -68.24 36.64
C GLU G 1711 60.96 -69.24 35.82
N SER G 1712 61.63 -70.18 35.15
CA SER G 1712 60.92 -71.10 34.26
C SER G 1712 59.99 -72.01 35.04
N ALA G 1713 60.46 -72.57 36.14
CA ALA G 1713 59.62 -73.45 36.94
C ALA G 1713 58.42 -72.71 37.51
N CYS G 1714 58.64 -71.49 38.01
CA CYS G 1714 57.53 -70.70 38.54
C CYS G 1714 56.51 -70.39 37.46
N ARG G 1715 56.99 -70.04 36.25
CA ARG G 1715 56.08 -69.75 35.15
C ARG G 1715 55.26 -70.97 34.77
N SER G 1716 55.91 -72.14 34.68
CA SER G 1716 55.20 -73.36 34.31
C SER G 1716 54.15 -73.72 35.36
N ARG G 1717 54.51 -73.64 36.65
CA ARG G 1717 53.55 -73.98 37.69
C ARG G 1717 52.39 -72.97 37.73
N ARG G 1718 52.69 -71.69 37.51
CA ARG G 1718 51.63 -70.69 37.46
C ARG G 1718 50.68 -70.95 36.30
N SER G 1719 51.22 -71.36 35.15
CA SER G 1719 50.37 -71.71 34.02
C SER G 1719 49.50 -72.91 34.33
N MET G 1720 50.06 -73.93 35.01
CA MET G 1720 49.28 -75.12 35.34
C MET G 1720 48.29 -74.90 36.47
N LEU G 1721 48.47 -73.87 37.30
CA LEU G 1721 47.54 -73.63 38.40
C LEU G 1721 46.14 -73.27 37.94
N SER G 1722 45.97 -72.90 36.67
CA SER G 1722 44.66 -72.46 36.19
C SER G 1722 43.64 -73.60 36.22
N GLU G 1723 44.03 -74.80 35.81
CA GLU G 1723 43.11 -75.91 35.66
C GLU G 1723 43.17 -76.84 36.86
N TYR G 1724 42.02 -77.41 37.22
CA TYR G 1724 41.89 -78.35 38.33
C TYR G 1724 41.43 -79.69 37.77
N ILE G 1725 42.33 -80.67 37.73
CA ILE G 1725 42.00 -82.04 37.36
C ILE G 1725 42.38 -82.95 38.52
N VAL G 1726 41.45 -83.79 38.95
CA VAL G 1726 41.65 -84.58 40.15
C VAL G 1726 41.40 -86.06 39.87
N PRO G 1727 42.28 -86.96 40.30
CA PRO G 1727 42.03 -88.39 40.13
C PRO G 1727 41.18 -88.97 41.25
N LEU G 1728 40.55 -90.11 40.93
CA LEU G 1728 39.76 -90.84 41.92
C LEU G 1728 40.70 -91.70 42.75
N THR G 1729 41.10 -91.19 43.92
CA THR G 1729 42.07 -91.84 44.77
C THR G 1729 41.59 -91.81 46.22
N PRO G 1730 42.08 -92.72 47.07
CA PRO G 1730 41.79 -92.60 48.50
C PRO G 1730 42.26 -91.29 49.10
N GLU G 1731 43.40 -90.77 48.63
CA GLU G 1731 43.82 -89.45 49.06
C GLU G 1731 42.83 -88.38 48.63
N THR G 1732 42.20 -88.55 47.47
CA THR G 1732 41.16 -87.63 47.04
C THR G 1732 39.94 -87.69 47.96
N ARG G 1733 39.46 -88.90 48.24
CA ARG G 1733 38.25 -89.01 49.05
C ARG G 1733 38.50 -88.70 50.52
N ALA G 1734 39.76 -88.70 50.96
CA ALA G 1734 40.07 -88.33 52.33
C ALA G 1734 39.93 -86.83 52.60
N ILE G 1735 39.82 -86.02 51.56
CA ILE G 1735 39.71 -84.57 51.74
C ILE G 1735 38.34 -84.23 52.31
N THR G 1736 38.32 -83.43 53.37
CA THR G 1736 37.09 -82.96 54.00
C THR G 1736 37.05 -81.44 53.99
N LEU G 1737 35.87 -80.90 53.68
CA LEU G 1737 35.72 -79.45 53.62
C LEU G 1737 35.95 -78.82 54.98
N PHE G 1738 35.41 -79.41 56.04
CA PHE G 1738 35.60 -78.95 57.41
C PHE G 1738 36.33 -80.03 58.20
N PRO G 1739 37.63 -79.86 58.45
CA PRO G 1739 38.37 -80.84 59.25
C PRO G 1739 37.78 -80.94 60.65
N PRO G 1740 37.70 -82.16 61.20
CA PRO G 1740 37.16 -82.32 62.56
C PRO G 1740 38.03 -81.64 63.59
N GLY G 1741 37.38 -81.10 64.62
CA GLY G 1741 38.12 -80.47 65.71
C GLY G 1741 38.91 -81.50 66.50
N ARG G 1742 40.21 -81.23 66.69
CA ARG G 1742 41.05 -82.15 67.45
C ARG G 1742 40.60 -82.23 68.91
N LYS G 1743 40.26 -81.09 69.50
CA LYS G 1743 39.79 -81.09 70.89
C LYS G 1743 38.47 -81.83 71.02
N GLY G 1744 37.56 -81.64 70.07
CA GLY G 1744 36.26 -82.27 70.11
C GLY G 1744 35.16 -81.25 70.34
N GLY G 1745 34.03 -81.45 69.67
CA GLY G 1745 32.92 -80.53 69.79
C GLY G 1745 33.06 -79.26 69.00
N ASN G 1746 34.07 -79.14 68.15
CA ASN G 1746 34.30 -77.95 67.35
C ASN G 1746 33.88 -78.23 65.92
N ALA G 1747 32.89 -77.47 65.43
CA ALA G 1747 32.35 -77.64 64.10
C ALA G 1747 32.53 -76.35 63.30
N ARG G 1748 32.46 -76.50 61.97
CA ARG G 1748 32.62 -75.38 61.03
C ARG G 1748 34.01 -74.75 61.13
N ARG G 1749 35.00 -75.54 61.51
CA ARG G 1749 36.37 -75.05 61.60
C ARG G 1749 36.98 -74.95 60.21
N HIS G 1750 37.49 -73.77 59.86
CA HIS G 1750 38.15 -73.54 58.60
C HIS G 1750 39.62 -73.93 58.73
N GLY G 1751 40.07 -74.83 57.86
CA GLY G 1751 41.47 -75.22 57.89
C GLY G 1751 42.39 -74.10 57.43
N LEU G 1752 43.62 -74.13 57.92
CA LEU G 1752 44.59 -73.11 57.54
C LEU G 1752 44.93 -73.26 56.06
N PRO G 1753 44.91 -72.17 55.28
CA PRO G 1753 45.21 -72.29 53.86
C PRO G 1753 46.64 -72.77 53.62
N GLY G 1754 46.80 -73.60 52.59
CA GLY G 1754 48.09 -74.15 52.26
C GLY G 1754 48.53 -75.34 53.09
N VAL G 1755 47.70 -75.78 54.03
CA VAL G 1755 48.07 -76.89 54.90
C VAL G 1755 47.33 -78.19 54.53
N GLY G 1756 46.13 -78.11 53.97
CA GLY G 1756 45.39 -79.29 53.62
C GLY G 1756 46.00 -80.05 52.47
N VAL G 1757 45.55 -81.29 52.30
CA VAL G 1757 46.07 -82.18 51.28
C VAL G 1757 45.48 -81.79 49.93
N THR G 1758 46.33 -81.60 48.93
CA THR G 1758 45.92 -81.27 47.58
C THR G 1758 46.29 -82.42 46.65
N THR G 1759 45.30 -82.94 45.93
CA THR G 1759 45.50 -84.06 45.01
C THR G 1759 45.35 -83.65 43.55
N SER G 1760 45.21 -82.36 43.26
CA SER G 1760 45.15 -81.91 41.88
C SER G 1760 46.48 -82.18 41.18
N LEU G 1761 46.40 -82.60 39.93
CA LEU G 1761 47.58 -83.04 39.20
C LEU G 1761 48.39 -81.83 38.76
N ARG G 1762 49.63 -81.74 39.25
CA ARG G 1762 50.56 -80.68 38.86
C ARG G 1762 51.85 -81.35 38.39
N PRO G 1763 52.30 -81.09 37.17
CA PRO G 1763 53.55 -81.71 36.69
C PRO G 1763 54.73 -81.29 37.55
N PRO G 1764 55.66 -82.19 37.81
CA PRO G 1764 56.80 -81.87 38.66
C PRO G 1764 57.81 -80.99 37.94
N HIS G 1765 58.62 -80.31 38.75
CA HIS G 1765 59.68 -79.46 38.22
C HIS G 1765 60.87 -80.30 37.76
N HIS G 1766 61.61 -79.76 36.80
CA HIS G 1766 62.79 -80.42 36.26
C HIS G 1766 63.96 -79.44 36.26
N PHE G 1767 65.10 -79.89 36.78
CA PHE G 1767 66.30 -79.07 36.82
C PHE G 1767 67.50 -79.92 36.40
N SER G 1768 68.51 -79.25 35.85
CA SER G 1768 69.77 -79.89 35.46
C SER G 1768 70.92 -79.18 36.16
N PRO G 1769 71.73 -79.87 36.94
CA PRO G 1769 72.84 -79.22 37.65
C PRO G 1769 73.81 -78.60 36.67
N PRO G 1770 74.34 -77.41 36.98
CA PRO G 1770 75.32 -76.78 36.08
C PRO G 1770 76.57 -77.64 35.92
N CYS G 1771 77.11 -77.64 34.72
CA CYS G 1771 78.32 -78.41 34.42
C CYS G 1771 79.05 -77.73 33.27
N PHE G 1772 80.35 -77.48 33.47
CA PHE G 1772 81.17 -76.82 32.46
C PHE G 1772 82.41 -77.61 32.10
N VAL G 1773 82.55 -78.84 32.63
CA VAL G 1773 83.65 -79.71 32.25
C VAL G 1773 83.22 -80.80 31.26
N ALA G 1774 81.93 -81.08 31.17
CA ALA G 1774 81.44 -82.11 30.26
C ALA G 1774 81.70 -81.72 28.82
N ALA G 1775 81.96 -82.73 27.99
CA ALA G 1775 82.24 -82.50 26.58
C ALA G 1775 81.01 -81.89 25.89
N LEU G 1776 81.24 -80.85 25.10
CA LEU G 1776 80.15 -80.18 24.41
C LEU G 1776 79.76 -80.97 23.17
N PRO G 1777 78.50 -81.42 23.04
CA PRO G 1777 78.04 -82.17 21.87
C PRO G 1777 78.01 -81.31 20.60
N GLU G 1783 65.69 -82.48 17.36
CA GLU G 1783 67.10 -82.20 17.13
C GLU G 1783 67.82 -81.91 18.44
N ALA G 1784 67.89 -80.63 18.81
CA ALA G 1784 68.55 -80.21 20.03
C ALA G 1784 67.51 -80.02 21.13
N PRO G 1785 67.52 -80.83 22.19
CA PRO G 1785 66.53 -80.64 23.26
C PRO G 1785 66.78 -79.35 24.02
N ALA G 1786 65.70 -78.81 24.58
CA ALA G 1786 65.78 -77.58 25.36
C ALA G 1786 66.50 -77.84 26.67
N ARG G 1787 67.43 -76.95 27.02
CA ARG G 1787 68.17 -77.08 28.26
C ARG G 1787 67.28 -76.80 29.46
N LEU G 1788 67.69 -77.32 30.62
CA LEU G 1788 66.95 -77.18 31.86
C LEU G 1788 67.57 -76.11 32.73
N SER G 1789 66.78 -75.63 33.69
CA SER G 1789 67.25 -74.60 34.61
C SER G 1789 68.34 -75.17 35.52
N PRO G 1790 69.37 -74.38 35.84
CA PRO G 1790 70.42 -74.85 36.75
C PRO G 1790 69.86 -75.21 38.11
N ALA G 1791 70.44 -76.24 38.72
CA ALA G 1791 69.96 -76.77 40.00
C ALA G 1791 70.55 -75.98 41.16
N ILE G 1792 69.82 -75.97 42.27
CA ILE G 1792 70.22 -75.29 43.50
C ILE G 1792 69.47 -75.98 44.64
N PRO G 1793 70.09 -76.16 45.82
CA PRO G 1793 69.38 -76.86 46.91
C PRO G 1793 68.11 -76.14 47.35
N LEU G 1794 66.96 -76.74 47.03
CA LEU G 1794 65.69 -76.06 47.23
C LEU G 1794 65.31 -76.01 48.70
N GLU G 1795 65.51 -77.12 49.44
CA GLU G 1795 65.18 -77.12 50.86
C GLU G 1795 66.09 -76.17 51.63
N ALA G 1796 67.38 -76.14 51.31
CA ALA G 1796 68.29 -75.21 51.96
C ALA G 1796 67.91 -73.77 51.65
N LEU G 1797 67.57 -73.49 50.40
CA LEU G 1797 67.14 -72.14 50.03
C LEU G 1797 65.86 -71.75 50.76
N ARG G 1798 64.92 -72.70 50.89
CA ARG G 1798 63.67 -72.43 51.59
C ARG G 1798 63.91 -72.09 53.06
N ASP G 1799 64.74 -72.90 53.73
CA ASP G 1799 65.04 -72.63 55.13
C ASP G 1799 65.76 -71.30 55.29
N LYS G 1800 66.71 -71.01 54.39
CA LYS G 1800 67.43 -69.75 54.43
C LYS G 1800 66.49 -68.57 54.26
N ALA G 1801 65.56 -68.65 53.30
CA ALA G 1801 64.62 -67.57 53.06
C ALA G 1801 63.66 -67.40 54.24
N LEU G 1802 63.23 -68.51 54.84
CA LEU G 1802 62.36 -68.41 56.02
C LEU G 1802 63.07 -67.71 57.17
N ARG G 1803 64.34 -68.06 57.41
CA ARG G 1803 65.10 -67.39 58.45
C ARG G 1803 65.30 -65.91 58.12
N MET G 1804 65.58 -65.61 56.85
CA MET G 1804 65.70 -64.22 56.41
C MET G 1804 64.45 -63.43 56.73
N LEU G 1805 63.28 -63.96 56.35
CA LEU G 1805 62.04 -63.24 56.57
C LEU G 1805 61.76 -63.07 58.06
N GLY G 1806 62.04 -64.12 58.86
CA GLY G 1806 61.83 -63.99 60.29
C GLY G 1806 62.69 -62.90 60.91
N GLU G 1807 63.98 -62.89 60.60
CA GLU G 1807 64.85 -61.89 61.19
C GLU G 1807 64.54 -60.50 60.65
N ALA G 1808 64.11 -60.40 59.38
CA ALA G 1808 63.73 -59.10 58.83
C ALA G 1808 62.50 -58.54 59.54
N VAL G 1809 61.50 -59.39 59.79
CA VAL G 1809 60.32 -58.93 60.52
C VAL G 1809 60.70 -58.52 61.94
N ARG G 1810 61.58 -59.30 62.59
CA ARG G 1810 62.01 -58.93 63.94
C ARG G 1810 62.73 -57.60 63.95
N ASP G 1811 63.64 -57.37 62.99
CA ASP G 1811 64.36 -56.10 62.92
C ASP G 1811 63.41 -54.95 62.63
N GLY G 1812 62.44 -55.15 61.74
CA GLY G 1812 61.47 -54.10 61.46
C GLY G 1812 60.63 -53.77 62.67
N GLY G 1813 60.22 -54.78 63.43
CA GLY G 1813 59.47 -54.53 64.66
C GLY G 1813 60.30 -53.80 65.70
N GLN G 1814 61.56 -54.20 65.86
CA GLN G 1814 62.44 -53.51 66.80
C GLN G 1814 62.80 -52.12 66.29
N HIS G 1815 62.99 -51.20 67.24
CA HIS G 1815 63.31 -49.83 66.88
C HIS G 1815 64.76 -49.74 66.40
N ALA G 1816 64.94 -49.32 65.15
CA ALA G 1816 66.27 -49.21 64.57
C ALA G 1816 66.27 -48.10 63.53
N ARG G 1817 67.44 -47.47 63.35
CA ARG G 1817 67.59 -46.39 62.40
C ARG G 1817 68.39 -46.78 61.17
N ASP G 1818 68.83 -48.03 61.07
CA ASP G 1818 69.58 -48.52 59.90
C ASP G 1818 68.92 -49.79 59.40
N PRO G 1819 67.81 -49.67 58.67
CA PRO G 1819 67.20 -50.86 58.07
C PRO G 1819 68.13 -51.50 57.04
N VAL G 1820 68.02 -52.82 56.90
CA VAL G 1820 68.89 -53.55 55.99
C VAL G 1820 68.66 -53.05 54.57
N GLY G 1821 69.75 -52.73 53.88
CA GLY G 1821 69.66 -52.15 52.56
C GLY G 1821 69.45 -50.65 52.51
N GLY G 1822 69.34 -49.99 53.67
CA GLY G 1822 69.16 -48.57 53.73
C GLY G 1822 67.72 -48.09 53.77
N SER G 1823 66.75 -48.99 53.59
CA SER G 1823 65.35 -48.61 53.62
C SER G 1823 64.50 -49.82 53.94
N VAL G 1824 63.27 -49.55 54.38
CA VAL G 1824 62.32 -50.63 54.68
C VAL G 1824 61.97 -51.39 53.40
N GLU G 1825 61.85 -50.67 52.29
CA GLU G 1825 61.58 -51.31 51.00
C GLU G 1825 62.69 -52.28 50.63
N PHE G 1826 63.94 -51.81 50.70
CA PHE G 1826 65.06 -52.69 50.38
C PHE G 1826 65.23 -53.80 51.41
N GLN G 1827 64.70 -53.62 52.62
CA GLN G 1827 64.76 -54.68 53.62
C GLN G 1827 63.75 -55.78 53.34
N PHE G 1828 62.54 -55.43 52.90
CA PHE G 1828 61.46 -56.40 52.81
C PHE G 1828 61.17 -56.90 51.40
N VAL G 1829 61.20 -56.05 50.38
CA VAL G 1829 60.70 -56.43 49.06
C VAL G 1829 61.43 -57.64 48.48
N PRO G 1830 62.77 -57.68 48.43
CA PRO G 1830 63.42 -58.88 47.87
C PRO G 1830 63.10 -60.16 48.62
N VAL G 1831 63.06 -60.10 49.95
CA VAL G 1831 62.74 -61.29 50.75
C VAL G 1831 61.32 -61.75 50.47
N LEU G 1832 60.38 -60.81 50.39
CA LEU G 1832 59.01 -61.16 50.09
C LEU G 1832 58.88 -61.76 48.70
N LYS G 1833 59.62 -61.21 47.72
CA LYS G 1833 59.60 -61.78 46.39
C LYS G 1833 60.09 -63.22 46.38
N LEU G 1834 61.21 -63.47 47.06
CA LEU G 1834 61.75 -64.82 47.10
C LEU G 1834 60.80 -65.79 47.81
N VAL G 1835 60.22 -65.35 48.93
CA VAL G 1835 59.29 -66.20 49.68
C VAL G 1835 58.06 -66.51 48.84
N SER G 1836 57.52 -65.50 48.15
CA SER G 1836 56.35 -65.72 47.31
C SER G 1836 56.66 -66.66 46.16
N THR G 1837 57.84 -66.51 45.54
CA THR G 1837 58.22 -67.41 44.44
C THR G 1837 58.33 -68.84 44.93
N LEU G 1838 59.01 -69.06 46.05
CA LEU G 1838 59.12 -70.41 46.59
C LEU G 1838 57.75 -70.98 46.98
N LEU G 1839 56.91 -70.15 47.59
CA LEU G 1839 55.61 -70.61 48.04
C LEU G 1839 54.71 -71.00 46.86
N VAL G 1840 54.73 -70.20 45.79
CA VAL G 1840 53.94 -70.54 44.62
C VAL G 1840 54.55 -71.70 43.85
N MET G 1841 55.86 -71.94 44.00
CA MET G 1841 56.47 -73.13 43.39
C MET G 1841 56.24 -74.38 44.22
N GLY G 1842 55.84 -74.23 45.48
CA GLY G 1842 55.45 -75.36 46.30
C GLY G 1842 56.56 -76.00 47.12
N ILE G 1843 57.70 -75.34 47.27
CA ILE G 1843 58.80 -75.92 48.04
C ILE G 1843 58.45 -75.98 49.52
N PHE G 1844 57.75 -74.98 50.03
CA PHE G 1844 57.46 -74.91 51.46
C PHE G 1844 56.56 -76.07 51.89
N GLY G 1845 56.87 -76.64 53.06
CA GLY G 1845 56.06 -77.69 53.63
C GLY G 1845 54.89 -77.14 54.43
N ASP G 1846 54.14 -78.06 55.05
CA ASP G 1846 52.98 -77.67 55.83
C ASP G 1846 53.37 -76.85 57.05
N GLU G 1847 54.39 -77.31 57.79
CA GLU G 1847 54.85 -76.56 58.96
C GLU G 1847 55.43 -75.21 58.56
N ASP G 1848 56.14 -75.16 57.43
CA ASP G 1848 56.68 -73.89 56.96
C ASP G 1848 55.57 -72.92 56.58
N VAL G 1849 54.52 -73.43 55.93
CA VAL G 1849 53.37 -72.58 55.60
C VAL G 1849 52.70 -72.08 56.87
N LYS G 1850 52.59 -72.95 57.88
CA LYS G 1850 52.01 -72.53 59.15
C LYS G 1850 52.85 -71.43 59.80
N GLN G 1851 54.18 -71.57 59.75
CA GLN G 1851 55.06 -70.56 60.31
C GLN G 1851 54.92 -69.24 59.56
N ILE G 1852 54.82 -69.29 58.23
CA ILE G 1852 54.62 -68.08 57.44
C ILE G 1852 53.30 -67.42 57.81
N LEU G 1853 52.25 -68.21 57.99
CA LEU G 1853 50.96 -67.66 58.39
C LEU G 1853 51.05 -66.99 59.76
N LYS G 1854 51.73 -67.64 60.71
CA LYS G 1854 51.90 -67.04 62.04
C LYS G 1854 52.69 -65.73 61.95
N MET G 1855 53.73 -65.69 61.13
CA MET G 1855 54.52 -64.47 61.00
C MET G 1855 53.70 -63.36 60.33
N ILE G 1856 52.84 -63.71 59.38
CA ILE G 1856 51.95 -62.73 58.77
C ILE G 1856 50.98 -62.18 59.81
N GLU G 1857 50.38 -63.07 60.60
CA GLU G 1857 49.50 -62.64 61.69
C GLU G 1857 49.45 -63.70 62.78
N PRO G 1858 50.06 -63.45 63.94
CA PRO G 1858 50.05 -64.47 65.01
C PRO G 1858 48.67 -64.69 65.62
N GLU G 1859 47.91 -63.60 65.85
CA GLU G 1859 46.62 -63.72 66.52
C GLU G 1859 45.62 -64.48 65.66
N VAL G 1860 45.47 -64.08 64.40
CA VAL G 1860 44.47 -64.70 63.53
C VAL G 1860 44.88 -66.13 63.20
N PHE G 1861 46.13 -66.34 62.83
CA PHE G 1861 46.64 -67.65 62.43
C PHE G 1861 47.40 -68.25 63.60
N THR G 1862 46.73 -69.07 64.40
CA THR G 1862 47.36 -69.75 65.52
C THR G 1862 46.62 -71.05 65.79
N GLU G 1863 47.32 -71.99 66.43
CA GLU G 1863 46.78 -73.29 66.76
C GLU G 1863 46.84 -73.49 68.26
N GLU G 1864 45.72 -73.89 68.86
CA GLU G 1864 45.64 -74.11 70.30
C GLU G 1864 46.16 -75.50 70.65
N LEU G 1912 53.38 -58.60 72.50
CA LEU G 1912 54.30 -59.65 72.11
C LEU G 1912 54.73 -59.49 70.66
N GLU G 1913 54.59 -60.56 69.87
CA GLU G 1913 54.96 -60.51 68.47
C GLU G 1913 54.04 -59.57 67.70
N GLU G 1914 54.63 -58.77 66.82
CA GLU G 1914 53.90 -57.81 66.00
C GLU G 1914 53.78 -58.34 64.58
N GLY G 1915 52.55 -58.36 64.06
CA GLY G 1915 52.33 -58.88 62.73
C GLY G 1915 52.79 -57.93 61.64
N LEU G 1916 53.01 -58.51 60.45
CA LEU G 1916 53.37 -57.70 59.30
C LEU G 1916 52.22 -56.78 58.89
N LEU G 1917 50.98 -57.23 59.08
CA LEU G 1917 49.83 -56.34 58.96
C LEU G 1917 49.92 -55.20 59.96
N GLN G 1918 50.25 -55.52 61.22
CA GLN G 1918 50.24 -54.51 62.27
C GLN G 1918 51.29 -53.44 62.03
N MET G 1919 52.49 -53.83 61.61
CA MET G 1919 53.55 -52.86 61.38
C MET G 1919 53.29 -52.08 60.09
N LYS G 1920 53.72 -50.82 60.10
CA LYS G 1920 53.50 -49.94 58.95
C LYS G 1920 54.44 -50.33 57.83
N LEU G 1921 53.91 -50.43 56.61
CA LEU G 1921 54.66 -50.87 55.45
C LEU G 1921 54.48 -49.92 54.28
N PRO G 1922 55.48 -49.81 53.42
CA PRO G 1922 55.35 -49.03 52.18
C PRO G 1922 54.51 -49.78 51.15
N GLU G 1923 54.25 -49.11 50.03
CA GLU G 1923 53.33 -49.62 49.03
C GLU G 1923 53.86 -50.86 48.33
N SER G 1924 55.17 -50.95 48.10
CA SER G 1924 55.74 -52.13 47.46
C SER G 1924 55.58 -53.37 48.35
N VAL G 1925 55.87 -53.22 49.64
CA VAL G 1925 55.66 -54.32 50.59
C VAL G 1925 54.18 -54.67 50.66
N LYS G 1926 53.32 -53.65 50.59
CA LYS G 1926 51.88 -53.89 50.56
C LYS G 1926 51.50 -54.76 49.37
N LEU G 1927 52.03 -54.43 48.19
CA LEU G 1927 51.73 -55.20 46.99
C LEU G 1927 52.22 -56.63 47.10
N GLN G 1928 53.44 -56.83 47.62
CA GLN G 1928 53.97 -58.18 47.77
C GLN G 1928 53.11 -59.00 48.72
N MET G 1929 52.68 -58.40 49.83
CA MET G 1929 51.82 -59.12 50.77
C MET G 1929 50.46 -59.42 50.15
N CYS G 1930 49.95 -58.51 49.32
CA CYS G 1930 48.72 -58.80 48.58
C CYS G 1930 48.89 -60.00 47.67
N ASN G 1931 50.05 -60.11 47.01
CA ASN G 1931 50.32 -61.29 46.18
C ASN G 1931 50.32 -62.56 47.02
N LEU G 1932 50.94 -62.51 48.20
CA LEU G 1932 50.94 -63.68 49.09
C LEU G 1932 49.51 -64.07 49.47
N LEU G 1933 48.68 -63.09 49.81
CA LEU G 1933 47.30 -63.40 50.19
C LEU G 1933 46.48 -63.91 49.01
N GLU G 1934 46.78 -63.43 47.79
CA GLU G 1934 46.15 -64.02 46.61
C GLU G 1934 46.52 -65.49 46.47
N TYR G 1935 47.79 -65.84 46.74
CA TYR G 1935 48.18 -67.24 46.74
C TYR G 1935 47.37 -68.04 47.75
N PHE G 1936 47.20 -67.50 48.96
CA PHE G 1936 46.43 -68.23 49.98
C PHE G 1936 44.97 -68.39 49.56
N CYS G 1937 44.39 -67.36 48.94
CA CYS G 1937 43.01 -67.48 48.46
C CYS G 1937 42.89 -68.55 47.37
N ASP G 1938 43.88 -68.61 46.48
CA ASP G 1938 43.88 -69.66 45.46
C ASP G 1938 43.95 -71.04 46.10
N GLN G 1939 44.77 -71.19 47.15
CA GLN G 1939 44.84 -72.46 47.86
C GLN G 1939 43.48 -72.82 48.49
N GLU G 1940 42.80 -71.83 49.07
CA GLU G 1940 41.48 -72.08 49.63
C GLU G 1940 40.50 -72.55 48.56
N LEU G 1941 40.52 -71.89 47.39
CA LEU G 1941 39.62 -72.30 46.32
C LEU G 1941 39.92 -73.72 45.85
N GLN G 1942 41.21 -74.06 45.73
CA GLN G 1942 41.58 -75.42 45.32
C GLN G 1942 41.10 -76.44 46.35
N HIS G 1943 41.25 -76.14 47.64
CA HIS G 1943 40.75 -77.04 48.67
C HIS G 1943 39.24 -77.24 48.54
N ARG G 1944 38.51 -76.16 48.31
CA ARG G 1944 37.05 -76.26 48.18
C ARG G 1944 36.67 -77.14 46.99
N VAL G 1945 37.31 -76.93 45.84
CA VAL G 1945 36.92 -77.70 44.66
C VAL G 1945 37.31 -79.16 44.82
N GLU G 1946 38.44 -79.45 45.48
CA GLU G 1946 38.81 -80.84 45.71
C GLU G 1946 37.82 -81.52 46.65
N SER G 1947 37.38 -80.83 47.71
CA SER G 1947 36.37 -81.40 48.60
C SER G 1947 35.08 -81.66 47.85
N LEU G 1948 34.69 -80.73 46.98
CA LEU G 1948 33.49 -80.95 46.16
C LEU G 1948 33.64 -82.17 45.27
N ALA G 1949 34.81 -82.36 44.67
CA ALA G 1949 35.03 -83.53 43.82
C ALA G 1949 34.93 -84.82 44.61
N ALA G 1950 35.51 -84.85 45.82
CA ALA G 1950 35.45 -86.06 46.64
C ALA G 1950 34.00 -86.38 47.02
N PHE G 1951 33.25 -85.36 47.44
CA PHE G 1951 31.85 -85.61 47.78
C PHE G 1951 31.06 -86.03 46.56
N ALA G 1952 31.40 -85.50 45.38
CA ALA G 1952 30.73 -85.92 44.15
C ALA G 1952 30.97 -87.40 43.89
N GLU G 1953 32.21 -87.86 44.09
CA GLU G 1953 32.51 -89.29 43.95
C GLU G 1953 31.64 -90.13 44.88
N ARG G 1954 31.64 -89.77 46.16
CA ARG G 1954 30.90 -90.57 47.14
C ARG G 1954 29.40 -90.56 46.82
N TYR G 1955 28.86 -89.39 46.49
CA TYR G 1955 27.42 -89.28 46.23
C TYR G 1955 27.04 -90.02 44.96
N VAL G 1956 27.91 -90.01 43.95
CA VAL G 1956 27.66 -90.76 42.73
C VAL G 1956 27.63 -92.25 43.04
N ASP G 1957 28.55 -92.73 43.87
CA ASP G 1957 28.52 -94.14 44.25
C ASP G 1957 27.21 -94.50 44.94
N LYS G 1958 26.79 -93.66 45.90
CA LYS G 1958 25.53 -93.95 46.61
C LYS G 1958 24.33 -93.94 45.67
N LEU G 1959 24.28 -92.95 44.76
CA LEU G 1959 23.12 -92.85 43.87
C LEU G 1959 23.09 -94.01 42.88
N GLN G 1960 24.26 -94.45 42.40
CA GLN G 1960 24.29 -95.61 41.53
C GLN G 1960 23.81 -96.86 42.25
N ALA G 1961 24.24 -97.05 43.50
CA ALA G 1961 23.77 -98.20 44.27
C ALA G 1961 22.26 -98.14 44.47
N ASN G 1962 21.73 -96.96 44.81
CA ASN G 1962 20.29 -96.80 45.01
C ASN G 1962 19.52 -97.08 43.72
N GLN G 1963 20.04 -96.59 42.59
CA GLN G 1963 19.34 -96.81 41.32
C GLN G 1963 19.34 -98.29 40.95
N ARG G 1964 20.44 -98.99 41.19
CA ARG G 1964 20.46 -100.43 40.91
C ARG G 1964 19.48 -101.17 41.81
N SER G 1965 19.41 -100.78 43.09
CA SER G 1965 18.44 -101.41 43.99
C SER G 1965 17.02 -101.16 43.52
N ARG G 1966 16.71 -99.93 43.10
CA ARG G 1966 15.36 -99.63 42.61
C ARG G 1966 15.07 -100.36 41.30
N TYR G 1967 16.09 -100.52 40.45
CA TYR G 1967 15.94 -101.34 39.25
C TYR G 1967 15.50 -102.76 39.62
N ALA G 1968 16.19 -103.37 40.57
CA ALA G 1968 15.83 -104.72 41.00
C ALA G 1968 14.42 -104.75 41.58
N LEU G 1969 14.08 -103.77 42.43
CA LEU G 1969 12.77 -103.75 43.06
C LEU G 1969 11.65 -103.63 42.03
N LEU G 1970 11.81 -102.72 41.07
CA LEU G 1970 10.76 -102.53 40.06
C LEU G 1970 10.68 -103.71 39.11
N MET G 1971 11.82 -104.32 38.78
CA MET G 1971 11.79 -105.52 37.94
C MET G 1971 11.07 -106.67 38.64
N ARG G 1972 11.29 -106.83 39.94
CA ARG G 1972 10.60 -107.89 40.67
C ARG G 1972 9.11 -107.59 40.79
N ALA G 1973 8.75 -106.35 41.13
CA ALA G 1973 7.36 -105.97 41.36
C ALA G 1973 6.86 -105.17 40.15
N PHE G 1974 6.22 -105.88 39.22
CA PHE G 1974 5.65 -105.28 38.02
C PHE G 1974 4.16 -105.61 37.90
N THR G 1975 3.44 -105.59 39.03
CA THR G 1975 2.03 -105.91 39.01
C THR G 1975 1.23 -104.89 38.22
N MET G 1976 1.52 -103.60 38.42
CA MET G 1976 0.83 -102.52 37.70
C MET G 1976 1.55 -102.27 36.39
N SER G 1977 0.93 -102.67 35.28
CA SER G 1977 1.58 -102.56 33.98
C SER G 1977 1.80 -101.11 33.59
N ALA G 1978 0.77 -100.27 33.72
CA ALA G 1978 0.89 -98.88 33.32
C ALA G 1978 1.89 -98.13 34.21
N ALA G 1979 1.82 -98.36 35.53
CA ALA G 1979 2.76 -97.72 36.43
C ALA G 1979 4.19 -98.17 36.15
N GLU G 1980 4.38 -99.46 35.88
CA GLU G 1980 5.71 -99.96 35.56
C GLU G 1980 6.23 -99.35 34.25
N THR G 1981 5.37 -99.22 33.25
CA THR G 1981 5.79 -98.60 32.00
C THR G 1981 6.17 -97.14 32.19
N ALA G 1982 5.36 -96.39 32.95
CA ALA G 1982 5.69 -94.99 33.20
C ALA G 1982 6.99 -94.86 33.98
N ARG G 1983 7.18 -95.72 34.98
CA ARG G 1983 8.42 -95.71 35.75
C ARG G 1983 9.61 -96.03 34.85
N ARG G 1984 9.48 -97.03 33.99
CA ARG G 1984 10.56 -97.37 33.07
C ARG G 1984 10.86 -96.24 32.10
N THR G 1985 9.83 -95.46 31.74
CA THR G 1985 10.04 -94.32 30.85
C THR G 1985 10.78 -93.19 31.56
N ARG G 1986 10.39 -92.87 32.78
CA ARG G 1986 10.93 -91.73 33.50
C ARG G 1986 11.75 -92.18 34.71
N GLU G 1987 12.99 -91.70 34.81
CA GLU G 1987 13.89 -92.02 35.90
C GLU G 1987 14.32 -93.50 35.89
N PHE G 1988 14.49 -94.08 34.71
CA PHE G 1988 14.74 -95.52 34.62
C PHE G 1988 15.38 -95.80 33.26
N ARG G 1989 16.68 -96.07 33.25
CA ARG G 1989 17.41 -96.36 32.02
C ARG G 1989 17.20 -95.27 30.98
N SER G 1990 17.27 -94.02 31.44
CA SER G 1990 17.03 -92.84 30.61
C SER G 1990 18.37 -92.15 30.34
N PRO G 1991 18.38 -91.08 29.54
CA PRO G 1991 19.59 -90.25 29.46
C PRO G 1991 20.15 -89.95 30.83
N PRO G 1992 21.43 -90.29 31.07
CA PRO G 1992 21.99 -90.16 32.43
C PRO G 1992 21.91 -88.75 33.00
N GLN G 1993 22.18 -87.74 32.18
CA GLN G 1993 22.12 -86.37 32.68
C GLN G 1993 20.70 -85.98 33.06
N GLU G 1994 19.71 -86.42 32.27
CA GLU G 1994 18.32 -86.18 32.63
C GLU G 1994 17.96 -86.87 33.93
N GLN G 1995 18.45 -88.11 34.11
CA GLN G 1995 18.13 -88.84 35.33
C GLN G 1995 18.70 -88.13 36.56
N ILE G 1996 19.96 -87.69 36.49
CA ILE G 1996 20.54 -87.03 37.66
C ILE G 1996 19.89 -85.68 37.89
N ASN G 1997 19.55 -84.96 36.81
CA ASN G 1997 18.88 -83.67 36.97
C ASN G 1997 17.53 -83.84 37.66
N MET G 1998 16.77 -84.86 37.28
CA MET G 1998 15.48 -85.09 37.91
C MET G 1998 15.64 -85.63 39.33
N LEU G 1999 16.71 -86.39 39.59
CA LEU G 1999 16.93 -86.93 40.93
C LEU G 1999 17.33 -85.83 41.91
N LEU G 2000 18.15 -84.88 41.48
CA LEU G 2000 18.63 -83.80 42.33
C LEU G 2000 17.63 -82.65 42.44
N HIS G 2001 16.37 -82.88 42.10
CA HIS G 2001 15.35 -81.84 42.11
C HIS G 2001 14.65 -81.72 43.45
N PHE G 2002 15.05 -82.49 44.47
CA PHE G 2002 14.36 -82.44 45.75
C PHE G 2002 14.67 -81.16 46.53
N LYS G 2003 15.46 -80.25 45.97
CA LYS G 2003 15.64 -78.94 46.60
C LYS G 2003 14.31 -78.21 46.70
N ASP G 2004 13.50 -78.28 45.65
CA ASP G 2004 12.14 -77.76 45.70
C ASP G 2004 11.26 -78.69 46.52
N GLU G 2005 10.40 -78.10 47.35
CA GLU G 2005 9.52 -78.89 48.20
C GLU G 2005 8.55 -79.74 47.38
N ALA G 2006 8.02 -79.17 46.29
CA ALA G 2006 7.09 -79.92 45.45
C ALA G 2006 7.77 -81.12 44.80
N ASP G 2007 8.99 -80.94 44.31
CA ASP G 2007 9.71 -82.02 43.65
C ASP G 2007 10.41 -82.96 44.63
N GLU G 2008 10.42 -82.63 45.92
CA GLU G 2008 11.02 -83.53 46.91
C GLU G 2008 10.32 -84.88 46.93
N GLU G 2009 8.98 -84.87 46.88
CA GLU G 2009 8.24 -86.12 46.81
C GLU G 2009 8.40 -86.80 45.44
N ASP G 2010 8.53 -86.01 44.37
CA ASP G 2010 8.69 -86.59 43.04
C ASP G 2010 10.01 -87.34 42.93
N CYS G 2011 11.07 -86.81 43.52
CA CYS G 2011 12.37 -87.49 43.47
C CYS G 2011 12.30 -88.80 44.25
N PRO G 2012 12.65 -89.92 43.64
CA PRO G 2012 12.61 -91.21 44.36
C PRO G 2012 13.83 -91.48 45.25
N LEU G 2013 14.71 -90.50 45.42
CA LEU G 2013 15.90 -90.71 46.24
C LEU G 2013 15.52 -90.89 47.70
N PRO G 2014 16.29 -91.68 48.45
CA PRO G 2014 15.98 -91.88 49.87
C PRO G 2014 16.15 -90.59 50.66
N GLU G 2015 15.40 -90.51 51.77
CA GLU G 2015 15.46 -89.33 52.63
C GLU G 2015 16.85 -89.14 53.20
N ASP G 2016 17.55 -90.23 53.53
CA ASP G 2016 18.92 -90.12 54.02
C ASP G 2016 19.84 -89.53 52.97
N ILE G 2017 19.69 -89.96 51.72
CA ILE G 2017 20.52 -89.44 50.63
C ILE G 2017 20.23 -87.95 50.42
N ARG G 2018 18.95 -87.58 50.41
CA ARG G 2018 18.58 -86.18 50.24
C ARG G 2018 19.12 -85.33 51.38
N GLN G 2019 19.02 -85.81 52.62
CA GLN G 2019 19.55 -85.09 53.76
C GLN G 2019 21.07 -84.96 53.68
N ASP G 2020 21.75 -85.99 53.19
CA ASP G 2020 23.19 -85.92 53.01
C ASP G 2020 23.56 -84.82 52.03
N LEU G 2021 22.85 -84.76 50.90
CA LEU G 2021 23.13 -83.70 49.93
C LEU G 2021 22.84 -82.32 50.50
N GLN G 2022 21.73 -82.18 51.24
CA GLN G 2022 21.41 -80.89 51.85
C GLN G 2022 22.46 -80.47 52.87
N ASP G 2023 22.94 -81.42 53.68
CA ASP G 2023 23.98 -81.11 54.65
C ASP G 2023 25.28 -80.70 53.97
N PHE G 2024 25.63 -81.37 52.87
CA PHE G 2024 26.84 -80.97 52.15
C PHE G 2024 26.67 -79.58 51.54
N HIS G 2025 25.48 -79.26 51.03
CA HIS G 2025 25.24 -77.92 50.50
C HIS G 2025 25.37 -76.87 51.59
N GLN G 2026 24.83 -77.16 52.78
CA GLN G 2026 24.95 -76.23 53.90
C GLN G 2026 26.41 -76.05 54.31
N ASP G 2027 27.18 -77.14 54.32
CA ASP G 2027 28.59 -77.05 54.67
C ASP G 2027 29.36 -76.24 53.63
N LEU G 2028 29.03 -76.42 52.35
CA LEU G 2028 29.67 -75.62 51.30
C LEU G 2028 29.35 -74.14 51.45
N LEU G 2029 28.09 -73.82 51.76
CA LEU G 2029 27.74 -72.42 52.00
C LEU G 2029 28.50 -71.85 53.20
N ALA G 2030 28.60 -72.64 54.28
CA ALA G 2030 29.33 -72.17 55.46
C ALA G 2030 30.80 -71.94 55.14
N HIS G 2031 31.42 -72.85 54.39
CA HIS G 2031 32.82 -72.67 54.02
C HIS G 2031 33.01 -71.46 53.12
N CYS G 2032 32.11 -71.25 52.17
CA CYS G 2032 32.19 -70.07 51.31
C CYS G 2032 31.89 -68.78 52.07
N GLY G 2033 31.24 -68.87 53.23
CA GLY G 2033 30.98 -67.71 54.05
C GLY G 2033 29.60 -67.10 53.91
N ILE G 2034 28.70 -67.73 53.17
CA ILE G 2034 27.34 -67.22 53.01
C ILE G 2034 26.54 -67.56 54.26
N GLN G 2035 25.98 -66.55 54.90
CA GLN G 2035 25.21 -66.75 56.12
C GLN G 2035 23.86 -66.05 56.04
N LYS G 2079 35.66 -56.44 66.52
CA LYS G 2079 35.55 -57.78 65.94
C LYS G 2079 36.91 -58.27 65.43
N LYS G 2080 37.56 -59.10 66.23
CA LYS G 2080 38.85 -59.64 65.83
C LYS G 2080 38.67 -60.59 64.65
N PRO G 2081 39.46 -60.45 63.59
CA PRO G 2081 39.34 -61.37 62.45
C PRO G 2081 39.57 -62.81 62.86
N GLN G 2082 38.62 -63.68 62.53
CA GLN G 2082 38.70 -65.10 62.84
C GLN G 2082 38.96 -65.96 61.61
N SER G 2083 39.16 -65.36 60.45
CA SER G 2083 39.36 -66.12 59.22
C SER G 2083 40.09 -65.24 58.22
N LEU G 2084 40.61 -65.91 57.18
CA LEU G 2084 41.36 -65.19 56.14
C LEU G 2084 40.47 -64.18 55.43
N GLN G 2085 39.21 -64.54 55.16
CA GLN G 2085 38.31 -63.62 54.48
C GLN G 2085 38.12 -62.33 55.26
N GLU G 2086 37.77 -62.45 56.55
CA GLU G 2086 37.57 -61.26 57.38
C GLU G 2086 38.86 -60.48 57.52
N LEU G 2087 39.99 -61.18 57.71
CA LEU G 2087 41.26 -60.49 57.90
C LEU G 2087 41.62 -59.68 56.67
N VAL G 2088 41.47 -60.28 55.48
CA VAL G 2088 41.81 -59.56 54.24
C VAL G 2088 40.83 -58.43 53.99
N SER G 2089 39.55 -58.61 54.32
CA SER G 2089 38.58 -57.54 54.14
C SER G 2089 38.94 -56.33 55.00
N HIS G 2090 39.19 -56.55 56.28
CA HIS G 2090 39.58 -55.45 57.16
C HIS G 2090 40.91 -54.85 56.74
N MET G 2091 41.83 -55.70 56.26
CA MET G 2091 43.09 -55.23 55.70
C MET G 2091 42.89 -54.24 54.57
N VAL G 2092 42.09 -54.61 53.58
CA VAL G 2092 41.87 -53.74 52.42
C VAL G 2092 41.16 -52.46 52.83
N VAL G 2093 40.14 -52.57 53.70
CA VAL G 2093 39.43 -51.37 54.14
C VAL G 2093 40.37 -50.43 54.89
N ARG G 2094 41.19 -50.99 55.78
CA ARG G 2094 42.11 -50.16 56.56
C ARG G 2094 43.13 -49.47 55.67
N TRP G 2095 43.71 -50.20 54.71
CA TRP G 2095 44.70 -49.59 53.82
C TRP G 2095 44.07 -48.50 52.96
N ALA G 2096 42.84 -48.73 52.48
CA ALA G 2096 42.17 -47.71 51.69
C ALA G 2096 41.85 -46.48 52.53
N GLN G 2097 41.49 -46.67 53.80
CA GLN G 2097 41.11 -45.55 54.66
C GLN G 2097 42.32 -44.76 55.16
N GLU G 2098 43.47 -45.41 55.35
CA GLU G 2098 44.60 -44.71 55.98
C GLU G 2098 45.09 -43.54 55.14
N ASP G 2099 45.19 -43.72 53.82
CA ASP G 2099 45.77 -42.68 52.98
C ASP G 2099 45.16 -42.78 51.59
N TYR G 2100 45.71 -42.01 50.66
CA TYR G 2100 45.30 -41.98 49.26
C TYR G 2100 46.37 -42.70 48.46
N VAL G 2101 46.09 -43.96 48.10
CA VAL G 2101 47.09 -44.79 47.43
C VAL G 2101 47.34 -44.25 46.03
N GLN G 2102 48.61 -44.03 45.70
CA GLN G 2102 49.02 -43.48 44.42
C GLN G 2102 49.45 -44.54 43.42
N SER G 2103 49.36 -45.83 43.78
CA SER G 2103 49.81 -46.90 42.90
C SER G 2103 48.60 -47.56 42.26
N PRO G 2104 48.36 -47.40 40.95
CA PRO G 2104 47.23 -48.07 40.31
C PRO G 2104 47.29 -49.58 40.43
N GLU G 2105 48.48 -50.17 40.31
CA GLU G 2105 48.60 -51.63 40.44
C GLU G 2105 48.22 -52.09 41.85
N LEU G 2106 48.71 -51.37 42.87
CA LEU G 2106 48.35 -51.71 44.24
C LEU G 2106 46.85 -51.58 44.46
N VAL G 2107 46.25 -50.50 43.95
CA VAL G 2107 44.81 -50.29 44.12
C VAL G 2107 44.02 -51.42 43.48
N ARG G 2108 44.39 -51.79 42.25
CA ARG G 2108 43.73 -52.88 41.56
C ARG G 2108 43.88 -54.18 42.34
N ALA G 2109 45.07 -54.43 42.88
CA ALA G 2109 45.30 -55.65 43.65
C ALA G 2109 44.39 -55.71 44.87
N MET G 2110 44.35 -54.63 45.66
CA MET G 2110 43.56 -54.68 46.89
C MET G 2110 42.07 -54.81 46.58
N PHE G 2111 41.59 -54.10 45.55
CA PHE G 2111 40.17 -54.18 45.25
C PHE G 2111 39.79 -55.52 44.65
N SER G 2112 40.66 -56.11 43.83
CA SER G 2112 40.39 -57.46 43.33
C SER G 2112 40.37 -58.47 44.48
N LEU G 2113 41.30 -58.35 45.42
CA LEU G 2113 41.30 -59.25 46.57
C LEU G 2113 40.02 -59.07 47.40
N LEU G 2114 39.59 -57.83 47.60
CA LEU G 2114 38.37 -57.58 48.36
C LEU G 2114 37.16 -58.17 47.66
N HIS G 2115 37.11 -58.04 46.33
CA HIS G 2115 36.02 -58.64 45.56
C HIS G 2115 36.00 -60.15 45.71
N ARG G 2116 37.19 -60.78 45.65
CA ARG G 2116 37.24 -62.23 45.82
C ARG G 2116 36.79 -62.64 47.22
N GLN G 2117 37.19 -61.89 48.24
CA GLN G 2117 36.75 -62.22 49.60
C GLN G 2117 35.24 -62.09 49.74
N TYR G 2118 34.65 -61.03 49.17
CA TYR G 2118 33.21 -60.84 49.33
C TYR G 2118 32.40 -61.84 48.49
N ASP G 2119 32.89 -62.21 47.31
CA ASP G 2119 32.19 -63.15 46.43
C ASP G 2119 32.87 -64.50 46.55
N GLY G 2120 32.36 -65.34 47.46
CA GLY G 2120 32.92 -66.66 47.68
C GLY G 2120 32.26 -67.73 46.85
N LEU G 2121 30.94 -67.82 46.91
CA LEU G 2121 30.22 -68.84 46.15
C LEU G 2121 30.35 -68.62 44.65
N GLY G 2122 30.30 -67.36 44.22
CA GLY G 2122 30.44 -67.07 42.80
C GLY G 2122 31.81 -67.47 42.25
N GLU G 2123 32.86 -67.29 43.05
CA GLU G 2123 34.19 -67.71 42.62
C GLU G 2123 34.25 -69.21 42.39
N LEU G 2124 33.67 -69.99 43.31
CA LEU G 2124 33.62 -71.44 43.11
C LEU G 2124 32.77 -71.79 41.91
N LEU G 2125 31.67 -71.06 41.69
CA LEU G 2125 30.81 -71.31 40.53
C LEU G 2125 31.58 -71.10 39.24
N ARG G 2126 32.38 -70.03 39.17
CA ARG G 2126 33.21 -69.80 37.99
C ARG G 2126 34.31 -70.84 37.87
N ALA G 2127 34.80 -71.35 39.00
CA ALA G 2127 35.90 -72.32 38.96
C ALA G 2127 35.43 -73.71 38.52
N LEU G 2128 34.17 -74.06 38.79
CA LEU G 2128 33.70 -75.40 38.46
C LEU G 2128 33.89 -75.81 37.00
N PRO G 2129 33.62 -74.97 36.00
CA PRO G 2129 33.82 -75.42 34.61
C PRO G 2129 35.23 -75.92 34.33
N ARG G 2130 36.25 -75.35 34.99
CA ARG G 2130 37.61 -75.82 34.81
C ARG G 2130 37.87 -77.14 35.51
N ALA G 2131 37.08 -77.48 36.52
CA ALA G 2131 37.30 -78.72 37.28
C ALA G 2131 36.97 -79.94 36.42
N TYR G 2132 37.71 -81.02 36.65
CA TYR G 2132 37.49 -82.27 35.95
C TYR G 2132 38.00 -83.43 36.80
N THR G 2133 37.39 -84.60 36.61
CA THR G 2133 37.71 -85.78 37.40
C THR G 2133 38.14 -86.91 36.47
N ILE G 2134 39.22 -87.61 36.85
CA ILE G 2134 39.79 -88.67 36.04
C ILE G 2134 39.92 -89.94 36.89
N SER G 2135 40.15 -91.06 36.20
CA SER G 2135 40.38 -92.34 36.83
C SER G 2135 41.83 -92.46 37.31
N PRO G 2136 42.08 -93.27 38.34
CA PRO G 2136 43.46 -93.41 38.84
C PRO G 2136 44.42 -93.98 37.80
N SER G 2137 43.95 -94.77 36.84
CA SER G 2137 44.83 -95.44 35.91
C SER G 2137 45.36 -94.53 34.81
N SER G 2138 44.75 -93.37 34.60
CA SER G 2138 45.14 -92.47 33.52
C SER G 2138 46.03 -91.32 33.97
N VAL G 2139 46.52 -91.36 35.21
CA VAL G 2139 47.27 -90.24 35.76
C VAL G 2139 48.60 -90.06 35.02
N GLU G 2140 49.24 -91.16 34.61
CA GLU G 2140 50.53 -91.06 33.94
C GLU G 2140 50.40 -90.39 32.58
N ASP G 2141 49.43 -90.85 31.77
CA ASP G 2141 49.21 -90.23 30.47
C ASP G 2141 48.72 -88.80 30.63
N THR G 2142 47.91 -88.53 31.65
CA THR G 2142 47.48 -87.16 31.92
C THR G 2142 48.68 -86.26 32.23
N MET G 2143 49.62 -86.75 33.04
CA MET G 2143 50.81 -85.97 33.36
C MET G 2143 51.65 -85.72 32.12
N SER G 2144 51.79 -86.73 31.26
CA SER G 2144 52.54 -86.54 30.02
C SER G 2144 51.89 -85.50 29.13
N LEU G 2145 50.56 -85.54 29.02
CA LEU G 2145 49.85 -84.54 28.22
C LEU G 2145 50.00 -83.14 28.82
N LEU G 2146 49.96 -83.04 30.16
CA LEU G 2146 50.17 -81.75 30.79
C LEU G 2146 51.57 -81.22 30.54
N GLU G 2147 52.57 -82.10 30.56
CA GLU G 2147 53.94 -81.65 30.27
C GLU G 2147 54.07 -81.16 28.83
N CYS G 2148 53.47 -81.88 27.88
CA CYS G 2148 53.52 -81.43 26.49
C CYS G 2148 52.80 -80.08 26.33
N LEU G 2149 51.64 -79.94 26.95
CA LEU G 2149 50.92 -78.67 26.89
C LEU G 2149 51.71 -77.55 27.55
N GLY G 2150 52.46 -77.87 28.61
CA GLY G 2150 53.32 -76.87 29.22
C GLY G 2150 54.42 -76.41 28.30
N GLN G 2151 55.01 -77.35 27.57
CA GLN G 2151 56.00 -76.95 26.55
C GLN G 2151 55.36 -76.05 25.50
N ILE G 2152 54.14 -76.39 25.05
CA ILE G 2152 53.45 -75.58 24.05
C ILE G 2152 53.22 -74.17 24.58
N ARG G 2153 52.73 -74.05 25.82
CA ARG G 2153 52.47 -72.73 26.39
C ARG G 2153 53.76 -71.95 26.62
N SER G 2154 54.83 -72.63 27.03
CA SER G 2154 56.10 -71.94 27.23
C SER G 2154 56.66 -71.41 25.92
N LEU G 2155 56.45 -72.13 24.82
CA LEU G 2155 56.95 -71.67 23.53
C LEU G 2155 56.20 -70.45 23.00
N LEU G 2156 55.09 -70.06 23.62
CA LEU G 2156 54.32 -68.92 23.12
C LEU G 2156 55.08 -67.61 23.32
N ILE G 2157 55.61 -67.39 24.53
CA ILE G 2157 56.26 -66.12 24.84
C ILE G 2157 57.55 -65.92 24.06
N VAL G 2158 58.16 -66.99 23.56
CA VAL G 2158 59.40 -66.91 22.82
C VAL G 2158 59.10 -66.60 21.35
N GLN G 2159 59.93 -65.75 20.75
CA GLN G 2159 59.78 -65.46 19.33
C GLN G 2159 60.05 -66.72 18.52
N MET G 2160 59.22 -66.93 17.49
CA MET G 2160 59.26 -68.18 16.75
C MET G 2160 60.54 -68.30 15.92
N GLY G 2161 61.19 -69.45 16.00
CA GLY G 2161 62.38 -69.74 15.24
C GLY G 2161 62.40 -71.19 14.78
N PRO G 2162 63.52 -71.62 14.20
CA PRO G 2162 63.60 -73.04 13.78
C PRO G 2162 63.53 -74.02 14.93
N GLN G 2163 64.28 -73.79 16.00
CA GLN G 2163 64.26 -74.69 17.15
C GLN G 2163 62.88 -74.71 17.80
N GLU G 2164 62.29 -73.52 17.99
CA GLU G 2164 60.94 -73.46 18.53
C GLU G 2164 59.96 -74.20 17.64
N GLU G 2165 60.11 -74.04 16.32
CA GLU G 2165 59.25 -74.75 15.37
C GLU G 2165 59.34 -76.25 15.57
N ASN G 2166 60.57 -76.77 15.67
CA ASN G 2166 60.76 -78.21 15.86
C ASN G 2166 60.13 -78.68 17.17
N LEU G 2167 60.30 -77.89 18.23
CA LEU G 2167 59.70 -78.26 19.52
C LEU G 2167 58.18 -78.29 19.44
N MET G 2168 57.56 -77.31 18.75
CA MET G 2168 56.11 -77.37 18.59
C MET G 2168 55.66 -78.57 17.77
N ILE G 2169 56.41 -78.91 16.71
CA ILE G 2169 56.07 -80.10 15.94
C ILE G 2169 56.09 -81.34 16.83
N GLN G 2170 57.14 -81.49 17.63
CA GLN G 2170 57.24 -82.65 18.51
C GLN G 2170 56.12 -82.66 19.54
N SER G 2171 55.80 -81.50 20.12
CA SER G 2171 54.75 -81.43 21.13
C SER G 2171 53.38 -81.77 20.55
N ILE G 2172 53.08 -81.25 19.36
CA ILE G 2172 51.80 -81.56 18.73
C ILE G 2172 51.73 -83.04 18.37
N GLY G 2173 52.83 -83.61 17.89
CA GLY G 2173 52.85 -85.04 17.61
C GLY G 2173 52.58 -85.87 18.84
N ASN G 2174 53.23 -85.53 19.95
CA ASN G 2174 53.00 -86.25 21.21
C ASN G 2174 51.56 -86.10 21.67
N ILE G 2175 50.99 -84.89 21.55
CA ILE G 2175 49.61 -84.67 21.95
C ILE G 2175 48.67 -85.54 21.12
N MET G 2176 48.90 -85.59 19.80
CA MET G 2176 48.05 -86.39 18.94
C MET G 2176 48.20 -87.88 19.24
N ASN G 2177 49.41 -88.32 19.57
CA ASN G 2177 49.62 -89.73 19.86
C ASN G 2177 49.11 -90.15 21.24
N ASN G 2178 48.95 -89.20 22.17
CA ASN G 2178 48.40 -89.54 23.48
C ASN G 2178 46.98 -90.09 23.34
N LYS G 2179 46.70 -91.19 24.05
CA LYS G 2179 45.39 -91.81 23.97
C LYS G 2179 44.33 -90.96 24.68
N VAL G 2180 44.71 -90.29 25.77
CA VAL G 2180 43.75 -89.48 26.52
C VAL G 2180 43.23 -88.32 25.67
N PHE G 2181 44.00 -87.90 24.67
CA PHE G 2181 43.60 -86.74 23.88
C PHE G 2181 42.28 -86.97 23.16
N TYR G 2182 42.14 -88.12 22.49
CA TYR G 2182 40.90 -88.41 21.77
C TYR G 2182 39.88 -89.16 22.62
N GLN G 2183 40.23 -89.57 23.83
CA GLN G 2183 39.29 -90.25 24.71
C GLN G 2183 38.56 -89.29 25.65
N HIS G 2184 39.07 -88.07 25.83
CA HIS G 2184 38.44 -87.05 26.67
C HIS G 2184 38.42 -85.73 25.92
N PRO G 2185 37.59 -85.64 24.86
CA PRO G 2185 37.45 -84.34 24.17
C PRO G 2185 36.92 -83.25 25.07
N ASN G 2186 36.06 -83.59 26.03
CA ASN G 2186 35.58 -82.59 26.98
C ASN G 2186 36.72 -82.04 27.83
N LEU G 2187 37.63 -82.92 28.27
CA LEU G 2187 38.77 -82.46 29.06
C LEU G 2187 39.72 -81.62 28.20
N MET G 2188 39.92 -82.01 26.94
CA MET G 2188 40.73 -81.19 26.05
C MET G 2188 40.11 -79.81 25.86
N ARG G 2189 38.79 -79.74 25.68
CA ARG G 2189 38.13 -78.46 25.52
C ARG G 2189 38.23 -77.62 26.78
N ALA G 2190 38.10 -78.26 27.95
CA ALA G 2190 38.25 -77.54 29.21
C ALA G 2190 39.66 -76.97 29.35
N LEU G 2191 40.67 -77.76 28.97
CA LEU G 2191 42.04 -77.25 28.95
C LEU G 2191 42.23 -76.16 27.92
N GLY G 2192 41.39 -76.12 26.88
CA GLY G 2192 41.49 -75.09 25.86
C GLY G 2192 42.73 -75.19 25.00
N MET G 2193 43.13 -76.42 24.65
CA MET G 2193 44.31 -76.59 23.80
C MET G 2193 44.07 -76.10 22.39
N HIS G 2194 42.82 -76.16 21.92
CA HIS G 2194 42.50 -75.65 20.59
C HIS G 2194 42.78 -74.16 20.50
N GLU G 2195 42.48 -73.41 21.56
CA GLU G 2195 42.79 -71.99 21.57
C GLU G 2195 44.30 -71.76 21.51
N THR G 2196 45.07 -72.58 22.21
CA THR G 2196 46.53 -72.42 22.20
C THR G 2196 47.11 -72.68 20.83
N VAL G 2197 46.73 -73.79 20.20
CA VAL G 2197 47.23 -74.07 18.85
C VAL G 2197 46.71 -73.02 17.87
N MET G 2198 45.52 -72.47 18.13
CA MET G 2198 45.02 -71.37 17.31
C MET G 2198 45.90 -70.13 17.44
N GLU G 2199 46.35 -69.82 18.65
CA GLU G 2199 47.26 -68.68 18.83
C GLU G 2199 48.59 -68.93 18.13
N VAL G 2200 49.10 -70.16 18.19
CA VAL G 2200 50.31 -70.49 17.45
C VAL G 2200 50.10 -70.26 15.95
N MET G 2201 48.94 -70.70 15.44
CA MET G 2201 48.63 -70.48 14.03
C MET G 2201 48.50 -69.00 13.71
N VAL G 2202 47.94 -68.23 14.64
CA VAL G 2202 47.85 -66.78 14.46
C VAL G 2202 49.24 -66.19 14.30
N ASN G 2203 50.15 -66.57 15.18
CA ASN G 2203 51.51 -66.04 15.14
C ASN G 2203 52.21 -66.41 13.83
N VAL G 2204 52.09 -67.67 13.41
CA VAL G 2204 52.81 -68.09 12.22
C VAL G 2204 52.20 -67.45 10.96
N LEU G 2205 50.87 -67.30 10.93
CA LEU G 2205 50.22 -66.66 9.78
C LEU G 2205 50.57 -65.17 9.72
N GLY G 2206 50.63 -64.51 10.88
CA GLY G 2206 51.06 -63.13 10.90
C GLY G 2206 52.50 -62.97 10.44
N GLY G 2207 53.35 -63.92 10.81
CA GLY G 2207 54.72 -63.92 10.30
C GLY G 2207 54.73 -64.08 8.79
N GLY G 2208 53.92 -64.99 8.26
CA GLY G 2208 53.80 -65.19 6.82
C GLY G 2208 52.53 -65.97 6.48
N ILE G 2213 55.66 -69.21 2.95
CA ILE G 2213 55.42 -69.14 4.38
C ILE G 2213 56.74 -69.33 5.13
N ARG G 2214 56.94 -68.54 6.18
CA ARG G 2214 58.16 -68.64 6.97
C ARG G 2214 58.23 -69.98 7.69
N PHE G 2215 57.12 -70.47 8.21
CA PHE G 2215 57.06 -71.75 8.94
C PHE G 2215 55.92 -72.60 8.39
N PRO G 2216 56.05 -73.07 7.15
CA PRO G 2216 55.01 -73.93 6.57
C PRO G 2216 54.80 -75.21 7.36
N LYS G 2217 55.84 -75.74 7.98
CA LYS G 2217 55.68 -76.90 8.85
C LYS G 2217 54.78 -76.56 10.03
N MET G 2218 54.96 -75.37 10.63
CA MET G 2218 54.07 -74.92 11.69
C MET G 2218 52.62 -74.84 11.20
N VAL G 2219 52.41 -74.20 10.05
CA VAL G 2219 51.03 -74.04 9.56
C VAL G 2219 50.42 -75.41 9.30
N THR G 2220 51.16 -76.30 8.65
CA THR G 2220 50.63 -77.62 8.31
C THR G 2220 50.32 -78.44 9.56
N SER G 2221 51.21 -78.40 10.55
CA SER G 2221 50.98 -79.15 11.77
C SER G 2221 49.77 -78.63 12.51
N CYS G 2222 49.63 -77.31 12.61
CA CYS G 2222 48.45 -76.73 13.26
C CYS G 2222 47.17 -77.12 12.53
N CYS G 2223 47.20 -77.08 11.19
CA CYS G 2223 46.00 -77.44 10.42
C CYS G 2223 45.65 -78.91 10.60
N ARG G 2224 46.64 -79.80 10.58
CA ARG G 2224 46.34 -81.22 10.78
C ARG G 2224 45.79 -81.47 12.17
N PHE G 2225 46.37 -80.83 13.20
CA PHE G 2225 45.87 -81.01 14.56
C PHE G 2225 44.45 -80.50 14.68
N LEU G 2226 44.15 -79.35 14.07
CA LEU G 2226 42.80 -78.80 14.15
C LEU G 2226 41.80 -79.67 13.41
N CYS G 2227 42.18 -80.21 12.25
CA CYS G 2227 41.28 -81.11 11.52
C CYS G 2227 41.01 -82.38 12.31
N TYR G 2228 42.04 -82.94 12.94
CA TYR G 2228 41.82 -84.12 13.79
C TYR G 2228 40.93 -83.78 14.97
N PHE G 2229 41.12 -82.60 15.56
CA PHE G 2229 40.28 -82.17 16.67
C PHE G 2229 38.83 -82.03 16.24
N CYS G 2230 38.60 -81.52 15.03
CA CYS G 2230 37.24 -81.46 14.49
C CYS G 2230 36.67 -82.87 14.32
N ARG G 2231 37.47 -83.77 13.74
CA ARG G 2231 36.99 -85.12 13.47
C ARG G 2231 36.73 -85.93 14.73
N ILE G 2232 37.31 -85.52 15.86
CA ILE G 2232 37.14 -86.27 17.11
C ILE G 2232 35.66 -86.37 17.48
N SER G 2233 34.96 -85.24 17.51
CA SER G 2233 33.58 -85.23 17.99
C SER G 2233 32.84 -84.06 17.34
N ARG G 2234 31.65 -83.76 17.86
CA ARG G 2234 30.77 -82.74 17.31
C ARG G 2234 30.87 -81.40 18.03
N GLN G 2235 30.91 -81.41 19.38
CA GLN G 2235 31.08 -80.16 20.11
C GLN G 2235 32.42 -79.51 19.80
N ASN G 2236 33.46 -80.34 19.58
CA ASN G 2236 34.74 -79.82 19.10
C ASN G 2236 34.55 -79.13 17.76
N GLN G 2237 33.75 -79.73 16.87
CA GLN G 2237 33.46 -79.12 15.59
C GLN G 2237 32.74 -77.80 15.75
N ARG G 2238 31.81 -77.70 16.71
CA ARG G 2238 31.14 -76.44 16.97
C ARG G 2238 32.12 -75.37 17.48
N SER G 2239 33.01 -75.76 18.39
CA SER G 2239 34.00 -74.81 18.90
C SER G 2239 34.90 -74.31 17.78
N MET G 2240 35.28 -75.20 16.87
CA MET G 2240 36.08 -74.79 15.71
C MET G 2240 35.27 -73.91 14.75
N PHE G 2241 33.97 -74.19 14.60
CA PHE G 2241 33.12 -73.39 13.74
C PHE G 2241 32.93 -71.98 14.28
N ASP G 2242 33.01 -71.81 15.60
CA ASP G 2242 32.89 -70.48 16.18
C ASP G 2242 33.97 -69.52 15.69
N HIS G 2243 35.08 -70.04 15.16
CA HIS G 2243 36.15 -69.24 14.60
C HIS G 2243 36.23 -69.38 13.09
N LEU G 2244 35.07 -69.49 12.44
CA LEU G 2244 35.03 -69.72 11.00
C LEU G 2244 35.54 -68.52 10.21
N SER G 2245 35.16 -67.31 10.63
CA SER G 2245 35.44 -66.12 9.82
C SER G 2245 36.94 -65.92 9.62
N TYR G 2246 37.72 -66.09 10.70
CA TYR G 2246 39.16 -65.84 10.61
C TYR G 2246 39.82 -66.79 9.62
N LEU G 2247 39.47 -68.08 9.69
CA LEU G 2247 40.09 -69.08 8.83
C LEU G 2247 39.84 -68.77 7.36
N LEU G 2248 38.60 -68.43 7.01
CA LEU G 2248 38.29 -68.11 5.63
C LEU G 2248 38.97 -66.83 5.17
N GLU G 2249 39.08 -65.84 6.06
CA GLU G 2249 39.77 -64.60 5.70
C GLU G 2249 41.24 -64.86 5.40
N ASN G 2250 41.90 -65.68 6.21
CA ASN G 2250 43.31 -65.98 5.97
C ASN G 2250 43.52 -67.03 4.89
N SER G 2251 42.48 -67.74 4.48
CA SER G 2251 42.59 -68.69 3.38
C SER G 2251 42.85 -67.94 2.07
N GLY G 2252 44.08 -68.03 1.57
CA GLY G 2252 44.45 -67.44 0.31
C GLY G 2252 44.99 -68.48 -0.65
N ILE G 2253 45.29 -68.01 -1.87
CA ILE G 2253 45.80 -68.92 -2.90
C ILE G 2253 47.16 -69.47 -2.50
N GLY G 2254 48.08 -68.58 -2.11
CA GLY G 2254 49.41 -69.03 -1.70
C GLY G 2254 49.37 -69.87 -0.43
N LEU G 2255 48.55 -69.47 0.53
CA LEU G 2255 48.39 -70.28 1.75
C LEU G 2255 47.54 -71.53 1.47
N GLY G 2256 46.61 -71.45 0.52
CA GLY G 2256 45.78 -72.60 0.21
C GLY G 2256 46.47 -73.68 -0.58
N MET G 2257 47.54 -73.34 -1.31
CA MET G 2257 48.30 -74.36 -2.01
C MET G 2257 49.09 -75.27 -1.07
N GLN G 2258 49.14 -74.92 0.22
CA GLN G 2258 49.78 -75.78 1.21
C GLN G 2258 49.01 -77.09 1.35
N GLY G 2259 49.71 -78.12 1.84
CA GLY G 2259 49.08 -79.42 2.01
C GLY G 2259 47.88 -79.37 2.94
N SER G 2260 48.03 -78.69 4.07
CA SER G 2260 46.95 -78.50 5.03
C SER G 2260 46.78 -77.01 5.27
N THR G 2261 45.55 -76.52 5.12
CA THR G 2261 45.26 -75.10 5.08
C THR G 2261 44.13 -74.74 6.02
N PRO G 2262 44.06 -73.46 6.44
CA PRO G 2262 42.88 -73.02 7.20
C PRO G 2262 41.58 -73.22 6.43
N LEU G 2263 41.62 -73.19 5.10
CA LEU G 2263 40.42 -73.55 4.34
C LEU G 2263 40.01 -74.99 4.59
N ASP G 2264 40.99 -75.90 4.65
CA ASP G 2264 40.70 -77.28 5.00
C ASP G 2264 40.18 -77.39 6.43
N VAL G 2265 40.72 -76.59 7.33
CA VAL G 2265 40.22 -76.58 8.72
C VAL G 2265 38.75 -76.16 8.75
N ALA G 2266 38.42 -75.11 8.00
CA ALA G 2266 37.02 -74.66 7.94
C ALA G 2266 36.12 -75.71 7.30
N ALA G 2267 36.61 -76.37 6.25
CA ALA G 2267 35.83 -77.44 5.64
C ALA G 2267 35.56 -78.57 6.61
N ALA G 2268 36.57 -78.94 7.42
CA ALA G 2268 36.36 -79.96 8.43
C ALA G 2268 35.42 -79.49 9.52
N SER G 2269 35.46 -78.20 9.87
CA SER G 2269 34.60 -77.66 10.90
C SER G 2269 33.16 -77.48 10.44
N VAL G 2270 32.92 -77.47 9.13
CA VAL G 2270 31.57 -77.29 8.59
C VAL G 2270 30.99 -78.57 7.99
N ILE G 2271 31.82 -79.59 7.73
CA ILE G 2271 31.36 -80.74 6.96
C ILE G 2271 30.43 -81.62 7.79
N ASP G 2272 29.36 -82.09 7.14
CA ASP G 2272 28.49 -83.14 7.68
C ASP G 2272 27.84 -82.72 9.01
N ASN G 2273 27.46 -81.44 9.10
CA ASN G 2273 26.70 -80.94 10.25
C ASN G 2273 25.59 -80.04 9.72
N ASN G 2274 24.34 -80.52 9.81
CA ASN G 2274 23.21 -79.80 9.22
C ASN G 2274 22.99 -78.45 9.90
N GLU G 2275 23.03 -78.43 11.22
CA GLU G 2275 22.80 -77.17 11.94
C GLU G 2275 23.95 -76.20 11.72
N LEU G 2276 25.19 -76.69 11.67
CA LEU G 2276 26.32 -75.82 11.39
C LEU G 2276 26.22 -75.23 9.99
N ALA G 2277 25.78 -76.04 9.02
CA ALA G 2277 25.59 -75.52 7.66
C ALA G 2277 24.46 -74.50 7.62
N LEU G 2278 23.39 -74.74 8.37
CA LEU G 2278 22.27 -73.79 8.37
C LEU G 2278 22.62 -72.50 9.08
N ALA G 2279 23.55 -72.54 10.03
CA ALA G 2279 23.99 -71.35 10.73
C ALA G 2279 25.03 -70.54 9.97
N LEU G 2280 25.35 -70.96 8.74
CA LEU G 2280 26.33 -70.24 7.93
C LEU G 2280 25.82 -68.86 7.56
N GLN G 2281 26.67 -67.85 7.71
CA GLN G 2281 26.33 -66.49 7.30
C GLN G 2281 26.75 -66.27 5.86
N GLU G 2282 25.97 -65.46 5.14
CA GLU G 2282 26.21 -65.21 3.73
C GLU G 2282 27.49 -64.41 3.49
N GLN G 2283 28.01 -63.73 4.52
CA GLN G 2283 29.25 -62.97 4.34
C GLN G 2283 30.43 -63.89 4.03
N ASP G 2284 30.51 -65.03 4.70
CA ASP G 2284 31.58 -66.00 4.40
C ASP G 2284 31.46 -66.53 2.98
N LEU G 2285 30.22 -66.83 2.55
CA LEU G 2285 30.01 -67.27 1.17
C LEU G 2285 30.43 -66.19 0.18
N GLU G 2286 30.12 -64.93 0.49
CA GLU G 2286 30.57 -63.83 -0.36
C GLU G 2286 32.08 -63.77 -0.42
N LYS G 2287 32.75 -63.96 0.71
CA LYS G 2287 34.21 -63.92 0.73
C LYS G 2287 34.82 -65.02 -0.14
N VAL G 2288 34.32 -66.26 0.01
CA VAL G 2288 34.90 -67.35 -0.76
C VAL G 2288 34.58 -67.19 -2.25
N VAL G 2289 33.38 -66.67 -2.56
CA VAL G 2289 33.05 -66.40 -3.95
C VAL G 2289 33.96 -65.31 -4.52
N SER G 2290 34.31 -64.31 -3.71
CA SER G 2290 35.24 -63.28 -4.16
C SER G 2290 36.62 -63.87 -4.43
N TYR G 2291 37.09 -64.76 -3.56
CA TYR G 2291 38.37 -65.42 -3.80
C TYR G 2291 38.32 -66.24 -5.09
N LEU G 2292 37.22 -66.96 -5.32
CA LEU G 2292 37.06 -67.73 -6.55
C LEU G 2292 37.07 -66.82 -7.77
N ALA G 2293 36.37 -65.68 -7.69
CA ALA G 2293 36.36 -64.73 -8.80
C ALA G 2293 37.75 -64.19 -9.08
N GLY G 2294 38.50 -63.86 -8.03
CA GLY G 2294 39.87 -63.40 -8.23
C GLY G 2294 40.75 -64.45 -8.88
N CYS G 2295 40.65 -65.69 -8.41
CA CYS G 2295 41.46 -66.77 -8.99
C CYS G 2295 41.09 -66.99 -10.46
N GLY G 2296 39.81 -66.92 -10.79
CA GLY G 2296 39.39 -67.02 -12.18
C GLY G 2296 39.75 -65.80 -13.01
N LEU G 2297 40.01 -64.67 -12.36
CA LEU G 2297 40.41 -63.46 -13.10
C LEU G 2297 41.89 -63.48 -13.43
N GLN G 2298 42.76 -63.55 -12.42
CA GLN G 2298 44.19 -63.45 -12.65
C GLN G 2298 44.87 -64.82 -12.60
N SER G 2299 46.07 -64.87 -13.16
CA SER G 2299 46.84 -66.11 -13.27
C SER G 2299 47.44 -66.50 -11.93
N CYS G 2300 48.16 -67.60 -11.91
CA CYS G 2300 48.74 -68.13 -10.69
C CYS G 2300 50.16 -67.61 -10.51
N PRO G 2301 50.44 -66.82 -9.47
CA PRO G 2301 51.75 -66.15 -9.34
C PRO G 2301 52.92 -67.12 -9.22
N MET G 2302 52.89 -68.04 -8.26
CA MET G 2302 54.02 -68.97 -8.12
C MET G 2302 54.08 -69.98 -9.25
N LEU G 2303 52.95 -70.24 -9.93
CA LEU G 2303 53.00 -71.09 -11.11
C LEU G 2303 53.79 -70.41 -12.23
N LEU G 2304 53.47 -69.15 -12.52
CA LEU G 2304 54.24 -68.45 -13.55
C LEU G 2304 55.67 -68.18 -13.10
N ALA G 2305 55.90 -68.10 -11.78
CA ALA G 2305 57.27 -68.00 -11.28
C ALA G 2305 58.05 -69.29 -11.56
N LYS G 2306 57.43 -70.44 -11.30
CA LYS G 2306 58.05 -71.72 -11.65
C LYS G 2306 58.26 -71.84 -13.15
N GLY G 2307 57.40 -71.18 -13.95
CA GLY G 2307 57.56 -71.15 -15.39
C GLY G 2307 56.51 -71.88 -16.18
N TYR G 2308 55.45 -72.38 -15.54
CA TYR G 2308 54.38 -73.02 -16.28
C TYR G 2308 53.68 -71.99 -17.17
N PRO G 2309 53.25 -72.39 -18.37
CA PRO G 2309 52.58 -71.43 -19.25
C PRO G 2309 51.34 -70.83 -18.61
N ASP G 2310 51.14 -69.53 -18.84
CA ASP G 2310 50.05 -68.82 -18.21
C ASP G 2310 48.77 -68.97 -19.02
N ILE G 2311 47.70 -69.43 -18.35
CA ILE G 2311 46.39 -69.52 -18.97
C ILE G 2311 45.60 -68.24 -18.84
N GLY G 2312 46.10 -67.27 -18.06
CA GLY G 2312 45.34 -66.08 -17.74
C GLY G 2312 44.44 -66.21 -16.53
N TRP G 2313 44.40 -67.38 -15.90
CA TRP G 2313 43.54 -67.61 -14.74
C TRP G 2313 44.06 -68.82 -13.97
N ASN G 2314 43.58 -68.96 -12.73
CA ASN G 2314 44.10 -69.93 -11.78
C ASN G 2314 43.04 -70.96 -11.45
N PRO G 2315 43.06 -72.16 -12.07
CA PRO G 2315 42.05 -73.18 -11.76
C PRO G 2315 42.32 -73.95 -10.49
N CYS G 2316 43.60 -74.21 -10.19
CA CYS G 2316 43.93 -75.03 -9.02
C CYS G 2316 43.59 -74.31 -7.73
N GLY G 2317 43.75 -72.98 -7.69
CA GLY G 2317 43.33 -72.24 -6.51
C GLY G 2317 41.83 -72.28 -6.29
N GLY G 2318 41.05 -72.16 -7.37
CA GLY G 2318 39.60 -72.20 -7.24
C GLY G 2318 39.02 -73.57 -7.03
N GLU G 2319 39.79 -74.63 -7.33
CA GLU G 2319 39.32 -75.98 -7.03
C GLU G 2319 39.01 -76.15 -5.55
N ARG G 2320 39.89 -75.63 -4.69
CA ARG G 2320 39.69 -75.71 -3.25
C ARG G 2320 38.43 -74.96 -2.83
N TYR G 2321 38.22 -73.76 -3.38
CA TYR G 2321 37.03 -72.99 -3.05
C TYR G 2321 35.77 -73.71 -3.48
N LEU G 2322 35.79 -74.32 -4.67
CA LEU G 2322 34.64 -75.08 -5.13
C LEU G 2322 34.37 -76.28 -4.23
N ASP G 2323 35.43 -76.95 -3.76
CA ASP G 2323 35.24 -78.04 -2.80
C ASP G 2323 34.59 -77.54 -1.52
N PHE G 2324 35.05 -76.38 -1.02
CA PHE G 2324 34.45 -75.82 0.19
C PHE G 2324 32.98 -75.50 -0.03
N LEU G 2325 32.64 -74.93 -1.20
CA LEU G 2325 31.23 -74.65 -1.49
C LEU G 2325 30.41 -75.93 -1.59
N ARG G 2326 31.00 -76.99 -2.15
CA ARG G 2326 30.29 -78.26 -2.21
C ARG G 2326 30.01 -78.80 -0.81
N PHE G 2327 30.99 -78.71 0.09
CA PHE G 2327 30.75 -79.15 1.46
C PHE G 2327 29.68 -78.28 2.13
N ALA G 2328 29.70 -76.97 1.86
CA ALA G 2328 28.72 -76.07 2.46
C ALA G 2328 27.31 -76.39 1.98
N VAL G 2329 27.15 -76.69 0.69
CA VAL G 2329 25.81 -76.88 0.12
C VAL G 2329 25.29 -78.28 0.42
N PHE G 2330 26.08 -79.31 0.15
CA PHE G 2330 25.63 -80.69 0.23
C PHE G 2330 26.06 -81.29 1.57
N VAL G 2331 25.09 -81.76 2.35
CA VAL G 2331 25.35 -82.47 3.60
C VAL G 2331 24.46 -83.70 3.66
N ASN G 2332 25.03 -84.84 4.05
CA ASN G 2332 24.30 -86.08 4.25
C ASN G 2332 23.50 -86.50 3.01
N GLY G 2333 24.02 -86.18 1.82
CA GLY G 2333 23.34 -86.57 0.61
C GLY G 2333 22.11 -85.77 0.26
N GLU G 2334 21.87 -84.66 0.97
CA GLU G 2334 20.71 -83.81 0.71
C GLU G 2334 21.17 -82.37 0.54
N SER G 2335 20.59 -81.69 -0.44
CA SER G 2335 20.94 -80.30 -0.73
C SER G 2335 20.28 -79.38 0.29
N VAL G 2336 21.08 -78.48 0.85
CA VAL G 2336 20.56 -77.43 1.74
C VAL G 2336 19.98 -76.33 0.85
N GLU G 2337 18.68 -76.09 0.99
CA GLU G 2337 17.99 -75.17 0.08
C GLU G 2337 18.50 -73.74 0.25
N GLU G 2338 18.61 -73.26 1.48
CA GLU G 2338 19.02 -71.88 1.71
C GLU G 2338 20.44 -71.64 1.22
N ASN G 2339 21.38 -72.51 1.62
CA ASN G 2339 22.76 -72.35 1.20
C ASN G 2339 22.90 -72.48 -0.31
N ALA G 2340 22.18 -73.43 -0.91
CA ALA G 2340 22.24 -73.59 -2.36
C ALA G 2340 21.74 -72.35 -3.08
N ASN G 2341 20.63 -71.77 -2.61
CA ASN G 2341 20.10 -70.56 -3.23
C ASN G 2341 21.10 -69.41 -3.10
N VAL G 2342 21.66 -69.22 -1.90
CA VAL G 2342 22.61 -68.12 -1.73
C VAL G 2342 23.82 -68.31 -2.64
N VAL G 2343 24.35 -69.53 -2.71
CA VAL G 2343 25.53 -69.80 -3.52
C VAL G 2343 25.23 -69.54 -4.99
N VAL G 2344 24.09 -70.03 -5.48
CA VAL G 2344 23.81 -69.87 -6.91
C VAL G 2344 23.57 -68.41 -7.26
N ARG G 2345 22.91 -67.67 -6.37
CA ARG G 2345 22.73 -66.23 -6.63
C ARG G 2345 24.06 -65.50 -6.64
N LEU G 2346 24.98 -65.83 -5.72
CA LEU G 2346 26.29 -65.19 -5.77
C LEU G 2346 27.05 -65.54 -7.04
N LEU G 2347 26.98 -66.81 -7.47
CA LEU G 2347 27.69 -67.21 -8.68
C LEU G 2347 27.14 -66.50 -9.92
N ILE G 2348 25.81 -66.40 -10.03
CA ILE G 2348 25.26 -65.71 -11.19
C ILE G 2348 25.52 -64.21 -11.08
N ARG G 2349 25.60 -63.68 -9.86
CA ARG G 2349 25.89 -62.27 -9.67
C ARG G 2349 27.29 -61.93 -10.14
N LYS G 2350 28.26 -62.82 -9.89
CA LYS G 2350 29.62 -62.65 -10.36
C LYS G 2350 29.90 -63.62 -11.50
N PRO G 2351 29.70 -63.21 -12.75
CA PRO G 2351 29.85 -64.13 -13.88
C PRO G 2351 31.29 -64.44 -14.27
N GLU G 2352 32.27 -63.96 -13.52
CA GLU G 2352 33.67 -64.22 -13.81
C GLU G 2352 34.21 -65.46 -13.12
N CYS G 2353 33.34 -66.22 -12.45
CA CYS G 2353 33.75 -67.41 -11.71
C CYS G 2353 33.78 -68.67 -12.58
N PHE G 2354 33.50 -68.55 -13.88
CA PHE G 2354 33.45 -69.71 -14.77
C PHE G 2354 34.66 -69.83 -15.69
N GLY G 2355 35.51 -68.81 -15.76
CA GLY G 2355 36.67 -68.86 -16.61
C GLY G 2355 36.32 -68.72 -18.08
N PRO G 2356 37.16 -69.28 -18.96
CA PRO G 2356 36.89 -69.17 -20.40
C PRO G 2356 35.57 -69.81 -20.82
N ALA G 2357 35.36 -71.08 -20.48
CA ALA G 2357 34.10 -71.73 -20.79
C ALA G 2357 33.02 -71.27 -19.83
N LEU G 2358 31.77 -71.39 -20.27
CA LEU G 2358 30.60 -70.98 -19.50
C LEU G 2358 30.67 -69.50 -19.12
N ARG G 2359 31.28 -68.69 -19.98
CA ARG G 2359 31.52 -67.28 -19.69
C ARG G 2359 30.50 -66.42 -20.43
N GLY G 2360 30.08 -65.33 -19.78
CA GLY G 2360 29.17 -64.40 -20.43
C GLY G 2360 29.78 -63.75 -21.66
N GLU G 2361 31.05 -63.39 -21.58
CA GLU G 2361 31.73 -62.75 -22.70
C GLU G 2361 32.41 -63.78 -23.62
N GLY G 2362 33.15 -64.72 -23.06
CA GLY G 2362 33.83 -65.72 -23.87
C GLY G 2362 32.86 -66.63 -24.61
N GLY G 2363 31.86 -67.14 -23.90
CA GLY G 2363 30.89 -68.03 -24.49
C GLY G 2363 31.47 -69.30 -25.06
N SER G 2364 32.56 -69.78 -24.49
CA SER G 2364 33.22 -70.98 -24.98
C SER G 2364 32.46 -72.23 -24.55
N GLY G 2365 32.21 -73.13 -25.49
CA GLY G 2365 31.54 -74.37 -25.15
C GLY G 2365 32.38 -75.24 -24.24
N LEU G 2366 31.72 -75.92 -23.30
CA LEU G 2366 32.42 -76.78 -22.37
C LEU G 2366 33.10 -77.94 -23.08
N LEU G 2367 32.43 -78.51 -24.09
CA LEU G 2367 33.03 -79.60 -24.85
C LEU G 2367 34.28 -79.16 -25.59
N ALA G 2368 34.22 -77.98 -26.22
CA ALA G 2368 35.39 -77.44 -26.91
C ALA G 2368 36.52 -77.17 -25.93
N ALA G 2369 36.18 -76.62 -24.75
CA ALA G 2369 37.21 -76.35 -23.74
C ALA G 2369 37.85 -77.65 -23.25
N ILE G 2370 37.05 -78.70 -23.04
CA ILE G 2370 37.61 -79.97 -22.59
C ILE G 2370 38.52 -80.57 -23.64
N GLU G 2371 38.12 -80.55 -24.92
CA GLU G 2371 39.00 -81.08 -25.97
C GLU G 2371 40.26 -80.23 -26.10
N GLU G 2372 40.14 -78.92 -25.96
CA GLU G 2372 41.32 -78.06 -25.99
C GLU G 2372 42.28 -78.43 -24.86
N ALA G 2373 41.74 -78.68 -23.66
CA ALA G 2373 42.59 -79.10 -22.55
C ALA G 2373 43.19 -80.48 -22.79
N ILE G 2374 42.46 -81.37 -23.46
CA ILE G 2374 43.02 -82.67 -23.83
C ILE G 2374 44.25 -82.48 -24.70
N ARG G 2375 44.14 -81.64 -25.74
CA ARG G 2375 45.29 -81.43 -26.61
C ARG G 2375 46.42 -80.69 -25.90
N ILE G 2376 46.08 -79.80 -24.97
CA ILE G 2376 47.09 -79.10 -24.17
C ILE G 2376 47.88 -80.09 -23.33
N SER G 2377 47.19 -81.04 -22.70
CA SER G 2377 47.89 -82.10 -21.98
C SER G 2377 48.66 -83.00 -22.92
N GLU G 2378 48.17 -83.17 -24.15
CA GLU G 2378 48.83 -84.02 -25.12
C GLU G 2378 50.20 -83.48 -25.51
N ASP G 2379 50.28 -82.18 -25.85
CA ASP G 2379 51.53 -81.63 -26.33
C ASP G 2379 52.37 -81.12 -25.17
N PRO G 2380 53.59 -81.63 -24.95
CA PRO G 2380 54.41 -81.14 -23.84
C PRO G 2380 54.78 -79.67 -23.95
N ALA G 2381 54.70 -79.08 -25.15
CA ALA G 2381 55.09 -77.68 -25.32
C ALA G 2381 54.23 -76.76 -24.46
N ARG G 2382 52.92 -77.00 -24.43
CA ARG G 2382 52.04 -76.23 -23.56
C ARG G 2382 51.91 -76.85 -22.17
N ASP G 2383 52.05 -78.17 -22.06
CA ASP G 2383 51.95 -78.82 -20.76
C ASP G 2383 53.18 -78.54 -19.91
N GLY G 2384 54.38 -78.63 -20.50
CA GLY G 2384 55.61 -78.43 -19.77
C GLY G 2384 55.85 -76.97 -19.44
N PRO G 2385 56.55 -76.71 -18.33
CA PRO G 2385 56.87 -75.35 -17.90
C PRO G 2385 57.89 -74.67 -18.80
N ASN G 2404 55.85 -83.32 -15.54
CA ASN G 2404 55.48 -82.04 -14.97
C ASN G 2404 54.76 -82.23 -13.63
N ARG G 2405 55.20 -81.49 -12.61
CA ARG G 2405 54.56 -81.59 -11.30
C ARG G 2405 53.13 -81.09 -11.35
N VAL G 2406 52.88 -80.00 -12.07
CA VAL G 2406 51.56 -79.41 -12.22
C VAL G 2406 51.18 -79.43 -13.69
N HIS G 2407 50.04 -80.03 -14.01
CA HIS G 2407 49.54 -80.12 -15.37
C HIS G 2407 48.34 -79.19 -15.50
N LEU G 2408 48.51 -78.10 -16.25
CA LEU G 2408 47.41 -77.18 -16.49
C LEU G 2408 46.27 -77.85 -17.25
N GLY G 2409 46.61 -78.79 -18.14
CA GLY G 2409 45.56 -79.51 -18.85
C GLY G 2409 44.64 -80.28 -17.91
N HIS G 2410 45.23 -80.92 -16.89
CA HIS G 2410 44.41 -81.61 -15.89
C HIS G 2410 43.74 -80.63 -14.95
N ALA G 2411 44.37 -79.48 -14.69
CA ALA G 2411 43.76 -78.47 -13.83
C ALA G 2411 42.48 -77.93 -14.44
N ILE G 2412 42.47 -77.74 -15.76
CA ILE G 2412 41.25 -77.30 -16.46
C ILE G 2412 40.12 -78.28 -16.21
N MET G 2413 40.39 -79.57 -16.42
CA MET G 2413 39.38 -80.60 -16.20
C MET G 2413 38.91 -80.60 -14.77
N SER G 2414 39.84 -80.50 -13.81
CA SER G 2414 39.45 -80.53 -12.40
C SER G 2414 38.57 -79.35 -12.05
N PHE G 2415 38.91 -78.15 -12.53
CA PHE G 2415 38.12 -76.97 -12.22
C PHE G 2415 36.71 -77.09 -12.79
N TYR G 2416 36.60 -77.47 -14.08
CA TYR G 2416 35.27 -77.58 -14.66
C TYR G 2416 34.46 -78.69 -14.01
N ALA G 2417 35.10 -79.82 -13.66
CA ALA G 2417 34.38 -80.89 -12.99
C ALA G 2417 33.87 -80.44 -11.63
N ALA G 2418 34.69 -79.70 -10.87
CA ALA G 2418 34.25 -79.21 -9.58
C ALA G 2418 33.09 -78.24 -9.72
N LEU G 2419 33.17 -77.34 -10.71
CA LEU G 2419 32.08 -76.40 -10.94
C LEU G 2419 30.78 -77.12 -11.29
N ILE G 2420 30.87 -78.10 -12.20
CA ILE G 2420 29.68 -78.84 -12.61
C ILE G 2420 29.10 -79.63 -11.45
N ASP G 2421 29.97 -80.25 -10.64
CA ASP G 2421 29.49 -81.00 -9.48
C ASP G 2421 28.80 -80.10 -8.47
N LEU G 2422 29.38 -78.92 -8.21
CA LEU G 2422 28.77 -77.98 -7.27
C LEU G 2422 27.40 -77.53 -7.77
N LEU G 2423 27.31 -77.16 -9.06
CA LEU G 2423 26.02 -76.76 -9.61
C LEU G 2423 25.02 -77.92 -9.58
N GLY G 2424 25.50 -79.15 -9.74
CA GLY G 2424 24.60 -80.29 -9.67
C GLY G 2424 24.05 -80.51 -8.27
N ARG G 2425 24.90 -80.42 -7.25
CA ARG G 2425 24.40 -80.60 -5.89
C ARG G 2425 23.64 -79.38 -5.38
N CYS G 2426 23.75 -78.24 -6.05
CA CYS G 2426 22.91 -77.09 -5.72
C CYS G 2426 21.49 -77.22 -6.24
N ALA G 2427 21.20 -78.25 -7.04
CA ALA G 2427 19.88 -78.40 -7.63
C ALA G 2427 18.83 -78.69 -6.56
N PRO G 2428 17.61 -78.18 -6.73
CA PRO G 2428 16.54 -78.43 -5.75
C PRO G 2428 16.12 -79.89 -5.73
N GLU G 2429 15.49 -80.27 -4.62
CA GLU G 2429 15.05 -81.65 -4.43
C GLU G 2429 13.81 -81.96 -5.27
N MET G 2430 13.69 -83.24 -5.62
CA MET G 2430 12.59 -83.67 -6.49
C MET G 2430 11.24 -83.50 -5.81
N HIS G 2431 11.17 -83.73 -4.51
CA HIS G 2431 9.89 -83.55 -3.82
C HIS G 2431 9.45 -82.09 -3.83
N LEU G 2432 10.40 -81.16 -3.63
CA LEU G 2432 10.06 -79.74 -3.73
C LEU G 2432 9.66 -79.37 -5.15
N ILE G 2433 10.36 -79.92 -6.15
CA ILE G 2433 10.00 -79.64 -7.54
C ILE G 2433 8.59 -80.12 -7.84
N GLN G 2434 8.25 -81.32 -7.37
CA GLN G 2434 6.89 -81.84 -7.59
C GLN G 2434 5.86 -80.99 -6.85
N ALA G 2435 6.17 -80.56 -5.62
CA ALA G 2435 5.26 -79.69 -4.90
C ALA G 2435 5.04 -78.37 -5.64
N GLY G 2436 6.08 -77.88 -6.33
CA GLY G 2436 5.93 -76.70 -7.17
C GLY G 2436 6.35 -75.41 -6.52
N LYS G 2437 7.46 -75.45 -5.76
CA LYS G 2437 7.98 -74.24 -5.15
C LYS G 2437 8.54 -73.32 -6.22
N GLY G 2438 8.13 -72.05 -6.18
CA GLY G 2438 8.58 -71.11 -7.18
C GLY G 2438 10.08 -70.92 -7.19
N GLU G 2439 10.68 -70.80 -6.00
CA GLU G 2439 12.13 -70.64 -5.91
C GLU G 2439 12.86 -71.85 -6.45
N ALA G 2440 12.37 -73.05 -6.13
CA ALA G 2440 13.00 -74.27 -6.63
C ALA G 2440 12.91 -74.35 -8.15
N LEU G 2441 11.74 -74.03 -8.71
CA LEU G 2441 11.59 -74.02 -10.16
C LEU G 2441 12.52 -73.00 -10.80
N ARG G 2442 12.64 -71.81 -10.20
CA ARG G 2442 13.53 -70.80 -10.73
C ARG G 2442 14.98 -71.26 -10.72
N ILE G 2443 15.40 -71.89 -9.62
CA ILE G 2443 16.79 -72.35 -9.52
C ILE G 2443 17.05 -73.44 -10.57
N ARG G 2444 16.12 -74.38 -10.73
CA ARG G 2444 16.30 -75.42 -11.72
C ARG G 2444 16.37 -74.84 -13.13
N ALA G 2445 15.50 -73.86 -13.43
CA ALA G 2445 15.51 -73.23 -14.73
C ALA G 2445 16.83 -72.49 -14.98
N ILE G 2446 17.33 -71.80 -13.95
CA ILE G 2446 18.61 -71.11 -14.10
C ILE G 2446 19.74 -72.08 -14.37
N LEU G 2447 19.77 -73.21 -13.63
CA LEU G 2447 20.81 -74.20 -13.86
C LEU G 2447 20.74 -74.79 -15.27
N ARG G 2448 19.52 -75.08 -15.73
CA ARG G 2448 19.35 -75.56 -17.10
C ARG G 2448 19.82 -74.52 -18.11
N SER G 2449 19.55 -73.24 -17.84
CA SER G 2449 19.99 -72.18 -18.74
C SER G 2449 21.51 -72.10 -18.79
N LEU G 2450 22.17 -72.19 -17.63
CA LEU G 2450 23.64 -72.10 -17.61
C LEU G 2450 24.27 -73.28 -18.33
N VAL G 2451 23.87 -74.49 -17.98
CA VAL G 2451 24.55 -75.69 -18.48
C VAL G 2451 23.62 -76.38 -19.47
N PRO G 2452 23.91 -76.35 -20.76
CA PRO G 2452 23.10 -77.11 -21.73
C PRO G 2452 23.31 -78.60 -21.56
N LEU G 2453 22.29 -79.37 -21.94
CA LEU G 2453 22.34 -80.82 -21.82
C LEU G 2453 23.22 -81.46 -22.89
N ASP G 2454 23.20 -80.89 -24.10
CA ASP G 2454 23.97 -81.47 -25.20
C ASP G 2454 25.46 -81.46 -24.92
N ASP G 2455 25.96 -80.36 -24.35
CA ASP G 2455 27.39 -80.28 -24.03
C ASP G 2455 27.77 -81.32 -22.97
N LEU G 2456 26.91 -81.49 -21.96
CA LEU G 2456 27.15 -82.48 -20.93
C LEU G 2456 27.22 -83.88 -21.51
N VAL G 2457 26.22 -84.27 -22.30
CA VAL G 2457 26.22 -85.62 -22.85
C VAL G 2457 27.38 -85.80 -23.83
N GLY G 2458 27.78 -84.72 -24.52
CA GLY G 2458 28.94 -84.82 -25.38
C GLY G 2458 30.22 -85.13 -24.63
N ILE G 2459 30.46 -84.42 -23.52
CA ILE G 2459 31.70 -84.72 -22.79
C ILE G 2459 31.59 -86.10 -22.13
N ILE G 2460 30.39 -86.49 -21.71
CA ILE G 2460 30.21 -87.85 -21.19
C ILE G 2460 30.58 -88.87 -22.26
N SER G 2461 30.21 -88.61 -23.51
CA SER G 2461 30.54 -89.51 -24.62
C SER G 2461 31.97 -89.33 -25.12
N LEU G 2462 32.71 -88.35 -24.60
CA LEU G 2462 34.10 -88.19 -25.00
C LEU G 2462 34.89 -89.45 -24.67
N PRO G 2463 35.85 -89.83 -25.52
CA PRO G 2463 36.55 -91.11 -25.31
C PRO G 2463 37.50 -91.06 -24.12
N LEU G 2464 37.90 -92.26 -23.71
CA LEU G 2464 38.87 -92.44 -22.63
C LEU G 2464 39.97 -93.39 -23.09
N GLN G 2465 41.20 -93.13 -22.61
CA GLN G 2465 42.34 -93.93 -23.01
C GLN G 2465 42.31 -95.24 -22.24
N ILE G 2466 42.49 -96.35 -22.94
CA ILE G 2466 42.38 -97.69 -22.36
C ILE G 2466 43.78 -98.30 -22.31
N PRO G 2467 44.20 -98.86 -21.18
CA PRO G 2467 45.56 -99.41 -21.08
C PRO G 2467 45.78 -100.52 -22.08
N THR G 2468 47.00 -100.56 -22.63
CA THR G 2468 47.38 -101.59 -23.58
C THR G 2468 48.89 -101.82 -23.47
N LEU G 2469 49.29 -103.09 -23.49
CA LEU G 2469 50.70 -103.46 -23.44
C LEU G 2469 51.31 -103.37 -24.84
N GLY G 2470 51.32 -102.15 -25.37
CA GLY G 2470 51.87 -101.92 -26.70
C GLY G 2470 53.35 -102.30 -26.77
N LYS G 2471 54.12 -101.89 -25.79
CA LYS G 2471 55.50 -102.35 -25.68
C LYS G 2471 55.55 -103.82 -25.29
N ASP G 2472 56.55 -104.53 -25.80
CA ASP G 2472 56.68 -105.95 -25.54
C ASP G 2472 56.92 -106.22 -24.06
N GLY G 2473 55.94 -106.81 -23.39
CA GLY G 2473 56.07 -107.14 -21.98
C GLY G 2473 55.95 -105.96 -21.04
N ALA G 2474 55.59 -104.78 -21.54
CA ALA G 2474 55.45 -103.58 -20.72
C ALA G 2474 54.02 -103.07 -20.87
N LEU G 2475 53.34 -102.88 -19.74
CA LEU G 2475 51.96 -102.45 -19.72
C LEU G 2475 51.92 -100.92 -19.69
N VAL G 2476 51.50 -100.33 -20.81
CA VAL G 2476 51.44 -98.87 -20.93
C VAL G 2476 50.10 -98.38 -20.41
N GLN G 2477 50.12 -97.37 -19.57
CA GLN G 2477 48.94 -96.80 -18.95
C GLN G 2477 48.90 -95.30 -19.18
N PRO G 2478 47.72 -94.70 -19.12
CA PRO G 2478 47.64 -93.23 -19.22
C PRO G 2478 48.32 -92.56 -18.03
N LYS G 2479 48.80 -91.34 -18.27
CA LYS G 2479 49.51 -90.59 -17.24
C LYS G 2479 48.48 -89.98 -16.28
N MET G 2480 48.40 -90.51 -15.07
CA MET G 2480 47.45 -90.02 -14.09
C MET G 2480 47.84 -88.61 -13.63
N SER G 2481 46.83 -87.87 -13.17
CA SER G 2481 46.94 -86.47 -12.76
C SER G 2481 47.33 -85.56 -13.91
N ALA G 2482 47.30 -86.05 -15.15
CA ALA G 2482 47.59 -85.23 -16.32
C ALA G 2482 46.61 -85.43 -17.46
N SER G 2483 45.74 -86.44 -17.42
CA SER G 2483 44.79 -86.72 -18.49
C SER G 2483 43.39 -86.82 -17.90
N PHE G 2484 42.40 -86.95 -18.79
CA PHE G 2484 41.02 -87.04 -18.37
C PHE G 2484 40.77 -88.34 -17.62
N VAL G 2485 40.01 -88.24 -16.53
CA VAL G 2485 39.73 -89.40 -15.68
C VAL G 2485 38.21 -89.50 -15.49
N PRO G 2486 37.71 -90.70 -15.20
CA PRO G 2486 36.25 -90.89 -15.10
C PRO G 2486 35.59 -90.14 -13.95
N ASP G 2487 36.36 -89.57 -13.02
CA ASP G 2487 35.75 -88.77 -11.96
C ASP G 2487 35.04 -87.55 -12.54
N HIS G 2488 35.61 -86.96 -13.58
CA HIS G 2488 34.97 -85.83 -14.24
C HIS G 2488 33.61 -86.25 -14.81
N LYS G 2489 33.58 -87.41 -15.48
CA LYS G 2489 32.33 -87.93 -16.02
C LYS G 2489 31.33 -88.22 -14.93
N ALA G 2490 31.81 -88.72 -13.78
CA ALA G 2490 30.92 -88.97 -12.65
C ALA G 2490 30.28 -87.69 -12.15
N SER G 2491 31.07 -86.62 -12.02
CA SER G 2491 30.50 -85.34 -11.58
C SER G 2491 29.48 -84.81 -12.59
N MET G 2492 29.80 -84.90 -13.89
CA MET G 2492 28.87 -84.40 -14.90
C MET G 2492 27.60 -85.22 -14.96
N VAL G 2493 27.68 -86.54 -14.77
CA VAL G 2493 26.47 -87.33 -14.81
C VAL G 2493 25.66 -87.12 -13.52
N LEU G 2494 26.34 -86.77 -12.43
CA LEU G 2494 25.61 -86.31 -11.25
C LEU G 2494 24.81 -85.06 -11.57
N PHE G 2495 25.42 -84.11 -12.28
CA PHE G 2495 24.67 -82.95 -12.77
C PHE G 2495 23.50 -83.36 -13.64
N LEU G 2496 23.75 -84.29 -14.57
CA LEU G 2496 22.70 -84.73 -15.50
C LEU G 2496 21.52 -85.33 -14.76
N ASP G 2497 21.78 -86.15 -13.75
CA ASP G 2497 20.70 -86.76 -12.98
C ASP G 2497 19.99 -85.73 -12.12
N ARG G 2498 20.74 -84.81 -11.49
CA ARG G 2498 20.12 -83.88 -10.56
C ARG G 2498 19.28 -82.82 -11.26
N VAL G 2499 19.80 -82.23 -12.35
CA VAL G 2499 19.15 -81.09 -12.97
C VAL G 2499 18.23 -81.54 -14.09
N TYR G 2500 18.78 -82.18 -15.12
CA TYR G 2500 17.98 -82.55 -16.27
C TYR G 2500 17.25 -83.87 -16.04
N GLY G 2501 18.00 -84.94 -15.80
CA GLY G 2501 17.40 -86.24 -15.56
C GLY G 2501 17.04 -86.96 -16.85
N ILE G 2502 16.56 -88.19 -16.67
CA ILE G 2502 16.13 -89.05 -17.76
C ILE G 2502 14.61 -89.15 -17.72
N GLU G 2503 13.96 -88.79 -18.83
CA GLU G 2503 12.50 -88.75 -18.87
C GLU G 2503 11.89 -89.63 -19.95
N ASN G 2504 12.57 -89.81 -21.08
CA ASN G 2504 12.04 -90.64 -22.14
C ASN G 2504 12.99 -91.78 -22.48
N GLN G 2505 12.43 -92.94 -22.82
CA GLN G 2505 13.26 -94.09 -23.14
C GLN G 2505 14.21 -93.77 -24.27
N ASP G 2506 13.70 -93.12 -25.31
CA ASP G 2506 14.55 -92.71 -26.41
C ASP G 2506 15.80 -92.08 -25.84
N PHE G 2507 15.62 -91.02 -25.07
CA PHE G 2507 16.77 -90.34 -24.45
C PHE G 2507 17.61 -91.32 -23.64
N LEU G 2508 16.96 -92.22 -22.92
CA LEU G 2508 17.69 -93.21 -22.13
C LEU G 2508 18.58 -94.03 -23.03
N LEU G 2509 17.99 -94.64 -24.04
CA LEU G 2509 18.75 -95.50 -24.94
C LEU G 2509 19.89 -94.73 -25.55
N HIS G 2510 19.62 -93.52 -26.01
CA HIS G 2510 20.67 -92.68 -26.58
C HIS G 2510 21.82 -92.57 -25.61
N VAL G 2511 21.54 -92.05 -24.41
CA VAL G 2511 22.59 -91.87 -23.41
C VAL G 2511 23.32 -93.18 -23.16
N LEU G 2512 22.60 -94.30 -23.19
CA LEU G 2512 23.25 -95.61 -23.07
C LEU G 2512 24.27 -95.82 -24.18
N ASP G 2513 23.87 -95.53 -25.42
CA ASP G 2513 24.77 -95.76 -26.55
C ASP G 2513 25.92 -94.76 -26.55
N VAL G 2514 25.71 -93.55 -26.04
CA VAL G 2514 26.72 -92.51 -26.06
C VAL G 2514 27.49 -92.57 -24.74
N GLY G 2515 28.69 -93.12 -24.78
CA GLY G 2515 29.58 -93.10 -23.62
C GLY G 2515 29.41 -94.16 -22.55
N PHE G 2516 28.20 -94.34 -22.04
CA PHE G 2516 27.96 -95.29 -20.95
C PHE G 2516 28.33 -96.71 -21.38
N LEU G 2517 27.65 -97.22 -22.40
CA LEU G 2517 27.92 -98.58 -22.86
C LEU G 2517 29.35 -98.77 -23.35
N PRO G 2518 29.95 -97.86 -24.13
CA PRO G 2518 31.37 -98.05 -24.49
C PRO G 2518 32.30 -98.13 -23.29
N ASP G 2519 32.08 -97.29 -22.26
CA ASP G 2519 32.94 -97.34 -21.09
C ASP G 2519 32.75 -98.63 -20.30
N MET G 2520 31.53 -99.16 -20.25
CA MET G 2520 31.34 -100.41 -19.52
C MET G 2520 31.80 -101.63 -20.35
N ARG G 2521 31.74 -101.56 -21.68
CA ARG G 2521 32.57 -102.44 -22.51
C ARG G 2521 34.03 -102.39 -22.10
N ALA G 2522 34.58 -101.18 -21.95
CA ALA G 2522 35.98 -101.05 -21.60
C ALA G 2522 36.30 -101.68 -20.26
N ALA G 2523 35.41 -101.48 -19.27
CA ALA G 2523 35.62 -102.09 -17.96
C ALA G 2523 35.53 -103.61 -18.02
N ALA G 2524 34.55 -104.13 -18.76
CA ALA G 2524 34.43 -105.58 -18.90
C ALA G 2524 35.63 -106.17 -19.62
N SER G 2525 36.26 -105.40 -20.50
CA SER G 2525 37.48 -105.86 -21.16
C SER G 2525 38.67 -105.82 -20.21
N LEU G 2526 38.79 -104.75 -19.43
CA LEU G 2526 39.87 -104.62 -18.45
C LEU G 2526 39.71 -105.58 -17.28
N ASP G 2527 38.56 -106.23 -17.15
CA ASP G 2527 38.31 -107.27 -16.14
C ASP G 2527 39.45 -108.27 -16.02
N THR G 2528 40.19 -108.48 -17.12
CA THR G 2528 41.28 -109.46 -17.12
C THR G 2528 42.25 -109.21 -15.96
N ALA G 2529 42.73 -110.31 -15.37
CA ALA G 2529 43.52 -110.22 -14.15
C ALA G 2529 44.80 -109.42 -14.36
N THR G 2530 45.34 -109.41 -15.58
CA THR G 2530 46.53 -108.62 -15.86
C THR G 2530 46.26 -107.13 -15.69
N PHE G 2531 45.10 -106.66 -16.16
CA PHE G 2531 44.73 -105.26 -16.05
C PHE G 2531 43.77 -104.98 -14.90
N SER G 2532 43.46 -106.00 -14.08
CA SER G 2532 42.49 -105.81 -13.01
C SER G 2532 43.02 -104.86 -11.93
N THR G 2533 44.31 -104.91 -11.65
CA THR G 2533 44.89 -104.10 -10.59
C THR G 2533 45.28 -102.70 -11.04
N THR G 2534 45.00 -102.34 -12.29
CA THR G 2534 45.37 -101.02 -12.80
C THR G 2534 44.60 -99.92 -12.07
N GLU G 2535 45.32 -98.86 -11.71
CA GLU G 2535 44.73 -97.78 -10.91
C GLU G 2535 43.52 -97.18 -11.60
N MET G 2536 43.65 -96.84 -12.88
CA MET G 2536 42.49 -96.26 -13.56
C MET G 2536 41.45 -97.32 -13.91
N ALA G 2537 41.81 -98.61 -13.87
CA ALA G 2537 40.79 -99.65 -13.97
C ALA G 2537 39.89 -99.65 -12.74
N LEU G 2538 40.48 -99.58 -11.54
CA LEU G 2538 39.66 -99.39 -10.35
C LEU G 2538 38.93 -98.05 -10.38
N ALA G 2539 39.53 -97.03 -11.01
CA ALA G 2539 38.84 -95.76 -11.17
C ALA G 2539 37.57 -95.91 -12.01
N LEU G 2540 37.68 -96.65 -13.12
CA LEU G 2540 36.51 -96.93 -13.95
C LEU G 2540 35.47 -97.74 -13.17
N ASN G 2541 35.93 -98.72 -12.39
CA ASN G 2541 35.00 -99.52 -11.59
C ASN G 2541 34.22 -98.64 -10.62
N ARG G 2542 34.93 -97.76 -9.90
CA ARG G 2542 34.25 -96.86 -8.96
C ARG G 2542 33.32 -95.91 -9.68
N TYR G 2543 33.76 -95.35 -10.82
CA TYR G 2543 32.93 -94.44 -11.59
C TYR G 2543 31.62 -95.13 -11.98
N LEU G 2544 31.71 -96.32 -12.57
CA LEU G 2544 30.51 -97.06 -12.93
C LEU G 2544 29.63 -97.30 -11.71
N CYS G 2545 30.15 -98.03 -10.73
CA CYS G 2545 29.33 -98.48 -9.60
C CYS G 2545 28.78 -97.32 -8.77
N LEU G 2546 29.34 -96.12 -8.90
CA LEU G 2546 28.86 -94.99 -8.11
C LEU G 2546 28.00 -94.01 -8.89
N ALA G 2547 28.12 -93.96 -10.21
CA ALA G 2547 27.38 -92.99 -11.01
C ALA G 2547 26.47 -93.62 -12.04
N VAL G 2548 26.95 -94.60 -12.79
CA VAL G 2548 26.21 -95.10 -13.95
C VAL G 2548 25.23 -96.19 -13.56
N LEU G 2549 25.69 -97.17 -12.79
CA LEU G 2549 24.82 -98.29 -12.41
C LEU G 2549 23.60 -97.84 -11.61
N PRO G 2550 23.72 -96.99 -10.58
CA PRO G 2550 22.51 -96.54 -9.86
C PRO G 2550 21.50 -95.86 -10.76
N LEU G 2551 21.96 -95.08 -11.75
CA LEU G 2551 21.04 -94.46 -12.69
C LEU G 2551 20.29 -95.52 -13.50
N ILE G 2552 20.99 -96.58 -13.89
CA ILE G 2552 20.34 -97.67 -14.63
C ILE G 2552 19.30 -98.35 -13.76
N THR G 2553 19.62 -98.58 -12.47
CA THR G 2553 18.63 -99.15 -11.57
C THR G 2553 17.42 -98.24 -11.42
N LYS G 2554 17.65 -96.94 -11.33
CA LYS G 2554 16.54 -96.00 -11.19
C LYS G 2554 15.66 -95.99 -12.42
N CYS G 2555 16.26 -96.04 -13.61
CA CYS G 2555 15.51 -96.04 -14.86
C CYS G 2555 15.05 -97.42 -15.29
N ALA G 2556 15.33 -98.46 -14.49
CA ALA G 2556 14.91 -99.80 -14.85
C ALA G 2556 13.40 -99.94 -15.09
N PRO G 2557 12.51 -99.34 -14.29
CA PRO G 2557 11.08 -99.45 -14.63
C PRO G 2557 10.74 -98.93 -16.02
N LEU G 2558 11.47 -97.92 -16.47
CA LEU G 2558 11.26 -97.39 -17.81
C LEU G 2558 11.97 -98.24 -18.85
N PHE G 2559 12.92 -99.06 -18.40
CA PHE G 2559 13.65 -99.92 -19.32
C PHE G 2559 12.73 -100.93 -19.99
N ALA G 2560 11.48 -100.98 -19.55
CA ALA G 2560 10.52 -101.92 -20.12
C ALA G 2560 10.35 -101.73 -21.61
N GLY G 2561 9.83 -102.74 -22.29
CA GLY G 2561 9.67 -102.66 -23.73
C GLY G 2561 11.03 -102.60 -24.39
N THR G 2562 11.27 -101.56 -25.19
CA THR G 2562 12.58 -101.41 -25.82
C THR G 2562 12.88 -102.59 -26.73
N GLU G 2563 11.83 -103.27 -27.18
CA GLU G 2563 12.02 -104.41 -28.06
C GLU G 2563 12.73 -103.95 -29.31
N HIS G 2564 12.37 -102.77 -29.80
CA HIS G 2564 13.01 -102.23 -30.98
C HIS G 2564 14.50 -102.07 -30.76
N ARG G 2565 14.87 -101.62 -29.57
CA ARG G 2565 16.28 -101.39 -29.29
C ARG G 2565 16.87 -102.56 -28.50
N ALA G 2566 16.21 -103.70 -28.56
CA ALA G 2566 16.68 -104.87 -27.81
C ALA G 2566 18.11 -105.23 -28.18
N ILE G 2567 18.52 -104.88 -29.39
CA ILE G 2567 19.87 -105.20 -29.84
C ILE G 2567 20.91 -104.67 -28.86
N MET G 2568 20.84 -103.38 -28.54
CA MET G 2568 21.77 -102.82 -27.57
C MET G 2568 21.44 -103.39 -26.19
N VAL G 2569 20.16 -103.58 -25.93
CA VAL G 2569 19.75 -104.12 -24.64
C VAL G 2569 20.44 -105.44 -24.40
N ASP G 2570 20.47 -106.28 -25.42
CA ASP G 2570 21.13 -107.57 -25.29
C ASP G 2570 22.57 -107.36 -24.84
N SER G 2571 23.36 -106.69 -25.67
CA SER G 2571 24.75 -106.42 -25.31
C SER G 2571 24.85 -105.75 -23.94
N MET G 2572 23.88 -104.89 -23.60
CA MET G 2572 23.90 -104.24 -22.30
C MET G 2572 23.62 -105.23 -21.17
N LEU G 2573 22.70 -106.17 -21.40
CA LEU G 2573 22.52 -107.26 -20.44
C LEU G 2573 23.80 -108.08 -20.29
N HIS G 2574 24.44 -108.40 -21.42
CA HIS G 2574 25.67 -109.18 -21.38
C HIS G 2574 26.76 -108.47 -20.59
N THR G 2575 26.91 -107.15 -20.80
CA THR G 2575 27.96 -106.43 -20.11
C THR G 2575 27.64 -106.19 -18.64
N VAL G 2576 26.36 -106.06 -18.28
CA VAL G 2576 26.05 -105.98 -16.85
C VAL G 2576 26.35 -107.32 -16.18
N TYR G 2577 26.02 -108.43 -16.83
CA TYR G 2577 26.36 -109.73 -16.28
C TYR G 2577 27.88 -109.91 -16.18
N ARG G 2578 28.62 -109.48 -17.19
CA ARG G 2578 30.07 -109.61 -17.15
C ARG G 2578 30.70 -108.69 -16.11
N LEU G 2579 30.10 -107.52 -15.87
CA LEU G 2579 30.58 -106.66 -14.79
C LEU G 2579 30.32 -107.30 -13.43
N SER G 2580 29.16 -107.94 -13.27
CA SER G 2580 28.92 -108.71 -12.05
C SER G 2580 29.92 -109.86 -11.93
N ARG G 2581 30.34 -110.42 -13.06
CA ARG G 2581 31.34 -111.48 -13.09
C ARG G 2581 32.77 -110.95 -12.99
N GLY G 2582 32.96 -109.63 -13.03
CA GLY G 2582 34.30 -109.09 -12.99
C GLY G 2582 34.99 -109.37 -11.66
N ARG G 2583 36.32 -109.42 -11.72
CA ARG G 2583 37.15 -109.59 -10.54
C ARG G 2583 37.64 -108.24 -10.06
N SER G 2584 38.43 -108.26 -8.98
CA SER G 2584 39.00 -107.05 -8.38
C SER G 2584 37.91 -106.04 -8.04
N LEU G 2585 36.78 -106.53 -7.55
CA LEU G 2585 35.63 -105.70 -7.23
C LEU G 2585 35.23 -105.92 -5.77
N THR G 2586 34.88 -104.82 -5.10
CA THR G 2586 34.43 -104.90 -3.72
C THR G 2586 33.05 -105.57 -3.66
N LYS G 2587 32.75 -106.18 -2.51
CA LYS G 2587 31.45 -106.81 -2.32
C LYS G 2587 30.31 -105.81 -2.49
N ALA G 2588 30.51 -104.56 -2.08
CA ALA G 2588 29.49 -103.54 -2.29
C ALA G 2588 29.25 -103.30 -3.78
N GLN G 2589 30.33 -103.23 -4.56
CA GLN G 2589 30.18 -103.05 -6.00
C GLN G 2589 29.49 -104.25 -6.65
N ARG G 2590 29.85 -105.47 -6.20
CA ARG G 2590 29.16 -106.65 -6.70
C ARG G 2590 27.68 -106.60 -6.37
N ASP G 2591 27.34 -106.16 -5.16
CA ASP G 2591 25.93 -106.02 -4.78
C ASP G 2591 25.22 -105.00 -5.65
N VAL G 2592 25.88 -103.89 -5.96
CA VAL G 2592 25.28 -102.88 -6.84
C VAL G 2592 24.98 -103.47 -8.22
N ILE G 2593 25.95 -104.21 -8.77
CA ILE G 2593 25.74 -104.77 -10.10
C ILE G 2593 24.65 -105.83 -10.08
N GLU G 2594 24.61 -106.67 -9.04
CA GLU G 2594 23.56 -107.69 -8.95
C GLU G 2594 22.18 -107.05 -8.78
N ASP G 2595 22.09 -105.99 -7.98
CA ASP G 2595 20.82 -105.27 -7.84
C ASP G 2595 20.40 -104.66 -9.17
N CYS G 2596 21.35 -104.12 -9.93
CA CYS G 2596 21.03 -103.61 -11.25
C CYS G 2596 20.48 -104.71 -12.15
N LEU G 2597 21.12 -105.88 -12.13
CA LEU G 2597 20.65 -107.00 -12.93
C LEU G 2597 19.23 -107.40 -12.53
N MET G 2598 18.98 -107.49 -11.22
CA MET G 2598 17.67 -107.93 -10.75
C MET G 2598 16.58 -106.92 -11.12
N ALA G 2599 16.80 -105.64 -10.81
CA ALA G 2599 15.81 -104.62 -11.13
C ALA G 2599 15.60 -104.48 -12.63
N LEU G 2600 16.66 -104.67 -13.41
CA LEU G 2600 16.53 -104.62 -14.87
C LEU G 2600 15.69 -105.77 -15.38
N CYS G 2601 16.02 -107.00 -14.98
CA CYS G 2601 15.28 -108.16 -15.45
C CYS G 2601 13.84 -108.18 -14.93
N ARG G 2602 13.56 -107.47 -13.84
CA ARG G 2602 12.19 -107.40 -13.36
C ARG G 2602 11.28 -106.66 -14.33
N TYR G 2603 11.80 -105.65 -15.03
CA TYR G 2603 11.02 -104.83 -15.95
C TYR G 2603 11.45 -105.02 -17.40
N ILE G 2604 11.75 -106.26 -17.78
CA ILE G 2604 12.15 -106.59 -19.15
C ILE G 2604 11.29 -107.75 -19.65
N ARG G 2605 10.77 -107.63 -20.87
CA ARG G 2605 9.98 -108.69 -21.46
C ARG G 2605 10.81 -109.96 -21.59
N PRO G 2606 10.23 -111.14 -21.31
CA PRO G 2606 10.99 -112.39 -21.42
C PRO G 2606 11.52 -112.68 -22.82
N SER G 2607 11.09 -111.90 -23.81
CA SER G 2607 11.51 -112.13 -25.18
C SER G 2607 13.02 -111.99 -25.36
N MET G 2608 13.58 -110.88 -24.88
CA MET G 2608 15.01 -110.64 -25.08
C MET G 2608 15.90 -111.28 -24.03
N LEU G 2609 15.32 -112.08 -23.14
CA LEU G 2609 16.10 -112.68 -22.06
C LEU G 2609 16.66 -114.05 -22.44
N GLN G 2610 16.43 -114.49 -23.68
CA GLN G 2610 16.86 -115.82 -24.08
C GLN G 2610 18.38 -115.89 -24.18
N HIS G 2611 19.01 -114.84 -24.70
CA HIS G 2611 20.47 -114.83 -24.78
C HIS G 2611 21.11 -114.82 -23.39
N LEU G 2612 20.53 -114.05 -22.47
CA LEU G 2612 21.05 -114.04 -21.11
C LEU G 2612 20.96 -115.41 -20.47
N LEU G 2613 19.81 -116.07 -20.61
CA LEU G 2613 19.66 -117.41 -20.05
C LEU G 2613 20.61 -118.40 -20.71
N ARG G 2614 20.78 -118.31 -22.03
CA ARG G 2614 21.65 -119.22 -22.74
C ARG G 2614 23.10 -119.06 -22.32
N ARG G 2615 23.57 -117.82 -22.21
CA ARG G 2615 24.92 -117.59 -21.69
C ARG G 2615 25.04 -118.03 -20.24
N LEU G 2616 23.95 -117.97 -19.48
CA LEU G 2616 24.02 -118.37 -18.08
C LEU G 2616 24.11 -119.89 -17.94
N VAL G 2617 23.50 -120.64 -18.87
CA VAL G 2617 23.52 -122.11 -18.82
C VAL G 2617 24.93 -122.65 -18.57
N PHE G 2618 25.96 -121.90 -18.98
CA PHE G 2618 27.33 -122.32 -18.70
C PHE G 2618 27.59 -122.37 -17.20
N ASP G 2619 27.08 -121.40 -16.44
CA ASP G 2619 27.42 -121.27 -15.03
C ASP G 2619 26.33 -121.76 -14.08
N VAL G 2620 25.10 -121.95 -14.55
CA VAL G 2620 24.03 -122.38 -13.64
C VAL G 2620 24.32 -123.71 -12.96
N PRO G 2621 24.72 -124.78 -13.66
CA PRO G 2621 24.90 -126.07 -12.99
C PRO G 2621 26.26 -126.28 -12.33
N ILE G 2622 27.16 -125.30 -12.41
CA ILE G 2622 28.45 -125.44 -11.72
C ILE G 2622 28.25 -125.43 -10.21
N LEU G 2623 27.29 -124.64 -9.73
CA LEU G 2623 26.97 -124.54 -8.31
C LEU G 2623 28.19 -124.13 -7.48
N ASN G 2624 28.96 -123.19 -8.02
CA ASN G 2624 30.08 -122.63 -7.27
C ASN G 2624 29.57 -121.51 -6.35
N GLU G 2625 30.49 -120.91 -5.60
CA GLU G 2625 30.14 -119.79 -4.73
C GLU G 2625 29.48 -118.68 -5.54
N PHE G 2626 30.13 -118.27 -6.65
CA PHE G 2626 29.67 -117.19 -7.50
C PHE G 2626 28.43 -117.57 -8.30
N ALA G 2627 28.02 -118.84 -8.30
CA ALA G 2627 26.87 -119.31 -9.07
C ALA G 2627 25.55 -119.16 -8.35
N LYS G 2628 25.53 -118.58 -7.14
CA LYS G 2628 24.27 -118.46 -6.41
C LYS G 2628 23.37 -117.38 -7.01
N MET G 2629 23.94 -116.20 -7.31
CA MET G 2629 23.12 -115.12 -7.88
C MET G 2629 22.46 -115.52 -9.19
N PRO G 2630 23.11 -116.27 -10.10
CA PRO G 2630 22.39 -116.74 -11.29
C PRO G 2630 21.10 -117.50 -10.98
N LEU G 2631 21.13 -118.41 -10.00
CA LEU G 2631 19.92 -119.16 -9.69
C LEU G 2631 18.85 -118.26 -9.09
N LYS G 2632 19.24 -117.24 -8.33
CA LYS G 2632 18.29 -116.27 -7.81
C LYS G 2632 17.61 -115.52 -8.95
N LEU G 2633 18.40 -115.07 -9.94
CA LEU G 2633 17.82 -114.39 -11.09
C LEU G 2633 16.90 -115.31 -11.87
N LEU G 2634 17.31 -116.57 -12.06
CA LEU G 2634 16.48 -117.53 -12.78
C LEU G 2634 15.15 -117.78 -12.06
N THR G 2635 15.19 -117.96 -10.74
CA THR G 2635 13.96 -118.24 -10.02
C THR G 2635 13.04 -117.03 -10.01
N ASN G 2636 13.60 -115.81 -9.91
CA ASN G 2636 12.77 -114.63 -10.03
C ASN G 2636 12.14 -114.53 -11.42
N HIS G 2637 12.92 -114.81 -12.47
CA HIS G 2637 12.39 -114.72 -13.83
C HIS G 2637 11.26 -115.72 -14.05
N TYR G 2638 11.45 -116.97 -13.61
CA TYR G 2638 10.42 -117.97 -13.83
C TYR G 2638 9.22 -117.79 -12.90
N GLU G 2639 9.41 -117.20 -11.72
CA GLU G 2639 8.27 -116.88 -10.88
C GLU G 2639 7.45 -115.75 -11.49
N ARG G 2640 8.11 -114.78 -12.11
CA ARG G 2640 7.38 -113.72 -12.80
C ARG G 2640 6.66 -114.25 -14.04
N CYS G 2641 7.35 -115.07 -14.84
CA CYS G 2641 6.79 -115.60 -16.08
C CYS G 2641 6.44 -117.07 -15.85
N TRP G 2642 5.21 -117.31 -15.41
CA TRP G 2642 4.70 -118.66 -15.19
C TRP G 2642 3.76 -119.08 -16.32
N LYS G 2643 2.80 -118.23 -16.69
CA LYS G 2643 1.92 -118.53 -17.81
C LYS G 2643 2.63 -118.46 -19.15
N TYR G 2644 3.82 -117.85 -19.21
CA TYR G 2644 4.53 -117.70 -20.47
C TYR G 2644 5.06 -119.04 -20.98
N TYR G 2645 5.28 -120.01 -20.08
CA TYR G 2645 5.86 -121.29 -20.44
C TYR G 2645 4.85 -122.43 -20.38
N CYS G 2646 4.08 -122.54 -19.31
CA CYS G 2646 3.15 -123.66 -19.16
C CYS G 2646 1.98 -123.54 -20.12
N LEU G 2647 1.38 -122.36 -20.23
CA LEU G 2647 0.21 -122.19 -21.08
C LEU G 2647 0.62 -121.94 -22.52
N PRO G 2648 0.13 -122.73 -23.48
CA PRO G 2648 0.39 -122.41 -24.90
C PRO G 2648 -0.19 -121.09 -25.34
N THR G 2649 -1.22 -120.58 -24.65
CA THR G 2649 -1.76 -119.27 -24.95
C THR G 2649 -0.74 -118.19 -24.61
N GLY G 2650 -0.57 -117.24 -25.53
CA GLY G 2650 0.37 -116.15 -25.32
C GLY G 2650 0.07 -115.32 -24.09
N TRP G 2651 1.07 -115.16 -23.22
CA TRP G 2651 0.90 -114.39 -21.99
C TRP G 2651 1.03 -112.90 -22.33
N ALA G 2652 -0.10 -112.19 -22.31
CA ALA G 2652 -0.17 -110.79 -22.72
C ALA G 2652 0.42 -110.62 -24.12
N ASN G 2653 1.08 -109.50 -24.37
CA ASN G 2653 1.77 -109.28 -25.63
C ASN G 2653 3.20 -109.81 -25.64
N PHE G 2654 3.66 -110.36 -24.51
CA PHE G 2654 4.97 -111.03 -24.50
C PHE G 2654 4.97 -112.26 -25.40
N GLY G 2655 3.88 -113.02 -25.39
CA GLY G 2655 3.76 -114.18 -26.25
C GLY G 2655 3.85 -115.51 -25.52
N VAL G 2656 4.38 -116.52 -26.19
CA VAL G 2656 4.48 -117.87 -25.64
C VAL G 2656 5.94 -118.31 -25.73
N THR G 2657 6.29 -119.31 -24.92
CA THR G 2657 7.66 -119.80 -24.88
C THR G 2657 8.06 -120.41 -26.22
N SER G 2658 9.31 -120.24 -26.57
CA SER G 2658 9.86 -120.88 -27.76
C SER G 2658 10.30 -122.31 -27.44
N GLU G 2659 10.44 -123.10 -28.49
CA GLU G 2659 10.90 -124.48 -28.31
C GLU G 2659 12.32 -124.50 -27.74
N GLU G 2660 13.18 -123.60 -28.20
CA GLU G 2660 14.53 -123.52 -27.66
C GLU G 2660 14.51 -123.10 -26.19
N GLU G 2661 13.63 -122.18 -25.83
CA GLU G 2661 13.53 -121.75 -24.44
C GLU G 2661 13.06 -122.91 -23.54
N LEU G 2662 12.06 -123.66 -24.00
CA LEU G 2662 11.57 -124.79 -23.22
C LEU G 2662 12.65 -125.86 -23.09
N HIS G 2663 13.37 -126.13 -24.17
CA HIS G 2663 14.50 -127.06 -24.11
C HIS G 2663 15.57 -126.59 -23.12
N LEU G 2664 15.88 -125.29 -23.15
CA LEU G 2664 16.90 -124.75 -22.26
C LEU G 2664 16.47 -124.87 -20.80
N THR G 2665 15.21 -124.57 -20.49
CA THR G 2665 14.76 -124.69 -19.11
C THR G 2665 14.70 -126.15 -18.66
N ARG G 2666 14.36 -127.06 -19.57
CA ARG G 2666 14.42 -128.49 -19.25
C ARG G 2666 15.84 -128.91 -18.89
N LYS G 2667 16.81 -128.54 -19.74
CA LYS G 2667 18.20 -128.90 -19.49
C LYS G 2667 18.72 -128.27 -18.21
N LEU G 2668 18.34 -127.02 -17.94
CA LEU G 2668 18.75 -126.37 -16.71
C LEU G 2668 18.19 -127.09 -15.49
N PHE G 2669 16.91 -127.47 -15.55
CA PHE G 2669 16.29 -128.21 -14.46
C PHE G 2669 17.04 -129.51 -14.17
N TRP G 2670 17.28 -130.30 -15.22
CA TRP G 2670 18.00 -131.55 -15.02
C TRP G 2670 19.44 -131.32 -14.55
N GLY G 2671 20.08 -130.25 -15.02
CA GLY G 2671 21.44 -129.95 -14.59
C GLY G 2671 21.53 -129.65 -13.12
N ILE G 2672 20.63 -128.79 -12.62
CA ILE G 2672 20.60 -128.54 -11.18
C ILE G 2672 20.28 -129.80 -10.41
N PHE G 2673 19.31 -130.59 -10.91
CA PHE G 2673 18.96 -131.83 -10.23
C PHE G 2673 20.19 -132.72 -10.04
N ASP G 2674 20.91 -133.00 -11.14
CA ASP G 2674 22.04 -133.91 -11.03
C ASP G 2674 23.19 -133.31 -10.23
N SER G 2675 23.51 -132.03 -10.47
CA SER G 2675 24.63 -131.41 -9.77
C SER G 2675 24.39 -131.40 -8.27
N LEU G 2676 23.18 -131.00 -7.84
CA LEU G 2676 22.90 -130.89 -6.43
C LEU G 2676 22.72 -132.27 -5.79
N ALA G 2677 22.29 -133.27 -6.58
CA ALA G 2677 22.21 -134.62 -6.06
C ALA G 2677 23.60 -135.18 -5.76
N HIS G 2678 24.55 -134.99 -6.70
CA HIS G 2678 25.90 -135.50 -6.47
C HIS G 2678 26.66 -134.70 -5.42
N LYS G 2679 26.44 -133.39 -5.35
CA LYS G 2679 27.20 -132.58 -4.39
C LYS G 2679 26.74 -132.86 -2.96
N LYS G 2680 27.70 -132.71 -2.03
CA LYS G 2680 27.42 -132.91 -0.61
C LYS G 2680 26.48 -131.83 -0.09
N TYR G 2681 25.72 -132.19 0.95
CA TYR G 2681 24.72 -131.29 1.50
C TYR G 2681 25.35 -130.01 2.04
N ASP G 2682 24.76 -128.87 1.70
CA ASP G 2682 25.10 -127.58 2.27
C ASP G 2682 23.79 -126.86 2.57
N GLN G 2683 23.65 -126.37 3.80
CA GLN G 2683 22.40 -125.75 4.21
C GLN G 2683 22.08 -124.52 3.36
N GLU G 2684 23.08 -123.66 3.17
CA GLU G 2684 22.88 -122.44 2.38
C GLU G 2684 22.52 -122.79 0.93
N LEU G 2685 23.30 -123.68 0.32
CA LEU G 2685 23.08 -124.03 -1.08
C LEU G 2685 21.72 -124.67 -1.28
N TYR G 2686 21.37 -125.65 -0.43
CA TYR G 2686 20.08 -126.31 -0.54
C TYR G 2686 18.94 -125.32 -0.35
N ARG G 2687 19.01 -124.52 0.72
CA ARG G 2687 17.94 -123.60 1.06
C ARG G 2687 17.71 -122.58 -0.05
N MET G 2688 18.79 -122.05 -0.63
CA MET G 2688 18.62 -121.02 -1.64
C MET G 2688 18.30 -121.60 -3.02
N ALA G 2689 18.73 -122.82 -3.30
CA ALA G 2689 18.57 -123.40 -4.62
C ALA G 2689 17.25 -124.15 -4.81
N MET G 2690 16.65 -124.67 -3.74
CA MET G 2690 15.38 -125.37 -3.90
C MET G 2690 14.28 -124.49 -4.49
N PRO G 2691 14.14 -123.21 -4.12
CA PRO G 2691 13.10 -122.39 -4.80
C PRO G 2691 13.31 -122.30 -6.30
N CYS G 2692 14.56 -122.27 -6.76
CA CYS G 2692 14.82 -122.21 -8.19
C CYS G 2692 14.31 -123.46 -8.89
N LEU G 2693 14.59 -124.63 -8.32
CA LEU G 2693 14.11 -125.88 -8.92
C LEU G 2693 12.58 -125.94 -8.90
N CYS G 2694 11.97 -125.48 -7.81
CA CYS G 2694 10.51 -125.45 -7.75
C CYS G 2694 9.94 -124.54 -8.83
N ALA G 2695 10.55 -123.36 -9.02
CA ALA G 2695 10.07 -122.43 -10.04
C ALA G 2695 10.20 -123.02 -11.44
N ILE G 2696 11.34 -123.67 -11.72
CA ILE G 2696 11.52 -124.29 -13.03
C ILE G 2696 10.51 -125.41 -13.25
N ALA G 2697 10.28 -126.22 -12.21
CA ALA G 2697 9.30 -127.30 -12.33
C ALA G 2697 7.90 -126.75 -12.59
N GLY G 2698 7.53 -125.66 -11.91
CA GLY G 2698 6.23 -125.05 -12.16
C GLY G 2698 6.13 -124.45 -13.55
N ALA G 2699 7.21 -123.84 -14.04
CA ALA G 2699 7.17 -123.19 -15.35
C ALA G 2699 7.12 -124.22 -16.48
N LEU G 2700 7.91 -125.27 -16.38
CA LEU G 2700 8.00 -126.26 -17.45
C LEU G 2700 6.70 -127.06 -17.55
N PRO G 2701 6.05 -127.11 -18.72
CA PRO G 2701 4.83 -127.92 -18.85
C PRO G 2701 5.14 -129.38 -18.61
N PRO G 2702 4.22 -130.11 -17.97
CA PRO G 2702 4.48 -131.54 -17.69
C PRO G 2702 4.65 -132.39 -18.94
N ASP G 2703 3.97 -132.06 -20.03
CA ASP G 2703 3.95 -132.90 -21.23
C ASP G 2703 4.85 -132.36 -22.34
N TYR G 2704 5.91 -131.65 -21.98
CA TYR G 2704 6.86 -131.18 -22.99
C TYR G 2704 7.64 -132.36 -23.56
N VAL G 2705 7.78 -132.38 -24.88
CA VAL G 2705 8.48 -133.45 -25.59
C VAL G 2705 9.56 -132.81 -26.46
N ASP G 2706 10.78 -132.76 -25.94
CA ASP G 2706 11.89 -132.23 -26.72
C ASP G 2706 12.25 -133.19 -27.85
N ALA G 2707 12.66 -132.62 -28.98
CA ALA G 2707 12.99 -133.44 -30.15
C ALA G 2707 14.19 -134.34 -29.86
N SER G 2708 15.23 -133.81 -29.24
CA SER G 2708 16.42 -134.59 -28.91
C SER G 2708 16.35 -135.07 -27.46
N TYR G 2709 15.46 -136.04 -27.24
CA TYR G 2709 15.28 -136.60 -25.91
C TYR G 2709 16.40 -137.55 -25.50
N SER G 2710 17.20 -138.03 -26.46
CA SER G 2710 18.27 -138.96 -26.15
C SER G 2710 19.27 -138.31 -25.19
N SER G 2711 19.63 -139.04 -24.15
CA SER G 2711 20.53 -138.53 -23.11
C SER G 2711 21.96 -138.90 -23.48
N LYS G 2712 22.74 -137.89 -23.88
CA LYS G 2712 24.14 -138.13 -24.21
C LYS G 2712 24.93 -138.51 -22.96
N ALA G 2713 24.62 -137.89 -21.82
CA ALA G 2713 25.26 -138.18 -20.53
C ALA G 2713 26.78 -137.99 -20.62
N GLU G 2714 27.18 -136.75 -20.89
CA GLU G 2714 28.59 -136.40 -21.02
C GLU G 2714 28.82 -135.01 -20.44
N LYS G 2715 30.09 -134.71 -20.20
CA LYS G 2715 30.53 -133.40 -19.73
C LYS G 2715 29.88 -133.02 -18.40
N ASN G 2724 34.53 -126.28 -19.35
CA ASN G 2724 33.56 -125.70 -20.26
C ASN G 2724 32.98 -126.78 -21.19
N PHE G 2725 32.75 -126.40 -22.45
CA PHE G 2725 32.21 -127.30 -23.46
C PHE G 2725 33.34 -127.72 -24.39
N ASP G 2726 33.81 -128.96 -24.23
CA ASP G 2726 34.91 -129.51 -25.02
C ASP G 2726 34.43 -130.73 -25.78
N PRO G 2727 33.97 -130.56 -27.02
CA PRO G 2727 33.46 -131.72 -27.78
C PRO G 2727 34.58 -132.65 -28.23
N ARG G 2728 34.63 -133.85 -27.66
CA ARG G 2728 35.64 -134.83 -28.05
C ARG G 2728 35.30 -135.40 -29.42
N PRO G 2729 36.23 -135.38 -30.37
CA PRO G 2729 35.98 -135.99 -31.67
C PRO G 2729 36.10 -137.50 -31.59
N VAL G 2730 36.01 -138.15 -32.75
CA VAL G 2730 36.08 -139.60 -32.85
C VAL G 2730 37.45 -139.97 -33.42
N GLU G 2731 38.15 -140.85 -32.70
CA GLU G 2731 39.47 -141.29 -33.14
C GLU G 2731 39.32 -142.33 -34.24
N THR G 2732 39.66 -141.96 -35.47
CA THR G 2732 39.54 -142.85 -36.61
C THR G 2732 40.80 -142.94 -37.47
N LEU G 2733 41.78 -142.06 -37.26
CA LEU G 2733 43.01 -142.12 -38.05
C LEU G 2733 43.90 -143.28 -37.61
N ASN G 2734 43.87 -143.62 -36.31
CA ASN G 2734 44.72 -144.70 -35.81
C ASN G 2734 44.30 -146.04 -36.41
N VAL G 2735 43.00 -146.30 -36.52
CA VAL G 2735 42.51 -147.57 -37.05
C VAL G 2735 42.64 -147.54 -38.57
N ILE G 2736 42.94 -148.71 -39.15
CA ILE G 2736 43.07 -148.81 -40.60
C ILE G 2736 41.71 -148.76 -41.25
N ILE G 2737 41.57 -147.93 -42.29
CA ILE G 2737 40.31 -147.77 -43.00
C ILE G 2737 40.24 -148.85 -44.07
N PRO G 2738 39.25 -149.74 -44.04
CA PRO G 2738 39.10 -150.72 -45.12
C PRO G 2738 38.83 -150.03 -46.45
N GLU G 2739 39.36 -150.61 -47.52
CA GLU G 2739 39.23 -150.05 -48.87
C GLU G 2739 38.51 -150.99 -49.82
N LYS G 2740 37.72 -151.93 -49.29
CA LYS G 2740 36.99 -152.86 -50.14
C LYS G 2740 35.84 -152.19 -50.88
N LEU G 2741 35.41 -151.02 -50.43
CA LEU G 2741 34.33 -150.27 -51.07
C LEU G 2741 34.83 -148.95 -51.64
N ASP G 2742 36.09 -148.91 -52.07
CA ASP G 2742 36.64 -147.69 -52.65
C ASP G 2742 35.88 -147.26 -53.91
N SER G 2743 35.32 -148.23 -54.64
CA SER G 2743 34.48 -147.89 -55.80
C SER G 2743 33.28 -147.05 -55.39
N PHE G 2744 32.84 -147.17 -54.13
CA PHE G 2744 31.81 -146.28 -53.61
C PHE G 2744 32.40 -145.03 -52.98
N ILE G 2745 33.53 -145.15 -52.28
CA ILE G 2745 34.09 -144.01 -51.57
C ILE G 2745 34.49 -142.91 -52.55
N ASN G 2746 35.25 -143.26 -53.58
CA ASN G 2746 35.69 -142.26 -54.55
C ASN G 2746 34.52 -141.74 -55.38
N LYS G 2747 33.59 -142.63 -55.73
CA LYS G 2747 32.42 -142.22 -56.51
C LYS G 2747 31.61 -141.18 -55.74
N PHE G 2748 31.37 -141.41 -54.45
CA PHE G 2748 30.64 -140.43 -53.65
C PHE G 2748 31.47 -139.17 -53.42
N ALA G 2749 32.79 -139.31 -53.29
CA ALA G 2749 33.64 -138.14 -53.11
C ALA G 2749 33.53 -137.18 -54.29
N GLU G 2750 33.55 -137.72 -55.51
CA GLU G 2750 33.35 -136.89 -56.69
C GLU G 2750 31.89 -136.49 -56.87
N TYR G 2751 30.95 -137.32 -56.40
CA TYR G 2751 29.54 -137.03 -56.56
C TYR G 2751 29.12 -135.88 -55.66
N THR G 2752 29.81 -135.66 -54.54
CA THR G 2752 29.53 -134.50 -53.71
C THR G 2752 29.80 -133.21 -54.48
N HIS G 2753 30.94 -133.13 -55.17
CA HIS G 2753 31.24 -131.94 -55.96
C HIS G 2753 30.31 -131.84 -57.16
N GLU G 2754 29.94 -132.98 -57.77
CA GLU G 2754 29.00 -132.94 -58.88
C GLU G 2754 27.64 -132.42 -58.43
N LYS G 2755 27.18 -132.84 -57.26
CA LYS G 2755 25.94 -132.32 -56.69
C LYS G 2755 26.08 -130.86 -56.27
N TRP G 2756 27.29 -130.44 -55.89
CA TRP G 2756 27.50 -129.01 -55.66
C TRP G 2756 27.29 -128.22 -56.94
N ALA G 2757 27.80 -128.73 -58.06
CA ALA G 2757 27.55 -128.10 -59.36
C ALA G 2757 26.07 -128.11 -59.69
N PHE G 2758 25.37 -129.20 -59.32
CA PHE G 2758 23.92 -129.24 -59.50
C PHE G 2758 23.24 -128.15 -58.66
N ASP G 2759 23.74 -127.93 -57.44
CA ASP G 2759 23.21 -126.84 -56.62
C ASP G 2759 23.45 -125.50 -57.29
N LYS G 2760 24.61 -125.32 -57.92
CA LYS G 2760 24.87 -124.08 -58.65
C LYS G 2760 23.87 -123.88 -59.78
N ILE G 2761 23.63 -124.92 -60.58
CA ILE G 2761 22.72 -124.74 -61.71
C ILE G 2761 21.29 -124.51 -61.22
N GLN G 2762 20.89 -125.16 -60.12
CA GLN G 2762 19.60 -124.84 -59.51
C GLN G 2762 19.58 -123.40 -58.99
N ASN G 2763 20.73 -122.89 -58.54
CA ASN G 2763 20.87 -121.50 -58.14
C ASN G 2763 20.96 -120.57 -59.34
N ASN G 2764 20.97 -121.13 -60.55
CA ASN G 2764 20.96 -120.37 -61.80
C ASN G 2764 22.28 -119.64 -62.01
N TRP G 2765 23.38 -120.37 -61.82
CA TRP G 2765 24.72 -119.87 -62.08
C TRP G 2765 25.50 -120.92 -62.86
N SER G 2766 26.15 -120.49 -63.94
CA SER G 2766 26.92 -121.42 -64.77
C SER G 2766 28.26 -121.72 -64.10
N TYR G 2767 28.96 -122.70 -64.66
CA TYR G 2767 30.25 -123.12 -64.13
C TYR G 2767 31.37 -122.32 -64.80
N GLY G 2768 32.22 -121.71 -63.98
CA GLY G 2768 33.30 -120.87 -64.48
C GLY G 2768 34.62 -121.61 -64.52
N GLU G 2769 35.47 -121.23 -65.48
CA GLU G 2769 36.73 -121.93 -65.71
C GLU G 2769 37.88 -121.33 -64.93
N ASN G 2770 37.99 -120.01 -64.89
CA ASN G 2770 39.12 -119.32 -64.28
C ASN G 2770 38.69 -118.65 -62.98
N VAL G 2771 39.69 -118.23 -62.20
CA VAL G 2771 39.44 -117.58 -60.92
C VAL G 2771 38.75 -116.25 -61.15
N ASP G 2772 37.71 -115.99 -60.36
CA ASP G 2772 36.95 -114.75 -60.47
C ASP G 2772 36.18 -114.52 -59.17
N GLU G 2773 36.28 -113.30 -58.63
CA GLU G 2773 35.56 -112.98 -57.40
C GLU G 2773 34.08 -112.76 -57.65
N GLU G 2774 33.71 -112.28 -58.84
CA GLU G 2774 32.31 -112.05 -59.16
C GLU G 2774 31.49 -113.33 -59.24
N LEU G 2775 32.15 -114.48 -59.43
CA LEU G 2775 31.48 -115.77 -59.56
C LEU G 2775 31.54 -116.48 -58.21
N LYS G 2776 30.43 -116.47 -57.49
CA LYS G 2776 30.36 -117.21 -56.22
C LYS G 2776 30.43 -118.72 -56.44
N THR G 2777 30.06 -119.19 -57.62
CA THR G 2777 30.27 -120.58 -57.98
C THR G 2777 31.77 -120.88 -58.05
N HIS G 2778 32.14 -122.13 -57.75
CA HIS G 2778 33.52 -122.61 -57.74
C HIS G 2778 34.31 -122.03 -58.91
N PRO G 2779 35.41 -121.33 -58.63
CA PRO G 2779 36.12 -120.62 -59.72
C PRO G 2779 36.66 -121.54 -60.81
N MET G 2780 37.09 -122.75 -60.47
CA MET G 2780 37.59 -123.70 -61.45
C MET G 2780 36.60 -124.82 -61.74
N LEU G 2781 35.31 -124.56 -61.55
CA LEU G 2781 34.28 -125.55 -61.84
C LEU G 2781 34.19 -125.72 -63.36
N ARG G 2782 34.78 -126.78 -63.87
CA ARG G 2782 34.89 -127.02 -65.31
C ARG G 2782 34.29 -128.38 -65.66
N PRO G 2783 33.86 -128.56 -66.91
CA PRO G 2783 33.38 -129.87 -67.33
C PRO G 2783 34.49 -130.91 -67.26
N TYR G 2784 34.09 -132.17 -67.11
CA TYR G 2784 35.04 -133.25 -66.87
C TYR G 2784 36.07 -133.38 -67.99
N LYS G 2785 35.75 -132.90 -69.19
CA LYS G 2785 36.74 -132.88 -70.26
C LYS G 2785 37.89 -131.94 -69.93
N THR G 2786 37.60 -130.79 -69.31
CA THR G 2786 38.60 -129.80 -68.96
C THR G 2786 38.70 -129.56 -67.46
N PHE G 2787 38.26 -130.53 -66.65
CA PHE G 2787 38.32 -130.41 -65.20
C PHE G 2787 39.64 -130.98 -64.69
N SER G 2788 40.44 -130.13 -64.06
CA SER G 2788 41.69 -130.57 -63.47
C SER G 2788 41.41 -131.43 -62.23
N GLU G 2789 42.27 -132.42 -62.01
CA GLU G 2789 42.11 -133.35 -60.90
C GLU G 2789 42.75 -132.86 -59.61
N LYS G 2790 43.41 -131.70 -59.64
CA LYS G 2790 44.03 -131.18 -58.42
C LYS G 2790 42.99 -130.89 -57.35
N ASP G 2791 41.85 -130.33 -57.74
CA ASP G 2791 40.76 -130.12 -56.79
C ASP G 2791 40.01 -131.41 -56.47
N LYS G 2792 39.95 -132.33 -57.43
CA LYS G 2792 39.25 -133.59 -57.20
C LYS G 2792 39.94 -134.44 -56.15
N GLU G 2793 41.28 -134.47 -56.18
CA GLU G 2793 42.05 -135.25 -55.21
C GLU G 2793 42.25 -134.52 -53.89
N ILE G 2794 41.64 -133.36 -53.69
CA ILE G 2794 41.67 -132.69 -52.39
C ILE G 2794 40.28 -132.48 -51.81
N TYR G 2795 39.22 -132.49 -52.62
CA TYR G 2795 37.87 -132.37 -52.09
C TYR G 2795 37.34 -133.67 -51.51
N ARG G 2796 38.04 -134.79 -51.72
CA ARG G 2796 37.57 -136.08 -51.23
C ARG G 2796 37.80 -136.28 -49.74
N TRP G 2797 38.65 -135.46 -49.12
CA TRP G 2797 39.03 -135.67 -47.73
C TRP G 2797 37.84 -135.60 -46.76
N PRO G 2798 36.91 -134.64 -46.85
CA PRO G 2798 35.76 -134.67 -45.94
C PRO G 2798 34.95 -135.95 -46.01
N ILE G 2799 34.76 -136.49 -47.21
CA ILE G 2799 34.04 -137.76 -47.37
C ILE G 2799 34.81 -138.87 -46.68
N LYS G 2800 36.14 -138.89 -46.83
CA LYS G 2800 36.96 -139.87 -46.14
C LYS G 2800 36.75 -139.78 -44.63
N GLU G 2801 36.78 -138.56 -44.07
CA GLU G 2801 36.61 -138.41 -42.63
C GLU G 2801 35.25 -138.92 -42.19
N SER G 2802 34.19 -138.54 -42.92
CA SER G 2802 32.84 -138.95 -42.54
C SER G 2802 32.70 -140.47 -42.56
N LEU G 2803 33.14 -141.12 -43.64
CA LEU G 2803 33.00 -142.57 -43.75
C LEU G 2803 33.89 -143.28 -42.72
N LYS G 2804 35.09 -142.76 -42.46
CA LYS G 2804 35.97 -143.38 -41.48
C LYS G 2804 35.37 -143.31 -40.09
N ALA G 2805 34.77 -142.17 -39.72
CA ALA G 2805 34.09 -142.09 -38.42
C ALA G 2805 32.88 -143.03 -38.38
N MET G 2806 32.13 -143.10 -39.48
CA MET G 2806 30.98 -143.98 -39.54
C MET G 2806 31.37 -145.43 -39.29
N ILE G 2807 32.46 -145.88 -39.93
CA ILE G 2807 32.92 -147.25 -39.72
C ILE G 2807 33.64 -147.41 -38.38
N ALA G 2808 34.17 -146.32 -37.83
CA ALA G 2808 34.78 -146.39 -36.51
C ALA G 2808 33.74 -146.70 -35.44
N TRP G 2809 32.57 -146.07 -35.53
CA TRP G 2809 31.47 -146.52 -34.68
C TRP G 2809 31.00 -147.91 -35.09
N GLU G 2810 30.26 -148.55 -34.18
CA GLU G 2810 29.82 -149.93 -34.39
C GLU G 2810 28.75 -149.99 -35.47
N TRP G 2811 29.15 -149.81 -36.72
CA TRP G 2811 28.24 -149.87 -37.87
C TRP G 2811 28.95 -150.61 -38.99
N THR G 2812 28.66 -151.90 -39.12
CA THR G 2812 29.23 -152.71 -40.20
C THR G 2812 28.38 -152.53 -41.45
N ILE G 2813 29.04 -152.30 -42.58
CA ILE G 2813 28.39 -151.98 -43.84
C ILE G 2813 28.67 -153.10 -44.84
N GLU G 2814 27.63 -153.60 -45.49
CA GLU G 2814 27.73 -154.66 -46.47
C GLU G 2814 27.10 -154.20 -47.78
N LYS G 2815 27.71 -154.62 -48.89
CA LYS G 2815 27.22 -154.29 -50.22
C LYS G 2815 26.23 -155.38 -50.64
N ALA G 2816 24.94 -155.12 -50.44
CA ALA G 2816 23.93 -156.08 -50.82
C ALA G 2816 23.89 -156.29 -52.33
N ARG G 2817 24.03 -155.21 -53.09
CA ARG G 2817 24.03 -155.29 -54.55
C ARG G 2817 25.44 -155.55 -55.06
N GLU G 2818 25.51 -155.95 -56.34
CA GLU G 2818 26.79 -156.20 -57.00
C GLU G 2818 26.64 -155.74 -58.45
N GLY G 2819 27.09 -154.53 -58.73
CA GLY G 2819 26.99 -153.99 -60.07
C GLY G 2819 27.97 -152.85 -60.28
N GLU G 2820 27.66 -152.02 -61.28
CA GLU G 2820 28.49 -150.88 -61.64
C GLU G 2820 29.93 -151.28 -61.92
N TYR G 2845 27.51 -131.05 -68.26
CA TYR G 2845 28.17 -131.20 -66.96
C TYR G 2845 27.15 -131.05 -65.83
N ASN G 2846 26.36 -132.11 -65.62
CA ASN G 2846 25.31 -132.09 -64.60
C ASN G 2846 24.97 -133.52 -64.23
N PRO G 2847 24.76 -133.81 -62.94
CA PRO G 2847 24.40 -135.19 -62.55
C PRO G 2847 22.97 -135.51 -62.94
N GLN G 2848 22.81 -136.51 -63.80
CA GLN G 2848 21.46 -136.95 -64.17
C GLN G 2848 20.68 -137.51 -62.98
N PRO G 2849 21.22 -138.40 -62.16
CA PRO G 2849 20.46 -138.86 -60.98
C PRO G 2849 20.42 -137.78 -59.92
N PRO G 2850 19.23 -137.39 -59.46
CA PRO G 2850 19.11 -136.35 -58.44
C PRO G 2850 19.17 -136.89 -57.03
N ASP G 2851 19.93 -136.20 -56.18
CA ASP G 2851 20.03 -136.53 -54.76
C ASP G 2851 19.24 -135.51 -53.96
N LEU G 2852 18.20 -135.98 -53.26
CA LEU G 2852 17.34 -135.14 -52.45
C LEU G 2852 17.35 -135.63 -51.02
N SER G 2853 16.64 -134.90 -50.15
CA SER G 2853 16.56 -135.26 -48.74
C SER G 2853 15.16 -135.09 -48.17
N GLY G 2854 14.16 -134.84 -49.00
CA GLY G 2854 12.80 -134.61 -48.54
C GLY G 2854 11.94 -135.84 -48.38
N VAL G 2855 12.48 -137.03 -48.62
CA VAL G 2855 11.72 -138.26 -48.50
C VAL G 2855 11.98 -138.88 -47.13
N THR G 2856 11.03 -139.69 -46.67
CA THR G 2856 11.11 -140.29 -45.35
C THR G 2856 12.07 -141.49 -45.36
N LEU G 2857 12.41 -141.96 -44.17
CA LEU G 2857 13.35 -143.06 -44.02
C LEU G 2857 13.14 -143.69 -42.64
N SER G 2858 13.69 -144.89 -42.46
CA SER G 2858 13.51 -145.64 -41.22
C SER G 2858 14.03 -144.85 -40.03
N ARG G 2859 13.32 -144.94 -38.90
CA ARG G 2859 13.60 -144.08 -37.76
C ARG G 2859 14.98 -144.36 -37.17
N GLU G 2860 15.35 -145.64 -37.02
CA GLU G 2860 16.63 -145.96 -36.40
CA GLU G 2860 16.63 -145.96 -36.41
C GLU G 2860 17.80 -145.61 -37.32
N LEU G 2861 17.63 -145.82 -38.63
CA LEU G 2861 18.69 -145.44 -39.56
C LEU G 2861 18.84 -143.93 -39.60
N GLN G 2862 17.73 -143.20 -39.54
CA GLN G 2862 17.79 -141.75 -39.44
C GLN G 2862 18.41 -141.32 -38.12
N ALA G 2863 18.23 -142.09 -37.05
CA ALA G 2863 18.88 -141.78 -35.79
C ALA G 2863 20.39 -141.97 -35.89
N MET G 2864 20.84 -143.01 -36.60
CA MET G 2864 22.27 -143.16 -36.84
C MET G 2864 22.81 -141.99 -37.67
N ALA G 2865 22.05 -141.56 -38.67
CA ALA G 2865 22.45 -140.38 -39.43
C ALA G 2865 22.48 -139.14 -38.54
N GLU G 2866 21.57 -139.06 -37.57
CA GLU G 2866 21.57 -137.96 -36.63
C GLU G 2866 22.82 -137.98 -35.75
N GLN G 2867 23.24 -139.18 -35.34
CA GLN G 2867 24.49 -139.30 -34.60
C GLN G 2867 25.68 -138.87 -35.45
N LEU G 2868 25.65 -139.20 -36.74
CA LEU G 2868 26.73 -138.76 -37.63
C LEU G 2868 26.71 -137.24 -37.83
N ALA G 2869 25.52 -136.64 -37.85
CA ALA G 2869 25.43 -135.18 -37.89
C ALA G 2869 25.94 -134.56 -36.61
N GLU G 2870 25.67 -135.22 -35.47
CA GLU G 2870 26.26 -134.80 -34.21
C GLU G 2870 27.77 -134.85 -34.28
N ASN G 2871 28.32 -135.88 -34.91
CA ASN G 2871 29.76 -135.97 -35.11
C ASN G 2871 30.26 -134.80 -35.98
N TYR G 2872 29.54 -134.48 -37.05
CA TYR G 2872 29.90 -133.32 -37.86
C TYR G 2872 29.98 -132.07 -36.99
N HIS G 2873 28.94 -131.80 -36.21
CA HIS G 2873 28.89 -130.58 -35.44
C HIS G 2873 29.97 -130.54 -34.37
N ASN G 2874 30.21 -131.66 -33.69
CA ASN G 2874 31.22 -131.63 -32.63
C ASN G 2874 32.63 -131.57 -33.18
N THR G 2875 32.89 -132.16 -34.36
CA THR G 2875 34.18 -131.96 -35.00
C THR G 2875 34.37 -130.50 -35.40
N TRP G 2876 33.32 -129.87 -35.94
CA TRP G 2876 33.42 -128.44 -36.25
C TRP G 2876 33.68 -127.64 -34.99
N GLY G 2877 33.02 -127.99 -33.89
CA GLY G 2877 33.20 -127.27 -32.65
C GLY G 2877 34.60 -127.43 -32.09
N ARG G 2878 35.16 -128.65 -32.19
CA ARG G 2878 36.53 -128.86 -31.74
C ARG G 2878 37.51 -128.04 -32.56
N LYS G 2879 37.36 -128.05 -33.90
CA LYS G 2879 38.32 -127.33 -34.72
C LYS G 2879 38.15 -125.81 -34.58
N LYS G 2880 36.94 -125.35 -34.25
CA LYS G 2880 36.75 -123.93 -33.98
C LYS G 2880 37.30 -123.53 -32.61
N LYS G 2881 37.07 -124.35 -31.59
CA LYS G 2881 37.53 -124.02 -30.25
C LYS G 2881 39.03 -124.17 -30.11
N GLN G 2882 39.69 -124.92 -31.01
CA GLN G 2882 41.14 -124.94 -31.02
C GLN G 2882 41.70 -123.54 -31.29
N GLU G 2883 41.10 -122.82 -32.23
CA GLU G 2883 41.51 -121.44 -32.49
C GLU G 2883 40.94 -120.49 -31.44
N LEU G 2884 39.73 -120.76 -30.96
CA LEU G 2884 39.06 -119.84 -30.03
C LEU G 2884 39.68 -119.87 -28.64
N GLU G 2885 40.31 -120.97 -28.24
CA GLU G 2885 40.84 -121.11 -26.88
C GLU G 2885 42.10 -120.29 -26.65
N ALA G 2886 42.68 -119.68 -27.69
CA ALA G 2886 43.89 -118.89 -27.50
C ALA G 2886 43.63 -117.66 -26.65
N LYS G 2887 42.41 -117.14 -26.66
CA LYS G 2887 42.08 -115.94 -25.88
C LYS G 2887 41.67 -116.28 -24.45
N GLY G 2888 40.90 -117.34 -24.26
CA GLY G 2888 40.44 -117.72 -22.94
C GLY G 2888 39.19 -117.01 -22.45
N GLY G 2889 38.66 -116.06 -23.23
CA GLY G 2889 37.46 -115.35 -22.83
C GLY G 2889 36.38 -115.41 -23.88
N GLY G 2890 35.18 -115.83 -23.49
CA GLY G 2890 34.07 -115.98 -24.40
C GLY G 2890 34.09 -117.31 -25.12
N THR G 2891 33.03 -117.55 -25.88
CA THR G 2891 32.88 -118.79 -26.63
C THR G 2891 32.05 -118.53 -27.87
N HIS G 2892 32.19 -119.43 -28.85
CA HIS G 2892 31.42 -119.33 -30.08
C HIS G 2892 29.93 -119.53 -29.77
N PRO G 2893 29.05 -118.77 -30.43
CA PRO G 2893 27.61 -118.92 -30.12
C PRO G 2893 27.06 -120.30 -30.38
N LEU G 2894 27.60 -121.03 -31.36
CA LEU G 2894 27.10 -122.35 -31.72
C LEU G 2894 27.85 -123.47 -31.01
N LEU G 2895 28.77 -123.15 -30.09
CA LEU G 2895 29.48 -124.16 -29.31
C LEU G 2895 28.55 -124.73 -28.23
N VAL G 2896 27.58 -125.49 -28.70
CA VAL G 2896 26.61 -126.15 -27.82
C VAL G 2896 26.50 -127.61 -28.25
N PRO G 2897 26.10 -128.49 -27.33
CA PRO G 2897 25.91 -129.89 -27.69
C PRO G 2897 24.85 -130.06 -28.78
N TYR G 2898 25.02 -131.11 -29.58
CA TYR G 2898 24.13 -131.35 -30.71
C TYR G 2898 22.70 -131.61 -30.25
N ASP G 2899 22.53 -132.41 -29.20
CA ASP G 2899 21.20 -132.64 -28.67
C ASP G 2899 20.60 -131.41 -28.03
N THR G 2900 21.40 -130.35 -27.83
CA THR G 2900 20.89 -129.11 -27.27
C THR G 2900 20.56 -128.06 -28.31
N LEU G 2901 21.31 -128.00 -29.41
CA LEU G 2901 21.06 -126.98 -30.42
C LEU G 2901 19.73 -127.22 -31.11
N THR G 2902 19.14 -126.14 -31.62
CA THR G 2902 17.84 -126.20 -32.27
C THR G 2902 17.99 -126.73 -33.69
N ALA G 2903 16.84 -126.93 -34.35
CA ALA G 2903 16.82 -127.56 -35.67
C ALA G 2903 17.31 -126.61 -36.77
N LYS G 2904 17.06 -125.31 -36.61
CA LYS G 2904 17.42 -124.37 -37.67
C LYS G 2904 18.93 -124.34 -37.92
N GLU G 2905 19.71 -124.37 -36.84
CA GLU G 2905 21.17 -124.48 -36.98
C GLU G 2905 21.61 -125.92 -37.20
N LYS G 2906 20.77 -126.90 -36.84
CA LYS G 2906 21.05 -128.30 -37.13
C LYS G 2906 20.92 -128.60 -38.61
N ALA G 2907 20.20 -127.76 -39.35
CA ALA G 2907 19.74 -128.10 -40.69
C ALA G 2907 20.88 -128.50 -41.63
N ARG G 2908 22.03 -127.80 -41.55
CA ARG G 2908 23.12 -128.10 -42.46
C ARG G 2908 23.65 -129.51 -42.26
N ASP G 2909 23.99 -129.85 -41.01
CA ASP G 2909 24.51 -131.19 -40.72
C ASP G 2909 23.45 -132.25 -40.97
N ARG G 2910 22.20 -131.97 -40.62
CA ARG G 2910 21.13 -132.94 -40.85
C ARG G 2910 20.96 -133.22 -42.34
N GLU G 2911 21.01 -132.16 -43.16
CA GLU G 2911 20.88 -132.33 -44.61
C GLU G 2911 22.05 -133.10 -45.18
N LYS G 2912 23.27 -132.81 -44.71
CA LYS G 2912 24.44 -133.55 -45.20
C LYS G 2912 24.32 -135.03 -44.87
N ALA G 2913 23.98 -135.34 -43.62
CA ALA G 2913 23.85 -136.73 -43.19
C ALA G 2913 22.74 -137.43 -43.97
N GLN G 2914 21.60 -136.75 -44.17
CA GLN G 2914 20.49 -137.36 -44.88
C GLN G 2914 20.82 -137.58 -46.35
N GLU G 2915 21.57 -136.66 -46.96
CA GLU G 2915 21.98 -136.84 -48.35
C GLU G 2915 22.91 -138.03 -48.49
N LEU G 2916 23.89 -138.15 -47.59
CA LEU G 2916 24.77 -139.32 -47.62
C LEU G 2916 23.98 -140.60 -47.41
N LEU G 2917 22.99 -140.56 -46.51
CA LEU G 2917 22.18 -141.74 -46.22
C LEU G 2917 21.31 -142.12 -47.41
N LYS G 2918 20.76 -141.14 -48.13
CA LYS G 2918 20.01 -141.43 -49.34
C LYS G 2918 20.90 -142.02 -50.42
N PHE G 2919 22.13 -141.50 -50.53
CA PHE G 2919 23.08 -142.06 -51.49
C PHE G 2919 23.37 -143.53 -51.16
N LEU G 2920 23.49 -143.84 -49.87
CA LEU G 2920 23.59 -145.24 -49.45
C LEU G 2920 22.31 -146.02 -49.78
N GLN G 2921 21.15 -145.42 -49.54
CA GLN G 2921 19.89 -146.14 -49.59
C GLN G 2921 19.54 -146.55 -51.01
N MET G 2922 19.63 -145.63 -51.96
CA MET G 2922 19.25 -145.96 -53.33
C MET G 2922 20.18 -147.01 -53.94
N ASN G 2923 21.47 -146.93 -53.62
CA ASN G 2923 22.42 -147.92 -54.14
C ASN G 2923 22.27 -149.26 -53.43
N GLY G 2924 21.83 -149.25 -52.18
CA GLY G 2924 21.59 -150.49 -51.46
C GLY G 2924 22.74 -150.98 -50.60
N TYR G 2925 23.26 -150.11 -49.73
CA TYR G 2925 24.29 -150.48 -48.77
C TYR G 2925 23.64 -150.71 -47.41
N ALA G 2926 23.77 -151.93 -46.89
CA ALA G 2926 23.10 -152.31 -45.64
C ALA G 2926 24.08 -152.14 -44.49
N VAL G 2927 23.79 -151.20 -43.60
CA VAL G 2927 24.63 -150.95 -42.43
C VAL G 2927 23.84 -151.34 -41.18
N THR G 2928 24.49 -152.07 -40.29
CA THR G 2928 23.86 -152.56 -39.07
C THR G 2928 24.80 -152.40 -37.89
N ARG G 2929 24.22 -152.29 -36.70
CA ARG G 2929 25.01 -152.25 -35.47
C ARG G 2929 25.48 -153.65 -35.09
N LEU G 2936 16.50 -145.14 -27.39
CA LEU G 2936 16.26 -146.14 -28.42
C LEU G 2936 14.81 -146.57 -28.42
N ASP G 2937 14.12 -146.37 -29.55
CA ASP G 2937 12.70 -146.65 -29.68
C ASP G 2937 11.89 -145.93 -28.61
N THR G 2938 12.24 -144.68 -28.38
CA THR G 2938 11.59 -143.87 -27.35
C THR G 2938 10.34 -143.22 -27.92
N SER G 2939 9.20 -143.48 -27.29
CA SER G 2939 7.94 -142.88 -27.72
C SER G 2939 7.78 -141.49 -27.13
N SER G 2940 6.78 -140.76 -27.63
CA SER G 2940 6.51 -139.42 -27.13
C SER G 2940 6.10 -139.43 -25.67
N ILE G 2941 5.38 -140.47 -25.23
CA ILE G 2941 4.99 -140.56 -23.83
C ILE G 2941 6.22 -140.65 -22.94
N GLU G 2942 7.20 -141.45 -23.35
CA GLU G 2942 8.47 -141.50 -22.61
C GLU G 2942 9.22 -140.18 -22.71
N LYS G 2943 9.16 -139.53 -23.87
CA LYS G 2943 9.81 -138.23 -24.05
C LYS G 2943 9.16 -137.12 -23.24
N ARG G 2944 7.96 -137.34 -22.71
CA ARG G 2944 7.30 -136.34 -21.88
C ARG G 2944 8.14 -136.07 -20.62
N PHE G 2945 8.10 -134.80 -20.19
CA PHE G 2945 8.84 -134.41 -18.99
C PHE G 2945 8.34 -135.15 -17.75
N ALA G 2946 7.03 -135.32 -17.64
CA ALA G 2946 6.45 -135.97 -16.47
C ALA G 2946 6.94 -137.40 -16.33
N PHE G 2947 7.08 -138.12 -17.45
CA PHE G 2947 7.56 -139.49 -17.41
C PHE G 2947 8.97 -139.59 -16.84
N GLY G 2948 9.89 -138.78 -17.37
CA GLY G 2948 11.24 -138.79 -16.86
C GLY G 2948 11.32 -138.36 -15.41
N PHE G 2949 10.55 -137.34 -15.05
CA PHE G 2949 10.54 -136.87 -13.66
C PHE G 2949 10.07 -137.98 -12.72
N LEU G 2950 8.98 -138.66 -13.10
CA LEU G 2950 8.45 -139.74 -12.26
C LEU G 2950 9.44 -140.89 -12.17
N GLN G 2951 10.14 -141.20 -13.27
CA GLN G 2951 11.17 -142.24 -13.22
C GLN G 2951 12.26 -141.86 -12.23
N GLN G 2952 12.68 -140.59 -12.24
CA GLN G 2952 13.69 -140.14 -11.28
C GLN G 2952 13.17 -140.25 -9.84
N LEU G 2953 11.91 -139.91 -9.62
CA LEU G 2953 11.35 -140.05 -8.28
C LEU G 2953 11.33 -141.50 -7.83
N LEU G 2954 10.99 -142.43 -8.73
CA LEU G 2954 11.01 -143.84 -8.37
C LEU G 2954 12.42 -144.33 -8.07
N ARG G 2955 13.40 -143.88 -8.86
CA ARG G 2955 14.79 -144.25 -8.60
C ARG G 2955 15.25 -143.77 -7.23
N TRP G 2956 15.08 -142.47 -6.96
CA TRP G 2956 15.46 -141.96 -5.65
C TRP G 2956 14.59 -142.55 -4.56
N MET G 2957 13.40 -143.06 -4.88
CA MET G 2957 12.58 -143.71 -3.88
C MET G 2957 13.15 -145.06 -3.47
N ASP G 2958 13.61 -145.87 -4.43
CA ASP G 2958 14.22 -147.14 -4.03
C ASP G 2958 15.51 -146.88 -3.26
N ILE G 2959 16.28 -145.87 -3.68
CA ILE G 2959 17.47 -145.49 -2.90
C ILE G 2959 17.07 -145.07 -1.49
N SER G 2960 15.98 -144.31 -1.38
CA SER G 2960 15.50 -143.85 -0.08
C SER G 2960 15.06 -145.00 0.79
N GLN G 2961 14.32 -145.96 0.23
CA GLN G 2961 13.91 -147.11 1.01
C GLN G 2961 15.12 -147.90 1.48
N GLU G 2962 16.16 -147.98 0.65
CA GLU G 2962 17.39 -148.66 1.06
C GLU G 2962 18.02 -147.96 2.27
N PHE G 2963 18.24 -146.64 2.18
CA PHE G 2963 18.98 -146.04 3.28
C PHE G 2963 18.11 -145.81 4.52
N ILE G 2964 16.78 -145.74 4.38
CA ILE G 2964 15.95 -145.72 5.58
C ILE G 2964 15.83 -147.10 6.22
N ALA G 2965 15.92 -148.18 5.43
CA ALA G 2965 16.06 -149.50 6.03
C ALA G 2965 17.36 -149.59 6.82
N HIS G 2966 18.44 -149.06 6.25
CA HIS G 2966 19.71 -149.02 6.97
C HIS G 2966 19.59 -148.18 8.25
N LEU G 2967 18.89 -147.05 8.17
CA LEU G 2967 18.70 -146.19 9.33
C LEU G 2967 17.92 -146.92 10.43
N GLU G 2968 16.85 -147.63 10.05
CA GLU G 2968 16.11 -148.41 11.03
C GLU G 2968 16.98 -149.48 11.65
N ALA G 2969 17.78 -150.17 10.84
CA ALA G 2969 18.66 -151.20 11.36
C ALA G 2969 19.66 -150.64 12.37
N VAL G 2970 20.24 -149.47 12.06
CA VAL G 2970 21.26 -148.93 12.95
C VAL G 2970 20.65 -148.30 14.20
N VAL G 2971 19.46 -147.70 14.10
CA VAL G 2971 18.84 -147.11 15.28
C VAL G 2971 18.32 -148.21 16.20
N SER G 2972 17.85 -149.33 15.63
CA SER G 2972 17.41 -150.44 16.47
C SER G 2972 18.55 -151.03 17.29
N SER G 2973 19.73 -151.16 16.68
CA SER G 2973 20.90 -151.73 17.33
C SER G 2973 21.83 -150.57 17.71
N GLY G 2974 21.67 -150.05 18.92
CA GLY G 2974 22.50 -148.94 19.35
C GLY G 2974 22.10 -147.65 18.66
N ARG G 2975 23.10 -146.86 18.28
CA ARG G 2975 22.86 -145.58 17.62
C ARG G 2975 24.09 -145.25 16.78
N VAL G 2976 23.92 -145.25 15.46
CA VAL G 2976 24.98 -144.91 14.52
C VAL G 2976 24.65 -143.54 13.93
N GLU G 2977 25.58 -142.60 14.07
CA GLU G 2977 25.35 -141.23 13.63
C GLU G 2977 25.80 -141.03 12.18
N LYS G 2978 27.06 -141.31 11.88
CA LYS G 2978 27.62 -141.09 10.55
C LYS G 2978 27.13 -142.20 9.61
N SER G 2979 25.97 -141.96 8.99
CA SER G 2979 25.44 -142.92 8.04
C SER G 2979 26.21 -142.83 6.72
N PRO G 2980 26.44 -143.95 6.04
CA PRO G 2980 27.15 -143.90 4.75
C PRO G 2980 26.40 -143.14 3.66
N HIS G 2981 25.09 -142.98 3.79
CA HIS G 2981 24.28 -142.32 2.77
C HIS G 2981 23.66 -141.04 3.29
N GLU G 2982 24.35 -140.36 4.21
CA GLU G 2982 23.80 -139.18 4.86
C GLU G 2982 23.47 -138.07 3.86
N GLN G 2983 24.34 -137.89 2.86
CA GLN G 2983 24.05 -136.91 1.81
C GLN G 2983 22.76 -137.24 1.08
N GLU G 2984 22.56 -138.52 0.76
CA GLU G 2984 21.32 -138.94 0.10
C GLU G 2984 20.11 -138.67 0.98
N ILE G 2985 20.22 -138.99 2.28
CA ILE G 2985 19.10 -138.76 3.18
C ILE G 2985 18.75 -137.28 3.25
N LYS G 2986 19.77 -136.43 3.40
CA LYS G 2986 19.50 -134.99 3.50
C LYS G 2986 18.94 -134.44 2.19
N PHE G 2987 19.45 -134.88 1.04
CA PHE G 2987 18.89 -134.43 -0.22
C PHE G 2987 17.40 -134.79 -0.30
N PHE G 2988 17.11 -136.08 -0.11
CA PHE G 2988 15.74 -136.57 -0.23
C PHE G 2988 14.80 -135.88 0.76
N ALA G 2989 15.30 -135.52 1.94
CA ALA G 2989 14.44 -134.89 2.93
C ALA G 2989 14.25 -133.40 2.63
N LYS G 2990 15.35 -132.67 2.44
CA LYS G 2990 15.27 -131.22 2.38
C LYS G 2990 14.68 -130.72 1.06
N ILE G 2991 15.12 -131.26 -0.08
CA ILE G 2991 14.78 -130.68 -1.37
C ILE G 2991 13.82 -131.56 -2.17
N LEU G 2992 13.98 -132.88 -2.10
CA LEU G 2992 13.16 -133.75 -2.93
C LEU G 2992 11.68 -133.63 -2.60
N LEU G 2993 11.34 -133.67 -1.31
CA LEU G 2993 9.93 -133.60 -0.92
C LEU G 2993 9.29 -132.26 -1.29
N PRO G 2994 9.88 -131.10 -1.00
CA PRO G 2994 9.29 -129.85 -1.50
C PRO G 2994 9.15 -129.80 -3.01
N LEU G 2995 10.12 -130.38 -3.73
CA LEU G 2995 10.06 -130.35 -5.20
C LEU G 2995 8.83 -131.08 -5.72
N ILE G 2996 8.63 -132.32 -5.28
CA ILE G 2996 7.46 -133.07 -5.73
C ILE G 2996 6.18 -132.43 -5.22
N ASN G 2997 6.20 -131.90 -3.99
CA ASN G 2997 5.03 -131.23 -3.45
C ASN G 2997 4.60 -130.07 -4.34
N GLN G 2998 5.53 -129.17 -4.65
CA GLN G 2998 5.20 -128.00 -5.46
C GLN G 2998 4.82 -128.40 -6.88
N TYR G 2999 5.56 -129.34 -7.48
CA TYR G 2999 5.26 -129.76 -8.85
C TYR G 2999 3.88 -130.36 -8.95
N PHE G 3000 3.52 -131.23 -8.01
CA PHE G 3000 2.21 -131.86 -8.06
C PHE G 3000 1.11 -130.86 -7.71
N THR G 3001 1.40 -129.90 -6.85
CA THR G 3001 0.43 -128.86 -6.55
C THR G 3001 0.12 -128.02 -7.79
N ASN G 3002 1.15 -127.63 -8.54
CA ASN G 3002 0.91 -126.77 -9.69
C ASN G 3002 0.47 -127.54 -10.93
N HIS G 3003 0.67 -128.86 -10.98
CA HIS G 3003 0.21 -129.66 -12.10
C HIS G 3003 -0.73 -130.78 -11.67
N CYS G 3004 -1.54 -130.53 -10.64
CA CYS G 3004 -2.56 -131.49 -10.24
C CYS G 3004 -3.60 -131.70 -11.33
N LEU G 3005 -3.95 -130.62 -12.04
CA LEU G 3005 -5.01 -130.70 -13.03
C LEU G 3005 -4.62 -131.60 -14.21
N TYR G 3006 -3.36 -131.55 -14.62
CA TYR G 3006 -2.93 -132.28 -15.81
C TYR G 3006 -3.06 -133.79 -15.61
N PHE G 3007 -2.59 -134.30 -14.48
CA PHE G 3007 -2.63 -135.74 -14.24
C PHE G 3007 -4.05 -136.23 -14.03
N LEU G 3008 -4.89 -135.42 -13.40
CA LEU G 3008 -6.26 -135.85 -13.10
C LEU G 3008 -7.14 -135.92 -14.33
N SER G 3009 -6.78 -135.21 -15.41
CA SER G 3009 -7.62 -135.16 -16.59
C SER G 3009 -7.57 -136.47 -17.38
N THR G 3010 -8.70 -136.80 -17.99
CA THR G 3010 -8.85 -137.99 -18.83
C THR G 3010 -8.96 -137.60 -20.30
N PRO G 3011 -8.63 -138.51 -21.22
CA PRO G 3011 -8.83 -138.20 -22.64
C PRO G 3011 -10.26 -137.84 -22.99
N ALA G 3012 -11.24 -138.51 -22.36
CA ALA G 3012 -12.64 -138.19 -22.63
C ALA G 3012 -13.05 -136.86 -22.02
N LYS G 3013 -12.65 -136.62 -20.78
CA LYS G 3013 -13.00 -135.39 -20.06
C LYS G 3013 -11.73 -134.57 -19.87
N VAL G 3014 -11.59 -133.50 -20.64
CA VAL G 3014 -10.43 -132.62 -20.56
C VAL G 3014 -10.63 -131.73 -19.34
N LEU G 3015 -10.06 -132.13 -18.21
CA LEU G 3015 -10.21 -131.41 -16.94
C LEU G 3015 -8.98 -130.52 -16.76
N GLY G 3016 -9.15 -129.22 -16.99
CA GLY G 3016 -8.07 -128.27 -16.90
C GLY G 3016 -7.52 -127.89 -18.26
N SER G 3017 -6.52 -127.02 -18.23
CA SER G 3017 -5.89 -126.56 -19.47
C SER G 3017 -5.21 -127.71 -20.20
N GLY G 3018 -4.50 -128.57 -19.46
CA GLY G 3018 -3.89 -129.73 -20.07
C GLY G 3018 -4.92 -130.74 -20.52
N GLY G 3019 -4.62 -131.41 -21.63
CA GLY G 3019 -5.55 -132.37 -22.18
C GLY G 3019 -5.77 -133.58 -21.30
N HIS G 3020 -4.75 -134.43 -21.18
CA HIS G 3020 -4.84 -135.61 -20.33
C HIS G 3020 -3.43 -136.11 -20.07
N ALA G 3021 -3.33 -137.09 -19.15
CA ALA G 3021 -2.11 -137.83 -18.91
C ALA G 3021 -2.29 -139.27 -19.36
N SER G 3022 -1.21 -139.88 -19.83
CA SER G 3022 -1.27 -141.25 -20.29
C SER G 3022 -1.60 -142.20 -19.14
N ASN G 3023 -2.23 -143.33 -19.48
CA ASN G 3023 -2.60 -144.29 -18.45
C ASN G 3023 -1.37 -144.87 -17.76
N LYS G 3024 -0.26 -145.00 -18.47
CA LYS G 3024 0.97 -145.46 -17.84
C LYS G 3024 1.49 -144.43 -16.83
N GLU G 3025 1.36 -143.15 -17.14
CA GLU G 3025 1.67 -142.12 -16.15
C GLU G 3025 0.71 -142.21 -14.96
N LYS G 3026 -0.58 -142.42 -15.25
CA LYS G 3026 -1.59 -142.52 -14.21
C LYS G 3026 -1.40 -143.75 -13.33
N GLU G 3027 -0.68 -144.75 -13.81
CA GLU G 3027 -0.37 -145.89 -12.94
C GLU G 3027 0.95 -145.74 -12.22
N MET G 3028 1.97 -145.08 -12.81
CA MET G 3028 3.18 -144.87 -12.03
C MET G 3028 2.96 -143.88 -10.90
N ILE G 3029 2.06 -142.91 -11.09
CA ILE G 3029 1.73 -142.01 -9.99
C ILE G 3029 1.11 -142.79 -8.82
N THR G 3030 0.21 -143.72 -9.14
CA THR G 3030 -0.40 -144.54 -8.09
C THR G 3030 0.63 -145.45 -7.44
N SER G 3031 1.55 -146.00 -8.23
CA SER G 3031 2.62 -146.82 -7.67
C SER G 3031 3.46 -146.01 -6.69
N LEU G 3032 3.82 -144.78 -7.06
CA LEU G 3032 4.56 -143.91 -6.15
C LEU G 3032 3.78 -143.63 -4.87
N PHE G 3033 2.48 -143.35 -5.02
CA PHE G 3033 1.64 -143.07 -3.86
C PHE G 3033 1.67 -144.26 -2.91
N CYS G 3034 1.38 -145.46 -3.42
CA CYS G 3034 1.35 -146.65 -2.59
C CYS G 3034 2.71 -146.96 -1.99
N LYS G 3035 3.80 -146.65 -2.70
CA LYS G 3035 5.13 -146.95 -2.18
C LYS G 3035 5.48 -146.02 -1.02
N LEU G 3036 5.23 -144.72 -1.16
CA LEU G 3036 5.43 -143.83 0.00
C LEU G 3036 4.50 -144.20 1.14
N ALA G 3037 3.30 -144.71 0.83
CA ALA G 3037 2.43 -145.22 1.88
C ALA G 3037 3.08 -146.40 2.60
N ALA G 3038 3.72 -147.30 1.86
CA ALA G 3038 4.42 -148.41 2.47
C ALA G 3038 5.57 -147.93 3.36
N LEU G 3039 6.31 -146.91 2.92
CA LEU G 3039 7.37 -146.36 3.75
C LEU G 3039 6.82 -145.77 5.05
N VAL G 3040 5.81 -144.90 4.94
CA VAL G 3040 5.27 -144.26 6.15
C VAL G 3040 4.54 -145.26 7.03
N ARG G 3041 4.17 -146.43 6.48
CA ARG G 3041 3.48 -147.46 7.26
C ARG G 3041 4.26 -147.83 8.51
N HIS G 3042 5.58 -147.99 8.39
CA HIS G 3042 6.43 -148.30 9.54
C HIS G 3042 7.33 -147.15 9.96
N ARG G 3043 7.95 -146.44 9.00
CA ARG G 3043 9.00 -145.50 9.31
C ARG G 3043 8.48 -144.10 9.64
N VAL G 3044 7.24 -144.01 10.11
CA VAL G 3044 6.70 -142.72 10.55
C VAL G 3044 7.48 -142.18 11.75
N SER G 3045 7.88 -143.08 12.67
CA SER G 3045 8.62 -142.65 13.85
C SER G 3045 9.96 -142.03 13.46
N LEU G 3046 10.63 -142.63 12.48
CA LEU G 3046 11.86 -142.05 11.97
C LEU G 3046 11.55 -140.77 11.19
N PHE G 3047 12.56 -139.91 11.08
CA PHE G 3047 12.45 -138.57 10.49
C PHE G 3047 11.15 -137.87 10.91
N GLY G 3048 10.96 -137.78 12.22
CA GLY G 3048 9.79 -137.10 12.76
C GLY G 3048 9.75 -135.63 12.40
N THR G 3049 10.91 -135.00 12.26
CA THR G 3049 10.95 -133.59 11.87
C THR G 3049 10.38 -133.41 10.46
N ASP G 3050 10.70 -134.32 9.54
CA ASP G 3050 10.19 -134.27 8.18
C ASP G 3050 8.84 -134.97 8.03
N ALA G 3051 8.33 -135.58 9.10
CA ALA G 3051 7.03 -136.24 9.03
C ALA G 3051 5.90 -135.32 8.57
N PRO G 3052 5.80 -134.06 9.02
CA PRO G 3052 4.77 -133.17 8.43
C PRO G 3052 4.89 -133.03 6.92
N ALA G 3053 6.12 -132.94 6.41
CA ALA G 3053 6.30 -132.90 4.96
C ALA G 3053 5.83 -134.19 4.31
N VAL G 3054 6.09 -135.33 4.95
CA VAL G 3054 5.67 -136.62 4.41
C VAL G 3054 4.15 -136.69 4.34
N VAL G 3055 3.46 -136.28 5.40
CA VAL G 3055 2.01 -136.36 5.40
C VAL G 3055 1.40 -135.35 4.42
N ASN G 3056 2.02 -134.17 4.27
CA ASN G 3056 1.54 -133.22 3.28
C ASN G 3056 1.70 -133.76 1.87
N CYS G 3057 2.84 -134.40 1.59
CA CYS G 3057 3.04 -135.02 0.28
C CYS G 3057 2.05 -136.16 0.05
N LEU G 3058 1.74 -136.92 1.10
CA LEU G 3058 0.73 -137.96 0.98
C LEU G 3058 -0.64 -137.37 0.66
N HIS G 3059 -0.99 -136.26 1.32
CA HIS G 3059 -2.26 -135.59 1.00
C HIS G 3059 -2.29 -135.13 -0.45
N ILE G 3060 -1.19 -134.55 -0.93
CA ILE G 3060 -1.15 -134.06 -2.30
C ILE G 3060 -1.26 -135.21 -3.29
N LEU G 3061 -0.53 -136.29 -3.06
CA LEU G 3061 -0.55 -137.43 -3.99
C LEU G 3061 -1.84 -138.22 -3.90
N ALA G 3062 -2.60 -138.10 -2.81
CA ALA G 3062 -3.92 -138.70 -2.77
C ALA G 3062 -4.85 -138.07 -3.80
N ARG G 3063 -4.57 -136.82 -4.18
CA ARG G 3063 -5.32 -136.13 -5.22
C ARG G 3063 -4.64 -136.32 -6.57
N SER G 3064 -5.29 -135.81 -7.62
CA SER G 3064 -4.78 -135.90 -9.00
C SER G 3064 -4.51 -137.34 -9.40
N LEU G 3065 -5.39 -138.24 -8.98
CA LEU G 3065 -5.23 -139.67 -9.24
C LEU G 3065 -6.55 -140.23 -9.75
N ASP G 3066 -6.51 -140.87 -10.92
CA ASP G 3066 -7.69 -141.49 -11.51
C ASP G 3066 -7.71 -142.97 -11.13
N ALA G 3067 -8.15 -143.21 -9.89
CA ALA G 3067 -8.21 -144.58 -9.39
C ALA G 3067 -9.10 -145.46 -10.25
N ARG G 3068 -10.08 -144.87 -10.94
CA ARG G 3068 -10.93 -145.65 -11.83
C ARG G 3068 -10.09 -146.36 -12.89
N THR G 3069 -9.25 -145.61 -13.61
CA THR G 3069 -8.39 -146.23 -14.60
C THR G 3069 -7.21 -146.97 -13.98
N VAL G 3070 -6.91 -146.71 -12.70
CA VAL G 3070 -5.94 -147.56 -12.01
C VAL G 3070 -6.49 -148.97 -11.86
N MET G 3071 -7.75 -149.12 -11.43
CA MET G 3071 -8.30 -150.46 -11.26
C MET G 3071 -8.65 -151.10 -12.60
N LYS G 3072 -9.28 -150.36 -13.51
CA LYS G 3072 -9.73 -150.99 -14.76
C LYS G 3072 -8.53 -151.20 -15.68
N SER G 3073 -8.22 -152.47 -15.95
CA SER G 3073 -7.13 -152.87 -16.84
C SER G 3073 -5.80 -152.24 -16.42
N GLY G 3074 -5.63 -152.02 -15.12
CA GLY G 3074 -4.42 -151.43 -14.61
C GLY G 3074 -3.35 -152.47 -14.36
N PRO G 3075 -2.14 -152.00 -14.08
CA PRO G 3075 -1.04 -152.92 -13.76
C PRO G 3075 -1.34 -153.74 -12.52
N GLU G 3076 -1.11 -155.05 -12.62
CA GLU G 3076 -1.45 -155.96 -11.53
C GLU G 3076 -0.62 -155.66 -10.29
N ILE G 3077 0.66 -155.33 -10.47
CA ILE G 3077 1.52 -155.04 -9.33
C ILE G 3077 1.00 -153.83 -8.56
N VAL G 3078 0.68 -152.75 -9.29
CA VAL G 3078 0.18 -151.54 -8.64
C VAL G 3078 -1.15 -151.79 -7.96
N LYS G 3079 -2.06 -152.51 -8.65
CA LYS G 3079 -3.36 -152.79 -8.06
C LYS G 3079 -3.23 -153.63 -6.79
N ALA G 3080 -2.38 -154.66 -6.82
CA ALA G 3080 -2.18 -155.49 -5.65
C ALA G 3080 -1.55 -154.70 -4.51
N GLY G 3081 -0.57 -153.83 -4.82
CA GLY G 3081 0.03 -153.01 -3.78
C GLY G 3081 -0.98 -152.08 -3.13
N LEU G 3082 -1.85 -151.46 -3.93
CA LEU G 3082 -2.81 -150.51 -3.38
C LEU G 3082 -3.89 -151.24 -2.57
N ARG G 3083 -4.31 -152.42 -3.06
CA ARG G 3083 -5.25 -153.24 -2.30
C ARG G 3083 -4.65 -153.66 -0.97
N SER G 3084 -3.38 -154.09 -0.98
CA SER G 3084 -2.68 -154.38 0.27
C SER G 3084 -2.58 -153.14 1.14
N PHE G 3085 -2.54 -151.95 0.53
CA PHE G 3085 -2.55 -150.72 1.31
C PHE G 3085 -3.84 -150.58 2.11
N PHE G 3086 -5.01 -150.78 1.46
CA PHE G 3086 -6.24 -150.74 2.26
C PHE G 3086 -6.27 -151.87 3.29
N GLU G 3087 -5.78 -153.06 2.94
CA GLU G 3087 -5.82 -154.17 3.90
C GLU G 3087 -4.98 -153.84 5.13
N SER G 3088 -3.77 -153.32 4.92
CA SER G 3088 -2.91 -152.93 6.04
C SER G 3088 -3.53 -151.80 6.84
N ALA G 3089 -4.16 -150.84 6.17
CA ALA G 3089 -4.81 -149.75 6.90
C ALA G 3089 -5.94 -150.27 7.79
N SER G 3090 -6.74 -151.20 7.26
CA SER G 3090 -7.84 -151.77 8.04
C SER G 3090 -7.32 -152.58 9.22
N GLU G 3091 -6.28 -153.39 9.01
CA GLU G 3091 -5.72 -154.14 10.13
C GLU G 3091 -5.10 -153.21 11.16
N ASP G 3092 -4.53 -152.09 10.72
CA ASP G 3092 -4.01 -151.10 11.66
C ASP G 3092 -5.14 -150.47 12.48
N ILE G 3093 -6.24 -150.12 11.82
CA ILE G 3093 -7.39 -149.57 12.54
C ILE G 3093 -7.90 -150.58 13.57
N GLU G 3094 -7.89 -151.87 13.19
CA GLU G 3094 -8.24 -152.92 14.14
C GLU G 3094 -7.26 -152.94 15.31
N LYS G 3095 -5.97 -152.75 15.04
CA LYS G 3095 -4.99 -152.72 16.13
C LYS G 3095 -5.25 -151.57 17.09
N MET G 3096 -5.57 -150.38 16.56
CA MET G 3096 -5.90 -149.26 17.44
C MET G 3096 -7.18 -149.49 18.23
N VAL G 3097 -8.22 -150.07 17.61
CA VAL G 3097 -9.45 -150.27 18.38
C VAL G 3097 -9.23 -151.31 19.47
N GLU G 3098 -8.42 -152.35 19.18
CA GLU G 3098 -8.11 -153.33 20.22
C GLU G 3098 -7.24 -152.73 21.32
N ASN G 3099 -6.30 -151.86 20.96
CA ASN G 3099 -5.47 -151.20 21.97
C ASN G 3099 -6.30 -150.28 22.86
N LEU G 3100 -7.24 -149.54 22.27
CA LEU G 3100 -8.12 -148.69 23.05
C LEU G 3100 -9.02 -149.51 23.97
N ARG G 3101 -9.57 -150.61 23.44
CA ARG G 3101 -10.42 -151.56 24.19
C ARG G 3101 -11.28 -150.93 25.27
N GLN G 3117 5.58 -146.80 15.27
CA GLN G 3117 4.62 -147.42 16.17
C GLN G 3117 3.20 -147.16 15.69
N ASN G 3118 2.28 -148.10 15.98
CA ASN G 3118 0.94 -148.03 15.43
C ASN G 3118 0.17 -146.82 15.94
N LEU G 3119 0.28 -146.50 17.23
CA LEU G 3119 -0.50 -145.40 17.80
C LEU G 3119 -0.15 -144.07 17.14
N THR G 3120 1.14 -143.74 17.10
CA THR G 3120 1.55 -142.49 16.47
C THR G 3120 1.31 -142.53 14.97
N TYR G 3121 1.59 -143.68 14.33
CA TYR G 3121 1.39 -143.78 12.90
C TYR G 3121 -0.04 -143.46 12.52
N THR G 3122 -1.01 -144.15 13.15
CA THR G 3122 -2.41 -143.94 12.84
C THR G 3122 -2.77 -142.47 13.01
N THR G 3123 -2.66 -141.96 14.23
CA THR G 3123 -3.15 -140.62 14.53
C THR G 3123 -2.47 -139.55 13.68
N VAL G 3124 -1.15 -139.64 13.52
CA VAL G 3124 -0.42 -138.57 12.82
C VAL G 3124 -0.67 -138.64 11.33
N ALA G 3125 -0.57 -139.81 10.71
CA ALA G 3125 -0.57 -139.91 9.26
C ALA G 3125 -1.81 -140.60 8.69
N LEU G 3126 -2.18 -141.78 9.22
CA LEU G 3126 -3.13 -142.62 8.51
C LEU G 3126 -4.52 -141.99 8.48
N LEU G 3127 -5.01 -141.54 9.63
CA LEU G 3127 -6.36 -140.99 9.68
C LEU G 3127 -6.52 -139.75 8.81
N PRO G 3128 -5.66 -138.73 8.89
CA PRO G 3128 -5.84 -137.57 7.98
C PRO G 3128 -5.69 -137.92 6.51
N VAL G 3129 -4.58 -138.60 6.15
CA VAL G 3129 -4.30 -138.86 4.75
C VAL G 3129 -5.37 -139.75 4.13
N LEU G 3130 -5.73 -140.84 4.83
CA LEU G 3130 -6.66 -141.79 4.24
C LEU G 3130 -8.09 -141.25 4.33
N THR G 3131 -8.37 -140.40 5.32
CA THR G 3131 -9.63 -139.66 5.33
C THR G 3131 -9.74 -138.77 4.09
N THR G 3132 -8.67 -138.06 3.76
CA THR G 3132 -8.63 -137.33 2.50
C THR G 3132 -8.79 -138.27 1.31
N LEU G 3133 -8.29 -139.50 1.44
CA LEU G 3133 -8.48 -140.50 0.39
C LEU G 3133 -9.96 -140.77 0.13
N PHE G 3134 -10.73 -141.07 1.19
CA PHE G 3134 -12.16 -141.26 0.97
C PHE G 3134 -12.83 -139.98 0.48
N GLN G 3135 -12.36 -138.81 0.94
CA GLN G 3135 -12.93 -137.56 0.46
C GLN G 3135 -12.75 -137.43 -1.05
N HIS G 3136 -11.55 -137.70 -1.54
CA HIS G 3136 -11.28 -137.66 -2.96
C HIS G 3136 -12.10 -138.70 -3.73
N ILE G 3137 -12.23 -139.90 -3.14
CA ILE G 3137 -13.01 -140.96 -3.76
C ILE G 3137 -14.46 -140.52 -3.92
N ALA G 3138 -15.04 -139.94 -2.87
CA ALA G 3138 -16.42 -139.47 -2.93
C ALA G 3138 -16.56 -138.32 -3.93
N GLN G 3139 -15.57 -137.41 -3.97
CA GLN G 3139 -15.65 -136.28 -4.89
C GLN G 3139 -15.60 -136.74 -6.34
N HIS G 3140 -14.77 -137.73 -6.65
CA HIS G 3140 -14.59 -138.19 -8.02
C HIS G 3140 -15.38 -139.45 -8.34
N GLN G 3141 -16.30 -139.85 -7.44
CA GLN G 3141 -17.16 -141.02 -7.66
C GLN G 3141 -16.34 -142.28 -7.89
N PHE G 3142 -15.27 -142.44 -7.12
CA PHE G 3142 -14.42 -143.63 -7.19
C PHE G 3142 -14.92 -144.77 -6.33
N GLY G 3143 -16.04 -144.59 -5.62
CA GLY G 3143 -16.46 -145.59 -4.63
C GLY G 3143 -16.70 -146.95 -5.25
N ASP G 3144 -17.44 -146.98 -6.37
CA ASP G 3144 -17.74 -148.27 -7.02
C ASP G 3144 -16.47 -148.92 -7.56
N ASP G 3145 -15.54 -148.13 -8.08
CA ASP G 3145 -14.34 -148.68 -8.70
C ASP G 3145 -13.28 -149.05 -7.66
N VAL G 3146 -13.06 -148.20 -6.67
CA VAL G 3146 -12.03 -148.46 -5.67
C VAL G 3146 -12.51 -149.49 -4.66
N ILE G 3147 -13.63 -149.18 -4.00
CA ILE G 3147 -14.17 -150.00 -2.91
C ILE G 3147 -14.89 -151.19 -3.52
N LEU G 3148 -14.20 -152.33 -3.59
CA LEU G 3148 -14.80 -153.57 -4.06
C LEU G 3148 -13.90 -154.73 -3.66
N ASP G 3149 -14.52 -155.92 -3.57
CA ASP G 3149 -13.82 -157.19 -3.32
C ASP G 3149 -13.03 -157.07 -2.01
N ASP G 3150 -11.71 -157.28 -2.02
CA ASP G 3150 -10.94 -157.20 -0.78
C ASP G 3150 -10.95 -155.78 -0.22
N VAL G 3151 -11.00 -154.77 -1.09
CA VAL G 3151 -11.12 -153.40 -0.60
C VAL G 3151 -12.45 -153.23 0.13
N GLN G 3152 -13.52 -153.79 -0.43
CA GLN G 3152 -14.82 -153.76 0.23
C GLN G 3152 -14.75 -154.41 1.60
N VAL G 3153 -14.11 -155.57 1.69
CA VAL G 3153 -14.00 -156.28 2.96
C VAL G 3153 -13.21 -155.44 3.96
N SER G 3154 -12.12 -154.83 3.52
CA SER G 3154 -11.28 -154.06 4.43
C SER G 3154 -12.01 -152.84 4.98
N CYS G 3155 -12.70 -152.09 4.12
CA CYS G 3155 -13.39 -150.90 4.63
C CYS G 3155 -14.57 -151.30 5.51
N TYR G 3156 -15.23 -152.43 5.20
CA TYR G 3156 -16.30 -152.89 6.07
C TYR G 3156 -15.74 -153.25 7.45
N ARG G 3157 -14.60 -153.94 7.48
CA ARG G 3157 -13.95 -154.24 8.76
C ARG G 3157 -13.58 -152.96 9.50
N THR G 3158 -13.09 -151.95 8.76
CA THR G 3158 -12.80 -150.67 9.38
C THR G 3158 -14.05 -150.05 9.98
N LEU G 3159 -15.19 -150.16 9.28
CA LEU G 3159 -16.44 -149.62 9.80
C LEU G 3159 -16.84 -150.32 11.10
N CYS G 3160 -16.77 -151.66 11.13
CA CYS G 3160 -17.10 -152.37 12.35
C CYS G 3160 -16.16 -152.00 13.50
N SER G 3161 -14.86 -151.89 13.20
CA SER G 3161 -13.90 -151.53 14.24
C SER G 3161 -14.15 -150.13 14.77
N ILE G 3162 -14.46 -149.18 13.88
CA ILE G 3162 -14.65 -147.80 14.31
C ILE G 3162 -15.97 -147.63 15.04
N TYR G 3163 -16.96 -148.50 14.78
CA TYR G 3163 -18.19 -148.44 15.52
C TYR G 3163 -18.15 -149.22 16.82
N SER G 3164 -17.23 -150.18 16.95
CA SER G 3164 -17.11 -150.97 18.18
C SER G 3164 -16.59 -150.15 19.35
N LEU G 3165 -16.09 -148.94 19.10
CA LEU G 3165 -15.55 -148.09 20.16
C LEU G 3165 -16.63 -147.33 20.93
N GLY G 3166 -17.91 -147.60 20.66
CA GLY G 3166 -18.97 -146.94 21.41
C GLY G 3166 -18.97 -147.31 22.87
N THR G 3167 -18.69 -148.58 23.18
CA THR G 3167 -18.63 -149.01 24.58
C THR G 3167 -17.49 -148.31 25.32
N THR G 3168 -16.35 -148.15 24.67
CA THR G 3168 -15.22 -147.49 25.28
C THR G 3168 -15.54 -146.03 25.58
N LYS G 3169 -15.17 -145.57 26.78
CA LYS G 3169 -15.44 -144.21 27.20
C LYS G 3169 -14.26 -143.59 27.92
N ASN G 3170 -13.04 -144.02 27.59
CA ASN G 3170 -11.85 -143.46 28.21
C ASN G 3170 -11.46 -142.14 27.54
N THR G 3171 -10.48 -141.47 28.15
CA THR G 3171 -10.07 -140.15 27.65
C THR G 3171 -9.56 -140.23 26.22
N TYR G 3172 -8.83 -141.30 25.89
CA TYR G 3172 -8.29 -141.44 24.54
C TYR G 3172 -9.41 -141.52 23.50
N VAL G 3173 -10.40 -142.37 23.76
CA VAL G 3173 -11.48 -142.51 22.78
C VAL G 3173 -12.32 -141.24 22.73
N GLU G 3174 -12.51 -140.57 23.86
CA GLU G 3174 -13.26 -139.31 23.86
C GLU G 3174 -12.54 -138.25 23.04
N LYS G 3175 -11.21 -138.14 23.17
CA LYS G 3175 -10.50 -137.10 22.44
C LYS G 3175 -10.37 -137.43 20.96
N LEU G 3176 -10.24 -138.72 20.62
CA LEU G 3176 -10.08 -139.12 19.23
C LEU G 3176 -11.41 -139.31 18.52
N ARG G 3177 -12.53 -139.27 19.24
CA ARG G 3177 -13.82 -139.53 18.63
C ARG G 3177 -14.18 -138.57 17.49
N PRO G 3178 -13.92 -137.26 17.57
CA PRO G 3178 -14.18 -136.41 16.39
C PRO G 3178 -13.41 -136.84 15.14
N ALA G 3179 -12.16 -137.25 15.30
CA ALA G 3179 -11.38 -137.70 14.14
C ALA G 3179 -12.00 -138.94 13.52
N LEU G 3180 -12.37 -139.91 14.35
CA LEU G 3180 -13.07 -141.08 13.84
C LEU G 3180 -14.40 -140.69 13.20
N GLY G 3181 -15.08 -139.69 13.75
CA GLY G 3181 -16.33 -139.24 13.14
C GLY G 3181 -16.12 -138.70 11.73
N GLU G 3182 -15.09 -137.88 11.54
CA GLU G 3182 -14.76 -137.43 10.19
C GLU G 3182 -14.43 -138.61 9.29
N CYS G 3183 -13.63 -139.56 9.81
CA CYS G 3183 -13.23 -140.70 9.01
C CYS G 3183 -14.42 -141.55 8.57
N LEU G 3184 -15.35 -141.83 9.48
CA LEU G 3184 -16.50 -142.66 9.13
C LEU G 3184 -17.54 -141.89 8.32
N ALA G 3185 -17.61 -140.57 8.47
CA ALA G 3185 -18.41 -139.78 7.54
C ALA G 3185 -17.87 -139.93 6.13
N ARG G 3186 -16.54 -139.89 5.97
CA ARG G 3186 -15.94 -140.13 4.67
C ARG G 3186 -16.18 -141.56 4.18
N LEU G 3187 -16.13 -142.53 5.09
CA LEU G 3187 -16.50 -143.91 4.72
C LEU G 3187 -17.90 -143.97 4.14
N ALA G 3188 -18.86 -143.35 4.83
CA ALA G 3188 -20.24 -143.37 4.34
C ALA G 3188 -20.37 -142.64 3.01
N ALA G 3189 -19.63 -141.54 2.84
CA ALA G 3189 -19.68 -140.79 1.59
C ALA G 3189 -19.14 -141.60 0.42
N ALA G 3190 -18.00 -142.26 0.61
CA ALA G 3190 -17.33 -142.97 -0.48
C ALA G 3190 -17.74 -144.43 -0.59
N MET G 3191 -18.62 -144.91 0.28
CA MET G 3191 -18.90 -146.33 0.40
C MET G 3191 -20.01 -146.69 -0.59
N PRO G 3192 -19.77 -147.59 -1.55
CA PRO G 3192 -20.71 -147.80 -2.65
C PRO G 3192 -21.77 -148.87 -2.44
N VAL G 3193 -21.96 -149.40 -1.25
CA VAL G 3193 -23.06 -150.32 -0.99
C VAL G 3193 -23.82 -149.84 0.24
N ALA G 3194 -25.09 -150.23 0.32
CA ALA G 3194 -25.92 -149.91 1.47
C ALA G 3194 -25.58 -150.90 2.58
N PHE G 3195 -24.63 -150.52 3.43
CA PHE G 3195 -24.27 -151.36 4.57
C PHE G 3195 -25.48 -151.56 5.48
N LEU G 3196 -26.30 -150.53 5.62
CA LEU G 3196 -27.53 -150.58 6.38
C LEU G 3196 -28.70 -150.84 5.45
N GLU G 3197 -29.83 -151.22 6.06
CA GLU G 3197 -30.97 -151.76 5.32
C GLU G 3197 -30.47 -152.85 4.36
N PRO G 3198 -29.93 -153.94 4.89
CA PRO G 3198 -29.25 -154.92 4.03
C PRO G 3198 -30.13 -156.00 3.43
N GLN G 3199 -31.44 -155.95 3.65
CA GLN G 3199 -32.32 -156.95 3.06
C GLN G 3199 -32.33 -156.85 1.53
N LEU G 3200 -32.09 -155.66 0.99
CA LEU G 3200 -32.08 -155.44 -0.45
C LEU G 3200 -30.67 -155.28 -1.00
N ASN G 3201 -29.65 -155.72 -0.26
CA ASN G 3201 -28.28 -155.61 -0.74
C ASN G 3201 -28.01 -156.50 -1.94
N GLU G 3202 -28.85 -157.52 -2.17
CA GLU G 3202 -28.68 -158.39 -3.33
C GLU G 3202 -28.86 -157.62 -4.63
N TYR G 3203 -29.82 -156.69 -4.66
CA TYR G 3203 -30.12 -155.95 -5.88
C TYR G 3203 -28.95 -155.08 -6.31
N ASN G 3204 -28.18 -154.54 -5.37
CA ASN G 3204 -27.05 -153.70 -5.71
C ASN G 3204 -25.95 -154.53 -6.35
N ALA G 3205 -25.46 -154.07 -7.51
CA ALA G 3205 -24.42 -154.81 -8.22
C ALA G 3205 -23.06 -154.71 -7.52
N CYS G 3206 -22.79 -153.57 -6.88
CA CYS G 3206 -21.48 -153.36 -6.25
C CYS G 3206 -21.29 -154.18 -4.98
N SER G 3207 -22.35 -154.79 -4.46
CA SER G 3207 -22.23 -155.59 -3.25
C SER G 3207 -21.38 -156.84 -3.49
N VAL G 3208 -20.65 -157.25 -2.46
CA VAL G 3208 -19.80 -158.43 -2.57
C VAL G 3208 -20.63 -159.67 -2.85
N TYR G 3209 -21.82 -159.76 -2.24
CA TYR G 3209 -22.68 -160.91 -2.49
C TYR G 3209 -23.10 -160.97 -3.96
N THR G 3210 -23.38 -159.83 -4.58
CA THR G 3210 -23.75 -159.84 -5.98
C THR G 3210 -22.55 -160.15 -6.87
N THR G 3211 -21.40 -159.54 -6.57
CA THR G 3211 -20.21 -159.76 -7.40
C THR G 3211 -19.74 -161.21 -7.35
N LYS G 3212 -19.78 -161.81 -6.17
CA LYS G 3212 -19.22 -163.14 -5.97
C LYS G 3212 -20.33 -164.20 -6.03
N SER G 3213 -19.97 -165.37 -6.57
CA SER G 3213 -20.81 -166.55 -6.45
C SER G 3213 -20.83 -167.01 -5.00
N PRO G 3214 -21.78 -167.85 -4.60
CA PRO G 3214 -21.79 -168.33 -3.20
C PRO G 3214 -20.48 -168.96 -2.76
N ARG G 3215 -19.85 -169.76 -3.62
CA ARG G 3215 -18.56 -170.36 -3.27
C ARG G 3215 -17.49 -169.29 -3.11
N GLU G 3216 -17.50 -168.29 -3.99
CA GLU G 3216 -16.51 -167.22 -3.88
C GLU G 3216 -16.74 -166.37 -2.64
N ARG G 3217 -18.00 -166.19 -2.23
CA ARG G 3217 -18.29 -165.55 -0.96
C ARG G 3217 -17.73 -166.36 0.20
N ALA G 3218 -17.88 -167.69 0.12
CA ALA G 3218 -17.34 -168.56 1.17
C ALA G 3218 -15.83 -168.43 1.27
N ILE G 3219 -15.14 -168.40 0.12
CA ILE G 3219 -13.68 -168.24 0.14
C ILE G 3219 -13.27 -166.82 0.53
N LEU G 3220 -14.12 -165.82 0.31
CA LEU G 3220 -13.86 -164.47 0.75
C LEU G 3220 -14.17 -164.25 2.22
N GLY G 3221 -14.89 -165.17 2.85
CA GLY G 3221 -15.25 -165.05 4.25
C GLY G 3221 -16.67 -164.59 4.51
N LEU G 3222 -17.46 -164.38 3.48
CA LEU G 3222 -18.86 -163.98 3.68
C LEU G 3222 -19.66 -165.15 4.23
N PRO G 3223 -20.36 -164.97 5.35
CA PRO G 3223 -21.10 -166.09 5.95
C PRO G 3223 -22.45 -166.32 5.30
N ASN G 3224 -22.65 -165.77 4.09
CA ASN G 3224 -23.94 -165.82 3.39
C ASN G 3224 -25.04 -165.12 4.19
N SER G 3225 -24.64 -164.16 5.03
CA SER G 3225 -25.58 -163.36 5.80
C SER G 3225 -24.97 -161.98 5.96
N VAL G 3226 -25.53 -160.99 5.25
CA VAL G 3226 -24.94 -159.65 5.24
C VAL G 3226 -24.98 -159.01 6.62
N GLU G 3227 -25.97 -159.36 7.43
CA GLU G 3227 -26.11 -158.74 8.75
C GLU G 3227 -25.11 -159.25 9.77
N GLU G 3228 -24.45 -160.38 9.52
CA GLU G 3228 -23.69 -161.05 10.56
C GLU G 3228 -22.30 -160.43 10.77
N MET G 3229 -21.67 -159.90 9.72
CA MET G 3229 -20.33 -159.34 9.90
C MET G 3229 -20.34 -158.14 10.84
N CYS G 3230 -21.35 -157.27 10.71
CA CYS G 3230 -21.45 -156.07 11.55
C CYS G 3230 -22.85 -156.00 12.14
N PRO G 3231 -23.13 -156.77 13.19
CA PRO G 3231 -24.37 -156.56 13.94
C PRO G 3231 -24.31 -155.40 14.91
N ASP G 3232 -23.13 -154.81 15.11
CA ASP G 3232 -22.99 -153.68 16.02
C ASP G 3232 -23.79 -152.48 15.54
N ILE G 3233 -23.72 -152.17 14.25
CA ILE G 3233 -24.50 -151.07 13.68
C ILE G 3233 -25.90 -151.58 13.37
N PRO G 3234 -26.93 -151.02 14.02
CA PRO G 3234 -28.28 -151.47 13.66
C PRO G 3234 -28.69 -150.94 12.28
N VAL G 3235 -29.92 -151.22 11.87
CA VAL G 3235 -30.39 -150.80 10.56
C VAL G 3235 -30.56 -149.29 10.50
N LEU G 3236 -30.66 -148.75 9.30
CA LEU G 3236 -30.82 -147.31 9.13
C LEU G 3236 -32.07 -146.84 9.85
N ASP G 3237 -33.13 -147.62 9.76
CA ASP G 3237 -34.38 -147.26 10.42
C ASP G 3237 -34.14 -147.12 11.92
N ARG G 3238 -33.43 -148.09 12.50
CA ARG G 3238 -33.16 -148.04 13.93
C ARG G 3238 -32.45 -146.75 14.27
N LEU G 3239 -31.47 -146.39 13.47
CA LEU G 3239 -30.76 -145.13 13.69
C LEU G 3239 -31.77 -144.02 13.89
N MET G 3240 -32.66 -143.87 12.94
CA MET G 3240 -33.65 -142.79 13.02
C MET G 3240 -34.43 -142.86 14.34
N ALA G 3241 -34.85 -144.06 14.73
CA ALA G 3241 -35.59 -144.20 15.99
C ALA G 3241 -34.75 -143.76 17.18
N ASP G 3242 -33.49 -144.20 17.24
CA ASP G 3242 -32.62 -143.85 18.36
C ASP G 3242 -32.38 -142.35 18.41
N ILE G 3243 -32.08 -141.74 17.27
CA ILE G 3243 -31.75 -140.31 17.28
C ILE G 3243 -33.00 -139.50 17.63
N GLY G 3244 -34.18 -139.93 17.16
CA GLY G 3244 -35.41 -139.25 17.53
C GLY G 3244 -35.73 -139.38 19.00
N GLY G 3245 -35.53 -140.57 19.56
CA GLY G 3245 -35.75 -140.76 20.98
C GLY G 3245 -34.81 -139.93 21.84
N LEU G 3246 -33.53 -139.90 21.48
CA LEU G 3246 -32.57 -139.07 22.21
C LEU G 3246 -32.93 -137.60 22.11
N ALA G 3247 -33.35 -137.14 20.92
CA ALA G 3247 -33.79 -135.75 20.78
C ALA G 3247 -35.00 -135.46 21.66
N GLU G 3248 -35.98 -136.37 21.68
CA GLU G 3248 -37.18 -136.15 22.49
C GLU G 3248 -36.84 -136.11 23.97
N SER G 3249 -35.98 -137.02 24.42
CA SER G 3249 -35.55 -137.02 25.82
C SER G 3249 -34.56 -135.91 26.14
N GLY G 3250 -34.06 -135.22 25.13
CA GLY G 3250 -33.10 -134.15 25.35
C GLY G 3250 -31.77 -134.61 25.89
N ALA G 3251 -31.25 -135.73 25.39
CA ALA G 3251 -29.95 -136.22 25.84
C ALA G 3251 -28.85 -135.22 25.48
N ARG G 3252 -28.00 -134.92 26.45
CA ARG G 3252 -26.97 -133.92 26.23
C ARG G 3252 -25.73 -134.55 25.58
N TYR G 3253 -24.82 -133.67 25.15
CA TYR G 3253 -23.58 -134.11 24.54
C TYR G 3253 -22.77 -134.96 25.51
N THR G 3254 -22.69 -134.53 26.76
CA THR G 3254 -21.98 -135.31 27.78
C THR G 3254 -22.75 -136.58 28.13
N GLU G 3255 -24.08 -136.50 28.18
CA GLU G 3255 -24.87 -137.67 28.51
C GLU G 3255 -24.68 -138.80 27.50
N MET G 3256 -24.64 -138.47 26.21
CA MET G 3256 -24.36 -139.46 25.18
C MET G 3256 -23.51 -138.79 24.11
N PRO G 3257 -22.19 -138.96 24.17
CA PRO G 3257 -21.33 -138.41 23.11
C PRO G 3257 -21.29 -139.29 21.87
N HIS G 3258 -21.35 -140.61 22.06
CA HIS G 3258 -21.06 -141.54 20.98
C HIS G 3258 -22.04 -141.40 19.83
N VAL G 3259 -23.34 -141.33 20.14
CA VAL G 3259 -24.35 -141.24 19.09
C VAL G 3259 -24.17 -139.95 18.29
N ILE G 3260 -24.08 -138.81 18.98
CA ILE G 3260 -23.96 -137.53 18.30
C ILE G 3260 -22.68 -137.47 17.48
N GLU G 3261 -21.57 -137.95 18.04
CA GLU G 3261 -20.27 -137.87 17.38
C GLU G 3261 -20.10 -138.89 16.26
N ILE G 3262 -20.90 -139.96 16.23
CA ILE G 3262 -20.64 -141.05 15.29
C ILE G 3262 -21.82 -141.32 14.37
N THR G 3263 -22.99 -141.61 14.96
CA THR G 3263 -24.12 -142.05 14.13
C THR G 3263 -24.71 -140.91 13.31
N LEU G 3264 -24.65 -139.68 13.82
CA LEU G 3264 -25.10 -138.55 13.02
C LEU G 3264 -24.30 -138.39 11.72
N PRO G 3265 -22.97 -138.51 11.72
CA PRO G 3265 -22.27 -138.59 10.42
C PRO G 3265 -22.77 -139.72 9.53
N MET G 3266 -23.06 -140.90 10.10
CA MET G 3266 -23.67 -141.96 9.31
C MET G 3266 -24.92 -141.47 8.60
N LEU G 3267 -25.82 -140.83 9.33
CA LEU G 3267 -27.07 -140.39 8.72
C LEU G 3267 -26.82 -139.32 7.66
N CYS G 3268 -26.05 -138.29 8.02
CA CYS G 3268 -25.88 -137.13 7.15
C CYS G 3268 -25.04 -137.45 5.91
N SER G 3269 -24.30 -138.56 5.91
CA SER G 3269 -23.57 -138.97 4.72
C SER G 3269 -24.25 -140.11 3.98
N TYR G 3270 -25.01 -140.94 4.69
CA TYR G 3270 -25.76 -142.03 4.09
C TYR G 3270 -26.92 -141.51 3.25
N LEU G 3271 -27.72 -140.60 3.82
CA LEU G 3271 -28.95 -140.19 3.16
C LEU G 3271 -28.72 -139.51 1.82
N PRO G 3272 -27.81 -138.53 1.69
CA PRO G 3272 -27.67 -137.85 0.38
C PRO G 3272 -27.19 -138.78 -0.73
N ARG G 3273 -26.13 -139.55 -0.49
CA ARG G 3273 -25.51 -140.33 -1.56
C ARG G 3273 -26.47 -141.36 -2.13
N TRP G 3274 -27.22 -142.05 -1.27
CA TRP G 3274 -28.16 -143.08 -1.70
C TRP G 3274 -29.57 -142.55 -1.91
N TRP G 3275 -29.80 -141.24 -1.71
CA TRP G 3275 -31.14 -140.70 -1.95
C TRP G 3275 -31.45 -140.59 -3.43
N GLU G 3276 -30.48 -140.14 -4.24
CA GLU G 3276 -30.73 -139.97 -5.67
C GLU G 3276 -31.04 -141.30 -6.33
N ARG G 3277 -30.34 -142.36 -5.92
CA ARG G 3277 -30.59 -143.70 -6.46
C ARG G 3277 -31.73 -144.41 -5.73
N GLY G 3278 -32.35 -143.77 -4.74
CA GLY G 3278 -33.46 -144.35 -4.03
C GLY G 3278 -34.78 -144.11 -4.74
N PRO G 3279 -35.86 -144.63 -4.13
CA PRO G 3279 -37.18 -144.48 -4.75
C PRO G 3279 -37.64 -143.05 -4.92
N GLU G 3280 -37.24 -142.14 -4.01
CA GLU G 3280 -37.74 -140.77 -4.06
C GLU G 3280 -37.31 -140.07 -5.35
N ALA G 3281 -36.06 -140.26 -5.76
CA ALA G 3281 -35.59 -139.69 -7.01
C ALA G 3281 -35.61 -140.77 -8.09
N PRO G 3282 -36.51 -140.70 -9.06
CA PRO G 3282 -36.60 -141.76 -10.07
C PRO G 3282 -35.31 -141.86 -10.87
N PRO G 3283 -34.84 -143.08 -11.15
CA PRO G 3283 -33.64 -143.25 -11.96
C PRO G 3283 -33.90 -142.86 -13.40
N PRO G 3284 -32.93 -142.18 -14.04
CA PRO G 3284 -33.10 -141.86 -15.47
C PRO G 3284 -33.25 -143.09 -16.35
N ALA G 3285 -32.58 -144.19 -16.00
CA ALA G 3285 -32.65 -145.43 -16.77
C ALA G 3285 -33.64 -146.36 -16.09
N LEU G 3286 -34.85 -146.46 -16.67
CA LEU G 3286 -35.88 -147.35 -16.13
C LEU G 3286 -35.45 -148.82 -16.12
N PRO G 3287 -34.87 -149.38 -17.19
CA PRO G 3287 -34.39 -150.77 -17.09
C PRO G 3287 -33.36 -150.98 -15.99
N ALA G 3288 -32.46 -150.01 -15.78
CA ALA G 3288 -31.49 -150.12 -14.71
C ALA G 3288 -32.16 -150.05 -13.35
N GLY G 3289 -33.15 -149.19 -13.20
CA GLY G 3289 -33.87 -149.06 -11.94
C GLY G 3289 -34.99 -150.06 -11.73
N ALA G 3290 -35.20 -150.97 -12.67
CA ALA G 3290 -36.25 -151.99 -12.51
C ALA G 3290 -36.07 -152.82 -11.25
N PRO G 3291 -34.88 -153.32 -10.90
CA PRO G 3291 -34.71 -153.95 -9.60
C PRO G 3291 -34.95 -152.95 -8.49
N PRO G 3292 -35.49 -153.38 -7.36
CA PRO G 3292 -35.71 -152.47 -6.24
C PRO G 3292 -34.42 -151.82 -5.79
N PRO G 3293 -34.43 -150.54 -5.46
CA PRO G 3293 -33.21 -149.87 -5.00
C PRO G 3293 -32.66 -150.52 -3.74
N CYS G 3294 -31.33 -150.57 -3.65
CA CYS G 3294 -30.69 -151.13 -2.46
C CYS G 3294 -31.02 -150.30 -1.22
N THR G 3295 -31.24 -149.01 -1.39
CA THR G 3295 -31.62 -148.12 -0.30
C THR G 3295 -32.99 -147.54 -0.59
N ALA G 3296 -33.92 -147.68 0.35
CA ALA G 3296 -35.29 -147.24 0.18
C ALA G 3296 -35.61 -145.97 0.97
N VAL G 3297 -34.65 -145.06 1.06
CA VAL G 3297 -34.87 -143.80 1.77
C VAL G 3297 -35.68 -142.86 0.89
N THR G 3298 -36.60 -142.13 1.52
CA THR G 3298 -37.44 -141.14 0.87
C THR G 3298 -37.19 -139.77 1.50
N SER G 3299 -37.89 -138.76 0.98
CA SER G 3299 -37.73 -137.40 1.51
C SER G 3299 -38.13 -137.32 2.98
N ASP G 3300 -39.09 -138.14 3.41
CA ASP G 3300 -39.51 -138.14 4.80
C ASP G 3300 -38.39 -138.55 5.74
N HIS G 3301 -37.47 -139.39 5.26
CA HIS G 3301 -36.34 -139.81 6.10
C HIS G 3301 -35.46 -138.61 6.45
N LEU G 3302 -35.04 -137.87 5.42
CA LEU G 3302 -34.17 -136.72 5.66
C LEU G 3302 -34.86 -135.70 6.54
N ASN G 3303 -36.13 -135.46 6.27
CA ASN G 3303 -36.87 -134.47 7.05
C ASN G 3303 -36.82 -134.85 8.52
N SER G 3304 -37.12 -136.10 8.82
CA SER G 3304 -37.08 -136.56 10.20
C SER G 3304 -35.70 -136.35 10.77
N LEU G 3305 -34.68 -136.71 10.00
CA LEU G 3305 -33.31 -136.56 10.47
C LEU G 3305 -33.02 -135.12 10.84
N LEU G 3306 -33.37 -134.19 9.96
CA LEU G 3306 -33.12 -132.78 10.23
C LEU G 3306 -33.87 -132.34 11.48
N GLY G 3307 -35.14 -132.74 11.59
CA GLY G 3307 -35.92 -132.37 12.74
C GLY G 3307 -35.27 -132.88 14.01
N ASN G 3308 -34.81 -134.13 13.97
CA ASN G 3308 -34.16 -134.70 15.14
C ASN G 3308 -32.93 -133.90 15.50
N ILE G 3309 -32.12 -133.57 14.49
CA ILE G 3309 -30.92 -132.81 14.73
C ILE G 3309 -31.28 -131.49 15.39
N LEU G 3310 -32.27 -130.81 14.84
CA LEU G 3310 -32.67 -129.53 15.38
C LEU G 3310 -33.21 -129.70 16.79
N ARG G 3311 -34.10 -130.66 16.99
CA ARG G 3311 -34.57 -130.92 18.35
C ARG G 3311 -33.39 -131.05 19.31
N ILE G 3312 -32.33 -131.75 18.89
CA ILE G 3312 -31.13 -131.84 19.72
C ILE G 3312 -30.52 -130.46 19.94
N ILE G 3313 -30.46 -129.66 18.89
CA ILE G 3313 -29.85 -128.33 19.00
C ILE G 3313 -30.64 -127.46 19.98
N VAL G 3314 -31.97 -127.47 19.89
CA VAL G 3314 -32.77 -126.65 20.78
C VAL G 3314 -32.74 -127.20 22.21
N ASN G 3315 -32.63 -128.52 22.37
CA ASN G 3315 -32.56 -129.09 23.72
C ASN G 3315 -31.23 -128.74 24.39
N ASN G 3316 -30.13 -128.83 23.66
CA ASN G 3316 -28.80 -128.55 24.20
C ASN G 3316 -28.36 -127.19 23.68
N LEU G 3317 -28.60 -126.16 24.48
CA LEU G 3317 -28.13 -124.81 24.17
C LEU G 3317 -27.45 -124.11 25.33
N GLY G 3318 -27.72 -124.49 26.58
CA GLY G 3318 -27.06 -123.94 27.73
C GLY G 3318 -25.82 -124.68 28.17
N ILE G 3319 -25.40 -125.71 27.44
CA ILE G 3319 -24.22 -126.49 27.80
C ILE G 3319 -22.98 -125.70 27.41
N ASP G 3320 -22.20 -125.31 28.42
CA ASP G 3320 -20.98 -124.57 28.16
C ASP G 3320 -19.94 -125.44 27.48
N GLU G 3321 -19.13 -124.82 26.63
CA GLU G 3321 -18.06 -125.48 25.89
C GLU G 3321 -18.58 -126.63 25.03
N ALA G 3322 -19.77 -126.46 24.46
CA ALA G 3322 -20.32 -127.44 23.52
C ALA G 3322 -19.71 -127.17 22.15
N THR G 3323 -18.44 -127.57 22.02
CA THR G 3323 -17.66 -127.21 20.83
C THR G 3323 -18.14 -127.94 19.58
N TRP G 3324 -18.65 -129.17 19.73
CA TRP G 3324 -19.03 -129.95 18.56
C TRP G 3324 -20.32 -129.45 17.93
N MET G 3325 -20.99 -128.48 18.54
CA MET G 3325 -22.16 -127.87 17.91
C MET G 3325 -21.83 -127.37 16.51
N LYS G 3326 -20.70 -126.68 16.36
CA LYS G 3326 -20.34 -126.11 15.07
C LYS G 3326 -20.02 -127.21 14.05
N ARG G 3327 -19.35 -128.29 14.46
CA ARG G 3327 -19.04 -129.36 13.52
C ARG G 3327 -20.30 -130.13 13.12
N LEU G 3328 -21.23 -130.30 14.07
CA LEU G 3328 -22.52 -130.89 13.73
C LEU G 3328 -23.27 -130.01 12.75
N ALA G 3329 -23.21 -128.69 12.95
CA ALA G 3329 -23.79 -127.77 11.97
C ALA G 3329 -23.13 -127.92 10.61
N VAL G 3330 -21.82 -128.10 10.58
CA VAL G 3330 -21.12 -128.27 9.31
C VAL G 3330 -21.59 -129.55 8.61
N PHE G 3331 -21.70 -130.65 9.36
CA PHE G 3331 -22.12 -131.90 8.75
C PHE G 3331 -23.59 -131.85 8.30
N ALA G 3332 -24.43 -131.11 9.02
CA ALA G 3332 -25.83 -130.99 8.63
C ALA G 3332 -26.07 -129.90 7.60
N GLN G 3333 -25.07 -129.06 7.32
CA GLN G 3333 -25.23 -127.99 6.34
C GLN G 3333 -25.65 -128.48 4.97
N PRO G 3334 -25.07 -129.55 4.40
CA PRO G 3334 -25.62 -130.09 3.15
C PRO G 3334 -26.99 -130.71 3.31
N ILE G 3335 -27.24 -131.42 4.42
CA ILE G 3335 -28.48 -132.18 4.56
C ILE G 3335 -29.68 -131.30 4.88
N VAL G 3336 -29.47 -130.08 5.38
CA VAL G 3336 -30.60 -129.23 5.73
C VAL G 3336 -31.34 -128.76 4.50
N SER G 3337 -30.69 -128.76 3.33
CA SER G 3337 -31.39 -128.36 2.11
C SER G 3337 -32.24 -129.51 1.58
N ARG G 3338 -32.94 -129.26 0.48
CA ARG G 3338 -34.06 -130.08 0.04
C ARG G 3338 -34.97 -130.42 1.22
N ALA G 3339 -35.56 -129.38 1.80
CA ALA G 3339 -36.36 -129.48 3.01
C ALA G 3339 -37.82 -129.16 2.74
N ARG G 3340 -38.71 -129.81 3.49
CA ARG G 3340 -40.13 -129.56 3.36
C ARG G 3340 -40.48 -128.14 3.80
N PRO G 3341 -41.46 -127.51 3.14
CA PRO G 3341 -41.84 -126.14 3.51
C PRO G 3341 -42.35 -126.01 4.94
N GLU G 3342 -43.03 -127.02 5.47
CA GLU G 3342 -43.63 -126.94 6.80
C GLU G 3342 -42.59 -126.86 7.92
N LEU G 3343 -41.32 -127.12 7.60
CA LEU G 3343 -40.29 -127.08 8.63
C LEU G 3343 -40.15 -125.70 9.26
N LEU G 3344 -40.54 -124.64 8.54
CA LEU G 3344 -40.56 -123.31 9.14
C LEU G 3344 -41.41 -123.32 10.39
N HIS G 3345 -42.73 -123.49 10.22
CA HIS G 3345 -43.63 -123.47 11.37
C HIS G 3345 -43.32 -124.60 12.34
N SER G 3346 -42.65 -125.66 11.87
CA SER G 3346 -42.26 -126.74 12.77
C SER G 3346 -41.20 -126.27 13.76
N HIS G 3347 -40.02 -125.89 13.26
CA HIS G 3347 -38.87 -125.68 14.13
C HIS G 3347 -37.96 -124.53 13.72
N PHE G 3348 -38.49 -123.44 13.16
CA PHE G 3348 -37.64 -122.28 12.91
C PHE G 3348 -38.09 -121.05 13.69
N ILE G 3349 -39.35 -120.64 13.59
CA ILE G 3349 -39.82 -119.49 14.38
C ILE G 3349 -39.71 -119.73 15.89
N PRO G 3350 -40.11 -120.88 16.44
CA PRO G 3350 -39.97 -121.04 17.90
C PRO G 3350 -38.53 -120.96 18.39
N THR G 3351 -37.61 -121.63 17.71
CA THR G 3351 -36.21 -121.61 18.13
C THR G 3351 -35.63 -120.20 18.05
N ILE G 3352 -35.89 -119.50 16.94
CA ILE G 3352 -35.34 -118.15 16.79
C ILE G 3352 -36.00 -117.19 17.78
N GLY G 3353 -37.28 -117.41 18.10
CA GLY G 3353 -37.93 -116.58 19.10
C GLY G 3353 -37.35 -116.78 20.48
N ARG G 3354 -37.09 -118.03 20.86
CA ARG G 3354 -36.43 -118.31 22.14
C ARG G 3354 -35.04 -117.69 22.17
N LEU G 3355 -34.32 -117.79 21.04
CA LEU G 3355 -33.00 -117.16 20.96
C LEU G 3355 -33.10 -115.66 21.14
N ARG G 3356 -34.14 -115.03 20.57
CA ARG G 3356 -34.26 -113.58 20.69
C ARG G 3356 -34.65 -113.19 22.11
N LYS G 3357 -35.51 -113.98 22.77
CA LYS G 3357 -35.76 -113.76 24.19
C LYS G 3357 -34.47 -113.80 24.99
N ARG G 3358 -33.65 -114.82 24.77
CA ARG G 3358 -32.39 -114.93 25.51
C ARG G 3358 -31.48 -113.74 25.22
N ALA G 3359 -31.36 -113.36 23.95
CA ALA G 3359 -30.51 -112.23 23.58
C ALA G 3359 -31.02 -110.94 24.20
N GLY G 3360 -32.33 -110.73 24.20
CA GLY G 3360 -32.89 -109.53 24.80
C GLY G 3360 -32.68 -109.49 26.30
N LYS G 3361 -32.76 -110.65 26.96
CA LYS G 3361 -32.48 -110.70 28.39
C LYS G 3361 -31.04 -110.31 28.68
N VAL G 3362 -30.09 -110.87 27.92
CA VAL G 3362 -28.69 -110.51 28.17
C VAL G 3362 -28.42 -109.06 27.83
N VAL G 3363 -29.07 -108.53 26.79
CA VAL G 3363 -28.92 -107.12 26.45
C VAL G 3363 -29.51 -106.25 27.56
N ALA G 3364 -30.62 -106.67 28.16
CA ALA G 3364 -31.19 -105.92 29.29
C ALA G 3364 -30.25 -105.93 30.48
N GLU G 3365 -29.62 -107.07 30.77
CA GLU G 3365 -28.62 -107.09 31.83
C GLU G 3365 -27.47 -106.15 31.53
N GLU G 3366 -27.00 -106.14 30.27
CA GLU G 3366 -25.92 -105.24 29.88
C GLU G 3366 -26.33 -103.78 30.03
N GLU G 3367 -27.57 -103.46 29.65
CA GLU G 3367 -28.05 -102.08 29.76
C GLU G 3367 -28.16 -101.64 31.21
N GLN G 3368 -28.67 -102.51 32.08
CA GLN G 3368 -28.72 -102.18 33.50
C GLN G 3368 -27.31 -102.02 34.07
N LEU G 3369 -26.39 -102.90 33.66
CA LEU G 3369 -25.04 -102.89 34.20
C LEU G 3369 -24.25 -101.69 33.70
N ARG G 3370 -24.60 -101.15 32.53
CA ARG G 3370 -23.94 -99.93 32.07
C ARG G 3370 -24.60 -98.68 32.61
N LEU G 3371 -25.91 -98.71 32.91
CA LEU G 3371 -26.52 -97.56 33.54
C LEU G 3371 -26.06 -97.41 34.99
N GLU G 3372 -25.80 -98.53 35.67
CA GLU G 3372 -25.11 -98.43 36.95
C GLU G 3372 -23.61 -98.29 36.71
N ALA G 3373 -22.95 -97.53 37.58
CA ALA G 3373 -21.53 -97.19 37.41
C ALA G 3373 -20.77 -97.55 38.68
N LYS G 3374 -20.00 -98.63 38.61
CA LYS G 3374 -19.17 -99.07 39.73
C LYS G 3374 -18.25 -100.18 39.25
N ALA G 3375 -17.27 -100.53 40.10
CA ALA G 3375 -16.40 -101.66 39.79
C ALA G 3375 -17.19 -102.95 39.73
N GLU G 3376 -18.24 -103.08 40.55
CA GLU G 3376 -19.15 -104.21 40.40
C GLU G 3376 -19.82 -104.18 39.03
N ALA G 3377 -20.15 -102.98 38.53
CA ALA G 3377 -20.73 -102.88 37.19
C ALA G 3377 -19.74 -103.34 36.14
N GLU G 3378 -18.45 -102.99 36.28
CA GLU G 3378 -17.45 -103.46 35.32
C GLU G 3378 -17.29 -104.99 35.38
N GLU G 3379 -17.27 -105.56 36.59
CA GLU G 3379 -17.15 -107.01 36.71
C GLU G 3379 -18.36 -107.71 36.11
N GLY G 3380 -19.56 -107.18 36.36
CA GLY G 3380 -20.74 -107.71 35.70
C GLY G 3380 -20.70 -107.53 34.20
N GLU G 3381 -20.09 -106.45 33.73
CA GLU G 3381 -19.91 -106.26 32.29
C GLU G 3381 -19.04 -107.35 31.70
N LEU G 3382 -17.97 -107.73 32.41
CA LEU G 3382 -17.16 -108.87 31.97
C LEU G 3382 -17.97 -110.16 31.97
N LEU G 3383 -18.78 -110.37 33.01
CA LEU G 3383 -19.59 -111.58 33.08
C LEU G 3383 -20.59 -111.66 31.93
N VAL G 3384 -21.28 -110.54 31.65
CA VAL G 3384 -22.22 -110.53 30.54
C VAL G 3384 -21.48 -110.55 29.20
N ARG G 3385 -20.20 -110.15 29.18
CA ARG G 3385 -19.39 -110.37 27.98
C ARG G 3385 -19.20 -111.85 27.72
N ASP G 3386 -18.92 -112.62 28.78
CA ASP G 3386 -18.85 -114.08 28.61
C ASP G 3386 -20.19 -114.64 28.17
N GLU G 3387 -21.28 -114.13 28.74
CA GLU G 3387 -22.61 -114.56 28.33
C GLU G 3387 -22.88 -114.24 26.86
N PHE G 3388 -22.47 -113.05 26.41
CA PHE G 3388 -22.60 -112.69 25.01
C PHE G 3388 -21.73 -113.59 24.13
N SER G 3389 -20.57 -114.02 24.63
CA SER G 3389 -19.74 -114.94 23.86
C SER G 3389 -20.45 -116.28 23.65
N VAL G 3390 -21.06 -116.82 24.71
CA VAL G 3390 -21.78 -118.08 24.54
C VAL G 3390 -23.00 -117.88 23.65
N LEU G 3391 -23.64 -116.71 23.74
CA LEU G 3391 -24.73 -116.38 22.82
C LEU G 3391 -24.25 -116.36 21.37
N CYS G 3392 -23.08 -115.78 21.14
CA CYS G 3392 -22.49 -115.77 19.79
C CYS G 3392 -22.24 -117.19 19.32
N ARG G 3393 -21.72 -118.05 20.20
CA ARG G 3393 -21.51 -119.44 19.84
C ARG G 3393 -22.80 -120.10 19.40
N ASP G 3394 -23.86 -119.95 20.19
CA ASP G 3394 -25.14 -120.59 19.86
C ASP G 3394 -25.71 -120.04 18.55
N LEU G 3395 -25.66 -118.73 18.36
CA LEU G 3395 -26.26 -118.12 17.18
C LEU G 3395 -25.47 -118.48 15.92
N TYR G 3396 -24.15 -118.52 16.01
CA TYR G 3396 -23.33 -118.96 14.89
C TYR G 3396 -23.53 -120.44 14.58
N ALA G 3397 -23.82 -121.25 15.60
CA ALA G 3397 -24.19 -122.63 15.35
C ALA G 3397 -25.52 -122.73 14.61
N LEU G 3398 -26.49 -121.89 14.97
CA LEU G 3398 -27.83 -122.02 14.41
C LEU G 3398 -27.95 -121.43 13.01
N TYR G 3399 -27.22 -120.35 12.72
CA TYR G 3399 -27.44 -119.61 11.48
C TYR G 3399 -27.24 -120.37 10.17
N PRO G 3400 -26.20 -121.19 9.96
CA PRO G 3400 -25.99 -121.77 8.63
C PRO G 3400 -27.18 -122.58 8.10
N LEU G 3401 -27.83 -123.37 8.95
CA LEU G 3401 -29.00 -124.11 8.52
C LEU G 3401 -30.13 -123.16 8.14
N LEU G 3402 -30.27 -122.07 8.90
CA LEU G 3402 -31.25 -121.04 8.57
C LEU G 3402 -30.96 -120.43 7.20
N ILE G 3403 -29.69 -120.17 6.91
CA ILE G 3403 -29.30 -119.62 5.61
C ILE G 3403 -29.71 -120.56 4.50
N ARG G 3404 -29.38 -121.85 4.66
CA ARG G 3404 -29.77 -122.83 3.64
C ARG G 3404 -31.27 -122.83 3.44
N TYR G 3405 -32.04 -122.82 4.54
CA TYR G 3405 -33.48 -122.93 4.44
C TYR G 3405 -34.08 -121.69 3.74
N VAL G 3406 -33.63 -120.50 4.12
CA VAL G 3406 -34.19 -119.28 3.52
C VAL G 3406 -33.78 -119.18 2.05
N ASP G 3407 -32.55 -119.57 1.71
CA ASP G 3407 -32.16 -119.57 0.31
C ASP G 3407 -32.99 -120.54 -0.51
N ASN G 3408 -33.26 -121.73 0.03
CA ASN G 3408 -34.05 -122.70 -0.71
C ASN G 3408 -35.49 -122.24 -0.89
N ASN G 3409 -36.08 -121.62 0.14
CA ASN G 3409 -37.49 -121.28 0.10
C ASN G 3409 -37.77 -119.81 -0.20
N ARG G 3410 -36.77 -119.04 -0.64
CA ARG G 3410 -37.00 -117.61 -0.84
C ARG G 3410 -37.90 -117.34 -2.04
N ALA G 3411 -37.68 -118.05 -3.15
CA ALA G 3411 -38.43 -117.76 -4.37
C ALA G 3411 -39.92 -118.01 -4.18
N HIS G 3412 -40.28 -119.12 -3.54
CA HIS G 3412 -41.68 -119.41 -3.29
C HIS G 3412 -42.30 -118.36 -2.36
N TRP G 3413 -41.56 -117.93 -1.35
CA TRP G 3413 -42.08 -116.91 -0.44
C TRP G 3413 -42.31 -115.58 -1.16
N LEU G 3414 -41.38 -115.20 -2.05
CA LEU G 3414 -41.57 -113.97 -2.82
C LEU G 3414 -42.76 -114.09 -3.75
N THR G 3415 -42.93 -115.25 -4.40
CA THR G 3415 -44.05 -115.42 -5.32
C THR G 3415 -45.39 -115.41 -4.59
N GLU G 3416 -45.46 -116.07 -3.42
CA GLU G 3416 -46.68 -116.11 -2.62
C GLU G 3416 -46.31 -115.75 -1.19
N PRO G 3417 -46.88 -114.69 -0.62
CA PRO G 3417 -46.47 -114.26 0.74
C PRO G 3417 -46.80 -115.32 1.78
N ASN G 3418 -45.97 -115.35 2.82
CA ASN G 3418 -46.10 -116.32 3.91
C ASN G 3418 -46.01 -115.59 5.23
N ALA G 3419 -47.06 -115.70 6.06
CA ALA G 3419 -47.09 -115.01 7.34
C ALA G 3419 -46.01 -115.53 8.28
N ASN G 3420 -45.74 -116.84 8.25
CA ASN G 3420 -44.66 -117.39 9.05
C ASN G 3420 -43.31 -116.81 8.63
N ALA G 3421 -43.10 -116.66 7.32
CA ALA G 3421 -41.87 -116.05 6.84
C ALA G 3421 -41.77 -114.60 7.28
N GLU G 3422 -42.89 -113.88 7.28
CA GLU G 3422 -42.86 -112.50 7.75
C GLU G 3422 -42.54 -112.42 9.24
N GLU G 3423 -43.11 -113.34 10.04
CA GLU G 3423 -42.80 -113.37 11.46
C GLU G 3423 -41.33 -113.68 11.69
N LEU G 3424 -40.76 -114.61 10.91
CA LEU G 3424 -39.34 -114.89 11.02
C LEU G 3424 -38.50 -113.67 10.62
N PHE G 3425 -38.97 -112.91 9.62
CA PHE G 3425 -38.30 -111.67 9.26
C PHE G 3425 -38.28 -110.70 10.42
N ARG G 3426 -39.43 -110.50 11.07
CA ARG G 3426 -39.46 -109.63 12.24
C ARG G 3426 -38.53 -110.14 13.32
N MET G 3427 -38.45 -111.46 13.48
CA MET G 3427 -37.65 -112.03 14.54
C MET G 3427 -36.17 -111.75 14.32
N VAL G 3428 -35.68 -112.05 13.11
CA VAL G 3428 -34.27 -111.82 12.80
C VAL G 3428 -33.98 -110.32 12.76
N GLY G 3429 -34.96 -109.49 12.38
CA GLY G 3429 -34.76 -108.06 12.44
C GLY G 3429 -34.54 -107.57 13.85
N GLU G 3430 -35.34 -108.05 14.80
CA GLU G 3430 -35.14 -107.68 16.19
C GLU G 3430 -33.79 -108.16 16.70
N ILE G 3431 -33.38 -109.37 16.32
CA ILE G 3431 -32.07 -109.86 16.71
C ILE G 3431 -30.96 -108.96 16.16
N PHE G 3432 -31.09 -108.54 14.90
CA PHE G 3432 -30.09 -107.65 14.33
C PHE G 3432 -30.08 -106.30 15.03
N ILE G 3433 -31.26 -105.80 15.43
CA ILE G 3433 -31.33 -104.56 16.20
C ILE G 3433 -30.53 -104.71 17.49
N TYR G 3434 -30.72 -105.83 18.19
CA TYR G 3434 -29.98 -106.09 19.41
C TYR G 3434 -28.47 -106.08 19.14
N TRP G 3435 -28.04 -106.78 18.09
CA TRP G 3435 -26.62 -106.87 17.79
C TRP G 3435 -26.04 -105.51 17.42
N SER G 3436 -26.78 -104.71 16.64
CA SER G 3436 -26.28 -103.40 16.24
C SER G 3436 -26.18 -102.45 17.43
N LYS G 3437 -27.18 -102.49 18.32
CA LYS G 3437 -27.15 -101.59 19.48
C LYS G 3437 -26.15 -102.02 20.52
N SER G 3438 -25.84 -103.31 20.62
CA SER G 3438 -24.95 -103.83 21.65
C SER G 3438 -23.53 -103.90 21.09
N HIS G 3439 -22.62 -103.08 21.65
CA HIS G 3439 -21.21 -103.22 21.33
C HIS G 3439 -20.63 -104.50 21.92
N ASN G 3440 -21.18 -104.95 23.05
CA ASN G 3440 -20.78 -106.22 23.64
C ASN G 3440 -20.97 -107.36 22.65
N PHE G 3441 -22.10 -107.37 21.95
CA PHE G 3441 -22.36 -108.42 20.98
C PHE G 3441 -21.33 -108.42 19.86
N LYS G 3442 -20.99 -107.22 19.35
CA LYS G 3442 -20.00 -107.13 18.28
C LYS G 3442 -18.63 -107.61 18.74
N ARG G 3443 -18.20 -107.15 19.93
CA ARG G 3443 -16.86 -107.51 20.39
C ARG G 3443 -16.77 -109.00 20.72
N GLU G 3444 -17.83 -109.57 21.30
CA GLU G 3444 -17.82 -111.01 21.60
C GLU G 3444 -17.91 -111.83 20.33
N GLU G 3445 -18.61 -111.33 19.31
CA GLU G 3445 -18.59 -111.99 18.00
C GLU G 3445 -17.18 -111.99 17.43
N GLN G 3446 -16.48 -110.86 17.54
CA GLN G 3446 -15.08 -110.81 17.10
C GLN G 3446 -14.24 -111.84 17.84
N ASN G 3447 -14.38 -111.89 19.16
CA ASN G 3447 -13.57 -112.81 19.96
C ASN G 3447 -13.89 -114.27 19.61
N PHE G 3448 -15.16 -114.61 19.45
CA PHE G 3448 -15.55 -115.97 19.10
C PHE G 3448 -15.01 -116.34 17.73
N VAL G 3449 -15.11 -115.42 16.76
CA VAL G 3449 -14.60 -115.67 15.42
C VAL G 3449 -13.10 -115.94 15.45
N VAL G 3450 -12.34 -115.07 16.12
CA VAL G 3450 -10.89 -115.25 16.12
C VAL G 3450 -10.48 -116.48 16.92
N GLN G 3451 -11.24 -116.82 17.96
CA GLN G 3451 -10.89 -117.96 18.80
C GLN G 3451 -11.12 -119.28 18.07
N ASN G 3452 -12.29 -119.45 17.47
CA ASN G 3452 -12.66 -120.74 16.89
C ASN G 3452 -12.52 -120.78 15.37
N GLU G 3453 -11.94 -119.74 14.76
CA GLU G 3453 -11.82 -119.66 13.30
C GLU G 3453 -13.18 -119.84 12.63
N ILE G 3454 -14.22 -119.25 13.22
CA ILE G 3454 -15.55 -119.35 12.64
C ILE G 3454 -15.71 -118.42 11.44
N ASN G 3455 -14.72 -117.56 11.17
CA ASN G 3455 -14.72 -116.81 9.92
C ASN G 3455 -14.58 -117.75 8.72
N ASN G 3456 -13.77 -118.80 8.86
CA ASN G 3456 -13.66 -119.81 7.80
C ASN G 3456 -15.01 -120.48 7.55
N MET G 3457 -15.70 -120.87 8.63
CA MET G 3457 -16.99 -121.53 8.49
C MET G 3457 -18.03 -120.55 7.93
N SER G 3458 -17.96 -119.29 8.35
CA SER G 3458 -18.86 -118.27 7.81
C SER G 3458 -18.64 -118.07 6.31
N PHE G 3459 -17.37 -118.02 5.87
CA PHE G 3459 -17.10 -117.92 4.44
C PHE G 3459 -17.58 -119.15 3.70
N LEU G 3460 -17.42 -120.34 4.28
CA LEU G 3460 -17.93 -121.55 3.66
C LEU G 3460 -19.43 -121.48 3.47
N THR G 3461 -20.15 -121.06 4.51
CA THR G 3461 -21.60 -120.90 4.39
C THR G 3461 -21.94 -119.85 3.35
N ALA G 3462 -21.19 -118.75 3.31
CA ALA G 3462 -21.45 -117.68 2.36
C ALA G 3462 -21.28 -118.15 0.92
N ASP G 3463 -20.24 -118.93 0.64
CA ASP G 3463 -20.03 -119.41 -0.72
C ASP G 3463 -20.90 -120.60 -1.07
N SER G 3464 -21.51 -121.25 -0.07
CA SER G 3464 -22.45 -122.34 -0.34
C SER G 3464 -23.90 -121.94 -0.09
N LYS G 3465 -24.17 -120.64 0.07
CA LYS G 3465 -25.52 -120.14 0.25
C LYS G 3465 -26.48 -120.61 -0.85
N SER G 3494 -16.78 -110.67 5.21
CA SER G 3494 -16.56 -110.02 6.50
C SER G 3494 -16.73 -110.98 7.66
N VAL G 3495 -16.17 -110.64 8.81
CA VAL G 3495 -16.37 -111.44 10.00
C VAL G 3495 -17.77 -111.24 10.58
N GLN G 3496 -18.26 -110.00 10.55
CA GLN G 3496 -19.56 -109.66 11.13
C GLN G 3496 -20.72 -109.91 10.19
N THR G 3497 -20.46 -110.36 8.97
CA THR G 3497 -21.53 -110.48 7.97
C THR G 3497 -22.53 -111.57 8.29
N SER G 3498 -22.20 -112.48 9.21
CA SER G 3498 -23.13 -113.54 9.59
C SER G 3498 -24.37 -112.99 10.29
N LEU G 3499 -24.28 -111.79 10.87
CA LEU G 3499 -25.40 -111.17 11.54
C LEU G 3499 -26.29 -110.37 10.60
N ILE G 3500 -25.87 -110.15 9.35
CA ILE G 3500 -26.65 -109.32 8.44
C ILE G 3500 -27.15 -110.13 7.26
N VAL G 3501 -26.41 -111.16 6.84
CA VAL G 3501 -26.93 -111.98 5.75
C VAL G 3501 -28.14 -112.81 6.20
N ALA G 3502 -28.19 -113.21 7.46
CA ALA G 3502 -29.30 -114.02 7.95
C ALA G 3502 -30.48 -113.19 8.41
N THR G 3503 -30.34 -111.87 8.52
CA THR G 3503 -31.39 -111.01 9.02
C THR G 3503 -31.86 -109.99 8.01
N LEU G 3504 -30.95 -109.20 7.44
CA LEU G 3504 -31.32 -108.03 6.65
C LEU G 3504 -30.81 -108.08 5.21
N LYS G 3505 -30.23 -109.19 4.77
CA LYS G 3505 -29.80 -109.30 3.38
C LYS G 3505 -30.57 -110.36 2.60
N LYS G 3506 -30.57 -111.60 3.07
CA LYS G 3506 -31.28 -112.66 2.34
C LYS G 3506 -32.78 -112.51 2.49
N MET G 3507 -33.26 -112.36 3.72
CA MET G 3507 -34.68 -112.37 4.02
C MET G 3507 -35.28 -110.96 3.99
N LEU G 3508 -34.45 -109.94 3.77
CA LEU G 3508 -34.94 -108.57 3.68
C LEU G 3508 -36.11 -108.38 2.70
N PRO G 3509 -36.11 -108.94 1.49
CA PRO G 3509 -37.27 -108.77 0.61
C PRO G 3509 -38.58 -109.29 1.20
N ILE G 3510 -38.52 -110.33 2.03
CA ILE G 3510 -39.73 -110.87 2.64
C ILE G 3510 -40.46 -109.78 3.42
N GLY G 3511 -39.74 -109.08 4.30
CA GLY G 3511 -40.31 -107.96 5.01
C GLY G 3511 -40.51 -106.71 4.18
N LEU G 3512 -39.74 -106.57 3.10
CA LEU G 3512 -39.90 -105.41 2.23
C LEU G 3512 -41.19 -105.45 1.44
N ASN G 3513 -41.68 -106.64 1.11
CA ASN G 3513 -42.87 -106.77 0.28
C ASN G 3513 -44.18 -106.59 1.04
N MET G 3514 -44.17 -106.59 2.37
CA MET G 3514 -45.42 -106.38 3.10
C MET G 3514 -45.96 -104.98 2.88
N CYS G 3515 -45.09 -103.97 2.96
CA CYS G 3515 -45.54 -102.60 2.78
C CYS G 3515 -45.93 -102.35 1.34
N ALA G 3516 -46.98 -101.56 1.15
CA ALA G 3516 -47.40 -101.19 -0.20
C ALA G 3516 -46.37 -100.26 -0.83
N PRO G 3517 -46.24 -100.29 -2.16
CA PRO G 3517 -45.31 -99.35 -2.82
C PRO G 3517 -45.67 -97.90 -2.61
N THR G 3518 -46.91 -97.60 -2.19
CA THR G 3518 -47.33 -96.25 -1.90
C THR G 3518 -47.11 -95.84 -0.44
N ASP G 3519 -46.57 -96.73 0.39
CA ASP G 3519 -46.23 -96.43 1.78
C ASP G 3519 -44.78 -96.02 1.97
N GLN G 3520 -44.03 -95.91 0.88
CA GLN G 3520 -42.61 -95.57 0.99
C GLN G 3520 -42.43 -94.19 1.59
N ASP G 3521 -43.40 -93.29 1.39
CA ASP G 3521 -43.32 -91.98 2.03
C ASP G 3521 -43.35 -92.12 3.54
N LEU G 3522 -44.29 -92.92 4.06
CA LEU G 3522 -44.32 -93.16 5.50
C LEU G 3522 -43.03 -93.82 5.96
N ILE G 3523 -42.47 -94.72 5.14
CA ILE G 3523 -41.23 -95.40 5.53
C ILE G 3523 -40.10 -94.39 5.67
N MET G 3524 -39.94 -93.48 4.69
CA MET G 3524 -38.87 -92.48 4.82
C MET G 3524 -39.11 -91.56 6.01
N LEU G 3525 -40.36 -91.12 6.23
CA LEU G 3525 -40.65 -90.26 7.35
C LEU G 3525 -40.29 -90.95 8.68
N ALA G 3526 -40.62 -92.23 8.80
CA ALA G 3526 -40.22 -93.00 9.97
C ALA G 3526 -38.71 -93.08 10.11
N LYS G 3527 -38.01 -93.24 8.98
CA LYS G 3527 -36.54 -93.21 9.03
C LYS G 3527 -36.02 -91.87 9.54
N THR G 3528 -36.66 -90.77 9.13
CA THR G 3528 -36.30 -89.47 9.68
C THR G 3528 -36.52 -89.42 11.19
N ARG G 3529 -37.63 -90.00 11.65
CA ARG G 3529 -37.86 -90.08 13.09
C ARG G 3529 -36.74 -90.83 13.80
N TYR G 3530 -36.32 -91.95 13.22
CA TYR G 3530 -35.19 -92.69 13.78
C TYR G 3530 -33.92 -91.87 13.76
N ALA G 3531 -33.73 -91.05 12.72
CA ALA G 3531 -32.57 -90.16 12.66
C ALA G 3531 -32.65 -89.09 13.75
N LEU G 3532 -33.85 -88.72 14.17
CA LEU G 3532 -34.03 -87.89 15.35
C LEU G 3532 -34.02 -88.70 16.65
N LYS G 3533 -33.87 -90.03 16.55
CA LYS G 3533 -33.75 -90.91 17.73
C LYS G 3533 -35.04 -90.92 18.53
N ASP G 3534 -36.14 -91.23 17.86
CA ASP G 3534 -37.45 -91.36 18.49
C ASP G 3534 -37.76 -92.84 18.71
N THR G 3535 -38.32 -93.14 19.88
CA THR G 3535 -38.56 -94.53 20.26
C THR G 3535 -39.65 -95.15 19.38
N ASP G 3536 -39.89 -96.44 19.60
CA ASP G 3536 -40.82 -97.18 18.74
C ASP G 3536 -42.23 -96.62 18.85
N GLU G 3537 -42.72 -96.43 20.08
CA GLU G 3537 -44.06 -95.88 20.25
C GLU G 3537 -44.17 -94.48 19.65
N GLU G 3538 -43.12 -93.68 19.81
CA GLU G 3538 -43.13 -92.31 19.31
C GLU G 3538 -43.18 -92.27 17.78
N VAL G 3539 -42.40 -93.13 17.13
CA VAL G 3539 -42.45 -93.17 15.67
C VAL G 3539 -43.80 -93.70 15.20
N ARG G 3540 -44.40 -94.65 15.95
CA ARG G 3540 -45.77 -95.03 15.64
C ARG G 3540 -46.70 -93.82 15.72
N GLU G 3541 -46.50 -92.97 16.73
CA GLU G 3541 -47.33 -91.77 16.85
C GLU G 3541 -47.21 -90.90 15.61
N PHE G 3542 -45.98 -90.62 15.15
CA PHE G 3542 -45.86 -89.79 13.96
C PHE G 3542 -46.40 -90.46 12.70
N LEU G 3543 -46.31 -91.79 12.58
CA LEU G 3543 -47.01 -92.46 11.49
C LEU G 3543 -48.51 -92.22 11.56
N GLN G 3544 -49.08 -92.28 12.77
CA GLN G 3544 -50.52 -92.02 12.90
C GLN G 3544 -50.87 -90.58 12.54
N ASN G 3545 -50.04 -89.60 12.93
CA ASN G 3545 -50.37 -88.23 12.57
C ASN G 3545 -50.19 -87.98 11.08
N ASN G 3546 -49.14 -88.56 10.47
CA ASN G 3546 -48.80 -88.27 9.08
C ASN G 3546 -49.15 -89.45 8.15
N LEU G 3547 -50.22 -90.19 8.46
CA LEU G 3547 -50.67 -91.22 7.53
C LEU G 3547 -51.07 -90.63 6.18
N HIS G 3548 -51.53 -89.37 6.16
CA HIS G 3548 -51.97 -88.76 4.91
C HIS G 3548 -50.81 -88.34 4.01
N LEU G 3549 -49.58 -88.36 4.52
CA LEU G 3549 -48.40 -88.01 3.74
C LEU G 3549 -48.01 -89.10 2.76
N GLN G 3550 -48.86 -90.10 2.56
CA GLN G 3550 -48.56 -91.21 1.67
C GLN G 3550 -48.55 -90.75 0.21
N GLY G 3551 -47.86 -91.53 -0.62
CA GLY G 3551 -47.81 -91.24 -2.03
C GLY G 3551 -49.11 -91.56 -2.74
N LYS G 3552 -49.20 -91.11 -3.98
CA LYS G 3552 -50.38 -91.31 -4.81
C LYS G 3552 -50.01 -92.12 -6.04
N VAL G 3553 -50.89 -93.05 -6.42
CA VAL G 3553 -50.66 -93.87 -7.60
C VAL G 3553 -50.57 -92.99 -8.84
N GLU G 3554 -51.43 -91.97 -8.93
CA GLU G 3554 -51.37 -91.01 -10.03
C GLU G 3554 -50.11 -90.16 -9.98
N GLY G 3555 -49.42 -90.13 -8.84
CA GLY G 3555 -48.28 -89.22 -8.68
C GLY G 3555 -47.18 -89.48 -9.69
N SER G 3556 -46.79 -90.75 -9.85
CA SER G 3556 -45.70 -91.09 -10.76
C SER G 3556 -46.03 -92.37 -11.54
N PRO G 3557 -45.56 -92.47 -12.78
CA PRO G 3557 -45.71 -93.73 -13.53
C PRO G 3557 -45.01 -94.90 -12.87
N SER G 3558 -43.89 -94.66 -12.19
CA SER G 3558 -43.24 -95.72 -11.44
C SER G 3558 -44.19 -96.27 -10.37
N LEU G 3559 -44.81 -95.38 -9.60
CA LEU G 3559 -45.82 -95.82 -8.65
C LEU G 3559 -47.01 -96.47 -9.35
N ARG G 3560 -47.31 -96.04 -10.57
CA ARG G 3560 -48.40 -96.66 -11.34
C ARG G 3560 -48.14 -98.15 -11.49
N TRP G 3561 -47.03 -98.51 -12.13
CA TRP G 3561 -46.79 -99.93 -12.37
C TRP G 3561 -46.44 -100.68 -11.09
N GLN G 3562 -45.84 -100.00 -10.11
CA GLN G 3562 -45.54 -100.65 -8.84
C GLN G 3562 -46.82 -101.06 -8.11
N MET G 3563 -47.79 -100.14 -8.03
CA MET G 3563 -49.07 -100.46 -7.42
C MET G 3563 -49.80 -101.51 -8.23
N ALA G 3564 -49.67 -101.45 -9.57
CA ALA G 3564 -50.27 -102.48 -10.41
C ALA G 3564 -49.74 -103.86 -10.06
N LEU G 3565 -48.42 -103.99 -9.93
CA LEU G 3565 -47.83 -105.27 -9.55
C LEU G 3565 -48.25 -105.68 -8.14
N TYR G 3566 -48.28 -104.73 -7.22
CA TYR G 3566 -48.62 -105.06 -5.84
C TYR G 3566 -50.03 -105.62 -5.74
N ARG G 3567 -50.99 -105.02 -6.44
CA ARG G 3567 -52.34 -105.57 -6.45
C ARG G 3567 -52.46 -106.79 -7.36
N GLY G 3568 -51.54 -106.97 -8.30
CA GLY G 3568 -51.54 -108.17 -9.11
C GLY G 3568 -50.94 -109.39 -8.48
N LEU G 3569 -50.23 -109.21 -7.37
CA LEU G 3569 -49.73 -110.37 -6.62
C LEU G 3569 -50.90 -111.23 -6.17
N PRO G 3570 -50.87 -112.54 -6.41
CA PRO G 3570 -52.04 -113.37 -6.09
C PRO G 3570 -52.38 -113.40 -4.61
N GLY G 3571 -51.39 -113.62 -3.74
CA GLY G 3571 -51.67 -113.69 -2.31
C GLY G 3571 -52.00 -112.37 -1.68
N ARG G 3572 -51.73 -111.26 -2.36
CA ARG G 3572 -52.01 -109.94 -1.81
C ARG G 3572 -53.52 -109.71 -1.76
N GLU G 3573 -53.97 -109.09 -0.66
CA GLU G 3573 -55.37 -108.78 -0.46
C GLU G 3573 -55.50 -107.31 -0.07
N GLU G 3574 -56.75 -106.83 -0.03
CA GLU G 3574 -57.02 -105.45 0.32
C GLU G 3574 -57.11 -105.24 1.83
N ASP G 3575 -57.00 -106.30 2.63
CA ASP G 3575 -57.03 -106.16 4.08
C ASP G 3575 -55.77 -105.51 4.63
N ALA G 3576 -54.69 -105.42 3.83
CA ALA G 3576 -53.46 -104.78 4.27
C ALA G 3576 -53.58 -103.26 4.34
N ASP G 3577 -54.68 -102.69 3.84
CA ASP G 3577 -54.88 -101.24 3.85
C ASP G 3577 -55.20 -100.69 5.23
N ASP G 3578 -55.37 -101.55 6.24
CA ASP G 3578 -55.69 -101.08 7.58
C ASP G 3578 -54.56 -100.19 8.10
N PRO G 3579 -54.88 -99.02 8.67
CA PRO G 3579 -53.82 -98.14 9.16
C PRO G 3579 -52.95 -98.77 10.23
N GLU G 3580 -53.52 -99.64 11.07
CA GLU G 3580 -52.71 -100.33 12.06
C GLU G 3580 -51.65 -101.19 11.40
N LYS G 3581 -52.05 -102.02 10.44
CA LYS G 3581 -51.09 -102.85 9.71
C LYS G 3581 -50.06 -101.98 9.00
N ILE G 3582 -50.51 -100.87 8.42
CA ILE G 3582 -49.60 -99.97 7.71
C ILE G 3582 -48.54 -99.44 8.66
N VAL G 3583 -48.94 -98.96 9.84
CA VAL G 3583 -47.96 -98.37 10.75
C VAL G 3583 -47.03 -99.43 11.30
N ARG G 3584 -47.54 -100.63 11.60
CA ARG G 3584 -46.65 -101.70 12.05
C ARG G 3584 -45.59 -102.02 11.00
N ARG G 3585 -46.01 -102.27 9.75
CA ARG G 3585 -45.04 -102.67 8.74
C ARG G 3585 -44.07 -101.53 8.42
N VAL G 3586 -44.58 -100.29 8.38
CA VAL G 3586 -43.70 -99.16 8.10
C VAL G 3586 -42.66 -99.00 9.20
N GLN G 3587 -43.08 -99.12 10.46
CA GLN G 3587 -42.13 -98.99 11.56
C GLN G 3587 -41.08 -100.10 11.50
N GLU G 3588 -41.51 -101.34 11.26
CA GLU G 3588 -40.55 -102.44 11.21
C GLU G 3588 -39.55 -102.26 10.07
N VAL G 3589 -40.04 -101.95 8.87
CA VAL G 3589 -39.15 -101.79 7.72
C VAL G 3589 -38.22 -100.60 7.92
N SER G 3590 -38.74 -99.49 8.46
CA SER G 3590 -37.93 -98.31 8.67
C SER G 3590 -36.84 -98.56 9.70
N ALA G 3591 -37.18 -99.25 10.80
CA ALA G 3591 -36.15 -99.60 11.78
C ALA G 3591 -35.11 -100.52 11.18
N VAL G 3592 -35.55 -101.48 10.36
CA VAL G 3592 -34.61 -102.38 9.68
C VAL G 3592 -33.62 -101.59 8.84
N LEU G 3593 -34.12 -100.70 7.99
CA LEU G 3593 -33.25 -99.94 7.11
C LEU G 3593 -32.35 -98.98 7.89
N TYR G 3594 -32.90 -98.31 8.91
CA TYR G 3594 -32.12 -97.36 9.69
C TYR G 3594 -30.98 -98.06 10.41
N HIS G 3595 -31.25 -99.20 11.05
CA HIS G 3595 -30.19 -99.88 11.76
C HIS G 3595 -29.21 -100.54 10.81
N LEU G 3596 -29.65 -100.96 9.62
CA LEU G 3596 -28.72 -101.48 8.63
C LEU G 3596 -27.75 -100.40 8.18
N GLU G 3597 -28.27 -99.20 7.89
CA GLU G 3597 -27.38 -98.13 7.44
C GLU G 3597 -26.51 -97.62 8.59
N GLN G 3598 -27.00 -97.70 9.83
CA GLN G 3598 -26.14 -97.39 10.98
C GLN G 3598 -25.01 -98.40 11.11
N THR G 3599 -25.30 -99.68 10.85
CA THR G 3599 -24.24 -100.69 10.84
C THR G 3599 -23.23 -100.40 9.74
N GLU G 3600 -23.69 -100.00 8.56
CA GLU G 3600 -22.77 -99.62 7.50
C GLU G 3600 -21.91 -98.43 7.89
N HIS G 3601 -22.52 -97.42 8.52
CA HIS G 3601 -21.84 -96.21 8.92
C HIS G 3601 -22.50 -95.64 10.17
N PRO G 3602 -21.83 -95.73 11.34
CA PRO G 3602 -22.37 -95.23 12.62
C PRO G 3602 -22.70 -93.73 12.57
N THR G 3629 22.93 -96.49 29.48
CA THR G 3629 22.14 -95.38 29.99
C THR G 3629 21.96 -95.32 31.53
N PRO G 3630 21.85 -96.45 32.22
CA PRO G 3630 21.82 -96.39 33.68
C PRO G 3630 23.13 -95.87 34.26
N LEU G 3631 23.01 -95.13 35.37
CA LEU G 3631 24.18 -94.54 36.00
C LEU G 3631 25.13 -95.62 36.55
N TYR G 3632 24.57 -96.69 37.12
CA TYR G 3632 25.43 -97.74 37.66
C TYR G 3632 26.23 -98.43 36.57
N ASN G 3633 25.65 -98.59 35.37
CA ASN G 3633 26.43 -99.10 34.24
C ASN G 3633 27.38 -98.04 33.70
N LEU G 3634 27.06 -96.77 33.89
CA LEU G 3634 27.95 -95.69 33.46
C LEU G 3634 29.23 -95.74 34.28
N PRO G 3635 30.38 -95.45 33.67
CA PRO G 3635 31.64 -95.41 34.44
C PRO G 3635 31.59 -94.33 35.52
N THR G 3636 32.36 -94.57 36.59
CA THR G 3636 32.27 -93.72 37.78
C THR G 3636 32.71 -92.29 37.49
N HIS G 3637 33.82 -92.10 36.77
CA HIS G 3637 34.34 -90.76 36.56
C HIS G 3637 33.43 -89.92 35.68
N ARG G 3638 32.86 -90.54 34.63
CA ARG G 3638 31.92 -89.82 33.78
C ARG G 3638 30.67 -89.41 34.57
N ALA G 3639 30.17 -90.32 35.43
CA ALA G 3639 29.05 -89.98 36.28
C ALA G 3639 29.39 -88.85 37.24
N CYS G 3640 30.63 -88.85 37.76
CA CYS G 3640 31.05 -87.77 38.64
C CYS G 3640 31.08 -86.43 37.91
N ASN G 3641 31.59 -86.41 36.68
CA ASN G 3641 31.60 -85.18 35.91
C ASN G 3641 30.17 -84.69 35.62
N MET G 3642 29.30 -85.62 35.24
CA MET G 3642 27.90 -85.26 34.98
C MET G 3642 27.23 -84.73 36.25
N PHE G 3643 27.54 -85.33 37.40
CA PHE G 3643 27.00 -84.84 38.66
C PHE G 3643 27.54 -83.45 39.00
N LEU G 3644 28.80 -83.18 38.69
CA LEU G 3644 29.34 -81.84 38.89
C LEU G 3644 28.57 -80.83 38.06
N GLU G 3645 28.34 -81.14 36.79
CA GLU G 3645 27.56 -80.22 35.94
C GLU G 3645 26.14 -80.05 36.47
N SER G 3646 25.51 -81.14 36.90
CA SER G 3646 24.14 -81.07 37.40
C SER G 3646 24.05 -80.23 38.67
N TYR G 3647 25.00 -80.43 39.60
CA TYR G 3647 25.01 -79.63 40.82
C TYR G 3647 25.25 -78.16 40.51
N LYS G 3648 26.17 -77.87 39.58
CA LYS G 3648 26.41 -76.50 39.16
C LYS G 3648 25.13 -75.86 38.62
N ALA G 3649 24.40 -76.59 37.78
CA ALA G 3649 23.21 -76.03 37.16
C ALA G 3649 22.05 -75.90 38.15
N ALA G 3650 21.95 -76.80 39.13
CA ALA G 3650 20.75 -76.91 39.94
C ALA G 3650 20.84 -76.21 41.29
N TRP G 3651 21.99 -76.27 41.98
CA TRP G 3651 22.07 -75.80 43.35
C TRP G 3651 22.86 -74.51 43.50
N ILE G 3652 24.10 -74.49 43.03
CA ILE G 3652 24.96 -73.31 43.23
C ILE G 3652 24.41 -72.12 42.48
N LEU G 3653 24.00 -72.32 41.22
CA LEU G 3653 23.49 -71.21 40.41
C LEU G 3653 22.20 -70.64 40.99
N THR G 3654 21.29 -71.51 41.43
CA THR G 3654 20.00 -71.05 41.92
C THR G 3654 20.07 -70.37 43.28
N GLU G 3655 21.13 -70.62 44.05
CA GLU G 3655 21.27 -69.99 45.36
C GLU G 3655 21.45 -68.48 45.19
N ASP G 3656 20.78 -67.72 46.04
CA ASP G 3656 20.80 -66.26 45.99
C ASP G 3656 21.43 -65.71 47.26
N HIS G 3657 22.38 -64.81 47.10
CA HIS G 3657 23.03 -64.13 48.22
C HIS G 3657 23.26 -62.68 47.86
N SER G 3658 23.00 -61.79 48.81
CA SER G 3658 23.10 -60.34 48.60
C SER G 3658 24.28 -59.81 49.37
N PHE G 3659 25.21 -59.16 48.64
CA PHE G 3659 26.37 -58.53 49.27
C PHE G 3659 26.68 -57.15 48.71
N GLU G 3660 26.02 -56.71 47.64
CA GLU G 3660 26.37 -55.45 47.01
C GLU G 3660 26.12 -54.28 47.94
N ASP G 3661 24.95 -54.24 48.57
CA ASP G 3661 24.61 -53.13 49.46
C ASP G 3661 25.56 -53.08 50.65
N ARG G 3662 25.81 -54.23 51.27
CA ARG G 3662 26.72 -54.28 52.43
C ARG G 3662 28.11 -53.83 52.04
N MET G 3663 28.62 -54.30 50.91
CA MET G 3663 29.99 -53.98 50.52
C MET G 3663 30.13 -52.50 50.14
N ILE G 3664 29.13 -51.95 49.44
CA ILE G 3664 29.16 -50.53 49.11
C ILE G 3664 29.08 -49.69 50.39
N ASP G 3665 28.24 -50.10 51.34
CA ASP G 3665 28.16 -49.37 52.61
C ASP G 3665 29.48 -49.40 53.35
N ASP G 3666 30.15 -50.56 53.37
CA ASP G 3666 31.46 -50.64 54.03
C ASP G 3666 32.49 -49.78 53.32
N LEU G 3667 32.48 -49.77 51.98
CA LEU G 3667 33.47 -48.99 51.24
C LEU G 3667 33.23 -47.49 51.37
N SER G 3668 31.96 -47.07 51.52
CA SER G 3668 31.65 -45.65 51.56
C SER G 3668 32.25 -44.97 52.79
N LYS G 3669 32.24 -45.65 53.93
CA LYS G 3669 32.70 -45.05 55.17
C LYS G 3669 34.19 -44.72 55.09
N ALA G 3670 34.54 -43.52 55.58
CA ALA G 3670 35.93 -43.07 55.52
C ALA G 3670 36.77 -43.61 56.67
N GLY G 3671 36.13 -43.94 57.80
CA GLY G 3671 36.86 -44.49 58.93
C GLY G 3671 37.23 -43.45 59.97
N GLU G 3672 38.54 -43.29 60.20
CA GLU G 3672 39.03 -42.30 61.16
C GLU G 3672 39.87 -41.21 60.51
N GLN G 3673 40.07 -41.28 59.19
CA GLN G 3673 40.82 -40.21 58.51
C GLN G 3673 40.10 -38.87 58.64
N GLU G 3674 38.77 -38.87 58.47
CA GLU G 3674 38.02 -37.65 58.70
C GLU G 3674 37.95 -37.28 60.18
N GLU G 3675 38.08 -38.27 61.07
CA GLU G 3675 38.15 -37.97 62.50
C GLU G 3675 39.40 -37.17 62.84
N GLU G 3676 40.55 -37.56 62.27
CA GLU G 3676 41.79 -36.85 62.54
C GLU G 3676 42.04 -35.68 61.59
N GLU G 3677 41.24 -35.53 60.54
CA GLU G 3677 41.38 -34.42 59.61
C GLU G 3677 40.60 -33.21 60.14
N GLU G 3678 41.29 -32.13 60.42
CA GLU G 3678 40.69 -30.91 60.96
C GLU G 3678 40.61 -29.78 59.96
N GLU G 3679 41.67 -29.56 59.18
CA GLU G 3679 41.65 -28.47 58.20
C GLU G 3679 40.58 -28.70 57.13
N VAL G 3680 40.46 -29.95 56.65
CA VAL G 3680 39.49 -30.32 55.65
C VAL G 3680 38.68 -31.49 56.19
N GLU G 3681 37.37 -31.49 55.90
CA GLU G 3681 36.52 -32.57 56.37
C GLU G 3681 36.99 -33.93 55.87
N GLU G 3682 37.20 -34.05 54.56
CA GLU G 3682 37.77 -35.25 53.96
C GLU G 3682 38.67 -34.81 52.80
N LYS G 3683 39.96 -34.60 53.10
CA LYS G 3683 40.92 -34.29 52.05
C LYS G 3683 41.25 -35.53 51.23
N LYS G 3684 41.48 -36.65 51.89
CA LYS G 3684 41.75 -37.90 51.20
C LYS G 3684 40.44 -38.57 50.78
N PRO G 3685 40.32 -39.01 49.54
CA PRO G 3685 39.07 -39.66 49.10
C PRO G 3685 38.82 -40.97 49.84
N ASP G 3686 37.54 -41.27 50.04
CA ASP G 3686 37.15 -42.53 50.66
C ASP G 3686 37.39 -43.68 49.68
N PRO G 3687 37.41 -44.92 50.19
CA PRO G 3687 37.73 -46.07 49.30
C PRO G 3687 36.88 -46.16 48.05
N LEU G 3688 35.58 -45.90 48.15
CA LEU G 3688 34.74 -45.92 46.96
C LEU G 3688 35.14 -44.83 45.98
N HIS G 3689 35.47 -43.65 46.50
CA HIS G 3689 35.94 -42.56 45.64
C HIS G 3689 37.24 -42.95 44.94
N GLN G 3690 38.16 -43.59 45.66
CA GLN G 3690 39.41 -44.04 45.04
C GLN G 3690 39.14 -45.07 43.96
N LEU G 3691 38.18 -45.97 44.19
CA LEU G 3691 37.87 -47.00 43.20
C LEU G 3691 37.29 -46.37 41.93
N VAL G 3692 36.32 -45.47 42.08
CA VAL G 3692 35.74 -44.85 40.89
C VAL G 3692 36.77 -43.96 40.19
N LEU G 3693 37.65 -43.32 40.95
CA LEU G 3693 38.72 -42.53 40.33
C LEU G 3693 39.68 -43.42 39.55
N HIS G 3694 39.99 -44.61 40.07
CA HIS G 3694 40.82 -45.54 39.33
C HIS G 3694 40.17 -45.97 38.02
N PHE G 3695 38.88 -46.30 38.07
CA PHE G 3695 38.18 -46.65 36.83
C PHE G 3695 38.14 -45.48 35.87
N SER G 3696 37.95 -44.26 36.38
CA SER G 3696 37.97 -43.09 35.52
C SER G 3696 39.33 -42.88 34.89
N ARG G 3697 40.40 -43.15 35.64
CA ARG G 3697 41.75 -43.07 35.08
C ARG G 3697 41.95 -44.08 33.96
N THR G 3698 41.48 -45.32 34.17
CA THR G 3698 41.57 -46.32 33.11
C THR G 3698 40.78 -45.90 31.88
N ALA G 3699 39.59 -45.33 32.07
CA ALA G 3699 38.79 -44.87 30.95
C ALA G 3699 39.48 -43.73 30.20
N LEU G 3700 40.05 -42.78 30.95
CA LEU G 3700 40.68 -41.62 30.34
C LEU G 3700 42.02 -41.95 29.69
N THR G 3701 42.64 -43.06 30.08
CA THR G 3701 43.90 -43.46 29.46
C THR G 3701 43.72 -43.65 27.97
N GLU G 3702 44.64 -43.09 27.18
CA GLU G 3702 44.53 -43.14 25.73
C GLU G 3702 44.73 -44.57 25.24
N LYS G 3703 43.62 -45.21 24.85
CA LYS G 3703 43.64 -46.57 24.34
C LYS G 3703 42.97 -46.60 22.98
N SER G 3704 43.59 -47.30 22.03
CA SER G 3704 43.01 -47.41 20.69
C SER G 3704 41.66 -48.10 20.73
N LYS G 3705 41.56 -49.19 21.50
CA LYS G 3705 40.30 -49.89 21.67
C LYS G 3705 40.15 -50.32 23.13
N LEU G 3706 38.93 -50.31 23.62
CA LEU G 3706 38.66 -50.74 24.98
C LEU G 3706 38.79 -52.26 25.08
N ASP G 3707 39.44 -52.71 26.15
CA ASP G 3707 39.69 -54.13 26.37
C ASP G 3707 38.77 -54.68 27.45
N GLU G 3708 38.64 -56.01 27.45
CA GLU G 3708 37.79 -56.69 28.41
C GLU G 3708 38.34 -56.51 29.82
N ASP G 3709 37.46 -56.23 30.78
CA ASP G 3709 37.88 -56.05 32.17
C ASP G 3709 36.78 -56.59 33.08
N TYR G 3710 36.95 -57.85 33.51
CA TYR G 3710 36.00 -58.47 34.41
C TYR G 3710 35.88 -57.71 35.73
N LEU G 3711 36.97 -57.11 36.20
CA LEU G 3711 36.91 -56.32 37.42
C LEU G 3711 35.94 -55.15 37.27
N TYR G 3712 36.06 -54.41 36.16
CA TYR G 3712 35.14 -53.30 35.92
C TYR G 3712 33.71 -53.79 35.78
N MET G 3713 33.50 -54.89 35.04
CA MET G 3713 32.14 -55.39 34.87
C MET G 3713 31.52 -55.76 36.22
N ALA G 3714 32.24 -56.52 37.04
CA ALA G 3714 31.72 -56.93 38.33
C ALA G 3714 31.45 -55.74 39.23
N TYR G 3715 32.39 -54.78 39.27
CA TYR G 3715 32.20 -53.62 40.14
C TYR G 3715 31.02 -52.77 39.69
N ALA G 3716 30.88 -52.56 38.37
CA ALA G 3716 29.75 -51.80 37.87
C ALA G 3716 28.44 -52.50 38.19
N ASP G 3717 28.40 -53.83 38.08
CA ASP G 3717 27.20 -54.57 38.46
C ASP G 3717 26.89 -54.38 39.95
N ILE G 3718 27.93 -54.39 40.79
CA ILE G 3718 27.72 -54.23 42.22
C ILE G 3718 27.10 -52.87 42.53
N MET G 3719 27.71 -51.80 42.00
CA MET G 3719 27.16 -50.46 42.27
C MET G 3719 25.77 -50.29 41.68
N ALA G 3720 25.55 -50.83 40.47
CA ALA G 3720 24.22 -50.72 39.85
C ALA G 3720 23.16 -51.40 40.70
N LYS G 3721 23.46 -52.61 41.20
CA LYS G 3721 22.51 -53.31 42.06
C LYS G 3721 22.27 -52.53 43.35
N SER G 3722 23.34 -52.00 43.95
CA SER G 3722 23.21 -51.28 45.21
C SER G 3722 22.31 -50.06 45.05
N CYS G 3723 22.50 -49.29 43.98
CA CYS G 3723 21.68 -48.11 43.79
C CYS G 3723 20.32 -48.41 43.17
N HIS G 3724 20.13 -49.60 42.59
CA HIS G 3724 18.85 -49.97 42.01
C HIS G 3724 17.97 -50.72 43.00
N LEU G 3725 18.49 -51.07 44.18
CA LEU G 3725 17.66 -51.69 45.20
C LEU G 3725 16.41 -50.85 45.51
N GLU G 3726 16.61 -49.56 45.79
CA GLU G 3726 15.47 -48.71 46.14
C GLU G 3726 14.52 -48.53 44.96
N GLU G 3727 15.07 -48.41 43.75
CA GLU G 3727 14.22 -48.27 42.57
C GLU G 3727 13.35 -49.51 42.37
N GLY G 3728 13.92 -50.69 42.57
CA GLY G 3728 13.16 -51.92 42.50
C GLY G 3728 12.35 -52.25 43.73
N GLY G 3729 12.47 -51.45 44.79
CA GLY G 3729 11.71 -51.66 46.00
C GLY G 3729 12.48 -52.28 47.15
N GLU G 3730 13.72 -52.72 46.91
CA GLU G 3730 14.53 -53.31 47.97
C GLU G 3730 15.56 -52.32 48.49
N GLU G 3737 -2.31 -57.66 42.41
CA GLU G 3737 -2.34 -57.08 43.75
C GLU G 3737 -2.51 -55.57 43.67
N GLU G 3738 -3.71 -55.10 43.99
CA GLU G 3738 -4.01 -53.67 43.97
C GLU G 3738 -3.57 -53.05 45.30
N VAL G 3739 -2.26 -52.92 45.45
CA VAL G 3739 -1.67 -52.35 46.66
C VAL G 3739 -1.77 -50.83 46.58
N GLU G 3740 -2.37 -50.23 47.60
CA GLU G 3740 -2.53 -48.78 47.67
C GLU G 3740 -1.32 -48.21 48.40
N VAL G 3741 -0.34 -47.71 47.64
CA VAL G 3741 0.86 -47.14 48.24
C VAL G 3741 0.57 -45.71 48.67
N SER G 3742 0.88 -45.40 49.92
CA SER G 3742 0.60 -44.08 50.46
C SER G 3742 1.55 -43.03 49.89
N PHE G 3743 1.10 -41.77 49.94
CA PHE G 3743 1.93 -40.66 49.48
C PHE G 3743 3.23 -40.58 50.27
N GLU G 3744 3.14 -40.74 51.60
CA GLU G 3744 4.34 -40.72 52.42
C GLU G 3744 5.29 -41.86 52.05
N GLU G 3745 4.74 -43.06 51.84
CA GLU G 3745 5.58 -44.20 51.48
C GLU G 3745 6.28 -43.96 50.15
N LYS G 3746 5.55 -43.42 49.16
CA LYS G 3746 6.18 -43.11 47.88
C LYS G 3746 7.28 -42.07 48.05
N GLU G 3747 7.03 -41.05 48.87
CA GLU G 3747 8.04 -40.01 49.08
C GLU G 3747 9.30 -40.57 49.73
N MET G 3748 9.15 -41.41 50.76
CA MET G 3748 10.34 -41.99 51.39
C MET G 3748 11.06 -42.96 50.45
N GLU G 3749 10.33 -43.70 49.61
CA GLU G 3749 10.99 -44.54 48.63
C GLU G 3749 11.81 -43.69 47.66
N LYS G 3750 11.24 -42.58 47.20
CA LYS G 3750 11.98 -41.68 46.31
C LYS G 3750 13.21 -41.11 47.00
N GLN G 3751 13.08 -40.73 48.27
CA GLN G 3751 14.23 -40.20 49.00
C GLN G 3751 15.32 -41.25 49.17
N ARG G 3752 14.94 -42.50 49.45
CA ARG G 3752 15.93 -43.56 49.57
C ARG G 3752 16.65 -43.80 48.24
N LEU G 3753 15.90 -43.79 47.14
CA LEU G 3753 16.52 -43.92 45.82
C LEU G 3753 17.48 -42.76 45.55
N LEU G 3754 17.08 -41.54 45.90
CA LEU G 3754 17.95 -40.39 45.72
C LEU G 3754 19.22 -40.51 46.54
N TYR G 3755 19.11 -41.00 47.78
CA TYR G 3755 20.28 -41.17 48.62
C TYR G 3755 21.23 -42.22 48.05
N GLN G 3756 20.69 -43.35 47.60
CA GLN G 3756 21.55 -44.39 47.05
C GLN G 3756 22.20 -43.94 45.75
N GLN G 3757 21.50 -43.12 44.95
CA GLN G 3757 22.12 -42.56 43.75
C GLN G 3757 23.16 -41.50 44.10
N SER G 3758 22.94 -40.77 45.20
CA SER G 3758 23.91 -39.77 45.65
C SER G 3758 25.21 -40.43 46.08
N ARG G 3759 25.12 -41.58 46.77
CA ARG G 3759 26.32 -42.23 47.26
C ARG G 3759 27.29 -42.58 46.13
N LEU G 3760 26.81 -42.67 44.89
CA LEU G 3760 27.68 -42.94 43.75
C LEU G 3760 27.93 -41.73 42.86
N HIS G 3761 26.94 -40.85 42.67
CA HIS G 3761 27.20 -39.73 41.77
C HIS G 3761 27.90 -38.56 42.46
N THR G 3762 28.00 -38.57 43.79
CA THR G 3762 28.85 -37.60 44.48
C THR G 3762 30.30 -38.05 44.56
N ARG G 3763 30.70 -39.01 43.72
CA ARG G 3763 32.05 -39.56 43.76
C ARG G 3763 32.69 -39.71 42.38
N GLY G 3764 31.92 -39.63 41.29
CA GLY G 3764 32.51 -39.65 39.97
C GLY G 3764 31.89 -40.59 38.96
N ALA G 3765 30.79 -41.27 39.34
CA ALA G 3765 30.16 -42.23 38.44
C ALA G 3765 29.53 -41.53 37.25
N ALA G 3766 28.97 -40.34 37.45
CA ALA G 3766 28.31 -39.62 36.36
C ALA G 3766 29.28 -39.26 35.25
N GLU G 3767 30.55 -39.04 35.58
CA GLU G 3767 31.57 -38.80 34.58
C GLU G 3767 32.21 -40.10 34.10
N MET G 3768 32.28 -41.10 34.97
CA MET G 3768 32.83 -42.40 34.59
C MET G 3768 32.02 -43.05 33.48
N VAL G 3769 30.69 -42.97 33.57
CA VAL G 3769 29.84 -43.57 32.54
C VAL G 3769 30.07 -42.89 31.20
N LEU G 3770 30.17 -41.56 31.18
CA LEU G 3770 30.44 -40.84 29.95
C LEU G 3770 31.80 -41.21 29.37
N GLN G 3771 32.83 -41.28 30.22
CA GLN G 3771 34.15 -41.64 29.74
C GLN G 3771 34.16 -43.05 29.17
N MET G 3772 33.48 -43.99 29.83
CA MET G 3772 33.43 -45.36 29.33
C MET G 3772 32.70 -45.43 27.99
N ILE G 3773 31.57 -44.72 27.86
CA ILE G 3773 30.82 -44.74 26.61
C ILE G 3773 31.65 -44.13 25.49
N SER G 3774 32.39 -43.06 25.79
CA SER G 3774 33.27 -42.47 24.78
C SER G 3774 34.38 -43.42 24.38
N ALA G 3775 34.93 -44.14 25.36
CA ALA G 3775 36.05 -45.06 25.07
C ALA G 3775 35.59 -46.33 24.36
N CYS G 3776 34.30 -46.67 24.44
CA CYS G 3776 33.81 -47.85 23.73
C CYS G 3776 33.99 -47.72 22.22
N LYS G 3777 34.03 -46.50 21.70
CA LYS G 3777 34.21 -46.23 20.27
C LYS G 3777 33.13 -46.90 19.43
N GLY G 3778 31.91 -46.98 19.96
CA GLY G 3778 30.82 -47.60 19.24
C GLY G 3778 31.02 -49.07 18.95
N GLU G 3779 31.50 -49.83 19.93
CA GLU G 3779 31.71 -51.27 19.79
C GLU G 3779 30.84 -51.98 20.81
N THR G 3780 29.99 -52.89 20.33
CA THR G 3780 29.07 -53.60 21.21
C THR G 3780 29.82 -54.62 22.05
N GLY G 3781 29.46 -54.70 23.33
CA GLY G 3781 30.06 -55.69 24.20
C GLY G 3781 29.53 -55.59 25.61
N ALA G 3782 30.15 -56.40 26.48
CA ALA G 3782 29.75 -56.43 27.88
C ALA G 3782 30.17 -55.17 28.61
N MET G 3783 31.27 -54.55 28.20
CA MET G 3783 31.69 -53.29 28.82
C MET G 3783 30.64 -52.21 28.62
N VAL G 3784 30.20 -52.00 27.38
CA VAL G 3784 29.20 -50.99 27.11
C VAL G 3784 27.86 -51.39 27.70
N SER G 3785 27.55 -52.69 27.74
CA SER G 3785 26.31 -53.13 28.37
C SER G 3785 26.30 -52.78 29.86
N SER G 3786 27.40 -53.07 30.57
CA SER G 3786 27.50 -52.74 31.98
C SER G 3786 27.46 -51.24 32.21
N THR G 3787 28.15 -50.47 31.35
CA THR G 3787 28.14 -49.02 31.49
C THR G 3787 26.73 -48.47 31.30
N LEU G 3788 25.99 -48.97 30.31
CA LEU G 3788 24.63 -48.53 30.09
C LEU G 3788 23.73 -48.89 31.26
N LYS G 3789 23.89 -50.10 31.82
CA LYS G 3789 23.10 -50.47 32.99
C LYS G 3789 23.40 -49.57 34.18
N LEU G 3790 24.68 -49.27 34.41
CA LEU G 3790 25.05 -48.36 35.49
C LEU G 3790 24.47 -46.97 35.27
N GLY G 3791 24.52 -46.48 34.03
CA GLY G 3791 23.95 -45.17 33.74
C GLY G 3791 22.44 -45.13 33.96
N ILE G 3792 21.73 -46.19 33.55
CA ILE G 3792 20.29 -46.26 33.78
C ILE G 3792 20.00 -46.29 35.27
N SER G 3793 20.77 -47.06 36.04
CA SER G 3793 20.56 -47.13 37.47
C SER G 3793 20.81 -45.77 38.13
N ILE G 3794 21.82 -45.04 37.66
CA ILE G 3794 22.12 -43.73 38.23
C ILE G 3794 21.04 -42.72 37.87
N LEU G 3795 20.58 -42.73 36.62
CA LEU G 3795 19.62 -41.74 36.14
C LEU G 3795 18.17 -42.14 36.35
N ASN G 3796 17.91 -43.28 36.97
CA ASN G 3796 16.54 -43.73 37.15
C ASN G 3796 15.74 -42.73 37.99
N GLY G 3797 14.52 -42.45 37.54
CA GLY G 3797 13.68 -41.45 38.17
C GLY G 3797 13.92 -40.04 37.70
N GLY G 3798 14.77 -39.83 36.70
CA GLY G 3798 15.05 -38.50 36.20
C GLY G 3798 15.73 -37.62 37.23
N ASN G 3799 16.94 -38.00 37.64
CA ASN G 3799 17.66 -37.28 38.69
C ASN G 3799 18.26 -36.01 38.10
N ALA G 3800 17.73 -34.86 38.53
CA ALA G 3800 18.17 -33.59 37.96
C ALA G 3800 19.63 -33.31 38.29
N GLU G 3801 20.08 -33.69 39.49
CA GLU G 3801 21.46 -33.44 39.88
C GLU G 3801 22.44 -34.17 38.95
N VAL G 3802 22.19 -35.47 38.73
CA VAL G 3802 23.10 -36.22 37.87
C VAL G 3802 22.98 -35.73 36.42
N GLN G 3803 21.77 -35.35 36.00
CA GLN G 3803 21.62 -34.81 34.65
C GLN G 3803 22.46 -33.56 34.48
N GLN G 3804 22.42 -32.67 35.47
CA GLN G 3804 23.23 -31.46 35.43
C GLN G 3804 24.72 -31.79 35.42
N LYS G 3805 25.14 -32.78 36.20
CA LYS G 3805 26.55 -33.15 36.23
C LYS G 3805 27.03 -33.65 34.87
N MET G 3806 26.26 -34.56 34.25
CA MET G 3806 26.65 -35.06 32.93
C MET G 3806 26.65 -33.94 31.89
N LEU G 3807 25.62 -33.08 31.92
CA LEU G 3807 25.57 -31.99 30.93
C LEU G 3807 26.75 -31.04 31.10
N ASP G 3808 27.09 -30.68 32.34
CA ASP G 3808 28.22 -29.80 32.58
C ASP G 3808 29.53 -30.43 32.14
N TYR G 3809 29.71 -31.73 32.43
CA TYR G 3809 30.93 -32.40 31.98
C TYR G 3809 31.03 -32.42 30.46
N LEU G 3810 29.93 -32.74 29.78
CA LEU G 3810 29.95 -32.79 28.32
C LEU G 3810 30.28 -31.43 27.74
N LYS G 3811 29.64 -30.37 28.25
CA LYS G 3811 29.86 -29.03 27.71
C LYS G 3811 31.27 -28.53 28.04
N ASP G 3812 31.81 -28.90 29.20
CA ASP G 3812 33.15 -28.46 29.57
C ASP G 3812 34.21 -29.14 28.71
N LYS G 3813 34.11 -30.46 28.55
CA LYS G 3813 35.14 -31.18 27.80
C LYS G 3813 35.01 -31.00 26.30
N LYS G 3814 33.80 -30.76 25.79
CA LYS G 3814 33.56 -30.48 24.37
C LYS G 3814 34.11 -31.60 23.48
N GLU G 3815 33.50 -32.77 23.62
CA GLU G 3815 33.95 -33.97 22.92
C GLU G 3815 32.89 -34.41 21.92
N VAL G 3816 33.35 -35.11 20.88
CA VAL G 3816 32.46 -35.72 19.90
C VAL G 3816 32.41 -37.24 20.03
N GLY G 3817 33.33 -37.84 20.79
CA GLY G 3817 33.37 -39.29 20.87
C GLY G 3817 32.13 -39.89 21.49
N PHE G 3818 31.56 -39.22 22.48
CA PHE G 3818 30.36 -39.72 23.14
C PHE G 3818 29.22 -39.89 22.15
N PHE G 3819 28.91 -38.83 21.40
CA PHE G 3819 27.79 -38.89 20.47
C PHE G 3819 28.12 -39.75 19.26
N GLN G 3820 29.39 -39.78 18.83
CA GLN G 3820 29.76 -40.68 17.74
C GLN G 3820 29.56 -42.14 18.15
N SER G 3821 29.96 -42.50 19.37
CA SER G 3821 29.76 -43.86 19.85
C SER G 3821 28.27 -44.18 20.00
N ILE G 3822 27.48 -43.20 20.48
CA ILE G 3822 26.05 -43.43 20.62
C ILE G 3822 25.41 -43.68 19.25
N GLN G 3823 25.78 -42.88 18.25
CA GLN G 3823 25.27 -43.07 16.90
C GLN G 3823 25.69 -44.42 16.33
N ALA G 3824 26.94 -44.82 16.56
CA ALA G 3824 27.40 -46.12 16.08
C ALA G 3824 26.63 -47.25 16.75
N LEU G 3825 26.37 -47.13 18.05
CA LEU G 3825 25.61 -48.16 18.75
C LEU G 3825 24.18 -48.25 18.21
N MET G 3826 23.56 -47.10 17.92
CA MET G 3826 22.24 -47.14 17.30
C MET G 3826 22.29 -47.80 15.92
N GLN G 3827 23.30 -47.47 15.12
CA GLN G 3827 23.40 -48.04 13.78
C GLN G 3827 23.66 -49.54 13.82
N THR G 3828 24.32 -50.03 14.87
CA THR G 3828 24.63 -51.46 15.00
C THR G 3828 23.58 -52.21 15.83
N CYS G 3829 22.32 -51.78 15.79
CA CYS G 3829 21.24 -52.48 16.47
C CYS G 3829 20.76 -53.63 15.59
N SER G 3830 19.65 -54.26 15.97
CA SER G 3830 19.15 -55.44 15.28
C SER G 3830 17.67 -55.26 14.95
N VAL G 3831 17.26 -55.92 13.85
CA VAL G 3831 15.87 -55.94 13.42
C VAL G 3831 15.50 -57.38 13.09
N LEU G 3832 14.19 -57.62 12.95
CA LEU G 3832 13.70 -58.96 12.66
C LEU G 3832 14.22 -59.44 11.30
N ASP G 3833 14.61 -60.71 11.24
CA ASP G 3833 15.20 -61.28 10.03
C ASP G 3833 14.41 -62.54 9.65
N LEU G 3834 13.71 -62.47 8.52
CA LEU G 3834 12.89 -63.59 8.08
C LEU G 3834 13.74 -64.79 7.67
N ASN G 3835 14.90 -64.53 7.04
CA ASN G 3835 15.80 -65.62 6.68
C ASN G 3835 16.29 -66.35 7.92
N ALA G 3836 16.69 -65.60 8.95
CA ALA G 3836 17.10 -66.21 10.21
C ALA G 3836 15.96 -66.99 10.84
N PHE G 3837 14.74 -66.45 10.76
CA PHE G 3837 13.59 -67.16 11.32
C PHE G 3837 13.36 -68.48 10.62
N GLU G 3838 13.41 -68.48 9.28
CA GLU G 3838 13.21 -69.71 8.53
C GLU G 3838 14.31 -70.73 8.83
N ARG G 3839 15.56 -70.27 8.89
CA ARG G 3839 16.67 -71.18 9.22
C ARG G 3839 16.50 -71.76 10.61
N GLN G 3840 16.11 -70.93 11.58
CA GLN G 3840 15.91 -71.42 12.95
C GLN G 3840 14.79 -72.44 13.00
N ASN G 3841 13.66 -72.17 12.33
CA ASN G 3841 12.56 -73.11 12.33
C ASN G 3841 12.95 -74.44 11.72
N LYS G 3842 13.65 -74.40 10.58
CA LYS G 3842 14.05 -75.65 9.92
C LYS G 3842 15.04 -76.43 10.78
N ALA G 3843 16.04 -75.74 11.36
CA ALA G 3843 17.02 -76.42 12.19
C ALA G 3843 16.38 -77.01 13.44
N GLU G 3844 15.46 -76.28 14.07
CA GLU G 3844 14.77 -76.79 15.24
C GLU G 3844 13.91 -77.99 14.88
N GLY G 3845 13.28 -77.97 13.71
CA GLY G 3845 12.51 -79.12 13.28
C GLY G 3845 13.36 -80.35 13.04
N LEU G 3846 14.53 -80.17 12.43
CA LEU G 3846 15.38 -81.30 12.10
C LEU G 3846 16.37 -81.67 13.21
N GLY G 3847 16.34 -80.95 14.33
CA GLY G 3847 17.32 -81.11 15.40
C GLY G 3847 17.66 -82.52 15.85
N MET G 3848 18.96 -82.76 16.06
CA MET G 3848 19.52 -84.07 16.41
C MET G 3848 20.61 -83.88 17.47
N VAL G 3849 21.26 -84.99 17.84
CA VAL G 3849 22.24 -85.03 18.92
C VAL G 3849 23.61 -84.59 18.42
N ASN G 3850 24.35 -83.88 19.28
CA ASN G 3850 25.72 -83.43 18.98
C ASN G 3850 26.62 -83.78 20.17
N GLU G 3851 27.15 -85.00 20.18
CA GLU G 3851 28.11 -85.46 21.20
C GLU G 3851 27.61 -85.12 22.61
N ASP G 3852 26.32 -85.37 22.85
CA ASP G 3852 25.72 -85.10 24.14
C ASP G 3852 24.57 -86.08 24.32
N GLY G 3853 23.68 -85.80 25.27
CA GLY G 3853 22.49 -86.60 25.46
C GLY G 3853 21.56 -86.52 24.26
N THR G 3854 20.39 -87.16 24.41
CA THR G 3854 19.43 -87.20 23.32
C THR G 3854 19.01 -85.81 22.88
N VAL G 3855 18.94 -84.86 23.82
CA VAL G 3855 18.61 -83.49 23.48
C VAL G 3855 19.72 -82.90 22.62
N ILE G 3856 19.34 -82.03 21.68
CA ILE G 3856 20.31 -81.40 20.79
C ILE G 3856 21.35 -80.62 21.59
N ASN G 3857 20.92 -79.93 22.65
CA ASN G 3857 21.76 -79.17 23.56
C ASN G 3857 22.48 -78.01 22.88
N ARG G 3858 22.16 -77.73 21.61
CA ARG G 3858 22.62 -76.53 20.93
C ARG G 3858 21.38 -75.76 20.51
N GLN G 3859 20.87 -74.94 21.43
CA GLN G 3859 19.61 -74.24 21.21
C GLN G 3859 19.65 -72.93 21.99
N ASN G 3860 19.96 -71.84 21.30
CA ASN G 3860 19.89 -70.53 21.91
C ASN G 3860 18.44 -70.13 22.14
N GLY G 3861 18.25 -69.10 22.98
CA GLY G 3861 16.91 -68.63 23.25
C GLY G 3861 16.21 -68.15 22.00
N GLU G 3862 16.90 -67.30 21.22
CA GLU G 3862 16.37 -66.81 19.95
C GLU G 3862 17.46 -66.03 19.23
N LYS G 3863 17.56 -66.18 17.90
CA LYS G 3863 18.56 -65.46 17.14
C LYS G 3863 17.96 -64.49 16.13
N VAL G 3864 16.63 -64.49 15.94
CA VAL G 3864 16.02 -63.58 14.97
C VAL G 3864 15.89 -62.17 15.50
N MET G 3865 16.01 -61.99 16.82
CA MET G 3865 16.15 -60.68 17.43
C MET G 3865 16.98 -60.83 18.70
N ALA G 3866 18.28 -60.64 18.56
CA ALA G 3866 19.20 -60.57 19.68
C ALA G 3866 19.43 -59.10 20.02
N ASP G 3867 20.23 -58.86 21.06
CA ASP G 3867 20.57 -57.51 21.51
C ASP G 3867 19.32 -56.68 21.84
N ASP G 3868 18.19 -57.36 22.06
CA ASP G 3868 16.97 -56.64 22.44
C ASP G 3868 17.15 -55.92 23.76
N GLU G 3869 17.78 -56.58 24.73
CA GLU G 3869 18.08 -55.92 26.00
C GLU G 3869 18.99 -54.74 25.77
N PHE G 3870 19.99 -54.89 24.91
CA PHE G 3870 20.92 -53.80 24.65
C PHE G 3870 20.22 -52.58 24.05
N THR G 3871 19.36 -52.79 23.06
CA THR G 3871 18.70 -51.66 22.42
C THR G 3871 17.67 -51.02 23.35
N GLN G 3872 16.95 -51.83 24.12
CA GLN G 3872 16.01 -51.27 25.09
C GLN G 3872 16.74 -50.47 26.15
N ASP G 3873 17.90 -50.95 26.60
CA ASP G 3873 18.67 -50.20 27.58
C ASP G 3873 19.22 -48.92 27.00
N LEU G 3874 19.66 -48.95 25.73
CA LEU G 3874 20.16 -47.73 25.10
C LEU G 3874 19.07 -46.67 25.01
N PHE G 3875 17.88 -47.06 24.56
CA PHE G 3875 16.82 -46.07 24.45
C PHE G 3875 16.28 -45.65 25.81
N ARG G 3876 16.32 -46.55 26.80
CA ARG G 3876 15.96 -46.16 28.16
C ARG G 3876 16.95 -45.14 28.72
N PHE G 3877 18.24 -45.32 28.40
CA PHE G 3877 19.26 -44.36 28.80
C PHE G 3877 19.01 -43.00 28.17
N LEU G 3878 18.71 -42.98 26.87
CA LEU G 3878 18.40 -41.72 26.20
C LEU G 3878 17.18 -41.05 26.82
N GLN G 3879 16.12 -41.84 27.09
CA GLN G 3879 14.92 -41.30 27.70
C GLN G 3879 15.21 -40.73 29.07
N LEU G 3880 16.05 -41.40 29.86
CA LEU G 3880 16.44 -40.87 31.17
C LEU G 3880 17.26 -39.59 31.03
N LEU G 3881 18.11 -39.51 30.01
CA LEU G 3881 18.87 -38.29 29.78
C LEU G 3881 17.93 -37.12 29.51
N CYS G 3882 16.90 -37.33 28.71
CA CYS G 3882 15.92 -36.27 28.44
C CYS G 3882 14.84 -36.18 29.49
N GLU G 3883 14.84 -37.06 30.48
CA GLU G 3883 13.75 -37.11 31.45
C GLU G 3883 13.73 -35.84 32.30
N GLY G 3884 12.53 -35.45 32.71
CA GLY G 3884 12.35 -34.23 33.47
C GLY G 3884 12.08 -32.99 32.63
N HIS G 3885 11.90 -33.15 31.32
CA HIS G 3885 11.61 -32.04 30.41
C HIS G 3885 12.74 -31.01 30.37
N ASN G 3886 13.98 -31.47 30.58
CA ASN G 3886 15.12 -30.56 30.60
C ASN G 3886 15.41 -30.07 29.18
N ASN G 3887 14.99 -28.83 28.90
CA ASN G 3887 15.17 -28.25 27.58
C ASN G 3887 16.64 -28.15 27.21
N ASP G 3888 17.52 -27.91 28.20
CA ASP G 3888 18.94 -27.84 27.91
C ASP G 3888 19.45 -29.13 27.30
N PHE G 3889 19.18 -30.26 27.94
CA PHE G 3889 19.67 -31.54 27.43
C PHE G 3889 18.96 -31.95 26.15
N GLN G 3890 17.67 -31.63 26.03
CA GLN G 3890 16.95 -31.93 24.79
C GLN G 3890 17.56 -31.17 23.61
N ASN G 3891 17.84 -29.88 23.79
CA ASN G 3891 18.46 -29.10 22.73
C ASN G 3891 19.88 -29.56 22.47
N TYR G 3892 20.59 -30.00 23.52
CA TYR G 3892 21.94 -30.52 23.34
C TYR G 3892 21.93 -31.79 22.50
N LEU G 3893 20.98 -32.69 22.73
CA LEU G 3893 20.87 -33.89 21.90
C LEU G 3893 20.53 -33.52 20.46
N ARG G 3894 19.67 -32.52 20.27
CA ARG G 3894 19.39 -32.10 18.89
C ARG G 3894 20.64 -31.55 18.22
N THR G 3895 21.20 -30.46 18.76
CA THR G 3895 22.42 -29.86 18.25
C THR G 3895 23.40 -29.66 19.40
N GLN G 3896 24.67 -30.03 19.16
CA GLN G 3896 25.73 -29.86 20.16
C GLN G 3896 26.52 -28.62 19.80
N THR G 3897 26.06 -27.47 20.29
CA THR G 3897 26.75 -26.21 20.02
C THR G 3897 28.10 -26.18 20.72
N GLY G 3898 29.04 -25.48 20.11
CA GLY G 3898 30.41 -25.39 20.59
C GLY G 3898 31.32 -26.46 20.01
N ASN G 3899 30.83 -27.68 19.91
CA ASN G 3899 31.59 -28.77 19.31
C ASN G 3899 31.74 -28.54 17.81
N THR G 3900 32.81 -29.10 17.24
CA THR G 3900 33.07 -28.92 15.81
C THR G 3900 32.04 -29.64 14.96
N THR G 3901 31.49 -30.75 15.45
CA THR G 3901 30.53 -31.55 14.70
C THR G 3901 29.36 -31.91 15.59
N THR G 3902 28.16 -31.93 15.02
CA THR G 3902 26.93 -32.23 15.74
C THR G 3902 26.27 -33.48 15.15
N ILE G 3903 25.67 -34.28 16.02
CA ILE G 3903 24.97 -35.50 15.63
C ILE G 3903 23.53 -35.42 16.13
N ASN G 3904 22.58 -35.79 15.29
CA ASN G 3904 21.16 -35.61 15.58
C ASN G 3904 20.58 -36.93 16.09
N ILE G 3905 20.59 -37.07 17.41
CA ILE G 3905 20.06 -38.28 18.02
C ILE G 3905 18.56 -38.38 17.78
N ILE G 3906 17.90 -37.23 17.76
CA ILE G 3906 16.46 -37.23 17.55
C ILE G 3906 16.16 -37.90 16.23
N ILE G 3907 16.85 -37.47 15.17
CA ILE G 3907 16.65 -38.06 13.86
C ILE G 3907 17.09 -39.51 13.87
N CYS G 3908 18.18 -39.81 14.55
CA CYS G 3908 18.67 -41.18 14.61
C CYS G 3908 17.62 -42.10 15.21
N THR G 3909 17.00 -41.66 16.29
CA THR G 3909 15.97 -42.47 16.93
C THR G 3909 14.85 -42.71 15.94
N VAL G 3910 14.45 -41.67 15.21
CA VAL G 3910 13.39 -41.81 14.22
C VAL G 3910 13.80 -42.80 13.15
N ASP G 3911 15.03 -42.70 12.69
CA ASP G 3911 15.50 -43.59 11.64
C ASP G 3911 15.39 -45.05 12.07
N TYR G 3912 15.81 -45.34 13.30
CA TYR G 3912 15.74 -46.70 13.77
C TYR G 3912 14.29 -47.18 13.83
N LEU G 3913 13.41 -46.34 14.34
CA LEU G 3913 12.01 -46.73 14.45
C LEU G 3913 11.50 -47.12 13.08
N LEU G 3914 11.91 -46.38 12.06
CA LEU G 3914 11.51 -46.71 10.70
C LEU G 3914 11.94 -48.13 10.37
N ARG G 3915 13.23 -48.40 10.48
CA ARG G 3915 13.73 -49.73 10.13
C ARG G 3915 12.96 -50.82 10.87
N LEU G 3916 12.66 -50.58 12.15
CA LEU G 3916 11.87 -51.55 12.91
C LEU G 3916 10.47 -51.70 12.31
N GLN G 3917 9.87 -50.59 11.87
CA GLN G 3917 8.56 -50.67 11.23
C GLN G 3917 8.61 -51.50 9.96
N GLU G 3918 9.66 -51.33 9.15
CA GLU G 3918 9.79 -52.13 7.95
C GLU G 3918 9.93 -53.61 8.27
N SER G 3919 10.71 -53.93 9.32
CA SER G 3919 10.85 -55.33 9.73
C SER G 3919 9.51 -55.91 10.17
N ILE G 3920 8.74 -55.14 10.94
CA ILE G 3920 7.44 -55.63 11.40
C ILE G 3920 6.49 -55.82 10.22
N SER G 3921 6.55 -54.92 9.23
CA SER G 3921 5.73 -55.08 8.04
C SER G 3921 6.10 -56.35 7.29
N ASP G 3922 7.40 -56.65 7.18
CA ASP G 3922 7.82 -57.89 6.52
C ASP G 3922 7.32 -59.11 7.28
N PHE G 3923 7.37 -59.08 8.62
CA PHE G 3923 6.84 -60.19 9.40
C PHE G 3923 5.34 -60.35 9.19
N TYR G 3924 4.61 -59.24 9.12
CA TYR G 3924 3.18 -59.30 8.84
C TYR G 3924 2.90 -59.91 7.48
N TRP G 3925 3.68 -59.52 6.47
CA TRP G 3925 3.51 -60.11 5.14
C TRP G 3925 3.79 -61.61 5.16
N TYR G 3926 4.79 -62.03 5.94
CA TYR G 3926 5.09 -63.46 6.04
C TYR G 3926 3.93 -64.22 6.68
N TYR G 3927 3.44 -63.73 7.81
CA TYR G 3927 2.41 -64.46 8.56
C TYR G 3927 0.99 -64.14 8.14
N SER G 3928 0.80 -63.32 7.09
CA SER G 3928 -0.55 -62.97 6.66
C SER G 3928 -1.24 -64.16 6.01
N GLY G 3929 -0.50 -64.99 5.26
CA GLY G 3929 -1.11 -66.12 4.60
C GLY G 3929 -1.61 -67.18 5.56
N LYS G 3930 -0.83 -67.48 6.60
CA LYS G 3930 -1.18 -68.56 7.52
C LYS G 3930 -2.38 -68.16 8.38
N ASP G 3931 -3.19 -69.17 8.72
CA ASP G 3931 -4.40 -68.92 9.50
C ASP G 3931 -4.07 -68.58 10.95
N VAL G 3932 -3.18 -69.33 11.57
CA VAL G 3932 -2.87 -69.20 12.98
C VAL G 3932 -1.37 -68.96 13.15
N ILE G 3933 -1.02 -67.94 13.93
CA ILE G 3933 0.38 -67.63 14.20
C ILE G 3933 0.92 -68.61 15.22
N GLU G 3934 2.12 -69.13 14.96
CA GLU G 3934 2.74 -70.09 15.85
C GLU G 3934 3.46 -69.38 17.00
N GLU G 3935 3.91 -70.19 17.97
CA GLU G 3935 4.50 -69.64 19.19
C GLU G 3935 5.77 -68.87 18.91
N GLN G 3936 6.61 -69.35 17.99
CA GLN G 3936 7.82 -68.63 17.64
C GLN G 3936 7.51 -67.26 17.04
N GLY G 3937 6.52 -67.20 16.14
CA GLY G 3937 6.12 -65.92 15.59
C GLY G 3937 5.56 -64.99 16.65
N LYS G 3938 4.79 -65.53 17.59
CA LYS G 3938 4.27 -64.71 18.68
C LYS G 3938 5.39 -64.13 19.53
N ARG G 3939 6.41 -64.95 19.84
CA ARG G 3939 7.54 -64.46 20.61
C ARG G 3939 8.29 -63.36 19.86
N ASN G 3940 8.53 -63.56 18.56
CA ASN G 3940 9.23 -62.55 17.77
C ASN G 3940 8.43 -61.26 17.71
N PHE G 3941 7.11 -61.37 17.53
CA PHE G 3941 6.25 -60.18 17.50
C PHE G 3941 6.30 -59.44 18.83
N SER G 3942 6.27 -60.18 19.94
CA SER G 3942 6.35 -59.54 21.25
C SER G 3942 7.66 -58.79 21.42
N LYS G 3943 8.77 -59.43 21.02
CA LYS G 3943 10.08 -58.77 21.12
C LYS G 3943 10.11 -57.47 20.32
N ALA G 3944 9.70 -57.55 19.05
CA ALA G 3944 9.75 -56.37 18.18
C ALA G 3944 8.83 -55.27 18.70
N MET G 3945 7.65 -55.64 19.19
CA MET G 3945 6.69 -54.64 19.65
C MET G 3945 7.16 -53.99 20.95
N SER G 3946 7.82 -54.74 21.83
CA SER G 3946 8.40 -54.13 23.02
C SER G 3946 9.49 -53.13 22.66
N VAL G 3947 10.36 -53.50 21.70
CA VAL G 3947 11.41 -52.58 21.28
C VAL G 3947 10.79 -51.31 20.68
N ALA G 3948 9.76 -51.47 19.84
CA ALA G 3948 9.09 -50.33 19.25
C ALA G 3948 8.44 -49.46 20.33
N LYS G 3949 7.87 -50.09 21.36
CA LYS G 3949 7.30 -49.34 22.48
C LYS G 3949 8.36 -48.50 23.16
N GLN G 3950 9.55 -49.04 23.35
CA GLN G 3950 10.62 -48.24 23.95
C GLN G 3950 10.97 -47.05 23.09
N VAL G 3951 11.11 -47.26 21.79
CA VAL G 3951 11.50 -46.16 20.90
C VAL G 3951 10.48 -45.03 20.93
N PHE G 3952 9.19 -45.38 20.91
CA PHE G 3952 8.16 -44.36 20.96
C PHE G 3952 8.27 -43.53 22.23
N ASN G 3953 8.44 -44.21 23.36
CA ASN G 3953 8.54 -43.51 24.63
C ASN G 3953 9.72 -42.55 24.62
N SER G 3954 10.82 -42.97 24.01
CA SER G 3954 12.00 -42.12 23.92
C SER G 3954 11.70 -40.86 23.13
N LEU G 3955 11.08 -41.02 21.96
CA LEU G 3955 10.74 -39.87 21.14
C LEU G 3955 9.77 -38.97 21.88
N THR G 3956 8.83 -39.56 22.59
CA THR G 3956 7.86 -38.79 23.33
C THR G 3956 8.56 -37.89 24.33
N GLU G 3957 9.53 -38.45 25.05
CA GLU G 3957 10.25 -37.67 26.06
C GLU G 3957 11.03 -36.53 25.41
N TYR G 3958 11.56 -36.77 24.22
CA TYR G 3958 12.34 -35.74 23.53
C TYR G 3958 11.53 -34.48 23.34
N ILE G 3959 10.24 -34.63 23.02
CA ILE G 3959 9.40 -33.46 22.74
C ILE G 3959 8.35 -33.19 23.79
N GLN G 3960 8.08 -34.15 24.66
CA GLN G 3960 7.02 -33.98 25.66
C GLN G 3960 6.99 -32.57 26.18
N GLY G 3961 8.04 -32.16 26.88
CA GLY G 3961 8.09 -30.79 27.33
C GLY G 3961 8.30 -29.89 26.14
N PRO G 3962 7.48 -28.82 26.03
CA PRO G 3962 7.52 -28.00 24.80
C PRO G 3962 8.92 -27.67 24.36
N CYS G 3963 9.32 -28.25 23.24
CA CYS G 3963 10.67 -28.12 22.69
C CYS G 3963 10.49 -27.86 21.20
N THR G 3964 10.49 -26.59 20.82
CA THR G 3964 10.20 -26.20 19.45
C THR G 3964 11.16 -26.88 18.47
N GLY G 3965 12.46 -26.89 18.80
CA GLY G 3965 13.43 -27.48 17.90
C GLY G 3965 13.16 -28.95 17.63
N ASN G 3966 12.95 -29.73 18.69
CA ASN G 3966 12.70 -31.16 18.52
C ASN G 3966 11.38 -31.40 17.79
N GLN G 3967 10.33 -30.66 18.14
CA GLN G 3967 9.04 -30.85 17.48
C GLN G 3967 9.12 -30.53 16.00
N GLN G 3968 9.77 -29.43 15.64
CA GLN G 3968 9.92 -29.08 14.23
C GLN G 3968 10.78 -30.12 13.51
N SER G 3969 11.83 -30.62 14.16
CA SER G 3969 12.67 -31.64 13.54
C SER G 3969 11.86 -32.89 13.24
N LEU G 3970 11.04 -33.35 14.19
CA LEU G 3970 10.17 -34.48 13.90
C LEU G 3970 9.18 -34.15 12.79
N ALA G 3971 8.66 -32.92 12.78
CA ALA G 3971 7.70 -32.53 11.75
C ALA G 3971 8.31 -32.62 10.36
N HIS G 3972 9.58 -32.23 10.21
CA HIS G 3972 10.26 -32.33 8.93
C HIS G 3972 10.96 -33.68 8.73
N SER G 3973 10.91 -34.57 9.71
CA SER G 3973 11.55 -35.87 9.58
C SER G 3973 10.68 -36.85 8.80
N ARG G 3974 11.18 -38.07 8.64
CA ARG G 3974 10.45 -39.09 7.92
C ARG G 3974 9.56 -39.88 8.87
N LEU G 3975 9.29 -39.31 10.03
CA LEU G 3975 8.50 -40.01 11.03
C LEU G 3975 7.13 -40.37 10.48
N TRP G 3976 6.55 -39.47 9.70
CA TRP G 3976 5.21 -39.71 9.17
C TRP G 3976 5.10 -41.04 8.43
N ASP G 3977 6.04 -41.32 7.53
CA ASP G 3977 6.00 -42.56 6.76
C ASP G 3977 5.92 -43.77 7.71
N ALA G 3978 6.76 -43.79 8.74
CA ALA G 3978 6.71 -44.82 9.77
C ALA G 3978 5.32 -44.88 10.41
N VAL G 3979 4.71 -43.72 10.65
CA VAL G 3979 3.38 -43.69 11.25
C VAL G 3979 2.38 -44.36 10.32
N VAL G 3980 2.45 -44.06 9.03
CA VAL G 3980 1.52 -44.67 8.07
C VAL G 3980 1.72 -46.19 8.02
N GLY G 3981 2.98 -46.63 7.98
CA GLY G 3981 3.24 -48.06 7.95
C GLY G 3981 2.74 -48.77 9.20
N PHE G 3982 3.00 -48.18 10.38
CA PHE G 3982 2.49 -48.75 11.62
C PHE G 3982 0.98 -48.80 11.62
N LEU G 3983 0.32 -47.76 11.09
CA LEU G 3983 -1.13 -47.77 11.02
C LEU G 3983 -1.63 -48.93 10.17
N HIS G 3984 -1.00 -49.17 9.02
CA HIS G 3984 -1.37 -50.30 8.17
C HIS G 3984 -1.22 -51.62 8.91
N VAL G 3985 -0.05 -51.83 9.53
CA VAL G 3985 0.20 -53.09 10.22
C VAL G 3985 -0.77 -53.28 11.38
N PHE G 3986 -1.01 -52.22 12.16
CA PHE G 3986 -1.96 -52.31 13.26
C PHE G 3986 -3.35 -52.68 12.76
N ALA G 3987 -3.81 -52.01 11.70
CA ALA G 3987 -5.16 -52.22 11.21
C ALA G 3987 -5.36 -53.66 10.75
N HIS G 3988 -4.38 -54.23 10.05
CA HIS G 3988 -4.57 -55.62 9.63
C HIS G 3988 -4.35 -56.60 10.78
N MET G 3989 -3.41 -56.32 11.68
CA MET G 3989 -3.09 -57.27 12.74
C MET G 3989 -4.22 -57.38 13.75
N MET G 3990 -4.87 -56.27 14.10
CA MET G 3990 -5.98 -56.37 15.05
C MET G 3990 -7.10 -57.21 14.47
N MET G 3991 -7.42 -57.00 13.19
CA MET G 3991 -8.49 -57.76 12.55
C MET G 3991 -8.15 -59.23 12.50
N LYS G 3992 -6.89 -59.58 12.22
CA LYS G 3992 -6.54 -61.00 12.19
C LYS G 3992 -6.56 -61.61 13.60
N LEU G 3993 -5.98 -60.93 14.58
CA LEU G 3993 -5.90 -61.49 15.93
C LEU G 3993 -7.26 -61.54 16.62
N ALA G 3994 -8.24 -60.76 16.16
CA ALA G 3994 -9.55 -60.81 16.79
C ALA G 3994 -10.22 -62.16 16.58
N GLN G 3995 -10.03 -62.78 15.41
CA GLN G 3995 -10.72 -64.03 15.10
C GLN G 3995 -10.29 -65.16 16.03
N ASP G 3996 -9.00 -65.28 16.29
CA ASP G 3996 -8.46 -66.38 17.09
C ASP G 3996 -8.44 -65.97 18.56
N SER G 3997 -8.92 -66.86 19.43
CA SER G 3997 -8.97 -66.61 20.86
C SER G 3997 -7.66 -66.95 21.58
N SER G 3998 -6.71 -67.56 20.89
CA SER G 3998 -5.43 -67.92 21.49
C SER G 3998 -4.40 -66.80 21.40
N GLN G 3999 -4.73 -65.68 20.76
CA GLN G 3999 -3.82 -64.57 20.57
C GLN G 3999 -4.32 -63.30 21.28
N ILE G 4000 -5.07 -63.49 22.37
CA ILE G 4000 -5.62 -62.35 23.10
C ILE G 4000 -4.50 -61.53 23.73
N GLU G 4001 -3.47 -62.18 24.26
CA GLU G 4001 -2.34 -61.46 24.85
C GLU G 4001 -1.61 -60.64 23.80
N LEU G 4002 -1.40 -61.21 22.61
CA LEU G 4002 -0.77 -60.47 21.53
C LEU G 4002 -1.63 -59.28 21.12
N LEU G 4003 -2.95 -59.47 21.06
CA LEU G 4003 -3.84 -58.37 20.73
C LEU G 4003 -3.76 -57.25 21.76
N LYS G 4004 -3.72 -57.61 23.04
CA LYS G 4004 -3.61 -56.60 24.09
C LYS G 4004 -2.30 -55.84 24.00
N GLU G 4005 -1.20 -56.55 23.75
CA GLU G 4005 0.09 -55.88 23.61
C GLU G 4005 0.10 -54.96 22.39
N LEU G 4006 -0.52 -55.40 21.29
CA LEU G 4006 -0.64 -54.55 20.11
C LEU G 4006 -1.44 -53.29 20.43
N LEU G 4007 -2.53 -53.43 21.19
CA LEU G 4007 -3.33 -52.28 21.57
C LEU G 4007 -2.52 -51.31 22.44
N ASP G 4008 -1.71 -51.85 23.36
CA ASP G 4008 -0.86 -50.99 24.19
C ASP G 4008 0.16 -50.24 23.34
N LEU G 4009 0.75 -50.92 22.36
CA LEU G 4009 1.69 -50.24 21.46
C LEU G 4009 1.00 -49.13 20.68
N GLN G 4010 -0.22 -49.40 20.19
CA GLN G 4010 -0.97 -48.37 19.49
C GLN G 4010 -1.31 -47.20 20.41
N LYS G 4011 -1.61 -47.48 21.68
CA LYS G 4011 -1.86 -46.42 22.64
C LYS G 4011 -0.63 -45.53 22.81
N ASP G 4012 0.55 -46.15 22.96
CA ASP G 4012 1.77 -45.36 23.07
C ASP G 4012 2.02 -44.54 21.81
N MET G 4013 1.69 -45.11 20.66
CA MET G 4013 1.81 -44.37 19.40
C MET G 4013 0.91 -43.14 19.38
N VAL G 4014 -0.34 -43.29 19.83
CA VAL G 4014 -1.25 -42.15 19.87
C VAL G 4014 -0.78 -41.12 20.90
N VAL G 4015 -0.15 -41.57 21.97
CA VAL G 4015 0.39 -40.63 22.95
C VAL G 4015 1.48 -39.78 22.34
N MET G 4016 2.37 -40.39 21.57
CA MET G 4016 3.46 -39.65 20.94
C MET G 4016 2.90 -38.62 19.99
N LEU G 4017 1.89 -38.98 19.21
CA LEU G 4017 1.25 -38.03 18.32
C LEU G 4017 0.72 -36.88 19.15
N LEU G 4018 -0.19 -37.20 20.06
CA LEU G 4018 -0.68 -36.16 20.97
C LEU G 4018 0.45 -35.25 21.46
N SER G 4019 1.60 -35.84 21.80
CA SER G 4019 2.73 -35.05 22.27
C SER G 4019 3.35 -34.22 21.16
N LEU G 4020 3.40 -34.75 19.93
CA LEU G 4020 3.83 -33.95 18.79
C LEU G 4020 2.91 -32.76 18.58
N LEU G 4021 1.62 -32.93 18.89
CA LEU G 4021 0.66 -31.83 18.80
C LEU G 4021 0.52 -31.07 20.12
N GLU G 4022 1.63 -30.69 20.72
CA GLU G 4022 1.62 -29.88 21.94
C GLU G 4022 1.90 -28.42 21.62
N GLY G 4023 1.07 -27.53 22.14
CA GLY G 4023 1.29 -26.10 22.01
C GLY G 4023 1.22 -25.57 20.61
N ASN G 4024 0.22 -26.00 19.84
CA ASN G 4024 0.03 -25.53 18.47
C ASN G 4024 -1.10 -24.52 18.42
N VAL G 4025 -0.93 -23.51 17.56
CA VAL G 4025 -1.95 -22.48 17.38
C VAL G 4025 -3.02 -23.01 16.43
N VAL G 4026 -4.13 -22.28 16.33
CA VAL G 4026 -5.19 -22.66 15.38
C VAL G 4026 -4.62 -22.65 13.98
N ASN G 4027 -4.90 -23.71 13.23
CA ASN G 4027 -4.33 -23.94 11.90
C ASN G 4027 -2.80 -23.96 11.97
N GLY G 4028 -2.29 -24.90 12.75
CA GLY G 4028 -0.86 -25.08 12.88
C GLY G 4028 -0.28 -25.97 11.79
N MET G 4029 0.99 -25.74 11.47
CA MET G 4029 1.65 -26.50 10.42
C MET G 4029 1.69 -27.99 10.75
N ILE G 4030 2.04 -28.31 11.99
CA ILE G 4030 2.06 -29.72 12.42
C ILE G 4030 0.66 -30.31 12.37
N ALA G 4031 -0.34 -29.50 12.72
CA ALA G 4031 -1.72 -29.99 12.68
C ALA G 4031 -2.14 -30.34 11.26
N ARG G 4032 -1.85 -29.46 10.30
CA ARG G 4032 -2.18 -29.77 8.91
C ARG G 4032 -1.37 -30.95 8.39
N GLN G 4033 -0.12 -31.08 8.83
CA GLN G 4033 0.68 -32.23 8.41
C GLN G 4033 0.06 -33.54 8.92
N MET G 4034 -0.41 -33.55 10.17
CA MET G 4034 -1.04 -34.76 10.68
C MET G 4034 -2.38 -35.03 10.01
N VAL G 4035 -3.13 -33.98 9.67
CA VAL G 4035 -4.37 -34.18 8.91
C VAL G 4035 -4.08 -34.80 7.55
N ASP G 4036 -3.03 -34.29 6.87
CA ASP G 4036 -2.64 -34.87 5.59
C ASP G 4036 -2.20 -36.32 5.74
N MET G 4037 -1.46 -36.63 6.82
CA MET G 4037 -1.08 -38.01 7.09
C MET G 4037 -2.30 -38.88 7.31
N LEU G 4038 -3.30 -38.39 8.05
CA LEU G 4038 -4.52 -39.15 8.29
C LEU G 4038 -5.27 -39.41 6.99
N VAL G 4039 -5.39 -38.40 6.13
CA VAL G 4039 -6.12 -38.61 4.88
C VAL G 4039 -5.31 -39.52 3.94
N GLU G 4040 -3.98 -39.53 4.08
CA GLU G 4040 -3.18 -40.50 3.36
C GLU G 4040 -3.44 -41.91 3.85
N SER G 4041 -3.59 -42.08 5.16
CA SER G 4041 -3.87 -43.38 5.78
C SER G 4041 -5.34 -43.53 6.15
N SER G 4042 -6.23 -43.01 5.32
CA SER G 4042 -7.66 -43.05 5.61
C SER G 4042 -8.16 -44.48 5.80
N SER G 4043 -7.79 -45.39 4.90
CA SER G 4043 -8.39 -46.72 4.89
C SER G 4043 -8.14 -47.46 6.20
N ASN G 4044 -6.89 -47.44 6.67
CA ASN G 4044 -6.56 -48.13 7.92
C ASN G 4044 -7.27 -47.50 9.10
N VAL G 4045 -7.35 -46.17 9.13
CA VAL G 4045 -8.05 -45.48 10.21
C VAL G 4045 -9.52 -45.86 10.22
N GLU G 4046 -10.14 -45.89 9.03
CA GLU G 4046 -11.53 -46.32 8.94
C GLU G 4046 -11.70 -47.75 9.42
N MET G 4047 -10.74 -48.63 9.08
CA MET G 4047 -10.82 -50.02 9.55
C MET G 4047 -10.76 -50.09 11.07
N ILE G 4048 -9.87 -49.30 11.68
CA ILE G 4048 -9.74 -49.33 13.14
C ILE G 4048 -10.99 -48.79 13.81
N LEU G 4049 -11.52 -47.67 13.31
CA LEU G 4049 -12.75 -47.13 13.87
C LEU G 4049 -13.92 -48.10 13.71
N LYS G 4050 -13.98 -48.78 12.56
CA LYS G 4050 -15.01 -49.80 12.35
C LYS G 4050 -14.84 -50.94 13.35
N PHE G 4051 -13.58 -51.32 13.62
CA PHE G 4051 -13.32 -52.36 14.61
C PHE G 4051 -13.87 -51.98 15.98
N PHE G 4052 -13.66 -50.72 16.40
CA PHE G 4052 -14.22 -50.30 17.68
C PHE G 4052 -15.75 -50.28 17.64
N ASP G 4053 -16.34 -49.64 16.63
CA ASP G 4053 -17.79 -49.43 16.67
C ASP G 4053 -18.55 -50.74 16.50
N MET G 4054 -18.00 -51.72 15.78
CA MET G 4054 -18.67 -53.01 15.66
C MET G 4054 -18.86 -53.66 17.01
N PHE G 4055 -17.81 -53.66 17.84
CA PHE G 4055 -17.94 -54.27 19.16
C PHE G 4055 -18.78 -53.42 20.10
N LEU G 4056 -18.76 -52.09 19.95
CA LEU G 4056 -19.66 -51.26 20.75
C LEU G 4056 -21.12 -51.60 20.46
N LYS G 4057 -21.49 -51.62 19.18
CA LYS G 4057 -22.86 -51.99 18.82
C LYS G 4057 -23.17 -53.44 19.17
N LEU G 4058 -22.16 -54.32 19.14
CA LEU G 4058 -22.39 -55.70 19.57
C LEU G 4058 -22.76 -55.76 21.04
N LYS G 4059 -22.06 -55.00 21.88
CA LYS G 4059 -22.41 -54.92 23.29
C LYS G 4059 -23.82 -54.38 23.48
N ASP G 4060 -24.15 -53.31 22.74
CA ASP G 4060 -25.49 -52.74 22.87
C ASP G 4060 -26.57 -53.72 22.44
N ILE G 4061 -26.35 -54.44 21.34
CA ILE G 4061 -27.34 -55.40 20.87
C ILE G 4061 -27.46 -56.58 21.83
N VAL G 4062 -26.35 -57.03 22.40
CA VAL G 4062 -26.39 -58.08 23.40
C VAL G 4062 -27.23 -57.64 24.60
N GLY G 4063 -27.07 -56.39 25.02
CA GLY G 4063 -27.91 -55.86 26.08
C GLY G 4063 -29.36 -55.64 25.67
N SER G 4064 -29.61 -55.47 24.38
CA SER G 4064 -30.96 -55.18 23.89
C SER G 4064 -31.89 -56.38 24.11
N GLU G 4065 -33.20 -56.07 24.10
CA GLU G 4065 -34.22 -57.08 24.37
C GLU G 4065 -34.48 -58.00 23.19
N ALA G 4066 -34.29 -57.51 21.96
CA ALA G 4066 -34.59 -58.32 20.78
C ALA G 4066 -33.71 -59.57 20.74
N PHE G 4067 -32.42 -59.41 21.03
CA PHE G 4067 -31.54 -60.57 21.11
C PHE G 4067 -31.93 -61.46 22.28
N GLN G 4068 -32.43 -60.86 23.36
CA GLN G 4068 -32.85 -61.65 24.53
C GLN G 4068 -33.99 -62.58 24.17
N ASP G 4069 -34.95 -62.12 23.36
CA ASP G 4069 -36.01 -63.00 22.92
C ASP G 4069 -35.61 -63.85 21.71
N TYR G 4070 -34.52 -63.50 21.02
CA TYR G 4070 -34.04 -64.32 19.92
C TYR G 4070 -33.30 -65.56 20.40
N VAL G 4071 -32.52 -65.43 21.48
CA VAL G 4071 -31.62 -66.51 21.88
C VAL G 4071 -32.41 -67.76 22.29
N THR G 4072 -33.46 -67.58 23.09
CA THR G 4072 -34.35 -68.66 23.51
C THR G 4072 -33.58 -69.83 24.11
N ASP G 4073 -32.59 -69.52 24.95
CA ASP G 4073 -31.80 -70.58 25.57
C ASP G 4073 -31.53 -70.26 27.03
N PRO G 4074 -32.03 -71.08 27.97
CA PRO G 4074 -31.66 -70.89 29.38
C PRO G 4074 -30.18 -71.01 29.65
N ARG G 4075 -29.46 -71.83 28.87
CA ARG G 4075 -28.02 -71.99 29.07
C ARG G 4075 -27.24 -70.74 28.68
N GLY G 4076 -27.85 -69.81 27.96
CA GLY G 4076 -27.14 -68.62 27.52
C GLY G 4076 -26.26 -68.81 26.31
N LEU G 4077 -26.58 -69.79 25.46
CA LEU G 4077 -25.83 -70.07 24.25
C LEU G 4077 -26.71 -69.79 23.04
N ILE G 4078 -26.18 -69.02 22.09
CA ILE G 4078 -26.91 -68.62 20.90
C ILE G 4078 -26.34 -69.36 19.70
N SER G 4079 -27.23 -69.96 18.90
CA SER G 4079 -26.81 -70.63 17.68
C SER G 4079 -26.33 -69.61 16.66
N LYS G 4080 -25.48 -70.07 15.74
CA LYS G 4080 -24.96 -69.18 14.70
C LYS G 4080 -26.07 -68.66 13.80
N LYS G 4081 -26.99 -69.53 13.39
CA LYS G 4081 -28.08 -69.12 12.51
C LYS G 4081 -29.01 -68.14 13.20
N ASP G 4082 -29.37 -68.41 14.46
CA ASP G 4082 -30.24 -67.50 15.20
C ASP G 4082 -29.54 -66.17 15.46
N PHE G 4083 -28.24 -66.20 15.72
CA PHE G 4083 -27.48 -64.97 15.88
C PHE G 4083 -27.50 -64.15 14.60
N GLN G 4084 -27.33 -64.80 13.45
CA GLN G 4084 -27.38 -64.10 12.17
C GLN G 4084 -28.76 -63.49 11.94
N LYS G 4085 -29.83 -64.24 12.23
CA LYS G 4085 -31.17 -63.69 12.08
C LYS G 4085 -31.39 -62.51 13.02
N ALA G 4086 -30.92 -62.60 14.26
CA ALA G 4086 -31.11 -61.50 15.20
C ALA G 4086 -30.37 -60.25 14.75
N MET G 4087 -29.13 -60.40 14.26
CA MET G 4087 -28.41 -59.25 13.73
C MET G 4087 -29.12 -58.66 12.52
N ASP G 4088 -29.60 -59.52 11.61
CA ASP G 4088 -30.30 -59.03 10.43
C ASP G 4088 -31.60 -58.34 10.81
N SER G 4089 -32.19 -58.73 11.94
CA SER G 4089 -33.38 -58.02 12.43
C SER G 4089 -33.01 -56.66 13.01
N GLN G 4090 -31.90 -56.59 13.76
CA GLN G 4090 -31.46 -55.32 14.30
C GLN G 4090 -31.09 -54.33 13.19
N LYS G 4091 -30.59 -54.85 12.06
CA LYS G 4091 -30.30 -54.02 10.87
C LYS G 4091 -29.30 -52.92 11.18
N GLN G 4092 -28.22 -53.28 11.88
CA GLN G 4092 -27.15 -52.35 12.17
C GLN G 4092 -25.82 -52.69 11.53
N PHE G 4093 -25.60 -53.94 11.15
CA PHE G 4093 -24.35 -54.37 10.53
C PHE G 4093 -24.61 -54.82 9.10
N THR G 4094 -23.65 -54.55 8.22
CA THR G 4094 -23.72 -55.08 6.86
C THR G 4094 -23.38 -56.56 6.86
N GLY G 4095 -23.63 -57.22 5.73
CA GLY G 4095 -23.46 -58.64 5.61
C GLY G 4095 -22.04 -59.14 5.87
N PRO G 4096 -21.04 -58.51 5.26
CA PRO G 4096 -19.66 -58.86 5.61
C PRO G 4096 -19.34 -58.65 7.08
N GLU G 4097 -19.92 -57.62 7.70
CA GLU G 4097 -19.74 -57.43 9.14
C GLU G 4097 -20.37 -58.58 9.93
N ILE G 4098 -21.53 -59.06 9.48
CA ILE G 4098 -22.16 -60.21 10.13
C ILE G 4098 -21.25 -61.42 10.04
N GLN G 4099 -20.70 -61.67 8.85
CA GLN G 4099 -19.80 -62.81 8.67
C GLN G 4099 -18.56 -62.69 9.54
N PHE G 4100 -17.97 -61.50 9.62
CA PHE G 4100 -16.77 -61.31 10.42
C PHE G 4100 -17.07 -61.47 11.91
N LEU G 4101 -18.22 -60.95 12.36
CA LEU G 4101 -18.62 -61.13 13.75
C LEU G 4101 -18.84 -62.60 14.08
N LEU G 4102 -19.48 -63.34 13.17
CA LEU G 4102 -19.66 -64.77 13.38
C LEU G 4102 -18.33 -65.50 13.43
N SER G 4103 -17.38 -65.11 12.57
CA SER G 4103 -16.06 -65.72 12.60
C SER G 4103 -15.34 -65.45 13.91
N CYS G 4104 -15.42 -64.21 14.41
CA CYS G 4104 -14.81 -63.90 15.70
C CYS G 4104 -15.52 -64.60 16.85
N SER G 4105 -16.81 -64.87 16.71
CA SER G 4105 -17.54 -65.59 17.74
C SER G 4105 -16.99 -67.00 17.91
N GLU G 4106 -16.93 -67.47 19.16
CA GLU G 4106 -16.38 -68.77 19.49
C GLU G 4106 -17.51 -69.70 19.89
N ALA G 4107 -17.82 -70.66 19.03
CA ALA G 4107 -18.86 -71.65 19.30
C ALA G 4107 -18.23 -72.87 19.94
N ASP G 4108 -18.64 -73.17 21.18
CA ASP G 4108 -18.05 -74.30 21.90
C ASP G 4108 -18.41 -75.63 21.22
N GLU G 4109 -19.68 -75.79 20.85
CA GLU G 4109 -20.16 -77.02 20.22
C GLU G 4109 -21.56 -76.79 19.68
N ASN G 4110 -21.85 -77.39 18.53
CA ASN G 4110 -23.16 -77.28 17.89
C ASN G 4110 -23.54 -75.83 17.61
N GLU G 4111 -22.54 -75.02 17.28
CA GLU G 4111 -22.70 -73.60 16.94
C GLU G 4111 -23.27 -72.79 18.11
N MET G 4112 -23.18 -73.30 19.33
CA MET G 4112 -23.62 -72.56 20.50
C MET G 4112 -22.57 -71.53 20.88
N ILE G 4113 -22.95 -70.25 20.88
CA ILE G 4113 -22.03 -69.15 21.12
C ILE G 4113 -22.40 -68.50 22.45
N ASN G 4114 -21.38 -68.22 23.27
CA ASN G 4114 -21.57 -67.51 24.53
C ASN G 4114 -21.49 -66.02 24.21
N PHE G 4115 -22.66 -65.40 24.00
CA PHE G 4115 -22.70 -64.03 23.52
C PHE G 4115 -22.15 -63.05 24.56
N GLU G 4116 -22.40 -63.32 25.85
CA GLU G 4116 -21.90 -62.42 26.89
C GLU G 4116 -20.37 -62.36 26.89
N GLU G 4117 -19.73 -63.53 26.90
CA GLU G 4117 -18.27 -63.56 26.86
C GLU G 4117 -17.75 -62.99 25.54
N PHE G 4118 -18.43 -63.29 24.44
CA PHE G 4118 -18.00 -62.77 23.14
C PHE G 4118 -18.03 -61.26 23.12
N ALA G 4119 -19.05 -60.66 23.75
CA ALA G 4119 -19.14 -59.20 23.78
C ALA G 4119 -18.12 -58.59 24.74
N ASN G 4120 -17.92 -59.22 25.90
CA ASN G 4120 -17.01 -58.65 26.90
C ASN G 4120 -15.54 -58.98 26.63
N ARG G 4121 -15.24 -59.80 25.63
CA ARG G 4121 -13.86 -60.19 25.38
C ARG G 4121 -12.99 -59.01 24.98
N PHE G 4122 -13.51 -58.12 24.13
CA PHE G 4122 -12.72 -57.03 23.57
C PHE G 4122 -13.07 -55.67 24.16
N GLN G 4123 -13.71 -55.63 25.34
CA GLN G 4123 -14.11 -54.35 25.91
C GLN G 4123 -12.96 -53.71 26.68
N GLU G 4124 -12.45 -54.38 27.72
CA GLU G 4124 -11.41 -53.79 28.56
C GLU G 4124 -10.12 -53.50 27.80
N PRO G 4125 -9.55 -54.42 27.01
CA PRO G 4125 -8.26 -54.11 26.36
C PRO G 4125 -8.31 -52.94 25.39
N ALA G 4126 -9.48 -52.61 24.84
CA ALA G 4126 -9.59 -51.57 23.83
C ALA G 4126 -10.10 -50.25 24.38
N ARG G 4127 -10.17 -50.10 25.70
CA ARG G 4127 -10.69 -48.86 26.27
C ARG G 4127 -9.71 -47.70 26.12
N ASP G 4128 -8.43 -47.96 26.41
CA ASP G 4128 -7.44 -46.88 26.41
C ASP G 4128 -7.18 -46.36 25.00
N ILE G 4129 -7.03 -47.25 24.03
CA ILE G 4129 -6.74 -46.84 22.66
C ILE G 4129 -7.92 -46.05 22.07
N GLY G 4130 -9.14 -46.49 22.37
CA GLY G 4130 -10.31 -45.77 21.88
C GLY G 4130 -10.39 -44.37 22.45
N PHE G 4131 -10.14 -44.23 23.76
CA PHE G 4131 -10.14 -42.90 24.37
C PHE G 4131 -9.05 -42.02 23.79
N ASN G 4132 -7.86 -42.58 23.56
CA ASN G 4132 -6.78 -41.79 22.98
C ASN G 4132 -7.14 -41.33 21.57
N VAL G 4133 -7.74 -42.21 20.77
CA VAL G 4133 -8.15 -41.84 19.42
C VAL G 4133 -9.22 -40.75 19.47
N ALA G 4134 -10.18 -40.87 20.40
CA ALA G 4134 -11.22 -39.86 20.52
C ALA G 4134 -10.63 -38.51 20.92
N VAL G 4135 -9.67 -38.51 21.85
CA VAL G 4135 -9.03 -37.26 22.27
C VAL G 4135 -8.26 -36.64 21.12
N LEU G 4136 -7.53 -37.46 20.37
CA LEU G 4136 -6.78 -36.95 19.22
C LEU G 4136 -7.72 -36.33 18.18
N LEU G 4137 -8.82 -37.02 17.87
CA LEU G 4137 -9.77 -36.51 16.90
C LEU G 4137 -10.42 -35.22 17.38
N THR G 4138 -10.77 -35.14 18.66
CA THR G 4138 -11.36 -33.92 19.20
C THR G 4138 -10.38 -32.76 19.13
N ASN G 4139 -9.11 -33.01 19.48
CA ASN G 4139 -8.11 -31.95 19.42
C ASN G 4139 -7.91 -31.48 17.98
N LEU G 4140 -7.82 -32.42 17.04
CA LEU G 4140 -7.65 -32.05 15.64
C LEU G 4140 -8.83 -31.25 15.12
N SER G 4141 -10.06 -31.66 15.49
CA SER G 4141 -11.24 -30.95 15.04
C SER G 4141 -11.29 -29.54 15.63
N GLU G 4142 -10.97 -29.38 16.91
CA GLU G 4142 -11.05 -28.08 17.54
C GLU G 4142 -9.90 -27.15 17.18
N HIS G 4143 -8.78 -27.69 16.70
CA HIS G 4143 -7.65 -26.85 16.34
C HIS G 4143 -7.47 -26.67 14.84
N VAL G 4144 -8.18 -27.44 14.02
CA VAL G 4144 -8.14 -27.28 12.56
C VAL G 4144 -9.57 -27.19 12.05
N PRO G 4145 -10.26 -26.07 12.29
CA PRO G 4145 -11.65 -25.97 11.83
C PRO G 4145 -11.73 -25.76 10.32
N HIS G 4146 -12.92 -26.04 9.79
CA HIS G 4146 -13.22 -25.82 8.37
C HIS G 4146 -12.33 -26.66 7.46
N ASP G 4147 -12.17 -27.92 7.81
CA ASP G 4147 -11.43 -28.88 7.00
C ASP G 4147 -12.39 -29.97 6.52
N PRO G 4148 -12.72 -30.01 5.23
CA PRO G 4148 -13.71 -31.00 4.76
C PRO G 4148 -13.29 -32.44 4.97
N ARG G 4149 -12.00 -32.75 4.86
CA ARG G 4149 -11.55 -34.14 4.94
C ARG G 4149 -11.67 -34.68 6.36
N LEU G 4150 -11.38 -33.86 7.36
CA LEU G 4150 -11.41 -34.34 8.74
C LEU G 4150 -12.82 -34.67 9.19
N ARG G 4151 -13.83 -33.98 8.63
CA ARG G 4151 -15.21 -34.23 9.01
C ARG G 4151 -15.62 -35.68 8.71
N ASN G 4152 -15.04 -36.27 7.66
CA ASN G 4152 -15.33 -37.66 7.35
C ASN G 4152 -14.91 -38.57 8.51
N PHE G 4153 -13.70 -38.39 9.01
CA PHE G 4153 -13.23 -39.18 10.14
C PHE G 4153 -14.07 -38.90 11.38
N LEU G 4154 -14.43 -37.62 11.60
CA LEU G 4154 -15.23 -37.27 12.76
C LEU G 4154 -16.59 -37.97 12.74
N GLU G 4155 -17.23 -38.02 11.57
CA GLU G 4155 -18.53 -38.68 11.50
C GLU G 4155 -18.42 -40.20 11.49
N LEU G 4156 -17.32 -40.76 10.98
CA LEU G 4156 -17.13 -42.20 11.08
C LEU G 4156 -16.86 -42.64 12.52
N ALA G 4157 -16.22 -41.77 13.32
CA ALA G 4157 -15.96 -42.05 14.72
C ALA G 4157 -17.06 -41.52 15.63
N GLU G 4158 -18.30 -41.44 15.14
CA GLU G 4158 -19.38 -40.86 15.93
C GLU G 4158 -19.66 -41.67 17.19
N SER G 4159 -19.70 -43.00 17.06
CA SER G 4159 -20.02 -43.84 18.22
C SER G 4159 -18.96 -43.73 19.30
N ILE G 4160 -17.69 -43.71 18.91
CA ILE G 4160 -16.59 -43.61 19.89
C ILE G 4160 -16.67 -42.29 20.64
N LEU G 4161 -16.90 -41.20 19.91
CA LEU G 4161 -17.01 -39.89 20.55
C LEU G 4161 -18.20 -39.85 21.49
N GLU G 4162 -19.34 -40.39 21.06
CA GLU G 4162 -20.51 -40.41 21.94
C GLU G 4162 -20.28 -41.27 23.17
N TYR G 4163 -19.50 -42.34 23.05
CA TYR G 4163 -19.25 -43.21 24.20
C TYR G 4163 -18.29 -42.55 25.19
N PHE G 4164 -17.24 -41.90 24.69
CA PHE G 4164 -16.24 -41.30 25.56
C PHE G 4164 -16.50 -39.83 25.87
N ARG G 4165 -17.66 -39.29 25.45
CA ARG G 4165 -18.00 -37.92 25.82
C ARG G 4165 -18.01 -37.67 27.32
N PRO G 4166 -18.67 -38.49 28.16
CA PRO G 4166 -18.63 -38.20 29.61
C PRO G 4166 -17.23 -38.25 30.20
N TYR G 4167 -16.37 -39.14 29.71
CA TYR G 4167 -15.03 -39.28 30.26
C TYR G 4167 -14.09 -38.18 29.78
N LEU G 4168 -14.26 -37.71 28.54
CA LEU G 4168 -13.38 -36.71 27.98
C LEU G 4168 -13.67 -35.35 28.61
N GLY G 4169 -12.71 -34.82 29.35
CA GLY G 4169 -12.85 -33.50 29.95
C GLY G 4169 -11.79 -32.55 29.41
N ARG G 4170 -12.17 -31.29 29.25
CA ARG G 4170 -11.29 -30.28 28.71
C ARG G 4170 -11.32 -29.03 29.57
N ILE G 4171 -10.15 -28.42 29.75
CA ILE G 4171 -10.00 -27.17 30.50
C ILE G 4171 -9.13 -26.23 29.68
N GLU G 4172 -9.05 -24.98 30.13
CA GLU G 4172 -8.21 -23.97 29.51
C GLU G 4172 -7.26 -23.38 30.54
N ILE G 4173 -6.01 -23.17 30.12
CA ILE G 4173 -4.97 -22.63 30.99
C ILE G 4173 -4.30 -21.46 30.29
N MET G 4174 -3.69 -20.59 31.09
CA MET G 4174 -2.91 -19.48 30.55
C MET G 4174 -1.69 -20.00 29.79
N GLY G 4175 -1.03 -21.02 30.32
CA GLY G 4175 0.10 -21.63 29.66
C GLY G 4175 1.39 -20.88 29.91
N ALA G 4176 2.51 -21.58 29.62
CA ALA G 4176 3.82 -20.95 29.75
C ALA G 4176 3.93 -19.74 28.83
N SER G 4177 3.59 -19.92 27.56
CA SER G 4177 3.39 -18.78 26.69
C SER G 4177 2.07 -18.09 27.05
N ARG G 4178 1.99 -16.80 26.73
CA ARG G 4178 0.81 -16.02 27.10
C ARG G 4178 -0.44 -16.46 26.36
N ARG G 4179 -0.30 -17.27 25.31
CA ARG G 4179 -1.47 -17.75 24.57
C ARG G 4179 -2.24 -18.75 25.41
N ILE G 4180 -3.57 -18.59 25.45
CA ILE G 4180 -4.42 -19.54 26.15
C ILE G 4180 -4.39 -20.89 25.44
N GLU G 4181 -4.26 -21.96 26.21
CA GLU G 4181 -4.17 -23.31 25.65
C GLU G 4181 -5.25 -24.19 26.24
N ARG G 4182 -5.62 -25.23 25.50
CA ARG G 4182 -6.67 -26.16 25.89
C ARG G 4182 -6.04 -27.51 26.23
N ILE G 4183 -6.45 -28.08 27.37
CA ILE G 4183 -5.92 -29.34 27.87
C ILE G 4183 -7.05 -30.35 27.92
N TYR G 4184 -6.82 -31.52 27.31
CA TYR G 4184 -7.75 -32.63 27.34
C TYR G 4184 -7.19 -33.73 28.24
N PHE G 4185 -8.02 -34.24 29.14
CA PHE G 4185 -7.62 -35.30 30.05
C PHE G 4185 -8.77 -36.29 30.18
N GLU G 4186 -8.64 -37.22 31.12
CA GLU G 4186 -9.62 -38.29 31.34
C GLU G 4186 -10.26 -38.13 32.70
N ILE G 4187 -11.58 -38.25 32.76
CA ILE G 4187 -12.35 -38.19 33.98
C ILE G 4187 -12.81 -39.61 34.33
N SER G 4188 -12.49 -40.05 35.54
CA SER G 4188 -12.85 -41.39 35.97
C SER G 4188 -14.33 -41.48 36.32
N GLU G 4189 -14.92 -42.65 36.07
CA GLU G 4189 -16.33 -42.86 36.38
C GLU G 4189 -16.59 -42.77 37.88
N THR G 4190 -15.69 -43.33 38.69
CA THR G 4190 -15.83 -43.23 40.14
C THR G 4190 -15.75 -41.78 40.59
N ASN G 4191 -14.84 -41.01 40.00
CA ASN G 4191 -14.73 -39.59 40.33
C ASN G 4191 -16.02 -38.85 39.98
N ARG G 4192 -16.59 -39.14 38.80
CA ARG G 4192 -17.83 -38.48 38.40
C ARG G 4192 -18.99 -38.86 39.33
N ALA G 4193 -19.07 -40.12 39.73
CA ALA G 4193 -20.13 -40.54 40.66
C ALA G 4193 -19.98 -39.84 42.00
N GLN G 4194 -18.77 -39.81 42.54
CA GLN G 4194 -18.54 -39.12 43.81
C GLN G 4194 -18.82 -37.64 43.68
N TRP G 4195 -18.59 -37.06 42.51
CA TRP G 4195 -18.92 -35.65 42.29
C TRP G 4195 -20.43 -35.44 42.26
N GLU G 4196 -21.16 -36.35 41.62
CA GLU G 4196 -22.62 -36.28 41.56
C GLU G 4196 -23.29 -36.79 42.83
N MET G 4197 -22.52 -37.17 43.83
CA MET G 4197 -23.08 -37.34 45.16
C MET G 4197 -23.79 -36.06 45.58
N PRO G 4198 -25.08 -36.10 46.00
CA PRO G 4198 -25.80 -34.85 46.32
C PRO G 4198 -25.19 -33.98 47.41
N GLN G 4199 -24.57 -34.55 48.43
CA GLN G 4199 -23.89 -33.71 49.43
C GLN G 4199 -22.83 -32.84 48.78
N VAL G 4200 -22.15 -33.37 47.77
CA VAL G 4200 -21.20 -32.55 47.01
C VAL G 4200 -21.92 -31.39 46.35
N LYS G 4201 -23.13 -31.62 45.83
CA LYS G 4201 -23.89 -30.53 45.24
C LYS G 4201 -24.22 -29.46 46.27
N GLU G 4202 -24.64 -29.87 47.47
CA GLU G 4202 -24.95 -28.91 48.52
C GLU G 4202 -23.71 -28.11 48.92
N SER G 4203 -22.57 -28.79 49.06
CA SER G 4203 -21.33 -28.09 49.39
C SER G 4203 -20.95 -27.10 48.31
N LYS G 4204 -21.13 -27.48 47.03
CA LYS G 4204 -20.84 -26.57 45.94
C LYS G 4204 -21.75 -25.36 45.98
N ARG G 4205 -23.04 -25.57 46.25
CA ARG G 4205 -23.96 -24.43 46.35
C ARG G 4205 -23.55 -23.48 47.47
N GLN G 4206 -23.21 -24.04 48.63
CA GLN G 4206 -22.80 -23.19 49.75
C GLN G 4206 -21.51 -22.44 49.43
N PHE G 4207 -20.54 -23.10 48.79
CA PHE G 4207 -19.30 -22.44 48.42
C PHE G 4207 -19.56 -21.31 47.43
N ILE G 4208 -20.42 -21.56 46.45
CA ILE G 4208 -20.75 -20.52 45.47
C ILE G 4208 -21.41 -19.34 46.15
N PHE G 4209 -22.35 -19.62 47.07
CA PHE G 4209 -23.04 -18.53 47.76
C PHE G 4209 -22.07 -17.70 48.59
N ASP G 4210 -21.16 -18.34 49.33
CA ASP G 4210 -20.24 -17.58 50.16
C ASP G 4210 -19.14 -16.90 49.36
N VAL G 4211 -18.82 -17.39 48.15
CA VAL G 4211 -17.83 -16.72 47.32
C VAL G 4211 -18.43 -15.61 46.47
N VAL G 4212 -19.75 -15.59 46.29
CA VAL G 4212 -20.38 -14.50 45.56
C VAL G 4212 -20.89 -13.43 46.52
N ASN G 4213 -21.77 -13.82 47.44
CA ASN G 4213 -22.41 -12.84 48.31
C ASN G 4213 -21.41 -12.21 49.28
N GLU G 4214 -20.54 -13.01 49.89
CA GLU G 4214 -19.66 -12.55 50.95
C GLU G 4214 -18.32 -12.02 50.42
N GLY G 4215 -18.28 -11.55 49.18
CA GLY G 4215 -17.06 -10.99 48.65
C GLY G 4215 -16.03 -12.06 48.34
N GLY G 4216 -14.77 -11.76 48.62
CA GLY G 4216 -13.69 -12.69 48.34
C GLY G 4216 -13.29 -12.74 46.88
N GLU G 4217 -13.62 -11.71 46.10
CA GLU G 4217 -13.25 -11.71 44.68
C GLU G 4217 -11.74 -11.67 44.50
N ALA G 4218 -11.03 -10.97 45.38
CA ALA G 4218 -9.57 -10.89 45.27
C ALA G 4218 -8.93 -12.26 45.47
N GLU G 4219 -9.44 -13.04 46.43
CA GLU G 4219 -8.94 -14.38 46.71
C GLU G 4219 -9.82 -15.46 46.09
N LYS G 4220 -10.41 -15.17 44.93
CA LYS G 4220 -11.35 -16.10 44.31
C LYS G 4220 -10.69 -17.43 43.97
N MET G 4221 -9.54 -17.38 43.32
CA MET G 4221 -8.85 -18.61 42.94
C MET G 4221 -8.35 -19.38 44.15
N GLU G 4222 -7.86 -18.66 45.18
CA GLU G 4222 -7.42 -19.32 46.39
C GLU G 4222 -8.57 -20.05 47.08
N LEU G 4223 -9.73 -19.39 47.18
CA LEU G 4223 -10.89 -20.03 47.77
C LEU G 4223 -11.35 -21.22 46.95
N PHE G 4224 -11.30 -21.10 45.61
CA PHE G 4224 -11.67 -22.22 44.75
C PHE G 4224 -10.76 -23.41 44.97
N VAL G 4225 -9.44 -23.18 45.07
CA VAL G 4225 -8.49 -24.27 45.29
C VAL G 4225 -8.72 -24.91 46.64
N SER G 4226 -8.97 -24.09 47.68
CA SER G 4226 -9.25 -24.63 49.00
C SER G 4226 -10.53 -25.48 48.98
N PHE G 4227 -11.56 -25.02 48.26
CA PHE G 4227 -12.78 -25.80 48.12
C PHE G 4227 -12.52 -27.12 47.42
N CYS G 4228 -11.70 -27.11 46.37
CA CYS G 4228 -11.36 -28.35 45.67
C CYS G 4228 -10.67 -29.32 46.61
N GLU G 4229 -9.70 -28.84 47.39
CA GLU G 4229 -8.99 -29.72 48.32
C GLU G 4229 -9.95 -30.31 49.36
N ASP G 4230 -10.81 -29.45 49.93
CA ASP G 4230 -11.76 -29.92 50.93
C ASP G 4230 -12.71 -30.96 50.35
N THR G 4231 -13.21 -30.72 49.13
CA THR G 4231 -14.13 -31.67 48.52
C THR G 4231 -13.45 -33.00 48.21
N ILE G 4232 -12.19 -32.95 47.75
CA ILE G 4232 -11.44 -34.20 47.55
C ILE G 4232 -11.34 -34.97 48.85
N PHE G 4233 -11.02 -34.28 49.94
CA PHE G 4233 -10.92 -34.97 51.23
C PHE G 4233 -12.27 -35.57 51.65
N GLU G 4234 -13.35 -34.82 51.49
CA GLU G 4234 -14.66 -35.32 51.88
C GLU G 4234 -15.08 -36.53 51.06
N MET G 4235 -14.80 -36.51 49.75
CA MET G 4235 -15.20 -37.65 48.94
C MET G 4235 -14.28 -38.86 49.14
N GLN G 4236 -13.02 -38.64 49.53
CA GLN G 4236 -12.22 -39.77 50.01
C GLN G 4236 -12.83 -40.37 51.26
N ILE G 4237 -13.28 -39.53 52.19
CA ILE G 4237 -13.97 -40.03 53.38
C ILE G 4237 -15.21 -40.83 52.99
N ALA G 4238 -15.97 -40.30 52.03
CA ALA G 4238 -17.18 -41.00 51.59
C ALA G 4238 -16.85 -42.35 50.97
N ALA G 4239 -15.79 -42.41 50.15
CA ALA G 4239 -15.36 -43.68 49.58
C ALA G 4239 -14.96 -44.68 50.66
N GLN G 4240 -14.26 -44.20 51.70
CA GLN G 4240 -13.88 -45.08 52.80
C GLN G 4240 -15.11 -45.59 53.55
N ILE G 4241 -16.09 -44.71 53.79
CA ILE G 4241 -17.23 -45.08 54.62
C ILE G 4241 -18.35 -45.65 53.75
N SER G 4242 -18.06 -45.91 52.49
CA SER G 4242 -19.04 -46.52 51.60
C SER G 4242 -19.40 -47.93 52.09
N GLU G 4243 -20.45 -48.48 51.48
CA GLU G 4243 -20.94 -49.81 51.85
C GLU G 4243 -19.91 -50.89 51.56
N PHE G 4530 -9.52 -62.16 67.96
CA PHE G 4530 -10.36 -61.60 69.02
C PHE G 4530 -10.38 -60.08 68.92
N TRP G 4531 -9.23 -59.46 69.23
CA TRP G 4531 -9.14 -58.00 69.15
C TRP G 4531 -9.48 -57.51 67.75
N GLY G 4532 -8.97 -58.19 66.72
CA GLY G 4532 -9.32 -57.83 65.35
C GLY G 4532 -10.80 -57.99 65.07
N GLU G 4533 -11.41 -59.03 65.65
CA GLU G 4533 -12.85 -59.24 65.46
C GLU G 4533 -13.66 -58.09 66.04
N LEU G 4534 -13.36 -57.70 67.28
CA LEU G 4534 -14.06 -56.56 67.86
C LEU G 4534 -13.77 -55.27 67.09
N GLU G 4535 -12.54 -55.08 66.63
CA GLU G 4535 -12.22 -53.88 65.86
C GLU G 4535 -13.01 -53.82 64.56
N VAL G 4536 -13.10 -54.93 63.84
CA VAL G 4536 -13.81 -54.92 62.56
C VAL G 4536 -15.30 -54.77 62.79
N GLN G 4537 -15.84 -55.37 63.86
CA GLN G 4537 -17.25 -55.12 64.18
C GLN G 4537 -17.49 -53.64 64.50
N ARG G 4538 -16.55 -53.03 65.22
CA ARG G 4538 -16.66 -51.61 65.53
C ARG G 4538 -16.63 -50.75 64.27
N VAL G 4539 -15.75 -51.07 63.33
CA VAL G 4539 -15.67 -50.27 62.11
C VAL G 4539 -16.93 -50.46 61.26
N LYS G 4540 -17.49 -51.67 61.23
CA LYS G 4540 -18.78 -51.85 60.56
C LYS G 4540 -19.86 -50.99 61.19
N PHE G 4541 -19.92 -50.98 62.53
CA PHE G 4541 -20.92 -50.17 63.22
C PHE G 4541 -20.73 -48.69 62.91
N LEU G 4542 -19.49 -48.21 62.94
CA LEU G 4542 -19.22 -46.81 62.67
C LEU G 4542 -19.57 -46.44 61.23
N ASN G 4543 -19.27 -47.33 60.28
CA ASN G 4543 -19.64 -47.08 58.90
C ASN G 4543 -21.15 -47.00 58.73
N TYR G 4544 -21.88 -47.92 59.39
CA TYR G 4544 -23.34 -47.87 59.31
C TYR G 4544 -23.88 -46.57 59.88
N LEU G 4545 -23.35 -46.13 61.03
CA LEU G 4545 -23.79 -44.87 61.61
C LEU G 4545 -23.47 -43.69 60.70
N SER G 4546 -22.29 -43.71 60.07
CA SER G 4546 -21.91 -42.63 59.17
C SER G 4546 -22.85 -42.55 57.98
N ARG G 4547 -23.21 -43.70 57.40
CA ARG G 4547 -24.12 -43.67 56.26
C ARG G 4547 -25.55 -43.30 56.67
N ASN G 4548 -25.97 -43.66 57.88
CA ASN G 4548 -27.35 -43.41 58.32
C ASN G 4548 -27.45 -42.28 59.35
N PHE G 4549 -26.50 -41.35 59.32
CA PHE G 4549 -26.50 -40.27 60.31
C PHE G 4549 -27.76 -39.40 60.22
N TYR G 4550 -28.13 -38.99 59.00
CA TYR G 4550 -29.26 -38.08 58.85
C TYR G 4550 -30.57 -38.73 59.25
N THR G 4551 -30.76 -40.01 58.89
CA THR G 4551 -31.98 -40.71 59.26
C THR G 4551 -32.14 -40.78 60.77
N LEU G 4552 -31.03 -40.91 61.50
CA LEU G 4552 -31.09 -40.88 62.95
C LEU G 4552 -31.57 -39.52 63.46
N ARG G 4553 -31.12 -38.43 62.82
CA ARG G 4553 -31.57 -37.10 63.22
C ARG G 4553 -33.07 -36.95 63.01
N PHE G 4554 -33.57 -37.36 61.85
CA PHE G 4554 -35.00 -37.27 61.58
C PHE G 4554 -35.80 -38.16 62.53
N LEU G 4555 -35.28 -39.36 62.82
CA LEU G 4555 -35.94 -40.25 63.76
C LEU G 4555 -35.98 -39.64 65.15
N ALA G 4556 -34.91 -38.96 65.56
CA ALA G 4556 -34.90 -38.29 66.86
C ALA G 4556 -35.95 -37.19 66.91
N LEU G 4557 -36.08 -36.42 65.81
CA LEU G 4557 -37.11 -35.39 65.76
C LEU G 4557 -38.50 -36.00 65.90
N PHE G 4558 -38.76 -37.09 65.17
CA PHE G 4558 -40.07 -37.74 65.26
C PHE G 4558 -40.30 -38.32 66.65
N LEU G 4559 -39.26 -38.86 67.27
CA LEU G 4559 -39.36 -39.39 68.63
C LEU G 4559 -39.72 -38.28 69.61
N ALA G 4560 -39.09 -37.12 69.47
CA ALA G 4560 -39.42 -35.98 70.33
C ALA G 4560 -40.87 -35.56 70.13
N PHE G 4561 -41.32 -35.51 68.88
CA PHE G 4561 -42.73 -35.18 68.63
C PHE G 4561 -43.66 -36.17 69.31
N ALA G 4562 -43.37 -37.46 69.18
CA ALA G 4562 -44.22 -38.48 69.79
C ALA G 4562 -44.21 -38.36 71.32
N ILE G 4563 -43.04 -38.14 71.92
CA ILE G 4563 -42.95 -38.03 73.37
C ILE G 4563 -43.76 -36.83 73.85
N ASN G 4564 -43.66 -35.70 73.16
CA ASN G 4564 -44.45 -34.54 73.56
C ASN G 4564 -45.94 -34.79 73.39
N PHE G 4565 -46.33 -35.51 72.33
CA PHE G 4565 -47.74 -35.83 72.15
C PHE G 4565 -48.26 -36.69 73.29
N ILE G 4566 -47.45 -37.66 73.75
CA ILE G 4566 -47.85 -38.45 74.91
C ILE G 4566 -47.90 -37.59 76.16
N LEU G 4567 -46.91 -36.72 76.36
CA LEU G 4567 -46.89 -35.84 77.53
C LEU G 4567 -48.07 -34.88 77.56
N LEU G 4568 -48.70 -34.63 76.41
CA LEU G 4568 -49.88 -33.78 76.38
C LEU G 4568 -50.98 -34.27 77.31
N PHE G 4569 -51.02 -35.57 77.60
CA PHE G 4569 -52.09 -36.16 78.39
C PHE G 4569 -51.79 -36.18 79.89
N TYR G 4570 -50.87 -35.36 80.37
CA TYR G 4570 -50.55 -35.36 81.79
C TYR G 4570 -51.63 -34.64 82.60
N LYS G 4571 -51.64 -34.93 83.90
CA LYS G 4571 -52.59 -34.33 84.83
C LYS G 4571 -51.97 -34.35 86.22
N VAL G 4572 -52.48 -33.50 87.10
CA VAL G 4572 -52.01 -33.40 88.47
C VAL G 4572 -53.20 -33.55 89.41
N SER G 4573 -52.98 -34.20 90.55
CA SER G 4573 -54.03 -34.37 91.54
C SER G 4573 -53.42 -34.40 92.93
N ASP G 4574 -54.29 -34.43 93.94
CA ASP G 4574 -53.89 -34.59 95.33
C ASP G 4574 -54.01 -36.02 95.81
N SER G 4575 -55.04 -36.74 95.37
CA SER G 4575 -55.19 -38.14 95.71
C SER G 4575 -54.20 -38.99 94.93
N PRO G 4576 -53.86 -40.17 95.43
CA PRO G 4576 -52.96 -41.06 94.70
C PRO G 4576 -53.55 -41.42 93.35
N PRO G 4577 -52.71 -41.58 92.32
CA PRO G 4577 -53.16 -41.92 90.96
C PRO G 4577 -53.81 -43.30 90.88
N VAL G 4618 -48.11 -33.27 95.58
CA VAL G 4618 -49.07 -33.57 94.52
C VAL G 4618 -48.61 -34.77 93.72
N TYR G 4619 -49.45 -35.24 92.81
CA TYR G 4619 -49.17 -36.40 91.97
C TYR G 4619 -49.32 -35.98 90.51
N TYR G 4620 -48.25 -36.16 89.73
CA TYR G 4620 -48.27 -35.94 88.29
C TYR G 4620 -48.38 -37.30 87.62
N PHE G 4621 -49.50 -37.55 86.95
CA PHE G 4621 -49.76 -38.84 86.33
C PHE G 4621 -50.26 -38.66 84.92
N LEU G 4622 -49.97 -39.66 84.09
CA LEU G 4622 -50.43 -39.71 82.70
C LEU G 4622 -51.82 -40.33 82.70
N GLU G 4623 -52.84 -39.49 82.55
CA GLU G 4623 -54.23 -39.94 82.67
C GLU G 4623 -54.83 -40.11 81.27
N GLU G 4624 -55.31 -41.31 80.98
CA GLU G 4624 -55.97 -41.62 79.72
C GLU G 4624 -56.68 -42.96 79.89
N SER G 4625 -57.58 -43.26 78.96
CA SER G 4625 -58.39 -44.48 79.07
C SER G 4625 -57.53 -45.73 78.89
N THR G 4626 -56.88 -45.86 77.74
CA THR G 4626 -56.07 -47.04 77.47
C THR G 4626 -54.82 -47.04 78.35
N GLY G 4627 -54.50 -48.20 78.91
CA GLY G 4627 -53.37 -48.35 79.81
C GLY G 4627 -52.05 -48.44 79.06
N TYR G 4628 -51.03 -48.84 79.82
CA TYR G 4628 -49.67 -49.10 79.34
C TYR G 4628 -49.08 -47.94 78.54
N MET G 4629 -49.71 -46.77 78.62
CA MET G 4629 -49.20 -45.61 77.90
C MET G 4629 -47.92 -45.10 78.54
N GLU G 4630 -47.80 -45.18 79.87
CA GLU G 4630 -46.58 -44.82 80.56
C GLU G 4630 -45.44 -45.78 80.20
N PRO G 4631 -45.66 -47.11 80.17
CA PRO G 4631 -44.62 -47.99 79.61
C PRO G 4631 -44.25 -47.66 78.18
N ALA G 4632 -45.23 -47.29 77.35
CA ALA G 4632 -44.91 -46.88 75.99
C ALA G 4632 -44.01 -45.65 75.98
N LEU G 4633 -44.32 -44.68 76.84
CA LEU G 4633 -43.49 -43.48 76.93
C LEU G 4633 -42.08 -43.82 77.43
N TRP G 4634 -41.98 -44.78 78.35
CA TRP G 4634 -40.67 -45.24 78.80
C TRP G 4634 -39.85 -45.82 77.65
N CYS G 4635 -40.48 -46.67 76.83
CA CYS G 4635 -39.80 -47.24 75.68
C CYS G 4635 -39.38 -46.15 74.70
N LEU G 4636 -40.27 -45.18 74.45
CA LEU G 4636 -39.95 -44.07 73.56
C LEU G 4636 -38.77 -43.27 74.08
N SER G 4637 -38.72 -43.01 75.38
CA SER G 4637 -37.60 -42.27 75.96
C SER G 4637 -36.30 -43.03 75.80
N LEU G 4638 -36.31 -44.34 76.07
CA LEU G 4638 -35.09 -45.13 75.91
C LEU G 4638 -34.61 -45.11 74.46
N LEU G 4639 -35.55 -45.26 73.51
CA LEU G 4639 -35.18 -45.22 72.11
C LEU G 4639 -34.63 -43.85 71.73
N HIS G 4640 -35.22 -42.78 72.27
CA HIS G 4640 -34.75 -41.43 71.97
C HIS G 4640 -33.31 -41.24 72.42
N THR G 4641 -32.99 -41.68 73.64
CA THR G 4641 -31.62 -41.50 74.13
C THR G 4641 -30.64 -42.40 73.37
N LEU G 4642 -31.05 -43.61 73.01
CA LEU G 4642 -30.18 -44.46 72.20
C LEU G 4642 -29.90 -43.80 70.85
N VAL G 4643 -30.93 -43.21 70.24
CA VAL G 4643 -30.75 -42.49 68.98
C VAL G 4643 -29.84 -41.27 69.18
N ALA G 4644 -29.93 -40.61 70.33
CA ALA G 4644 -29.02 -39.51 70.62
C ALA G 4644 -27.58 -39.98 70.67
N PHE G 4645 -27.33 -41.12 71.29
CA PHE G 4645 -26.00 -41.72 71.25
C PHE G 4645 -25.54 -41.97 69.82
N LEU G 4646 -26.43 -42.55 69.01
CA LEU G 4646 -26.06 -42.84 67.62
C LEU G 4646 -25.73 -41.57 66.85
N CYS G 4647 -26.51 -40.51 67.06
CA CYS G 4647 -26.24 -39.24 66.38
C CYS G 4647 -24.90 -38.65 66.82
N ILE G 4648 -24.59 -38.72 68.12
CA ILE G 4648 -23.31 -38.21 68.60
C ILE G 4648 -22.16 -38.96 67.94
N ILE G 4649 -22.26 -40.28 67.92
CA ILE G 4649 -21.18 -41.09 67.33
C ILE G 4649 -21.06 -40.81 65.83
N GLY G 4650 -22.20 -40.69 65.14
CA GLY G 4650 -22.16 -40.41 63.71
C GLY G 4650 -21.53 -39.07 63.39
N TYR G 4651 -21.88 -38.03 64.15
CA TYR G 4651 -21.24 -36.74 63.96
C TYR G 4651 -19.74 -36.84 64.20
N ASN G 4652 -19.34 -37.49 65.30
CA ASN G 4652 -17.91 -37.59 65.62
C ASN G 4652 -17.15 -38.33 64.53
N CYS G 4653 -17.77 -39.34 63.92
CA CYS G 4653 -17.10 -40.14 62.91
C CYS G 4653 -17.24 -39.58 61.50
N LEU G 4654 -18.10 -38.60 61.27
CA LEU G 4654 -18.33 -38.09 59.92
C LEU G 4654 -17.88 -36.65 59.72
N LYS G 4655 -18.23 -35.73 60.61
CA LYS G 4655 -18.03 -34.32 60.35
C LYS G 4655 -16.71 -33.78 60.91
N VAL G 4656 -16.24 -34.32 62.03
CA VAL G 4656 -15.04 -33.78 62.67
C VAL G 4656 -13.80 -33.86 61.78
N PRO G 4657 -13.54 -34.96 61.05
CA PRO G 4657 -12.32 -35.01 60.23
C PRO G 4657 -12.12 -33.84 59.28
N LEU G 4658 -13.20 -33.31 58.69
CA LEU G 4658 -13.06 -32.15 57.81
C LEU G 4658 -12.57 -30.92 58.59
N VAL G 4659 -13.12 -30.72 59.79
CA VAL G 4659 -12.69 -29.59 60.61
C VAL G 4659 -11.22 -29.73 60.99
N ILE G 4660 -10.83 -30.95 61.38
CA ILE G 4660 -9.42 -31.18 61.73
C ILE G 4660 -8.52 -30.93 60.53
N PHE G 4661 -8.94 -31.41 59.35
CA PHE G 4661 -8.16 -31.20 58.13
C PHE G 4661 -7.99 -29.71 57.84
N LYS G 4662 -9.07 -28.94 57.95
CA LYS G 4662 -8.99 -27.51 57.70
C LYS G 4662 -8.06 -26.82 58.69
N ARG G 4663 -8.16 -27.18 59.98
CA ARG G 4663 -7.31 -26.54 60.97
C ARG G 4663 -5.84 -26.88 60.76
N GLU G 4664 -5.53 -28.14 60.47
CA GLU G 4664 -4.15 -28.52 60.21
C GLU G 4664 -3.61 -27.84 58.97
N LYS G 4665 -4.43 -27.74 57.92
CA LYS G 4665 -4.01 -27.05 56.70
C LYS G 4665 -3.70 -25.58 56.98
N GLU G 4666 -4.58 -24.92 57.73
CA GLU G 4666 -4.37 -23.51 58.03
C GLU G 4666 -3.11 -23.31 58.86
N LEU G 4667 -2.91 -24.15 59.87
CA LEU G 4667 -1.71 -24.04 60.70
C LEU G 4667 -0.45 -24.27 59.89
N ALA G 4668 -0.45 -25.29 59.03
CA ALA G 4668 0.71 -25.57 58.20
C ALA G 4668 1.03 -24.42 57.26
N ARG G 4669 0.00 -23.86 56.62
CA ARG G 4669 0.23 -22.72 55.74
C ARG G 4669 0.79 -21.53 56.51
N LYS G 4670 0.24 -21.24 57.69
CA LYS G 4670 0.69 -20.10 58.48
C LYS G 4670 2.14 -20.27 58.91
N LEU G 4671 2.50 -21.45 59.42
CA LEU G 4671 3.86 -21.62 59.91
C LEU G 4671 4.85 -21.99 58.81
N GLU G 4672 4.40 -22.19 57.58
CA GLU G 4672 5.30 -22.37 56.45
C GLU G 4672 5.58 -21.09 55.68
N PHE G 4673 4.54 -20.31 55.38
CA PHE G 4673 4.72 -19.10 54.56
C PHE G 4673 4.80 -17.84 55.40
N ASP G 4674 3.78 -17.55 56.21
CA ASP G 4674 3.77 -16.34 57.02
C ASP G 4674 4.66 -16.45 58.25
N GLY G 4675 5.00 -17.67 58.67
CA GLY G 4675 5.78 -17.86 59.88
C GLY G 4675 5.09 -17.28 61.10
N LEU G 4676 3.94 -17.87 61.45
CA LEU G 4676 3.17 -17.35 62.59
C LEU G 4676 3.95 -17.51 63.89
N TYR G 4677 4.74 -18.57 64.01
CA TYR G 4677 5.50 -18.83 65.23
C TYR G 4677 7.00 -18.64 65.06
N ILE G 4678 7.49 -18.46 63.82
CA ILE G 4678 8.90 -18.21 63.55
C ILE G 4678 9.01 -16.85 62.87
N THR G 4679 9.89 -16.00 63.40
CA THR G 4679 10.04 -14.61 62.97
C THR G 4679 8.76 -13.80 63.17
N GLU G 4680 7.84 -14.32 63.99
CA GLU G 4680 6.61 -13.63 64.35
C GLU G 4680 5.99 -14.37 65.52
N GLN G 4681 5.07 -13.69 66.21
CA GLN G 4681 4.42 -14.26 67.37
C GLN G 4681 2.93 -13.95 67.31
N PRO G 4682 2.08 -14.92 67.65
CA PRO G 4682 0.64 -14.65 67.66
C PRO G 4682 0.26 -13.60 68.69
N GLY G 4683 -0.76 -12.83 68.36
CA GLY G 4683 -1.21 -11.78 69.26
C GLY G 4683 -1.90 -12.34 70.50
N ASP G 4684 -2.03 -11.48 71.51
CA ASP G 4684 -2.68 -11.89 72.74
C ASP G 4684 -4.16 -12.16 72.54
N ASP G 4685 -4.81 -11.42 71.64
CA ASP G 4685 -6.23 -11.62 71.38
C ASP G 4685 -6.51 -12.87 70.56
N ASP G 4686 -5.49 -13.46 69.93
CA ASP G 4686 -5.67 -14.65 69.11
C ASP G 4686 -5.72 -15.87 70.01
N VAL G 4687 -6.92 -16.17 70.53
CA VAL G 4687 -7.08 -17.34 71.39
C VAL G 4687 -6.79 -18.62 70.61
N LYS G 4688 -7.24 -18.68 69.35
CA LYS G 4688 -6.91 -19.83 68.51
C LYS G 4688 -5.41 -19.91 68.25
N GLY G 4689 -4.75 -18.76 68.10
CA GLY G 4689 -3.31 -18.76 67.92
C GLY G 4689 -2.58 -19.31 69.13
N GLN G 4690 -3.02 -18.93 70.33
CA GLN G 4690 -2.42 -19.48 71.54
C GLN G 4690 -2.72 -20.97 71.69
N TRP G 4691 -3.93 -21.40 71.31
CA TRP G 4691 -4.29 -22.80 71.45
C TRP G 4691 -3.55 -23.69 70.47
N ASP G 4692 -3.25 -23.17 69.27
CA ASP G 4692 -2.56 -23.96 68.26
C ASP G 4692 -1.10 -24.25 68.59
N ARG G 4693 -0.56 -23.61 69.64
CA ARG G 4693 0.83 -23.82 70.01
C ARG G 4693 1.12 -25.22 70.53
N LEU G 4694 0.10 -26.01 70.84
CA LEU G 4694 0.33 -27.30 71.47
C LEU G 4694 0.86 -28.33 70.47
N VAL G 4695 0.35 -28.34 69.25
CA VAL G 4695 0.68 -29.39 68.29
C VAL G 4695 1.95 -29.05 67.53
N LEU G 4696 2.65 -27.99 67.93
CA LEU G 4696 3.91 -27.66 67.28
C LEU G 4696 4.96 -28.74 67.49
N ASN G 4697 5.04 -29.29 68.70
CA ASN G 4697 6.04 -30.29 69.05
C ASN G 4697 5.51 -31.71 69.02
N THR G 4698 4.19 -31.90 68.91
CA THR G 4698 3.64 -33.25 68.90
C THR G 4698 4.06 -34.00 67.65
N PRO G 4699 4.42 -35.28 67.77
CA PRO G 4699 4.83 -36.05 66.57
C PRO G 4699 3.74 -36.20 65.54
N SER G 4700 2.47 -36.18 65.94
CA SER G 4700 1.35 -36.38 65.04
C SER G 4700 0.73 -35.07 64.56
N PHE G 4701 1.55 -34.02 64.43
CA PHE G 4701 1.02 -32.74 63.94
C PHE G 4701 0.49 -32.80 62.51
N PRO G 4702 1.24 -33.39 61.55
CA PRO G 4702 0.71 -33.31 60.18
C PRO G 4702 -0.44 -34.28 59.84
N SER G 4703 -1.21 -34.75 60.81
CA SER G 4703 -2.29 -35.71 60.54
C SER G 4703 -3.47 -35.08 59.82
N ASN G 4704 -4.24 -35.91 59.09
CA ASN G 4704 -5.39 -35.40 58.31
C ASN G 4704 -4.98 -34.26 57.43
N TYR G 4705 -3.93 -34.44 56.65
CA TYR G 4705 -3.46 -33.40 55.75
C TYR G 4705 -2.49 -34.07 54.79
N TRP G 4706 -2.59 -33.78 53.51
CA TRP G 4706 -1.77 -34.48 52.55
C TRP G 4706 -0.28 -34.42 52.83
N ASP G 4707 0.24 -33.28 53.24
CA ASP G 4707 1.69 -33.17 53.42
C ASP G 4707 2.14 -33.56 54.82
N LYS G 4708 2.84 -34.68 54.92
CA LYS G 4708 3.38 -35.09 56.20
C LYS G 4708 4.81 -34.63 56.32
N PHE G 4709 5.32 -33.96 55.29
CA PHE G 4709 6.70 -33.50 55.30
C PHE G 4709 6.76 -32.00 55.45
N VAL G 4710 5.72 -31.41 56.03
CA VAL G 4710 5.70 -29.97 56.22
C VAL G 4710 6.80 -29.51 57.13
N LYS G 4711 6.92 -30.14 58.29
CA LYS G 4711 7.91 -29.71 59.26
C LYS G 4711 9.27 -29.58 58.60
N ARG G 4712 9.71 -30.62 57.92
CA ARG G 4712 10.99 -30.57 57.24
C ARG G 4712 11.10 -29.35 56.33
N LYS G 4713 10.01 -29.01 55.64
CA LYS G 4713 10.04 -27.84 54.76
C LYS G 4713 10.25 -26.56 55.55
N VAL G 4714 9.56 -26.42 56.69
CA VAL G 4714 9.75 -25.23 57.52
C VAL G 4714 11.17 -25.19 58.10
N LEU G 4715 11.70 -26.36 58.46
CA LEU G 4715 13.09 -26.41 58.92
C LEU G 4715 14.05 -25.91 57.85
N ASP G 4716 13.88 -26.41 56.62
CA ASP G 4716 14.75 -25.99 55.53
C ASP G 4716 14.53 -24.55 55.12
N LYS G 4717 13.36 -23.98 55.42
CA LYS G 4717 13.05 -22.61 55.04
C LYS G 4717 13.56 -21.59 56.05
N HIS G 4718 13.35 -21.84 57.35
CA HIS G 4718 13.70 -20.88 58.38
C HIS G 4718 14.83 -21.37 59.30
N GLY G 4719 15.61 -22.36 58.86
CA GLY G 4719 16.70 -22.85 59.68
C GLY G 4719 17.83 -21.84 59.85
N ASP G 4720 18.17 -21.14 58.77
CA ASP G 4720 19.34 -20.25 58.81
C ASP G 4720 19.09 -19.04 59.69
N ILE G 4721 17.89 -18.46 59.62
CA ILE G 4721 17.60 -17.22 60.34
C ILE G 4721 17.33 -17.50 61.82
N PHE G 4722 16.29 -18.28 62.09
CA PHE G 4722 15.88 -18.53 63.48
C PHE G 4722 16.83 -19.47 64.20
N GLY G 4723 17.61 -20.27 63.48
CA GLY G 4723 18.47 -21.25 64.11
C GLY G 4723 17.94 -22.66 63.96
N ARG G 4724 18.77 -23.57 63.44
CA ARG G 4724 18.31 -24.93 63.21
C ARG G 4724 17.92 -25.62 64.52
N GLU G 4725 18.73 -25.43 65.57
CA GLU G 4725 18.40 -26.03 66.85
C GLU G 4725 17.11 -25.47 67.43
N ARG G 4726 16.91 -24.15 67.30
CA ARG G 4726 15.68 -23.55 67.79
C ARG G 4726 14.46 -24.07 67.04
N ILE G 4727 14.58 -24.20 65.71
CA ILE G 4727 13.47 -24.76 64.93
C ILE G 4727 13.19 -26.19 65.34
N ALA G 4728 14.26 -26.98 65.57
CA ALA G 4728 14.07 -28.37 65.98
C ALA G 4728 13.37 -28.45 67.32
N GLU G 4729 13.77 -27.62 68.29
CA GLU G 4729 13.11 -27.61 69.58
C GLU G 4729 11.65 -27.18 69.46
N LEU G 4730 11.38 -26.16 68.63
CA LEU G 4730 10.00 -25.68 68.49
C LEU G 4730 9.11 -26.73 67.84
N LEU G 4731 9.60 -27.42 66.82
CA LEU G 4731 8.79 -28.37 66.08
C LEU G 4731 8.87 -29.79 66.62
N GLY G 4732 9.68 -30.05 67.64
CA GLY G 4732 9.79 -31.38 68.21
C GLY G 4732 10.36 -32.42 67.27
N MET G 4733 11.42 -32.09 66.55
CA MET G 4733 12.06 -33.00 65.62
C MET G 4733 13.47 -33.35 66.09
N ASP G 4734 14.01 -34.43 65.52
CA ASP G 4734 15.35 -34.89 65.81
C ASP G 4734 16.15 -34.87 64.52
N LEU G 4735 17.23 -34.08 64.50
CA LEU G 4735 18.01 -33.90 63.28
C LEU G 4735 18.67 -35.22 62.85
N ALA G 4736 19.32 -35.89 63.80
CA ALA G 4736 19.98 -37.15 63.47
C ALA G 4736 18.98 -38.21 63.04
N SER G 4737 17.83 -38.27 63.72
CA SER G 4737 16.80 -39.25 63.35
C SER G 4737 16.29 -39.01 61.94
N LEU G 4738 15.96 -37.75 61.62
CA LEU G 4738 15.46 -37.47 60.28
C LEU G 4738 16.53 -37.72 59.22
N GLU G 4739 17.79 -37.45 59.55
CA GLU G 4739 18.87 -37.68 58.60
C GLU G 4739 19.04 -39.17 58.32
N ILE G 4740 19.05 -40.00 59.37
CA ILE G 4740 19.21 -41.44 59.16
C ILE G 4740 17.99 -42.04 58.49
N THR G 4741 16.79 -41.50 58.73
CA THR G 4741 15.63 -41.96 57.99
C THR G 4741 15.70 -41.54 56.52
N ALA G 4742 16.27 -40.37 56.25
CA ALA G 4742 16.47 -39.97 54.86
C ALA G 4742 17.42 -40.93 54.14
N HIS G 4743 18.50 -41.32 54.81
CA HIS G 4743 19.37 -42.35 54.23
C HIS G 4743 18.65 -43.70 54.06
N ASN G 4744 18.26 -44.33 55.17
CA ASN G 4744 17.66 -45.64 55.09
C ASN G 4744 16.91 -45.94 56.38
N GLU G 4745 15.74 -46.56 56.26
CA GLU G 4745 14.89 -46.87 57.40
C GLU G 4745 14.40 -48.31 57.29
N ARG G 4746 14.07 -48.89 58.44
CA ARG G 4746 13.53 -50.23 58.53
C ARG G 4746 12.02 -50.19 58.66
N LYS G 4747 11.40 -51.37 58.60
CA LYS G 4747 9.96 -51.49 58.64
C LYS G 4747 9.50 -51.99 60.01
N PRO G 4748 8.63 -51.27 60.69
CA PRO G 4748 8.13 -51.72 62.00
C PRO G 4748 7.08 -52.81 61.85
N ASP G 4749 6.54 -53.25 63.00
CA ASP G 4749 5.54 -54.31 63.01
C ASP G 4749 4.15 -53.74 63.27
N PRO G 4750 3.12 -54.33 62.68
CA PRO G 4750 1.75 -53.84 62.89
C PRO G 4750 1.33 -54.05 64.33
N PRO G 4751 0.44 -53.20 64.85
CA PRO G 4751 -0.05 -53.38 66.22
C PRO G 4751 -0.88 -54.65 66.35
N PRO G 4752 -0.46 -55.58 67.21
CA PRO G 4752 -1.23 -56.84 67.35
C PRO G 4752 -2.53 -56.69 68.11
N GLY G 4753 -2.53 -55.92 69.20
CA GLY G 4753 -3.68 -55.88 70.10
C GLY G 4753 -4.07 -54.45 70.46
N LEU G 4754 -4.71 -54.34 71.62
CA LEU G 4754 -5.28 -53.09 72.10
C LEU G 4754 -4.32 -52.29 72.97
N LEU G 4755 -3.46 -52.98 73.73
CA LEU G 4755 -2.49 -52.28 74.57
C LEU G 4755 -1.53 -51.45 73.73
N THR G 4756 -1.14 -51.97 72.57
CA THR G 4756 -0.25 -51.22 71.68
C THR G 4756 -0.91 -49.92 71.22
N TRP G 4757 -2.21 -49.97 70.88
CA TRP G 4757 -2.90 -48.75 70.51
C TRP G 4757 -2.96 -47.80 71.71
N LEU G 4758 -3.18 -48.36 72.90
CA LEU G 4758 -3.24 -47.53 74.11
C LEU G 4758 -1.94 -46.78 74.34
N MET G 4759 -0.79 -47.46 74.20
CA MET G 4759 0.49 -46.77 74.30
C MET G 4759 0.79 -45.88 73.11
N SER G 4760 0.13 -46.09 71.97
CA SER G 4760 0.36 -45.25 70.80
C SER G 4760 -0.46 -43.96 70.82
N ILE G 4761 -0.96 -43.55 71.99
CA ILE G 4761 -1.76 -42.34 72.10
C ILE G 4761 -0.87 -41.16 72.45
N ASP G 4762 -0.94 -40.10 71.65
CA ASP G 4762 -0.17 -38.88 71.89
C ASP G 4762 -1.06 -37.91 72.66
N VAL G 4763 -0.74 -37.74 73.96
CA VAL G 4763 -1.67 -37.07 74.87
C VAL G 4763 -1.87 -35.61 74.46
N LYS G 4764 -0.78 -34.91 74.15
CA LYS G 4764 -0.90 -33.48 73.83
C LYS G 4764 -1.68 -33.28 72.53
N TYR G 4765 -1.43 -34.11 71.52
CA TYR G 4765 -2.17 -34.00 70.27
C TYR G 4765 -3.65 -34.29 70.50
N GLN G 4766 -3.96 -35.30 71.33
CA GLN G 4766 -5.36 -35.58 71.62
C GLN G 4766 -6.02 -34.43 72.37
N ILE G 4767 -5.30 -33.80 73.29
CA ILE G 4767 -5.86 -32.66 74.02
C ILE G 4767 -6.15 -31.50 73.05
N TRP G 4768 -5.23 -31.24 72.13
CA TRP G 4768 -5.48 -30.18 71.14
C TRP G 4768 -6.65 -30.54 70.23
N LYS G 4769 -6.77 -31.82 69.87
CA LYS G 4769 -7.91 -32.26 69.05
C LYS G 4769 -9.22 -32.06 69.80
N PHE G 4770 -9.25 -32.38 71.09
CA PHE G 4770 -10.45 -32.11 71.88
C PHE G 4770 -10.74 -30.61 71.94
N GLY G 4771 -9.69 -29.80 72.11
CA GLY G 4771 -9.89 -28.36 72.16
C GLY G 4771 -10.50 -27.82 70.89
N VAL G 4772 -10.05 -28.31 69.74
CA VAL G 4772 -10.60 -27.79 68.48
C VAL G 4772 -12.00 -28.34 68.23
N ILE G 4773 -12.25 -29.63 68.56
CA ILE G 4773 -13.56 -30.21 68.26
C ILE G 4773 -14.64 -29.61 69.14
N PHE G 4774 -14.34 -29.38 70.43
CA PHE G 4774 -15.36 -28.86 71.34
C PHE G 4774 -15.75 -27.42 71.03
N THR G 4775 -15.02 -26.72 70.17
CA THR G 4775 -15.39 -25.37 69.77
C THR G 4775 -16.42 -25.35 68.65
N ASP G 4776 -16.71 -26.50 68.04
CA ASP G 4776 -17.68 -26.55 66.96
C ASP G 4776 -19.08 -26.32 67.51
N ASN G 4777 -19.85 -25.47 66.83
CA ASN G 4777 -21.20 -25.14 67.29
C ASN G 4777 -22.14 -26.34 67.21
N SER G 4778 -22.06 -27.10 66.11
CA SER G 4778 -22.95 -28.24 65.94
C SER G 4778 -22.68 -29.32 67.00
N PHE G 4779 -21.41 -29.55 67.33
CA PHE G 4779 -21.08 -30.53 68.36
C PHE G 4779 -21.63 -30.09 69.71
N LEU G 4780 -21.53 -28.80 70.02
CA LEU G 4780 -22.09 -28.29 71.27
C LEU G 4780 -23.61 -28.42 71.28
N TYR G 4781 -24.26 -28.18 70.15
CA TYR G 4781 -25.71 -28.36 70.06
C TYR G 4781 -26.10 -29.82 70.29
N LEU G 4782 -25.35 -30.75 69.69
CA LEU G 4782 -25.65 -32.17 69.89
C LEU G 4782 -25.42 -32.58 71.35
N GLY G 4783 -24.36 -32.05 71.97
CA GLY G 4783 -24.15 -32.31 73.39
C GLY G 4783 -25.27 -31.75 74.25
N TRP G 4784 -25.78 -30.57 73.90
CA TRP G 4784 -26.92 -30.01 74.61
C TRP G 4784 -28.16 -30.89 74.45
N TYR G 4785 -28.38 -31.41 73.23
CA TYR G 4785 -29.47 -32.34 73.00
C TYR G 4785 -29.35 -33.57 73.89
N MET G 4786 -28.15 -34.14 73.96
CA MET G 4786 -27.94 -35.32 74.79
C MET G 4786 -28.14 -35.02 76.27
N VAL G 4787 -27.63 -33.88 76.74
CA VAL G 4787 -27.81 -33.52 78.15
C VAL G 4787 -29.28 -33.30 78.45
N MET G 4788 -30.02 -32.71 77.50
CA MET G 4788 -31.46 -32.53 77.68
C MET G 4788 -32.17 -33.87 77.76
N SER G 4789 -31.76 -34.85 76.95
CA SER G 4789 -32.36 -36.18 77.05
C SER G 4789 -32.05 -36.83 78.40
N LEU G 4790 -30.81 -36.69 78.88
CA LEU G 4790 -30.45 -37.26 80.17
C LEU G 4790 -31.25 -36.62 81.29
N LEU G 4791 -31.46 -35.30 81.23
CA LEU G 4791 -32.30 -34.63 82.22
C LEU G 4791 -33.76 -35.02 82.06
N GLY G 4792 -34.19 -35.32 80.83
CA GLY G 4792 -35.54 -35.80 80.62
C GLY G 4792 -35.77 -37.15 81.27
N HIS G 4793 -34.74 -37.99 81.32
CA HIS G 4793 -34.83 -39.20 82.14
C HIS G 4793 -35.18 -38.88 83.59
N TYR G 4794 -34.57 -37.83 84.15
CA TYR G 4794 -34.88 -37.46 85.52
C TYR G 4794 -36.29 -36.90 85.63
N ASN G 4795 -36.65 -35.96 84.76
CA ASN G 4795 -37.98 -35.37 84.73
C ASN G 4795 -38.51 -35.39 83.31
N ASN G 4796 -39.68 -35.99 83.11
CA ASN G 4796 -40.17 -36.27 81.77
C ASN G 4796 -40.45 -35.01 80.96
N PHE G 4797 -40.74 -33.89 81.63
CA PHE G 4797 -41.08 -32.66 80.92
C PHE G 4797 -39.87 -32.01 80.25
N PHE G 4798 -38.64 -32.42 80.57
CA PHE G 4798 -37.47 -31.84 79.93
C PHE G 4798 -37.39 -32.19 78.46
N PHE G 4799 -38.12 -33.20 78.00
CA PHE G 4799 -38.10 -33.58 76.59
C PHE G 4799 -38.78 -32.56 75.70
N ALA G 4800 -39.55 -31.62 76.26
CA ALA G 4800 -40.19 -30.59 75.46
C ALA G 4800 -39.18 -29.64 74.84
N ALA G 4801 -37.96 -29.55 75.39
CA ALA G 4801 -36.93 -28.72 74.80
C ALA G 4801 -36.49 -29.22 73.43
N HIS G 4802 -36.68 -30.51 73.14
CA HIS G 4802 -36.32 -31.05 71.84
C HIS G 4802 -37.26 -30.62 70.73
N LEU G 4803 -38.39 -30.00 71.06
CA LEU G 4803 -39.29 -29.51 70.02
C LEU G 4803 -38.68 -28.34 69.25
N LEU G 4804 -37.73 -27.62 69.84
CA LEU G 4804 -37.02 -26.56 69.13
C LEU G 4804 -36.08 -27.08 68.07
N ASP G 4805 -35.85 -28.40 68.02
CA ASP G 4805 -34.96 -28.97 67.01
C ASP G 4805 -35.52 -28.78 65.60
N ILE G 4806 -36.81 -28.51 65.45
CA ILE G 4806 -37.36 -28.25 64.12
C ILE G 4806 -36.74 -27.00 63.52
N ALA G 4807 -36.38 -26.03 64.36
CA ALA G 4807 -35.80 -24.79 63.87
C ALA G 4807 -34.49 -25.04 63.12
N MET G 4808 -33.69 -26.00 63.58
CA MET G 4808 -32.46 -26.37 62.91
C MET G 4808 -32.60 -27.54 61.95
N GLY G 4809 -33.73 -28.25 62.00
CA GLY G 4809 -33.96 -29.34 61.07
C GLY G 4809 -34.57 -28.88 59.76
N VAL G 4810 -35.68 -28.17 59.84
CA VAL G 4810 -36.36 -27.67 58.63
C VAL G 4810 -35.61 -26.46 58.11
N LYS G 4811 -35.36 -26.44 56.80
CA LYS G 4811 -34.52 -25.40 56.20
C LYS G 4811 -35.19 -24.04 56.27
N THR G 4812 -36.49 -23.98 55.97
CA THR G 4812 -37.15 -22.69 55.97
C THR G 4812 -37.28 -22.11 57.37
N LEU G 4813 -37.37 -22.97 58.38
CA LEU G 4813 -37.19 -22.51 59.76
C LEU G 4813 -35.87 -21.76 59.90
N ARG G 4814 -34.80 -22.33 59.34
CA ARG G 4814 -33.50 -21.67 59.40
C ARG G 4814 -33.52 -20.36 58.63
N THR G 4815 -34.24 -20.29 57.51
CA THR G 4815 -34.30 -19.06 56.74
C THR G 4815 -34.99 -17.95 57.52
N ILE G 4816 -36.16 -18.26 58.10
CA ILE G 4816 -36.91 -17.24 58.84
C ILE G 4816 -36.17 -16.82 60.10
N LEU G 4817 -35.52 -17.76 60.78
CA LEU G 4817 -34.75 -17.39 61.95
C LEU G 4817 -33.45 -16.68 61.58
N SER G 4818 -32.92 -16.90 60.37
CA SER G 4818 -31.82 -16.07 59.90
C SER G 4818 -32.29 -14.63 59.66
N SER G 4819 -33.51 -14.48 59.14
CA SER G 4819 -34.11 -13.15 59.06
C SER G 4819 -34.23 -12.53 60.44
N VAL G 4820 -34.65 -13.32 61.43
CA VAL G 4820 -34.84 -12.79 62.79
C VAL G 4820 -33.50 -12.39 63.40
N THR G 4821 -32.49 -13.26 63.29
CA THR G 4821 -31.21 -13.07 63.95
C THR G 4821 -30.22 -12.26 63.14
N HIS G 4822 -30.59 -11.82 61.94
CA HIS G 4822 -29.69 -10.97 61.16
C HIS G 4822 -29.46 -9.62 61.83
N ASN G 4823 -30.38 -9.17 62.67
CA ASN G 4823 -30.28 -7.91 63.40
C ASN G 4823 -30.52 -8.13 64.88
N GLY G 4824 -29.96 -9.21 65.43
CA GLY G 4824 -30.15 -9.49 66.85
C GLY G 4824 -29.52 -8.44 67.75
N LYS G 4825 -28.31 -7.99 67.38
CA LYS G 4825 -27.69 -6.90 68.12
C LYS G 4825 -28.54 -5.64 68.05
N GLN G 4826 -29.11 -5.37 66.87
CA GLN G 4826 -30.00 -4.22 66.70
C GLN G 4826 -31.19 -4.33 67.66
N LEU G 4827 -31.79 -5.52 67.75
CA LEU G 4827 -32.97 -5.71 68.59
C LEU G 4827 -32.64 -5.57 70.07
N VAL G 4828 -31.53 -6.17 70.51
CA VAL G 4828 -31.19 -6.07 71.93
C VAL G 4828 -30.80 -4.64 72.29
N MET G 4829 -30.13 -3.93 71.39
CA MET G 4829 -29.78 -2.55 71.68
C MET G 4829 -31.04 -1.67 71.67
N THR G 4830 -32.01 -1.98 70.82
CA THR G 4830 -33.27 -1.25 70.85
C THR G 4830 -34.00 -1.46 72.16
N VAL G 4831 -34.05 -2.70 72.66
CA VAL G 4831 -34.75 -2.92 73.93
C VAL G 4831 -33.99 -2.29 75.08
N GLY G 4832 -32.65 -2.21 74.99
CA GLY G 4832 -31.90 -1.46 75.99
C GLY G 4832 -32.23 0.02 75.98
N LEU G 4833 -32.36 0.60 74.79
CA LEU G 4833 -32.76 2.00 74.70
C LEU G 4833 -34.17 2.19 75.26
N LEU G 4834 -35.06 1.22 75.02
CA LEU G 4834 -36.38 1.24 75.63
C LEU G 4834 -36.28 1.26 77.15
N ALA G 4835 -35.40 0.43 77.70
CA ALA G 4835 -35.18 0.43 79.14
C ALA G 4835 -34.71 1.79 79.63
N VAL G 4836 -33.81 2.43 78.89
CA VAL G 4836 -33.29 3.73 79.30
C VAL G 4836 -34.40 4.78 79.34
N VAL G 4837 -35.20 4.86 78.26
CA VAL G 4837 -36.23 5.89 78.21
C VAL G 4837 -37.30 5.61 79.27
N VAL G 4838 -37.68 4.34 79.44
CA VAL G 4838 -38.65 4.01 80.48
C VAL G 4838 -38.10 4.40 81.85
N TYR G 4839 -36.80 4.21 82.06
CA TYR G 4839 -36.19 4.63 83.32
C TYR G 4839 -36.33 6.14 83.53
N LEU G 4840 -36.09 6.92 82.48
CA LEU G 4840 -36.24 8.38 82.62
C LEU G 4840 -37.67 8.75 82.98
N TYR G 4841 -38.65 8.10 82.32
CA TYR G 4841 -40.04 8.35 82.67
C TYR G 4841 -40.33 7.95 84.12
N THR G 4842 -39.70 6.88 84.61
CA THR G 4842 -39.88 6.52 86.02
C THR G 4842 -39.31 7.59 86.94
N VAL G 4843 -38.16 8.16 86.60
CA VAL G 4843 -37.59 9.22 87.44
C VAL G 4843 -38.54 10.41 87.52
N VAL G 4844 -39.05 10.85 86.37
CA VAL G 4844 -39.90 12.05 86.41
C VAL G 4844 -41.22 11.75 87.12
N ALA G 4845 -41.80 10.56 86.86
CA ALA G 4845 -43.05 10.21 87.53
C ALA G 4845 -42.88 10.07 89.04
N PHE G 4846 -41.75 9.53 89.49
CA PHE G 4846 -41.47 9.46 90.92
C PHE G 4846 -41.32 10.85 91.50
N ASN G 4847 -40.61 11.74 90.80
CA ASN G 4847 -40.40 13.09 91.31
C ASN G 4847 -41.72 13.85 91.46
N PHE G 4848 -42.63 13.72 90.50
CA PHE G 4848 -43.81 14.57 90.52
C PHE G 4848 -45.13 13.82 90.55
N PHE G 4849 -45.27 12.71 89.83
CA PHE G 4849 -46.56 12.06 89.64
C PHE G 4849 -46.81 10.92 90.63
N ARG G 4850 -46.29 11.03 91.86
CA ARG G 4850 -46.39 9.93 92.81
C ARG G 4850 -47.82 9.63 93.24
N LYS G 4851 -48.65 10.66 93.38
CA LYS G 4851 -49.98 10.48 93.96
C LYS G 4851 -50.85 9.57 93.09
N PHE G 4852 -50.77 9.73 91.77
CA PHE G 4852 -51.72 9.09 90.87
C PHE G 4852 -51.44 7.60 90.64
N TYR G 4853 -50.34 7.06 91.16
CA TYR G 4853 -49.99 5.65 90.94
C TYR G 4853 -50.59 4.72 91.99
N ASN G 4854 -51.70 5.10 92.62
CA ASN G 4854 -52.37 4.23 93.57
C ASN G 4854 -53.11 3.13 92.81
N LYS G 4855 -52.72 1.89 93.03
CA LYS G 4855 -53.28 0.73 92.34
C LYS G 4855 -54.05 -0.18 93.30
N SER G 4856 -54.75 0.41 94.27
CA SER G 4856 -55.55 -0.33 95.22
C SER G 4856 -56.97 0.21 95.22
N GLU G 4857 -57.95 -0.69 95.15
CA GLU G 4857 -59.35 -0.27 95.16
C GLU G 4857 -59.79 0.20 96.53
N ASP G 4858 -59.15 -0.29 97.59
CA ASP G 4858 -59.47 0.13 98.95
C ASP G 4858 -58.72 1.43 99.26
N GLU G 4859 -59.48 2.49 99.56
CA GLU G 4859 -58.86 3.76 99.91
C GLU G 4859 -58.09 3.67 101.23
N ASP G 4860 -58.65 2.94 102.20
CA ASP G 4860 -58.00 2.80 103.49
C ASP G 4860 -56.72 1.97 103.41
N GLU G 4861 -56.51 1.22 102.33
CA GLU G 4861 -55.32 0.40 102.13
C GLU G 4861 -54.71 0.72 100.77
N PRO G 4862 -54.09 1.89 100.63
CA PRO G 4862 -53.52 2.25 99.32
C PRO G 4862 -52.25 1.46 99.04
N ASP G 4863 -52.10 1.05 97.79
CA ASP G 4863 -50.95 0.29 97.32
C ASP G 4863 -50.32 1.07 96.17
N MET G 4864 -49.42 2.00 96.51
CA MET G 4864 -48.72 2.76 95.51
C MET G 4864 -47.58 1.94 94.90
N LYS G 4865 -47.33 2.17 93.61
CA LYS G 4865 -46.29 1.45 92.88
C LYS G 4865 -45.17 2.37 92.41
N CYS G 4866 -45.10 3.58 92.95
CA CYS G 4866 -44.02 4.50 92.60
C CYS G 4866 -43.48 5.23 93.82
N ASP G 4867 -43.70 4.69 95.03
CA ASP G 4867 -43.13 5.31 96.23
C ASP G 4867 -41.62 5.24 96.21
N ASP G 4868 -41.04 4.14 95.75
CA ASP G 4868 -39.60 4.02 95.62
C ASP G 4868 -39.22 3.78 94.16
N MET G 4869 -37.97 4.12 93.85
CA MET G 4869 -37.51 4.10 92.46
C MET G 4869 -37.56 2.68 91.89
N MET G 4870 -37.17 1.68 92.68
CA MET G 4870 -37.17 0.31 92.20
C MET G 4870 -38.57 -0.13 91.78
N THR G 4871 -39.56 0.06 92.66
CA THR G 4871 -40.91 -0.40 92.32
C THR G 4871 -41.50 0.45 91.20
N CYS G 4872 -41.15 1.74 91.12
CA CYS G 4872 -41.68 2.55 90.02
C CYS G 4872 -41.12 2.08 88.68
N TYR G 4873 -39.82 1.80 88.61
CA TYR G 4873 -39.22 1.31 87.39
C TYR G 4873 -39.78 -0.05 87.01
N LEU G 4874 -39.94 -0.94 87.99
CA LEU G 4874 -40.52 -2.24 87.73
C LEU G 4874 -41.95 -2.13 87.22
N PHE G 4875 -42.73 -1.24 87.83
CA PHE G 4875 -44.11 -1.03 87.39
C PHE G 4875 -44.15 -0.55 85.95
N HIS G 4876 -43.34 0.45 85.62
CA HIS G 4876 -43.34 0.95 84.25
C HIS G 4876 -42.94 -0.15 83.27
N MET G 4877 -41.79 -0.80 83.51
CA MET G 4877 -41.34 -1.88 82.65
C MET G 4877 -42.40 -2.95 82.45
N TYR G 4878 -43.00 -3.41 83.55
CA TYR G 4878 -43.87 -4.57 83.46
C TYR G 4878 -45.21 -4.22 82.81
N VAL G 4879 -45.78 -3.06 83.14
CA VAL G 4879 -47.17 -2.78 82.79
C VAL G 4879 -47.26 -1.80 81.61
N GLY G 4880 -46.54 -0.69 81.67
CA GLY G 4880 -46.75 0.36 80.68
C GLY G 4880 -46.33 -0.05 79.28
N VAL G 4881 -45.22 -0.78 79.17
CA VAL G 4881 -44.75 -1.22 77.87
C VAL G 4881 -45.70 -2.25 77.26
N ARG G 4882 -46.14 -3.22 78.06
CA ARG G 4882 -47.03 -4.25 77.54
C ARG G 4882 -48.39 -3.67 77.16
N ALA G 4883 -48.99 -2.87 78.04
CA ALA G 4883 -50.32 -2.35 77.80
C ALA G 4883 -50.29 -1.23 76.78
N GLY G 4884 -51.21 -1.27 75.82
CA GLY G 4884 -51.29 -0.22 74.83
C GLY G 4884 -51.82 1.08 75.39
N GLY G 4885 -51.57 2.15 74.66
CA GLY G 4885 -51.99 3.48 75.08
C GLY G 4885 -51.06 4.15 76.07
N GLY G 4886 -49.88 3.61 76.29
CA GLY G 4886 -48.94 4.22 77.21
C GLY G 4886 -49.16 3.80 78.65
N ILE G 4887 -48.40 4.45 79.53
CA ILE G 4887 -48.48 4.15 80.95
C ILE G 4887 -49.75 4.76 81.56
N GLY G 4888 -50.26 5.84 80.96
CA GLY G 4888 -51.34 6.62 81.56
C GLY G 4888 -52.64 5.86 81.74
N ASP G 4889 -52.84 4.75 81.02
CA ASP G 4889 -54.08 4.00 81.16
C ASP G 4889 -54.24 3.43 82.56
N GLU G 4890 -53.16 2.90 83.14
CA GLU G 4890 -53.25 2.36 84.50
C GLU G 4890 -53.29 3.47 85.54
N ILE G 4891 -52.65 4.61 85.26
CA ILE G 4891 -52.63 5.70 86.22
C ILE G 4891 -54.03 6.27 86.40
N GLU G 4892 -54.23 6.96 87.52
CA GLU G 4892 -55.53 7.56 87.82
C GLU G 4892 -55.82 8.69 86.83
N ASP G 4893 -57.04 9.21 86.91
CA ASP G 4893 -57.50 10.23 85.97
C ASP G 4893 -56.78 11.55 86.25
N PRO G 4894 -56.05 12.11 85.29
CA PRO G 4894 -55.38 13.39 85.52
C PRO G 4894 -56.35 14.55 85.73
N ALA G 4895 -57.59 14.44 85.25
CA ALA G 4895 -58.54 15.53 85.37
C ALA G 4895 -58.91 15.78 86.82
N GLY G 4896 -59.14 17.05 87.15
CA GLY G 4896 -59.49 17.44 88.50
C GLY G 4896 -58.33 17.85 89.38
N ASP G 4897 -57.14 18.05 88.81
CA ASP G 4897 -55.96 18.44 89.56
C ASP G 4897 -55.25 19.58 88.84
N GLU G 4898 -54.22 20.13 89.49
CA GLU G 4898 -53.45 21.21 88.90
C GLU G 4898 -52.42 20.73 87.88
N TYR G 4899 -52.13 19.43 87.84
CA TYR G 4899 -51.17 18.86 86.92
C TYR G 4899 -51.83 18.19 85.72
N GLU G 4900 -53.00 18.67 85.32
CA GLU G 4900 -53.73 18.03 84.22
C GLU G 4900 -52.93 18.10 82.91
N LEU G 4901 -52.47 19.30 82.55
CA LEU G 4901 -51.72 19.46 81.30
C LEU G 4901 -50.40 18.71 81.36
N TYR G 4902 -49.72 18.75 82.51
CA TYR G 4902 -48.45 18.05 82.65
C TYR G 4902 -48.62 16.55 82.49
N ARG G 4903 -49.66 15.99 83.13
CA ARG G 4903 -49.91 14.56 82.99
C ARG G 4903 -50.34 14.19 81.58
N VAL G 4904 -51.10 15.05 80.92
CA VAL G 4904 -51.48 14.80 79.53
C VAL G 4904 -50.25 14.74 78.65
N VAL G 4905 -49.35 15.71 78.80
CA VAL G 4905 -48.12 15.71 78.02
C VAL G 4905 -47.28 14.48 78.33
N PHE G 4906 -47.19 14.11 79.61
CA PHE G 4906 -46.45 12.93 80.02
C PHE G 4906 -46.98 11.68 79.32
N ASP G 4907 -48.30 11.46 79.38
CA ASP G 4907 -48.90 10.28 78.78
C ASP G 4907 -48.76 10.27 77.26
N ILE G 4908 -48.97 11.43 76.63
CA ILE G 4908 -48.86 11.50 75.17
C ILE G 4908 -47.43 11.22 74.72
N THR G 4909 -46.45 11.81 75.39
CA THR G 4909 -45.06 11.56 75.05
C THR G 4909 -44.69 10.10 75.25
N PHE G 4910 -45.15 9.49 76.36
CA PHE G 4910 -44.87 8.07 76.58
C PHE G 4910 -45.47 7.23 75.46
N PHE G 4911 -46.73 7.50 75.10
CA PHE G 4911 -47.41 6.72 74.08
C PHE G 4911 -46.70 6.85 72.73
N PHE G 4912 -46.29 8.06 72.36
CA PHE G 4912 -45.67 8.25 71.06
C PHE G 4912 -44.23 7.75 71.00
N PHE G 4913 -43.47 7.87 72.09
CA PHE G 4913 -42.06 7.52 72.03
C PHE G 4913 -41.77 6.07 72.40
N VAL G 4914 -42.53 5.48 73.30
CA VAL G 4914 -42.28 4.11 73.75
C VAL G 4914 -43.13 3.11 72.98
N ILE G 4915 -44.44 3.33 72.93
CA ILE G 4915 -45.35 2.35 72.32
C ILE G 4915 -45.19 2.34 70.80
N VAL G 4916 -45.04 3.51 70.19
CA VAL G 4916 -45.13 3.63 68.73
C VAL G 4916 -43.76 3.53 68.07
N ILE G 4917 -42.88 4.48 68.38
CA ILE G 4917 -41.64 4.62 67.61
C ILE G 4917 -40.73 3.42 67.79
N LEU G 4918 -40.59 2.93 69.02
CA LEU G 4918 -39.62 1.86 69.28
C LEU G 4918 -40.09 0.53 68.69
N LEU G 4919 -41.37 0.19 68.89
CA LEU G 4919 -41.91 -1.01 68.24
C LEU G 4919 -41.91 -0.87 66.72
N ALA G 4920 -42.01 0.36 66.22
CA ALA G 4920 -41.84 0.58 64.79
C ALA G 4920 -40.45 0.16 64.34
N ILE G 4921 -39.42 0.51 65.13
CA ILE G 4921 -38.07 0.07 64.84
C ILE G 4921 -37.98 -1.45 64.88
N ILE G 4922 -38.65 -2.06 65.87
CA ILE G 4922 -38.62 -3.52 65.98
C ILE G 4922 -39.21 -4.17 64.74
N GLN G 4923 -40.34 -3.66 64.26
CA GLN G 4923 -40.96 -4.21 63.05
C GLN G 4923 -40.08 -3.99 61.83
N GLY G 4924 -39.57 -2.77 61.69
CA GLY G 4924 -38.80 -2.42 60.51
C GLY G 4924 -37.50 -3.18 60.40
N LEU G 4925 -36.86 -3.50 61.53
CA LEU G 4925 -35.64 -4.29 61.49
C LEU G 4925 -35.89 -5.66 60.85
N ILE G 4926 -36.96 -6.33 61.28
CA ILE G 4926 -37.28 -7.65 60.74
C ILE G 4926 -37.66 -7.55 59.26
N ILE G 4927 -38.47 -6.54 58.91
CA ILE G 4927 -38.87 -6.39 57.51
C ILE G 4927 -37.66 -6.14 56.62
N ASP G 4928 -36.77 -5.25 57.07
CA ASP G 4928 -35.55 -4.98 56.31
C ASP G 4928 -34.64 -6.19 56.23
N ALA G 4929 -34.63 -7.03 57.27
CA ALA G 4929 -33.83 -8.25 57.22
C ALA G 4929 -34.36 -9.20 56.14
N PHE G 4930 -35.68 -9.38 56.09
CA PHE G 4930 -36.27 -10.18 55.03
C PHE G 4930 -35.89 -9.63 53.65
N GLY G 4931 -36.06 -8.32 53.48
CA GLY G 4931 -35.73 -7.71 52.19
C GLY G 4931 -34.27 -7.88 51.83
N GLU G 4932 -33.37 -7.71 52.80
CA GLU G 4932 -31.94 -7.81 52.54
C GLU G 4932 -31.56 -9.23 52.16
N LEU G 4933 -32.12 -10.23 52.84
CA LEU G 4933 -31.80 -11.62 52.47
C LEU G 4933 -32.32 -11.95 51.08
N ARG G 4934 -33.54 -11.52 50.76
CA ARG G 4934 -34.06 -11.76 49.41
C ARG G 4934 -33.17 -11.09 48.36
N ASP G 4935 -32.73 -9.86 48.64
CA ASP G 4935 -31.83 -9.17 47.73
C ASP G 4935 -30.51 -9.90 47.58
N GLN G 4936 -30.00 -10.48 48.67
CA GLN G 4936 -28.75 -11.23 48.59
C GLN G 4936 -28.90 -12.44 47.67
N GLN G 4937 -29.98 -13.21 47.84
CA GLN G 4937 -30.19 -14.36 46.96
C GLN G 4937 -30.34 -13.93 45.51
N GLU G 4938 -31.11 -12.86 45.27
CA GLU G 4938 -31.29 -12.39 43.90
C GLU G 4938 -29.97 -11.92 43.30
N GLN G 4939 -29.15 -11.22 44.09
CA GLN G 4939 -27.86 -10.76 43.60
C GLN G 4939 -26.95 -11.92 43.23
N VAL G 4940 -26.91 -12.96 44.08
CA VAL G 4940 -26.08 -14.13 43.78
C VAL G 4940 -26.55 -14.79 42.50
N LYS G 4941 -27.87 -14.99 42.36
CA LYS G 4941 -28.38 -15.65 41.17
C LYS G 4941 -28.10 -14.84 39.91
N GLU G 4942 -28.30 -13.51 39.97
CA GLU G 4942 -28.05 -12.68 38.80
C GLU G 4942 -26.57 -12.67 38.43
N ASP G 4943 -25.68 -12.56 39.43
CA ASP G 4943 -24.26 -12.56 39.15
C ASP G 4943 -23.82 -13.86 38.48
N MET G 4944 -24.29 -14.99 39.00
CA MET G 4944 -23.92 -16.26 38.38
C MET G 4944 -24.52 -16.41 36.98
N GLU G 4945 -25.74 -15.93 36.77
CA GLU G 4945 -26.35 -16.03 35.45
C GLU G 4945 -25.72 -15.07 34.45
N THR G 4946 -25.06 -14.01 34.92
CA THR G 4946 -24.51 -13.01 34.01
C THR G 4946 -23.02 -13.22 33.70
N LYS G 4947 -22.19 -13.52 34.70
CA LYS G 4947 -20.75 -13.53 34.51
C LYS G 4947 -20.18 -14.93 34.61
N CYS G 4948 -19.14 -15.19 33.81
CA CYS G 4948 -18.39 -16.42 33.91
C CYS G 4948 -17.60 -16.45 35.21
N PHE G 4949 -17.61 -17.61 35.87
CA PHE G 4949 -16.96 -17.70 37.18
C PHE G 4949 -15.45 -17.73 37.05
N ILE G 4950 -14.92 -18.47 36.07
CA ILE G 4950 -13.47 -18.59 35.93
C ILE G 4950 -12.90 -17.38 35.20
N CYS G 4951 -13.50 -17.00 34.08
CA CYS G 4951 -12.95 -15.94 33.25
C CYS G 4951 -13.35 -14.56 33.76
N GLY G 4952 -14.64 -14.38 34.07
CA GLY G 4952 -15.16 -13.09 34.42
C GLY G 4952 -15.73 -12.29 33.27
N ILE G 4953 -15.57 -12.79 32.04
CA ILE G 4953 -16.13 -12.11 30.87
C ILE G 4953 -17.65 -12.21 30.92
N GLY G 4954 -18.32 -11.11 30.55
CA GLY G 4954 -19.77 -11.10 30.57
C GLY G 4954 -20.37 -12.00 29.50
N SER G 4955 -21.63 -12.35 29.71
CA SER G 4955 -22.33 -13.23 28.78
C SER G 4955 -22.60 -12.58 27.43
N ASP G 4956 -22.52 -11.24 27.37
CA ASP G 4956 -22.82 -10.55 26.12
C ASP G 4956 -21.83 -10.90 25.02
N TYR G 4957 -20.54 -10.97 25.38
CA TYR G 4957 -19.53 -11.31 24.37
C TYR G 4957 -19.74 -12.70 23.82
N PHE G 4958 -20.05 -13.67 24.68
CA PHE G 4958 -20.26 -15.04 24.22
C PHE G 4958 -21.56 -15.18 23.43
N ASP G 4959 -22.60 -14.45 23.82
CA ASP G 4959 -23.90 -14.59 23.17
C ASP G 4959 -23.95 -13.99 21.76
N THR G 4960 -22.83 -13.48 21.24
CA THR G 4960 -22.79 -13.08 19.85
C THR G 4960 -23.05 -14.27 18.93
N THR G 4961 -22.44 -15.42 19.25
CA THR G 4961 -22.68 -16.75 18.70
C THR G 4961 -23.80 -17.43 19.47
N PRO G 4962 -24.73 -18.07 18.77
CA PRO G 4962 -25.88 -18.69 19.45
C PRO G 4962 -25.44 -19.65 20.55
N HIS G 4963 -26.07 -19.52 21.72
CA HIS G 4963 -25.77 -20.34 22.90
C HIS G 4963 -24.29 -20.24 23.29
N GLY G 4964 -23.68 -19.08 23.05
CA GLY G 4964 -22.26 -18.93 23.35
C GLY G 4964 -21.96 -19.06 24.83
N PHE G 4965 -22.74 -18.39 25.67
CA PHE G 4965 -22.53 -18.47 27.11
C PHE G 4965 -22.78 -19.88 27.63
N GLU G 4966 -23.83 -20.53 27.14
CA GLU G 4966 -24.14 -21.88 27.59
C GLU G 4966 -23.03 -22.85 27.19
N THR G 4967 -22.47 -22.68 25.99
CA THR G 4967 -21.34 -23.51 25.58
C THR G 4967 -20.09 -23.21 26.41
N HIS G 4968 -19.85 -21.92 26.69
CA HIS G 4968 -18.61 -21.54 27.36
C HIS G 4968 -18.60 -21.96 28.82
N THR G 4969 -19.74 -21.89 29.50
CA THR G 4969 -19.82 -22.23 30.91
C THR G 4969 -20.07 -23.71 31.15
N LEU G 4970 -20.11 -24.52 30.09
CA LEU G 4970 -20.30 -25.96 30.23
C LEU G 4970 -19.22 -26.79 29.55
N GLU G 4971 -18.50 -26.25 28.57
CA GLU G 4971 -17.49 -27.00 27.85
C GLU G 4971 -16.09 -26.41 28.01
N GLU G 4972 -15.94 -25.09 27.89
CA GLU G 4972 -14.61 -24.49 27.88
C GLU G 4972 -14.05 -24.33 29.29
N HIS G 4973 -14.72 -23.54 30.13
CA HIS G 4973 -14.32 -23.34 31.52
C HIS G 4973 -15.41 -23.92 32.41
N ASN G 4974 -15.12 -25.05 33.04
CA ASN G 4974 -16.07 -25.71 33.94
C ASN G 4974 -15.38 -25.97 35.28
N LEU G 4975 -16.08 -25.60 36.37
CA LEU G 4975 -15.54 -25.82 37.70
C LEU G 4975 -15.27 -27.30 37.95
N ALA G 4976 -16.22 -28.15 37.55
CA ALA G 4976 -16.01 -29.59 37.68
C ALA G 4976 -14.83 -30.05 36.84
N ASN G 4977 -14.64 -29.47 35.66
CA ASN G 4977 -13.51 -29.85 34.82
C ASN G 4977 -12.19 -29.51 35.48
N TYR G 4978 -12.08 -28.32 36.10
CA TYR G 4978 -10.86 -27.98 36.81
C TYR G 4978 -10.63 -28.89 38.01
N MET G 4979 -11.71 -29.22 38.73
CA MET G 4979 -11.60 -30.16 39.85
C MET G 4979 -11.08 -31.52 39.37
N PHE G 4980 -11.63 -32.02 38.27
CA PHE G 4980 -11.23 -33.33 37.77
C PHE G 4980 -9.81 -33.31 37.24
N PHE G 4981 -9.39 -32.19 36.65
CA PHE G 4981 -7.99 -32.06 36.24
C PHE G 4981 -7.06 -32.06 37.45
N LEU G 4982 -7.46 -31.40 38.53
CA LEU G 4982 -6.65 -31.45 39.75
C LEU G 4982 -6.51 -32.87 40.26
N MET G 4983 -7.62 -33.61 40.30
CA MET G 4983 -7.57 -35.00 40.74
C MET G 4983 -6.71 -35.84 39.79
N TYR G 4984 -6.81 -35.59 38.49
CA TYR G 4984 -6.04 -36.37 37.52
C TYR G 4984 -4.54 -36.11 37.69
N LEU G 4985 -4.15 -34.85 37.94
CA LEU G 4985 -2.76 -34.55 38.23
C LEU G 4985 -2.30 -35.24 39.51
N ILE G 4986 -3.15 -35.24 40.54
CA ILE G 4986 -2.79 -35.90 41.79
C ILE G 4986 -2.57 -37.39 41.57
N ASN G 4987 -3.46 -38.02 40.81
CA ASN G 4987 -3.39 -39.47 40.65
C ASN G 4987 -2.24 -39.89 39.73
N LYS G 4988 -2.01 -39.14 38.66
CA LYS G 4988 -1.01 -39.54 37.68
C LYS G 4988 0.40 -39.42 38.26
N ASP G 4989 1.26 -40.35 37.85
CA ASP G 4989 2.64 -40.36 38.32
C ASP G 4989 3.40 -39.15 37.77
N GLU G 4990 4.39 -38.69 38.53
CA GLU G 4990 5.14 -37.49 38.16
C GLU G 4990 5.84 -37.65 36.81
N THR G 4991 6.44 -38.82 36.58
CA THR G 4991 7.17 -39.05 35.33
C THR G 4991 6.23 -39.19 34.14
N GLU G 4992 4.93 -39.43 34.38
CA GLU G 4992 3.97 -39.56 33.30
C GLU G 4992 3.35 -38.23 32.88
N HIS G 4993 3.53 -37.18 33.68
CA HIS G 4993 2.95 -35.89 33.36
C HIS G 4993 3.54 -35.33 32.07
N THR G 4994 2.68 -34.81 31.20
CA THR G 4994 3.14 -34.14 29.99
C THR G 4994 3.69 -32.75 30.36
N GLY G 4995 4.11 -32.01 29.34
CA GLY G 4995 4.66 -30.68 29.59
C GLY G 4995 3.65 -29.76 30.25
N GLN G 4996 2.43 -29.71 29.72
CA GLN G 4996 1.40 -28.85 30.28
C GLN G 4996 1.02 -29.29 31.69
N GLU G 4997 0.88 -30.61 31.90
CA GLU G 4997 0.54 -31.10 33.23
C GLU G 4997 1.61 -30.76 34.25
N SER G 4998 2.89 -30.93 33.89
CA SER G 4998 3.97 -30.57 34.80
C SER G 4998 4.01 -29.07 35.06
N TYR G 4999 3.67 -28.27 34.06
CA TYR G 4999 3.61 -26.83 34.27
C TYR G 4999 2.61 -26.52 35.36
N VAL G 5000 1.37 -26.95 35.17
CA VAL G 5000 0.34 -26.66 36.14
C VAL G 5000 0.64 -27.27 37.50
N TRP G 5001 1.22 -28.45 37.53
CA TRP G 5001 1.48 -29.13 38.79
C TRP G 5001 2.43 -28.34 39.64
N LYS G 5002 3.49 -27.85 39.04
CA LYS G 5002 4.50 -27.11 39.78
C LYS G 5002 3.85 -25.93 40.44
N MET G 5003 3.00 -25.23 39.72
CA MET G 5003 2.37 -24.04 40.25
C MET G 5003 1.45 -24.36 41.41
N TYR G 5004 0.76 -25.48 41.34
CA TYR G 5004 -0.08 -25.87 42.46
C TYR G 5004 0.77 -26.00 43.69
N GLN G 5005 1.95 -26.58 43.55
CA GLN G 5005 2.84 -26.77 44.69
C GLN G 5005 3.43 -25.46 45.17
N GLU G 5006 3.76 -24.56 44.26
CA GLU G 5006 4.29 -23.27 44.64
C GLU G 5006 3.16 -22.33 45.02
N ARG G 5007 1.93 -22.82 44.99
CA ARG G 5007 0.78 -22.00 45.32
C ARG G 5007 0.73 -20.74 44.49
N CYS G 5008 0.89 -20.87 43.17
CA CYS G 5008 0.79 -19.71 42.29
C CYS G 5008 -0.38 -19.91 41.35
N TRP G 5009 -1.38 -19.04 41.41
CA TRP G 5009 -2.59 -19.23 40.60
C TRP G 5009 -2.59 -18.41 39.33
N ASP G 5010 -1.71 -18.75 38.41
CA ASP G 5010 -1.61 -18.05 37.13
C ASP G 5010 -2.15 -18.84 35.96
N PHE G 5011 -2.33 -20.15 36.11
CA PHE G 5011 -2.86 -20.95 35.00
C PHE G 5011 -4.33 -20.67 34.77
N PHE G 5012 -5.05 -20.22 35.79
CA PHE G 5012 -6.46 -19.88 35.63
C PHE G 5012 -6.61 -18.72 34.67
N PRO G 5013 -7.38 -18.86 33.58
CA PRO G 5013 -7.53 -17.76 32.61
C PRO G 5013 -8.50 -16.71 33.12
N ALA G 5014 -7.98 -15.53 33.44
CA ALA G 5014 -8.78 -14.41 33.93
C ALA G 5014 -8.75 -13.30 32.89
N GLY G 5015 -9.94 -12.88 32.44
CA GLY G 5015 -10.04 -11.81 31.47
C GLY G 5015 -9.76 -12.19 30.04
N ASP G 5016 -9.57 -13.48 29.75
CA ASP G 5016 -9.27 -13.92 28.41
C ASP G 5016 -9.78 -15.35 28.23
N CYS G 5017 -9.94 -15.74 26.97
CA CYS G 5017 -10.41 -17.08 26.65
C CYS G 5017 -9.96 -17.44 25.24
N PHE G 5018 -10.15 -18.72 24.89
CA PHE G 5018 -9.73 -19.21 23.58
C PHE G 5018 -10.44 -18.48 22.45
N ARG G 5019 -11.76 -18.29 22.59
CA ARG G 5019 -12.52 -17.57 21.57
C ARG G 5019 -12.05 -16.12 21.45
N LYS G 5020 -11.79 -15.47 22.57
CA LYS G 5020 -11.32 -14.09 22.53
C LYS G 5020 -9.96 -13.99 21.85
N GLN G 5021 -9.08 -14.95 22.11
CA GLN G 5021 -7.75 -14.91 21.50
C GLN G 5021 -7.81 -15.22 20.01
N TYR G 5022 -8.64 -16.18 19.61
CA TYR G 5022 -8.70 -16.62 18.22
C TYR G 5022 -9.99 -16.19 17.52
N GLU G 5023 -10.52 -15.02 17.87
CA GLU G 5023 -11.68 -14.50 17.18
C GLU G 5023 -11.38 -14.22 15.71
N ASP G 5024 -10.18 -13.71 15.42
CA ASP G 5024 -9.79 -13.47 14.04
C ASP G 5024 -9.69 -14.77 13.26
N GLN G 5025 -9.18 -15.82 13.90
CA GLN G 5025 -9.05 -17.13 13.28
C GLN G 5025 -10.31 -17.98 13.41
N LEU G 5026 -11.38 -17.43 13.99
CA LEU G 5026 -12.64 -18.14 14.19
C LEU G 5026 -12.42 -19.42 15.02
N SER G 5027 -11.64 -19.29 16.08
CA SER G 5027 -11.34 -20.39 17.00
C SER G 5027 -10.72 -21.58 16.27
N VAL H 1 2.24 34.00 -13.00
CA VAL H 1 0.99 34.44 -12.39
C VAL H 1 1.28 35.20 -11.10
N GLN H 2 2.54 35.22 -10.70
CA GLN H 2 2.92 35.94 -9.49
C GLN H 2 2.69 37.43 -9.67
N PHE H 3 2.11 38.06 -8.64
CA PHE H 3 1.78 39.47 -8.67
C PHE H 3 2.87 40.27 -7.98
N LEU H 4 3.28 41.36 -8.63
CA LEU H 4 4.30 42.25 -8.08
C LEU H 4 3.84 42.87 -6.77
N ARG H 5 4.50 42.53 -5.68
CA ARG H 5 4.17 43.05 -4.36
C ARG H 5 5.27 43.98 -3.87
N THR H 6 5.07 44.54 -2.68
CA THR H 6 6.02 45.49 -2.12
C THR H 6 7.18 44.74 -1.44
N ASP H 7 8.23 45.50 -1.13
CA ASP H 7 9.42 44.99 -0.46
C ASP H 7 10.08 43.87 -1.26
N ASP H 8 10.43 44.20 -2.50
CA ASP H 8 11.08 43.24 -3.39
C ASP H 8 11.99 43.97 -4.35
N GLU H 9 12.95 43.23 -4.90
CA GLU H 9 13.94 43.75 -5.83
C GLU H 9 13.38 43.74 -7.25
N VAL H 10 13.87 44.65 -8.09
CA VAL H 10 13.42 44.79 -9.46
C VAL H 10 14.61 45.13 -10.35
N VAL H 11 14.53 44.71 -11.61
CA VAL H 11 15.55 45.01 -12.62
C VAL H 11 15.14 46.17 -13.51
N LEU H 12 13.83 46.36 -13.70
CA LEU H 12 13.27 47.33 -14.66
C LEU H 12 13.82 47.07 -16.07
N GLN H 13 13.55 45.87 -16.57
CA GLN H 13 14.07 45.44 -17.86
C GLN H 13 13.31 46.12 -19.00
N CYS H 14 13.98 46.23 -20.15
CA CYS H 14 13.37 46.74 -21.36
C CYS H 14 14.05 46.11 -22.56
N SER H 15 13.40 46.22 -23.72
CA SER H 15 13.89 45.66 -24.96
C SER H 15 14.23 46.79 -25.94
N ALA H 16 15.46 46.77 -26.45
CA ALA H 16 15.90 47.76 -27.42
C ALA H 16 15.57 47.32 -28.85
N THR H 17 15.91 46.09 -29.20
CA THR H 17 15.61 45.51 -30.52
C THR H 17 16.20 46.38 -31.64
N VAL H 18 17.47 46.72 -31.51
CA VAL H 18 18.19 47.43 -32.57
C VAL H 18 18.80 46.38 -33.50
N LEU H 19 18.79 46.69 -34.80
CA LEU H 19 19.26 45.76 -35.84
C LEU H 19 18.50 44.45 -35.81
N LYS H 20 17.26 44.47 -35.32
CA LYS H 20 16.39 43.30 -35.25
C LYS H 20 17.05 42.16 -34.48
N GLU H 21 17.67 42.48 -33.34
CA GLU H 21 18.36 41.50 -32.53
C GLU H 21 17.69 41.25 -31.17
N GLN H 22 16.73 42.08 -30.78
CA GLN H 22 15.97 41.90 -29.54
C GLN H 22 16.90 41.88 -28.32
N LEU H 23 17.66 42.96 -28.18
CA LEU H 23 18.55 43.11 -27.03
C LEU H 23 17.74 43.48 -25.79
N LYS H 24 18.15 42.94 -24.65
CA LYS H 24 17.51 43.21 -23.37
C LYS H 24 18.47 44.02 -22.50
N LEU H 25 17.96 45.13 -21.95
CA LEU H 25 18.79 46.04 -21.18
C LEU H 25 18.05 46.44 -19.90
N CYS H 26 18.80 47.02 -18.96
CA CYS H 26 18.26 47.46 -17.69
C CYS H 26 18.97 48.73 -17.26
N LEU H 27 18.31 49.50 -16.38
CA LEU H 27 18.90 50.71 -15.87
C LEU H 27 20.04 50.40 -14.91
N ALA H 28 21.12 51.17 -15.01
CA ALA H 28 22.27 51.03 -14.14
C ALA H 28 22.70 52.39 -13.63
N ALA H 29 23.02 52.47 -12.33
CA ALA H 29 23.45 53.71 -11.72
C ALA H 29 24.30 53.40 -10.51
N GLU H 30 25.57 53.84 -10.53
CA GLU H 30 26.46 53.57 -9.40
C GLU H 30 26.01 54.34 -8.16
N GLY H 31 25.74 55.64 -8.31
CA GLY H 31 25.23 56.46 -7.25
C GLY H 31 26.26 57.28 -6.50
N PHE H 32 27.52 56.85 -6.52
CA PHE H 32 28.62 57.60 -5.90
C PHE H 32 29.52 58.12 -6.99
N GLY H 33 29.68 59.45 -7.06
CA GLY H 33 30.41 60.08 -8.13
C GLY H 33 29.63 60.31 -9.39
N ASN H 34 28.43 59.73 -9.51
CA ASN H 34 27.59 59.93 -10.69
C ASN H 34 26.18 59.49 -10.33
N ARG H 35 25.22 60.41 -10.42
CA ARG H 35 23.83 60.10 -10.15
C ARG H 35 23.05 59.66 -11.37
N LEU H 36 23.56 59.95 -12.57
CA LEU H 36 22.81 59.66 -13.79
C LEU H 36 22.75 58.16 -14.05
N CYS H 37 21.64 57.72 -14.63
CA CYS H 37 21.43 56.33 -15.00
C CYS H 37 21.79 56.11 -16.46
N PHE H 38 21.98 54.84 -16.81
CA PHE H 38 22.34 54.47 -18.17
C PHE H 38 21.87 53.04 -18.43
N LEU H 39 21.83 52.66 -19.71
CA LEU H 39 21.36 51.35 -20.11
C LEU H 39 22.55 50.41 -20.27
N GLU H 40 22.47 49.25 -19.63
CA GLU H 40 23.52 48.25 -19.76
C GLU H 40 22.98 47.00 -20.46
N PRO H 41 23.74 46.44 -21.40
CA PRO H 41 23.23 45.28 -22.15
C PRO H 41 23.24 44.00 -21.34
N THR H 42 22.06 43.52 -20.95
CA THR H 42 21.95 42.24 -20.26
C THR H 42 22.05 41.05 -21.21
N SER H 43 21.93 41.28 -22.51
CA SER H 43 22.09 40.21 -23.49
C SER H 43 23.57 39.97 -23.76
N ASN H 44 23.85 38.95 -24.57
CA ASN H 44 25.22 38.55 -24.91
C ASN H 44 26.03 38.24 -23.65
N ALA H 45 25.38 37.58 -22.68
CA ALA H 45 26.05 37.23 -21.44
C ALA H 45 27.12 36.17 -21.64
N GLN H 46 27.01 35.36 -22.70
CA GLN H 46 28.01 34.32 -22.94
C GLN H 46 29.36 34.92 -23.30
N ASN H 47 29.37 36.00 -24.08
CA ASN H 47 30.63 36.62 -24.47
C ASN H 47 31.21 37.49 -23.36
N VAL H 48 30.42 38.44 -22.86
CA VAL H 48 30.82 39.26 -21.71
C VAL H 48 29.72 39.18 -20.65
N PRO H 49 30.07 39.01 -19.39
CA PRO H 49 29.04 39.01 -18.33
C PRO H 49 28.73 40.42 -17.89
N PRO H 50 27.49 40.87 -18.07
CA PRO H 50 27.12 42.20 -17.58
C PRO H 50 27.07 42.24 -16.06
N ASP H 51 27.27 43.44 -15.53
CA ASP H 51 27.26 43.66 -14.08
C ASP H 51 25.84 44.00 -13.64
N LEU H 52 25.35 43.27 -12.62
CA LEU H 52 24.02 43.49 -12.07
C LEU H 52 24.07 44.06 -10.65
N ALA H 53 25.25 44.45 -10.17
CA ALA H 53 25.36 45.01 -8.83
C ALA H 53 24.65 46.38 -8.75
N ILE H 54 24.76 47.18 -9.81
CA ILE H 54 24.17 48.51 -9.83
C ILE H 54 22.85 48.53 -10.60
N CYS H 55 22.26 47.37 -10.88
CA CYS H 55 21.04 47.29 -11.66
C CYS H 55 19.88 46.73 -10.85
N CYS H 56 19.91 46.89 -9.52
CA CYS H 56 18.88 46.35 -8.64
C CYS H 56 18.21 47.49 -7.88
N PHE H 57 16.89 47.57 -7.96
CA PHE H 57 16.13 48.58 -7.25
C PHE H 57 15.07 47.90 -6.39
N THR H 58 15.20 48.05 -5.08
CA THR H 58 14.17 47.56 -4.17
C THR H 58 13.02 48.56 -4.15
N LEU H 59 11.80 48.05 -4.29
CA LEU H 59 10.62 48.92 -4.32
C LEU H 59 10.13 49.11 -2.88
N GLU H 60 10.02 50.37 -2.47
CA GLU H 60 9.66 50.66 -1.08
C GLU H 60 8.20 50.36 -0.81
N GLN H 61 7.30 51.04 -1.52
CA GLN H 61 5.87 50.87 -1.28
C GLN H 61 5.10 51.36 -2.50
N SER H 62 3.87 50.86 -2.63
CA SER H 62 2.93 51.30 -3.65
C SER H 62 1.75 51.98 -2.97
N LEU H 63 1.41 53.17 -3.44
CA LEU H 63 0.39 53.99 -2.78
C LEU H 63 -0.51 54.63 -3.82
N SER H 64 -1.74 54.93 -3.39
CA SER H 64 -2.71 55.59 -4.25
C SER H 64 -2.38 57.07 -4.41
N VAL H 65 -2.95 57.67 -5.44
CA VAL H 65 -2.65 59.06 -5.78
C VAL H 65 -3.11 60.00 -4.67
N ARG H 66 -4.33 59.78 -4.17
CA ARG H 66 -4.86 60.67 -3.14
C ARG H 66 -4.07 60.57 -1.84
N ALA H 67 -3.71 59.36 -1.44
CA ALA H 67 -2.91 59.20 -0.23
C ALA H 67 -1.51 59.78 -0.40
N LEU H 68 -0.94 59.65 -1.61
CA LEU H 68 0.35 60.26 -1.90
C LEU H 68 0.27 61.78 -1.75
N GLN H 69 -0.78 62.38 -2.32
CA GLN H 69 -0.96 63.82 -2.18
C GLN H 69 -1.15 64.21 -0.72
N GLU H 70 -1.91 63.42 0.04
CA GLU H 70 -2.13 63.71 1.45
C GLU H 70 -0.82 63.72 2.22
N MET H 71 0.01 62.68 2.04
CA MET H 71 1.24 62.62 2.81
C MET H 71 2.27 63.64 2.32
N LEU H 72 2.20 64.03 1.04
CA LEU H 72 3.04 65.11 0.56
C LEU H 72 2.64 66.43 1.22
N ALA H 73 1.33 66.66 1.38
CA ALA H 73 0.87 67.84 2.10
C ALA H 73 1.30 67.79 3.57
N ASN H 74 1.21 66.62 4.19
CA ASN H 74 1.63 66.45 5.57
C ASN H 74 3.15 66.50 5.70
N GLY H 87 1.72 47.51 6.05
CA GLY H 87 3.07 47.81 5.58
C GLY H 87 3.37 47.22 4.22
N HIS H 88 2.94 45.99 4.00
CA HIS H 88 3.15 45.29 2.74
C HIS H 88 1.88 45.35 1.91
N ARG H 89 2.03 45.71 0.63
CA ARG H 89 0.90 45.87 -0.27
C ARG H 89 1.16 45.08 -1.55
N THR H 90 0.15 45.03 -2.41
CA THR H 90 0.24 44.42 -3.73
C THR H 90 0.06 45.50 -4.78
N LEU H 91 1.00 45.59 -5.71
CA LEU H 91 0.95 46.63 -6.74
C LEU H 91 -0.23 46.40 -7.68
N LEU H 92 -0.78 47.51 -8.18
CA LEU H 92 -1.86 47.46 -9.15
C LEU H 92 -1.81 48.74 -9.98
N TYR H 93 -2.44 48.69 -11.15
CA TYR H 93 -2.38 49.80 -12.09
C TYR H 93 -3.06 51.04 -11.50
N GLY H 94 -2.54 52.20 -11.87
CA GLY H 94 -3.05 53.44 -11.35
C GLY H 94 -2.51 53.83 -9.99
N HIS H 95 -1.30 53.38 -9.66
CA HIS H 95 -0.70 53.65 -8.37
C HIS H 95 0.75 54.07 -8.55
N ALA H 96 1.26 54.82 -7.57
CA ALA H 96 2.62 55.33 -7.59
C ALA H 96 3.51 54.51 -6.65
N ILE H 97 4.76 54.33 -7.05
CA ILE H 97 5.74 53.59 -6.27
C ILE H 97 6.99 54.43 -6.10
N LEU H 98 7.79 54.02 -5.11
CA LEU H 98 9.11 54.57 -4.85
C LEU H 98 10.14 53.47 -5.05
N LEU H 99 11.21 53.78 -5.79
CA LEU H 99 12.28 52.83 -6.06
C LEU H 99 13.56 53.30 -5.40
N ARG H 100 14.27 52.38 -4.75
CA ARG H 100 15.48 52.70 -4.02
C ARG H 100 16.59 51.76 -4.46
N HIS H 101 17.68 52.32 -4.97
CA HIS H 101 18.78 51.50 -5.44
C HIS H 101 19.35 50.66 -4.30
N ALA H 102 19.67 49.40 -4.61
CA ALA H 102 20.13 48.48 -3.57
C ALA H 102 21.49 48.90 -3.03
N HIS H 103 22.42 49.30 -3.90
CA HIS H 103 23.78 49.61 -3.47
C HIS H 103 23.87 50.99 -2.83
N SER H 104 23.55 52.04 -3.59
CA SER H 104 23.73 53.40 -3.11
C SER H 104 22.74 53.77 -2.02
N ARG H 105 21.65 53.01 -1.88
CA ARG H 105 20.60 53.20 -0.86
C ARG H 105 19.81 54.48 -1.08
N MET H 106 19.95 55.12 -2.24
CA MET H 106 19.23 56.36 -2.56
C MET H 106 18.09 56.07 -3.53
N TYR H 107 17.13 57.00 -3.55
CA TYR H 107 15.90 56.81 -4.31
C TYR H 107 16.05 57.31 -5.74
N LEU H 108 15.52 56.54 -6.68
CA LEU H 108 15.47 56.96 -8.07
C LEU H 108 14.49 58.12 -8.23
N SER H 109 14.86 59.10 -9.06
CA SER H 109 14.06 60.30 -9.21
C SER H 109 14.22 60.85 -10.62
N CYS H 110 13.40 61.85 -10.93
CA CYS H 110 13.45 62.55 -12.21
C CYS H 110 14.19 63.87 -12.00
N LEU H 111 15.40 63.96 -12.57
CA LEU H 111 16.22 65.15 -12.40
C LEU H 111 15.73 66.26 -13.34
N THR H 112 15.92 67.50 -12.88
CA THR H 112 15.57 68.67 -13.68
C THR H 112 16.59 68.98 -14.77
N THR H 113 17.79 68.39 -14.69
CA THR H 113 18.80 68.57 -15.72
C THR H 113 18.36 67.85 -17.00
N SER H 114 18.95 68.26 -18.13
CA SER H 114 18.67 67.64 -19.43
C SER H 114 20.00 67.47 -20.16
N ARG H 115 20.53 66.24 -20.18
CA ARG H 115 21.78 65.99 -20.88
C ARG H 115 21.57 65.76 -22.37
N SER H 116 20.32 65.63 -22.82
CA SER H 116 20.00 65.30 -24.21
C SER H 116 19.65 66.59 -24.95
N MET H 117 20.59 67.07 -25.77
CA MET H 117 20.30 68.22 -26.62
C MET H 117 19.25 67.93 -27.67
N THR H 118 19.04 66.65 -28.01
CA THR H 118 18.10 66.31 -29.08
C THR H 118 16.67 66.70 -28.72
N ASP H 119 16.25 66.41 -27.49
CA ASP H 119 14.88 66.66 -27.05
C ASP H 119 14.91 67.67 -25.92
N LYS H 120 14.29 68.83 -26.13
CA LYS H 120 14.20 69.83 -25.09
C LYS H 120 13.24 69.40 -23.98
N LEU H 121 12.14 68.73 -24.36
CA LEU H 121 11.14 68.31 -23.39
C LEU H 121 11.61 67.18 -22.49
N ALA H 122 12.73 66.54 -22.81
CA ALA H 122 13.21 65.39 -22.05
C ALA H 122 14.12 65.85 -20.91
N PHE H 123 13.68 65.62 -19.68
CA PHE H 123 14.53 65.83 -18.52
C PHE H 123 15.39 64.59 -18.29
N ASP H 124 16.04 64.51 -17.14
CA ASP H 124 16.92 63.39 -16.83
C ASP H 124 16.37 62.61 -15.64
N VAL H 125 16.85 61.38 -15.50
CA VAL H 125 16.47 60.50 -14.41
C VAL H 125 17.74 60.05 -13.70
N GLY H 126 17.72 60.11 -12.38
CA GLY H 126 18.89 59.75 -11.59
C GLY H 126 18.50 59.45 -10.15
N LEU H 127 19.51 59.15 -9.36
CA LEU H 127 19.32 58.82 -7.96
C LEU H 127 19.46 60.06 -7.09
N GLN H 128 18.50 60.29 -6.21
CA GLN H 128 18.55 61.39 -5.26
C GLN H 128 18.66 60.85 -3.84
N GLU H 129 19.34 61.61 -2.99
CA GLU H 129 19.72 61.11 -1.67
C GLU H 129 18.53 60.86 -0.76
N ASP H 130 17.44 61.59 -0.94
CA ASP H 130 16.29 61.49 -0.06
C ASP H 130 14.99 61.42 -0.86
N ALA H 131 13.98 60.83 -0.25
CA ALA H 131 12.68 60.66 -0.88
C ALA H 131 11.80 61.90 -0.78
N THR H 132 12.35 63.02 -0.33
CA THR H 132 11.56 64.25 -0.24
C THR H 132 11.14 64.70 -1.63
N GLY H 133 9.91 65.18 -1.73
CA GLY H 133 9.34 65.58 -3.00
C GLY H 133 8.72 64.42 -3.75
N GLU H 134 7.98 64.77 -4.80
CA GLU H 134 7.28 63.79 -5.62
C GLU H 134 8.03 63.43 -6.89
N ALA H 135 9.22 63.98 -7.09
CA ALA H 135 10.00 63.64 -8.29
C ALA H 135 10.47 62.20 -8.25
N CYS H 136 10.65 61.64 -7.05
CA CYS H 136 11.08 60.26 -6.92
C CYS H 136 9.95 59.26 -7.18
N TRP H 137 8.72 59.64 -6.89
CA TRP H 137 7.58 58.74 -7.11
C TRP H 137 7.29 58.59 -8.59
N TRP H 138 6.92 57.37 -9.00
CA TRP H 138 6.57 57.09 -10.38
C TRP H 138 5.31 56.26 -10.43
N THR H 139 4.36 56.65 -11.29
CA THR H 139 3.06 56.00 -11.38
C THR H 139 3.04 54.98 -12.51
N MET H 140 2.40 53.85 -12.28
CA MET H 140 2.22 52.83 -13.30
C MET H 140 0.87 52.98 -13.98
N HIS H 141 0.82 52.64 -15.26
CA HIS H 141 -0.39 52.59 -16.06
C HIS H 141 -0.34 51.36 -16.95
N PRO H 142 -1.49 50.80 -17.30
CA PRO H 142 -1.51 49.55 -18.08
C PRO H 142 -1.10 49.80 -19.53
N ALA H 143 -0.06 49.08 -19.97
CA ALA H 143 0.40 49.23 -21.34
C ALA H 143 -0.55 48.55 -22.33
N SER H 144 -1.07 47.38 -21.97
CA SER H 144 -1.92 46.60 -22.86
C SER H 144 -3.39 46.86 -22.58
N LYS H 145 -4.21 46.63 -23.60
CA LYS H 145 -5.65 46.81 -23.45
C LYS H 145 -6.27 45.76 -22.53
N GLN H 146 -5.72 44.55 -22.54
CA GLN H 146 -6.25 43.49 -21.67
C GLN H 146 -6.14 43.87 -20.20
N ARG H 147 -5.00 44.43 -19.80
CA ARG H 147 -4.85 44.94 -18.45
C ARG H 147 -5.59 46.27 -18.30
N SER H 148 -6.17 46.47 -17.12
CA SER H 148 -6.97 47.66 -16.85
C SER H 148 -6.60 48.25 -15.51
N GLU H 149 -6.90 49.54 -15.34
CA GLU H 149 -6.65 50.21 -14.07
C GLU H 149 -7.46 49.55 -12.97
N GLY H 150 -6.80 49.30 -11.83
CA GLY H 150 -7.39 48.59 -10.73
C GLY H 150 -7.04 47.12 -10.65
N GLU H 151 -6.56 46.55 -11.75
CA GLU H 151 -6.11 45.16 -11.76
C GLU H 151 -4.72 45.06 -11.15
N LYS H 152 -4.51 44.00 -10.35
CA LYS H 152 -3.19 43.78 -9.76
C LYS H 152 -2.18 43.42 -10.83
N VAL H 153 -1.07 44.16 -10.88
CA VAL H 153 -0.03 43.84 -11.84
C VAL H 153 0.65 42.54 -11.45
N ARG H 154 1.25 41.89 -12.45
CA ARG H 154 1.86 40.58 -12.26
C ARG H 154 3.22 40.55 -12.96
N VAL H 155 4.01 39.53 -12.61
CA VAL H 155 5.34 39.40 -13.19
C VAL H 155 5.24 39.17 -14.70
N GLY H 156 6.28 39.59 -15.41
CA GLY H 156 6.29 39.45 -16.87
C GLY H 156 5.21 40.25 -17.56
N ASP H 157 4.95 41.47 -17.09
CA ASP H 157 3.94 42.33 -17.67
C ASP H 157 4.53 43.71 -17.92
N ASP H 158 4.07 44.33 -19.00
CA ASP H 158 4.56 45.66 -19.37
C ASP H 158 3.85 46.73 -18.54
N LEU H 159 4.62 47.65 -17.98
CA LEU H 159 4.10 48.74 -17.18
C LEU H 159 4.55 50.06 -17.78
N ILE H 160 3.63 51.02 -17.85
CA ILE H 160 3.95 52.37 -18.33
C ILE H 160 4.25 53.24 -17.12
N LEU H 161 5.49 53.72 -17.02
CA LEU H 161 5.94 54.50 -15.88
C LEU H 161 5.93 55.98 -16.24
N VAL H 162 5.22 56.78 -15.46
CA VAL H 162 5.10 58.22 -15.68
C VAL H 162 5.56 58.94 -14.42
N SER H 163 6.39 59.96 -14.59
CA SER H 163 6.85 60.75 -13.46
C SER H 163 5.66 61.46 -12.81
N VAL H 164 5.64 61.49 -11.48
CA VAL H 164 4.56 62.16 -10.76
C VAL H 164 4.68 63.67 -10.93
N SER H 165 5.90 64.20 -10.85
CA SER H 165 6.10 65.64 -10.93
C SER H 165 6.06 66.14 -12.37
N SER H 166 6.96 65.64 -13.22
CA SER H 166 7.08 66.13 -14.58
C SER H 166 6.05 65.56 -15.54
N GLU H 167 5.34 64.50 -15.14
CA GLU H 167 4.32 63.86 -15.98
C GLU H 167 4.89 63.44 -17.33
N ARG H 168 6.04 62.76 -17.29
CA ARG H 168 6.71 62.26 -18.48
C ARG H 168 7.09 60.80 -18.28
N TYR H 169 7.11 60.06 -19.39
CA TYR H 169 7.41 58.64 -19.37
C TYR H 169 8.91 58.39 -19.37
N LEU H 170 9.29 57.22 -18.84
CA LEU H 170 10.66 56.73 -18.96
C LEU H 170 10.88 56.23 -20.38
N HIS H 171 11.59 57.00 -21.19
CA HIS H 171 11.76 56.72 -22.61
C HIS H 171 13.21 56.37 -22.92
N LEU H 172 13.39 55.45 -23.85
CA LEU H 172 14.71 54.99 -24.28
C LEU H 172 15.05 55.67 -25.60
N SER H 173 15.63 56.86 -25.51
CA SER H 173 16.06 57.57 -26.70
C SER H 173 17.21 56.84 -27.37
N THR H 174 17.09 56.65 -28.68
CA THR H 174 18.11 56.00 -29.49
C THR H 174 18.62 56.86 -30.63
N ALA H 175 18.11 58.10 -30.76
CA ALA H 175 18.54 58.96 -31.86
C ALA H 175 20.01 59.34 -31.73
N SER H 176 20.53 59.40 -30.51
CA SER H 176 21.94 59.73 -30.30
C SER H 176 22.87 58.59 -30.69
N GLY H 177 22.33 57.40 -30.98
CA GLY H 177 23.13 56.24 -31.29
C GLY H 177 23.37 55.31 -30.11
N GLU H 178 23.05 55.75 -28.90
CA GLU H 178 23.18 54.93 -27.70
C GLU H 178 21.89 55.02 -26.90
N LEU H 179 21.52 53.91 -26.26
CA LEU H 179 20.30 53.85 -25.47
C LEU H 179 20.43 54.76 -24.26
N GLN H 180 19.71 55.87 -24.27
CA GLN H 180 19.71 56.82 -23.15
C GLN H 180 18.33 56.88 -22.53
N VAL H 181 18.27 56.66 -21.22
CA VAL H 181 16.99 56.71 -20.50
C VAL H 181 16.73 58.15 -20.08
N ASP H 182 15.58 58.69 -20.49
CA ASP H 182 15.24 60.07 -20.17
C ASP H 182 13.73 60.21 -20.06
N ALA H 183 13.30 61.13 -19.20
CA ALA H 183 11.88 61.37 -18.98
C ALA H 183 11.38 62.34 -20.04
N SER H 184 10.70 61.79 -21.05
CA SER H 184 10.18 62.58 -22.17
C SER H 184 8.70 62.30 -22.33
N PHE H 185 8.08 62.98 -23.29
CA PHE H 185 6.64 62.85 -23.50
C PHE H 185 6.26 61.60 -24.29
N MET H 186 7.22 60.97 -24.97
CA MET H 186 6.97 59.67 -25.59
C MET H 186 7.11 58.56 -24.57
N GLN H 187 6.39 57.47 -24.81
CA GLN H 187 6.28 56.37 -23.85
C GLN H 187 6.97 55.12 -24.38
N THR H 188 7.43 54.29 -23.44
CA THR H 188 8.04 53.01 -23.75
C THR H 188 7.71 52.02 -22.66
N LEU H 189 7.39 50.78 -23.06
CA LEU H 189 7.00 49.76 -22.11
C LEU H 189 8.19 49.30 -21.26
N TRP H 190 7.88 48.80 -20.07
CA TRP H 190 8.87 48.33 -19.11
C TRP H 190 8.43 46.98 -18.55
N ASN H 191 9.31 45.99 -18.64
CA ASN H 191 9.04 44.68 -18.06
C ASN H 191 9.66 44.66 -16.66
N MET H 192 8.82 44.54 -15.65
CA MET H 192 9.24 44.70 -14.26
C MET H 192 9.46 43.31 -13.68
N ASN H 193 10.72 42.88 -13.62
CA ASN H 193 11.08 41.53 -13.20
C ASN H 193 11.90 41.57 -11.91
N PRO H 194 11.54 40.80 -10.90
CA PRO H 194 12.36 40.72 -9.68
C PRO H 194 13.55 39.79 -9.87
N ILE H 195 14.70 40.22 -9.32
CA ILE H 195 15.85 39.33 -9.27
C ILE H 195 15.59 38.18 -8.30
N CYS H 196 15.10 38.50 -7.09
CA CYS H 196 14.91 37.53 -6.03
C CYS H 196 13.54 37.76 -5.39
N SER H 197 12.51 37.10 -5.94
CA SER H 197 11.19 37.17 -5.34
C SER H 197 11.09 36.29 -4.09
N CYS H 198 11.84 35.20 -4.05
CA CYS H 198 11.83 34.27 -2.91
C CYS H 198 13.26 33.95 -2.52
N CYS H 199 13.51 33.86 -1.21
CA CYS H 199 14.83 33.54 -0.69
C CYS H 199 14.67 32.81 0.62
N GLU H 200 14.96 31.51 0.63
CA GLU H 200 14.92 30.75 1.86
C GLU H 200 16.07 31.17 2.77
N GLU H 201 15.74 31.47 4.02
CA GLU H 201 16.74 31.97 4.96
C GLU H 201 17.73 30.88 5.33
N GLY H 202 19.00 31.27 5.44
CA GLY H 202 20.06 30.34 5.76
C GLY H 202 20.69 29.65 4.57
N TYR H 203 20.09 29.77 3.39
CA TYR H 203 20.60 29.16 2.18
C TYR H 203 21.29 30.21 1.31
N VAL H 204 22.16 29.74 0.42
CA VAL H 204 22.94 30.62 -0.44
C VAL H 204 22.18 30.87 -1.74
N THR H 205 22.07 32.13 -2.12
CA THR H 205 21.39 32.54 -3.34
C THR H 205 22.31 33.41 -4.17
N GLY H 206 21.98 33.54 -5.45
CA GLY H 206 22.79 34.32 -6.35
C GLY H 206 22.77 35.80 -6.02
N GLY H 207 23.80 36.50 -6.50
CA GLY H 207 23.92 37.91 -6.21
C GLY H 207 24.35 38.24 -4.80
N HIS H 208 24.97 37.29 -4.11
CA HIS H 208 25.41 37.48 -2.73
C HIS H 208 26.93 37.47 -2.67
N VAL H 209 27.50 38.48 -2.02
CA VAL H 209 28.94 38.53 -1.80
C VAL H 209 29.28 37.69 -0.58
N LEU H 210 30.25 36.79 -0.72
CA LEU H 210 30.55 35.84 0.34
C LEU H 210 32.03 35.50 0.32
N ARG H 211 32.50 35.00 1.47
CA ARG H 211 33.87 34.52 1.64
C ARG H 211 33.86 33.00 1.63
N LEU H 212 34.79 32.42 0.87
CA LEU H 212 34.93 30.97 0.75
C LEU H 212 36.06 30.53 1.68
N PHE H 213 35.71 30.32 2.95
CA PHE H 213 36.68 29.80 3.90
C PHE H 213 37.05 28.37 3.56
N HIS H 214 38.32 28.03 3.68
CA HIS H 214 38.78 26.70 3.35
C HIS H 214 38.42 25.74 4.49
N GLY H 215 38.66 24.44 4.26
CA GLY H 215 38.25 23.41 5.18
C GLY H 215 38.92 23.47 6.54
N HIS H 216 39.94 24.31 6.71
CA HIS H 216 40.62 24.46 8.00
C HIS H 216 39.94 25.48 8.91
N MET H 217 38.95 26.21 8.42
CA MET H 217 38.18 27.22 9.14
C MET H 217 39.02 28.42 9.60
N ASP H 218 40.30 28.46 9.28
CA ASP H 218 41.15 29.60 9.60
C ASP H 218 41.65 30.33 8.37
N GLU H 219 41.37 29.80 7.17
CA GLU H 219 41.84 30.41 5.93
C GLU H 219 40.69 30.43 4.93
N CYS H 220 40.78 31.37 3.98
CA CYS H 220 39.73 31.58 3.00
C CYS H 220 40.35 31.79 1.63
N LEU H 221 39.51 31.63 0.60
CA LEU H 221 39.95 31.74 -0.79
C LEU H 221 40.08 33.21 -1.15
N THR H 222 41.32 33.69 -1.27
CA THR H 222 41.57 35.12 -1.43
C THR H 222 42.46 35.43 -2.63
N ILE H 223 42.87 36.69 -2.75
CA ILE H 223 43.67 37.17 -3.86
C ILE H 223 44.94 37.82 -3.31
N SER H 224 45.79 38.34 -4.18
CA SER H 224 47.03 38.99 -3.74
C SER H 224 46.72 40.20 -2.86
N ALA H 225 47.73 40.64 -2.11
CA ALA H 225 47.50 41.64 -1.07
C ALA H 225 47.35 43.04 -1.65
N ALA H 226 48.42 43.58 -2.24
CA ALA H 226 48.38 44.94 -2.78
C ALA H 226 49.57 45.23 -3.68
N ASP H 227 49.30 45.70 -4.90
CA ASP H 227 50.35 46.09 -5.85
C ASP H 227 51.37 44.95 -6.02
N SER H 228 50.85 43.73 -6.10
CA SER H 228 51.71 42.56 -6.14
C SER H 228 52.32 42.37 -7.52
N ASP H 229 53.29 41.46 -7.60
CA ASP H 229 53.97 41.19 -8.86
C ASP H 229 53.02 40.59 -9.89
N ASP H 230 52.03 39.81 -9.44
CA ASP H 230 51.06 39.20 -10.34
C ASP H 230 49.89 40.13 -10.66
N GLN H 231 49.90 41.35 -10.14
CA GLN H 231 48.83 42.33 -10.37
C GLN H 231 47.48 41.77 -9.91
N ARG H 232 47.49 41.06 -8.78
CA ARG H 232 46.29 40.44 -8.21
C ARG H 232 45.59 39.55 -9.23
N ARG H 233 46.31 38.51 -9.66
CA ARG H 233 45.76 37.56 -10.62
C ARG H 233 45.94 36.10 -10.21
N LEU H 234 46.51 35.83 -9.05
CA LEU H 234 46.67 34.47 -8.54
C LEU H 234 45.86 34.32 -7.26
N VAL H 235 45.06 33.26 -7.20
CA VAL H 235 44.17 33.00 -6.09
C VAL H 235 44.86 32.07 -5.10
N TYR H 236 44.57 32.26 -3.81
CA TYR H 236 45.29 31.57 -2.75
C TYR H 236 44.33 31.19 -1.62
N TYR H 237 44.88 30.62 -0.56
CA TYR H 237 44.16 30.25 0.66
C TYR H 237 44.87 30.81 1.89
N GLU H 238 45.27 32.08 1.83
CA GLU H 238 46.06 32.64 2.92
C GLU H 238 45.26 32.76 4.21
N GLY H 239 44.05 33.33 4.13
CA GLY H 239 43.23 33.52 5.32
C GLY H 239 43.91 34.41 6.34
N GLY H 240 43.54 34.21 7.60
CA GLY H 240 44.12 34.96 8.70
C GLY H 240 43.63 36.40 8.77
N ALA H 241 44.54 37.35 8.51
CA ALA H 241 44.18 38.76 8.57
C ALA H 241 43.16 39.13 7.50
N VAL H 242 43.30 38.57 6.30
CA VAL H 242 42.43 38.91 5.18
C VAL H 242 41.00 38.47 5.42
N CYS H 243 40.74 37.64 6.44
CA CYS H 243 39.37 37.23 6.74
C CYS H 243 38.48 38.43 7.04
N THR H 244 39.06 39.53 7.52
CA THR H 244 38.34 40.78 7.68
C THR H 244 38.51 41.73 6.50
N HIS H 245 39.57 41.57 5.72
CA HIS H 245 39.80 42.42 4.56
C HIS H 245 38.79 42.10 3.45
N ALA H 246 38.57 43.09 2.59
CA ALA H 246 37.65 42.94 1.46
C ALA H 246 38.23 42.09 0.34
N ARG H 247 39.51 41.75 0.40
CA ARG H 247 40.11 40.92 -0.65
C ARG H 247 39.54 39.51 -0.65
N SER H 248 39.11 39.02 0.49
CA SER H 248 38.53 37.68 0.62
C SER H 248 37.09 37.62 0.13
N LEU H 249 36.57 38.70 -0.43
CA LEU H 249 35.16 38.76 -0.83
C LEU H 249 35.00 38.30 -2.27
N TRP H 250 34.05 37.40 -2.50
CA TRP H 250 33.72 36.92 -3.84
C TRP H 250 32.21 36.95 -4.02
N ARG H 251 31.79 37.13 -5.28
CA ARG H 251 30.39 37.21 -5.64
C ARG H 251 30.04 36.01 -6.52
N LEU H 252 29.00 35.28 -6.13
CA LEU H 252 28.54 34.10 -6.85
C LEU H 252 27.24 34.45 -7.57
N GLU H 253 27.25 34.36 -8.90
CA GLU H 253 26.08 34.72 -9.68
C GLU H 253 25.76 33.62 -10.69
N PRO H 254 24.52 33.12 -10.72
CA PRO H 254 24.19 32.05 -11.67
C PRO H 254 24.31 32.54 -13.11
N LEU H 255 24.64 31.61 -14.01
CA LEU H 255 24.73 31.93 -15.42
C LEU H 255 23.39 32.39 -15.97
N ARG H 256 22.31 31.73 -15.56
CA ARG H 256 20.97 32.10 -15.99
C ARG H 256 20.63 33.51 -15.54
N ILE H 257 20.35 34.39 -16.50
CA ILE H 257 19.99 35.77 -16.16
C ILE H 257 18.64 35.79 -15.46
N SER H 258 17.72 34.92 -15.88
CA SER H 258 16.43 34.82 -15.20
C SER H 258 16.61 34.17 -13.84
N TRP H 259 15.91 34.72 -12.84
CA TRP H 259 15.95 34.21 -11.47
C TRP H 259 17.38 34.17 -10.94
N SER H 260 18.09 35.29 -11.11
CA SER H 260 19.48 35.37 -10.64
C SER H 260 19.55 35.24 -9.13
N GLY H 261 18.57 35.80 -8.41
CA GLY H 261 18.50 35.71 -6.97
C GLY H 261 17.97 34.42 -6.42
N SER H 262 17.74 33.42 -7.27
CA SER H 262 17.21 32.15 -6.81
C SER H 262 18.26 31.38 -6.01
N HIS H 263 17.81 30.32 -5.34
CA HIS H 263 18.68 29.51 -4.51
C HIS H 263 19.69 28.77 -5.38
N LEU H 264 20.94 28.70 -4.90
CA LEU H 264 21.96 27.94 -5.62
C LEU H 264 21.63 26.46 -5.58
N ARG H 265 21.69 25.81 -6.73
CA ARG H 265 21.38 24.40 -6.87
C ARG H 265 22.66 23.59 -6.96
N TRP H 266 22.67 22.42 -6.32
CA TRP H 266 23.85 21.57 -6.33
C TRP H 266 24.21 21.19 -7.76
N GLY H 267 25.38 21.64 -8.21
CA GLY H 267 25.82 21.42 -9.57
C GLY H 267 25.36 22.45 -10.58
N GLN H 268 24.59 23.45 -10.16
CA GLN H 268 24.16 24.48 -11.09
C GLN H 268 25.34 25.34 -11.50
N PRO H 269 25.58 25.53 -12.80
CA PRO H 269 26.69 26.38 -13.23
C PRO H 269 26.52 27.81 -12.75
N LEU H 270 27.64 28.43 -12.40
CA LEU H 270 27.63 29.80 -11.87
C LEU H 270 28.99 30.44 -12.11
N ARG H 271 29.03 31.75 -11.89
CA ARG H 271 30.21 32.57 -12.14
C ARG H 271 30.69 33.17 -10.82
N ILE H 272 32.01 33.19 -10.65
CA ILE H 272 32.66 33.75 -9.47
C ILE H 272 33.38 35.02 -9.90
N ARG H 273 33.10 36.12 -9.21
CA ARG H 273 33.67 37.42 -9.56
C ARG H 273 34.26 38.07 -8.32
N HIS H 274 35.42 38.70 -8.47
CA HIS H 274 36.05 39.37 -7.34
C HIS H 274 35.45 40.74 -7.15
N VAL H 275 34.96 41.01 -5.94
CA VAL H 275 34.23 42.26 -5.68
C VAL H 275 35.14 43.46 -5.83
N THR H 276 36.35 43.38 -5.28
CA THR H 276 37.24 44.54 -5.25
C THR H 276 37.91 44.77 -6.60
N THR H 277 38.58 43.73 -7.14
CA THR H 277 39.30 43.90 -8.39
C THR H 277 38.36 43.95 -9.58
N GLY H 278 37.19 43.33 -9.48
CA GLY H 278 36.25 43.31 -10.58
C GLY H 278 36.53 42.25 -11.63
N ARG H 279 37.35 41.26 -11.31
CA ARG H 279 37.73 40.21 -12.26
C ARG H 279 37.02 38.91 -11.92
N TYR H 280 36.87 38.07 -12.94
CA TYR H 280 36.13 36.82 -12.83
C TYR H 280 37.12 35.65 -12.77
N LEU H 281 36.88 34.73 -11.84
CA LEU H 281 37.68 33.51 -11.77
C LEU H 281 37.43 32.66 -13.01
N ALA H 282 38.51 32.10 -13.57
CA ALA H 282 38.42 31.31 -14.79
C ALA H 282 39.63 30.39 -14.87
N LEU H 283 39.54 29.43 -15.78
CA LEU H 283 40.62 28.49 -16.05
C LEU H 283 41.13 28.70 -17.46
N THR H 284 42.43 28.95 -17.58
CA THR H 284 43.07 29.12 -18.88
C THR H 284 44.15 28.07 -19.05
N GLU H 285 44.55 27.85 -20.31
CA GLU H 285 45.54 26.82 -20.60
C GLU H 285 46.93 27.23 -20.10
N ASP H 286 47.34 28.47 -20.38
CA ASP H 286 48.71 28.87 -20.12
C ASP H 286 48.97 29.17 -18.64
N GLN H 287 48.02 29.80 -17.95
CA GLN H 287 48.22 30.16 -16.55
C GLN H 287 47.36 29.35 -15.59
N GLY H 288 46.81 28.22 -16.05
CA GLY H 288 45.93 27.45 -15.19
C GLY H 288 44.66 28.21 -14.86
N LEU H 289 44.38 28.39 -13.58
CA LEU H 289 43.23 29.17 -13.14
C LEU H 289 43.71 30.51 -12.60
N VAL H 290 43.10 31.58 -13.10
CA VAL H 290 43.43 32.95 -12.72
C VAL H 290 42.16 33.79 -12.78
N VAL H 291 42.24 35.02 -12.30
CA VAL H 291 41.16 35.98 -12.46
C VAL H 291 41.43 36.81 -13.72
N VAL H 292 40.42 36.91 -14.58
CA VAL H 292 40.56 37.58 -15.87
C VAL H 292 39.52 38.68 -15.96
N ASP H 293 39.69 39.53 -16.97
CA ASP H 293 38.80 40.67 -17.16
C ASP H 293 37.42 40.20 -17.61
N ALA H 294 36.45 41.12 -17.53
CA ALA H 294 35.09 40.80 -17.96
C ALA H 294 35.04 40.46 -19.45
N CYS H 295 35.83 41.16 -20.26
CA CYS H 295 35.88 40.87 -21.69
C CYS H 295 36.40 39.46 -21.95
N LYS H 296 37.43 39.04 -21.23
CA LYS H 296 37.97 37.71 -21.37
C LYS H 296 37.11 36.63 -20.70
N ALA H 297 36.14 37.03 -19.89
CA ALA H 297 35.31 36.07 -19.19
C ALA H 297 34.37 35.37 -20.16
N HIS H 298 34.34 34.04 -20.10
CA HIS H 298 33.47 33.24 -20.95
C HIS H 298 32.93 32.06 -20.14
N THR H 299 31.79 31.54 -20.59
CA THR H 299 31.19 30.39 -19.93
C THR H 299 32.05 29.14 -20.03
N LYS H 300 32.98 29.10 -20.98
CA LYS H 300 33.88 27.96 -21.10
C LYS H 300 34.90 27.89 -19.97
N ALA H 301 35.19 29.03 -19.34
CA ALA H 301 36.21 29.09 -18.29
C ALA H 301 35.70 29.62 -16.97
N THR H 302 34.83 30.62 -16.98
CA THR H 302 34.37 31.27 -15.75
C THR H 302 33.25 30.52 -15.05
N SER H 303 32.74 29.44 -15.64
CA SER H 303 31.58 28.73 -15.09
C SER H 303 32.05 27.58 -14.21
N PHE H 304 31.57 27.56 -12.96
CA PHE H 304 31.87 26.52 -12.01
C PHE H 304 30.56 26.01 -11.40
N CYS H 305 30.66 24.89 -10.69
CA CYS H 305 29.50 24.30 -10.04
C CYS H 305 29.89 23.79 -8.65
N PHE H 306 28.90 23.74 -7.76
CA PHE H 306 29.08 23.29 -6.39
C PHE H 306 28.57 21.85 -6.30
N ARG H 307 29.44 20.90 -6.60
CA ARG H 307 29.08 19.49 -6.54
C ARG H 307 28.93 19.04 -5.09
N VAL H 308 28.03 18.08 -4.89
CA VAL H 308 27.80 17.54 -3.55
C VAL H 308 29.04 16.81 -3.04
N SER H 309 29.65 15.99 -3.90
CA SER H 309 30.82 15.21 -3.51
C SER H 309 31.64 14.90 -4.76
N LYS H 310 32.75 14.19 -4.55
CA LYS H 310 33.68 13.90 -5.63
C LYS H 310 33.11 12.94 -6.66
N GLU H 311 32.09 12.15 -6.31
CA GLU H 311 31.54 11.18 -7.23
C GLU H 311 30.93 11.87 -8.44
N LYS H 312 31.22 11.34 -9.63
CA LYS H 312 30.70 11.90 -10.86
C LYS H 312 29.24 11.58 -11.09
N LEU H 313 28.71 10.57 -10.41
CA LEU H 313 27.31 10.17 -10.58
C LEU H 313 26.51 10.46 -9.31
N GLU H 328 18.95 25.38 -2.70
CA GLU H 328 19.20 24.01 -2.27
C GLU H 328 20.36 23.93 -1.29
N ILE H 329 21.45 24.62 -1.64
CA ILE H 329 22.64 24.62 -0.80
C ILE H 329 22.46 25.62 0.33
N LYS H 330 22.66 25.16 1.56
CA LYS H 330 22.63 26.06 2.70
C LYS H 330 23.85 26.97 2.67
N TYR H 331 23.66 28.22 3.12
CA TYR H 331 24.73 29.20 3.03
C TYR H 331 25.96 28.75 3.82
N GLY H 332 25.74 28.21 5.02
CA GLY H 332 26.79 27.59 5.78
C GLY H 332 26.64 26.06 5.81
N GLU H 333 27.54 25.44 6.56
CA GLU H 333 27.51 23.98 6.77
C GLU H 333 27.46 23.24 5.43
N SER H 334 28.21 23.73 4.45
CA SER H 334 28.16 23.22 3.10
C SER H 334 29.44 22.45 2.79
N LEU H 335 29.29 21.23 2.26
CA LEU H 335 30.40 20.43 1.78
C LEU H 335 30.56 20.55 0.27
N CYS H 336 30.23 21.70 -0.29
CA CYS H 336 30.27 21.88 -1.74
C CYS H 336 31.70 21.82 -2.26
N PHE H 337 31.86 21.18 -3.42
CA PHE H 337 33.15 21.09 -4.10
C PHE H 337 33.09 21.91 -5.38
N VAL H 338 34.06 22.80 -5.56
CA VAL H 338 34.06 23.69 -6.72
C VAL H 338 34.66 22.92 -7.90
N GLN H 339 33.80 22.53 -8.84
CA GLN H 339 34.23 21.84 -10.05
C GLN H 339 34.02 22.74 -11.26
N HIS H 340 35.06 22.91 -12.06
CA HIS H 340 34.91 23.67 -13.30
C HIS H 340 34.08 22.89 -14.30
N VAL H 341 33.17 23.59 -14.98
CA VAL H 341 32.33 22.93 -15.97
C VAL H 341 33.18 22.51 -17.17
N ALA H 342 32.65 21.54 -17.92
CA ALA H 342 33.34 20.97 -19.09
C ALA H 342 34.70 20.39 -18.73
N SER H 343 34.87 20.01 -17.45
CA SER H 343 36.12 19.44 -16.99
C SER H 343 35.86 18.68 -15.69
N GLY H 344 36.70 17.69 -15.42
CA GLY H 344 36.64 16.94 -14.19
C GLY H 344 37.52 17.50 -13.09
N LEU H 345 38.09 18.68 -13.28
CA LEU H 345 39.04 19.25 -12.33
C LEU H 345 38.32 19.90 -11.16
N TRP H 346 39.01 19.98 -10.02
CA TRP H 346 38.49 20.54 -8.80
C TRP H 346 39.52 21.48 -8.21
N LEU H 347 39.04 22.45 -7.43
CA LEU H 347 39.89 23.42 -6.77
C LEU H 347 40.55 22.79 -5.55
N THR H 348 41.88 22.77 -5.53
CA THR H 348 42.60 22.21 -4.39
C THR H 348 43.96 22.88 -4.27
N TYR H 349 44.49 22.89 -3.06
CA TYR H 349 45.79 23.49 -2.84
C TYR H 349 46.84 22.74 -3.63
N ALA H 350 47.76 23.47 -4.23
CA ALA H 350 48.83 22.84 -4.99
C ALA H 350 49.69 22.01 -4.05
N ALA H 351 50.42 21.05 -4.61
CA ALA H 351 51.28 20.22 -3.78
C ALA H 351 52.10 21.11 -2.87
N PRO H 352 52.15 20.76 -1.57
CA PRO H 352 52.85 21.63 -0.62
C PRO H 352 54.21 22.04 -1.14
N ASP H 353 54.48 23.33 -1.17
CA ASP H 353 55.77 23.83 -1.63
C ASP H 353 56.70 24.04 -0.45
N PRO H 354 57.84 23.34 -0.44
CA PRO H 354 58.81 23.54 0.64
C PRO H 354 59.23 24.99 0.69
N LYS H 355 59.40 25.61 -0.47
CA LYS H 355 59.74 27.03 -0.51
C LYS H 355 58.63 27.85 0.12
N ALA H 356 57.38 27.55 -0.23
CA ALA H 356 56.26 28.25 0.37
C ALA H 356 56.25 28.00 1.86
N LEU H 357 56.56 26.77 2.25
CA LEU H 357 56.64 26.45 3.67
C LEU H 357 57.72 27.28 4.31
N ARG H 358 58.85 27.40 3.63
CA ARG H 358 59.94 28.22 4.14
C ARG H 358 59.43 29.64 4.33
N LEU H 359 58.69 30.12 3.35
CA LEU H 359 58.12 31.47 3.46
C LEU H 359 57.12 31.52 4.60
N GLY H 360 56.60 30.36 4.99
CA GLY H 360 55.62 30.32 6.07
C GLY H 360 54.38 31.09 5.69
N VAL H 361 53.98 30.98 4.42
CA VAL H 361 52.80 31.70 3.95
C VAL H 361 51.69 30.73 3.58
N LEU H 362 50.45 31.10 3.83
CA LEU H 362 49.32 30.24 3.51
C LEU H 362 48.87 30.45 2.08
N LYS H 363 49.72 31.06 1.27
CA LYS H 363 49.38 31.30 -0.13
C LYS H 363 49.48 30.01 -0.92
N LYS H 364 48.65 29.04 -0.58
CA LYS H 364 48.65 27.77 -1.29
C LYS H 364 48.11 27.98 -2.69
N LYS H 365 49.00 28.11 -3.66
CA LYS H 365 48.56 28.37 -5.02
C LYS H 365 47.47 27.39 -5.42
N ALA H 366 46.24 27.89 -5.57
CA ALA H 366 45.13 27.01 -5.90
C ALA H 366 45.31 26.44 -7.30
N ILE H 367 45.10 25.13 -7.44
CA ILE H 367 45.27 24.44 -8.70
C ILE H 367 44.02 23.61 -8.97
N LEU H 368 43.71 23.44 -10.26
CA LEU H 368 42.58 22.64 -10.70
C LEU H 368 43.12 21.26 -11.08
N HIS H 369 42.72 20.24 -10.33
CA HIS H 369 43.19 18.88 -10.55
C HIS H 369 42.01 17.92 -10.51
N GLN H 370 42.02 16.93 -11.41
CA GLN H 370 40.93 15.96 -11.44
C GLN H 370 40.92 15.07 -10.20
N GLU H 371 42.06 14.89 -9.55
CA GLU H 371 42.11 14.09 -8.33
C GLU H 371 41.73 14.92 -7.11
N GLY H 372 42.20 16.15 -7.03
CA GLY H 372 41.90 17.00 -5.89
C GLY H 372 42.58 16.53 -4.62
N HIS H 373 41.98 16.91 -3.49
CA HIS H 373 42.49 16.55 -2.17
C HIS H 373 41.30 16.32 -1.24
N MET H 374 41.60 15.80 -0.05
CA MET H 374 40.57 15.58 0.95
C MET H 374 39.98 16.91 1.43
N ASP H 375 40.83 17.93 1.60
CA ASP H 375 40.36 19.24 2.06
C ASP H 375 40.02 20.11 0.85
N ASP H 376 38.91 19.74 0.21
CA ASP H 376 38.39 20.47 -0.93
C ASP H 376 37.05 21.16 -0.63
N ALA H 377 36.16 20.48 0.09
CA ALA H 377 34.91 21.10 0.50
C ALA H 377 35.19 22.31 1.38
N LEU H 378 34.48 23.41 1.13
CA LEU H 378 34.77 24.69 1.76
C LEU H 378 33.50 25.35 2.26
N PHE H 379 33.66 26.17 3.28
CA PHE H 379 32.57 26.87 3.95
C PHE H 379 32.32 28.21 3.27
N LEU H 380 31.06 28.63 3.26
CA LEU H 380 30.68 29.92 2.68
C LEU H 380 30.07 30.79 3.77
N THR H 381 30.54 32.04 3.87
CA THR H 381 30.04 32.97 4.88
C THR H 381 29.77 34.31 4.24
N ARG H 382 28.55 34.82 4.41
CA ARG H 382 28.19 36.11 3.84
C ARG H 382 28.72 37.24 4.69
N CYS H 383 29.31 38.24 4.04
CA CYS H 383 29.81 39.42 4.73
C CYS H 383 28.68 40.38 5.04
N GLN H 384 29.01 41.43 5.78
CA GLN H 384 28.02 42.44 6.13
C GLN H 384 27.79 43.40 4.97
N GLN H 385 26.60 44.02 4.97
CA GLN H 385 26.26 44.99 3.94
C GLN H 385 27.22 46.17 3.95
N GLU H 386 27.72 46.55 5.13
CA GLU H 386 28.70 47.62 5.21
C GLU H 386 29.97 47.25 4.45
N GLU H 387 30.47 46.03 4.65
CA GLU H 387 31.66 45.58 3.95
C GLU H 387 31.43 45.47 2.46
N SER H 388 30.26 44.96 2.05
CA SER H 388 29.94 44.85 0.62
C SER H 388 29.92 46.23 -0.04
N GLN H 389 29.22 47.17 0.58
CA GLN H 389 29.15 48.53 0.04
C GLN H 389 30.55 49.14 -0.01
N ALA H 390 31.34 48.97 1.05
CA ALA H 390 32.68 49.53 1.07
C ALA H 390 33.54 48.97 -0.05
N ALA H 391 33.45 47.66 -0.29
CA ALA H 391 34.20 47.06 -1.39
C ALA H 391 33.76 47.63 -2.73
N ARG H 392 32.45 47.83 -2.91
CA ARG H 392 31.99 48.38 -4.19
C ARG H 392 32.51 49.80 -4.40
N MET H 393 32.47 50.65 -3.36
CA MET H 393 33.02 51.99 -3.51
C MET H 393 34.53 51.95 -3.73
N ILE H 394 35.23 51.01 -3.10
CA ILE H 394 36.66 50.87 -3.33
C ILE H 394 36.93 50.57 -4.81
N HIS H 395 36.17 49.62 -5.38
CA HIS H 395 36.35 49.29 -6.79
C HIS H 395 36.09 50.48 -7.69
N SER H 396 34.94 51.14 -7.50
CA SER H 396 34.57 52.26 -8.37
C SER H 396 35.56 53.42 -8.24
N THR H 397 35.94 53.75 -7.00
CA THR H 397 36.87 54.85 -6.77
C THR H 397 38.24 54.55 -7.33
N ALA H 398 38.71 53.30 -7.18
CA ALA H 398 40.01 52.93 -7.76
C ALA H 398 39.98 53.06 -9.27
N GLY H 399 38.90 52.61 -9.92
CA GLY H 399 38.80 52.77 -11.36
C GLY H 399 38.80 54.22 -11.78
N LEU H 400 37.99 55.04 -11.11
CA LEU H 400 37.90 56.46 -11.48
C LEU H 400 39.23 57.18 -11.28
N TYR H 401 39.91 56.91 -10.17
CA TYR H 401 41.17 57.61 -9.91
C TYR H 401 42.29 57.08 -10.81
N ASN H 402 42.25 55.81 -11.19
CA ASN H 402 43.21 55.32 -12.18
C ASN H 402 42.99 56.01 -13.52
N GLN H 403 41.74 56.19 -13.92
CA GLN H 403 41.45 56.95 -15.13
C GLN H 403 41.97 58.38 -15.03
N PHE H 404 41.76 59.01 -13.87
CA PHE H 404 42.24 60.39 -13.66
C PHE H 404 43.77 60.45 -13.75
N ILE H 405 44.46 59.48 -13.15
CA ILE H 405 45.91 59.47 -13.18
C ILE H 405 46.42 59.26 -14.61
N LYS H 406 45.77 58.37 -15.36
CA LYS H 406 46.15 58.19 -16.77
C LYS H 406 45.95 59.47 -17.55
N GLY H 407 44.83 60.17 -17.33
CA GLY H 407 44.61 61.43 -17.99
C GLY H 407 45.66 62.47 -17.64
N LEU H 408 46.05 62.54 -16.36
CA LEU H 408 47.08 63.48 -15.95
C LEU H 408 48.43 63.14 -16.60
N ASP H 409 48.77 61.86 -16.66
CA ASP H 409 50.03 61.45 -17.26
C ASP H 409 50.03 61.59 -18.78
N SER H 410 48.85 61.68 -19.39
CA SER H 410 48.78 61.78 -20.85
C SER H 410 49.52 63.01 -21.37
N PHE H 411 49.28 64.18 -20.78
CA PHE H 411 49.84 65.42 -21.28
C PHE H 411 51.10 65.87 -20.55
N SER H 412 51.64 65.03 -19.67
CA SER H 412 52.81 65.42 -18.89
C SER H 412 54.03 65.56 -19.80
N GLY H 413 54.65 66.74 -19.77
CA GLY H 413 55.85 67.00 -20.53
C GLY H 413 55.63 67.61 -21.90
N LYS H 414 54.40 67.59 -22.43
CA LYS H 414 54.11 68.13 -23.75
C LYS H 414 53.27 69.39 -23.61
N PRO H 415 53.76 70.54 -24.05
CA PRO H 415 52.96 71.77 -23.95
C PRO H 415 51.67 71.67 -24.75
N ARG H 416 50.62 72.29 -24.22
CA ARG H 416 49.31 72.23 -24.87
C ARG H 416 49.18 73.30 -25.95
N GLY H 417 49.72 74.49 -25.71
CA GLY H 417 49.63 75.54 -26.71
C GLY H 417 48.20 76.01 -26.90
N SER H 418 47.77 76.09 -28.15
CA SER H 418 46.41 76.55 -28.47
C SER H 418 45.41 75.40 -28.50
N GLY H 419 45.79 74.26 -29.05
CA GLY H 419 44.90 73.12 -29.14
C GLY H 419 44.88 72.29 -27.87
N PRO H 420 43.69 72.04 -27.33
CA PRO H 420 43.57 71.24 -26.11
C PRO H 420 44.10 69.84 -26.32
N PRO H 421 44.38 69.10 -25.25
CA PRO H 421 44.89 67.74 -25.39
C PRO H 421 44.00 66.88 -26.28
N ALA H 422 44.62 66.21 -27.24
CA ALA H 422 43.89 65.36 -28.18
C ALA H 422 43.34 64.10 -27.53
N GLY H 423 43.81 63.75 -26.34
CA GLY H 423 43.34 62.56 -25.66
C GLY H 423 42.00 62.78 -24.98
N PRO H 424 41.52 61.73 -24.33
CA PRO H 424 40.23 61.83 -23.62
C PRO H 424 40.27 62.89 -22.54
N ALA H 425 39.13 63.56 -22.36
CA ALA H 425 39.02 64.60 -21.35
C ALA H 425 39.06 64.00 -19.95
N LEU H 426 39.59 64.79 -19.01
CA LEU H 426 39.68 64.34 -17.62
C LEU H 426 38.29 64.30 -16.98
N PRO H 427 37.97 63.25 -16.23
CA PRO H 427 36.67 63.18 -15.52
C PRO H 427 36.64 64.07 -14.29
N ILE H 428 36.72 65.39 -14.51
CA ILE H 428 36.84 66.33 -13.41
C ILE H 428 35.58 66.33 -12.55
N GLU H 429 34.41 66.38 -13.19
CA GLU H 429 33.15 66.42 -12.45
C GLU H 429 32.97 65.16 -11.61
N ALA H 430 33.23 63.99 -12.21
CA ALA H 430 33.11 62.73 -11.48
C ALA H 430 34.09 62.67 -10.33
N VAL H 431 35.33 63.13 -10.55
CA VAL H 431 36.33 63.10 -9.49
C VAL H 431 35.91 63.99 -8.33
N ILE H 432 35.42 65.20 -8.63
CA ILE H 432 35.00 66.12 -7.58
C ILE H 432 33.83 65.54 -6.80
N LEU H 433 32.85 64.98 -7.51
CA LEU H 433 31.68 64.42 -6.84
C LEU H 433 32.09 63.23 -5.97
N SER H 434 32.99 62.38 -6.47
CA SER H 434 33.44 61.23 -5.68
C SER H 434 34.20 61.70 -4.44
N LEU H 435 35.03 62.73 -4.57
CA LEU H 435 35.75 63.24 -3.41
C LEU H 435 34.79 63.80 -2.37
N GLN H 436 33.77 64.54 -2.81
CA GLN H 436 32.79 65.07 -1.85
C GLN H 436 32.04 63.94 -1.16
N ASP H 437 31.63 62.93 -1.92
CA ASP H 437 30.92 61.79 -1.34
C ASP H 437 31.79 61.06 -0.34
N LEU H 438 33.08 60.86 -0.66
CA LEU H 438 33.98 60.18 0.26
C LEU H 438 34.20 60.99 1.53
N ILE H 439 34.33 62.32 1.40
CA ILE H 439 34.50 63.16 2.59
C ILE H 439 33.27 63.07 3.48
N GLY H 440 32.09 63.15 2.89
CA GLY H 440 30.88 62.97 3.67
C GLY H 440 30.76 61.59 4.29
N TYR H 441 31.25 60.57 3.58
CA TYR H 441 31.22 59.20 4.07
C TYR H 441 32.15 59.02 5.27
N PHE H 442 33.31 59.67 5.24
CA PHE H 442 34.32 59.54 6.28
C PHE H 442 34.24 60.66 7.33
N GLU H 443 33.22 61.51 7.27
CA GLU H 443 33.08 62.56 8.27
C GLU H 443 32.95 61.95 9.67
N PRO H 444 33.64 62.50 10.66
CA PRO H 444 33.61 61.92 12.01
C PRO H 444 32.24 62.05 12.64
N PRO H 445 31.89 61.17 13.57
CA PRO H 445 30.60 61.28 14.25
C PRO H 445 30.54 62.52 15.13
N SER H 446 29.32 63.02 15.32
CA SER H 446 29.10 64.20 16.14
C SER H 446 29.33 63.88 17.62
N GLU H 447 29.87 64.87 18.35
CA GLU H 447 30.14 64.71 19.77
C GLU H 447 28.88 64.81 20.62
N GLU H 448 27.80 65.37 20.08
CA GLU H 448 26.56 65.51 20.83
C GLU H 448 25.86 64.17 21.08
N LEU H 449 26.29 63.10 20.40
CA LEU H 449 25.65 61.81 20.56
C LEU H 449 25.99 61.21 21.92
N GLN H 450 25.20 60.19 22.29
CA GLN H 450 25.45 59.48 23.54
C GLN H 450 26.77 58.70 23.43
N HIS H 451 27.32 58.36 24.61
CA HIS H 451 28.66 57.76 24.64
C HIS H 451 28.70 56.42 23.93
N GLU H 452 27.69 55.56 24.18
CA GLU H 452 27.71 54.21 23.60
C GLU H 452 27.56 54.25 22.10
N GLU H 453 26.57 55.00 21.60
CA GLU H 453 26.38 55.09 20.15
C GLU H 453 27.56 55.80 19.48
N LYS H 454 28.13 56.78 20.16
CA LYS H 454 29.32 57.45 19.62
C LYS H 454 30.49 56.47 19.51
N GLN H 455 30.69 55.63 20.52
CA GLN H 455 31.75 54.63 20.47
C GLN H 455 31.51 53.63 19.34
N SER H 456 30.26 53.22 19.16
CA SER H 456 29.94 52.29 18.07
C SER H 456 30.23 52.92 16.72
N LYS H 457 29.85 54.19 16.54
CA LYS H 457 30.12 54.87 15.27
C LYS H 457 31.62 55.07 15.06
N LEU H 458 32.37 55.33 16.14
CA LEU H 458 33.82 55.43 16.02
C LEU H 458 34.42 54.10 15.59
N ARG H 459 33.93 52.99 16.15
CA ARG H 459 34.41 51.68 15.71
C ARG H 459 34.10 51.43 14.24
N SER H 460 32.90 51.81 13.81
CA SER H 460 32.53 51.66 12.40
C SER H 460 33.47 52.47 11.51
N LEU H 461 33.73 53.72 11.90
CA LEU H 461 34.63 54.57 11.13
C LEU H 461 36.04 54.00 11.10
N ARG H 462 36.51 53.46 12.24
CA ARG H 462 37.85 52.89 12.29
C ARG H 462 37.98 51.70 11.35
N ASN H 463 37.00 50.80 11.38
CA ASN H 463 37.12 49.63 10.51
C ASN H 463 36.97 50.02 9.04
N ARG H 464 36.12 51.00 8.74
CA ARG H 464 36.00 51.47 7.36
C ARG H 464 37.32 52.08 6.87
N GLN H 465 37.94 52.92 7.70
CA GLN H 465 39.23 53.50 7.35
C GLN H 465 40.28 52.42 7.17
N SER H 466 40.24 51.39 8.03
CA SER H 466 41.18 50.28 7.89
C SER H 466 40.98 49.55 6.57
N LEU H 467 39.72 49.33 6.16
CA LEU H 467 39.45 48.66 4.90
C LEU H 467 40.00 49.45 3.72
N PHE H 468 39.71 50.76 3.69
CA PHE H 468 40.24 51.58 2.60
C PHE H 468 41.77 51.64 2.63
N GLN H 469 42.36 51.70 3.83
CA GLN H 469 43.80 51.74 3.95
C GLN H 469 44.44 50.46 3.41
N GLU H 470 43.89 49.31 3.76
CA GLU H 470 44.46 48.04 3.30
C GLU H 470 44.22 47.85 1.81
N GLU H 471 43.10 48.36 1.28
CA GLU H 471 42.90 48.31 -0.16
C GLU H 471 43.79 49.31 -0.89
N GLY H 472 44.35 50.29 -0.19
CA GLY H 472 45.36 51.15 -0.77
C GLY H 472 44.86 52.45 -1.37
N MET H 473 43.68 52.92 -0.96
CA MET H 473 43.20 54.20 -1.47
C MET H 473 44.08 55.37 -1.02
N LEU H 474 44.74 55.22 0.14
CA LEU H 474 45.62 56.29 0.62
C LEU H 474 46.80 56.49 -0.34
N SER H 475 47.40 55.38 -0.80
CA SER H 475 48.50 55.49 -1.76
C SER H 475 48.03 56.08 -3.07
N LEU H 476 46.81 55.72 -3.50
CA LEU H 476 46.25 56.27 -4.72
C LEU H 476 46.05 57.78 -4.61
N VAL H 477 45.52 58.23 -3.47
CA VAL H 477 45.35 59.67 -3.24
C VAL H 477 46.69 60.38 -3.23
N LEU H 478 47.70 59.77 -2.58
CA LEU H 478 49.02 60.37 -2.55
C LEU H 478 49.60 60.48 -3.96
N ASN H 479 49.39 59.45 -4.79
CA ASN H 479 49.87 59.50 -6.17
C ASN H 479 49.16 60.60 -6.96
N CYS H 480 47.86 60.77 -6.75
CA CYS H 480 47.14 61.86 -7.41
C CYS H 480 47.67 63.21 -6.98
N ILE H 481 47.94 63.37 -5.69
CA ILE H 481 48.49 64.63 -5.19
C ILE H 481 49.86 64.90 -5.80
N ASP H 482 50.69 63.86 -5.89
CA ASP H 482 52.02 64.02 -6.49
C ASP H 482 51.91 64.41 -7.96
N ARG H 483 50.97 63.80 -8.69
CA ARG H 483 50.76 64.17 -10.09
C ARG H 483 50.29 65.61 -10.22
N LEU H 484 49.38 66.05 -9.35
CA LEU H 484 48.83 67.40 -9.47
C LEU H 484 49.77 68.48 -8.99
N ASN H 485 50.68 68.16 -8.06
CA ASN H 485 51.55 69.17 -7.46
C ASN H 485 52.72 69.56 -8.34
N VAL H 486 52.91 68.90 -9.49
CA VAL H 486 53.99 69.27 -10.39
C VAL H 486 53.79 70.69 -10.91
N TYR H 487 52.56 71.03 -11.30
CA TYR H 487 52.26 72.37 -11.79
C TYR H 487 52.14 73.34 -10.62
N THR H 488 52.82 74.49 -10.74
CA THR H 488 52.91 75.42 -9.63
C THR H 488 51.56 76.11 -9.39
N THR H 489 50.92 76.61 -10.44
CA THR H 489 49.72 77.41 -10.30
C THR H 489 48.67 76.96 -11.31
N ALA H 490 47.51 77.60 -11.24
CA ALA H 490 46.41 77.27 -12.15
C ALA H 490 46.77 77.59 -13.59
N ALA H 491 47.47 78.70 -13.82
CA ALA H 491 47.90 79.04 -15.17
C ALA H 491 48.88 78.00 -15.71
N HIS H 492 49.83 77.57 -14.88
CA HIS H 492 50.77 76.53 -15.30
C HIS H 492 50.05 75.22 -15.59
N PHE H 493 49.03 74.90 -14.79
CA PHE H 493 48.22 73.71 -15.07
C PHE H 493 47.47 73.86 -16.39
N ALA H 494 46.98 75.07 -16.68
CA ALA H 494 46.26 75.30 -17.92
C ALA H 494 47.18 75.22 -19.14
N GLU H 495 48.46 75.55 -18.97
CA GLU H 495 49.39 75.49 -20.10
C GLU H 495 49.56 74.07 -20.62
N TYR H 496 49.15 73.05 -19.87
CA TYR H 496 49.26 71.67 -20.31
C TYR H 496 47.93 70.94 -20.38
N ALA H 497 47.05 71.11 -19.38
CA ALA H 497 45.80 70.38 -19.30
C ALA H 497 44.62 71.12 -19.90
N GLY H 498 44.77 72.39 -20.22
CA GLY H 498 43.69 73.11 -20.86
C GLY H 498 43.05 74.13 -19.93
N GLU H 499 42.59 75.24 -20.52
CA GLU H 499 41.94 76.28 -19.75
C GLU H 499 40.66 75.77 -19.10
N GLU H 500 39.88 74.95 -19.82
CA GLU H 500 38.64 74.42 -19.27
C GLU H 500 38.91 73.56 -18.04
N ALA H 501 40.00 72.79 -18.06
CA ALA H 501 40.39 71.98 -16.91
C ALA H 501 41.10 72.79 -15.84
N ALA H 502 41.51 74.02 -16.14
CA ALA H 502 42.27 74.81 -15.17
C ALA H 502 41.44 75.16 -13.93
N GLU H 503 40.16 75.50 -14.12
CA GLU H 503 39.40 76.11 -13.02
C GLU H 503 39.20 75.17 -11.84
N SER H 504 39.32 73.86 -12.04
CA SER H 504 39.05 72.90 -10.97
C SER H 504 40.31 72.41 -10.26
N TRP H 505 41.48 72.91 -10.63
CA TRP H 505 42.73 72.39 -10.07
C TRP H 505 42.80 72.64 -8.56
N LYS H 506 42.54 73.88 -8.14
CA LYS H 506 42.60 74.21 -6.73
C LYS H 506 41.56 73.43 -5.92
N GLU H 507 40.35 73.31 -6.47
CA GLU H 507 39.30 72.59 -5.77
C GLU H 507 39.67 71.11 -5.60
N ILE H 508 40.20 70.49 -6.64
CA ILE H 508 40.60 69.09 -6.54
C ILE H 508 41.74 68.92 -5.54
N VAL H 509 42.70 69.86 -5.53
CA VAL H 509 43.81 69.76 -4.59
C VAL H 509 43.29 69.84 -3.16
N ASN H 510 42.42 70.82 -2.88
CA ASN H 510 41.88 70.99 -1.53
C ASN H 510 41.06 69.76 -1.12
N LEU H 511 40.26 69.23 -2.04
CA LEU H 511 39.47 68.04 -1.73
C LEU H 511 40.36 66.84 -1.45
N LEU H 512 41.46 66.70 -2.20
CA LEU H 512 42.37 65.58 -1.97
C LEU H 512 43.02 65.68 -0.59
N TYR H 513 43.50 66.87 -0.21
CA TYR H 513 44.08 67.02 1.11
C TYR H 513 43.05 66.78 2.21
N GLU H 514 41.82 67.29 2.02
CA GLU H 514 40.78 67.07 3.02
C GLU H 514 40.45 65.58 3.15
N LEU H 515 40.37 64.87 2.02
CA LEU H 515 40.10 63.43 2.06
C LEU H 515 41.21 62.67 2.75
N LEU H 516 42.48 63.04 2.48
CA LEU H 516 43.59 62.38 3.15
C LEU H 516 43.54 62.60 4.65
N ALA H 517 43.23 63.85 5.07
CA ALA H 517 43.08 64.13 6.49
C ALA H 517 41.95 63.31 7.10
N SER H 518 40.83 63.19 6.39
CA SER H 518 39.72 62.39 6.89
C SER H 518 40.10 60.93 7.04
N LEU H 519 40.84 60.38 6.07
CA LEU H 519 41.27 58.99 6.15
C LEU H 519 42.18 58.77 7.35
N ILE H 520 43.16 59.67 7.55
CA ILE H 520 44.13 59.45 8.62
C ILE H 520 43.62 59.86 10.00
N ARG H 521 42.53 60.62 10.07
CA ARG H 521 42.07 61.13 11.35
C ARG H 521 41.52 59.99 12.21
N GLY H 522 42.06 59.88 13.42
CA GLY H 522 41.59 58.91 14.39
C GLY H 522 42.14 57.51 14.25
N ASN H 523 42.97 57.25 13.23
CA ASN H 523 43.53 55.92 12.99
C ASN H 523 45.04 56.02 13.24
N ARG H 524 45.47 55.44 14.37
CA ARG H 524 46.89 55.53 14.73
C ARG H 524 47.77 54.78 13.75
N ALA H 525 47.31 53.63 13.26
CA ALA H 525 48.08 52.89 12.27
C ALA H 525 48.20 53.67 10.97
N ASN H 526 47.10 54.29 10.52
CA ASN H 526 47.15 55.09 9.30
C ASN H 526 48.10 56.27 9.46
N CYS H 527 48.08 56.92 10.62
CA CYS H 527 49.02 58.00 10.86
C CYS H 527 50.46 57.50 10.90
N ALA H 528 50.67 56.33 11.50
CA ALA H 528 52.01 55.74 11.57
C ALA H 528 52.53 55.37 10.20
N LEU H 529 51.64 55.08 9.25
CA LEU H 529 52.08 54.81 7.89
C LEU H 529 52.87 55.98 7.30
N PHE H 530 52.63 57.19 7.79
CA PHE H 530 53.36 58.38 7.36
C PHE H 530 54.65 58.59 8.15
N SER H 531 55.23 57.54 8.72
CA SER H 531 56.48 57.67 9.44
C SER H 531 57.59 58.18 8.54
N THR H 532 57.61 57.72 7.29
CA THR H 532 58.58 58.17 6.30
C THR H 532 58.05 59.30 5.43
N ASN H 533 56.84 59.78 5.68
CA ASN H 533 56.23 60.85 4.91
C ASN H 533 56.33 62.21 5.59
N LEU H 534 57.18 62.33 6.61
CA LEU H 534 57.35 63.63 7.26
C LEU H 534 57.91 64.64 6.27
N ASP H 535 58.86 64.24 5.44
CA ASP H 535 59.32 65.11 4.36
C ASP H 535 58.18 65.45 3.42
N TRP H 536 57.33 64.46 3.11
CA TRP H 536 56.23 64.69 2.17
C TRP H 536 55.26 65.75 2.69
N VAL H 537 55.01 65.77 4.00
CA VAL H 537 54.08 66.77 4.52
C VAL H 537 54.79 68.12 4.73
N VAL H 538 56.05 68.09 5.20
CA VAL H 538 56.73 69.34 5.52
C VAL H 538 57.07 70.12 4.26
N SER H 539 57.55 69.44 3.22
CA SER H 539 57.89 70.13 1.98
C SER H 539 56.67 70.69 1.28
N LYS H 540 55.47 70.24 1.65
CA LYS H 540 54.23 70.77 1.08
C LYS H 540 53.52 71.73 2.04
N LEU H 541 54.00 71.85 3.28
CA LEU H 541 53.43 72.84 4.20
C LEU H 541 53.45 74.25 3.60
N ASP H 542 54.47 74.57 2.81
CA ASP H 542 54.61 75.91 2.26
C ASP H 542 53.82 76.13 0.99
N ARG H 543 53.08 75.13 0.51
CA ARG H 543 52.26 75.30 -0.67
C ARG H 543 51.21 76.39 -0.44
N LEU H 544 51.05 77.26 -1.45
CA LEU H 544 50.09 78.34 -1.33
C LEU H 544 48.66 77.81 -1.24
N GLU H 545 48.34 76.80 -2.05
CA GLU H 545 47.01 76.20 -2.03
C GLU H 545 46.97 75.05 -1.02
N ALA H 546 45.83 74.90 -0.35
CA ALA H 546 45.60 73.84 0.63
C ALA H 546 46.63 73.88 1.76
N SER H 547 47.13 75.07 2.09
CA SER H 547 48.05 75.20 3.21
C SER H 547 47.39 74.80 4.52
N SER H 548 46.14 75.23 4.74
CA SER H 548 45.40 74.81 5.92
C SER H 548 45.20 73.31 5.92
N GLY H 549 44.93 72.72 4.75
CA GLY H 549 44.73 71.28 4.68
C GLY H 549 45.99 70.50 5.06
N ILE H 550 47.13 70.90 4.50
CA ILE H 550 48.37 70.17 4.81
C ILE H 550 48.77 70.39 6.26
N LEU H 551 48.52 71.60 6.79
CA LEU H 551 48.78 71.84 8.21
C LEU H 551 47.91 70.96 9.09
N GLU H 552 46.64 70.79 8.72
CA GLU H 552 45.75 69.91 9.47
C GLU H 552 46.21 68.46 9.39
N VAL H 553 46.68 68.03 8.21
CA VAL H 553 47.22 66.68 8.06
C VAL H 553 48.40 66.46 8.99
N LEU H 554 49.33 67.42 9.00
CA LEU H 554 50.49 67.30 9.88
C LEU H 554 50.05 67.29 11.35
N TYR H 555 49.08 68.13 11.70
CA TYR H 555 48.58 68.15 13.07
C TYR H 555 48.02 66.79 13.48
N CYS H 556 47.20 66.19 12.61
CA CYS H 556 46.63 64.88 12.92
C CYS H 556 47.73 63.83 13.09
N VAL H 557 48.70 63.83 12.17
CA VAL H 557 49.77 62.82 12.26
C VAL H 557 50.55 62.98 13.56
N LEU H 558 50.92 64.21 13.91
CA LEU H 558 51.70 64.44 15.12
C LEU H 558 50.91 64.10 16.38
N ILE H 559 49.63 64.48 16.44
CA ILE H 559 48.86 64.21 17.65
C ILE H 559 48.46 62.75 17.75
N GLU H 560 48.51 61.98 16.66
CA GLU H 560 48.14 60.57 16.73
C GLU H 560 49.32 59.64 16.95
N SER H 561 50.47 59.89 16.30
CA SER H 561 51.50 58.88 16.51
C SER H 561 52.73 59.48 17.18
N PRO H 562 53.35 58.75 18.12
CA PRO H 562 54.58 59.26 18.74
C PRO H 562 55.81 59.13 17.87
N GLU H 563 55.92 58.08 17.04
CA GLU H 563 57.14 57.87 16.27
C GLU H 563 57.36 58.96 15.22
N VAL H 564 56.27 59.43 14.60
CA VAL H 564 56.40 60.52 13.64
C VAL H 564 56.91 61.77 14.33
N LEU H 565 56.71 61.87 15.64
CA LEU H 565 57.27 62.98 16.41
C LEU H 565 58.72 62.71 16.80
N ASN H 566 59.05 61.46 17.11
CA ASN H 566 60.43 61.13 17.45
C ASN H 566 61.37 61.34 16.26
N ILE H 567 60.88 61.16 15.03
CA ILE H 567 61.74 61.35 13.86
C ILE H 567 61.93 62.82 13.53
N ILE H 568 61.09 63.72 14.09
CA ILE H 568 61.15 65.14 13.78
C ILE H 568 62.56 65.68 13.94
N GLN H 569 63.02 66.43 12.94
CA GLN H 569 64.38 66.91 12.86
C GLN H 569 64.43 68.44 12.91
N GLU H 570 65.67 68.94 12.96
CA GLU H 570 65.90 70.38 13.06
C GLU H 570 65.35 71.12 11.86
N ASN H 571 65.57 70.58 10.65
CA ASN H 571 65.05 71.24 9.45
C ASN H 571 63.53 71.26 9.45
N HIS H 572 62.91 70.19 9.95
CA HIS H 572 61.45 70.15 10.06
C HIS H 572 60.96 71.25 10.98
N ILE H 573 61.61 71.39 12.15
CA ILE H 573 61.20 72.42 13.10
C ILE H 573 61.41 73.81 12.51
N LYS H 574 62.52 74.00 11.80
CA LYS H 574 62.78 75.29 11.17
C LYS H 574 61.73 75.62 10.10
N SER H 575 61.29 74.60 9.35
CA SER H 575 60.22 74.83 8.37
C SER H 575 58.91 75.21 9.06
N ILE H 576 58.59 74.53 10.17
CA ILE H 576 57.37 74.87 10.89
C ILE H 576 57.43 76.30 11.43
N ILE H 577 58.61 76.73 11.88
CA ILE H 577 58.76 78.11 12.35
C ILE H 577 58.68 79.08 11.18
N SER H 578 59.26 78.73 10.04
CA SER H 578 59.16 79.57 8.85
C SER H 578 57.72 79.69 8.38
N LEU H 579 56.87 78.72 8.70
CA LEU H 579 55.44 78.87 8.41
C LEU H 579 54.88 80.10 9.12
N LEU H 580 55.18 80.26 10.40
CA LEU H 580 54.79 81.47 11.12
C LEU H 580 55.50 82.70 10.56
N ASP H 581 56.76 82.55 10.19
CA ASP H 581 57.55 83.69 9.73
C ASP H 581 56.97 84.28 8.44
N LYS H 582 56.57 83.42 7.50
CA LYS H 582 56.14 83.86 6.17
C LYS H 582 54.64 84.02 6.04
N HIS H 583 53.85 83.04 6.51
CA HIS H 583 52.40 83.12 6.35
C HIS H 583 51.77 84.09 7.33
N GLY H 584 52.28 84.15 8.56
CA GLY H 584 51.78 85.05 9.57
C GLY H 584 51.53 84.32 10.88
N ARG H 585 50.94 85.04 11.83
CA ARG H 585 50.67 84.48 13.15
C ARG H 585 49.37 83.68 13.10
N ASN H 586 49.48 82.36 13.22
CA ASN H 586 48.32 81.47 13.32
C ASN H 586 48.53 80.57 14.52
N HIS H 587 47.54 80.52 15.41
CA HIS H 587 47.68 79.75 16.64
C HIS H 587 47.74 78.25 16.39
N LYS H 588 47.32 77.79 15.20
CA LYS H 588 47.42 76.37 14.90
C LYS H 588 48.88 75.92 14.80
N VAL H 589 49.78 76.79 14.34
CA VAL H 589 51.20 76.43 14.32
C VAL H 589 51.74 76.33 15.74
N LEU H 590 51.28 77.21 16.64
CA LEU H 590 51.67 77.10 18.04
C LEU H 590 51.15 75.80 18.65
N ASP H 591 49.92 75.40 18.29
CA ASP H 591 49.40 74.11 18.74
C ASP H 591 50.24 72.96 18.21
N VAL H 592 50.68 73.05 16.95
CA VAL H 592 51.55 72.02 16.39
C VAL H 592 52.85 71.93 17.17
N LEU H 593 53.42 73.09 17.52
CA LEU H 593 54.66 73.09 18.31
C LEU H 593 54.43 72.50 19.69
N CYS H 594 53.29 72.82 20.31
CA CYS H 594 52.96 72.25 21.62
C CYS H 594 52.85 70.73 21.53
N SER H 595 52.23 70.22 20.48
CA SER H 595 52.19 68.77 20.26
C SER H 595 53.58 68.22 20.05
N LEU H 596 54.45 68.98 19.39
CA LEU H 596 55.83 68.54 19.18
C LEU H 596 56.59 68.46 20.49
N CYS H 597 56.22 69.27 21.48
CA CYS H 597 56.95 69.28 22.75
C CYS H 597 56.85 67.93 23.46
N VAL H 598 55.65 67.53 23.83
CA VAL H 598 55.44 66.39 24.72
C VAL H 598 54.39 65.45 24.12
N CYS H 599 54.60 64.14 24.28
CA CYS H 599 53.66 63.13 23.82
C CYS H 599 53.35 62.17 24.97
N ASN H 600 52.06 61.96 25.23
CA ASN H 600 51.53 60.98 26.18
C ASN H 600 52.42 60.85 27.42
N GLY H 601 52.76 61.99 28.01
CA GLY H 601 53.56 62.00 29.21
C GLY H 601 55.03 61.73 29.01
N VAL H 602 55.53 61.79 27.78
CA VAL H 602 56.94 61.62 27.47
C VAL H 602 57.44 62.92 26.84
N ALA H 603 58.48 63.50 27.42
CA ALA H 603 59.02 64.77 26.98
C ALA H 603 60.20 64.51 26.04
N VAL H 604 60.10 65.01 24.81
CA VAL H 604 61.18 64.91 23.84
C VAL H 604 62.13 66.08 24.10
N ARG H 605 63.24 65.79 24.79
CA ARG H 605 64.17 66.84 25.19
C ARG H 605 64.78 67.52 23.96
N SER H 606 65.15 66.73 22.95
CA SER H 606 65.73 67.31 21.74
C SER H 606 64.77 68.27 21.07
N ASN H 607 63.49 67.87 20.93
CA ASN H 607 62.51 68.74 20.31
C ASN H 607 62.28 69.99 21.13
N GLN H 608 62.19 69.85 22.46
CA GLN H 608 61.99 71.02 23.31
C GLN H 608 63.15 72.01 23.16
N ASP H 609 64.38 71.51 23.21
CA ASP H 609 65.55 72.37 23.10
C ASP H 609 65.61 73.02 21.71
N LEU H 610 65.28 72.27 20.66
CA LEU H 610 65.32 72.83 19.31
C LEU H 610 64.30 73.94 19.15
N ILE H 611 63.07 73.71 19.61
CA ILE H 611 62.04 74.74 19.53
C ILE H 611 62.44 75.99 20.31
N THR H 612 62.95 75.78 21.53
CA THR H 612 63.37 76.93 22.34
C THR H 612 64.46 77.72 21.62
N GLU H 613 65.52 77.03 21.18
CA GLU H 613 66.67 77.70 20.59
C GLU H 613 66.30 78.40 19.28
N ASN H 614 65.39 77.82 18.50
CA ASN H 614 65.04 78.39 17.21
C ASN H 614 63.87 79.36 17.26
N LEU H 615 63.22 79.53 18.42
CA LEU H 615 62.11 80.47 18.50
C LEU H 615 62.37 81.63 19.46
N LEU H 616 62.86 81.35 20.68
CA LEU H 616 62.91 82.37 21.72
C LEU H 616 64.04 83.40 21.56
N PRO H 617 65.27 83.01 21.21
CA PRO H 617 66.35 84.01 21.16
C PRO H 617 66.07 85.17 20.22
N GLY H 618 65.34 84.95 19.14
CA GLY H 618 65.06 86.03 18.21
C GLY H 618 64.24 87.15 18.83
N ARG H 619 63.31 86.79 19.71
CA ARG H 619 62.39 87.76 20.33
C ARG H 619 61.66 88.58 19.27
N GLU H 620 61.25 87.91 18.19
CA GLU H 620 60.53 88.53 17.10
C GLU H 620 59.33 87.65 16.76
N LEU H 621 58.42 88.21 15.96
CA LEU H 621 57.13 87.60 15.60
C LEU H 621 56.48 86.91 16.79
N LEU H 622 56.56 87.54 17.96
CA LEU H 622 55.96 86.99 19.17
C LEU H 622 55.72 88.13 20.15
N LEU H 623 54.58 88.10 20.82
CA LEU H 623 54.20 89.17 21.73
C LEU H 623 55.09 89.16 22.97
N GLN H 624 55.61 90.33 23.34
CA GLN H 624 56.49 90.49 24.48
C GLN H 624 55.84 91.38 25.52
N THR H 625 56.14 91.11 26.79
CA THR H 625 55.57 91.85 27.90
C THR H 625 56.68 92.32 28.85
N ASN H 626 56.47 93.48 29.47
CA ASN H 626 57.42 94.05 30.41
C ASN H 626 56.75 95.18 31.16
N LEU H 627 57.03 95.26 32.46
CA LEU H 627 56.52 96.36 33.27
C LEU H 627 57.21 97.67 32.90
N ILE H 628 56.43 98.76 32.87
CA ILE H 628 56.93 100.09 32.61
C ILE H 628 56.29 101.05 33.61
N ASN H 629 56.66 102.33 33.52
CA ASN H 629 56.17 103.36 34.40
C ASN H 629 55.34 104.39 33.64
N TYR H 630 54.35 104.93 34.32
CA TYR H 630 53.55 106.02 33.75
C TYR H 630 54.37 107.32 33.76
N VAL H 631 54.27 108.07 32.67
CA VAL H 631 55.00 109.31 32.49
C VAL H 631 54.02 110.40 32.09
N THR H 632 54.10 111.55 32.75
CA THR H 632 53.22 112.68 32.46
C THR H 632 54.06 113.88 32.02
N SER H 633 53.38 114.92 31.54
CA SER H 633 54.05 116.10 31.02
C SER H 633 53.26 117.35 31.37
N ILE H 634 53.98 118.41 31.73
CA ILE H 634 53.39 119.69 32.13
C ILE H 634 54.06 120.81 31.35
N ARG H 635 53.26 121.74 30.86
CA ARG H 635 53.75 122.89 30.10
C ARG H 635 53.58 124.18 30.89
N PRO H 636 54.23 125.26 30.44
CA PRO H 636 54.14 126.55 31.15
C PRO H 636 53.09 127.52 30.62
N ASN H 637 52.24 127.10 29.69
CA ASN H 637 51.19 127.96 29.12
C ASN H 637 51.77 129.21 28.49
N ILE H 638 52.92 129.08 27.84
CA ILE H 638 53.57 130.17 27.11
C ILE H 638 53.77 129.70 25.69
N PHE H 639 53.07 130.31 24.74
CA PHE H 639 53.09 129.90 23.35
C PHE H 639 53.81 130.96 22.52
N VAL H 640 54.88 130.55 21.83
CA VAL H 640 55.63 131.43 20.95
C VAL H 640 55.82 130.71 19.62
N GLY H 641 56.06 131.49 18.58
CA GLY H 641 56.27 130.95 17.25
C GLY H 641 56.64 132.05 16.29
N ARG H 642 57.11 131.64 15.12
CA ARG H 642 57.53 132.55 14.06
C ARG H 642 56.61 132.42 12.86
N ALA H 643 56.09 133.55 12.39
CA ALA H 643 55.25 133.59 11.20
C ALA H 643 55.52 134.90 10.47
N GLU H 644 55.19 134.91 9.18
CA GLU H 644 55.41 136.08 8.34
C GLU H 644 54.49 137.21 8.81
N GLY H 645 55.09 138.26 9.37
CA GLY H 645 54.32 139.37 9.89
C GLY H 645 53.74 139.18 11.27
N SER H 646 54.10 138.09 11.96
CA SER H 646 53.56 137.83 13.28
C SER H 646 54.05 138.87 14.29
N THR H 647 53.20 139.15 15.27
CA THR H 647 53.52 140.12 16.33
C THR H 647 54.10 139.40 17.55
N GLN H 648 55.21 138.71 17.32
CA GLN H 648 55.88 137.96 18.38
C GLN H 648 57.38 138.07 18.23
N TYR H 649 58.09 137.92 19.34
CA TYR H 649 59.53 137.99 19.36
C TYR H 649 60.14 136.61 19.12
N GLY H 650 61.31 136.59 18.49
CA GLY H 650 61.95 135.34 18.11
C GLY H 650 62.64 134.60 19.25
N LYS H 651 63.67 135.22 19.82
CA LYS H 651 64.47 134.54 20.85
C LYS H 651 63.69 134.46 22.15
N TRP H 652 63.83 133.32 22.83
CA TRP H 652 63.17 133.12 24.12
C TRP H 652 64.07 132.28 25.01
N TYR H 653 63.85 132.38 26.32
CA TYR H 653 64.74 131.79 27.31
C TYR H 653 63.96 131.50 28.58
N PHE H 654 64.11 130.28 29.11
CA PHE H 654 63.50 129.92 30.39
C PHE H 654 64.44 128.98 31.13
N GLU H 655 64.04 128.61 32.35
CA GLU H 655 64.94 127.87 33.24
C GLU H 655 64.13 127.00 34.18
N VAL H 656 64.65 125.81 34.47
CA VAL H 656 64.00 124.86 35.37
C VAL H 656 65.03 124.34 36.36
N MET H 657 64.72 124.41 37.64
CA MET H 657 65.56 123.85 38.69
C MET H 657 64.96 122.55 39.21
N VAL H 658 65.82 121.72 39.81
CA VAL H 658 65.41 120.42 40.32
C VAL H 658 65.65 120.39 41.83
N ASP H 659 64.62 120.06 42.59
CA ASP H 659 64.72 120.05 44.04
C ASP H 659 65.05 118.65 44.57
N GLU H 660 64.18 117.67 44.29
CA GLU H 660 64.36 116.31 44.77
C GLU H 660 64.12 115.32 43.65
N VAL H 661 65.00 114.32 43.54
CA VAL H 661 64.85 113.23 42.59
C VAL H 661 65.11 111.92 43.35
N VAL H 662 64.18 110.98 43.23
CA VAL H 662 64.33 109.67 43.87
C VAL H 662 64.63 108.64 42.79
N PRO H 663 65.92 108.37 42.54
CA PRO H 663 66.22 107.45 41.43
C PRO H 663 65.80 106.01 41.69
N PHE H 664 65.59 105.25 40.62
CA PHE H 664 65.23 103.84 40.76
C PHE H 664 64.11 103.59 41.74
N LEU H 665 63.03 104.36 41.63
CA LEU H 665 61.88 104.11 42.48
C LEU H 665 61.04 103.04 41.79
N THR H 666 60.21 102.32 42.55
CA THR H 666 59.36 101.27 41.96
C THR H 666 60.13 100.40 40.97
N ALA H 667 61.43 100.24 41.22
CA ALA H 667 62.31 99.36 40.43
C ALA H 667 62.45 99.82 38.98
N GLN H 668 62.36 101.13 38.75
CA GLN H 668 62.61 101.70 37.44
C GLN H 668 63.22 103.09 37.60
N ALA H 669 64.13 103.44 36.71
CA ALA H 669 64.76 104.75 36.76
C ALA H 669 63.73 105.84 36.53
N THR H 670 63.78 106.88 37.36
CA THR H 670 62.84 107.98 37.25
C THR H 670 63.11 108.77 35.98
N HIS H 671 62.06 109.00 35.19
CA HIS H 671 62.19 109.71 33.92
C HIS H 671 62.01 111.21 34.16
N LEU H 672 62.94 112.00 33.62
CA LEU H 672 62.93 113.46 33.81
C LEU H 672 63.59 114.09 32.59
N ARG H 673 62.82 114.84 31.81
CA ARG H 673 63.34 115.57 30.66
C ARG H 673 62.66 116.93 30.58
N VAL H 674 63.43 117.92 30.11
CA VAL H 674 62.96 119.30 29.97
C VAL H 674 63.28 119.76 28.56
N GLY H 675 62.31 120.43 27.93
CA GLY H 675 62.55 120.92 26.58
C GLY H 675 61.39 121.75 26.06
N TRP H 676 61.31 121.83 24.75
CA TRP H 676 60.22 122.51 24.04
C TRP H 676 59.37 121.48 23.31
N ALA H 677 58.19 121.93 22.86
CA ALA H 677 57.27 121.06 22.16
C ALA H 677 56.40 121.89 21.22
N LEU H 678 55.96 121.27 20.13
CA LEU H 678 55.09 121.91 19.16
C LEU H 678 53.63 121.65 19.52
N THR H 679 52.78 122.67 19.35
CA THR H 679 51.38 122.55 19.71
C THR H 679 50.68 121.49 18.85
N GLU H 680 50.95 121.51 17.54
CA GLU H 680 50.30 120.59 16.60
C GLU H 680 51.25 119.42 16.34
N GLY H 681 51.01 118.30 17.02
CA GLY H 681 51.81 117.11 16.81
C GLY H 681 52.23 116.42 18.09
N TYR H 682 52.48 117.20 19.14
CA TYR H 682 52.87 116.67 20.44
C TYR H 682 51.61 116.47 21.28
N SER H 683 51.22 115.21 21.48
CA SER H 683 50.03 114.87 22.25
C SER H 683 50.24 113.55 22.95
N PRO H 684 50.93 113.56 24.09
CA PRO H 684 51.14 112.30 24.82
C PRO H 684 49.86 111.80 25.46
N TYR H 685 49.79 110.47 25.61
CA TYR H 685 48.66 109.82 26.25
C TYR H 685 49.17 108.87 27.32
N PRO H 686 48.41 108.70 28.41
CA PRO H 686 48.85 107.80 29.47
C PRO H 686 49.02 106.36 29.00
N GLY H 687 50.25 105.87 28.99
CA GLY H 687 50.54 104.50 28.63
C GLY H 687 50.29 104.17 27.17
N GLY H 688 50.79 103.02 26.73
CA GLY H 688 50.56 102.57 25.37
C GLY H 688 51.14 103.46 24.30
N GLY H 689 52.35 103.97 24.52
CA GLY H 689 53.02 104.83 23.55
C GLY H 689 53.89 104.05 22.59
N GLU H 690 54.74 104.79 21.88
CA GLU H 690 55.68 104.17 20.96
C GLU H 690 56.82 103.51 21.72
N GLY H 691 57.55 102.65 21.02
CA GLY H 691 58.61 101.89 21.65
C GLY H 691 58.10 100.92 22.68
N TRP H 692 58.34 101.21 23.95
CA TRP H 692 57.82 100.42 25.07
C TRP H 692 57.06 101.31 26.05
N GLY H 693 56.38 102.32 25.54
CA GLY H 693 55.58 103.19 26.38
C GLY H 693 56.42 104.22 27.11
N GLY H 694 55.76 104.92 28.03
CA GLY H 694 56.41 105.97 28.80
C GLY H 694 56.91 107.12 27.96
N ASN H 695 56.09 107.58 27.01
CA ASN H 695 56.51 108.65 26.12
C ASN H 695 56.64 109.97 26.88
N GLY H 696 57.69 110.73 26.54
CA GLY H 696 57.91 112.03 27.13
C GLY H 696 58.47 113.03 26.13
N VAL H 697 59.22 114.02 26.61
CA VAL H 697 59.84 114.99 25.72
C VAL H 697 60.95 114.31 24.94
N GLY H 698 60.93 114.46 23.62
CA GLY H 698 61.95 113.89 22.78
C GLY H 698 61.64 112.50 22.25
N ASP H 699 60.43 111.99 22.45
CA ASP H 699 60.04 110.70 21.91
C ASP H 699 59.25 110.83 20.61
N ASP H 700 59.18 112.03 20.05
CA ASP H 700 58.55 112.24 18.76
C ASP H 700 59.23 113.44 18.09
N LEU H 701 59.04 113.54 16.78
CA LEU H 701 59.69 114.61 16.02
C LEU H 701 59.11 115.99 16.30
N TYR H 702 58.00 116.07 17.03
CA TYR H 702 57.43 117.35 17.43
C TYR H 702 57.97 117.84 18.78
N SER H 703 58.85 117.08 19.42
CA SER H 703 59.36 117.43 20.74
C SER H 703 60.89 117.27 20.76
N TYR H 704 61.54 118.13 21.54
CA TYR H 704 62.99 118.11 21.69
C TYR H 704 63.33 118.28 23.16
N GLY H 705 64.18 117.40 23.68
CA GLY H 705 64.46 117.41 25.10
C GLY H 705 65.90 117.19 25.50
N PHE H 706 66.14 117.05 26.80
CA PHE H 706 67.48 116.88 27.34
C PHE H 706 67.36 116.23 28.72
N ASP H 707 67.95 115.06 28.88
CA ASP H 707 67.83 114.28 30.11
C ASP H 707 69.04 114.40 31.03
N GLY H 708 70.10 115.08 30.59
CA GLY H 708 71.29 115.21 31.41
C GLY H 708 72.54 114.71 30.70
N LEU H 709 72.39 113.63 29.94
CA LEU H 709 73.50 113.08 29.17
C LEU H 709 73.21 112.90 27.70
N HIS H 710 71.95 112.93 27.27
CA HIS H 710 71.58 112.73 25.88
C HIS H 710 70.60 113.80 25.44
N LEU H 711 70.57 114.03 24.13
CA LEU H 711 69.60 114.92 23.51
C LEU H 711 68.52 114.06 22.86
N TRP H 712 67.33 114.05 23.45
CA TRP H 712 66.27 113.15 23.03
C TRP H 712 65.46 113.77 21.89
N THR H 713 65.38 113.04 20.79
CA THR H 713 64.54 113.43 19.66
C THR H 713 64.27 112.20 18.81
N GLY H 714 63.04 112.08 18.31
CA GLY H 714 62.67 110.94 17.48
C GLY H 714 62.83 109.61 18.16
N HIS H 715 62.68 109.56 19.49
CA HIS H 715 62.86 108.34 20.28
C HIS H 715 64.26 107.76 20.11
N VAL H 716 65.24 108.61 19.83
CA VAL H 716 66.63 108.20 19.69
C VAL H 716 67.48 109.08 20.62
N ALA H 717 68.24 108.44 21.50
CA ALA H 717 69.08 109.13 22.45
C ALA H 717 70.51 109.21 21.92
N ARG H 718 71.07 110.41 21.91
CA ARG H 718 72.42 110.65 21.42
C ARG H 718 73.25 111.30 22.53
N PRO H 719 74.28 110.64 23.03
CA PRO H 719 75.06 111.20 24.14
C PRO H 719 75.70 112.54 23.76
N VAL H 720 75.77 113.44 24.72
CA VAL H 720 76.34 114.77 24.53
C VAL H 720 77.40 115.00 25.59
N THR H 721 78.39 115.81 25.25
CA THR H 721 79.54 116.06 26.12
C THR H 721 79.30 117.33 26.94
N SER H 722 79.37 117.19 28.26
CA SER H 722 79.26 118.30 29.18
C SER H 722 80.34 118.17 30.24
N PRO H 723 80.81 119.29 30.81
CA PRO H 723 81.79 119.22 31.90
C PRO H 723 81.39 118.26 33.00
N GLY H 724 80.23 118.48 33.61
CA GLY H 724 79.69 117.54 34.56
C GLY H 724 78.63 116.66 33.94
N GLN H 725 79.01 115.44 33.58
CA GLN H 725 78.11 114.50 32.90
C GLN H 725 77.45 113.61 33.95
N HIS H 726 76.20 113.92 34.28
CA HIS H 726 75.44 113.11 35.22
C HIS H 726 73.96 113.31 34.95
N LEU H 727 73.16 112.36 35.41
CA LEU H 727 71.71 112.48 35.31
C LEU H 727 71.22 113.65 36.17
N LEU H 728 70.04 114.15 35.82
CA LEU H 728 69.44 115.27 36.54
C LEU H 728 69.35 114.96 38.03
N ALA H 729 70.10 115.70 38.84
CA ALA H 729 70.24 115.46 40.26
C ALA H 729 69.64 116.61 41.05
N PRO H 730 69.41 116.41 42.36
CA PRO H 730 68.93 117.53 43.18
C PRO H 730 69.90 118.69 43.16
N GLU H 731 69.33 119.90 43.26
CA GLU H 731 70.11 121.14 43.33
C GLU H 731 70.92 121.40 42.06
N ASP H 732 70.30 121.17 40.90
CA ASP H 732 70.87 121.58 39.63
C ASP H 732 69.79 122.28 38.80
N VAL H 733 70.24 123.15 37.90
CA VAL H 733 69.35 124.00 37.13
C VAL H 733 69.73 123.93 35.66
N VAL H 734 68.72 123.89 34.79
CA VAL H 734 68.92 123.79 33.35
C VAL H 734 68.28 125.02 32.70
N SER H 735 69.06 125.72 31.88
CA SER H 735 68.60 126.88 31.14
C SER H 735 68.37 126.48 29.68
N CYS H 736 67.19 126.75 29.16
CA CYS H 736 66.83 126.39 27.80
C CYS H 736 66.53 127.66 27.01
N CYS H 737 67.14 127.78 25.83
CA CYS H 737 66.93 128.93 24.97
C CYS H 737 66.53 128.47 23.58
N LEU H 738 65.62 129.22 22.96
CA LEU H 738 65.07 128.92 21.65
C LEU H 738 65.27 130.12 20.74
N ASP H 739 65.91 129.89 19.59
CA ASP H 739 66.09 130.91 18.56
C ASP H 739 65.27 130.51 17.35
N LEU H 740 64.32 131.36 16.97
CA LEU H 740 63.45 131.08 15.83
C LEU H 740 63.93 131.74 14.54
N SER H 741 64.82 132.73 14.62
CA SER H 741 65.38 133.33 13.42
C SER H 741 66.03 132.27 12.54
N VAL H 742 67.05 131.61 13.06
CA VAL H 742 67.54 130.34 12.53
C VAL H 742 67.12 129.26 13.53
N PRO H 743 66.35 128.24 13.11
CA PRO H 743 65.85 127.25 14.04
C PRO H 743 66.93 126.64 14.93
N SER H 744 66.86 126.89 16.24
CA SER H 744 67.86 126.35 17.13
C SER H 744 67.30 126.26 18.54
N ILE H 745 67.65 125.17 19.24
CA ILE H 745 67.33 125.00 20.66
C ILE H 745 68.63 124.63 21.36
N SER H 746 68.96 125.36 22.43
CA SER H 746 70.20 125.13 23.16
C SER H 746 69.93 125.01 24.64
N PHE H 747 70.78 124.23 25.31
CA PHE H 747 70.65 123.94 26.73
C PHE H 747 71.95 124.28 27.44
N ARG H 748 71.84 124.59 28.73
CA ARG H 748 73.00 124.92 29.54
C ARG H 748 72.75 124.43 30.96
N ILE H 749 73.59 123.50 31.42
CA ILE H 749 73.42 122.87 32.72
C ILE H 749 74.44 123.47 33.70
N ASN H 750 73.93 124.10 34.76
CA ASN H 750 74.77 124.68 35.82
C ASN H 750 75.81 125.63 35.23
N GLY H 751 75.39 126.43 34.24
CA GLY H 751 76.27 127.36 33.59
C GLY H 751 77.19 126.76 32.55
N CYS H 752 77.49 125.47 32.64
CA CYS H 752 78.33 124.82 31.64
C CYS H 752 77.53 124.58 30.37
N PRO H 753 77.98 125.09 29.22
CA PRO H 753 77.23 124.89 27.98
C PRO H 753 77.18 123.42 27.58
N VAL H 754 76.08 123.05 26.93
CA VAL H 754 75.90 121.69 26.42
C VAL H 754 76.36 121.68 24.97
N GLN H 755 77.34 120.82 24.67
CA GLN H 755 77.97 120.80 23.35
C GLN H 755 77.13 119.96 22.38
N GLY H 756 75.95 120.50 22.08
CA GLY H 756 75.04 119.87 21.13
C GLY H 756 73.75 120.64 21.01
N VAL H 757 73.29 120.88 19.78
CA VAL H 757 72.12 121.71 19.54
C VAL H 757 71.26 121.11 18.43
N PHE H 758 69.95 121.31 18.56
CA PHE H 758 68.99 121.01 17.52
C PHE H 758 68.97 122.14 16.50
N GLU H 759 68.54 121.82 15.27
CA GLU H 759 68.55 122.80 14.21
C GLU H 759 67.63 122.32 13.09
N ALA H 760 67.27 123.26 12.21
CA ALA H 760 66.54 122.96 10.98
C ALA H 760 65.26 122.18 11.23
N PHE H 761 64.58 122.50 12.33
CA PHE H 761 63.31 121.86 12.62
C PHE H 761 62.16 122.65 12.01
N ASN H 762 61.00 122.02 11.97
CA ASN H 762 59.82 122.64 11.39
C ASN H 762 59.28 123.74 12.30
N LEU H 763 58.76 124.80 11.67
CA LEU H 763 58.22 125.96 12.38
C LEU H 763 56.72 126.11 12.15
N ASP H 764 56.03 124.99 11.92
CA ASP H 764 54.59 125.01 11.63
C ASP H 764 53.81 124.77 12.92
N GLY H 765 53.79 125.79 13.76
CA GLY H 765 53.06 125.72 15.01
C GLY H 765 53.68 126.66 16.03
N LEU H 766 53.27 126.46 17.28
CA LEU H 766 53.74 127.27 18.40
C LEU H 766 54.56 126.40 19.35
N PHE H 767 55.69 126.95 19.80
CA PHE H 767 56.60 126.26 20.71
C PHE H 767 56.31 126.69 22.14
N PHE H 768 56.20 125.73 23.04
CA PHE H 768 55.94 126.00 24.44
C PHE H 768 56.87 125.14 25.30
N PRO H 769 57.27 125.67 26.46
CA PRO H 769 58.09 124.85 27.38
C PRO H 769 57.32 123.64 27.88
N VAL H 770 58.05 122.56 28.14
CA VAL H 770 57.43 121.31 28.56
C VAL H 770 58.43 120.53 29.40
N VAL H 771 57.92 119.85 30.42
CA VAL H 771 58.70 118.94 31.25
C VAL H 771 57.95 117.62 31.33
N SER H 772 58.64 116.53 30.99
CA SER H 772 58.09 115.19 31.12
C SER H 772 58.77 114.50 32.29
N PHE H 773 57.98 113.87 33.14
CA PHE H 773 58.52 113.27 34.36
C PHE H 773 57.66 112.10 34.79
N SER H 774 58.27 111.24 35.60
CA SER H 774 57.63 110.10 36.24
C SER H 774 57.45 110.40 37.73
N ALA H 775 56.98 109.41 38.47
CA ALA H 775 56.72 109.59 39.89
C ALA H 775 58.03 109.76 40.66
N GLY H 776 57.95 110.50 41.77
CA GLY H 776 59.10 110.67 42.64
C GLY H 776 60.07 111.75 42.22
N VAL H 777 59.58 112.85 41.64
CA VAL H 777 60.42 113.94 41.20
C VAL H 777 59.81 115.26 41.63
N LYS H 778 60.66 116.28 41.77
CA LYS H 778 60.22 117.63 42.12
C LYS H 778 61.04 118.64 41.33
N VAL H 779 60.37 119.41 40.48
CA VAL H 779 61.02 120.42 39.66
C VAL H 779 60.35 121.76 39.93
N ARG H 780 60.96 122.83 39.41
CA ARG H 780 60.42 124.17 39.63
C ARG H 780 60.78 125.05 38.44
N PHE H 781 59.75 125.63 37.81
CA PHE H 781 59.95 126.58 36.73
C PHE H 781 60.32 127.94 37.30
N LEU H 782 61.38 128.55 36.74
CA LEU H 782 61.73 129.94 36.98
C LEU H 782 61.41 130.68 35.69
N LEU H 783 60.16 131.16 35.57
CA LEU H 783 59.68 131.66 34.31
C LEU H 783 60.25 133.04 33.98
N GLY H 784 60.35 133.91 34.96
CA GLY H 784 60.88 135.25 34.76
C GLY H 784 60.08 136.31 35.49
N GLY H 785 60.78 137.36 35.93
CA GLY H 785 60.12 138.44 36.64
C GLY H 785 59.53 137.97 37.95
N ARG H 786 58.24 138.27 38.15
CA ARG H 786 57.55 137.86 39.37
C ARG H 786 57.43 136.34 39.44
N HIS H 787 57.32 135.66 38.30
CA HIS H 787 57.20 134.21 38.27
C HIS H 787 58.59 133.59 38.32
N GLY H 788 59.27 133.82 39.43
CA GLY H 788 60.63 133.37 39.64
C GLY H 788 61.64 134.19 38.84
N GLU H 789 62.85 134.33 39.38
CA GLU H 789 63.92 135.03 38.67
C GLU H 789 65.05 134.06 38.35
N PHE H 790 65.71 134.31 37.23
CA PHE H 790 66.74 133.42 36.73
C PHE H 790 67.98 133.48 37.61
N LYS H 791 68.54 132.32 37.94
CA LYS H 791 69.81 132.28 38.66
C LYS H 791 70.94 132.86 37.82
N PHE H 792 70.98 132.51 36.54
CA PHE H 792 72.02 132.96 35.62
C PHE H 792 71.43 133.94 34.60
N LEU H 793 72.25 134.90 34.19
CA LEU H 793 71.79 135.92 33.27
C LEU H 793 71.47 135.31 31.90
N PRO H 794 70.38 135.73 31.26
CA PRO H 794 70.06 135.20 29.95
C PRO H 794 71.10 135.58 28.93
N PRO H 795 71.28 134.78 27.88
CA PRO H 795 72.15 135.20 26.78
C PRO H 795 71.62 136.46 26.13
N PRO H 796 72.50 137.29 25.57
CA PRO H 796 72.04 138.56 24.98
C PRO H 796 70.99 138.35 23.91
N GLY H 797 69.94 139.16 23.96
CA GLY H 797 68.87 139.10 23.00
C GLY H 797 67.76 138.11 23.32
N TYR H 798 67.92 137.31 24.37
CA TYR H 798 66.94 136.29 24.74
C TYR H 798 66.07 136.84 25.87
N ALA H 799 64.82 137.18 25.55
CA ALA H 799 63.91 137.73 26.52
C ALA H 799 63.35 136.64 27.43
N PRO H 800 63.02 136.98 28.68
CA PRO H 800 62.40 136.01 29.57
C PRO H 800 61.04 135.55 29.04
N CYS H 801 60.68 134.31 29.38
CA CYS H 801 59.45 133.73 28.85
C CYS H 801 58.19 134.33 29.46
N HIS H 802 58.30 135.04 30.59
CA HIS H 802 57.13 135.64 31.21
C HIS H 802 56.59 136.82 30.43
N GLU H 803 57.32 137.29 29.43
CA GLU H 803 56.90 138.44 28.62
C GLU H 803 56.05 138.06 27.43
N ALA H 804 55.75 136.76 27.25
CA ALA H 804 54.95 136.30 26.13
C ALA H 804 53.53 135.92 26.52
N VAL H 805 53.11 136.23 27.74
CA VAL H 805 51.76 135.91 28.18
C VAL H 805 50.79 136.88 27.53
N LEU H 806 49.70 136.34 26.98
CA LEU H 806 48.71 137.17 26.31
C LEU H 806 47.96 138.05 27.31
N PRO H 807 47.51 139.23 26.90
CA PRO H 807 46.80 140.11 27.83
C PRO H 807 45.55 139.50 28.45
N ARG H 808 44.82 138.70 27.67
CA ARG H 808 43.59 138.09 28.17
C ARG H 808 43.82 136.79 28.91
N GLU H 809 45.05 136.28 28.95
CA GLU H 809 45.37 135.04 29.63
C GLU H 809 46.30 135.32 30.80
N ARG H 810 46.42 134.32 31.68
CA ARG H 810 47.28 134.40 32.84
C ARG H 810 48.31 133.28 32.80
N LEU H 811 49.39 133.47 33.55
CA LEU H 811 50.50 132.53 33.57
C LEU H 811 50.23 131.47 34.62
N ARG H 812 49.98 130.24 34.18
CA ARG H 812 49.62 129.16 35.09
C ARG H 812 49.89 127.83 34.41
N LEU H 813 50.46 126.88 35.16
CA LEU H 813 50.79 125.58 34.62
C LEU H 813 49.54 124.75 34.37
N GLU H 814 49.62 123.84 33.41
CA GLU H 814 48.49 123.01 33.04
C GLU H 814 49.01 121.78 32.29
N PRO H 815 48.25 120.69 32.30
CA PRO H 815 48.64 119.53 31.47
C PRO H 815 48.48 119.83 29.98
N ILE H 816 49.11 118.99 29.17
CA ILE H 816 49.16 119.22 27.73
C ILE H 816 47.79 119.01 27.10
N LYS H 817 47.30 117.76 27.15
CA LYS H 817 46.01 117.41 26.54
C LYS H 817 45.39 116.30 27.39
N GLU H 818 44.44 116.67 28.22
CA GLU H 818 43.74 115.72 29.08
C GLU H 818 42.40 115.34 28.47
N TYR H 819 41.96 114.12 28.76
CA TYR H 819 40.61 113.67 28.42
C TYR H 819 39.78 113.38 29.67
N ARG H 820 40.29 113.70 30.85
CA ARG H 820 39.56 113.55 32.10
C ARG H 820 40.15 114.53 33.11
N ARG H 821 39.35 114.85 34.13
CA ARG H 821 39.79 115.81 35.12
C ARG H 821 39.03 115.59 36.42
N GLU H 822 39.74 115.65 37.54
CA GLU H 822 39.11 115.47 38.83
C GLU H 822 38.28 116.68 39.21
N GLY H 823 37.15 116.44 39.89
CA GLY H 823 36.32 117.51 40.39
C GLY H 823 35.47 117.05 41.55
N PRO H 824 34.70 117.96 42.14
CA PRO H 824 33.88 117.60 43.31
C PRO H 824 32.91 116.45 43.04
N ARG H 825 32.33 116.40 41.84
CA ARG H 825 31.43 115.31 41.50
C ARG H 825 32.16 114.03 41.11
N GLY H 826 33.46 114.13 40.81
CA GLY H 826 34.23 112.97 40.42
C GLY H 826 35.01 113.20 39.15
N PRO H 827 35.20 112.14 38.35
CA PRO H 827 35.86 112.30 37.05
C PRO H 827 34.94 112.99 36.05
N HIS H 828 35.33 114.18 35.61
CA HIS H 828 34.65 114.89 34.54
C HIS H 828 35.37 114.61 33.23
N LEU H 829 34.63 114.14 32.24
CA LEU H 829 35.19 113.92 30.92
C LEU H 829 35.20 115.23 30.14
N VAL H 830 36.36 115.58 29.59
CA VAL H 830 36.53 116.82 28.85
C VAL H 830 36.72 116.46 27.38
N GLY H 831 36.36 117.39 26.51
CA GLY H 831 36.54 117.20 25.09
C GLY H 831 37.84 117.82 24.60
N PRO H 832 37.97 117.98 23.30
CA PRO H 832 39.16 118.64 22.75
C PRO H 832 39.26 120.08 23.20
N SER H 833 40.48 120.61 23.19
CA SER H 833 40.75 121.97 23.61
C SER H 833 40.94 122.85 22.39
N ARG H 834 40.31 124.03 22.40
CA ARG H 834 40.48 124.99 21.32
C ARG H 834 41.92 125.47 21.30
N CYS H 835 42.60 125.26 20.17
CA CYS H 835 44.02 125.55 20.07
C CYS H 835 44.23 126.94 19.47
N LEU H 836 45.51 127.29 19.30
CA LEU H 836 45.91 128.56 18.70
C LEU H 836 46.98 128.31 17.66
N SER H 837 47.03 129.20 16.67
CA SER H 837 47.96 129.07 15.56
C SER H 837 48.78 130.35 15.41
N HIS H 838 49.96 130.21 14.81
CA HIS H 838 50.83 131.36 14.59
C HIS H 838 50.22 132.36 13.60
N THR H 839 49.32 131.92 12.73
CA THR H 839 48.67 132.82 11.79
C THR H 839 47.67 133.74 12.47
N ASP H 840 47.29 133.48 13.72
CA ASP H 840 46.39 134.37 14.43
C ASP H 840 47.09 135.63 14.90
N PHE H 841 48.40 135.54 15.19
CA PHE H 841 49.12 136.71 15.68
C PHE H 841 49.42 137.73 14.58
N VAL H 842 49.60 137.28 13.35
CA VAL H 842 49.81 138.21 12.24
C VAL H 842 48.46 138.80 11.84
N PRO H 843 48.33 140.13 11.78
CA PRO H 843 47.04 140.73 11.42
C PRO H 843 46.89 140.92 9.92
N CYS H 844 45.66 140.73 9.45
CA CYS H 844 45.30 140.90 8.03
C CYS H 844 44.17 141.92 7.95
N PRO H 845 44.49 143.19 7.76
CA PRO H 845 43.45 144.22 7.72
C PRO H 845 42.81 144.32 6.34
N VAL H 846 41.91 145.29 6.21
CA VAL H 846 41.20 145.56 4.96
C VAL H 846 41.76 146.83 4.36
N ASP H 847 42.06 146.78 3.06
CA ASP H 847 42.68 147.90 2.35
C ASP H 847 41.60 148.93 2.00
N THR H 848 41.15 149.64 3.04
CA THR H 848 40.08 150.62 2.88
C THR H 848 40.56 151.94 2.28
N VAL H 849 41.86 152.25 2.36
CA VAL H 849 42.36 153.50 1.79
C VAL H 849 42.24 153.48 0.27
N GLN H 850 42.23 152.29 -0.33
CA GLN H 850 42.10 152.18 -1.78
C GLN H 850 40.68 152.54 -2.24
N ILE H 851 39.69 152.36 -1.36
CA ILE H 851 38.31 152.63 -1.74
C ILE H 851 38.14 154.11 -2.06
N VAL H 852 37.50 154.38 -3.21
CA VAL H 852 37.29 155.76 -3.64
C VAL H 852 36.26 156.43 -2.74
N LEU H 853 36.56 157.63 -2.28
CA LEU H 853 35.65 158.35 -1.40
C LEU H 853 34.38 158.76 -2.15
N PRO H 854 33.23 158.71 -1.50
CA PRO H 854 32.00 159.18 -2.14
C PRO H 854 31.96 160.70 -2.19
N PRO H 855 30.99 161.29 -2.90
CA PRO H 855 30.85 162.75 -2.90
C PRO H 855 30.45 163.32 -1.54
N HIS H 856 30.38 162.46 -0.53
CA HIS H 856 29.97 162.87 0.82
C HIS H 856 31.00 163.76 1.50
N LEU H 857 32.20 163.95 0.91
CA LEU H 857 33.28 164.66 1.58
C LEU H 857 32.85 166.07 2.00
N GLU H 858 32.20 166.79 1.10
CA GLU H 858 31.70 168.13 1.43
C GLU H 858 30.27 168.10 1.95
N ARG H 859 29.53 167.03 1.68
CA ARG H 859 28.14 166.94 2.10
C ARG H 859 28.03 166.70 3.60
N ILE H 860 28.60 165.61 4.09
CA ILE H 860 28.43 165.23 5.49
C ILE H 860 29.75 164.98 6.20
N ARG H 861 30.84 164.69 5.51
CA ARG H 861 32.14 164.49 6.17
C ARG H 861 32.57 165.76 6.92
N GLU H 862 32.29 166.93 6.34
CA GLU H 862 32.60 168.18 7.04
C GLU H 862 31.82 168.29 8.34
N LYS H 863 30.53 167.94 8.31
CA LYS H 863 29.72 167.96 9.54
C LYS H 863 30.23 166.96 10.56
N LEU H 864 30.65 165.78 10.11
CA LEU H 864 31.19 164.79 11.03
C LEU H 864 32.45 165.31 11.71
N ALA H 865 33.36 165.88 10.92
CA ALA H 865 34.59 166.44 11.49
C ALA H 865 34.27 167.58 12.45
N GLU H 866 33.28 168.41 12.10
CA GLU H 866 32.91 169.52 12.98
C GLU H 866 32.30 169.02 14.28
N ASN H 867 31.47 167.98 14.22
CA ASN H 867 30.95 167.39 15.46
C ASN H 867 32.08 166.81 16.31
N ILE H 868 33.08 166.23 15.65
CA ILE H 868 34.25 165.76 16.39
C ILE H 868 34.97 166.93 17.05
N HIS H 869 35.08 168.07 16.37
CA HIS H 869 35.61 169.26 17.02
C HIS H 869 34.76 169.67 18.21
N GLU H 870 33.43 169.51 18.11
CA GLU H 870 32.56 169.78 19.24
C GLU H 870 32.92 168.91 20.45
N LEU H 871 32.97 167.58 20.24
CA LEU H 871 33.34 166.69 21.34
C LEU H 871 34.77 166.96 21.81
N TRP H 872 35.68 167.34 20.91
CA TRP H 872 37.04 167.69 21.29
C TRP H 872 37.05 168.85 22.27
N ALA H 873 36.35 169.93 21.90
CA ALA H 873 36.26 171.09 22.76
C ALA H 873 35.61 170.73 24.08
N LEU H 874 34.63 169.81 24.04
CA LEU H 874 34.03 169.34 25.29
C LEU H 874 35.07 168.65 26.17
N THR H 875 35.95 167.86 25.58
CA THR H 875 37.02 167.24 26.35
C THR H 875 37.90 168.29 27.01
N ARG H 876 38.30 169.31 26.26
CA ARG H 876 39.16 170.35 26.83
C ARG H 876 38.44 171.09 27.96
N ILE H 877 37.17 171.43 27.76
CA ILE H 877 36.42 172.15 28.79
C ILE H 877 36.26 171.29 30.04
N GLU H 878 35.93 170.01 29.85
CA GLU H 878 35.74 169.11 30.99
C GLU H 878 37.03 168.95 31.78
N GLN H 879 38.15 168.80 31.08
CA GLN H 879 39.44 168.78 31.74
C GLN H 879 39.81 170.18 32.18
N GLY H 880 40.91 170.28 32.94
CA GLY H 880 41.42 171.58 33.34
C GLY H 880 42.03 172.35 32.18
N TRP H 881 41.80 171.86 30.96
CA TRP H 881 42.41 172.43 29.76
C TRP H 881 41.68 173.70 29.36
N THR H 882 42.43 174.67 28.86
CA THR H 882 41.89 175.95 28.42
C THR H 882 42.30 176.22 26.99
N TYR H 883 41.71 177.25 26.39
CA TYR H 883 41.96 177.60 25.00
C TYR H 883 42.92 178.78 24.95
N GLY H 884 44.21 178.48 25.05
CA GLY H 884 45.25 179.49 24.94
C GLY H 884 46.03 179.36 23.66
N PRO H 885 46.14 180.46 22.91
CA PRO H 885 46.74 180.38 21.56
C PRO H 885 48.13 179.78 21.54
N VAL H 886 48.95 180.06 22.55
CA VAL H 886 50.27 179.45 22.66
C VAL H 886 50.11 178.07 23.28
N ARG H 887 50.53 177.04 22.54
CA ARG H 887 50.39 175.67 23.01
C ARG H 887 51.25 175.45 24.24
N ASP H 888 50.61 175.20 25.39
CA ASP H 888 51.32 174.93 26.64
C ASP H 888 50.57 173.81 27.35
N ASP H 889 51.08 172.58 27.23
CA ASP H 889 50.44 171.45 27.87
C ASP H 889 50.44 171.59 29.39
N ASN H 890 51.55 172.09 29.94
CA ASN H 890 51.62 172.30 31.39
C ASN H 890 50.57 173.30 31.85
N LYS H 891 50.34 174.35 31.07
CA LYS H 891 49.26 175.29 31.34
C LYS H 891 47.94 174.84 30.73
N ARG H 892 47.96 173.75 29.95
CA ARG H 892 46.76 173.18 29.33
C ARG H 892 46.07 174.21 28.42
N LEU H 893 46.79 174.61 27.38
CA LEU H 893 46.30 175.61 26.42
C LEU H 893 46.08 174.97 25.07
N HIS H 894 44.91 175.24 24.47
CA HIS H 894 44.57 174.71 23.15
C HIS H 894 45.17 175.58 22.05
N PRO H 895 46.08 175.02 21.23
CA PRO H 895 46.76 175.82 20.18
C PRO H 895 45.83 176.69 19.35
N CYS H 896 44.80 176.09 18.75
CA CYS H 896 43.86 176.87 17.95
C CYS H 896 43.17 177.95 18.79
N LEU H 897 42.64 177.56 19.94
CA LEU H 897 42.02 178.48 20.89
C LEU H 897 40.88 179.27 20.26
N VAL H 898 40.08 178.61 19.42
CA VAL H 898 38.93 179.23 18.78
C VAL H 898 37.78 178.21 18.78
N ASN H 899 36.56 178.72 18.95
CA ASN H 899 35.37 177.86 18.89
C ASN H 899 35.37 177.02 17.62
N PHE H 900 35.33 177.68 16.47
CA PHE H 900 35.62 176.99 15.22
C PHE H 900 37.09 176.57 15.25
N HIS H 901 37.37 175.39 14.71
CA HIS H 901 38.73 174.85 14.85
C HIS H 901 39.76 175.78 14.24
N SER H 902 39.46 176.31 13.05
CA SER H 902 40.33 177.27 12.36
C SER H 902 41.77 176.76 12.29
N LEU H 903 41.92 175.45 12.20
CA LEU H 903 43.22 174.81 12.24
C LEU H 903 43.95 174.98 10.92
N PRO H 904 45.29 175.08 10.95
CA PRO H 904 46.07 175.09 9.71
C PRO H 904 45.76 173.90 8.82
N GLU H 905 46.17 173.98 7.55
CA GLU H 905 45.78 172.95 6.57
C GLU H 905 46.18 171.55 6.98
N PRO H 906 47.43 171.25 7.35
CA PRO H 906 47.75 169.87 7.77
C PRO H 906 46.92 169.40 8.95
N GLU H 907 46.50 170.32 9.82
CA GLU H 907 45.65 169.97 10.95
C GLU H 907 44.21 169.69 10.48
N ARG H 908 43.63 170.67 9.77
CA ARG H 908 42.29 170.53 9.22
C ARG H 908 42.21 169.36 8.25
N ASN H 909 43.21 169.24 7.37
CA ASN H 909 43.25 168.10 6.47
C ASN H 909 43.40 166.80 7.23
N TYR H 910 44.05 166.82 8.39
CA TYR H 910 44.15 165.61 9.20
C TYR H 910 42.77 165.18 9.70
N ASN H 911 42.01 166.12 10.26
CA ASN H 911 40.66 165.78 10.71
C ASN H 911 39.80 165.30 9.56
N LEU H 912 39.84 166.02 8.43
CA LEU H 912 39.00 165.67 7.29
C LEU H 912 39.43 164.34 6.68
N GLN H 913 40.72 164.07 6.62
CA GLN H 913 41.18 162.81 6.04
C GLN H 913 40.80 161.63 6.92
N MET H 914 40.80 161.82 8.25
CA MET H 914 40.41 160.68 9.08
C MET H 914 38.90 160.45 9.06
N SER H 915 38.10 161.52 8.97
CA SER H 915 36.67 161.33 8.74
C SER H 915 36.42 160.62 7.41
N GLY H 916 37.15 161.04 6.36
CA GLY H 916 37.05 160.35 5.08
C GLY H 916 37.49 158.90 5.17
N GLU H 917 38.48 158.62 6.02
CA GLU H 917 38.91 157.24 6.24
C GLU H 917 37.81 156.42 6.89
N THR H 918 37.10 157.01 7.85
CA THR H 918 35.93 156.32 8.41
C THR H 918 34.91 156.01 7.34
N LEU H 919 34.63 157.00 6.48
CA LEU H 919 33.70 156.77 5.37
C LEU H 919 34.20 155.67 4.44
N LYS H 920 35.51 155.66 4.16
CA LYS H 920 36.09 154.63 3.31
C LYS H 920 35.90 153.24 3.92
N THR H 921 36.12 153.13 5.22
CA THR H 921 35.94 151.83 5.88
C THR H 921 34.47 151.37 5.80
N LEU H 922 33.53 152.28 6.05
CA LEU H 922 32.12 151.91 5.94
C LEU H 922 31.77 151.49 4.51
N LEU H 923 32.30 152.21 3.51
CA LEU H 923 32.02 151.86 2.12
C LEU H 923 32.66 150.52 1.75
N ALA H 924 33.87 150.26 2.24
CA ALA H 924 34.55 149.00 1.95
C ALA H 924 33.79 147.83 2.54
N LEU H 925 33.27 147.99 3.76
CA LEU H 925 32.38 146.98 4.31
C LEU H 925 31.06 147.00 3.54
N GLY H 926 30.17 146.06 3.89
CA GLY H 926 28.90 145.96 3.19
C GLY H 926 27.99 147.16 3.36
N CYS H 927 28.30 148.04 4.30
CA CYS H 927 27.48 149.22 4.55
C CYS H 927 27.60 150.23 3.41
N HIS H 928 26.53 150.97 3.17
CA HIS H 928 26.48 152.00 2.15
C HIS H 928 26.16 153.34 2.80
N VAL H 929 26.98 154.35 2.52
CA VAL H 929 26.77 155.67 3.09
C VAL H 929 25.55 156.33 2.46
N GLY H 930 24.93 157.23 3.21
CA GLY H 930 23.76 157.93 2.72
C GLY H 930 23.51 159.18 3.52
N MET H 931 22.88 160.18 2.87
CA MET H 931 22.54 161.44 3.50
C MET H 931 21.04 161.61 3.70
N ALA H 932 20.26 160.56 3.50
CA ALA H 932 18.79 160.63 3.60
C ALA H 932 18.41 160.67 5.08
N ASP H 933 18.48 161.86 5.65
CA ASP H 933 18.12 162.09 7.05
C ASP H 933 16.70 162.62 7.22
N GLU H 934 15.98 162.84 6.13
CA GLU H 934 14.66 163.47 6.18
C GLU H 934 14.71 164.80 6.93
N LYS H 935 15.73 165.60 6.60
CA LYS H 935 15.95 166.92 7.20
C LYS H 935 16.12 166.81 8.71
N ALA H 936 16.84 165.77 9.16
CA ALA H 936 17.13 165.63 10.58
C ALA H 936 18.18 166.63 11.06
N GLU H 937 18.93 167.23 10.13
CA GLU H 937 19.90 168.25 10.52
C GLU H 937 19.22 169.46 11.14
N ASP H 938 18.04 169.81 10.63
CA ASP H 938 17.26 170.90 11.22
C ASP H 938 16.81 170.55 12.63
N ASN H 939 16.38 169.30 12.85
CA ASN H 939 15.90 168.90 14.17
C ASN H 939 17.05 168.74 15.16
N LEU H 940 18.25 168.46 14.69
CA LEU H 940 19.40 168.32 15.57
C LEU H 940 19.64 169.62 16.33
N LYS H 941 19.81 169.50 17.65
CA LYS H 941 20.02 170.68 18.48
C LYS H 941 21.38 171.31 18.21
N LYS H 942 22.44 170.50 18.21
CA LYS H 942 23.81 170.96 18.00
C LYS H 942 24.18 172.05 19.00
N THR H 943 23.72 171.90 20.25
CA THR H 943 23.99 172.86 21.30
C THR H 943 24.20 172.11 22.61
N LYS H 944 25.41 172.19 23.16
CA LYS H 944 25.67 171.58 24.47
C LYS H 944 25.24 172.49 25.62
N LEU H 945 25.26 173.82 25.39
CA LEU H 945 24.97 174.86 26.37
C LEU H 945 25.59 174.53 27.73
N PRO H 946 26.85 174.08 27.75
CA PRO H 946 27.49 173.77 29.03
C PRO H 946 27.67 174.98 29.92
N LYS H 947 27.82 176.18 29.34
CA LYS H 947 28.08 177.42 30.04
C LYS H 947 29.40 177.41 30.81
N THR H 948 30.24 176.41 30.56
CA THR H 948 31.53 176.29 31.22
C THR H 948 32.68 176.66 30.26
N TYR H 949 32.35 177.24 29.11
CA TYR H 949 33.35 177.64 28.12
C TYR H 949 33.62 179.15 28.21
N MET H 950 34.30 179.57 29.27
CA MET H 950 34.65 180.99 29.38
C MET H 950 35.77 181.36 28.43
N MET H 951 36.61 180.41 28.03
CA MET H 951 37.71 180.71 27.13
C MET H 951 37.20 180.94 25.71
N SER H 952 38.12 181.24 24.80
CA SER H 952 37.76 181.59 23.44
C SER H 952 37.07 180.44 22.70
N ASN H 953 37.38 179.19 23.07
CA ASN H 953 36.72 178.04 22.47
C ASN H 953 35.35 177.82 23.11
N GLY H 954 34.53 178.86 23.05
CA GLY H 954 33.21 178.83 23.63
C GLY H 954 32.18 178.22 22.70
N TYR H 955 30.92 178.31 23.12
CA TYR H 955 29.78 177.83 22.35
C TYR H 955 29.96 176.37 21.93
N LYS H 956 30.17 175.53 22.93
CA LYS H 956 30.35 174.11 22.70
C LYS H 956 29.06 173.50 22.16
N PRO H 957 29.08 172.85 21.00
CA PRO H 957 27.85 172.24 20.47
C PRO H 957 27.72 170.76 20.81
N ALA H 958 26.49 170.29 20.98
CA ALA H 958 26.20 168.88 21.15
C ALA H 958 24.84 168.55 20.55
N PRO H 959 24.76 167.64 19.58
CA PRO H 959 23.48 167.37 18.93
C PRO H 959 22.50 166.52 19.74
N LEU H 960 22.93 165.99 20.89
CA LEU H 960 22.12 165.06 21.67
C LEU H 960 21.65 163.89 20.80
N ASP H 961 22.60 163.37 20.01
CA ASP H 961 22.26 162.36 19.02
C ASP H 961 21.84 161.05 19.65
N LEU H 962 22.37 160.71 20.83
CA LEU H 962 21.90 159.52 21.53
C LEU H 962 20.44 159.64 21.91
N SER H 963 20.03 160.83 22.38
CA SER H 963 18.63 161.07 22.66
C SER H 963 17.79 161.03 21.38
N HIS H 964 18.31 161.60 20.29
CA HIS H 964 17.57 161.60 19.03
C HIS H 964 17.34 160.19 18.51
N VAL H 965 18.35 159.33 18.57
CA VAL H 965 18.24 157.97 18.08
C VAL H 965 19.27 157.11 18.81
N ARG H 966 18.86 155.88 19.13
CA ARG H 966 19.72 154.93 19.82
C ARG H 966 20.40 154.00 18.80
N LEU H 967 21.58 153.51 19.17
CA LEU H 967 22.34 152.62 18.30
C LEU H 967 21.73 151.22 18.31
N THR H 968 21.53 150.66 17.12
CA THR H 968 21.06 149.29 17.00
C THR H 968 22.19 148.31 17.27
N PRO H 969 21.86 147.09 17.70
CA PRO H 969 22.92 146.09 17.91
C PRO H 969 23.76 145.83 16.66
N ALA H 970 23.14 145.83 15.48
CA ALA H 970 23.90 145.72 14.24
C ALA H 970 24.87 146.88 14.09
N GLN H 971 24.43 148.09 14.45
CA GLN H 971 25.32 149.24 14.40
C GLN H 971 26.49 149.07 15.37
N THR H 972 26.21 148.55 16.57
CA THR H 972 27.29 148.36 17.55
C THR H 972 28.31 147.33 17.05
N THR H 973 27.84 146.23 16.47
CA THR H 973 28.77 145.28 15.86
C THR H 973 29.53 145.91 14.70
N LEU H 974 28.90 146.84 13.98
CA LEU H 974 29.61 147.58 12.95
C LEU H 974 30.74 148.41 13.54
N VAL H 975 30.48 149.10 14.65
CA VAL H 975 31.53 149.83 15.35
C VAL H 975 32.67 148.90 15.74
N ASP H 976 32.33 147.71 16.23
CA ASP H 976 33.36 146.74 16.57
C ASP H 976 34.19 146.37 15.34
N ARG H 977 33.52 146.20 14.19
CA ARG H 977 34.26 145.86 12.96
C ARG H 977 35.22 146.98 12.56
N LEU H 978 34.77 148.24 12.60
CA LEU H 978 35.68 149.33 12.27
C LEU H 978 36.86 149.40 13.25
N ALA H 979 36.58 149.21 14.54
CA ALA H 979 37.66 149.23 15.52
C ALA H 979 38.67 148.12 15.25
N GLU H 980 38.19 146.92 14.93
CA GLU H 980 39.08 145.82 14.61
C GLU H 980 39.94 146.14 13.39
N ASN H 981 39.33 146.72 12.35
CA ASN H 981 40.10 147.05 11.15
C ASN H 981 41.16 148.11 11.45
N GLY H 982 40.81 149.14 12.21
CA GLY H 982 41.79 150.17 12.54
C GLY H 982 42.95 149.61 13.34
N HIS H 983 42.64 148.77 14.33
CA HIS H 983 43.69 148.10 15.08
C HIS H 983 44.56 147.23 14.18
N ASN H 984 43.95 146.51 13.24
CA ASN H 984 44.73 145.65 12.36
C ASN H 984 45.71 146.46 11.51
N VAL H 985 45.25 147.59 10.96
CA VAL H 985 46.17 148.42 10.18
C VAL H 985 47.27 149.00 11.07
N TRP H 986 46.93 149.41 12.29
CA TRP H 986 47.95 149.99 13.17
C TRP H 986 49.02 148.94 13.46
N ALA H 987 48.57 147.71 13.77
CA ALA H 987 49.48 146.61 14.06
C ALA H 987 50.37 146.29 12.86
N ARG H 988 49.77 146.24 11.67
CA ARG H 988 50.57 146.02 10.46
C ARG H 988 51.64 147.09 10.31
N ASP H 989 51.29 148.34 10.60
CA ASP H 989 52.27 149.42 10.57
C ASP H 989 53.41 149.14 11.54
N ARG H 990 53.07 148.79 12.78
CA ARG H 990 54.11 148.51 13.78
C ARG H 990 55.00 147.34 13.36
N VAL H 991 54.41 146.28 12.82
CA VAL H 991 55.19 145.13 12.33
C VAL H 991 56.15 145.58 11.25
N ALA H 992 55.66 146.37 10.29
CA ALA H 992 56.52 146.94 9.27
C ALA H 992 57.70 147.70 9.89
N GLN H 993 57.44 148.48 10.93
CA GLN H 993 58.53 149.20 11.60
C GLN H 993 59.49 148.25 12.30
N GLY H 994 58.98 147.16 12.88
CA GLY H 994 59.83 146.22 13.59
C GLY H 994 59.53 146.10 15.07
N TRP H 995 58.27 146.27 15.44
CA TRP H 995 57.84 146.13 16.82
C TRP H 995 57.43 144.69 17.12
N SER H 996 57.54 144.31 18.40
CA SER H 996 57.15 142.99 18.86
C SER H 996 56.35 143.11 20.16
N TYR H 997 55.45 142.16 20.37
CA TYR H 997 54.63 142.16 21.57
C TYR H 997 55.45 141.77 22.80
N SER H 998 55.11 142.37 23.93
CA SER H 998 55.74 142.06 25.20
C SER H 998 54.82 142.48 26.32
N ALA H 999 54.71 141.62 27.35
CA ALA H 999 53.87 141.95 28.50
C ALA H 999 54.37 143.19 29.22
N VAL H 1000 55.67 143.46 29.17
CA VAL H 1000 56.26 144.64 29.78
C VAL H 1000 56.67 145.60 28.66
N GLN H 1001 56.21 146.84 28.75
CA GLN H 1001 56.47 147.82 27.70
C GLN H 1001 57.89 148.36 27.81
N ASP H 1002 58.59 148.41 26.67
CA ASP H 1002 59.94 148.97 26.58
C ASP H 1002 60.04 149.69 25.24
N ILE H 1003 59.78 151.01 25.27
CA ILE H 1003 59.84 151.80 24.04
C ILE H 1003 61.21 151.77 23.40
N PRO H 1004 62.33 151.93 24.12
CA PRO H 1004 63.64 151.79 23.47
C PRO H 1004 63.84 150.43 22.82
N ALA H 1005 63.23 149.38 23.36
CA ALA H 1005 63.36 148.03 22.82
C ALA H 1005 62.32 147.72 21.75
N ARG H 1006 61.51 148.71 21.35
CA ARG H 1006 60.46 148.52 20.35
C ARG H 1006 59.47 147.43 20.77
N ARG H 1007 59.06 147.47 22.04
CA ARG H 1007 58.14 146.50 22.61
C ARG H 1007 56.99 147.22 23.28
N ASN H 1008 55.77 146.74 23.05
CA ASN H 1008 54.57 147.31 23.64
C ASN H 1008 53.61 146.19 24.01
N PRO H 1009 52.74 146.42 24.99
CA PRO H 1009 51.80 145.36 25.41
C PRO H 1009 50.49 145.36 24.64
N ARG H 1010 50.44 146.09 23.52
CA ARG H 1010 49.20 146.23 22.77
C ARG H 1010 49.31 145.82 21.31
N LEU H 1011 50.49 145.40 20.84
CA LEU H 1011 50.65 144.98 19.45
C LEU H 1011 49.84 143.74 19.11
N VAL H 1012 49.33 143.02 20.10
CA VAL H 1012 48.51 141.84 19.83
C VAL H 1012 47.25 142.27 19.10
N PRO H 1013 46.81 141.53 18.07
CA PRO H 1013 45.64 141.97 17.28
C PRO H 1013 44.39 142.10 18.13
N TYR H 1014 43.34 142.60 17.48
CA TYR H 1014 42.15 143.07 18.18
C TYR H 1014 41.40 141.93 18.88
N ARG H 1015 41.33 140.76 18.25
CA ARG H 1015 40.49 139.70 18.81
C ARG H 1015 41.01 139.22 20.16
N LEU H 1016 42.30 139.34 20.42
CA LEU H 1016 42.88 138.96 21.70
C LEU H 1016 43.13 140.16 22.61
N LEU H 1017 42.55 141.31 22.29
CA LEU H 1017 42.71 142.51 23.11
C LEU H 1017 41.97 142.38 24.44
N ASP H 1018 42.32 143.28 25.35
CA ASP H 1018 41.57 143.46 26.58
C ASP H 1018 40.38 144.39 26.36
N GLU H 1019 39.34 144.18 27.15
CA GLU H 1019 38.10 144.94 26.98
C GLU H 1019 38.31 146.42 27.25
N ALA H 1020 39.25 146.77 28.13
CA ALA H 1020 39.52 148.18 28.40
C ALA H 1020 40.04 148.90 27.15
N THR H 1021 41.04 148.30 26.49
CA THR H 1021 41.56 148.88 25.26
C THR H 1021 40.51 148.84 24.16
N LYS H 1022 39.69 147.78 24.11
CA LYS H 1022 38.62 147.73 23.13
C LYS H 1022 37.65 148.90 23.30
N ARG H 1023 37.25 149.18 24.54
CA ARG H 1023 36.35 150.30 24.80
C ARG H 1023 37.02 151.63 24.49
N SER H 1024 38.30 151.76 24.83
CA SER H 1024 39.03 153.01 24.55
C SER H 1024 39.12 153.26 23.06
N ASN H 1025 39.27 152.20 22.26
CA ASN H 1025 39.29 152.35 20.81
C ASN H 1025 37.90 152.43 20.20
N ARG H 1026 36.85 152.06 20.95
CA ARG H 1026 35.50 152.00 20.43
C ARG H 1026 34.66 153.23 20.73
N ASP H 1027 35.00 154.00 21.78
CA ASP H 1027 34.15 155.11 22.19
C ASP H 1027 34.02 156.17 21.09
N SER H 1028 35.13 156.59 20.50
CA SER H 1028 35.09 157.61 19.45
C SER H 1028 34.31 157.13 18.24
N LEU H 1029 34.51 155.88 17.83
CA LEU H 1029 33.75 155.34 16.71
C LEU H 1029 32.27 155.24 17.04
N CYS H 1030 31.92 154.95 18.30
CA CYS H 1030 30.52 154.96 18.68
C CYS H 1030 29.91 156.35 18.56
N GLN H 1031 30.64 157.37 19.00
CA GLN H 1031 30.14 158.74 18.83
C GLN H 1031 30.01 159.09 17.35
N ALA H 1032 30.95 158.64 16.52
CA ALA H 1032 30.86 158.89 15.09
C ALA H 1032 29.63 158.21 14.49
N VAL H 1033 29.34 156.98 14.92
CA VAL H 1033 28.15 156.27 14.44
C VAL H 1033 26.88 156.98 14.91
N ARG H 1034 26.89 157.53 16.12
CA ARG H 1034 25.77 158.34 16.57
C ARG H 1034 25.56 159.54 15.65
N THR H 1035 26.66 160.20 15.26
CA THR H 1035 26.56 161.31 14.33
C THR H 1035 26.02 160.86 12.98
N LEU H 1036 26.44 159.68 12.52
CA LEU H 1036 25.90 159.13 11.27
C LEU H 1036 24.40 158.90 11.37
N LEU H 1037 23.93 158.36 12.50
CA LEU H 1037 22.50 158.17 12.71
C LEU H 1037 21.77 159.50 12.70
N GLY H 1038 22.36 160.52 13.32
CA GLY H 1038 21.73 161.84 13.32
C GLY H 1038 21.64 162.44 11.94
N TYR H 1039 22.66 162.22 11.12
CA TYR H 1039 22.66 162.71 9.74
C TYR H 1039 22.05 161.72 8.76
N GLY H 1040 21.42 160.65 9.26
CA GLY H 1040 20.65 159.76 8.42
C GLY H 1040 21.47 158.88 7.51
N TYR H 1041 22.22 157.95 8.10
CA TYR H 1041 23.00 156.98 7.35
C TYR H 1041 22.23 155.67 7.24
N ASN H 1042 22.08 155.16 6.01
CA ASN H 1042 21.43 153.89 5.76
C ASN H 1042 22.40 152.71 5.80
N ILE H 1043 23.48 152.84 6.55
CA ILE H 1043 24.51 151.80 6.59
C ILE H 1043 23.92 150.53 7.20
N GLU H 1044 24.17 149.40 6.55
CA GLU H 1044 23.70 148.10 7.01
C GLU H 1044 24.89 147.14 7.03
N PRO H 1045 25.20 146.53 8.17
CA PRO H 1045 26.34 145.60 8.23
C PRO H 1045 26.16 144.44 7.27
N PRO H 1046 27.23 143.98 6.62
CA PRO H 1046 27.19 142.86 5.68
C PRO H 1046 26.87 141.54 6.37
N ASN H 1055 37.68 116.77 8.02
CA ASN H 1055 38.22 115.41 8.10
C ASN H 1055 39.19 115.30 9.29
N GLN H 1056 40.46 115.61 9.03
CA GLN H 1056 41.46 115.58 10.10
C GLN H 1056 41.10 116.56 11.21
N SER H 1057 40.68 117.77 10.84
CA SER H 1057 40.19 118.70 11.85
C SER H 1057 38.91 118.20 12.50
N ARG H 1058 38.04 117.54 11.72
CA ARG H 1058 36.78 117.04 12.26
C ARG H 1058 37.02 116.03 13.37
N TRP H 1059 38.01 115.15 13.21
CA TRP H 1059 38.34 114.21 14.27
C TRP H 1059 38.82 114.91 15.54
N ASP H 1060 39.30 116.15 15.43
CA ASP H 1060 39.79 116.90 16.58
C ASP H 1060 38.71 117.72 17.26
N ARG H 1061 37.44 117.55 16.88
CA ARG H 1061 36.33 118.22 17.53
C ARG H 1061 35.41 117.29 18.31
N VAL H 1062 35.41 116.00 18.01
CA VAL H 1062 34.49 115.05 18.62
C VAL H 1062 35.29 113.98 19.34
N ARG H 1063 34.98 113.77 20.62
CA ARG H 1063 35.56 112.71 21.42
C ARG H 1063 34.45 111.87 22.02
N ILE H 1064 34.53 110.55 21.82
CA ILE H 1064 33.47 109.62 22.20
C ILE H 1064 33.94 108.82 23.42
N PHE H 1065 33.08 108.72 24.43
CA PHE H 1065 33.35 107.97 25.65
C PHE H 1065 32.24 106.95 25.85
N ARG H 1066 32.49 105.71 25.41
CA ARG H 1066 31.54 104.63 25.61
C ARG H 1066 32.07 103.67 26.67
N ALA H 1067 31.22 102.72 27.05
CA ALA H 1067 31.63 101.66 27.96
C ALA H 1067 32.29 100.53 27.18
N GLU H 1068 32.89 99.60 27.92
CA GLU H 1068 33.53 98.45 27.28
C GLU H 1068 32.48 97.51 26.71
N LYS H 1069 32.88 96.76 25.68
CA LYS H 1069 31.96 95.87 25.00
C LYS H 1069 31.56 94.66 25.85
N SER H 1070 32.19 94.45 27.00
CA SER H 1070 31.83 93.37 27.90
C SER H 1070 30.70 93.76 28.86
N TYR H 1071 30.21 94.99 28.79
CA TYR H 1071 29.13 95.46 29.65
C TYR H 1071 27.81 95.61 28.90
N THR H 1072 27.68 94.97 27.74
CA THR H 1072 26.46 95.10 26.95
C THR H 1072 25.28 94.45 27.67
N VAL H 1073 24.14 95.13 27.62
CA VAL H 1073 22.91 94.67 28.26
C VAL H 1073 21.88 94.40 27.17
N GLN H 1074 21.27 93.22 27.20
CA GLN H 1074 20.28 92.83 26.22
C GLN H 1074 18.89 92.64 26.82
N SER H 1075 18.71 92.95 28.11
CA SER H 1075 17.41 92.81 28.75
C SER H 1075 17.36 93.72 29.97
N GLY H 1076 16.15 94.08 30.36
CA GLY H 1076 15.93 94.80 31.60
C GLY H 1076 15.74 96.30 31.41
N ARG H 1077 15.73 96.98 32.54
CA ARG H 1077 15.50 98.43 32.61
C ARG H 1077 16.76 99.07 33.18
N TRP H 1078 17.32 100.03 32.45
CA TRP H 1078 18.60 100.62 32.85
C TRP H 1078 18.52 102.14 32.83
N TYR H 1079 19.39 102.77 33.63
CA TYR H 1079 19.36 104.20 33.85
C TYR H 1079 20.78 104.71 34.11
N PHE H 1080 21.10 105.87 33.53
CA PHE H 1080 22.38 106.51 33.83
C PHE H 1080 22.27 108.01 33.57
N GLU H 1081 23.03 108.79 34.34
CA GLU H 1081 22.89 110.24 34.34
C GLU H 1081 24.12 110.92 33.74
N PHE H 1082 23.89 112.11 33.20
CA PHE H 1082 24.94 112.91 32.58
C PHE H 1082 24.71 114.37 32.92
N GLU H 1083 25.65 114.97 33.64
CA GLU H 1083 25.56 116.37 34.05
C GLU H 1083 26.35 117.24 33.08
N ALA H 1084 25.72 118.32 32.62
CA ALA H 1084 26.32 119.23 31.64
C ALA H 1084 26.96 120.39 32.40
N VAL H 1085 28.26 120.26 32.68
CA VAL H 1085 28.99 121.37 33.31
C VAL H 1085 29.14 122.53 32.33
N THR H 1086 29.50 122.22 31.09
CA THR H 1086 29.59 123.21 30.02
C THR H 1086 28.53 122.89 28.98
N THR H 1087 27.71 123.89 28.65
CA THR H 1087 26.58 123.70 27.76
C THR H 1087 27.02 123.85 26.31
N GLY H 1088 26.72 122.84 25.49
CA GLY H 1088 26.96 122.93 24.07
C GLY H 1088 27.67 121.74 23.44
N GLU H 1089 27.15 121.29 22.29
CA GLU H 1089 27.81 120.29 21.45
C GLU H 1089 28.10 119.00 22.22
N MET H 1090 27.12 118.54 23.00
CA MET H 1090 27.26 117.31 23.77
C MET H 1090 26.06 116.41 23.52
N ARG H 1091 26.32 115.15 23.18
CA ARG H 1091 25.29 114.18 22.86
C ARG H 1091 25.45 112.96 23.77
N VAL H 1092 24.35 112.50 24.35
CA VAL H 1092 24.38 111.41 25.31
C VAL H 1092 23.29 110.40 24.95
N GLY H 1093 23.58 109.11 25.11
CA GLY H 1093 22.56 108.11 24.82
C GLY H 1093 23.08 106.70 24.90
N TRP H 1094 22.40 105.82 24.16
CA TRP H 1094 22.74 104.40 24.10
C TRP H 1094 23.16 104.05 22.68
N ALA H 1095 24.22 103.26 22.55
CA ALA H 1095 24.74 102.90 21.24
C ALA H 1095 25.06 101.41 21.20
N ARG H 1096 25.05 100.86 19.98
CA ARG H 1096 25.39 99.46 19.79
C ARG H 1096 26.91 99.26 19.88
N PRO H 1097 27.35 98.05 20.21
CA PRO H 1097 28.80 97.82 20.40
C PRO H 1097 29.63 98.09 19.16
N GLU H 1098 29.04 98.00 17.97
CA GLU H 1098 29.78 98.22 16.73
C GLU H 1098 29.92 99.72 16.38
N LEU H 1099 29.70 100.58 17.38
CA LEU H 1099 29.81 102.02 17.18
C LEU H 1099 31.20 102.39 16.68
N ARG H 1100 31.27 102.92 15.46
CA ARG H 1100 32.55 103.33 14.90
C ARG H 1100 33.05 104.60 15.59
N PRO H 1101 34.36 104.80 15.67
CA PRO H 1101 34.91 106.01 16.28
C PRO H 1101 35.04 107.20 15.35
N ASP H 1102 34.73 107.04 14.06
CA ASP H 1102 34.81 108.13 13.10
C ASP H 1102 33.48 108.83 12.88
N VAL H 1103 32.42 108.07 12.58
CA VAL H 1103 31.13 108.66 12.29
C VAL H 1103 30.58 109.33 13.54
N GLU H 1104 29.98 110.51 13.37
CA GLU H 1104 29.39 111.23 14.49
C GLU H 1104 28.22 110.45 15.07
N LEU H 1105 27.97 110.67 16.36
CA LEU H 1105 26.90 109.98 17.05
C LEU H 1105 25.55 110.44 16.50
N GLY H 1106 24.70 109.47 16.16
CA GLY H 1106 23.39 109.74 15.62
C GLY H 1106 23.30 109.80 14.11
N ALA H 1107 24.44 110.01 13.43
CA ALA H 1107 24.43 110.00 11.97
C ALA H 1107 24.12 108.61 11.44
N ASP H 1108 24.63 107.58 12.11
CA ASP H 1108 24.34 106.19 11.77
C ASP H 1108 23.31 105.62 12.73
N GLU H 1109 22.65 104.54 12.30
CA GLU H 1109 21.61 103.93 13.10
C GLU H 1109 22.13 103.27 14.36
N LEU H 1110 23.44 103.11 14.50
CA LEU H 1110 24.01 102.43 15.67
C LEU H 1110 23.79 103.22 16.95
N ALA H 1111 23.72 104.55 16.87
CA ALA H 1111 23.70 105.42 18.04
C ALA H 1111 22.33 106.08 18.17
N TYR H 1112 21.65 105.79 19.27
CA TYR H 1112 20.35 106.41 19.58
C TYR H 1112 20.54 107.57 20.57
N VAL H 1113 21.33 108.56 20.15
CA VAL H 1113 21.75 109.62 21.07
C VAL H 1113 20.75 110.77 21.11
N PHE H 1114 20.90 111.64 22.10
CA PHE H 1114 20.13 112.88 22.19
C PHE H 1114 21.11 114.02 22.42
N ASN H 1115 20.94 115.10 21.65
CA ASN H 1115 21.70 116.33 21.79
C ASN H 1115 20.86 117.32 22.57
N GLY H 1116 21.24 117.57 23.81
CA GLY H 1116 20.54 118.54 24.64
C GLY H 1116 20.90 119.98 24.39
N HIS H 1117 22.00 120.24 23.68
CA HIS H 1117 22.34 121.62 23.32
C HIS H 1117 21.30 122.20 22.37
N ARG H 1118 20.85 121.42 21.39
CA ARG H 1118 19.84 121.85 20.45
C ARG H 1118 18.48 121.21 20.70
N GLY H 1119 18.37 120.31 21.66
CA GLY H 1119 17.11 119.64 21.94
C GLY H 1119 16.63 118.77 20.79
N GLN H 1120 17.53 117.94 20.24
CA GLN H 1120 17.19 117.10 19.10
C GLN H 1120 17.70 115.68 19.34
N ARG H 1121 16.87 114.69 19.04
CA ARG H 1121 17.24 113.29 19.20
C ARG H 1121 17.72 112.74 17.87
N TRP H 1122 18.92 112.14 17.87
CA TRP H 1122 19.55 111.61 16.67
C TRP H 1122 19.63 110.09 16.77
N HIS H 1123 18.83 109.40 15.97
CA HIS H 1123 18.98 107.96 15.75
C HIS H 1123 19.54 107.68 14.37
N LEU H 1124 18.95 108.28 13.34
CA LEU H 1124 19.51 108.26 11.99
C LEU H 1124 19.54 109.62 11.34
N GLY H 1125 18.70 110.57 11.79
CA GLY H 1125 18.71 111.93 11.28
C GLY H 1125 18.24 112.89 12.34
N SER H 1126 18.38 114.17 12.04
CA SER H 1126 18.01 115.21 13.00
C SER H 1126 16.50 115.26 13.20
N GLU H 1127 16.08 115.40 14.46
CA GLU H 1127 14.67 115.52 14.80
C GLU H 1127 14.51 116.22 16.13
N PRO H 1128 13.85 117.38 16.17
CA PRO H 1128 13.70 118.11 17.45
C PRO H 1128 12.95 117.28 18.48
N PHE H 1129 13.36 117.43 19.74
CA PHE H 1129 12.75 116.69 20.84
C PHE H 1129 13.13 117.36 22.16
N GLY H 1130 12.13 117.77 22.93
CA GLY H 1130 12.39 118.35 24.23
C GLY H 1130 12.86 119.78 24.14
N ARG H 1131 13.57 120.21 25.19
CA ARG H 1131 14.06 121.57 25.33
C ARG H 1131 15.57 121.55 25.55
N PRO H 1132 16.26 122.62 25.16
CA PRO H 1132 17.70 122.68 25.42
C PRO H 1132 18.01 122.79 26.90
N TRP H 1133 19.15 122.22 27.30
CA TRP H 1133 19.57 122.26 28.69
C TRP H 1133 20.29 123.57 29.00
N GLN H 1134 20.55 123.78 30.29
CA GLN H 1134 21.32 124.90 30.78
C GLN H 1134 22.57 124.37 31.48
N SER H 1135 23.32 125.28 32.10
CA SER H 1135 24.53 124.90 32.83
C SER H 1135 24.15 124.14 34.09
N GLY H 1136 24.82 123.01 34.32
CA GLY H 1136 24.56 122.19 35.49
C GLY H 1136 23.36 121.28 35.38
N ASP H 1137 22.67 121.26 34.25
CA ASP H 1137 21.51 120.39 34.10
C ASP H 1137 21.93 118.94 33.97
N VAL H 1138 21.16 118.05 34.59
CA VAL H 1138 21.41 116.62 34.57
C VAL H 1138 20.37 115.96 33.69
N VAL H 1139 20.82 115.21 32.69
CA VAL H 1139 19.93 114.45 31.82
C VAL H 1139 20.08 112.97 32.16
N GLY H 1140 18.96 112.33 32.47
CA GLY H 1140 18.92 110.93 32.77
C GLY H 1140 18.41 110.14 31.57
N CYS H 1141 19.22 109.19 31.13
CA CYS H 1141 18.86 108.31 30.02
C CYS H 1141 18.40 106.98 30.60
N MET H 1142 17.20 106.57 30.23
CA MET H 1142 16.61 105.31 30.67
C MET H 1142 16.28 104.47 29.44
N ILE H 1143 16.59 103.18 29.51
CA ILE H 1143 16.36 102.28 28.40
C ILE H 1143 15.54 101.09 28.88
N ASP H 1144 14.50 100.75 28.12
CA ASP H 1144 13.62 99.61 28.35
C ASP H 1144 13.97 98.61 27.25
N LEU H 1145 14.74 97.57 27.61
CA LEU H 1145 15.12 96.57 26.63
C LEU H 1145 13.94 95.66 26.29
N THR H 1146 13.10 95.36 27.28
CA THR H 1146 11.93 94.53 27.03
C THR H 1146 10.85 95.30 26.29
N GLU H 1147 10.64 96.56 26.64
CA GLU H 1147 9.66 97.40 25.96
C GLU H 1147 10.23 98.09 24.72
N ASN H 1148 11.52 97.92 24.46
CA ASN H 1148 12.16 98.42 23.23
C ASN H 1148 12.01 99.93 23.10
N THR H 1149 12.32 100.65 24.18
CA THR H 1149 12.16 102.09 24.18
C THR H 1149 13.35 102.77 24.87
N ILE H 1150 13.52 104.06 24.55
CA ILE H 1150 14.53 104.91 25.18
C ILE H 1150 13.86 106.22 25.57
N ILE H 1151 14.02 106.60 26.84
CA ILE H 1151 13.41 107.82 27.38
C ILE H 1151 14.51 108.71 27.92
N PHE H 1152 14.43 110.01 27.63
CA PHE H 1152 15.37 111.01 28.10
C PHE H 1152 14.63 111.97 29.02
N THR H 1153 15.16 112.19 30.22
CA THR H 1153 14.57 113.11 31.18
C THR H 1153 15.56 114.21 31.51
N LEU H 1154 15.05 115.43 31.67
CA LEU H 1154 15.89 116.59 31.98
C LEU H 1154 15.49 117.12 33.35
N ASN H 1155 16.38 116.99 34.32
CA ASN H 1155 16.17 117.47 35.68
C ASN H 1155 14.89 116.92 36.28
N GLY H 1156 14.61 115.64 36.00
CA GLY H 1156 13.44 114.96 36.50
C GLY H 1156 12.24 115.03 35.56
N GLU H 1157 12.07 116.13 34.84
CA GLU H 1157 10.95 116.26 33.92
C GLU H 1157 11.23 115.46 32.65
N VAL H 1158 10.26 114.64 32.25
CA VAL H 1158 10.39 113.83 31.04
C VAL H 1158 10.22 114.72 29.83
N LEU H 1159 11.18 114.65 28.92
CA LEU H 1159 11.13 115.48 27.72
C LEU H 1159 10.11 114.94 26.72
N MET H 1160 9.34 115.85 26.13
CA MET H 1160 8.31 115.49 25.16
C MET H 1160 8.80 115.78 23.75
N SER H 1161 8.19 115.09 22.79
CA SER H 1161 8.49 115.30 21.37
C SER H 1161 7.53 116.33 20.80
N ASP H 1162 7.66 116.57 19.48
CA ASP H 1162 6.75 117.49 18.82
C ASP H 1162 5.31 116.97 18.86
N SER H 1163 5.13 115.66 18.64
CA SER H 1163 3.80 115.06 18.70
C SER H 1163 3.33 114.82 20.13
N GLY H 1164 4.20 114.96 21.12
CA GLY H 1164 3.84 114.76 22.50
C GLY H 1164 4.21 113.41 23.09
N SER H 1165 4.93 112.57 22.35
CA SER H 1165 5.31 111.26 22.85
C SER H 1165 6.36 111.40 23.95
N GLU H 1166 6.14 110.69 25.06
CA GLU H 1166 7.10 110.71 26.16
C GLU H 1166 8.42 110.04 25.76
N THR H 1167 8.34 108.90 25.10
CA THR H 1167 9.53 108.15 24.71
C THR H 1167 10.17 108.81 23.49
N ALA H 1168 11.48 109.05 23.57
CA ALA H 1168 12.20 109.61 22.43
C ALA H 1168 12.20 108.65 21.25
N PHE H 1169 12.41 107.36 21.51
CA PHE H 1169 12.40 106.33 20.48
C PHE H 1169 11.52 105.17 20.96
N ARG H 1170 11.27 104.23 20.04
CA ARG H 1170 10.45 103.07 20.34
C ARG H 1170 10.78 101.97 19.34
N GLU H 1171 10.15 100.80 19.54
CA GLU H 1171 10.26 99.63 18.67
C GLU H 1171 11.70 99.25 18.35
N ILE H 1172 12.65 99.68 19.18
CA ILE H 1172 14.06 99.44 18.91
C ILE H 1172 14.37 97.96 19.08
N GLU H 1173 15.01 97.37 18.08
CA GLU H 1173 15.43 95.98 18.17
C GLU H 1173 16.54 95.81 19.20
N ILE H 1174 16.50 94.71 19.94
CA ILE H 1174 17.52 94.43 20.94
C ILE H 1174 18.86 94.15 20.26
N GLY H 1175 18.89 93.11 19.43
CA GLY H 1175 20.10 92.81 18.68
C GLY H 1175 21.26 92.44 19.58
N ASP H 1176 22.43 93.03 19.29
CA ASP H 1176 23.64 92.69 20.02
C ASP H 1176 23.60 93.21 21.46
N GLY H 1177 23.02 94.39 21.67
CA GLY H 1177 22.95 94.97 22.99
C GLY H 1177 23.09 96.48 22.90
N PHE H 1178 23.23 97.11 24.07
CA PHE H 1178 23.34 98.55 24.16
C PHE H 1178 24.36 98.93 25.22
N LEU H 1179 25.02 100.06 25.01
CA LEU H 1179 26.05 100.57 25.91
C LEU H 1179 25.86 102.08 26.08
N PRO H 1180 26.06 102.60 27.29
CA PRO H 1180 26.05 104.06 27.46
C PRO H 1180 27.15 104.71 26.63
N VAL H 1181 26.86 105.91 26.12
CA VAL H 1181 27.80 106.61 25.26
C VAL H 1181 27.56 108.11 25.40
N CYS H 1182 28.65 108.88 25.35
CA CYS H 1182 28.59 110.33 25.39
C CYS H 1182 29.70 110.90 24.52
N SER H 1183 29.37 111.96 23.79
CA SER H 1183 30.30 112.64 22.90
C SER H 1183 30.28 114.12 23.22
N LEU H 1184 31.46 114.73 23.26
CA LEU H 1184 31.63 116.13 23.65
C LEU H 1184 32.42 116.86 22.57
N GLY H 1185 32.06 118.12 22.33
CA GLY H 1185 32.74 118.94 21.37
C GLY H 1185 33.98 119.60 21.93
N PRO H 1186 34.56 120.53 21.17
CA PRO H 1186 35.75 121.23 21.65
C PRO H 1186 35.41 122.19 22.78
N GLY H 1187 36.20 122.14 23.85
CA GLY H 1187 36.01 123.02 24.98
C GLY H 1187 34.82 122.71 25.85
N GLN H 1188 34.22 121.54 25.71
CA GLN H 1188 33.04 121.14 26.47
C GLN H 1188 33.42 120.07 27.48
N VAL H 1189 32.96 120.24 28.73
CA VAL H 1189 33.22 119.29 29.79
C VAL H 1189 31.88 118.78 30.32
N GLY H 1190 31.89 117.56 30.84
CA GLY H 1190 30.65 116.99 31.37
C GLY H 1190 30.95 115.83 32.29
N HIS H 1191 30.05 115.62 33.26
CA HIS H 1191 30.20 114.55 34.22
C HIS H 1191 29.29 113.39 33.83
N LEU H 1192 29.82 112.17 33.90
CA LEU H 1192 29.06 110.96 33.57
C LEU H 1192 28.94 110.10 34.82
N ASN H 1193 27.71 109.78 35.21
CA ASN H 1193 27.45 108.95 36.38
C ASN H 1193 26.64 107.75 35.90
N LEU H 1194 27.32 106.62 35.69
CA LEU H 1194 26.64 105.42 35.24
C LEU H 1194 25.68 104.88 36.29
N GLY H 1195 25.92 105.18 37.56
CA GLY H 1195 25.07 104.68 38.62
C GLY H 1195 25.75 103.68 39.52
N GLN H 1196 27.05 103.86 39.74
CA GLN H 1196 27.79 102.95 40.61
C GLN H 1196 27.27 103.01 42.04
N ASP H 1197 26.79 104.17 42.47
CA ASP H 1197 26.20 104.31 43.81
C ASP H 1197 24.98 105.22 43.72
N VAL H 1198 23.87 104.72 44.27
CA VAL H 1198 22.62 105.47 44.25
C VAL H 1198 22.74 106.76 45.05
N SER H 1199 23.65 106.80 46.03
CA SER H 1199 23.85 108.02 46.80
C SER H 1199 24.34 109.15 45.91
N SER H 1200 25.32 108.87 45.04
CA SER H 1200 25.78 109.86 44.08
C SER H 1200 24.82 110.01 42.90
N LEU H 1201 23.99 109.01 42.65
CA LEU H 1201 22.99 109.12 41.58
C LEU H 1201 21.90 110.10 41.98
N ARG H 1202 21.71 111.14 41.18
CA ARG H 1202 20.71 112.17 41.46
C ARG H 1202 19.50 111.98 40.55
N PHE H 1203 18.36 112.48 41.02
CA PHE H 1203 17.08 112.42 40.31
C PHE H 1203 16.68 111.00 39.95
N PHE H 1204 17.28 110.00 40.61
CA PHE H 1204 16.92 108.61 40.35
C PHE H 1204 15.52 108.31 40.86
N ALA H 1205 15.22 108.70 42.10
CA ALA H 1205 13.92 108.43 42.71
C ALA H 1205 12.78 109.18 42.03
N ILE H 1206 13.07 110.18 41.20
CA ILE H 1206 12.02 110.91 40.51
C ILE H 1206 11.37 110.04 39.44
N CYS H 1207 12.18 109.54 38.51
CA CYS H 1207 11.67 108.73 37.40
C CYS H 1207 12.27 107.34 37.35
N GLY H 1208 13.60 107.23 37.49
CA GLY H 1208 14.25 105.95 37.25
C GLY H 1208 13.84 104.89 38.27
N LEU H 1209 13.80 105.24 39.55
CA LEU H 1209 13.45 104.28 40.58
C LEU H 1209 11.97 103.91 40.52
N GLN H 1210 11.11 104.86 40.12
CA GLN H 1210 9.67 104.63 40.17
C GLN H 1210 9.24 103.58 39.16
N GLU H 1211 9.67 103.71 37.91
CA GLU H 1211 9.29 102.74 36.89
C GLU H 1211 9.95 101.39 37.14
N GLY H 1212 11.22 101.40 37.56
CA GLY H 1212 11.94 100.16 37.79
C GLY H 1212 13.25 100.10 37.04
N PHE H 1213 13.74 101.26 36.58
CA PHE H 1213 15.00 101.34 35.85
C PHE H 1213 16.15 101.12 36.83
N GLU H 1214 16.73 99.93 36.80
CA GLU H 1214 17.90 99.66 37.63
C GLU H 1214 19.07 100.51 37.14
N PRO H 1215 19.76 101.22 38.03
CA PRO H 1215 20.91 102.01 37.60
C PRO H 1215 21.97 101.12 36.96
N PHE H 1216 22.57 101.63 35.88
CA PHE H 1216 23.57 100.86 35.16
C PHE H 1216 24.80 100.66 36.04
N ALA H 1217 25.26 99.43 36.15
CA ALA H 1217 26.46 99.07 36.91
C ALA H 1217 26.33 99.46 38.37
N ILE H 1218 25.32 98.89 39.03
CA ILE H 1218 25.07 99.18 40.43
C ILE H 1218 25.75 98.18 41.36
N ASN H 1219 25.65 96.89 41.04
CA ASN H 1219 26.14 95.85 41.95
C ASN H 1219 27.62 95.52 41.76
N MET H 1220 28.20 95.88 40.62
CA MET H 1220 29.61 95.56 40.40
C MET H 1220 30.50 96.39 41.33
N GLN H 1221 31.50 95.71 41.91
CA GLN H 1221 32.38 96.38 42.87
C GLN H 1221 33.34 97.34 42.18
N ARG H 1222 33.94 96.90 41.06
CA ARG H 1222 34.92 97.75 40.40
C ARG H 1222 34.23 98.75 39.47
N PRO H 1223 34.83 99.92 39.29
CA PRO H 1223 34.25 100.90 38.36
C PRO H 1223 34.31 100.42 36.92
N VAL H 1224 33.37 100.91 36.12
CA VAL H 1224 33.30 100.51 34.72
C VAL H 1224 34.48 101.07 33.96
N THR H 1225 35.17 100.21 33.21
CA THR H 1225 36.28 100.62 32.37
C THR H 1225 35.72 101.16 31.06
N THR H 1226 35.90 102.46 30.83
CA THR H 1226 35.37 103.11 29.64
C THR H 1226 36.43 103.20 28.56
N TRP H 1227 35.98 103.26 27.31
CA TRP H 1227 36.86 103.36 26.15
C TRP H 1227 36.61 104.69 25.46
N PHE H 1228 37.68 105.45 25.23
CA PHE H 1228 37.60 106.75 24.59
C PHE H 1228 38.14 106.66 23.16
N SER H 1229 37.60 107.52 22.30
CA SER H 1229 38.03 107.57 20.91
C SER H 1229 39.29 108.42 20.80
N LYS H 1230 40.38 107.78 20.40
CA LYS H 1230 41.69 108.44 20.30
C LYS H 1230 41.97 108.80 18.85
N SER H 1231 42.25 110.08 18.60
CA SER H 1231 42.50 110.57 17.24
C SER H 1231 44.00 110.56 16.95
N LEU H 1232 44.51 109.34 16.73
CA LEU H 1232 45.91 109.13 16.38
C LEU H 1232 45.96 108.34 15.09
N PRO H 1233 46.48 108.91 14.00
CA PRO H 1233 46.54 108.17 12.73
C PRO H 1233 47.44 106.95 12.84
N GLN H 1234 46.87 105.79 12.51
CA GLN H 1234 47.59 104.53 12.54
C GLN H 1234 47.33 103.75 11.26
N PHE H 1235 48.33 103.00 10.82
CA PHE H 1235 48.21 102.20 9.62
C PHE H 1235 47.51 100.88 9.93
N GLU H 1236 46.42 100.60 9.21
CA GLU H 1236 45.66 99.38 9.38
C GLU H 1236 45.41 98.74 8.03
N PRO H 1237 45.26 97.41 7.99
CA PRO H 1237 45.03 96.72 6.71
C PRO H 1237 43.78 97.23 6.02
N VAL H 1238 43.83 97.29 4.69
CA VAL H 1238 42.70 97.72 3.88
C VAL H 1238 41.65 96.62 3.90
N PRO H 1239 40.44 96.89 4.38
CA PRO H 1239 39.40 95.86 4.42
C PRO H 1239 38.98 95.44 3.04
N PRO H 1240 38.71 94.15 2.82
CA PRO H 1240 38.21 93.72 1.51
C PRO H 1240 36.86 94.32 1.16
N GLU H 1241 36.05 94.66 2.16
CA GLU H 1241 34.72 95.21 1.95
C GLU H 1241 34.72 96.73 1.80
N HIS H 1242 35.85 97.32 1.48
CA HIS H 1242 35.92 98.76 1.29
C HIS H 1242 35.12 99.16 0.05
N PRO H 1243 34.14 100.05 0.18
CA PRO H 1243 33.31 100.41 -0.99
C PRO H 1243 34.00 101.32 -1.98
N HIS H 1244 35.19 101.82 -1.68
CA HIS H 1244 35.87 102.77 -2.56
C HIS H 1244 37.17 102.24 -3.15
N TYR H 1245 37.95 101.49 -2.38
CA TYR H 1245 39.26 101.03 -2.83
C TYR H 1245 39.31 99.50 -2.85
N GLU H 1246 40.09 98.96 -3.77
CA GLU H 1246 40.14 97.51 -3.98
C GLU H 1246 41.56 97.14 -4.37
N VAL H 1247 42.21 96.32 -3.56
CA VAL H 1247 43.60 95.93 -3.76
C VAL H 1247 43.64 94.47 -4.18
N ALA H 1248 44.14 94.21 -5.39
CA ALA H 1248 44.13 92.87 -5.98
C ALA H 1248 45.55 92.34 -6.13
N ARG H 1249 45.71 91.04 -5.87
CA ARG H 1249 47.01 90.38 -5.96
C ARG H 1249 47.17 89.79 -7.36
N MET H 1250 48.05 90.39 -8.16
CA MET H 1250 48.41 89.84 -9.46
C MET H 1250 49.70 89.03 -9.39
N ASP H 1251 49.98 88.43 -8.23
CA ASP H 1251 51.21 87.70 -8.03
C ASP H 1251 51.25 86.43 -8.89
N GLY H 1252 52.47 85.95 -9.15
CA GLY H 1252 52.66 84.80 -10.00
C GLY H 1252 52.51 85.08 -11.48
N THR H 1253 52.60 86.35 -11.89
CA THR H 1253 52.45 86.70 -13.29
C THR H 1253 53.61 86.16 -14.11
N VAL H 1254 53.31 85.77 -15.34
CA VAL H 1254 54.32 85.23 -16.25
C VAL H 1254 55.14 86.39 -16.82
N ASP H 1255 56.47 86.27 -16.72
CA ASP H 1255 57.40 87.30 -17.19
C ASP H 1255 57.11 88.65 -16.55
N THR H 1256 56.72 88.61 -15.27
CA THR H 1256 56.39 89.80 -14.50
C THR H 1256 56.46 89.47 -13.01
N PRO H 1257 57.14 90.27 -12.20
CA PRO H 1257 57.25 89.98 -10.78
C PRO H 1257 55.89 90.08 -10.10
N PRO H 1258 55.73 89.44 -8.94
CA PRO H 1258 54.47 89.57 -8.20
C PRO H 1258 54.16 91.02 -7.87
N CYS H 1259 52.87 91.33 -7.78
CA CYS H 1259 52.47 92.72 -7.60
C CYS H 1259 51.09 92.78 -6.97
N LEU H 1260 50.81 93.93 -6.37
CA LEU H 1260 49.52 94.26 -5.79
C LEU H 1260 49.04 95.57 -6.41
N ARG H 1261 47.90 95.52 -7.10
CA ARG H 1261 47.39 96.66 -7.85
C ARG H 1261 46.19 97.27 -7.14
N LEU H 1262 46.20 98.59 -7.01
CA LEU H 1262 45.11 99.32 -6.36
C LEU H 1262 44.17 99.88 -7.42
N ALA H 1263 42.86 99.75 -7.17
CA ALA H 1263 41.85 100.24 -8.09
C ALA H 1263 40.74 100.92 -7.31
N HIS H 1264 40.03 101.82 -7.99
CA HIS H 1264 38.90 102.54 -7.43
C HIS H 1264 37.61 101.84 -7.85
N ARG H 1265 36.88 101.33 -6.86
CA ARG H 1265 35.66 100.59 -7.15
C ARG H 1265 34.59 101.47 -7.77
N THR H 1266 34.42 102.68 -7.25
CA THR H 1266 33.33 103.57 -7.67
C THR H 1266 33.89 104.85 -8.29
N TRP H 1267 34.89 104.73 -9.14
CA TRP H 1267 35.46 105.89 -9.82
C TRP H 1267 34.46 106.46 -10.80
N GLY H 1268 34.26 107.77 -10.74
CA GLY H 1268 33.33 108.44 -11.65
C GLY H 1268 31.90 108.00 -11.52
N SER H 1269 31.43 107.80 -10.29
CA SER H 1269 30.06 107.34 -10.05
C SER H 1269 29.36 108.20 -9.00
N GLN H 1270 28.18 107.78 -8.58
CA GLN H 1270 27.44 108.50 -7.54
C GLN H 1270 28.18 108.44 -6.22
N ASN H 1271 28.07 109.53 -5.45
CA ASN H 1271 28.70 109.74 -4.15
C ASN H 1271 30.13 109.19 -4.08
N SER H 1272 30.89 109.39 -5.14
CA SER H 1272 32.28 108.96 -5.17
C SER H 1272 33.16 110.01 -4.52
N LEU H 1273 34.01 109.59 -3.60
CA LEU H 1273 34.89 110.49 -2.87
C LEU H 1273 36.34 110.16 -3.22
N VAL H 1274 37.12 111.20 -3.51
CA VAL H 1274 38.56 111.08 -3.75
C VAL H 1274 39.28 111.95 -2.74
N GLU H 1275 40.36 111.40 -2.17
CA GLU H 1275 41.10 112.09 -1.13
C GLU H 1275 42.47 111.43 -1.00
N MET H 1276 43.33 112.04 -0.20
CA MET H 1276 44.68 111.52 0.00
C MET H 1276 44.63 110.11 0.59
N LEU H 1277 45.44 109.22 0.04
CA LEU H 1277 45.52 107.83 0.48
C LEU H 1277 46.96 107.52 0.82
N PHE H 1278 47.19 107.07 2.05
CA PHE H 1278 48.51 106.75 2.57
C PHE H 1278 48.61 105.24 2.73
N LEU H 1279 49.32 104.58 1.81
CA LEU H 1279 49.42 103.13 1.78
C LEU H 1279 50.85 102.71 2.11
N ARG H 1280 50.97 101.55 2.75
CA ARG H 1280 52.27 101.03 3.15
C ARG H 1280 52.22 99.51 3.15
N LEU H 1281 53.40 98.90 3.19
CA LEU H 1281 53.51 97.45 3.28
C LEU H 1281 53.58 97.02 4.75
N SER H 1282 53.03 95.83 5.02
CA SER H 1282 52.94 95.36 6.41
C SER H 1282 54.32 95.05 6.99
N LEU H 1283 55.22 94.50 6.18
CA LEU H 1283 56.49 94.05 6.74
C LEU H 1283 57.61 95.01 6.39
N PRO H 1284 58.48 95.34 7.35
CA PRO H 1284 59.57 96.28 7.11
C PRO H 1284 60.86 95.59 6.70
N VAL H 1285 61.85 96.41 6.35
CA VAL H 1285 63.21 95.97 6.08
C VAL H 1285 64.12 96.70 7.05
N GLN H 1286 65.01 95.97 7.72
CA GLN H 1286 65.83 96.51 8.79
C GLN H 1286 67.29 96.57 8.35
N PHE H 1287 67.91 97.72 8.58
CA PHE H 1287 69.32 97.90 8.25
C PHE H 1287 70.21 97.16 9.25
N HIS H 1288 71.44 96.88 8.81
CA HIS H 1288 72.38 96.15 9.65
C HIS H 1288 72.83 97.00 10.82
N GLN H 1289 73.22 96.33 11.91
CA GLN H 1289 73.68 97.03 13.10
C GLN H 1289 74.98 97.78 12.84
N HIS H 1290 75.90 97.18 12.09
CA HIS H 1290 77.20 97.77 11.81
C HIS H 1290 77.28 98.12 10.33
N PHE H 1291 77.60 99.38 10.03
CA PHE H 1291 77.72 99.86 8.66
C PHE H 1291 79.17 99.75 8.19
N ARG H 1292 79.59 98.51 7.95
CA ARG H 1292 80.95 98.22 7.50
C ARG H 1292 81.02 98.20 5.98
N CYS H 1293 80.71 99.36 5.38
CA CYS H 1293 80.73 99.55 3.94
C CYS H 1293 79.89 98.50 3.21
N THR H 1294 80.50 97.77 2.29
CA THR H 1294 79.83 96.71 1.53
C THR H 1294 78.58 97.23 0.83
N ASN H 1410 70.45 90.39 -19.41
CA ASN H 1410 71.44 89.32 -19.36
C ASN H 1410 71.30 88.53 -18.08
N ARG H 1411 71.92 87.34 -18.05
CA ARG H 1411 71.86 86.49 -16.88
C ARG H 1411 72.64 87.12 -15.72
N ASP H 1412 72.06 87.09 -14.53
CA ASP H 1412 72.69 87.64 -13.35
C ASP H 1412 73.81 86.73 -12.87
N ASP H 1413 74.91 87.33 -12.41
CA ASP H 1413 76.09 86.57 -12.02
C ASP H 1413 75.86 85.97 -10.63
N PRO H 1414 75.86 84.64 -10.49
CA PRO H 1414 75.51 84.04 -9.20
C PRO H 1414 76.40 84.48 -8.05
N GLU H 1415 77.69 84.69 -8.29
CA GLU H 1415 78.57 85.17 -7.23
C GLU H 1415 78.09 86.51 -6.70
N ILE H 1416 77.74 87.42 -7.61
CA ILE H 1416 77.24 88.73 -7.20
C ILE H 1416 75.89 88.58 -6.50
N ILE H 1417 75.06 87.63 -6.95
CA ILE H 1417 73.80 87.35 -6.27
C ILE H 1417 74.03 86.99 -4.82
N LEU H 1418 75.02 86.13 -4.55
CA LEU H 1418 75.25 85.70 -3.18
C LEU H 1418 75.89 86.79 -2.33
N ASN H 1419 76.86 87.54 -2.87
CA ASN H 1419 77.58 88.48 -2.02
C ASN H 1419 77.02 89.90 -2.08
N THR H 1420 75.90 90.11 -2.75
CA THR H 1420 75.31 91.44 -2.81
C THR H 1420 74.46 91.70 -1.58
N THR H 1421 74.17 92.99 -1.35
CA THR H 1421 73.36 93.40 -0.21
C THR H 1421 72.30 94.43 -0.56
N THR H 1422 72.09 94.71 -1.85
CA THR H 1422 71.10 95.69 -2.27
C THR H 1422 69.75 95.04 -2.51
N TYR H 1423 68.69 95.84 -2.42
CA TYR H 1423 67.33 95.37 -2.57
C TYR H 1423 66.55 96.34 -3.44
N TYR H 1424 65.65 95.81 -4.27
CA TYR H 1424 64.93 96.60 -5.26
C TYR H 1424 63.44 96.33 -5.16
N TYR H 1425 62.64 97.39 -5.32
CA TYR H 1425 61.21 97.22 -5.48
C TYR H 1425 60.64 98.41 -6.23
N SER H 1426 59.63 98.16 -7.06
CA SER H 1426 59.14 99.21 -7.94
C SER H 1426 57.68 99.53 -7.67
N VAL H 1427 57.27 100.73 -8.06
CA VAL H 1427 55.88 101.16 -8.03
C VAL H 1427 55.53 101.67 -9.42
N ARG H 1428 54.52 101.08 -10.04
CA ARG H 1428 54.08 101.47 -11.37
C ARG H 1428 52.82 102.33 -11.23
N VAL H 1429 52.95 103.62 -11.54
CA VAL H 1429 51.80 104.51 -11.64
C VAL H 1429 51.22 104.36 -13.04
N PHE H 1430 49.95 103.99 -13.11
CA PHE H 1430 49.31 103.64 -14.37
C PHE H 1430 49.02 104.88 -15.21
N ALA H 1431 48.80 104.66 -16.50
CA ALA H 1431 48.39 105.73 -17.40
C ALA H 1431 47.00 106.24 -17.01
N GLY H 1432 46.83 107.55 -17.06
CA GLY H 1432 45.62 108.19 -16.60
C GLY H 1432 45.70 108.71 -15.18
N GLN H 1433 46.69 108.26 -14.41
CA GLN H 1433 46.93 108.76 -13.07
C GLN H 1433 48.05 109.80 -13.13
N GLU H 1434 47.76 111.01 -12.69
CA GLU H 1434 48.75 112.08 -12.78
C GLU H 1434 49.92 111.80 -11.85
N PRO H 1435 51.15 111.78 -12.35
CA PRO H 1435 52.30 111.59 -11.45
C PRO H 1435 52.49 112.71 -10.45
N SER H 1436 51.88 113.88 -10.68
CA SER H 1436 51.97 114.99 -9.73
C SER H 1436 51.25 114.70 -8.42
N CYS H 1437 50.42 113.66 -8.37
CA CYS H 1437 49.67 113.32 -7.18
C CYS H 1437 50.15 112.03 -6.51
N VAL H 1438 51.41 111.65 -6.75
CA VAL H 1438 51.96 110.42 -6.19
C VAL H 1438 53.26 110.74 -5.46
N TRP H 1439 53.61 109.85 -4.53
CA TRP H 1439 54.84 109.95 -3.75
C TRP H 1439 55.30 108.55 -3.41
N VAL H 1440 56.49 108.18 -3.86
CA VAL H 1440 57.01 106.82 -3.71
C VAL H 1440 58.26 106.87 -2.85
N GLY H 1441 58.31 106.00 -1.84
CA GLY H 1441 59.47 105.92 -0.96
C GLY H 1441 59.30 104.99 0.22
N TRP H 1442 59.79 105.42 1.39
CA TRP H 1442 59.78 104.61 2.59
C TRP H 1442 59.28 105.44 3.77
N VAL H 1443 58.80 104.75 4.80
CA VAL H 1443 58.31 105.41 6.01
C VAL H 1443 58.86 104.66 7.23
N THR H 1444 59.19 105.42 8.26
CA THR H 1444 59.55 104.85 9.54
C THR H 1444 58.29 104.40 10.28
N PRO H 1445 58.42 103.54 11.29
CA PRO H 1445 57.23 103.11 12.04
C PRO H 1445 56.47 104.26 12.67
N ASP H 1446 57.13 105.37 12.99
CA ASP H 1446 56.47 106.52 13.62
C ASP H 1446 56.06 107.50 12.53
N TYR H 1447 54.83 107.35 12.03
CA TYR H 1447 54.28 108.26 11.05
C TYR H 1447 52.77 108.37 11.28
N HIS H 1448 52.31 109.56 11.65
CA HIS H 1448 50.90 109.80 11.91
C HIS H 1448 50.46 111.13 11.31
N GLN H 1449 50.86 111.39 10.06
CA GLN H 1449 50.52 112.63 9.37
C GLN H 1449 49.37 112.36 8.41
N HIS H 1450 48.15 112.61 8.86
CA HIS H 1450 46.95 112.47 8.02
C HIS H 1450 46.58 113.80 7.36
N ASP H 1451 47.53 114.42 6.67
CA ASP H 1451 47.30 115.70 6.03
C ASP H 1451 46.64 115.49 4.67
N MET H 1452 45.46 116.08 4.49
CA MET H 1452 44.76 115.96 3.21
C MET H 1452 45.45 116.75 2.11
N ASN H 1453 46.24 117.76 2.46
CA ASN H 1453 46.98 118.58 1.51
C ASN H 1453 48.48 118.30 1.61
N PHE H 1454 48.83 117.02 1.74
CA PHE H 1454 50.22 116.63 1.96
C PHE H 1454 51.12 117.11 0.82
N ASP H 1455 52.28 117.62 1.21
CA ASP H 1455 53.30 118.07 0.26
C ASP H 1455 54.65 117.56 0.73
N LEU H 1456 55.60 117.50 -0.20
CA LEU H 1456 56.92 116.97 0.12
C LEU H 1456 57.66 117.83 1.15
N SER H 1457 57.22 119.08 1.36
CA SER H 1457 57.82 119.96 2.34
C SER H 1457 57.17 119.86 3.71
N LYS H 1458 56.13 119.05 3.86
CA LYS H 1458 55.42 118.89 5.12
C LYS H 1458 56.03 117.83 6.02
N VAL H 1459 57.08 117.15 5.57
CA VAL H 1459 57.68 116.09 6.37
C VAL H 1459 58.41 116.68 7.56
N ARG H 1460 58.54 115.88 8.62
CA ARG H 1460 59.24 116.29 9.82
C ARG H 1460 60.72 115.93 9.70
N ALA H 1461 61.60 116.91 9.89
CA ALA H 1461 63.03 116.69 9.80
C ALA H 1461 63.74 117.61 10.79
N VAL H 1462 64.65 117.02 11.57
CA VAL H 1462 65.40 117.78 12.57
C VAL H 1462 66.87 117.37 12.49
N THR H 1463 67.77 118.34 12.47
CA THR H 1463 69.20 118.09 12.39
C THR H 1463 69.83 118.32 13.75
N VAL H 1464 70.41 117.28 14.32
CA VAL H 1464 71.15 117.36 15.58
C VAL H 1464 72.62 117.54 15.25
N THR H 1465 73.23 118.60 15.79
CA THR H 1465 74.65 118.86 15.58
C THR H 1465 75.34 118.86 16.93
N MET H 1466 76.26 117.91 17.11
CA MET H 1466 77.02 117.76 18.34
C MET H 1466 78.39 118.40 18.14
N GLY H 1467 78.68 119.44 18.93
CA GLY H 1467 79.91 120.17 18.82
C GLY H 1467 80.94 119.79 19.88
N ASP H 1468 82.11 120.38 19.75
CA ASP H 1468 83.21 120.18 20.69
C ASP H 1468 83.31 121.36 21.65
N GLU H 1469 84.37 121.38 22.45
CA GLU H 1469 84.55 122.46 23.42
C GLU H 1469 84.76 123.81 22.74
N GLN H 1470 85.31 123.81 21.53
CA GLN H 1470 85.54 125.05 20.79
C GLN H 1470 84.32 125.52 20.03
N GLY H 1471 83.21 124.77 20.07
CA GLY H 1471 82.01 125.11 19.33
C GLY H 1471 81.95 124.57 17.93
N ASN H 1472 83.03 123.95 17.44
CA ASN H 1472 83.01 123.35 16.11
C ASN H 1472 82.14 122.11 16.11
N VAL H 1473 81.24 122.00 15.13
CA VAL H 1473 80.30 120.89 15.06
C VAL H 1473 81.05 119.63 14.63
N HIS H 1474 81.33 118.75 15.59
CA HIS H 1474 82.05 117.52 15.27
C HIS H 1474 81.16 116.54 14.52
N SER H 1475 79.89 116.43 14.90
CA SER H 1475 78.96 115.50 14.28
C SER H 1475 77.72 116.24 13.82
N SER H 1476 77.23 115.88 12.63
CA SER H 1476 75.97 116.41 12.11
C SER H 1476 75.14 115.24 11.63
N LEU H 1477 73.88 115.18 12.08
CA LEU H 1477 73.01 114.07 11.74
C LEU H 1477 71.60 114.58 11.58
N LYS H 1478 70.80 113.87 10.77
CA LYS H 1478 69.42 114.24 10.51
C LYS H 1478 68.47 113.12 10.89
N CYS H 1479 67.29 113.50 11.36
CA CYS H 1479 66.22 112.57 11.70
C CYS H 1479 64.95 112.98 10.96
N SER H 1480 64.37 112.03 10.23
CA SER H 1480 63.11 112.24 9.53
C SER H 1480 62.27 110.98 9.65
N ASN H 1481 60.95 111.15 9.60
CA ASN H 1481 60.03 110.03 9.76
C ASN H 1481 59.68 109.35 8.45
N CYS H 1482 60.09 109.89 7.30
CA CYS H 1482 59.75 109.30 6.02
C CYS H 1482 60.69 109.83 4.96
N TYR H 1483 60.79 109.09 3.86
CA TYR H 1483 61.67 109.43 2.75
C TYR H 1483 60.96 109.05 1.44
N MET H 1484 60.42 110.04 0.75
CA MET H 1484 59.76 109.83 -0.53
C MET H 1484 60.31 110.80 -1.58
N VAL H 1485 60.02 110.49 -2.84
CA VAL H 1485 60.31 111.37 -3.96
C VAL H 1485 59.02 111.62 -4.73
N TRP H 1486 58.79 112.86 -5.13
CA TRP H 1486 57.55 113.26 -5.77
C TRP H 1486 57.58 112.90 -7.25
N GLY H 1487 56.56 112.17 -7.70
CA GLY H 1487 56.46 111.83 -9.12
C GLY H 1487 56.19 113.02 -10.02
N GLY H 1488 55.68 114.12 -9.45
CA GLY H 1488 55.52 115.33 -10.24
C GLY H 1488 56.85 115.87 -10.75
N ASP H 1489 57.89 115.78 -9.93
CA ASP H 1489 59.22 116.18 -10.37
C ASP H 1489 59.67 115.36 -11.56
N PHE H 1490 59.47 114.03 -11.50
CA PHE H 1490 59.90 113.17 -12.59
C PHE H 1490 59.11 113.43 -13.86
N VAL H 1491 57.79 113.62 -13.74
CA VAL H 1491 56.98 113.86 -14.93
C VAL H 1491 57.28 115.23 -15.52
N SER H 1492 57.59 116.22 -14.69
CA SER H 1492 58.00 117.53 -15.19
C SER H 1492 59.35 117.44 -15.91
N PRO H 1493 60.27 116.65 -15.36
CA PRO H 1493 61.54 116.43 -16.04
C PRO H 1493 61.34 115.75 -17.39
N GLY H 1494 60.45 114.76 -17.44
CA GLY H 1494 60.12 114.04 -18.67
C GLY H 1494 61.34 113.46 -19.35
N ARG H 1498 47.72 116.10 -21.57
CA ARG H 1498 46.52 115.30 -21.29
C ARG H 1498 46.90 114.02 -20.54
N ILE H 1499 46.38 112.89 -21.02
CA ILE H 1499 46.70 111.60 -20.42
C ILE H 1499 48.18 111.29 -20.65
N SER H 1500 48.83 110.74 -19.62
CA SER H 1500 50.24 110.40 -19.75
C SER H 1500 50.48 109.33 -20.81
N HIS H 1501 49.52 108.42 -20.98
CA HIS H 1501 49.57 107.32 -21.95
C HIS H 1501 50.72 106.37 -21.69
N THR H 1502 51.43 106.51 -20.57
CA THR H 1502 52.54 105.64 -20.22
C THR H 1502 52.47 105.31 -18.74
N ASP H 1503 53.15 104.24 -18.36
CA ASP H 1503 53.22 103.82 -16.96
C ASP H 1503 54.58 104.21 -16.39
N LEU H 1504 54.56 104.93 -15.28
CA LEU H 1504 55.78 105.43 -14.65
C LEU H 1504 56.23 104.42 -13.60
N VAL H 1505 57.38 103.81 -13.82
CA VAL H 1505 57.88 102.74 -12.94
C VAL H 1505 58.99 103.35 -12.10
N ILE H 1506 58.65 103.80 -10.89
CA ILE H 1506 59.62 104.36 -9.96
C ILE H 1506 60.15 103.20 -9.13
N GLY H 1507 61.42 102.87 -9.30
CA GLY H 1507 62.06 101.79 -8.58
C GLY H 1507 62.98 102.33 -7.50
N CYS H 1508 62.85 101.77 -6.30
CA CYS H 1508 63.66 102.13 -5.15
C CYS H 1508 64.69 101.04 -4.89
N LEU H 1509 65.92 101.47 -4.62
CA LEU H 1509 67.04 100.59 -4.31
C LEU H 1509 67.59 100.96 -2.95
N VAL H 1510 67.68 99.98 -2.06
CA VAL H 1510 68.12 100.20 -0.69
C VAL H 1510 69.30 99.29 -0.40
N ASP H 1511 70.36 99.86 0.19
CA ASP H 1511 71.54 99.10 0.57
C ASP H 1511 71.61 99.05 2.09
N LEU H 1512 71.34 97.86 2.65
CA LEU H 1512 71.36 97.72 4.10
C LEU H 1512 72.78 97.71 4.66
N ALA H 1513 73.75 97.29 3.85
CA ALA H 1513 75.13 97.20 4.33
C ALA H 1513 75.71 98.59 4.62
N THR H 1514 75.48 99.55 3.72
CA THR H 1514 76.01 100.89 3.88
C THR H 1514 75.00 101.87 4.46
N GLY H 1515 73.76 101.85 3.96
CA GLY H 1515 72.71 102.66 4.54
C GLY H 1515 72.20 103.78 3.65
N LEU H 1516 72.20 103.57 2.34
CA LEU H 1516 71.71 104.55 1.39
C LEU H 1516 70.60 103.95 0.54
N MET H 1517 69.61 104.79 0.24
CA MET H 1517 68.54 104.43 -0.70
C MET H 1517 68.51 105.44 -1.84
N THR H 1518 68.43 104.93 -3.07
CA THR H 1518 68.47 105.71 -4.28
C THR H 1518 67.32 105.30 -5.19
N PHE H 1519 66.80 106.26 -5.94
CA PHE H 1519 65.60 106.06 -6.75
C PHE H 1519 65.94 106.08 -8.23
N THR H 1520 65.01 105.56 -9.03
CA THR H 1520 65.17 105.56 -10.49
C THR H 1520 63.77 105.52 -11.10
N ALA H 1521 63.38 106.59 -11.78
CA ALA H 1521 62.04 106.72 -12.34
C ALA H 1521 62.03 106.21 -13.78
N ASN H 1522 61.38 105.08 -14.01
CA ASN H 1522 61.13 104.48 -15.32
C ASN H 1522 62.42 103.97 -15.96
N GLY H 1523 63.59 104.24 -15.37
CA GLY H 1523 64.87 103.92 -15.97
C GLY H 1523 65.72 105.11 -16.29
N LYS H 1524 65.27 106.32 -15.98
CA LYS H 1524 66.02 107.55 -16.23
C LYS H 1524 66.94 107.93 -15.08
N GLU H 1525 66.91 107.18 -13.97
CA GLU H 1525 67.73 107.41 -12.79
C GLU H 1525 67.32 108.68 -12.06
N SER H 1526 67.43 108.68 -10.73
CA SER H 1526 67.05 109.82 -9.91
C SER H 1526 68.25 110.24 -9.06
N ASN H 1527 68.57 111.53 -9.10
CA ASN H 1527 69.71 112.04 -8.33
C ASN H 1527 69.42 112.06 -6.83
N THR H 1528 68.16 112.05 -6.43
CA THR H 1528 67.83 112.10 -5.01
C THR H 1528 68.19 110.79 -4.32
N PHE H 1529 68.90 110.90 -3.20
CA PHE H 1529 69.26 109.75 -2.40
C PHE H 1529 69.18 110.12 -0.93
N PHE H 1530 69.01 109.12 -0.07
CA PHE H 1530 68.89 109.35 1.36
C PHE H 1530 69.78 108.39 2.13
N GLN H 1531 70.44 108.93 3.16
CA GLN H 1531 71.31 108.16 4.05
C GLN H 1531 70.62 108.02 5.41
N VAL H 1532 70.66 106.81 5.96
CA VAL H 1532 69.94 106.50 7.19
C VAL H 1532 70.89 105.87 8.19
N GLU H 1533 70.48 105.90 9.45
CA GLU H 1533 71.25 105.33 10.56
C GLU H 1533 71.12 103.81 10.57
N PRO H 1534 72.05 103.12 11.24
CA PRO H 1534 71.89 101.68 11.44
C PRO H 1534 70.74 101.37 12.40
N ASN H 1535 70.28 100.13 12.36
CA ASN H 1535 69.19 99.64 13.20
C ASN H 1535 67.91 100.44 12.95
N THR H 1536 67.59 100.66 11.68
CA THR H 1536 66.38 101.35 11.26
C THR H 1536 65.55 100.42 10.40
N LYS H 1537 64.25 100.35 10.68
CA LYS H 1537 63.31 99.55 9.91
C LYS H 1537 62.42 100.48 9.09
N LEU H 1538 62.30 100.19 7.80
CA LEU H 1538 61.56 101.03 6.87
C LEU H 1538 60.51 100.21 6.15
N PHE H 1539 59.34 100.81 5.93
CA PHE H 1539 58.23 100.20 5.23
C PHE H 1539 58.06 100.81 3.86
N PRO H 1540 57.99 100.02 2.80
CA PRO H 1540 57.67 100.58 1.47
C PRO H 1540 56.27 101.19 1.47
N ALA H 1541 56.21 102.50 1.21
CA ALA H 1541 54.95 103.23 1.29
C ALA H 1541 54.81 104.18 0.12
N VAL H 1542 53.56 104.45 -0.26
CA VAL H 1542 53.22 105.41 -1.29
C VAL H 1542 52.03 106.25 -0.82
N PHE H 1543 52.09 107.55 -1.12
CA PHE H 1543 51.00 108.48 -0.84
C PHE H 1543 50.46 108.97 -2.18
N VAL H 1544 49.16 108.82 -2.39
CA VAL H 1544 48.59 109.04 -3.71
C VAL H 1544 47.23 109.72 -3.59
N LEU H 1545 46.92 110.60 -4.55
CA LEU H 1545 45.59 111.16 -4.70
C LEU H 1545 44.92 110.50 -5.89
N PRO H 1546 43.92 109.65 -5.68
CA PRO H 1546 43.31 108.94 -6.81
C PRO H 1546 42.64 109.89 -7.79
N THR H 1547 42.95 109.71 -9.08
CA THR H 1547 42.30 110.46 -10.14
C THR H 1547 41.99 109.61 -11.36
N HIS H 1548 42.07 108.29 -11.25
CA HIS H 1548 41.84 107.40 -12.38
C HIS H 1548 41.39 106.05 -11.86
N GLN H 1549 40.84 105.23 -12.76
CA GLN H 1549 40.36 103.90 -12.38
C GLN H 1549 41.51 103.02 -11.91
N ASN H 1550 42.59 102.97 -12.68
CA ASN H 1550 43.79 102.23 -12.32
C ASN H 1550 44.84 103.21 -11.83
N VAL H 1551 45.30 103.04 -10.60
CA VAL H 1551 46.15 104.05 -9.98
C VAL H 1551 47.61 103.58 -9.90
N ILE H 1552 47.87 102.55 -9.09
CA ILE H 1552 49.22 102.16 -8.75
C ILE H 1552 49.33 100.65 -8.65
N GLN H 1553 50.58 100.17 -8.78
CA GLN H 1553 50.89 98.75 -8.72
C GLN H 1553 52.20 98.58 -7.99
N PHE H 1554 52.15 97.97 -6.80
CA PHE H 1554 53.34 97.63 -6.02
C PHE H 1554 53.95 96.37 -6.62
N GLU H 1555 55.11 96.50 -7.27
CA GLU H 1555 55.79 95.37 -7.89
C GLU H 1555 56.99 94.98 -7.04
N LEU H 1556 57.01 93.71 -6.62
CA LEU H 1556 58.05 93.16 -5.75
C LEU H 1556 58.94 92.28 -6.62
N GLY H 1557 59.97 92.88 -7.22
CA GLY H 1557 60.82 92.16 -8.12
C GLY H 1557 62.30 92.31 -7.87
N LYS H 1558 63.11 91.94 -8.85
CA LYS H 1558 64.56 92.01 -8.75
C LYS H 1558 65.14 92.52 -10.06
N GLN H 1559 66.35 93.04 -9.98
CA GLN H 1559 67.11 93.46 -11.14
C GLN H 1559 68.37 92.61 -11.23
N LYS H 1560 69.25 92.96 -12.16
CA LYS H 1560 70.50 92.24 -12.29
C LYS H 1560 71.38 92.48 -11.07
N ASN H 1561 71.86 91.39 -10.47
CA ASN H 1561 72.77 91.45 -9.31
C ASN H 1561 72.13 92.13 -8.11
N ILE H 1562 70.80 91.99 -7.96
CA ILE H 1562 70.08 92.66 -6.88
C ILE H 1562 69.09 91.68 -6.26
N MET H 1563 69.08 91.61 -4.94
CA MET H 1563 68.10 90.81 -4.22
C MET H 1563 66.70 91.40 -4.35
N PRO H 1564 65.66 90.58 -4.28
CA PRO H 1564 64.30 91.09 -4.14
C PRO H 1564 64.02 91.51 -2.71
N LEU H 1565 62.87 92.17 -2.53
CA LEU H 1565 62.50 92.64 -1.20
C LEU H 1565 62.11 91.49 -0.27
N SER H 1566 61.66 90.37 -0.83
CA SER H 1566 61.27 89.24 -0.01
C SER H 1566 62.46 88.66 0.76
N ALA H 1567 63.64 88.68 0.14
CA ALA H 1567 64.84 88.18 0.83
C ALA H 1567 65.15 89.00 2.07
N ALA H 1568 65.05 90.33 1.97
CA ALA H 1568 65.25 91.17 3.15
C ALA H 1568 64.12 90.99 4.15
N MET H 1569 62.88 90.83 3.68
CA MET H 1569 61.75 90.75 4.59
C MET H 1569 61.78 89.46 5.42
N PHE H 1570 62.13 88.34 4.80
CA PHE H 1570 62.04 87.03 5.43
C PHE H 1570 63.44 86.44 5.60
N LEU H 1571 63.75 85.99 6.82
CA LEU H 1571 65.05 85.38 7.09
C LEU H 1571 65.17 84.04 6.36
N SER H 1572 64.09 83.26 6.31
CA SER H 1572 64.15 81.94 5.69
C SER H 1572 64.48 82.02 4.20
N GLU H 1573 64.02 83.07 3.52
CA GLU H 1573 64.27 83.26 2.11
C GLU H 1573 65.33 84.33 1.83
N ARG H 1574 66.27 84.51 2.76
CA ARG H 1574 67.29 85.54 2.59
C ARG H 1574 68.19 85.26 1.39
N LYS H 1575 68.35 83.98 1.03
CA LYS H 1575 69.21 83.60 -0.08
C LYS H 1575 68.40 83.12 -1.29
N ASN H 1576 67.12 83.48 -1.36
CA ASN H 1576 66.27 83.09 -2.47
C ASN H 1576 66.20 84.22 -3.47
N PRO H 1577 66.78 84.08 -4.68
CA PRO H 1577 66.69 85.17 -5.66
C PRO H 1577 65.31 85.32 -6.28
N ALA H 1578 64.49 84.28 -6.27
CA ALA H 1578 63.18 84.34 -6.89
C ALA H 1578 62.22 85.17 -6.04
N PRO H 1579 61.63 86.23 -6.58
CA PRO H 1579 60.67 87.02 -5.79
C PRO H 1579 59.41 86.24 -5.48
N GLN H 1580 58.77 86.58 -4.36
CA GLN H 1580 57.54 85.94 -3.95
C GLN H 1580 56.77 86.89 -3.05
N CYS H 1581 55.48 86.60 -2.89
CA CYS H 1581 54.57 87.42 -2.08
C CYS H 1581 53.84 86.49 -1.10
N PRO H 1582 54.43 86.24 0.07
CA PRO H 1582 53.77 85.39 1.06
C PRO H 1582 52.53 86.06 1.62
N PRO H 1583 51.61 85.30 2.22
CA PRO H 1583 50.34 85.89 2.67
C PRO H 1583 50.49 87.00 3.70
N ARG H 1584 51.56 87.00 4.50
CA ARG H 1584 51.72 88.03 5.51
C ARG H 1584 51.85 89.41 4.90
N LEU H 1585 52.61 89.52 3.81
CA LEU H 1585 52.83 90.82 3.17
C LEU H 1585 51.52 91.34 2.61
N GLU H 1586 51.13 92.55 3.04
CA GLU H 1586 49.81 93.08 2.74
C GLU H 1586 49.91 94.59 2.68
N VAL H 1587 48.93 95.21 2.02
CA VAL H 1587 48.84 96.65 1.89
C VAL H 1587 47.94 97.19 2.99
N GLN H 1588 48.43 98.18 3.72
CA GLN H 1588 47.71 98.80 4.82
C GLN H 1588 47.54 100.28 4.55
N MET H 1589 46.40 100.83 4.95
CA MET H 1589 46.10 102.24 4.73
C MET H 1589 46.01 102.97 6.05
N LEU H 1590 46.38 104.25 6.03
CA LEU H 1590 46.35 105.06 7.25
C LEU H 1590 44.91 105.29 7.68
N MET H 1591 44.65 105.05 8.97
CA MET H 1591 43.33 105.27 9.55
C MET H 1591 43.41 106.39 10.58
N PRO H 1592 42.58 107.43 10.46
CA PRO H 1592 42.76 108.60 11.32
C PRO H 1592 42.40 108.37 12.77
N VAL H 1593 41.34 107.60 13.05
CA VAL H 1593 40.80 107.47 14.39
C VAL H 1593 40.70 106.00 14.76
N SER H 1594 41.11 105.66 15.98
CA SER H 1594 41.02 104.31 16.50
C SER H 1594 40.54 104.37 17.95
N TRP H 1595 40.08 103.23 18.46
CA TRP H 1595 39.60 103.12 19.82
C TRP H 1595 40.77 102.88 20.78
N SER H 1596 40.59 103.32 22.02
CA SER H 1596 41.61 103.15 23.04
C SER H 1596 40.93 103.01 24.41
N ARG H 1597 41.67 102.46 25.35
CA ARG H 1597 41.17 102.16 26.69
C ARG H 1597 41.72 103.18 27.69
N MET H 1598 40.84 103.75 28.49
CA MET H 1598 41.25 104.71 29.51
C MET H 1598 41.87 103.97 30.69
N PRO H 1599 43.06 104.36 31.14
CA PRO H 1599 43.66 103.72 32.32
C PRO H 1599 42.78 103.90 33.55
N ASN H 1600 42.80 102.90 34.42
CA ASN H 1600 41.96 102.94 35.62
C ASN H 1600 42.46 103.98 36.62
N HIS H 1601 43.77 104.20 36.69
CA HIS H 1601 44.35 105.14 37.63
C HIS H 1601 45.27 106.12 36.89
N PHE H 1602 45.38 107.33 37.43
CA PHE H 1602 46.18 108.39 36.84
C PHE H 1602 47.08 108.99 37.90
N LEU H 1603 48.16 109.63 37.44
CA LEU H 1603 49.13 110.21 38.35
C LEU H 1603 48.53 111.41 39.07
N GLN H 1604 49.06 111.67 40.27
CA GLN H 1604 48.68 112.83 41.07
C GLN H 1604 49.83 113.83 41.00
N VAL H 1605 49.62 114.93 40.28
CA VAL H 1605 50.65 115.93 40.04
C VAL H 1605 50.14 117.26 40.57
N GLU H 1606 50.99 117.93 41.37
CA GLU H 1606 50.69 119.26 41.88
C GLU H 1606 51.59 120.27 41.19
N THR H 1607 50.98 121.29 40.58
CA THR H 1607 51.68 122.24 39.74
C THR H 1607 51.55 123.65 40.30
N ARG H 1608 51.86 123.82 41.58
CA ARG H 1608 51.54 125.06 42.29
C ARG H 1608 52.81 125.85 42.54
N ARG H 1609 52.68 127.18 42.51
CA ARG H 1609 53.86 128.01 42.70
C ARG H 1609 54.13 128.23 44.19
N ALA H 1610 55.40 128.16 44.56
CA ALA H 1610 55.80 128.27 45.96
C ALA H 1610 55.96 129.72 46.41
N GLY H 1611 56.44 130.59 45.52
CA GLY H 1611 56.62 131.99 45.88
C GLY H 1611 57.19 132.76 44.71
N GLU H 1612 57.38 134.06 44.94
CA GLU H 1612 57.93 134.92 43.90
C GLU H 1612 59.39 134.59 43.62
N ARG H 1613 60.13 134.13 44.63
CA ARG H 1613 61.53 133.78 44.46
C ARG H 1613 61.72 132.31 44.09
N LEU H 1614 60.93 131.41 44.66
CA LEU H 1614 61.13 129.98 44.41
C LEU H 1614 60.67 129.60 43.01
N GLY H 1615 59.53 130.12 42.57
CA GLY H 1615 59.01 129.79 41.25
C GLY H 1615 57.75 128.94 41.30
N TRP H 1616 57.53 128.16 40.25
CA TRP H 1616 56.35 127.30 40.14
C TRP H 1616 56.78 125.85 40.32
N ALA H 1617 56.47 125.27 41.48
CA ALA H 1617 56.92 123.93 41.81
C ALA H 1617 55.93 122.89 41.30
N VAL H 1618 56.45 121.90 40.57
CA VAL H 1618 55.70 120.75 40.10
C VAL H 1618 56.24 119.52 40.80
N GLN H 1619 55.35 118.78 41.46
CA GLN H 1619 55.75 117.60 42.21
C GLN H 1619 54.79 116.45 41.92
N CYS H 1620 55.32 115.24 42.00
CA CYS H 1620 54.54 114.01 41.79
C CYS H 1620 55.34 112.87 42.40
N GLN H 1621 54.74 112.14 43.34
CA GLN H 1621 55.45 111.12 44.09
C GLN H 1621 54.73 109.78 44.18
N ASP H 1622 53.46 109.70 43.82
CA ASP H 1622 52.73 108.44 43.92
C ASP H 1622 53.15 107.51 42.78
N PRO H 1623 53.68 106.33 43.07
CA PRO H 1623 54.10 105.42 42.00
C PRO H 1623 52.92 104.87 41.24
N LEU H 1624 53.16 104.53 39.97
CA LEU H 1624 52.14 103.96 39.12
C LEU H 1624 52.82 103.21 37.97
N THR H 1625 52.41 101.95 37.77
CA THR H 1625 53.02 101.10 36.76
C THR H 1625 51.94 100.28 36.06
N MET H 1626 52.28 99.75 34.90
CA MET H 1626 51.36 98.93 34.13
C MET H 1626 52.14 97.94 33.28
N MET H 1627 51.45 96.88 32.87
CA MET H 1627 52.01 95.86 31.99
C MET H 1627 51.83 96.27 30.53
N ALA H 1628 52.92 96.24 29.76
CA ALA H 1628 52.91 96.68 28.38
C ALA H 1628 53.14 95.49 27.46
N LEU H 1629 52.29 95.37 26.45
CA LEU H 1629 52.42 94.34 25.43
C LEU H 1629 53.03 94.97 24.19
N HIS H 1630 54.15 94.43 23.72
CA HIS H 1630 54.94 95.02 22.67
C HIS H 1630 54.84 94.20 21.39
N ILE H 1631 54.57 94.86 20.27
CA ILE H 1631 54.55 94.24 18.96
C ILE H 1631 55.90 94.47 18.30
N PRO H 1632 56.66 93.43 17.98
CA PRO H 1632 58.03 93.65 17.49
C PRO H 1632 58.12 94.41 16.16
N GLU H 1633 57.39 93.95 15.13
CA GLU H 1633 57.57 94.51 13.81
C GLU H 1633 57.12 95.97 13.75
N GLU H 1634 56.03 96.31 14.44
CA GLU H 1634 55.53 97.68 14.41
C GLU H 1634 56.27 98.62 15.35
N ASN H 1635 57.13 98.08 16.22
CA ASN H 1635 57.93 98.88 17.15
C ASN H 1635 57.06 99.78 18.02
N ARG H 1636 55.91 99.25 18.44
CA ARG H 1636 55.00 99.98 19.30
C ARG H 1636 54.42 99.02 20.33
N CYS H 1637 54.01 99.58 21.47
CA CYS H 1637 53.48 98.80 22.58
C CYS H 1637 52.09 99.29 22.95
N MET H 1638 51.36 98.42 23.66
CA MET H 1638 50.01 98.74 24.10
C MET H 1638 49.72 97.98 25.39
N ASP H 1639 48.71 98.47 26.11
CA ASP H 1639 48.39 97.90 27.41
C ASP H 1639 47.90 96.46 27.27
N ILE H 1640 48.25 95.63 28.25
CA ILE H 1640 47.82 94.23 28.24
C ILE H 1640 46.33 94.13 28.51
N LEU H 1641 45.77 95.05 29.30
CA LEU H 1641 44.34 95.06 29.56
C LEU H 1641 43.51 95.45 28.35
N GLU H 1642 44.15 95.99 27.30
CA GLU H 1642 43.46 96.31 26.07
C GLU H 1642 43.10 95.07 25.26
N LEU H 1643 43.59 93.89 25.65
CA LEU H 1643 43.29 92.65 24.95
C LEU H 1643 41.87 92.16 25.21
N SER H 1644 41.12 92.81 26.10
CA SER H 1644 39.75 92.37 26.36
C SER H 1644 38.88 92.46 25.11
N GLU H 1645 39.13 93.44 24.26
CA GLU H 1645 38.42 93.57 23.00
C GLU H 1645 39.24 93.14 21.79
N ARG H 1646 40.53 92.90 21.95
CA ARG H 1646 41.39 92.43 20.86
C ARG H 1646 41.50 90.92 21.01
N LEU H 1647 40.50 90.20 20.48
CA LEU H 1647 40.37 88.78 20.74
C LEU H 1647 41.43 87.95 20.03
N ASP H 1648 41.85 88.37 18.83
CA ASP H 1648 42.85 87.60 18.10
C ASP H 1648 44.19 87.60 18.83
N LEU H 1649 44.63 88.79 19.29
CA LEU H 1649 45.88 88.87 20.03
C LEU H 1649 45.78 88.15 21.37
N GLN H 1650 44.60 88.21 22.00
CA GLN H 1650 44.39 87.48 23.25
C GLN H 1650 44.57 85.98 23.04
N ARG H 1651 43.95 85.44 21.99
CA ARG H 1651 44.08 84.02 21.68
C ARG H 1651 45.53 83.65 21.37
N PHE H 1652 46.20 84.49 20.58
CA PHE H 1652 47.60 84.19 20.22
C PHE H 1652 48.49 84.21 21.44
N HIS H 1653 48.27 85.16 22.35
CA HIS H 1653 49.11 85.23 23.55
C HIS H 1653 48.81 84.08 24.50
N SER H 1654 47.54 83.66 24.59
CA SER H 1654 47.22 82.49 25.39
C SER H 1654 47.90 81.24 24.85
N HIS H 1655 47.89 81.07 23.52
CA HIS H 1655 48.61 79.95 22.94
C HIS H 1655 50.12 80.08 23.12
N THR H 1656 50.65 81.30 23.15
CA THR H 1656 52.06 81.49 23.42
C THR H 1656 52.42 81.06 24.84
N LEU H 1657 51.58 81.42 25.81
CA LEU H 1657 51.80 80.95 27.18
C LEU H 1657 51.70 79.44 27.27
N ARG H 1658 50.74 78.85 26.54
CA ARG H 1658 50.63 77.39 26.52
C ARG H 1658 51.88 76.76 25.92
N LEU H 1659 52.45 77.40 24.88
CA LEU H 1659 53.69 76.90 24.30
C LEU H 1659 54.85 76.98 25.29
N TYR H 1660 54.91 78.07 26.05
CA TYR H 1660 55.93 78.19 27.10
C TYR H 1660 55.79 77.05 28.11
N ARG H 1661 54.56 76.79 28.56
CA ARG H 1661 54.34 75.69 29.50
C ARG H 1661 54.70 74.35 28.87
N ALA H 1662 54.42 74.18 27.58
CA ALA H 1662 54.74 72.93 26.91
C ALA H 1662 56.25 72.70 26.84
N VAL H 1663 57.01 73.74 26.49
CA VAL H 1663 58.47 73.54 26.42
C VAL H 1663 59.05 73.38 27.81
N CYS H 1664 58.43 73.99 28.83
CA CYS H 1664 58.93 73.82 30.20
C CYS H 1664 58.43 72.55 30.87
N ALA H 1665 57.51 71.83 30.23
CA ALA H 1665 56.86 70.70 30.89
C ALA H 1665 57.83 69.56 31.16
N LEU H 1666 57.51 68.79 32.21
CA LEU H 1666 58.22 67.56 32.57
C LEU H 1666 59.68 67.83 32.94
N GLY H 1667 59.87 68.71 33.91
CA GLY H 1667 61.15 68.90 34.55
C GLY H 1667 62.30 69.31 33.65
N ASN H 1668 62.07 70.29 32.79
CA ASN H 1668 63.13 70.85 31.95
C ASN H 1668 63.61 72.15 32.60
N ASN H 1669 64.51 71.99 33.57
CA ASN H 1669 64.96 73.13 34.36
C ASN H 1669 65.78 74.11 33.53
N ARG H 1670 66.55 73.61 32.56
CA ARG H 1670 67.27 74.51 31.67
C ARG H 1670 66.31 75.39 30.87
N VAL H 1671 65.23 74.79 30.35
CA VAL H 1671 64.24 75.55 29.61
C VAL H 1671 63.51 76.52 30.55
N ALA H 1672 63.27 76.12 31.80
CA ALA H 1672 62.66 77.02 32.77
C ALA H 1672 63.54 78.24 33.03
N HIS H 1673 64.84 78.02 33.19
CA HIS H 1673 65.77 79.14 33.35
C HIS H 1673 65.77 80.03 32.12
N ALA H 1674 65.73 79.42 30.93
CA ALA H 1674 65.66 80.23 29.71
C ALA H 1674 64.40 81.06 29.66
N LEU H 1675 63.27 80.49 30.09
CA LEU H 1675 62.01 81.23 30.11
C LEU H 1675 62.06 82.38 31.11
N CYS H 1676 62.73 82.17 32.25
CA CYS H 1676 62.78 83.21 33.29
C CYS H 1676 63.36 84.51 32.77
N SER H 1677 64.22 84.45 31.75
CA SER H 1677 64.72 85.67 31.13
C SER H 1677 63.61 86.45 30.44
N HIS H 1678 62.69 85.74 29.77
CA HIS H 1678 61.60 86.40 29.07
C HIS H 1678 60.51 86.86 30.03
N VAL H 1679 59.99 85.93 30.84
CA VAL H 1679 58.96 86.23 31.83
C VAL H 1679 59.61 86.19 33.20
N ASP H 1680 59.54 87.30 33.92
CA ASP H 1680 60.24 87.45 35.18
C ASP H 1680 59.28 87.41 36.36
N GLN H 1681 59.88 87.39 37.56
CA GLN H 1681 59.10 87.29 38.78
C GLN H 1681 58.18 88.51 38.96
N ALA H 1682 58.68 89.71 38.63
CA ALA H 1682 57.87 90.90 38.75
C ALA H 1682 56.65 90.84 37.84
N GLN H 1683 56.85 90.43 36.58
CA GLN H 1683 55.73 90.29 35.66
C GLN H 1683 54.74 89.25 36.15
N LEU H 1684 55.24 88.11 36.64
CA LEU H 1684 54.34 87.08 37.13
C LEU H 1684 53.52 87.57 38.31
N LEU H 1685 54.15 88.25 39.27
CA LEU H 1685 53.42 88.74 40.43
C LEU H 1685 52.42 89.83 40.05
N HIS H 1686 52.79 90.71 39.13
CA HIS H 1686 51.86 91.76 38.71
C HIS H 1686 50.67 91.17 37.97
N ALA H 1687 50.90 90.16 37.13
CA ALA H 1687 49.80 89.47 36.48
C ALA H 1687 48.93 88.72 37.48
N LEU H 1688 49.54 88.19 38.54
CA LEU H 1688 48.76 87.57 39.60
C LEU H 1688 47.85 88.59 40.29
N GLU H 1689 48.37 89.79 40.54
CA GLU H 1689 47.59 90.82 41.21
C GLU H 1689 46.68 91.60 40.26
N ASP H 1690 46.77 91.37 38.96
CA ASP H 1690 45.99 92.14 37.99
C ASP H 1690 44.55 91.63 37.99
N ALA H 1691 43.64 92.44 38.53
CA ALA H 1691 42.24 92.05 38.61
C ALA H 1691 41.51 92.17 37.29
N HIS H 1692 41.88 93.16 36.47
CA HIS H 1692 41.19 93.42 35.21
C HIS H 1692 41.74 92.60 34.04
N LEU H 1693 42.73 91.74 34.29
CA LEU H 1693 43.27 90.92 33.23
C LEU H 1693 42.22 89.92 32.76
N PRO H 1694 42.16 89.61 31.46
CA PRO H 1694 41.22 88.59 30.98
C PRO H 1694 41.48 87.24 31.63
N GLY H 1695 40.41 86.47 31.80
CA GLY H 1695 40.46 85.20 32.48
C GLY H 1695 41.41 84.19 31.88
N PRO H 1696 41.36 83.99 30.55
CA PRO H 1696 42.35 83.08 29.93
C PRO H 1696 43.78 83.49 30.18
N LEU H 1697 44.10 84.78 30.11
CA LEU H 1697 45.46 85.24 30.37
C LEU H 1697 45.84 85.05 31.82
N ARG H 1698 44.91 85.32 32.75
CA ARG H 1698 45.17 85.11 34.16
C ARG H 1698 45.48 83.65 34.45
N ALA H 1699 44.67 82.74 33.91
CA ALA H 1699 44.91 81.32 34.09
C ALA H 1699 46.24 80.91 33.47
N GLY H 1700 46.55 81.44 32.29
CA GLY H 1700 47.81 81.12 31.65
C GLY H 1700 49.01 81.56 32.46
N TYR H 1701 48.96 82.77 33.02
CA TYR H 1701 50.07 83.24 33.84
C TYR H 1701 50.21 82.43 35.13
N TYR H 1702 49.07 82.11 35.77
CA TYR H 1702 49.13 81.27 36.96
C TYR H 1702 49.77 79.92 36.67
N ASP H 1703 49.32 79.28 35.59
CA ASP H 1703 49.86 77.96 35.23
C ASP H 1703 51.33 78.06 34.82
N LEU H 1704 51.71 79.14 34.15
CA LEU H 1704 53.12 79.33 33.79
C LEU H 1704 53.98 79.46 35.03
N LEU H 1705 53.52 80.23 36.02
CA LEU H 1705 54.28 80.35 37.27
C LEU H 1705 54.42 79.00 37.96
N ILE H 1706 53.31 78.25 38.05
CA ILE H 1706 53.37 76.94 38.70
C ILE H 1706 54.30 76.00 37.95
N SER H 1707 54.30 76.07 36.62
CA SER H 1707 55.14 75.19 35.83
C SER H 1707 56.62 75.53 35.95
N ILE H 1708 56.96 76.82 35.97
CA ILE H 1708 58.36 77.21 35.95
C ILE H 1708 58.95 77.41 37.34
N HIS H 1709 58.15 77.27 38.40
CA HIS H 1709 58.68 77.46 39.75
C HIS H 1709 58.34 76.36 40.75
N LEU H 1710 57.37 75.49 40.47
CA LEU H 1710 56.98 74.50 41.46
C LEU H 1710 56.79 73.08 40.92
N GLU H 1711 56.85 72.87 39.60
CA GLU H 1711 56.44 71.58 39.03
C GLU H 1711 57.33 70.45 39.52
N SER H 1712 58.65 70.59 39.39
CA SER H 1712 59.56 69.51 39.73
C SER H 1712 59.52 69.19 41.21
N ALA H 1713 59.55 70.21 42.06
CA ALA H 1713 59.50 69.99 43.50
C ALA H 1713 58.19 69.34 43.92
N CYS H 1714 57.07 69.81 43.37
CA CYS H 1714 55.79 69.22 43.69
C CYS H 1714 55.74 67.76 43.26
N ARG H 1715 56.25 67.45 42.06
CA ARG H 1715 56.26 66.06 41.59
C ARG H 1715 57.11 65.18 42.50
N SER H 1716 58.30 65.66 42.89
CA SER H 1716 59.16 64.86 43.75
C SER H 1716 58.52 64.61 45.11
N ARG H 1717 57.92 65.64 45.71
CA ARG H 1717 57.28 65.46 47.00
C ARG H 1717 56.07 64.55 46.90
N ARG H 1718 55.30 64.67 45.82
CA ARG H 1718 54.16 63.77 45.63
C ARG H 1718 54.62 62.32 45.49
N SER H 1719 55.73 62.10 44.78
CA SER H 1719 56.28 60.75 44.67
C SER H 1719 56.71 60.22 46.02
N MET H 1720 57.35 61.07 46.83
CA MET H 1720 57.82 60.63 48.15
C MET H 1720 56.69 60.46 49.16
N LEU H 1721 55.54 61.09 48.94
CA LEU H 1721 54.44 60.97 49.91
C LEU H 1721 53.88 59.55 50.01
N SER H 1722 54.19 58.68 49.05
CA SER H 1722 53.63 57.34 49.06
C SER H 1722 54.10 56.52 50.25
N GLU H 1723 55.39 56.60 50.57
CA GLU H 1723 55.98 55.76 51.60
C GLU H 1723 56.11 56.50 52.92
N TYR H 1724 55.94 55.77 54.01
CA TYR H 1724 56.04 56.30 55.38
C TYR H 1724 57.19 55.61 56.08
N ILE H 1725 58.30 56.32 56.28
CA ILE H 1725 59.42 55.83 57.07
C ILE H 1725 59.66 56.81 58.20
N VAL H 1726 59.75 56.30 59.42
CA VAL H 1726 59.82 57.16 60.61
C VAL H 1726 61.01 56.78 61.46
N PRO H 1727 61.80 57.75 61.92
CA PRO H 1727 62.91 57.45 62.83
C PRO H 1727 62.46 57.39 64.29
N LEU H 1728 63.26 56.71 65.09
CA LEU H 1728 63.03 56.63 66.54
C LEU H 1728 63.61 57.87 67.19
N THR H 1729 62.75 58.87 67.41
CA THR H 1729 63.17 60.16 67.94
C THR H 1729 62.22 60.60 69.05
N PRO H 1730 62.67 61.48 69.94
CA PRO H 1730 61.73 62.07 70.91
C PRO H 1730 60.57 62.80 70.24
N GLU H 1731 60.84 63.47 69.11
CA GLU H 1731 59.75 64.07 68.34
C GLU H 1731 58.77 63.01 67.84
N THR H 1732 59.29 61.82 67.49
CA THR H 1732 58.41 60.73 67.10
C THR H 1732 57.54 60.27 68.25
N ARG H 1733 58.14 60.03 69.42
CA ARG H 1733 57.37 59.51 70.54
C ARG H 1733 56.45 60.57 71.15
N ALA H 1734 56.68 61.85 70.87
CA ALA H 1734 55.80 62.90 71.37
C ALA H 1734 54.47 62.94 70.65
N ILE H 1735 54.33 62.24 69.52
CA ILE H 1735 53.08 62.27 68.76
C ILE H 1735 52.01 61.47 69.51
N THR H 1736 50.84 62.07 69.68
CA THR H 1736 49.70 61.44 70.33
C THR H 1736 48.52 61.39 69.37
N LEU H 1737 47.83 60.25 69.35
CA LEU H 1737 46.68 60.09 68.46
C LEU H 1737 45.57 61.08 68.82
N PHE H 1738 45.29 61.23 70.11
CA PHE H 1738 44.28 62.19 70.59
C PHE H 1738 44.98 63.24 71.44
N PRO H 1739 45.20 64.45 70.92
CA PRO H 1739 45.81 65.51 71.72
C PRO H 1739 44.96 65.84 72.93
N PRO H 1740 45.58 66.10 74.08
CA PRO H 1740 44.79 66.43 75.28
C PRO H 1740 44.05 67.75 75.12
N GLY H 1741 42.86 67.81 75.71
CA GLY H 1741 42.09 69.03 75.67
C GLY H 1741 42.76 70.14 76.47
N ARG H 1742 42.93 71.30 75.83
CA ARG H 1742 43.55 72.43 76.53
C ARG H 1742 42.70 72.91 77.70
N LYS H 1743 41.38 72.98 77.50
CA LYS H 1743 40.49 73.39 78.58
C LYS H 1743 40.50 72.38 79.73
N GLY H 1744 40.52 71.11 79.41
CA GLY H 1744 40.51 70.05 80.42
C GLY H 1744 39.20 69.30 80.40
N GLY H 1745 39.28 67.99 80.61
CA GLY H 1745 38.10 67.14 80.59
C GLY H 1745 37.58 66.80 79.22
N ASN H 1746 38.30 67.15 78.17
CA ASN H 1746 37.89 66.87 76.79
C ASN H 1746 38.68 65.70 76.26
N ALA H 1747 37.99 64.62 75.91
CA ALA H 1747 38.61 63.41 75.42
C ALA H 1747 38.10 63.09 74.02
N ARG H 1748 38.87 62.26 73.30
CA ARG H 1748 38.56 61.85 71.94
C ARG H 1748 38.54 63.04 70.98
N ARG H 1749 39.31 64.08 71.28
CA ARG H 1749 39.39 65.25 70.41
C ARG H 1749 40.26 64.94 69.19
N HIS H 1750 39.71 65.15 68.00
CA HIS H 1750 40.45 64.96 66.76
C HIS H 1750 41.21 66.24 66.44
N GLY H 1751 42.52 66.12 66.26
CA GLY H 1751 43.32 67.27 65.90
C GLY H 1751 43.03 67.75 64.49
N LEU H 1752 43.26 69.03 64.28
CA LEU H 1752 43.02 69.62 62.96
C LEU H 1752 44.03 69.05 61.97
N PRO H 1753 43.59 68.58 60.80
CA PRO H 1753 44.53 67.99 59.83
C PRO H 1753 45.55 69.02 59.36
N GLY H 1754 46.78 68.57 59.17
CA GLY H 1754 47.86 69.42 58.72
C GLY H 1754 48.50 70.25 59.81
N VAL H 1755 48.05 70.13 61.06
CA VAL H 1755 48.59 70.91 62.15
C VAL H 1755 49.52 70.10 63.06
N GLY H 1756 49.30 68.80 63.19
CA GLY H 1756 50.12 67.99 64.07
C GLY H 1756 51.54 67.84 63.54
N VAL H 1757 52.40 67.36 64.43
CA VAL H 1757 53.81 67.19 64.11
C VAL H 1757 54.00 65.92 63.29
N THR H 1758 54.68 66.06 62.16
CA THR H 1758 54.98 64.94 61.28
C THR H 1758 56.49 64.70 61.26
N THR H 1759 56.89 63.47 61.57
CA THR H 1759 58.30 63.11 61.61
C THR H 1759 58.69 62.14 60.51
N SER H 1760 57.79 61.87 59.57
CA SER H 1760 58.14 61.02 58.43
C SER H 1760 59.20 61.70 57.57
N LEU H 1761 60.15 60.91 57.09
CA LEU H 1761 61.30 61.45 56.37
C LEU H 1761 60.90 61.86 54.96
N ARG H 1762 61.03 63.15 54.67
CA ARG H 1762 60.76 63.69 53.34
C ARG H 1762 62.00 64.46 52.90
N PRO H 1763 62.58 64.13 51.76
CA PRO H 1763 63.77 64.87 51.29
C PRO H 1763 63.43 66.33 51.05
N PRO H 1764 64.34 67.25 51.37
CA PRO H 1764 64.07 68.67 51.19
C PRO H 1764 64.13 69.08 49.73
N HIS H 1765 63.50 70.21 49.44
CA HIS H 1765 63.49 70.77 48.10
C HIS H 1765 64.82 71.48 47.81
N HIS H 1766 65.18 71.53 46.54
CA HIS H 1766 66.41 72.18 46.09
C HIS H 1766 66.08 73.13 44.95
N PHE H 1767 66.57 74.35 45.05
CA PHE H 1767 66.38 75.37 44.02
C PHE H 1767 67.68 76.09 43.76
N SER H 1768 67.82 76.60 42.55
CA SER H 1768 68.98 77.41 42.15
C SER H 1768 68.49 78.75 41.62
N PRO H 1769 68.91 79.87 42.20
CA PRO H 1769 68.46 81.18 41.74
C PRO H 1769 68.84 81.40 40.28
N PRO H 1770 67.96 82.02 39.50
CA PRO H 1770 68.30 82.30 38.09
C PRO H 1770 69.50 83.23 37.98
N CYS H 1771 70.34 82.97 36.98
CA CYS H 1771 71.52 83.79 36.74
C CYS H 1771 71.87 83.73 35.27
N PHE H 1772 72.04 84.90 34.65
CA PHE H 1772 72.35 84.98 33.23
C PHE H 1772 73.62 85.79 32.96
N VAL H 1773 74.34 86.20 33.99
CA VAL H 1773 75.61 86.89 33.83
C VAL H 1773 76.80 85.97 34.09
N ALA H 1774 76.59 84.85 34.79
CA ALA H 1774 77.68 83.94 35.08
C ALA H 1774 78.23 83.31 33.80
N ALA H 1775 79.53 83.05 33.81
CA ALA H 1775 80.19 82.45 32.65
C ALA H 1775 79.64 81.06 32.38
N LEU H 1776 79.31 80.79 31.12
CA LEU H 1776 78.75 79.50 30.73
C LEU H 1776 79.86 78.47 30.64
N PRO H 1777 79.81 77.37 31.40
CA PRO H 1777 80.83 76.31 31.34
C PRO H 1777 80.81 75.56 30.01
N GLU H 1783 78.87 63.63 34.19
CA GLU H 1783 79.29 64.65 33.24
C GLU H 1783 78.64 66.00 33.56
N ALA H 1784 77.49 66.25 32.95
CA ALA H 1784 76.78 67.50 33.16
C ALA H 1784 75.68 67.28 34.20
N PRO H 1785 75.75 67.90 35.37
CA PRO H 1785 74.69 67.72 36.37
C PRO H 1785 73.39 68.36 35.92
N ALA H 1786 72.28 67.80 36.41
CA ALA H 1786 70.97 68.33 36.08
C ALA H 1786 70.75 69.67 36.76
N ARG H 1787 70.21 70.63 35.99
CA ARG H 1787 69.95 71.96 36.53
C ARG H 1787 68.78 71.91 37.50
N LEU H 1788 68.75 72.91 38.38
CA LEU H 1788 67.71 73.02 39.40
C LEU H 1788 66.66 74.05 39.00
N SER H 1789 65.50 73.96 39.65
CA SER H 1789 64.41 74.87 39.36
C SER H 1789 64.78 76.28 39.82
N PRO H 1790 64.38 77.30 39.05
CA PRO H 1790 64.66 78.68 39.46
C PRO H 1790 64.03 79.01 40.81
N ALA H 1791 64.72 79.83 41.59
CA ALA H 1791 64.28 80.19 42.93
C ALA H 1791 63.30 81.35 42.90
N ILE H 1792 62.44 81.38 43.92
CA ILE H 1792 61.43 82.43 44.10
C ILE H 1792 61.08 82.48 45.58
N PRO H 1793 60.84 83.66 46.17
CA PRO H 1793 60.55 83.70 47.60
C PRO H 1793 59.30 82.93 47.98
N LEU H 1794 59.51 81.81 48.68
CA LEU H 1794 58.41 80.88 48.94
C LEU H 1794 57.47 81.42 50.01
N GLU H 1795 58.02 82.00 51.09
CA GLU H 1795 57.17 82.56 52.13
C GLU H 1795 56.35 83.74 51.61
N ALA H 1796 56.99 84.62 50.83
CA ALA H 1796 56.26 85.74 50.24
C ALA H 1796 55.17 85.25 49.29
N LEU H 1797 55.48 84.24 48.46
CA LEU H 1797 54.48 83.69 47.57
C LEU H 1797 53.32 83.07 48.36
N ARG H 1798 53.64 82.38 49.46
CA ARG H 1798 52.61 81.75 50.28
C ARG H 1798 51.68 82.80 50.89
N ASP H 1799 52.25 83.87 51.45
CA ASP H 1799 51.43 84.92 52.03
C ASP H 1799 50.59 85.60 50.96
N LYS H 1800 51.18 85.85 49.80
CA LYS H 1800 50.45 86.47 48.70
C LYS H 1800 49.28 85.60 48.26
N ALA H 1801 49.51 84.29 48.12
CA ALA H 1801 48.45 83.39 47.71
C ALA H 1801 47.34 83.28 48.76
N LEU H 1802 47.73 83.28 50.04
CA LEU H 1802 46.73 83.25 51.10
C LEU H 1802 45.85 84.50 51.06
N ARG H 1803 46.47 85.67 50.88
CA ARG H 1803 45.69 86.90 50.77
C ARG H 1803 44.80 86.86 49.54
N MET H 1804 45.32 86.36 48.41
CA MET H 1804 44.52 86.21 47.20
C MET H 1804 43.28 85.37 47.45
N LEU H 1805 43.47 84.20 48.07
CA LEU H 1805 42.33 83.31 48.31
C LEU H 1805 41.33 83.95 49.26
N GLY H 1806 41.82 84.63 50.31
CA GLY H 1806 40.91 85.29 51.22
C GLY H 1806 40.06 86.35 50.54
N GLU H 1807 40.70 87.23 49.76
CA GLU H 1807 39.93 88.28 49.10
C GLU H 1807 39.03 87.71 48.01
N ALA H 1808 39.44 86.64 47.35
CA ALA H 1808 38.59 86.01 46.34
C ALA H 1808 37.35 85.41 46.99
N VAL H 1809 37.49 84.74 48.13
CA VAL H 1809 36.33 84.21 48.82
C VAL H 1809 35.42 85.33 49.29
N ARG H 1810 36.01 86.42 49.80
CA ARG H 1810 35.18 87.55 50.23
C ARG H 1810 34.41 88.16 49.06
N ASP H 1811 35.07 88.32 47.91
CA ASP H 1811 34.39 88.88 46.74
C ASP H 1811 33.29 87.94 46.24
N GLY H 1812 33.56 86.63 46.24
CA GLY H 1812 32.54 85.69 45.83
C GLY H 1812 31.34 85.70 46.75
N GLY H 1813 31.58 85.81 48.06
CA GLY H 1813 30.48 85.91 49.00
C GLY H 1813 29.68 87.17 48.83
N GLN H 1814 30.36 88.30 48.62
CA GLN H 1814 29.67 89.56 48.39
C GLN H 1814 28.99 89.56 47.03
N HIS H 1815 27.86 90.26 46.95
CA HIS H 1815 27.10 90.32 45.71
C HIS H 1815 27.81 91.23 44.71
N ALA H 1816 28.21 90.66 43.57
CA ALA H 1816 28.91 91.41 42.54
C ALA H 1816 28.60 90.80 41.18
N ARG H 1817 28.63 91.65 40.15
CA ARG H 1817 28.34 91.23 38.79
C ARG H 1817 29.59 91.18 37.91
N ASP H 1818 30.77 91.48 38.45
CA ASP H 1818 32.02 91.42 37.69
C ASP H 1818 33.02 90.59 38.48
N PRO H 1819 32.91 89.26 38.42
CA PRO H 1819 33.90 88.41 39.08
C PRO H 1819 35.27 88.57 38.42
N VAL H 1820 36.32 88.41 39.23
CA VAL H 1820 37.68 88.58 38.72
C VAL H 1820 37.95 87.57 37.62
N GLY H 1821 38.45 88.06 36.49
CA GLY H 1821 38.67 87.22 35.33
C GLY H 1821 37.46 87.02 34.45
N GLY H 1822 36.31 87.62 34.81
CA GLY H 1822 35.11 87.51 34.01
C GLY H 1822 34.20 86.35 34.38
N SER H 1823 34.62 85.46 35.27
CA SER H 1823 33.79 84.33 35.66
C SER H 1823 34.25 83.82 37.02
N VAL H 1824 33.36 83.08 37.67
CA VAL H 1824 33.70 82.46 38.96
C VAL H 1824 34.81 81.45 38.80
N GLU H 1825 34.78 80.70 37.69
CA GLU H 1825 35.85 79.73 37.42
C GLU H 1825 37.20 80.42 37.29
N PHE H 1826 37.27 81.48 36.49
CA PHE H 1826 38.52 82.22 36.35
C PHE H 1826 38.91 82.95 37.64
N GLN H 1827 37.94 83.22 38.51
CA GLN H 1827 38.26 83.85 39.79
C GLN H 1827 38.88 82.86 40.76
N PHE H 1828 38.39 81.61 40.80
CA PHE H 1828 38.79 80.68 41.84
C PHE H 1828 39.80 79.63 41.41
N VAL H 1829 39.68 79.06 40.20
CA VAL H 1829 40.48 77.89 39.84
C VAL H 1829 41.98 78.15 39.90
N PRO H 1830 42.54 79.22 39.32
CA PRO H 1830 43.99 79.43 39.43
C PRO H 1830 44.47 79.60 40.86
N VAL H 1831 43.72 80.33 41.68
CA VAL H 1831 44.11 80.53 43.07
C VAL H 1831 44.08 79.21 43.82
N LEU H 1832 43.05 78.40 43.60
CA LEU H 1832 42.97 77.09 44.25
C LEU H 1832 44.11 76.19 43.81
N LYS H 1833 44.47 76.23 42.52
CA LYS H 1833 45.59 75.43 42.03
C LYS H 1833 46.88 75.84 42.73
N LEU H 1834 47.14 77.15 42.83
CA LEU H 1834 48.37 77.61 43.47
C LEU H 1834 48.38 77.23 44.95
N VAL H 1835 47.26 77.42 45.64
CA VAL H 1835 47.18 77.09 47.07
C VAL H 1835 47.41 75.60 47.28
N SER H 1836 46.79 74.76 46.44
CA SER H 1836 46.96 73.32 46.58
C SER H 1836 48.40 72.91 46.30
N THR H 1837 49.04 73.51 45.29
CA THR H 1837 50.43 73.18 45.01
C THR H 1837 51.33 73.55 46.18
N LEU H 1838 51.17 74.76 46.73
CA LEU H 1838 51.98 75.15 47.88
C LEU H 1838 51.71 74.27 49.08
N LEU H 1839 50.44 73.93 49.32
CA LEU H 1839 50.08 73.12 50.48
C LEU H 1839 50.67 71.72 50.37
N VAL H 1840 50.61 71.11 49.19
CA VAL H 1840 51.18 69.79 49.01
C VAL H 1840 52.71 69.84 49.00
N MET H 1841 53.30 71.00 48.66
CA MET H 1841 54.74 71.14 48.76
C MET H 1841 55.20 71.43 50.18
N GLY H 1842 54.29 71.84 51.07
CA GLY H 1842 54.59 71.99 52.47
C GLY H 1842 55.07 73.36 52.90
N ILE H 1843 54.89 74.39 52.06
CA ILE H 1843 55.34 75.72 52.43
C ILE H 1843 54.50 76.30 53.56
N PHE H 1844 53.20 76.02 53.55
CA PHE H 1844 52.30 76.60 54.54
C PHE H 1844 52.64 76.12 55.95
N GLY H 1845 52.59 77.04 56.91
CA GLY H 1845 52.80 76.71 58.30
C GLY H 1845 51.54 76.22 58.98
N ASP H 1846 51.66 75.97 60.28
CA ASP H 1846 50.52 75.46 61.05
C ASP H 1846 49.40 76.50 61.12
N GLU H 1847 49.74 77.75 61.42
CA GLU H 1847 48.73 78.80 61.49
C GLU H 1847 48.11 79.05 60.11
N ASP H 1848 48.91 78.99 59.05
CA ASP H 1848 48.39 79.16 57.70
C ASP H 1848 47.42 78.03 57.35
N VAL H 1849 47.76 76.79 57.73
CA VAL H 1849 46.85 75.66 57.49
C VAL H 1849 45.56 75.84 58.26
N LYS H 1850 45.66 76.33 59.51
CA LYS H 1850 44.47 76.60 60.30
C LYS H 1850 43.60 77.66 59.64
N GLN H 1851 44.22 78.72 59.11
CA GLN H 1851 43.47 79.76 58.42
C GLN H 1851 42.79 79.22 57.17
N ILE H 1852 43.49 78.36 56.42
CA ILE H 1852 42.88 77.75 55.23
C ILE H 1852 41.69 76.89 55.63
N LEU H 1853 41.83 76.14 56.72
CA LEU H 1853 40.72 75.31 57.19
C LEU H 1853 39.53 76.18 57.59
N LYS H 1854 39.79 77.29 58.30
CA LYS H 1854 38.70 78.19 58.67
C LYS H 1854 38.02 78.78 57.45
N MET H 1855 38.81 79.16 56.44
CA MET H 1855 38.22 79.73 55.22
C MET H 1855 37.40 78.68 54.46
N ILE H 1856 37.86 77.42 54.48
CA ILE H 1856 37.08 76.36 53.86
C ILE H 1856 35.76 76.16 54.59
N GLU H 1857 35.82 76.13 55.93
CA GLU H 1857 34.61 76.03 56.74
C GLU H 1857 34.84 76.63 58.11
N PRO H 1858 34.26 77.79 58.42
CA PRO H 1858 34.49 78.39 59.74
C PRO H 1858 33.84 77.62 60.87
N GLU H 1859 32.61 77.14 60.66
CA GLU H 1859 31.87 76.48 61.74
C GLU H 1859 32.53 75.16 62.13
N VAL H 1860 32.82 74.30 61.14
CA VAL H 1860 33.39 73.00 61.43
C VAL H 1860 34.81 73.13 61.96
N PHE H 1861 35.63 73.93 61.30
CA PHE H 1861 37.03 74.11 61.66
C PHE H 1861 37.17 75.42 62.43
N THR H 1862 37.14 75.32 63.77
CA THR H 1862 37.31 76.49 64.62
C THR H 1862 37.91 76.04 65.95
N GLU H 1863 38.56 76.98 66.62
CA GLU H 1863 39.19 76.72 67.91
C GLU H 1863 38.59 77.64 68.96
N GLU H 1864 38.16 77.07 70.08
CA GLU H 1864 37.57 77.84 71.16
C GLU H 1864 38.65 78.47 72.05
N LEU H 1912 27.30 85.45 59.25
CA LEU H 1912 28.67 85.97 59.27
C LEU H 1912 29.46 85.49 58.05
N GLU H 1913 30.62 84.91 58.30
CA GLU H 1913 31.45 84.40 57.22
C GLU H 1913 30.78 83.21 56.55
N GLU H 1914 30.84 83.19 55.21
CA GLU H 1914 30.25 82.11 54.42
C GLU H 1914 31.36 81.20 53.92
N GLY H 1915 31.19 79.90 54.14
CA GLY H 1915 32.20 78.94 53.74
C GLY H 1915 32.20 78.70 52.24
N LEU H 1916 33.35 78.20 51.76
CA LEU H 1916 33.45 77.82 50.36
C LEU H 1916 32.53 76.65 50.03
N LEU H 1917 32.33 75.75 50.99
CA LEU H 1917 31.27 74.74 50.86
C LEU H 1917 29.91 75.39 50.72
N GLN H 1918 29.62 76.38 51.57
CA GLN H 1918 28.30 76.99 51.60
C GLN H 1918 27.99 77.70 50.28
N MET H 1919 28.95 78.45 49.74
CA MET H 1919 28.71 79.18 48.52
C MET H 1919 28.67 78.22 47.32
N LYS H 1920 27.85 78.57 46.33
CA LYS H 1920 27.69 77.73 45.15
C LYS H 1920 28.93 77.85 44.26
N LEU H 1921 29.43 76.71 43.80
CA LEU H 1921 30.65 76.65 43.01
C LEU H 1921 30.46 75.84 41.75
N PRO H 1922 31.19 76.16 40.68
CA PRO H 1922 31.18 75.33 39.48
C PRO H 1922 31.98 74.05 39.68
N GLU H 1923 31.95 73.20 38.66
CA GLU H 1923 32.53 71.86 38.77
C GLU H 1923 34.04 71.89 38.87
N SER H 1924 34.71 72.83 38.19
CA SER H 1924 36.16 72.92 38.30
C SER H 1924 36.60 73.30 39.72
N VAL H 1925 35.92 74.29 40.30
CA VAL H 1925 36.20 74.66 41.69
C VAL H 1925 35.89 73.50 42.63
N LYS H 1926 34.83 72.75 42.32
CA LYS H 1926 34.50 71.56 43.10
C LYS H 1926 35.65 70.55 43.06
N LEU H 1927 36.20 70.31 41.88
CA LEU H 1927 37.30 69.37 41.74
C LEU H 1927 38.54 69.83 42.50
N GLN H 1928 38.86 71.13 42.42
CA GLN H 1928 40.02 71.65 43.13
C GLN H 1928 39.84 71.50 44.64
N MET H 1929 38.65 71.79 45.15
CA MET H 1929 38.40 71.62 46.57
C MET H 1929 38.45 70.16 46.97
N CYS H 1930 37.99 69.26 46.10
CA CYS H 1930 38.15 67.83 46.37
C CYS H 1930 39.61 67.44 46.48
N ASN H 1931 40.47 68.00 45.62
CA ASN H 1931 41.90 67.75 45.73
C ASN H 1931 42.45 68.23 47.07
N LEU H 1932 42.03 69.42 47.49
CA LEU H 1932 42.46 69.92 48.81
C LEU H 1932 42.05 68.98 49.93
N LEU H 1933 40.81 68.49 49.88
CA LEU H 1933 40.35 67.60 50.94
C LEU H 1933 41.04 66.24 50.88
N GLU H 1934 41.42 65.78 49.68
CA GLU H 1934 42.25 64.59 49.59
C GLU H 1934 43.60 64.81 50.28
N TYR H 1935 44.18 65.99 50.10
CA TYR H 1935 45.41 66.31 50.82
C TYR H 1935 45.21 66.23 52.32
N PHE H 1936 44.11 66.79 52.81
CA PHE H 1936 43.86 66.75 54.26
C PHE H 1936 43.65 65.32 54.75
N CYS H 1937 42.97 64.48 53.97
CA CYS H 1937 42.80 63.09 54.35
C CYS H 1937 44.15 62.36 54.40
N ASP H 1938 45.02 62.65 53.43
CA ASP H 1938 46.37 62.05 53.46
C ASP H 1938 47.12 62.49 54.72
N GLN H 1939 46.99 63.75 55.10
CA GLN H 1939 47.63 64.22 56.33
C GLN H 1939 47.09 63.49 57.55
N GLU H 1940 45.77 63.27 57.59
CA GLU H 1940 45.18 62.51 58.70
C GLU H 1940 45.74 61.10 58.76
N LEU H 1941 45.85 60.43 57.61
CA LEU H 1941 46.39 59.07 57.58
C LEU H 1941 47.84 59.05 58.05
N GLN H 1942 48.64 60.04 57.62
CA GLN H 1942 50.03 60.09 58.06
C GLN H 1942 50.12 60.30 59.57
N HIS H 1943 49.26 61.16 60.12
CA HIS H 1943 49.24 61.34 61.57
C HIS H 1943 48.91 60.04 62.29
N ARG H 1944 47.92 59.31 61.78
CA ARG H 1944 47.54 58.05 62.41
C ARG H 1944 48.68 57.04 62.39
N VAL H 1945 49.35 56.91 61.25
CA VAL H 1945 50.42 55.91 61.16
C VAL H 1945 51.61 56.31 62.02
N GLU H 1946 51.91 57.61 62.11
CA GLU H 1946 53.00 58.05 62.99
C GLU H 1946 52.67 57.79 64.46
N SER H 1947 51.43 58.05 64.87
CA SER H 1947 51.04 57.74 66.24
C SER H 1947 51.15 56.24 66.52
N LEU H 1948 50.74 55.41 65.55
CA LEU H 1948 50.88 53.97 65.71
C LEU H 1948 52.34 53.57 65.86
N ALA H 1949 53.23 54.18 65.07
CA ALA H 1949 54.66 53.86 65.19
C ALA H 1949 55.21 54.25 66.56
N ALA H 1950 54.83 55.42 67.07
CA ALA H 1950 55.30 55.84 68.39
C ALA H 1950 54.82 54.89 69.48
N PHE H 1951 53.54 54.51 69.43
CA PHE H 1951 53.05 53.56 70.41
C PHE H 1951 53.72 52.20 70.27
N ALA H 1952 54.03 51.80 69.03
CA ALA H 1952 54.76 50.56 68.83
C ALA H 1952 56.12 50.59 69.49
N GLU H 1953 56.82 51.72 69.36
CA GLU H 1953 58.11 51.88 70.04
C GLU H 1953 57.96 51.71 71.55
N ARG H 1954 57.01 52.45 72.15
CA ARG H 1954 56.85 52.39 73.60
C ARG H 1954 56.45 50.99 74.06
N TYR H 1955 55.52 50.36 73.34
CA TYR H 1955 55.04 49.04 73.74
C TYR H 1955 56.13 48.00 73.59
N VAL H 1956 56.97 48.13 72.56
CA VAL H 1956 58.10 47.22 72.37
C VAL H 1956 59.07 47.35 73.54
N ASP H 1957 59.35 48.60 73.95
CA ASP H 1957 60.22 48.79 75.10
C ASP H 1957 59.66 48.12 76.35
N LYS H 1958 58.37 48.32 76.62
CA LYS H 1958 57.76 47.71 77.80
C LYS H 1958 57.79 46.19 77.73
N LEU H 1959 57.48 45.62 76.56
CA LEU H 1959 57.44 44.17 76.45
C LEU H 1959 58.84 43.57 76.57
N GLN H 1960 59.85 44.24 76.03
CA GLN H 1960 61.22 43.77 76.21
C GLN H 1960 61.64 43.78 77.67
N ALA H 1961 61.29 44.86 78.39
CA ALA H 1961 61.60 44.91 79.81
C ALA H 1961 60.89 43.80 80.57
N ASN H 1962 59.61 43.56 80.26
CA ASN H 1962 58.86 42.51 80.94
C ASN H 1962 59.46 41.13 80.64
N GLN H 1963 59.86 40.90 79.39
CA GLN H 1963 60.43 39.60 79.04
C GLN H 1963 61.77 39.38 79.73
N ARG H 1964 62.58 40.42 79.85
CA ARG H 1964 63.84 40.28 80.58
C ARG H 1964 63.59 39.98 82.06
N SER H 1965 62.61 40.67 82.65
CA SER H 1965 62.26 40.40 84.05
C SER H 1965 61.79 38.96 84.23
N ARG H 1966 60.94 38.48 83.32
CA ARG H 1966 60.47 37.09 83.41
C ARG H 1966 61.60 36.10 83.18
N TYR H 1967 62.55 36.43 82.30
CA TYR H 1967 63.75 35.62 82.14
C TYR H 1967 64.48 35.47 83.45
N ALA H 1968 64.72 36.60 84.14
CA ALA H 1968 65.40 36.54 85.43
C ALA H 1968 64.61 35.72 86.45
N LEU H 1969 63.28 35.93 86.50
CA LEU H 1969 62.46 35.23 87.48
C LEU H 1969 62.50 33.72 87.24
N LEU H 1970 62.36 33.29 85.99
CA LEU H 1970 62.33 31.86 85.70
C LEU H 1970 63.72 31.24 85.90
N MET H 1971 64.78 31.98 85.57
CA MET H 1971 66.12 31.47 85.81
C MET H 1971 66.38 31.28 87.29
N ARG H 1972 65.91 32.22 88.12
CA ARG H 1972 66.09 32.07 89.56
C ARG H 1972 65.25 30.92 90.12
N ALA H 1973 63.99 30.83 89.70
CA ALA H 1973 63.06 29.82 90.22
C ALA H 1973 62.90 28.73 89.17
N PHE H 1974 63.68 27.66 89.32
CA PHE H 1974 63.63 26.50 88.43
C PHE H 1974 63.40 25.22 89.23
N THR H 1975 62.54 25.29 90.25
CA THR H 1975 62.28 24.12 91.08
C THR H 1975 61.60 23.01 90.28
N MET H 1976 60.62 23.36 89.46
CA MET H 1976 59.90 22.39 88.63
C MET H 1976 60.65 22.22 87.31
N SER H 1977 61.31 21.07 87.15
CA SER H 1977 62.14 20.85 85.97
C SER H 1977 61.31 20.81 84.69
N ALA H 1978 60.21 20.04 84.71
CA ALA H 1978 59.38 19.92 83.51
C ALA H 1978 58.71 21.24 83.16
N ALA H 1979 58.18 21.94 84.16
CA ALA H 1979 57.56 23.24 83.91
C ALA H 1979 58.58 24.24 83.38
N GLU H 1980 59.80 24.24 83.95
CA GLU H 1980 60.83 25.14 83.47
C GLU H 1980 61.23 24.82 82.04
N THR H 1981 61.33 23.53 81.70
CA THR H 1981 61.66 23.15 80.32
C THR H 1981 60.57 23.57 79.35
N ALA H 1982 59.31 23.35 79.70
CA ALA H 1982 58.21 23.76 78.83
C ALA H 1982 58.18 25.28 78.67
N ARG H 1983 58.40 26.01 79.75
CA ARG H 1983 58.45 27.47 79.68
C ARG H 1983 59.60 27.92 78.79
N ARG H 1984 60.77 27.32 78.94
CA ARG H 1984 61.91 27.68 78.09
C ARG H 1984 61.64 27.35 76.64
N THR H 1985 60.85 26.30 76.37
CA THR H 1985 60.51 25.96 74.99
C THR H 1985 59.55 26.97 74.39
N ARG H 1986 58.52 27.36 75.13
CA ARG H 1986 57.46 28.22 74.62
C ARG H 1986 57.49 29.59 75.30
N GLU H 1987 57.52 30.66 74.51
CA GLU H 1987 57.54 32.04 75.01
C GLU H 1987 58.84 32.36 75.75
N PHE H 1988 59.97 31.82 75.30
CA PHE H 1988 61.22 31.98 76.04
C PHE H 1988 62.37 31.72 75.08
N ARG H 1989 63.07 32.77 74.66
CA ARG H 1989 64.20 32.66 73.74
C ARG H 1989 63.81 31.88 72.48
N SER H 1990 62.64 32.20 71.95
CA SER H 1990 62.07 31.54 70.79
C SER H 1990 62.17 32.47 69.58
N PRO H 1991 61.77 32.03 68.39
CA PRO H 1991 61.61 32.96 67.26
C PRO H 1991 60.88 34.22 67.69
N PRO H 1992 61.49 35.39 67.50
CA PRO H 1992 60.88 36.63 68.02
C PRO H 1992 59.48 36.89 67.53
N GLN H 1993 59.21 36.65 66.24
CA GLN H 1993 57.87 36.90 65.71
C GLN H 1993 56.86 35.95 66.34
N GLU H 1994 57.24 34.69 66.55
CA GLU H 1994 56.35 33.76 67.25
C GLU H 1994 56.10 34.22 68.68
N GLN H 1995 57.12 34.71 69.36
CA GLN H 1995 56.94 35.17 70.74
C GLN H 1995 55.96 36.34 70.80
N ILE H 1996 56.12 37.33 69.91
CA ILE H 1996 55.22 38.48 69.98
C ILE H 1996 53.81 38.08 69.55
N ASN H 1997 53.70 37.19 68.57
CA ASN H 1997 52.38 36.73 68.14
C ASN H 1997 51.65 36.02 69.28
N MET H 1998 52.35 35.18 70.03
CA MET H 1998 51.73 34.50 71.16
C MET H 1998 51.48 35.45 72.33
N LEU H 1999 52.32 36.47 72.49
CA LEU H 1999 52.12 37.43 73.58
C LEU H 1999 50.91 38.31 73.33
N LEU H 2000 50.71 38.74 72.07
CA LEU H 2000 49.60 39.62 71.72
C LEU H 2000 48.30 38.88 71.50
N HIS H 2001 48.18 37.64 71.99
CA HIS H 2001 47.00 36.82 71.80
C HIS H 2001 45.95 37.02 72.87
N PHE H 2002 46.16 37.93 73.83
CA PHE H 2002 45.20 38.11 74.90
C PHE H 2002 43.93 38.81 74.45
N LYS H 2003 43.81 39.15 73.17
CA LYS H 2003 42.54 39.65 72.65
C LYS H 2003 41.43 38.62 72.84
N ASP H 2004 41.74 37.35 72.57
CA ASP H 2004 40.80 36.28 72.89
C ASP H 2004 40.77 36.03 74.39
N GLU H 2005 39.56 35.81 74.92
CA GLU H 2005 39.42 35.58 76.36
C GLU H 2005 40.14 34.31 76.80
N ALA H 2006 40.08 33.25 75.98
CA ALA H 2006 40.74 32.01 76.35
C ALA H 2006 42.25 32.18 76.40
N ASP H 2007 42.82 32.90 75.43
CA ASP H 2007 44.26 33.11 75.38
C ASP H 2007 44.74 34.24 76.28
N GLU H 2008 43.81 35.00 76.90
CA GLU H 2008 44.22 36.05 77.82
C GLU H 2008 45.00 35.48 79.00
N GLU H 2009 44.53 34.36 79.56
CA GLU H 2009 45.26 33.71 80.64
C GLU H 2009 46.54 33.06 80.14
N ASP H 2010 46.53 32.55 78.91
CA ASP H 2010 47.73 31.91 78.36
C ASP H 2010 48.85 32.92 78.18
N CYS H 2011 48.53 34.13 77.74
CA CYS H 2011 49.55 35.16 77.57
C CYS H 2011 50.14 35.56 78.92
N PRO H 2012 51.45 35.50 79.10
CA PRO H 2012 52.07 35.88 80.38
C PRO H 2012 52.25 37.37 80.57
N LEU H 2013 51.73 38.20 79.67
CA LEU H 2013 51.90 39.63 79.79
C LEU H 2013 51.14 40.18 81.00
N PRO H 2014 51.65 41.23 81.63
CA PRO H 2014 50.95 41.80 82.79
C PRO H 2014 49.61 42.39 82.39
N GLU H 2015 48.70 42.43 83.38
CA GLU H 2015 47.37 42.98 83.14
C GLU H 2015 47.44 44.45 82.75
N ASP H 2016 48.36 45.20 83.35
CA ASP H 2016 48.53 46.60 82.99
C ASP H 2016 48.96 46.75 81.53
N ILE H 2017 49.90 45.90 81.08
CA ILE H 2017 50.34 45.94 79.70
C ILE H 2017 49.20 45.59 78.74
N ARG H 2018 48.45 44.55 79.08
CA ARG H 2018 47.32 44.14 78.24
C ARG H 2018 46.27 45.25 78.17
N GLN H 2019 45.98 45.88 79.31
CA GLN H 2019 45.01 46.97 79.32
C GLN H 2019 45.51 48.16 78.52
N ASP H 2020 46.81 48.45 78.58
CA ASP H 2020 47.37 49.51 77.77
C ASP H 2020 47.18 49.24 76.28
N LEU H 2021 47.45 48.01 75.85
CA LEU H 2021 47.25 47.68 74.44
C LEU H 2021 45.77 47.78 74.06
N GLN H 2022 44.88 47.30 74.93
CA GLN H 2022 43.44 47.39 74.63
C GLN H 2022 42.98 48.84 74.53
N ASP H 2023 43.47 49.70 75.44
CA ASP H 2023 43.10 51.10 75.39
C ASP H 2023 43.62 51.77 74.12
N PHE H 2024 44.84 51.44 73.71
CA PHE H 2024 45.34 51.99 72.45
C PHE H 2024 44.53 51.51 71.27
N HIS H 2025 44.11 50.24 71.27
CA HIS H 2025 43.27 49.74 70.20
C HIS H 2025 41.93 50.49 70.15
N GLN H 2026 41.34 50.72 71.32
CA GLN H 2026 40.09 51.48 71.38
C GLN H 2026 40.27 52.90 70.88
N ASP H 2027 41.39 53.54 71.24
CA ASP H 2027 41.67 54.89 70.77
C ASP H 2027 41.86 54.91 69.26
N LEU H 2028 42.54 53.90 68.71
CA LEU H 2028 42.71 53.81 67.26
C LEU H 2028 41.37 53.65 66.56
N LEU H 2029 40.49 52.80 67.11
CA LEU H 2029 39.16 52.66 66.52
C LEU H 2029 38.38 53.97 66.58
N ALA H 2030 38.46 54.68 67.71
CA ALA H 2030 37.77 55.95 67.84
C ALA H 2030 38.28 56.97 66.84
N HIS H 2031 39.60 57.04 66.66
CA HIS H 2031 40.18 57.97 65.70
C HIS H 2031 39.77 57.61 64.28
N CYS H 2032 39.77 56.32 63.94
CA CYS H 2032 39.34 55.89 62.62
C CYS H 2032 37.85 56.10 62.41
N GLY H 2033 37.07 56.24 63.48
CA GLY H 2033 35.66 56.49 63.37
C GLY H 2033 34.75 55.29 63.51
N ILE H 2034 35.29 54.13 63.85
CA ILE H 2034 34.49 52.93 64.02
C ILE H 2034 33.81 52.99 65.39
N GLN H 2035 32.48 52.91 65.40
CA GLN H 2035 31.72 52.99 66.65
C GLN H 2035 30.72 51.83 66.74
N LYS H 2079 22.21 67.53 61.98
CA LYS H 2079 23.51 67.11 62.53
C LYS H 2079 24.65 67.91 61.91
N LYS H 2080 25.11 68.91 62.65
CA LYS H 2080 26.21 69.73 62.17
C LYS H 2080 27.49 68.90 62.12
N PRO H 2081 28.24 68.94 61.00
CA PRO H 2081 29.49 68.17 60.93
C PRO H 2081 30.47 68.61 62.00
N GLN H 2082 30.95 67.63 62.76
CA GLN H 2082 31.92 67.88 63.83
C GLN H 2082 33.32 67.38 63.49
N SER H 2083 33.53 66.87 62.28
CA SER H 2083 34.83 66.33 61.90
C SER H 2083 34.96 66.35 60.38
N LEU H 2084 36.19 66.17 59.92
CA LEU H 2084 36.45 66.18 58.48
C LEU H 2084 35.71 65.04 57.78
N GLN H 2085 35.66 63.87 58.40
CA GLN H 2085 34.97 62.73 57.79
C GLN H 2085 33.51 63.04 57.55
N GLU H 2086 32.80 63.49 58.59
CA GLU H 2086 31.38 63.81 58.44
C GLU H 2086 31.18 64.95 57.46
N LEU H 2087 32.03 65.97 57.53
CA LEU H 2087 31.87 67.12 56.64
C LEU H 2087 32.02 66.71 55.18
N VAL H 2088 33.04 65.89 54.88
CA VAL H 2088 33.26 65.46 53.51
C VAL H 2088 32.15 64.52 53.05
N SER H 2089 31.65 63.66 53.94
CA SER H 2089 30.56 62.77 53.58
C SER H 2089 29.32 63.56 53.19
N HIS H 2090 28.91 64.51 54.04
CA HIS H 2090 27.74 65.32 53.72
C HIS H 2090 27.99 66.17 52.47
N MET H 2091 29.23 66.64 52.31
CA MET H 2091 29.63 67.36 51.09
C MET H 2091 29.37 66.53 49.84
N VAL H 2092 29.88 65.30 49.81
CA VAL H 2092 29.73 64.46 48.62
C VAL H 2092 28.27 64.12 48.38
N VAL H 2093 27.53 63.79 49.44
CA VAL H 2093 26.12 63.47 49.28
C VAL H 2093 25.36 64.66 48.74
N ARG H 2094 25.61 65.85 49.29
CA ARG H 2094 24.91 67.05 48.84
C ARG H 2094 25.22 67.36 47.38
N TRP H 2095 26.49 67.30 46.99
CA TRP H 2095 26.84 67.58 45.61
C TRP H 2095 26.23 66.57 44.65
N ALA H 2096 26.19 65.29 45.05
CA ALA H 2096 25.56 64.29 44.19
C ALA H 2096 24.06 64.52 44.09
N GLN H 2097 23.42 64.97 45.17
CA GLN H 2097 21.98 65.16 45.16
C GLN H 2097 21.55 66.42 44.44
N GLU H 2098 22.37 67.48 44.46
CA GLU H 2098 21.93 68.76 43.90
C GLU H 2098 21.63 68.67 42.41
N ASP H 2099 22.49 68.00 41.66
CA ASP H 2099 22.34 67.99 40.20
C ASP H 2099 22.92 66.69 39.65
N TYR H 2100 23.01 66.60 38.33
CA TYR H 2100 23.56 65.45 37.63
C TYR H 2100 24.92 65.87 37.10
N VAL H 2101 25.98 65.42 37.79
CA VAL H 2101 27.33 65.85 37.46
C VAL H 2101 27.74 65.24 36.12
N GLN H 2102 28.20 66.10 35.21
CA GLN H 2102 28.59 65.69 33.87
C GLN H 2102 30.10 65.47 33.73
N SER H 2103 30.86 65.60 34.81
CA SER H 2103 32.31 65.45 34.73
C SER H 2103 32.72 64.09 35.29
N PRO H 2104 33.17 63.15 34.47
CA PRO H 2104 33.61 61.86 35.00
C PRO H 2104 34.74 61.97 36.01
N GLU H 2105 35.69 62.87 35.79
CA GLU H 2105 36.78 63.04 36.73
C GLU H 2105 36.28 63.55 38.07
N LEU H 2106 35.37 64.53 38.05
CA LEU H 2106 34.79 65.03 39.28
C LEU H 2106 34.03 63.94 40.02
N VAL H 2107 33.24 63.16 39.27
CA VAL H 2107 32.45 62.07 39.88
C VAL H 2107 33.37 61.06 40.54
N ARG H 2108 34.42 60.65 39.84
CA ARG H 2108 35.38 59.71 40.40
C ARG H 2108 36.04 60.28 41.65
N ALA H 2109 36.39 61.57 41.62
CA ALA H 2109 37.01 62.19 42.77
C ALA H 2109 36.09 62.17 43.99
N MET H 2110 34.83 62.59 43.82
CA MET H 2110 33.94 62.65 44.98
C MET H 2110 33.67 61.26 45.52
N PHE H 2111 33.46 60.27 44.64
CA PHE H 2111 33.16 58.94 45.14
C PHE H 2111 34.37 58.28 45.78
N SER H 2112 35.57 58.51 45.25
CA SER H 2112 36.77 58.01 45.92
C SER H 2112 36.94 58.64 47.29
N LEU H 2113 36.71 59.95 47.38
CA LEU H 2113 36.80 60.61 48.69
C LEU H 2113 35.78 60.05 49.66
N LEU H 2114 34.54 59.82 49.20
CA LEU H 2114 33.51 59.26 50.06
C LEU H 2114 33.89 57.85 50.53
N HIS H 2115 34.45 57.05 49.63
CA HIS H 2115 34.91 55.71 50.02
C HIS H 2115 36.00 55.80 51.07
N ARG H 2116 36.95 56.72 50.91
CA ARG H 2116 38.00 56.86 51.92
C ARG H 2116 37.44 57.29 53.26
N GLN H 2117 36.47 58.22 53.25
CA GLN H 2117 35.85 58.63 54.51
C GLN H 2117 35.12 57.48 55.19
N TYR H 2118 34.38 56.69 54.42
CA TYR H 2118 33.62 55.59 55.04
C TYR H 2118 34.53 54.45 55.50
N ASP H 2119 35.61 54.17 54.78
CA ASP H 2119 36.53 53.08 55.14
C ASP H 2119 37.76 53.72 55.77
N GLY H 2120 37.75 53.81 57.10
CA GLY H 2120 38.86 54.40 57.83
C GLY H 2120 39.89 53.39 58.27
N LEU H 2121 39.43 52.33 58.97
CA LEU H 2121 40.35 51.32 59.46
C LEU H 2121 40.99 50.55 58.31
N GLY H 2122 40.24 50.27 57.25
CA GLY H 2122 40.80 49.57 56.11
C GLY H 2122 41.89 50.35 55.42
N GLU H 2123 41.73 51.68 55.34
CA GLU H 2123 42.76 52.51 54.74
C GLU H 2123 44.06 52.42 55.53
N LEU H 2124 43.98 52.49 56.85
CA LEU H 2124 45.17 52.32 57.68
C LEU H 2124 45.76 50.93 57.51
N LEU H 2125 44.91 49.91 57.41
CA LEU H 2125 45.38 48.54 57.22
C LEU H 2125 46.17 48.42 55.92
N ARG H 2126 45.68 49.03 54.84
CA ARG H 2126 46.42 49.03 53.59
C ARG H 2126 47.69 49.86 53.68
N ALA H 2127 47.68 50.93 54.50
CA ALA H 2127 48.85 51.79 54.61
C ALA H 2127 49.98 51.16 55.43
N LEU H 2128 49.65 50.27 56.37
CA LEU H 2128 50.68 49.69 57.23
C LEU H 2128 51.82 49.01 56.49
N PRO H 2129 51.59 48.22 55.44
CA PRO H 2129 52.73 47.57 54.76
C PRO H 2129 53.78 48.56 54.26
N ARG H 2130 53.37 49.77 53.87
CA ARG H 2130 54.34 50.78 53.45
C ARG H 2130 55.09 51.40 54.63
N ALA H 2131 54.53 51.34 55.83
CA ALA H 2131 55.18 51.94 56.99
C ALA H 2131 56.43 51.18 57.38
N TYR H 2132 57.43 51.93 57.88
CA TYR H 2132 58.68 51.33 58.33
C TYR H 2132 59.31 52.24 59.37
N THR H 2133 60.10 51.64 60.27
CA THR H 2133 60.72 52.35 61.38
C THR H 2133 62.22 52.17 61.32
N ILE H 2134 62.97 53.26 61.51
CA ILE H 2134 64.42 53.25 61.44
C ILE H 2134 65.00 53.85 62.71
N SER H 2135 66.30 53.64 62.89
CA SER H 2135 67.05 54.19 64.00
C SER H 2135 67.43 55.64 63.74
N PRO H 2136 67.61 56.44 64.79
CA PRO H 2136 67.98 57.86 64.57
C PRO H 2136 69.31 58.05 63.86
N SER H 2137 70.23 57.11 63.97
CA SER H 2137 71.57 57.29 63.41
C SER H 2137 71.63 57.09 61.91
N SER H 2138 70.61 56.47 61.30
CA SER H 2138 70.63 56.15 59.88
C SER H 2138 69.83 57.15 59.04
N VAL H 2139 69.40 58.27 59.63
CA VAL H 2139 68.53 59.20 58.92
C VAL H 2139 69.26 59.86 57.76
N GLU H 2140 70.56 60.14 57.92
CA GLU H 2140 71.30 60.80 56.84
C GLU H 2140 71.44 59.91 55.62
N ASP H 2141 71.86 58.66 55.83
CA ASP H 2141 71.98 57.72 54.72
C ASP H 2141 70.61 57.42 54.12
N THR H 2142 69.58 57.36 54.96
CA THR H 2142 68.22 57.17 54.45
C THR H 2142 67.81 58.32 53.55
N MET H 2143 68.10 59.55 53.95
CA MET H 2143 67.78 60.71 53.13
C MET H 2143 68.54 60.69 51.81
N SER H 2144 69.82 60.30 51.85
CA SER H 2144 70.59 60.20 50.61
C SER H 2144 70.00 59.15 49.67
N LEU H 2145 69.60 58.00 50.23
CA LEU H 2145 68.99 56.97 49.41
C LEU H 2145 67.66 57.43 48.83
N LEU H 2146 66.87 58.16 49.62
CA LEU H 2146 65.62 58.71 49.10
C LEU H 2146 65.86 59.71 47.98
N GLU H 2147 66.89 60.54 48.11
CA GLU H 2147 67.21 61.49 47.04
C GLU H 2147 67.61 60.77 45.76
N CYS H 2148 68.45 59.72 45.89
CA CYS H 2148 68.83 58.96 44.69
C CYS H 2148 67.62 58.29 44.05
N LEU H 2149 66.76 57.69 44.87
CA LEU H 2149 65.54 57.08 44.36
C LEU H 2149 64.62 58.10 43.70
N GLY H 2150 64.59 59.32 44.24
CA GLY H 2150 63.82 60.38 43.61
C GLY H 2150 64.36 60.75 42.25
N GLN H 2151 65.68 60.81 42.11
CA GLN H 2151 66.26 61.02 40.78
C GLN H 2151 65.87 59.89 39.83
N ILE H 2152 65.92 58.64 40.32
CA ILE H 2152 65.56 57.51 39.47
C ILE H 2152 64.11 57.62 39.01
N ARG H 2153 63.20 57.94 39.93
CA ARG H 2153 61.78 58.05 39.57
C ARG H 2153 61.54 59.24 38.64
N SER H 2154 62.24 60.35 38.86
CA SER H 2154 62.07 61.51 37.99
C SER H 2154 62.56 61.21 36.57
N LEU H 2155 63.60 60.40 36.43
CA LEU H 2155 64.09 60.06 35.09
C LEU H 2155 63.16 59.14 34.32
N LEU H 2156 62.12 58.59 34.95
CA LEU H 2156 61.22 57.69 34.26
C LEU H 2156 60.38 58.42 33.21
N ILE H 2157 59.79 59.56 33.60
CA ILE H 2157 58.88 60.27 32.70
C ILE H 2157 59.61 60.87 31.50
N VAL H 2158 60.91 61.07 31.60
CA VAL H 2158 61.70 61.67 30.53
C VAL H 2158 62.11 60.58 29.54
N GLN H 2159 62.07 60.90 28.26
CA GLN H 2159 62.53 59.97 27.24
C GLN H 2159 64.02 59.71 27.41
N MET H 2160 64.41 58.44 27.26
CA MET H 2160 65.77 58.04 27.58
C MET H 2160 66.76 58.60 26.56
N GLY H 2161 67.86 59.17 27.06
CA GLY H 2161 68.91 59.71 26.22
C GLY H 2161 70.27 59.46 26.85
N PRO H 2162 71.32 60.04 26.26
CA PRO H 2162 72.67 59.86 26.85
C PRO H 2162 72.81 60.46 28.24
N GLN H 2163 72.34 61.70 28.44
CA GLN H 2163 72.44 62.33 29.74
C GLN H 2163 71.60 61.60 30.77
N GLU H 2164 70.37 61.22 30.41
CA GLU H 2164 69.54 60.44 31.31
C GLU H 2164 70.21 59.12 31.65
N GLU H 2165 70.83 58.47 30.66
CA GLU H 2165 71.56 57.23 30.89
C GLU H 2165 72.65 57.42 31.93
N ASN H 2166 73.45 58.47 31.77
CA ASN H 2166 74.53 58.73 32.73
C ASN H 2166 73.98 58.98 34.12
N LEU H 2167 72.88 59.73 34.22
CA LEU H 2167 72.28 59.98 35.52
C LEU H 2167 71.78 58.69 36.18
N MET H 2168 71.16 57.80 35.40
CA MET H 2168 70.74 56.52 35.98
C MET H 2168 71.93 55.67 36.42
N ILE H 2169 73.02 55.68 35.64
CA ILE H 2169 74.22 54.94 36.07
C ILE H 2169 74.71 55.47 37.40
N GLN H 2170 74.81 56.80 37.53
CA GLN H 2170 75.28 57.38 38.78
C GLN H 2170 74.34 57.06 39.94
N SER H 2171 73.03 57.14 39.71
CA SER H 2171 72.07 56.88 40.77
C SER H 2171 72.14 55.42 41.23
N ILE H 2172 72.23 54.48 40.28
CA ILE H 2172 72.33 53.07 40.65
C ILE H 2172 73.63 52.80 41.39
N GLY H 2173 74.73 53.44 40.96
CA GLY H 2173 75.97 53.28 41.69
C GLY H 2173 75.89 53.78 43.12
N ASN H 2174 75.28 54.95 43.31
CA ASN H 2174 75.10 55.47 44.66
C ASN H 2174 74.21 54.57 45.50
N ILE H 2175 73.14 54.05 44.91
CA ILE H 2175 72.26 53.14 45.64
C ILE H 2175 73.02 51.90 46.08
N MET H 2176 73.82 51.33 45.18
CA MET H 2176 74.57 50.12 45.53
C MET H 2176 75.62 50.41 46.60
N ASN H 2177 76.23 51.59 46.54
CA ASN H 2177 77.24 51.94 47.54
C ASN H 2177 76.66 52.31 48.89
N ASN H 2178 75.39 52.73 48.95
CA ASN H 2178 74.77 53.03 50.24
C ASN H 2178 74.75 51.79 51.13
N LYS H 2179 75.12 51.98 52.40
CA LYS H 2179 75.15 50.86 53.33
C LYS H 2179 73.75 50.40 53.71
N VAL H 2180 72.80 51.33 53.80
CA VAL H 2180 71.44 50.99 54.18
C VAL H 2180 70.79 50.08 53.15
N PHE H 2181 71.27 50.13 51.90
CA PHE H 2181 70.64 49.35 50.83
C PHE H 2181 70.70 47.85 51.12
N TYR H 2182 71.87 47.35 51.49
CA TYR H 2182 72.01 45.92 51.77
C TYR H 2182 71.78 45.57 53.24
N GLN H 2183 71.61 46.57 54.12
CA GLN H 2183 71.32 46.30 55.52
C GLN H 2183 69.82 46.25 55.82
N HIS H 2184 68.99 46.78 54.93
CA HIS H 2184 67.53 46.74 55.10
C HIS H 2184 66.88 46.29 53.79
N PRO H 2185 67.06 45.01 53.43
CA PRO H 2185 66.37 44.50 52.23
C PRO H 2185 64.86 44.58 52.34
N ASN H 2186 64.31 44.43 53.55
CA ASN H 2186 62.87 44.60 53.73
C ASN H 2186 62.43 46.02 53.41
N LEU H 2187 63.21 47.01 53.84
CA LEU H 2187 62.86 48.40 53.53
C LEU H 2187 63.02 48.68 52.04
N MET H 2188 64.05 48.12 51.40
CA MET H 2188 64.17 48.26 49.96
C MET H 2188 62.98 47.65 49.23
N ARG H 2189 62.53 46.48 49.67
CA ARG H 2189 61.39 45.83 49.04
C ARG H 2189 60.11 46.64 49.26
N ALA H 2190 59.95 47.22 50.46
CA ALA H 2190 58.80 48.07 50.73
C ALA H 2190 58.81 49.30 49.84
N LEU H 2191 59.98 49.91 49.64
CA LEU H 2191 60.11 51.01 48.70
C LEU H 2191 59.88 50.57 47.26
N GLY H 2192 60.06 49.29 46.97
CA GLY H 2192 59.83 48.78 45.62
C GLY H 2192 60.82 49.31 44.60
N MET H 2193 62.10 49.41 44.96
CA MET H 2193 63.10 49.90 44.03
C MET H 2193 63.37 48.88 42.92
N HIS H 2194 63.20 47.58 43.23
CA HIS H 2194 63.38 46.56 42.21
C HIS H 2194 62.38 46.75 41.07
N GLU H 2195 61.14 47.11 41.40
CA GLU H 2195 60.15 47.38 40.37
C GLU H 2195 60.55 48.57 39.51
N THR H 2196 61.12 49.61 40.13
CA THR H 2196 61.52 50.79 39.37
C THR H 2196 62.66 50.47 38.40
N VAL H 2197 63.71 49.79 38.89
CA VAL H 2197 64.80 49.43 38.00
C VAL H 2197 64.30 48.43 36.94
N MET H 2198 63.31 47.61 37.28
CA MET H 2198 62.71 46.73 36.29
C MET H 2198 62.02 47.53 35.19
N GLU H 2199 61.30 48.59 35.56
CA GLU H 2199 60.66 49.44 34.55
C GLU H 2199 61.71 50.12 33.66
N VAL H 2200 62.81 50.57 34.26
CA VAL H 2200 63.90 51.13 33.46
C VAL H 2200 64.42 50.10 32.48
N MET H 2201 64.60 48.85 32.94
CA MET H 2201 65.05 47.79 32.05
C MET H 2201 64.03 47.50 30.97
N VAL H 2202 62.74 47.57 31.31
CA VAL H 2202 61.68 47.40 30.31
C VAL H 2202 61.82 48.44 29.21
N ASN H 2203 62.01 49.70 29.62
CA ASN H 2203 62.10 50.78 28.64
C ASN H 2203 63.33 50.59 27.75
N VAL H 2204 64.47 50.26 28.34
CA VAL H 2204 65.68 50.15 27.52
C VAL H 2204 65.61 48.94 26.61
N LEU H 2205 65.03 47.82 27.08
CA LEU H 2205 64.89 46.64 26.24
C LEU H 2205 63.90 46.89 25.11
N GLY H 2206 62.80 47.61 25.38
CA GLY H 2206 61.89 47.97 24.32
C GLY H 2206 62.53 48.89 23.30
N GLY H 2207 63.39 49.80 23.75
CA GLY H 2207 64.16 50.62 22.82
C GLY H 2207 65.07 49.76 21.96
N GLY H 2208 65.75 48.79 22.58
CA GLY H 2208 66.61 47.86 21.85
C GLY H 2208 66.91 46.62 22.69
N ILE H 2213 72.40 47.13 21.13
CA ILE H 2213 71.52 47.76 22.10
C ILE H 2213 71.77 49.26 22.11
N ARG H 2214 70.68 50.03 22.17
CA ARG H 2214 70.80 51.49 22.20
C ARG H 2214 71.50 51.97 23.46
N PHE H 2215 71.18 51.36 24.60
CA PHE H 2215 71.77 51.72 25.89
C PHE H 2215 72.29 50.47 26.59
N PRO H 2216 73.35 49.86 26.05
CA PRO H 2216 73.92 48.68 26.71
C PRO H 2216 74.42 48.96 28.11
N LYS H 2217 74.90 50.18 28.37
CA LYS H 2217 75.28 50.53 29.74
C LYS H 2217 74.07 50.49 30.66
N MET H 2218 72.93 50.98 30.20
CA MET H 2218 71.70 50.86 30.98
C MET H 2218 71.35 49.41 31.26
N VAL H 2219 71.36 48.57 30.23
CA VAL H 2219 71.01 47.17 30.43
C VAL H 2219 71.96 46.50 31.41
N THR H 2220 73.27 46.74 31.24
CA THR H 2220 74.26 46.10 32.10
C THR H 2220 74.13 46.57 33.54
N SER H 2221 73.92 47.88 33.74
CA SER H 2221 73.77 48.39 35.10
C SER H 2221 72.53 47.83 35.77
N CYS H 2222 71.42 47.77 35.05
CA CYS H 2222 70.20 47.19 35.62
C CYS H 2222 70.42 45.72 35.97
N CYS H 2223 71.08 44.97 35.10
CA CYS H 2223 71.32 43.56 35.37
C CYS H 2223 72.23 43.36 36.58
N ARG H 2224 73.30 44.15 36.69
CA ARG H 2224 74.17 44.03 37.86
C ARG H 2224 73.44 44.38 39.14
N PHE H 2225 72.63 45.45 39.12
CA PHE H 2225 71.88 45.82 40.31
C PHE H 2225 70.90 44.73 40.69
N LEU H 2226 70.22 44.14 39.70
CA LEU H 2226 69.26 43.09 40.00
C LEU H 2226 69.94 41.84 40.54
N CYS H 2227 71.10 41.49 39.99
CA CYS H 2227 71.84 40.32 40.50
C CYS H 2227 72.31 40.55 41.93
N TYR H 2228 72.80 41.76 42.22
CA TYR H 2228 73.20 42.08 43.60
C TYR H 2228 71.99 42.02 44.53
N PHE H 2229 70.85 42.52 44.07
CA PHE H 2229 69.63 42.48 44.87
C PHE H 2229 69.20 41.05 45.15
N CYS H 2230 69.35 40.16 44.17
CA CYS H 2230 69.10 38.74 44.40
C CYS H 2230 70.06 38.17 45.42
N ARG H 2231 71.35 38.49 45.29
CA ARG H 2231 72.35 37.93 46.20
C ARG H 2231 72.22 38.47 47.62
N ILE H 2232 71.53 39.59 47.81
CA ILE H 2232 71.41 40.16 49.15
C ILE H 2232 70.74 39.18 50.11
N SER H 2233 69.60 38.62 49.72
CA SER H 2233 68.83 37.77 50.62
C SER H 2233 67.99 36.79 49.80
N ARG H 2234 67.06 36.12 50.47
CA ARG H 2234 66.23 35.08 49.86
C ARG H 2234 64.86 35.59 49.43
N GLN H 2235 64.18 36.39 50.26
CA GLN H 2235 62.91 36.96 49.85
C GLN H 2235 63.06 37.88 48.65
N ASN H 2236 64.18 38.59 48.57
CA ASN H 2236 64.50 39.36 47.37
C ASN H 2236 64.61 38.43 46.16
N GLN H 2237 65.23 37.26 46.35
CA GLN H 2237 65.33 36.29 45.27
C GLN H 2237 63.95 35.79 44.85
N ARG H 2238 63.04 35.60 45.81
CA ARG H 2238 61.68 35.20 45.47
C ARG H 2238 60.96 36.29 44.68
N SER H 2239 61.11 37.55 45.11
CA SER H 2239 60.48 38.65 44.39
C SER H 2239 61.00 38.74 42.96
N MET H 2240 62.30 38.52 42.78
CA MET H 2240 62.87 38.50 41.43
C MET H 2240 62.41 37.30 40.63
N PHE H 2241 62.21 36.15 41.30
CA PHE H 2241 61.73 34.95 40.61
C PHE H 2241 60.30 35.12 40.14
N ASP H 2242 59.51 35.95 40.84
CA ASP H 2242 58.13 36.17 40.41
C ASP H 2242 58.05 36.78 39.02
N HIS H 2243 59.13 37.38 38.52
CA HIS H 2243 59.20 37.94 37.18
C HIS H 2243 60.12 37.12 36.27
N LEU H 2244 60.11 35.80 36.45
CA LEU H 2244 61.02 34.93 35.71
C LEU H 2244 60.69 34.89 34.22
N SER H 2245 59.41 34.84 33.88
CA SER H 2245 59.01 34.60 32.50
C SER H 2245 59.50 35.71 31.58
N TYR H 2246 59.38 36.97 32.01
CA TYR H 2246 59.75 38.09 31.16
C TYR H 2246 61.24 38.06 30.85
N LEU H 2247 62.07 37.80 31.87
CA LEU H 2247 63.52 37.81 31.68
C LEU H 2247 63.95 36.76 30.68
N LEU H 2248 63.40 35.55 30.78
CA LEU H 2248 63.77 34.49 29.84
C LEU H 2248 63.27 34.79 28.44
N GLU H 2249 62.07 35.39 28.33
CA GLU H 2249 61.57 35.75 27.01
C GLU H 2249 62.46 36.78 26.33
N ASN H 2250 62.92 37.79 27.07
CA ASN H 2250 63.79 38.79 26.48
C ASN H 2250 65.24 38.34 26.36
N SER H 2251 65.62 37.26 27.03
CA SER H 2251 66.97 36.71 26.89
C SER H 2251 67.16 36.18 25.47
N GLY H 2252 67.95 36.88 24.67
CA GLY H 2252 68.27 36.45 23.33
C GLY H 2252 69.78 36.35 23.14
N ILE H 2253 70.16 35.89 21.94
CA ILE H 2253 71.58 35.71 21.65
C ILE H 2253 72.30 37.05 21.64
N GLY H 2254 71.75 38.03 20.92
CA GLY H 2254 72.37 39.35 20.87
C GLY H 2254 72.36 40.03 22.22
N LEU H 2255 71.24 39.93 22.95
CA LEU H 2255 71.18 40.49 24.29
C LEU H 2255 71.97 39.65 25.28
N GLY H 2256 72.05 38.34 25.06
CA GLY H 2256 72.79 37.47 25.96
C GLY H 2256 74.30 37.57 25.83
N MET H 2257 74.80 38.04 24.69
CA MET H 2257 76.24 38.25 24.56
C MET H 2257 76.74 39.44 25.37
N GLN H 2258 75.82 40.23 25.95
CA GLN H 2258 76.21 41.32 26.83
C GLN H 2258 76.86 40.77 28.10
N GLY H 2259 77.66 41.62 28.75
CA GLY H 2259 78.34 41.20 29.96
C GLY H 2259 77.39 40.76 31.06
N SER H 2260 76.33 41.54 31.27
CA SER H 2260 75.29 41.21 32.23
C SER H 2260 73.94 41.21 31.51
N THR H 2261 73.20 40.12 31.65
CA THR H 2261 72.01 39.86 30.84
C THR H 2261 70.83 39.49 31.72
N PRO H 2262 69.61 39.67 31.21
CA PRO H 2262 68.43 39.14 31.91
C PRO H 2262 68.50 37.65 32.15
N LEU H 2263 69.19 36.89 31.28
CA LEU H 2263 69.42 35.49 31.55
C LEU H 2263 70.25 35.30 32.81
N ASP H 2264 71.28 36.13 32.98
CA ASP H 2264 72.07 36.09 34.22
C ASP H 2264 71.21 36.48 35.42
N VAL H 2265 70.32 37.46 35.24
CA VAL H 2265 69.42 37.84 36.32
C VAL H 2265 68.53 36.67 36.72
N ALA H 2266 67.99 35.95 35.74
CA ALA H 2266 67.16 34.79 36.03
C ALA H 2266 67.97 33.69 36.70
N ALA H 2267 69.20 33.48 36.25
CA ALA H 2267 70.06 32.48 36.87
C ALA H 2267 70.32 32.83 38.34
N ALA H 2268 70.57 34.10 38.63
CA ALA H 2268 70.76 34.53 40.01
C ALA H 2268 69.47 34.39 40.82
N SER H 2269 68.32 34.62 40.19
CA SER H 2269 67.04 34.51 40.88
C SER H 2269 66.61 33.07 41.12
N VAL H 2270 67.20 32.12 40.40
CA VAL H 2270 66.84 30.71 40.55
C VAL H 2270 67.92 29.89 41.24
N ILE H 2271 69.15 30.41 41.36
CA ILE H 2271 70.27 29.59 41.80
C ILE H 2271 70.18 29.31 43.29
N ASP H 2272 70.49 28.07 43.67
CA ASP H 2272 70.68 27.66 45.06
C ASP H 2272 69.44 27.90 45.91
N ASN H 2273 68.27 27.65 45.34
CA ASN H 2273 67.00 27.68 46.08
C ASN H 2273 66.18 26.47 45.67
N ASN H 2274 66.04 25.51 46.59
CA ASN H 2274 65.39 24.25 46.26
C ASN H 2274 63.91 24.46 45.92
N GLU H 2275 63.21 25.25 46.73
CA GLU H 2275 61.79 25.48 46.47
C GLU H 2275 61.57 26.30 45.21
N LEU H 2276 62.43 27.28 44.95
CA LEU H 2276 62.32 28.04 43.70
C LEU H 2276 62.56 27.15 42.49
N ALA H 2277 63.53 26.23 42.59
CA ALA H 2277 63.76 25.29 41.50
C ALA H 2277 62.58 24.35 41.32
N LEU H 2278 61.97 23.90 42.43
CA LEU H 2278 60.84 22.99 42.33
C LEU H 2278 59.59 23.69 41.78
N ALA H 2279 59.47 25.01 42.00
CA ALA H 2279 58.35 25.76 41.49
C ALA H 2279 58.52 26.16 40.03
N LEU H 2280 59.59 25.72 39.38
CA LEU H 2280 59.81 26.07 37.98
C LEU H 2280 58.74 25.43 37.09
N GLN H 2281 58.21 26.21 36.17
CA GLN H 2281 57.25 25.71 35.19
C GLN H 2281 57.98 25.21 33.95
N GLU H 2282 57.43 24.15 33.34
CA GLU H 2282 58.08 23.55 32.18
C GLU H 2282 58.04 24.44 30.95
N GLN H 2283 57.19 25.47 30.93
CA GLN H 2283 57.14 26.38 29.79
C GLN H 2283 58.45 27.16 29.65
N ASP H 2284 59.02 27.61 30.77
CA ASP H 2284 60.30 28.31 30.72
C ASP H 2284 61.40 27.39 30.21
N LEU H 2285 61.41 26.13 30.67
CA LEU H 2285 62.38 25.17 30.19
C LEU H 2285 62.22 24.94 28.69
N GLU H 2286 60.98 24.87 28.22
CA GLU H 2286 60.72 24.73 26.79
C GLU H 2286 61.27 25.94 26.03
N LYS H 2287 61.08 27.15 26.58
CA LYS H 2287 61.57 28.35 25.90
C LYS H 2287 63.09 28.34 25.79
N VAL H 2288 63.79 28.02 26.89
CA VAL H 2288 65.25 28.05 26.85
C VAL H 2288 65.78 26.93 25.95
N VAL H 2289 65.10 25.77 25.95
CA VAL H 2289 65.49 24.68 25.05
C VAL H 2289 65.28 25.11 23.60
N SER H 2290 64.21 25.87 23.32
CA SER H 2290 63.99 26.36 21.97
C SER H 2290 65.09 27.33 21.55
N TYR H 2291 65.50 28.22 22.47
CA TYR H 2291 66.61 29.11 22.16
C TYR H 2291 67.90 28.33 21.88
N LEU H 2292 68.16 27.30 22.69
CA LEU H 2292 69.34 26.46 22.47
C LEU H 2292 69.27 25.76 21.12
N ALA H 2293 68.09 25.25 20.75
CA ALA H 2293 67.92 24.59 19.46
C ALA H 2293 68.17 25.58 18.32
N GLY H 2294 67.65 26.79 18.43
CA GLY H 2294 67.90 27.79 17.41
C GLY H 2294 69.37 28.13 17.28
N CYS H 2295 70.05 28.32 18.41
CA CYS H 2295 71.47 28.64 18.37
C CYS H 2295 72.28 27.50 17.75
N GLY H 2296 71.92 26.25 18.07
CA GLY H 2296 72.57 25.12 17.43
C GLY H 2296 72.18 24.93 15.98
N LEU H 2297 71.08 25.52 15.54
CA LEU H 2297 70.67 25.43 14.15
C LEU H 2297 71.40 26.45 13.28
N GLN H 2298 71.25 27.73 13.58
CA GLN H 2298 71.82 28.77 12.73
C GLN H 2298 73.10 29.34 13.33
N SER H 2299 73.87 30.00 12.48
CA SER H 2299 75.17 30.56 12.86
C SER H 2299 74.99 31.82 13.68
N CYS H 2300 76.12 32.43 14.08
CA CYS H 2300 76.09 33.61 14.93
C CYS H 2300 76.12 34.87 14.07
N PRO H 2301 75.07 35.70 14.10
CA PRO H 2301 74.98 36.85 13.18
C PRO H 2301 76.10 37.87 13.35
N MET H 2302 76.29 38.40 14.56
CA MET H 2302 77.34 39.39 14.73
C MET H 2302 78.73 38.79 14.63
N LEU H 2303 78.88 37.48 14.88
CA LEU H 2303 80.16 36.83 14.63
C LEU H 2303 80.52 36.84 13.15
N LEU H 2304 79.57 36.41 12.31
CA LEU H 2304 79.85 36.44 10.87
C LEU H 2304 79.93 37.87 10.35
N ALA H 2305 79.28 38.82 11.03
CA ALA H 2305 79.44 40.22 10.67
C ALA H 2305 80.86 40.71 10.98
N LYS H 2306 81.40 40.34 12.15
CA LYS H 2306 82.79 40.65 12.46
C LYS H 2306 83.73 39.94 11.50
N GLY H 2307 83.33 38.80 10.96
CA GLY H 2307 84.11 38.10 9.96
C GLY H 2307 84.70 36.77 10.39
N TYR H 2308 84.36 36.28 11.58
CA TYR H 2308 84.85 34.97 11.99
C TYR H 2308 84.26 33.90 11.09
N PRO H 2309 85.02 32.84 10.78
CA PRO H 2309 84.50 31.79 9.90
C PRO H 2309 83.24 31.16 10.49
N ASP H 2310 82.29 30.86 9.61
CA ASP H 2310 81.00 30.33 10.04
C ASP H 2310 81.07 28.83 10.20
N ILE H 2311 80.68 28.34 11.39
CA ILE H 2311 80.61 26.90 11.63
C ILE H 2311 79.24 26.34 11.25
N GLY H 2312 78.28 27.19 10.91
CA GLY H 2312 76.91 26.77 10.69
C GLY H 2312 76.06 26.73 11.93
N TRP H 2313 76.62 27.06 13.10
CA TRP H 2313 75.88 27.02 14.35
C TRP H 2313 76.60 27.89 15.37
N ASN H 2314 75.89 28.20 16.46
CA ASN H 2314 76.34 29.18 17.44
C ASN H 2314 76.57 28.51 18.79
N PRO H 2315 77.82 28.18 19.15
CA PRO H 2315 78.08 27.51 20.43
C PRO H 2315 78.11 28.47 21.61
N CYS H 2316 78.64 29.69 21.40
CA CYS H 2316 78.78 30.63 22.50
C CYS H 2316 77.42 31.10 23.02
N GLY H 2317 76.45 31.25 22.13
CA GLY H 2317 75.11 31.59 22.57
C GLY H 2317 74.47 30.50 23.41
N GLY H 2318 74.65 29.25 23.01
CA GLY H 2318 74.08 28.13 23.74
C GLY H 2318 74.82 27.78 25.02
N GLU H 2319 76.06 28.23 25.16
CA GLU H 2319 76.78 28.02 26.41
C GLU H 2319 76.03 28.62 27.59
N ARG H 2320 75.51 29.84 27.42
CA ARG H 2320 74.75 30.50 28.47
C ARG H 2320 73.49 29.72 28.81
N TYR H 2321 72.78 29.23 27.79
CA TYR H 2321 71.57 28.45 28.03
C TYR H 2321 71.89 27.17 28.78
N LEU H 2322 72.99 26.50 28.42
CA LEU H 2322 73.38 25.29 29.13
C LEU H 2322 73.74 25.60 30.58
N ASP H 2323 74.41 26.73 30.82
CA ASP H 2323 74.67 27.12 32.21
C ASP H 2323 73.39 27.34 32.99
N PHE H 2324 72.41 28.00 32.37
CA PHE H 2324 71.13 28.21 33.02
C PHE H 2324 70.45 26.88 33.35
N LEU H 2325 70.49 25.94 32.40
CA LEU H 2325 69.91 24.61 32.65
C LEU H 2325 70.65 23.89 33.78
N ARG H 2326 71.97 24.04 33.84
CA ARG H 2326 72.72 23.43 34.92
C ARG H 2326 72.31 24.00 36.27
N PHE H 2327 72.14 25.32 36.36
CA PHE H 2327 71.67 25.92 37.60
C PHE H 2327 70.26 25.44 37.94
N ALA H 2328 69.40 25.30 36.93
CA ALA H 2328 68.03 24.84 37.17
C ALA H 2328 68.00 23.41 37.70
N VAL H 2329 68.85 22.53 37.15
CA VAL H 2329 68.80 21.12 37.51
C VAL H 2329 69.53 20.85 38.82
N PHE H 2330 70.75 21.35 38.95
CA PHE H 2330 71.61 21.03 40.09
C PHE H 2330 71.54 22.15 41.12
N VAL H 2331 71.14 21.81 42.33
CA VAL H 2331 71.13 22.74 43.46
C VAL H 2331 71.73 22.04 44.68
N ASN H 2332 72.61 22.74 45.39
CA ASN H 2332 73.20 22.26 46.64
C ASN H 2332 73.87 20.90 46.48
N GLY H 2333 74.44 20.63 45.30
CA GLY H 2333 75.12 19.37 45.08
C GLY H 2333 74.22 18.17 44.90
N GLU H 2334 72.92 18.37 44.74
CA GLU H 2334 71.96 17.28 44.55
C GLU H 2334 71.11 17.55 43.33
N SER H 2335 70.88 16.51 42.54
CA SER H 2335 70.09 16.65 41.31
C SER H 2335 68.61 16.70 41.66
N VAL H 2336 67.91 17.67 41.08
CA VAL H 2336 66.45 17.76 41.21
C VAL H 2336 65.84 16.78 40.22
N GLU H 2337 65.11 15.79 40.73
CA GLU H 2337 64.62 14.72 39.88
C GLU H 2337 63.62 15.23 38.84
N GLU H 2338 62.65 16.03 39.28
CA GLU H 2338 61.61 16.50 38.36
C GLU H 2338 62.20 17.38 37.26
N ASN H 2339 63.01 18.37 37.65
CA ASN H 2339 63.61 19.25 36.66
C ASN H 2339 64.55 18.49 35.73
N ALA H 2340 65.33 17.56 36.27
CA ALA H 2340 66.23 16.77 35.44
C ALA H 2340 65.46 15.96 34.42
N ASN H 2341 64.36 15.31 34.84
CA ASN H 2341 63.55 14.54 33.92
C ASN H 2341 62.97 15.42 32.82
N VAL H 2342 62.41 16.58 33.20
CA VAL H 2342 61.82 17.46 32.20
C VAL H 2342 62.88 17.92 31.20
N VAL H 2343 64.06 18.30 31.71
CA VAL H 2343 65.12 18.79 30.83
C VAL H 2343 65.57 17.70 29.86
N VAL H 2344 65.79 16.48 30.38
CA VAL H 2344 66.30 15.44 29.51
C VAL H 2344 65.26 15.03 28.47
N ARG H 2345 63.98 15.01 28.85
CA ARG H 2345 62.95 14.72 27.86
C ARG H 2345 62.88 15.80 26.79
N LEU H 2346 63.00 17.07 27.17
CA LEU H 2346 63.01 18.13 26.15
C LEU H 2346 64.22 18.00 25.23
N LEU H 2347 65.40 17.71 25.79
CA LEU H 2347 66.59 17.59 24.97
C LEU H 2347 66.48 16.42 23.99
N ILE H 2348 65.98 15.27 24.44
CA ILE H 2348 65.83 14.15 23.51
C ILE H 2348 64.71 14.42 22.52
N ARG H 2349 63.71 15.20 22.92
CA ARG H 2349 62.63 15.55 22.00
C ARG H 2349 63.13 16.42 20.86
N LYS H 2350 64.04 17.36 21.17
CA LYS H 2350 64.66 18.20 20.15
C LYS H 2350 66.10 17.76 19.93
N PRO H 2351 66.35 16.87 18.96
CA PRO H 2351 67.71 16.34 18.76
C PRO H 2351 68.68 17.30 18.09
N GLU H 2352 68.28 18.54 17.81
CA GLU H 2352 69.15 19.51 17.17
C GLU H 2352 69.94 20.35 18.16
N CYS H 2353 69.86 20.02 19.45
CA CYS H 2353 70.55 20.77 20.49
C CYS H 2353 71.98 20.30 20.73
N PHE H 2354 72.45 19.32 19.96
CA PHE H 2354 73.79 18.76 20.16
C PHE H 2354 74.81 19.22 19.12
N GLY H 2355 74.38 19.87 18.05
CA GLY H 2355 75.29 20.33 17.02
C GLY H 2355 75.81 19.20 16.16
N PRO H 2356 77.01 19.38 15.59
CA PRO H 2356 77.57 18.31 14.74
C PRO H 2356 77.80 17.01 15.47
N ALA H 2357 78.52 17.02 16.58
CA ALA H 2357 78.72 15.82 17.37
C ALA H 2357 77.46 15.48 18.15
N LEU H 2358 77.33 14.20 18.51
CA LEU H 2358 76.18 13.71 19.26
C LEU H 2358 74.86 13.98 18.52
N ARG H 2359 74.91 13.99 17.19
CA ARG H 2359 73.77 14.34 16.36
C ARG H 2359 73.10 13.09 15.81
N GLY H 2360 71.78 13.12 15.71
CA GLY H 2360 71.06 12.00 15.12
C GLY H 2360 71.42 11.79 13.66
N GLU H 2361 71.57 12.88 12.90
CA GLU H 2361 71.92 12.80 11.49
C GLU H 2361 73.43 12.80 11.27
N GLY H 2362 74.14 13.75 11.90
CA GLY H 2362 75.57 13.82 11.71
C GLY H 2362 76.30 12.61 12.26
N GLY H 2363 75.96 12.20 13.48
CA GLY H 2363 76.60 11.05 14.09
C GLY H 2363 78.09 11.21 14.29
N SER H 2364 78.57 12.43 14.47
CA SER H 2364 80.00 12.67 14.62
C SER H 2364 80.45 12.30 16.03
N GLY H 2365 81.54 11.56 16.13
CA GLY H 2365 82.08 11.21 17.43
C GLY H 2365 82.59 12.42 18.18
N LEU H 2366 82.37 12.41 19.50
CA LEU H 2366 82.82 13.53 20.32
C LEU H 2366 84.33 13.66 20.30
N LEU H 2367 85.05 12.54 20.34
CA LEU H 2367 86.51 12.58 20.29
C LEU H 2367 87.00 13.18 18.98
N ALA H 2368 86.40 12.76 17.85
CA ALA H 2368 86.77 13.32 16.55
C ALA H 2368 86.46 14.81 16.50
N ALA H 2369 85.32 15.22 17.04
CA ALA H 2369 84.96 16.63 17.06
C ALA H 2369 85.95 17.44 17.89
N ILE H 2370 86.36 16.91 19.05
CA ILE H 2370 87.30 17.62 19.90
C ILE H 2370 88.65 17.76 19.20
N GLU H 2371 89.14 16.69 18.57
CA GLU H 2371 90.42 16.81 17.86
C GLU H 2371 90.31 17.76 16.67
N GLU H 2372 89.17 17.75 15.98
CA GLU H 2372 88.96 18.71 14.90
C GLU H 2372 89.00 20.14 15.41
N ALA H 2373 88.38 20.39 16.56
CA ALA H 2373 88.44 21.72 17.16
C ALA H 2373 89.85 22.07 17.61
N ILE H 2374 90.61 21.08 18.08
CA ILE H 2374 92.02 21.32 18.43
C ILE H 2374 92.78 21.82 17.21
N ARG H 2375 92.63 21.14 16.08
CA ARG H 2375 93.34 21.57 14.88
C ARG H 2375 92.81 22.90 14.35
N ILE H 2376 91.51 23.17 14.53
CA ILE H 2376 90.94 24.45 14.13
C ILE H 2376 91.56 25.58 14.94
N SER H 2377 91.71 25.39 16.25
CA SER H 2377 92.41 26.37 17.07
C SER H 2377 93.89 26.45 16.71
N GLU H 2378 94.46 25.34 16.25
CA GLU H 2378 95.87 25.33 15.89
C GLU H 2378 96.16 26.22 14.69
N ASP H 2379 95.36 26.08 13.62
CA ASP H 2379 95.65 26.84 12.41
C ASP H 2379 94.96 28.19 12.44
N PRO H 2380 95.69 29.31 12.36
CA PRO H 2380 95.03 30.62 12.38
C PRO H 2380 94.10 30.86 11.21
N ALA H 2381 94.23 30.10 10.11
CA ALA H 2381 93.39 30.33 8.95
C ALA H 2381 91.91 30.12 9.28
N ARG H 2382 91.60 29.07 10.04
CA ARG H 2382 90.23 28.85 10.50
C ARG H 2382 89.94 29.55 11.82
N ASP H 2383 90.96 29.72 12.67
CA ASP H 2383 90.74 30.40 13.95
C ASP H 2383 90.54 31.90 13.76
N GLY H 2384 91.37 32.53 12.92
CA GLY H 2384 91.27 33.95 12.69
C GLY H 2384 90.06 34.34 11.87
N PRO H 2385 89.55 35.56 12.09
CA PRO H 2385 88.39 36.07 11.35
C PRO H 2385 88.72 36.38 9.89
N ASN H 2404 92.95 36.59 18.36
CA ASN H 2404 91.52 36.61 18.08
C ASN H 2404 90.71 36.80 19.36
N ARG H 2405 89.79 37.75 19.35
CA ARG H 2405 88.94 37.98 20.51
C ARG H 2405 88.05 36.78 20.79
N VAL H 2406 87.49 36.17 19.75
CA VAL H 2406 86.63 35.01 19.88
C VAL H 2406 87.27 33.86 19.12
N HIS H 2407 87.48 32.74 19.82
CA HIS H 2407 88.06 31.54 19.24
C HIS H 2407 86.97 30.48 19.10
N LEU H 2408 86.60 30.19 17.86
CA LEU H 2408 85.59 29.16 17.62
C LEU H 2408 86.08 27.79 18.07
N GLY H 2409 87.39 27.54 17.95
CA GLY H 2409 87.93 26.28 18.43
C GLY H 2409 87.71 26.08 19.92
N HIS H 2410 87.89 27.14 20.71
CA HIS H 2410 87.61 27.05 22.14
C HIS H 2410 86.11 27.05 22.41
N ALA H 2411 85.31 27.71 21.56
CA ALA H 2411 83.87 27.71 21.74
C ALA H 2411 83.29 26.31 21.57
N ILE H 2412 83.83 25.54 20.63
CA ILE H 2412 83.40 24.16 20.45
C ILE H 2412 83.62 23.36 21.72
N MET H 2413 84.82 23.47 22.30
CA MET H 2413 85.13 22.76 23.53
C MET H 2413 84.21 23.20 24.66
N SER H 2414 83.98 24.51 24.79
CA SER H 2414 83.13 25.02 25.86
C SER H 2414 81.70 24.50 25.73
N PHE H 2415 81.16 24.50 24.51
CA PHE H 2415 79.79 24.03 24.31
C PHE H 2415 79.66 22.56 24.65
N TYR H 2416 80.59 21.73 24.13
CA TYR H 2416 80.48 20.30 24.41
C TYR H 2416 80.70 20.01 25.90
N ALA H 2417 81.63 20.73 26.55
CA ALA H 2417 81.84 20.53 27.98
C ALA H 2417 80.60 20.90 28.77
N ALA H 2418 79.95 22.02 28.42
CA ALA H 2418 78.73 22.40 29.11
C ALA H 2418 77.63 21.37 28.92
N LEU H 2419 77.48 20.86 27.70
CA LEU H 2419 76.46 19.84 27.44
C LEU H 2419 76.73 18.58 28.25
N ILE H 2420 77.98 18.13 28.26
CA ILE H 2420 78.34 16.92 29.00
C ILE H 2420 78.13 17.12 30.50
N ASP H 2421 78.51 18.29 31.03
CA ASP H 2421 78.31 18.57 32.44
C ASP H 2421 76.83 18.59 32.80
N LEU H 2422 76.01 19.22 31.96
CA LEU H 2422 74.57 19.26 32.22
C LEU H 2422 73.98 17.85 32.23
N LEU H 2423 74.33 17.05 31.24
CA LEU H 2423 73.83 15.68 31.21
C LEU H 2423 74.34 14.87 32.40
N GLY H 2424 75.55 15.16 32.87
CA GLY H 2424 76.07 14.48 34.04
C GLY H 2424 75.31 14.82 35.31
N ARG H 2425 75.01 16.11 35.52
CA ARG H 2425 74.27 16.48 36.71
C ARG H 2425 72.78 16.16 36.60
N CYS H 2426 72.28 15.87 35.40
CA CYS H 2426 70.92 15.38 35.25
C CYS H 2426 70.76 13.91 35.63
N ALA H 2427 71.87 13.21 35.92
CA ALA H 2427 71.80 11.79 36.23
C ALA H 2427 71.08 11.55 37.55
N PRO H 2428 70.33 10.46 37.66
CA PRO H 2428 69.63 10.16 38.91
C PRO H 2428 70.59 9.83 40.04
N GLU H 2429 70.07 9.95 41.27
CA GLU H 2429 70.87 9.70 42.46
C GLU H 2429 71.10 8.21 42.68
N MET H 2430 72.22 7.89 43.33
CA MET H 2430 72.60 6.50 43.53
C MET H 2430 71.62 5.78 44.45
N HIS H 2431 71.09 6.47 45.46
CA HIS H 2431 70.12 5.83 46.36
C HIS H 2431 68.84 5.47 45.60
N LEU H 2432 68.37 6.36 44.73
CA LEU H 2432 67.21 6.04 43.91
C LEU H 2432 67.50 4.89 42.95
N ILE H 2433 68.70 4.87 42.35
CA ILE H 2433 69.08 3.78 41.47
C ILE H 2433 69.08 2.45 42.21
N GLN H 2434 69.64 2.44 43.42
CA GLN H 2434 69.66 1.22 44.23
C GLN H 2434 68.25 0.80 44.60
N ALA H 2435 67.39 1.76 44.96
CA ALA H 2435 66.00 1.44 45.27
C ALA H 2435 65.29 0.83 44.06
N GLY H 2436 65.65 1.28 42.85
CA GLY H 2436 65.12 0.67 41.65
C GLY H 2436 63.94 1.41 41.05
N LYS H 2437 63.99 2.73 41.06
CA LYS H 2437 62.93 3.52 40.44
C LYS H 2437 62.99 3.35 38.92
N GLY H 2438 61.83 3.06 38.33
CA GLY H 2438 61.79 2.84 36.89
C GLY H 2438 62.19 4.06 36.11
N GLU H 2439 61.71 5.24 36.51
CA GLU H 2439 62.07 6.46 35.82
C GLU H 2439 63.56 6.76 35.93
N ALA H 2440 64.14 6.55 37.12
CA ALA H 2440 65.57 6.77 37.29
C ALA H 2440 66.39 5.82 36.42
N LEU H 2441 65.99 4.54 36.39
CA LEU H 2441 66.69 3.58 35.54
C LEU H 2441 66.58 3.96 34.06
N ARG H 2442 65.39 4.41 33.64
CA ARG H 2442 65.21 4.83 32.25
C ARG H 2442 66.09 6.02 31.92
N ILE H 2443 66.17 7.01 32.82
CA ILE H 2443 66.98 8.19 32.56
C ILE H 2443 68.46 7.80 32.48
N ARG H 2444 68.92 6.94 33.38
CA ARG H 2444 70.32 6.52 33.34
C ARG H 2444 70.61 5.75 32.05
N ALA H 2445 69.69 4.87 31.64
CA ALA H 2445 69.90 4.14 30.40
C ALA H 2445 69.93 5.07 29.19
N ILE H 2446 69.06 6.08 29.17
CA ILE H 2446 69.06 7.03 28.07
C ILE H 2446 70.38 7.80 28.03
N LEU H 2447 70.87 8.24 29.18
CA LEU H 2447 72.14 8.96 29.21
C LEU H 2447 73.29 8.08 28.73
N ARG H 2448 73.31 6.82 29.16
CA ARG H 2448 74.33 5.89 28.69
C ARG H 2448 74.23 5.71 27.18
N SER H 2449 73.00 5.64 26.66
CA SER H 2449 72.82 5.48 25.22
C SER H 2449 73.33 6.70 24.45
N LEU H 2450 73.04 7.91 24.95
CA LEU H 2450 73.50 9.10 24.25
C LEU H 2450 75.02 9.21 24.27
N VAL H 2451 75.62 9.09 25.45
CA VAL H 2451 77.06 9.34 25.58
C VAL H 2451 77.77 8.02 25.81
N PRO H 2452 78.52 7.50 24.84
CA PRO H 2452 79.31 6.29 25.09
C PRO H 2452 80.45 6.56 26.05
N LEU H 2453 80.86 5.50 26.75
CA LEU H 2453 81.94 5.62 27.73
C LEU H 2453 83.31 5.71 27.07
N ASP H 2454 83.50 5.00 25.94
CA ASP H 2454 84.79 4.98 25.28
C ASP H 2454 85.19 6.37 24.79
N ASP H 2455 84.23 7.11 24.23
CA ASP H 2455 84.52 8.45 23.74
C ASP H 2455 84.91 9.37 24.90
N LEU H 2456 84.21 9.25 26.03
CA LEU H 2456 84.53 10.05 27.21
C LEU H 2456 85.94 9.77 27.69
N VAL H 2457 86.27 8.48 27.89
CA VAL H 2457 87.61 8.18 28.40
C VAL H 2457 88.67 8.55 27.38
N GLY H 2458 88.35 8.49 26.09
CA GLY H 2458 89.30 8.93 25.08
C GLY H 2458 89.63 10.41 25.19
N ILE H 2459 88.59 11.25 25.33
CA ILE H 2459 88.89 12.68 25.42
C ILE H 2459 89.58 12.97 26.76
N ILE H 2460 89.22 12.23 27.82
CA ILE H 2460 89.93 12.38 29.09
C ILE H 2460 91.41 12.07 28.91
N SER H 2461 91.72 11.05 28.10
CA SER H 2461 93.11 10.67 27.83
C SER H 2461 93.75 11.55 26.77
N LEU H 2462 93.00 12.46 26.15
CA LEU H 2462 93.60 13.36 25.17
C LEU H 2462 94.70 14.20 25.83
N PRO H 2463 95.79 14.49 25.12
CA PRO H 2463 96.92 15.18 25.74
C PRO H 2463 96.62 16.64 26.04
N LEU H 2464 97.48 17.21 26.89
CA LEU H 2464 97.41 18.62 27.25
C LEU H 2464 98.78 19.25 27.07
N GLN H 2465 98.79 20.52 26.66
CA GLN H 2465 100.04 21.24 26.40
C GLN H 2465 100.63 21.66 27.75
N ILE H 2466 101.92 21.38 27.92
CA ILE H 2466 102.62 21.64 29.19
C ILE H 2466 103.57 22.80 28.99
N PRO H 2467 103.57 23.80 29.88
CA PRO H 2467 104.44 24.96 29.68
C PRO H 2467 105.91 24.57 29.65
N THR H 2468 106.67 25.25 28.80
CA THR H 2468 108.10 25.00 28.68
C THR H 2468 108.77 26.29 28.22
N LEU H 2469 109.91 26.60 28.84
CA LEU H 2469 110.68 27.79 28.48
C LEU H 2469 111.57 27.48 27.26
N GLY H 2470 110.90 27.18 26.15
CA GLY H 2470 111.63 26.88 24.93
C GLY H 2470 112.50 28.02 24.47
N LYS H 2471 111.96 29.24 24.48
CA LYS H 2471 112.76 30.42 24.22
C LYS H 2471 113.71 30.67 25.39
N ASP H 2472 114.90 31.19 25.07
CA ASP H 2472 115.91 31.46 26.08
C ASP H 2472 115.44 32.51 27.08
N GLY H 2473 115.18 32.09 28.32
CA GLY H 2473 114.75 33.01 29.35
C GLY H 2473 113.31 33.46 29.24
N ALA H 2474 112.53 32.88 28.34
CA ALA H 2474 111.12 33.24 28.16
C ALA H 2474 110.28 31.99 28.38
N LEU H 2475 109.30 32.09 29.27
CA LEU H 2475 108.44 30.96 29.62
C LEU H 2475 107.24 30.95 28.69
N VAL H 2476 107.20 29.97 27.79
CA VAL H 2476 106.12 29.86 26.82
C VAL H 2476 104.99 29.05 27.43
N GLN H 2477 103.76 29.56 27.31
CA GLN H 2477 102.57 28.95 27.86
C GLN H 2477 101.53 28.80 26.77
N PRO H 2478 100.59 27.87 26.95
CA PRO H 2478 99.49 27.75 25.99
C PRO H 2478 98.60 28.99 26.02
N LYS H 2479 97.96 29.25 24.88
CA LYS H 2479 97.10 30.42 24.74
C LYS H 2479 95.76 30.13 25.40
N MET H 2480 95.51 30.77 26.55
CA MET H 2480 94.28 30.57 27.27
C MET H 2480 93.09 31.14 26.49
N SER H 2481 91.91 30.59 26.76
CA SER H 2481 90.66 30.91 26.09
C SER H 2481 90.69 30.56 24.60
N ALA H 2482 91.71 29.83 24.15
CA ALA H 2482 91.80 29.39 22.76
C ALA H 2482 92.17 27.93 22.60
N SER H 2483 92.61 27.24 23.66
CA SER H 2483 93.03 25.85 23.59
C SER H 2483 92.29 25.05 24.65
N PHE H 2484 92.49 23.74 24.60
CA PHE H 2484 91.82 22.83 25.54
C PHE H 2484 92.34 23.07 26.96
N VAL H 2485 91.42 23.08 27.92
CA VAL H 2485 91.77 23.34 29.32
C VAL H 2485 91.20 22.21 30.17
N PRO H 2486 91.79 21.97 31.34
CA PRO H 2486 91.35 20.83 32.17
C PRO H 2486 89.93 20.96 32.72
N ASP H 2487 89.29 22.12 32.60
CA ASP H 2487 87.90 22.25 33.03
C ASP H 2487 86.99 21.33 32.21
N HIS H 2488 87.29 21.19 30.91
CA HIS H 2488 86.53 20.28 30.06
C HIS H 2488 86.64 18.85 30.59
N LYS H 2489 87.87 18.44 30.91
CA LYS H 2489 88.10 17.10 31.44
C LYS H 2489 87.38 16.92 32.78
N ALA H 2490 87.35 17.97 33.60
CA ALA H 2490 86.63 17.89 34.87
C ALA H 2490 85.15 17.66 34.66
N SER H 2491 84.54 18.38 33.71
CA SER H 2491 83.13 18.17 33.43
C SER H 2491 82.87 16.76 32.91
N MET H 2492 83.72 16.27 32.00
CA MET H 2492 83.52 14.94 31.45
C MET H 2492 83.71 13.85 32.50
N VAL H 2493 84.67 14.03 33.41
CA VAL H 2493 84.84 13.01 34.45
C VAL H 2493 83.73 13.11 35.48
N LEU H 2494 83.13 14.29 35.64
CA LEU H 2494 81.90 14.38 36.42
C LEU H 2494 80.80 13.54 35.78
N PHE H 2495 80.66 13.62 34.45
CA PHE H 2495 79.74 12.74 33.75
C PHE H 2495 80.09 11.27 33.97
N LEU H 2496 81.37 10.94 33.88
CA LEU H 2496 81.81 9.56 34.03
C LEU H 2496 81.45 9.01 35.41
N ASP H 2497 81.66 9.81 36.45
CA ASP H 2497 81.34 9.37 37.80
C ASP H 2497 79.83 9.29 38.01
N ARG H 2498 79.07 10.25 37.48
CA ARG H 2498 77.64 10.30 37.76
C ARG H 2498 76.88 9.21 37.01
N VAL H 2499 77.18 9.01 35.73
CA VAL H 2499 76.39 8.11 34.89
C VAL H 2499 76.96 6.71 34.89
N TYR H 2500 78.20 6.57 34.39
CA TYR H 2500 78.79 5.24 34.25
C TYR H 2500 79.42 4.78 35.58
N GLY H 2501 80.40 5.53 36.07
CA GLY H 2501 81.06 5.18 37.31
C GLY H 2501 82.15 4.14 37.13
N ILE H 2502 82.82 3.85 38.23
CA ILE H 2502 83.90 2.87 38.27
C ILE H 2502 83.40 1.66 39.04
N GLU H 2503 83.45 0.48 38.41
CA GLU H 2503 82.91 -0.73 39.01
C GLU H 2503 83.91 -1.86 39.16
N ASN H 2504 84.89 -1.96 38.26
CA ASN H 2504 85.90 -3.00 38.34
C ASN H 2504 87.29 -2.41 38.48
N GLN H 2505 88.14 -3.06 39.27
CA GLN H 2505 89.49 -2.56 39.46
C GLN H 2505 90.20 -2.44 38.14
N ASP H 2506 90.03 -3.45 37.28
CA ASP H 2506 90.63 -3.38 35.95
C ASP H 2506 90.30 -2.02 35.35
N PHE H 2507 89.02 -1.77 35.14
CA PHE H 2507 88.60 -0.48 34.61
C PHE H 2507 89.25 0.67 35.35
N LEU H 2508 89.32 0.57 36.68
CA LEU H 2508 89.92 1.62 37.47
C LEU H 2508 91.35 1.85 37.04
N LEU H 2509 92.15 0.79 37.06
CA LEU H 2509 93.56 0.91 36.70
C LEU H 2509 93.70 1.47 35.30
N HIS H 2510 92.91 0.96 34.37
CA HIS H 2510 92.95 1.47 33.02
C HIS H 2510 92.78 2.97 33.03
N VAL H 2511 91.66 3.44 33.58
CA VAL H 2511 91.38 4.87 33.63
C VAL H 2511 92.53 5.61 34.30
N LEU H 2512 93.15 5.01 35.31
CA LEU H 2512 94.33 5.61 35.94
C LEU H 2512 95.45 5.79 34.91
N ASP H 2513 95.72 4.75 34.13
CA ASP H 2513 96.82 4.84 33.17
C ASP H 2513 96.48 5.78 32.01
N VAL H 2514 95.19 5.90 31.66
CA VAL H 2514 94.77 6.72 30.53
C VAL H 2514 94.41 8.10 31.06
N GLY H 2515 95.31 9.06 30.86
CA GLY H 2515 95.02 10.46 31.18
C GLY H 2515 95.21 10.94 32.60
N PHE H 2516 94.64 10.24 33.58
CA PHE H 2516 94.73 10.68 34.97
C PHE H 2516 96.18 10.73 35.44
N LEU H 2517 96.85 9.58 35.43
CA LEU H 2517 98.24 9.54 35.87
C LEU H 2517 99.16 10.42 35.05
N PRO H 2518 99.08 10.46 33.71
CA PRO H 2518 99.94 11.42 32.98
C PRO H 2518 99.72 12.86 33.38
N ASP H 2519 98.46 13.28 33.58
CA ASP H 2519 98.21 14.66 33.97
C ASP H 2519 98.72 14.95 35.37
N MET H 2520 98.66 13.99 36.28
CA MET H 2520 99.18 14.26 37.61
C MET H 2520 100.72 14.16 37.67
N ARG H 2521 101.34 13.34 36.81
CA ARG H 2521 102.75 13.52 36.48
C ARG H 2521 103.04 14.96 36.06
N ALA H 2522 102.22 15.49 35.15
CA ALA H 2522 102.46 16.84 34.65
C ALA H 2522 102.36 17.87 35.77
N ALA H 2523 101.37 17.73 36.65
CA ALA H 2523 101.23 18.65 37.77
C ALA H 2523 102.41 18.53 38.73
N ALA H 2524 102.83 17.30 39.05
CA ALA H 2524 103.98 17.12 39.93
C ALA H 2524 105.25 17.69 39.32
N SER H 2525 105.35 17.70 37.98
CA SER H 2525 106.50 18.31 37.32
C SER H 2525 106.40 19.83 37.37
N LEU H 2526 105.22 20.38 37.13
CA LEU H 2526 105.02 21.83 37.19
C LEU H 2526 105.08 22.38 38.61
N ASP H 2527 105.09 21.50 39.61
CA ASP H 2527 105.28 21.88 41.02
C ASP H 2527 106.42 22.89 41.21
N THR H 2528 107.42 22.87 40.34
CA THR H 2528 108.58 23.75 40.48
C THR H 2528 108.14 25.20 40.62
N ALA H 2529 108.85 25.94 41.47
CA ALA H 2529 108.44 27.29 41.83
C ALA H 2529 108.42 28.22 40.62
N THR H 2530 109.23 27.94 39.61
CA THR H 2530 109.20 28.76 38.40
C THR H 2530 107.87 28.63 37.67
N PHE H 2531 107.33 27.42 37.59
CA PHE H 2531 106.04 27.18 36.94
C PHE H 2531 104.88 27.08 37.92
N SER H 2532 105.13 27.29 39.21
CA SER H 2532 104.07 27.11 40.21
C SER H 2532 102.98 28.16 40.05
N THR H 2533 103.34 29.39 39.68
CA THR H 2533 102.38 30.47 39.58
C THR H 2533 101.68 30.52 38.23
N THR H 2534 101.94 29.57 37.33
CA THR H 2534 101.33 29.60 36.01
C THR H 2534 99.81 29.39 36.12
N GLU H 2535 99.07 30.18 35.35
CA GLU H 2535 97.61 30.16 35.43
C GLU H 2535 97.06 28.77 35.15
N MET H 2536 97.51 28.14 34.07
CA MET H 2536 96.99 26.81 33.79
C MET H 2536 97.61 25.76 34.70
N ALA H 2537 98.71 26.07 35.39
CA ALA H 2537 99.20 25.18 36.43
C ALA H 2537 98.22 25.15 37.61
N LEU H 2538 97.76 26.32 38.06
CA LEU H 2538 96.69 26.34 39.06
C LEU H 2538 95.41 25.73 38.51
N ALA H 2539 95.17 25.87 37.20
CA ALA H 2539 94.01 25.20 36.60
C ALA H 2539 94.12 23.69 36.73
N LEU H 2540 95.29 23.13 36.45
CA LEU H 2540 95.51 21.70 36.63
C LEU H 2540 95.35 21.30 38.09
N ASN H 2541 95.86 22.12 39.01
CA ASN H 2541 95.73 21.83 40.43
C ASN H 2541 94.25 21.76 40.83
N ARG H 2542 93.46 22.74 40.40
CA ARG H 2542 92.04 22.74 40.74
C ARG H 2542 91.33 21.56 40.08
N TYR H 2543 91.65 21.26 38.82
CA TYR H 2543 91.05 20.13 38.13
C TYR H 2543 91.29 18.84 38.90
N LEU H 2544 92.55 18.58 39.25
CA LEU H 2544 92.87 17.38 40.01
C LEU H 2544 92.10 17.37 41.33
N CYS H 2545 92.34 18.37 42.19
CA CYS H 2545 91.81 18.35 43.54
C CYS H 2545 90.27 18.38 43.57
N LEU H 2546 89.62 18.77 42.48
CA LEU H 2546 88.16 18.83 42.48
C LEU H 2546 87.50 17.68 41.74
N ALA H 2547 88.19 17.02 40.82
CA ALA H 2547 87.58 15.95 40.04
C ALA H 2547 88.27 14.61 40.20
N VAL H 2548 89.59 14.56 40.13
CA VAL H 2548 90.30 13.29 40.04
C VAL H 2548 90.57 12.71 41.42
N LEU H 2549 91.10 13.53 42.33
CA LEU H 2549 91.45 13.04 43.66
C LEU H 2549 90.24 12.52 44.43
N PRO H 2550 89.09 13.21 44.48
CA PRO H 2550 87.93 12.63 45.19
C PRO H 2550 87.50 11.29 44.63
N LEU H 2551 87.58 11.09 43.31
CA LEU H 2551 87.25 9.80 42.73
C LEU H 2551 88.21 8.72 43.23
N ILE H 2552 89.49 9.07 43.35
CA ILE H 2552 90.48 8.11 43.86
C ILE H 2552 90.16 7.76 45.31
N THR H 2553 89.80 8.75 46.12
CA THR H 2553 89.41 8.48 47.50
C THR H 2553 88.18 7.57 47.55
N LYS H 2554 87.21 7.81 46.68
CA LYS H 2554 86.00 6.99 46.66
C LYS H 2554 86.31 5.55 46.27
N CYS H 2555 87.19 5.37 45.28
CA CYS H 2555 87.56 4.03 44.82
C CYS H 2555 88.67 3.40 45.64
N ALA H 2556 89.17 4.09 46.67
CA ALA H 2556 90.23 3.54 47.50
C ALA H 2556 89.91 2.17 48.09
N PRO H 2557 88.70 1.90 48.62
CA PRO H 2557 88.43 0.54 49.12
C PRO H 2557 88.63 -0.54 48.06
N LEU H 2558 88.37 -0.21 46.80
CA LEU H 2558 88.57 -1.16 45.72
C LEU H 2558 90.02 -1.13 45.25
N PHE H 2559 90.74 -0.08 45.64
CA PHE H 2559 92.14 0.05 45.23
C PHE H 2559 93.00 -1.08 45.77
N ALA H 2560 92.43 -1.90 46.64
CA ALA H 2560 93.16 -3.02 47.20
C ALA H 2560 93.38 -4.12 46.17
N GLY H 2561 94.19 -5.12 46.50
CA GLY H 2561 94.43 -6.22 45.59
C GLY H 2561 94.93 -5.77 44.23
N THR H 2562 95.93 -4.91 44.22
CA THR H 2562 96.48 -4.42 42.96
C THR H 2562 97.92 -4.87 42.78
N GLU H 2563 98.28 -5.98 43.41
CA GLU H 2563 99.64 -6.49 43.30
C GLU H 2563 99.99 -6.67 41.83
N HIS H 2564 99.02 -7.17 41.06
CA HIS H 2564 99.25 -7.36 39.64
C HIS H 2564 99.64 -6.04 38.98
N ARG H 2565 99.00 -4.97 39.39
CA ARG H 2565 99.27 -3.67 38.78
C ARG H 2565 100.03 -2.77 39.74
N ALA H 2566 100.74 -3.37 40.68
CA ALA H 2566 101.45 -2.58 41.68
C ALA H 2566 102.45 -1.62 41.05
N ILE H 2567 102.95 -1.97 39.87
CA ILE H 2567 103.94 -1.13 39.21
C ILE H 2567 103.44 0.30 39.05
N MET H 2568 102.24 0.45 38.48
CA MET H 2568 101.67 1.79 38.35
C MET H 2568 101.31 2.32 39.72
N VAL H 2569 100.85 1.43 40.60
CA VAL H 2569 100.46 1.84 41.93
C VAL H 2569 101.63 2.54 42.61
N ASP H 2570 102.82 1.96 42.49
CA ASP H 2570 103.99 2.58 43.08
C ASP H 2570 104.12 4.01 42.60
N SER H 2571 104.28 4.19 41.30
CA SER H 2571 104.39 5.53 40.74
C SER H 2571 103.20 6.40 41.13
N MET H 2572 102.00 5.80 41.23
CA MET H 2572 100.83 6.57 41.62
C MET H 2572 100.91 6.99 43.08
N LEU H 2573 101.41 6.11 43.96
CA LEU H 2573 101.69 6.51 45.33
C LEU H 2573 102.72 7.65 45.37
N HIS H 2574 103.78 7.52 44.59
CA HIS H 2574 104.82 8.55 44.56
C HIS H 2574 104.26 9.88 44.11
N THR H 2575 103.41 9.89 43.08
CA THR H 2575 102.88 11.15 42.58
C THR H 2575 101.82 11.74 43.51
N VAL H 2576 101.05 10.90 44.22
CA VAL H 2576 100.14 11.46 45.21
C VAL H 2576 100.93 12.10 46.35
N TYR H 2577 102.01 11.45 46.79
CA TYR H 2577 102.87 12.05 47.81
C TYR H 2577 103.49 13.34 47.32
N ARG H 2578 103.97 13.36 46.07
CA ARG H 2578 104.59 14.58 45.54
C ARG H 2578 103.56 15.69 45.32
N LEU H 2579 102.31 15.35 45.01
CA LEU H 2579 101.27 16.35 44.92
C LEU H 2579 100.96 16.93 46.30
N SER H 2580 100.94 16.07 47.33
CA SER H 2580 100.82 16.59 48.70
C SER H 2580 102.01 17.47 49.06
N ARG H 2581 103.18 17.15 48.51
CA ARG H 2581 104.38 17.95 48.72
C ARG H 2581 104.45 19.18 47.81
N GLY H 2582 103.52 19.31 46.87
CA GLY H 2582 103.57 20.44 45.95
C GLY H 2582 103.36 21.76 46.65
N ARG H 2583 103.92 22.81 46.06
CA ARG H 2583 103.75 24.17 46.55
C ARG H 2583 102.63 24.86 45.77
N SER H 2584 102.38 26.12 46.11
CA SER H 2584 101.34 26.93 45.46
C SER H 2584 99.99 26.24 45.51
N LEU H 2585 99.70 25.60 46.65
CA LEU H 2585 98.46 24.85 46.84
C LEU H 2585 97.73 25.36 48.06
N THR H 2586 96.41 25.46 47.96
CA THR H 2586 95.58 25.89 49.07
C THR H 2586 95.56 24.81 50.15
N LYS H 2587 95.32 25.22 51.39
CA LYS H 2587 95.24 24.27 52.49
C LYS H 2587 94.14 23.24 52.25
N ALA H 2588 93.03 23.64 51.64
CA ALA H 2588 91.98 22.68 51.31
C ALA H 2588 92.48 21.64 50.33
N GLN H 2589 93.22 22.05 49.31
CA GLN H 2589 93.78 21.11 48.34
C GLN H 2589 94.78 20.18 49.01
N ARG H 2590 95.62 20.72 49.90
CA ARG H 2590 96.54 19.88 50.66
C ARG H 2590 95.78 18.84 51.49
N ASP H 2591 94.69 19.27 52.12
CA ASP H 2591 93.87 18.35 52.90
C ASP H 2591 93.28 17.26 52.01
N VAL H 2592 92.83 17.62 50.81
CA VAL H 2592 92.27 16.63 49.89
C VAL H 2592 93.34 15.60 49.53
N ILE H 2593 94.55 16.05 49.22
CA ILE H 2593 95.59 15.11 48.83
C ILE H 2593 96.00 14.23 50.01
N GLU H 2594 96.09 14.80 51.21
CA GLU H 2594 96.45 14.00 52.38
C GLU H 2594 95.36 12.98 52.70
N ASP H 2595 94.09 13.36 52.56
CA ASP H 2595 93.00 12.40 52.76
C ASP H 2595 93.06 11.29 51.73
N CYS H 2596 93.40 11.64 50.48
CA CYS H 2596 93.56 10.61 49.46
C CYS H 2596 94.67 9.64 49.85
N LEU H 2597 95.80 10.18 50.31
CA LEU H 2597 96.91 9.32 50.74
C LEU H 2597 96.49 8.40 51.87
N MET H 2598 95.78 8.94 52.87
CA MET H 2598 95.39 8.14 54.02
C MET H 2598 94.41 7.04 53.63
N ALA H 2599 93.34 7.41 52.91
CA ALA H 2599 92.35 6.41 52.51
C ALA H 2599 92.95 5.38 51.57
N LEU H 2600 93.89 5.79 50.72
CA LEU H 2600 94.56 4.85 49.83
C LEU H 2600 95.41 3.86 50.61
N CYS H 2601 96.27 4.37 51.49
CA CYS H 2601 97.13 3.49 52.28
C CYS H 2601 96.36 2.62 53.25
N ARG H 2602 95.13 3.01 53.61
CA ARG H 2602 94.33 2.16 54.48
C ARG H 2602 93.92 0.87 53.79
N TYR H 2603 93.69 0.89 52.48
CA TYR H 2603 93.25 -0.27 51.73
C TYR H 2603 94.32 -0.76 50.75
N ILE H 2604 95.58 -0.75 51.16
CA ILE H 2604 96.69 -1.20 50.33
C ILE H 2604 97.52 -2.19 51.14
N ARG H 2605 97.87 -3.32 50.52
CA ARG H 2605 98.70 -4.32 51.17
C ARG H 2605 100.06 -3.71 51.54
N PRO H 2606 100.61 -4.03 52.71
CA PRO H 2606 101.91 -3.46 53.10
C PRO H 2606 103.05 -3.85 52.17
N SER H 2607 102.81 -4.77 51.24
CA SER H 2607 103.87 -5.22 50.35
C SER H 2607 104.38 -4.11 49.45
N MET H 2608 103.47 -3.35 48.84
CA MET H 2608 103.88 -2.32 47.89
C MET H 2608 104.13 -0.96 48.54
N LEU H 2609 104.17 -0.92 49.87
CA LEU H 2609 104.36 0.35 50.56
C LEU H 2609 105.82 0.58 50.96
N GLN H 2610 106.71 -0.34 50.60
CA GLN H 2610 108.10 -0.21 51.00
C GLN H 2610 108.78 0.97 50.30
N HIS H 2611 108.46 1.19 49.03
CA HIS H 2611 109.03 2.32 48.31
C HIS H 2611 108.54 3.64 48.89
N LEU H 2612 107.25 3.72 49.25
CA LEU H 2612 106.72 4.92 49.87
C LEU H 2612 107.42 5.21 51.19
N LEU H 2613 107.58 4.19 52.03
CA LEU H 2613 108.27 4.38 53.31
C LEU H 2613 109.72 4.79 53.09
N ARG H 2614 110.40 4.16 52.13
CA ARG H 2614 111.80 4.45 51.87
C ARG H 2614 111.99 5.88 51.39
N ARG H 2615 111.15 6.33 50.46
CA ARG H 2615 111.20 7.73 50.05
C ARG H 2615 110.82 8.67 51.18
N LEU H 2616 109.99 8.22 52.10
CA LEU H 2616 109.59 9.08 53.22
C LEU H 2616 110.73 9.24 54.23
N VAL H 2617 111.56 8.21 54.39
CA VAL H 2617 112.68 8.24 55.34
C VAL H 2617 113.48 9.54 55.21
N PHE H 2618 113.50 10.14 54.02
CA PHE H 2618 114.18 11.43 53.86
C PHE H 2618 113.55 12.51 54.73
N ASP H 2619 112.21 12.53 54.81
CA ASP H 2619 111.51 13.62 55.47
C ASP H 2619 110.98 13.28 56.86
N VAL H 2620 110.92 12.00 57.24
CA VAL H 2620 110.38 11.65 58.56
C VAL H 2620 111.17 12.28 59.71
N PRO H 2621 112.50 12.19 59.76
CA PRO H 2621 113.22 12.73 60.93
C PRO H 2621 113.53 14.22 60.87
N ILE H 2622 113.16 14.92 59.80
CA ILE H 2622 113.38 16.36 59.74
C ILE H 2622 112.52 17.07 60.78
N LEU H 2623 111.31 16.56 61.02
CA LEU H 2623 110.37 17.13 61.99
C LEU H 2623 110.07 18.60 61.70
N ASN H 2624 109.91 18.93 60.43
CA ASN H 2624 109.50 20.27 60.04
C ASN H 2624 107.99 20.38 60.13
N GLU H 2625 107.46 21.57 59.82
CA GLU H 2625 106.02 21.78 59.80
C GLU H 2625 105.34 20.78 58.88
N PHE H 2626 105.84 20.68 57.65
CA PHE H 2626 105.28 19.80 56.62
C PHE H 2626 105.53 18.32 56.91
N ALA H 2627 106.35 18.01 57.90
CA ALA H 2627 106.70 16.62 58.22
C ALA H 2627 105.71 15.95 59.17
N LYS H 2628 104.64 16.63 59.58
CA LYS H 2628 103.70 16.04 60.52
C LYS H 2628 102.85 14.96 59.85
N MET H 2629 102.31 15.24 58.66
CA MET H 2629 101.46 14.25 57.99
C MET H 2629 102.21 12.95 57.70
N PRO H 2630 103.50 12.95 57.31
CA PRO H 2630 104.22 11.67 57.19
C PRO H 2630 104.17 10.81 58.43
N LEU H 2631 104.37 11.39 59.62
CA LEU H 2631 104.34 10.59 60.83
C LEU H 2631 102.94 10.05 61.11
N LYS H 2632 101.91 10.83 60.77
CA LYS H 2632 100.54 10.33 60.90
C LYS H 2632 100.30 9.13 60.00
N LEU H 2633 100.76 9.21 58.75
CA LEU H 2633 100.61 8.07 57.85
C LEU H 2633 101.39 6.86 58.35
N LEU H 2634 102.61 7.08 58.85
CA LEU H 2634 103.42 5.99 59.37
C LEU H 2634 102.76 5.33 60.58
N THR H 2635 102.22 6.13 61.51
CA THR H 2635 101.61 5.54 62.69
C THR H 2635 100.33 4.79 62.32
N ASN H 2636 99.55 5.30 61.37
CA ASN H 2636 98.39 4.55 60.91
C ASN H 2636 98.80 3.23 60.26
N HIS H 2637 99.85 3.26 59.43
CA HIS H 2637 100.29 2.06 58.75
C HIS H 2637 100.76 1.00 59.74
N TYR H 2638 101.56 1.41 60.73
CA TYR H 2638 102.07 0.43 61.69
C TYR H 2638 101.02 0.00 62.70
N GLU H 2639 100.02 0.84 62.98
CA GLU H 2639 98.91 0.39 63.82
C GLU H 2639 98.05 -0.63 63.08
N ARG H 2640 97.87 -0.45 61.76
CA ARG H 2640 97.14 -1.45 60.99
C ARG H 2640 97.93 -2.75 60.87
N CYS H 2641 99.23 -2.65 60.58
CA CYS H 2641 100.08 -3.82 60.38
C CYS H 2641 100.96 -3.97 61.62
N TRP H 2642 100.46 -4.73 62.60
CA TRP H 2642 101.20 -5.02 63.82
C TRP H 2642 101.78 -6.44 63.78
N LYS H 2643 100.96 -7.43 63.43
CA LYS H 2643 101.44 -8.80 63.32
C LYS H 2643 102.35 -8.99 62.10
N TYR H 2644 102.34 -8.06 61.16
CA TYR H 2644 103.15 -8.20 59.96
C TYR H 2644 104.64 -8.08 60.26
N TYR H 2645 105.00 -7.37 61.33
CA TYR H 2645 106.39 -7.11 61.66
C TYR H 2645 106.87 -7.90 62.87
N CYS H 2646 106.10 -7.91 63.96
CA CYS H 2646 106.55 -8.59 65.18
C CYS H 2646 106.53 -10.09 65.02
N LEU H 2647 105.46 -10.64 64.47
CA LEU H 2647 105.33 -12.09 64.35
C LEU H 2647 106.03 -12.59 63.09
N PRO H 2648 106.96 -13.55 63.20
CA PRO H 2648 107.55 -14.14 62.00
C PRO H 2648 106.54 -14.88 61.14
N THR H 2649 105.42 -15.31 61.71
CA THR H 2649 104.36 -15.93 60.92
C THR H 2649 103.73 -14.91 60.00
N GLY H 2650 103.53 -15.29 58.74
CA GLY H 2650 102.93 -14.39 57.77
C GLY H 2650 101.54 -13.93 58.15
N TRP H 2651 101.33 -12.62 58.15
CA TRP H 2651 100.03 -12.05 58.51
C TRP H 2651 99.11 -12.13 57.28
N ALA H 2652 98.14 -13.04 57.34
CA ALA H 2652 97.25 -13.34 56.22
C ALA H 2652 98.06 -13.66 54.97
N ASN H 2653 97.57 -13.25 53.81
CA ASN H 2653 98.30 -13.43 52.57
C ASN H 2653 99.24 -12.27 52.27
N PHE H 2654 99.26 -11.24 53.12
CA PHE H 2654 100.25 -10.17 52.96
C PHE H 2654 101.66 -10.69 53.19
N GLY H 2655 101.84 -11.58 54.16
CA GLY H 2655 103.15 -12.16 54.41
C GLY H 2655 103.82 -11.68 55.67
N VAL H 2656 105.15 -11.63 55.66
CA VAL H 2656 105.94 -11.22 56.82
C VAL H 2656 106.86 -10.10 56.40
N THR H 2657 107.33 -9.34 57.39
CA THR H 2657 108.20 -8.20 57.12
C THR H 2657 109.52 -8.66 56.49
N SER H 2658 110.03 -7.82 55.59
CA SER H 2658 111.33 -8.07 55.01
C SER H 2658 112.44 -7.53 55.92
N GLU H 2659 113.65 -8.01 55.70
CA GLU H 2659 114.79 -7.54 56.49
C GLU H 2659 115.04 -6.06 56.23
N GLU H 2660 114.89 -5.62 54.98
CA GLU H 2660 115.05 -4.20 54.66
C GLU H 2660 113.96 -3.37 55.33
N GLU H 2661 112.72 -3.88 55.37
CA GLU H 2661 111.64 -3.15 56.03
C GLU H 2661 111.89 -3.02 57.53
N LEU H 2662 112.34 -4.11 58.17
CA LEU H 2662 112.63 -4.06 59.59
C LEU H 2662 113.78 -3.10 59.88
N HIS H 2663 114.82 -3.13 59.04
CA HIS H 2663 115.92 -2.18 59.17
C HIS H 2663 115.44 -0.74 59.03
N LEU H 2664 114.56 -0.50 58.04
CA LEU H 2664 114.06 0.86 57.81
C LEU H 2664 113.24 1.35 58.99
N THR H 2665 112.38 0.49 59.56
CA THR H 2665 111.59 0.92 60.70
C THR H 2665 112.47 1.13 61.93
N ARG H 2666 113.53 0.33 62.10
CA ARG H 2666 114.47 0.56 63.18
C ARG H 2666 115.14 1.93 63.04
N LYS H 2667 115.65 2.22 61.84
CA LYS H 2667 116.32 3.50 61.62
C LYS H 2667 115.35 4.67 61.79
N LEU H 2668 114.11 4.51 61.33
CA LEU H 2668 113.12 5.58 61.51
C LEU H 2668 112.83 5.81 62.99
N PHE H 2669 112.68 4.73 63.76
CA PHE H 2669 112.46 4.86 65.20
C PHE H 2669 113.59 5.63 65.86
N TRP H 2670 114.84 5.23 65.60
CA TRP H 2670 115.96 5.93 66.20
C TRP H 2670 116.06 7.37 65.71
N GLY H 2671 115.72 7.62 64.44
CA GLY H 2671 115.77 8.97 63.92
C GLY H 2671 114.80 9.90 64.63
N ILE H 2672 113.56 9.46 64.80
CA ILE H 2672 112.60 10.26 65.55
C ILE H 2672 113.07 10.44 66.99
N PHE H 2673 113.57 9.37 67.60
CA PHE H 2673 114.05 9.48 68.98
C PHE H 2673 115.10 10.58 69.11
N ASP H 2674 116.14 10.54 68.28
CA ASP H 2674 117.21 11.52 68.43
C ASP H 2674 116.74 12.92 68.03
N SER H 2675 116.00 13.05 66.92
CA SER H 2675 115.58 14.37 66.49
C SER H 2675 114.69 15.04 67.53
N LEU H 2676 113.73 14.29 68.07
CA LEU H 2676 112.81 14.89 69.03
C LEU H 2676 113.47 15.10 70.38
N ALA H 2677 114.49 14.29 70.71
CA ALA H 2677 115.23 14.53 71.93
C ALA H 2677 116.02 15.83 71.85
N HIS H 2678 116.71 16.06 70.73
CA HIS H 2678 117.49 17.30 70.60
C HIS H 2678 116.60 18.53 70.41
N LYS H 2679 115.47 18.39 69.71
CA LYS H 2679 114.63 19.57 69.47
C LYS H 2679 113.94 20.03 70.75
N LYS H 2680 113.69 21.33 70.81
CA LYS H 2680 113.01 21.93 71.96
C LYS H 2680 111.56 21.46 72.03
N TYR H 2681 111.01 21.45 73.25
CA TYR H 2681 109.66 20.94 73.47
C TYR H 2681 108.63 21.78 72.70
N ASP H 2682 107.71 21.10 72.03
CA ASP H 2682 106.55 21.71 71.42
C ASP H 2682 105.36 20.81 71.73
N GLN H 2683 104.28 21.41 72.26
CA GLN H 2683 103.13 20.62 72.69
C GLN H 2683 102.51 19.89 71.50
N GLU H 2684 102.31 20.58 70.39
CA GLU H 2684 101.72 19.96 69.21
C GLU H 2684 102.59 18.84 68.68
N LEU H 2685 103.89 19.12 68.51
CA LEU H 2685 104.80 18.13 67.94
C LEU H 2685 104.89 16.90 68.84
N TYR H 2686 105.08 17.11 70.15
CA TYR H 2686 105.17 15.98 71.07
C TYR H 2686 103.89 15.17 71.07
N ARG H 2687 102.75 15.84 71.21
CA ARG H 2687 101.46 15.16 71.31
C ARG H 2687 101.17 14.34 70.07
N MET H 2688 101.46 14.89 68.88
CA MET H 2688 101.12 14.17 67.67
C MET H 2688 102.16 13.11 67.31
N ALA H 2689 103.42 13.31 67.72
CA ALA H 2689 104.49 12.40 67.32
C ALA H 2689 104.69 11.22 68.27
N MET H 2690 104.31 11.34 69.54
CA MET H 2690 104.47 10.21 70.44
C MET H 2690 103.68 8.97 70.01
N PRO H 2691 102.45 9.07 69.49
CA PRO H 2691 101.79 7.85 69.00
C PRO H 2691 102.57 7.14 67.91
N CYS H 2692 103.25 7.90 67.04
CA CYS H 2692 104.05 7.29 65.99
C CYS H 2692 105.18 6.45 66.57
N LEU H 2693 105.90 7.02 67.54
CA LEU H 2693 106.99 6.27 68.17
C LEU H 2693 106.47 5.04 68.90
N CYS H 2694 105.32 5.18 69.58
CA CYS H 2694 104.73 4.02 70.24
C CYS H 2694 104.37 2.93 69.24
N ALA H 2695 103.78 3.31 68.09
CA ALA H 2695 103.42 2.33 67.08
C ALA H 2695 104.65 1.63 66.51
N ILE H 2696 105.72 2.40 66.24
CA ILE H 2696 106.94 1.78 65.72
C ILE H 2696 107.55 0.84 66.75
N ALA H 2697 107.54 1.24 68.02
CA ALA H 2697 108.08 0.38 69.07
C ALA H 2697 107.28 -0.92 69.18
N GLY H 2698 105.95 -0.82 69.08
CA GLY H 2698 105.13 -2.02 69.10
C GLY H 2698 105.35 -2.92 67.89
N ALA H 2699 105.53 -2.31 66.72
CA ALA H 2699 105.69 -3.10 65.50
C ALA H 2699 107.05 -3.80 65.46
N LEU H 2700 108.11 -3.09 65.85
CA LEU H 2700 109.46 -3.65 65.76
C LEU H 2700 109.65 -4.76 66.77
N PRO H 2701 110.05 -5.96 66.37
CA PRO H 2701 110.31 -7.04 67.33
C PRO H 2701 111.43 -6.65 68.29
N PRO H 2702 111.31 -7.03 69.56
CA PRO H 2702 112.36 -6.67 70.53
C PRO H 2702 113.73 -7.25 70.21
N ASP H 2703 113.79 -8.43 69.61
CA ASP H 2703 115.05 -9.14 69.40
C ASP H 2703 115.55 -9.04 67.96
N TYR H 2704 115.20 -7.97 67.25
CA TYR H 2704 115.70 -7.78 65.90
C TYR H 2704 117.20 -7.47 65.94
N VAL H 2705 117.96 -8.11 65.06
CA VAL H 2705 119.40 -7.96 64.98
C VAL H 2705 119.76 -7.58 63.55
N ASP H 2706 119.90 -6.28 63.30
CA ASP H 2706 120.31 -5.83 61.97
C ASP H 2706 121.77 -6.19 61.71
N ALA H 2707 122.06 -6.51 60.45
CA ALA H 2707 123.42 -6.90 60.09
C ALA H 2707 124.41 -5.77 60.31
N SER H 2708 124.06 -4.56 59.91
CA SER H 2708 124.94 -3.40 60.08
C SER H 2708 124.52 -2.62 61.33
N TYR H 2709 124.83 -3.21 62.48
CA TYR H 2709 124.50 -2.60 63.76
C TYR H 2709 125.44 -1.45 64.12
N SER H 2710 126.60 -1.35 63.47
CA SER H 2710 127.54 -0.29 63.78
C SER H 2710 126.92 1.07 63.52
N SER H 2711 127.07 1.98 64.49
CA SER H 2711 126.48 3.30 64.42
C SER H 2711 127.47 4.26 63.78
N LYS H 2712 127.20 4.67 62.54
CA LYS H 2712 128.07 5.63 61.86
C LYS H 2712 128.01 6.99 62.54
N ALA H 2713 126.82 7.39 63.00
CA ALA H 2713 126.62 8.65 63.71
C ALA H 2713 127.06 9.84 62.86
N GLU H 2714 126.39 10.01 61.73
CA GLU H 2714 126.72 11.09 60.80
C GLU H 2714 125.43 11.61 60.18
N LYS H 2715 125.53 12.79 59.57
CA LYS H 2715 124.44 13.42 58.83
C LYS H 2715 123.22 13.66 59.72
N ASN H 2724 120.22 16.92 52.76
CA ASN H 2724 119.90 15.60 52.26
C ASN H 2724 121.00 14.60 52.61
N PHE H 2725 121.27 13.68 51.69
CA PHE H 2725 122.29 12.66 51.86
C PHE H 2725 123.51 13.04 51.04
N ASP H 2726 124.57 13.52 51.71
CA ASP H 2726 125.80 13.96 51.08
C ASP H 2726 126.95 13.12 51.59
N PRO H 2727 127.30 12.03 50.90
CA PRO H 2727 128.41 11.18 51.38
C PRO H 2727 129.76 11.83 51.20
N ARG H 2728 130.41 12.19 52.30
CA ARG H 2728 131.74 12.79 52.22
C ARG H 2728 132.77 11.72 51.88
N PRO H 2729 133.58 11.93 50.85
CA PRO H 2729 134.65 10.97 50.52
C PRO H 2729 135.81 11.11 51.49
N VAL H 2730 136.88 10.37 51.21
CA VAL H 2730 138.08 10.37 52.03
C VAL H 2730 139.16 11.16 51.31
N GLU H 2731 139.73 12.15 51.99
CA GLU H 2731 140.78 12.97 51.42
C GLU H 2731 142.09 12.21 51.46
N THR H 2732 142.57 11.78 50.29
CA THR H 2732 143.81 11.02 50.19
C THR H 2732 144.78 11.55 49.15
N LEU H 2733 144.36 12.47 48.28
CA LEU H 2733 145.27 13.02 47.29
C LEU H 2733 146.26 14.00 47.90
N ASN H 2734 145.85 14.72 48.94
CA ASN H 2734 146.73 15.70 49.57
C ASN H 2734 147.93 15.02 50.23
N VAL H 2735 147.70 13.91 50.91
CA VAL H 2735 148.77 13.19 51.59
C VAL H 2735 149.59 12.41 50.56
N ILE H 2736 150.90 12.31 50.81
CA ILE H 2736 151.78 11.59 49.89
C ILE H 2736 151.58 10.10 50.07
N ILE H 2737 151.42 9.40 48.95
CA ILE H 2737 151.20 7.96 48.95
C ILE H 2737 152.57 7.27 49.00
N PRO H 2738 152.87 6.48 50.02
CA PRO H 2738 154.13 5.73 50.03
C PRO H 2738 154.19 4.74 48.87
N GLU H 2739 155.39 4.56 48.33
CA GLU H 2739 155.61 3.69 47.18
C GLU H 2739 156.56 2.54 47.50
N LYS H 2740 156.72 2.20 48.79
CA LYS H 2740 157.61 1.11 49.16
C LYS H 2740 157.05 -0.25 48.79
N LEU H 2741 155.76 -0.34 48.51
CA LEU H 2741 155.12 -1.59 48.11
C LEU H 2741 154.57 -1.51 46.69
N ASP H 2742 155.23 -0.74 45.82
CA ASP H 2742 154.80 -0.62 44.44
C ASP H 2742 154.83 -1.96 43.72
N SER H 2743 155.75 -2.85 44.12
CA SER H 2743 155.79 -4.19 43.55
C SER H 2743 154.48 -4.94 43.81
N PHE H 2744 153.77 -4.58 44.86
CA PHE H 2744 152.43 -5.11 45.10
C PHE H 2744 151.35 -4.27 44.43
N ILE H 2745 151.50 -2.94 44.46
CA ILE H 2745 150.46 -2.06 43.93
C ILE H 2745 150.26 -2.31 42.43
N ASN H 2746 151.35 -2.28 41.65
CA ASN H 2746 151.24 -2.48 40.22
C ASN H 2746 150.84 -3.91 39.89
N LYS H 2747 151.36 -4.88 40.65
CA LYS H 2747 151.02 -6.27 40.42
C LYS H 2747 149.52 -6.51 40.59
N PHE H 2748 148.94 -5.95 41.67
CA PHE H 2748 147.51 -6.08 41.86
C PHE H 2748 146.71 -5.27 40.85
N ALA H 2749 147.24 -4.12 40.43
CA ALA H 2749 146.55 -3.32 39.42
C ALA H 2749 146.39 -4.09 38.12
N GLU H 2750 147.46 -4.78 37.69
CA GLU H 2750 147.34 -5.62 36.49
C GLU H 2750 146.59 -6.91 36.78
N TYR H 2751 146.65 -7.40 38.01
CA TYR H 2751 145.98 -8.65 38.36
C TYR H 2751 144.47 -8.48 38.39
N THR H 2752 143.99 -7.26 38.64
CA THR H 2752 142.55 -7.01 38.55
C THR H 2752 142.04 -7.23 37.13
N HIS H 2753 142.77 -6.71 36.14
CA HIS H 2753 142.38 -6.93 34.74
C HIS H 2753 142.57 -8.37 34.33
N GLU H 2754 143.63 -9.02 34.84
CA GLU H 2754 143.83 -10.43 34.54
C GLU H 2754 142.69 -11.28 35.10
N LYS H 2755 142.24 -10.97 36.32
CA LYS H 2755 141.09 -11.67 36.88
C LYS H 2755 139.80 -11.30 36.17
N TRP H 2756 139.72 -10.10 35.60
CA TRP H 2756 138.57 -9.79 34.74
C TRP H 2756 138.56 -10.69 33.51
N ALA H 2757 139.72 -10.93 32.91
CA ALA H 2757 139.81 -11.88 31.81
C ALA H 2757 139.45 -13.29 32.26
N PHE H 2758 139.84 -13.64 33.49
CA PHE H 2758 139.43 -14.92 34.06
C PHE H 2758 137.91 -15.00 34.20
N ASP H 2759 137.28 -13.89 34.60
CA ASP H 2759 135.83 -13.83 34.66
C ASP H 2759 135.22 -14.03 33.28
N LYS H 2760 135.84 -13.45 32.25
CA LYS H 2760 135.35 -13.66 30.89
C LYS H 2760 135.42 -15.13 30.49
N ILE H 2761 136.55 -15.79 30.75
CA ILE H 2761 136.66 -17.18 30.33
C ILE H 2761 135.70 -18.06 31.14
N GLN H 2762 135.48 -17.76 32.42
CA GLN H 2762 134.44 -18.46 33.17
C GLN H 2762 133.05 -18.17 32.60
N ASN H 2763 132.85 -16.97 32.05
CA ASN H 2763 131.62 -16.61 31.35
C ASN H 2763 131.56 -17.24 29.95
N ASN H 2764 132.63 -17.93 29.54
CA ASN H 2764 132.69 -18.66 28.28
C ASN H 2764 132.71 -17.70 27.10
N TRP H 2765 133.58 -16.70 27.19
CA TRP H 2765 133.83 -15.76 26.10
C TRP H 2765 135.33 -15.58 25.95
N SER H 2766 135.81 -15.67 24.71
CA SER H 2766 137.22 -15.51 24.42
C SER H 2766 137.61 -14.04 24.43
N TYR H 2767 138.92 -13.78 24.40
CA TYR H 2767 139.44 -12.43 24.42
C TYR H 2767 139.57 -11.90 23.00
N GLY H 2768 138.99 -10.74 22.75
CA GLY H 2768 139.00 -10.13 21.43
C GLY H 2768 140.09 -9.08 21.28
N GLU H 2769 140.60 -8.95 20.05
CA GLU H 2769 141.72 -8.06 19.79
C GLU H 2769 141.28 -6.66 19.39
N ASN H 2770 140.28 -6.55 18.52
CA ASN H 2770 139.84 -5.27 17.97
C ASN H 2770 138.49 -4.87 18.56
N VAL H 2771 138.13 -3.60 18.33
CA VAL H 2771 136.88 -3.06 18.84
C VAL H 2771 135.71 -3.76 18.16
N ASP H 2772 134.71 -4.16 18.95
CA ASP H 2772 133.54 -4.83 18.43
C ASP H 2772 132.41 -4.71 19.45
N GLU H 2773 131.22 -4.31 18.97
CA GLU H 2773 130.07 -4.19 19.85
C GLU H 2773 129.48 -5.55 20.22
N GLU H 2774 129.61 -6.54 19.32
CA GLU H 2774 129.08 -7.87 19.60
C GLU H 2774 129.80 -8.57 20.74
N LEU H 2775 131.03 -8.15 21.05
CA LEU H 2775 131.84 -8.78 22.09
C LEU H 2775 131.72 -7.95 23.36
N LYS H 2776 130.92 -8.44 24.31
CA LYS H 2776 130.81 -7.76 25.60
C LYS H 2776 132.12 -7.83 26.40
N THR H 2777 132.96 -8.81 26.11
CA THR H 2777 134.30 -8.86 26.68
C THR H 2777 135.11 -7.68 26.16
N HIS H 2778 136.06 -7.19 26.98
CA HIS H 2778 136.93 -6.07 26.68
C HIS H 2778 137.39 -6.09 25.22
N PRO H 2779 137.10 -5.04 24.45
CA PRO H 2779 137.39 -5.08 23.02
C PRO H 2779 138.85 -5.28 22.67
N MET H 2780 139.77 -4.73 23.46
CA MET H 2780 141.20 -4.88 23.22
C MET H 2780 141.85 -5.87 24.19
N LEU H 2781 141.07 -6.81 24.72
CA LEU H 2781 141.62 -7.82 25.62
C LEU H 2781 142.48 -8.77 24.82
N ARG H 2782 143.80 -8.59 24.90
CA ARG H 2782 144.77 -9.32 24.10
C ARG H 2782 145.78 -10.02 25.01
N PRO H 2783 146.40 -11.09 24.53
CA PRO H 2783 147.46 -11.73 25.31
C PRO H 2783 148.63 -10.79 25.51
N TYR H 2784 149.38 -11.03 26.59
CA TYR H 2784 150.44 -10.11 27.01
C TYR H 2784 151.49 -9.92 25.93
N LYS H 2785 151.64 -10.88 25.00
CA LYS H 2785 152.55 -10.68 23.88
C LYS H 2785 152.07 -9.54 22.97
N THR H 2786 150.75 -9.43 22.77
CA THR H 2786 150.17 -8.40 21.91
C THR H 2786 149.25 -7.46 22.66
N PHE H 2787 149.42 -7.35 23.98
CA PHE H 2787 148.59 -6.47 24.80
C PHE H 2787 149.24 -5.10 24.90
N SER H 2788 148.56 -4.08 24.39
CA SER H 2788 149.06 -2.72 24.50
C SER H 2788 148.98 -2.23 25.94
N GLU H 2789 149.94 -1.41 26.33
CA GLU H 2789 150.02 -0.90 27.69
C GLU H 2789 149.21 0.37 27.91
N LYS H 2790 148.57 0.90 26.86
CA LYS H 2790 147.77 2.12 27.02
C LYS H 2790 146.60 1.88 27.98
N ASP H 2791 145.95 0.72 27.88
CA ASP H 2791 144.90 0.38 28.82
C ASP H 2791 145.45 -0.05 30.18
N LYS H 2792 146.64 -0.66 30.19
CA LYS H 2792 147.22 -1.10 31.45
C LYS H 2792 147.60 0.08 32.34
N GLU H 2793 148.13 1.16 31.76
CA GLU H 2793 148.51 2.34 32.52
C GLU H 2793 147.34 3.28 32.80
N ILE H 2794 146.12 2.89 32.45
CA ILE H 2794 144.94 3.66 32.83
C ILE H 2794 143.96 2.87 33.69
N TYR H 2795 144.00 1.53 33.65
CA TYR H 2795 143.13 0.73 34.51
C TYR H 2795 143.64 0.63 35.94
N ARG H 2796 144.86 1.08 36.21
CA ARG H 2796 145.44 0.97 37.54
C ARG H 2796 144.91 2.03 38.50
N TRP H 2797 144.27 3.08 38.00
CA TRP H 2797 143.85 4.18 38.85
C TRP H 2797 142.85 3.79 39.95
N PRO H 2798 141.81 2.97 39.68
CA PRO H 2798 140.94 2.56 40.80
C PRO H 2798 141.67 1.86 41.93
N ILE H 2799 142.65 1.00 41.59
CA ILE H 2799 143.43 0.32 42.61
C ILE H 2799 144.22 1.35 43.42
N LYS H 2800 144.80 2.34 42.74
CA LYS H 2800 145.49 3.42 43.44
C LYS H 2800 144.57 4.12 44.42
N GLU H 2801 143.36 4.46 43.98
CA GLU H 2801 142.43 5.16 44.87
C GLU H 2801 142.08 4.30 46.08
N SER H 2802 141.78 3.02 45.86
CA SER H 2802 141.41 2.13 46.96
C SER H 2802 142.54 2.01 47.98
N LEU H 2803 143.76 1.73 47.50
CA LEU H 2803 144.89 1.57 48.42
C LEU H 2803 145.23 2.88 49.12
N LYS H 2804 145.14 4.01 48.42
CA LYS H 2804 145.43 5.29 49.05
C LYS H 2804 144.42 5.60 50.15
N ALA H 2805 143.14 5.33 49.93
CA ALA H 2805 142.17 5.52 50.99
C ALA H 2805 142.41 4.56 52.15
N MET H 2806 142.77 3.31 51.84
CA MET H 2806 143.05 2.33 52.87
C MET H 2806 144.19 2.80 53.78
N ILE H 2807 145.26 3.32 53.18
CA ILE H 2807 146.38 3.81 53.98
C ILE H 2807 146.08 5.17 54.59
N ALA H 2808 145.14 5.93 54.02
CA ALA H 2808 144.73 7.19 54.63
C ALA H 2808 144.04 6.96 55.96
N TRP H 2809 143.18 5.94 56.03
CA TRP H 2809 142.67 5.55 57.34
C TRP H 2809 143.79 4.93 58.17
N GLU H 2810 143.54 4.83 59.48
CA GLU H 2810 144.54 4.36 60.42
C GLU H 2810 144.76 2.86 60.25
N TRP H 2811 145.42 2.48 59.17
CA TRP H 2811 145.72 1.07 58.89
C TRP H 2811 147.14 1.00 58.34
N THR H 2812 148.09 0.68 59.21
CA THR H 2812 149.48 0.51 58.79
C THR H 2812 149.68 -0.90 58.27
N ILE H 2813 150.33 -1.01 57.12
CA ILE H 2813 150.50 -2.28 56.40
C ILE H 2813 151.99 -2.61 56.36
N GLU H 2814 152.32 -3.85 56.73
CA GLU H 2814 153.69 -4.33 56.74
C GLU H 2814 153.78 -5.60 55.91
N LYS H 2815 154.90 -5.74 55.20
CA LYS H 2815 155.15 -6.92 54.37
C LYS H 2815 155.85 -7.96 55.23
N ALA H 2816 155.07 -8.90 55.77
CA ALA H 2816 155.64 -9.95 56.60
C ALA H 2816 156.58 -10.85 55.79
N ARG H 2817 156.18 -11.18 54.57
CA ARG H 2817 157.00 -12.01 53.70
C ARG H 2817 157.98 -11.17 52.91
N GLU H 2818 158.99 -11.84 52.33
CA GLU H 2818 159.99 -11.19 51.50
C GLU H 2818 160.34 -12.14 50.35
N GLY H 2819 159.70 -11.94 49.21
CA GLY H 2819 159.94 -12.79 48.07
C GLY H 2819 159.53 -12.11 46.78
N GLU H 2820 159.31 -12.94 45.76
CA GLU H 2820 158.92 -12.47 44.43
C GLU H 2820 159.91 -11.45 43.86
N TYR H 2845 146.68 -17.06 28.09
CA TYR H 2845 146.37 -15.77 28.71
C TYR H 2845 145.31 -15.95 29.77
N ASN H 2846 145.71 -16.47 30.94
CA ASN H 2846 144.78 -16.75 32.03
C ASN H 2846 145.56 -16.81 33.33
N PRO H 2847 145.04 -16.25 34.42
CA PRO H 2847 145.77 -16.31 35.70
C PRO H 2847 145.70 -17.70 36.30
N GLN H 2848 146.85 -18.33 36.46
CA GLN H 2848 146.89 -19.64 37.11
C GLN H 2848 146.42 -19.60 38.56
N PRO H 2849 146.88 -18.68 39.42
CA PRO H 2849 146.34 -18.62 40.78
C PRO H 2849 144.94 -18.04 40.78
N PRO H 2850 143.97 -18.75 41.35
CA PRO H 2850 142.59 -18.25 41.37
C PRO H 2850 142.30 -17.39 42.60
N ASP H 2851 141.60 -16.28 42.36
CA ASP H 2851 141.17 -15.37 43.41
C ASP H 2851 139.67 -15.56 43.62
N LEU H 2852 139.29 -16.01 44.81
CA LEU H 2852 137.90 -16.24 45.17
C LEU H 2852 137.54 -15.41 46.40
N SER H 2853 136.26 -15.47 46.79
CA SER H 2853 135.78 -14.73 47.94
C SER H 2853 134.84 -15.54 48.82
N GLY H 2854 134.70 -16.85 48.58
CA GLY H 2854 133.80 -17.68 49.32
C GLY H 2854 134.34 -18.30 50.59
N VAL H 2855 135.58 -18.00 50.96
CA VAL H 2855 136.19 -18.55 52.16
C VAL H 2855 136.06 -17.55 53.30
N THR H 2856 136.09 -18.06 54.52
CA THR H 2856 135.91 -17.22 55.71
C THR H 2856 137.18 -16.46 56.04
N LEU H 2857 137.05 -15.49 56.94
CA LEU H 2857 138.17 -14.64 57.32
C LEU H 2857 137.87 -14.02 58.67
N SER H 2858 138.90 -13.46 59.30
CA SER H 2858 138.77 -12.90 60.64
C SER H 2858 137.73 -11.78 60.66
N ARG H 2859 136.96 -11.71 61.75
CA ARG H 2859 135.80 -10.82 61.79
C ARG H 2859 136.22 -9.36 61.73
N GLU H 2860 137.26 -8.97 62.48
CA GLU H 2860 137.66 -7.57 62.49
CA GLU H 2860 137.67 -7.56 62.50
C GLU H 2860 138.30 -7.14 61.17
N LEU H 2861 139.08 -8.03 60.56
CA LEU H 2861 139.66 -7.71 59.26
C LEU H 2861 138.57 -7.61 58.20
N GLN H 2862 137.57 -8.48 58.27
CA GLN H 2862 136.42 -8.37 57.39
C GLN H 2862 135.63 -7.10 57.66
N ALA H 2863 135.60 -6.63 58.91
CA ALA H 2863 134.95 -5.36 59.23
C ALA H 2863 135.70 -4.20 58.61
N MET H 2864 137.04 -4.25 58.62
CA MET H 2864 137.80 -3.21 57.93
C MET H 2864 137.54 -3.24 56.43
N ALA H 2865 137.45 -4.45 55.85
CA ALA H 2865 137.07 -4.56 54.45
C ALA H 2865 135.66 -4.02 54.20
N GLU H 2866 134.77 -4.20 55.17
CA GLU H 2866 133.42 -3.65 55.07
C GLU H 2866 133.45 -2.13 55.09
N GLN H 2867 134.32 -1.55 55.91
CA GLN H 2867 134.49 -0.10 55.90
C GLN H 2867 135.03 0.38 54.56
N LEU H 2868 135.95 -0.38 53.97
CA LEU H 2868 136.47 -0.02 52.65
C LEU H 2868 135.39 -0.14 51.57
N ALA H 2869 134.50 -1.14 51.69
CA ALA H 2869 133.37 -1.23 50.78
C ALA H 2869 132.40 -0.06 50.98
N GLU H 2870 132.23 0.36 52.22
CA GLU H 2870 131.46 1.58 52.50
C GLU H 2870 132.10 2.78 51.81
N ASN H 2871 133.42 2.85 51.82
CA ASN H 2871 134.12 3.91 51.11
C ASN H 2871 133.86 3.82 49.61
N TYR H 2872 133.90 2.61 49.04
CA TYR H 2872 133.55 2.44 47.64
C TYR H 2872 132.17 3.01 47.34
N HIS H 2873 131.17 2.61 48.14
CA HIS H 2873 129.81 3.02 47.86
C HIS H 2873 129.62 4.52 48.03
N ASN H 2874 130.22 5.11 49.07
CA ASN H 2874 130.03 6.55 49.28
C ASN H 2874 130.78 7.37 48.25
N THR H 2875 131.94 6.90 47.77
CA THR H 2875 132.60 7.59 46.66
C THR H 2875 131.75 7.52 45.40
N TRP H 2876 131.15 6.35 45.12
CA TRP H 2876 130.25 6.24 43.98
C TRP H 2876 129.07 7.19 44.15
N GLY H 2877 128.53 7.28 45.36
CA GLY H 2877 127.40 8.16 45.60
C GLY H 2877 127.75 9.62 45.44
N ARG H 2878 128.94 10.02 45.89
CA ARG H 2878 129.38 11.39 45.71
C ARG H 2878 129.54 11.72 44.22
N LYS H 2879 130.19 10.83 43.47
CA LYS H 2879 130.40 11.13 42.06
C LYS H 2879 129.09 11.08 41.26
N LYS H 2880 128.12 10.29 41.71
CA LYS H 2880 126.81 10.29 41.06
C LYS H 2880 126.00 11.53 41.42
N LYS H 2881 126.01 11.93 42.69
CA LYS H 2881 125.24 13.08 43.12
C LYS H 2881 125.84 14.39 42.64
N GLN H 2882 127.12 14.40 42.26
CA GLN H 2882 127.68 15.58 41.62
C GLN H 2882 126.95 15.88 40.32
N GLU H 2883 126.65 14.85 39.52
CA GLU H 2883 125.87 15.04 38.30
C GLU H 2883 124.39 15.18 38.61
N LEU H 2884 123.90 14.47 39.62
CA LEU H 2884 122.47 14.46 39.92
C LEU H 2884 121.99 15.77 40.54
N GLU H 2885 122.87 16.52 41.21
CA GLU H 2885 122.46 17.73 41.91
C GLU H 2885 122.17 18.89 40.99
N ALA H 2886 122.46 18.77 39.69
CA ALA H 2886 122.20 19.87 38.76
C ALA H 2886 120.71 20.16 38.63
N LYS H 2887 119.86 19.15 38.83
CA LYS H 2887 118.42 19.33 38.71
C LYS H 2887 117.78 19.83 40.01
N GLY H 2888 118.21 19.30 41.15
CA GLY H 2888 117.66 19.68 42.42
C GLY H 2888 116.40 18.96 42.84
N GLY H 2889 115.88 18.07 41.99
CA GLY H 2889 114.68 17.32 42.31
C GLY H 2889 114.87 15.83 42.17
N GLY H 2890 114.55 15.08 43.22
CA GLY H 2890 114.73 13.64 43.23
C GLY H 2890 116.13 13.24 43.62
N THR H 2891 116.32 11.93 43.77
CA THR H 2891 117.61 11.38 44.15
C THR H 2891 117.76 9.98 43.58
N HIS H 2892 119.01 9.54 43.47
CA HIS H 2892 119.27 8.19 42.97
C HIS H 2892 118.73 7.16 43.94
N PRO H 2893 118.16 6.06 43.45
CA PRO H 2893 117.58 5.06 44.36
C PRO H 2893 118.59 4.46 45.33
N LEU H 2894 119.85 4.33 44.94
CA LEU H 2894 120.87 3.72 45.78
C LEU H 2894 121.64 4.75 46.61
N LEU H 2895 121.25 6.02 46.57
CA LEU H 2895 121.90 7.05 47.38
C LEU H 2895 121.44 6.91 48.83
N VAL H 2896 121.91 5.85 49.47
CA VAL H 2896 121.61 5.57 50.86
C VAL H 2896 122.92 5.24 51.58
N PRO H 2897 122.96 5.43 52.89
CA PRO H 2897 124.16 5.06 53.65
C PRO H 2897 124.47 3.57 53.53
N TYR H 2898 125.76 3.24 53.62
CA TYR H 2898 126.20 1.87 53.46
C TYR H 2898 125.65 0.96 54.54
N ASP H 2899 125.66 1.43 55.79
CA ASP H 2899 125.07 0.66 56.88
C ASP H 2899 123.56 0.53 56.75
N THR H 2900 122.93 1.30 55.86
CA THR H 2900 121.50 1.22 55.64
C THR H 2900 121.11 0.34 54.46
N LEU H 2901 121.91 0.33 53.39
CA LEU H 2901 121.55 -0.47 52.23
C LEU H 2901 121.60 -1.96 52.54
N THR H 2902 120.81 -2.72 51.79
CA THR H 2902 120.73 -4.17 51.99
C THR H 2902 121.93 -4.87 51.36
N ALA H 2903 121.99 -6.18 51.59
CA ALA H 2903 123.16 -6.95 51.17
C ALA H 2903 123.17 -7.20 49.66
N LYS H 2904 121.99 -7.31 49.04
CA LYS H 2904 121.96 -7.62 47.61
C LYS H 2904 122.61 -6.54 46.77
N GLU H 2905 122.37 -5.27 47.11
CA GLU H 2905 123.06 -4.17 46.46
C GLU H 2905 124.44 -3.93 47.03
N LYS H 2906 124.71 -4.40 48.26
CA LYS H 2906 126.04 -4.35 48.84
C LYS H 2906 127.00 -5.32 48.15
N ALA H 2907 126.47 -6.33 47.46
CA ALA H 2907 127.26 -7.49 47.05
C ALA H 2907 128.46 -7.09 46.20
N ARG H 2908 128.31 -6.11 45.30
CA ARG H 2908 129.41 -5.74 44.43
C ARG H 2908 130.60 -5.19 45.22
N ASP H 2909 130.34 -4.20 46.07
CA ASP H 2909 131.40 -3.61 46.88
C ASP H 2909 131.98 -4.62 47.86
N ARG H 2910 131.11 -5.44 48.47
CA ARG H 2910 131.58 -6.45 49.41
C ARG H 2910 132.50 -7.44 48.72
N GLU H 2911 132.14 -7.89 47.52
CA GLU H 2911 132.97 -8.82 46.77
C GLU H 2911 134.29 -8.19 46.37
N LYS H 2912 134.27 -6.93 45.94
CA LYS H 2912 135.52 -6.26 45.58
C LYS H 2912 136.46 -6.15 46.78
N ALA H 2913 135.92 -5.72 47.92
CA ALA H 2913 136.73 -5.58 49.13
C ALA H 2913 137.25 -6.94 49.58
N GLN H 2914 136.42 -7.98 49.53
CA GLN H 2914 136.85 -9.30 49.97
C GLN H 2914 137.90 -9.88 49.03
N GLU H 2915 137.78 -9.62 47.72
CA GLU H 2915 138.79 -10.08 46.78
C GLU H 2915 140.13 -9.41 47.03
N LEU H 2916 140.12 -8.08 47.25
CA LEU H 2916 141.37 -7.39 47.58
C LEU H 2916 141.94 -7.92 48.89
N LEU H 2917 141.08 -8.20 49.86
CA LEU H 2917 141.54 -8.70 51.15
C LEU H 2917 142.14 -10.09 51.03
N LYS H 2918 141.54 -10.96 50.20
CA LYS H 2918 142.12 -12.28 49.95
C LYS H 2918 143.47 -12.17 49.25
N PHE H 2919 143.58 -11.24 48.31
CA PHE H 2919 144.86 -11.01 47.63
C PHE H 2919 145.92 -10.59 48.64
N LEU H 2920 145.54 -9.75 49.61
CA LEU H 2920 146.44 -9.43 50.72
C LEU H 2920 146.74 -10.65 51.57
N GLN H 2921 145.72 -11.46 51.85
CA GLN H 2921 145.84 -12.52 52.85
C GLN H 2921 146.77 -13.64 52.38
N MET H 2922 146.59 -14.10 51.14
CA MET H 2922 147.41 -15.20 50.65
C MET H 2922 148.87 -14.79 50.52
N ASN H 2923 149.13 -13.56 50.10
CA ASN H 2923 150.50 -13.09 49.98
C ASN H 2923 151.12 -12.80 51.34
N GLY H 2924 150.30 -12.44 52.33
CA GLY H 2924 150.80 -12.22 53.68
C GLY H 2924 151.15 -10.79 54.02
N TYR H 2925 150.22 -9.86 53.78
CA TYR H 2925 150.39 -8.46 54.16
C TYR H 2925 149.62 -8.21 55.45
N ALA H 2926 150.34 -7.80 56.50
CA ALA H 2926 149.74 -7.63 57.82
C ALA H 2926 149.38 -6.17 58.01
N VAL H 2927 148.08 -5.88 58.10
CA VAL H 2927 147.59 -4.52 58.30
C VAL H 2927 146.95 -4.45 59.69
N THR H 2928 147.30 -3.41 60.44
CA THR H 2928 146.80 -3.22 61.80
C THR H 2928 146.41 -1.76 62.02
N ARG H 2929 145.50 -1.55 62.96
CA ARG H 2929 145.12 -0.20 63.36
C ARG H 2929 146.18 0.41 64.27
N LEU H 2936 132.31 -2.47 67.72
CA LEU H 2936 133.53 -3.25 67.81
C LEU H 2936 133.33 -4.45 68.74
N ASP H 2937 133.52 -5.65 68.19
CA ASP H 2937 133.28 -6.90 68.92
C ASP H 2937 131.86 -6.94 69.50
N THR H 2938 130.90 -6.52 68.69
CA THR H 2938 129.50 -6.45 69.12
C THR H 2938 128.83 -7.80 68.90
N SER H 2939 128.29 -8.37 69.97
CA SER H 2939 127.59 -9.64 69.88
C SER H 2939 126.14 -9.43 69.44
N SER H 2940 125.48 -10.54 69.10
CA SER H 2940 124.08 -10.46 68.68
C SER H 2940 123.18 -9.96 69.79
N ILE H 2941 123.49 -10.29 71.05
CA ILE H 2941 122.70 -9.81 72.16
C ILE H 2941 122.76 -8.29 72.24
N GLU H 2942 123.95 -7.71 72.05
CA GLU H 2942 124.07 -6.25 71.99
C GLU H 2942 123.37 -5.70 70.76
N LYS H 2943 123.45 -6.42 69.63
CA LYS H 2943 122.78 -5.99 68.40
C LYS H 2943 121.27 -6.06 68.50
N ARG H 2944 120.73 -6.73 69.51
CA ARG H 2944 119.29 -6.77 69.69
C ARG H 2944 118.73 -5.38 69.93
N PHE H 2945 117.51 -5.15 69.42
CA PHE H 2945 116.86 -3.85 69.59
C PHE H 2945 116.60 -3.55 71.07
N ALA H 2946 116.19 -4.56 71.83
CA ALA H 2946 115.88 -4.35 73.24
C ALA H 2946 117.09 -3.87 74.01
N PHE H 2947 118.28 -4.41 73.71
CA PHE H 2947 119.49 -4.00 74.40
C PHE H 2947 119.78 -2.52 74.19
N GLY H 2948 119.77 -2.07 72.93
CA GLY H 2948 120.02 -0.66 72.66
C GLY H 2948 118.96 0.23 73.26
N PHE H 2949 117.70 -0.18 73.18
CA PHE H 2949 116.62 0.61 73.76
C PHE H 2949 116.82 0.76 75.26
N LEU H 2950 117.13 -0.34 75.96
CA LEU H 2950 117.34 -0.29 77.39
C LEU H 2950 118.55 0.57 77.75
N GLN H 2951 119.61 0.50 76.94
CA GLN H 2951 120.76 1.37 77.17
C GLN H 2951 120.36 2.83 77.06
N GLN H 2952 119.54 3.17 76.07
CA GLN H 2952 119.07 4.55 75.95
C GLN H 2952 118.22 4.96 77.14
N LEU H 2953 117.37 4.05 77.64
CA LEU H 2953 116.57 4.37 78.82
C LEU H 2953 117.47 4.61 80.03
N LEU H 2954 118.52 3.81 80.21
CA LEU H 2954 119.43 4.03 81.33
C LEU H 2954 120.17 5.36 81.20
N ARG H 2955 120.59 5.71 79.97
CA ARG H 2955 121.25 6.99 79.76
C ARG H 2955 120.34 8.16 80.11
N TRP H 2956 119.13 8.17 79.53
CA TRP H 2956 118.21 9.23 79.87
C TRP H 2956 117.78 9.17 81.32
N MET H 2957 117.91 8.00 81.96
CA MET H 2957 117.57 7.91 83.37
C MET H 2957 118.62 8.60 84.24
N ASP H 2958 119.90 8.43 83.93
CA ASP H 2958 120.90 9.16 84.73
C ASP H 2958 120.78 10.65 84.47
N ILE H 2959 120.50 11.05 83.23
CA ILE H 2959 120.25 12.46 82.95
C ILE H 2959 119.03 12.96 83.74
N SER H 2960 117.99 12.12 83.83
CA SER H 2960 116.78 12.49 84.56
C SER H 2960 117.06 12.63 86.04
N GLN H 2961 117.82 11.70 86.61
CA GLN H 2961 118.16 11.82 88.03
C GLN H 2961 118.96 13.08 88.29
N GLU H 2962 119.84 13.45 87.35
CA GLU H 2962 120.60 14.68 87.50
C GLU H 2962 119.67 15.90 87.53
N PHE H 2963 118.78 16.03 86.54
CA PHE H 2963 118.01 17.27 86.52
C PHE H 2963 116.87 17.27 87.54
N ILE H 2964 116.41 16.11 88.00
CA ILE H 2964 115.46 16.12 89.11
C ILE H 2964 116.15 16.40 90.44
N ALA H 2965 117.42 16.01 90.60
CA ALA H 2965 118.18 16.47 91.75
C ALA H 2965 118.33 17.99 91.72
N HIS H 2966 118.61 18.55 90.54
CA HIS H 2966 118.67 19.99 90.41
C HIS H 2966 117.32 20.63 90.73
N LEU H 2967 116.23 20.02 90.28
CA LEU H 2967 114.89 20.53 90.56
C LEU H 2967 114.60 20.53 92.05
N GLU H 2968 114.95 19.45 92.75
CA GLU H 2968 114.77 19.39 94.19
C GLU H 2968 115.59 20.46 94.88
N ALA H 2969 116.84 20.65 94.45
CA ALA H 2969 117.68 21.67 95.04
C ALA H 2969 117.10 23.07 94.87
N VAL H 2970 116.57 23.36 93.68
CA VAL H 2970 116.07 24.72 93.44
C VAL H 2970 114.70 24.94 94.10
N VAL H 2971 113.86 23.90 94.18
CA VAL H 2971 112.57 24.09 94.83
C VAL H 2971 112.74 24.19 96.34
N SER H 2972 113.74 23.49 96.91
CA SER H 2972 113.99 23.60 98.34
C SER H 2972 114.44 25.00 98.71
N SER H 2973 115.29 25.61 97.89
CA SER H 2973 115.82 26.95 98.14
C SER H 2973 115.09 27.92 97.23
N GLY H 2974 113.99 28.49 97.73
CA GLY H 2974 113.21 29.42 96.93
C GLY H 2974 112.43 28.70 95.86
N ARG H 2975 112.38 29.30 94.67
CA ARG H 2975 111.65 28.72 93.54
C ARG H 2975 112.28 29.23 92.26
N VAL H 2976 112.91 28.33 91.50
CA VAL H 2976 113.52 28.65 90.22
C VAL H 2976 112.66 28.04 89.12
N GLU H 2977 112.20 28.90 88.20
CA GLU H 2977 111.28 28.45 87.15
C GLU H 2977 112.04 27.98 85.91
N LYS H 2978 112.89 28.83 85.35
CA LYS H 2978 113.61 28.53 84.11
C LYS H 2978 114.76 27.59 84.44
N SER H 2979 114.48 26.29 84.42
CA SER H 2979 115.52 25.29 84.66
C SER H 2979 116.41 25.16 83.43
N PRO H 2980 117.72 24.96 83.61
CA PRO H 2980 118.61 24.79 82.46
C PRO H 2980 118.31 23.55 81.62
N HIS H 2981 117.64 22.55 82.18
CA HIS H 2981 117.37 21.30 81.48
C HIS H 2981 115.87 21.10 81.26
N GLU H 2982 115.13 22.20 81.10
CA GLU H 2982 113.67 22.12 81.01
C GLU H 2982 113.23 21.29 79.82
N GLN H 2983 113.93 21.40 78.70
CA GLN H 2983 113.60 20.58 77.54
C GLN H 2983 113.76 19.09 77.85
N GLU H 2984 114.84 18.74 78.55
CA GLU H 2984 115.05 17.36 78.95
C GLU H 2984 113.94 16.87 79.88
N ILE H 2985 113.55 17.71 80.85
CA ILE H 2985 112.49 17.33 81.78
C ILE H 2985 111.19 17.07 81.03
N LYS H 2986 110.83 17.99 80.13
CA LYS H 2986 109.57 17.84 79.41
C LYS H 2986 109.61 16.62 78.47
N PHE H 2987 110.74 16.38 77.80
CA PHE H 2987 110.83 15.19 76.97
C PHE H 2987 110.61 13.93 77.81
N PHE H 2988 111.39 13.80 78.88
CA PHE H 2988 111.33 12.61 79.73
C PHE H 2988 109.94 12.42 80.32
N ALA H 2989 109.24 13.51 80.63
CA ALA H 2989 107.92 13.37 81.23
C ALA H 2989 106.85 13.05 80.18
N LYS H 2990 106.79 13.83 79.10
CA LYS H 2990 105.68 13.74 78.17
C LYS H 2990 105.76 12.50 77.30
N ILE H 2991 106.93 12.19 76.73
CA ILE H 2991 107.02 11.17 75.69
C ILE H 2991 107.76 9.93 76.18
N LEU H 2992 108.81 10.10 76.98
CA LEU H 2992 109.61 8.95 77.38
C LEU H 2992 108.80 7.92 78.17
N LEU H 2993 108.04 8.39 79.16
CA LEU H 2993 107.26 7.47 79.98
C LEU H 2993 106.19 6.74 79.20
N PRO H 2994 105.36 7.39 78.36
CA PRO H 2994 104.43 6.62 77.53
C PRO H 2994 105.13 5.65 76.60
N LEU H 2995 106.31 6.00 76.09
CA LEU H 2995 107.01 5.11 75.16
C LEU H 2995 107.39 3.81 75.85
N ILE H 2996 108.05 3.89 77.01
CA ILE H 2996 108.44 2.68 77.72
C ILE H 2996 107.20 1.93 78.20
N ASN H 2997 106.18 2.66 78.64
CA ASN H 2997 104.94 2.01 79.07
C ASN H 2997 104.35 1.15 77.96
N GLN H 2998 104.15 1.73 76.78
CA GLN H 2998 103.55 1.00 75.67
C GLN H 2998 104.46 -0.14 75.19
N TYR H 2999 105.76 0.12 75.09
CA TYR H 2999 106.69 -0.91 74.61
C TYR H 2999 106.70 -2.10 75.56
N PHE H 3000 106.75 -1.86 76.87
CA PHE H 3000 106.78 -2.95 77.81
C PHE H 3000 105.42 -3.65 77.89
N THR H 3001 104.33 -2.91 77.69
CA THR H 3001 103.02 -3.53 77.65
C THR H 3001 102.90 -4.50 76.48
N ASN H 3002 103.38 -4.09 75.30
CA ASN H 3002 103.22 -4.94 74.12
C ASN H 3002 104.29 -6.03 74.03
N HIS H 3003 105.41 -5.90 74.75
CA HIS H 3003 106.45 -6.93 74.75
C HIS H 3003 106.74 -7.44 76.16
N CYS H 3004 105.71 -7.50 77.01
CA CYS H 3004 105.86 -8.10 78.33
C CYS H 3004 106.21 -9.58 78.24
N LEU H 3005 105.62 -10.27 77.26
CA LEU H 3005 105.80 -11.72 77.16
C LEU H 3005 107.25 -12.08 76.81
N TYR H 3006 107.89 -11.28 75.96
CA TYR H 3006 109.23 -11.63 75.49
C TYR H 3006 110.25 -11.62 76.62
N PHE H 3007 110.22 -10.57 77.45
CA PHE H 3007 111.19 -10.47 78.54
C PHE H 3007 110.95 -11.52 79.62
N LEU H 3008 109.67 -11.84 79.88
CA LEU H 3008 109.35 -12.78 80.94
C LEU H 3008 109.72 -14.22 80.59
N SER H 3009 109.86 -14.54 79.32
CA SER H 3009 110.13 -15.91 78.91
C SER H 3009 111.57 -16.32 79.22
N THR H 3010 111.73 -17.59 79.55
CA THR H 3010 113.02 -18.20 79.85
C THR H 3010 113.44 -19.15 78.72
N PRO H 3011 114.74 -19.41 78.57
CA PRO H 3011 115.16 -20.40 77.57
C PRO H 3011 114.54 -21.76 77.76
N ALA H 3012 114.37 -22.20 79.02
CA ALA H 3012 113.75 -23.50 79.27
C ALA H 3012 112.26 -23.47 78.98
N LYS H 3013 111.57 -22.43 79.44
CA LYS H 3013 110.13 -22.30 79.27
C LYS H 3013 109.86 -21.16 78.30
N VAL H 3014 109.49 -21.49 77.07
CA VAL H 3014 109.19 -20.49 76.05
C VAL H 3014 107.80 -19.95 76.34
N LEU H 3015 107.73 -18.83 77.05
CA LEU H 3015 106.46 -18.22 77.45
C LEU H 3015 106.13 -17.11 76.46
N GLY H 3016 105.19 -17.39 75.56
CA GLY H 3016 104.81 -16.44 74.53
C GLY H 3016 105.43 -16.78 73.19
N SER H 3017 105.10 -15.95 72.20
CA SER H 3017 105.62 -16.15 70.85
C SER H 3017 107.14 -16.01 70.83
N GLY H 3018 107.68 -15.01 71.52
CA GLY H 3018 109.12 -14.87 71.60
C GLY H 3018 109.75 -15.97 72.42
N GLY H 3019 110.95 -16.37 72.01
CA GLY H 3019 111.64 -17.45 72.69
C GLY H 3019 112.03 -17.12 74.12
N HIS H 3020 113.00 -16.21 74.28
CA HIS H 3020 113.44 -15.79 75.60
C HIS H 3020 114.21 -14.48 75.46
N ALA H 3021 114.52 -13.89 76.61
CA ALA H 3021 115.42 -12.75 76.69
C ALA H 3021 116.69 -13.16 77.41
N SER H 3022 117.81 -12.55 77.01
CA SER H 3022 119.09 -12.87 77.63
C SER H 3022 119.09 -12.48 79.09
N ASN H 3023 119.92 -13.19 79.88
CA ASN H 3023 120.00 -12.90 81.32
C ASN H 3023 120.52 -11.49 81.57
N LYS H 3024 121.41 -10.99 80.71
CA LYS H 3024 121.89 -9.63 80.86
C LYS H 3024 120.77 -8.62 80.61
N GLU H 3025 119.89 -8.90 79.64
CA GLU H 3025 118.69 -8.08 79.48
C GLU H 3025 117.79 -8.17 80.72
N LYS H 3026 117.63 -9.39 81.24
CA LYS H 3026 116.80 -9.62 82.41
C LYS H 3026 117.35 -8.96 83.66
N GLU H 3027 118.64 -8.64 83.68
CA GLU H 3027 119.19 -7.90 84.81
C GLU H 3027 119.20 -6.39 84.58
N MET H 3028 119.35 -5.91 83.34
CA MET H 3028 119.24 -4.47 83.15
C MET H 3028 117.80 -4.00 83.33
N ILE H 3029 116.82 -4.84 82.99
CA ILE H 3029 115.43 -4.47 83.27
C ILE H 3029 115.21 -4.31 84.77
N THR H 3030 115.75 -5.22 85.57
CA THR H 3030 115.62 -5.12 87.02
C THR H 3030 116.36 -3.91 87.56
N SER H 3031 117.53 -3.61 86.99
CA SER H 3031 118.27 -2.41 87.39
C SER H 3031 117.45 -1.16 87.13
N LEU H 3032 116.82 -1.08 85.95
CA LEU H 3032 115.96 0.07 85.64
C LEU H 3032 114.80 0.15 86.61
N PHE H 3033 114.16 -1.00 86.92
CA PHE H 3033 113.04 -1.01 87.85
C PHE H 3033 113.48 -0.43 89.19
N CYS H 3034 114.57 -0.97 89.75
CA CYS H 3034 115.04 -0.50 91.06
C CYS H 3034 115.47 0.95 91.03
N LYS H 3035 116.00 1.42 89.89
CA LYS H 3035 116.44 2.81 89.82
C LYS H 3035 115.26 3.77 89.81
N LEU H 3036 114.23 3.48 89.00
CA LEU H 3036 113.03 4.32 89.08
C LEU H 3036 112.37 4.21 90.45
N ALA H 3037 112.49 3.05 91.10
CA ALA H 3037 112.02 2.95 92.48
C ALA H 3037 112.78 3.90 93.40
N ALA H 3038 114.10 3.99 93.21
CA ALA H 3038 114.91 4.92 94.00
C ALA H 3038 114.49 6.36 93.75
N LEU H 3039 114.21 6.71 92.49
CA LEU H 3039 113.74 8.06 92.19
C LEU H 3039 112.41 8.37 92.88
N VAL H 3040 111.42 7.48 92.71
CA VAL H 3040 110.11 7.73 93.29
C VAL H 3040 110.15 7.64 94.82
N ARG H 3041 111.21 7.04 95.37
CA ARG H 3041 111.34 6.91 96.82
C ARG H 3041 111.27 8.27 97.52
N HIS H 3042 111.93 9.28 96.95
CA HIS H 3042 111.89 10.64 97.50
C HIS H 3042 111.13 11.62 96.63
N ARG H 3043 111.30 11.56 95.30
CA ARG H 3043 110.79 12.61 94.42
C ARG H 3043 109.36 12.37 93.97
N VAL H 3044 108.58 11.64 94.76
CA VAL H 3044 107.16 11.45 94.46
C VAL H 3044 106.42 12.78 94.52
N SER H 3045 106.78 13.63 95.50
CA SER H 3045 106.10 14.92 95.64
C SER H 3045 106.32 15.79 94.41
N LEU H 3046 107.54 15.77 93.87
CA LEU H 3046 107.81 16.48 92.62
C LEU H 3046 107.12 15.78 91.46
N PHE H 3047 106.87 16.54 90.40
CA PHE H 3047 106.10 16.11 89.22
C PHE H 3047 104.88 15.29 89.62
N GLY H 3048 104.05 15.90 90.48
CA GLY H 3048 102.82 15.25 90.90
C GLY H 3048 101.85 15.01 89.76
N THR H 3049 101.87 15.89 88.76
CA THR H 3049 101.00 15.69 87.59
C THR H 3049 101.38 14.41 86.84
N ASP H 3050 102.68 14.14 86.70
CA ASP H 3050 103.16 12.94 86.04
C ASP H 3050 103.28 11.75 86.99
N ALA H 3051 103.00 11.95 88.27
CA ALA H 3051 103.08 10.84 89.23
C ALA H 3051 102.18 9.65 88.86
N PRO H 3052 100.94 9.84 88.38
CA PRO H 3052 100.18 8.67 87.91
C PRO H 3052 100.91 7.89 86.81
N ALA H 3053 101.55 8.59 85.89
CA ALA H 3053 102.34 7.91 84.86
C ALA H 3053 103.49 7.14 85.49
N VAL H 3054 104.14 7.72 86.50
CA VAL H 3054 105.26 7.07 87.16
C VAL H 3054 104.79 5.78 87.84
N VAL H 3055 103.67 5.84 88.55
CA VAL H 3055 103.20 4.65 89.25
C VAL H 3055 102.70 3.60 88.27
N ASN H 3056 102.09 4.01 87.14
CA ASN H 3056 101.70 3.04 86.13
C ASN H 3056 102.92 2.37 85.51
N CYS H 3057 103.97 3.13 85.23
CA CYS H 3057 105.19 2.54 84.71
C CYS H 3057 105.84 1.60 85.73
N LEU H 3058 105.76 1.95 87.02
CA LEU H 3058 106.26 1.06 88.06
C LEU H 3058 105.47 -0.25 88.08
N HIS H 3059 104.13 -0.15 87.96
CA HIS H 3059 103.31 -1.36 87.89
C HIS H 3059 103.69 -2.23 86.69
N ILE H 3060 103.90 -1.61 85.54
CA ILE H 3060 104.25 -2.37 84.34
C ILE H 3060 105.61 -3.04 84.50
N LEU H 3061 106.61 -2.30 85.01
CA LEU H 3061 107.95 -2.86 85.15
C LEU H 3061 108.04 -3.87 86.29
N ALA H 3062 107.10 -3.86 87.23
CA ALA H 3062 107.06 -4.91 88.23
C ALA H 3062 106.76 -6.27 87.59
N ARG H 3063 106.11 -6.26 86.42
CA ARG H 3063 105.82 -7.47 85.67
C ARG H 3063 106.92 -7.69 84.64
N SER H 3064 106.85 -8.83 83.94
CA SER H 3064 107.80 -9.20 82.90
C SER H 3064 109.23 -9.21 83.45
N LEU H 3065 109.39 -9.69 84.67
CA LEU H 3065 110.69 -9.72 85.34
C LEU H 3065 110.89 -11.09 85.96
N ASP H 3066 112.01 -11.74 85.63
CA ASP H 3066 112.35 -13.04 86.17
C ASP H 3066 113.28 -12.84 87.36
N ALA H 3067 112.67 -12.49 88.50
CA ALA H 3067 113.45 -12.24 89.70
C ALA H 3067 114.24 -13.47 90.12
N ARG H 3068 113.78 -14.66 89.75
CA ARG H 3068 114.54 -15.87 90.05
C ARG H 3068 115.95 -15.80 89.46
N THR H 3069 116.05 -15.53 88.16
CA THR H 3069 117.36 -15.40 87.54
C THR H 3069 118.04 -14.08 87.89
N VAL H 3070 117.29 -13.09 88.38
CA VAL H 3070 117.94 -11.91 88.94
C VAL H 3070 118.76 -12.28 90.17
N MET H 3071 118.17 -13.05 91.10
CA MET H 3071 118.93 -13.40 92.30
C MET H 3071 119.98 -14.47 92.02
N LYS H 3072 119.65 -15.51 91.25
CA LYS H 3072 120.62 -16.60 91.08
C LYS H 3072 121.70 -16.15 90.10
N SER H 3073 122.93 -16.05 90.59
CA SER H 3073 124.10 -15.68 89.79
C SER H 3073 123.89 -14.35 89.07
N GLY H 3074 123.10 -13.46 89.67
CA GLY H 3074 122.85 -12.17 89.08
C GLY H 3074 123.90 -11.16 89.43
N PRO H 3075 123.84 -10.00 88.76
CA PRO H 3075 124.79 -8.93 89.07
C PRO H 3075 124.67 -8.46 90.51
N GLU H 3076 125.82 -8.33 91.16
CA GLU H 3076 125.83 -7.98 92.58
C GLU H 3076 125.26 -6.58 92.81
N ILE H 3077 125.57 -5.64 91.92
CA ILE H 3077 125.07 -4.28 92.06
C ILE H 3077 123.55 -4.26 92.00
N VAL H 3078 122.97 -4.94 91.01
CA VAL H 3078 121.52 -4.97 90.86
C VAL H 3078 120.87 -5.67 92.04
N LYS H 3079 121.44 -6.80 92.48
CA LYS H 3079 120.88 -7.53 93.61
C LYS H 3079 120.92 -6.69 94.88
N ALA H 3080 122.04 -6.01 95.13
CA ALA H 3080 122.15 -5.16 96.32
C ALA H 3080 121.18 -4.00 96.26
N GLY H 3081 121.03 -3.39 95.08
CA GLY H 3081 120.08 -2.30 94.94
C GLY H 3081 118.65 -2.74 95.20
N LEU H 3082 118.28 -3.91 94.69
CA LEU H 3082 116.90 -4.36 94.87
C LEU H 3082 116.65 -4.79 96.32
N ARG H 3083 117.65 -5.41 96.95
CA ARG H 3083 117.54 -5.74 98.36
C ARG H 3083 117.40 -4.48 99.21
N SER H 3084 118.20 -3.45 98.91
CA SER H 3084 118.03 -2.17 99.57
C SER H 3084 116.66 -1.57 99.28
N PHE H 3085 116.09 -1.90 98.12
CA PHE H 3085 114.72 -1.46 97.84
C PHE H 3085 113.73 -2.05 98.83
N PHE H 3086 113.78 -3.37 99.06
CA PHE H 3086 112.90 -3.91 100.10
C PHE H 3086 113.21 -3.35 101.47
N GLU H 3087 114.49 -3.15 101.79
CA GLU H 3087 114.84 -2.63 103.11
C GLU H 3087 114.26 -1.24 103.32
N SER H 3088 114.41 -0.37 102.31
CA SER H 3088 113.85 0.98 102.38
C SER H 3088 112.33 0.93 102.46
N ALA H 3089 111.70 0.04 101.69
CA ALA H 3089 110.24 -0.07 101.75
C ALA H 3089 109.78 -0.48 103.14
N SER H 3090 110.47 -1.44 103.76
CA SER H 3090 110.10 -1.88 105.09
C SER H 3090 110.30 -0.78 106.13
N GLU H 3091 111.41 -0.05 106.04
CA GLU H 3091 111.62 1.05 106.98
C GLU H 3091 110.59 2.15 106.77
N ASP H 3092 110.17 2.36 105.52
CA ASP H 3092 109.10 3.33 105.25
C ASP H 3092 107.79 2.88 105.87
N ILE H 3093 107.45 1.61 105.72
CA ILE H 3093 106.23 1.08 106.34
C ILE H 3093 106.29 1.26 107.85
N GLU H 3094 107.48 1.04 108.44
CA GLU H 3094 107.67 1.31 109.86
C GLU H 3094 107.44 2.79 110.18
N LYS H 3095 107.91 3.68 109.31
CA LYS H 3095 107.68 5.11 109.53
C LYS H 3095 106.20 5.45 109.53
N MET H 3096 105.44 4.89 108.58
CA MET H 3096 103.99 5.13 108.57
C MET H 3096 103.29 4.54 109.78
N VAL H 3097 103.68 3.34 110.22
CA VAL H 3097 102.98 2.77 111.38
C VAL H 3097 103.30 3.58 112.63
N GLU H 3098 104.55 4.08 112.75
CA GLU H 3098 104.89 4.92 113.88
C GLU H 3098 104.17 6.27 113.81
N ASN H 3099 104.02 6.83 112.62
CA ASN H 3099 103.30 8.09 112.46
C ASN H 3099 101.83 7.93 112.82
N LEU H 3100 101.22 6.82 112.39
CA LEU H 3100 99.83 6.56 112.73
C LEU H 3100 99.67 6.35 114.23
N ARG H 3101 100.57 5.59 114.85
CA ARG H 3101 100.61 5.34 116.30
C ARG H 3101 99.24 5.26 116.96
N GLN H 3117 107.44 13.25 100.53
CA GLN H 3117 107.10 12.99 101.92
C GLN H 3117 106.63 11.55 102.08
N ASN H 3118 106.87 10.97 103.27
CA ASN H 3118 106.61 9.55 103.47
C ASN H 3118 105.13 9.22 103.36
N LEU H 3119 104.26 10.05 103.93
CA LEU H 3119 102.82 9.75 103.94
C LEU H 3119 102.27 9.65 102.53
N THR H 3120 102.50 10.69 101.71
CA THR H 3120 102.01 10.66 100.34
C THR H 3120 102.74 9.60 99.52
N TYR H 3121 104.05 9.45 99.73
CA TYR H 3121 104.81 8.47 98.98
C TYR H 3121 104.24 7.07 99.18
N THR H 3122 104.08 6.65 100.43
CA THR H 3122 103.56 5.33 100.73
C THR H 3122 102.21 5.13 100.07
N THR H 3123 101.22 5.93 100.46
CA THR H 3123 99.85 5.71 100.02
C THR H 3123 99.72 5.78 98.50
N VAL H 3124 100.36 6.76 97.86
CA VAL H 3124 100.17 6.95 96.43
C VAL H 3124 100.90 5.88 95.62
N ALA H 3125 102.16 5.61 95.95
CA ALA H 3125 102.99 4.76 95.10
C ALA H 3125 103.35 3.43 95.72
N LEU H 3126 103.85 3.43 96.97
CA LEU H 3126 104.52 2.24 97.49
C LEU H 3126 103.54 1.09 97.68
N LEU H 3127 102.42 1.36 98.34
CA LEU H 3127 101.47 0.28 98.62
C LEU H 3127 100.91 -0.35 97.35
N PRO H 3128 100.39 0.40 96.37
CA PRO H 3128 99.90 -0.27 95.15
C PRO H 3128 100.99 -0.98 94.37
N VAL H 3129 102.11 -0.30 94.08
CA VAL H 3129 103.14 -0.88 93.24
C VAL H 3129 103.75 -2.10 93.90
N LEU H 3130 104.10 -2.00 95.19
CA LEU H 3130 104.80 -3.10 95.83
C LEU H 3130 103.81 -4.22 96.19
N THR H 3131 102.53 -3.87 96.39
CA THR H 3131 101.50 -4.89 96.48
C THR H 3131 101.41 -5.70 95.19
N THR H 3132 101.43 -5.02 94.04
CA THR H 3132 101.53 -5.71 92.77
C THR H 3132 102.82 -6.52 92.69
N LEU H 3133 103.88 -6.04 93.34
CA LEU H 3133 105.12 -6.81 93.39
C LEU H 3133 104.93 -8.17 94.06
N PHE H 3134 104.33 -8.18 95.27
CA PHE H 3134 104.06 -9.49 95.88
C PHE H 3134 103.07 -10.31 95.05
N GLN H 3135 102.11 -9.66 94.40
CA GLN H 3135 101.18 -10.40 93.55
C GLN H 3135 101.93 -11.13 92.44
N HIS H 3136 102.84 -10.42 91.77
CA HIS H 3136 103.65 -11.03 90.71
C HIS H 3136 104.54 -12.14 91.27
N ILE H 3137 105.12 -11.91 92.46
CA ILE H 3137 105.97 -12.91 93.09
C ILE H 3137 105.18 -14.19 93.36
N ALA H 3138 103.97 -14.05 93.90
CA ALA H 3138 103.14 -15.21 94.17
C ALA H 3138 102.71 -15.90 92.88
N GLN H 3139 102.39 -15.11 91.84
CA GLN H 3139 101.97 -15.70 90.57
C GLN H 3139 103.09 -16.51 89.93
N HIS H 3140 104.32 -16.01 89.99
CA HIS H 3140 105.46 -16.65 89.34
C HIS H 3140 106.30 -17.48 90.30
N GLN H 3141 105.81 -17.72 91.51
CA GLN H 3141 106.51 -18.55 92.51
C GLN H 3141 107.90 -18.01 92.81
N PHE H 3142 108.02 -16.69 92.92
CA PHE H 3142 109.29 -16.05 93.25
C PHE H 3142 109.55 -15.96 94.75
N GLY H 3143 108.62 -16.45 95.58
CA GLY H 3143 108.73 -16.23 97.01
C GLY H 3143 110.00 -16.79 97.60
N ASP H 3144 110.34 -18.03 97.24
CA ASP H 3144 111.55 -18.66 97.78
C ASP H 3144 112.80 -17.94 97.30
N ASP H 3145 112.80 -17.47 96.05
CA ASP H 3145 114.00 -16.85 95.48
C ASP H 3145 114.13 -15.39 95.89
N VAL H 3146 113.05 -14.64 95.87
CA VAL H 3146 113.11 -13.21 96.22
C VAL H 3146 113.20 -13.03 97.73
N ILE H 3147 112.20 -13.57 98.44
CA ILE H 3147 112.08 -13.38 99.88
C ILE H 3147 113.05 -14.32 100.58
N LEU H 3148 114.21 -13.80 100.95
CA LEU H 3148 115.19 -14.56 101.71
C LEU H 3148 116.21 -13.60 102.31
N ASP H 3149 116.86 -14.04 103.38
CA ASP H 3149 117.96 -13.34 104.05
C ASP H 3149 117.49 -11.94 104.43
N ASP H 3150 118.14 -10.86 103.98
CA ASP H 3150 117.72 -9.52 104.36
C ASP H 3150 116.32 -9.20 103.83
N VAL H 3151 115.98 -9.73 102.66
CA VAL H 3151 114.62 -9.56 102.15
C VAL H 3151 113.62 -10.22 103.09
N GLN H 3152 113.95 -11.42 103.57
CA GLN H 3152 113.11 -12.10 104.55
C GLN H 3152 112.92 -11.25 105.80
N VAL H 3153 114.02 -10.68 106.30
CA VAL H 3153 113.94 -9.85 107.51
C VAL H 3153 113.06 -8.63 107.26
N SER H 3154 113.23 -7.99 106.09
CA SER H 3154 112.47 -6.78 105.81
C SER H 3154 110.98 -7.06 105.70
N CYS H 3155 110.58 -8.12 105.00
CA CYS H 3155 109.15 -8.38 104.87
C CYS H 3155 108.56 -8.84 106.20
N TYR H 3156 109.35 -9.56 107.01
CA TYR H 3156 108.87 -9.92 108.33
C TYR H 3156 108.64 -8.68 109.19
N ARG H 3157 109.56 -7.73 109.14
CA ARG H 3157 109.37 -6.46 109.84
C ARG H 3157 108.15 -5.74 109.33
N THR H 3158 107.92 -5.76 108.01
CA THR H 3158 106.72 -5.16 107.45
C THR H 3158 105.48 -5.83 107.99
N LEU H 3159 105.50 -7.17 108.12
CA LEU H 3159 104.36 -7.88 108.68
C LEU H 3159 104.07 -7.46 110.12
N CYS H 3160 105.12 -7.40 110.94
CA CYS H 3160 104.91 -6.96 112.32
C CYS H 3160 104.38 -5.53 112.38
N SER H 3161 104.93 -4.64 111.56
CA SER H 3161 104.46 -3.25 111.55
C SER H 3161 103.01 -3.15 111.10
N ILE H 3162 102.63 -3.92 110.08
CA ILE H 3162 101.28 -3.82 109.55
C ILE H 3162 100.28 -4.48 110.50
N TYR H 3163 100.73 -5.42 111.32
CA TYR H 3163 99.83 -6.01 112.31
C TYR H 3163 99.78 -5.23 113.61
N SER H 3164 100.79 -4.41 113.89
CA SER H 3164 100.81 -3.60 115.10
C SER H 3164 99.75 -2.49 115.09
N LEU H 3165 99.13 -2.23 113.95
CA LEU H 3165 98.12 -1.17 113.83
C LEU H 3165 96.74 -1.61 114.32
N GLY H 3166 96.63 -2.81 114.88
CA GLY H 3166 95.34 -3.25 115.40
C GLY H 3166 94.86 -2.40 116.57
N THR H 3167 95.78 -1.99 117.44
CA THR H 3167 95.42 -1.14 118.57
C THR H 3167 94.91 0.22 118.09
N THR H 3168 95.55 0.78 117.07
CA THR H 3168 95.13 2.06 116.53
C THR H 3168 93.73 1.96 115.94
N LYS H 3169 92.89 2.96 116.24
CA LYS H 3169 91.52 2.98 115.76
C LYS H 3169 91.11 4.37 115.29
N ASN H 3170 92.05 5.17 114.82
CA ASN H 3170 91.75 6.50 114.32
C ASN H 3170 91.22 6.43 112.89
N THR H 3171 90.75 7.59 112.41
CA THR H 3171 90.14 7.65 111.07
C THR H 3171 91.13 7.22 110.00
N TYR H 3172 92.39 7.63 110.13
CA TYR H 3172 93.40 7.29 109.13
C TYR H 3172 93.59 5.78 109.03
N VAL H 3173 93.75 5.11 110.17
CA VAL H 3173 93.97 3.66 110.12
C VAL H 3173 92.70 2.96 109.65
N GLU H 3174 91.53 3.46 110.04
CA GLU H 3174 90.28 2.85 109.56
C GLU H 3174 90.14 2.96 108.05
N LYS H 3175 90.49 4.12 107.47
CA LYS H 3175 90.33 4.28 106.04
C LYS H 3175 91.40 3.54 105.25
N LEU H 3176 92.61 3.44 105.80
CA LEU H 3176 93.70 2.77 105.11
C LEU H 3176 93.73 1.27 105.37
N ARG H 3177 92.91 0.77 106.30
CA ARG H 3177 92.95 -0.64 106.66
C ARG H 3177 92.67 -1.59 105.49
N PRO H 3178 91.72 -1.33 104.58
CA PRO H 3178 91.58 -2.22 103.42
C PRO H 3178 92.84 -2.32 102.56
N ALA H 3179 93.54 -1.20 102.36
CA ALA H 3179 94.77 -1.23 101.57
C ALA H 3179 95.82 -2.10 102.23
N LEU H 3180 96.00 -1.93 103.55
CA LEU H 3180 96.91 -2.80 104.29
C LEU H 3180 96.46 -4.25 104.22
N GLY H 3181 95.15 -4.49 104.23
CA GLY H 3181 94.66 -5.85 104.12
C GLY H 3181 95.05 -6.49 102.81
N GLU H 3182 94.89 -5.76 101.70
CA GLU H 3182 95.36 -6.27 100.42
C GLU H 3182 96.87 -6.52 100.45
N CYS H 3183 97.62 -5.58 101.03
CA CYS H 3183 99.07 -5.71 101.06
C CYS H 3183 99.51 -6.94 101.86
N LEU H 3184 98.91 -7.17 103.03
CA LEU H 3184 99.31 -8.31 103.84
C LEU H 3184 98.75 -9.63 103.32
N ALA H 3185 97.63 -9.60 102.60
CA ALA H 3185 97.21 -10.79 101.86
C ALA H 3185 98.26 -11.16 100.82
N ARG H 3186 98.80 -10.16 100.12
CA ARG H 3186 99.87 -10.44 99.18
C ARG H 3186 101.14 -10.91 99.89
N LEU H 3187 101.44 -10.35 101.06
CA LEU H 3187 102.56 -10.86 101.86
C LEU H 3187 102.39 -12.34 102.16
N ALA H 3188 101.21 -12.73 102.62
CA ALA H 3188 100.97 -14.14 102.94
C ALA H 3188 101.05 -15.00 101.69
N ALA H 3189 100.56 -14.50 100.56
CA ALA H 3189 100.61 -15.26 99.32
C ALA H 3189 102.04 -15.49 98.86
N ALA H 3190 102.87 -14.46 98.89
CA ALA H 3190 104.22 -14.55 98.35
C ALA H 3190 105.27 -14.94 99.40
N MET H 3191 104.85 -15.16 100.64
CA MET H 3191 105.79 -15.32 101.74
C MET H 3191 106.17 -16.80 101.84
N PRO H 3192 107.45 -17.15 101.71
CA PRO H 3192 107.84 -18.56 101.55
C PRO H 3192 108.17 -19.31 102.84
N VAL H 3193 107.88 -18.78 104.02
CA VAL H 3193 108.06 -19.53 105.26
C VAL H 3193 106.77 -19.42 106.07
N ALA H 3194 106.56 -20.43 106.92
CA ALA H 3194 105.41 -20.44 107.83
C ALA H 3194 105.73 -19.52 109.00
N PHE H 3195 105.34 -18.25 108.86
CA PHE H 3195 105.53 -17.30 109.96
C PHE H 3195 104.77 -17.77 111.20
N LEU H 3196 103.60 -18.35 111.00
CA LEU H 3196 102.78 -18.92 112.06
C LEU H 3196 103.04 -20.41 112.16
N GLU H 3197 102.62 -20.99 113.29
CA GLU H 3197 102.98 -22.34 113.67
C GLU H 3197 104.51 -22.49 113.54
N PRO H 3198 105.27 -21.74 114.32
CA PRO H 3198 106.73 -21.67 114.11
C PRO H 3198 107.54 -22.75 114.80
N GLN H 3199 106.90 -23.69 115.49
CA GLN H 3199 107.66 -24.76 116.15
C GLN H 3199 108.37 -25.65 115.13
N LEU H 3200 107.83 -25.77 113.91
CA LEU H 3200 108.41 -26.59 112.87
C LEU H 3200 109.08 -25.75 111.79
N ASN H 3201 109.41 -24.50 112.08
CA ASN H 3201 110.08 -23.65 111.10
C ASN H 3201 111.49 -24.12 110.80
N GLU H 3202 112.09 -24.94 111.67
CA GLU H 3202 113.42 -25.47 111.41
C GLU H 3202 113.44 -26.38 110.19
N TYR H 3203 112.38 -27.17 110.01
CA TYR H 3203 112.33 -28.11 108.90
C TYR H 3203 112.32 -27.40 107.55
N ASN H 3204 111.69 -26.24 107.46
CA ASN H 3204 111.64 -25.52 106.20
C ASN H 3204 113.02 -24.99 105.84
N ALA H 3205 113.45 -25.25 104.59
CA ALA H 3205 114.76 -24.81 104.16
C ALA H 3205 114.83 -23.31 103.93
N CYS H 3206 113.72 -22.71 103.49
CA CYS H 3206 113.71 -21.27 103.17
C CYS H 3206 113.75 -20.39 104.41
N SER H 3207 113.57 -20.96 105.60
CA SER H 3207 113.60 -20.16 106.82
C SER H 3207 115.00 -19.61 107.08
N VAL H 3208 115.05 -18.41 107.67
CA VAL H 3208 116.33 -17.78 107.97
C VAL H 3208 117.13 -18.62 108.96
N TYR H 3209 116.45 -19.25 109.92
CA TYR H 3209 117.14 -20.10 110.88
C TYR H 3209 117.80 -21.29 110.18
N THR H 3210 117.13 -21.87 109.19
CA THR H 3210 117.74 -22.99 108.46
C THR H 3210 118.88 -22.52 107.57
N THR H 3211 118.68 -21.41 106.86
CA THR H 3211 119.71 -20.92 105.94
C THR H 3211 120.97 -20.50 106.70
N LYS H 3212 120.82 -19.85 107.84
CA LYS H 3212 121.95 -19.29 108.57
C LYS H 3212 122.40 -20.23 109.68
N SER H 3213 123.70 -20.24 109.94
CA SER H 3213 124.23 -20.87 111.14
C SER H 3213 123.83 -20.04 112.35
N PRO H 3214 123.93 -20.59 113.56
CA PRO H 3214 123.57 -19.79 114.75
C PRO H 3214 124.31 -18.47 114.84
N ARG H 3215 125.60 -18.45 114.54
CA ARG H 3215 126.35 -17.19 114.56
C ARG H 3215 125.84 -16.23 113.51
N GLU H 3216 125.52 -16.74 112.31
CA GLU H 3216 125.01 -15.87 111.26
C GLU H 3216 123.63 -15.34 111.61
N ARG H 3217 122.81 -16.13 112.31
CA ARG H 3217 121.55 -15.63 112.84
C ARG H 3217 121.79 -14.51 113.83
N ALA H 3218 122.79 -14.67 114.70
CA ALA H 3218 123.12 -13.63 115.67
C ALA H 3218 123.52 -12.34 114.98
N ILE H 3219 124.35 -12.44 113.93
CA ILE H 3219 124.75 -11.24 113.20
C ILE H 3219 123.60 -10.68 112.36
N LEU H 3220 122.64 -11.51 111.96
CA LEU H 3220 121.47 -11.02 111.25
C LEU H 3220 120.41 -10.44 112.19
N GLY H 3221 120.53 -10.66 113.49
CA GLY H 3221 119.58 -10.14 114.45
C GLY H 3221 118.56 -11.15 114.96
N LEU H 3222 118.65 -12.39 114.53
CA LEU H 3222 117.73 -13.41 115.01
C LEU H 3222 118.04 -13.75 116.47
N PRO H 3223 117.08 -13.68 117.37
CA PRO H 3223 117.35 -13.95 118.79
C PRO H 3223 117.37 -15.42 119.13
N ASN H 3224 117.49 -16.28 118.11
CA ASN H 3224 117.42 -17.74 118.26
C ASN H 3224 116.07 -18.17 118.81
N SER H 3225 115.04 -17.36 118.55
CA SER H 3225 113.67 -17.68 118.95
C SER H 3225 112.74 -17.08 117.91
N VAL H 3226 112.14 -17.95 117.08
CA VAL H 3226 111.34 -17.48 115.96
C VAL H 3226 110.11 -16.71 116.43
N GLU H 3227 109.59 -17.05 117.61
CA GLU H 3227 108.37 -16.40 118.11
C GLU H 3227 108.61 -14.99 118.63
N GLU H 3228 109.86 -14.60 118.90
CA GLU H 3228 110.11 -13.38 119.64
C GLU H 3228 110.05 -12.12 118.77
N MET H 3229 110.40 -12.22 117.49
CA MET H 3229 110.38 -11.02 116.65
C MET H 3229 108.96 -10.48 116.47
N CYS H 3230 107.99 -11.38 116.29
CA CYS H 3230 106.59 -10.98 116.11
C CYS H 3230 105.71 -11.78 117.05
N PRO H 3231 105.65 -11.40 118.33
CA PRO H 3231 104.65 -11.98 119.22
C PRO H 3231 103.27 -11.37 119.07
N ASP H 3232 103.15 -10.29 118.29
CA ASP H 3232 101.85 -9.65 118.09
C ASP H 3232 100.88 -10.58 117.38
N ILE H 3233 101.35 -11.24 116.33
CA ILE H 3233 100.48 -12.15 115.58
C ILE H 3233 100.43 -13.50 116.29
N PRO H 3234 99.24 -13.88 116.75
CA PRO H 3234 99.09 -15.16 117.45
C PRO H 3234 99.23 -16.32 116.48
N VAL H 3235 99.37 -17.54 117.01
CA VAL H 3235 99.55 -18.71 116.15
C VAL H 3235 98.35 -18.93 115.25
N LEU H 3236 98.54 -19.69 114.19
CA LEU H 3236 97.46 -19.93 113.25
C LEU H 3236 96.27 -20.53 113.96
N ASP H 3237 96.52 -21.46 114.88
CA ASP H 3237 95.44 -22.07 115.63
C ASP H 3237 94.67 -21.01 116.38
N ARG H 3238 95.39 -20.05 116.96
CA ARG H 3238 94.73 -18.98 117.69
C ARG H 3238 93.83 -18.20 116.76
N LEU H 3239 94.32 -17.91 115.56
CA LEU H 3239 93.51 -17.18 114.59
C LEU H 3239 92.22 -17.92 114.41
N MET H 3240 92.30 -19.23 114.19
CA MET H 3240 91.10 -20.03 114.05
C MET H 3240 90.19 -19.83 115.24
N ALA H 3241 90.73 -20.05 116.44
CA ALA H 3241 89.91 -19.94 117.65
C ALA H 3241 89.27 -18.56 117.75
N ASP H 3242 90.04 -17.51 117.49
CA ASP H 3242 89.50 -16.15 117.60
C ASP H 3242 88.41 -15.91 116.57
N ILE H 3243 88.64 -16.33 115.33
CA ILE H 3243 87.65 -16.06 114.28
C ILE H 3243 86.39 -16.87 114.54
N GLY H 3244 86.53 -18.10 115.04
CA GLY H 3244 85.37 -18.90 115.38
C GLY H 3244 84.58 -18.30 116.53
N GLY H 3245 85.28 -17.82 117.56
CA GLY H 3245 84.61 -17.18 118.68
C GLY H 3245 83.87 -15.92 118.28
N LEU H 3246 84.51 -15.08 117.46
CA LEU H 3246 83.84 -13.88 116.97
C LEU H 3246 82.62 -14.22 116.12
N ALA H 3247 82.73 -15.26 115.27
CA ALA H 3247 81.58 -15.69 114.50
C ALA H 3247 80.44 -16.17 115.40
N GLU H 3248 80.78 -16.96 116.42
CA GLU H 3248 79.75 -17.47 117.33
C GLU H 3248 79.07 -16.34 118.09
N SER H 3249 79.85 -15.38 118.57
CA SER H 3249 79.29 -14.22 119.26
C SER H 3249 78.63 -13.23 118.32
N GLY H 3250 78.81 -13.39 117.01
CA GLY H 3250 78.22 -12.49 116.05
C GLY H 3250 78.79 -11.08 116.08
N ALA H 3251 80.10 -10.95 116.26
CA ALA H 3251 80.73 -9.63 116.27
C ALA H 3251 80.54 -8.95 114.92
N ARG H 3252 80.12 -7.69 114.95
CA ARG H 3252 79.85 -6.98 113.73
C ARG H 3252 81.12 -6.34 113.17
N TYR H 3253 81.00 -5.84 111.93
CA TYR H 3253 82.11 -5.18 111.28
C TYR H 3253 82.57 -3.96 112.06
N THR H 3254 81.61 -3.17 112.55
CA THR H 3254 81.95 -2.00 113.36
C THR H 3254 82.46 -2.43 114.74
N GLU H 3255 81.89 -3.50 115.31
CA GLU H 3255 82.33 -3.95 116.62
C GLU H 3255 83.79 -4.38 116.61
N MET H 3256 84.22 -5.09 115.57
CA MET H 3256 85.62 -5.46 115.43
C MET H 3256 85.97 -5.38 113.95
N PRO H 3257 86.57 -4.27 113.51
CA PRO H 3257 87.01 -4.17 112.10
C PRO H 3257 88.35 -4.86 111.86
N HIS H 3258 89.24 -4.80 112.86
CA HIS H 3258 90.63 -5.19 112.63
C HIS H 3258 90.75 -6.66 112.26
N VAL H 3259 90.05 -7.54 112.99
CA VAL H 3259 90.16 -8.97 112.70
C VAL H 3259 89.65 -9.28 111.30
N ILE H 3260 88.45 -8.81 110.98
CA ILE H 3260 87.85 -9.10 109.69
C ILE H 3260 88.71 -8.53 108.55
N GLU H 3261 89.19 -7.29 108.73
CA GLU H 3261 89.95 -6.62 107.67
C GLU H 3261 91.38 -7.13 107.54
N ILE H 3262 91.93 -7.80 108.55
CA ILE H 3262 93.35 -8.13 108.55
C ILE H 3262 93.60 -9.63 108.67
N THR H 3263 93.09 -10.25 109.74
CA THR H 3263 93.44 -11.64 110.01
C THR H 3263 92.77 -12.60 109.03
N LEU H 3264 91.58 -12.25 108.54
CA LEU H 3264 90.95 -13.09 107.51
C LEU H 3264 91.79 -13.18 106.24
N PRO H 3265 92.38 -12.09 105.72
CA PRO H 3265 93.38 -12.28 104.64
C PRO H 3265 94.52 -13.20 105.02
N MET H 3266 95.04 -13.11 106.25
CA MET H 3266 96.04 -14.07 106.71
C MET H 3266 95.58 -15.49 106.50
N LEU H 3267 94.36 -15.81 106.96
CA LEU H 3267 93.88 -17.19 106.85
C LEU H 3267 93.69 -17.59 105.39
N CYS H 3268 92.99 -16.75 104.62
CA CYS H 3268 92.62 -17.10 103.25
C CYS H 3268 93.81 -17.14 102.31
N SER H 3269 94.94 -16.53 102.68
CA SER H 3269 96.14 -16.63 101.87
C SER H 3269 97.17 -17.60 102.43
N TYR H 3270 97.16 -17.83 103.75
CA TYR H 3270 98.03 -18.79 104.38
C TYR H 3270 97.64 -20.22 104.05
N LEU H 3271 96.35 -20.53 104.19
CA LEU H 3271 95.92 -21.93 104.06
C LEU H 3271 96.17 -22.51 102.66
N PRO H 3272 95.81 -21.84 101.56
CA PRO H 3272 96.02 -22.48 100.25
C PRO H 3272 97.49 -22.73 99.92
N ARG H 3273 98.35 -21.73 100.10
CA ARG H 3273 99.73 -21.84 99.64
C ARG H 3273 100.47 -22.95 100.36
N TRP H 3274 100.29 -23.07 101.68
CA TRP H 3274 100.95 -24.09 102.48
C TRP H 3274 100.14 -25.36 102.64
N TRP H 3275 98.94 -25.43 102.03
CA TRP H 3275 98.15 -26.66 102.13
C TRP H 3275 98.73 -27.77 101.26
N GLU H 3276 99.15 -27.44 100.04
CA GLU H 3276 99.67 -28.47 99.14
C GLU H 3276 100.93 -29.11 99.71
N ARG H 3277 101.79 -28.31 100.32
CA ARG H 3277 103.00 -28.82 100.95
C ARG H 3277 102.76 -29.34 102.36
N GLY H 3278 101.53 -29.26 102.86
CA GLY H 3278 101.20 -29.77 104.17
C GLY H 3278 100.89 -31.25 104.15
N PRO H 3279 100.59 -31.78 105.34
CA PRO H 3279 100.30 -33.22 105.46
C PRO H 3279 99.11 -33.68 104.64
N GLU H 3280 98.09 -32.84 104.47
CA GLU H 3280 96.88 -33.27 103.78
C GLU H 3280 97.16 -33.66 102.33
N ALA H 3281 97.98 -32.88 101.63
CA ALA H 3281 98.37 -33.22 100.27
C ALA H 3281 99.74 -33.86 100.29
N PRO H 3282 99.87 -35.15 100.03
CA PRO H 3282 101.17 -35.81 100.11
C PRO H 3282 102.15 -35.22 99.09
N PRO H 3283 103.39 -35.00 99.49
CA PRO H 3283 104.39 -34.48 98.56
C PRO H 3283 104.75 -35.53 97.51
N PRO H 3284 104.91 -35.11 96.25
CA PRO H 3284 105.34 -36.07 95.22
C PRO H 3284 106.70 -36.70 95.50
N ALA H 3285 107.61 -35.96 96.13
CA ALA H 3285 108.93 -36.46 96.47
C ALA H 3285 108.93 -36.88 97.93
N LEU H 3286 108.87 -38.20 98.15
CA LEU H 3286 108.89 -38.72 99.52
C LEU H 3286 110.18 -38.37 100.28
N PRO H 3287 111.39 -38.51 99.70
CA PRO H 3287 112.58 -38.07 100.44
C PRO H 3287 112.55 -36.60 100.80
N ALA H 3288 112.03 -35.74 99.91
CA ALA H 3288 111.91 -34.33 100.23
C ALA H 3288 110.91 -34.09 101.35
N GLY H 3289 109.80 -34.81 101.34
CA GLY H 3289 108.78 -34.68 102.35
C GLY H 3289 109.03 -35.46 103.62
N ALA H 3290 110.15 -36.18 103.70
CA ALA H 3290 110.46 -36.94 104.92
C ALA H 3290 110.52 -36.07 106.17
N PRO H 3291 111.16 -34.90 106.17
CA PRO H 3291 111.03 -34.02 107.32
C PRO H 3291 109.60 -33.56 107.49
N PRO H 3292 109.14 -33.36 108.72
CA PRO H 3292 107.77 -32.88 108.94
C PRO H 3292 107.53 -31.57 108.24
N PRO H 3293 106.35 -31.39 107.64
CA PRO H 3293 106.05 -30.13 106.95
C PRO H 3293 106.10 -28.95 107.92
N CYS H 3294 106.58 -27.81 107.41
CA CYS H 3294 106.63 -26.61 108.24
C CYS H 3294 105.23 -26.15 108.64
N THR H 3295 104.23 -26.43 107.81
CA THR H 3295 102.84 -26.11 108.10
C THR H 3295 102.04 -27.40 108.16
N ALA H 3296 101.32 -27.61 109.26
CA ALA H 3296 100.57 -28.83 109.48
C ALA H 3296 99.06 -28.63 109.31
N VAL H 3297 98.66 -27.79 108.36
CA VAL H 3297 97.24 -27.56 108.11
C VAL H 3297 96.67 -28.73 107.32
N THR H 3298 95.44 -29.12 107.65
CA THR H 3298 94.72 -30.18 106.98
C THR H 3298 93.42 -29.61 106.41
N SER H 3299 92.65 -30.47 105.75
CA SER H 3299 91.39 -30.04 105.14
C SER H 3299 90.42 -29.52 106.19
N ASP H 3300 90.47 -30.05 107.42
CA ASP H 3300 89.59 -29.59 108.48
C ASP H 3300 89.84 -28.14 108.82
N HIS H 3301 91.09 -27.67 108.66
CA HIS H 3301 91.38 -26.26 108.94
C HIS H 3301 90.60 -25.34 108.01
N LEU H 3302 90.72 -25.57 106.70
CA LEU H 3302 90.04 -24.73 105.74
C LEU H 3302 88.55 -24.78 105.95
N ASN H 3303 88.03 -25.98 106.18
CA ASN H 3303 86.60 -26.14 106.39
C ASN H 3303 86.17 -25.27 107.55
N SER H 3304 86.93 -25.32 108.63
CA SER H 3304 86.60 -24.51 109.81
C SER H 3304 86.58 -23.05 109.41
N LEU H 3305 87.58 -22.60 108.66
CA LEU H 3305 87.63 -21.21 108.25
C LEU H 3305 86.36 -20.84 107.51
N LEU H 3306 86.02 -21.60 106.47
CA LEU H 3306 84.86 -21.28 105.66
C LEU H 3306 83.61 -21.25 106.53
N GLY H 3307 83.50 -22.21 107.44
CA GLY H 3307 82.34 -22.25 108.32
C GLY H 3307 82.26 -20.98 109.13
N ASN H 3308 83.39 -20.56 109.71
CA ASN H 3308 83.40 -19.34 110.48
C ASN H 3308 83.04 -18.17 109.60
N ILE H 3309 83.65 -18.11 108.42
CA ILE H 3309 83.36 -17.04 107.48
C ILE H 3309 81.86 -16.94 107.26
N LEU H 3310 81.25 -18.04 106.87
CA LEU H 3310 79.83 -18.02 106.58
C LEU H 3310 79.00 -17.74 107.82
N ARG H 3311 79.49 -18.13 109.01
CA ARG H 3311 78.82 -17.72 110.23
C ARG H 3311 78.86 -16.21 110.39
N ILE H 3312 80.00 -15.59 110.10
CA ILE H 3312 80.09 -14.12 110.15
C ILE H 3312 79.13 -13.50 109.15
N ILE H 3313 79.08 -14.05 107.94
CA ILE H 3313 78.22 -13.49 106.90
C ILE H 3313 76.75 -13.57 107.30
N VAL H 3314 76.32 -14.71 107.85
CA VAL H 3314 74.93 -14.84 108.25
C VAL H 3314 74.62 -14.00 109.48
N ASN H 3315 75.60 -13.82 110.38
CA ASN H 3315 75.37 -12.98 111.55
C ASN H 3315 75.23 -11.51 111.17
N ASN H 3316 76.09 -11.03 110.27
CA ASN H 3316 76.08 -9.63 109.85
C ASN H 3316 75.46 -9.57 108.46
N LEU H 3317 74.16 -9.30 108.42
CA LEU H 3317 73.45 -9.10 107.16
C LEU H 3317 72.56 -7.88 107.14
N GLY H 3318 72.12 -7.38 108.29
CA GLY H 3318 71.34 -6.16 108.37
C GLY H 3318 72.13 -4.90 108.56
N ILE H 3319 73.46 -4.99 108.57
CA ILE H 3319 74.31 -3.82 108.77
C ILE H 3319 74.35 -3.02 107.47
N ASP H 3320 73.83 -1.80 107.52
CA ASP H 3320 73.83 -0.94 106.34
C ASP H 3320 75.24 -0.49 106.00
N GLU H 3321 75.50 -0.33 104.70
CA GLU H 3321 76.79 0.12 104.18
C GLU H 3321 77.93 -0.81 104.60
N ALA H 3322 77.66 -2.11 104.66
CA ALA H 3322 78.69 -3.10 104.94
C ALA H 3322 79.43 -3.39 103.63
N THR H 3323 80.27 -2.43 103.23
CA THR H 3323 80.89 -2.48 101.91
C THR H 3323 81.92 -3.60 101.81
N TRP H 3324 82.61 -3.92 102.91
CA TRP H 3324 83.69 -4.91 102.83
C TRP H 3324 83.16 -6.33 102.69
N MET H 3325 81.84 -6.53 102.75
CA MET H 3325 81.25 -7.85 102.50
C MET H 3325 81.71 -8.39 101.15
N LYS H 3326 81.69 -7.54 100.11
CA LYS H 3326 82.05 -8.00 98.77
C LYS H 3326 83.55 -8.33 98.69
N ARG H 3327 84.40 -7.54 99.34
CA ARG H 3327 85.83 -7.84 99.28
C ARG H 3327 86.17 -9.09 100.09
N LEU H 3328 85.47 -9.31 101.21
CA LEU H 3328 85.62 -10.55 101.95
C LEU H 3328 85.18 -11.74 101.10
N ALA H 3329 84.09 -11.57 100.35
CA ALA H 3329 83.66 -12.61 99.42
C ALA H 3329 84.73 -12.86 98.36
N VAL H 3330 85.36 -11.80 97.86
CA VAL H 3330 86.41 -11.96 96.87
C VAL H 3330 87.59 -12.76 97.45
N PHE H 3331 88.01 -12.40 98.66
CA PHE H 3331 89.14 -13.11 99.27
C PHE H 3331 88.80 -14.56 99.60
N ALA H 3332 87.54 -14.84 99.96
CA ALA H 3332 87.13 -16.20 100.26
C ALA H 3332 86.73 -16.99 99.03
N GLN H 3333 86.60 -16.33 97.87
CA GLN H 3333 86.23 -17.02 96.64
C GLN H 3333 87.16 -18.17 96.27
N PRO H 3334 88.49 -18.03 96.34
CA PRO H 3334 89.35 -19.20 96.13
C PRO H 3334 89.24 -20.23 97.25
N ILE H 3335 89.13 -19.78 98.50
CA ILE H 3335 89.18 -20.72 99.63
C ILE H 3335 87.89 -21.51 99.81
N VAL H 3336 86.77 -21.05 99.25
CA VAL H 3336 85.51 -21.77 99.44
C VAL H 3336 85.52 -23.09 98.69
N SER H 3337 86.36 -23.23 97.67
CA SER H 3337 86.44 -24.49 96.95
C SER H 3337 87.28 -25.50 97.73
N ARG H 3338 87.40 -26.71 97.19
CA ARG H 3338 87.85 -27.88 97.93
C ARG H 3338 87.16 -27.94 99.29
N ALA H 3339 85.84 -28.10 99.26
CA ALA H 3339 85.00 -28.04 100.45
C ALA H 3339 84.35 -29.39 100.72
N ARG H 3340 84.15 -29.68 102.00
CA ARG H 3340 83.49 -30.92 102.40
C ARG H 3340 82.04 -30.94 101.92
N PRO H 3341 81.54 -32.13 101.54
CA PRO H 3341 80.14 -32.22 101.07
C PRO H 3341 79.11 -31.82 102.12
N GLU H 3342 79.37 -32.07 103.40
CA GLU H 3342 78.41 -31.79 104.45
C GLU H 3342 78.14 -30.29 104.64
N LEU H 3343 78.97 -29.43 104.05
CA LEU H 3343 78.79 -28.00 104.21
C LEU H 3343 77.45 -27.52 103.66
N LEU H 3344 76.86 -28.26 102.70
CA LEU H 3344 75.52 -27.92 102.25
C LEU H 3344 74.56 -27.90 103.43
N HIS H 3345 74.30 -29.06 104.02
CA HIS H 3345 73.35 -29.14 105.12
C HIS H 3345 73.84 -28.33 106.32
N SER H 3346 75.14 -28.06 106.40
CA SER H 3346 75.65 -27.22 107.48
C SER H 3346 75.17 -25.78 107.33
N HIS H 3347 75.57 -25.11 106.24
CA HIS H 3347 75.38 -23.67 106.16
C HIS H 3347 75.04 -23.16 104.76
N PHE H 3348 74.29 -23.92 103.95
CA PHE H 3348 73.83 -23.36 102.68
C PHE H 3348 72.32 -23.27 102.58
N ILE H 3349 71.59 -24.37 102.82
CA ILE H 3349 70.13 -24.29 102.79
C ILE H 3349 69.57 -23.33 103.84
N PRO H 3350 70.02 -23.34 105.11
CA PRO H 3350 69.44 -22.38 106.07
C PRO H 3350 69.65 -20.93 105.69
N THR H 3351 70.87 -20.57 105.27
CA THR H 3351 71.14 -19.18 104.91
C THR H 3351 70.31 -18.75 103.70
N ILE H 3352 70.24 -19.60 102.67
CA ILE H 3352 69.48 -19.24 101.48
C ILE H 3352 68.00 -19.20 101.78
N GLY H 3353 67.53 -20.06 102.69
CA GLY H 3353 66.13 -20.02 103.08
C GLY H 3353 65.77 -18.74 103.83
N ARG H 3354 66.64 -18.32 104.75
CA ARG H 3354 66.43 -17.04 105.43
C ARG H 3354 66.46 -15.89 104.43
N LEU H 3355 67.38 -15.94 103.47
CA LEU H 3355 67.42 -14.92 102.43
C LEU H 3355 66.14 -14.90 101.63
N ARG H 3356 65.56 -16.07 101.33
CA ARG H 3356 64.33 -16.10 100.55
C ARG H 3356 63.15 -15.60 101.37
N LYS H 3357 63.11 -15.92 102.67
CA LYS H 3357 62.10 -15.30 103.54
C LYS H 3357 62.19 -13.79 103.49
N ARG H 3358 63.40 -13.24 103.63
CA ARG H 3358 63.56 -11.79 103.61
C ARG H 3358 63.13 -11.21 102.27
N ALA H 3359 63.55 -11.85 101.17
CA ALA H 3359 63.18 -11.37 99.84
C ALA H 3359 61.67 -11.41 99.64
N GLY H 3360 61.03 -12.50 100.08
CA GLY H 3360 59.59 -12.60 99.95
C GLY H 3360 58.85 -11.56 100.78
N LYS H 3361 59.38 -11.25 101.97
CA LYS H 3361 58.77 -10.20 102.78
C LYS H 3361 58.86 -8.85 102.07
N VAL H 3362 60.03 -8.51 101.52
CA VAL H 3362 60.14 -7.22 100.84
C VAL H 3362 59.29 -7.20 99.57
N VAL H 3363 59.18 -8.34 98.87
CA VAL H 3363 58.32 -8.40 97.70
C VAL H 3363 56.86 -8.24 98.10
N ALA H 3364 56.47 -8.79 99.24
CA ALA H 3364 55.10 -8.62 99.72
C ALA H 3364 54.83 -7.16 100.06
N GLU H 3365 55.80 -6.48 100.69
CA GLU H 3365 55.63 -5.04 100.93
C GLU H 3365 55.49 -4.28 99.62
N GLU H 3366 56.31 -4.63 98.63
CA GLU H 3366 56.20 -3.97 97.33
C GLU H 3366 54.85 -4.22 96.67
N GLU H 3367 54.34 -5.45 96.78
CA GLU H 3367 53.05 -5.78 96.18
C GLU H 3367 51.92 -5.01 96.87
N GLN H 3368 51.95 -4.94 98.20
CA GLN H 3368 50.94 -4.15 98.91
C GLN H 3368 51.03 -2.68 98.54
N LEU H 3369 52.26 -2.17 98.42
CA LEU H 3369 52.47 -0.76 98.16
C LEU H 3369 52.10 -0.40 96.72
N ARG H 3370 52.16 -1.36 95.81
CA ARG H 3370 51.71 -1.09 94.44
C ARG H 3370 50.21 -1.31 94.29
N LEU H 3371 49.60 -2.20 95.07
CA LEU H 3371 48.16 -2.34 95.02
C LEU H 3371 47.46 -1.12 95.63
N GLU H 3372 48.06 -0.52 96.65
CA GLU H 3372 47.58 0.79 97.09
C GLU H 3372 48.15 1.87 96.18
N ALA H 3373 47.36 2.92 95.95
CA ALA H 3373 47.70 3.97 95.00
C ALA H 3373 47.60 5.32 95.69
N LYS H 3374 48.75 5.92 95.99
CA LYS H 3374 48.82 7.24 96.61
C LYS H 3374 50.28 7.71 96.60
N ALA H 3375 50.45 9.00 96.92
CA ALA H 3375 51.80 9.53 97.06
C ALA H 3375 52.55 8.85 98.19
N GLU H 3376 51.84 8.47 99.25
CA GLU H 3376 52.44 7.63 100.29
C GLU H 3376 52.88 6.29 99.71
N ALA H 3377 52.10 5.75 98.78
CA ALA H 3377 52.50 4.50 98.12
C ALA H 3377 53.77 4.69 97.31
N GLU H 3378 53.90 5.83 96.61
CA GLU H 3378 55.13 6.09 95.86
C GLU H 3378 56.33 6.25 96.79
N GLU H 3379 56.16 6.97 97.91
CA GLU H 3379 57.26 7.14 98.86
C GLU H 3379 57.67 5.80 99.45
N GLY H 3380 56.69 4.96 99.81
CA GLY H 3380 57.00 3.61 100.26
C GLY H 3380 57.65 2.78 99.18
N GLU H 3381 57.29 3.01 97.92
CA GLU H 3381 57.95 2.33 96.82
C GLU H 3381 59.42 2.70 96.76
N LEU H 3382 59.74 3.97 96.97
CA LEU H 3382 61.15 4.38 97.05
C LEU H 3382 61.84 3.72 98.24
N LEU H 3383 61.17 3.66 99.38
CA LEU H 3383 61.76 3.04 100.56
C LEU H 3383 62.05 1.55 100.33
N VAL H 3384 61.09 0.83 99.75
CA VAL H 3384 61.32 -0.58 99.45
C VAL H 3384 62.28 -0.75 98.29
N ARG H 3385 62.46 0.29 97.46
CA ARG H 3385 63.55 0.26 96.48
C ARG H 3385 64.90 0.26 97.18
N ASP H 3386 65.05 1.10 98.20
CA ASP H 3386 66.28 1.06 99.00
C ASP H 3386 66.45 -0.29 99.67
N GLU H 3387 65.37 -0.85 100.19
CA GLU H 3387 65.42 -2.18 100.80
C GLU H 3387 65.84 -3.25 99.78
N PHE H 3388 65.30 -3.16 98.57
CA PHE H 3388 65.70 -4.08 97.51
C PHE H 3388 67.17 -3.89 97.15
N SER H 3389 67.67 -2.65 97.22
CA SER H 3389 69.08 -2.40 96.95
C SER H 3389 69.97 -3.11 97.99
N VAL H 3390 69.61 -3.00 99.27
CA VAL H 3390 70.41 -3.69 100.27
C VAL H 3390 70.26 -5.20 100.14
N LEU H 3391 69.08 -5.67 99.73
CA LEU H 3391 68.90 -7.09 99.43
C LEU H 3391 69.81 -7.54 98.29
N CYS H 3392 69.92 -6.71 97.24
CA CYS H 3392 70.82 -7.01 96.14
C CYS H 3392 72.26 -7.09 96.62
N ARG H 3393 72.66 -6.15 97.49
CA ARG H 3393 74.00 -6.19 98.06
C ARG H 3393 74.26 -7.50 98.77
N ASP H 3394 73.34 -7.91 99.66
CA ASP H 3394 73.54 -9.14 100.41
C ASP H 3394 73.59 -10.35 99.50
N LEU H 3395 72.68 -10.42 98.52
CA LEU H 3395 72.61 -11.60 97.66
C LEU H 3395 73.83 -11.68 96.74
N TYR H 3396 74.30 -10.55 96.24
CA TYR H 3396 75.52 -10.53 95.44
C TYR H 3396 76.74 -10.87 96.28
N ALA H 3397 76.73 -10.53 97.57
CA ALA H 3397 77.80 -10.97 98.45
C ALA H 3397 77.77 -12.48 98.64
N LEU H 3398 76.58 -13.06 98.77
CA LEU H 3398 76.48 -14.48 99.10
C LEU H 3398 76.70 -15.39 97.89
N TYR H 3399 76.29 -14.96 96.69
CA TYR H 3399 76.28 -15.86 95.54
C TYR H 3399 77.61 -16.45 95.11
N PRO H 3400 78.74 -15.71 95.04
CA PRO H 3400 79.96 -16.33 94.46
C PRO H 3400 80.42 -17.59 95.18
N LEU H 3401 80.34 -17.63 96.51
CA LEU H 3401 80.71 -18.85 97.23
C LEU H 3401 79.76 -19.98 96.88
N LEU H 3402 78.47 -19.66 96.74
CA LEU H 3402 77.49 -20.65 96.31
C LEU H 3402 77.83 -21.20 94.93
N ILE H 3403 78.25 -20.33 94.01
CA ILE H 3403 78.64 -20.76 92.67
C ILE H 3403 79.80 -21.73 92.75
N ARG H 3404 80.83 -21.38 93.52
CA ARG H 3404 81.97 -22.29 93.68
C ARG H 3404 81.52 -23.63 94.22
N TYR H 3405 80.67 -23.62 95.25
CA TYR H 3405 80.25 -24.86 95.89
C TYR H 3405 79.45 -25.75 94.94
N VAL H 3406 78.50 -25.16 94.22
CA VAL H 3406 77.67 -25.96 93.31
C VAL H 3406 78.50 -26.48 92.15
N ASP H 3407 79.43 -25.67 91.63
CA ASP H 3407 80.30 -26.16 90.55
C ASP H 3407 81.16 -27.32 91.04
N ASN H 3408 81.71 -27.22 92.25
CA ASN H 3408 82.55 -28.29 92.77
C ASN H 3408 81.75 -29.57 92.99
N ASN H 3409 80.52 -29.46 93.51
CA ASN H 3409 79.76 -30.64 93.90
C ASN H 3409 78.68 -31.04 92.90
N ARG H 3410 78.69 -30.47 91.69
CA ARG H 3410 77.61 -30.77 90.75
C ARG H 3410 77.69 -32.20 90.23
N ALA H 3411 78.89 -32.67 89.87
CA ALA H 3411 79.02 -33.97 89.25
C ALA H 3411 78.56 -35.08 90.20
N HIS H 3412 78.97 -35.01 91.47
CA HIS H 3412 78.53 -36.01 92.44
C HIS H 3412 77.02 -35.98 92.62
N TRP H 3413 76.43 -34.79 92.66
CA TRP H 3413 74.99 -34.69 92.81
C TRP H 3413 74.25 -35.29 91.62
N LEU H 3414 74.75 -35.05 90.41
CA LEU H 3414 74.14 -35.64 89.22
C LEU H 3414 74.28 -37.15 89.24
N THR H 3415 75.44 -37.66 89.65
CA THR H 3415 75.64 -39.11 89.67
C THR H 3415 74.75 -39.78 90.72
N GLU H 3416 74.63 -39.17 91.91
CA GLU H 3416 73.80 -39.70 92.99
C GLU H 3416 72.92 -38.57 93.50
N PRO H 3417 71.60 -38.71 93.42
CA PRO H 3417 70.71 -37.59 93.83
C PRO H 3417 70.87 -37.25 95.31
N ASN H 3418 70.66 -35.97 95.62
CA ASN H 3418 70.79 -35.46 96.97
C ASN H 3418 69.57 -34.62 97.31
N ALA H 3419 68.85 -35.00 98.36
CA ALA H 3419 67.64 -34.28 98.75
C ALA H 3419 67.95 -32.85 99.19
N ASN H 3420 69.08 -32.66 99.88
CA ASN H 3420 69.48 -31.30 100.26
C ASN H 3420 69.75 -30.45 99.02
N ALA H 3421 70.39 -31.04 98.01
CA ALA H 3421 70.63 -30.32 96.76
C ALA H 3421 69.31 -29.98 96.08
N GLU H 3422 68.34 -30.89 96.12
CA GLU H 3422 67.04 -30.59 95.53
C GLU H 3422 66.33 -29.47 96.27
N GLU H 3423 66.42 -29.47 97.60
CA GLU H 3423 65.81 -28.39 98.38
C GLU H 3423 66.47 -27.06 98.07
N LEU H 3424 67.80 -27.06 97.93
CA LEU H 3424 68.49 -25.83 97.54
C LEU H 3424 68.07 -25.37 96.14
N PHE H 3425 67.83 -26.33 95.24
CA PHE H 3425 67.30 -25.99 93.92
C PHE H 3425 65.95 -25.31 94.03
N ARG H 3426 65.05 -25.87 94.82
CA ARG H 3426 63.75 -25.22 95.02
C ARG H 3426 63.93 -23.83 95.61
N MET H 3427 64.90 -23.68 96.51
CA MET H 3427 65.08 -22.40 97.20
C MET H 3427 65.52 -21.33 96.21
N VAL H 3428 66.56 -21.63 95.43
CA VAL H 3428 67.07 -20.66 94.45
C VAL H 3428 66.04 -20.44 93.35
N GLY H 3429 65.23 -21.46 93.01
CA GLY H 3429 64.18 -21.27 92.05
C GLY H 3429 63.14 -20.26 92.53
N GLU H 3430 62.73 -20.37 93.79
CA GLU H 3430 61.79 -19.40 94.35
C GLU H 3430 62.39 -18.01 94.37
N ILE H 3431 63.68 -17.90 94.71
CA ILE H 3431 64.33 -16.59 94.69
C ILE H 3431 64.33 -16.02 93.28
N PHE H 3432 64.61 -16.85 92.27
CA PHE H 3432 64.60 -16.36 90.90
C PHE H 3432 63.19 -15.94 90.48
N ILE H 3433 62.17 -16.68 90.94
CA ILE H 3433 60.79 -16.28 90.67
C ILE H 3433 60.52 -14.89 91.23
N TYR H 3434 60.96 -14.65 92.47
CA TYR H 3434 60.80 -13.33 93.06
C TYR H 3434 61.49 -12.26 92.22
N TRP H 3435 62.72 -12.52 91.81
CA TRP H 3435 63.47 -11.53 91.05
C TRP H 3435 62.82 -11.26 89.69
N SER H 3436 62.35 -12.31 89.02
CA SER H 3436 61.72 -12.14 87.71
C SER H 3436 60.41 -11.37 87.82
N LYS H 3437 59.61 -11.67 88.84
CA LYS H 3437 58.33 -10.98 88.98
C LYS H 3437 58.49 -9.54 89.48
N SER H 3438 59.55 -9.25 90.23
CA SER H 3438 59.74 -7.92 90.81
C SER H 3438 60.61 -7.09 89.87
N HIS H 3439 60.02 -6.03 89.29
CA HIS H 3439 60.81 -5.05 88.56
C HIS H 3439 61.71 -4.24 89.48
N ASN H 3440 61.26 -4.04 90.72
CA ASN H 3440 62.10 -3.37 91.72
C ASN H 3440 63.41 -4.10 91.91
N PHE H 3441 63.37 -5.43 91.98
CA PHE H 3441 64.59 -6.22 92.16
C PHE H 3441 65.54 -6.01 90.98
N LYS H 3442 65.01 -6.03 89.75
CA LYS H 3442 65.86 -5.84 88.58
C LYS H 3442 66.49 -4.45 88.56
N ARG H 3443 65.69 -3.41 88.83
CA ARG H 3443 66.22 -2.05 88.75
C ARG H 3443 67.23 -1.80 89.87
N GLU H 3444 66.97 -2.33 91.07
CA GLU H 3444 67.94 -2.15 92.16
C GLU H 3444 69.20 -2.96 91.93
N GLU H 3445 69.08 -4.12 91.28
CA GLU H 3445 70.27 -4.85 90.87
C GLU H 3445 71.09 -4.03 89.88
N GLN H 3446 70.42 -3.39 88.92
CA GLN H 3446 71.13 -2.51 87.98
C GLN H 3446 71.85 -1.40 88.72
N ASN H 3447 71.15 -0.74 89.66
CA ASN H 3447 71.74 0.37 90.39
C ASN H 3447 72.93 -0.09 91.23
N PHE H 3448 72.80 -1.22 91.92
CA PHE H 3448 73.89 -1.74 92.73
C PHE H 3448 75.10 -2.10 91.86
N VAL H 3449 74.84 -2.73 90.72
CA VAL H 3449 75.92 -3.10 89.80
C VAL H 3449 76.66 -1.85 89.33
N VAL H 3450 75.93 -0.84 88.85
CA VAL H 3450 76.60 0.34 88.32
C VAL H 3450 77.28 1.13 89.43
N GLN H 3451 76.72 1.11 90.65
CA GLN H 3451 77.30 1.89 91.74
C GLN H 3451 78.61 1.28 92.22
N ASN H 3452 78.63 -0.04 92.48
CA ASN H 3452 79.78 -0.67 93.09
C ASN H 3452 80.65 -1.43 92.10
N GLU H 3453 80.38 -1.31 90.80
CA GLU H 3453 81.12 -2.04 89.77
C GLU H 3453 81.11 -3.55 90.06
N ILE H 3454 79.96 -4.06 90.53
CA ILE H 3454 79.85 -5.48 90.82
C ILE H 3454 79.69 -6.29 89.54
N ASN H 3455 79.54 -5.65 88.38
CA ASN H 3455 79.61 -6.37 87.11
C ASN H 3455 81.00 -6.95 86.90
N ASN H 3456 82.04 -6.21 87.30
CA ASN H 3456 83.40 -6.73 87.22
C ASN H 3456 83.56 -7.98 88.08
N MET H 3457 83.05 -7.92 89.31
CA MET H 3457 83.15 -9.06 90.22
C MET H 3457 82.31 -10.23 89.72
N SER H 3458 81.14 -9.93 89.13
CA SER H 3458 80.31 -10.97 88.55
C SER H 3458 81.01 -11.65 87.38
N PHE H 3459 81.66 -10.88 86.51
CA PHE H 3459 82.44 -11.47 85.42
C PHE H 3459 83.59 -12.30 85.94
N LEU H 3460 84.26 -11.82 87.00
CA LEU H 3460 85.33 -12.61 87.60
C LEU H 3460 84.82 -13.95 88.11
N THR H 3461 83.69 -13.93 88.83
CA THR H 3461 83.10 -15.18 89.30
C THR H 3461 82.69 -16.06 88.11
N ALA H 3462 82.14 -15.47 87.06
CA ALA H 3462 81.72 -16.23 85.89
C ALA H 3462 82.89 -16.93 85.22
N ASP H 3463 84.03 -16.24 85.07
CA ASP H 3463 85.18 -16.84 84.43
C ASP H 3463 85.95 -17.77 85.35
N SER H 3464 85.72 -17.69 86.66
CA SER H 3464 86.35 -18.62 87.61
C SER H 3464 85.37 -19.65 88.15
N LYS H 3465 84.20 -19.78 87.54
CA LYS H 3465 83.21 -20.78 87.94
C LYS H 3465 83.79 -22.19 87.96
N SER H 3494 76.55 -10.77 81.16
CA SER H 3494 75.46 -9.84 81.46
C SER H 3494 75.55 -9.31 82.88
N VAL H 3495 74.89 -8.19 83.13
CA VAL H 3495 74.82 -7.66 84.49
C VAL H 3495 73.84 -8.47 85.34
N GLN H 3496 72.72 -8.89 84.76
CA GLN H 3496 71.68 -9.61 85.48
C GLN H 3496 71.93 -11.10 85.57
N THR H 3497 73.01 -11.60 84.97
CA THR H 3497 73.22 -13.04 84.89
C THR H 3497 73.54 -13.68 86.23
N SER H 3498 73.88 -12.87 87.24
CA SER H 3498 74.16 -13.42 88.57
C SER H 3498 72.92 -14.03 89.21
N LEU H 3499 71.72 -13.62 88.76
CA LEU H 3499 70.48 -14.15 89.30
C LEU H 3499 70.02 -15.41 88.59
N ILE H 3500 70.66 -15.79 87.48
CA ILE H 3500 70.20 -16.94 86.73
C ILE H 3500 71.25 -18.04 86.73
N VAL H 3501 72.54 -17.68 86.78
CA VAL H 3501 73.55 -18.74 86.85
C VAL H 3501 73.51 -19.47 88.19
N ALA H 3502 73.15 -18.77 89.27
CA ALA H 3502 73.11 -19.41 90.58
C ALA H 3502 71.79 -20.11 90.87
N THR H 3503 70.78 -19.91 90.03
CA THR H 3503 69.46 -20.49 90.28
C THR H 3503 69.02 -21.46 89.19
N LEU H 3504 69.05 -21.04 87.93
CA LEU H 3504 68.42 -21.80 86.85
C LEU H 3504 69.39 -22.21 85.75
N LYS H 3505 70.69 -22.00 85.92
CA LYS H 3505 71.66 -22.44 84.92
C LYS H 3505 72.59 -23.52 85.45
N LYS H 3506 73.31 -23.25 86.54
CA LYS H 3506 74.24 -24.26 87.06
C LYS H 3506 73.50 -25.40 87.73
N MET H 3507 72.57 -25.08 88.63
CA MET H 3507 71.89 -26.06 89.45
C MET H 3507 70.60 -26.57 88.81
N LEU H 3508 70.23 -26.02 87.64
CA LEU H 3508 69.04 -26.47 86.93
C LEU H 3508 68.97 -27.99 86.72
N PRO H 3509 70.04 -28.68 86.31
CA PRO H 3509 69.92 -30.15 86.17
C PRO H 3509 69.55 -30.87 87.45
N ILE H 3510 69.94 -30.33 88.61
CA ILE H 3510 69.59 -30.98 89.87
C ILE H 3510 68.08 -31.13 89.99
N GLY H 3511 67.36 -30.03 89.78
CA GLY H 3511 65.90 -30.09 89.78
C GLY H 3511 65.30 -30.72 88.54
N LEU H 3512 66.04 -30.73 87.43
CA LEU H 3512 65.53 -31.34 86.22
C LEU H 3512 65.49 -32.86 86.32
N ASN H 3513 66.40 -33.45 87.09
CA ASN H 3513 66.49 -34.90 87.18
C ASN H 3513 65.47 -35.53 88.12
N MET H 3514 64.78 -34.75 88.95
CA MET H 3514 63.79 -35.36 89.84
C MET H 3514 62.63 -35.93 89.05
N CYS H 3515 62.12 -35.17 88.08
CA CYS H 3515 60.99 -35.63 87.28
C CYS H 3515 61.41 -36.79 86.39
N ALA H 3516 60.51 -37.75 86.23
CA ALA H 3516 60.77 -38.87 85.34
C ALA H 3516 60.77 -38.38 83.89
N PRO H 3517 61.52 -39.06 83.01
CA PRO H 3517 61.48 -38.68 81.59
C PRO H 3517 60.11 -38.85 80.96
N THR H 3518 59.21 -39.61 81.58
CA THR H 3518 57.85 -39.78 81.09
C THR H 3518 56.87 -38.77 81.66
N ASP H 3519 57.33 -37.83 82.51
CA ASP H 3519 56.50 -36.77 83.05
C ASP H 3519 56.62 -35.47 82.25
N GLN H 3520 57.38 -35.49 81.16
CA GLN H 3520 57.58 -34.27 80.38
C GLN H 3520 56.27 -33.77 79.81
N ASP H 3521 55.32 -34.68 79.53
CA ASP H 3521 54.00 -34.24 79.08
C ASP H 3521 53.32 -33.39 80.13
N LEU H 3522 53.32 -33.86 81.38
CA LEU H 3522 52.76 -33.05 82.45
C LEU H 3522 53.50 -31.73 82.59
N ILE H 3523 54.83 -31.75 82.41
CA ILE H 3523 55.59 -30.52 82.52
C ILE H 3523 55.17 -29.50 81.47
N MET H 3524 55.03 -29.93 80.20
CA MET H 3524 54.58 -29.00 79.17
C MET H 3524 53.16 -28.50 79.45
N LEU H 3525 52.27 -29.40 79.85
CA LEU H 3525 50.91 -28.97 80.15
C LEU H 3525 50.88 -27.93 81.27
N ALA H 3526 51.69 -28.13 82.29
CA ALA H 3526 51.82 -27.13 83.35
C ALA H 3526 52.37 -25.81 82.81
N LYS H 3527 53.34 -25.88 81.89
CA LYS H 3527 53.83 -24.67 81.25
C LYS H 3527 52.71 -23.94 80.49
N THR H 3528 51.85 -24.69 79.82
CA THR H 3528 50.68 -24.08 79.17
C THR H 3528 49.79 -23.40 80.19
N ARG H 3529 49.59 -24.03 81.36
CA ARG H 3529 48.80 -23.39 82.41
C ARG H 3529 49.44 -22.07 82.82
N TYR H 3530 50.77 -22.07 82.99
CA TYR H 3530 51.46 -20.81 83.32
C TYR H 3530 51.30 -19.79 82.21
N ALA H 3531 51.28 -20.23 80.95
CA ALA H 3531 51.04 -19.32 79.84
C ALA H 3531 49.63 -18.75 79.88
N LEU H 3532 48.68 -19.50 80.45
CA LEU H 3532 47.37 -18.95 80.74
C LEU H 3532 47.33 -18.21 82.06
N LYS H 3533 48.45 -18.13 82.79
CA LYS H 3533 48.57 -17.36 84.02
C LYS H 3533 47.68 -17.95 85.13
N ASP H 3534 47.87 -19.23 85.39
CA ASP H 3534 47.16 -19.93 86.44
C ASP H 3534 48.06 -20.07 87.66
N THR H 3535 47.48 -19.85 88.84
CA THR H 3535 48.26 -19.83 90.07
C THR H 3535 48.81 -21.23 90.39
N ASP H 3536 49.60 -21.30 91.45
CA ASP H 3536 50.27 -22.56 91.81
C ASP H 3536 49.27 -23.65 92.15
N GLU H 3537 48.30 -23.34 93.01
CA GLU H 3537 47.30 -24.33 93.37
C GLU H 3537 46.50 -24.76 92.14
N GLU H 3538 46.18 -23.80 91.27
CA GLU H 3538 45.36 -24.11 90.10
C GLU H 3538 46.11 -25.03 89.13
N VAL H 3539 47.41 -24.77 88.91
CA VAL H 3539 48.17 -25.66 88.04
C VAL H 3539 48.33 -27.03 88.69
N ARG H 3540 48.46 -27.09 90.02
CA ARG H 3540 48.40 -28.39 90.69
C ARG H 3540 47.09 -29.09 90.39
N GLU H 3541 45.98 -28.35 90.39
CA GLU H 3541 44.69 -28.95 90.07
C GLU H 3541 44.71 -29.58 88.68
N PHE H 3542 45.17 -28.83 87.67
CA PHE H 3542 45.20 -29.42 86.33
C PHE H 3542 46.17 -30.59 86.20
N LEU H 3543 47.29 -30.59 86.94
CA LEU H 3543 48.12 -31.79 86.98
C LEU H 3543 47.34 -32.97 87.55
N GLN H 3544 46.55 -32.75 88.60
CA GLN H 3544 45.75 -33.84 89.15
C GLN H 3544 44.70 -34.33 88.16
N ASN H 3545 44.05 -33.42 87.43
CA ASN H 3545 43.05 -33.90 86.47
C ASN H 3545 43.71 -34.62 85.29
N ASN H 3546 44.84 -34.11 84.80
CA ASN H 3546 45.48 -34.64 83.60
C ASN H 3546 46.73 -35.46 83.92
N LEU H 3547 46.76 -36.16 85.05
CA LEU H 3547 47.86 -37.06 85.33
C LEU H 3547 47.96 -38.17 84.28
N HIS H 3548 46.83 -38.56 83.66
CA HIS H 3548 46.85 -39.64 82.68
C HIS H 3548 47.42 -39.20 81.35
N LEU H 3549 47.62 -37.91 81.13
CA LEU H 3549 48.19 -37.38 79.88
C LEU H 3549 49.69 -37.64 79.78
N GLN H 3550 50.25 -38.45 80.69
CA GLN H 3550 51.67 -38.72 80.69
C GLN H 3550 52.07 -39.56 79.47
N GLY H 3551 53.36 -39.47 79.14
CA GLY H 3551 53.89 -40.25 78.04
C GLY H 3551 54.02 -41.72 78.38
N LYS H 3552 54.30 -42.51 77.34
CA LYS H 3552 54.43 -43.95 77.47
C LYS H 3552 55.84 -44.36 77.05
N VAL H 3553 56.42 -45.30 77.79
CA VAL H 3553 57.75 -45.79 77.47
C VAL H 3553 57.76 -46.44 76.08
N GLU H 3554 56.70 -47.19 75.77
CA GLU H 3554 56.55 -47.77 74.44
C GLU H 3554 56.33 -46.71 73.36
N GLY H 3555 55.97 -45.49 73.75
CA GLY H 3555 55.61 -44.48 72.77
C GLY H 3555 56.75 -44.15 71.81
N SER H 3556 57.95 -43.94 72.34
CA SER H 3556 59.08 -43.57 71.51
C SER H 3556 60.35 -44.28 71.97
N PRO H 3557 61.25 -44.62 71.04
CA PRO H 3557 62.55 -45.18 71.45
C PRO H 3557 63.37 -44.22 72.30
N SER H 3558 63.24 -42.92 72.07
CA SER H 3558 63.90 -41.96 72.92
C SER H 3558 63.44 -42.12 74.36
N LEU H 3559 62.12 -42.18 74.56
CA LEU H 3559 61.59 -42.46 75.89
C LEU H 3559 62.02 -43.83 76.40
N ARG H 3560 62.21 -44.78 75.48
CA ARG H 3560 62.68 -46.11 75.87
C ARG H 3560 64.00 -46.00 76.62
N TRP H 3561 65.03 -45.44 75.95
CA TRP H 3561 66.33 -45.40 76.60
C TRP H 3561 66.38 -44.37 77.71
N GLN H 3562 65.57 -43.32 77.63
CA GLN H 3562 65.51 -42.34 78.72
C GLN H 3562 64.99 -42.97 80.00
N MET H 3563 63.88 -43.70 79.90
CA MET H 3563 63.34 -44.40 81.07
C MET H 3563 64.31 -45.47 81.55
N ALA H 3564 64.99 -46.14 80.61
CA ALA H 3564 66.00 -47.12 81.00
C ALA H 3564 67.08 -46.48 81.86
N LEU H 3565 67.61 -45.33 81.43
CA LEU H 3565 68.61 -44.63 82.23
C LEU H 3565 68.05 -44.16 83.56
N TYR H 3566 66.81 -43.65 83.56
CA TYR H 3566 66.23 -43.12 84.79
C TYR H 3566 66.09 -44.23 85.84
N ARG H 3567 65.64 -45.41 85.43
CA ARG H 3567 65.57 -46.52 86.38
C ARG H 3567 66.94 -47.14 86.64
N GLY H 3568 67.91 -46.93 85.75
CA GLY H 3568 69.26 -47.41 85.99
C GLY H 3568 70.08 -46.55 86.90
N LEU H 3569 69.64 -45.33 87.18
CA LEU H 3569 70.32 -44.49 88.16
C LEU H 3569 70.33 -45.19 89.52
N PRO H 3570 71.48 -45.31 90.18
CA PRO H 3570 71.51 -46.08 91.44
C PRO H 3570 70.65 -45.50 92.54
N GLY H 3571 70.73 -44.19 92.78
CA GLY H 3571 69.95 -43.59 93.85
C GLY H 3571 68.46 -43.50 93.57
N ARG H 3572 68.07 -43.66 92.30
CA ARG H 3572 66.66 -43.58 91.94
C ARG H 3572 65.89 -44.78 92.50
N GLU H 3573 64.69 -44.52 93.00
CA GLU H 3573 63.82 -45.54 93.55
C GLU H 3573 62.45 -45.42 92.92
N GLU H 3574 61.60 -46.42 93.19
CA GLU H 3574 60.24 -46.43 92.66
C GLU H 3574 59.27 -45.63 93.52
N ASP H 3575 59.71 -45.08 94.64
CA ASP H 3575 58.84 -44.26 95.48
C ASP H 3575 58.51 -42.91 94.84
N ALA H 3576 59.26 -42.50 93.82
CA ALA H 3576 58.98 -41.24 93.13
C ALA H 3576 57.73 -41.30 92.27
N ASP H 3577 57.15 -42.48 92.08
CA ASP H 3577 55.96 -42.64 91.25
C ASP H 3577 54.69 -42.11 91.92
N ASP H 3578 54.78 -41.66 93.17
CA ASP H 3578 53.60 -41.14 93.86
C ASP H 3578 53.06 -39.92 93.13
N PRO H 3579 51.74 -39.85 92.87
CA PRO H 3579 51.19 -38.70 92.15
C PRO H 3579 51.45 -37.37 92.85
N GLU H 3580 51.48 -37.36 94.18
CA GLU H 3580 51.79 -36.13 94.89
C GLU H 3580 53.19 -35.63 94.55
N LYS H 3581 54.18 -36.53 94.65
CA LYS H 3581 55.55 -36.16 94.29
C LYS H 3581 55.63 -35.73 92.83
N ILE H 3582 54.90 -36.43 91.96
CA ILE H 3582 54.91 -36.09 90.53
C ILE H 3582 54.41 -34.68 90.31
N VAL H 3583 53.28 -34.33 90.94
CA VAL H 3583 52.71 -33.01 90.70
C VAL H 3583 53.59 -31.93 91.31
N ARG H 3584 54.17 -32.17 92.48
CA ARG H 3584 55.09 -31.19 93.05
C ARG H 3584 56.27 -30.93 92.12
N ARG H 3585 56.95 -31.99 91.69
CA ARG H 3585 58.15 -31.79 90.87
C ARG H 3585 57.79 -31.18 89.52
N VAL H 3586 56.67 -31.61 88.92
CA VAL H 3586 56.26 -31.06 87.64
C VAL H 3586 55.95 -29.57 87.77
N GLN H 3587 55.23 -29.19 88.83
CA GLN H 3587 54.92 -27.78 89.02
C GLN H 3587 56.18 -26.95 89.20
N GLU H 3588 57.11 -27.44 90.03
CA GLU H 3588 58.34 -26.69 90.28
C GLU H 3588 59.16 -26.53 89.01
N VAL H 3589 59.37 -27.63 88.27
CA VAL H 3589 60.17 -27.56 87.04
C VAL H 3589 59.48 -26.69 86.00
N SER H 3590 58.15 -26.80 85.87
CA SER H 3590 57.43 -26.01 84.89
C SER H 3590 57.49 -24.53 85.21
N ALA H 3591 57.33 -24.17 86.50
CA ALA H 3591 57.47 -22.76 86.88
C ALA H 3591 58.88 -22.26 86.61
N VAL H 3592 59.89 -23.10 86.90
CA VAL H 3592 61.27 -22.73 86.64
C VAL H 3592 61.46 -22.40 85.16
N LEU H 3593 61.03 -23.30 84.29
CA LEU H 3593 61.23 -23.10 82.85
C LEU H 3593 60.41 -21.91 82.34
N TYR H 3594 59.16 -21.78 82.80
CA TYR H 3594 58.31 -20.68 82.35
C TYR H 3594 58.90 -19.33 82.73
N HIS H 3595 59.35 -19.19 83.97
CA HIS H 3595 59.90 -17.91 84.39
C HIS H 3595 61.26 -17.65 83.77
N LEU H 3596 62.03 -18.71 83.49
CA LEU H 3596 63.29 -18.53 82.79
C LEU H 3596 63.05 -18.00 81.37
N GLU H 3597 62.09 -18.58 80.66
CA GLU H 3597 61.82 -18.11 79.31
C GLU H 3597 61.15 -16.74 79.32
N GLN H 3598 60.39 -16.42 80.36
CA GLN H 3598 59.87 -15.06 80.51
C GLN H 3598 61.00 -14.06 80.72
N THR H 3599 62.01 -14.44 81.51
CA THR H 3599 63.18 -13.59 81.68
C THR H 3599 63.91 -13.39 80.36
N GLU H 3600 64.03 -14.46 79.56
CA GLU H 3600 64.65 -14.32 78.24
C GLU H 3600 63.83 -13.39 77.35
N HIS H 3601 62.50 -13.53 77.38
CA HIS H 3601 61.60 -12.73 76.55
C HIS H 3601 60.27 -12.54 77.27
N PRO H 3602 59.98 -11.33 77.77
CA PRO H 3602 58.74 -11.02 78.49
C PRO H 3602 57.48 -11.31 77.66
N THR H 3629 67.65 35.70 69.78
CA THR H 3629 66.23 35.34 69.74
C THR H 3629 65.33 36.08 70.74
N PRO H 3630 65.80 36.40 71.95
CA PRO H 3630 64.98 37.22 72.86
C PRO H 3630 64.76 38.62 72.30
N LEU H 3631 63.57 39.16 72.59
CA LEU H 3631 63.22 40.48 72.09
C LEU H 3631 64.11 41.57 72.70
N TYR H 3632 64.45 41.44 73.98
CA TYR H 3632 65.28 42.45 74.61
C TYR H 3632 66.67 42.48 74.01
N ASN H 3633 67.22 41.32 73.61
CA ASN H 3633 68.47 41.30 72.88
C ASN H 3633 68.29 41.76 71.44
N LEU H 3634 67.09 41.61 70.89
CA LEU H 3634 66.82 42.08 69.55
C LEU H 3634 66.89 43.62 69.52
N PRO H 3635 67.41 44.20 68.44
CA PRO H 3635 67.44 45.67 68.34
C PRO H 3635 66.04 46.26 68.35
N THR H 3636 65.94 47.50 68.83
CA THR H 3636 64.65 48.12 69.08
C THR H 3636 63.85 48.31 67.80
N HIS H 3637 64.49 48.81 66.74
CA HIS H 3637 63.75 49.11 65.51
C HIS H 3637 63.23 47.85 64.83
N ARG H 3638 64.03 46.78 64.82
CA ARG H 3638 63.57 45.52 64.24
C ARG H 3638 62.40 44.96 65.03
N ALA H 3639 62.46 45.05 66.36
CA ALA H 3639 61.35 44.62 67.20
C ALA H 3639 60.11 45.46 66.94
N CYS H 3640 60.28 46.76 66.70
CA CYS H 3640 59.15 47.62 66.38
C CYS H 3640 58.51 47.23 65.06
N ASN H 3641 59.32 46.94 64.05
CA ASN H 3641 58.77 46.49 62.76
C ASN H 3641 58.03 45.17 62.93
N MET H 3642 58.61 44.23 63.66
CA MET H 3642 57.95 42.94 63.88
C MET H 3642 56.64 43.13 64.64
N PHE H 3643 56.62 44.04 65.62
CA PHE H 3643 55.39 44.33 66.34
C PHE H 3643 54.35 44.96 65.43
N LEU H 3644 54.77 45.83 64.50
CA LEU H 3644 53.82 46.39 63.54
C LEU H 3644 53.19 45.28 62.71
N GLU H 3645 53.99 44.35 62.21
CA GLU H 3645 53.44 43.24 61.44
C GLU H 3645 52.51 42.37 62.29
N SER H 3646 52.91 42.10 63.54
CA SER H 3646 52.08 41.27 64.41
C SER H 3646 50.75 41.94 64.72
N TYR H 3647 50.76 43.24 65.02
CA TYR H 3647 49.52 43.97 65.27
C TYR H 3647 48.63 43.98 64.04
N LYS H 3648 49.23 44.20 62.86
CA LYS H 3648 48.48 44.15 61.62
C LYS H 3648 47.80 42.80 61.43
N ALA H 3649 48.53 41.71 61.70
CA ALA H 3649 47.97 40.38 61.48
C ALA H 3649 46.94 40.00 62.54
N ALA H 3650 47.10 40.48 63.76
CA ALA H 3650 46.31 39.99 64.89
C ALA H 3650 45.11 40.84 65.24
N TRP H 3651 45.21 42.17 65.21
CA TRP H 3651 44.17 43.02 65.75
C TRP H 3651 43.39 43.77 64.66
N ILE H 3652 44.07 44.51 63.80
CA ILE H 3652 43.37 45.32 62.81
C ILE H 3652 42.64 44.43 61.81
N LEU H 3653 43.29 43.38 61.33
CA LEU H 3653 42.67 42.51 60.34
C LEU H 3653 41.46 41.78 60.91
N THR H 3654 41.56 41.30 62.16
CA THR H 3654 40.48 40.51 62.74
C THR H 3654 39.28 41.36 63.13
N GLU H 3655 39.46 42.68 63.31
CA GLU H 3655 38.35 43.54 63.66
C GLU H 3655 37.34 43.61 62.53
N ASP H 3656 36.06 43.54 62.87
CA ASP H 3656 34.97 43.53 61.91
C ASP H 3656 34.12 44.77 62.08
N HIS H 3657 33.85 45.47 60.98
CA HIS H 3657 32.99 46.64 60.97
C HIS H 3657 32.14 46.62 59.71
N SER H 3658 30.86 46.96 59.86
CA SER H 3658 29.90 46.91 58.77
C SER H 3658 29.53 48.34 58.37
N PHE H 3659 29.74 48.67 57.10
CA PHE H 3659 29.36 49.98 56.57
C PHE H 3659 28.69 49.91 55.21
N GLU H 3660 28.68 48.77 54.54
CA GLU H 3660 28.16 48.69 53.18
C GLU H 3660 26.67 49.03 53.15
N ASP H 3661 25.89 48.43 54.05
CA ASP H 3661 24.44 48.67 54.05
C ASP H 3661 24.13 50.12 54.34
N ARG H 3662 24.80 50.70 55.36
CA ARG H 3662 24.56 52.09 55.71
C ARG H 3662 24.93 53.02 54.56
N MET H 3663 26.07 52.77 53.91
CA MET H 3663 26.52 53.67 52.86
C MET H 3663 25.65 53.55 51.62
N ILE H 3664 25.21 52.34 51.28
CA ILE H 3664 24.29 52.18 50.15
C ILE H 3664 22.95 52.85 50.45
N ASP H 3665 22.46 52.73 51.69
CA ASP H 3665 21.21 53.38 52.06
C ASP H 3665 21.34 54.90 51.96
N ASP H 3666 22.47 55.45 52.41
CA ASP H 3666 22.67 56.89 52.30
C ASP H 3666 22.75 57.34 50.84
N LEU H 3667 23.44 56.55 50.00
CA LEU H 3667 23.58 56.93 48.60
C LEU H 3667 22.27 56.81 47.83
N SER H 3668 21.40 55.87 48.22
CA SER H 3668 20.17 55.64 47.48
C SER H 3668 19.23 56.84 47.56
N LYS H 3669 19.16 57.48 48.72
CA LYS H 3669 18.22 58.59 48.91
C LYS H 3669 18.55 59.74 47.98
N ALA H 3670 17.51 60.32 47.37
CA ALA H 3670 17.70 61.42 46.43
C ALA H 3670 17.82 62.76 47.13
N GLY H 3671 17.27 62.90 48.33
CA GLY H 3671 17.37 64.14 49.07
C GLY H 3671 16.17 65.05 48.90
N GLU H 3672 16.40 66.25 48.36
CA GLU H 3672 15.32 67.20 48.12
C GLU H 3672 15.13 67.51 46.65
N GLN H 3673 15.94 66.92 45.76
CA GLN H 3673 15.75 67.13 44.33
C GLN H 3673 14.38 66.63 43.88
N GLU H 3674 13.98 65.45 44.36
CA GLU H 3674 12.64 64.96 44.06
C GLU H 3674 11.57 65.76 44.79
N GLU H 3675 11.91 66.39 45.91
CA GLU H 3675 10.96 67.26 46.60
C GLU H 3675 10.63 68.49 45.75
N GLU H 3676 11.65 69.09 45.12
CA GLU H 3676 11.42 70.26 44.28
C GLU H 3676 11.09 69.93 42.84
N GLU H 3677 11.23 68.67 42.44
CA GLU H 3677 10.91 68.24 41.08
C GLU H 3677 9.42 67.90 41.01
N GLU H 3678 8.69 68.65 40.17
CA GLU H 3678 7.25 68.47 40.02
C GLU H 3678 6.86 67.83 38.70
N GLU H 3679 7.48 68.23 37.59
CA GLU H 3679 7.15 67.66 36.29
C GLU H 3679 7.49 66.17 36.24
N VAL H 3680 8.65 65.80 36.78
CA VAL H 3680 9.11 64.40 36.82
C VAL H 3680 9.43 64.06 38.26
N GLU H 3681 9.10 62.83 38.66
CA GLU H 3681 9.37 62.40 40.03
C GLU H 3681 10.86 62.50 40.37
N GLU H 3682 11.70 61.91 39.53
CA GLU H 3682 13.17 62.02 39.65
C GLU H 3682 13.75 62.11 38.24
N LYS H 3683 13.90 63.32 37.73
CA LYS H 3683 14.56 63.49 36.44
C LYS H 3683 16.06 63.29 36.56
N LYS H 3684 16.67 63.86 37.59
CA LYS H 3684 18.10 63.68 37.84
C LYS H 3684 18.35 62.38 38.57
N PRO H 3685 19.29 61.55 38.12
CA PRO H 3685 19.55 60.27 38.81
C PRO H 3685 20.09 60.50 40.22
N ASP H 3686 19.75 59.57 41.11
CA ASP H 3686 20.25 59.60 42.47
C ASP H 3686 21.73 59.24 42.49
N PRO H 3687 22.45 59.54 43.59
CA PRO H 3687 23.90 59.30 43.61
C PRO H 3687 24.31 57.88 43.25
N LEU H 3688 23.57 56.87 43.74
CA LEU H 3688 23.90 55.49 43.38
C LEU H 3688 23.72 55.27 41.89
N HIS H 3689 22.66 55.84 41.31
CA HIS H 3689 22.45 55.73 39.87
C HIS H 3689 23.58 56.37 39.10
N GLN H 3690 24.04 57.55 39.55
CA GLN H 3690 25.16 58.21 38.90
C GLN H 3690 26.42 57.36 38.98
N LEU H 3691 26.64 56.72 40.14
CA LEU H 3691 27.83 55.88 40.30
C LEU H 3691 27.81 54.68 39.36
N VAL H 3692 26.67 53.97 39.31
CA VAL H 3692 26.59 52.81 38.43
C VAL H 3692 26.65 53.25 36.96
N LEU H 3693 26.09 54.41 36.63
CA LEU H 3693 26.19 54.93 35.27
C LEU H 3693 27.63 55.25 34.92
N HIS H 3694 28.40 55.79 35.87
CA HIS H 3694 29.81 56.06 35.61
C HIS H 3694 30.58 54.77 35.36
N PHE H 3695 30.33 53.74 36.17
CA PHE H 3695 30.99 52.47 35.93
C PHE H 3695 30.57 51.86 34.59
N SER H 3696 29.30 52.02 34.22
CA SER H 3696 28.83 51.53 32.93
C SER H 3696 29.52 52.28 31.79
N ARG H 3697 29.72 53.59 31.95
CA ARG H 3697 30.44 54.37 30.95
C ARG H 3697 31.88 53.87 30.81
N THR H 3698 32.55 53.62 31.93
CA THR H 3698 33.90 53.09 31.86
C THR H 3698 33.93 51.73 31.17
N ALA H 3699 32.95 50.87 31.46
CA ALA H 3699 32.89 49.57 30.81
C ALA H 3699 32.64 49.70 29.31
N LEU H 3700 31.74 50.60 28.92
CA LEU H 3700 31.39 50.75 27.51
C LEU H 3700 32.47 51.48 26.73
N THR H 3701 33.37 52.21 27.39
CA THR H 3701 34.45 52.88 26.69
C THR H 3701 35.32 51.86 25.96
N GLU H 3702 35.62 52.16 24.70
CA GLU H 3702 36.38 51.24 23.86
C GLU H 3702 37.80 51.11 24.38
N LYS H 3703 38.09 49.98 25.03
CA LYS H 3703 39.41 49.70 25.57
C LYS H 3703 39.89 48.37 25.02
N SER H 3704 41.15 48.32 24.60
CA SER H 3704 41.72 47.09 24.08
C SER H 3704 41.73 46.01 25.15
N LYS H 3705 42.14 46.35 26.37
CA LYS H 3705 42.13 45.43 27.49
C LYS H 3705 41.65 46.16 28.73
N LEU H 3706 40.93 45.43 29.59
CA LEU H 3706 40.46 46.00 30.84
C LEU H 3706 41.63 46.17 31.81
N ASP H 3707 41.66 47.31 32.49
CA ASP H 3707 42.74 47.63 33.41
C ASP H 3707 42.27 47.52 34.85
N GLU H 3708 43.24 47.40 35.75
CA GLU H 3708 42.95 47.26 37.17
C GLU H 3708 42.29 48.53 37.70
N ASP H 3709 41.25 48.36 38.52
CA ASP H 3709 40.55 49.51 39.10
C ASP H 3709 40.09 49.13 40.51
N TYR H 3710 40.89 49.52 41.50
CA TYR H 3710 40.56 49.26 42.90
C TYR H 3710 39.25 49.93 43.30
N LEU H 3711 38.94 51.09 42.71
CA LEU H 3711 37.67 51.74 43.00
C LEU H 3711 36.50 50.86 42.60
N TYR H 3712 36.55 50.32 41.38
CA TYR H 3712 35.47 49.44 40.93
C TYR H 3712 35.40 48.19 41.79
N MET H 3713 36.55 47.59 42.12
CA MET H 3713 36.52 46.39 42.93
C MET H 3713 35.88 46.65 44.29
N ALA H 3714 36.31 47.71 44.97
CA ALA H 3714 35.77 48.02 46.29
C ALA H 3714 34.28 48.34 46.21
N TYR H 3715 33.86 49.13 45.21
CA TYR H 3715 32.46 49.48 45.10
C TYR H 3715 31.59 48.26 44.80
N ALA H 3716 32.06 47.39 43.90
CA ALA H 3716 31.32 46.17 43.60
C ALA H 3716 31.20 45.28 44.84
N ASP H 3717 32.28 45.18 45.62
CA ASP H 3717 32.21 44.43 46.88
C ASP H 3717 31.18 45.03 47.82
N ILE H 3718 31.13 46.37 47.91
CA ILE H 3718 30.19 47.03 48.80
C ILE H 3718 28.75 46.70 48.41
N MET H 3719 28.42 46.88 47.12
CA MET H 3719 27.05 46.60 46.69
C MET H 3719 26.71 45.12 46.81
N ALA H 3720 27.67 44.23 46.50
CA ALA H 3720 27.42 42.81 46.63
C ALA H 3720 27.12 42.42 48.07
N LYS H 3721 27.90 42.94 49.02
CA LYS H 3721 27.64 42.67 50.42
C LYS H 3721 26.29 43.23 50.85
N SER H 3722 25.96 44.45 50.42
CA SER H 3722 24.69 45.07 50.81
C SER H 3722 23.51 44.25 50.34
N CYS H 3723 23.54 43.78 49.08
CA CYS H 3723 22.43 43.00 48.57
C CYS H 3723 22.47 41.53 48.99
N HIS H 3724 23.62 41.05 49.46
CA HIS H 3724 23.75 39.67 49.90
C HIS H 3724 23.48 39.50 51.39
N LEU H 3725 23.34 40.62 52.11
CA LEU H 3725 22.97 40.53 53.53
C LEU H 3725 21.72 39.70 53.74
N GLU H 3726 20.64 40.02 53.02
CA GLU H 3726 19.38 39.29 53.21
C GLU H 3726 19.51 37.83 52.77
N GLU H 3727 20.24 37.58 51.69
CA GLU H 3727 20.44 36.22 51.23
C GLU H 3727 21.18 35.39 52.28
N GLY H 3728 22.19 35.97 52.91
CA GLY H 3728 22.90 35.30 53.98
C GLY H 3728 22.21 35.34 55.33
N GLY H 3729 21.10 36.06 55.43
CA GLY H 3729 20.35 36.14 56.67
C GLY H 3729 20.52 37.43 57.44
N GLU H 3730 21.44 38.30 57.03
CA GLU H 3730 21.65 39.57 57.70
C GLU H 3730 20.99 40.72 56.95
N GLU H 3737 21.69 22.61 64.46
CA GLU H 3737 20.54 23.36 64.94
C GLU H 3737 19.34 23.19 64.02
N GLU H 3738 18.37 22.38 64.45
CA GLU H 3738 17.16 22.12 63.67
C GLU H 3738 16.15 23.25 63.90
N VAL H 3739 16.47 24.41 63.33
CA VAL H 3739 15.62 25.59 63.47
C VAL H 3739 14.45 25.47 62.50
N GLU H 3740 13.24 25.57 63.03
CA GLU H 3740 12.02 25.48 62.22
C GLU H 3740 11.64 26.89 61.78
N VAL H 3741 12.02 27.25 60.56
CA VAL H 3741 11.71 28.58 60.03
C VAL H 3741 10.27 28.58 59.53
N SER H 3742 9.51 29.57 59.97
CA SER H 3742 8.09 29.65 59.60
C SER H 3742 7.93 30.10 58.15
N PHE H 3743 6.78 29.77 57.58
CA PHE H 3743 6.46 30.18 56.22
C PHE H 3743 6.46 31.69 56.09
N GLU H 3744 5.86 32.38 57.07
CA GLU H 3744 5.86 33.85 57.05
C GLU H 3744 7.28 34.40 57.11
N GLU H 3745 8.13 33.83 57.98
CA GLU H 3745 9.50 34.30 58.10
C GLU H 3745 10.26 34.10 56.80
N LYS H 3746 10.10 32.95 56.16
CA LYS H 3746 10.74 32.71 54.88
C LYS H 3746 10.26 33.71 53.83
N GLU H 3747 8.96 33.99 53.82
CA GLU H 3747 8.42 34.93 52.83
C GLU H 3747 8.97 36.34 53.04
N MET H 3748 9.03 36.81 54.29
CA MET H 3748 9.59 38.14 54.53
C MET H 3748 11.08 38.18 54.23
N GLU H 3749 11.81 37.10 54.49
CA GLU H 3749 13.23 37.08 54.11
C GLU H 3749 13.38 37.19 52.61
N LYS H 3750 12.55 36.46 51.85
CA LYS H 3750 12.59 36.55 50.40
C LYS H 3750 12.24 37.96 49.91
N GLN H 3751 11.24 38.59 50.54
CA GLN H 3751 10.87 39.94 50.15
C GLN H 3751 12.00 40.93 50.44
N ARG H 3752 12.68 40.78 51.58
CA ARG H 3752 13.80 41.65 51.89
C ARG H 3752 14.94 41.47 50.89
N LEU H 3753 15.22 40.22 50.52
CA LEU H 3753 16.24 39.97 49.49
C LEU H 3753 15.84 40.60 48.16
N LEU H 3754 14.57 40.48 47.79
CA LEU H 3754 14.09 41.08 46.55
C LEU H 3754 14.23 42.59 46.58
N TYR H 3755 13.92 43.21 47.72
CA TYR H 3755 14.05 44.67 47.84
C TYR H 3755 15.51 45.10 47.71
N GLN H 3756 16.41 44.40 48.40
CA GLN H 3756 17.81 44.78 48.33
C GLN H 3756 18.39 44.56 46.93
N GLN H 3757 17.91 43.54 46.22
CA GLN H 3757 18.33 43.35 44.84
C GLN H 3757 17.71 44.41 43.92
N SER H 3758 16.50 44.86 44.24
CA SER H 3758 15.84 45.91 43.46
C SER H 3758 16.61 47.22 43.57
N ARG H 3759 17.11 47.53 44.77
CA ARG H 3759 17.80 48.81 44.96
C ARG H 3759 19.01 48.94 44.04
N LEU H 3760 19.55 47.84 43.54
CA LEU H 3760 20.67 47.88 42.60
C LEU H 3760 20.29 47.58 41.17
N HIS H 3761 19.35 46.67 40.91
CA HIS H 3761 19.04 46.36 39.51
C HIS H 3761 18.04 47.33 38.91
N THR H 3762 17.39 48.18 39.70
CA THR H 3762 16.60 49.27 39.14
C THR H 3762 17.44 50.50 38.84
N ARG H 3763 18.77 50.33 38.75
CA ARG H 3763 19.66 51.46 38.50
C ARG H 3763 20.72 51.18 37.45
N GLY H 3764 20.95 49.94 37.06
CA GLY H 3764 21.87 49.65 35.97
C GLY H 3764 22.88 48.55 36.21
N ALA H 3765 22.81 47.89 37.37
CA ALA H 3765 23.78 46.85 37.69
C ALA H 3765 23.64 45.64 36.77
N ALA H 3766 22.40 45.30 36.40
CA ALA H 3766 22.17 44.14 35.55
C ALA H 3766 22.82 44.29 34.19
N GLU H 3767 22.95 45.52 33.70
CA GLU H 3767 23.67 45.77 32.46
C GLU H 3767 25.15 46.01 32.69
N MET H 3768 25.50 46.56 33.85
CA MET H 3768 26.90 46.81 34.18
C MET H 3768 27.67 45.50 34.26
N VAL H 3769 27.08 44.47 34.86
CA VAL H 3769 27.76 43.18 34.97
C VAL H 3769 28.02 42.59 33.58
N LEU H 3770 27.03 42.67 32.69
CA LEU H 3770 27.22 42.17 31.33
C LEU H 3770 28.30 42.94 30.60
N GLN H 3771 28.30 44.28 30.72
CA GLN H 3771 29.32 45.09 30.05
C GLN H 3771 30.71 44.76 30.59
N MET H 3772 30.84 44.59 31.91
CA MET H 3772 32.13 44.24 32.48
C MET H 3772 32.61 42.87 32.01
N ILE H 3773 31.71 41.89 31.98
CA ILE H 3773 32.11 40.55 31.54
C ILE H 3773 32.53 40.59 30.07
N SER H 3774 31.80 41.36 29.25
CA SER H 3774 32.19 41.49 27.85
C SER H 3774 33.55 42.18 27.71
N ALA H 3775 33.81 43.19 28.54
CA ALA H 3775 35.06 43.92 28.45
C ALA H 3775 36.24 43.13 29.01
N CYS H 3776 35.99 42.13 29.85
CA CYS H 3776 37.10 41.32 30.37
C CYS H 3776 37.85 40.59 29.26
N LYS H 3777 37.18 40.33 28.13
CA LYS H 3777 37.78 39.65 26.98
C LYS H 3777 38.34 38.28 27.35
N GLY H 3778 37.68 37.60 28.29
CA GLY H 3778 38.13 36.28 28.71
C GLY H 3778 39.49 36.28 29.38
N GLU H 3779 39.75 37.24 30.25
CA GLU H 3779 41.01 37.32 30.99
C GLU H 3779 40.70 37.21 32.48
N THR H 3780 41.33 36.22 33.13
CA THR H 3780 41.09 35.99 34.55
C THR H 3780 41.72 37.09 35.40
N GLY H 3781 40.99 37.53 36.41
CA GLY H 3781 41.52 38.52 37.31
C GLY H 3781 40.52 38.91 38.38
N ALA H 3782 40.92 39.91 39.17
CA ALA H 3782 40.08 40.39 40.25
C ALA H 3782 38.87 41.16 39.73
N MET H 3783 39.01 41.82 38.58
CA MET H 3783 37.87 42.52 37.98
C MET H 3783 36.75 41.54 37.64
N VAL H 3784 37.08 40.47 36.91
CA VAL H 3784 36.06 39.50 36.55
C VAL H 3784 35.58 38.76 37.78
N SER H 3785 36.46 38.52 38.76
CA SER H 3785 36.00 37.87 39.99
C SER H 3785 34.96 38.73 40.72
N SER H 3786 35.21 40.03 40.85
CA SER H 3786 34.27 40.93 41.49
C SER H 3786 32.98 41.03 40.70
N THR H 3787 33.08 41.10 39.36
CA THR H 3787 31.89 41.16 38.53
C THR H 3787 31.04 39.91 38.68
N LEU H 3788 31.67 38.74 38.71
CA LEU H 3788 30.94 37.50 38.90
C LEU H 3788 30.28 37.45 40.27
N LYS H 3789 30.98 37.90 41.32
CA LYS H 3789 30.37 37.92 42.64
C LYS H 3789 29.17 38.86 42.69
N LEU H 3790 29.29 40.03 42.07
CA LEU H 3790 28.16 40.96 42.01
C LEU H 3790 26.99 40.37 41.24
N GLY H 3791 27.27 39.68 40.13
CA GLY H 3791 26.20 39.05 39.37
C GLY H 3791 25.51 37.96 40.15
N ILE H 3792 26.28 37.14 40.88
CA ILE H 3792 25.68 36.09 41.71
C ILE H 3792 24.82 36.71 42.80
N SER H 3793 25.32 37.78 43.43
CA SER H 3793 24.53 38.45 44.48
C SER H 3793 23.23 39.02 43.91
N ILE H 3794 23.29 39.58 42.70
CA ILE H 3794 22.10 40.16 42.10
C ILE H 3794 21.10 39.07 41.70
N LEU H 3795 21.59 37.98 41.13
CA LEU H 3795 20.73 36.91 40.62
C LEU H 3795 20.39 35.85 41.65
N ASN H 3796 20.85 36.00 42.89
CA ASN H 3796 20.59 34.97 43.90
C ASN H 3796 19.10 34.80 44.15
N GLY H 3797 18.66 33.55 44.22
CA GLY H 3797 17.26 33.24 44.36
C GLY H 3797 16.49 33.16 43.06
N GLY H 3798 17.17 33.28 41.92
CA GLY H 3798 16.51 33.23 40.63
C GLY H 3798 15.55 34.38 40.42
N ASN H 3799 16.07 35.60 40.39
CA ASN H 3799 15.24 36.80 40.27
C ASN H 3799 14.78 36.95 38.82
N ALA H 3800 13.49 36.76 38.59
CA ALA H 3800 12.95 36.80 37.24
C ALA H 3800 13.10 38.17 36.61
N GLU H 3801 12.93 39.23 37.41
CA GLU H 3801 13.06 40.58 36.88
C GLU H 3801 14.46 40.85 36.34
N VAL H 3802 15.49 40.51 37.12
CA VAL H 3802 16.84 40.75 36.65
C VAL H 3802 17.17 39.83 35.49
N GLN H 3803 16.67 38.59 35.51
CA GLN H 3803 16.89 37.70 34.38
C GLN H 3803 16.30 38.28 33.10
N GLN H 3804 15.09 38.82 33.19
CA GLN H 3804 14.48 39.47 32.03
C GLN H 3804 15.29 40.67 31.56
N LYS H 3805 15.81 41.47 32.51
CA LYS H 3805 16.59 42.64 32.13
C LYS H 3805 17.86 42.23 31.38
N MET H 3806 18.60 41.26 31.91
CA MET H 3806 19.81 40.80 31.22
C MET H 3806 19.48 40.20 29.86
N LEU H 3807 18.44 39.38 29.77
CA LEU H 3807 18.08 38.78 28.49
C LEU H 3807 17.71 39.84 27.46
N ASP H 3808 16.90 40.83 27.88
CA ASP H 3808 16.52 41.90 26.96
C ASP H 3808 17.73 42.71 26.50
N TYR H 3809 18.64 43.02 27.43
CA TYR H 3809 19.84 43.76 27.03
C TYR H 3809 20.68 42.97 26.04
N LEU H 3810 20.88 41.67 26.30
CA LEU H 3810 21.67 40.85 25.41
C LEU H 3810 21.04 40.77 24.02
N LYS H 3811 19.72 40.54 23.96
CA LYS H 3811 19.06 40.43 22.67
C LYS H 3811 19.01 41.76 21.94
N ASP H 3812 18.90 42.88 22.66
CA ASP H 3812 18.85 44.18 22.01
C ASP H 3812 20.22 44.55 21.44
N LYS H 3813 21.28 44.38 22.22
CA LYS H 3813 22.61 44.79 21.75
C LYS H 3813 23.20 43.80 20.74
N LYS H 3814 22.84 42.52 20.82
CA LYS H 3814 23.27 41.52 19.84
C LYS H 3814 24.79 41.44 19.74
N GLU H 3815 25.41 41.03 20.84
CA GLU H 3815 26.85 40.99 20.98
C GLU H 3815 27.33 39.55 21.09
N VAL H 3816 28.57 39.32 20.68
CA VAL H 3816 29.22 38.02 20.85
C VAL H 3816 30.31 38.05 21.91
N GLY H 3817 30.72 39.25 22.36
CA GLY H 3817 31.82 39.33 23.32
C GLY H 3817 31.50 38.67 24.64
N PHE H 3818 30.25 38.79 25.10
CA PHE H 3818 29.87 38.18 26.37
C PHE H 3818 30.08 36.67 26.35
N PHE H 3819 29.53 35.98 25.35
CA PHE H 3819 29.66 34.53 25.29
C PHE H 3819 31.07 34.11 24.93
N GLN H 3820 31.78 34.90 24.12
CA GLN H 3820 33.18 34.57 23.84
C GLN H 3820 34.02 34.64 25.11
N SER H 3821 33.82 35.67 25.93
CA SER H 3821 34.54 35.78 27.19
C SER H 3821 34.15 34.65 28.15
N ILE H 3822 32.87 34.29 28.19
CA ILE H 3822 32.44 33.20 29.06
C ILE H 3822 33.10 31.89 28.63
N GLN H 3823 33.14 31.62 27.33
CA GLN H 3823 33.80 30.41 26.83
C GLN H 3823 35.29 30.42 27.14
N ALA H 3824 35.95 31.57 26.97
CA ALA H 3824 37.36 31.68 27.31
C ALA H 3824 37.61 31.43 28.78
N LEU H 3825 36.75 31.97 29.64
CA LEU H 3825 36.89 31.74 31.08
C LEU H 3825 36.72 30.27 31.43
N MET H 3826 35.76 29.60 30.79
CA MET H 3826 35.62 28.16 31.01
C MET H 3826 36.87 27.41 30.54
N GLN H 3827 37.40 27.78 29.38
CA GLN H 3827 38.57 27.09 28.85
C GLN H 3827 39.80 27.31 29.72
N THR H 3828 39.88 28.46 30.40
CA THR H 3828 41.02 28.78 31.25
C THR H 3828 40.79 28.40 32.71
N CYS H 3829 40.01 27.35 32.97
CA CYS H 3829 39.81 26.87 34.33
C CYS H 3829 40.97 25.95 34.72
N SER H 3830 40.85 25.27 35.86
CA SER H 3830 41.93 24.46 36.39
C SER H 3830 41.44 23.06 36.73
N VAL H 3831 42.35 22.09 36.64
CA VAL H 3831 42.08 20.70 36.99
C VAL H 3831 43.22 20.21 37.88
N LEU H 3832 43.00 19.07 38.52
CA LEU H 3832 44.01 18.50 39.41
C LEU H 3832 45.27 18.14 38.62
N ASP H 3833 46.43 18.42 39.21
CA ASP H 3833 47.72 18.20 38.56
C ASP H 3833 48.59 17.33 39.47
N LEU H 3834 48.86 16.10 39.02
CA LEU H 3834 49.66 15.18 39.81
C LEU H 3834 51.10 15.64 39.94
N ASN H 3835 51.66 16.23 38.87
CA ASN H 3835 53.02 16.74 38.94
C ASN H 3835 53.12 17.86 39.96
N ALA H 3836 52.15 18.78 39.96
CA ALA H 3836 52.13 19.85 40.95
C ALA H 3836 51.97 19.28 42.35
N PHE H 3837 51.15 18.23 42.51
CA PHE H 3837 50.99 17.63 43.83
C PHE H 3837 52.29 17.02 44.33
N GLU H 3838 53.00 16.30 43.46
CA GLU H 3838 54.27 15.70 43.85
C GLU H 3838 55.30 16.77 44.21
N ARG H 3839 55.38 17.82 43.39
CA ARG H 3839 56.31 18.91 43.68
C ARG H 3839 55.97 19.58 45.01
N GLN H 3840 54.69 19.83 45.27
CA GLN H 3840 54.29 20.44 46.53
C GLN H 3840 54.63 19.57 47.71
N ASN H 3841 54.37 18.26 47.61
CA ASN H 3841 54.67 17.35 48.71
C ASN H 3841 56.18 17.33 48.99
N LYS H 3842 56.99 17.24 47.94
CA LYS H 3842 58.43 17.18 48.13
C LYS H 3842 58.96 18.48 48.73
N ALA H 3843 58.49 19.62 48.22
CA ALA H 3843 58.95 20.92 48.73
C ALA H 3843 58.52 21.11 50.17
N GLU H 3844 57.30 20.73 50.52
CA GLU H 3844 56.83 20.84 51.89
C GLU H 3844 57.62 19.93 52.81
N GLY H 3845 57.97 18.73 52.34
CA GLY H 3845 58.80 17.85 53.15
C GLY H 3845 60.19 18.40 53.40
N LEU H 3846 60.80 19.01 52.38
CA LEU H 3846 62.16 19.52 52.52
C LEU H 3846 62.22 20.96 53.01
N GLY H 3847 61.08 21.59 53.28
CA GLY H 3847 61.02 23.01 53.60
C GLY H 3847 62.00 23.54 54.63
N GLU H 3862 47.17 26.04 48.68
CA GLU H 3862 47.26 24.87 47.80
C GLU H 3862 47.44 25.36 46.36
N LYS H 3863 48.29 24.67 45.59
CA LYS H 3863 48.49 25.04 44.20
C LYS H 3863 48.05 23.97 43.21
N VAL H 3864 47.65 22.78 43.68
CA VAL H 3864 47.22 21.73 42.77
C VAL H 3864 45.82 21.93 42.27
N MET H 3865 45.05 22.79 42.93
CA MET H 3865 43.76 23.25 42.42
C MET H 3865 43.52 24.66 42.94
N ALA H 3866 43.93 25.65 42.16
CA ALA H 3866 43.63 27.04 42.41
C ALA H 3866 42.41 27.43 41.59
N ASP H 3867 41.97 28.68 41.73
CA ASP H 3867 40.82 29.21 41.01
C ASP H 3867 39.56 28.39 41.25
N ASP H 3868 39.55 27.60 42.32
CA ASP H 3868 38.36 26.82 42.64
C ASP H 3868 37.18 27.73 42.93
N GLU H 3869 37.41 28.79 43.69
CA GLU H 3869 36.35 29.77 43.94
C GLU H 3869 35.89 30.41 42.63
N PHE H 3870 36.83 30.71 41.74
CA PHE H 3870 36.47 31.33 40.46
C PHE H 3870 35.58 30.41 39.64
N THR H 3871 35.94 29.13 39.53
CA THR H 3871 35.15 28.22 38.69
C THR H 3871 33.80 27.92 39.33
N GLN H 3872 33.76 27.77 40.65
CA GLN H 3872 32.48 27.56 41.32
C GLN H 3872 31.58 28.77 41.16
N ASP H 3873 32.15 29.98 41.22
CA ASP H 3873 31.34 31.19 41.03
C ASP H 3873 30.86 31.30 39.60
N LEU H 3874 31.69 30.92 38.63
CA LEU H 3874 31.27 30.97 37.23
C LEU H 3874 30.10 30.04 36.99
N PHE H 3875 30.19 28.80 37.47
CA PHE H 3875 29.09 27.86 37.25
C PHE H 3875 27.87 28.22 38.09
N ARG H 3876 28.06 28.82 39.27
CA ARG H 3876 26.92 29.31 40.03
C ARG H 3876 26.22 30.44 39.28
N PHE H 3877 26.99 31.31 38.63
CA PHE H 3877 26.41 32.38 37.82
C PHE H 3877 25.61 31.81 36.66
N LEU H 3878 26.15 30.81 35.97
CA LEU H 3878 25.41 30.17 34.89
C LEU H 3878 24.12 29.53 35.40
N GLN H 3879 24.21 28.84 36.53
CA GLN H 3879 23.03 28.20 37.11
C GLN H 3879 21.98 29.24 37.49
N LEU H 3880 22.40 30.37 38.04
CA LEU H 3880 21.46 31.45 38.35
C LEU H 3880 20.84 32.03 37.09
N LEU H 3881 21.62 32.14 36.02
CA LEU H 3881 21.08 32.62 34.75
C LEU H 3881 19.97 31.71 34.25
N CYS H 3882 20.18 30.40 34.34
CA CYS H 3882 19.14 29.46 33.93
C CYS H 3882 18.12 29.18 35.03
N GLU H 3883 18.28 29.75 36.21
CA GLU H 3883 17.42 29.42 37.34
C GLU H 3883 15.99 29.90 37.07
N GLY H 3884 15.03 29.15 37.61
CA GLY H 3884 13.63 29.44 37.39
C GLY H 3884 13.02 28.75 36.20
N HIS H 3885 13.76 27.84 35.55
CA HIS H 3885 13.27 27.08 34.40
C HIS H 3885 12.91 27.98 33.23
N ASN H 3886 13.60 29.11 33.10
CA ASN H 3886 13.32 30.05 32.01
C ASN H 3886 13.77 29.47 30.68
N ASN H 3887 12.80 28.98 29.91
CA ASN H 3887 13.11 28.36 28.63
C ASN H 3887 13.76 29.34 27.67
N ASP H 3888 13.39 30.63 27.76
CA ASP H 3888 14.01 31.63 26.89
C ASP H 3888 15.52 31.68 27.10
N PHE H 3889 15.95 31.83 28.35
CA PHE H 3889 17.38 31.94 28.62
C PHE H 3889 18.10 30.61 28.38
N GLN H 3890 17.44 29.49 28.69
CA GLN H 3890 18.06 28.19 28.41
C GLN H 3890 18.31 28.01 26.92
N ASN H 3891 17.32 28.34 26.09
CA ASN H 3891 17.49 28.24 24.65
C ASN H 3891 18.51 29.26 24.15
N TYR H 3892 18.56 30.43 24.77
CA TYR H 3892 19.56 31.42 24.38
C TYR H 3892 20.97 30.94 24.66
N LEU H 3893 21.19 30.30 25.81
CA LEU H 3893 22.50 29.72 26.10
C LEU H 3893 22.84 28.61 25.11
N ARG H 3894 21.86 27.80 24.72
CA ARG H 3894 22.14 26.77 23.72
C ARG H 3894 22.53 27.42 22.40
N THR H 3895 21.61 28.18 21.79
CA THR H 3895 21.86 28.88 20.54
C THR H 3895 21.47 30.35 20.71
N GLN H 3896 22.34 31.24 20.22
CA GLN H 3896 22.09 32.68 20.28
C GLN H 3896 21.61 33.13 18.91
N THR H 3897 20.30 33.04 18.69
CA THR H 3897 19.72 33.45 17.42
C THR H 3897 19.83 34.96 17.23
N GLY H 3898 19.95 35.37 15.97
CA GLY H 3898 20.14 36.77 15.62
C GLY H 3898 21.60 37.17 15.53
N ASN H 3899 22.42 36.71 16.47
CA ASN H 3899 23.85 36.99 16.43
C ASN H 3899 24.50 36.23 15.28
N THR H 3900 25.62 36.79 14.79
CA THR H 3900 26.31 36.17 13.67
C THR H 3900 26.94 34.84 14.05
N THR H 3901 27.34 34.67 15.31
CA THR H 3901 28.00 33.44 15.76
C THR H 3901 27.38 33.01 17.08
N THR H 3902 27.25 31.70 17.26
CA THR H 3902 26.66 31.12 18.46
C THR H 3902 27.68 30.24 19.17
N ILE H 3903 27.63 30.24 20.49
CA ILE H 3903 28.51 29.44 21.33
C ILE H 3903 27.66 28.57 22.24
N ASN H 3904 28.03 27.30 22.38
CA ASN H 3904 27.22 26.30 23.08
C ASN H 3904 27.76 26.13 24.50
N ILE H 3905 27.17 26.87 25.42
CA ILE H 3905 27.56 26.82 26.83
C ILE H 3905 27.30 25.44 27.41
N ILE H 3906 26.21 24.79 26.96
CA ILE H 3906 25.89 23.44 27.43
C ILE H 3906 27.04 22.49 27.17
N ILE H 3907 27.49 22.45 25.91
CA ILE H 3907 28.56 21.55 25.51
C ILE H 3907 29.88 21.95 26.18
N CYS H 3908 30.10 23.25 26.36
CA CYS H 3908 31.30 23.70 27.06
C CYS H 3908 31.33 23.17 28.51
N THR H 3909 30.19 23.25 29.19
CA THR H 3909 30.11 22.72 30.56
C THR H 3909 30.34 21.21 30.58
N VAL H 3910 29.75 20.49 29.61
CA VAL H 3910 29.96 19.05 29.54
C VAL H 3910 31.44 18.73 29.35
N ASP H 3911 32.10 19.48 28.46
CA ASP H 3911 33.53 19.27 28.21
C ASP H 3911 34.35 19.50 29.47
N TYR H 3912 34.07 20.60 30.19
CA TYR H 3912 34.79 20.85 31.45
C TYR H 3912 34.56 19.71 32.44
N LEU H 3913 33.32 19.23 32.53
CA LEU H 3913 33.03 18.10 33.41
C LEU H 3913 33.85 16.87 33.01
N LEU H 3914 33.99 16.64 31.71
CA LEU H 3914 34.80 15.52 31.24
C LEU H 3914 36.26 15.67 31.67
N ARG H 3915 36.82 16.87 31.53
CA ARG H 3915 38.21 17.07 31.93
C ARG H 3915 38.38 16.87 33.43
N LEU H 3916 37.43 17.36 34.22
CA LEU H 3916 37.48 17.15 35.66
C LEU H 3916 37.40 15.67 36.01
N GLN H 3917 36.55 14.92 35.28
CA GLN H 3917 36.46 13.49 35.52
C GLN H 3917 37.78 12.79 35.22
N GLU H 3918 38.44 13.18 34.13
CA GLU H 3918 39.74 12.59 33.82
C GLU H 3918 40.77 12.90 34.92
N SER H 3919 40.76 14.13 35.43
CA SER H 3919 41.68 14.48 36.52
C SER H 3919 41.40 13.65 37.77
N ILE H 3920 40.13 13.47 38.11
CA ILE H 3920 39.79 12.66 39.28
C ILE H 3920 40.20 11.21 39.08
N SER H 3921 40.04 10.69 37.86
CA SER H 3921 40.48 9.32 37.57
C SER H 3921 41.99 9.19 37.73
N ASP H 3922 42.75 10.20 37.29
CA ASP H 3922 44.20 10.16 37.47
C ASP H 3922 44.56 10.17 38.95
N PHE H 3923 43.87 11.00 39.74
CA PHE H 3923 44.12 11.01 41.19
C PHE H 3923 43.80 9.66 41.82
N TYR H 3924 42.71 9.03 41.39
CA TYR H 3924 42.37 7.71 41.90
C TYR H 3924 43.46 6.69 41.55
N TRP H 3925 43.96 6.74 40.31
CA TRP H 3925 45.04 5.84 39.93
C TRP H 3925 46.29 6.08 40.78
N TYR H 3926 46.58 7.34 41.09
CA TYR H 3926 47.74 7.63 41.93
C TYR H 3926 47.58 7.07 43.33
N TYR H 3927 46.42 7.31 43.95
CA TYR H 3927 46.22 6.91 45.34
C TYR H 3927 45.67 5.49 45.50
N SER H 3928 45.50 4.75 44.40
CA SER H 3928 44.97 3.40 44.51
C SER H 3928 45.97 2.45 45.17
N GLY H 3929 47.27 2.62 44.89
CA GLY H 3929 48.27 1.74 45.47
C GLY H 3929 48.39 1.89 46.97
N LYS H 3930 48.39 3.12 47.47
CA LYS H 3930 48.60 3.37 48.89
C LYS H 3930 47.41 2.89 49.72
N ASP H 3931 47.71 2.41 50.92
CA ASP H 3931 46.67 1.88 51.80
C ASP H 3931 45.78 2.98 52.34
N VAL H 3932 46.37 4.08 52.83
CA VAL H 3932 45.64 5.15 53.49
C VAL H 3932 45.92 6.46 52.77
N ILE H 3933 44.86 7.20 52.46
CA ILE H 3933 44.99 8.50 51.82
C ILE H 3933 45.43 9.53 52.84
N GLU H 3934 46.41 10.36 52.47
CA GLU H 3934 46.90 11.37 53.38
C GLU H 3934 46.03 12.63 53.32
N GLU H 3935 46.31 13.55 54.25
CA GLU H 3935 45.47 14.74 54.41
C GLU H 3935 45.49 15.62 53.17
N GLN H 3936 46.65 15.76 52.53
CA GLN H 3936 46.73 16.56 51.30
C GLN H 3936 45.86 15.96 50.21
N GLY H 3937 45.92 14.64 50.04
CA GLY H 3937 45.07 13.99 49.06
C GLY H 3937 43.59 14.14 49.38
N LYS H 3938 43.24 14.06 50.66
CA LYS H 3938 41.85 14.26 51.06
C LYS H 3938 41.38 15.67 50.72
N ARG H 3939 42.22 16.68 50.98
CA ARG H 3939 41.86 18.05 50.65
C ARG H 3939 41.67 18.23 49.15
N ASN H 3940 42.59 17.68 48.36
CA ASN H 3940 42.48 17.80 46.91
C ASN H 3940 41.21 17.10 46.40
N PHE H 3941 40.91 15.92 46.94
CA PHE H 3941 39.70 15.21 46.55
C PHE H 3941 38.45 16.02 46.89
N SER H 3942 38.43 16.63 48.08
CA SER H 3942 37.29 17.45 48.46
C SER H 3942 37.11 18.63 47.51
N LYS H 3943 38.22 19.30 47.16
CA LYS H 3943 38.13 20.43 46.23
C LYS H 3943 37.56 19.99 44.88
N ALA H 3944 38.13 18.92 44.31
CA ALA H 3944 37.69 18.46 43.00
C ALA H 3944 36.23 18.01 43.03
N MET H 3945 35.83 17.33 44.11
CA MET H 3945 34.47 16.82 44.19
C MET H 3945 33.46 17.95 44.38
N SER H 3946 33.83 18.99 45.12
CA SER H 3946 32.95 20.15 45.22
C SER H 3946 32.78 20.85 43.88
N VAL H 3947 33.87 20.99 43.12
CA VAL H 3947 33.76 21.61 41.81
C VAL H 3947 32.88 20.77 40.89
N ALA H 3948 33.06 19.45 40.93
CA ALA H 3948 32.23 18.55 40.13
C ALA H 3948 30.76 18.65 40.54
N LYS H 3949 30.50 18.77 41.84
CA LYS H 3949 29.14 18.96 42.32
C LYS H 3949 28.51 20.21 41.75
N GLN H 3950 29.27 21.31 41.73
CA GLN H 3950 28.74 22.55 41.16
C GLN H 3950 28.44 22.39 39.68
N VAL H 3951 29.31 21.73 38.94
CA VAL H 3951 29.10 21.52 37.51
C VAL H 3951 27.83 20.73 37.24
N PHE H 3952 27.63 19.66 38.01
CA PHE H 3952 26.44 18.84 37.83
C PHE H 3952 25.16 19.63 38.07
N ASN H 3953 25.15 20.43 39.12
CA ASN H 3953 23.97 21.22 39.45
C ASN H 3953 23.65 22.16 38.30
N SER H 3954 24.69 22.74 37.71
CA SER H 3954 24.49 23.65 36.59
C SER H 3954 23.83 22.95 35.42
N LEU H 3955 24.32 21.77 35.08
CA LEU H 3955 23.74 21.01 33.97
C LEU H 3955 22.30 20.64 34.26
N THR H 3956 22.03 20.27 35.51
CA THR H 3956 20.66 19.92 35.88
C THR H 3956 19.75 21.10 35.63
N GLU H 3957 20.16 22.29 36.06
CA GLU H 3957 19.33 23.47 35.89
C GLU H 3957 19.07 23.75 34.41
N TYR H 3958 20.06 23.45 33.57
CA TYR H 3958 19.90 23.68 32.14
C TYR H 3958 18.74 22.89 31.57
N ILE H 3959 18.53 21.67 32.06
CA ILE H 3959 17.49 20.81 31.50
C ILE H 3959 16.35 20.48 32.47
N GLN H 3960 16.44 20.93 33.71
CA GLN H 3960 15.43 20.57 34.69
C GLN H 3960 14.06 20.94 34.19
N GLY H 3961 13.90 22.16 33.68
CA GLY H 3961 12.64 22.55 33.11
C GLY H 3961 12.58 21.93 31.73
N PRO H 3962 11.53 21.18 31.42
CA PRO H 3962 11.54 20.50 30.13
C PRO H 3962 12.03 21.39 29.01
N CYS H 3963 13.22 21.08 28.49
CA CYS H 3963 13.89 21.86 27.46
C CYS H 3963 14.40 20.85 26.45
N THR H 3964 13.61 20.63 25.39
CA THR H 3964 13.93 19.61 24.40
C THR H 3964 15.30 19.83 23.80
N GLY H 3965 15.61 21.07 23.43
CA GLY H 3965 16.90 21.35 22.81
C GLY H 3965 18.07 20.96 23.69
N ASN H 3966 18.05 21.41 24.95
CA ASN H 3966 19.15 21.09 25.86
C ASN H 3966 19.23 19.60 26.15
N GLN H 3967 18.08 18.95 26.36
CA GLN H 3967 18.10 17.52 26.64
C GLN H 3967 18.65 16.72 25.46
N GLN H 3968 18.22 17.04 24.24
CA GLN H 3968 18.75 16.37 23.07
C GLN H 3968 20.23 16.63 22.90
N SER H 3969 20.66 17.87 23.16
CA SER H 3969 22.09 18.19 23.04
C SER H 3969 22.92 17.37 24.01
N LEU H 3970 22.48 17.25 25.26
CA LEU H 3970 23.18 16.36 26.18
C LEU H 3970 23.13 14.91 25.72
N ALA H 3971 21.99 14.48 25.17
CA ALA H 3971 21.87 13.11 24.69
C ALA H 3971 22.88 12.80 23.60
N HIS H 3972 23.13 13.76 22.70
CA HIS H 3972 24.12 13.58 21.65
C HIS H 3972 25.52 14.02 22.06
N SER H 3973 25.69 14.54 23.27
CA SER H 3973 26.99 14.99 23.73
C SER H 3973 27.83 13.83 24.25
N ARG H 3974 29.05 14.16 24.68
CA ARG H 3974 30.00 13.20 25.23
C ARG H 3974 29.80 12.99 26.73
N LEU H 3975 28.65 13.44 27.27
CA LEU H 3975 28.39 13.32 28.70
C LEU H 3975 28.41 11.87 29.17
N TRP H 3976 27.96 10.94 28.31
CA TRP H 3976 27.83 9.54 28.70
C TRP H 3976 29.17 8.95 29.09
N ASP H 3977 30.23 9.30 28.36
CA ASP H 3977 31.58 8.84 28.69
C ASP H 3977 31.98 9.30 30.08
N ALA H 3978 31.78 10.58 30.37
CA ALA H 3978 32.01 11.14 31.70
C ALA H 3978 31.23 10.38 32.75
N VAL H 3979 29.98 10.03 32.44
CA VAL H 3979 29.16 9.27 33.39
C VAL H 3979 29.78 7.92 33.68
N VAL H 3980 30.25 7.23 32.65
CA VAL H 3980 30.88 5.92 32.83
C VAL H 3980 32.14 6.05 33.69
N GLY H 3981 32.97 7.05 33.39
CA GLY H 3981 34.18 7.26 34.16
C GLY H 3981 33.90 7.57 35.62
N PHE H 3982 32.93 8.45 35.87
CA PHE H 3982 32.55 8.75 37.24
C PHE H 3982 32.02 7.52 37.95
N LEU H 3983 31.25 6.69 37.25
CA LEU H 3983 30.76 5.45 37.85
C LEU H 3983 31.91 4.56 38.28
N HIS H 3984 32.93 4.42 37.42
CA HIS H 3984 34.10 3.61 37.77
C HIS H 3984 34.79 4.16 39.02
N VAL H 3985 35.06 5.48 39.01
CA VAL H 3985 35.77 6.08 40.14
C VAL H 3985 34.96 5.95 41.43
N PHE H 3986 33.65 6.21 41.35
CA PHE H 3986 32.79 6.06 42.52
C PHE H 3986 32.83 4.65 43.06
N ALA H 3987 32.69 3.66 42.16
CA ALA H 3987 32.62 2.26 42.59
C ALA H 3987 33.88 1.84 43.31
N HIS H 3988 35.05 2.23 42.80
CA HIS H 3988 36.28 1.84 43.49
C HIS H 3988 36.51 2.67 44.75
N MET H 3989 36.17 3.96 44.72
CA MET H 3989 36.48 4.83 45.85
C MET H 3989 35.63 4.50 47.06
N MET H 3990 34.34 4.17 46.87
CA MET H 3990 33.52 3.81 48.03
C MET H 3990 34.06 2.56 48.69
N MET H 3991 34.44 1.56 47.88
CA MET H 3991 34.97 0.32 48.43
C MET H 3991 36.26 0.56 49.20
N LYS H 3992 37.13 1.43 48.69
CA LYS H 3992 38.37 1.71 49.42
C LYS H 3992 38.10 2.49 50.70
N LEU H 3993 37.29 3.54 50.63
CA LEU H 3993 37.05 4.38 51.79
C LEU H 3993 36.24 3.67 52.87
N ALA H 3994 35.51 2.61 52.52
CA ALA H 3994 34.74 1.89 53.53
C ALA H 3994 35.64 1.23 54.56
N GLN H 3995 36.79 0.70 54.13
CA GLN H 3995 37.66 -0.04 55.04
C GLN H 3995 38.21 0.84 56.15
N ASP H 3996 38.65 2.06 55.82
CA ASP H 3996 39.27 2.95 56.78
C ASP H 3996 38.21 3.82 57.44
N SER H 3997 38.27 3.93 58.77
CA SER H 3997 37.32 4.71 59.52
C SER H 3997 37.69 6.19 59.61
N SER H 3998 38.87 6.58 59.14
CA SER H 3998 39.30 7.97 59.18
C SER H 3998 38.87 8.75 57.94
N GLN H 3999 38.20 8.12 56.99
CA GLN H 3999 37.78 8.75 55.75
C GLN H 3999 36.26 8.76 55.62
N ILE H 4000 35.56 8.77 56.75
CA ILE H 4000 34.10 8.76 56.73
C ILE H 4000 33.55 10.03 56.11
N GLU H 4001 34.16 11.18 56.41
CA GLU H 4001 33.71 12.43 55.82
C GLU H 4001 33.88 12.42 54.31
N LEU H 4002 35.03 11.92 53.83
CA LEU H 4002 35.25 11.80 52.40
C LEU H 4002 34.23 10.86 51.76
N LEU H 4003 33.92 9.76 52.43
CA LEU H 4003 32.91 8.84 51.91
C LEU H 4003 31.55 9.50 51.82
N LYS H 4004 31.16 10.28 52.85
CA LYS H 4004 29.88 10.97 52.82
C LYS H 4004 29.83 12.00 51.69
N GLU H 4005 30.92 12.74 51.49
CA GLU H 4005 30.95 13.72 50.40
C GLU H 4005 30.87 13.03 49.05
N LEU H 4006 31.54 11.88 48.90
CA LEU H 4006 31.46 11.10 47.68
C LEU H 4006 30.03 10.63 47.43
N LEU H 4007 29.35 10.18 48.48
CA LEU H 4007 27.96 9.76 48.35
C LEU H 4007 27.06 10.92 47.93
N ASP H 4008 27.29 12.10 48.49
CA ASP H 4008 26.52 13.28 48.09
C ASP H 4008 26.75 13.61 46.62
N LEU H 4009 28.01 13.54 46.17
CA LEU H 4009 28.29 13.79 44.76
C LEU H 4009 27.58 12.77 43.86
N GLN H 4010 27.59 11.50 44.27
CA GLN H 4010 26.89 10.47 43.50
C GLN H 4010 25.39 10.73 43.48
N LYS H 4011 24.84 11.23 44.61
CA LYS H 4011 23.42 11.57 44.65
C LYS H 4011 23.10 12.68 43.65
N ASP H 4012 23.93 13.72 43.60
CA ASP H 4012 23.72 14.78 42.63
C ASP H 4012 23.83 14.27 41.21
N MET H 4013 24.75 13.33 40.97
CA MET H 4013 24.87 12.70 39.66
C MET H 4013 23.60 11.97 39.26
N VAL H 4014 23.03 11.20 40.20
CA VAL H 4014 21.79 10.48 39.92
C VAL H 4014 20.63 11.45 39.69
N VAL H 4015 20.66 12.59 40.37
CA VAL H 4015 19.62 13.59 40.16
C VAL H 4015 19.68 14.14 38.75
N MET H 4016 20.88 14.42 38.26
CA MET H 4016 21.05 14.93 36.91
C MET H 4016 20.53 13.93 35.89
N LEU H 4017 20.85 12.66 36.08
CA LEU H 4017 20.34 11.63 35.19
C LEU H 4017 18.83 11.68 35.24
N LEU H 4018 18.26 11.47 36.42
CA LEU H 4018 16.81 11.60 36.55
C LEU H 4018 16.27 12.80 35.78
N SER H 4019 16.97 13.93 35.85
CA SER H 4019 16.52 15.13 35.13
C SER H 4019 16.69 14.98 33.63
N LEU H 4020 17.76 14.33 33.19
CA LEU H 4020 17.89 14.01 31.76
C LEU H 4020 16.74 13.14 31.28
N LEU H 4021 16.23 12.27 32.15
CA LEU H 4021 15.09 11.43 31.82
C LEU H 4021 13.77 12.07 32.23
N GLU H 4022 13.56 13.34 31.88
CA GLU H 4022 12.31 14.03 32.14
C GLU H 4022 11.45 14.07 30.88
N GLY H 4023 10.18 13.71 31.02
CA GLY H 4023 9.23 13.82 29.93
C GLY H 4023 9.52 12.94 28.73
N ASN H 4024 9.89 11.69 28.96
CA ASN H 4024 10.17 10.74 27.89
C ASN H 4024 9.00 9.79 27.71
N VAL H 4025 8.72 9.43 26.46
CA VAL H 4025 7.65 8.49 26.14
C VAL H 4025 8.15 7.07 26.36
N VAL H 4026 7.23 6.11 26.32
CA VAL H 4026 7.62 4.71 26.44
C VAL H 4026 8.55 4.36 25.30
N ASN H 4027 9.66 3.69 25.62
CA ASN H 4027 10.73 3.39 24.67
C ASN H 4027 11.28 4.68 24.05
N GLY H 4028 11.79 5.55 24.92
CA GLY H 4028 12.39 6.79 24.48
C GLY H 4028 13.86 6.63 24.09
N MET H 4029 14.30 7.49 23.18
CA MET H 4029 15.68 7.41 22.71
C MET H 4029 16.67 7.63 23.85
N ILE H 4030 16.41 8.63 24.68
CA ILE H 4030 17.28 8.89 25.83
C ILE H 4030 17.24 7.72 26.80
N ALA H 4031 16.07 7.11 26.96
CA ALA H 4031 15.96 5.96 27.86
C ALA H 4031 16.81 4.79 27.37
N ARG H 4032 16.73 4.47 26.07
CA ARG H 4032 17.58 3.40 25.53
C ARG H 4032 19.05 3.76 25.61
N GLN H 4033 19.39 5.04 25.40
CA GLN H 4033 20.79 5.44 25.53
C GLN H 4033 21.31 5.23 26.94
N MET H 4034 20.50 5.57 27.95
CA MET H 4034 20.94 5.36 29.33
C MET H 4034 20.99 3.87 29.68
N VAL H 4035 20.09 3.06 29.12
CA VAL H 4035 20.18 1.62 29.33
C VAL H 4035 21.46 1.06 28.72
N ASP H 4036 21.82 1.53 27.52
CA ASP H 4036 23.07 1.11 26.90
C ASP H 4036 24.28 1.55 27.72
N MET H 4037 24.22 2.77 28.26
CA MET H 4037 25.29 3.24 29.14
C MET H 4037 25.40 2.38 30.39
N LEU H 4038 24.26 1.99 30.96
CA LEU H 4038 24.28 1.12 32.15
C LEU H 4038 24.88 -0.24 31.84
N VAL H 4039 24.50 -0.84 30.70
CA VAL H 4039 25.04 -2.15 30.38
C VAL H 4039 26.52 -2.03 30.00
N GLU H 4040 26.95 -0.87 29.51
CA GLU H 4040 28.38 -0.63 29.31
C GLU H 4040 29.11 -0.55 30.64
N SER H 4041 28.50 0.07 31.64
CA SER H 4041 29.09 0.21 32.97
C SER H 4041 28.47 -0.77 33.97
N SER H 4042 28.17 -1.99 33.49
CA SER H 4042 27.52 -2.99 34.34
C SER H 4042 28.33 -3.30 35.60
N SER H 4043 29.65 -3.51 35.45
CA SER H 4043 30.45 -4.01 36.55
C SER H 4043 30.45 -3.04 37.73
N ASN H 4044 30.65 -1.75 37.46
CA ASN H 4044 30.65 -0.77 38.54
C ASN H 4044 29.29 -0.65 39.21
N VAL H 4045 28.22 -0.71 38.40
CA VAL H 4045 26.87 -0.64 38.96
C VAL H 4045 26.60 -1.85 39.86
N GLU H 4046 27.03 -3.04 39.41
CA GLU H 4046 26.89 -4.23 40.25
C GLU H 4046 27.68 -4.09 41.54
N MET H 4047 28.89 -3.52 41.45
CA MET H 4047 29.69 -3.31 42.66
C MET H 4047 28.98 -2.38 43.64
N ILE H 4048 28.38 -1.30 43.13
CA ILE H 4048 27.70 -0.34 44.01
C ILE H 4048 26.47 -0.98 44.66
N LEU H 4049 25.67 -1.71 43.86
CA LEU H 4049 24.51 -2.38 44.41
C LEU H 4049 24.92 -3.42 45.45
N LYS H 4050 26.01 -4.14 45.19
CA LYS H 4050 26.53 -5.10 46.16
C LYS H 4050 26.95 -4.39 47.44
N PHE H 4051 27.57 -3.22 47.29
CA PHE H 4051 27.96 -2.42 48.46
C PHE H 4051 26.75 -2.09 49.32
N PHE H 4052 25.64 -1.67 48.69
CA PHE H 4052 24.44 -1.39 49.48
C PHE H 4052 23.88 -2.65 50.13
N ASP H 4053 23.70 -3.72 49.35
CA ASP H 4053 22.98 -4.88 49.88
C ASP H 4053 23.79 -5.60 50.95
N MET H 4054 25.12 -5.56 50.87
CA MET H 4054 25.94 -6.20 51.91
C MET H 4054 25.67 -5.56 53.27
N PHE H 4055 25.63 -4.23 53.32
CA PHE H 4055 25.36 -3.57 54.60
C PHE H 4055 23.91 -3.72 55.03
N LEU H 4056 22.98 -3.78 54.08
CA LEU H 4056 21.59 -4.05 54.45
C LEU H 4056 21.46 -5.42 55.13
N LYS H 4057 22.01 -6.46 54.50
CA LYS H 4057 21.98 -7.78 55.12
C LYS H 4057 22.80 -7.84 56.40
N LEU H 4058 23.86 -7.04 56.49
CA LEU H 4058 24.62 -6.98 57.74
C LEU H 4058 23.77 -6.42 58.88
N LYS H 4059 23.00 -5.37 58.61
CA LYS H 4059 22.09 -4.83 59.61
C LYS H 4059 21.05 -5.87 60.01
N ASP H 4060 20.48 -6.57 59.02
CA ASP H 4060 19.48 -7.59 59.32
C ASP H 4060 20.06 -8.73 60.15
N ILE H 4061 21.27 -9.18 59.83
CA ILE H 4061 21.89 -10.27 60.58
C ILE H 4061 22.26 -9.82 61.99
N VAL H 4062 22.71 -8.57 62.13
CA VAL H 4062 22.99 -8.03 63.46
C VAL H 4062 21.73 -8.03 64.30
N GLY H 4063 20.60 -7.65 63.70
CA GLY H 4063 19.34 -7.72 64.41
C GLY H 4063 18.84 -9.14 64.64
N SER H 4064 19.29 -10.09 63.85
CA SER H 4064 18.83 -11.46 63.95
C SER H 4064 19.29 -12.11 65.27
N GLU H 4065 18.58 -13.18 65.65
CA GLU H 4065 18.85 -13.85 66.91
C GLU H 4065 20.07 -14.75 66.86
N ALA H 4066 20.39 -15.32 65.70
CA ALA H 4066 21.53 -16.24 65.60
C ALA H 4066 22.83 -15.54 65.97
N PHE H 4067 23.04 -14.32 65.50
CA PHE H 4067 24.22 -13.56 65.88
C PHE H 4067 24.15 -13.21 67.37
N GLN H 4068 22.94 -12.99 67.89
CA GLN H 4068 22.79 -12.66 69.30
C GLN H 4068 23.28 -13.80 70.19
N ASP H 4069 22.99 -15.04 69.81
CA ASP H 4069 23.51 -16.17 70.56
C ASP H 4069 24.93 -16.54 70.16
N TYR H 4070 25.42 -16.05 69.02
CA TYR H 4070 26.80 -16.30 68.63
C TYR H 4070 27.78 -15.41 69.38
N VAL H 4071 27.41 -14.16 69.65
CA VAL H 4071 28.37 -13.19 70.19
C VAL H 4071 28.83 -13.61 71.58
N THR H 4072 27.88 -14.00 72.45
CA THR H 4072 28.17 -14.48 73.79
C THR H 4072 29.06 -13.50 74.57
N ASP H 4073 28.74 -12.21 74.47
CA ASP H 4073 29.52 -11.21 75.18
C ASP H 4073 28.62 -10.15 75.78
N PRO H 4074 28.60 -10.00 77.11
CA PRO H 4074 27.84 -8.90 77.71
C PRO H 4074 28.34 -7.53 77.29
N ARG H 4075 29.64 -7.40 77.01
CA ARG H 4075 30.19 -6.11 76.60
C ARG H 4075 29.72 -5.68 75.22
N GLY H 4076 29.15 -6.61 74.43
CA GLY H 4076 28.72 -6.27 73.10
C GLY H 4076 29.82 -6.26 72.06
N LEU H 4077 30.89 -7.02 72.29
CA LEU H 4077 32.02 -7.10 71.37
C LEU H 4077 32.11 -8.52 70.82
N ILE H 4078 32.19 -8.63 69.49
CA ILE H 4078 32.23 -9.92 68.81
C ILE H 4078 33.64 -10.15 68.27
N SER H 4079 34.19 -11.33 68.55
CA SER H 4079 35.49 -11.69 68.02
C SER H 4079 35.42 -11.90 66.51
N LYS H 4080 36.56 -11.74 65.84
CA LYS H 4080 36.61 -11.90 64.39
C LYS H 4080 36.26 -13.33 64.00
N LYS H 4081 36.81 -14.31 64.70
CA LYS H 4081 36.55 -15.71 64.36
C LYS H 4081 35.08 -16.06 64.58
N ASP H 4082 34.51 -15.64 65.71
CA ASP H 4082 33.11 -15.92 65.99
C ASP H 4082 32.20 -15.20 65.00
N PHE H 4083 32.57 -13.99 64.60
CA PHE H 4083 31.81 -13.27 63.57
C PHE H 4083 31.84 -14.03 62.26
N GLN H 4084 33.01 -14.55 61.87
CA GLN H 4084 33.11 -15.33 60.65
C GLN H 4084 32.24 -16.59 60.72
N LYS H 4085 32.28 -17.29 61.86
CA LYS H 4085 31.44 -18.48 62.01
C LYS H 4085 29.95 -18.12 61.95
N ALA H 4086 29.56 -17.02 62.58
CA ALA H 4086 28.15 -16.61 62.56
C ALA H 4086 27.69 -16.28 61.15
N MET H 4087 28.51 -15.54 60.39
CA MET H 4087 28.17 -15.26 59.00
C MET H 4087 28.09 -16.54 58.17
N ASP H 4088 29.05 -17.45 58.36
CA ASP H 4088 29.02 -18.71 57.62
C ASP H 4088 27.81 -19.56 58.00
N SER H 4089 27.30 -19.38 59.22
CA SER H 4089 26.07 -20.07 59.61
C SER H 4089 24.86 -19.43 58.95
N GLN H 4090 24.82 -18.09 58.89
CA GLN H 4090 23.71 -17.42 58.21
C GLN H 4090 23.68 -17.76 56.72
N LYS H 4091 24.84 -18.00 56.11
CA LYS H 4091 24.93 -18.45 54.72
C LYS H 4091 24.28 -17.45 53.76
N GLN H 4092 24.60 -16.16 53.95
CA GLN H 4092 24.11 -15.12 53.07
C GLN H 4092 25.20 -14.41 52.29
N PHE H 4093 26.45 -14.44 52.74
CA PHE H 4093 27.55 -13.79 52.07
C PHE H 4093 28.55 -14.83 51.57
N THR H 4094 29.16 -14.56 50.41
CA THR H 4094 30.24 -15.40 49.93
C THR H 4094 31.51 -15.12 50.73
N GLY H 4095 32.51 -15.98 50.54
CA GLY H 4095 33.74 -15.91 51.29
C GLY H 4095 34.50 -14.61 51.15
N PRO H 4096 34.70 -14.14 49.91
CA PRO H 4096 35.31 -12.81 49.73
C PRO H 4096 34.49 -11.71 50.39
N GLU H 4097 33.17 -11.81 50.38
CA GLU H 4097 32.35 -10.84 51.08
C GLU H 4097 32.59 -10.90 52.60
N ILE H 4098 32.75 -12.10 53.14
CA ILE H 4098 33.08 -12.24 54.56
C ILE H 4098 34.39 -11.56 54.87
N GLN H 4099 35.41 -11.78 54.03
CA GLN H 4099 36.71 -11.16 54.25
C GLN H 4099 36.63 -9.64 54.17
N PHE H 4100 35.88 -9.12 53.19
CA PHE H 4100 35.76 -7.68 53.05
C PHE H 4100 35.00 -7.07 54.22
N LEU H 4101 33.94 -7.74 54.69
CA LEU H 4101 33.21 -7.25 55.86
C LEU H 4101 34.10 -7.25 57.10
N LEU H 4102 34.91 -8.30 57.27
CA LEU H 4102 35.84 -8.34 58.39
C LEU H 4102 36.86 -7.22 58.30
N SER H 4103 37.35 -6.94 57.08
CA SER H 4103 38.31 -5.84 56.90
C SER H 4103 37.67 -4.50 57.25
N CYS H 4104 36.42 -4.28 56.81
CA CYS H 4104 35.74 -3.04 57.15
C CYS H 4104 35.43 -2.94 58.64
N SER H 4105 35.23 -4.08 59.30
CA SER H 4105 34.99 -4.07 60.73
C SER H 4105 36.19 -3.54 61.48
N GLU H 4106 35.92 -2.77 62.54
CA GLU H 4106 36.96 -2.12 63.33
C GLU H 4106 37.05 -2.82 64.68
N ALA H 4107 38.13 -3.57 64.89
CA ALA H 4107 38.37 -4.27 66.14
C ALA H 4107 39.21 -3.39 67.05
N ASP H 4108 38.65 -3.00 68.20
CA ASP H 4108 39.37 -2.12 69.11
C ASP H 4108 40.61 -2.80 69.69
N GLU H 4109 40.45 -4.05 70.13
CA GLU H 4109 41.56 -4.81 70.72
C GLU H 4109 41.14 -6.25 70.86
N ASN H 4110 42.09 -7.16 70.64
CA ASN H 4110 41.86 -8.60 70.76
C ASN H 4110 40.74 -9.07 69.82
N GLU H 4111 40.67 -8.44 68.65
CA GLU H 4111 39.68 -8.76 67.62
C GLU H 4111 38.25 -8.56 68.08
N MET H 4112 38.04 -7.78 69.14
CA MET H 4112 36.69 -7.47 69.61
C MET H 4112 36.10 -6.38 68.71
N ILE H 4113 34.97 -6.69 68.07
CA ILE H 4113 34.32 -5.80 67.12
C ILE H 4113 33.00 -5.33 67.71
N ASN H 4114 32.74 -4.02 67.59
CA ASN H 4114 31.46 -3.46 68.01
C ASN H 4114 30.51 -3.57 66.84
N PHE H 4115 29.72 -4.64 66.83
CA PHE H 4115 28.88 -4.95 65.67
C PHE H 4115 27.80 -3.91 65.46
N GLU H 4116 27.25 -3.36 66.55
CA GLU H 4116 26.19 -2.36 66.42
C GLU H 4116 26.71 -1.11 65.70
N GLU H 4117 27.84 -0.58 66.16
CA GLU H 4117 28.42 0.59 65.51
C GLU H 4117 28.86 0.26 64.09
N PHE H 4118 29.42 -0.93 63.88
CA PHE H 4118 29.85 -1.33 62.55
C PHE H 4118 28.67 -1.37 61.58
N ALA H 4119 27.51 -1.84 62.05
CA ALA H 4119 26.33 -1.89 61.18
C ALA H 4119 25.74 -0.51 60.95
N ASN H 4120 25.70 0.33 61.99
CA ASN H 4120 25.08 1.64 61.84
C ASN H 4120 26.01 2.69 61.24
N ARG H 4121 27.27 2.35 60.99
CA ARG H 4121 28.22 3.35 60.48
C ARG H 4121 27.83 3.82 59.07
N PHE H 4122 27.39 2.91 58.20
CA PHE H 4122 27.12 3.23 56.80
C PHE H 4122 25.64 3.28 56.48
N GLN H 4123 24.77 3.44 57.47
CA GLN H 4123 23.34 3.45 57.21
C GLN H 4123 22.87 4.84 56.76
N GLU H 4124 23.04 5.84 57.62
CA GLU H 4124 22.53 7.18 57.31
C GLU H 4124 23.18 7.81 56.08
N PRO H 4125 24.51 7.81 55.91
CA PRO H 4125 25.08 8.49 54.73
C PRO H 4125 24.66 7.89 53.39
N ALA H 4126 24.26 6.62 53.36
CA ALA H 4126 23.94 5.94 52.11
C ALA H 4126 22.44 5.84 51.84
N ARG H 4127 21.61 6.55 52.62
CA ARG H 4127 20.17 6.45 52.42
C ARG H 4127 19.73 7.18 51.14
N ASP H 4128 20.25 8.38 50.91
CA ASP H 4128 19.77 9.19 49.79
C ASP H 4128 20.19 8.59 48.46
N ILE H 4129 21.45 8.16 48.35
CA ILE H 4129 21.94 7.60 47.10
C ILE H 4129 21.21 6.31 46.75
N GLY H 4130 20.95 5.47 47.75
CA GLY H 4130 20.21 4.24 47.51
C GLY H 4130 18.80 4.50 47.02
N PHE H 4131 18.11 5.47 47.64
CA PHE H 4131 16.76 5.82 47.19
C PHE H 4131 16.79 6.37 45.77
N ASN H 4132 17.78 7.21 45.46
CA ASN H 4132 17.86 7.75 44.10
C ASN H 4132 18.11 6.66 43.08
N VAL H 4133 18.99 5.70 43.40
CA VAL H 4133 19.24 4.59 42.50
C VAL H 4133 17.99 3.75 42.31
N ALA H 4134 17.25 3.49 43.40
CA ALA H 4134 16.02 2.72 43.31
C ALA H 4134 14.99 3.44 42.42
N VAL H 4135 14.85 4.76 42.59
CA VAL H 4135 13.91 5.52 41.78
C VAL H 4135 14.31 5.48 40.31
N LEU H 4136 15.61 5.64 40.03
CA LEU H 4136 16.08 5.59 38.65
C LEU H 4136 15.80 4.23 38.02
N LEU H 4137 16.08 3.16 38.77
CA LEU H 4137 15.83 1.82 38.23
C LEU H 4137 14.35 1.56 38.01
N THR H 4138 13.50 2.01 38.93
CA THR H 4138 12.07 1.85 38.76
C THR H 4138 11.57 2.62 37.53
N ASN H 4139 12.04 3.84 37.35
CA ASN H 4139 11.63 4.63 36.19
C ASN H 4139 12.09 3.97 34.89
N LEU H 4140 13.33 3.49 34.86
CA LEU H 4140 13.84 2.82 33.66
C LEU H 4140 13.05 1.56 33.36
N SER H 4141 12.73 0.78 34.39
CA SER H 4141 11.97 -0.46 34.19
C SER H 4141 10.56 -0.16 33.68
N GLU H 4142 9.90 0.85 34.25
CA GLU H 4142 8.52 1.15 33.85
C GLU H 4142 8.43 1.88 32.53
N HIS H 4143 9.50 2.53 32.07
CA HIS H 4143 9.46 3.24 30.80
C HIS H 4143 10.16 2.51 29.66
N VAL H 4144 10.93 1.46 29.95
CA VAL H 4144 11.57 0.65 28.92
C VAL H 4144 11.24 -0.81 29.16
N PRO H 4145 10.00 -1.25 28.93
CA PRO H 4145 9.64 -2.64 29.18
C PRO H 4145 10.24 -3.57 28.13
N HIS H 4146 10.30 -4.85 28.49
CA HIS H 4146 10.74 -5.92 27.60
C HIS H 4146 12.19 -5.71 27.15
N ASP H 4147 13.04 -5.38 28.12
CA ASP H 4147 14.48 -5.25 27.88
C ASP H 4147 15.22 -6.31 28.70
N PRO H 4148 15.79 -7.33 28.06
CA PRO H 4148 16.44 -8.41 28.84
C PRO H 4148 17.59 -7.93 29.71
N ARG H 4149 18.36 -6.95 29.25
CA ARG H 4149 19.56 -6.54 29.99
C ARG H 4149 19.20 -5.82 31.27
N LEU H 4150 18.16 -4.99 31.26
CA LEU H 4150 17.79 -4.22 32.45
C LEU H 4150 17.29 -5.13 33.57
N ARG H 4151 16.68 -6.26 33.23
CA ARG H 4151 16.17 -7.17 34.25
C ARG H 4151 17.29 -7.69 35.14
N ASN H 4152 18.51 -7.82 34.60
CA ASN H 4152 19.64 -8.24 35.43
C ASN H 4152 19.89 -7.24 36.54
N PHE H 4153 19.94 -5.95 36.21
CA PHE H 4153 20.13 -4.91 37.23
C PHE H 4153 18.96 -4.89 38.20
N LEU H 4154 17.74 -5.05 37.68
CA LEU H 4154 16.57 -5.03 38.55
C LEU H 4154 16.62 -6.16 39.58
N GLU H 4155 17.03 -7.36 39.16
CA GLU H 4155 17.10 -8.46 40.11
C GLU H 4155 18.32 -8.37 41.03
N LEU H 4156 19.42 -7.77 40.57
CA LEU H 4156 20.55 -7.55 41.47
C LEU H 4156 20.24 -6.51 42.53
N ALA H 4157 19.39 -5.52 42.20
CA ALA H 4157 18.97 -4.51 43.16
C ALA H 4157 17.68 -4.87 43.88
N GLU H 4158 17.42 -6.18 44.06
CA GLU H 4158 16.16 -6.60 44.68
C GLU H 4158 16.03 -6.10 46.10
N SER H 4159 17.11 -6.20 46.90
CA SER H 4159 17.04 -5.81 48.30
C SER H 4159 16.79 -4.30 48.44
N ILE H 4160 17.45 -3.49 47.61
CA ILE H 4160 17.26 -2.04 47.68
C ILE H 4160 15.82 -1.67 47.35
N LEU H 4161 15.27 -2.27 46.28
CA LEU H 4161 13.90 -2.00 45.91
C LEU H 4161 12.92 -2.42 47.01
N GLU H 4162 13.16 -3.59 47.60
CA GLU H 4162 12.29 -4.05 48.68
C GLU H 4162 12.39 -3.16 49.91
N TYR H 4163 13.57 -2.59 50.16
CA TYR H 4163 13.73 -1.72 51.32
C TYR H 4163 13.07 -0.36 51.10
N PHE H 4164 13.21 0.21 49.91
CA PHE H 4164 12.66 1.53 49.61
C PHE H 4164 11.28 1.49 48.99
N ARG H 4165 10.64 0.31 48.91
CA ARG H 4165 9.27 0.24 48.43
C ARG H 4165 8.30 1.10 49.22
N PRO H 4166 8.26 1.05 50.56
CA PRO H 4166 7.30 1.92 51.27
C PRO H 4166 7.54 3.40 51.04
N TYR H 4167 8.80 3.82 50.94
CA TYR H 4167 9.10 5.24 50.77
C TYR H 4167 8.86 5.72 49.35
N LEU H 4168 9.08 4.87 48.35
CA LEU H 4168 8.93 5.28 46.96
C LEU H 4168 7.43 5.39 46.63
N GLY H 4169 6.99 6.60 46.32
CA GLY H 4169 5.62 6.85 45.93
C GLY H 4169 5.56 7.39 44.51
N ARG H 4170 4.52 6.99 43.78
CA ARG H 4170 4.35 7.40 42.40
C ARG H 4170 2.92 7.88 42.16
N ILE H 4171 2.79 8.95 41.37
CA ILE H 4171 1.51 9.50 40.98
C ILE H 4171 1.52 9.73 39.48
N GLU H 4172 0.35 10.06 38.93
CA GLU H 4172 0.20 10.39 37.52
C GLU H 4172 -0.44 11.75 37.37
N ILE H 4173 0.07 12.54 36.42
CA ILE H 4173 -0.41 13.88 36.16
C ILE H 4173 -0.70 14.03 34.68
N MET H 4174 -1.57 15.00 34.36
CA MET H 4174 -1.85 15.33 32.97
C MET H 4174 -0.61 15.87 32.28
N GLY H 4175 0.15 16.72 32.97
CA GLY H 4175 1.38 17.26 32.44
C GLY H 4175 1.15 18.47 31.54
N ALA H 4176 2.24 19.20 31.31
CA ALA H 4176 2.17 20.35 30.40
C ALA H 4176 1.76 19.92 29.01
N SER H 4177 2.43 18.90 28.47
CA SER H 4177 1.92 18.23 27.28
C SER H 4177 0.72 17.37 27.66
N ARG H 4178 -0.15 17.13 26.67
CA ARG H 4178 -1.37 16.38 26.94
C ARG H 4178 -1.10 14.92 27.31
N ARG H 4179 0.11 14.43 27.09
CA ARG H 4179 0.45 13.06 27.45
C ARG H 4179 0.50 12.90 28.97
N ILE H 4180 -0.13 11.85 29.48
CA ILE H 4180 -0.08 11.55 30.91
C ILE H 4180 1.33 11.16 31.29
N GLU H 4181 1.82 11.71 32.40
CA GLU H 4181 3.17 11.46 32.87
C GLU H 4181 3.16 10.92 34.30
N ARG H 4182 4.21 10.18 34.64
CA ARG H 4182 4.34 9.56 35.95
C ARG H 4182 5.43 10.26 36.75
N ILE H 4183 5.13 10.58 38.01
CA ILE H 4183 6.04 11.31 38.88
C ILE H 4183 6.38 10.42 40.06
N TYR H 4184 7.68 10.24 40.32
CA TYR H 4184 8.18 9.49 41.47
C TYR H 4184 8.76 10.47 42.48
N PHE H 4185 8.39 10.31 43.74
CA PHE H 4185 8.89 11.17 44.81
C PHE H 4185 9.16 10.30 46.03
N GLU H 4186 9.43 10.96 47.16
CA GLU H 4186 9.78 10.27 48.41
C GLU H 4186 8.71 10.53 49.46
N ILE H 4187 8.30 9.48 50.15
CA ILE H 4187 7.33 9.57 51.24
C ILE H 4187 8.08 9.40 52.56
N SER H 4188 7.91 10.36 53.46
CA SER H 4188 8.59 10.30 54.74
C SER H 4188 7.92 9.30 55.68
N GLU H 4189 8.74 8.67 56.53
CA GLU H 4189 8.22 7.70 57.49
C GLU H 4189 7.28 8.35 58.49
N THR H 4190 7.63 9.56 58.95
CA THR H 4190 6.75 10.28 59.87
C THR H 4190 5.42 10.60 59.19
N ASN H 4191 5.47 11.01 57.92
CA ASN H 4191 4.24 11.28 57.18
C ASN H 4191 3.38 10.04 57.07
N ARG H 4192 4.00 8.89 56.76
CA ARG H 4192 3.24 7.65 56.64
C ARG H 4192 2.63 7.24 57.98
N ALA H 4193 3.37 7.40 59.07
CA ALA H 4193 2.82 7.07 60.39
C ALA H 4193 1.63 7.97 60.73
N GLN H 4194 1.79 9.28 60.52
CA GLN H 4194 0.68 10.19 60.77
C GLN H 4194 -0.51 9.89 59.87
N TRP H 4195 -0.26 9.40 58.66
CA TRP H 4195 -1.35 9.01 57.77
C TRP H 4195 -2.06 7.76 58.30
N GLU H 4196 -1.29 6.79 58.80
CA GLU H 4196 -1.85 5.57 59.37
C GLU H 4196 -2.36 5.75 60.78
N MET H 4197 -2.31 6.95 61.32
CA MET H 4197 -3.08 7.27 62.51
C MET H 4197 -4.54 6.92 62.27
N PRO H 4198 -5.18 6.12 63.14
CA PRO H 4198 -6.59 5.72 62.86
C PRO H 4198 -7.61 6.85 62.72
N GLN H 4199 -7.47 7.96 63.46
CA GLN H 4199 -8.38 9.08 63.25
C GLN H 4199 -8.32 9.58 61.82
N VAL H 4200 -7.14 9.54 61.21
CA VAL H 4200 -7.03 9.88 59.80
C VAL H 4200 -7.86 8.92 58.96
N LYS H 4201 -7.85 7.63 59.31
CA LYS H 4201 -8.67 6.66 58.60
C LYS H 4201 -10.14 7.00 58.71
N GLU H 4202 -10.60 7.35 59.91
CA GLU H 4202 -12.01 7.69 60.10
C GLU H 4202 -12.38 8.94 59.30
N SER H 4203 -11.50 9.95 59.31
CA SER H 4203 -11.76 11.15 58.51
C SER H 4203 -11.82 10.84 57.03
N LYS H 4204 -10.93 9.96 56.56
CA LYS H 4204 -10.96 9.56 55.16
C LYS H 4204 -12.26 8.84 54.81
N ARG H 4205 -12.71 7.94 55.70
CA ARG H 4205 -13.97 7.25 55.44
C ARG H 4205 -15.14 8.23 55.37
N GLN H 4206 -15.18 9.19 56.30
CA GLN H 4206 -16.26 10.17 56.27
C GLN H 4206 -16.21 11.03 55.03
N PHE H 4207 -15.01 11.46 54.62
CA PHE H 4207 -14.87 12.26 53.41
C PHE H 4207 -15.32 11.48 52.18
N ILE H 4208 -14.95 10.20 52.09
CA ILE H 4208 -15.35 9.37 50.97
C ILE H 4208 -16.86 9.23 50.95
N PHE H 4209 -17.47 8.99 52.11
CA PHE H 4209 -18.91 8.83 52.17
C PHE H 4209 -19.64 10.10 51.74
N ASP H 4210 -19.18 11.26 52.20
CA ASP H 4210 -19.87 12.51 51.84
C ASP H 4210 -19.57 12.93 50.40
N VAL H 4211 -18.46 12.49 49.82
CA VAL H 4211 -18.17 12.84 48.43
C VAL H 4211 -18.81 11.85 47.45
N VAL H 4212 -19.22 10.67 47.92
CA VAL H 4212 -19.91 9.73 47.03
C VAL H 4212 -21.42 9.88 47.19
N ASN H 4213 -21.93 9.68 48.41
CA ASN H 4213 -23.37 9.67 48.63
C ASN H 4213 -23.99 11.04 48.39
N GLU H 4214 -23.36 12.10 48.90
CA GLU H 4214 -23.95 13.44 48.87
C GLU H 4214 -23.59 14.22 47.61
N GLY H 4215 -23.29 13.53 46.51
CA GLY H 4215 -23.00 14.24 45.27
C GLY H 4215 -21.64 14.89 45.31
N GLY H 4216 -21.55 16.09 44.74
CA GLY H 4216 -20.28 16.79 44.65
C GLY H 4216 -19.34 16.29 43.60
N GLU H 4217 -19.85 15.57 42.59
CA GLU H 4217 -18.98 15.05 41.54
C GLU H 4217 -18.36 16.18 40.72
N ALA H 4218 -19.10 17.26 40.51
CA ALA H 4218 -18.57 18.39 39.75
C ALA H 4218 -17.38 19.03 40.46
N GLU H 4219 -17.46 19.17 41.79
CA GLU H 4219 -16.39 19.73 42.59
C GLU H 4219 -15.56 18.65 43.28
N LYS H 4220 -15.39 17.51 42.62
CA LYS H 4220 -14.71 16.38 43.25
C LYS H 4220 -13.26 16.73 43.60
N MET H 4221 -12.53 17.30 42.63
CA MET H 4221 -11.13 17.62 42.86
C MET H 4221 -10.98 18.75 43.89
N GLU H 4222 -11.88 19.72 43.87
CA GLU H 4222 -11.85 20.79 44.86
C GLU H 4222 -12.07 20.24 46.27
N LEU H 4223 -13.05 19.35 46.42
CA LEU H 4223 -13.30 18.75 47.73
C LEU H 4223 -12.12 17.89 48.16
N PHE H 4224 -11.50 17.17 47.23
CA PHE H 4224 -10.33 16.36 47.57
C PHE H 4224 -9.18 17.25 48.05
N VAL H 4225 -8.93 18.36 47.38
CA VAL H 4225 -7.86 19.26 47.79
C VAL H 4225 -8.15 19.87 49.16
N SER H 4226 -9.41 20.27 49.39
CA SER H 4226 -9.78 20.79 50.70
C SER H 4226 -9.58 19.74 51.79
N PHE H 4227 -9.94 18.48 51.50
CA PHE H 4227 -9.73 17.40 52.46
C PHE H 4227 -8.25 17.21 52.74
N CYS H 4228 -7.41 17.28 51.71
CA CYS H 4228 -5.97 17.14 51.91
C CYS H 4228 -5.44 18.25 52.81
N GLU H 4229 -5.86 19.49 52.55
CA GLU H 4229 -5.40 20.60 53.39
C GLU H 4229 -5.85 20.42 54.85
N ASP H 4230 -7.11 20.05 55.04
CA ASP H 4230 -7.62 19.85 56.40
C ASP H 4230 -6.86 18.75 57.11
N THR H 4231 -6.60 17.64 56.41
CA THR H 4231 -5.89 16.52 57.04
C THR H 4231 -4.45 16.90 57.38
N ILE H 4232 -3.79 17.66 56.51
CA ILE H 4232 -2.45 18.15 56.83
C ILE H 4232 -2.48 18.99 58.10
N PHE H 4233 -3.48 19.88 58.21
CA PHE H 4233 -3.58 20.70 59.42
C PHE H 4233 -3.82 19.85 60.66
N GLU H 4234 -4.72 18.86 60.57
CA GLU H 4234 -5.02 18.03 61.73
C GLU H 4234 -3.81 17.20 62.16
N MET H 4235 -3.04 16.69 61.20
CA MET H 4235 -1.89 15.89 61.59
C MET H 4235 -0.73 16.75 62.08
N GLN H 4236 -0.64 18.00 61.61
CA GLN H 4236 0.29 18.92 62.27
C GLN H 4236 -0.12 19.16 63.73
N ILE H 4237 -1.43 19.32 63.98
CA ILE H 4237 -1.91 19.45 65.35
C ILE H 4237 -1.54 18.21 66.16
N ALA H 4238 -1.72 17.03 65.57
CA ALA H 4238 -1.40 15.79 66.26
C ALA H 4238 0.08 15.71 66.59
N ALA H 4239 0.93 16.09 65.64
CA ALA H 4239 2.37 16.11 65.90
C ALA H 4239 2.72 17.06 67.03
N GLN H 4240 2.08 18.23 67.06
CA GLN H 4240 2.33 19.17 68.15
C GLN H 4240 1.88 18.61 69.50
N ILE H 4241 0.72 17.95 69.53
CA ILE H 4241 0.14 17.49 70.80
C ILE H 4241 0.63 16.08 71.11
N SER H 4242 1.59 15.59 70.35
CA SER H 4242 2.16 14.28 70.62
C SER H 4242 2.86 14.26 71.97
N GLU H 4243 3.22 13.06 72.41
CA GLU H 4243 3.87 12.86 73.70
C GLU H 4243 5.23 13.54 73.76
N PHE H 4530 9.25 31.46 86.64
CA PHE H 4530 7.97 31.39 87.32
C PHE H 4530 6.83 31.34 86.31
N TRP H 4531 6.61 32.44 85.59
CA TRP H 4531 5.57 32.48 84.58
C TRP H 4531 5.78 31.39 83.53
N GLY H 4532 7.03 31.21 83.08
CA GLY H 4532 7.33 30.14 82.15
C GLY H 4532 7.06 28.77 82.74
N GLU H 4533 7.33 28.59 84.03
CA GLU H 4533 7.07 27.31 84.68
C GLU H 4533 5.58 26.99 84.68
N LEU H 4534 4.75 27.95 85.08
CA LEU H 4534 3.31 27.73 85.04
C LEU H 4534 2.82 27.50 83.61
N GLU H 4535 3.37 28.25 82.64
CA GLU H 4535 2.95 28.06 81.25
C GLU H 4535 3.29 26.67 80.74
N VAL H 4536 4.50 26.18 81.04
CA VAL H 4536 4.88 24.86 80.54
C VAL H 4536 4.09 23.77 81.25
N GLN H 4537 3.81 23.95 82.55
CA GLN H 4537 2.93 23.00 83.22
C GLN H 4537 1.55 22.99 82.58
N ARG H 4538 1.03 24.16 82.23
CA ARG H 4538 -0.27 24.25 81.58
C ARG H 4538 -0.26 23.55 80.22
N VAL H 4539 0.81 23.73 79.44
CA VAL H 4539 0.84 23.09 78.12
C VAL H 4539 0.97 21.57 78.27
N LYS H 4540 1.71 21.09 79.28
CA LYS H 4540 1.72 19.65 79.52
C LYS H 4540 0.33 19.13 79.87
N PHE H 4541 -0.39 19.87 80.74
CA PHE H 4541 -1.74 19.45 81.10
C PHE H 4541 -2.66 19.42 79.88
N LEU H 4542 -2.59 20.45 79.04
CA LEU H 4542 -3.42 20.52 77.85
C LEU H 4542 -3.09 19.41 76.87
N ASN H 4543 -1.80 19.09 76.70
CA ASN H 4543 -1.41 17.99 75.83
C ASN H 4543 -1.95 16.66 76.35
N TYR H 4544 -1.84 16.44 77.67
CA TYR H 4544 -2.38 15.21 78.25
C TYR H 4544 -3.88 15.10 78.02
N LEU H 4545 -4.61 16.20 78.23
CA LEU H 4545 -6.05 16.18 77.99
C LEU H 4545 -6.37 15.92 76.52
N SER H 4546 -5.60 16.52 75.61
CA SER H 4546 -5.83 16.31 74.19
C SER H 4546 -5.61 14.85 73.80
N ARG H 4547 -4.56 14.22 74.33
CA ARG H 4547 -4.33 12.82 74.00
C ARG H 4547 -5.35 11.90 74.65
N ASN H 4548 -5.86 12.25 75.84
CA ASN H 4548 -6.77 11.38 76.57
C ASN H 4548 -8.22 11.89 76.54
N PHE H 4549 -8.59 12.64 75.51
CA PHE H 4549 -9.93 13.23 75.45
C PHE H 4549 -11.01 12.14 75.40
N TYR H 4550 -10.84 11.14 74.54
CA TYR H 4550 -11.88 10.13 74.36
C TYR H 4550 -12.07 9.28 75.62
N THR H 4551 -10.96 8.92 76.29
CA THR H 4551 -11.05 8.14 77.50
C THR H 4551 -11.84 8.88 78.57
N LEU H 4552 -11.72 10.21 78.61
CA LEU H 4552 -12.52 11.00 79.55
C LEU H 4552 -14.00 10.91 79.22
N ARG H 4553 -14.35 10.90 77.92
CA ARG H 4553 -15.74 10.77 77.51
C ARG H 4553 -16.31 9.42 77.96
N PHE H 4554 -15.57 8.35 77.71
CA PHE H 4554 -16.03 7.02 78.13
C PHE H 4554 -16.13 6.91 79.65
N LEU H 4555 -15.16 7.50 80.36
CA LEU H 4555 -15.21 7.50 81.82
C LEU H 4555 -16.42 8.28 82.33
N ALA H 4556 -16.76 9.40 81.68
CA ALA H 4556 -17.95 10.14 82.06
C ALA H 4556 -19.20 9.32 81.84
N LEU H 4557 -19.28 8.58 80.73
CA LEU H 4557 -20.43 7.71 80.51
C LEU H 4557 -20.54 6.65 81.59
N PHE H 4558 -19.42 6.02 81.94
CA PHE H 4558 -19.43 5.01 83.00
C PHE H 4558 -19.81 5.62 84.35
N LEU H 4559 -19.32 6.84 84.61
CA LEU H 4559 -19.66 7.52 85.86
C LEU H 4559 -21.15 7.81 85.93
N ALA H 4560 -21.74 8.23 84.81
CA ALA H 4560 -23.19 8.46 84.79
C ALA H 4560 -23.95 7.17 85.04
N PHE H 4561 -23.51 6.08 84.42
CA PHE H 4561 -24.14 4.78 84.67
C PHE H 4561 -24.08 4.41 86.15
N ALA H 4562 -22.90 4.58 86.77
CA ALA H 4562 -22.75 4.24 88.18
C ALA H 4562 -23.63 5.12 89.06
N ILE H 4563 -23.67 6.42 88.77
CA ILE H 4563 -24.49 7.33 89.58
C ILE H 4563 -25.96 6.96 89.48
N ASN H 4564 -26.44 6.64 88.28
CA ASN H 4564 -27.83 6.23 88.13
C ASN H 4564 -28.10 4.91 88.86
N PHE H 4565 -27.14 3.98 88.82
CA PHE H 4565 -27.31 2.73 89.54
C PHE H 4565 -27.44 2.97 91.04
N ILE H 4566 -26.63 3.88 91.58
CA ILE H 4566 -26.76 4.23 93.00
C ILE H 4566 -28.10 4.90 93.26
N LEU H 4567 -28.51 5.83 92.39
CA LEU H 4567 -29.79 6.52 92.57
C LEU H 4567 -30.98 5.59 92.50
N LEU H 4568 -30.80 4.40 91.90
CA LEU H 4568 -31.88 3.42 91.86
C LEU H 4568 -32.39 3.06 93.25
N PHE H 4569 -31.55 3.20 94.28
CA PHE H 4569 -31.90 2.77 95.62
C PHE H 4569 -32.55 3.88 96.45
N TYR H 4570 -33.09 4.92 95.81
CA TYR H 4570 -33.71 5.99 96.57
C TYR H 4570 -35.08 5.58 97.10
N LYS H 4571 -35.54 6.32 98.12
CA LYS H 4571 -36.83 6.09 98.74
C LYS H 4571 -37.30 7.40 99.36
N VAL H 4572 -38.61 7.49 99.60
CA VAL H 4572 -39.22 8.67 100.19
C VAL H 4572 -40.04 8.23 101.40
N SER H 4573 -40.04 9.07 102.43
CA SER H 4573 -40.81 8.79 103.64
C SER H 4573 -41.28 10.10 104.26
N ASP H 4574 -42.11 9.96 105.30
CA ASP H 4574 -42.56 11.09 106.10
C ASP H 4574 -41.75 11.27 107.38
N SER H 4575 -41.34 10.17 108.00
CA SER H 4575 -40.49 10.24 109.18
C SER H 4575 -39.06 10.61 108.78
N PRO H 4576 -38.29 11.17 109.71
CA PRO H 4576 -36.89 11.48 109.40
C PRO H 4576 -36.13 10.21 109.05
N PRO H 4577 -35.16 10.30 108.12
CA PRO H 4577 -34.37 9.15 107.68
C PRO H 4577 -33.49 8.58 108.80
N VAL H 4618 -41.58 15.96 102.85
CA VAL H 4618 -41.15 14.57 102.80
C VAL H 4618 -39.63 14.47 102.84
N TYR H 4619 -39.12 13.26 102.95
CA TYR H 4619 -37.68 13.00 103.03
C TYR H 4619 -37.30 12.03 101.92
N TYR H 4620 -36.36 12.46 101.07
CA TYR H 4620 -35.79 11.61 100.03
C TYR H 4620 -34.44 11.13 100.51
N PHE H 4621 -34.31 9.83 100.75
CA PHE H 4621 -33.09 9.26 101.30
C PHE H 4621 -32.67 8.03 100.51
N LEU H 4622 -31.36 7.79 100.49
CA LEU H 4622 -30.78 6.62 99.86
C LEU H 4622 -30.81 5.48 100.87
N GLU H 4623 -31.76 4.57 100.71
CA GLU H 4623 -31.98 3.49 101.67
C GLU H 4623 -31.35 2.20 101.16
N GLU H 4624 -30.45 1.64 101.96
CA GLU H 4624 -29.80 0.37 101.67
C GLU H 4624 -29.12 -0.11 102.94
N SER H 4625 -28.74 -1.39 102.94
CA SER H 4625 -28.14 -1.99 104.13
C SER H 4625 -26.77 -1.39 104.44
N THR H 4626 -25.84 -1.52 103.51
CA THR H 4626 -24.48 -1.02 103.73
C THR H 4626 -24.49 0.51 103.73
N GLY H 4627 -23.77 1.09 104.69
CA GLY H 4627 -23.70 2.53 104.84
C GLY H 4627 -22.76 3.18 103.84
N TYR H 4628 -22.46 4.45 104.12
CA TYR H 4628 -21.51 5.29 103.37
C TYR H 4628 -21.78 5.30 101.87
N MET H 4629 -22.95 4.84 101.45
CA MET H 4629 -23.29 4.85 100.03
C MET H 4629 -23.54 6.26 99.55
N GLU H 4630 -24.13 7.11 100.38
CA GLU H 4630 -24.31 8.52 100.05
C GLU H 4630 -22.96 9.24 99.92
N PRO H 4631 -22.00 9.04 100.85
CA PRO H 4631 -20.65 9.56 100.59
C PRO H 4631 -20.03 9.04 99.31
N ALA H 4632 -20.24 7.76 98.99
CA ALA H 4632 -19.74 7.23 97.72
C ALA H 4632 -20.35 7.96 96.54
N LEU H 4633 -21.66 8.21 96.60
CA LEU H 4633 -22.33 8.95 95.53
C LEU H 4633 -21.80 10.38 95.44
N TRP H 4634 -21.50 10.99 96.57
CA TRP H 4634 -20.89 12.33 96.57
C TRP H 4634 -19.55 12.33 95.85
N CYS H 4635 -18.70 11.34 96.16
CA CYS H 4635 -17.42 11.23 95.49
C CYS H 4635 -17.59 11.00 93.98
N LEU H 4636 -18.54 10.14 93.62
CA LEU H 4636 -18.81 9.88 92.20
C LEU H 4636 -19.27 11.15 91.49
N SER H 4637 -20.13 11.94 92.14
CA SER H 4637 -20.59 13.20 91.53
C SER H 4637 -19.43 14.17 91.33
N LEU H 4638 -18.58 14.32 92.34
CA LEU H 4638 -17.43 15.21 92.20
C LEU H 4638 -16.52 14.76 91.06
N LEU H 4639 -16.25 13.46 90.98
CA LEU H 4639 -15.41 12.95 89.89
C LEU H 4639 -16.08 13.17 88.54
N HIS H 4640 -17.40 13.00 88.47
CA HIS H 4640 -18.11 13.21 87.21
C HIS H 4640 -17.97 14.65 86.73
N THR H 4641 -18.15 15.62 87.64
CA THR H 4641 -18.02 17.02 87.22
C THR H 4641 -16.58 17.39 86.88
N LEU H 4642 -15.61 16.84 87.60
CA LEU H 4642 -14.21 17.08 87.25
C LEU H 4642 -13.92 16.53 85.85
N VAL H 4643 -14.44 15.33 85.55
CA VAL H 4643 -14.27 14.76 84.21
C VAL H 4643 -14.98 15.62 83.17
N ALA H 4644 -16.12 16.21 83.52
CA ALA H 4644 -16.79 17.11 82.59
C ALA H 4644 -15.91 18.32 82.27
N PHE H 4645 -15.27 18.89 83.29
CA PHE H 4645 -14.29 19.96 83.05
C PHE H 4645 -13.20 19.49 82.10
N LEU H 4646 -12.65 18.30 82.34
CA LEU H 4646 -11.57 17.80 81.49
C LEU H 4646 -12.04 17.62 80.05
N CYS H 4647 -13.25 17.10 79.85
CA CYS H 4647 -13.77 16.94 78.50
C CYS H 4647 -13.97 18.28 77.81
N ILE H 4648 -14.48 19.29 78.54
CA ILE H 4648 -14.65 20.61 77.95
C ILE H 4648 -13.30 21.16 77.50
N ILE H 4649 -12.29 21.09 78.36
CA ILE H 4649 -10.98 21.61 78.02
C ILE H 4649 -10.37 20.84 76.85
N GLY H 4650 -10.52 19.53 76.85
CA GLY H 4650 -9.99 18.72 75.76
C GLY H 4650 -10.62 19.06 74.42
N TYR H 4651 -11.95 19.21 74.40
CA TYR H 4651 -12.61 19.64 73.17
C TYR H 4651 -12.10 21.00 72.71
N ASN H 4652 -12.03 21.96 73.64
CA ASN H 4652 -11.59 23.30 73.27
C ASN H 4652 -10.17 23.29 72.72
N CYS H 4653 -9.31 22.43 73.25
CA CYS H 4653 -7.92 22.40 72.83
C CYS H 4653 -7.66 21.48 71.64
N LEU H 4654 -8.62 20.64 71.25
CA LEU H 4654 -8.39 19.68 70.18
C LEU H 4654 -9.23 19.93 68.93
N LYS H 4655 -10.55 20.15 69.08
CA LYS H 4655 -11.42 20.17 67.92
C LYS H 4655 -11.64 21.57 67.34
N VAL H 4656 -11.63 22.61 68.19
CA VAL H 4656 -11.94 23.96 67.71
C VAL H 4656 -10.96 24.44 66.64
N PRO H 4657 -9.63 24.23 66.76
CA PRO H 4657 -8.72 24.76 65.74
C PRO H 4657 -9.07 24.37 64.32
N LEU H 4658 -9.56 23.15 64.08
CA LEU H 4658 -9.95 22.77 62.73
C LEU H 4658 -11.12 23.61 62.23
N VAL H 4659 -12.11 23.85 63.09
CA VAL H 4659 -13.25 24.68 62.70
C VAL H 4659 -12.79 26.11 62.38
N ILE H 4660 -11.90 26.65 63.22
CA ILE H 4660 -11.39 27.99 62.96
C ILE H 4660 -10.63 28.04 61.65
N PHE H 4661 -9.80 27.01 61.39
CA PHE H 4661 -9.05 26.96 60.15
C PHE H 4661 -9.98 26.93 58.94
N LYS H 4662 -11.03 26.10 59.01
CA LYS H 4662 -11.98 26.02 57.90
C LYS H 4662 -12.68 27.36 57.67
N ARG H 4663 -13.11 28.02 58.76
CA ARG H 4663 -13.80 29.29 58.60
C ARG H 4663 -12.88 30.36 58.01
N GLU H 4664 -11.65 30.46 58.51
CA GLU H 4664 -10.71 31.44 57.97
C GLU H 4664 -10.39 31.15 56.50
N LYS H 4665 -10.23 29.87 56.14
CA LYS H 4665 -9.97 29.52 54.76
C LYS H 4665 -11.14 29.94 53.86
N GLU H 4666 -12.37 29.64 54.31
CA GLU H 4666 -13.53 30.00 53.51
C GLU H 4666 -13.65 31.51 53.34
N LEU H 4667 -13.45 32.26 54.43
CA LEU H 4667 -13.53 33.70 54.34
C LEU H 4667 -12.47 34.27 53.41
N ALA H 4668 -11.22 33.76 53.52
CA ALA H 4668 -10.15 34.25 52.66
C ALA H 4668 -10.45 33.96 51.20
N ARG H 4669 -10.93 32.74 50.89
CA ARG H 4669 -11.26 32.43 49.51
C ARG H 4669 -12.37 33.33 48.99
N LYS H 4670 -13.41 33.56 49.80
CA LYS H 4670 -14.53 34.38 49.36
C LYS H 4670 -14.10 35.82 49.10
N LEU H 4671 -13.32 36.41 50.02
CA LEU H 4671 -12.94 37.80 49.83
C LEU H 4671 -11.72 37.98 48.93
N GLU H 4672 -11.10 36.89 48.47
CA GLU H 4672 -10.03 36.98 47.49
C GLU H 4672 -10.52 36.76 46.06
N PHE H 4673 -11.35 35.74 45.83
CA PHE H 4673 -11.79 35.41 44.48
C PHE H 4673 -13.17 35.98 44.16
N ASP H 4674 -14.18 35.59 44.95
CA ASP H 4674 -15.53 36.07 44.68
C ASP H 4674 -15.77 37.51 45.14
N GLY H 4675 -14.92 38.02 46.03
CA GLY H 4675 -15.12 39.36 46.56
C GLY H 4675 -16.45 39.50 47.28
N LEU H 4676 -16.61 38.76 48.38
CA LEU H 4676 -17.87 38.80 49.11
C LEU H 4676 -18.14 40.17 49.68
N TYR H 4677 -17.09 40.90 50.08
CA TYR H 4677 -17.22 42.22 50.68
C TYR H 4677 -16.74 43.35 49.77
N ILE H 4678 -16.06 43.03 48.68
CA ILE H 4678 -15.60 44.02 47.71
C ILE H 4678 -16.25 43.72 46.38
N THR H 4679 -16.86 44.75 45.77
CA THR H 4679 -17.66 44.63 44.55
C THR H 4679 -18.85 43.70 44.73
N GLU H 4680 -19.21 43.41 45.97
CA GLU H 4680 -20.39 42.62 46.31
C GLU H 4680 -20.65 42.79 47.80
N GLN H 4681 -21.87 42.44 48.22
CA GLN H 4681 -22.28 42.58 49.60
C GLN H 4681 -23.04 41.33 50.03
N PRO H 4682 -22.78 40.82 51.24
CA PRO H 4682 -23.52 39.65 51.72
C PRO H 4682 -24.99 39.95 51.86
N GLY H 4683 -25.81 38.92 51.62
CA GLY H 4683 -27.25 39.07 51.73
C GLY H 4683 -27.70 39.22 53.17
N ASP H 4684 -28.93 39.71 53.31
CA ASP H 4684 -29.51 39.89 54.65
C ASP H 4684 -29.74 38.56 55.35
N ASP H 4685 -30.08 37.51 54.60
CA ASP H 4685 -30.32 36.20 55.19
C ASP H 4685 -29.03 35.50 55.59
N ASP H 4686 -27.87 35.97 55.12
CA ASP H 4686 -26.59 35.34 55.43
C ASP H 4686 -26.13 35.82 56.80
N VAL H 4687 -26.62 35.15 57.86
CA VAL H 4687 -26.22 35.50 59.21
C VAL H 4687 -24.72 35.28 59.40
N LYS H 4688 -24.18 34.20 58.84
CA LYS H 4688 -22.74 33.98 58.90
C LYS H 4688 -22.00 35.05 58.12
N GLY H 4689 -22.56 35.50 57.01
CA GLY H 4689 -21.93 36.58 56.25
C GLY H 4689 -21.87 37.88 57.04
N GLN H 4690 -22.95 38.21 57.75
CA GLN H 4690 -22.93 39.40 58.60
C GLN H 4690 -21.97 39.23 59.77
N TRP H 4691 -21.89 38.02 60.34
CA TRP H 4691 -21.01 37.81 61.48
C TRP H 4691 -19.53 37.85 61.09
N ASP H 4692 -19.20 37.41 59.87
CA ASP H 4692 -17.82 37.37 59.43
C ASP H 4692 -17.24 38.76 59.18
N ARG H 4693 -18.07 39.81 59.19
CA ARG H 4693 -17.60 41.16 58.94
C ARG H 4693 -16.68 41.70 60.02
N LEU H 4694 -16.60 41.03 61.18
CA LEU H 4694 -15.85 41.58 62.30
C LEU H 4694 -14.34 41.45 62.09
N VAL H 4695 -13.89 40.32 61.55
CA VAL H 4695 -12.46 40.04 61.47
C VAL H 4695 -11.85 40.64 60.20
N LEU H 4696 -12.62 41.44 59.48
CA LEU H 4696 -12.08 42.09 58.28
C LEU H 4696 -10.97 43.07 58.65
N ASN H 4697 -11.15 43.83 59.73
CA ASN H 4697 -10.19 44.84 60.13
C ASN H 4697 -9.27 44.39 61.25
N THR H 4698 -9.54 43.25 61.89
CA THR H 4698 -8.71 42.80 62.99
C THR H 4698 -7.32 42.41 62.48
N PRO H 4699 -6.26 42.77 63.22
CA PRO H 4699 -4.90 42.42 62.77
C PRO H 4699 -4.65 40.93 62.69
N SER H 4700 -5.35 40.13 63.51
CA SER H 4700 -5.13 38.69 63.56
C SER H 4700 -6.11 37.92 62.70
N PHE H 4701 -6.47 38.46 61.55
CA PHE H 4701 -7.40 37.76 60.66
C PHE H 4701 -6.86 36.43 60.17
N PRO H 4702 -5.66 36.43 59.56
CA PRO H 4702 -5.22 35.13 59.01
C PRO H 4702 -4.55 34.24 60.04
N SER H 4703 -5.26 33.81 61.06
CA SER H 4703 -4.70 32.90 62.05
C SER H 4703 -5.22 31.49 61.78
N ASN H 4704 -4.44 30.47 62.12
CA ASN H 4704 -4.84 29.10 61.81
C ASN H 4704 -5.13 28.99 60.32
N TYR H 4705 -4.21 29.46 59.50
CA TYR H 4705 -4.37 29.35 58.05
C TYR H 4705 -3.01 29.63 57.45
N TRP H 4706 -2.60 28.86 56.47
CA TRP H 4706 -1.25 29.00 55.95
C TRP H 4706 -0.91 30.39 55.41
N ASP H 4707 -1.82 31.00 54.66
CA ASP H 4707 -1.49 32.29 54.05
C ASP H 4707 -1.71 33.46 54.99
N LYS H 4708 -0.62 34.10 55.39
CA LYS H 4708 -0.73 35.27 56.25
C LYS H 4708 -0.66 36.52 55.40
N PHE H 4709 -0.45 36.35 54.09
CA PHE H 4709 -0.32 37.50 53.21
C PHE H 4709 -1.55 37.63 52.33
N VAL H 4710 -2.66 37.08 52.78
CA VAL H 4710 -3.89 37.15 52.01
C VAL H 4710 -4.29 38.59 51.76
N LYS H 4711 -4.26 39.41 52.81
CA LYS H 4711 -4.70 40.78 52.67
C LYS H 4711 -3.90 41.50 51.60
N ARG H 4712 -2.59 41.34 51.63
CA ARG H 4712 -1.77 41.96 50.61
C ARG H 4712 -2.26 41.57 49.23
N LYS H 4713 -2.75 40.34 49.09
CA LYS H 4713 -3.19 39.86 47.79
C LYS H 4713 -4.51 40.49 47.38
N VAL H 4714 -5.46 40.59 48.30
CA VAL H 4714 -6.74 41.23 47.99
C VAL H 4714 -6.55 42.71 47.71
N LEU H 4715 -5.64 43.37 48.44
CA LEU H 4715 -5.33 44.76 48.14
C LEU H 4715 -4.81 44.92 46.71
N ASP H 4716 -3.84 44.08 46.34
CA ASP H 4716 -3.27 44.16 44.99
C ASP H 4716 -4.26 43.74 43.92
N LYS H 4717 -5.29 42.96 44.28
CA LYS H 4717 -6.25 42.50 43.29
C LYS H 4717 -7.39 43.49 43.07
N HIS H 4718 -7.94 44.08 44.13
CA HIS H 4718 -9.09 44.96 44.02
C HIS H 4718 -8.77 46.41 44.40
N GLY H 4719 -7.49 46.78 44.40
CA GLY H 4719 -7.14 48.15 44.75
C GLY H 4719 -7.59 49.17 43.71
N ASP H 4720 -7.44 48.83 42.43
CA ASP H 4720 -7.72 49.80 41.37
C ASP H 4720 -9.21 50.10 41.27
N ILE H 4721 -10.06 49.08 41.39
CA ILE H 4721 -11.49 49.28 41.19
C ILE H 4721 -12.14 49.90 42.41
N PHE H 4722 -12.07 49.22 43.56
CA PHE H 4722 -12.74 49.69 44.76
C PHE H 4722 -12.04 50.88 45.40
N GLY H 4723 -10.77 51.09 45.10
CA GLY H 4723 -10.02 52.16 45.74
C GLY H 4723 -9.05 51.64 46.78
N ARG H 4724 -7.77 52.00 46.65
CA ARG H 4724 -6.76 51.50 47.58
C ARG H 4724 -7.06 51.93 49.01
N GLU H 4725 -7.46 53.19 49.20
CA GLU H 4725 -7.77 53.68 50.55
C GLU H 4725 -8.98 52.95 51.11
N ARG H 4726 -10.01 52.72 50.29
CA ARG H 4726 -11.18 52.00 50.76
C ARG H 4726 -10.84 50.57 51.16
N ILE H 4727 -10.01 49.89 50.36
CA ILE H 4727 -9.58 48.54 50.70
C ILE H 4727 -8.78 48.55 52.01
N ALA H 4728 -7.91 49.55 52.18
CA ALA H 4728 -7.11 49.63 53.40
C ALA H 4728 -8.01 49.84 54.62
N GLU H 4729 -9.00 50.71 54.51
CA GLU H 4729 -9.92 50.92 55.63
C GLU H 4729 -10.74 49.66 55.92
N LEU H 4730 -11.18 48.96 54.87
CA LEU H 4730 -11.99 47.76 55.08
C LEU H 4730 -11.18 46.65 55.74
N LEU H 4731 -9.92 46.48 55.32
CA LEU H 4731 -9.10 45.39 55.81
C LEU H 4731 -8.27 45.76 57.03
N GLY H 4732 -8.29 47.01 57.47
CA GLY H 4732 -7.53 47.42 58.63
C GLY H 4732 -6.02 47.34 58.44
N MET H 4733 -5.51 47.80 57.30
CA MET H 4733 -4.09 47.77 57.01
C MET H 4733 -3.55 49.19 56.91
N ASP H 4734 -2.23 49.30 57.00
CA ASP H 4734 -1.53 50.57 56.87
C ASP H 4734 -0.57 50.48 55.69
N LEU H 4735 -0.78 51.34 54.70
CA LEU H 4735 0.01 51.27 53.47
C LEU H 4735 1.48 51.57 53.74
N ALA H 4736 1.76 52.65 54.47
CA ALA H 4736 3.15 53.00 54.78
C ALA H 4736 3.81 51.92 55.62
N SER H 4737 3.08 51.38 56.60
CA SER H 4737 3.66 50.34 57.45
C SER H 4737 4.01 49.10 56.64
N LEU H 4738 3.08 48.65 55.78
CA LEU H 4738 3.38 47.46 54.97
C LEU H 4738 4.51 47.73 54.00
N GLU H 4739 4.59 48.95 53.47
CA GLU H 4739 5.67 49.29 52.53
C GLU H 4739 7.03 49.26 53.23
N ILE H 4740 7.12 49.87 54.42
CA ILE H 4740 8.39 49.87 55.13
C ILE H 4740 8.76 48.48 55.63
N THR H 4741 7.77 47.65 55.98
CA THR H 4741 8.09 46.27 56.32
C THR H 4741 8.55 45.48 55.10
N ALA H 4742 8.01 45.79 53.91
CA ALA H 4742 8.49 45.15 52.69
C ALA H 4742 9.95 45.52 52.44
N HIS H 4743 10.31 46.79 52.62
CA HIS H 4743 11.72 47.16 52.53
C HIS H 4743 12.58 46.47 53.60
N ASN H 4744 12.35 46.80 54.88
CA ASN H 4744 13.19 46.25 55.93
C ASN H 4744 12.47 46.39 57.26
N GLU H 4745 12.58 45.35 58.09
CA GLU H 4745 11.92 45.32 59.39
C GLU H 4745 12.90 44.85 60.46
N ARG H 4746 12.63 45.26 61.70
CA ARG H 4746 13.42 44.87 62.84
C ARG H 4746 12.76 43.70 63.58
N LYS H 4747 13.48 43.16 64.56
CA LYS H 4747 13.01 42.00 65.31
C LYS H 4747 12.53 42.42 66.68
N PRO H 4748 11.30 42.09 67.06
CA PRO H 4748 10.79 42.46 68.39
C PRO H 4748 11.31 41.50 69.45
N ASP H 4749 10.86 41.72 70.70
CA ASP H 4749 11.30 40.92 71.82
C ASP H 4749 10.21 39.93 72.24
N PRO H 4750 10.61 38.74 72.71
CA PRO H 4750 9.61 37.77 73.14
C PRO H 4750 8.87 38.24 74.37
N PRO H 4751 7.61 37.82 74.55
CA PRO H 4751 6.87 38.22 75.75
C PRO H 4751 7.47 37.60 77.00
N PRO H 4752 7.89 38.43 77.96
CA PRO H 4752 8.52 37.90 79.17
C PRO H 4752 7.52 37.28 80.15
N GLY H 4753 6.36 37.90 80.35
CA GLY H 4753 5.45 37.49 81.39
C GLY H 4753 4.01 37.38 80.89
N LEU H 4754 3.08 37.52 81.83
CA LEU H 4754 1.66 37.33 81.59
C LEU H 4754 0.95 38.63 81.21
N LEU H 4755 1.40 39.76 81.74
CA LEU H 4755 0.78 41.04 81.40
C LEU H 4755 0.94 41.34 79.91
N THR H 4756 2.08 40.98 79.34
CA THR H 4756 2.28 41.20 77.90
C THR H 4756 1.27 40.40 77.08
N TRP H 4757 1.03 39.15 77.48
CA TRP H 4757 0.01 38.37 76.78
C TRP H 4757 -1.36 39.00 76.95
N LEU H 4758 -1.63 39.53 78.16
CA LEU H 4758 -2.91 40.17 78.42
C LEU H 4758 -3.13 41.37 77.50
N MET H 4759 -2.12 42.22 77.34
CA MET H 4759 -2.23 43.33 76.40
C MET H 4759 -2.18 42.89 74.94
N SER H 4760 -1.67 41.69 74.65
CA SER H 4760 -1.64 41.20 73.28
C SER H 4760 -2.95 40.54 72.84
N ILE H 4761 -4.05 40.81 73.52
CA ILE H 4761 -5.34 40.22 73.19
C ILE H 4761 -6.09 41.16 72.26
N ASP H 4762 -6.52 40.63 71.11
CA ASP H 4762 -7.31 41.40 70.15
C ASP H 4762 -8.79 41.13 70.42
N VAL H 4763 -9.48 42.13 70.98
CA VAL H 4763 -10.80 41.92 71.54
C VAL H 4763 -11.79 41.51 70.45
N LYS H 4764 -11.78 42.21 69.32
CA LYS H 4764 -12.75 41.93 68.27
C LYS H 4764 -12.53 40.55 67.66
N TYR H 4765 -11.26 40.18 67.44
CA TYR H 4765 -10.97 38.84 66.92
C TYR H 4765 -11.41 37.77 67.90
N GLN H 4766 -11.18 37.99 69.20
CA GLN H 4766 -11.63 37.02 70.20
C GLN H 4766 -13.15 36.91 70.23
N ILE H 4767 -13.85 38.04 70.09
CA ILE H 4767 -15.31 38.00 70.06
C ILE H 4767 -15.81 37.21 68.86
N TRP H 4768 -15.19 37.42 67.69
CA TRP H 4768 -15.59 36.66 66.51
C TRP H 4768 -15.27 35.17 66.69
N LYS H 4769 -14.14 34.86 67.32
CA LYS H 4769 -13.80 33.47 67.60
C LYS H 4769 -14.82 32.82 68.51
N PHE H 4770 -15.25 33.54 69.55
CA PHE H 4770 -16.32 33.02 70.41
C PHE H 4770 -17.60 32.83 69.62
N GLY H 4771 -17.94 33.78 68.76
CA GLY H 4771 -19.15 33.65 67.96
C GLY H 4771 -19.14 32.41 67.08
N VAL H 4772 -17.99 32.11 66.46
CA VAL H 4772 -17.94 30.94 65.59
C VAL H 4772 -17.90 29.66 66.41
N ILE H 4773 -17.18 29.64 67.54
CA ILE H 4773 -17.04 28.40 68.30
C ILE H 4773 -18.37 28.02 68.97
N PHE H 4774 -19.10 29.01 69.50
CA PHE H 4774 -20.35 28.70 70.18
C PHE H 4774 -21.45 28.21 69.25
N THR H 4775 -21.26 28.32 67.94
CA THR H 4775 -22.24 27.78 67.00
C THR H 4775 -22.05 26.29 66.73
N ASP H 4776 -20.96 25.69 67.21
CA ASP H 4776 -20.72 24.28 66.99
C ASP H 4776 -21.70 23.45 67.81
N ASN H 4777 -22.28 22.43 67.19
CA ASN H 4777 -23.28 21.60 67.86
C ASN H 4777 -22.65 20.78 68.99
N SER H 4778 -21.47 20.22 68.76
CA SER H 4778 -20.83 19.40 69.77
C SER H 4778 -20.44 20.22 71.00
N PHE H 4779 -19.96 21.44 70.78
CA PHE H 4779 -19.63 22.30 71.92
C PHE H 4779 -20.87 22.64 72.74
N LEU H 4780 -21.99 22.90 72.07
CA LEU H 4780 -23.24 23.17 72.78
C LEU H 4780 -23.70 21.94 73.55
N TYR H 4781 -23.53 20.74 72.96
CA TYR H 4781 -23.88 19.52 73.68
C TYR H 4781 -23.02 19.33 74.92
N LEU H 4782 -21.72 19.59 74.80
CA LEU H 4782 -20.83 19.46 75.96
C LEU H 4782 -21.19 20.49 77.03
N GLY H 4783 -21.53 21.71 76.62
CA GLY H 4783 -21.99 22.70 77.58
C GLY H 4783 -23.28 22.28 78.27
N TRP H 4784 -24.19 21.67 77.53
CA TRP H 4784 -25.42 21.15 78.14
C TRP H 4784 -25.10 20.05 79.13
N TYR H 4785 -24.15 19.17 78.79
CA TYR H 4785 -23.72 18.13 79.73
C TYR H 4785 -23.19 18.75 81.02
N MET H 4786 -22.34 19.78 80.89
CA MET H 4786 -21.78 20.42 82.07
C MET H 4786 -22.86 21.11 82.91
N VAL H 4787 -23.79 21.80 82.25
CA VAL H 4787 -24.87 22.46 82.98
C VAL H 4787 -25.74 21.43 83.69
N MET H 4788 -25.97 20.29 83.05
CA MET H 4788 -26.73 19.22 83.68
C MET H 4788 -26.01 18.68 84.91
N SER H 4789 -24.68 18.54 84.84
CA SER H 4789 -23.92 18.11 86.00
C SER H 4789 -24.00 19.14 87.14
N LEU H 4790 -23.90 20.43 86.79
CA LEU H 4790 -24.00 21.47 87.81
C LEU H 4790 -25.38 21.46 88.47
N LEU H 4791 -26.43 21.27 87.68
CA LEU H 4791 -27.77 21.15 88.25
C LEU H 4791 -27.93 19.86 89.05
N GLY H 4792 -27.22 18.79 88.66
CA GLY H 4792 -27.24 17.57 89.44
C GLY H 4792 -26.61 17.76 90.80
N HIS H 4793 -25.61 18.64 90.91
CA HIS H 4793 -25.13 19.03 92.23
C HIS H 4793 -26.26 19.58 93.10
N TYR H 4794 -27.14 20.40 92.52
CA TYR H 4794 -28.26 20.94 93.28
C TYR H 4794 -29.27 19.85 93.63
N ASN H 4795 -29.67 19.06 92.64
CA ASN H 4795 -30.60 17.95 92.84
C ASN H 4795 -30.03 16.70 92.18
N ASN H 4796 -29.91 15.63 92.97
CA ASN H 4796 -29.17 14.45 92.52
C ASN H 4796 -29.84 13.77 91.33
N PHE H 4797 -31.15 13.91 91.16
CA PHE H 4797 -31.85 13.24 90.08
C PHE H 4797 -31.57 13.83 88.71
N PHE H 4798 -30.96 15.03 88.64
CA PHE H 4798 -30.65 15.61 87.35
C PHE H 4798 -29.58 14.82 86.59
N PHE H 4799 -28.83 13.96 87.28
CA PHE H 4799 -27.80 13.17 86.62
C PHE H 4799 -28.38 12.08 85.71
N ALA H 4800 -29.68 11.79 85.82
CA ALA H 4800 -30.30 10.81 84.93
C ALA H 4800 -30.33 11.27 83.48
N ALA H 4801 -30.24 12.58 83.25
CA ALA H 4801 -30.20 13.09 81.88
C ALA H 4801 -28.94 12.66 81.13
N HIS H 4802 -27.87 12.33 81.86
CA HIS H 4802 -26.63 11.89 81.22
C HIS H 4802 -26.74 10.46 80.67
N LEU H 4803 -27.81 9.73 80.99
CA LEU H 4803 -27.98 8.40 80.41
C LEU H 4803 -28.26 8.46 78.92
N LEU H 4804 -28.76 9.58 78.40
CA LEU H 4804 -28.96 9.74 76.98
C LEU H 4804 -27.66 9.91 76.22
N ASP H 4805 -26.53 10.05 76.92
CA ASP H 4805 -25.24 10.19 76.25
C ASP H 4805 -24.85 8.94 75.48
N ILE H 4806 -25.46 7.79 75.79
CA ILE H 4806 -25.18 6.57 75.04
C ILE H 4806 -25.60 6.73 73.59
N ALA H 4807 -26.65 7.51 73.34
CA ALA H 4807 -27.14 7.71 71.98
C ALA H 4807 -26.08 8.34 71.09
N MET H 4808 -25.28 9.25 71.64
CA MET H 4808 -24.20 9.89 70.90
C MET H 4808 -22.85 9.20 71.10
N GLY H 4809 -22.74 8.31 72.09
CA GLY H 4809 -21.50 7.58 72.30
C GLY H 4809 -21.39 6.34 71.45
N VAL H 4810 -22.40 5.47 71.53
CA VAL H 4810 -22.41 4.23 70.77
C VAL H 4810 -22.80 4.53 69.33
N LYS H 4811 -22.03 3.99 68.38
CA LYS H 4811 -22.22 4.33 66.98
C LYS H 4811 -23.55 3.81 66.44
N THR H 4812 -23.93 2.59 66.80
CA THR H 4812 -25.17 2.04 66.27
C THR H 4812 -26.38 2.75 66.84
N LEU H 4813 -26.28 3.27 68.07
CA LEU H 4813 -27.28 4.20 68.56
C LEU H 4813 -27.45 5.36 67.59
N ARG H 4814 -26.33 5.92 67.13
CA ARG H 4814 -26.38 7.00 66.16
C ARG H 4814 -27.00 6.55 64.85
N THR H 4815 -26.73 5.32 64.42
CA THR H 4815 -27.31 4.82 63.17
C THR H 4815 -28.83 4.71 63.28
N ILE H 4816 -29.32 4.10 64.35
CA ILE H 4816 -30.76 3.90 64.50
C ILE H 4816 -31.47 5.24 64.70
N LEU H 4817 -30.86 6.16 65.45
CA LEU H 4817 -31.48 7.47 65.59
C LEU H 4817 -31.35 8.32 64.34
N SER H 4818 -30.36 8.05 63.49
CA SER H 4818 -30.35 8.67 62.16
C SER H 4818 -31.51 8.16 61.32
N SER H 4819 -31.80 6.86 61.44
CA SER H 4819 -33.01 6.32 60.80
C SER H 4819 -34.25 7.02 61.33
N VAL H 4820 -34.31 7.25 62.65
CA VAL H 4820 -35.48 7.88 63.24
C VAL H 4820 -35.63 9.34 62.78
N THR H 4821 -34.53 10.09 62.81
CA THR H 4821 -34.53 11.52 62.55
C THR H 4821 -34.38 11.86 61.07
N HIS H 4822 -34.23 10.86 60.19
CA HIS H 4822 -34.16 11.15 58.77
C HIS H 4822 -35.45 11.73 58.23
N ASN H 4823 -36.58 11.46 58.89
CA ASN H 4823 -37.90 11.96 58.50
C ASN H 4823 -38.58 12.63 59.68
N GLY H 4824 -37.83 13.39 60.47
CA GLY H 4824 -38.42 14.06 61.63
C GLY H 4824 -39.45 15.10 61.24
N LYS H 4825 -39.17 15.87 60.19
CA LYS H 4825 -40.17 16.81 59.68
C LYS H 4825 -41.42 16.07 59.21
N GLN H 4826 -41.22 14.93 58.54
CA GLN H 4826 -42.35 14.11 58.12
C GLN H 4826 -43.20 13.68 59.31
N LEU H 4827 -42.54 13.24 60.39
CA LEU H 4827 -43.27 12.77 61.56
C LEU H 4827 -44.02 13.90 62.26
N VAL H 4828 -43.39 15.06 62.43
CA VAL H 4828 -44.07 16.14 63.12
C VAL H 4828 -45.22 16.68 62.27
N MET H 4829 -45.05 16.71 60.94
CA MET H 4829 -46.14 17.16 60.08
C MET H 4829 -47.28 16.14 60.08
N THR H 4830 -46.96 14.84 60.18
CA THR H 4830 -47.99 13.83 60.29
C THR H 4830 -48.79 13.99 61.58
N VAL H 4831 -48.10 14.24 62.70
CA VAL H 4831 -48.85 14.39 63.95
C VAL H 4831 -49.65 15.69 63.94
N GLY H 4832 -49.17 16.73 63.24
CA GLY H 4832 -49.99 17.92 63.05
C GLY H 4832 -51.25 17.65 62.26
N LEU H 4833 -51.13 16.87 61.18
CA LEU H 4833 -52.32 16.47 60.42
C LEU H 4833 -53.27 15.66 61.28
N LEU H 4834 -52.72 14.79 62.14
CA LEU H 4834 -53.54 14.06 63.10
C LEU H 4834 -54.31 15.01 64.01
N ALA H 4835 -53.62 16.06 64.49
CA ALA H 4835 -54.29 17.07 65.30
C ALA H 4835 -55.43 17.73 64.54
N VAL H 4836 -55.20 18.04 63.26
CA VAL H 4836 -56.23 18.71 62.46
C VAL H 4836 -57.46 17.82 62.31
N VAL H 4837 -57.26 16.55 61.94
CA VAL H 4837 -58.41 15.69 61.71
C VAL H 4837 -59.14 15.41 63.02
N VAL H 4838 -58.39 15.20 64.11
CA VAL H 4838 -59.03 15.02 65.40
C VAL H 4838 -59.85 16.24 65.78
N TYR H 4839 -59.33 17.44 65.47
CA TYR H 4839 -60.07 18.66 65.71
C TYR H 4839 -61.40 18.68 64.95
N LEU H 4840 -61.38 18.27 63.67
CA LEU H 4840 -62.63 18.22 62.91
C LEU H 4840 -63.63 17.25 63.54
N TYR H 4841 -63.15 16.08 63.97
CA TYR H 4841 -64.03 15.15 64.66
C TYR H 4841 -64.58 15.75 65.94
N THR H 4842 -63.78 16.54 66.66
CA THR H 4842 -64.29 17.22 67.85
C THR H 4842 -65.39 18.21 67.50
N VAL H 4843 -65.22 18.96 66.41
CA VAL H 4843 -66.27 19.91 66.02
C VAL H 4843 -67.58 19.18 65.73
N VAL H 4844 -67.52 18.10 64.94
CA VAL H 4844 -68.76 17.42 64.59
C VAL H 4844 -69.39 16.76 65.82
N ALA H 4845 -68.56 16.13 66.67
CA ALA H 4845 -69.09 15.50 67.88
C ALA H 4845 -69.70 16.51 68.83
N PHE H 4846 -69.09 17.70 68.96
CA PHE H 4846 -69.68 18.74 69.78
C PHE H 4846 -71.01 19.20 69.20
N ASN H 4847 -71.07 19.38 67.87
CA ASN H 4847 -72.30 19.85 67.25
C ASN H 4847 -73.45 18.87 67.45
N PHE H 4848 -73.18 17.57 67.32
CA PHE H 4848 -74.30 16.61 67.33
C PHE H 4848 -74.21 15.54 68.41
N PHE H 4849 -73.02 15.03 68.71
CA PHE H 4849 -72.90 13.86 69.59
C PHE H 4849 -72.63 14.22 71.04
N ARG H 4850 -73.16 15.35 71.52
CA ARG H 4850 -72.84 15.83 72.87
C ARG H 4850 -73.36 14.90 73.95
N LYS H 4851 -74.54 14.30 73.75
CA LYS H 4851 -75.18 13.56 74.84
C LYS H 4851 -74.36 12.34 75.25
N PHE H 4852 -73.76 11.65 74.29
CA PHE H 4852 -73.14 10.35 74.54
C PHE H 4852 -71.78 10.44 75.22
N TYR H 4853 -71.23 11.64 75.41
CA TYR H 4853 -69.90 11.80 76.01
C TYR H 4853 -69.95 11.91 77.53
N ASN H 4854 -70.97 11.36 78.17
CA ASN H 4854 -71.04 11.37 79.63
C ASN H 4854 -70.08 10.32 80.18
N LYS H 4855 -69.07 10.78 80.93
CA LYS H 4855 -68.04 9.91 81.49
C LYS H 4855 -68.12 9.84 83.02
N SER H 4856 -69.33 9.82 83.55
CA SER H 4856 -69.55 9.72 84.99
C SER H 4856 -70.49 8.57 85.28
N GLU H 4857 -70.11 7.72 86.24
CA GLU H 4857 -70.96 6.58 86.59
C GLU H 4857 -72.20 7.02 87.36
N ASP H 4858 -72.13 8.16 88.06
CA ASP H 4858 -73.28 8.67 88.79
C ASP H 4858 -74.17 9.46 87.83
N GLU H 4859 -75.42 9.02 87.68
CA GLU H 4859 -76.35 9.73 86.81
C GLU H 4859 -76.68 11.12 87.36
N ASP H 4860 -76.83 11.23 88.69
CA ASP H 4860 -77.15 12.52 89.30
C ASP H 4860 -76.00 13.51 89.21
N GLU H 4861 -74.79 13.04 88.91
CA GLU H 4861 -73.61 13.91 88.78
C GLU H 4861 -72.93 13.61 87.45
N PRO H 4862 -73.53 14.03 86.34
CA PRO H 4862 -72.92 13.76 85.03
C PRO H 4862 -71.70 14.62 84.80
N ASP H 4863 -70.67 14.02 84.19
CA ASP H 4863 -69.42 14.69 83.87
C ASP H 4863 -69.19 14.55 82.37
N MET H 4864 -69.75 15.48 81.60
CA MET H 4864 -69.56 15.47 80.16
C MET H 4864 -68.20 16.05 79.80
N LYS H 4865 -67.61 15.51 78.73
CA LYS H 4865 -66.30 15.94 78.27
C LYS H 4865 -66.35 16.57 76.88
N CYS H 4866 -67.55 16.95 76.41
CA CYS H 4866 -67.67 17.63 75.13
C CYS H 4866 -68.67 18.78 75.20
N ASP H 4867 -68.95 19.30 76.39
CA ASP H 4867 -69.85 20.45 76.51
C ASP H 4867 -69.24 21.69 75.86
N ASP H 4868 -67.93 21.87 76.02
CA ASP H 4868 -67.24 22.98 75.37
C ASP H 4868 -66.16 22.45 74.44
N MET H 4869 -65.80 23.30 73.47
CA MET H 4869 -64.89 22.87 72.41
C MET H 4869 -63.52 22.49 72.96
N MET H 4870 -63.02 23.27 73.93
CA MET H 4870 -61.71 22.98 74.50
C MET H 4870 -61.67 21.59 75.14
N THR H 4871 -62.63 21.30 76.01
CA THR H 4871 -62.60 20.00 76.68
C THR H 4871 -62.89 18.87 75.70
N CYS H 4872 -63.72 19.10 74.68
CA CYS H 4872 -63.96 18.05 73.70
C CYS H 4872 -62.70 17.72 72.91
N TYR H 4873 -61.97 18.76 72.47
CA TYR H 4873 -60.74 18.53 71.73
C TYR H 4873 -59.69 17.86 72.61
N LEU H 4874 -59.58 18.30 73.87
CA LEU H 4874 -58.65 17.67 74.79
C LEU H 4874 -59.00 16.21 75.04
N PHE H 4875 -60.29 15.91 75.20
CA PHE H 4875 -60.73 14.54 75.40
C PHE H 4875 -60.37 13.66 74.21
N HIS H 4876 -60.68 14.14 72.99
CA HIS H 4876 -60.35 13.35 71.81
C HIS H 4876 -58.85 13.11 71.73
N MET H 4877 -58.05 14.18 71.78
CA MET H 4877 -56.60 14.06 71.71
C MET H 4877 -56.06 13.09 72.75
N TYR H 4878 -56.49 13.22 74.00
CA TYR H 4878 -55.87 12.45 75.07
C TYR H 4878 -56.30 10.99 75.03
N VAL H 4879 -57.57 10.72 74.76
CA VAL H 4879 -58.12 9.39 74.97
C VAL H 4879 -58.30 8.63 73.66
N GLY H 4880 -58.93 9.25 72.66
CA GLY H 4880 -59.30 8.51 71.47
C GLY H 4880 -58.10 8.05 70.66
N VAL H 4881 -57.07 8.89 70.56
CA VAL H 4881 -55.88 8.52 69.80
C VAL H 4881 -55.13 7.38 70.50
N ARG H 4882 -54.96 7.48 71.82
CA ARG H 4882 -54.22 6.46 72.54
C ARG H 4882 -54.97 5.13 72.54
N ALA H 4883 -56.26 5.15 72.85
CA ALA H 4883 -57.03 3.93 72.97
C ALA H 4883 -57.35 3.37 71.59
N GLY H 4884 -57.17 2.06 71.43
CA GLY H 4884 -57.49 1.42 70.16
C GLY H 4884 -58.98 1.32 69.93
N GLY H 4885 -59.34 1.10 68.66
CA GLY H 4885 -60.73 1.01 68.29
C GLY H 4885 -61.42 2.33 68.06
N GLY H 4886 -60.69 3.43 68.02
CA GLY H 4886 -61.28 4.73 67.79
C GLY H 4886 -61.79 5.37 69.07
N ILE H 4887 -62.48 6.50 68.87
CA ILE H 4887 -63.01 7.25 70.00
C ILE H 4887 -64.26 6.58 70.55
N GLY H 4888 -64.98 5.82 69.72
CA GLY H 4888 -66.28 5.28 70.08
C GLY H 4888 -66.27 4.31 71.25
N ASP H 4889 -65.10 3.75 71.59
CA ASP H 4889 -65.05 2.81 72.70
C ASP H 4889 -65.41 3.48 74.03
N GLU H 4890 -64.90 4.70 74.25
CA GLU H 4890 -65.22 5.41 75.48
C GLU H 4890 -66.63 5.98 75.46
N ILE H 4891 -67.13 6.34 74.28
CA ILE H 4891 -68.46 6.92 74.18
C ILE H 4891 -69.51 5.88 74.55
N GLU H 4892 -70.70 6.36 74.91
CA GLU H 4892 -71.79 5.48 75.28
C GLU H 4892 -72.26 4.66 74.08
N ASP H 4893 -73.15 3.71 74.34
CA ASP H 4893 -73.61 2.81 73.30
C ASP H 4893 -74.51 3.56 72.32
N PRO H 4894 -74.18 3.60 71.03
CA PRO H 4894 -75.06 4.28 70.06
C PRO H 4894 -76.40 3.61 69.89
N ALA H 4895 -76.52 2.32 70.21
CA ALA H 4895 -77.78 1.61 70.01
C ALA H 4895 -78.86 2.15 70.95
N GLY H 4896 -80.09 2.16 70.43
CA GLY H 4896 -81.23 2.65 71.19
C GLY H 4896 -81.57 4.10 70.97
N ASP H 4897 -80.99 4.75 69.96
CA ASP H 4897 -81.25 6.14 69.66
C ASP H 4897 -81.50 6.30 68.17
N GLU H 4898 -81.87 7.52 67.76
CA GLU H 4898 -82.12 7.82 66.37
C GLU H 4898 -80.85 8.07 65.57
N TYR H 4899 -79.72 8.27 66.25
CA TYR H 4899 -78.43 8.54 65.59
C TYR H 4899 -77.54 7.30 65.56
N GLU H 4900 -78.13 6.11 65.52
CA GLU H 4900 -77.33 4.89 65.56
C GLU H 4900 -76.42 4.78 64.34
N LEU H 4901 -76.99 4.94 63.14
CA LEU H 4901 -76.19 4.84 61.93
C LEU H 4901 -75.16 5.95 61.85
N TYR H 4902 -75.54 7.17 62.24
CA TYR H 4902 -74.59 8.29 62.20
C TYR H 4902 -73.42 8.05 63.15
N ARG H 4903 -73.70 7.57 64.35
CA ARG H 4903 -72.62 7.29 65.30
C ARG H 4903 -71.76 6.12 64.84
N VAL H 4904 -72.36 5.12 64.20
CA VAL H 4904 -71.59 4.00 63.67
C VAL H 4904 -70.63 4.49 62.59
N VAL H 4905 -71.13 5.33 61.68
CA VAL H 4905 -70.28 5.89 60.63
C VAL H 4905 -69.17 6.74 61.25
N PHE H 4906 -69.52 7.56 62.24
CA PHE H 4906 -68.54 8.40 62.92
C PHE H 4906 -67.41 7.55 63.50
N ASP H 4907 -67.76 6.51 64.27
CA ASP H 4907 -66.76 5.68 64.92
C ASP H 4907 -65.92 4.92 63.90
N ILE H 4908 -66.55 4.38 62.85
CA ILE H 4908 -65.81 3.62 61.85
C ILE H 4908 -64.84 4.52 61.10
N THR H 4909 -65.29 5.72 60.72
CA THR H 4909 -64.40 6.66 60.03
C THR H 4909 -63.25 7.08 60.93
N PHE H 4910 -63.52 7.33 62.21
CA PHE H 4910 -62.44 7.68 63.12
C PHE H 4910 -61.43 6.55 63.24
N PHE H 4911 -61.91 5.32 63.41
CA PHE H 4911 -61.02 4.17 63.54
C PHE H 4911 -60.16 3.97 62.30
N PHE H 4912 -60.76 4.10 61.12
CA PHE H 4912 -60.00 3.84 59.90
C PHE H 4912 -59.06 4.99 59.54
N PHE H 4913 -59.43 6.24 59.82
CA PHE H 4913 -58.61 7.36 59.36
C PHE H 4913 -57.57 7.80 60.39
N VAL H 4914 -57.87 7.70 61.68
CA VAL H 4914 -56.95 8.16 62.72
C VAL H 4914 -56.09 7.02 63.24
N ILE H 4915 -56.73 5.92 63.67
CA ILE H 4915 -55.98 4.83 64.30
C ILE H 4915 -55.13 4.09 63.28
N VAL H 4916 -55.67 3.85 62.08
CA VAL H 4916 -55.03 2.94 61.14
C VAL H 4916 -54.11 3.67 60.16
N ILE H 4917 -54.68 4.57 59.35
CA ILE H 4917 -53.94 5.14 58.23
C ILE H 4917 -52.76 5.98 58.72
N LEU H 4918 -52.97 6.81 59.74
CA LEU H 4918 -51.93 7.74 60.15
C LEU H 4918 -50.77 7.01 60.83
N LEU H 4919 -51.07 6.10 61.74
CA LEU H 4919 -50.01 5.28 62.34
C LEU H 4919 -49.34 4.40 61.30
N ALA H 4920 -50.05 4.03 60.24
CA ALA H 4920 -49.42 3.35 59.12
C ALA H 4920 -48.35 4.22 58.48
N ILE H 4921 -48.65 5.51 58.31
CA ILE H 4921 -47.66 6.44 57.79
C ILE H 4921 -46.49 6.54 58.75
N ILE H 4922 -46.76 6.57 60.05
CA ILE H 4922 -45.69 6.65 61.05
C ILE H 4922 -44.76 5.45 60.93
N GLN H 4923 -45.32 4.26 60.82
CA GLN H 4923 -44.50 3.05 60.68
C GLN H 4923 -43.72 3.06 59.37
N GLY H 4924 -44.40 3.40 58.27
CA GLY H 4924 -43.77 3.35 56.98
C GLY H 4924 -42.64 4.35 56.82
N LEU H 4925 -42.76 5.51 57.45
CA LEU H 4925 -41.67 6.50 57.38
C LEU H 4925 -40.38 5.92 57.96
N ILE H 4926 -40.47 5.30 59.13
CA ILE H 4926 -39.29 4.72 59.77
C ILE H 4926 -38.75 3.56 58.94
N ILE H 4927 -39.64 2.69 58.44
CA ILE H 4927 -39.18 1.55 57.65
C ILE H 4927 -38.46 2.03 56.39
N ASP H 4928 -39.04 3.02 55.70
CA ASP H 4928 -38.42 3.56 54.50
C ASP H 4928 -37.11 4.27 54.83
N ALA H 4929 -37.00 4.87 56.01
CA ALA H 4929 -35.73 5.50 56.40
C ALA H 4929 -34.64 4.45 56.56
N PHE H 4930 -34.96 3.33 57.23
CA PHE H 4930 -34.01 2.23 57.33
C PHE H 4930 -33.58 1.75 55.95
N GLY H 4931 -34.56 1.51 55.08
CA GLY H 4931 -34.24 1.04 53.74
C GLY H 4931 -33.38 2.02 52.95
N GLU H 4932 -33.69 3.31 53.06
CA GLU H 4932 -32.95 4.33 52.33
C GLU H 4932 -31.51 4.43 52.82
N LEU H 4933 -31.30 4.37 54.14
CA LEU H 4933 -29.93 4.41 54.65
C LEU H 4933 -29.13 3.18 54.21
N ARG H 4934 -29.75 1.99 54.27
CA ARG H 4934 -29.06 0.80 53.81
C ARG H 4934 -28.71 0.92 52.33
N ASP H 4935 -29.64 1.44 51.53
CA ASP H 4935 -29.37 1.64 50.11
C ASP H 4935 -28.24 2.64 49.89
N GLN H 4936 -28.17 3.68 50.72
CA GLN H 4936 -27.08 4.66 50.60
C GLN H 4936 -25.73 4.01 50.85
N GLN H 4937 -25.62 3.22 51.92
CA GLN H 4937 -24.36 2.54 52.20
C GLN H 4937 -24.00 1.57 51.07
N GLU H 4938 -24.98 0.81 50.59
CA GLU H 4938 -24.70 -0.13 49.50
C GLU H 4938 -24.26 0.59 48.24
N GLN H 4939 -24.91 1.73 47.93
CA GLN H 4939 -24.53 2.50 46.75
C GLN H 4939 -23.11 3.03 46.86
N VAL H 4940 -22.74 3.55 48.03
CA VAL H 4940 -21.38 4.05 48.21
C VAL H 4940 -20.37 2.93 48.03
N LYS H 4941 -20.63 1.78 48.65
CA LYS H 4941 -19.70 0.66 48.56
C LYS H 4941 -19.56 0.18 47.12
N GLU H 4942 -20.69 0.04 46.40
CA GLU H 4942 -20.63 -0.43 45.03
C GLU H 4942 -19.92 0.57 44.13
N ASP H 4943 -20.18 1.86 44.30
CA ASP H 4943 -19.51 2.87 43.49
C ASP H 4943 -18.01 2.84 43.69
N MET H 4944 -17.57 2.74 44.95
CA MET H 4944 -16.13 2.70 45.21
C MET H 4944 -15.51 1.41 44.68
N GLU H 4945 -16.23 0.28 44.80
CA GLU H 4945 -15.69 -0.98 44.29
C GLU H 4945 -15.67 -1.04 42.77
N THR H 4946 -16.49 -0.23 42.09
CA THR H 4946 -16.59 -0.29 40.64
C THR H 4946 -15.73 0.73 39.92
N LYS H 4947 -15.71 1.98 40.37
CA LYS H 4947 -15.07 3.05 39.61
C LYS H 4947 -13.82 3.59 40.32
N CYS H 4948 -12.83 3.95 39.51
CA CYS H 4948 -11.65 4.63 40.02
C CYS H 4948 -12.01 6.03 40.51
N PHE H 4949 -11.47 6.40 41.68
CA PHE H 4949 -11.84 7.68 42.27
C PHE H 4949 -11.20 8.84 41.53
N ILE H 4950 -9.93 8.71 41.15
CA ILE H 4950 -9.22 9.80 40.49
C ILE H 4950 -9.56 9.85 39.00
N CYS H 4951 -9.49 8.71 38.32
CA CYS H 4951 -9.68 8.70 36.88
C CYS H 4951 -11.16 8.66 36.51
N GLY H 4952 -11.93 7.79 37.16
CA GLY H 4952 -13.31 7.56 36.80
C GLY H 4952 -13.52 6.44 35.81
N ILE H 4953 -12.45 5.85 35.27
CA ILE H 4953 -12.58 4.73 34.37
C ILE H 4953 -13.08 3.51 35.13
N GLY H 4954 -13.98 2.76 34.51
CA GLY H 4954 -14.53 1.59 35.15
C GLY H 4954 -13.51 0.48 35.31
N SER H 4955 -13.81 -0.44 36.23
CA SER H 4955 -12.91 -1.55 36.52
C SER H 4955 -12.82 -2.54 35.37
N ASP H 4956 -13.78 -2.52 34.45
CA ASP H 4956 -13.78 -3.49 33.36
C ASP H 4956 -12.57 -3.30 32.44
N TYR H 4957 -12.22 -2.04 32.14
CA TYR H 4957 -11.08 -1.79 31.27
C TYR H 4957 -9.78 -2.29 31.90
N PHE H 4958 -9.60 -2.05 33.20
CA PHE H 4958 -8.38 -2.50 33.86
C PHE H 4958 -8.35 -4.01 34.05
N ASP H 4959 -9.51 -4.63 34.28
CA ASP H 4959 -9.52 -6.07 34.54
C ASP H 4959 -9.28 -6.91 33.30
N THR H 4960 -8.99 -6.30 32.14
CA THR H 4960 -8.56 -7.08 30.99
C THR H 4960 -7.27 -7.82 31.29
N THR H 4961 -6.32 -7.15 31.95
CA THR H 4961 -5.09 -7.65 32.55
C THR H 4961 -5.38 -8.13 33.97
N PRO H 4962 -4.87 -9.30 34.35
CA PRO H 4962 -5.16 -9.84 35.68
C PRO H 4962 -4.82 -8.84 36.79
N HIS H 4963 -5.77 -8.69 37.73
CA HIS H 4963 -5.65 -7.76 38.86
C HIS H 4963 -5.37 -6.33 38.39
N GLY H 4964 -5.92 -5.97 37.23
CA GLY H 4964 -5.67 -4.64 36.69
C GLY H 4964 -6.22 -3.54 37.57
N PHE H 4965 -7.47 -3.69 38.02
CA PHE H 4965 -8.07 -2.67 38.89
C PHE H 4965 -7.34 -2.59 40.22
N GLU H 4966 -6.98 -3.73 40.80
CA GLU H 4966 -6.28 -3.72 42.08
C GLU H 4966 -4.91 -3.04 41.94
N THR H 4967 -4.22 -3.29 40.83
CA THR H 4967 -2.95 -2.60 40.59
C THR H 4967 -3.16 -1.11 40.37
N HIS H 4968 -4.20 -0.73 39.63
CA HIS H 4968 -4.38 0.65 39.24
C HIS H 4968 -4.81 1.52 40.43
N THR H 4969 -5.64 0.97 41.32
CA THR H 4969 -6.14 1.73 42.46
C THR H 4969 -5.21 1.65 43.67
N LEU H 4970 -4.05 1.02 43.54
CA LEU H 4970 -3.09 0.93 44.63
C LEU H 4970 -1.70 1.41 44.24
N GLU H 4971 -1.35 1.44 42.96
CA GLU H 4971 -0.02 1.86 42.52
C GLU H 4971 -0.04 3.09 41.64
N GLU H 4972 -0.94 3.15 40.66
CA GLU H 4972 -0.90 4.22 39.67
C GLU H 4972 -1.56 5.49 40.22
N HIS H 4973 -2.85 5.43 40.54
CA HIS H 4973 -3.58 6.55 41.11
C HIS H 4973 -3.99 6.18 42.53
N ASN H 4974 -3.34 6.79 43.52
CA ASN H 4974 -3.65 6.54 44.91
C ASN H 4974 -3.89 7.86 45.63
N LEU H 4975 -4.99 7.92 46.38
CA LEU H 4975 -5.32 9.14 47.12
C LEU H 4975 -4.20 9.49 48.10
N ALA H 4976 -3.69 8.50 48.82
CA ALA H 4976 -2.57 8.72 49.73
C ALA H 4976 -1.35 9.21 48.96
N ASN H 4977 -1.12 8.68 47.76
CA ASN H 4977 0.03 9.11 46.97
C ASN H 4977 -0.09 10.59 46.59
N TYR H 4978 -1.29 11.02 46.17
CA TYR H 4978 -1.46 12.44 45.85
C TYR H 4978 -1.31 13.31 47.09
N MET H 4979 -1.82 12.86 48.24
CA MET H 4979 -1.62 13.59 49.48
C MET H 4979 -0.14 13.73 49.82
N PHE H 4980 0.61 12.64 49.68
CA PHE H 4980 2.02 12.68 50.04
C PHE H 4980 2.81 13.54 49.05
N PHE H 4981 2.41 13.54 47.78
CA PHE H 4981 3.03 14.45 46.82
C PHE H 4981 2.75 15.91 47.16
N LEU H 4982 1.53 16.21 47.60
CA LEU H 4982 1.22 17.57 48.04
C LEU H 4982 2.12 17.97 49.21
N MET H 4983 2.25 17.08 50.20
CA MET H 4983 3.13 17.38 51.33
C MET H 4983 4.58 17.54 50.89
N TYR H 4984 5.04 16.70 49.95
CA TYR H 4984 6.41 16.77 49.49
C TYR H 4984 6.68 18.09 48.78
N LEU H 4985 5.72 18.55 47.96
CA LEU H 4985 5.85 19.87 47.32
C LEU H 4985 5.88 20.97 48.37
N ILE H 4986 5.04 20.87 49.39
CA ILE H 4986 5.03 21.90 50.44
C ILE H 4986 6.38 21.94 51.16
N ASN H 4987 6.94 20.77 51.47
CA ASN H 4987 8.16 20.73 52.26
C ASN H 4987 9.38 21.13 51.44
N LYS H 4988 9.45 20.71 50.18
CA LYS H 4988 10.63 20.96 49.37
C LYS H 4988 10.76 22.45 49.04
N ASP H 4989 12.00 22.92 48.99
CA ASP H 4989 12.28 24.32 48.66
C ASP H 4989 11.90 24.61 47.22
N GLU H 4990 11.52 25.87 46.97
CA GLU H 4990 11.06 26.26 45.64
C GLU H 4990 12.14 26.06 44.59
N THR H 4991 13.39 26.42 44.91
CA THR H 4991 14.47 26.28 43.95
C THR H 4991 14.86 24.83 43.70
N GLU H 4992 14.45 23.91 44.58
CA GLU H 4992 14.75 22.50 44.40
C GLU H 4992 13.71 21.76 43.58
N HIS H 4993 12.55 22.36 43.33
CA HIS H 4993 11.51 21.70 42.56
C HIS H 4993 11.97 21.44 41.14
N THR H 4994 11.70 20.25 40.64
CA THR H 4994 11.98 19.92 39.25
C THR H 4994 10.92 20.58 38.36
N GLY H 4995 11.03 20.33 37.05
CA GLY H 4995 10.07 20.93 36.12
C GLY H 4995 8.65 20.49 36.39
N GLN H 4996 8.44 19.19 36.57
CA GLN H 4996 7.10 18.67 36.84
C GLN H 4996 6.57 19.17 38.18
N GLU H 4997 7.43 19.19 39.21
CA GLU H 4997 6.99 19.67 40.52
C GLU H 4997 6.60 21.13 40.46
N SER H 4998 7.38 21.96 39.78
CA SER H 4998 7.03 23.37 39.64
C SER H 4998 5.76 23.55 38.82
N TYR H 4999 5.58 22.74 37.78
CA TYR H 4999 4.38 22.85 36.97
C TYR H 4999 3.13 22.49 37.76
N VAL H 5000 3.22 21.49 38.64
CA VAL H 5000 2.11 21.18 39.53
C VAL H 5000 1.92 22.29 40.56
N TRP H 5001 3.02 22.81 41.09
CA TRP H 5001 2.97 23.80 42.17
C TRP H 5001 2.29 25.08 41.72
N LYS H 5002 2.60 25.55 40.51
CA LYS H 5002 2.05 26.83 40.06
C LYS H 5002 0.53 26.76 39.95
N MET H 5003 0.04 25.61 39.49
CA MET H 5003 -1.40 25.42 39.39
C MET H 5003 -2.07 25.27 40.74
N TYR H 5004 -1.40 24.61 41.67
CA TYR H 5004 -1.97 24.43 42.99
C TYR H 5004 -2.28 25.77 43.59
N GLN H 5005 -1.36 26.70 43.44
CA GLN H 5005 -1.54 28.03 43.99
C GLN H 5005 -2.59 28.80 43.22
N GLU H 5006 -2.62 28.63 41.91
CA GLU H 5006 -3.62 29.30 41.09
C GLU H 5006 -4.98 28.63 41.19
N ARG H 5007 -5.07 27.54 41.94
CA ARG H 5007 -6.34 26.83 42.09
C ARG H 5007 -6.85 26.32 40.74
N CYS H 5008 -5.95 25.69 39.99
CA CYS H 5008 -6.27 25.11 38.68
C CYS H 5008 -6.05 23.60 38.78
N TRP H 5009 -7.16 22.85 38.87
CA TRP H 5009 -7.09 21.40 39.02
C TRP H 5009 -7.16 20.72 37.65
N ASP H 5010 -6.05 20.84 36.92
CA ASP H 5010 -5.90 20.19 35.63
C ASP H 5010 -4.87 19.06 35.63
N PHE H 5011 -4.01 19.00 36.64
CA PHE H 5011 -3.01 17.93 36.68
C PHE H 5011 -3.65 16.59 37.02
N PHE H 5012 -4.79 16.59 37.69
CA PHE H 5012 -5.49 15.35 38.00
C PHE H 5012 -5.94 14.67 36.72
N PRO H 5013 -5.55 13.42 36.47
CA PRO H 5013 -5.95 12.75 35.23
C PRO H 5013 -7.38 12.24 35.31
N ALA H 5014 -8.26 12.85 34.54
CA ALA H 5014 -9.68 12.49 34.49
C ALA H 5014 -9.99 11.91 33.11
N GLY H 5015 -10.51 10.69 33.09
CA GLY H 5015 -10.88 10.05 31.84
C GLY H 5015 -9.74 9.44 31.06
N ASP H 5016 -8.52 9.44 31.61
CA ASP H 5016 -7.37 8.89 30.91
C ASP H 5016 -6.36 8.37 31.93
N CYS H 5017 -5.47 7.51 31.46
CA CYS H 5017 -4.43 6.95 32.32
C CYS H 5017 -3.26 6.51 31.46
N PHE H 5018 -2.17 6.14 32.13
CA PHE H 5018 -0.96 5.73 31.44
C PHE H 5018 -1.20 4.50 30.58
N ARG H 5019 -1.91 3.50 31.13
CA ARG H 5019 -2.21 2.30 30.37
C ARG H 5019 -3.08 2.61 29.16
N LYS H 5020 -4.09 3.46 29.34
CA LYS H 5020 -4.96 3.83 28.22
C LYS H 5020 -4.18 4.54 27.13
N GLN H 5021 -3.25 5.42 27.51
CA GLN H 5021 -2.47 6.15 26.51
C GLN H 5021 -1.48 5.25 25.79
N TYR H 5022 -0.84 4.32 26.52
CA TYR H 5022 0.20 3.48 25.95
C TYR H 5022 -0.24 2.03 25.81
N GLU H 5023 -1.53 1.80 25.52
CA GLU H 5023 -2.00 0.44 25.27
C GLU H 5023 -1.34 -0.15 24.03
N ASP H 5024 -1.14 0.66 22.99
CA ASP H 5024 -0.46 0.18 21.79
C ASP H 5024 0.98 -0.19 22.08
N GLN H 5025 1.65 0.59 22.93
CA GLN H 5025 3.03 0.33 23.31
C GLN H 5025 3.15 -0.62 24.50
N LEU H 5026 2.03 -1.16 24.99
CA LEU H 5026 2.02 -2.06 26.14
C LEU H 5026 2.66 -1.41 27.36
N SER H 5027 2.29 -0.16 27.61
CA SER H 5027 2.78 0.61 28.75
C SER H 5027 4.30 0.69 28.77
N GLN I 1 -13.43 -149.87 -62.69
CA GLN I 1 -14.81 -150.16 -63.07
C GLN I 1 -14.89 -151.48 -63.83
N VAL I 2 -15.83 -152.33 -63.43
CA VAL I 2 -16.04 -153.63 -64.06
C VAL I 2 -17.22 -153.51 -65.01
N GLN I 3 -16.98 -153.72 -66.30
CA GLN I 3 -18.00 -153.67 -67.33
C GLN I 3 -18.19 -155.07 -67.89
N LEU I 4 -19.42 -155.56 -67.87
CA LEU I 4 -19.74 -156.90 -68.35
C LEU I 4 -20.44 -156.78 -69.71
N GLN I 5 -19.65 -156.92 -70.77
CA GLN I 5 -20.21 -156.97 -72.12
C GLN I 5 -20.95 -158.29 -72.33
N GLU I 6 -22.19 -158.21 -72.80
CA GLU I 6 -23.00 -159.39 -73.04
C GLU I 6 -23.50 -159.36 -74.47
N SER I 7 -23.17 -160.41 -75.23
CA SER I 7 -23.56 -160.50 -76.64
C SER I 7 -24.12 -161.87 -76.96
N GLY I 8 -25.22 -161.89 -77.69
CA GLY I 8 -25.84 -163.13 -78.11
C GLY I 8 -27.35 -163.06 -77.96
N GLY I 9 -27.97 -164.23 -77.93
CA GLY I 9 -29.41 -164.32 -77.75
C GLY I 9 -30.23 -163.78 -78.89
N GLY I 10 -29.85 -164.08 -80.13
CA GLY I 10 -30.62 -163.63 -81.27
C GLY I 10 -31.97 -164.30 -81.36
N LEU I 11 -32.85 -163.69 -82.17
CA LEU I 11 -34.19 -164.23 -82.34
C LEU I 11 -34.15 -165.60 -82.99
N MET I 12 -35.06 -166.47 -82.56
CA MET I 12 -35.12 -167.84 -83.05
C MET I 12 -36.46 -168.45 -82.63
N GLN I 13 -36.93 -169.41 -83.41
CA GLN I 13 -38.17 -170.11 -83.10
C GLN I 13 -37.94 -171.07 -81.93
N ALA I 14 -39.03 -171.69 -81.49
CA ALA I 14 -38.97 -172.61 -80.35
C ALA I 14 -38.05 -173.79 -80.66
N GLY I 15 -37.22 -174.14 -79.68
CA GLY I 15 -36.28 -175.23 -79.82
C GLY I 15 -34.94 -174.84 -80.44
N GLY I 16 -34.73 -173.56 -80.76
CA GLY I 16 -33.47 -173.14 -81.34
C GLY I 16 -32.36 -173.05 -80.33
N SER I 17 -31.14 -172.99 -80.84
CA SER I 17 -29.93 -172.92 -80.02
C SER I 17 -29.45 -171.47 -79.97
N LEU I 18 -29.32 -170.94 -78.76
CA LEU I 18 -28.88 -169.57 -78.52
C LEU I 18 -27.66 -169.59 -77.61
N ARG I 19 -26.59 -168.92 -78.05
CA ARG I 19 -25.35 -168.80 -77.30
C ARG I 19 -25.14 -167.35 -76.89
N LEU I 20 -24.80 -167.14 -75.63
CA LEU I 20 -24.57 -165.81 -75.08
C LEU I 20 -23.22 -165.78 -74.37
N SER I 21 -22.49 -164.70 -74.58
CA SER I 21 -21.15 -164.53 -74.03
C SER I 21 -21.13 -163.29 -73.15
N CYS I 22 -20.71 -163.46 -71.90
CA CYS I 22 -20.60 -162.37 -70.92
C CYS I 22 -19.15 -162.26 -70.48
N THR I 23 -18.50 -161.15 -70.82
CA THR I 23 -17.11 -160.91 -70.47
C THR I 23 -17.02 -159.72 -69.52
N ALA I 24 -16.35 -159.94 -68.38
CA ALA I 24 -16.22 -158.93 -67.34
C ALA I 24 -14.84 -158.32 -67.42
N SER I 25 -14.74 -157.16 -68.07
CA SER I 25 -13.48 -156.44 -68.20
C SER I 25 -13.36 -155.43 -67.06
N GLY I 26 -12.23 -155.48 -66.36
CA GLY I 26 -12.00 -154.57 -65.26
C GLY I 26 -10.91 -155.09 -64.33
N SER I 27 -10.92 -154.60 -63.11
CA SER I 27 -9.95 -155.05 -62.11
C SER I 27 -10.18 -156.53 -61.79
N ILE I 28 -9.08 -157.27 -61.66
CA ILE I 28 -9.18 -158.71 -61.43
C ILE I 28 -9.67 -159.02 -60.03
N PHE I 29 -9.57 -158.07 -59.10
CA PHE I 29 -10.03 -158.31 -57.74
C PHE I 29 -11.55 -158.34 -57.68
N SER I 30 -12.07 -159.19 -56.80
CA SER I 30 -13.51 -159.31 -56.55
C SER I 30 -14.28 -159.67 -57.82
N ILE I 31 -13.68 -160.52 -58.65
CA ILE I 31 -14.31 -161.05 -59.85
C ILE I 31 -14.86 -162.43 -59.49
N ASN I 32 -16.17 -162.51 -59.27
CA ASN I 32 -16.78 -163.76 -58.84
C ASN I 32 -18.28 -163.67 -59.05
N SER I 33 -18.92 -164.84 -59.09
CA SER I 33 -20.38 -164.96 -59.15
C SER I 33 -20.96 -164.13 -60.29
N MET I 34 -20.47 -164.36 -61.50
CA MET I 34 -21.00 -163.67 -62.68
C MET I 34 -22.34 -164.32 -63.02
N GLY I 35 -23.36 -163.90 -62.28
CA GLY I 35 -24.69 -164.45 -62.42
C GLY I 35 -25.52 -163.72 -63.46
N TRP I 36 -26.78 -164.14 -63.58
CA TRP I 36 -27.63 -163.72 -64.67
C TRP I 36 -29.02 -163.37 -64.17
N TYR I 37 -29.64 -162.38 -64.82
CA TYR I 37 -31.02 -162.01 -64.56
C TYR I 37 -31.72 -161.76 -65.89
N ARG I 38 -33.04 -161.58 -65.83
CA ARG I 38 -33.78 -161.17 -67.00
C ARG I 38 -34.96 -160.29 -66.59
N GLN I 39 -35.21 -159.25 -67.38
CA GLN I 39 -36.33 -158.34 -67.18
C GLN I 39 -37.25 -158.51 -68.39
N ALA I 40 -38.46 -159.05 -68.16
CA ALA I 40 -39.39 -159.26 -69.26
C ALA I 40 -40.14 -157.97 -69.59
N PRO I 41 -40.48 -157.74 -70.86
CA PRO I 41 -41.11 -156.46 -71.21
C PRO I 41 -42.36 -156.17 -70.40
N GLY I 42 -42.26 -155.20 -69.50
CA GLY I 42 -43.37 -154.83 -68.63
C GLY I 42 -43.64 -155.76 -67.49
N LYS I 43 -42.67 -156.61 -67.10
CA LYS I 43 -42.91 -157.61 -66.06
C LYS I 43 -41.85 -157.57 -64.95
N GLN I 44 -41.81 -158.61 -64.13
CA GLN I 44 -40.87 -158.70 -63.03
C GLN I 44 -39.51 -159.24 -63.48
N ARG I 45 -38.46 -158.76 -62.82
CA ARG I 45 -37.11 -159.23 -63.11
C ARG I 45 -36.81 -160.48 -62.28
N GLU I 46 -36.29 -161.51 -62.94
CA GLU I 46 -36.11 -162.82 -62.32
C GLU I 46 -34.66 -163.28 -62.46
N LEU I 47 -34.21 -164.07 -61.49
CA LEU I 47 -32.83 -164.50 -61.38
C LEU I 47 -32.62 -165.81 -62.13
N VAL I 48 -31.81 -165.77 -63.19
CA VAL I 48 -31.41 -166.96 -63.94
C VAL I 48 -30.38 -167.70 -63.10
N ALA I 49 -30.05 -168.93 -63.50
CA ALA I 49 -29.04 -169.70 -62.79
C ALA I 49 -27.73 -168.92 -62.70
N THR I 50 -27.20 -168.82 -61.49
CA THR I 50 -26.02 -168.02 -61.20
C THR I 50 -24.83 -168.94 -61.00
N ILE I 51 -23.76 -168.72 -61.78
CA ILE I 51 -22.56 -169.53 -61.71
C ILE I 51 -21.44 -168.69 -61.12
N THR I 52 -20.68 -169.28 -60.19
CA THR I 52 -19.61 -168.61 -59.49
C THR I 52 -18.31 -169.40 -59.68
N SER I 53 -17.21 -168.78 -59.24
CA SER I 53 -15.91 -169.46 -59.32
C SER I 53 -15.89 -170.67 -58.40
N GLY I 54 -15.21 -171.72 -58.85
CA GLY I 54 -15.24 -172.99 -58.17
C GLY I 54 -16.28 -173.95 -58.69
N ASN I 55 -16.89 -173.66 -59.85
CA ASN I 55 -17.89 -174.52 -60.46
C ASN I 55 -19.08 -174.74 -59.54
N SER I 56 -19.66 -173.64 -59.07
CA SER I 56 -20.84 -173.66 -58.22
C SER I 56 -21.98 -172.96 -58.96
N ILE I 57 -23.06 -173.69 -59.23
CA ILE I 57 -24.21 -173.18 -59.95
C ILE I 57 -25.42 -173.24 -59.05
N ASN I 58 -26.12 -172.12 -58.91
CA ASN I 58 -27.31 -172.00 -58.09
C ASN I 58 -28.51 -171.74 -59.00
N TYR I 59 -29.53 -172.57 -58.87
CA TYR I 59 -30.69 -172.50 -59.75
C TYR I 59 -31.88 -171.87 -59.03
N ALA I 60 -32.77 -171.27 -59.81
CA ALA I 60 -33.87 -170.48 -59.27
C ALA I 60 -35.08 -170.60 -60.19
N ASP I 61 -36.03 -169.69 -60.05
CA ASP I 61 -37.28 -169.75 -60.80
C ASP I 61 -37.08 -169.50 -62.30
N SER I 62 -35.95 -168.96 -62.71
CA SER I 62 -35.72 -168.58 -64.10
C SER I 62 -34.81 -169.58 -64.82
N VAL I 63 -34.97 -170.86 -64.52
CA VAL I 63 -34.13 -171.90 -65.11
C VAL I 63 -35.00 -172.65 -66.11
N LYS I 64 -35.85 -171.90 -66.81
CA LYS I 64 -36.69 -172.50 -67.85
C LYS I 64 -35.82 -173.05 -68.97
N GLY I 65 -36.39 -174.01 -69.70
CA GLY I 65 -35.67 -174.61 -70.82
C GLY I 65 -34.43 -175.34 -70.35
N ARG I 66 -33.42 -175.37 -71.21
CA ARG I 66 -32.14 -175.99 -70.89
C ARG I 66 -31.03 -174.97 -71.14
N PHE I 67 -30.63 -174.30 -70.06
CA PHE I 67 -29.35 -173.61 -69.98
C PHE I 67 -28.21 -174.60 -69.73
N THR I 68 -27.11 -174.41 -70.45
CA THR I 68 -25.80 -174.91 -70.07
C THR I 68 -24.92 -173.68 -69.91
N ILE I 69 -24.53 -173.35 -68.68
CA ILE I 69 -23.82 -172.13 -68.37
C ILE I 69 -22.50 -172.50 -67.71
N SER I 70 -21.39 -171.97 -68.25
CA SER I 70 -20.06 -172.29 -67.74
C SER I 70 -19.19 -171.04 -67.82
N ARG I 71 -18.39 -170.81 -66.77
CA ARG I 71 -17.55 -169.63 -66.71
C ARG I 71 -16.08 -170.02 -66.60
N ASP I 72 -15.24 -169.20 -67.22
CA ASP I 72 -13.79 -169.32 -67.16
C ASP I 72 -13.22 -168.06 -66.54
N ASN I 73 -12.38 -168.23 -65.50
CA ASN I 73 -11.78 -167.11 -64.79
C ASN I 73 -10.56 -166.55 -65.49
N ALA I 74 -9.99 -167.28 -66.46
CA ALA I 74 -8.79 -166.80 -67.13
C ALA I 74 -9.05 -165.49 -67.88
N LYS I 75 -10.21 -165.39 -68.53
CA LYS I 75 -10.61 -164.18 -69.25
C LYS I 75 -11.95 -163.63 -68.77
N ASN I 76 -12.43 -164.08 -67.61
CA ASN I 76 -13.68 -163.60 -67.02
C ASN I 76 -14.84 -163.72 -68.01
N THR I 77 -15.03 -164.93 -68.54
CA THR I 77 -16.04 -165.18 -69.56
C THR I 77 -17.08 -166.15 -69.04
N VAL I 78 -18.32 -165.96 -69.48
CA VAL I 78 -19.43 -166.83 -69.15
C VAL I 78 -20.15 -167.18 -70.44
N TYR I 79 -20.22 -168.46 -70.76
CA TYR I 79 -20.93 -168.95 -71.94
C TYR I 79 -22.23 -169.59 -71.48
N LEU I 80 -23.34 -169.06 -71.97
CA LEU I 80 -24.68 -169.56 -71.68
C LEU I 80 -25.29 -170.11 -72.97
N GLN I 81 -25.87 -171.30 -72.90
CA GLN I 81 -26.44 -171.95 -74.08
C GLN I 81 -27.84 -172.44 -73.77
N MET I 82 -28.84 -171.80 -74.37
CA MET I 82 -30.21 -172.30 -74.40
C MET I 82 -30.42 -173.20 -75.61
N ASN I 83 -30.71 -174.48 -75.37
CA ASN I 83 -31.00 -175.33 -76.53
C ASN I 83 -32.49 -175.50 -76.80
N SER I 84 -33.36 -175.34 -75.81
CA SER I 84 -34.80 -175.32 -76.04
C SER I 84 -35.31 -173.88 -75.96
N LEU I 85 -36.61 -173.70 -76.19
CA LEU I 85 -37.20 -172.37 -76.11
C LEU I 85 -38.68 -172.47 -75.79
N LYS I 86 -39.19 -171.43 -75.12
CA LYS I 86 -40.60 -171.28 -74.81
C LYS I 86 -41.03 -169.86 -75.11
N PRO I 87 -42.31 -169.65 -75.45
CA PRO I 87 -42.76 -168.29 -75.77
C PRO I 87 -42.63 -167.30 -74.63
N GLU I 88 -42.58 -167.76 -73.38
CA GLU I 88 -42.48 -166.87 -72.23
C GLU I 88 -41.04 -166.51 -71.87
N ASP I 89 -40.06 -166.97 -72.64
CA ASP I 89 -38.65 -166.72 -72.34
C ASP I 89 -38.14 -165.42 -72.95
N THR I 90 -38.99 -164.66 -73.64
CA THR I 90 -38.55 -163.41 -74.25
C THR I 90 -38.35 -162.34 -73.18
N ALA I 91 -37.13 -161.81 -73.08
CA ALA I 91 -36.80 -160.81 -72.06
C ALA I 91 -35.43 -160.22 -72.38
N VAL I 92 -35.10 -159.15 -71.67
CA VAL I 92 -33.77 -158.56 -71.73
C VAL I 92 -32.93 -159.23 -70.64
N TYR I 93 -31.94 -160.02 -71.05
CA TYR I 93 -31.09 -160.74 -70.11
C TYR I 93 -29.88 -159.91 -69.77
N TYR I 94 -29.41 -160.05 -68.53
CA TYR I 94 -28.31 -159.26 -68.00
C TYR I 94 -27.32 -160.17 -67.27
N CYS I 95 -26.06 -159.75 -67.27
CA CYS I 95 -24.98 -160.48 -66.63
C CYS I 95 -24.32 -159.56 -65.60
N ASN I 96 -24.20 -160.04 -64.36
CA ASN I 96 -23.72 -159.23 -63.25
C ASN I 96 -22.62 -159.95 -62.49
N ALA I 97 -21.49 -159.27 -62.29
CA ALA I 97 -20.38 -159.78 -61.50
C ALA I 97 -20.37 -159.06 -60.16
N ASP I 98 -20.67 -159.80 -59.10
CA ASP I 98 -20.72 -159.24 -57.75
C ASP I 98 -19.69 -159.92 -56.87
N ARG I 99 -19.11 -159.14 -55.95
CA ARG I 99 -18.13 -159.71 -55.04
C ARG I 99 -18.75 -160.74 -54.11
N VAL I 100 -20.08 -160.79 -54.05
CA VAL I 100 -20.78 -161.84 -53.31
C VAL I 100 -20.40 -163.19 -53.91
N PRO I 101 -19.82 -164.12 -53.16
CA PRO I 101 -19.53 -165.46 -53.72
C PRO I 101 -20.67 -166.43 -53.48
N ASN I 102 -20.93 -167.30 -54.45
CA ASN I 102 -21.95 -168.36 -54.34
C ASN I 102 -23.23 -167.86 -53.67
N GLY I 103 -23.55 -166.59 -53.89
CA GLY I 103 -24.66 -165.94 -53.21
C GLY I 103 -24.53 -165.85 -51.70
N TYR I 104 -23.34 -165.62 -51.17
CA TYR I 104 -23.14 -165.46 -49.73
C TYR I 104 -22.42 -164.15 -49.39
N ASN I 105 -22.99 -163.39 -48.46
CA ASN I 105 -22.33 -162.24 -47.85
C ASN I 105 -22.92 -161.94 -46.47
N PRO I 106 -22.43 -162.61 -45.43
CA PRO I 106 -22.89 -162.34 -44.05
C PRO I 106 -22.18 -161.14 -43.45
N TRP I 107 -22.25 -159.99 -44.11
CA TRP I 107 -21.47 -158.84 -43.69
C TRP I 107 -22.23 -157.55 -43.96
N GLY I 108 -21.50 -156.45 -43.88
CA GLY I 108 -22.13 -155.14 -43.96
C GLY I 108 -22.78 -154.89 -45.30
N THR I 109 -23.81 -154.05 -45.24
CA THR I 109 -24.50 -153.64 -46.46
C THR I 109 -23.56 -153.03 -47.50
N PRO I 110 -22.54 -152.23 -47.15
CA PRO I 110 -21.64 -151.72 -48.22
C PRO I 110 -20.97 -152.83 -49.00
N ASN I 111 -20.38 -153.81 -48.31
CA ASN I 111 -19.75 -154.93 -49.00
C ASN I 111 -20.77 -155.71 -49.82
N ASP I 112 -21.97 -155.94 -49.26
CA ASP I 112 -22.96 -156.70 -49.99
C ASP I 112 -23.41 -155.98 -51.26
N GLU I 113 -23.69 -154.67 -51.16
CA GLU I 113 -24.21 -153.92 -52.30
C GLU I 113 -23.13 -153.53 -53.29
N TYR I 114 -21.85 -153.58 -52.91
CA TYR I 114 -20.78 -153.38 -53.88
C TYR I 114 -20.95 -154.34 -55.04
N ASP I 115 -21.22 -153.80 -56.23
CA ASP I 115 -21.66 -154.62 -57.34
C ASP I 115 -21.35 -153.91 -58.65
N TYR I 116 -21.45 -154.66 -59.74
CA TYR I 116 -21.10 -154.16 -61.08
C TYR I 116 -22.05 -154.79 -62.09
N TRP I 117 -23.09 -154.05 -62.47
CA TRP I 117 -23.98 -154.47 -63.53
C TRP I 117 -23.31 -154.22 -64.89
N GLY I 118 -23.99 -154.60 -65.97
CA GLY I 118 -23.43 -154.44 -67.29
C GLY I 118 -24.42 -153.95 -68.32
N GLN I 119 -24.39 -154.52 -69.52
CA GLN I 119 -25.23 -154.09 -70.63
C GLN I 119 -26.33 -155.08 -70.95
N GLY I 120 -26.01 -156.36 -71.07
CA GLY I 120 -27.01 -157.37 -71.39
C GLY I 120 -27.36 -157.39 -72.87
N THR I 121 -28.35 -158.21 -73.18
CA THR I 121 -28.84 -158.33 -74.55
C THR I 121 -30.27 -158.82 -74.53
N GLN I 122 -30.98 -158.58 -75.62
CA GLN I 122 -32.38 -158.95 -75.74
C GLN I 122 -32.51 -160.35 -76.35
N VAL I 123 -33.25 -161.22 -75.69
CA VAL I 123 -33.56 -162.56 -76.19
C VAL I 123 -35.04 -162.58 -76.54
N THR I 124 -35.35 -162.97 -77.77
CA THR I 124 -36.72 -162.96 -78.28
C THR I 124 -37.07 -164.35 -78.79
N VAL I 125 -38.24 -164.84 -78.39
CA VAL I 125 -38.75 -166.14 -78.82
C VAL I 125 -40.03 -165.91 -79.60
N SER I 126 -40.10 -166.48 -80.80
CA SER I 126 -41.28 -166.34 -81.66
C SER I 126 -42.35 -167.35 -81.28
N GLN J 1 -99.54 50.15 -119.07
CA GLN J 1 -100.14 51.44 -118.77
C GLN J 1 -100.89 51.99 -119.98
N VAL J 2 -102.13 52.44 -119.74
CA VAL J 2 -102.97 53.01 -120.78
C VAL J 2 -102.89 54.53 -120.69
N GLN J 3 -102.39 55.15 -121.75
CA GLN J 3 -102.27 56.61 -121.84
C GLN J 3 -103.23 57.10 -122.91
N LEU J 4 -104.10 58.04 -122.55
CA LEU J 4 -105.10 58.59 -123.47
C LEU J 4 -104.65 59.98 -123.89
N GLN J 5 -103.99 60.06 -125.04
CA GLN J 5 -103.65 61.36 -125.61
C GLN J 5 -104.90 62.04 -126.15
N GLU J 6 -105.08 63.30 -125.76
CA GLU J 6 -106.24 64.08 -126.17
C GLU J 6 -105.76 65.38 -126.80
N SER J 7 -106.14 65.61 -128.05
CA SER J 7 -105.73 66.80 -128.78
C SER J 7 -106.92 67.43 -129.50
N GLY J 8 -107.03 68.75 -129.39
CA GLY J 8 -108.07 69.49 -130.06
C GLY J 8 -108.66 70.55 -129.15
N GLY J 9 -109.86 71.00 -129.51
CA GLY J 9 -110.55 71.99 -128.71
C GLY J 9 -109.90 73.35 -128.67
N GLY J 10 -109.46 73.86 -129.81
CA GLY J 10 -108.86 75.18 -129.86
C GLY J 10 -109.88 76.28 -129.62
N LEU J 11 -109.36 77.47 -129.32
CA LEU J 11 -110.22 78.60 -129.03
C LEU J 11 -111.03 78.99 -130.27
N MET J 12 -112.28 79.39 -130.04
CA MET J 12 -113.19 79.76 -131.12
C MET J 12 -114.37 80.50 -130.53
N GLN J 13 -114.98 81.37 -131.35
CA GLN J 13 -116.16 82.11 -130.91
C GLN J 13 -117.37 81.19 -130.86
N ALA J 14 -118.49 81.74 -130.39
CA ALA J 14 -119.71 80.96 -130.25
C ALA J 14 -120.18 80.44 -131.60
N GLY J 15 -120.60 79.18 -131.63
CA GLY J 15 -121.05 78.53 -132.85
C GLY J 15 -119.96 77.92 -133.70
N GLY J 16 -118.70 77.96 -133.25
CA GLY J 16 -117.62 77.37 -134.01
C GLY J 16 -117.58 75.86 -133.92
N SER J 17 -116.85 75.25 -134.83
CA SER J 17 -116.69 73.80 -134.89
C SER J 17 -115.36 73.41 -134.26
N LEU J 18 -115.43 72.53 -133.26
CA LEU J 18 -114.26 72.06 -132.53
C LEU J 18 -114.21 70.53 -132.61
N ARG J 19 -113.07 70.00 -133.04
CA ARG J 19 -112.85 68.56 -133.14
C ARG J 19 -111.77 68.16 -132.15
N LEU J 20 -112.04 67.08 -131.41
CA LEU J 20 -111.12 66.56 -130.40
C LEU J 20 -110.90 65.08 -130.65
N SER J 21 -109.66 64.64 -130.52
CA SER J 21 -109.25 63.26 -130.77
C SER J 21 -108.63 62.69 -129.50
N CYS J 22 -109.18 61.57 -129.04
CA CYS J 22 -108.70 60.86 -127.85
C CYS J 22 -108.25 59.46 -128.25
N THR J 23 -106.96 59.19 -128.13
CA THR J 23 -106.39 57.91 -128.50
C THR J 23 -105.83 57.22 -127.27
N ALA J 24 -106.26 55.98 -127.03
CA ALA J 24 -105.87 55.23 -125.84
C ALA J 24 -104.80 54.21 -126.25
N SER J 25 -103.54 54.56 -126.04
CA SER J 25 -102.42 53.67 -126.33
C SER J 25 -102.07 52.86 -125.10
N GLY J 26 -101.99 51.54 -125.27
CA GLY J 26 -101.66 50.67 -124.16
C GLY J 26 -102.09 49.24 -124.47
N SER J 27 -102.24 48.46 -123.40
CA SER J 27 -102.69 47.09 -123.54
C SER J 27 -104.11 47.04 -124.09
N ILE J 28 -104.36 46.12 -125.02
CA ILE J 28 -105.66 46.03 -125.67
C ILE J 28 -106.73 45.50 -124.72
N PHE J 29 -106.34 44.83 -123.64
CA PHE J 29 -107.32 44.32 -122.69
C PHE J 29 -107.94 45.45 -121.89
N SER J 30 -109.23 45.28 -121.57
CA SER J 30 -109.98 46.24 -120.74
C SER J 30 -109.99 47.64 -121.35
N ILE J 31 -110.07 47.70 -122.67
CA ILE J 31 -110.21 48.96 -123.41
C ILE J 31 -111.69 49.13 -123.71
N ASN J 32 -112.36 50.00 -122.95
CA ASN J 32 -113.80 50.19 -123.09
C ASN J 32 -114.20 51.47 -122.40
N SER J 33 -115.37 51.98 -122.78
CA SER J 33 -115.99 53.15 -122.14
C SER J 33 -115.02 54.32 -122.05
N MET J 34 -114.48 54.71 -123.20
CA MET J 34 -113.60 55.88 -123.26
C MET J 34 -114.47 57.13 -123.16
N GLY J 35 -114.86 57.44 -121.92
CA GLY J 35 -115.74 58.56 -121.65
C GLY J 35 -115.00 59.86 -121.45
N TRP J 36 -115.76 60.89 -121.11
CA TRP J 36 -115.26 62.26 -121.11
C TRP J 36 -115.72 63.00 -119.86
N TYR J 37 -114.86 63.90 -119.38
CA TYR J 37 -115.21 64.80 -118.28
C TYR J 37 -114.67 66.19 -118.60
N ARG J 38 -115.05 67.16 -117.78
CA ARG J 38 -114.47 68.49 -117.89
C ARG J 38 -114.40 69.13 -116.50
N GLN J 39 -113.29 69.83 -116.26
CA GLN J 39 -113.07 70.58 -115.02
C GLN J 39 -113.01 72.06 -115.41
N ALA J 40 -114.02 72.84 -114.96
CA ALA J 40 -114.05 74.26 -115.28
C ALA J 40 -113.13 75.04 -114.34
N PRO J 41 -112.50 76.11 -114.82
CA PRO J 41 -111.55 76.83 -113.97
C PRO J 41 -112.15 77.28 -112.65
N GLY J 42 -111.73 76.63 -111.56
CA GLY J 42 -112.24 76.93 -110.24
C GLY J 42 -113.62 76.39 -109.93
N LYS J 43 -114.11 75.40 -110.68
CA LYS J 43 -115.47 74.90 -110.49
C LYS J 43 -115.53 73.39 -110.33
N GLN J 44 -116.73 72.82 -110.45
CA GLN J 44 -116.94 71.39 -110.29
C GLN J 44 -116.66 70.65 -111.60
N ARG J 45 -116.17 69.42 -111.46
CA ARG J 45 -115.91 68.55 -112.60
C ARG J 45 -117.18 67.79 -112.97
N GLU J 46 -117.52 67.81 -114.26
CA GLU J 46 -118.78 67.27 -114.74
C GLU J 46 -118.55 66.24 -115.84
N LEU J 47 -119.46 65.27 -115.92
CA LEU J 47 -119.33 64.13 -116.83
C LEU J 47 -119.98 64.45 -118.18
N VAL J 48 -119.16 64.50 -119.22
CA VAL J 48 -119.63 64.68 -120.60
C VAL J 48 -120.22 63.35 -121.04
N ALA J 49 -120.91 63.34 -122.19
CA ALA J 49 -121.47 62.11 -122.72
C ALA J 49 -120.38 61.05 -122.87
N THR J 50 -120.64 59.86 -122.33
CA THR J 50 -119.68 58.77 -122.30
C THR J 50 -120.07 57.73 -123.33
N ILE J 51 -119.14 57.41 -124.22
CA ILE J 51 -119.37 56.44 -125.29
C ILE J 51 -118.53 55.20 -125.00
N THR J 52 -119.14 54.03 -125.16
CA THR J 52 -118.50 52.75 -124.89
C THR J 52 -118.55 51.87 -126.13
N SER J 53 -117.84 50.75 -126.07
CA SER J 53 -117.86 49.81 -127.19
C SER J 53 -119.24 49.19 -127.34
N GLY J 54 -119.63 48.95 -128.58
CA GLY J 54 -120.98 48.53 -128.89
C GLY J 54 -121.92 49.66 -129.25
N ASN J 55 -121.40 50.86 -129.48
CA ASN J 55 -122.20 52.03 -129.86
C ASN J 55 -123.24 52.36 -128.79
N SER J 56 -122.78 52.50 -127.54
CA SER J 56 -123.63 52.87 -126.41
C SER J 56 -123.16 54.21 -125.88
N ILE J 57 -124.04 55.20 -125.92
CA ILE J 57 -123.73 56.56 -125.48
C ILE J 57 -124.65 56.92 -124.33
N ASN J 58 -124.06 57.36 -123.22
CA ASN J 58 -124.79 57.76 -122.02
C ASN J 58 -124.62 59.26 -121.83
N TYR J 59 -125.74 59.97 -121.69
CA TYR J 59 -125.74 61.42 -121.61
C TYR J 59 -126.00 61.87 -120.19
N ALA J 60 -125.50 63.06 -119.85
CA ALA J 60 -125.51 63.55 -118.48
C ALA J 60 -125.66 65.07 -118.52
N ASP J 61 -125.34 65.72 -117.39
CA ASP J 61 -125.52 67.16 -117.26
C ASP J 61 -124.58 67.96 -118.14
N SER J 62 -123.52 67.36 -118.67
CA SER J 62 -122.51 68.09 -119.44
C SER J 62 -122.65 67.85 -120.93
N VAL J 63 -123.89 67.77 -121.41
CA VAL J 63 -124.14 67.49 -122.83
C VAL J 63 -124.63 68.80 -123.44
N LYS J 64 -124.04 69.91 -123.00
CA LYS J 64 -124.37 71.20 -123.56
C LYS J 64 -123.98 71.26 -125.04
N GLY J 65 -124.65 72.16 -125.77
CA GLY J 65 -124.36 72.31 -127.18
C GLY J 65 -124.70 71.05 -127.96
N ARG J 66 -123.94 70.84 -129.03
CA ARG J 66 -124.11 69.64 -129.86
C ARG J 66 -122.74 68.96 -129.99
N PHE J 67 -122.54 67.96 -129.13
CA PHE J 67 -121.53 66.92 -129.34
C PHE J 67 -122.00 65.88 -130.34
N THR J 68 -121.12 65.52 -131.25
CA THR J 68 -121.20 64.24 -131.98
C THR J 68 -119.93 63.48 -131.62
N ILE J 69 -120.09 62.40 -130.86
CA ILE J 69 -118.96 61.66 -130.32
C ILE J 69 -119.06 60.21 -130.81
N SER J 70 -117.97 59.72 -131.40
CA SER J 70 -117.95 58.36 -131.95
C SER J 70 -116.58 57.75 -131.73
N ARG J 71 -116.56 56.48 -131.35
CA ARG J 71 -115.30 55.79 -131.05
C ARG J 71 -115.11 54.59 -131.97
N ASP J 72 -113.85 54.34 -132.31
CA ASP J 72 -113.43 53.18 -133.09
C ASP J 72 -112.47 52.36 -132.26
N ASN J 73 -112.75 51.05 -132.14
CA ASN J 73 -111.95 50.14 -131.36
C ASN J 73 -110.71 49.65 -132.09
N ALA J 74 -110.65 49.83 -133.41
CA ALA J 74 -109.51 49.34 -134.18
C ALA J 74 -108.21 50.03 -133.73
N LYS J 75 -108.28 51.33 -133.48
CA LYS J 75 -107.13 52.10 -133.03
C LYS J 75 -107.40 52.83 -131.71
N ASN J 76 -108.47 52.46 -131.00
CA ASN J 76 -108.82 53.04 -129.70
C ASN J 76 -108.91 54.57 -129.78
N THR J 77 -109.72 55.05 -130.73
CA THR J 77 -109.85 56.47 -130.99
C THR J 77 -111.27 56.93 -130.71
N VAL J 78 -111.38 58.17 -130.22
CA VAL J 78 -112.67 58.81 -129.95
C VAL J 78 -112.62 60.19 -130.60
N TYR J 79 -113.56 60.43 -131.52
CA TYR J 79 -113.70 61.73 -132.17
C TYR J 79 -114.91 62.43 -131.58
N LEU J 80 -114.68 63.61 -131.01
CA LEU J 80 -115.73 64.45 -130.43
C LEU J 80 -115.82 65.73 -131.24
N GLN J 81 -117.04 66.13 -131.59
CA GLN J 81 -117.25 67.32 -132.42
C GLN J 81 -118.32 68.20 -131.78
N MET J 82 -117.91 69.35 -131.28
CA MET J 82 -118.82 70.42 -130.88
C MET J 82 -119.08 71.35 -132.06
N ASN J 83 -120.34 71.41 -132.51
CA ASN J 83 -120.62 72.38 -133.57
C ASN J 83 -121.19 73.71 -133.08
N SER J 84 -121.85 73.73 -131.92
CA SER J 84 -122.26 74.99 -131.31
C SER J 84 -121.33 75.33 -130.15
N LEU J 85 -121.56 76.47 -129.51
CA LEU J 85 -120.75 76.88 -128.38
C LEU J 85 -121.53 77.81 -127.47
N LYS J 86 -121.18 77.79 -126.19
CA LYS J 86 -121.75 78.67 -125.18
C LYS J 86 -120.62 79.20 -124.31
N PRO J 87 -120.78 80.40 -123.73
CA PRO J 87 -119.71 80.97 -122.90
C PRO J 87 -119.36 80.13 -121.68
N GLU J 88 -120.28 79.29 -121.19
CA GLU J 88 -120.05 78.48 -120.01
C GLU J 88 -119.37 77.15 -120.31
N ASP J 89 -119.02 76.89 -121.56
CA ASP J 89 -118.42 75.62 -121.97
C ASP J 89 -116.90 75.62 -121.84
N THR J 90 -116.29 76.71 -121.39
CA THR J 90 -114.84 76.77 -121.26
C THR J 90 -114.38 75.94 -120.07
N ALA J 91 -113.53 74.94 -120.33
CA ALA J 91 -113.06 74.05 -119.29
C ALA J 91 -111.92 73.20 -119.84
N VAL J 92 -111.24 72.50 -118.94
CA VAL J 92 -110.23 71.51 -119.32
C VAL J 92 -110.95 70.17 -119.46
N TYR J 93 -111.04 69.67 -120.69
CA TYR J 93 -111.71 68.41 -120.97
C TYR J 93 -110.73 67.26 -120.89
N TYR J 94 -111.22 66.10 -120.44
CA TYR J 94 -110.41 64.93 -120.22
C TYR J 94 -111.10 63.70 -120.80
N CYS J 95 -110.28 62.74 -121.21
CA CYS J 95 -110.74 61.48 -121.79
C CYS J 95 -110.21 60.33 -120.96
N ASN J 96 -111.11 59.44 -120.52
CA ASN J 96 -110.78 58.36 -119.60
C ASN J 96 -111.29 57.03 -120.12
N ALA J 97 -110.39 56.03 -120.17
CA ALA J 97 -110.74 54.67 -120.57
C ALA J 97 -110.76 53.81 -119.31
N ASP J 98 -111.94 53.35 -118.92
CA ASP J 98 -112.12 52.54 -117.73
C ASP J 98 -112.66 51.17 -118.11
N ARG J 99 -112.23 50.15 -117.38
CA ARG J 99 -112.72 48.81 -117.64
C ARG J 99 -114.22 48.70 -117.36
N VAL J 100 -114.79 49.67 -116.66
CA VAL J 100 -116.24 49.73 -116.46
C VAL J 100 -116.91 49.82 -117.82
N PRO J 101 -117.79 48.88 -118.19
CA PRO J 101 -118.51 49.00 -119.47
C PRO J 101 -119.83 49.73 -119.30
N ASN J 102 -120.20 50.55 -120.29
CA ASN J 102 -121.49 51.25 -120.32
C ASN J 102 -121.88 51.81 -118.94
N GLY J 103 -120.86 52.20 -118.17
CA GLY J 103 -121.06 52.62 -116.79
C GLY J 103 -121.63 51.56 -115.87
N TYR J 104 -121.22 50.30 -116.02
CA TYR J 104 -121.66 49.23 -115.12
C TYR J 104 -120.49 48.48 -114.52
N ASN J 105 -120.50 48.32 -113.19
CA ASN J 105 -119.59 47.42 -112.48
C ASN J 105 -120.20 47.00 -111.14
N PRO J 106 -121.01 45.95 -111.13
CA PRO J 106 -121.59 45.43 -109.88
C PRO J 106 -120.61 44.49 -109.17
N TRP J 107 -119.42 44.98 -108.87
CA TRP J 107 -118.38 44.11 -108.33
C TRP J 107 -117.51 44.88 -107.35
N GLY J 108 -116.37 44.27 -107.02
CA GLY J 108 -115.51 44.81 -105.99
C GLY J 108 -114.96 46.17 -106.34
N THR J 109 -114.69 46.93 -105.28
CA THR J 109 -114.08 48.24 -105.45
C THR J 109 -112.76 48.18 -106.23
N PRO J 110 -111.88 47.19 -106.06
CA PRO J 110 -110.66 47.19 -106.89
C PRO J 110 -110.93 47.16 -108.38
N ASN J 111 -111.82 46.25 -108.83
CA ASN J 111 -112.18 46.21 -110.24
C ASN J 111 -112.82 47.52 -110.67
N ASP J 112 -113.72 48.07 -109.84
CA ASP J 112 -114.38 49.31 -110.25
C ASP J 112 -113.40 50.47 -110.37
N GLU J 113 -112.49 50.62 -109.41
CA GLU J 113 -111.57 51.76 -109.41
C GLU J 113 -110.40 51.56 -110.36
N TYR J 114 -110.13 50.33 -110.80
CA TYR J 114 -109.12 50.14 -111.84
C TYR J 114 -109.45 51.01 -113.05
N ASP J 115 -108.58 51.98 -113.32
CA ASP J 115 -108.91 53.02 -114.28
C ASP J 115 -107.63 53.63 -114.83
N TYR J 116 -107.79 54.40 -115.90
CA TYR J 116 -106.66 54.98 -116.62
C TYR J 116 -107.08 56.36 -117.13
N TRP J 117 -106.69 57.40 -116.40
CA TRP J 117 -106.89 58.77 -116.86
C TRP J 117 -105.83 59.11 -117.90
N GLY J 118 -105.91 60.32 -118.44
CA GLY J 118 -104.97 60.75 -119.46
C GLY J 118 -104.50 62.17 -119.30
N GLN J 119 -104.41 62.91 -120.40
CA GLN J 119 -103.87 64.27 -120.41
C GLN J 119 -104.95 65.32 -120.62
N GLY J 120 -105.82 65.15 -121.62
CA GLY J 120 -106.85 66.10 -121.89
C GLY J 120 -106.35 67.32 -122.64
N THR J 121 -107.25 68.28 -122.81
CA THR J 121 -106.91 69.53 -123.47
C THR J 121 -107.87 70.62 -123.02
N GLN J 122 -107.44 71.87 -123.19
CA GLN J 122 -108.23 73.02 -122.77
C GLN J 122 -109.13 73.49 -123.90
N VAL J 123 -110.41 73.64 -123.62
CA VAL J 123 -111.39 74.20 -124.55
C VAL J 123 -111.82 75.54 -124.02
N THR J 124 -111.69 76.58 -124.85
CA THR J 124 -111.98 77.96 -124.46
C THR J 124 -113.01 78.54 -125.41
N VAL J 125 -114.02 79.19 -124.85
CA VAL J 125 -115.08 79.85 -125.61
C VAL J 125 -115.02 81.34 -125.31
N SER J 126 -114.98 82.15 -126.36
CA SER J 126 -114.92 83.59 -126.20
C SER J 126 -116.32 84.18 -125.99
N GLN K 1 57.21 152.67 5.42
CA GLN K 1 57.91 152.93 6.66
C GLN K 1 58.62 154.29 6.63
N VAL K 2 58.43 155.08 7.68
CA VAL K 2 59.04 156.40 7.79
C VAL K 2 60.26 156.29 8.68
N GLN K 3 61.43 156.58 8.11
CA GLN K 3 62.70 156.54 8.84
C GLN K 3 63.23 157.96 8.96
N LEU K 4 63.51 158.40 10.17
CA LEU K 4 63.99 159.76 10.43
C LEU K 4 65.49 159.68 10.75
N GLN K 5 66.31 159.91 9.73
CA GLN K 5 67.75 160.01 9.93
C GLN K 5 68.09 161.31 10.65
N GLU K 6 68.86 161.21 11.71
CA GLU K 6 69.26 162.36 12.51
C GLU K 6 70.77 162.39 12.61
N SER K 7 71.37 163.49 12.16
CA SER K 7 72.82 163.63 12.18
C SER K 7 73.21 165.01 12.72
N GLY K 8 74.21 165.02 13.59
CA GLY K 8 74.72 166.26 14.15
C GLY K 8 74.96 166.13 15.63
N GLY K 9 75.05 167.27 16.30
CA GLY K 9 75.24 167.30 17.74
C GLY K 9 76.59 166.78 18.21
N GLY K 10 77.67 167.17 17.55
CA GLY K 10 78.98 166.74 17.98
C GLY K 10 79.39 167.36 19.29
N LEU K 11 80.43 166.77 19.90
CA LEU K 11 80.91 167.26 21.19
C LEU K 11 81.47 168.67 21.05
N MET K 12 81.24 169.48 22.09
CA MET K 12 81.69 170.86 22.09
C MET K 12 81.59 171.39 23.51
N GLN K 13 82.44 172.38 23.81
CA GLN K 13 82.42 173.02 25.13
C GLN K 13 81.19 173.92 25.26
N ALA K 14 81.02 174.48 26.46
CA ALA K 14 79.87 175.32 26.74
C ALA K 14 79.88 176.55 25.83
N GLY K 15 78.70 176.89 25.30
CA GLY K 15 78.55 178.01 24.41
C GLY K 15 78.82 177.72 22.94
N GLY K 16 79.13 176.46 22.59
CA GLY K 16 79.38 176.13 21.21
C GLY K 16 78.12 176.03 20.38
N SER K 17 78.31 176.05 19.07
CA SER K 17 77.20 175.97 18.11
C SER K 17 77.09 174.54 17.59
N LEU K 18 75.90 173.95 17.75
CA LEU K 18 75.63 172.60 17.31
C LEU K 18 74.44 172.60 16.36
N ARG K 19 74.61 172.01 15.19
CA ARG K 19 73.57 171.90 14.18
C ARG K 19 73.19 170.44 14.00
N LEU K 20 71.89 170.16 13.98
CA LEU K 20 71.36 168.82 13.83
C LEU K 20 70.33 168.81 12.71
N SER K 21 70.38 167.77 11.88
CA SER K 21 69.51 167.62 10.73
C SER K 21 68.72 166.33 10.87
N CYS K 22 67.39 166.45 10.79
CA CYS K 22 66.46 165.32 10.89
C CYS K 22 65.67 165.24 9.60
N THR K 23 65.87 164.17 8.82
CA THR K 23 65.20 163.97 7.56
C THR K 23 64.30 162.75 7.64
N ALA K 24 63.02 162.93 7.31
CA ALA K 24 62.02 161.86 7.41
C ALA K 24 61.76 161.31 6.00
N SER K 25 62.42 160.20 5.69
CA SER K 25 62.25 159.53 4.40
C SER K 25 61.16 158.47 4.52
N GLY K 26 60.19 158.52 3.62
CA GLY K 26 59.11 157.56 3.64
C GLY K 26 57.92 158.08 2.84
N SER K 27 56.75 157.52 3.13
CA SER K 27 55.53 157.95 2.48
C SER K 27 55.21 159.39 2.86
N ILE K 28 54.77 160.18 1.87
CA ILE K 28 54.51 161.59 2.10
C ILE K 28 53.26 161.81 2.95
N PHE K 29 52.39 160.82 3.04
CA PHE K 29 51.18 160.96 3.85
C PHE K 29 51.51 160.92 5.33
N SER K 30 50.76 161.71 6.11
CA SER K 30 50.90 161.76 7.56
C SER K 30 52.31 162.16 7.99
N ILE K 31 52.91 163.08 7.24
CA ILE K 31 54.21 163.64 7.58
C ILE K 31 53.95 164.98 8.26
N ASN K 32 54.07 165.01 9.59
CA ASN K 32 53.76 166.20 10.36
C ASN K 32 54.35 166.06 11.74
N SER K 33 54.50 167.21 12.42
CA SER K 33 54.94 167.28 13.81
C SER K 33 56.22 166.48 14.05
N MET K 34 57.25 166.79 13.26
CA MET K 34 58.56 166.16 13.44
C MET K 34 59.20 166.76 14.68
N GLY K 35 58.77 166.27 15.85
CA GLY K 35 59.22 166.77 17.11
C GLY K 35 60.48 166.07 17.61
N TRP K 36 60.89 166.44 18.81
CA TRP K 36 62.19 166.05 19.34
C TRP K 36 62.07 165.61 20.80
N TYR K 37 62.91 164.65 21.16
CA TYR K 37 63.02 164.21 22.56
C TYR K 37 64.50 164.00 22.88
N ARG K 38 64.78 163.77 24.16
CA ARG K 38 66.13 163.39 24.55
C ARG K 38 66.07 162.45 25.75
N GLN K 39 66.95 161.45 25.74
CA GLN K 39 67.08 160.48 26.83
C GLN K 39 68.48 160.68 27.41
N ALA K 40 68.54 161.17 28.66
CA ALA K 40 69.84 161.40 29.29
C ALA K 40 70.40 160.10 29.86
N PRO K 41 71.72 159.91 29.86
CA PRO K 41 72.29 158.64 30.31
C PRO K 41 71.84 158.25 31.71
N GLY K 42 70.98 157.24 31.79
CA GLY K 42 70.45 156.78 33.06
C GLY K 42 69.36 157.65 33.67
N LYS K 43 68.71 158.49 32.88
CA LYS K 43 67.73 159.43 33.42
C LYS K 43 66.39 159.37 32.67
N GLN K 44 65.54 160.37 32.90
CA GLN K 44 64.22 160.43 32.29
C GLN K 44 64.29 161.04 30.88
N ARG K 45 63.41 160.58 30.01
CA ARG K 45 63.30 161.11 28.66
C ARG K 45 62.38 162.32 28.64
N GLU K 46 62.84 163.42 28.03
CA GLU K 46 62.15 164.69 28.08
C GLU K 46 61.89 165.22 26.67
N LEU K 47 60.79 165.96 26.53
CA LEU K 47 60.31 166.45 25.24
C LEU K 47 60.93 167.80 24.91
N VAL K 48 61.74 167.85 23.86
CA VAL K 48 62.32 169.09 23.35
C VAL K 48 61.22 169.83 22.61
N ALA K 49 61.46 171.09 22.25
CA ALA K 49 60.49 171.86 21.49
C ALA K 49 60.09 171.13 20.21
N THR K 50 58.79 170.98 20.01
CA THR K 50 58.23 170.21 18.90
C THR K 50 57.70 171.18 17.84
N ILE K 51 58.18 171.04 16.61
CA ILE K 51 57.77 171.89 15.51
C ILE K 51 56.95 171.06 14.53
N THR K 52 55.84 171.63 14.07
CA THR K 52 54.91 170.96 13.17
C THR K 52 54.72 171.80 11.91
N SER K 53 54.04 171.22 10.93
CA SER K 53 53.76 171.94 9.70
C SER K 53 52.81 173.10 9.96
N GLY K 54 53.04 174.20 9.25
CA GLY K 54 52.33 175.43 9.52
C GLY K 54 53.05 176.38 10.44
N ASN K 55 54.33 176.13 10.71
CA ASN K 55 55.16 176.98 11.57
C ASN K 55 54.56 177.11 12.97
N SER K 56 54.30 175.96 13.59
CA SER K 56 53.79 175.88 14.96
C SER K 56 54.82 175.18 15.82
N ILE K 57 55.33 175.88 16.84
CA ILE K 57 56.35 175.36 17.73
C ILE K 57 55.79 175.34 19.14
N ASN K 58 55.87 174.17 19.78
CA ASN K 58 55.40 173.96 21.14
C ASN K 58 56.60 173.71 22.05
N TYR K 59 56.71 174.49 23.13
CA TYR K 59 57.85 174.43 24.01
C TYR K 59 57.49 173.72 25.30
N ALA K 60 58.50 173.13 25.94
CA ALA K 60 58.29 172.26 27.09
C ALA K 60 59.49 172.39 28.03
N ASP K 61 59.64 171.42 28.94
CA ASP K 61 60.69 171.47 29.95
C ASP K 61 62.09 171.32 29.37
N SER K 62 62.21 170.84 28.14
CA SER K 62 63.52 170.55 27.55
C SER K 62 63.94 171.62 26.54
N VAL K 63 63.63 172.88 26.84
CA VAL K 63 63.94 173.98 25.92
C VAL K 63 65.11 174.75 26.55
N LYS K 64 66.03 174.01 27.16
CA LYS K 64 67.21 174.64 27.73
C LYS K 64 68.07 175.27 26.63
N GLY K 65 68.87 176.26 27.04
CA GLY K 65 69.73 176.94 26.09
C GLY K 65 68.92 177.69 25.05
N ARG K 66 69.49 177.81 23.86
CA ARG K 66 68.83 178.45 22.74
C ARG K 66 68.83 177.50 21.55
N PHE K 67 67.71 176.78 21.40
CA PHE K 67 67.34 176.14 20.14
C PHE K 67 66.75 177.15 19.17
N THR K 68 67.18 177.05 17.91
CA THR K 68 66.45 177.57 16.77
C THR K 68 66.12 176.38 15.89
N ILE K 69 64.85 176.01 15.82
CA ILE K 69 64.42 174.79 15.14
C ILE K 69 63.42 175.18 14.06
N SER K 70 63.68 174.73 12.84
CA SER K 70 62.83 175.06 11.69
C SER K 70 62.73 173.87 10.76
N ARG K 71 61.53 173.59 10.25
CA ARG K 71 61.31 172.44 9.40
C ARG K 71 60.80 172.89 8.02
N ASP K 72 61.22 172.14 7.01
CA ASP K 72 60.78 172.31 5.63
C ASP K 72 60.09 171.03 5.17
N ASN K 73 58.87 171.19 4.64
CA ASN K 73 58.07 170.06 4.19
C ASN K 73 58.45 169.58 2.79
N ALA K 74 59.20 170.38 2.04
CA ALA K 74 59.57 169.99 0.68
C ALA K 74 60.42 168.72 0.68
N LYS K 75 61.34 168.60 1.63
CA LYS K 75 62.20 167.43 1.76
C LYS K 75 62.10 166.80 3.14
N ASN K 76 61.09 167.16 3.93
CA ASN K 76 60.86 166.60 5.27
C ASN K 76 62.11 166.72 6.14
N THR K 77 62.61 167.95 6.24
CA THR K 77 63.85 168.21 6.98
C THR K 77 63.58 169.13 8.16
N VAL K 78 64.33 168.90 9.24
CA VAL K 78 64.27 169.72 10.45
C VAL K 78 65.69 170.10 10.82
N TYR K 79 65.95 171.40 10.87
CA TYR K 79 67.25 171.93 11.28
C TYR K 79 67.11 172.48 12.70
N LEU K 80 67.90 171.94 13.62
CA LEU K 80 67.94 172.38 15.00
C LEU K 80 69.32 172.97 15.29
N GLN K 81 69.35 174.13 15.93
CA GLN K 81 70.61 174.81 16.21
C GLN K 81 70.65 175.24 17.67
N MET K 82 71.52 174.59 18.45
CA MET K 82 71.88 175.04 19.78
C MET K 82 73.06 176.00 19.72
N ASN K 83 72.84 177.25 20.13
CA ASN K 83 74.00 178.15 20.17
C ASN K 83 74.65 178.27 21.54
N SER K 84 73.93 178.03 22.62
CA SER K 84 74.52 177.97 23.96
C SER K 84 74.64 176.50 24.39
N LEU K 85 75.19 176.28 25.57
CA LEU K 85 75.33 174.92 26.09
C LEU K 85 75.40 174.95 27.61
N LYS K 86 74.94 173.86 28.22
CA LYS K 86 74.99 173.64 29.66
C LYS K 86 75.46 172.22 29.92
N PRO K 87 76.12 171.97 31.06
CA PRO K 87 76.60 170.62 31.35
C PRO K 87 75.51 169.57 31.45
N GLU K 88 74.28 169.96 31.75
CA GLU K 88 73.17 169.03 31.91
C GLU K 88 72.47 168.70 30.60
N ASP K 89 72.94 169.24 29.47
CA ASP K 89 72.32 169.03 28.18
C ASP K 89 72.81 167.79 27.45
N THR K 90 73.73 167.03 28.06
CA THR K 90 74.26 165.83 27.41
C THR K 90 73.21 164.72 27.44
N ALA K 91 72.83 164.24 26.26
CA ALA K 91 71.81 163.19 26.15
C ALA K 91 71.78 162.67 24.72
N VAL K 92 71.07 161.58 24.52
CA VAL K 92 70.80 161.05 23.19
C VAL K 92 69.51 161.69 22.69
N TYR K 93 69.61 162.54 21.69
CA TYR K 93 68.46 163.25 21.13
C TYR K 93 67.85 162.43 20.01
N TYR K 94 66.52 162.53 19.89
CA TYR K 94 65.76 161.76 18.91
C TYR K 94 64.77 162.67 18.20
N CYS K 95 64.45 162.29 16.96
CA CYS K 95 63.52 163.02 16.11
C CYS K 95 62.41 162.08 15.69
N ASN K 96 61.17 162.49 15.92
CA ASN K 96 59.99 161.64 15.70
C ASN K 96 58.95 162.37 14.87
N ALA K 97 58.49 161.72 13.80
CA ALA K 97 57.43 162.23 12.95
C ALA K 97 56.16 161.45 13.25
N ASP K 98 55.17 162.10 13.84
CA ASP K 98 53.92 161.48 14.21
C ASP K 98 52.77 162.15 13.47
N ARG K 99 51.76 161.34 13.11
CA ARG K 99 50.60 161.89 12.42
C ARG K 99 49.84 162.86 13.31
N VAL K 100 50.12 162.84 14.62
CA VAL K 100 49.53 163.83 15.54
C VAL K 100 49.96 165.22 15.09
N PRO K 101 49.04 166.14 14.76
CA PRO K 101 49.44 167.50 14.41
C PRO K 101 49.47 168.42 15.63
N ASN K 102 50.43 169.34 15.68
CA ASN K 102 50.56 170.34 16.74
C ASN K 102 50.25 169.75 18.11
N GLY K 103 50.61 168.49 18.31
CA GLY K 103 50.26 167.76 19.52
C GLY K 103 48.78 167.60 19.78
N TYR K 104 47.96 167.38 18.74
CA TYR K 104 46.53 167.15 18.92
C TYR K 104 46.08 165.85 18.24
N ASN K 105 45.35 165.03 19.00
CA ASN K 105 44.64 163.86 18.45
C ASN K 105 43.49 163.48 19.36
N PRO K 106 42.32 164.10 19.19
CA PRO K 106 41.13 163.74 19.97
C PRO K 106 40.40 162.55 19.36
N TRP K 107 41.11 161.43 19.21
CA TRP K 107 40.54 160.29 18.51
C TRP K 107 41.06 158.99 19.10
N GLY K 108 40.84 157.90 18.36
CA GLY K 108 41.14 156.58 18.88
C GLY K 108 42.61 156.38 19.16
N THR K 109 42.86 155.50 20.12
CA THR K 109 44.23 155.13 20.45
C THR K 109 45.01 154.62 19.25
N PRO K 110 44.45 153.83 18.31
CA PRO K 110 45.27 153.43 17.15
C PRO K 110 45.80 154.60 16.34
N ASN K 111 44.94 155.56 16.01
CA ASN K 111 45.41 156.74 15.28
C ASN K 111 46.43 157.51 16.10
N ASP K 112 46.17 157.67 17.41
CA ASP K 112 47.12 158.45 18.22
C ASP K 112 48.48 157.76 18.30
N GLU K 113 48.51 156.44 18.52
CA GLU K 113 49.78 155.74 18.69
C GLU K 113 50.48 155.44 17.37
N TYR K 114 49.77 155.52 16.24
CA TYR K 114 50.45 155.41 14.96
C TYR K 114 51.57 156.43 14.86
N ASP K 115 52.80 155.93 14.80
CA ASP K 115 53.96 156.80 14.98
C ASP K 115 55.17 156.17 14.32
N TYR K 116 56.23 156.98 14.17
CA TYR K 116 57.44 156.57 13.46
C TYR K 116 58.63 157.22 14.15
N TRP K 117 59.29 156.45 15.03
CA TRP K 117 60.54 156.90 15.62
C TRP K 117 61.68 156.75 14.62
N GLY K 118 62.88 157.16 15.02
CA GLY K 118 64.03 157.10 14.14
C GLY K 118 65.30 156.62 14.81
N GLN K 119 66.41 157.26 14.49
CA GLN K 119 67.72 156.86 15.00
C GLN K 119 68.28 157.82 16.04
N GLY K 120 68.26 159.12 15.77
CA GLY K 120 68.79 160.10 16.69
C GLY K 120 70.30 160.19 16.66
N THR K 121 70.82 160.99 17.58
CA THR K 121 72.26 161.16 17.70
C THR K 121 72.59 161.60 19.12
N GLN K 122 73.85 161.38 19.51
CA GLN K 122 74.30 161.71 20.85
C GLN K 122 74.86 163.13 20.88
N VAL K 123 74.38 163.94 21.83
CA VAL K 123 74.88 165.28 22.06
C VAL K 123 75.60 165.27 23.40
N THR K 124 76.85 165.71 23.41
CA THR K 124 77.70 165.68 24.59
C THR K 124 78.23 167.08 24.87
N VAL K 125 78.12 167.49 26.13
CA VAL K 125 78.61 168.79 26.58
C VAL K 125 79.71 168.56 27.61
N SER K 126 80.86 169.19 27.40
CA SER K 126 81.99 169.05 28.30
C SER K 126 81.86 169.99 29.50
N GLN L 1 143.21 -47.33 61.89
CA GLN L 1 143.13 -48.67 62.45
C GLN L 1 144.52 -49.17 62.84
N VAL L 2 144.63 -49.70 64.06
CA VAL L 2 145.88 -50.25 64.58
C VAL L 2 145.85 -51.76 64.44
N GLN L 3 146.77 -52.30 63.64
CA GLN L 3 146.89 -53.73 63.42
C GLN L 3 148.20 -54.21 64.04
N LEU L 4 148.11 -55.21 64.91
CA LEU L 4 149.28 -55.74 65.60
C LEU L 4 149.64 -57.10 64.98
N GLN L 5 150.59 -57.07 64.05
CA GLN L 5 151.11 -58.30 63.48
C GLN L 5 151.97 -59.02 64.51
N GLU L 6 151.71 -60.30 64.71
CA GLU L 6 152.45 -61.10 65.68
C GLU L 6 152.98 -62.33 64.97
N SER L 7 154.30 -62.52 65.01
CA SER L 7 154.95 -63.64 64.36
C SER L 7 155.97 -64.28 65.28
N GLY L 8 155.97 -65.61 65.33
CA GLY L 8 156.93 -66.36 66.12
C GLY L 8 156.24 -67.48 66.85
N GLY L 9 156.91 -67.97 67.89
CA GLY L 9 156.37 -69.04 68.71
C GLY L 9 156.24 -70.38 68.01
N GLY L 10 157.25 -70.79 67.25
CA GLY L 10 157.20 -72.07 66.59
C GLY L 10 157.27 -73.23 67.56
N LEU L 11 156.90 -74.41 67.06
CA LEU L 11 156.91 -75.60 67.89
C LEU L 11 158.33 -75.95 68.34
N MET L 12 158.45 -76.43 69.58
CA MET L 12 159.74 -76.77 70.15
C MET L 12 159.51 -77.61 71.41
N GLN L 13 160.49 -78.44 71.73
CA GLN L 13 160.42 -79.27 72.92
C GLN L 13 160.63 -78.41 74.17
N ALA L 14 160.49 -79.04 75.33
CA ALA L 14 160.65 -78.33 76.60
C ALA L 14 162.05 -77.76 76.73
N GLY L 15 162.12 -76.51 77.21
CA GLY L 15 163.38 -75.82 77.37
C GLY L 15 163.89 -75.09 76.14
N GLY L 16 163.13 -75.10 75.05
CA GLY L 16 163.56 -74.43 73.85
C GLY L 16 163.39 -72.92 73.92
N SER L 17 164.05 -72.23 73.01
CA SER L 17 164.01 -70.77 72.94
C SER L 17 163.03 -70.35 71.84
N LEU L 18 162.04 -69.54 72.22
CA LEU L 18 161.02 -69.05 71.30
C LEU L 18 161.01 -67.54 71.33
N ARG L 19 161.11 -66.91 70.16
CA ARG L 19 161.08 -65.47 70.00
C ARG L 19 159.83 -65.07 69.23
N LEU L 20 159.13 -64.05 69.74
CA LEU L 20 157.90 -63.55 69.15
C LEU L 20 158.01 -62.05 68.98
N SER L 21 157.55 -61.56 67.83
CA SER L 21 157.62 -60.15 67.47
C SER L 21 156.21 -59.63 67.22
N CYS L 22 155.84 -58.57 67.94
CA CYS L 22 154.55 -57.92 67.82
C CYS L 22 154.75 -56.48 67.37
N THR L 23 154.29 -56.15 66.17
CA THR L 23 154.44 -54.81 65.61
C THR L 23 153.07 -54.18 65.42
N ALA L 24 152.89 -52.98 65.98
CA ALA L 24 151.61 -52.27 65.94
C ALA L 24 151.68 -51.19 64.88
N SER L 25 151.17 -51.50 63.69
CA SER L 25 151.13 -50.54 62.59
C SER L 25 149.81 -49.78 62.61
N GLY L 26 149.89 -48.46 62.59
CA GLY L 26 148.69 -47.64 62.61
C GLY L 26 149.04 -46.21 63.02
N SER L 27 148.01 -45.51 63.49
CA SER L 27 148.19 -44.15 63.97
C SER L 27 149.09 -44.14 65.21
N ILE L 28 150.01 -43.17 65.26
CA ILE L 28 150.96 -43.12 66.36
C ILE L 28 150.30 -42.70 67.67
N PHE L 29 149.12 -42.08 67.61
CA PHE L 29 148.44 -41.67 68.82
C PHE L 29 147.87 -42.88 69.56
N SER L 30 147.89 -42.79 70.89
CA SER L 30 147.33 -43.83 71.77
C SER L 30 147.99 -45.18 71.54
N ILE L 31 149.30 -45.17 71.28
CA ILE L 31 150.09 -46.38 71.15
C ILE L 31 150.78 -46.61 72.48
N ASN L 32 150.25 -47.55 73.27
CA ASN L 32 150.77 -47.80 74.60
C ASN L 32 150.26 -49.15 75.09
N SER L 33 150.96 -49.69 76.09
CA SER L 33 150.56 -50.91 76.79
C SER L 33 150.28 -52.05 75.80
N MET L 34 151.26 -52.34 74.96
CA MET L 34 151.15 -53.46 74.02
C MET L 34 151.34 -54.75 74.81
N GLY L 35 150.25 -55.16 75.49
CA GLY L 35 150.27 -56.33 76.34
C GLY L 35 149.94 -57.61 75.59
N TRP L 36 149.86 -58.69 76.35
CA TRP L 36 149.79 -60.03 75.78
C TRP L 36 148.76 -60.87 76.50
N TYR L 37 148.11 -61.75 75.75
CA TYR L 37 147.17 -62.73 76.30
C TYR L 37 147.41 -64.07 75.61
N ARG L 38 146.76 -65.11 76.13
CA ARG L 38 146.78 -66.40 75.46
C ARG L 38 145.46 -67.12 75.70
N GLN L 39 144.96 -67.78 74.66
CA GLN L 39 143.75 -68.59 74.72
C GLN L 39 144.17 -70.03 74.47
N ALA L 40 144.04 -70.88 75.50
CA ALA L 40 144.42 -72.28 75.36
C ALA L 40 143.32 -73.08 74.67
N PRO L 41 143.67 -74.10 73.88
CA PRO L 41 142.63 -74.82 73.12
C PRO L 41 141.52 -75.37 74.01
N GLY L 42 140.34 -74.76 73.93
CA GLY L 42 139.21 -75.17 74.74
C GLY L 42 139.25 -74.73 76.19
N LYS L 43 140.05 -73.71 76.53
CA LYS L 43 140.20 -73.30 77.91
C LYS L 43 139.99 -71.79 78.11
N GLN L 44 140.39 -71.28 79.27
CA GLN L 44 140.22 -69.87 79.61
C GLN L 44 141.37 -69.03 79.04
N ARG L 45 141.05 -67.80 78.69
CA ARG L 45 142.05 -66.84 78.20
C ARG L 45 142.70 -66.13 79.37
N GLU L 46 144.03 -66.08 79.37
CA GLU L 46 144.79 -65.58 80.50
C GLU L 46 145.75 -64.48 80.05
N LEU L 47 146.01 -63.55 80.98
CA LEU L 47 146.81 -62.35 80.68
C LEU L 47 148.29 -62.62 80.95
N VAL L 48 149.09 -62.57 79.89
CA VAL L 48 150.54 -62.68 80.00
C VAL L 48 151.07 -61.35 80.52
N ALA L 49 152.35 -61.31 80.90
CA ALA L 49 152.95 -60.07 81.37
C ALA L 49 152.77 -58.96 80.36
N THR L 50 152.26 -57.82 80.82
CA THR L 50 151.92 -56.69 79.97
C THR L 50 152.97 -55.60 80.14
N ILE L 51 153.59 -55.19 79.03
CA ILE L 51 154.62 -54.17 79.05
C ILE L 51 154.08 -52.91 78.38
N THR L 52 154.33 -51.75 79.00
CA THR L 52 153.84 -50.47 78.53
C THR L 52 155.01 -49.53 78.33
N SER L 53 154.72 -48.37 77.72
CA SER L 53 155.75 -47.37 77.51
C SER L 53 156.23 -46.81 78.84
N GLY L 54 157.52 -46.52 78.92
CA GLY L 54 158.14 -46.14 80.17
C GLY L 54 158.79 -47.29 80.91
N ASN L 55 158.93 -48.45 80.28
CA ASN L 55 159.55 -49.63 80.88
C ASN L 55 158.80 -50.06 82.14
N SER L 56 157.50 -50.26 82.00
CA SER L 56 156.64 -50.74 83.08
C SER L 56 156.07 -52.09 82.68
N ILE L 57 156.38 -53.12 83.47
CA ILE L 57 155.94 -54.49 83.19
C ILE L 57 155.07 -54.95 84.36
N ASN L 58 153.88 -55.44 84.04
CA ASN L 58 152.93 -55.94 85.02
C ASN L 58 152.77 -57.44 84.82
N TYR L 59 152.96 -58.21 85.89
CA TYR L 59 152.95 -59.66 85.82
C TYR L 59 151.66 -60.20 86.40
N ALA L 60 151.27 -61.39 85.94
CA ALA L 60 149.97 -61.97 86.27
C ALA L 60 150.11 -63.49 86.30
N ASP L 61 148.97 -64.19 86.24
CA ASP L 61 148.96 -65.64 86.37
C ASP L 61 149.60 -66.34 85.18
N SER L 62 149.81 -65.66 84.07
CA SER L 62 150.32 -66.28 82.84
C SER L 62 151.79 -65.96 82.62
N VAL L 63 152.58 -65.91 83.69
CA VAL L 63 153.99 -65.56 83.59
C VAL L 63 154.77 -66.86 83.83
N LYS L 64 154.24 -67.96 83.30
CA LYS L 64 154.94 -69.23 83.40
C LYS L 64 156.26 -69.19 82.64
N GLY L 65 157.19 -70.06 83.04
CA GLY L 65 158.47 -70.12 82.40
C GLY L 65 159.25 -68.83 82.60
N ARG L 66 160.09 -68.51 81.62
CA ARG L 66 160.87 -67.27 81.64
C ARG L 66 160.62 -66.52 80.32
N PHE L 67 159.68 -65.57 80.41
CA PHE L 67 159.57 -64.48 79.45
C PHE L 67 160.62 -63.41 79.71
N THR L 68 161.25 -62.93 78.65
CA THR L 68 161.91 -61.64 78.62
C THR L 68 161.20 -60.83 77.53
N ILE L 69 160.46 -59.80 77.95
CA ILE L 69 159.62 -59.04 77.03
C ILE L 69 160.04 -57.58 77.10
N SER L 70 160.31 -57.00 75.93
CA SER L 70 160.78 -55.61 75.85
C SER L 70 160.18 -54.94 74.63
N ARG L 71 159.74 -53.70 74.78
CA ARG L 71 159.10 -52.98 73.69
C ARG L 71 159.88 -51.71 73.35
N ASP L 72 159.88 -51.39 72.06
CA ASP L 72 160.46 -50.17 71.52
C ASP L 72 159.37 -49.34 70.86
N ASN L 73 159.28 -48.07 71.24
CA ASN L 73 158.26 -47.16 70.72
C ASN L 73 158.63 -46.57 69.37
N ALA L 74 159.90 -46.67 68.96
CA ALA L 74 160.31 -46.08 67.69
C ALA L 74 159.59 -46.73 66.52
N LYS L 75 159.43 -48.05 66.57
CA LYS L 75 158.72 -48.79 65.53
C LYS L 75 157.56 -49.60 66.08
N ASN L 76 157.14 -49.33 67.32
CA ASN L 76 156.00 -50.01 67.94
C ASN L 76 156.17 -51.53 67.91
N THR L 77 157.31 -51.99 68.43
CA THR L 77 157.67 -53.40 68.40
C THR L 77 157.78 -53.95 69.81
N VAL L 78 157.40 -55.21 69.98
CA VAL L 78 157.50 -55.93 71.23
C VAL L 78 158.18 -57.26 70.96
N TYR L 79 159.32 -57.50 71.60
CA TYR L 79 160.05 -58.75 71.50
C TYR L 79 159.82 -59.55 72.77
N LEU L 80 159.27 -60.75 72.62
CA LEU L 80 159.02 -61.66 73.73
C LEU L 80 159.88 -62.91 73.53
N GLN L 81 160.56 -63.34 74.58
CA GLN L 81 161.46 -64.49 74.50
C GLN L 81 161.17 -65.45 75.65
N MET L 82 160.62 -66.62 75.30
CA MET L 82 160.53 -67.74 76.22
C MET L 82 161.77 -68.61 76.12
N ASN L 83 162.54 -68.70 77.21
CA ASN L 83 163.68 -69.62 77.14
C ASN L 83 163.42 -71.00 77.75
N SER L 84 162.47 -71.12 78.66
CA SER L 84 162.04 -72.43 79.15
C SER L 84 160.70 -72.80 78.53
N LEU L 85 160.19 -73.99 78.85
CA LEU L 85 158.91 -74.43 78.32
C LEU L 85 158.28 -75.46 79.26
N LYS L 86 156.95 -75.49 79.25
CA LYS L 86 156.16 -76.45 80.00
C LYS L 86 155.06 -76.99 79.10
N PRO L 87 154.60 -78.21 79.33
CA PRO L 87 153.54 -78.78 78.47
C PRO L 87 152.24 -78.01 78.50
N GLU L 88 151.97 -77.24 79.55
CA GLU L 88 150.73 -76.50 79.68
C GLU L 88 150.78 -75.13 79.03
N ASP L 89 151.89 -74.77 78.40
CA ASP L 89 152.06 -73.45 77.78
C ASP L 89 151.55 -73.38 76.35
N THR L 90 151.01 -74.47 75.82
CA THR L 90 150.51 -74.47 74.45
C THR L 90 149.21 -73.69 74.36
N ALA L 91 149.19 -72.64 73.54
CA ALA L 91 148.02 -71.78 73.40
C ALA L 91 148.22 -70.86 72.21
N VAL L 92 147.14 -70.17 71.83
CA VAL L 92 147.21 -69.13 70.83
C VAL L 92 147.46 -67.81 71.56
N TYR L 93 148.65 -67.24 71.36
CA TYR L 93 149.04 -66.01 72.02
C TYR L 93 148.65 -64.81 71.16
N TYR L 94 148.29 -63.72 71.83
CA TYR L 94 147.81 -62.51 71.16
C TYR L 94 148.50 -61.29 71.76
N CYS L 95 148.64 -60.26 70.93
CA CYS L 95 149.26 -58.99 71.30
C CYS L 95 148.26 -57.87 71.07
N ASN L 96 148.03 -57.06 72.10
CA ASN L 96 147.01 -56.02 72.09
C ASN L 96 147.58 -54.69 72.52
N ALA L 97 147.35 -53.65 71.72
CA ALA L 97 147.75 -52.28 72.04
C ALA L 97 146.50 -51.50 72.41
N ASP L 98 146.41 -51.12 73.69
CA ASP L 98 145.28 -50.39 74.21
C ASP L 98 145.72 -49.03 74.72
N ARG L 99 144.85 -48.04 74.56
CA ARG L 99 145.17 -46.70 75.06
C ARG L 99 145.28 -46.69 76.57
N VAL L 100 144.79 -47.73 77.24
CA VAL L 100 144.98 -47.86 78.69
C VAL L 100 146.47 -47.91 78.99
N PRO L 101 147.01 -46.98 79.79
CA PRO L 101 148.45 -47.06 80.15
C PRO L 101 148.65 -47.86 81.43
N ASN L 102 149.74 -48.64 81.49
CA ASN L 102 150.13 -49.40 82.68
C ASN L 102 148.93 -50.06 83.36
N GLY L 103 147.94 -50.45 82.57
CA GLY L 103 146.68 -50.95 83.08
C GLY L 103 145.89 -49.98 83.93
N TYR L 104 145.87 -48.70 83.57
CA TYR L 104 145.07 -47.71 84.29
C TYR L 104 144.14 -46.93 83.36
N ASN L 105 142.86 -46.86 83.72
CA ASN L 105 141.89 -45.96 83.08
C ASN L 105 140.75 -45.66 84.03
N PRO L 106 140.90 -44.65 84.89
CA PRO L 106 139.82 -44.23 85.79
C PRO L 106 138.84 -43.29 85.10
N TRP L 107 138.26 -43.74 83.98
CA TRP L 107 137.44 -42.86 83.18
C TRP L 107 136.30 -43.64 82.54
N GLY L 108 135.65 -43.00 81.56
CA GLY L 108 134.46 -43.56 80.96
C GLY L 108 134.73 -44.88 80.26
N THR L 109 133.66 -45.68 80.21
CA THR L 109 133.73 -46.95 79.50
C THR L 109 134.13 -46.78 78.04
N PRO L 110 133.70 -45.75 77.28
CA PRO L 110 134.19 -45.65 75.90
C PRO L 110 135.70 -45.54 75.78
N ASN L 111 136.32 -44.65 76.59
CA ASN L 111 137.77 -44.55 76.57
C ASN L 111 138.42 -45.85 77.00
N ASP L 112 137.87 -46.50 78.04
CA ASP L 112 138.49 -47.74 78.52
C ASP L 112 138.41 -48.83 77.45
N GLU L 113 137.25 -49.00 76.82
CA GLU L 113 137.06 -50.09 75.86
C GLU L 113 137.67 -49.78 74.50
N TYR L 114 137.98 -48.52 74.20
CA TYR L 114 138.71 -48.21 72.98
C TYR L 114 139.99 -49.03 72.92
N ASP L 115 140.08 -49.93 71.96
CA ASP L 115 141.13 -50.93 71.97
C ASP L 115 141.36 -51.44 70.56
N TYR L 116 142.49 -52.15 70.39
CA TYR L 116 142.91 -52.64 69.08
C TYR L 116 143.57 -54.00 69.27
N TRP L 117 142.81 -55.07 69.03
CA TRP L 117 143.37 -56.41 69.01
C TRP L 117 144.12 -56.64 67.70
N GLY L 118 144.72 -57.82 67.56
CA GLY L 118 145.49 -58.14 66.37
C GLY L 118 145.27 -59.55 65.86
N GLN L 119 146.35 -60.20 65.45
CA GLN L 119 146.28 -61.53 64.85
C GLN L 119 146.81 -62.62 65.77
N GLY L 120 147.99 -62.43 66.37
CA GLY L 120 148.56 -63.42 67.24
C GLY L 120 149.21 -64.57 66.49
N THR L 121 149.65 -65.55 67.25
CA THR L 121 150.27 -66.74 66.68
C THR L 121 150.12 -67.90 67.66
N GLN L 122 150.24 -69.11 67.12
CA GLN L 122 150.08 -70.32 67.92
C GLN L 122 151.43 -70.77 68.46
N VAL L 123 151.50 -71.00 69.77
CA VAL L 123 152.68 -71.53 70.44
C VAL L 123 152.34 -72.94 70.91
N THR L 124 153.16 -73.91 70.50
CA THR L 124 152.92 -75.31 70.80
C THR L 124 154.13 -75.90 71.51
N VAL L 125 153.87 -76.62 72.60
CA VAL L 125 154.92 -77.28 73.38
C VAL L 125 154.68 -78.78 73.32
N SER L 126 155.71 -79.53 72.95
CA SER L 126 155.61 -80.98 72.84
C SER L 126 155.81 -81.64 74.21
ZN ZN M . -34.95 -8.39 16.40
PG ATP N . -51.00 -5.36 24.52
O1G ATP N . -50.72 -6.83 24.52
O2G ATP N . -52.15 -4.96 23.60
O3G ATP N . -51.24 -4.79 25.93
PB ATP N . -49.33 -3.67 22.72
O1B ATP N . -49.76 -4.29 21.44
O2B ATP N . -49.81 -2.25 22.98
O3B ATP N . -49.75 -4.55 23.97
PA ATP N . -46.52 -4.49 22.27
O1A ATP N . -46.30 -4.18 20.85
O2A ATP N . -46.81 -5.96 22.56
O3A ATP N . -47.74 -3.66 22.85
O5' ATP N . -45.30 -4.04 23.16
C5' ATP N . -44.33 -5.00 23.64
C4' ATP N . -42.96 -4.40 23.49
O4' ATP N . -42.04 -5.44 23.11
C3' ATP N . -42.83 -3.36 22.38
O3' ATP N . -43.12 -2.06 22.86
C2' ATP N . -41.35 -3.48 21.95
O2' ATP N . -40.57 -2.39 22.43
C1' ATP N . -40.89 -4.81 22.58
N9 ATP N . -40.25 -5.72 21.64
C8 ATP N . -38.92 -6.04 21.57
N7 ATP N . -38.62 -6.90 20.63
C5 ATP N . -39.83 -7.17 20.03
C6 ATP N . -40.21 -8.00 18.96
N6 ATP N . -39.34 -8.75 18.26
N1 ATP N . -41.52 -8.04 18.61
C2 ATP N . -42.39 -7.29 19.29
N3 ATP N . -42.15 -6.47 20.32
C4 ATP N . -40.85 -6.45 20.64
N1 CFF O . -47.02 -27.94 12.00
C2 CFF O . -47.70 -28.63 10.97
C10 CFF O . -45.55 -27.98 12.06
C6 CFF O . -47.73 -27.22 12.98
N3 CFF O . -49.11 -28.63 10.86
O11 CFF O . -47.03 -29.26 10.12
C12 CFF O . -49.78 -29.35 9.78
C4 CFF O . -49.82 -27.96 11.76
C5 CFF O . -49.19 -27.23 12.85
N9 CFF O . -51.15 -27.80 11.89
O13 CFF O . -47.13 -26.61 13.90
N7 CFF O . -50.16 -26.68 13.58
C8 CFF O . -51.33 -27.02 12.99
C14 CFF O . -50.00 -25.84 14.79
CA CA P . -42.49 -26.22 -7.14
ZN ZN Q . -27.08 16.57 23.57
PG ATP R . -34.14 23.79 38.76
O1G ATP R . -35.23 23.58 37.77
O2G ATP R . -33.82 25.27 39.01
O3G ATP R . -34.38 23.10 40.11
PB ATP R . -31.33 23.65 37.74
O1B ATP R . -31.43 24.79 36.80
O2B ATP R . -30.47 23.87 38.98
O3B ATP R . -32.77 23.17 38.23
PA ATP R . -30.77 21.77 35.52
O1A ATP R . -29.80 22.50 34.69
O2A ATP R . -32.21 21.80 35.01
O3A ATP R . -30.80 22.34 37.00
O5' ATP R . -30.35 20.27 35.71
C5' ATP R . -30.99 19.21 34.96
C4' ATP R . -29.92 18.25 34.49
O4' ATP R . -30.26 17.77 33.18
C3' ATP R . -28.54 18.85 34.33
O3' ATP R . -27.80 18.77 35.54
C2' ATP R . -27.90 17.99 33.22
O2' ATP R . -26.94 17.08 33.75
C1' ATP R . -29.09 17.23 32.61
N9 ATP R . -29.19 17.33 31.16
C8 ATP R . -28.92 16.34 30.25
N7 ATP R . -29.09 16.71 29.00
C5 ATP R . -29.49 18.04 29.10
C6 ATP R . -29.83 19.01 28.13
N6 ATP R . -29.83 18.77 26.81
N1 ATP R . -30.19 20.23 28.56
C2 ATP R . -30.21 20.47 29.88
N3 ATP R . -29.91 19.64 30.88
C4 ATP R . -29.56 18.44 30.43
N1 CFF S . -45.82 29.27 15.02
C2 CFF S . -45.97 30.64 14.69
C10 CFF S . -45.52 28.31 13.95
C6 CFF S . -45.96 28.83 16.35
N3 CFF S . -46.27 31.64 15.67
O11 CFF S . -45.84 30.99 13.50
C12 CFF S . -46.41 33.04 15.28
C4 CFF S . -46.40 31.26 16.93
C5 CFF S . -46.27 29.87 17.35
N9 CFF S . -46.67 31.98 18.03
O13 CFF S . -45.83 27.63 16.66
N7 CFF S . -46.45 29.83 18.66
C8 CFF S . -46.70 31.09 19.06
C14 CFF S . -46.41 28.62 19.52
CA CA T . -33.93 37.33 2.34
ZN ZN U . -14.86 -19.00 31.26
PG ATP V . -27.33 -27.40 41.59
O1G ATP V . -26.09 -27.17 42.40
O2G ATP V . -27.59 -28.87 41.28
O3G ATP V . -28.58 -26.80 42.22
PB ATP V . -27.08 -27.07 38.64
O1B ATP V . -26.11 -28.16 38.42
O2B ATP V . -28.50 -27.32 38.11
O3B ATP V . -27.20 -26.69 40.17
PA ATP V . -25.18 -25.04 37.63
O1A ATP V . -24.60 -25.69 36.43
O2A ATP V . -24.30 -25.11 38.89
O3A ATP V . -26.57 -25.69 38.00
O5' ATP V . -25.54 -23.54 37.36
C5' ATP V . -24.70 -22.46 37.84
C4' ATP V . -24.57 -21.43 36.75
O4' ATP V . -23.23 -20.89 36.76
C3' ATP V . -24.75 -21.96 35.33
O3' ATP V . -26.11 -21.92 34.94
C2' ATP V . -23.89 -21.00 34.48
O2' ATP V . -24.69 -20.08 33.74
C1' ATP V . -23.02 -20.26 35.52
N9 ATP V . -21.60 -20.29 35.22
C8 ATP V . -20.82 -19.24 34.79
N7 ATP V . -19.57 -19.54 34.60
C5 ATP V . -19.50 -20.89 34.94
C6 ATP V . -18.44 -21.81 34.96
N6 ATP V . -17.17 -21.50 34.61
N1 ATP V . -18.70 -23.07 35.35
C2 ATP V . -19.96 -23.38 35.69
N3 ATP V . -21.04 -22.60 35.70
C4 ATP V . -20.73 -21.36 35.33
N1 CFF W . -1.08 -31.97 46.34
C2 CFF W . -0.67 -33.32 46.33
C10 CFF W . -0.17 -30.94 45.84
C6 CFF W . -2.34 -31.60 46.84
N3 CFF W . -1.49 -34.38 46.80
O11 CFF W . 0.47 -33.60 45.87
C12 CFF W . -1.02 -35.76 46.76
C4 CFF W . -2.70 -34.08 47.27
C5 CFF W . -3.19 -32.72 47.32
N9 CFF W . -3.65 -34.88 47.76
O13 CFF W . -2.74 -30.42 46.87
N7 CFF W . -4.42 -32.76 47.84
C8 CFF W . -4.68 -34.06 48.11
C14 CFF W . -5.30 -31.60 48.09
CA CA X . 8.32 -38.76 31.11
ZN ZN Y . -7.00 5.97 38.42
PG ATP Z . -10.46 1.76 55.83
O1G ATP Z . -10.60 3.23 55.64
O2G ATP Z . -9.25 1.36 56.68
O3G ATP Z . -11.72 1.09 56.40
PB ATP Z . -9.09 0.25 53.65
O1B ATP Z . -7.77 0.91 53.77
O2B ATP Z . -9.15 -1.20 54.10
O3B ATP Z . -10.23 1.03 54.43
PA ATP Z . -9.43 1.23 50.88
O1A ATP Z . -8.11 1.00 50.27
O2A ATP Z . -9.70 2.66 51.32
O3A ATP Z . -9.64 0.30 52.15
O5' ATP Z . -10.59 0.77 49.90
C5' ATP Z . -11.36 1.74 49.15
C4' ATP Z . -11.53 1.22 47.75
O4' ATP Z . -11.47 2.31 46.83
C3' ATP Z . -10.46 0.25 47.28
O3' ATP Z . -10.79 -1.09 47.61
C2' ATP Z . -10.44 0.47 45.75
O2' ATP Z . -11.06 -0.61 45.06
C1' ATP Z . -11.22 1.76 45.54
N9 ATP Z . -10.53 2.77 44.74
C8 ATP Z . -10.83 3.14 43.46
N7 ATP Z . -10.04 4.07 42.97
C5 ATP Z . -9.15 4.32 44.01
C6 ATP Z . -8.06 5.20 44.13
N6 ATP Z . -7.65 6.03 43.16
N1 ATP Z . -7.38 5.20 45.30
C2 ATP Z . -7.78 4.37 46.28
N3 ATP Z . -8.79 3.50 46.27
C4 ATP Z . -9.45 3.52 45.10
N1 CFF AA . 0.29 25.90 50.13
C2 CFF AA . 1.49 26.26 50.81
C10 CFF AA . 0.10 26.35 48.74
C6 CFF AA . -0.70 25.12 50.76
N3 CFF AA . 1.74 25.87 52.15
O11 CFF AA . 2.33 26.95 50.21
C12 CFF AA . 2.98 26.26 52.82
C4 CFF AA . 0.83 25.14 52.79
C5 CFF AA . -0.41 24.72 52.16
N9 CFF AA . 0.82 24.64 54.03
O13 CFF AA . -1.75 24.79 50.18
N7 CFF AA . -1.09 24.01 53.04
C8 CFF AA . -0.35 23.96 54.16
C14 CFF AA . -2.42 23.38 52.84
CA CA BA . 16.87 24.78 40.58
#